data_9QR3
#
_entry.id   9QR3
#
_cell.length_a   156.867
_cell.length_b   157.456
_cell.length_c   215.422
_cell.angle_alpha   90.00
_cell.angle_beta   90.34
_cell.angle_gamma   90.00
#
_symmetry.space_group_name_H-M   'P 1 21 1'
#
loop_
_entity.id
_entity.type
_entity.pdbx_description
1 polymer 'Alpha subunit of the Methyl-coenzyme M reductase from ANME-2c'
2 polymer 'Beta subunit of the Methyl-coenzyme M reductase from ANME-2c'
3 polymer 'Gamma subunit of the Methyl-coenzyme M reductase from ANME-2c'
4 non-polymer 'POTASSIUM ION'
5 non-polymer 'SODIUM ION'
6 non-polymer 'CHLORIDE ION'
7 non-polymer 'FACTOR 430'
8 non-polymer '1-THIOETHANESULFONIC ACID'
9 non-polymer 'Coenzyme B'
10 non-polymer GLYCEROL
11 non-polymer (4S)-2-METHYL-2,4-PENTANEDIOL
12 non-polymer 1,2-ETHANEDIOL
13 water water
#
loop_
_entity_poly.entity_id
_entity_poly.type
_entity_poly.pdbx_seq_one_letter_code
_entity_poly.pdbx_strand_id
1 'polypeptide(L)'
;MAYKYPSEKLFVEALKSKFAGLDLSDQKVKYVRAGYLQNARKREFQAAGERVAEQRGMQQYDVNVHLGGMTLGQRQLVPY
KLSTRPDIVEGDDLHYVNNPAMQQMWDDMKRTIIVGMDLAHETLEKRLGKEVTPESIAGYMEAVNHTMPGAAIVQEHMVE
THPGLVDDCYVKMFTGDDELADEIDSQYVININDLFDKEGQNEKLKAAIGKTTWQAVHIPTIVVRCCDGGNTSRWSAMQI
GMSFIAAYNMCAGEAAVADLAFAAK(MHS)AAAVQMAEMLPAR(AGM)ARSPNEPGGLSFGYCADMVQTLRVKPEDPVWY
TLEVVACGTMLYDQIWLGSYMSGGVGFTQYATAAYTNDVLDDFTYYGYDYALNKYGDDGTAPNDLATATDLATEVTLNGM
ECYEDYPTLLEDHFGGS(MGN)RAGILAAASACTTGIATGNSQVALSA(TRX)YMSMYVHKEGWGRLGFF(GL3)YDLQ
(DYA)Q(SMC)GATNVCSYQGDEGCCLELRGANYPNYAMNVGHQGEYAGFTGSAHAGAHDAYCCNPLIKVCFADPSLVFD
FSYIRKEYAKGAMRTFRPAGERSLVIPAGV
;
A,D,G,J,M,P,S,V
2 'polypeptide(L)'
;MADTIDLYDDRGKKLKGDVDLQAVSPLKNSAILSMVNTVKRTVAVNLAGIEKACKNASYGGQSRNIPGREVDIDPTAKAD
KIAARVKELIQVEKGDDTEVTVLGGGKFLRVAAPTRRIEAGAEYVAGMTCTAAALTEALREEYNLGLYDTPYVKNAVWGT
YPQTMDMKGGNVLSVLSIPQNDEGLGFALRNIMANHLAMLSQRNAMNCAAISSILEHCGVFEMGQAIGLFERYQLLALAY
QGLNANNMVYEMTKNNGKTGTIGTVVQETVGRALDDGVISVDKTMPSGYKVYKANDVCMWNAYCAAGTMAATMVNCGALR
GAQAVSSTLLYFNDMIEKETSLPGCDWGRVEGTAVGFSFFSHSIYGGGGPGVFNGNHVVTRHSTGMAIPCVAVAVALDAG
TQMFSPESTSAIVLDTFQDVPIMMNPLKEVAAAV
;
B,E,H,K,N,Q,T,W
3 'polypeptide(L)'
;MAYTPQYYPGSSHVAVNRRKHMSGDVEKLRTVSDDDLVAALGHRAPGADYPSTHPPLAEMGEPDCPVRQMVEPTPGAAAG
DRVRYSQFTDSMYSAPSIPYFRSYYAAINFRGVDPGTLSGRQIVEARERDMEAQCKAAIESEMTCPALAGLRGCTVHGHS
LRLAEDGMMFDMLQRTHIEGGNVIEDKDQVGVPIDRKVNLGKPMSDAEAKKRTTIYRTDGVKYRDEEEVLDHVHLVHHRR
TMYGYRPETAAETAPGVGPVTYHTV
;
C,F,I,L,O,R,U,X
#
loop_
_chem_comp.id
_chem_comp.type
_chem_comp.name
_chem_comp.formula
CL non-polymer 'CHLORIDE ION' 'Cl -1'
COM non-polymer '1-THIOETHANESULFONIC ACID' 'C2 H6 O3 S2'
EDO non-polymer 1,2-ETHANEDIOL 'C2 H6 O2'
F43 non-polymer 'FACTOR 430' 'C42 H51 N6 Ni O13 1'
GOL non-polymer GLYCEROL 'C3 H8 O3'
K non-polymer 'POTASSIUM ION' 'K 1'
MPD non-polymer (4S)-2-METHYL-2,4-PENTANEDIOL 'C6 H14 O2'
NA non-polymer 'SODIUM ION' 'Na 1'
TP7 non-polymer 'Coenzyme B' 'C11 H22 N O7 P S'
#
# COMPACT_ATOMS: atom_id res chain seq x y z
N ALA A 2 39.19 -56.08 3.56
CA ALA A 2 37.84 -56.60 3.69
C ALA A 2 37.52 -56.83 5.16
N TYR A 3 36.24 -57.07 5.44
CA TYR A 3 35.81 -57.31 6.82
C TYR A 3 36.47 -58.57 7.39
N LYS A 4 36.90 -58.46 8.66
CA LYS A 4 37.46 -59.58 9.40
C LYS A 4 36.67 -59.76 10.70
N TYR A 5 36.08 -60.94 10.89
CA TYR A 5 35.31 -61.21 12.09
C TYR A 5 36.24 -61.29 13.30
N PRO A 6 35.92 -60.60 14.39
CA PRO A 6 36.86 -60.45 15.51
C PRO A 6 36.81 -61.65 16.47
N SER A 7 37.70 -61.61 17.46
CA SER A 7 37.83 -62.73 18.37
C SER A 7 36.76 -62.76 19.46
N GLU A 8 36.13 -61.63 19.77
CA GLU A 8 35.03 -61.58 20.73
C GLU A 8 33.69 -61.47 20.01
N LYS A 9 32.75 -62.33 20.38
CA LYS A 9 31.43 -62.30 19.78
C LYS A 9 30.80 -60.93 19.97
N LEU A 10 30.03 -60.49 18.96
CA LEU A 10 29.49 -59.10 19.03
C LEU A 10 28.42 -58.97 20.12
N PHE A 11 27.81 -60.08 20.50
CA PHE A 11 26.74 -60.02 21.49
C PHE A 11 27.25 -60.02 22.94
N VAL A 12 28.54 -60.20 23.16
CA VAL A 12 29.04 -60.32 24.52
C VAL A 12 28.89 -59.00 25.27
N GLU A 13 29.12 -57.85 24.61
CA GLU A 13 29.01 -56.59 25.32
C GLU A 13 27.64 -56.44 25.96
N ALA A 14 26.57 -56.71 25.21
CA ALA A 14 25.22 -56.56 25.75
C ALA A 14 24.99 -57.52 26.92
N LEU A 15 25.48 -58.76 26.82
CA LEU A 15 25.32 -59.69 27.94
C LEU A 15 25.98 -59.14 29.21
N LYS A 16 27.21 -58.62 29.08
CA LYS A 16 27.94 -58.09 30.22
C LYS A 16 27.26 -56.85 30.78
N SER A 17 26.65 -56.05 29.92
CA SER A 17 25.94 -54.86 30.37
C SER A 17 24.61 -55.17 31.02
N LYS A 18 23.98 -56.30 30.65
CA LYS A 18 22.77 -56.74 31.35
C LYS A 18 23.07 -57.41 32.67
N PHE A 19 24.21 -58.11 32.76
CA PHE A 19 24.52 -59.00 33.87
C PHE A 19 25.94 -58.73 34.38
N ALA A 20 26.13 -57.58 35.04
CA ALA A 20 27.46 -57.23 35.50
C ALA A 20 27.98 -58.27 36.47
N GLY A 21 29.16 -58.78 36.19
CA GLY A 21 29.84 -59.75 37.04
C GLY A 21 29.50 -61.19 36.75
N LEU A 22 28.58 -61.46 35.83
CA LEU A 22 28.13 -62.81 35.57
C LEU A 22 29.15 -63.63 34.79
N ASP A 23 29.36 -64.87 35.24
CA ASP A 23 30.07 -65.88 34.46
C ASP A 23 29.16 -66.37 33.34
N LEU A 24 29.50 -66.00 32.11
CA LEU A 24 28.62 -66.26 30.99
C LEU A 24 28.58 -67.70 30.59
N SER A 25 29.39 -68.58 31.20
CA SER A 25 29.25 -69.99 30.92
C SER A 25 28.26 -70.72 31.83
N ASP A 26 27.78 -70.07 32.89
CA ASP A 26 26.93 -70.74 33.87
C ASP A 26 25.58 -71.12 33.28
N GLN A 27 25.23 -72.41 33.39
CA GLN A 27 23.94 -72.89 32.95
C GLN A 27 22.86 -72.78 34.01
N LYS A 28 23.22 -72.48 35.26
CA LYS A 28 22.25 -72.31 36.33
C LYS A 28 22.23 -70.88 36.85
N VAL A 29 21.14 -70.54 37.55
CA VAL A 29 20.95 -69.22 38.13
C VAL A 29 20.09 -69.38 39.38
N LYS A 30 20.23 -68.44 40.30
CA LYS A 30 19.34 -68.38 41.46
C LYS A 30 18.12 -67.54 41.08
N TYR A 31 16.94 -68.10 41.29
CA TYR A 31 15.68 -67.37 41.10
C TYR A 31 15.24 -66.80 42.44
N VAL A 32 14.99 -65.50 42.49
CA VAL A 32 14.54 -64.84 43.76
C VAL A 32 13.02 -64.61 43.78
N ARG A 33 12.37 -64.71 42.61
N ARG A 33 12.37 -64.72 42.61
CA ARG A 33 10.90 -64.57 42.54
CA ARG A 33 10.90 -64.57 42.54
C ARG A 33 10.50 -63.23 43.16
C ARG A 33 10.50 -63.23 43.16
N ALA A 34 11.04 -62.13 42.64
CA ALA A 34 10.75 -60.80 43.22
C ALA A 34 9.41 -60.27 42.74
N GLY A 35 8.96 -60.70 41.57
CA GLY A 35 7.77 -60.12 41.01
C GLY A 35 8.03 -58.74 40.44
N TYR A 36 6.94 -58.00 40.22
CA TYR A 36 7.02 -56.78 39.43
C TYR A 36 7.82 -55.67 40.12
N LEU A 37 7.93 -55.71 41.45
CA LEU A 37 8.58 -54.62 42.18
C LEU A 37 10.06 -54.52 41.83
N GLN A 38 10.63 -55.53 41.20
CA GLN A 38 12.02 -55.42 40.78
C GLN A 38 12.22 -54.40 39.69
N ASN A 39 11.17 -53.99 38.99
CA ASN A 39 11.33 -53.30 37.72
C ASN A 39 10.68 -51.91 37.71
N ALA A 40 11.48 -50.89 37.40
CA ALA A 40 10.98 -49.53 37.50
C ALA A 40 9.82 -49.27 36.56
N ARG A 41 9.88 -49.83 35.35
CA ARG A 41 8.80 -49.60 34.39
C ARG A 41 7.49 -50.26 34.83
N LYS A 42 7.54 -51.51 35.31
CA LYS A 42 6.31 -52.12 35.81
C LYS A 42 5.74 -51.35 36.99
N ARG A 43 6.61 -50.86 37.89
CA ARG A 43 6.10 -50.10 39.02
C ARG A 43 5.44 -48.81 38.53
N GLU A 44 6.05 -48.14 37.54
CA GLU A 44 5.44 -46.94 36.96
C GLU A 44 4.10 -47.26 36.31
N PHE A 45 4.00 -48.39 35.61
CA PHE A 45 2.74 -48.81 35.00
C PHE A 45 1.67 -49.07 36.05
N GLN A 46 2.03 -49.74 37.14
CA GLN A 46 1.04 -50.01 38.18
C GLN A 46 0.49 -48.71 38.74
N ALA A 47 1.37 -47.74 38.97
CA ALA A 47 0.91 -46.44 39.48
C ALA A 47 0.05 -45.72 38.44
N ALA A 48 0.41 -45.82 37.16
CA ALA A 48 -0.39 -45.21 36.12
C ALA A 48 -1.78 -45.83 36.08
N GLY A 49 -1.85 -47.15 36.25
CA GLY A 49 -3.13 -47.83 36.28
C GLY A 49 -3.99 -47.44 37.48
N GLU A 50 -3.36 -47.14 38.62
CA GLU A 50 -4.12 -46.63 39.75
C GLU A 50 -4.76 -45.29 39.43
N ARG A 51 -4.02 -44.38 38.80
CA ARG A 51 -4.63 -43.10 38.41
C ARG A 51 -5.73 -43.29 37.39
N VAL A 52 -5.49 -44.12 36.37
CA VAL A 52 -6.53 -44.35 35.36
C VAL A 52 -7.82 -44.81 36.01
N ALA A 53 -7.73 -45.79 36.89
CA ALA A 53 -8.91 -46.36 37.52
C ALA A 53 -9.62 -45.32 38.38
N GLU A 54 -8.87 -44.53 39.13
CA GLU A 54 -9.48 -43.52 39.97
C GLU A 54 -10.17 -42.44 39.13
N GLN A 55 -9.53 -41.99 38.06
CA GLN A 55 -10.07 -40.91 37.25
C GLN A 55 -11.35 -41.33 36.54
N ARG A 56 -11.46 -42.58 36.10
CA ARG A 56 -12.62 -43.01 35.27
C ARG A 56 -13.63 -43.85 36.06
N GLY A 57 -13.28 -44.25 37.28
CA GLY A 57 -14.22 -45.01 38.13
C GLY A 57 -14.34 -46.45 37.73
N MET A 58 -13.27 -47.01 37.15
CA MET A 58 -13.32 -48.40 36.62
C MET A 58 -11.91 -49.00 36.56
N GLN A 59 -11.76 -50.19 37.12
CA GLN A 59 -10.47 -50.90 37.16
C GLN A 59 -9.87 -51.04 35.75
N GLN A 60 -8.56 -50.87 35.67
CA GLN A 60 -7.85 -51.06 34.38
C GLN A 60 -6.62 -51.94 34.67
N TYR A 61 -5.44 -51.41 34.42
CA TYR A 61 -4.19 -52.17 34.62
C TYR A 61 -3.95 -52.52 36.09
N ASP A 62 -3.63 -53.78 36.33
CA ASP A 62 -3.27 -54.23 37.70
C ASP A 62 -2.43 -55.50 37.54
N VAL A 63 -1.14 -55.40 37.85
CA VAL A 63 -0.21 -56.56 37.71
C VAL A 63 -0.76 -57.80 38.45
N ASN A 64 -1.56 -57.59 39.50
CA ASN A 64 -2.05 -58.72 40.33
C ASN A 64 -3.16 -59.51 39.61
N VAL A 65 -3.65 -59.02 38.48
CA VAL A 65 -4.63 -59.78 37.70
C VAL A 65 -3.97 -60.88 36.89
N HIS A 66 -2.64 -60.85 36.73
CA HIS A 66 -1.97 -61.98 36.09
C HIS A 66 -2.39 -63.28 36.78
N LEU A 67 -2.56 -64.33 35.98
CA LEU A 67 -3.08 -65.57 36.54
C LEU A 67 -2.05 -66.21 37.48
N GLY A 68 -2.55 -67.11 38.29
CA GLY A 68 -1.71 -68.01 39.09
C GLY A 68 -1.24 -67.41 40.40
N GLY A 69 -1.72 -66.21 40.75
CA GLY A 69 -1.23 -65.53 41.93
C GLY A 69 0.17 -64.97 41.85
N MET A 70 0.73 -64.87 40.64
CA MET A 70 2.09 -64.37 40.40
C MET A 70 1.99 -63.14 39.51
N THR A 71 2.83 -62.14 39.79
CA THR A 71 3.03 -61.03 38.87
C THR A 71 4.24 -61.32 37.97
N LEU A 72 4.27 -60.61 36.83
CA LEU A 72 5.44 -60.60 35.98
C LEU A 72 6.71 -60.37 36.79
N GLY A 73 7.74 -61.12 36.46
CA GLY A 73 9.04 -60.99 37.08
C GLY A 73 9.33 -62.01 38.15
N GLN A 74 8.81 -63.23 38.00
CA GLN A 74 9.26 -64.31 38.88
C GLN A 74 10.70 -64.71 38.55
N ARG A 75 11.10 -64.47 37.31
CA ARG A 75 12.49 -64.47 36.86
C ARG A 75 12.93 -63.00 36.76
N GLN A 76 14.19 -62.76 36.40
CA GLN A 76 14.65 -61.40 36.20
CA GLN A 76 14.63 -61.39 36.21
C GLN A 76 14.05 -60.83 34.91
N LEU A 77 13.54 -59.61 34.98
CA LEU A 77 13.06 -58.90 33.79
C LEU A 77 14.22 -58.09 33.25
N VAL A 78 14.66 -58.42 32.04
CA VAL A 78 15.92 -57.91 31.52
C VAL A 78 15.65 -56.86 30.44
N PRO A 79 16.46 -55.81 30.39
CA PRO A 79 16.30 -54.76 29.39
C PRO A 79 16.99 -55.14 28.07
N TYR A 80 16.89 -54.24 27.09
CA TYR A 80 17.32 -54.48 25.72
C TYR A 80 18.25 -53.38 25.25
N LYS A 81 19.39 -53.75 24.70
CA LYS A 81 20.29 -52.79 24.06
C LYS A 81 19.91 -52.69 22.57
N LEU A 82 19.70 -51.47 22.09
CA LEU A 82 19.52 -51.35 20.65
C LEU A 82 20.82 -51.70 19.94
N SER A 83 20.75 -52.56 18.94
CA SER A 83 21.97 -53.01 18.29
C SER A 83 22.68 -51.83 17.62
N THR A 84 24.00 -51.79 17.75
CA THR A 84 24.93 -50.74 17.32
C THR A 84 24.81 -49.43 18.11
N ARG A 85 23.94 -49.36 19.09
CA ARG A 85 23.74 -48.20 19.92
C ARG A 85 24.15 -48.44 21.36
N PRO A 86 24.43 -47.37 22.11
CA PRO A 86 24.70 -47.55 23.56
C PRO A 86 23.44 -47.65 24.41
N ASP A 87 22.30 -47.30 23.85
CA ASP A 87 21.05 -47.21 24.59
C ASP A 87 20.53 -48.58 24.98
N ILE A 88 20.31 -48.75 26.27
CA ILE A 88 19.64 -49.92 26.86
C ILE A 88 18.34 -49.41 27.45
N VAL A 89 17.23 -50.09 27.11
CA VAL A 89 15.88 -49.62 27.40
C VAL A 89 15.09 -50.77 28.00
N GLU A 90 14.04 -50.43 28.74
CA GLU A 90 13.16 -51.48 29.23
C GLU A 90 12.33 -52.00 28.05
N GLY A 91 11.94 -53.27 28.13
CA GLY A 91 11.27 -53.90 27.00
C GLY A 91 10.01 -53.15 26.57
N ASP A 92 9.28 -52.62 27.53
CA ASP A 92 8.04 -51.93 27.21
C ASP A 92 8.29 -50.70 26.38
N ASP A 93 9.50 -50.14 26.45
CA ASP A 93 9.84 -48.94 25.69
C ASP A 93 9.95 -49.23 24.19
N LEU A 94 9.96 -50.50 23.80
CA LEU A 94 9.98 -50.92 22.42
C LEU A 94 8.60 -51.39 21.94
N HIS A 95 7.58 -51.43 22.80
CA HIS A 95 6.24 -51.64 22.32
C HIS A 95 5.83 -50.48 21.41
N TYR A 96 5.25 -50.80 20.23
CA TYR A 96 4.93 -49.73 19.27
C TYR A 96 4.04 -48.65 19.90
N VAL A 97 3.09 -49.04 20.78
CA VAL A 97 2.18 -48.07 21.35
C VAL A 97 2.93 -47.04 22.19
N ASN A 98 4.02 -47.46 22.84
CA ASN A 98 4.78 -46.63 23.74
C ASN A 98 5.93 -45.92 23.04
N ASN A 99 6.15 -46.16 21.75
CA ASN A 99 7.36 -45.70 21.07
C ASN A 99 7.02 -44.80 19.89
N PRO A 100 7.10 -43.48 20.06
CA PRO A 100 6.69 -42.58 18.96
C PRO A 100 7.57 -42.65 17.73
N ALA A 101 8.83 -43.07 17.86
CA ALA A 101 9.66 -43.19 16.66
C ALA A 101 9.11 -44.26 15.74
N MET A 102 8.67 -45.37 16.31
CA MET A 102 8.11 -46.48 15.53
C MET A 102 6.80 -46.06 14.89
N GLN A 103 5.96 -45.34 15.66
CA GLN A 103 4.70 -44.84 15.12
C GLN A 103 4.96 -43.89 13.95
N GLN A 104 5.95 -42.99 14.11
CA GLN A 104 6.18 -42.00 13.07
C GLN A 104 6.84 -42.61 11.83
N MET A 105 7.64 -43.67 11.99
CA MET A 105 8.17 -44.33 10.81
C MET A 105 7.05 -44.82 9.92
N TRP A 106 6.07 -45.48 10.53
CA TRP A 106 4.95 -46.00 9.74
C TRP A 106 4.09 -44.85 9.21
N ASP A 107 3.83 -43.84 10.03
CA ASP A 107 3.04 -42.72 9.54
C ASP A 107 3.74 -42.05 8.35
N ASP A 108 5.08 -41.92 8.40
CA ASP A 108 5.83 -41.32 7.26
C ASP A 108 5.67 -42.15 5.98
N MET A 109 5.70 -43.47 6.09
CA MET A 109 5.47 -44.33 4.91
C MET A 109 4.02 -44.16 4.41
N LYS A 110 3.08 -44.31 5.35
CA LYS A 110 1.64 -44.29 4.99
CA LYS A 110 1.67 -44.32 4.94
C LYS A 110 1.10 -42.97 4.33
N ARG A 111 1.73 -41.87 4.77
CA ARG A 111 1.32 -40.55 4.30
C ARG A 111 2.06 -40.12 3.02
N THR A 112 2.85 -41.00 2.39
CA THR A 112 3.63 -40.67 1.21
C THR A 112 3.01 -41.28 -0.05
N ILE A 113 3.03 -40.49 -1.12
CA ILE A 113 2.68 -40.94 -2.45
C ILE A 113 3.61 -40.22 -3.41
N ILE A 114 4.01 -40.91 -4.46
CA ILE A 114 4.88 -40.36 -5.50
C ILE A 114 4.02 -40.17 -6.74
N VAL A 115 4.05 -38.97 -7.33
CA VAL A 115 3.14 -38.61 -8.42
C VAL A 115 3.94 -38.01 -9.56
N GLY A 116 3.84 -38.60 -10.73
CA GLY A 116 4.54 -38.05 -11.89
C GLY A 116 3.96 -36.72 -12.31
N MET A 117 4.82 -35.85 -12.86
CA MET A 117 4.43 -34.54 -13.36
C MET A 117 4.37 -34.49 -14.88
N ASP A 118 5.01 -35.43 -15.58
CA ASP A 118 5.11 -35.32 -17.03
C ASP A 118 3.74 -35.37 -17.69
N LEU A 119 2.89 -36.33 -17.28
CA LEU A 119 1.55 -36.45 -17.87
C LEU A 119 0.72 -35.20 -17.63
N ALA A 120 0.80 -34.63 -16.43
CA ALA A 120 0.05 -33.40 -16.16
C ALA A 120 0.53 -32.28 -17.06
N HIS A 121 1.85 -32.14 -17.20
CA HIS A 121 2.38 -31.11 -18.07
C HIS A 121 1.95 -31.31 -19.51
N GLU A 122 1.97 -32.56 -20.00
CA GLU A 122 1.51 -32.85 -21.35
C GLU A 122 0.03 -32.49 -21.52
N THR A 123 -0.78 -32.72 -20.48
CA THR A 123 -2.20 -32.33 -20.50
C THR A 123 -2.36 -30.82 -20.68
N LEU A 124 -1.59 -30.04 -19.92
CA LEU A 124 -1.66 -28.60 -20.04
C LEU A 124 -1.27 -28.14 -21.43
N GLU A 125 -0.24 -28.77 -22.01
CA GLU A 125 0.19 -28.39 -23.35
C GLU A 125 -0.86 -28.76 -24.39
N LYS A 126 -1.35 -30.02 -24.34
CA LYS A 126 -2.28 -30.47 -25.36
C LYS A 126 -3.63 -29.77 -25.28
N ARG A 127 -4.23 -29.73 -24.09
CA ARG A 127 -5.62 -29.29 -23.98
C ARG A 127 -5.73 -27.77 -23.91
N LEU A 128 -4.80 -27.11 -23.24
CA LEU A 128 -4.89 -25.68 -23.05
C LEU A 128 -3.86 -24.89 -23.85
N GLY A 129 -2.87 -25.56 -24.44
CA GLY A 129 -1.82 -24.86 -25.15
C GLY A 129 -0.92 -24.05 -24.25
N LYS A 130 -0.76 -24.48 -23.00
CA LYS A 130 0.13 -23.80 -22.08
C LYS A 130 1.57 -24.24 -22.28
N GLU A 131 2.46 -23.27 -22.02
CA GLU A 131 3.91 -23.58 -22.03
C GLU A 131 4.34 -23.86 -20.58
N VAL A 132 4.98 -24.99 -20.36
CA VAL A 132 5.48 -25.35 -19.04
C VAL A 132 6.96 -25.01 -19.03
N THR A 133 7.38 -24.21 -18.06
CA THR A 133 8.73 -23.68 -17.94
C THR A 133 9.21 -23.85 -16.51
N PRO A 134 10.51 -23.68 -16.25
CA PRO A 134 10.97 -23.64 -14.87
C PRO A 134 10.26 -22.60 -14.03
N GLU A 135 9.90 -21.46 -14.63
CA GLU A 135 9.20 -20.42 -13.90
C GLU A 135 7.79 -20.87 -13.55
N SER A 136 7.09 -21.54 -14.47
CA SER A 136 5.73 -21.98 -14.14
C SER A 136 5.76 -23.11 -13.11
N ILE A 137 6.75 -24.00 -13.21
CA ILE A 137 6.91 -25.06 -12.21
C ILE A 137 7.22 -24.48 -10.84
N ALA A 138 8.07 -23.46 -10.78
CA ALA A 138 8.36 -22.84 -9.50
C ALA A 138 7.10 -22.25 -8.86
N GLY A 139 6.25 -21.60 -9.66
CA GLY A 139 5.01 -21.08 -9.11
C GLY A 139 4.11 -22.20 -8.61
N TYR A 140 4.10 -23.29 -9.35
CA TYR A 140 3.29 -24.48 -8.94
C TYR A 140 3.83 -25.03 -7.60
N MET A 141 5.15 -25.11 -7.43
CA MET A 141 5.75 -25.68 -6.17
C MET A 141 5.40 -24.81 -4.96
N GLU A 142 5.33 -23.50 -5.14
CA GLU A 142 4.91 -22.59 -4.04
C GLU A 142 3.42 -22.84 -3.77
N ALA A 143 2.60 -22.91 -4.82
CA ALA A 143 1.18 -23.16 -4.64
C ALA A 143 0.92 -24.47 -3.89
N VAL A 144 1.59 -25.55 -4.30
CA VAL A 144 1.29 -26.86 -3.73
C VAL A 144 1.77 -26.95 -2.29
N ASN A 145 2.81 -26.21 -1.91
CA ASN A 145 3.24 -26.23 -0.50
C ASN A 145 2.41 -25.35 0.42
N HIS A 146 1.65 -24.41 -0.14
CA HIS A 146 0.61 -23.74 0.62
C HIS A 146 -0.66 -24.60 0.72
N THR A 147 -1.08 -25.23 -0.38
CA THR A 147 -2.36 -25.92 -0.38
C THR A 147 -2.29 -27.32 0.23
N MET A 148 -1.19 -28.04 0.06
CA MET A 148 -1.16 -29.45 0.45
C MET A 148 -1.50 -29.62 1.93
N PRO A 149 -1.01 -28.80 2.87
CA PRO A 149 -1.37 -29.02 4.28
C PRO A 149 -2.83 -28.75 4.61
N GLY A 150 -3.57 -28.12 3.69
CA GLY A 150 -5.00 -27.85 3.87
C GLY A 150 -5.37 -26.39 3.88
N ALA A 151 -4.84 -25.61 2.94
CA ALA A 151 -5.11 -24.18 2.84
C ALA A 151 -5.61 -23.84 1.44
N ALA A 152 -6.31 -22.71 1.36
CA ALA A 152 -7.11 -22.34 0.18
C ALA A 152 -6.33 -21.43 -0.77
N ILE A 153 -6.64 -21.60 -2.07
CA ILE A 153 -5.92 -20.81 -3.11
C ILE A 153 -6.91 -20.21 -4.12
N VAL A 154 -8.14 -20.74 -4.26
CA VAL A 154 -9.09 -20.26 -5.32
C VAL A 154 -10.31 -19.56 -4.72
N GLN A 155 -11.03 -20.24 -3.82
CA GLN A 155 -12.35 -19.72 -3.36
C GLN A 155 -12.28 -18.64 -2.29
N GLU A 156 -13.42 -18.02 -2.04
CA GLU A 156 -13.53 -17.02 -0.96
C GLU A 156 -14.26 -17.67 0.22
N HIS A 157 -14.00 -17.20 1.43
CA HIS A 157 -14.65 -17.69 2.65
C HIS A 157 -14.38 -19.17 2.91
N MET A 158 -13.14 -19.61 2.63
CA MET A 158 -12.71 -20.95 2.99
C MET A 158 -12.14 -20.97 4.41
N VAL A 159 -12.39 -22.09 5.12
CA VAL A 159 -11.76 -22.38 6.40
C VAL A 159 -10.62 -23.33 6.13
N GLU A 160 -9.61 -23.35 7.00
CA GLU A 160 -8.36 -24.01 6.67
C GLU A 160 -7.81 -24.76 7.88
N THR A 161 -6.90 -25.70 7.61
CA THR A 161 -6.22 -26.38 8.70
C THR A 161 -5.26 -25.43 9.43
N HIS A 162 -5.12 -25.63 10.74
CA HIS A 162 -4.11 -24.89 11.51
C HIS A 162 -2.73 -25.27 11.03
N PRO A 163 -1.94 -24.33 10.50
CA PRO A 163 -0.63 -24.72 9.93
C PRO A 163 0.25 -25.45 10.90
N GLY A 164 0.12 -25.20 12.21
CA GLY A 164 0.97 -25.88 13.15
C GLY A 164 0.60 -27.33 13.37
N LEU A 165 -0.64 -27.69 13.07
CA LEU A 165 -1.05 -29.08 13.18
C LEU A 165 -0.61 -29.94 12.01
N VAL A 166 -0.17 -29.30 10.91
CA VAL A 166 0.13 -29.96 9.63
C VAL A 166 1.54 -29.55 9.18
N ASP A 167 2.41 -29.28 10.15
CA ASP A 167 3.77 -28.76 9.89
C ASP A 167 4.70 -29.77 9.19
N ASP A 168 4.34 -31.04 9.21
CA ASP A 168 5.09 -32.11 8.61
C ASP A 168 4.71 -32.38 7.16
N CYS A 169 3.65 -31.76 6.66
CA CYS A 169 3.16 -32.00 5.32
C CYS A 169 3.93 -31.10 4.37
N TYR A 170 4.40 -31.67 3.26
CA TYR A 170 5.06 -30.88 2.23
C TYR A 170 5.16 -31.71 0.94
N VAL A 171 5.62 -31.03 -0.11
CA VAL A 171 5.82 -31.64 -1.42
C VAL A 171 7.17 -31.17 -1.96
N LYS A 172 8.00 -32.12 -2.43
CA LYS A 172 9.21 -31.77 -3.16
C LYS A 172 9.18 -32.46 -4.52
N MET A 173 9.89 -31.90 -5.47
N MET A 173 9.94 -31.90 -5.45
CA MET A 173 10.01 -32.54 -6.77
CA MET A 173 10.06 -32.44 -6.80
C MET A 173 11.41 -33.15 -6.89
C MET A 173 11.43 -33.11 -6.93
N PHE A 174 11.49 -34.13 -7.77
CA PHE A 174 12.80 -34.70 -8.12
C PHE A 174 12.76 -35.12 -9.57
N THR A 175 13.96 -35.20 -10.15
CA THR A 175 14.08 -35.45 -11.57
C THR A 175 15.48 -35.94 -11.89
N GLY A 176 15.55 -36.76 -12.95
CA GLY A 176 16.83 -37.14 -13.48
C GLY A 176 17.44 -36.10 -14.39
N ASP A 177 16.71 -35.02 -14.66
CA ASP A 177 17.19 -33.92 -15.51
C ASP A 177 17.87 -32.88 -14.63
N ASP A 178 19.21 -32.91 -14.63
CA ASP A 178 19.97 -32.00 -13.77
C ASP A 178 19.69 -30.54 -14.13
N GLU A 179 19.42 -30.25 -15.40
CA GLU A 179 19.21 -28.86 -15.80
C GLU A 179 17.94 -28.29 -15.16
N LEU A 180 16.85 -29.05 -15.17
CA LEU A 180 15.64 -28.63 -14.48
C LEU A 180 15.86 -28.56 -12.98
N ALA A 181 16.51 -29.57 -12.41
CA ALA A 181 16.69 -29.58 -10.97
C ALA A 181 17.43 -28.34 -10.50
N ASP A 182 18.38 -27.85 -11.29
CA ASP A 182 19.18 -26.69 -10.90
C ASP A 182 18.43 -25.38 -11.03
N GLU A 183 17.35 -25.33 -11.80
CA GLU A 183 16.63 -24.08 -11.98
C GLU A 183 15.62 -23.82 -10.86
N ILE A 184 15.14 -24.84 -10.19
CA ILE A 184 14.12 -24.68 -9.16
C ILE A 184 14.79 -24.43 -7.82
N ASP A 185 14.22 -23.50 -7.05
CA ASP A 185 14.66 -23.25 -5.68
C ASP A 185 14.91 -24.55 -4.92
N SER A 186 16.10 -24.65 -4.34
CA SER A 186 16.54 -25.89 -3.68
C SER A 186 15.65 -26.33 -2.53
N GLN A 187 14.89 -25.41 -1.91
CA GLN A 187 13.96 -25.83 -0.86
C GLN A 187 12.89 -26.78 -1.39
N TYR A 188 12.63 -26.79 -2.69
CA TYR A 188 11.57 -27.59 -3.28
C TYR A 188 12.05 -28.87 -3.95
N VAL A 189 13.34 -29.17 -3.91
CA VAL A 189 13.93 -30.22 -4.74
C VAL A 189 14.68 -31.23 -3.86
N ILE A 190 14.49 -32.51 -4.15
CA ILE A 190 15.35 -33.53 -3.56
C ILE A 190 16.61 -33.62 -4.43
N ASN A 191 17.76 -33.28 -3.86
CA ASN A 191 19.03 -33.23 -4.60
C ASN A 191 19.67 -34.61 -4.64
N ILE A 192 19.48 -35.30 -5.76
CA ILE A 192 19.96 -36.67 -5.91
C ILE A 192 21.47 -36.70 -5.83
N ASN A 193 22.13 -35.72 -6.43
CA ASN A 193 23.60 -35.73 -6.44
C ASN A 193 24.19 -35.57 -5.05
N ASP A 194 23.60 -34.71 -4.21
CA ASP A 194 24.16 -34.52 -2.87
C ASP A 194 23.88 -35.70 -1.96
N LEU A 195 22.71 -36.32 -2.09
CA LEU A 195 22.30 -37.40 -1.19
C LEU A 195 22.94 -38.73 -1.56
N PHE A 196 23.24 -38.94 -2.83
CA PHE A 196 23.71 -40.23 -3.35
C PHE A 196 25.13 -40.05 -3.89
N ASP A 197 26.02 -39.59 -3.05
CA ASP A 197 27.38 -39.25 -3.47
C ASP A 197 28.38 -40.39 -3.34
N LYS A 198 27.97 -41.61 -2.96
CA LYS A 198 28.92 -42.71 -2.84
C LYS A 198 28.74 -43.72 -3.96
N GLU A 199 29.86 -44.28 -4.45
CA GLU A 199 29.87 -45.40 -5.40
C GLU A 199 29.03 -45.12 -6.65
N GLY A 200 28.95 -43.86 -7.05
CA GLY A 200 28.22 -43.48 -8.24
C GLY A 200 26.74 -43.75 -8.18
N GLN A 201 26.17 -43.79 -6.97
CA GLN A 201 24.72 -44.15 -6.83
C GLN A 201 23.87 -43.08 -7.54
N ASN A 202 24.28 -41.83 -7.47
CA ASN A 202 23.47 -40.78 -8.08
C ASN A 202 23.30 -41.03 -9.58
N GLU A 203 24.38 -41.42 -10.26
CA GLU A 203 24.28 -41.66 -11.69
C GLU A 203 23.39 -42.86 -11.99
N LYS A 204 23.45 -43.90 -11.13
CA LYS A 204 22.58 -45.05 -11.33
C LYS A 204 21.11 -44.64 -11.20
N LEU A 205 20.80 -43.83 -10.20
CA LEU A 205 19.40 -43.40 -10.01
C LEU A 205 18.94 -42.52 -11.17
N LYS A 206 19.77 -41.55 -11.60
CA LYS A 206 19.36 -40.65 -12.68
C LYS A 206 19.18 -41.40 -13.98
N ALA A 207 20.03 -42.39 -14.25
CA ALA A 207 19.87 -43.20 -15.45
C ALA A 207 18.56 -43.99 -15.42
N ALA A 208 18.19 -44.47 -14.24
CA ALA A 208 16.99 -45.29 -14.11
C ALA A 208 15.73 -44.44 -14.18
N ILE A 209 15.76 -43.24 -13.58
CA ILE A 209 14.59 -42.37 -13.62
C ILE A 209 14.47 -41.67 -14.96
N GLY A 210 15.59 -41.34 -15.57
CA GLY A 210 15.61 -40.63 -16.83
C GLY A 210 15.21 -39.18 -16.65
N LYS A 211 14.94 -38.56 -17.80
CA LYS A 211 14.52 -37.17 -17.85
C LYS A 211 13.01 -37.10 -17.65
N THR A 212 12.58 -37.57 -16.48
CA THR A 212 11.19 -37.52 -16.04
C THR A 212 11.15 -36.80 -14.70
N THR A 213 9.99 -36.21 -14.40
CA THR A 213 9.82 -35.36 -13.23
C THR A 213 8.72 -35.91 -12.34
N TRP A 214 8.98 -35.88 -11.03
CA TRP A 214 8.12 -36.50 -10.04
C TRP A 214 7.94 -35.57 -8.86
N GLN A 215 6.80 -35.72 -8.18
CA GLN A 215 6.57 -35.08 -6.89
C GLN A 215 6.50 -36.15 -5.79
N ALA A 216 7.28 -35.92 -4.74
CA ALA A 216 7.18 -36.71 -3.51
C ALA A 216 6.26 -35.92 -2.59
N VAL A 217 5.07 -36.46 -2.38
CA VAL A 217 4.04 -35.83 -1.57
C VAL A 217 3.93 -36.53 -0.22
N HIS A 218 3.90 -35.75 0.85
CA HIS A 218 3.76 -36.27 2.20
C HIS A 218 2.61 -35.52 2.86
N ILE A 219 1.46 -36.17 2.97
CA ILE A 219 0.28 -35.52 3.54
C ILE A 219 0.43 -35.46 5.04
N PRO A 220 -0.45 -34.74 5.74
CA PRO A 220 -0.21 -34.56 7.18
C PRO A 220 -0.36 -35.86 7.96
N THR A 221 0.56 -36.06 8.90
CA THR A 221 0.44 -37.19 9.85
C THR A 221 -0.92 -37.20 10.54
N ILE A 222 -1.43 -36.04 10.96
CA ILE A 222 -2.68 -36.05 11.71
C ILE A 222 -3.81 -36.63 10.86
N VAL A 223 -3.74 -36.47 9.54
CA VAL A 223 -4.80 -36.94 8.66
C VAL A 223 -4.82 -38.45 8.59
N VAL A 224 -3.66 -39.08 8.39
CA VAL A 224 -3.64 -40.54 8.33
C VAL A 224 -3.96 -41.13 9.68
N ARG A 225 -3.66 -40.40 10.76
CA ARG A 225 -4.06 -40.87 12.09
C ARG A 225 -5.56 -40.82 12.28
N CYS A 226 -6.22 -39.75 11.86
CA CYS A 226 -7.68 -39.73 11.92
C CYS A 226 -8.33 -40.73 10.98
N CYS A 227 -7.72 -40.97 9.84
CA CYS A 227 -8.25 -41.71 8.71
C CYS A 227 -7.44 -42.96 8.43
N ASP A 228 -7.01 -43.18 7.18
CA ASP A 228 -6.26 -44.38 6.85
C ASP A 228 -5.30 -44.08 5.70
N GLY A 229 -4.58 -45.11 5.27
CA GLY A 229 -3.61 -44.92 4.19
C GLY A 229 -4.26 -44.66 2.85
N GLY A 230 -5.53 -45.07 2.69
CA GLY A 230 -6.24 -44.76 1.49
C GLY A 230 -6.49 -43.27 1.28
N ASN A 231 -6.34 -42.46 2.34
CA ASN A 231 -6.53 -41.01 2.22
C ASN A 231 -5.40 -40.43 1.37
N THR A 232 -4.24 -41.06 1.39
CA THR A 232 -3.02 -40.39 0.94
C THR A 232 -3.05 -39.97 -0.53
N SER A 233 -3.28 -40.93 -1.44
CA SER A 233 -3.28 -40.56 -2.87
C SER A 233 -4.40 -39.61 -3.22
N ARG A 234 -5.52 -39.69 -2.50
CA ARG A 234 -6.64 -38.79 -2.77
C ARG A 234 -6.34 -37.38 -2.30
N TRP A 235 -5.87 -37.23 -1.06
CA TRP A 235 -5.52 -35.92 -0.51
C TRP A 235 -4.48 -35.22 -1.39
N SER A 236 -3.44 -35.96 -1.75
CA SER A 236 -2.39 -35.50 -2.65
C SER A 236 -3.01 -34.97 -3.94
N ALA A 237 -3.85 -35.78 -4.59
CA ALA A 237 -4.41 -35.39 -5.89
C ALA A 237 -5.29 -34.15 -5.78
N MET A 238 -6.05 -34.00 -4.69
CA MET A 238 -6.96 -32.83 -4.58
C MET A 238 -6.11 -31.55 -4.62
N GLN A 239 -5.02 -31.52 -3.87
CA GLN A 239 -4.25 -30.28 -3.75
C GLN A 239 -3.29 -30.05 -4.90
N ILE A 240 -2.80 -31.12 -5.51
CA ILE A 240 -2.13 -31.02 -6.80
C ILE A 240 -3.05 -30.34 -7.82
N GLY A 241 -4.30 -30.80 -7.89
CA GLY A 241 -5.23 -30.22 -8.81
C GLY A 241 -5.51 -28.74 -8.54
N MET A 242 -5.72 -28.38 -7.28
CA MET A 242 -5.94 -26.95 -6.94
C MET A 242 -4.72 -26.12 -7.36
N SER A 243 -3.53 -26.69 -7.17
CA SER A 243 -2.32 -25.95 -7.49
C SER A 243 -2.14 -25.78 -8.99
N PHE A 244 -2.45 -26.81 -9.78
CA PHE A 244 -2.39 -26.64 -11.24
C PHE A 244 -3.41 -25.59 -11.71
N ILE A 245 -4.62 -25.59 -11.14
CA ILE A 245 -5.63 -24.59 -11.50
C ILE A 245 -5.10 -23.18 -11.33
N ALA A 246 -4.48 -22.91 -10.19
CA ALA A 246 -3.97 -21.57 -9.91
C ALA A 246 -2.73 -21.27 -10.73
N ALA A 247 -1.78 -22.20 -10.80
CA ALA A 247 -0.48 -21.90 -11.39
C ALA A 247 -0.54 -21.76 -12.90
N TYR A 248 -1.58 -22.31 -13.55
CA TYR A 248 -1.74 -22.24 -15.00
C TYR A 248 -3.00 -21.48 -15.42
N ASN A 249 -3.61 -20.74 -14.51
CA ASN A 249 -4.78 -19.89 -14.85
C ASN A 249 -5.85 -20.68 -15.60
N MET A 250 -6.15 -21.88 -15.10
CA MET A 250 -7.17 -22.72 -15.74
C MET A 250 -8.54 -22.30 -15.24
N CYS A 251 -9.55 -22.74 -15.97
CA CYS A 251 -10.89 -22.61 -15.37
C CYS A 251 -10.78 -23.46 -14.09
N ALA A 252 -11.34 -22.97 -13.00
CA ALA A 252 -11.37 -23.74 -11.75
C ALA A 252 -12.49 -24.77 -11.82
N GLY A 253 -12.24 -25.83 -12.62
CA GLY A 253 -13.14 -26.92 -12.88
C GLY A 253 -13.58 -26.96 -14.34
N GLU A 254 -12.68 -27.37 -15.22
CA GLU A 254 -13.00 -27.63 -16.63
C GLU A 254 -12.55 -29.05 -16.96
N ALA A 255 -12.92 -29.53 -18.16
CA ALA A 255 -12.67 -30.93 -18.48
C ALA A 255 -11.21 -31.32 -18.28
N ALA A 256 -10.29 -30.44 -18.66
CA ALA A 256 -8.87 -30.76 -18.54
C ALA A 256 -8.46 -31.02 -17.09
N VAL A 257 -9.17 -30.40 -16.14
CA VAL A 257 -8.86 -30.66 -14.74
C VAL A 257 -9.08 -32.13 -14.39
N ALA A 258 -10.08 -32.76 -14.99
CA ALA A 258 -10.33 -34.19 -14.73
C ALA A 258 -9.20 -35.07 -15.25
N ASP A 259 -8.55 -34.69 -16.35
CA ASP A 259 -7.36 -35.43 -16.80
C ASP A 259 -6.23 -35.32 -15.79
N LEU A 260 -6.05 -34.13 -15.20
CA LEU A 260 -5.07 -33.97 -14.13
C LEU A 260 -5.41 -34.85 -12.93
N ALA A 261 -6.70 -34.95 -12.60
CA ALA A 261 -7.13 -35.78 -11.48
C ALA A 261 -6.83 -37.23 -11.73
N PHE A 262 -7.17 -37.72 -12.92
CA PHE A 262 -6.92 -39.13 -13.23
C PHE A 262 -5.43 -39.42 -13.21
N ALA A 263 -4.63 -38.50 -13.76
CA ALA A 263 -3.20 -38.66 -13.72
C ALA A 263 -2.68 -38.73 -12.28
N ALA A 264 -3.10 -37.80 -11.44
CA ALA A 264 -2.55 -37.75 -10.10
C ALA A 264 -3.08 -38.86 -9.20
N LYS A 265 -4.29 -39.36 -9.46
CA LYS A 265 -4.87 -40.40 -8.62
C LYS A 265 -4.54 -41.80 -9.05
N MHS A 266 -4.24 -41.96 -10.34
CA MHS A 266 -4.12 -43.27 -10.92
C MHS A 266 -2.94 -43.39 -11.88
O MHS A 266 -1.95 -44.03 -11.59
CB MHS A 266 -5.41 -43.74 -11.64
CG MHS A 266 -6.56 -43.76 -10.73
ND1 MHS A 266 -6.81 -44.74 -9.75
CD2 MHS A 266 -7.64 -42.85 -10.64
CE1 MHS A 266 -7.99 -44.39 -9.11
NE2 MHS A 266 -8.49 -43.26 -9.62
CM MHS A 266 -6.00 -45.89 -9.43
N ALA A 267 -3.04 -42.73 -13.02
CA ALA A 267 -2.10 -43.06 -14.08
C ALA A 267 -0.65 -42.75 -13.78
N ALA A 268 -0.37 -41.68 -13.05
CA ALA A 268 0.99 -41.28 -12.68
C ALA A 268 1.25 -41.44 -11.19
N ALA A 269 0.38 -42.15 -10.48
CA ALA A 269 0.53 -42.32 -9.05
C ALA A 269 1.23 -43.64 -8.72
N VAL A 270 2.18 -43.57 -7.80
CA VAL A 270 2.97 -44.72 -7.36
C VAL A 270 2.71 -44.89 -5.86
N GLN A 271 1.75 -45.76 -5.52
CA GLN A 271 1.44 -46.07 -4.14
C GLN A 271 2.59 -46.80 -3.45
N MET A 272 2.67 -46.69 -2.13
CA MET A 272 3.60 -47.52 -1.36
C MET A 272 3.14 -48.96 -1.29
N ALA A 273 1.84 -49.18 -1.39
CA ALA A 273 1.21 -50.49 -1.24
C ALA A 273 -0.16 -50.46 -1.90
N GLU A 274 -0.54 -51.58 -2.51
CA GLU A 274 -1.87 -51.76 -3.07
C GLU A 274 -2.84 -52.41 -2.08
N MET A 275 -4.09 -52.48 -2.53
CA MET A 275 -5.16 -53.01 -1.64
C MET A 275 -4.99 -54.50 -1.37
N LEU A 276 -5.74 -55.00 -0.40
CA LEU A 276 -5.68 -56.37 0.05
C LEU A 276 -7.04 -57.05 -0.14
N PRO A 277 -7.04 -58.39 -0.23
CA PRO A 277 -8.31 -59.12 -0.39
C PRO A 277 -9.21 -59.07 0.84
N ALA A 278 -10.47 -59.47 0.60
CA ALA A 278 -11.59 -59.27 1.57
C ALA A 278 -11.34 -59.74 2.99
N ARG A 279 -10.75 -60.90 3.19
CA ARG A 279 -10.60 -61.40 4.58
C ARG A 279 -9.78 -60.37 5.38
N AGM A 280 -8.80 -59.73 4.76
CA AGM A 280 -7.94 -58.70 5.43
CB AGM A 280 -6.49 -59.19 5.50
CG AGM A 280 -5.89 -59.66 4.18
CD AGM A 280 -4.66 -60.54 4.38
CE2 AGM A 280 -3.48 -59.72 4.86
NE1 AGM A 280 -4.30 -61.23 3.14
CZ AGM A 280 -4.91 -62.29 2.63
NH1 AGM A 280 -4.50 -62.83 1.49
NH2 AGM A 280 -5.93 -62.84 3.28
C AGM A 280 -8.11 -57.37 4.69
O AGM A 280 -7.13 -56.66 4.50
N ALA A 281 -9.36 -57.03 4.40
CA ALA A 281 -9.64 -55.82 3.60
C ALA A 281 -8.94 -54.60 4.19
N ARG A 282 -8.21 -53.92 3.33
CA ARG A 282 -7.50 -52.70 3.74
C ARG A 282 -7.42 -51.76 2.54
N SER A 283 -7.32 -50.49 2.86
CA SER A 283 -7.13 -49.49 1.80
C SER A 283 -5.72 -49.61 1.27
N PRO A 284 -5.40 -48.96 0.15
CA PRO A 284 -3.99 -48.84 -0.26
C PRO A 284 -3.17 -48.15 0.82
N ASN A 285 -1.85 -48.25 0.66
CA ASN A 285 -0.89 -47.64 1.56
C ASN A 285 -1.00 -48.18 2.98
N GLU A 286 -1.24 -49.49 3.10
CA GLU A 286 -1.19 -50.16 4.38
C GLU A 286 -0.15 -51.28 4.35
N PRO A 287 0.26 -51.79 5.51
CA PRO A 287 1.48 -52.60 5.52
C PRO A 287 1.35 -53.90 4.78
N GLY A 288 0.16 -54.50 4.73
CA GLY A 288 0.07 -55.80 4.10
C GLY A 288 0.38 -55.74 2.61
N GLY A 289 0.14 -54.60 1.99
CA GLY A 289 0.48 -54.39 0.61
C GLY A 289 1.88 -53.97 0.32
N LEU A 290 2.71 -53.81 1.32
CA LEU A 290 4.08 -53.33 1.13
C LEU A 290 4.96 -54.49 0.66
N SER A 291 5.56 -54.32 -0.50
CA SER A 291 6.48 -55.30 -1.04
C SER A 291 7.83 -55.19 -0.33
N PHE A 292 8.54 -56.29 -0.29
CA PHE A 292 9.85 -56.35 0.38
C PHE A 292 10.87 -55.47 -0.33
N GLY A 293 10.83 -55.39 -1.66
CA GLY A 293 11.71 -54.47 -2.37
C GLY A 293 11.46 -53.01 -2.02
N TYR A 294 10.19 -52.61 -1.90
CA TYR A 294 9.92 -51.23 -1.53
C TYR A 294 10.36 -50.95 -0.10
N CYS A 295 10.11 -51.88 0.82
CA CYS A 295 10.55 -51.69 2.21
C CYS A 295 12.06 -51.48 2.26
N ALA A 296 12.81 -52.36 1.57
CA ALA A 296 14.27 -52.22 1.54
C ALA A 296 14.70 -50.87 0.95
N ASP A 297 13.98 -50.38 -0.05
CA ASP A 297 14.36 -49.15 -0.71
C ASP A 297 14.04 -47.91 0.12
N MET A 298 13.12 -48.01 1.08
CA MET A 298 12.83 -46.88 1.96
C MET A 298 14.00 -46.63 2.92
N VAL A 299 14.71 -47.67 3.32
CA VAL A 299 15.81 -47.53 4.25
C VAL A 299 17.02 -46.96 3.52
N GLN A 300 17.75 -46.06 4.18
CA GLN A 300 18.73 -45.23 3.49
C GLN A 300 20.18 -45.43 3.94
N THR A 301 20.47 -46.46 4.74
CA THR A 301 21.85 -46.68 5.16
C THR A 301 22.73 -47.02 3.97
N LEU A 302 22.12 -47.52 2.91
CA LEU A 302 22.87 -47.90 1.71
C LEU A 302 23.53 -46.71 1.03
N ARG A 303 22.94 -45.51 1.12
CA ARG A 303 23.57 -44.32 0.54
C ARG A 303 24.63 -43.71 1.44
N VAL A 304 24.67 -44.09 2.71
CA VAL A 304 25.65 -43.56 3.67
C VAL A 304 26.92 -44.37 3.66
N LYS A 305 26.82 -45.71 3.62
CA LYS A 305 27.99 -46.57 3.81
C LYS A 305 27.85 -47.87 3.04
N PRO A 306 27.82 -47.81 1.71
CA PRO A 306 27.68 -49.05 0.91
C PRO A 306 28.85 -50.00 1.06
N GLU A 307 29.98 -49.55 1.58
CA GLU A 307 31.14 -50.41 1.75
C GLU A 307 30.97 -51.41 2.88
N ASP A 308 29.96 -51.24 3.74
CA ASP A 308 29.60 -52.25 4.75
C ASP A 308 28.19 -52.75 4.45
N PRO A 309 28.04 -53.76 3.62
CA PRO A 309 26.69 -54.19 3.24
C PRO A 309 25.90 -54.75 4.41
N VAL A 310 26.56 -55.24 5.46
CA VAL A 310 25.84 -55.83 6.58
C VAL A 310 25.06 -54.77 7.34
N TRP A 311 25.63 -53.57 7.51
CA TRP A 311 24.97 -52.56 8.32
C TRP A 311 23.62 -52.19 7.69
N TYR A 312 23.62 -51.76 6.42
CA TYR A 312 22.36 -51.46 5.74
C TYR A 312 21.40 -52.64 5.85
N THR A 313 21.89 -53.84 5.60
CA THR A 313 21.05 -55.04 5.68
C THR A 313 20.31 -55.11 7.01
N LEU A 314 21.03 -54.95 8.12
CA LEU A 314 20.42 -55.09 9.43
C LEU A 314 19.57 -53.88 9.80
N GLU A 315 19.82 -52.70 9.21
CA GLU A 315 18.86 -51.61 9.40
C GLU A 315 17.55 -51.91 8.68
N VAL A 316 17.61 -52.53 7.49
CA VAL A 316 16.37 -52.96 6.84
C VAL A 316 15.64 -53.98 7.71
N VAL A 317 16.37 -54.97 8.27
CA VAL A 317 15.72 -55.92 9.16
C VAL A 317 15.01 -55.17 10.29
N ALA A 318 15.70 -54.19 10.89
CA ALA A 318 15.08 -53.44 11.98
C ALA A 318 13.81 -52.73 11.54
N CYS A 319 13.87 -52.07 10.40
CA CYS A 319 12.71 -51.38 9.84
C CYS A 319 11.55 -52.36 9.63
N GLY A 320 11.81 -53.45 8.90
CA GLY A 320 10.76 -54.38 8.53
C GLY A 320 10.21 -55.19 9.69
N THR A 321 11.07 -55.67 10.59
CA THR A 321 10.55 -56.52 11.66
C THR A 321 9.61 -55.74 12.57
N MET A 322 9.98 -54.53 12.94
CA MET A 322 9.08 -53.67 13.71
C MET A 322 7.78 -53.43 12.97
N LEU A 323 7.84 -52.91 11.75
CA LEU A 323 6.63 -52.58 11.03
C LEU A 323 5.74 -53.80 10.81
N TYR A 324 6.30 -54.85 10.24
CA TYR A 324 5.52 -56.01 9.83
C TYR A 324 5.06 -56.83 11.03
N ASP A 325 5.94 -57.05 12.04
CA ASP A 325 5.53 -57.87 13.17
C ASP A 325 4.80 -57.08 14.26
N GLN A 326 5.33 -55.92 14.64
CA GLN A 326 4.78 -55.19 15.78
C GLN A 326 3.52 -54.40 15.43
N ILE A 327 3.55 -53.66 14.33
CA ILE A 327 2.41 -52.82 13.95
C ILE A 327 1.42 -53.58 13.10
N TRP A 328 1.90 -54.20 12.02
CA TRP A 328 1.01 -54.88 11.08
C TRP A 328 0.44 -56.15 11.69
N LEU A 329 1.28 -57.18 11.89
CA LEU A 329 0.73 -58.41 12.45
C LEU A 329 0.25 -58.24 13.89
N GLY A 330 0.97 -57.49 14.71
CA GLY A 330 0.70 -57.35 16.12
C GLY A 330 -0.36 -56.37 16.46
N SER A 331 -0.81 -55.58 15.48
CA SER A 331 -1.89 -54.64 15.74
C SER A 331 -2.96 -54.74 14.64
N TYR A 332 -2.68 -54.26 13.43
CA TYR A 332 -3.68 -54.29 12.38
C TYR A 332 -4.35 -55.65 12.25
N MET A 333 -3.57 -56.73 12.33
CA MET A 333 -4.06 -58.10 12.15
C MET A 333 -4.32 -58.86 13.43
N SER A 334 -4.08 -58.24 14.57
CA SER A 334 -4.40 -58.88 15.85
C SER A 334 -4.63 -57.81 16.91
N GLY A 335 -3.64 -57.56 17.76
CA GLY A 335 -3.77 -56.57 18.82
C GLY A 335 -3.47 -57.13 20.18
N GLY A 336 -3.58 -56.26 21.18
CA GLY A 336 -3.32 -56.59 22.56
C GLY A 336 -1.90 -56.24 22.95
N VAL A 337 -1.37 -57.01 23.89
CA VAL A 337 0.06 -56.95 24.18
C VAL A 337 0.87 -57.07 22.90
N GLY A 338 0.47 -57.96 22.01
CA GLY A 338 1.12 -58.00 20.70
C GLY A 338 2.50 -58.65 20.69
N PHE A 339 3.35 -58.18 19.77
CA PHE A 339 4.49 -58.95 19.27
C PHE A 339 5.83 -58.20 19.35
N THR A 340 6.05 -57.45 20.44
CA THR A 340 7.26 -56.66 20.57
C THR A 340 8.52 -57.51 20.45
N GLN A 341 8.66 -58.53 21.30
CA GLN A 341 9.90 -59.30 21.39
C GLN A 341 10.09 -60.24 20.20
N TYR A 342 9.01 -60.64 19.52
CA TYR A 342 9.20 -61.34 18.26
C TYR A 342 10.07 -60.52 17.33
N ALA A 343 9.93 -59.20 17.38
CA ALA A 343 10.70 -58.31 16.54
C ALA A 343 12.00 -57.82 17.18
N THR A 344 12.00 -57.51 18.49
CA THR A 344 13.22 -57.01 19.10
C THR A 344 14.37 -57.98 18.93
N ALA A 345 14.09 -59.28 18.85
CA ALA A 345 15.18 -60.23 18.68
C ALA A 345 16.03 -59.92 17.47
N ALA A 346 15.46 -59.28 16.46
CA ALA A 346 16.14 -58.97 15.21
C ALA A 346 16.90 -57.65 15.24
N TYR A 347 16.70 -56.81 16.27
CA TYR A 347 17.31 -55.49 16.27
C TYR A 347 17.91 -55.08 17.62
N THR A 348 18.04 -56.00 18.56
CA THR A 348 18.65 -55.70 19.84
C THR A 348 19.78 -56.67 20.20
N ASN A 349 20.61 -56.23 21.13
CA ASN A 349 21.65 -57.01 21.80
C ASN A 349 22.73 -57.52 20.86
N ASP A 350 22.79 -56.99 19.63
CA ASP A 350 23.83 -57.30 18.65
C ASP A 350 23.91 -58.77 18.30
N VAL A 351 22.80 -59.50 18.47
CA VAL A 351 22.80 -60.94 18.25
C VAL A 351 22.79 -61.27 16.75
N LEU A 352 21.80 -60.77 16.03
CA LEU A 352 21.74 -61.02 14.57
C LEU A 352 23.02 -60.46 13.92
N ASP A 353 23.54 -59.33 14.43
CA ASP A 353 24.82 -58.75 13.93
C ASP A 353 25.97 -59.74 14.07
N ASP A 354 26.13 -60.34 15.25
CA ASP A 354 27.19 -61.36 15.44
C ASP A 354 27.02 -62.50 14.44
N PHE A 355 25.81 -63.03 14.30
CA PHE A 355 25.63 -64.22 13.47
C PHE A 355 25.86 -63.89 12.00
N THR A 356 25.47 -62.67 11.58
CA THR A 356 25.55 -62.24 10.19
C THR A 356 26.98 -61.83 9.81
N TYR A 357 27.66 -61.07 10.67
CA TYR A 357 29.07 -60.76 10.38
C TYR A 357 29.93 -62.04 10.36
N TYR A 358 29.62 -63.02 11.21
CA TYR A 358 30.31 -64.30 11.15
C TYR A 358 30.13 -64.90 9.77
N GLY A 359 28.91 -64.90 9.27
CA GLY A 359 28.66 -65.48 7.97
C GLY A 359 29.33 -64.70 6.85
N TYR A 360 29.27 -63.37 6.93
CA TYR A 360 29.93 -62.53 5.94
C TYR A 360 31.42 -62.87 5.85
N ASP A 361 32.08 -62.99 7.01
CA ASP A 361 33.50 -63.39 7.04
C ASP A 361 33.71 -64.78 6.45
N TYR A 362 32.85 -65.75 6.79
CA TYR A 362 32.95 -67.08 6.21
C TYR A 362 32.84 -67.04 4.69
N ALA A 363 31.87 -66.31 4.17
CA ALA A 363 31.65 -66.24 2.73
C ALA A 363 32.77 -65.49 2.01
N LEU A 364 33.23 -64.38 2.60
CA LEU A 364 34.35 -63.66 2.00
C LEU A 364 35.57 -64.56 1.84
N ASN A 365 35.85 -65.37 2.84
CA ASN A 365 37.02 -66.22 2.78
C ASN A 365 36.83 -67.41 1.87
N LYS A 366 35.62 -67.92 1.74
CA LYS A 366 35.43 -69.10 0.93
C LYS A 366 35.11 -68.79 -0.52
N TYR A 367 34.24 -67.79 -0.76
CA TYR A 367 33.77 -67.50 -2.10
C TYR A 367 34.34 -66.22 -2.71
N GLY A 368 34.83 -65.30 -1.91
CA GLY A 368 35.42 -64.09 -2.45
C GLY A 368 34.57 -62.86 -2.21
N ASP A 369 34.76 -61.86 -3.07
CA ASP A 369 34.19 -60.53 -2.81
C ASP A 369 32.66 -60.55 -2.84
N ASP A 370 32.09 -59.50 -2.24
CA ASP A 370 30.65 -59.24 -2.24
C ASP A 370 30.06 -59.56 -3.61
N GLY A 371 28.99 -60.35 -3.62
CA GLY A 371 28.20 -60.55 -4.81
C GLY A 371 28.78 -61.48 -5.85
N THR A 372 29.93 -62.12 -5.60
CA THR A 372 30.57 -62.98 -6.59
C THR A 372 30.33 -64.48 -6.40
N ALA A 373 29.57 -64.89 -5.36
CA ALA A 373 29.41 -66.31 -5.11
C ALA A 373 28.41 -66.94 -6.09
N PRO A 374 28.55 -68.24 -6.39
CA PRO A 374 27.66 -68.85 -7.37
C PRO A 374 26.20 -68.75 -6.96
N ASN A 375 25.36 -68.44 -7.93
CA ASN A 375 23.94 -68.22 -7.70
C ASN A 375 23.21 -69.57 -7.84
N ASP A 376 23.46 -70.45 -6.88
CA ASP A 376 22.90 -71.79 -6.99
C ASP A 376 22.53 -72.40 -5.65
N LEU A 377 21.77 -73.49 -5.72
CA LEU A 377 21.25 -74.13 -4.52
C LEU A 377 22.37 -74.68 -3.64
N ALA A 378 23.45 -75.17 -4.27
CA ALA A 378 24.60 -75.68 -3.51
C ALA A 378 25.21 -74.59 -2.62
N THR A 379 25.29 -73.37 -3.15
CA THR A 379 25.89 -72.29 -2.35
C THR A 379 24.97 -71.87 -1.22
N ALA A 380 23.67 -71.77 -1.49
CA ALA A 380 22.72 -71.48 -0.44
C ALA A 380 22.79 -72.54 0.66
N THR A 381 22.92 -73.80 0.27
CA THR A 381 23.00 -74.89 1.24
C THR A 381 24.22 -74.73 2.16
N ASP A 382 25.39 -74.47 1.56
CA ASP A 382 26.62 -74.34 2.33
C ASP A 382 26.54 -73.18 3.31
N LEU A 383 26.17 -72.00 2.82
CA LEU A 383 26.14 -70.81 3.68
C LEU A 383 25.09 -70.94 4.78
N ALA A 384 23.88 -71.38 4.43
CA ALA A 384 22.85 -71.50 5.46
C ALA A 384 23.24 -72.48 6.54
N THR A 385 23.80 -73.62 6.17
CA THR A 385 24.13 -74.64 7.16
C THR A 385 25.22 -74.14 8.11
N GLU A 386 26.29 -73.54 7.54
CA GLU A 386 27.37 -73.05 8.38
C GLU A 386 26.89 -71.95 9.33
N VAL A 387 26.15 -70.97 8.80
CA VAL A 387 25.69 -69.85 9.61
C VAL A 387 24.73 -70.31 10.70
N THR A 388 23.82 -71.21 10.35
CA THR A 388 22.87 -71.74 11.32
C THR A 388 23.58 -72.59 12.38
N LEU A 389 24.49 -73.48 11.98
CA LEU A 389 25.20 -74.27 13.00
C LEU A 389 25.97 -73.35 13.95
N ASN A 390 26.67 -72.35 13.41
CA ASN A 390 27.43 -71.47 14.29
C ASN A 390 26.50 -70.74 15.28
N GLY A 391 25.37 -70.23 14.79
CA GLY A 391 24.44 -69.56 15.67
C GLY A 391 23.88 -70.46 16.75
N MET A 392 23.52 -71.70 16.38
CA MET A 392 22.96 -72.63 17.36
C MET A 392 24.02 -72.91 18.42
N GLU A 393 25.29 -73.04 17.99
CA GLU A 393 26.40 -73.25 18.93
C GLU A 393 26.57 -72.06 19.87
N CYS A 394 26.37 -70.84 19.37
CA CYS A 394 26.38 -69.65 20.24
C CYS A 394 25.29 -69.74 21.32
N TYR A 395 24.07 -70.06 20.92
CA TYR A 395 22.99 -70.20 21.88
C TYR A 395 23.29 -71.32 22.89
N GLU A 396 23.94 -72.39 22.44
CA GLU A 396 24.28 -73.49 23.34
C GLU A 396 25.42 -73.13 24.28
N ASP A 397 26.38 -72.34 23.83
CA ASP A 397 27.55 -72.05 24.64
C ASP A 397 27.36 -70.86 25.57
N TYR A 398 26.39 -69.98 25.30
CA TYR A 398 26.13 -68.81 26.11
C TYR A 398 24.70 -68.86 26.63
N PRO A 399 24.49 -69.42 27.82
CA PRO A 399 23.13 -69.57 28.36
C PRO A 399 22.28 -68.30 28.35
N THR A 400 22.86 -67.13 28.67
CA THR A 400 22.04 -65.92 28.68
C THR A 400 21.68 -65.41 27.28
N LEU A 401 22.37 -65.88 26.24
CA LEU A 401 21.95 -65.60 24.87
C LEU A 401 20.68 -66.37 24.52
N LEU A 402 20.66 -67.67 24.88
CA LEU A 402 19.46 -68.47 24.67
C LEU A 402 18.30 -67.92 25.46
N GLU A 403 18.57 -67.41 26.67
CA GLU A 403 17.53 -66.85 27.52
C GLU A 403 16.98 -65.54 26.95
N ASP A 404 17.81 -64.79 26.22
CA ASP A 404 17.34 -63.58 25.53
C ASP A 404 16.32 -63.95 24.45
N HIS A 405 16.71 -64.84 23.53
CA HIS A 405 15.81 -65.33 22.50
C HIS A 405 15.12 -66.58 23.03
N PHE A 406 14.28 -66.32 24.03
CA PHE A 406 13.67 -67.40 24.80
C PHE A 406 12.63 -68.15 24.00
N GLY A 407 12.02 -67.50 23.01
CA GLY A 407 11.04 -68.17 22.14
C GLY A 407 11.69 -68.74 20.89
N GLY A 408 11.33 -69.97 20.56
CA GLY A 408 11.96 -70.58 19.40
C GLY A 408 11.74 -69.76 18.13
N SER A 409 10.61 -69.09 18.01
CA SER A 409 10.33 -68.29 16.81
C SER A 409 11.42 -67.21 16.59
N MGN A 410 11.78 -66.55 17.68
CA MGN A 410 12.87 -65.52 17.64
CB1 MGN A 410 13.15 -65.03 19.07
CB2 MGN A 410 12.42 -64.36 16.76
CG MGN A 410 11.97 -64.29 19.72
CD MGN A 410 12.23 -64.02 21.18
OE1 MGN A 410 12.52 -64.94 21.95
NE2 MGN A 410 12.20 -62.75 21.57
C MGN A 410 14.17 -66.17 17.11
O MGN A 410 14.82 -65.59 16.21
N ARG A 411 14.54 -67.30 17.70
CA ARG A 411 15.75 -68.01 17.29
C ARG A 411 15.68 -68.39 15.83
N ALA A 412 14.52 -68.90 15.40
CA ALA A 412 14.39 -69.35 14.01
C ALA A 412 14.57 -68.18 13.05
N GLY A 413 13.92 -67.05 13.33
CA GLY A 413 14.02 -65.92 12.42
C GLY A 413 15.42 -65.34 12.38
N ILE A 414 16.10 -65.33 13.53
CA ILE A 414 17.43 -64.72 13.57
C ILE A 414 18.46 -65.63 12.91
N LEU A 415 18.40 -66.94 13.18
CA LEU A 415 19.33 -67.87 12.51
C LEU A 415 19.08 -67.88 11.01
N ALA A 416 17.82 -67.88 10.60
CA ALA A 416 17.53 -67.88 9.17
C ALA A 416 17.84 -66.54 8.52
N ALA A 417 17.59 -65.44 9.24
CA ALA A 417 17.98 -64.13 8.67
C ALA A 417 19.49 -64.04 8.49
N ALA A 418 20.27 -64.48 9.48
CA ALA A 418 21.72 -64.46 9.30
C ALA A 418 22.15 -65.31 8.11
N SER A 419 21.52 -66.47 7.95
CA SER A 419 21.83 -67.36 6.83
C SER A 419 21.52 -66.72 5.49
N ALA A 420 20.32 -66.15 5.38
CA ALA A 420 19.85 -65.59 4.11
C ALA A 420 20.55 -64.26 3.80
N CYS A 421 20.79 -63.44 4.81
CA CYS A 421 21.58 -62.22 4.58
C CYS A 421 23.00 -62.55 4.15
N THR A 422 23.63 -63.56 4.79
CA THR A 422 24.95 -63.98 4.31
C THR A 422 24.89 -64.40 2.84
N THR A 423 23.88 -65.21 2.50
CA THR A 423 23.77 -65.69 1.12
C THR A 423 23.46 -64.55 0.15
N GLY A 424 22.61 -63.61 0.56
CA GLY A 424 22.31 -62.49 -0.31
C GLY A 424 23.55 -61.67 -0.62
N ILE A 425 24.32 -61.29 0.41
CA ILE A 425 25.49 -60.47 0.20
C ILE A 425 26.49 -61.23 -0.65
N ALA A 426 26.66 -62.53 -0.36
CA ALA A 426 27.66 -63.34 -1.07
C ALA A 426 27.31 -63.50 -2.54
N THR A 427 26.05 -63.84 -2.84
CA THR A 427 25.65 -64.15 -4.21
C THR A 427 25.12 -62.94 -4.96
N GLY A 428 24.65 -61.92 -4.24
CA GLY A 428 23.96 -60.83 -4.90
C GLY A 428 22.61 -61.19 -5.45
N ASN A 429 22.01 -62.28 -4.97
CA ASN A 429 20.78 -62.78 -5.58
C ASN A 429 19.76 -63.05 -4.50
N SER A 430 18.63 -62.30 -4.53
CA SER A 430 17.60 -62.44 -3.50
C SER A 430 16.94 -63.81 -3.51
N GLN A 431 16.75 -64.36 -4.71
CA GLN A 431 16.03 -65.63 -4.83
C GLN A 431 16.86 -66.78 -4.27
N VAL A 432 18.17 -66.76 -4.48
CA VAL A 432 19.05 -67.78 -3.91
C VAL A 432 19.09 -67.63 -2.40
N ALA A 433 19.10 -66.37 -1.92
CA ALA A 433 19.04 -66.13 -0.47
C ALA A 433 17.79 -66.74 0.13
N LEU A 434 16.67 -66.66 -0.59
CA LEU A 434 15.42 -67.24 -0.11
C LEU A 434 15.53 -68.75 0.11
N SER A 435 16.20 -69.49 -0.82
CA SER A 435 16.45 -70.90 -0.56
C SER A 435 17.23 -71.10 0.73
N ALA A 436 18.20 -70.23 1.01
CA ALA A 436 19.02 -70.33 2.21
C ALA A 436 18.18 -70.11 3.48
N TRX A 437 17.24 -69.17 3.37
CA TRX A 437 16.32 -68.91 4.52
C TRX A 437 15.61 -70.23 4.92
O TRX A 437 15.63 -70.60 6.11
CB TRX A 437 15.30 -67.83 4.12
CG TRX A 437 14.16 -67.69 5.09
CD1 TRX A 437 12.98 -68.40 5.07
CD2 TRX A 437 14.08 -66.80 6.22
NE1 TRX A 437 12.19 -68.02 6.13
CE2 TRX A 437 12.82 -67.04 6.84
CE3 TRX A 437 14.93 -65.84 6.79
CZ2 TRX A 437 12.41 -66.33 7.97
CZ3 TRX A 437 14.53 -65.16 7.92
CH2 TRX A 437 13.27 -65.39 8.50
OH2 TRX A 437 12.92 -64.67 9.62
N TYR A 438 14.95 -70.88 3.98
CA TYR A 438 14.23 -72.12 4.31
C TYR A 438 15.17 -73.23 4.77
N MET A 439 16.39 -73.27 4.21
CA MET A 439 17.31 -74.32 4.62
C MET A 439 17.66 -74.15 6.11
N SER A 440 17.89 -72.91 6.54
CA SER A 440 18.17 -72.66 7.95
C SER A 440 17.09 -73.26 8.85
N MET A 441 15.83 -73.01 8.51
CA MET A 441 14.72 -73.54 9.35
C MET A 441 14.77 -75.07 9.44
N TYR A 442 14.98 -75.74 8.30
CA TYR A 442 15.00 -77.21 8.31
C TYR A 442 16.17 -77.74 9.16
N VAL A 443 17.33 -77.12 9.03
CA VAL A 443 18.50 -77.50 9.83
C VAL A 443 18.20 -77.31 11.31
N HIS A 444 17.67 -76.14 11.67
CA HIS A 444 17.36 -75.79 13.06
C HIS A 444 16.41 -76.82 13.67
N LYS A 445 15.31 -77.13 12.98
CA LYS A 445 14.31 -78.03 13.52
C LYS A 445 14.93 -79.36 13.93
N GLU A 446 15.80 -79.91 13.11
CA GLU A 446 16.33 -81.23 13.45
C GLU A 446 17.35 -81.17 14.57
N GLY A 447 18.04 -80.05 14.75
CA GLY A 447 19.05 -80.00 15.81
C GLY A 447 18.42 -80.04 17.19
N TRP A 448 17.38 -79.23 17.40
CA TRP A 448 16.77 -79.07 18.71
C TRP A 448 15.42 -79.75 18.86
N GLY A 449 14.86 -80.31 17.81
CA GLY A 449 13.55 -80.94 17.91
C GLY A 449 12.46 -79.95 18.23
N ARG A 450 12.60 -78.71 17.73
CA ARG A 450 11.67 -77.62 17.92
C ARG A 450 12.09 -76.55 16.92
N LEU A 451 11.16 -75.68 16.65
CA LEU A 451 11.42 -74.58 15.73
C LEU A 451 10.79 -73.35 16.39
N GLY A 452 9.62 -72.92 15.90
CA GLY A 452 8.93 -71.79 16.49
C GLY A 452 7.60 -72.13 17.14
N PHE A 453 6.70 -71.14 17.14
CA PHE A 453 5.36 -71.30 17.69
C PHE A 453 4.57 -72.31 16.84
N PHE A 454 3.36 -72.61 17.28
CA PHE A 454 2.50 -73.67 16.72
C PHE A 454 2.41 -73.54 15.20
CA GL3 A 455 2.05 -72.10 13.30
N GL3 A 455 2.34 -72.30 14.73
C GL3 A 455 3.12 -71.34 12.54
S GL3 A 455 2.82 -70.60 11.14
N TYR A 456 4.40 -71.37 13.16
CA TYR A 456 5.49 -70.58 12.64
C TYR A 456 5.92 -71.00 11.22
N ASP A 457 6.02 -72.30 10.99
CA ASP A 457 6.58 -72.81 9.74
C ASP A 457 5.50 -73.26 8.75
N LEU A 458 4.35 -72.59 8.70
CA LEU A 458 3.47 -72.74 7.55
C LEU A 458 4.24 -72.35 6.29
N GLN A 459 4.74 -71.13 6.25
CA GLN A 459 5.52 -70.73 5.09
C GLN A 459 6.81 -71.49 5.03
N DYA A 460 7.38 -71.91 6.15
CA DYA A 460 8.52 -72.68 6.14
CB DYA A 460 9.58 -72.18 6.83
CG DYA A 460 9.56 -70.87 7.54
OD1 DYA A 460 10.35 -70.01 7.17
OD2 DYA A 460 8.75 -70.72 8.44
C DYA A 460 8.50 -73.88 5.49
O DYA A 460 9.41 -74.19 4.74
N GLN A 461 7.44 -74.67 5.69
CA GLN A 461 7.38 -76.00 5.07
C GLN A 461 6.91 -75.88 3.61
N SMC A 462 6.08 -74.86 3.31
CA SMC A 462 5.78 -74.53 1.89
CB SMC A 462 4.60 -73.56 1.83
SG SMC A 462 3.07 -74.35 2.37
CS SMC A 462 2.18 -72.93 3.03
C SMC A 462 6.99 -73.89 1.20
O SMC A 462 6.96 -73.70 -0.03
N GLY A 463 8.02 -73.54 1.96
CA GLY A 463 8.98 -72.57 1.49
C GLY A 463 9.94 -73.00 0.40
N ALA A 464 10.69 -74.07 0.65
CA ALA A 464 11.70 -74.46 -0.34
C ALA A 464 11.07 -74.66 -1.70
N THR A 465 9.93 -75.38 -1.75
CA THR A 465 9.29 -75.75 -3.01
C THR A 465 8.68 -74.54 -3.72
N ASN A 466 8.37 -73.46 -3.00
CA ASN A 466 7.83 -72.27 -3.64
C ASN A 466 8.88 -71.21 -3.97
N VAL A 467 10.15 -71.43 -3.63
CA VAL A 467 11.17 -70.47 -4.07
C VAL A 467 11.27 -70.45 -5.58
N CYS A 468 11.30 -71.64 -6.19
CA CYS A 468 11.56 -71.81 -7.62
C CYS A 468 10.33 -72.28 -8.37
N SER A 469 9.15 -72.25 -7.74
CA SER A 469 7.94 -72.47 -8.49
C SER A 469 7.70 -71.31 -9.44
N TYR A 470 7.06 -71.60 -10.58
CA TYR A 470 6.59 -70.55 -11.46
C TYR A 470 5.09 -70.60 -11.67
N GLN A 471 4.36 -71.26 -10.77
CA GLN A 471 2.91 -71.34 -10.83
C GLN A 471 2.29 -70.02 -10.37
N GLY A 472 1.08 -69.75 -10.86
CA GLY A 472 0.46 -68.41 -10.65
C GLY A 472 0.51 -67.81 -9.26
N ASP A 473 0.06 -68.53 -8.24
CA ASP A 473 -0.01 -67.92 -6.88
C ASP A 473 1.18 -68.38 -6.02
N GLU A 474 2.17 -69.00 -6.63
CA GLU A 474 3.39 -69.46 -5.90
C GLU A 474 4.63 -68.73 -6.42
N GLY A 475 4.77 -68.62 -7.73
CA GLY A 475 5.97 -68.04 -8.28
C GLY A 475 5.98 -66.52 -8.16
N CYS A 476 7.14 -65.98 -7.79
CA CYS A 476 7.28 -64.55 -7.63
C CYS A 476 8.70 -64.29 -7.16
N CYS A 477 9.39 -63.33 -7.77
CA CYS A 477 10.69 -62.94 -7.24
C CYS A 477 10.52 -62.28 -5.88
N LEU A 478 11.53 -62.43 -5.04
CA LEU A 478 11.39 -61.95 -3.67
C LEU A 478 11.14 -60.44 -3.59
N GLU A 479 11.77 -59.66 -4.48
CA GLU A 479 11.60 -58.21 -4.45
C GLU A 479 10.12 -57.81 -4.57
N LEU A 480 9.33 -58.57 -5.33
CA LEU A 480 7.92 -58.25 -5.55
C LEU A 480 7.01 -58.99 -4.58
N ARG A 481 7.51 -60.00 -3.87
CA ARG A 481 6.72 -60.56 -2.78
C ARG A 481 6.55 -59.48 -1.71
N GLY A 482 5.61 -59.72 -0.82
CA GLY A 482 5.37 -58.85 0.29
C GLY A 482 4.47 -59.52 1.30
N ALA A 483 3.84 -58.69 2.14
CA ALA A 483 3.01 -59.21 3.22
C ALA A 483 1.67 -59.75 2.75
N ASN A 484 1.40 -59.77 1.46
CA ASN A 484 0.22 -60.42 0.91
C ASN A 484 0.54 -61.60 0.03
N TYR A 485 1.83 -61.96 -0.11
CA TYR A 485 2.17 -63.21 -0.76
C TYR A 485 1.50 -64.33 0.03
N PRO A 486 0.74 -65.20 -0.62
CA PRO A 486 -0.21 -66.04 0.14
C PRO A 486 0.41 -66.75 1.34
N ASN A 487 1.53 -67.43 1.15
CA ASN A 487 2.14 -68.18 2.26
C ASN A 487 2.57 -67.25 3.40
N TYR A 488 2.79 -65.96 3.13
CA TYR A 488 3.36 -65.02 4.08
C TYR A 488 2.29 -64.18 4.79
N ALA A 489 1.02 -64.41 4.49
CA ALA A 489 0.00 -63.42 4.84
C ALA A 489 -0.39 -63.42 6.30
N MET A 490 0.15 -64.33 7.13
CA MET A 490 -0.33 -64.49 8.51
C MET A 490 0.70 -64.35 9.62
N ASN A 491 1.97 -64.75 9.45
CA ASN A 491 2.78 -65.12 10.62
C ASN A 491 3.98 -64.23 10.93
N VAL A 492 4.21 -64.03 12.22
CA VAL A 492 5.36 -63.27 12.73
C VAL A 492 6.68 -63.93 12.36
N GLY A 493 7.77 -63.20 12.51
CA GLY A 493 9.09 -63.77 12.41
C GLY A 493 9.60 -64.06 11.03
N HIS A 494 9.03 -63.43 9.98
CA HIS A 494 9.45 -63.64 8.60
C HIS A 494 9.52 -62.37 7.75
N GLN A 495 8.48 -61.54 7.75
CA GLN A 495 8.31 -60.52 6.71
C GLN A 495 9.43 -59.49 6.75
N GLY A 496 9.76 -58.98 7.93
CA GLY A 496 10.82 -58.00 7.99
C GLY A 496 12.18 -58.56 7.68
N GLU A 497 12.39 -59.85 8.00
CA GLU A 497 13.66 -60.54 7.65
C GLU A 497 13.76 -60.68 6.13
N TYR A 498 12.65 -61.00 5.45
CA TYR A 498 12.65 -61.07 3.96
C TYR A 498 13.05 -59.72 3.35
N ALA A 499 12.49 -58.62 3.85
CA ALA A 499 12.90 -57.28 3.37
C ALA A 499 14.41 -57.10 3.61
N GLY A 500 14.90 -57.54 4.78
CA GLY A 500 16.33 -57.41 5.12
C GLY A 500 17.22 -58.12 4.11
N PHE A 501 16.93 -59.37 3.77
CA PHE A 501 17.88 -60.08 2.86
C PHE A 501 17.60 -59.70 1.40
N THR A 502 16.43 -59.14 1.11
CA THR A 502 16.21 -58.54 -0.24
C THR A 502 17.23 -57.38 -0.32
N GLY A 503 17.33 -56.58 0.74
CA GLY A 503 18.34 -55.50 0.77
C GLY A 503 19.75 -56.07 0.69
N SER A 504 20.01 -57.16 1.40
CA SER A 504 21.37 -57.76 1.44
C SER A 504 21.85 -58.14 0.04
N ALA A 505 20.96 -58.63 -0.82
CA ALA A 505 21.36 -59.09 -2.15
C ALA A 505 21.81 -57.90 -2.99
N HIS A 506 21.10 -56.78 -2.87
CA HIS A 506 21.46 -55.61 -3.63
C HIS A 506 22.63 -54.87 -3.02
N ALA A 507 22.79 -54.95 -1.69
CA ALA A 507 23.99 -54.42 -1.06
C ALA A 507 25.21 -55.22 -1.50
N GLY A 508 25.09 -56.55 -1.58
CA GLY A 508 26.20 -57.37 -2.04
C GLY A 508 26.57 -57.13 -3.48
N ALA A 509 25.58 -56.82 -4.31
CA ALA A 509 25.81 -56.49 -5.71
C ALA A 509 26.30 -55.06 -5.91
N HIS A 510 26.32 -54.25 -4.86
CA HIS A 510 26.66 -52.84 -4.91
C HIS A 510 25.77 -52.07 -5.87
N ASP A 511 24.47 -52.31 -5.73
CA ASP A 511 23.42 -51.54 -6.39
C ASP A 511 23.03 -50.32 -5.54
N ALA A 512 22.36 -49.36 -6.16
CA ALA A 512 21.90 -48.17 -5.47
C ALA A 512 20.51 -48.37 -4.87
N TYR A 513 19.80 -49.42 -5.28
CA TYR A 513 18.45 -49.70 -4.85
C TYR A 513 18.13 -51.13 -5.27
N CYS A 514 16.97 -51.61 -4.81
CA CYS A 514 16.50 -52.98 -5.03
C CYS A 514 15.37 -53.11 -6.03
N CYS A 515 14.45 -52.16 -6.06
CA CYS A 515 13.17 -52.37 -6.74
C CYS A 515 12.58 -51.16 -7.41
N ASN A 516 12.69 -50.01 -6.78
CA ASN A 516 12.11 -48.83 -7.42
C ASN A 516 12.94 -47.59 -7.09
N PRO A 517 13.61 -47.01 -8.09
CA PRO A 517 14.44 -45.83 -7.80
C PRO A 517 13.64 -44.63 -7.33
N LEU A 518 12.35 -44.56 -7.68
CA LEU A 518 11.54 -43.45 -7.19
C LEU A 518 11.37 -43.53 -5.67
N ILE A 519 11.14 -44.73 -5.16
CA ILE A 519 11.02 -44.93 -3.72
C ILE A 519 12.32 -44.56 -3.04
N LYS A 520 13.44 -44.98 -3.63
CA LYS A 520 14.74 -44.74 -3.03
C LYS A 520 15.01 -43.24 -2.88
N VAL A 521 14.75 -42.46 -3.94
CA VAL A 521 15.01 -41.02 -3.84
C VAL A 521 14.05 -40.36 -2.86
N CYS A 522 12.78 -40.71 -2.94
CA CYS A 522 11.75 -40.10 -2.12
C CYS A 522 12.10 -40.19 -0.64
N PHE A 523 12.55 -41.35 -0.18
CA PHE A 523 12.77 -41.58 1.23
C PHE A 523 14.14 -41.15 1.70
N ALA A 524 14.97 -40.68 0.77
CA ALA A 524 16.28 -40.14 1.16
C ALA A 524 16.18 -38.72 1.70
N ASP A 525 15.05 -38.06 1.45
CA ASP A 525 14.88 -36.64 1.74
C ASP A 525 14.95 -36.42 3.25
N PRO A 526 15.84 -35.54 3.76
CA PRO A 526 15.93 -35.30 5.18
C PRO A 526 14.75 -34.52 5.79
N SER A 527 13.83 -34.05 4.95
CA SER A 527 12.69 -33.29 5.48
C SER A 527 11.60 -34.20 6.06
N LEU A 528 11.75 -35.52 5.93
CA LEU A 528 10.83 -36.44 6.60
C LEU A 528 11.07 -36.38 8.11
N VAL A 529 10.08 -36.77 8.89
CA VAL A 529 10.22 -36.65 10.34
C VAL A 529 11.16 -37.72 10.89
N PHE A 530 10.98 -38.95 10.43
CA PHE A 530 11.82 -40.09 10.83
C PHE A 530 13.08 -40.15 9.95
N ASP A 531 14.20 -40.49 10.58
CA ASP A 531 15.48 -40.60 9.87
C ASP A 531 15.64 -42.01 9.33
N PHE A 532 15.25 -42.18 8.06
CA PHE A 532 15.32 -43.47 7.39
C PHE A 532 16.75 -43.96 7.15
N SER A 533 17.76 -43.15 7.43
CA SER A 533 19.13 -43.62 7.23
C SER A 533 19.68 -44.39 8.43
N TYR A 534 19.04 -44.34 9.61
CA TYR A 534 19.59 -45.07 10.77
C TYR A 534 18.42 -45.48 11.67
N ILE A 535 17.84 -46.63 11.33
CA ILE A 535 16.58 -47.08 11.92
C ILE A 535 16.75 -47.33 13.41
N ARG A 536 17.80 -48.06 13.78
CA ARG A 536 17.89 -48.48 15.17
C ARG A 536 18.20 -47.30 16.08
N LYS A 537 18.93 -46.32 15.59
CA LYS A 537 19.14 -45.09 16.35
C LYS A 537 17.83 -44.38 16.61
N GLU A 538 16.94 -44.32 15.62
CA GLU A 538 15.62 -43.72 15.83
C GLU A 538 14.81 -44.50 16.87
N TYR A 539 14.80 -45.83 16.77
CA TYR A 539 14.05 -46.61 17.75
C TYR A 539 14.53 -46.34 19.17
N ALA A 540 15.84 -46.20 19.36
CA ALA A 540 16.36 -45.88 20.68
C ALA A 540 15.81 -44.55 21.17
N LYS A 541 15.78 -43.53 20.31
CA LYS A 541 15.22 -42.24 20.72
C LYS A 541 13.77 -42.40 21.17
N GLY A 542 12.97 -43.13 20.39
CA GLY A 542 11.60 -43.36 20.81
C GLY A 542 11.49 -44.04 22.16
N ALA A 543 12.34 -45.05 22.39
CA ALA A 543 12.31 -45.82 23.64
C ALA A 543 12.74 -44.97 24.82
N MET A 544 13.58 -43.96 24.58
CA MET A 544 14.08 -43.05 25.59
C MET A 544 13.24 -41.77 25.71
N ARG A 545 12.13 -41.69 24.99
CA ARG A 545 11.24 -40.54 25.05
C ARG A 545 11.93 -39.28 24.57
N THR A 546 12.79 -39.43 23.55
CA THR A 546 13.50 -38.32 22.95
C THR A 546 13.17 -38.16 21.46
N PHE A 547 12.12 -38.84 20.98
CA PHE A 547 11.70 -38.66 19.58
C PHE A 547 10.42 -37.82 19.52
N ARG A 548 10.49 -36.73 18.79
CA ARG A 548 9.31 -35.83 18.64
C ARG A 548 8.52 -36.23 17.39
N PRO A 549 7.32 -36.80 17.55
CA PRO A 549 6.52 -37.14 16.39
C PRO A 549 5.65 -35.97 15.90
N ALA A 550 5.09 -36.14 14.69
CA ALA A 550 4.12 -35.16 14.18
C ALA A 550 2.72 -35.65 14.54
N GLY A 551 1.73 -34.81 14.38
CA GLY A 551 0.35 -35.22 14.52
C GLY A 551 -0.32 -34.97 15.85
N GLU A 552 0.41 -34.46 16.85
CA GLU A 552 -0.20 -34.19 18.14
C GLU A 552 -1.17 -33.01 18.06
N ARG A 553 -2.04 -32.92 19.06
CA ARG A 553 -3.14 -31.96 19.06
C ARG A 553 -3.04 -30.95 20.21
N SER A 554 -1.84 -30.77 20.74
CA SER A 554 -1.67 -29.88 21.88
CA SER A 554 -1.64 -29.87 21.88
C SER A 554 -2.14 -28.46 21.59
N LEU A 555 -2.06 -28.02 20.32
CA LEU A 555 -2.50 -26.67 19.97
C LEU A 555 -3.98 -26.40 20.17
N VAL A 556 -4.81 -27.46 20.19
CA VAL A 556 -6.25 -27.27 20.14
C VAL A 556 -6.97 -28.04 21.23
N ILE A 557 -6.25 -28.37 22.32
CA ILE A 557 -6.85 -29.06 23.44
C ILE A 557 -6.59 -28.33 24.74
N PRO A 558 -7.44 -28.49 25.76
CA PRO A 558 -7.20 -27.88 27.05
C PRO A 558 -6.15 -28.67 27.81
N ALA A 559 -5.82 -28.17 28.99
CA ALA A 559 -4.81 -28.80 29.83
C ALA A 559 -5.40 -28.73 31.23
N GLY A 560 -4.85 -27.84 32.06
CA GLY A 560 -5.42 -27.54 33.37
C GLY A 560 -5.22 -28.63 34.40
N VAL A 561 -5.51 -28.30 35.66
CA VAL A 561 -5.28 -29.21 36.78
C VAL A 561 -6.19 -30.44 36.72
N ALA B 2 0.51 -93.60 -21.24
CA ALA B 2 -0.54 -92.87 -20.56
C ALA B 2 -0.85 -93.58 -19.26
N ASP B 3 -1.50 -92.89 -18.34
CA ASP B 3 -1.84 -93.49 -17.07
C ASP B 3 -3.26 -94.02 -17.10
N THR B 4 -3.48 -95.18 -16.48
CA THR B 4 -4.82 -95.69 -16.25
C THR B 4 -5.02 -95.96 -14.77
N ILE B 5 -6.29 -95.98 -14.35
CA ILE B 5 -6.67 -96.18 -12.96
C ILE B 5 -7.89 -97.09 -12.96
N ASP B 6 -8.04 -97.85 -11.90
CA ASP B 6 -9.28 -98.56 -11.63
C ASP B 6 -10.12 -97.69 -10.70
N LEU B 7 -11.38 -97.52 -11.03
CA LEU B 7 -12.30 -96.73 -10.20
C LEU B 7 -13.10 -97.66 -9.29
N TYR B 8 -13.17 -97.28 -8.02
CA TYR B 8 -13.85 -98.02 -6.97
C TYR B 8 -14.84 -97.11 -6.27
N ASP B 9 -15.91 -97.71 -5.72
CA ASP B 9 -16.95 -96.94 -5.06
C ASP B 9 -16.62 -96.72 -3.58
N ASP B 10 -17.58 -96.14 -2.85
CA ASP B 10 -17.39 -95.77 -1.46
C ASP B 10 -17.41 -96.96 -0.52
N ARG B 11 -17.76 -98.14 -1.03
CA ARG B 11 -17.78 -99.38 -0.22
C ARG B 11 -16.67 -100.33 -0.70
N GLY B 12 -15.68 -99.80 -1.45
CA GLY B 12 -14.55 -100.62 -1.82
C GLY B 12 -14.79 -101.58 -2.95
N LYS B 13 -15.88 -101.42 -3.71
CA LYS B 13 -16.20 -102.30 -4.81
C LYS B 13 -15.77 -101.67 -6.14
N LYS B 14 -15.21 -102.49 -7.02
CA LYS B 14 -14.70 -101.98 -8.28
C LYS B 14 -15.86 -101.58 -9.20
N LEU B 15 -15.75 -100.37 -9.75
CA LEU B 15 -16.75 -99.85 -10.68
C LEU B 15 -16.34 -100.00 -12.13
N LYS B 16 -15.11 -99.63 -12.44
CA LYS B 16 -14.63 -99.63 -13.84
C LYS B 16 -13.12 -99.84 -13.83
N GLY B 17 -12.62 -100.65 -14.74
CA GLY B 17 -11.20 -100.93 -14.81
C GLY B 17 -10.51 -100.23 -15.96
N ASP B 18 -9.21 -99.96 -15.78
CA ASP B 18 -8.35 -99.44 -16.84
C ASP B 18 -8.93 -98.19 -17.49
N VAL B 19 -9.29 -97.23 -16.63
CA VAL B 19 -9.85 -95.94 -17.11
C VAL B 19 -8.70 -94.97 -17.38
N ASP B 20 -8.72 -94.30 -18.53
CA ASP B 20 -7.68 -93.29 -18.85
C ASP B 20 -7.75 -92.19 -17.80
N LEU B 21 -6.60 -91.77 -17.27
CA LEU B 21 -6.59 -90.69 -16.25
C LEU B 21 -7.33 -89.47 -16.79
N GLN B 22 -7.20 -89.17 -18.09
CA GLN B 22 -7.86 -88.00 -18.66
C GLN B 22 -9.37 -88.06 -18.57
N ALA B 23 -9.95 -89.26 -18.47
CA ALA B 23 -11.41 -89.36 -18.44
C ALA B 23 -12.00 -88.92 -17.11
N VAL B 24 -11.19 -88.73 -16.07
CA VAL B 24 -11.65 -88.12 -14.82
C VAL B 24 -11.22 -86.65 -14.71
N SER B 25 -10.78 -86.04 -15.81
CA SER B 25 -10.38 -84.65 -15.73
C SER B 25 -11.57 -83.70 -15.54
N PRO B 26 -11.41 -82.65 -14.74
CA PRO B 26 -12.42 -81.58 -14.71
C PRO B 26 -12.78 -81.02 -16.07
N LEU B 27 -11.88 -81.10 -17.06
CA LEU B 27 -12.16 -80.57 -18.38
C LEU B 27 -12.93 -81.53 -19.27
N LYS B 28 -13.12 -82.78 -18.83
CA LYS B 28 -13.63 -83.81 -19.72
C LYS B 28 -14.76 -84.65 -19.15
N ASN B 29 -14.73 -84.94 -17.86
CA ASN B 29 -15.72 -85.85 -17.28
C ASN B 29 -17.06 -85.13 -17.12
N SER B 30 -18.09 -85.68 -17.75
CA SER B 30 -19.40 -85.01 -17.75
C SER B 30 -19.99 -84.91 -16.35
N ALA B 31 -19.70 -85.87 -15.46
CA ALA B 31 -20.24 -85.79 -14.10
C ALA B 31 -19.59 -84.66 -13.30
N ILE B 32 -18.28 -84.48 -13.45
CA ILE B 32 -17.60 -83.37 -12.80
C ILE B 32 -18.12 -82.04 -13.33
N LEU B 33 -18.24 -81.94 -14.65
CA LEU B 33 -18.75 -80.72 -15.25
C LEU B 33 -20.16 -80.42 -14.75
N SER B 34 -20.98 -81.47 -14.59
CA SER B 34 -22.31 -81.31 -14.03
C SER B 34 -22.27 -80.88 -12.58
N MET B 35 -21.38 -81.46 -11.78
CA MET B 35 -21.26 -81.03 -10.40
C MET B 35 -20.96 -79.54 -10.32
N VAL B 36 -20.02 -79.06 -11.12
CA VAL B 36 -19.69 -77.63 -11.12
C VAL B 36 -20.91 -76.81 -11.51
N ASN B 37 -21.62 -77.23 -12.57
CA ASN B 37 -22.80 -76.50 -13.00
C ASN B 37 -23.84 -76.45 -11.89
N THR B 38 -24.05 -77.57 -11.20
CA THR B 38 -25.03 -77.63 -10.13
C THR B 38 -24.69 -76.68 -8.99
N VAL B 39 -23.43 -76.66 -8.55
CA VAL B 39 -23.08 -75.80 -7.42
C VAL B 39 -23.17 -74.32 -7.83
N LYS B 40 -22.91 -74.02 -9.09
CA LYS B 40 -23.00 -72.64 -9.55
C LYS B 40 -24.44 -72.14 -9.58
N ARG B 41 -25.36 -72.95 -10.11
CA ARG B 41 -26.68 -72.45 -10.45
C ARG B 41 -27.75 -72.77 -9.41
N THR B 42 -27.44 -73.58 -8.39
CA THR B 42 -28.43 -73.96 -7.38
C THR B 42 -28.32 -73.06 -6.16
N VAL B 43 -29.48 -72.63 -5.69
CA VAL B 43 -29.53 -71.82 -4.46
C VAL B 43 -30.61 -72.39 -3.54
N ALA B 44 -30.41 -72.20 -2.26
CA ALA B 44 -31.41 -72.54 -1.26
C ALA B 44 -32.10 -71.25 -0.81
N VAL B 45 -33.41 -71.33 -0.69
CA VAL B 45 -34.22 -70.20 -0.21
C VAL B 45 -34.77 -70.55 1.16
N ASN B 46 -34.56 -69.66 2.12
CA ASN B 46 -35.08 -69.85 3.46
C ASN B 46 -36.38 -69.06 3.58
N LEU B 47 -37.48 -69.68 3.19
CA LEU B 47 -38.77 -69.01 3.29
C LEU B 47 -39.13 -68.74 4.74
N ALA B 48 -38.82 -69.68 5.64
CA ALA B 48 -39.09 -69.44 7.06
C ALA B 48 -38.32 -68.22 7.55
N GLY B 49 -37.09 -68.05 7.07
CA GLY B 49 -36.29 -66.90 7.47
C GLY B 49 -36.86 -65.60 6.95
N ILE B 50 -37.39 -65.62 5.72
CA ILE B 50 -38.03 -64.41 5.17
C ILE B 50 -39.25 -64.05 6.00
N GLU B 51 -40.07 -65.06 6.30
CA GLU B 51 -41.26 -64.85 7.10
C GLU B 51 -40.90 -64.25 8.45
N LYS B 52 -39.90 -64.83 9.13
CA LYS B 52 -39.51 -64.35 10.45
C LYS B 52 -38.99 -62.91 10.37
N ALA B 53 -38.17 -62.62 9.36
CA ALA B 53 -37.61 -61.28 9.23
C ALA B 53 -38.71 -60.25 9.05
N CYS B 54 -39.71 -60.57 8.22
CA CYS B 54 -40.80 -59.64 7.99
C CYS B 54 -41.68 -59.49 9.23
N LYS B 55 -42.07 -60.60 9.84
CA LYS B 55 -42.99 -60.53 10.97
C LYS B 55 -42.34 -59.88 12.18
N ASN B 56 -41.03 -60.03 12.33
CA ASN B 56 -40.28 -59.50 13.46
C ASN B 56 -39.50 -58.23 13.13
N ALA B 57 -39.63 -57.69 11.92
CA ALA B 57 -38.87 -56.53 11.49
C ALA B 57 -37.39 -56.69 11.81
N SER B 58 -36.85 -57.88 11.58
CA SER B 58 -35.45 -58.19 11.90
C SER B 58 -34.55 -58.21 10.67
N TYR B 59 -34.90 -57.40 9.68
CA TYR B 59 -34.17 -57.26 8.44
C TYR B 59 -32.68 -57.02 8.67
N GLY B 60 -31.87 -57.84 8.03
CA GLY B 60 -30.43 -57.75 8.10
C GLY B 60 -29.76 -58.58 9.18
N GLY B 61 -30.51 -59.12 10.13
CA GLY B 61 -29.94 -59.97 11.16
C GLY B 61 -29.08 -59.23 12.19
N GLN B 62 -28.33 -60.03 12.94
CA GLN B 62 -27.42 -59.52 14.00
C GLN B 62 -28.13 -58.65 15.02
N SER B 63 -29.30 -59.10 15.42
CA SER B 63 -30.14 -58.46 16.44
C SER B 63 -30.78 -57.17 15.95
N ARG B 64 -30.66 -56.85 14.66
CA ARG B 64 -31.36 -55.70 14.13
C ARG B 64 -32.86 -55.86 14.34
N ASN B 65 -33.52 -54.73 14.59
CA ASN B 65 -34.96 -54.64 14.67
C ASN B 65 -35.26 -53.21 14.27
N ILE B 66 -36.19 -53.05 13.33
CA ILE B 66 -36.63 -51.74 12.86
C ILE B 66 -38.06 -51.56 13.33
N PRO B 67 -38.27 -50.91 14.47
CA PRO B 67 -39.61 -50.87 15.06
C PRO B 67 -40.61 -50.25 14.09
N GLY B 68 -41.78 -50.86 14.06
CA GLY B 68 -42.87 -50.36 13.28
C GLY B 68 -42.91 -50.82 11.86
N ARG B 69 -41.84 -51.45 11.36
CA ARG B 69 -41.73 -51.80 9.96
C ARG B 69 -41.96 -53.29 9.69
N GLU B 70 -42.62 -53.99 10.62
CA GLU B 70 -43.02 -55.37 10.38
C GLU B 70 -43.96 -55.41 9.19
N VAL B 71 -43.81 -56.46 8.39
CA VAL B 71 -44.72 -56.75 7.28
C VAL B 71 -45.26 -58.15 7.51
N ASP B 72 -46.57 -58.27 7.69
CA ASP B 72 -47.15 -59.54 8.15
C ASP B 72 -47.51 -60.39 6.94
N ILE B 73 -46.56 -61.22 6.51
CA ILE B 73 -46.74 -62.13 5.38
C ILE B 73 -46.29 -63.51 5.82
N ASP B 74 -46.84 -64.54 5.17
CA ASP B 74 -46.63 -65.94 5.56
C ASP B 74 -46.22 -66.84 4.39
N PRO B 75 -45.05 -66.60 3.79
CA PRO B 75 -44.65 -67.35 2.59
C PRO B 75 -44.49 -68.84 2.82
N THR B 76 -44.17 -69.29 4.03
CA THR B 76 -44.08 -70.74 4.24
C THR B 76 -45.43 -71.41 4.05
N ALA B 77 -46.52 -70.72 4.34
CA ALA B 77 -47.86 -71.26 4.12
C ALA B 77 -48.31 -71.24 2.66
N LYS B 78 -47.63 -70.44 1.83
CA LYS B 78 -47.94 -70.31 0.41
C LYS B 78 -46.77 -70.78 -0.44
N ALA B 79 -45.98 -71.73 0.07
CA ALA B 79 -44.71 -72.06 -0.57
C ALA B 79 -44.92 -72.66 -1.96
N ASP B 80 -45.96 -73.47 -2.15
CA ASP B 80 -46.18 -74.04 -3.48
C ASP B 80 -46.52 -72.96 -4.51
N LYS B 81 -47.37 -72.01 -4.15
CA LYS B 81 -47.72 -70.92 -5.07
C LYS B 81 -46.50 -70.06 -5.37
N ILE B 82 -45.73 -69.74 -4.34
CA ILE B 82 -44.54 -68.93 -4.52
C ILE B 82 -43.54 -69.66 -5.40
N ALA B 83 -43.32 -70.95 -5.13
CA ALA B 83 -42.39 -71.75 -5.93
C ALA B 83 -42.80 -71.74 -7.40
N ALA B 84 -44.09 -71.91 -7.69
CA ALA B 84 -44.54 -71.91 -9.09
C ALA B 84 -44.30 -70.56 -9.75
N ARG B 85 -44.50 -69.47 -9.01
CA ARG B 85 -44.26 -68.15 -9.58
C ARG B 85 -42.79 -67.91 -9.82
N VAL B 86 -41.93 -68.31 -8.86
CA VAL B 86 -40.50 -68.20 -9.05
C VAL B 86 -40.07 -68.95 -10.31
N LYS B 87 -40.57 -70.18 -10.49
CA LYS B 87 -40.20 -70.95 -11.67
C LYS B 87 -40.59 -70.24 -12.96
N GLU B 88 -41.81 -69.70 -13.03
CA GLU B 88 -42.27 -68.99 -14.22
C GLU B 88 -41.43 -67.75 -14.50
N LEU B 89 -40.98 -67.07 -13.44
CA LEU B 89 -40.17 -65.86 -13.62
C LEU B 89 -38.73 -66.13 -14.05
N ILE B 90 -38.13 -67.25 -13.64
CA ILE B 90 -36.74 -67.49 -13.98
C ILE B 90 -36.52 -68.41 -15.17
N GLN B 91 -37.47 -69.29 -15.49
CA GLN B 91 -37.27 -70.23 -16.58
C GLN B 91 -37.15 -69.50 -17.92
N VAL B 92 -36.20 -69.92 -18.74
CA VAL B 92 -36.00 -69.29 -20.04
C VAL B 92 -36.89 -69.92 -21.10
N GLU B 93 -36.97 -71.26 -21.11
CA GLU B 93 -37.81 -71.98 -22.08
C GLU B 93 -38.47 -73.16 -21.39
N LYS B 94 -39.71 -73.45 -21.77
CA LYS B 94 -40.42 -74.57 -21.17
C LYS B 94 -39.59 -75.81 -21.39
N GLY B 95 -39.48 -76.63 -20.37
CA GLY B 95 -38.72 -77.84 -20.45
C GLY B 95 -37.23 -77.69 -20.28
N ASP B 96 -36.75 -76.49 -19.95
CA ASP B 96 -35.32 -76.28 -19.72
C ASP B 96 -34.99 -76.85 -18.34
N ASP B 97 -33.74 -76.66 -17.90
CA ASP B 97 -33.28 -77.29 -16.68
C ASP B 97 -33.58 -76.48 -15.41
N THR B 98 -34.47 -75.49 -15.49
CA THR B 98 -34.96 -74.83 -14.28
C THR B 98 -35.67 -75.84 -13.40
N GLU B 99 -35.39 -75.79 -12.09
CA GLU B 99 -36.12 -76.57 -11.12
C GLU B 99 -36.42 -75.69 -9.92
N VAL B 100 -37.63 -75.76 -9.40
CA VAL B 100 -37.97 -75.15 -8.12
C VAL B 100 -38.74 -76.20 -7.32
N THR B 101 -38.21 -76.57 -6.16
CA THR B 101 -38.79 -77.59 -5.31
C THR B 101 -38.99 -77.10 -3.88
N VAL B 102 -40.18 -77.33 -3.36
CA VAL B 102 -40.49 -77.00 -1.97
C VAL B 102 -39.95 -78.10 -1.06
N LEU B 103 -39.23 -77.68 -0.03
CA LEU B 103 -38.61 -78.56 0.94
C LEU B 103 -39.06 -78.19 2.35
N GLY B 104 -38.92 -79.16 3.24
CA GLY B 104 -39.19 -78.91 4.64
C GLY B 104 -40.61 -78.50 4.94
N GLY B 105 -41.56 -79.00 4.16
CA GLY B 105 -42.95 -78.65 4.43
C GLY B 105 -43.32 -77.23 4.11
N GLY B 106 -42.47 -76.52 3.37
CA GLY B 106 -42.70 -75.13 3.06
C GLY B 106 -41.64 -74.21 3.63
N LYS B 107 -40.74 -74.71 4.48
CA LYS B 107 -39.75 -73.83 5.09
C LYS B 107 -38.72 -73.35 4.10
N PHE B 108 -38.43 -74.14 3.06
CA PHE B 108 -37.32 -73.85 2.16
C PHE B 108 -37.73 -74.17 0.73
N LEU B 109 -37.02 -73.53 -0.21
CA LEU B 109 -37.04 -73.94 -1.60
C LEU B 109 -35.63 -74.28 -2.04
N ARG B 110 -35.52 -75.27 -2.93
CA ARG B 110 -34.33 -75.44 -3.74
C ARG B 110 -34.64 -74.84 -5.11
N VAL B 111 -33.79 -73.94 -5.58
CA VAL B 111 -33.96 -73.34 -6.90
C VAL B 111 -32.72 -73.66 -7.71
N ALA B 112 -32.88 -74.39 -8.81
CA ALA B 112 -31.80 -74.61 -9.77
C ALA B 112 -32.10 -73.68 -10.93
N ALA B 113 -31.38 -72.57 -11.00
CA ALA B 113 -31.65 -71.61 -12.07
C ALA B 113 -31.21 -72.21 -13.40
N PRO B 114 -31.85 -71.83 -14.51
CA PRO B 114 -31.46 -72.40 -15.80
C PRO B 114 -30.03 -72.09 -16.16
N THR B 115 -29.32 -73.11 -16.64
CA THR B 115 -27.94 -72.96 -17.08
C THR B 115 -27.75 -71.80 -18.05
N ARG B 116 -28.74 -71.56 -18.92
CA ARG B 116 -28.63 -70.49 -19.90
C ARG B 116 -28.38 -69.13 -19.24
N ARG B 117 -28.94 -68.89 -18.06
CA ARG B 117 -28.66 -67.63 -17.37
C ARG B 117 -27.20 -67.53 -16.95
N ILE B 118 -26.57 -68.65 -16.59
CA ILE B 118 -25.15 -68.64 -16.30
C ILE B 118 -24.35 -68.41 -17.59
N GLU B 119 -24.73 -69.12 -18.65
CA GLU B 119 -24.03 -68.99 -19.92
C GLU B 119 -24.06 -67.58 -20.45
N ALA B 120 -25.16 -66.87 -20.23
CA ALA B 120 -25.32 -65.50 -20.74
C ALA B 120 -24.57 -64.46 -19.92
N GLY B 121 -24.04 -64.84 -18.77
CA GLY B 121 -23.30 -63.93 -17.94
C GLY B 121 -21.82 -64.27 -17.94
N ALA B 122 -21.10 -63.66 -17.00
CA ALA B 122 -19.66 -63.89 -16.90
C ALA B 122 -19.26 -64.71 -15.68
N GLU B 123 -20.09 -64.73 -14.65
CA GLU B 123 -19.75 -65.42 -13.40
C GLU B 123 -20.82 -66.47 -13.11
N TYR B 124 -21.07 -66.78 -11.84
CA TYR B 124 -22.02 -67.77 -11.43
C TYR B 124 -23.17 -67.17 -10.64
N VAL B 125 -23.20 -65.84 -10.48
CA VAL B 125 -24.11 -65.19 -9.54
C VAL B 125 -25.53 -65.07 -10.06
N ALA B 126 -25.77 -65.40 -11.34
CA ALA B 126 -27.11 -65.21 -11.89
C ALA B 126 -28.15 -66.07 -11.17
N GLY B 127 -27.75 -67.23 -10.66
CA GLY B 127 -28.68 -68.01 -9.86
C GLY B 127 -29.14 -67.27 -8.63
N MET B 128 -28.20 -66.76 -7.85
CA MET B 128 -28.52 -65.99 -6.62
C MET B 128 -29.37 -64.76 -6.96
N THR B 129 -28.98 -64.00 -7.98
CA THR B 129 -29.65 -62.72 -8.23
C THR B 129 -31.03 -62.92 -8.83
N CYS B 130 -31.16 -63.82 -9.80
CA CYS B 130 -32.48 -64.02 -10.39
CA CYS B 130 -32.47 -64.05 -10.41
C CYS B 130 -33.43 -64.69 -9.41
N THR B 131 -32.93 -65.57 -8.54
CA THR B 131 -33.78 -66.15 -7.50
C THR B 131 -34.24 -65.07 -6.52
N ALA B 132 -33.31 -64.26 -6.03
CA ALA B 132 -33.70 -63.19 -5.12
C ALA B 132 -34.71 -62.25 -5.76
N ALA B 133 -34.49 -61.87 -7.02
CA ALA B 133 -35.43 -61.00 -7.71
C ALA B 133 -36.78 -61.67 -7.90
N ALA B 134 -36.79 -62.93 -8.35
CA ALA B 134 -38.06 -63.61 -8.57
C ALA B 134 -38.83 -63.75 -7.27
N LEU B 135 -38.14 -64.04 -6.18
CA LEU B 135 -38.82 -64.17 -4.89
CA LEU B 135 -38.80 -64.17 -4.88
C LEU B 135 -39.40 -62.83 -4.45
N THR B 136 -38.65 -61.73 -4.60
CA THR B 136 -39.14 -60.43 -4.19
C THR B 136 -40.41 -60.08 -4.95
N GLU B 137 -40.42 -60.31 -6.25
CA GLU B 137 -41.60 -60.07 -7.07
C GLU B 137 -42.75 -61.00 -6.67
N ALA B 138 -42.45 -62.28 -6.46
CA ALA B 138 -43.51 -63.21 -6.08
C ALA B 138 -44.18 -62.77 -4.79
N LEU B 139 -43.39 -62.31 -3.82
CA LEU B 139 -43.96 -61.86 -2.53
C LEU B 139 -44.76 -60.56 -2.72
N ARG B 140 -44.23 -59.63 -3.52
CA ARG B 140 -44.94 -58.38 -3.77
C ARG B 140 -46.30 -58.66 -4.37
N GLU B 141 -46.36 -59.57 -5.34
CA GLU B 141 -47.61 -59.93 -6.01
CA GLU B 141 -47.62 -59.88 -5.99
C GLU B 141 -48.56 -60.63 -5.05
N GLU B 142 -48.06 -61.68 -4.38
CA GLU B 142 -48.92 -62.51 -3.56
C GLU B 142 -49.55 -61.71 -2.43
N TYR B 143 -48.78 -60.79 -1.84
CA TYR B 143 -49.20 -60.09 -0.64
C TYR B 143 -49.63 -58.65 -0.91
N ASN B 144 -49.82 -58.28 -2.17
CA ASN B 144 -50.33 -56.96 -2.52
C ASN B 144 -49.51 -55.85 -1.89
N LEU B 145 -48.19 -56.01 -1.92
CA LEU B 145 -47.32 -55.01 -1.32
C LEU B 145 -47.26 -53.76 -2.19
N GLY B 146 -46.91 -52.65 -1.56
CA GLY B 146 -46.91 -51.35 -2.22
C GLY B 146 -45.61 -50.59 -2.17
N LEU B 147 -45.72 -49.29 -2.38
CA LEU B 147 -44.55 -48.47 -2.61
C LEU B 147 -43.58 -48.51 -1.42
N TYR B 148 -44.11 -48.40 -0.20
CA TYR B 148 -43.24 -48.14 0.95
C TYR B 148 -42.97 -49.36 1.83
N ASP B 149 -43.70 -50.46 1.63
CA ASP B 149 -43.37 -51.67 2.37
C ASP B 149 -42.57 -52.69 1.56
N THR B 150 -42.70 -52.72 0.23
CA THR B 150 -41.90 -53.65 -0.55
C THR B 150 -40.40 -53.51 -0.29
N PRO B 151 -39.85 -52.31 -0.08
CA PRO B 151 -38.40 -52.24 0.17
C PRO B 151 -37.95 -53.06 1.37
N TYR B 152 -38.77 -53.12 2.42
CA TYR B 152 -38.42 -53.89 3.61
C TYR B 152 -38.43 -55.38 3.31
N VAL B 153 -39.49 -55.86 2.63
CA VAL B 153 -39.52 -57.25 2.19
C VAL B 153 -38.33 -57.58 1.29
N LYS B 154 -37.97 -56.65 0.39
CA LYS B 154 -36.76 -56.84 -0.42
C LYS B 154 -35.55 -57.09 0.46
N ASN B 155 -35.38 -56.32 1.56
CA ASN B 155 -34.26 -56.61 2.47
C ASN B 155 -34.42 -57.94 3.20
N ALA B 156 -35.65 -58.41 3.43
CA ALA B 156 -35.82 -59.75 4.00
C ALA B 156 -35.22 -60.82 3.08
N VAL B 157 -35.31 -60.61 1.77
CA VAL B 157 -34.76 -61.56 0.80
C VAL B 157 -33.25 -61.34 0.60
N TRP B 158 -32.88 -60.12 0.24
CA TRP B 158 -31.54 -59.78 -0.18
C TRP B 158 -30.62 -59.38 0.96
N GLY B 159 -31.13 -59.32 2.20
CA GLY B 159 -30.26 -58.85 3.28
C GLY B 159 -29.95 -57.37 3.12
N THR B 160 -28.75 -56.99 3.55
CA THR B 160 -28.30 -55.62 3.49
C THR B 160 -27.72 -55.21 2.13
N TYR B 161 -27.81 -56.06 1.11
CA TYR B 161 -27.41 -55.66 -0.24
C TYR B 161 -28.35 -54.57 -0.72
N PRO B 162 -27.84 -53.44 -1.28
CA PRO B 162 -26.47 -53.21 -1.74
C PRO B 162 -25.60 -52.30 -0.87
N GLN B 163 -26.00 -52.01 0.36
CA GLN B 163 -25.07 -51.34 1.29
C GLN B 163 -23.84 -52.21 1.53
N THR B 164 -24.03 -53.52 1.61
CA THR B 164 -22.94 -54.50 1.57
C THR B 164 -22.84 -55.15 0.18
N MET B 165 -21.65 -55.68 -0.11
CA MET B 165 -21.45 -56.42 -1.40
CA MET B 165 -21.42 -56.39 -1.39
C MET B 165 -22.15 -57.81 -1.49
N ASP B 166 -22.37 -58.36 -0.28
CA ASP B 166 -23.07 -59.64 -0.17
C ASP B 166 -24.50 -59.42 0.33
N MET B 167 -25.29 -60.50 0.21
CA MET B 167 -26.66 -60.52 0.75
C MET B 167 -26.66 -60.84 2.25
N LYS B 168 -25.96 -60.01 3.03
CA LYS B 168 -25.70 -60.32 4.43
C LYS B 168 -27.01 -60.24 5.21
N GLY B 169 -27.27 -61.25 6.04
CA GLY B 169 -28.54 -61.30 6.75
C GLY B 169 -29.72 -61.65 5.87
N GLY B 170 -29.49 -62.01 4.61
CA GLY B 170 -30.54 -62.40 3.71
C GLY B 170 -30.94 -63.84 3.82
N ASN B 171 -31.77 -64.27 2.86
CA ASN B 171 -32.36 -65.62 2.95
C ASN B 171 -32.23 -66.36 1.61
N VAL B 172 -31.22 -66.02 0.83
CA VAL B 172 -30.90 -66.77 -0.41
C VAL B 172 -29.48 -67.29 -0.19
N LEU B 173 -29.28 -68.60 -0.32
N LEU B 173 -29.28 -68.60 -0.30
CA LEU B 173 -27.97 -69.18 0.06
CA LEU B 173 -27.96 -69.18 0.06
C LEU B 173 -27.36 -70.04 -1.06
C LEU B 173 -27.36 -70.05 -1.04
N SER B 174 -26.07 -69.86 -1.31
CA SER B 174 -25.31 -70.69 -2.23
C SER B 174 -24.22 -71.41 -1.45
N VAL B 175 -23.75 -72.55 -1.99
CA VAL B 175 -22.56 -73.14 -1.38
C VAL B 175 -21.32 -72.34 -1.75
N LEU B 176 -21.41 -71.54 -2.80
CA LEU B 176 -20.34 -70.60 -3.14
C LEU B 176 -20.57 -69.27 -2.40
N SER B 177 -19.57 -68.41 -2.45
CA SER B 177 -19.62 -67.06 -1.88
C SER B 177 -19.68 -66.05 -3.01
N ILE B 178 -19.55 -64.77 -2.68
CA ILE B 178 -19.56 -63.74 -3.73
C ILE B 178 -18.17 -63.69 -4.35
N PRO B 179 -18.07 -63.27 -5.61
CA PRO B 179 -16.76 -63.28 -6.27
C PRO B 179 -15.76 -62.38 -5.59
N GLN B 180 -16.20 -61.29 -4.97
CA GLN B 180 -15.23 -60.37 -4.37
C GLN B 180 -14.56 -60.96 -3.14
N ASN B 181 -15.02 -62.09 -2.65
CA ASN B 181 -14.32 -62.77 -1.56
C ASN B 181 -13.19 -63.68 -2.03
N ASP B 182 -13.03 -63.86 -3.34
CA ASP B 182 -11.92 -64.64 -3.88
C ASP B 182 -10.59 -64.05 -3.41
N GLU B 183 -9.68 -64.90 -2.90
CA GLU B 183 -8.36 -64.41 -2.53
C GLU B 183 -7.54 -64.06 -3.76
N GLY B 184 -7.75 -64.78 -4.85
CA GLY B 184 -7.02 -64.52 -6.06
C GLY B 184 -7.77 -65.02 -7.26
N LEU B 185 -7.04 -65.22 -8.34
CA LEU B 185 -7.63 -65.58 -9.63
C LEU B 185 -7.98 -67.06 -9.66
N GLY B 186 -9.25 -67.37 -9.90
CA GLY B 186 -9.67 -68.75 -10.03
C GLY B 186 -10.09 -69.41 -8.75
N PHE B 187 -10.42 -68.64 -7.71
CA PHE B 187 -10.67 -69.19 -6.38
C PHE B 187 -12.14 -69.43 -6.06
N ALA B 188 -13.07 -69.15 -6.97
CA ALA B 188 -14.48 -69.23 -6.56
C ALA B 188 -14.89 -70.64 -6.13
N LEU B 189 -14.45 -71.67 -6.85
CA LEU B 189 -14.80 -73.05 -6.48
C LEU B 189 -13.98 -73.55 -5.31
N ARG B 190 -12.94 -72.81 -4.90
CA ARG B 190 -12.20 -73.10 -3.69
C ARG B 190 -12.90 -72.58 -2.46
N ASN B 191 -13.88 -71.70 -2.61
CA ASN B 191 -14.50 -71.02 -1.46
C ASN B 191 -15.78 -71.73 -1.01
N ILE B 192 -15.60 -72.98 -0.58
CA ILE B 192 -16.71 -73.83 -0.16
C ILE B 192 -16.41 -74.35 1.25
N MET B 193 -17.17 -73.86 2.22
N MET B 193 -17.18 -73.86 2.20
CA MET B 193 -16.95 -74.16 3.63
CA MET B 193 -17.03 -74.23 3.60
C MET B 193 -16.98 -75.66 3.89
C MET B 193 -16.91 -75.73 3.78
N ALA B 194 -16.01 -76.13 4.68
CA ALA B 194 -15.92 -77.56 4.98
C ALA B 194 -17.22 -78.11 5.58
N ASN B 195 -17.90 -77.34 6.43
CA ASN B 195 -19.20 -77.78 6.93
C ASN B 195 -20.19 -78.03 5.80
N HIS B 196 -20.17 -77.17 4.77
CA HIS B 196 -21.05 -77.37 3.62
C HIS B 196 -20.72 -78.68 2.89
N LEU B 197 -19.42 -78.93 2.68
CA LEU B 197 -19.01 -80.14 1.99
C LEU B 197 -19.46 -81.39 2.74
N ALA B 198 -19.37 -81.36 4.09
CA ALA B 198 -19.84 -82.49 4.87
C ALA B 198 -21.34 -82.71 4.70
N MET B 199 -22.11 -81.63 4.53
CA MET B 199 -23.53 -81.79 4.33
C MET B 199 -23.84 -82.24 2.90
N LEU B 200 -23.15 -81.71 1.88
CA LEU B 200 -23.32 -82.22 0.52
C LEU B 200 -23.19 -83.75 0.49
N SER B 201 -22.23 -84.28 1.26
CA SER B 201 -21.92 -85.70 1.28
C SER B 201 -22.82 -86.49 2.21
N GLN B 202 -23.65 -85.81 2.99
CA GLN B 202 -24.51 -86.50 4.00
C GLN B 202 -23.62 -87.24 5.01
N ARG B 203 -22.43 -86.77 5.24
CA ARG B 203 -21.48 -87.35 6.20
C ARG B 203 -21.01 -88.74 5.81
N ASN B 204 -21.06 -88.96 4.53
CA ASN B 204 -20.39 -90.18 3.98
C ASN B 204 -18.96 -89.72 3.69
N ALA B 205 -17.99 -90.21 4.45
CA ALA B 205 -16.65 -89.65 4.34
C ALA B 205 -15.96 -89.98 3.01
N MET B 206 -16.23 -91.15 2.43
CA MET B 206 -15.68 -91.43 1.11
C MET B 206 -16.26 -90.48 0.08
N ASN B 207 -17.57 -90.23 0.14
CA ASN B 207 -18.18 -89.31 -0.81
C ASN B 207 -17.76 -87.88 -0.57
N CYS B 208 -17.51 -87.52 0.69
CA CYS B 208 -16.99 -86.19 1.02
C CYS B 208 -15.62 -85.98 0.43
N ALA B 209 -14.73 -86.99 0.54
CA ALA B 209 -13.43 -86.89 -0.09
C ALA B 209 -13.57 -86.59 -1.58
N ALA B 210 -14.48 -87.30 -2.24
CA ALA B 210 -14.66 -87.15 -3.67
C ALA B 210 -15.18 -85.77 -4.04
N ILE B 211 -16.30 -85.36 -3.42
CA ILE B 211 -16.90 -84.05 -3.72
C ILE B 211 -15.89 -82.93 -3.52
N SER B 212 -15.20 -82.95 -2.37
CA SER B 212 -14.29 -81.88 -2.03
C SER B 212 -13.08 -81.90 -2.95
N SER B 213 -12.53 -83.08 -3.22
CA SER B 213 -11.36 -83.18 -4.08
C SER B 213 -11.70 -82.69 -5.49
N ILE B 214 -12.83 -83.13 -6.02
CA ILE B 214 -13.26 -82.68 -7.35
C ILE B 214 -13.32 -81.16 -7.42
N LEU B 215 -14.03 -80.53 -6.47
CA LEU B 215 -14.21 -79.08 -6.53
C LEU B 215 -12.89 -78.35 -6.32
N GLU B 216 -12.05 -78.83 -5.40
CA GLU B 216 -10.73 -78.22 -5.23
C GLU B 216 -9.93 -78.25 -6.53
N HIS B 217 -9.86 -79.41 -7.20
CA HIS B 217 -9.07 -79.49 -8.42
C HIS B 217 -9.70 -78.71 -9.56
N CYS B 218 -11.04 -78.63 -9.62
CA CYS B 218 -11.66 -77.72 -10.57
C CYS B 218 -11.15 -76.30 -10.37
N GLY B 219 -11.04 -75.88 -9.12
CA GLY B 219 -10.48 -74.57 -8.82
C GLY B 219 -9.04 -74.46 -9.30
N VAL B 220 -8.23 -75.47 -8.98
CA VAL B 220 -6.83 -75.43 -9.41
C VAL B 220 -6.72 -75.29 -10.92
N PHE B 221 -7.58 -75.99 -11.65
CA PHE B 221 -7.58 -75.86 -13.12
C PHE B 221 -7.94 -74.43 -13.52
N GLU B 222 -8.94 -73.82 -12.85
CA GLU B 222 -9.33 -72.45 -13.17
C GLU B 222 -8.25 -71.44 -12.81
N MET B 223 -7.42 -71.76 -11.83
CA MET B 223 -6.29 -70.93 -11.46
C MET B 223 -5.15 -71.00 -12.46
N GLY B 224 -5.20 -71.89 -13.43
CA GLY B 224 -4.11 -72.01 -14.37
C GLY B 224 -2.94 -72.84 -13.86
N GLN B 225 -3.18 -73.66 -12.84
CA GLN B 225 -2.11 -74.39 -12.17
C GLN B 225 -2.15 -75.88 -12.47
N ALA B 226 -2.77 -76.25 -13.59
CA ALA B 226 -2.78 -77.62 -14.09
C ALA B 226 -2.44 -77.67 -15.56
N ILE B 227 -1.42 -76.89 -15.96
CA ILE B 227 -0.98 -76.77 -17.35
C ILE B 227 0.28 -77.59 -17.56
N GLY B 228 0.33 -78.28 -18.69
CA GLY B 228 1.53 -79.03 -19.04
C GLY B 228 1.74 -80.18 -18.08
N LEU B 229 2.97 -80.36 -17.64
CA LEU B 229 3.30 -81.42 -16.69
C LEU B 229 2.44 -81.33 -15.44
N PHE B 230 2.04 -80.12 -15.07
CA PHE B 230 1.24 -79.96 -13.86
C PHE B 230 -0.16 -80.53 -14.00
N GLU B 231 -0.62 -80.75 -15.23
CA GLU B 231 -1.91 -81.42 -15.38
C GLU B 231 -1.85 -82.84 -14.86
N ARG B 232 -0.82 -83.60 -15.25
CA ARG B 232 -0.68 -84.96 -14.71
C ARG B 232 -0.50 -84.94 -13.20
N TYR B 233 0.30 -84.02 -12.70
CA TYR B 233 0.51 -83.91 -11.25
C TYR B 233 -0.81 -83.75 -10.52
N GLN B 234 -1.65 -82.84 -10.98
CA GLN B 234 -2.94 -82.60 -10.32
C GLN B 234 -3.92 -83.76 -10.52
N LEU B 235 -4.01 -84.27 -11.75
CA LEU B 235 -4.97 -85.34 -12.02
C LEU B 235 -4.65 -86.58 -11.20
N LEU B 236 -3.37 -86.92 -11.03
CA LEU B 236 -3.04 -88.09 -10.23
C LEU B 236 -3.43 -87.89 -8.77
N ALA B 237 -3.24 -86.68 -8.24
CA ALA B 237 -3.67 -86.40 -6.88
C ALA B 237 -5.19 -86.50 -6.75
N LEU B 238 -5.93 -85.93 -7.70
CA LEU B 238 -7.39 -86.05 -7.69
C LEU B 238 -7.79 -87.52 -7.66
N ALA B 239 -7.24 -88.30 -8.57
CA ALA B 239 -7.66 -89.69 -8.72
C ALA B 239 -7.35 -90.50 -7.47
N TYR B 240 -6.10 -90.41 -6.96
CA TYR B 240 -5.65 -91.24 -5.85
C TYR B 240 -6.16 -90.75 -4.50
N GLN B 241 -6.28 -89.43 -4.30
CA GLN B 241 -6.76 -88.93 -3.01
C GLN B 241 -8.27 -88.79 -2.95
N GLY B 242 -8.90 -88.34 -4.03
CA GLY B 242 -10.32 -88.05 -4.01
C GLY B 242 -11.20 -89.10 -4.65
N LEU B 243 -10.71 -89.83 -5.64
CA LEU B 243 -11.55 -90.79 -6.36
C LEU B 243 -11.20 -92.24 -6.01
N ASN B 244 -10.50 -92.46 -4.91
CA ASN B 244 -10.25 -93.83 -4.45
C ASN B 244 -9.66 -94.70 -5.54
N ALA B 245 -8.75 -94.13 -6.34
CA ALA B 245 -8.18 -94.89 -7.42
C ALA B 245 -7.50 -96.14 -6.91
N ASN B 246 -7.70 -97.24 -7.63
CA ASN B 246 -7.11 -98.53 -7.28
C ASN B 246 -7.50 -98.98 -5.89
N ASN B 247 -8.55 -98.36 -5.30
CA ASN B 247 -9.06 -98.70 -3.97
C ASN B 247 -8.04 -98.41 -2.88
N MET B 248 -7.03 -97.58 -3.15
CA MET B 248 -5.94 -97.44 -2.20
C MET B 248 -6.38 -96.73 -0.91
N VAL B 249 -7.11 -95.62 -1.02
CA VAL B 249 -7.58 -94.93 0.18
C VAL B 249 -8.45 -95.86 1.02
N TYR B 250 -9.41 -96.53 0.37
CA TYR B 250 -10.32 -97.41 1.08
C TYR B 250 -9.58 -98.56 1.74
N GLU B 251 -8.71 -99.25 0.99
CA GLU B 251 -8.01 -100.41 1.54
C GLU B 251 -7.04 -100.02 2.64
N MET B 252 -6.27 -98.93 2.48
CA MET B 252 -5.37 -98.49 3.55
C MET B 252 -6.16 -98.14 4.81
N THR B 253 -7.32 -97.52 4.64
CA THR B 253 -8.13 -97.20 5.81
C THR B 253 -8.65 -98.48 6.45
N LYS B 254 -9.11 -99.44 5.63
CA LYS B 254 -9.60 -100.69 6.19
C LYS B 254 -8.50 -101.43 6.96
N ASN B 255 -7.29 -101.44 6.37
CA ASN B 255 -6.15 -102.16 6.93
CA ASN B 255 -6.21 -102.19 6.97
C ASN B 255 -5.68 -101.54 8.24
N ASN B 256 -5.93 -100.24 8.44
CA ASN B 256 -5.46 -99.53 9.62
C ASN B 256 -6.59 -99.11 10.54
N GLY B 257 -7.80 -99.55 10.24
CA GLY B 257 -8.95 -99.02 10.95
C GLY B 257 -9.19 -99.58 12.34
N LYS B 258 -8.73 -100.82 12.62
CA LYS B 258 -8.96 -101.40 13.94
C LYS B 258 -7.95 -100.94 14.98
N THR B 259 -6.66 -100.97 14.62
CA THR B 259 -5.61 -100.65 15.58
C THR B 259 -4.60 -99.66 15.05
N GLY B 260 -4.79 -99.11 13.86
CA GLY B 260 -3.75 -98.27 13.27
C GLY B 260 -3.74 -96.84 13.77
N THR B 261 -2.68 -96.13 13.34
CA THR B 261 -2.36 -94.79 13.77
C THR B 261 -1.87 -94.01 12.55
N ILE B 262 -1.59 -92.71 12.75
CA ILE B 262 -0.97 -91.95 11.68
C ILE B 262 0.29 -92.68 11.22
N GLY B 263 1.09 -93.16 12.18
CA GLY B 263 2.36 -93.77 11.82
C GLY B 263 2.24 -95.07 11.05
N THR B 264 1.26 -95.91 11.39
CA THR B 264 1.12 -97.15 10.64
C THR B 264 0.67 -96.88 9.21
N VAL B 265 -0.11 -95.82 9.01
CA VAL B 265 -0.49 -95.44 7.64
C VAL B 265 0.71 -94.94 6.86
N VAL B 266 1.62 -94.19 7.52
CA VAL B 266 2.87 -93.81 6.89
C VAL B 266 3.59 -95.05 6.40
N GLN B 267 3.72 -96.04 7.28
CA GLN B 267 4.44 -97.26 6.93
C GLN B 267 3.81 -97.98 5.75
N GLU B 268 2.48 -98.12 5.75
CA GLU B 268 1.85 -98.82 4.64
C GLU B 268 2.02 -98.05 3.32
N THR B 269 1.99 -96.72 3.37
CA THR B 269 2.16 -95.94 2.14
C THR B 269 3.55 -96.15 1.57
N VAL B 270 4.57 -96.14 2.42
CA VAL B 270 5.94 -96.39 1.93
C VAL B 270 6.04 -97.80 1.35
N GLY B 271 5.51 -98.78 2.07
CA GLY B 271 5.56 -100.16 1.58
C GLY B 271 4.86 -100.33 0.26
N ARG B 272 3.71 -99.68 0.08
CA ARG B 272 3.00 -99.77 -1.19
C ARG B 272 3.81 -99.11 -2.31
N ALA B 273 4.39 -97.94 -2.02
CA ALA B 273 5.17 -97.25 -3.05
C ALA B 273 6.34 -98.11 -3.47
N LEU B 274 6.94 -98.80 -2.50
CA LEU B 274 8.09 -99.64 -2.83
C LEU B 274 7.65 -100.88 -3.60
N ASP B 275 6.57 -101.54 -3.15
CA ASP B 275 6.15 -102.77 -3.81
C ASP B 275 5.66 -102.50 -5.22
N ASP B 276 5.05 -101.33 -5.44
CA ASP B 276 4.50 -100.96 -6.73
C ASP B 276 5.52 -100.30 -7.66
N GLY B 277 6.76 -100.13 -7.21
CA GLY B 277 7.81 -99.61 -8.06
C GLY B 277 7.84 -98.11 -8.18
N VAL B 278 7.04 -97.40 -7.38
CA VAL B 278 6.99 -95.95 -7.43
C VAL B 278 8.28 -95.34 -6.87
N ILE B 279 8.84 -95.96 -5.83
CA ILE B 279 10.10 -95.55 -5.23
C ILE B 279 11.01 -96.78 -5.15
N SER B 280 12.31 -96.51 -5.00
CA SER B 280 13.34 -97.54 -4.84
C SER B 280 14.41 -97.05 -3.89
N VAL B 281 15.15 -97.98 -3.29
CA VAL B 281 16.31 -97.58 -2.50
C VAL B 281 17.31 -96.89 -3.41
N ASP B 282 17.80 -95.73 -2.99
CA ASP B 282 18.80 -94.97 -3.73
C ASP B 282 20.20 -95.25 -3.18
N LYS B 283 20.44 -94.91 -1.92
CA LYS B 283 21.73 -95.14 -1.28
C LYS B 283 21.49 -95.49 0.18
N THR B 284 22.52 -96.06 0.81
CA THR B 284 22.45 -96.45 2.20
C THR B 284 23.54 -95.73 2.97
N MET B 285 23.18 -95.09 4.06
CA MET B 285 24.08 -94.37 4.96
C MET B 285 24.82 -95.36 5.84
N PRO B 286 25.92 -94.91 6.45
CA PRO B 286 26.70 -95.79 7.33
C PRO B 286 25.90 -96.45 8.42
N SER B 287 24.90 -95.77 8.98
CA SER B 287 24.09 -96.36 10.03
C SER B 287 23.20 -97.47 9.53
N GLY B 288 23.04 -97.59 8.22
CA GLY B 288 22.05 -98.48 7.63
C GLY B 288 20.75 -97.80 7.20
N TYR B 289 20.58 -96.53 7.51
CA TYR B 289 19.43 -95.77 7.04
C TYR B 289 19.46 -95.70 5.52
N LYS B 290 18.33 -95.98 4.90
CA LYS B 290 18.20 -96.00 3.45
C LYS B 290 17.56 -94.71 2.95
N VAL B 291 18.26 -94.03 2.05
CA VAL B 291 17.68 -92.93 1.27
C VAL B 291 16.98 -93.52 0.06
N TYR B 292 15.72 -93.14 -0.14
CA TYR B 292 14.95 -93.59 -1.29
C TYR B 292 15.01 -92.55 -2.42
N LYS B 293 14.62 -93.00 -3.62
CA LYS B 293 14.41 -92.14 -4.78
C LYS B 293 13.06 -92.42 -5.38
N ALA B 294 12.45 -91.37 -5.95
CA ALA B 294 11.17 -91.50 -6.64
C ALA B 294 11.41 -91.84 -8.10
N ASN B 295 10.90 -92.98 -8.54
CA ASN B 295 11.04 -93.33 -9.96
C ASN B 295 9.99 -92.63 -10.81
N ASP B 296 8.85 -92.28 -10.22
CA ASP B 296 7.79 -91.53 -10.88
C ASP B 296 7.40 -90.46 -9.86
N VAL B 297 7.88 -89.25 -10.07
CA VAL B 297 7.71 -88.18 -9.08
C VAL B 297 6.24 -87.86 -8.85
N CYS B 298 5.45 -87.70 -9.92
CA CYS B 298 4.04 -87.35 -9.72
C CYS B 298 3.29 -88.48 -9.05
N MET B 299 3.66 -89.73 -9.35
CA MET B 299 3.02 -90.86 -8.69
C MET B 299 3.35 -90.93 -7.21
N TRP B 300 4.60 -90.65 -6.85
CA TRP B 300 4.96 -90.63 -5.44
C TRP B 300 4.11 -89.61 -4.70
N ASN B 301 3.94 -88.42 -5.28
CA ASN B 301 3.04 -87.45 -4.66
C ASN B 301 1.64 -88.02 -4.46
N ALA B 302 1.11 -88.66 -5.50
CA ALA B 302 -0.25 -89.20 -5.43
C ALA B 302 -0.38 -90.24 -4.33
N TYR B 303 0.64 -91.08 -4.13
CA TYR B 303 0.63 -92.05 -3.04
C TYR B 303 0.64 -91.33 -1.70
N CYS B 304 1.43 -90.25 -1.58
CA CYS B 304 1.46 -89.49 -0.33
C CYS B 304 0.10 -88.84 -0.10
N ALA B 305 -0.57 -88.40 -1.17
CA ALA B 305 -1.88 -87.79 -1.00
C ALA B 305 -2.91 -88.81 -0.53
N ALA B 306 -2.88 -90.01 -1.11
CA ALA B 306 -3.78 -91.08 -0.65
C ALA B 306 -3.49 -91.43 0.79
N GLY B 307 -2.21 -91.53 1.15
CA GLY B 307 -1.87 -91.82 2.54
C GLY B 307 -2.31 -90.76 3.52
N THR B 308 -2.17 -89.47 3.14
CA THR B 308 -2.64 -88.38 3.99
C THR B 308 -4.14 -88.52 4.26
N MET B 309 -4.90 -88.85 3.22
CA MET B 309 -6.34 -89.07 3.36
C MET B 309 -6.66 -90.26 4.24
N ALA B 310 -6.04 -91.40 3.98
CA ALA B 310 -6.30 -92.57 4.82
C ALA B 310 -5.90 -92.30 6.27
N ALA B 311 -4.80 -91.60 6.48
CA ALA B 311 -4.38 -91.27 7.85
C ALA B 311 -5.43 -90.42 8.55
N THR B 312 -6.03 -89.48 7.83
CA THR B 312 -7.15 -88.65 8.40
C THR B 312 -8.33 -89.56 8.80
N MET B 313 -8.71 -90.45 7.90
CA MET B 313 -9.83 -91.41 8.14
C MET B 313 -9.55 -92.28 9.37
N VAL B 314 -8.30 -92.76 9.48
CA VAL B 314 -7.92 -93.62 10.64
C VAL B 314 -7.83 -92.83 11.94
N ASN B 315 -7.23 -91.67 11.90
CA ASN B 315 -6.98 -90.93 13.17
C ASN B 315 -8.23 -90.16 13.61
N CYS B 316 -8.80 -89.36 12.71
CA CYS B 316 -10.08 -88.66 13.04
C CYS B 316 -11.21 -89.68 13.22
N GLY B 317 -11.18 -90.77 12.46
CA GLY B 317 -12.20 -91.83 12.65
C GLY B 317 -12.11 -92.44 14.04
N ALA B 318 -10.89 -92.63 14.54
CA ALA B 318 -10.73 -93.21 15.87
C ALA B 318 -11.19 -92.25 16.95
N LEU B 319 -10.84 -90.98 16.79
CA LEU B 319 -11.25 -89.90 17.70
C LEU B 319 -12.73 -89.60 17.56
N ARG B 320 -13.30 -89.94 16.42
CA ARG B 320 -14.63 -89.44 16.01
C ARG B 320 -14.69 -87.95 16.25
N GLY B 321 -13.63 -87.27 15.81
CA GLY B 321 -13.48 -85.86 16.05
C GLY B 321 -12.68 -85.17 14.94
N ALA B 322 -13.14 -84.01 14.57
CA ALA B 322 -12.55 -83.33 13.42
C ALA B 322 -11.18 -82.76 13.72
N GLN B 323 -10.92 -82.33 14.96
CA GLN B 323 -9.76 -81.47 15.21
C GLN B 323 -8.44 -82.13 14.86
N ALA B 324 -8.34 -83.46 14.97
CA ALA B 324 -7.07 -84.14 14.69
C ALA B 324 -6.65 -84.07 13.23
N VAL B 325 -7.46 -83.53 12.32
CA VAL B 325 -7.04 -83.48 10.92
C VAL B 325 -5.82 -82.59 10.73
N SER B 326 -5.71 -81.51 11.52
CA SER B 326 -4.59 -80.60 11.33
C SER B 326 -3.27 -81.30 11.68
N SER B 327 -3.21 -81.99 12.80
CA SER B 327 -2.00 -82.74 13.15
C SER B 327 -1.79 -83.96 12.26
N THR B 328 -2.86 -84.60 11.81
CA THR B 328 -2.67 -85.74 10.90
C THR B 328 -1.93 -85.32 9.63
N LEU B 329 -2.39 -84.24 8.98
CA LEU B 329 -1.77 -83.79 7.73
C LEU B 329 -0.32 -83.41 7.97
N LEU B 330 -0.04 -82.77 9.11
CA LEU B 330 1.32 -82.35 9.45
C LEU B 330 2.21 -83.58 9.66
N TYR B 331 1.82 -84.45 10.59
CA TYR B 331 2.71 -85.54 11.02
C TYR B 331 2.77 -86.68 10.02
N PHE B 332 1.71 -86.94 9.24
CA PHE B 332 1.86 -87.94 8.19
C PHE B 332 3.01 -87.54 7.27
N ASN B 333 3.02 -86.28 6.85
CA ASN B 333 3.98 -85.83 5.85
C ASN B 333 5.35 -85.58 6.44
N ASP B 334 5.43 -85.01 7.64
CA ASP B 334 6.74 -84.86 8.32
C ASP B 334 7.38 -86.25 8.47
N MET B 335 6.63 -87.22 8.97
CA MET B 335 7.25 -88.54 9.26
C MET B 335 7.52 -89.34 7.98
N ILE B 336 6.75 -89.16 6.91
CA ILE B 336 7.06 -89.94 5.69
C ILE B 336 8.37 -89.40 5.09
N GLU B 337 8.64 -88.09 5.23
CA GLU B 337 9.93 -87.55 4.81
C GLU B 337 11.06 -88.12 5.66
N LYS B 338 10.87 -88.18 6.97
CA LYS B 338 11.90 -88.75 7.84
C LYS B 338 12.13 -90.22 7.53
N GLU B 339 11.07 -90.94 7.17
CA GLU B 339 11.17 -92.36 6.88
C GLU B 339 11.88 -92.64 5.56
N THR B 340 11.85 -91.70 4.61
CA THR B 340 12.31 -91.98 3.24
C THR B 340 13.38 -91.05 2.71
N SER B 341 13.51 -89.84 3.24
CA SER B 341 14.30 -88.77 2.64
C SER B 341 13.77 -88.34 1.28
N LEU B 342 12.48 -88.62 1.07
CA LEU B 342 11.77 -88.09 -0.12
C LEU B 342 10.83 -87.00 0.40
N PRO B 343 10.51 -85.98 -0.41
CA PRO B 343 9.59 -84.93 0.01
C PRO B 343 8.15 -85.47 0.10
N GLY B 344 7.40 -84.94 1.06
CA GLY B 344 6.00 -85.37 1.28
C GLY B 344 5.01 -84.73 0.33
N CYS B 345 3.73 -84.89 0.70
CA CYS B 345 2.65 -84.49 -0.23
C CYS B 345 2.70 -83.00 -0.58
N ASP B 346 2.63 -82.69 -1.87
CA ASP B 346 2.68 -81.28 -2.38
C ASP B 346 4.03 -80.68 -1.99
N TRP B 347 5.05 -81.53 -1.80
CA TRP B 347 6.46 -81.09 -1.56
C TRP B 347 6.57 -80.15 -0.36
N GLY B 348 5.84 -80.49 0.70
CA GLY B 348 5.85 -79.68 1.87
C GLY B 348 4.64 -78.79 2.05
N ARG B 349 3.84 -78.57 1.00
CA ARG B 349 2.73 -77.62 1.10
C ARG B 349 1.53 -78.18 1.85
N VAL B 350 1.36 -79.50 1.88
CA VAL B 350 0.36 -80.05 2.80
C VAL B 350 0.83 -79.88 4.23
N GLU B 351 2.09 -80.24 4.52
CA GLU B 351 2.64 -80.06 5.86
C GLU B 351 2.54 -78.62 6.30
N GLY B 352 2.95 -77.69 5.42
CA GLY B 352 2.91 -76.28 5.78
C GLY B 352 1.51 -75.78 6.02
N THR B 353 0.58 -76.12 5.11
CA THR B 353 -0.82 -75.81 5.36
C THR B 353 -1.24 -76.31 6.73
N ALA B 354 -0.85 -77.53 7.07
CA ALA B 354 -1.25 -78.14 8.34
C ALA B 354 -0.64 -77.43 9.55
N VAL B 355 0.59 -76.94 9.43
CA VAL B 355 1.21 -76.18 10.50
C VAL B 355 0.34 -74.98 10.85
N GLY B 356 0.03 -74.16 9.86
CA GLY B 356 -0.79 -72.98 10.11
C GLY B 356 -2.22 -73.31 10.48
N PHE B 357 -2.77 -74.36 9.86
CA PHE B 357 -4.11 -74.82 10.20
C PHE B 357 -4.19 -75.31 11.64
N SER B 358 -3.17 -76.05 12.11
CA SER B 358 -3.12 -76.45 13.51
C SER B 358 -3.14 -75.22 14.40
N PHE B 359 -2.24 -74.28 14.12
CA PHE B 359 -2.18 -73.04 14.88
C PHE B 359 -3.53 -72.33 14.92
N PHE B 360 -4.15 -72.13 13.76
CA PHE B 360 -5.41 -71.37 13.66
C PHE B 360 -6.64 -72.20 13.98
N SER B 361 -6.44 -73.41 14.52
CA SER B 361 -7.54 -74.18 15.08
C SER B 361 -7.28 -74.52 16.54
N HIS B 362 -6.27 -73.87 17.16
CA HIS B 362 -5.94 -74.10 18.57
C HIS B 362 -5.43 -72.82 19.26
N SER B 363 -5.70 -71.63 18.70
CA SER B 363 -5.12 -70.40 19.25
C SER B 363 -6.17 -69.31 19.32
N ILE B 364 -5.76 -68.13 19.83
CA ILE B 364 -6.64 -66.98 19.95
C ILE B 364 -6.81 -66.22 18.63
N TYR B 365 -6.00 -66.47 17.62
CA TYR B 365 -5.79 -65.42 16.62
C TYR B 365 -6.76 -65.41 15.45
N GLY B 366 -7.50 -66.48 15.22
CA GLY B 366 -8.40 -66.53 14.09
C GLY B 366 -8.79 -67.98 13.84
N GLY B 367 -9.19 -68.26 12.60
CA GLY B 367 -9.56 -69.61 12.24
C GLY B 367 -10.82 -70.04 12.99
N GLY B 368 -10.75 -71.19 13.64
CA GLY B 368 -11.93 -71.80 14.22
C GLY B 368 -11.72 -73.31 14.22
N GLY B 369 -12.82 -74.04 14.45
CA GLY B 369 -12.78 -75.47 14.21
C GLY B 369 -12.64 -75.80 12.73
N PRO B 370 -12.31 -77.04 12.40
CA PRO B 370 -12.12 -77.41 11.01
C PRO B 370 -13.25 -77.03 10.06
N GLY B 371 -14.49 -77.03 10.52
CA GLY B 371 -15.62 -76.77 9.64
C GLY B 371 -15.67 -75.40 9.01
N VAL B 372 -14.94 -74.41 9.55
CA VAL B 372 -14.98 -73.06 9.00
C VAL B 372 -13.96 -72.83 7.89
N PHE B 373 -13.07 -73.78 7.65
CA PHE B 373 -12.05 -73.61 6.65
C PHE B 373 -12.55 -74.00 5.26
N ASN B 374 -11.76 -73.65 4.24
CA ASN B 374 -12.09 -73.88 2.83
C ASN B 374 -10.84 -73.59 2.02
N GLY B 375 -10.89 -73.97 0.75
CA GLY B 375 -9.75 -73.77 -0.13
C GLY B 375 -9.40 -72.32 -0.42
N ASN B 376 -10.29 -71.38 -0.12
CA ASN B 376 -10.05 -69.96 -0.30
C ASN B 376 -9.65 -69.27 1.02
N HIS B 377 -9.68 -70.00 2.12
CA HIS B 377 -9.33 -69.43 3.41
C HIS B 377 -7.82 -69.16 3.42
N VAL B 378 -7.43 -68.01 3.96
CA VAL B 378 -6.01 -67.64 3.95
C VAL B 378 -5.16 -68.71 4.61
N VAL B 379 -5.73 -69.43 5.59
CA VAL B 379 -4.96 -70.43 6.30
C VAL B 379 -4.75 -71.68 5.47
N THR B 380 -5.77 -72.13 4.73
CA THR B 380 -5.81 -73.46 4.15
C THR B 380 -5.77 -73.47 2.63
N ARG B 381 -5.38 -72.36 1.98
CA ARG B 381 -5.38 -72.26 0.53
C ARG B 381 -4.13 -72.83 -0.12
N HIS B 382 -3.07 -73.16 0.65
CA HIS B 382 -1.72 -73.20 0.06
C HIS B 382 -1.39 -74.45 -0.74
N SER B 383 -1.95 -75.59 -0.38
CA SER B 383 -1.81 -76.78 -1.22
C SER B 383 -2.80 -76.71 -2.39
N THR B 384 -2.40 -77.25 -3.54
CA THR B 384 -3.30 -77.27 -4.69
C THR B 384 -4.27 -78.45 -4.60
N GLY B 385 -5.17 -78.39 -3.61
CA GLY B 385 -6.29 -79.31 -3.50
C GLY B 385 -6.05 -80.57 -2.68
N MET B 386 -4.90 -80.72 -2.03
CA MET B 386 -4.53 -81.98 -1.37
C MET B 386 -4.71 -81.94 0.15
N ALA B 387 -5.22 -80.82 0.68
CA ALA B 387 -5.44 -80.66 2.11
C ALA B 387 -6.93 -80.54 2.47
N ILE B 388 -7.66 -79.68 1.79
CA ILE B 388 -9.08 -79.46 2.15
C ILE B 388 -9.92 -80.72 2.06
N PRO B 389 -9.74 -81.64 1.12
CA PRO B 389 -10.62 -82.81 1.13
C PRO B 389 -10.47 -83.60 2.41
N CYS B 390 -9.27 -83.60 2.99
CA CYS B 390 -9.06 -84.29 4.25
C CYS B 390 -9.78 -83.54 5.37
N VAL B 391 -9.76 -82.21 5.31
CA VAL B 391 -10.48 -81.41 6.30
C VAL B 391 -11.96 -81.72 6.27
N ALA B 392 -12.54 -81.72 5.07
CA ALA B 392 -13.97 -81.98 4.96
C ALA B 392 -14.32 -83.38 5.48
N VAL B 393 -13.49 -84.37 5.17
CA VAL B 393 -13.69 -85.74 5.67
C VAL B 393 -13.69 -85.76 7.20
N ALA B 394 -12.71 -85.09 7.80
CA ALA B 394 -12.65 -85.02 9.26
C ALA B 394 -13.90 -84.38 9.85
N VAL B 395 -14.40 -83.32 9.20
CA VAL B 395 -15.65 -82.68 9.64
C VAL B 395 -16.79 -83.69 9.58
N ALA B 396 -16.85 -84.49 8.50
CA ALA B 396 -17.90 -85.49 8.35
C ALA B 396 -17.83 -86.57 9.44
N LEU B 397 -16.62 -86.95 9.86
CA LEU B 397 -16.42 -88.04 10.81
C LEU B 397 -16.68 -87.65 12.26
N ASP B 398 -16.77 -86.36 12.55
CA ASP B 398 -16.93 -85.88 13.91
C ASP B 398 -18.28 -86.31 14.48
N ALA B 399 -18.28 -86.84 15.70
CA ALA B 399 -19.51 -87.38 16.28
C ALA B 399 -20.23 -86.41 17.20
N GLY B 400 -19.71 -85.18 17.35
CA GLY B 400 -20.36 -84.15 18.12
C GLY B 400 -19.45 -83.37 19.05
N THR B 401 -18.21 -83.10 18.64
CA THR B 401 -17.29 -82.36 19.50
C THR B 401 -17.23 -80.88 19.16
N GLN B 402 -17.85 -80.44 18.05
CA GLN B 402 -17.64 -79.10 17.52
C GLN B 402 -18.75 -78.14 17.91
N MET B 403 -18.40 -76.88 18.14
CA MET B 403 -19.44 -75.89 18.38
CA MET B 403 -19.43 -75.88 18.38
C MET B 403 -20.04 -75.37 17.08
N PHE B 404 -19.23 -75.21 16.04
CA PHE B 404 -19.68 -74.72 14.75
C PHE B 404 -19.70 -75.92 13.83
N SER B 405 -20.77 -76.66 13.92
CA SER B 405 -20.89 -77.98 13.30
C SER B 405 -21.67 -77.89 12.02
N PRO B 406 -21.66 -78.93 11.21
CA PRO B 406 -22.49 -78.94 9.99
C PRO B 406 -23.94 -78.65 10.25
N GLU B 407 -24.49 -79.24 11.31
CA GLU B 407 -25.89 -79.08 11.64
C GLU B 407 -26.19 -77.67 12.15
N SER B 408 -25.21 -76.99 12.70
CA SER B 408 -25.45 -75.63 13.22
C SER B 408 -25.13 -74.53 12.21
N THR B 409 -24.35 -74.78 11.18
CA THR B 409 -24.03 -73.76 10.18
C THR B 409 -24.56 -74.04 8.79
N SER B 410 -24.92 -75.27 8.49
CA SER B 410 -25.13 -75.71 7.12
C SER B 410 -26.36 -76.60 6.99
N ALA B 411 -27.33 -76.47 7.90
CA ALA B 411 -28.49 -77.37 7.87
C ALA B 411 -29.23 -77.31 6.54
N ILE B 412 -29.41 -76.11 5.99
CA ILE B 412 -30.16 -75.97 4.75
C ILE B 412 -29.44 -76.60 3.56
N VAL B 413 -28.11 -76.67 3.61
CA VAL B 413 -27.37 -77.35 2.54
C VAL B 413 -27.73 -78.84 2.51
N LEU B 414 -27.84 -79.46 3.69
CA LEU B 414 -28.22 -80.87 3.73
C LEU B 414 -29.56 -81.09 3.05
N ASP B 415 -30.56 -80.28 3.41
CA ASP B 415 -31.90 -80.48 2.85
C ASP B 415 -31.93 -80.19 1.35
N THR B 416 -31.12 -79.23 0.90
CA THR B 416 -31.14 -78.83 -0.51
C THR B 416 -30.50 -79.88 -1.41
N PHE B 417 -29.48 -80.58 -0.92
CA PHE B 417 -28.71 -81.47 -1.77
C PHE B 417 -28.87 -82.96 -1.44
N GLN B 418 -29.71 -83.33 -0.49
CA GLN B 418 -29.76 -84.73 -0.08
C GLN B 418 -30.35 -85.62 -1.16
N ASP B 419 -31.14 -85.07 -2.09
CA ASP B 419 -31.75 -85.82 -3.19
CA ASP B 419 -31.70 -85.87 -3.17
C ASP B 419 -31.07 -85.53 -4.53
N VAL B 420 -29.90 -84.91 -4.54
CA VAL B 420 -29.23 -84.51 -5.76
C VAL B 420 -28.24 -85.61 -6.15
N PRO B 421 -28.41 -86.28 -7.30
CA PRO B 421 -27.66 -87.52 -7.57
C PRO B 421 -26.15 -87.37 -7.55
N ILE B 422 -25.59 -86.27 -8.05
CA ILE B 422 -24.14 -86.15 -8.09
C ILE B 422 -23.57 -86.10 -6.68
N MET B 423 -24.32 -85.60 -5.70
CA MET B 423 -23.81 -85.50 -4.31
C MET B 423 -24.09 -86.78 -3.52
N MET B 424 -25.10 -87.55 -3.96
CA MET B 424 -25.49 -88.81 -3.25
C MET B 424 -24.48 -89.91 -3.54
N ASN B 425 -24.00 -89.97 -4.79
CA ASN B 425 -23.07 -91.06 -5.18
C ASN B 425 -22.01 -90.51 -6.15
N PRO B 426 -21.17 -89.55 -5.72
CA PRO B 426 -20.19 -88.96 -6.67
C PRO B 426 -19.28 -89.98 -7.34
N LEU B 427 -18.78 -90.98 -6.61
CA LEU B 427 -17.84 -91.91 -7.25
C LEU B 427 -18.53 -92.73 -8.33
N LYS B 428 -19.76 -93.17 -8.08
CA LYS B 428 -20.50 -93.90 -9.10
C LYS B 428 -20.83 -93.03 -10.29
N GLU B 429 -21.18 -91.76 -10.06
CA GLU B 429 -21.54 -90.90 -11.18
C GLU B 429 -20.30 -90.56 -12.02
N VAL B 430 -19.14 -90.30 -11.38
CA VAL B 430 -17.93 -90.05 -12.14
C VAL B 430 -17.56 -91.27 -13.01
N ALA B 431 -17.63 -92.47 -12.44
CA ALA B 431 -17.29 -93.66 -13.22
C ALA B 431 -18.27 -93.89 -14.35
N ALA B 432 -19.57 -93.71 -14.07
CA ALA B 432 -20.57 -93.92 -15.10
C ALA B 432 -20.43 -92.94 -16.27
N ALA B 433 -19.85 -91.78 -16.02
CA ALA B 433 -19.69 -90.75 -17.06
C ALA B 433 -18.53 -91.05 -18.00
N VAL B 434 -17.58 -91.87 -17.57
CA VAL B 434 -16.48 -92.27 -18.44
C VAL B 434 -17.02 -93.01 -19.66
N ALA C 2 5.61 -107.25 5.88
CA ALA C 2 5.16 -105.88 5.80
C ALA C 2 6.38 -104.97 5.87
N TYR C 3 6.19 -103.70 5.52
CA TYR C 3 7.30 -102.77 5.50
C TYR C 3 7.87 -102.60 6.90
N THR C 4 9.20 -102.64 7.03
CA THR C 4 9.88 -102.43 8.30
C THR C 4 10.32 -100.99 8.44
N PRO C 5 9.77 -100.22 9.39
CA PRO C 5 10.18 -98.82 9.51
C PRO C 5 11.61 -98.66 10.00
N GLN C 6 12.24 -97.59 9.50
CA GLN C 6 13.55 -97.16 9.96
C GLN C 6 13.51 -95.84 10.71
N TYR C 7 12.44 -95.07 10.56
CA TYR C 7 12.10 -93.89 11.35
C TYR C 7 12.91 -92.63 11.09
N TYR C 8 14.24 -92.70 11.19
CA TYR C 8 15.07 -91.49 11.27
C TYR C 8 16.55 -91.86 11.08
N PRO C 9 17.35 -91.01 10.43
CA PRO C 9 18.78 -91.33 10.24
C PRO C 9 19.63 -90.99 11.45
N GLY C 10 20.94 -91.13 11.31
CA GLY C 10 21.91 -90.76 12.33
C GLY C 10 22.42 -91.97 13.09
N SER C 11 23.64 -91.85 13.59
CA SER C 11 24.29 -92.98 14.26
C SER C 11 24.66 -92.72 15.71
N SER C 12 24.55 -91.50 16.21
CA SER C 12 24.93 -91.25 17.58
C SER C 12 23.87 -91.82 18.54
N HIS C 13 24.21 -91.83 19.83
CA HIS C 13 23.24 -92.32 20.80
C HIS C 13 22.02 -91.41 20.88
N VAL C 14 22.14 -90.14 20.47
CA VAL C 14 21.00 -89.25 20.41
C VAL C 14 20.05 -89.69 19.31
N ALA C 15 20.59 -90.06 18.15
CA ALA C 15 19.74 -90.60 17.09
C ALA C 15 19.08 -91.91 17.52
N VAL C 16 19.81 -92.75 18.25
CA VAL C 16 19.23 -93.97 18.79
C VAL C 16 18.06 -93.63 19.70
N ASN C 17 18.23 -92.63 20.58
CA ASN C 17 17.14 -92.22 21.46
C ASN C 17 15.94 -91.69 20.67
N ARG C 18 16.19 -90.95 19.60
CA ARG C 18 15.10 -90.44 18.78
C ARG C 18 14.30 -91.59 18.18
N ARG C 19 14.98 -92.63 17.72
CA ARG C 19 14.26 -93.79 17.18
C ARG C 19 13.51 -94.54 18.27
N LYS C 20 14.02 -94.54 19.51
CA LYS C 20 13.27 -95.13 20.63
C LYS C 20 11.96 -94.37 20.85
N HIS C 21 12.00 -93.03 20.86
CA HIS C 21 10.78 -92.27 21.07
C HIS C 21 9.78 -92.50 19.93
N MET C 22 10.26 -92.49 18.70
CA MET C 22 9.37 -92.68 17.54
C MET C 22 8.75 -94.07 17.58
N SER C 23 9.55 -95.11 17.85
CA SER C 23 9.08 -96.49 17.81
C SER C 23 8.31 -96.87 19.05
N GLY C 24 8.28 -95.99 20.05
CA GLY C 24 7.64 -96.27 21.29
C GLY C 24 8.38 -97.18 22.23
N ASP C 25 9.65 -97.47 21.96
CA ASP C 25 10.42 -98.39 22.80
C ASP C 25 11.14 -97.57 23.86
N VAL C 26 10.34 -97.01 24.79
CA VAL C 26 10.81 -96.16 25.86
C VAL C 26 10.66 -96.90 27.18
N GLU C 27 11.72 -96.90 27.97
CA GLU C 27 11.74 -97.61 29.24
C GLU C 27 10.83 -96.95 30.27
N LYS C 28 10.11 -97.76 31.04
CA LYS C 28 9.36 -97.24 32.18
C LYS C 28 10.32 -97.05 33.35
N LEU C 29 10.31 -95.84 33.94
CA LEU C 29 11.24 -95.48 35.01
C LEU C 29 10.58 -95.20 36.35
N ARG C 30 9.27 -94.92 36.36
CA ARG C 30 8.59 -94.54 37.59
C ARG C 30 7.13 -94.92 37.44
N THR C 31 6.42 -94.93 38.56
CA THR C 31 4.99 -95.18 38.62
C THR C 31 4.29 -93.95 39.13
N VAL C 32 3.22 -93.54 38.44
CA VAL C 32 2.34 -92.46 38.85
C VAL C 32 0.94 -93.04 38.96
N SER C 33 0.33 -92.93 40.13
CA SER C 33 -0.98 -93.56 40.28
C SER C 33 -2.00 -92.84 39.40
N ASP C 34 -3.10 -93.55 39.11
CA ASP C 34 -4.17 -92.96 38.30
C ASP C 34 -4.71 -91.69 38.98
N ASP C 35 -4.99 -91.78 40.28
CA ASP C 35 -5.55 -90.63 41.00
C ASP C 35 -4.57 -89.47 41.01
N ASP C 36 -3.28 -89.74 41.18
CA ASP C 36 -2.31 -88.64 41.16
C ASP C 36 -2.29 -87.96 39.80
N LEU C 37 -2.29 -88.74 38.72
CA LEU C 37 -2.21 -88.18 37.39
C LEU C 37 -3.45 -87.37 37.07
N VAL C 38 -4.63 -87.92 37.38
CA VAL C 38 -5.90 -87.19 37.19
C VAL C 38 -5.88 -85.87 37.95
N ALA C 39 -5.40 -85.89 39.20
CA ALA C 39 -5.31 -84.65 39.96
C ALA C 39 -4.40 -83.64 39.28
N ALA C 40 -3.26 -84.11 38.76
CA ALA C 40 -2.32 -83.20 38.11
C ALA C 40 -2.91 -82.62 36.83
N LEU C 41 -3.66 -83.41 36.07
CA LEU C 41 -4.18 -82.94 34.79
C LEU C 41 -5.29 -81.91 34.98
N GLY C 42 -6.08 -82.03 36.06
CA GLY C 42 -7.00 -80.98 36.49
C GLY C 42 -8.34 -80.90 35.79
N HIS C 43 -8.75 -81.95 35.07
CA HIS C 43 -10.02 -81.91 34.32
C HIS C 43 -11.20 -82.49 35.07
N ARG C 44 -10.96 -83.30 36.09
CA ARG C 44 -12.06 -83.88 36.86
C ARG C 44 -11.47 -84.35 38.19
N ALA C 45 -12.33 -84.51 39.17
CA ALA C 45 -11.85 -85.01 40.46
C ALA C 45 -11.42 -86.47 40.33
N PRO C 46 -10.33 -86.86 41.00
CA PRO C 46 -9.97 -88.29 41.01
C PRO C 46 -11.17 -89.14 41.38
N GLY C 47 -11.39 -90.21 40.61
CA GLY C 47 -12.49 -91.09 40.87
C GLY C 47 -13.84 -90.67 40.32
N ALA C 48 -13.96 -89.45 39.80
CA ALA C 48 -15.23 -88.98 39.29
C ALA C 48 -15.51 -89.58 37.92
N ASP C 49 -16.80 -89.72 37.59
CA ASP C 49 -17.18 -90.16 36.26
C ASP C 49 -16.61 -89.19 35.21
N TYR C 50 -16.32 -89.74 34.05
CA TYR C 50 -15.90 -88.88 32.93
C TYR C 50 -17.08 -88.06 32.44
N PRO C 51 -16.97 -86.73 32.37
CA PRO C 51 -18.00 -85.91 31.78
C PRO C 51 -18.08 -86.24 30.30
N SER C 52 -19.20 -85.90 29.68
N SER C 52 -19.19 -85.90 29.68
CA SER C 52 -19.37 -86.20 28.24
CA SER C 52 -19.38 -86.19 28.23
C SER C 52 -19.65 -84.92 27.44
C SER C 52 -19.65 -84.92 27.44
N THR C 53 -19.21 -84.89 26.18
CA THR C 53 -19.53 -83.73 25.31
C THR C 53 -20.66 -84.15 24.38
N HIS C 54 -20.83 -85.45 24.13
CA HIS C 54 -21.98 -85.93 23.38
C HIS C 54 -22.32 -87.32 23.89
N PRO C 55 -23.49 -87.85 23.52
CA PRO C 55 -23.89 -89.17 24.02
C PRO C 55 -22.99 -90.26 23.48
N PRO C 56 -22.94 -91.40 24.15
CA PRO C 56 -22.17 -92.52 23.61
C PRO C 56 -22.65 -92.89 22.21
N LEU C 57 -21.71 -93.31 21.37
CA LEU C 57 -22.07 -93.60 19.99
C LEU C 57 -23.18 -94.65 19.91
N ALA C 58 -23.13 -95.67 20.76
CA ALA C 58 -24.12 -96.74 20.71
C ALA C 58 -25.51 -96.24 21.04
N GLU C 59 -25.60 -95.16 21.80
CA GLU C 59 -26.88 -94.65 22.21
C GLU C 59 -27.49 -93.74 21.15
N MET C 60 -26.67 -92.96 20.48
CA MET C 60 -27.21 -92.00 19.54
C MET C 60 -27.19 -92.51 18.09
N GLY C 61 -26.46 -93.56 17.79
CA GLY C 61 -26.33 -94.01 16.42
C GLY C 61 -25.37 -93.11 15.65
N GLU C 62 -25.03 -93.53 14.44
CA GLU C 62 -24.12 -92.80 13.59
C GLU C 62 -24.64 -92.77 12.15
N PRO C 63 -24.18 -91.80 11.37
CA PRO C 63 -24.51 -91.81 9.93
C PRO C 63 -23.99 -93.06 9.24
N ASP C 64 -24.63 -93.39 8.11
CA ASP C 64 -24.25 -94.54 7.29
C ASP C 64 -22.96 -94.27 6.52
N CYS C 65 -21.84 -94.23 7.19
CA CYS C 65 -20.55 -93.84 6.58
C CYS C 65 -19.64 -95.05 6.50
N PRO C 66 -19.10 -95.37 5.32
CA PRO C 66 -18.25 -96.57 5.23
C PRO C 66 -16.99 -96.44 6.05
N VAL C 67 -16.51 -95.21 6.29
CA VAL C 67 -15.30 -95.03 7.07
C VAL C 67 -15.57 -95.27 8.54
N ARG C 68 -16.65 -94.69 9.08
CA ARG C 68 -17.03 -94.95 10.46
C ARG C 68 -17.20 -96.45 10.68
N GLN C 69 -17.74 -97.14 9.69
CA GLN C 69 -18.07 -98.56 9.81
C GLN C 69 -16.86 -99.47 9.73
N MET C 70 -15.69 -98.97 9.33
CA MET C 70 -14.48 -99.77 9.33
C MET C 70 -13.36 -99.25 10.22
N VAL C 71 -13.51 -98.08 10.84
CA VAL C 71 -12.53 -97.52 11.77
C VAL C 71 -13.12 -97.63 13.16
N GLU C 72 -12.45 -98.38 14.03
CA GLU C 72 -12.92 -98.57 15.38
C GLU C 72 -12.71 -97.31 16.20
N PRO C 73 -13.75 -96.81 16.89
CA PRO C 73 -13.53 -95.67 17.78
C PRO C 73 -12.68 -96.08 18.97
N THR C 74 -11.94 -95.11 19.50
CA THR C 74 -11.24 -95.34 20.74
C THR C 74 -12.28 -95.52 21.85
N PRO C 75 -11.86 -96.05 22.99
CA PRO C 75 -12.77 -96.12 24.15
C PRO C 75 -13.37 -94.77 24.54
N GLY C 76 -12.56 -93.71 24.53
CA GLY C 76 -13.09 -92.41 24.89
C GLY C 76 -14.06 -91.86 23.87
N ALA C 77 -13.83 -92.13 22.59
CA ALA C 77 -14.78 -91.69 21.58
C ALA C 77 -16.09 -92.45 21.69
N ALA C 78 -16.02 -93.78 21.89
CA ALA C 78 -17.24 -94.57 22.03
C ALA C 78 -18.10 -94.05 23.17
N ALA C 79 -17.46 -93.58 24.25
CA ALA C 79 -18.15 -93.11 25.43
C ALA C 79 -18.62 -91.66 25.33
N GLY C 80 -18.12 -90.90 24.37
CA GLY C 80 -18.50 -89.50 24.24
C GLY C 80 -17.74 -88.55 25.15
N ASP C 81 -16.54 -88.93 25.59
CA ASP C 81 -15.77 -88.07 26.49
C ASP C 81 -15.51 -86.70 25.86
N ARG C 82 -15.32 -85.70 26.71
CA ARG C 82 -14.73 -84.45 26.25
C ARG C 82 -13.34 -84.71 25.68
N VAL C 83 -12.93 -83.85 24.74
CA VAL C 83 -11.53 -83.80 24.33
C VAL C 83 -10.81 -82.93 25.35
N ARG C 84 -9.84 -83.52 26.06
CA ARG C 84 -9.01 -82.79 27.03
C ARG C 84 -7.54 -82.99 26.61
N TYR C 85 -6.61 -82.58 27.47
CA TYR C 85 -5.23 -82.47 27.00
C TYR C 85 -4.24 -82.74 28.13
N SER C 86 -3.03 -83.11 27.73
CA SER C 86 -1.84 -82.97 28.56
C SER C 86 -0.85 -82.09 27.79
N GLN C 87 -0.10 -81.29 28.52
CA GLN C 87 0.90 -80.44 27.87
C GLN C 87 2.18 -80.46 28.69
N PHE C 88 3.31 -80.68 28.01
CA PHE C 88 4.63 -80.76 28.63
C PHE C 88 5.55 -79.67 28.08
N THR C 89 6.41 -79.17 28.94
CA THR C 89 7.56 -78.33 28.60
C THR C 89 8.82 -79.09 28.97
N ASP C 90 9.87 -78.97 28.14
CA ASP C 90 11.11 -79.72 28.27
C ASP C 90 12.29 -78.78 28.16
N SER C 91 13.24 -78.91 29.08
CA SER C 91 14.42 -78.03 29.05
C SER C 91 15.34 -78.32 27.87
N MET C 92 15.95 -77.27 27.33
CA MET C 92 16.98 -77.44 26.29
C MET C 92 18.30 -77.86 26.96
N TYR C 93 18.35 -77.90 28.29
CA TYR C 93 19.56 -78.46 29.00
C TYR C 93 19.45 -79.98 29.12
N SER C 94 19.36 -80.63 27.98
CA SER C 94 19.43 -82.09 27.86
C SER C 94 18.25 -82.82 28.48
N ALA C 95 17.05 -82.21 28.51
CA ALA C 95 15.89 -83.02 28.83
C ALA C 95 15.83 -84.25 27.93
N PRO C 96 15.29 -85.39 28.41
CA PRO C 96 15.10 -86.55 27.52
C PRO C 96 14.33 -86.22 26.25
N SER C 97 13.25 -85.45 26.36
CA SER C 97 12.36 -85.20 25.23
C SER C 97 12.60 -83.85 24.58
N ILE C 98 12.29 -83.79 23.30
CA ILE C 98 12.20 -82.56 22.52
C ILE C 98 10.82 -82.55 21.86
N PRO C 99 10.26 -81.37 21.61
CA PRO C 99 8.85 -81.27 21.20
C PRO C 99 8.43 -82.13 20.02
N TYR C 100 9.15 -82.07 18.89
CA TYR C 100 8.69 -82.79 17.70
C TYR C 100 8.63 -84.29 17.97
N PHE C 101 9.57 -84.81 18.78
CA PHE C 101 9.67 -86.24 19.02
C PHE C 101 8.64 -86.73 20.02
N ARG C 102 8.16 -85.83 20.90
CA ARG C 102 6.96 -86.14 21.66
C ARG C 102 5.77 -86.30 20.73
N SER C 103 5.68 -85.44 19.72
CA SER C 103 4.55 -85.53 18.81
C SER C 103 4.65 -86.77 17.93
N TYR C 104 5.86 -87.14 17.47
CA TYR C 104 5.99 -88.38 16.71
C TYR C 104 5.65 -89.61 17.58
N TYR C 105 6.06 -89.60 18.84
CA TYR C 105 5.73 -90.70 19.73
C TYR C 105 4.22 -90.88 19.79
N ALA C 106 3.51 -89.76 19.98
CA ALA C 106 2.05 -89.80 20.01
C ALA C 106 1.47 -90.29 18.69
N ALA C 107 1.92 -89.72 17.58
CA ALA C 107 1.31 -90.01 16.28
C ALA C 107 1.57 -91.44 15.83
N ILE C 108 2.70 -92.03 16.22
CA ILE C 108 3.01 -93.37 15.74
C ILE C 108 2.35 -94.42 16.61
N ASN C 109 2.25 -94.16 17.90
CA ASN C 109 2.00 -95.22 18.87
C ASN C 109 0.63 -95.16 19.52
N PHE C 110 -0.17 -94.13 19.23
CA PHE C 110 -1.48 -94.00 19.85
C PHE C 110 -2.52 -93.62 18.81
N ARG C 111 -3.75 -94.09 19.07
CA ARG C 111 -4.87 -93.87 18.16
C ARG C 111 -5.68 -92.64 18.57
N GLY C 112 -6.21 -91.95 17.57
CA GLY C 112 -7.15 -90.87 17.82
C GLY C 112 -6.57 -89.73 18.64
N VAL C 113 -5.39 -89.23 18.26
CA VAL C 113 -4.66 -88.21 19.01
C VAL C 113 -4.43 -86.98 18.13
N ASP C 114 -4.37 -85.82 18.77
CA ASP C 114 -4.16 -84.52 18.12
C ASP C 114 -2.96 -83.86 18.80
N PRO C 115 -1.74 -84.24 18.40
CA PRO C 115 -0.55 -83.64 19.00
C PRO C 115 -0.21 -82.33 18.34
N GLY C 116 0.37 -81.43 19.13
CA GLY C 116 0.87 -80.17 18.62
C GLY C 116 2.24 -79.84 19.17
N THR C 117 3.11 -79.34 18.29
CA THR C 117 4.49 -79.03 18.62
C THR C 117 4.74 -77.54 18.59
N LEU C 118 5.36 -77.04 19.64
CA LEU C 118 5.80 -75.66 19.74
C LEU C 118 7.16 -75.65 20.43
N SER C 119 7.82 -74.50 20.48
CA SER C 119 9.17 -74.48 21.06
C SER C 119 9.14 -74.71 22.58
N GLY C 120 8.19 -74.09 23.28
CA GLY C 120 8.15 -74.09 24.73
C GLY C 120 7.07 -74.95 25.34
N ARG C 121 6.35 -75.71 24.55
CA ARG C 121 5.22 -76.50 24.98
C ARG C 121 4.93 -77.52 23.89
N GLN C 122 4.46 -78.69 24.29
CA GLN C 122 3.99 -79.74 23.39
C GLN C 122 2.74 -80.31 24.01
N ILE C 123 1.69 -80.44 23.20
CA ILE C 123 0.34 -80.75 23.64
C ILE C 123 -0.13 -82.03 22.96
N VAL C 124 -0.87 -82.85 23.71
CA VAL C 124 -1.64 -83.94 23.13
C VAL C 124 -3.09 -83.74 23.57
N GLU C 125 -3.96 -83.51 22.59
CA GLU C 125 -5.40 -83.49 22.82
C GLU C 125 -5.96 -84.84 22.35
N ALA C 126 -6.90 -85.39 23.12
CA ALA C 126 -7.59 -86.63 22.80
C ALA C 126 -8.81 -86.75 23.70
N ARG C 127 -9.68 -87.69 23.38
CA ARG C 127 -10.76 -88.00 24.32
C ARG C 127 -10.17 -88.25 25.70
N GLU C 128 -10.84 -87.74 26.74
CA GLU C 128 -10.21 -87.65 28.06
C GLU C 128 -9.54 -88.97 28.50
N ARG C 129 -10.25 -90.09 28.43
CA ARG C 129 -9.65 -91.30 28.98
C ARG C 129 -8.46 -91.77 28.13
N ASP C 130 -8.53 -91.53 26.82
CA ASP C 130 -7.41 -91.84 25.94
C ASP C 130 -6.21 -90.94 26.19
N MET C 131 -6.46 -89.65 26.38
CA MET C 131 -5.41 -88.70 26.72
C MET C 131 -4.72 -89.11 28.01
N GLU C 132 -5.48 -89.55 29.01
CA GLU C 132 -4.87 -89.95 30.28
C GLU C 132 -3.92 -91.11 30.09
N ALA C 133 -4.32 -92.10 29.28
CA ALA C 133 -3.46 -93.26 29.05
C ALA C 133 -2.20 -92.86 28.31
N GLN C 134 -2.32 -91.94 27.36
CA GLN C 134 -1.14 -91.50 26.61
C GLN C 134 -0.20 -90.70 27.51
N CYS C 135 -0.76 -89.84 28.35
CA CYS C 135 0.07 -89.05 29.27
C CYS C 135 0.75 -89.95 30.29
N LYS C 136 0.06 -90.99 30.77
N LYS C 136 0.05 -90.99 30.76
CA LYS C 136 0.65 -91.91 31.73
CA LYS C 136 0.64 -91.93 31.76
C LYS C 136 1.87 -92.58 31.12
C LYS C 136 1.85 -92.62 31.14
N ALA C 137 1.71 -93.08 29.90
CA ALA C 137 2.84 -93.70 29.20
C ALA C 137 4.01 -92.74 29.12
N ALA C 138 3.77 -91.50 28.71
CA ALA C 138 4.87 -90.56 28.54
C ALA C 138 5.53 -90.22 29.89
N ILE C 139 4.71 -89.90 30.89
CA ILE C 139 5.23 -89.38 32.17
C ILE C 139 5.94 -90.45 32.99
N GLU C 140 5.55 -91.72 32.83
CA GLU C 140 6.20 -92.82 33.53
C GLU C 140 7.49 -93.26 32.86
N SER C 141 7.74 -92.82 31.63
CA SER C 141 8.82 -93.33 30.81
C SER C 141 10.09 -92.48 30.90
N GLU C 142 11.13 -92.96 30.21
CA GLU C 142 12.38 -92.25 30.09
C GLU C 142 12.24 -90.96 29.28
N MET C 143 11.09 -90.72 28.65
CA MET C 143 10.84 -89.44 27.99
C MET C 143 10.73 -88.28 28.97
N THR C 144 10.61 -88.59 30.27
CA THR C 144 10.41 -87.59 31.31
C THR C 144 11.50 -87.67 32.35
N CYS C 145 12.13 -86.55 32.62
CA CYS C 145 12.82 -86.25 33.89
C CYS C 145 11.94 -85.22 34.59
N PRO C 146 11.52 -85.43 35.84
CA PRO C 146 10.58 -84.47 36.45
C PRO C 146 11.20 -83.15 36.87
N ALA C 147 12.51 -83.00 36.80
CA ALA C 147 13.14 -81.70 36.99
C ALA C 147 13.25 -80.94 35.67
N LEU C 148 13.60 -81.66 34.60
CA LEU C 148 13.81 -81.04 33.30
C LEU C 148 12.55 -80.97 32.45
N ALA C 149 11.45 -81.57 32.89
CA ALA C 149 10.21 -81.55 32.16
C ALA C 149 9.06 -81.53 33.16
N GLY C 150 7.92 -80.98 32.71
CA GLY C 150 6.77 -80.96 33.59
C GLY C 150 5.51 -80.59 32.86
N LEU C 151 4.39 -80.91 33.50
CA LEU C 151 3.09 -80.58 32.98
C LEU C 151 2.81 -79.09 33.17
N ARG C 152 2.55 -78.41 32.07
CA ARG C 152 2.28 -76.95 32.09
C ARG C 152 1.24 -76.68 31.02
N GLY C 153 -0.03 -76.54 31.43
CA GLY C 153 -1.11 -76.17 30.53
C GLY C 153 -1.20 -74.69 30.24
N CYS C 154 -0.46 -73.89 31.00
CA CYS C 154 -0.36 -72.46 30.75
C CYS C 154 0.91 -71.96 31.42
N THR C 155 1.31 -70.75 31.07
CA THR C 155 2.46 -70.08 31.69
C THR C 155 3.72 -70.97 31.57
N VAL C 156 4.11 -71.21 30.33
CA VAL C 156 5.04 -72.30 30.05
C VAL C 156 6.52 -71.91 30.09
N HIS C 157 6.81 -70.62 30.11
CA HIS C 157 8.17 -70.07 30.07
C HIS C 157 9.14 -70.89 30.90
N GLY C 158 10.27 -71.25 30.28
CA GLY C 158 11.27 -72.01 30.99
C GLY C 158 12.14 -72.93 30.16
N HIS C 159 11.66 -73.41 28.99
CA HIS C 159 12.44 -74.38 28.24
C HIS C 159 13.84 -73.88 27.89
N SER C 160 13.98 -72.56 27.68
CA SER C 160 15.19 -71.96 27.15
C SER C 160 15.97 -71.20 28.23
N LEU C 161 15.55 -71.30 29.48
CA LEU C 161 16.13 -70.55 30.57
C LEU C 161 17.19 -71.38 31.31
N ARG C 162 18.10 -70.68 31.95
CA ARG C 162 19.00 -71.33 32.89
C ARG C 162 18.20 -72.12 33.92
N LEU C 163 18.70 -73.29 34.28
CA LEU C 163 18.05 -74.05 35.34
C LEU C 163 18.24 -73.34 36.68
N ALA C 164 17.33 -73.60 37.60
CA ALA C 164 17.54 -73.15 38.96
C ALA C 164 18.75 -73.83 39.60
N GLU C 165 19.21 -73.25 40.71
CA GLU C 165 20.37 -73.81 41.40
C GLU C 165 20.17 -75.28 41.77
N ASP C 166 18.94 -75.71 42.06
CA ASP C 166 18.69 -77.09 42.41
C ASP C 166 18.39 -77.97 41.21
N GLY C 167 18.54 -77.45 39.98
CA GLY C 167 18.36 -78.22 38.78
C GLY C 167 16.95 -78.27 38.24
N MET C 168 15.99 -77.65 38.90
CA MET C 168 14.64 -77.58 38.38
C MET C 168 14.51 -76.52 37.30
N MET C 169 13.82 -76.88 36.22
CA MET C 169 13.49 -75.90 35.18
C MET C 169 12.58 -74.82 35.78
N PHE C 170 12.90 -73.56 35.47
CA PHE C 170 12.08 -72.44 35.92
C PHE C 170 10.63 -72.65 35.54
N ASP C 171 9.74 -72.43 36.53
CA ASP C 171 8.29 -72.40 36.37
C ASP C 171 7.80 -71.16 37.11
N MET C 172 7.23 -70.22 36.37
CA MET C 172 6.74 -68.99 36.99
C MET C 172 5.71 -69.33 38.10
N LEU C 173 4.93 -70.39 37.91
CA LEU C 173 3.90 -70.80 38.86
C LEU C 173 4.39 -71.82 39.88
N GLN C 174 5.62 -72.30 39.76
CA GLN C 174 6.23 -73.29 40.66
C GLN C 174 5.26 -74.42 41.03
N ARG C 175 4.75 -75.09 39.98
CA ARG C 175 3.84 -76.21 40.18
C ARG C 175 4.55 -77.44 40.76
N THR C 176 5.88 -77.50 40.66
CA THR C 176 6.69 -78.57 41.21
C THR C 176 7.82 -78.00 42.06
N HIS C 177 8.30 -78.81 42.99
CA HIS C 177 9.48 -78.46 43.77
C HIS C 177 10.11 -79.74 44.32
N ILE C 178 11.34 -79.63 44.79
CA ILE C 178 12.04 -80.78 45.34
C ILE C 178 11.77 -80.87 46.85
N GLU C 179 11.41 -82.06 47.31
CA GLU C 179 11.31 -82.38 48.72
C GLU C 179 12.03 -83.71 48.93
N GLY C 180 13.05 -83.71 49.78
CA GLY C 180 13.72 -84.94 50.09
C GLY C 180 14.26 -85.67 48.89
N GLY C 181 14.76 -84.94 47.90
CA GLY C 181 15.31 -85.55 46.72
C GLY C 181 14.31 -85.87 45.64
N ASN C 182 13.02 -85.79 45.93
CA ASN C 182 11.98 -86.13 44.97
C ASN C 182 11.32 -84.87 44.45
N VAL C 183 10.82 -84.94 43.21
CA VAL C 183 10.02 -83.85 42.67
C VAL C 183 8.58 -84.07 43.08
N ILE C 184 8.01 -83.05 43.71
CA ILE C 184 6.63 -83.07 44.18
C ILE C 184 5.85 -82.05 43.36
N GLU C 185 4.72 -82.48 42.78
CA GLU C 185 3.79 -81.59 42.13
C GLU C 185 2.60 -81.38 43.07
N ASP C 186 2.34 -80.13 43.46
CA ASP C 186 1.23 -79.83 44.35
C ASP C 186 0.28 -78.78 43.78
N LYS C 187 0.36 -78.51 42.48
CA LYS C 187 -0.64 -77.75 41.75
C LYS C 187 -0.95 -78.53 40.48
N ASP C 188 -2.16 -78.34 39.96
CA ASP C 188 -2.48 -78.95 38.67
C ASP C 188 -1.75 -78.22 37.55
N GLN C 189 -1.93 -78.72 36.32
CA GLN C 189 -1.14 -78.23 35.21
C GLN C 189 -1.44 -76.78 34.83
N VAL C 190 -2.54 -76.21 35.29
CA VAL C 190 -2.82 -74.79 35.05
C VAL C 190 -2.66 -73.95 36.33
N GLY C 191 -1.89 -74.45 37.29
CA GLY C 191 -1.48 -73.65 38.42
C GLY C 191 -2.40 -73.61 39.61
N VAL C 192 -3.45 -74.42 39.64
CA VAL C 192 -4.41 -74.42 40.74
C VAL C 192 -3.91 -75.37 41.82
N PRO C 193 -3.75 -74.93 43.07
CA PRO C 193 -3.33 -75.85 44.13
C PRO C 193 -4.22 -77.07 44.22
N ILE C 194 -3.61 -78.22 44.46
CA ILE C 194 -4.36 -79.47 44.61
C ILE C 194 -4.13 -79.99 46.02
N ASP C 195 -5.07 -80.80 46.51
CA ASP C 195 -5.03 -81.24 47.89
C ASP C 195 -4.17 -82.49 48.10
N ARG C 196 -3.10 -82.63 47.34
CA ARG C 196 -2.20 -83.76 47.50
C ARG C 196 -0.82 -83.37 47.02
N LYS C 197 0.15 -84.21 47.35
CA LYS C 197 1.53 -84.07 46.88
C LYS C 197 1.79 -85.25 45.96
N VAL C 198 1.87 -84.97 44.67
CA VAL C 198 2.13 -86.03 43.70
C VAL C 198 3.64 -86.24 43.62
N ASN C 199 4.10 -87.43 44.00
CA ASN C 199 5.53 -87.71 44.07
C ASN C 199 5.99 -88.29 42.73
N LEU C 200 6.73 -87.48 41.95
CA LEU C 200 7.23 -87.89 40.65
C LEU C 200 8.63 -88.49 40.74
N GLY C 201 9.15 -88.66 41.94
CA GLY C 201 10.42 -89.35 42.10
C GLY C 201 11.62 -88.46 41.83
N LYS C 202 12.77 -89.11 41.78
CA LYS C 202 14.03 -88.35 41.70
C LYS C 202 14.29 -87.80 40.30
N PRO C 203 14.93 -86.63 40.22
CA PRO C 203 15.36 -86.14 38.94
C PRO C 203 16.47 -87.04 38.42
N MET C 204 16.65 -87.06 37.11
CA MET C 204 17.79 -87.79 36.53
C MET C 204 19.07 -87.06 36.89
N SER C 205 20.17 -87.81 37.02
CA SER C 205 21.48 -87.16 37.19
C SER C 205 21.79 -86.42 35.88
N ASP C 206 22.70 -85.48 35.91
CA ASP C 206 23.09 -84.81 34.68
C ASP C 206 23.62 -85.82 33.67
N ALA C 207 24.39 -86.80 34.13
CA ALA C 207 24.91 -87.81 33.23
C ALA C 207 23.80 -88.66 32.63
N GLU C 208 22.83 -89.07 33.44
CA GLU C 208 21.72 -89.85 32.90
CA GLU C 208 21.72 -89.85 32.90
C GLU C 208 20.95 -89.05 31.87
N ALA C 209 20.71 -87.77 32.14
CA ALA C 209 19.98 -86.95 31.17
C ALA C 209 20.72 -86.91 29.83
N LYS C 210 22.03 -86.74 29.85
CA LYS C 210 22.76 -86.71 28.59
C LYS C 210 22.76 -88.06 27.88
N LYS C 211 22.69 -89.16 28.64
CA LYS C 211 22.58 -90.49 28.01
C LYS C 211 21.19 -90.70 27.39
N ARG C 212 20.17 -90.05 27.96
CA ARG C 212 18.81 -90.29 27.50
C ARG C 212 18.29 -89.23 26.55
N THR C 213 19.01 -88.15 26.34
CA THR C 213 18.44 -87.03 25.61
C THR C 213 18.35 -87.29 24.11
N THR C 214 17.37 -86.63 23.50
CA THR C 214 17.20 -86.58 22.05
C THR C 214 17.69 -85.25 21.46
N ILE C 215 18.17 -84.32 22.28
CA ILE C 215 18.63 -83.03 21.74
C ILE C 215 20.12 -83.13 21.38
N TYR C 216 20.52 -82.45 20.29
CA TYR C 216 21.93 -82.23 19.98
C TYR C 216 22.34 -80.88 20.53
N ARG C 217 23.49 -80.83 21.21
CA ARG C 217 24.06 -79.54 21.63
C ARG C 217 25.54 -79.75 21.97
N THR C 218 26.25 -78.64 22.15
CA THR C 218 27.71 -78.72 22.23
C THR C 218 28.19 -79.47 23.47
N ASP C 219 27.40 -79.53 24.55
CA ASP C 219 27.84 -80.24 25.75
C ASP C 219 27.47 -81.74 25.74
N GLY C 220 26.86 -82.22 24.65
CA GLY C 220 26.50 -83.62 24.48
C GLY C 220 27.00 -84.11 23.13
N VAL C 221 26.08 -84.48 22.26
CA VAL C 221 26.40 -84.85 20.88
C VAL C 221 26.23 -83.59 20.06
N LYS C 222 27.34 -83.10 19.50
CA LYS C 222 27.33 -81.88 18.73
C LYS C 222 26.61 -82.09 17.40
N TYR C 223 25.65 -81.21 17.09
CA TYR C 223 24.84 -81.35 15.87
C TYR C 223 25.72 -81.35 14.63
N ARG C 224 26.76 -80.49 14.62
CA ARG C 224 27.65 -80.37 13.48
C ARG C 224 28.28 -81.69 13.09
N ASP C 225 28.44 -82.60 14.04
CA ASP C 225 29.05 -83.90 13.75
C ASP C 225 28.07 -84.95 13.25
N GLU C 226 26.76 -84.72 13.32
N GLU C 226 26.78 -84.68 13.28
CA GLU C 226 25.80 -85.76 12.91
CA GLU C 226 25.76 -85.66 12.91
C GLU C 226 25.47 -85.60 11.43
C GLU C 226 25.46 -85.55 11.40
N GLU C 227 26.45 -86.00 10.61
CA GLU C 227 26.40 -85.73 9.18
C GLU C 227 25.23 -86.43 8.48
N GLU C 228 24.75 -87.55 9.01
CA GLU C 228 23.62 -88.22 8.38
C GLU C 228 22.35 -87.39 8.50
N VAL C 229 22.13 -86.75 9.65
CA VAL C 229 20.95 -85.90 9.79
C VAL C 229 21.05 -84.68 8.87
N LEU C 230 22.24 -84.06 8.81
CA LEU C 230 22.43 -82.92 7.90
C LEU C 230 22.18 -83.33 6.47
N ASP C 231 22.69 -84.50 6.06
CA ASP C 231 22.43 -84.99 4.72
C ASP C 231 20.93 -85.13 4.45
N HIS C 232 20.21 -85.75 5.39
CA HIS C 232 18.77 -85.90 5.29
C HIS C 232 18.07 -84.55 5.07
N VAL C 233 18.39 -83.58 5.93
CA VAL C 233 17.80 -82.24 5.82
C VAL C 233 18.05 -81.69 4.43
N HIS C 234 19.29 -81.80 3.96
CA HIS C 234 19.67 -81.24 2.66
C HIS C 234 18.93 -81.94 1.53
N LEU C 235 18.89 -83.28 1.56
CA LEU C 235 18.18 -84.04 0.53
C LEU C 235 16.72 -83.62 0.43
N VAL C 236 16.05 -83.45 1.58
CA VAL C 236 14.62 -83.11 1.56
C VAL C 236 14.43 -81.70 1.02
N HIS C 237 15.27 -80.76 1.46
CA HIS C 237 15.16 -79.39 0.96
C HIS C 237 15.39 -79.35 -0.54
N HIS C 238 16.43 -80.07 -1.00
CA HIS C 238 16.77 -80.04 -2.41
C HIS C 238 15.65 -80.59 -3.27
N ARG C 239 15.13 -81.75 -2.87
CA ARG C 239 14.10 -82.38 -3.68
C ARG C 239 12.80 -81.57 -3.65
N ARG C 240 12.46 -80.97 -2.52
CA ARG C 240 11.32 -80.07 -2.48
C ARG C 240 11.52 -78.92 -3.46
N THR C 241 12.70 -78.29 -3.44
CA THR C 241 12.97 -77.17 -4.32
C THR C 241 12.85 -77.59 -5.80
N MET C 242 13.45 -78.74 -6.12
CA MET C 242 13.46 -79.24 -7.48
C MET C 242 12.05 -79.52 -8.00
N TYR C 243 11.22 -80.21 -7.20
CA TYR C 243 9.90 -80.61 -7.67
C TYR C 243 8.89 -79.46 -7.67
N GLY C 244 9.08 -78.42 -6.85
CA GLY C 244 8.26 -77.23 -6.95
C GLY C 244 8.46 -76.52 -8.27
N TYR C 245 9.67 -76.59 -8.81
CA TYR C 245 9.94 -76.09 -10.14
C TYR C 245 9.27 -76.96 -11.17
N ARG C 246 9.64 -78.26 -11.23
CA ARG C 246 8.95 -79.23 -12.07
C ARG C 246 8.96 -80.59 -11.41
N PRO C 247 7.79 -81.28 -11.30
CA PRO C 247 7.74 -82.58 -10.58
C PRO C 247 8.17 -83.72 -11.48
N GLU C 248 9.48 -83.78 -11.74
CA GLU C 248 10.07 -84.82 -12.58
C GLU C 248 11.56 -84.95 -12.28
N THR C 249 12.10 -86.13 -12.60
CA THR C 249 13.50 -86.41 -12.31
C THR C 249 14.44 -85.40 -12.95
N ALA C 250 14.08 -84.92 -14.14
CA ALA C 250 14.93 -83.95 -14.83
C ALA C 250 15.16 -82.69 -14.01
N ALA C 251 14.23 -82.32 -13.11
CA ALA C 251 14.42 -81.12 -12.30
C ALA C 251 15.63 -81.24 -11.37
N GLU C 252 16.07 -82.46 -11.06
CA GLU C 252 17.13 -82.67 -10.10
C GLU C 252 18.49 -82.16 -10.58
N THR C 253 18.60 -81.84 -11.88
CA THR C 253 19.81 -81.25 -12.50
C THR C 253 19.44 -80.03 -13.32
N ALA C 254 18.34 -79.35 -12.99
CA ALA C 254 17.98 -78.12 -13.67
C ALA C 254 19.06 -77.05 -13.48
N PRO C 255 19.20 -76.12 -14.42
CA PRO C 255 20.08 -74.96 -14.19
C PRO C 255 19.70 -74.27 -12.89
N GLY C 256 20.70 -73.95 -12.09
CA GLY C 256 20.50 -73.35 -10.80
C GLY C 256 20.71 -74.31 -9.63
N VAL C 257 20.64 -75.62 -9.87
CA VAL C 257 20.92 -76.56 -8.79
C VAL C 257 22.38 -76.46 -8.36
N GLY C 258 23.28 -76.46 -9.33
CA GLY C 258 24.69 -76.42 -9.02
C GLY C 258 25.23 -77.73 -8.51
N PRO C 259 26.43 -77.68 -7.96
CA PRO C 259 27.14 -78.90 -7.53
C PRO C 259 26.75 -79.37 -6.12
N VAL C 260 25.47 -79.72 -5.94
CA VAL C 260 25.03 -80.20 -4.64
C VAL C 260 25.78 -81.49 -4.30
N THR C 261 26.07 -81.67 -3.02
CA THR C 261 26.93 -82.75 -2.56
C THR C 261 26.52 -83.07 -1.13
N TYR C 262 26.75 -84.33 -0.74
CA TYR C 262 26.32 -84.84 0.56
C TYR C 262 27.51 -85.51 1.24
N HIS C 263 27.42 -85.63 2.56
CA HIS C 263 28.52 -86.16 3.33
C HIS C 263 28.64 -87.67 3.24
N THR C 264 27.54 -88.37 3.39
CA THR C 264 27.57 -89.82 3.59
C THR C 264 26.96 -90.60 2.45
N VAL C 265 26.42 -89.91 1.44
CA VAL C 265 25.80 -90.53 0.28
C VAL C 265 26.18 -89.72 -0.94
N ALA D 2 -48.80 -29.19 22.84
CA ALA D 2 -47.84 -29.55 21.80
C ALA D 2 -46.94 -28.37 21.42
N TYR D 3 -45.99 -28.64 20.53
CA TYR D 3 -45.08 -27.59 20.11
C TYR D 3 -45.86 -26.51 19.35
N LYS D 4 -45.48 -25.26 19.58
CA LYS D 4 -46.02 -24.13 18.85
C LYS D 4 -44.88 -23.28 18.30
N TYR D 5 -44.86 -23.10 17.00
CA TYR D 5 -43.77 -22.35 16.36
C TYR D 5 -43.94 -20.87 16.72
N PRO D 6 -42.87 -20.20 17.13
CA PRO D 6 -43.02 -18.85 17.70
C PRO D 6 -43.05 -17.76 16.65
N SER D 7 -43.21 -16.52 17.11
CA SER D 7 -43.38 -15.40 16.21
C SER D 7 -42.06 -14.96 15.59
N GLU D 8 -40.94 -15.22 16.26
CA GLU D 8 -39.64 -14.83 15.75
C GLU D 8 -38.93 -16.08 15.23
N LYS D 9 -38.37 -15.95 14.02
CA LYS D 9 -37.62 -17.08 13.41
C LYS D 9 -36.46 -17.50 14.31
N LEU D 10 -36.17 -18.80 14.35
CA LEU D 10 -35.16 -19.28 15.27
C LEU D 10 -33.75 -18.85 14.88
N PHE D 11 -33.52 -18.51 13.61
CA PHE D 11 -32.20 -18.10 13.14
C PHE D 11 -31.91 -16.62 13.35
N VAL D 12 -32.87 -15.84 13.81
CA VAL D 12 -32.65 -14.40 13.93
C VAL D 12 -31.59 -14.09 14.98
N GLU D 13 -31.60 -14.80 16.11
CA GLU D 13 -30.60 -14.52 17.16
C GLU D 13 -29.19 -14.58 16.59
N ALA D 14 -28.87 -15.64 15.87
CA ALA D 14 -27.52 -15.79 15.33
C ALA D 14 -27.19 -14.66 14.36
N LEU D 15 -28.17 -14.24 13.53
CA LEU D 15 -27.91 -13.13 12.62
C LEU D 15 -27.57 -11.86 13.41
N LYS D 16 -28.36 -11.57 14.46
CA LYS D 16 -28.12 -10.37 15.25
C LYS D 16 -26.79 -10.44 16.01
N SER D 17 -26.38 -11.64 16.46
CA SER D 17 -25.10 -11.78 17.16
C SER D 17 -23.92 -11.71 16.21
N LYS D 18 -24.11 -12.11 14.95
CA LYS D 18 -23.04 -11.92 13.97
C LYS D 18 -22.92 -10.49 13.49
N PHE D 19 -24.05 -9.77 13.38
CA PHE D 19 -24.08 -8.46 12.75
C PHE D 19 -24.78 -7.46 13.68
N ALA D 20 -24.12 -7.06 14.75
CA ALA D 20 -24.76 -6.15 15.70
C ALA D 20 -25.14 -4.86 14.99
N GLY D 21 -26.42 -4.49 15.09
CA GLY D 21 -26.91 -3.24 14.57
C GLY D 21 -27.42 -3.29 13.15
N LEU D 22 -27.36 -4.46 12.51
CA LEU D 22 -27.68 -4.57 11.10
C LEU D 22 -29.18 -4.66 10.93
N ASP D 23 -29.69 -3.94 9.92
CA ASP D 23 -31.07 -4.09 9.44
C ASP D 23 -31.13 -5.34 8.58
N LEU D 24 -31.81 -6.37 9.08
CA LEU D 24 -31.78 -7.68 8.44
C LEU D 24 -32.54 -7.71 7.13
N SER D 25 -33.20 -6.63 6.74
CA SER D 25 -33.84 -6.55 5.44
C SER D 25 -32.92 -6.03 4.33
N ASP D 26 -31.78 -5.42 4.66
CA ASP D 26 -30.91 -4.81 3.65
C ASP D 26 -30.44 -5.86 2.63
N GLN D 27 -30.62 -5.57 1.34
CA GLN D 27 -30.09 -6.39 0.26
C GLN D 27 -28.72 -5.94 -0.20
N LYS D 28 -28.25 -4.81 0.26
CA LYS D 28 -26.95 -4.27 -0.15
C LYS D 28 -26.05 -4.12 1.07
N VAL D 29 -24.75 -4.07 0.81
CA VAL D 29 -23.75 -3.94 1.86
C VAL D 29 -22.56 -3.19 1.30
N LYS D 30 -21.81 -2.51 2.16
CA LYS D 30 -20.53 -1.92 1.77
C LYS D 30 -19.42 -2.98 1.90
N TYR D 31 -18.66 -3.18 0.82
CA TYR D 31 -17.49 -4.05 0.85
C TYR D 31 -16.25 -3.19 1.10
N VAL D 32 -15.47 -3.56 2.13
CA VAL D 32 -14.27 -2.77 2.53
C VAL D 32 -13.00 -3.45 2.00
N ARG D 33 -13.10 -4.73 1.62
N ARG D 33 -13.10 -4.73 1.62
CA ARG D 33 -11.93 -5.45 1.03
CA ARG D 33 -11.93 -5.45 1.03
C ARG D 33 -10.77 -5.40 2.03
C ARG D 33 -10.77 -5.40 2.03
N ALA D 34 -10.99 -5.91 3.25
CA ALA D 34 -9.94 -5.84 4.30
C ALA D 34 -8.91 -6.94 4.11
N GLY D 35 -9.29 -8.06 3.50
CA GLY D 35 -8.36 -9.18 3.47
C GLY D 35 -8.25 -9.87 4.82
N TYR D 36 -7.22 -10.73 4.92
CA TYR D 36 -7.12 -11.65 6.06
C TYR D 36 -6.92 -10.92 7.39
N LEU D 37 -6.38 -9.68 7.37
CA LEU D 37 -6.10 -8.97 8.63
C LEU D 37 -7.35 -8.67 9.45
N GLN D 38 -8.53 -8.78 8.85
CA GLN D 38 -9.76 -8.59 9.61
C GLN D 38 -9.97 -9.68 10.65
N ASN D 39 -9.35 -10.84 10.50
CA ASN D 39 -9.79 -12.05 11.20
C ASN D 39 -8.69 -12.61 12.10
N ALA D 40 -8.99 -12.73 13.40
CA ALA D 40 -7.97 -13.18 14.36
C ALA D 40 -7.41 -14.56 14.02
N ARG D 41 -8.28 -15.46 13.56
CA ARG D 41 -7.84 -16.82 13.26
C ARG D 41 -6.92 -16.86 12.04
N LYS D 42 -7.28 -16.15 10.96
CA LYS D 42 -6.37 -16.10 9.82
C LYS D 42 -5.02 -15.48 10.18
N ARG D 43 -5.02 -14.46 11.04
CA ARG D 43 -3.75 -13.84 11.42
C ARG D 43 -2.91 -14.83 12.22
N GLU D 44 -3.56 -15.59 13.11
CA GLU D 44 -2.85 -16.62 13.86
C GLU D 44 -2.28 -17.68 12.95
N PHE D 45 -3.06 -18.10 11.96
CA PHE D 45 -2.58 -19.11 11.01
C PHE D 45 -1.36 -18.59 10.24
N GLN D 46 -1.40 -17.32 9.80
CA GLN D 46 -0.27 -16.77 9.06
C GLN D 46 1.00 -16.81 9.92
N ALA D 47 0.86 -16.43 11.19
CA ALA D 47 2.00 -16.48 12.11
C ALA D 47 2.47 -17.91 12.33
N ALA D 48 1.53 -18.86 12.44
CA ALA D 48 1.92 -20.26 12.59
C ALA D 48 2.68 -20.74 11.38
N GLY D 49 2.24 -20.34 10.19
CA GLY D 49 2.94 -20.72 8.98
C GLY D 49 4.33 -20.13 8.90
N GLU D 50 4.54 -18.95 9.48
CA GLU D 50 5.88 -18.37 9.52
CA GLU D 50 5.88 -18.37 9.52
C GLU D 50 6.81 -19.23 10.37
N ARG D 51 6.34 -19.66 11.54
CA ARG D 51 7.16 -20.55 12.38
C ARG D 51 7.42 -21.87 11.68
N VAL D 52 6.40 -22.46 11.05
CA VAL D 52 6.60 -23.75 10.38
C VAL D 52 7.72 -23.62 9.36
N ALA D 53 7.65 -22.58 8.53
CA ALA D 53 8.64 -22.42 7.45
C ALA D 53 10.04 -22.22 8.00
N GLU D 54 10.17 -21.41 9.05
CA GLU D 54 11.47 -21.16 9.64
C GLU D 54 12.03 -22.43 10.29
N GLN D 55 11.18 -23.20 10.96
CA GLN D 55 11.66 -24.39 11.69
C GLN D 55 12.14 -25.47 10.73
N ARG D 56 11.50 -25.60 9.56
CA ARG D 56 11.82 -26.73 8.62
C ARG D 56 12.61 -26.28 7.39
N GLY D 57 12.79 -24.97 7.20
CA GLY D 57 13.57 -24.46 6.05
C GLY D 57 12.82 -24.56 4.75
N MET D 58 11.49 -24.51 4.80
CA MET D 58 10.65 -24.66 3.59
C MET D 58 9.30 -23.96 3.75
N GLN D 59 8.95 -23.15 2.78
CA GLN D 59 7.64 -22.45 2.76
C GLN D 59 6.44 -23.40 2.93
N GLN D 60 5.47 -22.91 3.70
CA GLN D 60 4.23 -23.65 3.97
C GLN D 60 3.05 -22.69 3.79
N TYR D 61 2.24 -22.50 4.82
CA TYR D 61 1.07 -21.66 4.70
C TYR D 61 1.47 -20.21 4.49
N ASP D 62 0.82 -19.54 3.52
CA ASP D 62 0.99 -18.10 3.34
C ASP D 62 -0.27 -17.59 2.62
N VAL D 63 -1.06 -16.79 3.34
CA VAL D 63 -2.30 -16.27 2.76
C VAL D 63 -2.09 -15.60 1.42
N ASN D 64 -0.90 -14.98 1.20
CA ASN D 64 -0.66 -14.29 -0.05
C ASN D 64 -0.46 -15.20 -1.25
N VAL D 65 -0.42 -16.51 -1.06
CA VAL D 65 -0.39 -17.45 -2.18
C VAL D 65 -1.77 -17.60 -2.82
N HIS D 66 -2.81 -17.16 -2.14
CA HIS D 66 -4.15 -17.19 -2.79
C HIS D 66 -4.02 -16.51 -4.15
N LEU D 67 -4.73 -17.06 -5.13
CA LEU D 67 -4.58 -16.50 -6.51
C LEU D 67 -5.23 -15.12 -6.63
N GLY D 68 -4.82 -14.37 -7.65
CA GLY D 68 -5.50 -13.10 -7.96
C GLY D 68 -4.93 -11.91 -7.24
N GLY D 69 -3.90 -12.10 -6.42
CA GLY D 69 -3.42 -10.99 -5.65
C GLY D 69 -4.28 -10.60 -4.48
N MET D 70 -5.22 -11.46 -4.10
CA MET D 70 -6.16 -11.22 -3.01
C MET D 70 -6.05 -12.30 -1.95
N THR D 71 -6.13 -11.90 -0.69
CA THR D 71 -6.21 -12.85 0.40
C THR D 71 -7.68 -13.06 0.77
N LEU D 72 -7.94 -14.19 1.42
CA LEU D 72 -9.26 -14.46 1.98
C LEU D 72 -9.73 -13.26 2.78
N GLY D 73 -11.01 -12.95 2.65
CA GLY D 73 -11.63 -11.84 3.35
C GLY D 73 -11.77 -10.56 2.59
N GLN D 74 -11.98 -10.62 1.27
CA GLN D 74 -12.38 -9.43 0.53
C GLN D 74 -13.80 -9.02 0.87
N ARG D 75 -14.64 -9.98 1.26
CA ARG D 75 -15.87 -9.76 2.00
C ARG D 75 -15.60 -10.00 3.49
N GLN D 76 -16.63 -9.81 4.31
N GLN D 76 -16.63 -9.81 4.32
CA GLN D 76 -16.49 -10.10 5.72
CA GLN D 76 -16.47 -10.08 5.74
C GLN D 76 -16.40 -11.61 5.93
C GLN D 76 -16.45 -11.58 5.99
N LEU D 77 -15.49 -12.02 6.80
CA LEU D 77 -15.39 -13.41 7.23
C LEU D 77 -16.18 -13.58 8.52
N VAL D 78 -17.22 -14.39 8.47
CA VAL D 78 -18.25 -14.40 9.52
C VAL D 78 -18.09 -15.68 10.34
N PRO D 79 -18.29 -15.63 11.65
CA PRO D 79 -18.20 -16.82 12.49
C PRO D 79 -19.52 -17.59 12.50
N TYR D 80 -19.54 -18.68 13.28
CA TYR D 80 -20.65 -19.62 13.30
C TYR D 80 -21.09 -19.89 14.73
N LYS D 81 -22.39 -19.81 14.97
CA LYS D 81 -22.97 -20.20 16.25
C LYS D 81 -23.35 -21.67 16.19
N LEU D 82 -22.89 -22.47 17.15
CA LEU D 82 -23.39 -23.83 17.20
C LEU D 82 -24.87 -23.81 17.55
N SER D 83 -25.67 -24.55 16.78
CA SER D 83 -27.11 -24.51 17.01
C SER D 83 -27.45 -25.05 18.39
N THR D 84 -28.36 -24.34 19.06
CA THR D 84 -28.83 -24.56 20.42
C THR D 84 -27.80 -24.18 21.48
N ARG D 85 -26.62 -23.71 21.07
CA ARG D 85 -25.52 -23.39 21.99
C ARG D 85 -25.24 -21.89 21.96
N PRO D 86 -24.69 -21.33 23.04
CA PRO D 86 -24.28 -19.92 23.01
C PRO D 86 -22.98 -19.70 22.28
N ASP D 87 -22.23 -20.75 22.01
CA ASP D 87 -20.88 -20.62 21.49
C ASP D 87 -20.86 -20.20 20.03
N ILE D 88 -20.13 -19.11 19.77
CA ILE D 88 -19.87 -18.63 18.43
C ILE D 88 -18.38 -18.78 18.23
N VAL D 89 -18.02 -19.41 17.10
CA VAL D 89 -16.65 -19.82 16.84
C VAL D 89 -16.24 -19.43 15.43
N GLU D 90 -14.93 -19.31 15.21
CA GLU D 90 -14.46 -19.03 13.86
C GLU D 90 -14.61 -20.30 13.03
N GLY D 91 -14.86 -20.11 11.73
CA GLY D 91 -15.15 -21.26 10.90
C GLY D 91 -14.07 -22.33 10.93
N ASP D 92 -12.80 -21.93 11.00
CA ASP D 92 -11.71 -22.90 11.02
C ASP D 92 -11.78 -23.79 12.25
N ASP D 93 -12.45 -23.33 13.32
CA ASP D 93 -12.51 -24.10 14.55
C ASP D 93 -13.45 -25.32 14.38
N LEU D 94 -14.18 -25.37 13.27
CA LEU D 94 -15.08 -26.46 12.91
C LEU D 94 -14.48 -27.39 11.85
N HIS D 95 -13.28 -27.09 11.35
CA HIS D 95 -12.59 -28.05 10.49
C HIS D 95 -12.23 -29.27 11.33
N TYR D 96 -12.48 -30.47 10.80
CA TYR D 96 -12.25 -31.67 11.62
C TYR D 96 -10.80 -31.76 12.09
N VAL D 97 -9.84 -31.32 11.27
CA VAL D 97 -8.43 -31.41 11.65
C VAL D 97 -8.15 -30.58 12.90
N ASN D 98 -8.87 -29.45 13.05
CA ASN D 98 -8.65 -28.50 14.12
C ASN D 98 -9.53 -28.75 15.33
N ASN D 99 -10.42 -29.74 15.29
CA ASN D 99 -11.48 -29.91 16.28
C ASN D 99 -11.39 -31.30 16.92
N PRO D 100 -10.82 -31.41 18.11
CA PRO D 100 -10.63 -32.73 18.71
C PRO D 100 -11.92 -33.43 19.11
N ALA D 101 -13.00 -32.70 19.34
CA ALA D 101 -14.27 -33.32 19.64
C ALA D 101 -14.74 -34.14 18.45
N MET D 102 -14.65 -33.55 17.27
CA MET D 102 -15.01 -34.25 16.06
C MET D 102 -14.16 -35.49 15.83
N GLN D 103 -12.84 -35.36 15.99
CA GLN D 103 -11.95 -36.49 15.83
C GLN D 103 -12.29 -37.60 16.82
N GLN D 104 -12.58 -37.24 18.08
CA GLN D 104 -12.83 -38.24 19.10
C GLN D 104 -14.17 -38.91 18.89
N MET D 105 -15.17 -38.18 18.37
CA MET D 105 -16.45 -38.81 18.03
C MET D 105 -16.23 -39.98 17.08
N TRP D 106 -15.50 -39.72 15.99
CA TRP D 106 -15.22 -40.79 15.03
C TRP D 106 -14.36 -41.89 15.67
N ASP D 107 -13.32 -41.51 16.40
CA ASP D 107 -12.48 -42.52 17.01
C ASP D 107 -13.29 -43.40 17.97
N ASP D 108 -14.21 -42.80 18.73
CA ASP D 108 -15.09 -43.61 19.65
C ASP D 108 -15.92 -44.61 18.85
N MET D 109 -16.46 -44.22 17.70
CA MET D 109 -17.21 -45.17 16.84
C MET D 109 -16.27 -46.25 16.27
N LYS D 110 -15.13 -45.85 15.70
N LYS D 110 -15.13 -45.85 15.70
CA LYS D 110 -14.25 -46.81 14.97
CA LYS D 110 -14.25 -46.81 14.97
C LYS D 110 -13.63 -47.84 15.94
C LYS D 110 -13.60 -47.83 15.93
N ARG D 111 -13.43 -47.45 17.19
CA ARG D 111 -12.77 -48.32 18.17
C ARG D 111 -13.75 -49.19 18.92
N THR D 112 -15.01 -49.22 18.51
CA THR D 112 -16.05 -49.99 19.19
C THR D 112 -16.47 -51.23 18.41
N ILE D 113 -16.61 -52.34 19.13
CA ILE D 113 -17.19 -53.56 18.61
C ILE D 113 -18.05 -54.16 19.71
N ILE D 114 -19.17 -54.75 19.32
CA ILE D 114 -20.08 -55.43 20.24
C ILE D 114 -19.94 -56.92 19.99
N VAL D 115 -19.78 -57.68 21.08
CA VAL D 115 -19.45 -59.11 20.97
C VAL D 115 -20.36 -59.88 21.91
N GLY D 116 -21.11 -60.82 21.36
CA GLY D 116 -21.95 -61.67 22.21
C GLY D 116 -21.11 -62.57 23.11
N MET D 117 -21.67 -62.88 24.29
CA MET D 117 -21.05 -63.79 25.23
C MET D 117 -21.73 -65.16 25.31
N ASP D 118 -22.97 -65.28 24.85
CA ASP D 118 -23.69 -66.53 25.01
C ASP D 118 -22.97 -67.68 24.30
N LEU D 119 -22.52 -67.45 23.05
CA LEU D 119 -21.87 -68.54 22.31
C LEU D 119 -20.57 -68.97 22.97
N ALA D 120 -19.80 -68.00 23.48
CA ALA D 120 -18.59 -68.32 24.23
C ALA D 120 -18.90 -69.16 25.46
N HIS D 121 -19.92 -68.76 26.21
CA HIS D 121 -20.29 -69.51 27.40
C HIS D 121 -20.75 -70.91 27.02
N GLU D 122 -21.52 -71.05 25.93
CA GLU D 122 -21.95 -72.37 25.49
CA GLU D 122 -21.95 -72.36 25.47
C GLU D 122 -20.75 -73.23 25.09
N THR D 123 -19.72 -72.63 24.47
CA THR D 123 -18.51 -73.36 24.14
C THR D 123 -17.83 -73.92 25.38
N LEU D 124 -17.70 -73.09 26.42
CA LEU D 124 -17.08 -73.55 27.65
C LEU D 124 -17.85 -74.68 28.28
N GLU D 125 -19.18 -74.59 28.28
CA GLU D 125 -20.02 -75.67 28.81
C GLU D 125 -19.86 -76.94 27.99
N LYS D 126 -20.00 -76.83 26.67
CA LYS D 126 -20.03 -78.03 25.84
C LYS D 126 -18.66 -78.69 25.79
N ARG D 127 -17.61 -77.92 25.52
CA ARG D 127 -16.32 -78.53 25.25
C ARG D 127 -15.52 -78.83 26.49
N LEU D 128 -15.58 -77.98 27.51
CA LEU D 128 -14.82 -78.17 28.73
C LEU D 128 -15.66 -78.66 29.90
N GLY D 129 -16.98 -78.57 29.82
CA GLY D 129 -17.81 -78.89 30.95
C GLY D 129 -17.74 -77.87 32.07
N LYS D 130 -17.40 -76.62 31.76
CA LYS D 130 -17.33 -75.58 32.77
C LYS D 130 -18.71 -75.08 33.12
N GLU D 131 -18.87 -74.64 34.36
CA GLU D 131 -20.08 -73.94 34.77
C GLU D 131 -19.82 -72.45 34.70
N VAL D 132 -20.73 -71.72 34.08
CA VAL D 132 -20.63 -70.26 33.97
C VAL D 132 -21.60 -69.68 35.01
N THR D 133 -21.08 -68.83 35.87
CA THR D 133 -21.83 -68.29 37.00
C THR D 133 -21.56 -66.79 37.09
N PRO D 134 -22.35 -66.05 37.85
CA PRO D 134 -22.01 -64.64 38.07
C PRO D 134 -20.61 -64.48 38.61
N GLU D 135 -20.15 -65.41 39.44
CA GLU D 135 -18.78 -65.31 39.96
C GLU D 135 -17.74 -65.49 38.86
N SER D 136 -17.93 -66.46 37.96
CA SER D 136 -16.93 -66.63 36.89
C SER D 136 -16.95 -65.48 35.91
N ILE D 137 -18.13 -64.92 35.64
CA ILE D 137 -18.25 -63.74 34.78
C ILE D 137 -17.56 -62.54 35.41
N ALA D 138 -17.73 -62.35 36.72
CA ALA D 138 -17.06 -61.24 37.39
C ALA D 138 -15.54 -61.34 37.27
N GLY D 139 -15.00 -62.56 37.43
CA GLY D 139 -13.58 -62.76 37.24
C GLY D 139 -13.16 -62.46 35.82
N TYR D 140 -13.98 -62.87 34.86
CA TYR D 140 -13.70 -62.57 33.45
C TYR D 140 -13.71 -61.05 33.20
N MET D 141 -14.66 -60.32 33.80
CA MET D 141 -14.73 -58.88 33.55
C MET D 141 -13.52 -58.15 34.11
N GLU D 142 -13.00 -58.60 35.25
CA GLU D 142 -11.76 -58.03 35.76
C GLU D 142 -10.59 -58.35 34.83
N ALA D 143 -10.52 -59.60 34.37
CA ALA D 143 -9.42 -59.98 33.48
C ALA D 143 -9.44 -59.16 32.20
N VAL D 144 -10.61 -58.99 31.61
CA VAL D 144 -10.68 -58.33 30.31
C VAL D 144 -10.38 -56.84 30.43
N ASN D 145 -10.69 -56.23 31.57
CA ASN D 145 -10.36 -54.82 31.75
C ASN D 145 -8.88 -54.58 32.08
N HIS D 146 -8.18 -55.60 32.54
CA HIS D 146 -6.72 -55.53 32.61
C HIS D 146 -6.08 -55.80 31.26
N THR D 147 -6.54 -56.81 30.53
CA THR D 147 -5.87 -57.20 29.29
C THR D 147 -6.22 -56.31 28.09
N MET D 148 -7.47 -55.88 27.95
CA MET D 148 -7.90 -55.11 26.78
C MET D 148 -7.00 -53.96 26.42
N PRO D 149 -6.60 -53.13 27.36
CA PRO D 149 -5.72 -51.99 26.99
C PRO D 149 -4.35 -52.43 26.52
N GLY D 150 -3.97 -53.70 26.72
CA GLY D 150 -2.66 -54.19 26.27
C GLY D 150 -1.73 -54.65 27.37
N ALA D 151 -2.26 -55.40 28.33
CA ALA D 151 -1.47 -55.93 29.42
C ALA D 151 -1.63 -57.45 29.53
N ALA D 152 -0.66 -58.05 30.21
CA ALA D 152 -0.47 -59.49 30.18
C ALA D 152 -1.13 -60.21 31.34
N ILE D 153 -1.57 -61.44 31.04
CA ILE D 153 -2.29 -62.24 32.10
C ILE D 153 -1.76 -63.69 32.15
N VAL D 154 -1.13 -64.21 31.10
CA VAL D 154 -0.71 -65.65 31.10
C VAL D 154 0.82 -65.83 31.10
N GLN D 155 1.50 -65.21 30.14
CA GLN D 155 2.95 -65.48 29.93
C GLN D 155 3.87 -64.74 30.89
N GLU D 156 5.12 -65.18 30.94
CA GLU D 156 6.16 -64.48 31.72
C GLU D 156 7.02 -63.63 30.77
N HIS D 157 7.59 -62.56 31.28
CA HIS D 157 8.46 -61.65 30.52
C HIS D 157 7.75 -60.98 29.34
N MET D 158 6.48 -60.58 29.53
CA MET D 158 5.74 -59.77 28.57
C MET D 158 5.96 -58.31 28.83
N VAL D 159 6.03 -57.56 27.74
CA VAL D 159 6.06 -56.10 27.77
C VAL D 159 4.66 -55.62 27.47
N GLU D 160 4.31 -54.44 27.94
CA GLU D 160 2.92 -54.03 27.97
C GLU D 160 2.77 -52.57 27.54
N THR D 161 1.56 -52.19 27.15
CA THR D 161 1.28 -50.78 26.89
C THR D 161 1.29 -49.96 28.17
N HIS D 162 1.71 -48.70 28.04
CA HIS D 162 1.67 -47.77 29.14
C HIS D 162 0.21 -47.50 29.50
N PRO D 163 -0.23 -47.83 30.70
CA PRO D 163 -1.66 -47.67 31.01
C PRO D 163 -2.20 -46.29 30.75
N GLY D 164 -1.38 -45.25 30.92
CA GLY D 164 -1.82 -43.89 30.68
C GLY D 164 -2.08 -43.57 29.23
N LEU D 165 -1.45 -44.29 28.31
CA LEU D 165 -1.69 -44.04 26.90
C LEU D 165 -2.96 -44.71 26.40
N VAL D 166 -3.54 -45.62 27.18
CA VAL D 166 -4.69 -46.43 26.79
C VAL D 166 -5.80 -46.33 27.83
N ASP D 167 -5.91 -45.16 28.45
CA ASP D 167 -6.83 -44.97 29.57
C ASP D 167 -8.30 -44.95 29.13
N ASP D 168 -8.56 -44.79 27.83
CA ASP D 168 -9.90 -44.75 27.26
C ASP D 168 -10.41 -46.14 26.91
N CYS D 169 -9.57 -47.16 26.95
CA CYS D 169 -9.94 -48.51 26.57
C CYS D 169 -10.63 -49.21 27.74
N TYR D 170 -11.77 -49.84 27.48
CA TYR D 170 -12.44 -50.63 28.51
C TYR D 170 -13.47 -51.54 27.85
N VAL D 171 -14.07 -52.40 28.68
CA VAL D 171 -15.12 -53.33 28.28
C VAL D 171 -16.20 -53.34 29.36
N LYS D 172 -17.45 -53.16 28.94
CA LYS D 172 -18.59 -53.38 29.82
C LYS D 172 -19.51 -54.43 29.22
N MET D 173 -20.25 -55.10 30.08
N MET D 173 -20.28 -55.06 30.10
CA MET D 173 -21.26 -56.03 29.62
CA MET D 173 -21.27 -56.06 29.70
C MET D 173 -22.65 -55.40 29.75
C MET D 173 -22.65 -55.44 29.79
N PHE D 174 -23.56 -55.93 28.95
CA PHE D 174 -24.96 -55.55 29.04
C PHE D 174 -25.84 -56.73 28.69
N THR D 175 -27.04 -56.71 29.24
CA THR D 175 -27.93 -57.85 29.10
C THR D 175 -29.37 -57.41 29.34
N GLY D 176 -30.29 -58.06 28.62
CA GLY D 176 -31.68 -57.91 28.99
C GLY D 176 -32.12 -58.69 30.21
N ASP D 177 -31.24 -59.50 30.81
CA ASP D 177 -31.53 -60.28 32.01
C ASP D 177 -31.19 -59.44 33.24
N ASP D 178 -32.22 -58.89 33.89
CA ASP D 178 -31.99 -57.95 34.96
C ASP D 178 -31.34 -58.64 36.16
N GLU D 179 -31.58 -59.94 36.33
CA GLU D 179 -31.02 -60.64 37.48
C GLU D 179 -29.52 -60.82 37.32
N LEU D 180 -29.05 -61.08 36.10
CA LEU D 180 -27.61 -61.15 35.88
C LEU D 180 -27.00 -59.78 36.00
N ALA D 181 -27.62 -58.76 35.39
CA ALA D 181 -27.07 -57.42 35.47
C ALA D 181 -26.89 -56.98 36.91
N ASP D 182 -27.83 -57.32 37.80
CA ASP D 182 -27.76 -56.90 39.19
C ASP D 182 -26.66 -57.62 39.97
N GLU D 183 -26.23 -58.80 39.52
CA GLU D 183 -25.25 -59.60 40.23
C GLU D 183 -23.81 -59.16 39.96
N ILE D 184 -23.61 -58.42 38.87
CA ILE D 184 -22.23 -58.02 38.48
C ILE D 184 -21.94 -56.62 39.01
N ASP D 185 -20.71 -56.39 39.49
CA ASP D 185 -20.27 -55.06 39.97
C ASP D 185 -20.69 -54.02 38.93
N SER D 186 -21.34 -52.94 39.37
CA SER D 186 -21.90 -51.91 38.46
C SER D 186 -20.82 -51.26 37.57
N GLN D 187 -19.55 -51.28 38.02
CA GLN D 187 -18.48 -50.64 37.23
C GLN D 187 -18.33 -51.35 35.88
N TYR D 188 -18.77 -52.60 35.79
CA TYR D 188 -18.60 -53.40 34.58
C TYR D 188 -19.85 -53.51 33.71
N VAL D 189 -20.95 -52.85 34.07
CA VAL D 189 -22.28 -53.10 33.48
C VAL D 189 -22.86 -51.79 32.94
N ILE D 190 -23.41 -51.83 31.72
CA ILE D 190 -24.23 -50.72 31.23
C ILE D 190 -25.64 -50.91 31.77
N ASN D 191 -26.09 -49.97 32.59
CA ASN D 191 -27.37 -50.09 33.28
C ASN D 191 -28.48 -49.55 32.39
N ILE D 192 -29.17 -50.46 31.70
CA ILE D 192 -30.21 -50.07 30.74
C ILE D 192 -31.35 -49.37 31.46
N ASN D 193 -31.68 -49.81 32.66
CA ASN D 193 -32.82 -49.24 33.35
C ASN D 193 -32.55 -47.80 33.79
N ASP D 194 -31.31 -47.49 34.19
N ASP D 194 -31.32 -47.48 34.18
CA ASP D 194 -30.99 -46.13 34.60
CA ASP D 194 -30.97 -46.10 34.60
C ASP D 194 -30.86 -45.19 33.39
C ASP D 194 -30.85 -45.17 33.40
N LEU D 195 -30.30 -45.68 32.29
CA LEU D 195 -30.05 -44.80 31.16
C LEU D 195 -31.30 -44.56 30.33
N PHE D 196 -32.21 -45.53 30.32
CA PHE D 196 -33.36 -45.49 29.40
C PHE D 196 -34.65 -45.37 30.22
N ASP D 197 -34.74 -44.31 31.01
CA ASP D 197 -35.80 -44.20 32.00
C ASP D 197 -37.02 -43.44 31.50
N LYS D 198 -37.01 -42.96 30.25
CA LYS D 198 -38.14 -42.22 29.70
C LYS D 198 -38.98 -43.09 28.76
N GLU D 199 -40.30 -42.91 28.85
CA GLU D 199 -41.27 -43.49 27.91
C GLU D 199 -41.10 -45.01 27.75
N GLY D 200 -40.65 -45.66 28.80
CA GLY D 200 -40.56 -47.10 28.81
C GLY D 200 -39.52 -47.63 27.86
N GLN D 201 -38.55 -46.79 27.50
CA GLN D 201 -37.54 -47.23 26.51
C GLN D 201 -36.76 -48.42 27.03
N ASN D 202 -36.49 -48.47 28.33
CA ASN D 202 -35.73 -49.59 28.88
C ASN D 202 -36.44 -50.91 28.61
N GLU D 203 -37.77 -50.93 28.79
CA GLU D 203 -38.47 -52.18 28.54
C GLU D 203 -38.45 -52.57 27.07
N LYS D 204 -38.51 -51.60 26.15
CA LYS D 204 -38.42 -51.95 24.73
C LYS D 204 -37.06 -52.53 24.38
N LEU D 205 -36.00 -51.96 24.93
CA LEU D 205 -34.65 -52.46 24.66
C LEU D 205 -34.44 -53.86 25.24
N LYS D 206 -34.87 -54.07 26.49
CA LYS D 206 -34.71 -55.37 27.12
C LYS D 206 -35.52 -56.43 26.39
N ALA D 207 -36.73 -56.10 25.93
CA ALA D 207 -37.52 -57.09 25.18
C ALA D 207 -36.84 -57.47 23.87
N ALA D 208 -36.24 -56.48 23.19
CA ALA D 208 -35.59 -56.74 21.90
C ALA D 208 -34.31 -57.54 22.10
N ILE D 209 -33.54 -57.22 23.14
CA ILE D 209 -32.27 -57.92 23.38
C ILE D 209 -32.53 -59.32 23.94
N GLY D 210 -33.53 -59.45 24.80
CA GLY D 210 -33.85 -60.70 25.48
C GLY D 210 -32.80 -61.03 26.53
N LYS D 211 -32.88 -62.27 27.00
CA LYS D 211 -31.95 -62.73 28.03
C LYS D 211 -30.69 -63.24 27.34
N THR D 212 -30.04 -62.33 26.62
CA THR D 212 -28.74 -62.56 26.01
C THR D 212 -27.74 -61.57 26.58
N THR D 213 -26.47 -61.94 26.59
CA THR D 213 -25.41 -61.15 27.19
C THR D 213 -24.38 -60.72 26.14
N TRP D 214 -23.95 -59.47 26.25
CA TRP D 214 -23.11 -58.80 25.26
C TRP D 214 -22.01 -58.04 25.97
N GLN D 215 -20.86 -57.91 25.29
CA GLN D 215 -19.79 -57.02 25.72
C GLN D 215 -19.68 -55.86 24.72
N ALA D 216 -19.63 -54.66 25.25
CA ALA D 216 -19.30 -53.45 24.53
C ALA D 216 -17.81 -53.21 24.74
N VAL D 217 -17.04 -53.43 23.68
CA VAL D 217 -15.59 -53.33 23.72
C VAL D 217 -15.17 -52.03 23.05
N HIS D 218 -14.28 -51.29 23.69
CA HIS D 218 -13.78 -50.04 23.14
C HIS D 218 -12.25 -50.11 23.24
N ILE D 219 -11.61 -50.39 22.10
CA ILE D 219 -10.16 -50.52 22.11
C ILE D 219 -9.52 -49.14 22.20
N PRO D 220 -8.20 -49.06 22.40
CA PRO D 220 -7.58 -47.75 22.63
C PRO D 220 -7.66 -46.85 21.39
N THR D 221 -7.99 -45.58 21.63
CA THR D 221 -7.94 -44.58 20.56
C THR D 221 -6.58 -44.58 19.88
N ILE D 222 -5.51 -44.65 20.65
CA ILE D 222 -4.17 -44.53 20.03
C ILE D 222 -3.96 -45.63 19.01
N VAL D 223 -4.57 -46.79 19.22
CA VAL D 223 -4.40 -47.95 18.29
C VAL D 223 -5.07 -47.65 16.93
N VAL D 224 -6.32 -47.18 16.96
CA VAL D 224 -7.04 -46.94 15.66
C VAL D 224 -6.40 -45.72 14.98
N ARG D 225 -5.76 -44.85 15.76
CA ARG D 225 -5.04 -43.70 15.13
C ARG D 225 -3.77 -44.20 14.43
N CYS D 226 -3.02 -45.08 15.06
CA CYS D 226 -1.84 -45.67 14.34
C CYS D 226 -2.24 -46.60 13.21
N CYS D 227 -3.38 -47.26 13.36
CA CYS D 227 -3.82 -48.29 12.41
C CYS D 227 -5.14 -47.87 11.71
N ASP D 228 -6.13 -48.76 11.79
CA ASP D 228 -7.40 -48.48 11.09
C ASP D 228 -8.56 -49.18 11.84
N GLY D 229 -9.77 -48.98 11.33
CA GLY D 229 -10.98 -49.56 11.98
C GLY D 229 -10.99 -51.07 11.91
N GLY D 230 -10.26 -51.65 10.95
CA GLY D 230 -10.13 -53.12 10.85
C GLY D 230 -9.43 -53.72 12.07
N ASN D 231 -8.70 -52.88 12.82
CA ASN D 231 -7.97 -53.40 13.98
C ASN D 231 -8.98 -53.78 15.08
N THR D 232 -10.13 -53.13 15.11
CA THR D 232 -11.00 -53.15 16.30
C THR D 232 -11.50 -54.55 16.64
N SER D 233 -12.15 -55.24 15.70
CA SER D 233 -12.70 -56.53 16.09
C SER D 233 -11.61 -57.56 16.38
N ARG D 234 -10.46 -57.40 15.76
CA ARG D 234 -9.37 -58.34 16.00
C ARG D 234 -8.75 -58.10 17.38
N TRP D 235 -8.45 -56.83 17.71
CA TRP D 235 -7.87 -56.49 19.01
C TRP D 235 -8.76 -57.01 20.14
N SER D 236 -10.05 -56.70 20.03
CA SER D 236 -11.08 -57.13 20.95
C SER D 236 -11.03 -58.64 21.14
N ALA D 237 -11.02 -59.38 20.03
CA ALA D 237 -11.06 -60.83 20.13
C ALA D 237 -9.81 -61.39 20.78
N MET D 238 -8.64 -60.78 20.54
CA MET D 238 -7.39 -61.34 21.12
C MET D 238 -7.49 -61.30 22.65
N GLN D 239 -7.98 -60.19 23.19
CA GLN D 239 -7.94 -60.01 24.63
C GLN D 239 -9.15 -60.64 25.30
N ILE D 240 -10.27 -60.74 24.60
CA ILE D 240 -11.36 -61.61 25.06
C ILE D 240 -10.86 -63.04 25.20
N GLY D 241 -10.14 -63.54 24.19
CA GLY D 241 -9.60 -64.87 24.27
C GLY D 241 -8.67 -65.07 25.45
N MET D 242 -7.74 -64.13 25.68
CA MET D 242 -6.78 -64.27 26.77
C MET D 242 -7.55 -64.30 28.10
N SER D 243 -8.61 -63.51 28.18
CA SER D 243 -9.35 -63.39 29.41
C SER D 243 -10.17 -64.65 29.69
N PHE D 244 -10.76 -65.28 28.65
CA PHE D 244 -11.43 -66.56 28.88
C PHE D 244 -10.42 -67.62 29.31
N ILE D 245 -9.23 -67.64 28.70
CA ILE D 245 -8.23 -68.64 29.07
C ILE D 245 -7.95 -68.54 30.57
N ALA D 246 -7.75 -67.32 31.07
CA ALA D 246 -7.41 -67.15 32.48
C ALA D 246 -8.62 -67.41 33.37
N ALA D 247 -9.76 -66.87 33.01
CA ALA D 247 -10.94 -66.90 33.88
C ALA D 247 -11.55 -68.29 34.01
N TYR D 248 -11.28 -69.18 33.08
CA TYR D 248 -11.84 -70.53 33.08
C TYR D 248 -10.76 -71.60 33.16
N ASN D 249 -9.51 -71.23 33.44
CA ASN D 249 -8.45 -72.21 33.64
C ASN D 249 -8.32 -73.15 32.45
N MET D 250 -8.46 -72.61 31.25
CA MET D 250 -8.24 -73.38 30.05
C MET D 250 -6.79 -73.67 29.80
N CYS D 251 -6.52 -74.66 28.94
CA CYS D 251 -5.20 -74.68 28.31
C CYS D 251 -5.07 -73.35 27.61
N ALA D 252 -3.90 -72.73 27.73
CA ALA D 252 -3.64 -71.47 27.05
C ALA D 252 -3.27 -71.80 25.60
N GLY D 253 -4.30 -72.16 24.84
CA GLY D 253 -4.15 -72.59 23.47
C GLY D 253 -4.56 -74.03 23.24
N GLU D 254 -5.85 -74.31 23.31
CA GLU D 254 -6.41 -75.62 22.96
C GLU D 254 -7.47 -75.42 21.90
N ALA D 255 -7.96 -76.52 21.32
CA ALA D 255 -8.93 -76.40 20.22
C ALA D 255 -10.13 -75.53 20.61
N ALA D 256 -10.64 -75.66 21.84
CA ALA D 256 -11.79 -74.87 22.26
C ALA D 256 -11.52 -73.37 22.18
N VAL D 257 -10.26 -72.94 22.37
CA VAL D 257 -9.92 -71.53 22.26
C VAL D 257 -10.21 -70.99 20.86
N ALA D 258 -10.00 -71.83 19.83
CA ALA D 258 -10.29 -71.38 18.47
C ALA D 258 -11.79 -71.17 18.27
N ASP D 259 -12.64 -71.92 18.95
CA ASP D 259 -14.07 -71.67 18.83
C ASP D 259 -14.43 -70.31 19.47
N LEU D 260 -13.82 -69.99 20.61
CA LEU D 260 -14.00 -68.66 21.19
C LEU D 260 -13.52 -67.57 20.25
N ALA D 261 -12.40 -67.81 19.53
CA ALA D 261 -11.88 -66.82 18.60
C ALA D 261 -12.85 -66.59 17.45
N PHE D 262 -13.37 -67.67 16.85
CA PHE D 262 -14.32 -67.51 15.75
C PHE D 262 -15.59 -66.80 16.22
N ALA D 263 -16.02 -67.11 17.44
CA ALA D 263 -17.19 -66.43 18.01
C ALA D 263 -16.92 -64.94 18.16
N ALA D 264 -15.75 -64.59 18.72
CA ALA D 264 -15.47 -63.19 19.02
C ALA D 264 -15.15 -62.38 17.75
N LYS D 265 -14.58 -63.00 16.74
CA LYS D 265 -14.17 -62.31 15.53
C LYS D 265 -15.26 -62.24 14.48
N MHS D 266 -16.19 -63.21 14.53
CA MHS D 266 -17.15 -63.38 13.44
C MHS D 266 -18.56 -63.68 13.91
O MHS D 266 -19.48 -62.88 13.82
CB MHS D 266 -16.73 -64.47 12.42
CG MHS D 266 -15.42 -64.17 11.83
ND1 MHS D 266 -15.18 -63.20 10.84
CD2 MHS D 266 -14.16 -64.74 12.14
CE1 MHS D 266 -13.79 -63.21 10.58
NE2 MHS D 266 -13.19 -64.14 11.34
CM MHS D 266 -16.17 -62.37 10.22
N ALA D 267 -18.74 -64.87 14.47
CA ALA D 267 -20.11 -65.37 14.68
C ALA D 267 -20.94 -64.52 15.63
N ALA D 268 -20.34 -63.99 16.68
CA ALA D 268 -21.06 -63.14 17.64
C ALA D 268 -20.57 -61.71 17.63
N ALA D 269 -19.90 -61.29 16.55
CA ALA D 269 -19.36 -59.95 16.43
C ALA D 269 -20.30 -59.07 15.64
N VAL D 270 -20.56 -57.87 16.15
CA VAL D 270 -21.44 -56.89 15.55
C VAL D 270 -20.59 -55.65 15.24
N GLN D 271 -20.10 -55.58 14.00
CA GLN D 271 -19.29 -54.44 13.55
C GLN D 271 -20.14 -53.19 13.42
N MET D 272 -19.49 -52.02 13.52
CA MET D 272 -20.17 -50.76 13.25
C MET D 272 -20.42 -50.59 11.76
N ALA D 273 -19.57 -51.22 10.95
CA ALA D 273 -19.63 -51.04 9.50
C ALA D 273 -18.89 -52.20 8.87
N GLU D 274 -19.38 -52.63 7.70
CA GLU D 274 -18.72 -53.69 6.93
C GLU D 274 -17.80 -53.09 5.87
N MET D 275 -17.05 -53.98 5.23
CA MET D 275 -16.07 -53.60 4.21
C MET D 275 -16.71 -52.99 2.98
N LEU D 276 -15.87 -52.36 2.16
CA LEU D 276 -16.30 -51.63 0.99
C LEU D 276 -15.64 -52.18 -0.27
N PRO D 277 -16.23 -51.94 -1.44
CA PRO D 277 -15.67 -52.47 -2.68
C PRO D 277 -14.37 -51.80 -3.11
N ALA D 278 -13.74 -52.41 -4.12
CA ALA D 278 -12.32 -52.21 -4.40
C ALA D 278 -11.98 -50.77 -4.70
N ARG D 279 -12.80 -50.08 -5.50
CA ARG D 279 -12.49 -48.71 -5.88
C ARG D 279 -12.33 -47.83 -4.63
N AGM D 280 -13.08 -48.13 -3.58
CA AGM D 280 -12.98 -47.42 -2.34
CB AGM D 280 -14.23 -46.59 -2.00
CG AGM D 280 -15.55 -47.38 -2.09
CD AGM D 280 -16.75 -46.40 -2.28
CE2 AGM D 280 -17.02 -45.65 -0.97
NE1 AGM D 280 -17.94 -47.17 -2.62
CZ AGM D 280 -18.21 -47.70 -3.83
NH1 AGM D 280 -19.33 -48.45 -4.14
NH2 AGM D 280 -17.30 -47.46 -4.86
C AGM D 280 -12.62 -48.34 -1.17
O AGM D 280 -13.09 -48.23 -0.05
N ALA D 281 -11.68 -49.24 -1.46
CA ALA D 281 -11.31 -50.29 -0.53
C ALA D 281 -11.01 -49.77 0.85
N ARG D 282 -11.67 -50.35 1.86
CA ARG D 282 -11.54 -49.96 3.25
C ARG D 282 -11.77 -51.18 4.12
N SER D 283 -11.16 -51.15 5.30
CA SER D 283 -11.38 -52.18 6.28
C SER D 283 -12.79 -52.00 6.84
N PRO D 284 -13.29 -52.98 7.61
CA PRO D 284 -14.50 -52.76 8.44
C PRO D 284 -14.31 -51.62 9.41
N ASN D 285 -15.43 -51.19 9.98
CA ASN D 285 -15.46 -50.10 10.95
C ASN D 285 -14.91 -48.79 10.38
N GLU D 286 -15.23 -48.51 9.13
CA GLU D 286 -14.94 -47.22 8.52
C GLU D 286 -16.23 -46.55 8.05
N PRO D 287 -16.21 -45.23 7.79
CA PRO D 287 -17.51 -44.55 7.66
C PRO D 287 -18.31 -44.98 6.44
N GLY D 288 -17.67 -45.34 5.33
CA GLY D 288 -18.41 -45.76 4.15
C GLY D 288 -19.36 -46.92 4.40
N GLY D 289 -19.02 -47.79 5.34
CA GLY D 289 -19.85 -48.92 5.67
C GLY D 289 -20.91 -48.65 6.72
N LEU D 290 -20.97 -47.44 7.25
CA LEU D 290 -21.89 -47.09 8.33
C LEU D 290 -23.29 -46.86 7.77
N SER D 291 -24.23 -47.72 8.17
CA SER D 291 -25.62 -47.56 7.80
C SER D 291 -26.25 -46.38 8.54
N PHE D 292 -27.30 -45.83 7.94
CA PHE D 292 -27.95 -44.66 8.50
C PHE D 292 -28.68 -45.00 9.80
N GLY D 293 -29.28 -46.20 9.86
CA GLY D 293 -29.88 -46.67 11.10
C GLY D 293 -28.90 -46.76 12.24
N TYR D 294 -27.68 -47.28 11.97
CA TYR D 294 -26.70 -47.38 13.04
C TYR D 294 -26.23 -46.02 13.48
N CYS D 295 -25.98 -45.11 12.54
CA CYS D 295 -25.57 -43.75 12.89
C CYS D 295 -26.61 -43.08 13.79
N ALA D 296 -27.89 -43.17 13.41
CA ALA D 296 -28.93 -42.60 14.25
C ALA D 296 -28.99 -43.25 15.63
N ASP D 297 -28.71 -44.55 15.72
CA ASP D 297 -28.82 -45.27 17.03
C ASP D 297 -27.64 -44.93 17.96
N MET D 298 -26.52 -44.45 17.42
CA MET D 298 -25.36 -44.04 18.26
C MET D 298 -25.67 -42.75 19.01
N VAL D 299 -26.51 -41.89 18.41
CA VAL D 299 -26.88 -40.59 19.03
C VAL D 299 -27.88 -40.87 20.16
N GLN D 300 -27.70 -40.17 21.27
CA GLN D 300 -28.43 -40.54 22.47
C GLN D 300 -29.40 -39.48 22.99
N THR D 301 -29.67 -38.42 22.24
CA THR D 301 -30.62 -37.42 22.69
C THR D 301 -32.01 -38.00 22.86
N LEU D 302 -32.30 -39.08 22.13
CA LEU D 302 -33.60 -39.70 22.19
C LEU D 302 -33.92 -40.27 23.57
N ARG D 303 -32.89 -40.72 24.32
CA ARG D 303 -33.16 -41.25 25.65
C ARG D 303 -33.30 -40.14 26.68
N VAL D 304 -32.87 -38.93 26.34
CA VAL D 304 -32.91 -37.79 27.27
C VAL D 304 -34.23 -37.05 27.19
N LYS D 305 -34.74 -36.82 25.98
CA LYS D 305 -35.90 -35.95 25.77
C LYS D 305 -36.71 -36.39 24.56
N PRO D 306 -37.31 -37.59 24.62
CA PRO D 306 -38.11 -38.07 23.49
C PRO D 306 -39.36 -37.25 23.23
N GLU D 307 -39.80 -36.44 24.18
CA GLU D 307 -40.98 -35.63 23.96
C GLU D 307 -40.74 -34.47 23.00
N ASP D 308 -39.47 -34.18 22.63
CA ASP D 308 -39.14 -33.24 21.56
C ASP D 308 -38.42 -33.99 20.46
N PRO D 309 -39.14 -34.58 19.52
CA PRO D 309 -38.48 -35.37 18.48
C PRO D 309 -37.54 -34.56 17.61
N VAL D 310 -37.75 -33.26 17.49
CA VAL D 310 -36.91 -32.47 16.60
C VAL D 310 -35.48 -32.34 17.15
N TRP D 311 -35.34 -32.20 18.47
CA TRP D 311 -34.00 -32.04 19.02
C TRP D 311 -33.12 -33.23 18.70
N TYR D 312 -33.56 -34.44 19.06
CA TYR D 312 -32.77 -35.63 18.74
C TYR D 312 -32.49 -35.71 17.25
N THR D 313 -33.50 -35.45 16.44
CA THR D 313 -33.34 -35.50 14.98
C THR D 313 -32.19 -34.62 14.53
N LEU D 314 -32.14 -33.38 15.03
CA LEU D 314 -31.08 -32.47 14.56
C LEU D 314 -29.74 -32.76 15.21
N GLU D 315 -29.72 -33.38 16.39
CA GLU D 315 -28.43 -33.91 16.88
C GLU D 315 -27.90 -35.03 15.97
N VAL D 316 -28.79 -35.89 15.47
CA VAL D 316 -28.35 -36.91 14.51
C VAL D 316 -27.81 -36.25 13.25
N VAL D 317 -28.52 -35.26 12.73
CA VAL D 317 -28.01 -34.52 11.58
C VAL D 317 -26.62 -33.98 11.87
N ALA D 318 -26.41 -33.43 13.08
CA ALA D 318 -25.09 -32.87 13.38
C ALA D 318 -24.02 -33.95 13.41
N CYS D 319 -24.34 -35.10 14.02
CA CYS D 319 -23.44 -36.23 14.05
C CYS D 319 -23.09 -36.69 12.64
N GLY D 320 -24.11 -37.00 11.84
CA GLY D 320 -23.89 -37.54 10.52
C GLY D 320 -23.24 -36.58 9.54
N THR D 321 -23.68 -35.33 9.51
CA THR D 321 -23.13 -34.43 8.51
C THR D 321 -21.66 -34.19 8.74
N MET D 322 -21.24 -34.01 9.98
CA MET D 322 -19.82 -33.83 10.25
C MET D 322 -19.05 -35.11 9.85
N LEU D 323 -19.48 -36.28 10.33
CA LEU D 323 -18.75 -37.51 10.07
C LEU D 323 -18.70 -37.83 8.57
N TYR D 324 -19.87 -37.87 7.94
CA TYR D 324 -19.92 -38.31 6.55
C TYR D 324 -19.33 -37.26 5.59
N ASP D 325 -19.63 -35.96 5.78
CA ASP D 325 -19.12 -34.95 4.84
C ASP D 325 -17.71 -34.48 5.20
N GLN D 326 -17.43 -34.17 6.48
CA GLN D 326 -16.12 -33.58 6.79
C GLN D 326 -15.01 -34.62 6.86
N ILE D 327 -15.24 -35.72 7.57
CA ILE D 327 -14.21 -36.75 7.77
C ILE D 327 -14.20 -37.76 6.62
N TRP D 328 -15.35 -38.36 6.33
CA TRP D 328 -15.41 -39.43 5.32
C TRP D 328 -15.23 -38.84 3.92
N LEU D 329 -16.20 -38.07 3.44
CA LEU D 329 -16.07 -37.55 2.07
C LEU D 329 -14.94 -36.54 1.95
N GLY D 330 -14.79 -35.66 2.96
CA GLY D 330 -13.83 -34.59 2.89
C GLY D 330 -12.41 -34.94 3.27
N SER D 331 -12.19 -36.16 3.77
CA SER D 331 -10.84 -36.62 4.06
C SER D 331 -10.61 -38.01 3.46
N TYR D 332 -11.21 -39.07 4.04
CA TYR D 332 -10.96 -40.42 3.56
C TYR D 332 -11.08 -40.51 2.04
N MET D 333 -12.10 -39.85 1.47
CA MET D 333 -12.40 -39.96 0.05
C MET D 333 -11.92 -38.77 -0.78
N SER D 334 -11.26 -37.78 -0.16
CA SER D 334 -10.71 -36.63 -0.90
C SER D 334 -9.57 -36.06 -0.09
N GLY D 335 -9.80 -34.95 0.59
CA GLY D 335 -8.76 -34.32 1.39
C GLY D 335 -8.54 -32.88 0.99
N GLY D 336 -7.61 -32.26 1.70
CA GLY D 336 -7.31 -30.85 1.52
C GLY D 336 -8.06 -29.95 2.49
N VAL D 337 -8.37 -28.73 2.06
CA VAL D 337 -9.29 -27.88 2.82
C VAL D 337 -10.57 -28.62 3.14
N GLY D 338 -11.10 -29.38 2.18
CA GLY D 338 -12.23 -30.24 2.48
C GLY D 338 -13.56 -29.51 2.57
N PHE D 339 -14.44 -30.06 3.42
CA PHE D 339 -15.88 -29.85 3.30
C PHE D 339 -16.53 -29.34 4.60
N THR D 340 -15.83 -28.49 5.35
CA THR D 340 -16.35 -28.04 6.64
C THR D 340 -17.73 -27.40 6.51
N GLN D 341 -17.86 -26.37 5.66
CA GLN D 341 -19.11 -25.58 5.58
C GLN D 341 -20.23 -26.32 4.86
N TYR D 342 -19.93 -27.30 4.00
CA TYR D 342 -20.98 -28.17 3.50
C TYR D 342 -21.74 -28.81 4.64
N ALA D 343 -21.06 -29.12 5.74
CA ALA D 343 -21.67 -29.72 6.91
C ALA D 343 -22.11 -28.71 7.94
N THR D 344 -21.34 -27.63 8.21
CA THR D 344 -21.75 -26.67 9.22
C THR D 344 -23.12 -26.10 8.95
N ALA D 345 -23.50 -26.00 7.68
CA ALA D 345 -24.83 -25.47 7.33
C ALA D 345 -25.93 -26.23 8.05
N ALA D 346 -25.69 -27.48 8.38
CA ALA D 346 -26.70 -28.34 9.01
C ALA D 346 -26.70 -28.31 10.54
N TYR D 347 -25.70 -27.69 11.16
CA TYR D 347 -25.58 -27.71 12.61
C TYR D 347 -25.22 -26.35 13.22
N THR D 348 -25.28 -25.27 12.44
CA THR D 348 -24.98 -23.95 12.97
C THR D 348 -26.09 -22.95 12.65
N ASN D 349 -26.08 -21.89 13.46
CA ASN D 349 -26.87 -20.67 13.25
C ASN D 349 -28.38 -20.87 13.34
N ASP D 350 -28.78 -22.02 13.88
CA ASP D 350 -30.16 -22.39 14.13
C ASP D 350 -31.04 -22.35 12.87
N VAL D 351 -30.44 -22.54 11.70
CA VAL D 351 -31.17 -22.42 10.44
C VAL D 351 -32.04 -23.65 10.19
N LEU D 352 -31.41 -24.83 10.15
CA LEU D 352 -32.16 -26.05 9.95
C LEU D 352 -33.20 -26.22 11.05
N ASP D 353 -32.86 -25.79 12.27
CA ASP D 353 -33.80 -25.83 13.37
C ASP D 353 -35.04 -25.00 13.07
N ASP D 354 -34.85 -23.77 12.60
CA ASP D 354 -36.02 -22.95 12.25
C ASP D 354 -36.89 -23.64 11.21
N PHE D 355 -36.26 -24.13 10.13
CA PHE D 355 -37.04 -24.69 9.03
C PHE D 355 -37.78 -25.96 9.46
N THR D 356 -37.17 -26.74 10.34
CA THR D 356 -37.72 -28.00 10.78
C THR D 356 -38.81 -27.82 11.84
N TYR D 357 -38.60 -26.92 12.83
CA TYR D 357 -39.68 -26.64 13.79
C TYR D 357 -40.88 -26.01 13.08
N TYR D 358 -40.66 -25.20 12.05
CA TYR D 358 -41.77 -24.67 11.26
C TYR D 358 -42.58 -25.82 10.66
N GLY D 359 -41.88 -26.78 10.07
CA GLY D 359 -42.55 -27.94 9.49
C GLY D 359 -43.27 -28.77 10.53
N TYR D 360 -42.61 -29.01 11.67
CA TYR D 360 -43.25 -29.77 12.75
C TYR D 360 -44.57 -29.13 13.16
N ASP D 361 -44.58 -27.82 13.34
CA ASP D 361 -45.81 -27.12 13.69
C ASP D 361 -46.86 -27.25 12.59
N TYR D 362 -46.45 -27.09 11.33
CA TYR D 362 -47.40 -27.27 10.23
C TYR D 362 -48.01 -28.66 10.24
N ALA D 363 -47.19 -29.70 10.41
CA ALA D 363 -47.70 -31.06 10.38
C ALA D 363 -48.58 -31.37 11.59
N LEU D 364 -48.18 -30.94 12.78
CA LEU D 364 -49.02 -31.16 13.96
C LEU D 364 -50.41 -30.55 13.79
N ASN D 365 -50.46 -29.36 13.20
CA ASN D 365 -51.74 -28.71 13.06
C ASN D 365 -52.60 -29.30 11.96
N LYS D 366 -51.97 -29.84 10.92
CA LYS D 366 -52.74 -30.40 9.81
C LYS D 366 -53.05 -31.88 9.99
N TYR D 367 -52.05 -32.66 10.40
CA TYR D 367 -52.19 -34.11 10.46
C TYR D 367 -52.33 -34.65 11.87
N GLY D 368 -51.96 -33.90 12.90
CA GLY D 368 -52.14 -34.39 14.26
C GLY D 368 -50.84 -34.85 14.89
N ASP D 369 -50.96 -35.75 15.86
CA ASP D 369 -49.85 -36.08 16.74
C ASP D 369 -48.71 -36.75 15.99
N ASP D 370 -47.53 -36.72 16.63
CA ASP D 370 -46.33 -37.39 16.13
C ASP D 370 -46.68 -38.77 15.60
N GLY D 371 -46.16 -39.09 14.41
CA GLY D 371 -46.24 -40.42 13.85
C GLY D 371 -47.57 -40.84 13.26
N THR D 372 -48.60 -39.97 13.27
CA THR D 372 -49.95 -40.37 12.89
C THR D 372 -50.36 -39.94 11.48
N ALA D 373 -49.47 -39.26 10.73
CA ALA D 373 -49.82 -38.81 9.38
C ALA D 373 -49.79 -39.95 8.36
N PRO D 374 -50.58 -39.87 7.28
CA PRO D 374 -50.65 -41.00 6.32
C PRO D 374 -49.29 -41.30 5.71
N ASN D 375 -48.99 -42.60 5.61
CA ASN D 375 -47.69 -43.07 5.06
C ASN D 375 -47.81 -43.20 3.54
N ASP D 376 -47.90 -42.08 2.86
CA ASP D 376 -48.13 -42.09 1.43
C ASP D 376 -47.42 -40.94 0.74
N LEU D 377 -47.37 -41.07 -0.60
CA LEU D 377 -46.69 -40.12 -1.44
C LEU D 377 -47.36 -38.76 -1.42
N ALA D 378 -48.69 -38.75 -1.28
CA ALA D 378 -49.42 -37.48 -1.20
C ALA D 378 -48.97 -36.67 0.00
N THR D 379 -48.78 -37.34 1.15
CA THR D 379 -48.38 -36.65 2.37
C THR D 379 -46.94 -36.14 2.27
N ALA D 380 -46.05 -36.96 1.73
CA ALA D 380 -44.69 -36.52 1.51
C ALA D 380 -44.66 -35.30 0.62
N THR D 381 -45.53 -35.26 -0.37
CA THR D 381 -45.58 -34.15 -1.31
C THR D 381 -46.01 -32.86 -0.61
N ASP D 382 -47.09 -32.93 0.17
CA ASP D 382 -47.59 -31.76 0.88
C ASP D 382 -46.53 -31.21 1.82
N LEU D 383 -45.98 -32.07 2.69
CA LEU D 383 -45.03 -31.59 3.69
C LEU D 383 -43.77 -31.04 3.05
N ALA D 384 -43.20 -31.75 2.07
CA ALA D 384 -41.95 -31.26 1.48
C ALA D 384 -42.14 -29.93 0.78
N THR D 385 -43.25 -29.77 0.05
CA THR D 385 -43.46 -28.53 -0.67
C THR D 385 -43.62 -27.36 0.27
N GLU D 386 -44.43 -27.53 1.33
CA GLU D 386 -44.63 -26.42 2.27
C GLU D 386 -43.33 -26.07 2.98
N VAL D 387 -42.62 -27.06 3.48
CA VAL D 387 -41.40 -26.77 4.22
C VAL D 387 -40.34 -26.14 3.32
N THR D 388 -40.21 -26.64 2.09
CA THR D 388 -39.24 -26.10 1.15
C THR D 388 -39.59 -24.67 0.76
N LEU D 389 -40.87 -24.42 0.43
CA LEU D 389 -41.27 -23.05 0.07
C LEU D 389 -41.03 -22.08 1.23
N ASN D 390 -41.41 -22.48 2.44
CA ASN D 390 -41.18 -21.61 3.59
C ASN D 390 -39.68 -21.28 3.77
N GLY D 391 -38.81 -22.30 3.62
CA GLY D 391 -37.39 -22.06 3.77
C GLY D 391 -36.82 -21.18 2.67
N MET D 392 -37.26 -21.41 1.43
CA MET D 392 -36.81 -20.53 0.34
C MET D 392 -37.23 -19.10 0.62
N GLU D 393 -38.46 -18.90 1.10
CA GLU D 393 -38.93 -17.55 1.42
C GLU D 393 -38.05 -16.93 2.51
N CYS D 394 -37.59 -17.73 3.47
CA CYS D 394 -36.71 -17.19 4.52
C CYS D 394 -35.39 -16.71 3.90
N TYR D 395 -34.78 -17.52 3.04
CA TYR D 395 -33.54 -17.10 2.38
C TYR D 395 -33.76 -15.84 1.55
N GLU D 396 -34.93 -15.72 0.91
CA GLU D 396 -35.25 -14.54 0.10
C GLU D 396 -35.51 -13.31 0.95
N ASP D 397 -36.12 -13.46 2.13
CA ASP D 397 -36.50 -12.33 2.96
C ASP D 397 -35.40 -11.86 3.90
N TYR D 398 -34.40 -12.71 4.15
CA TYR D 398 -33.29 -12.40 5.05
C TYR D 398 -31.97 -12.56 4.31
N PRO D 399 -31.47 -11.49 3.68
CA PRO D 399 -30.25 -11.63 2.86
C PRO D 399 -29.05 -12.22 3.57
N THR D 400 -28.83 -11.93 4.85
CA THR D 400 -27.68 -12.54 5.51
C THR D 400 -27.87 -14.03 5.78
N LEU D 401 -29.11 -14.54 5.77
CA LEU D 401 -29.31 -15.99 5.83
C LEU D 401 -28.84 -16.67 4.53
N LEU D 402 -29.20 -16.07 3.40
CA LEU D 402 -28.71 -16.58 2.10
C LEU D 402 -27.18 -16.47 2.03
N GLU D 403 -26.61 -15.40 2.59
CA GLU D 403 -25.13 -15.22 2.60
C GLU D 403 -24.46 -16.31 3.44
N ASP D 404 -25.12 -16.74 4.52
CA ASP D 404 -24.57 -17.82 5.38
C ASP D 404 -24.50 -19.12 4.58
N HIS D 405 -25.63 -19.54 4.01
CA HIS D 405 -25.68 -20.77 3.15
C HIS D 405 -25.41 -20.28 1.74
N PHE D 406 -24.19 -19.82 1.54
CA PHE D 406 -23.80 -19.17 0.29
C PHE D 406 -23.76 -20.15 -0.88
N GLY D 407 -23.51 -21.44 -0.61
CA GLY D 407 -23.47 -22.46 -1.66
C GLY D 407 -24.82 -23.14 -1.81
N GLY D 408 -25.23 -23.33 -3.07
CA GLY D 408 -26.51 -23.99 -3.32
C GLY D 408 -26.63 -25.36 -2.66
N SER D 409 -25.53 -26.11 -2.60
CA SER D 409 -25.57 -27.46 -2.01
C SER D 409 -26.02 -27.38 -0.55
N MGN D 410 -25.49 -26.40 0.19
CA MGN D 410 -25.85 -26.22 1.62
CB1 MGN D 410 -25.14 -24.97 2.18
CB2 MGN D 410 -25.46 -27.47 2.41
CG MGN D 410 -23.60 -25.06 2.18
CD MGN D 410 -23.00 -23.72 2.55
OE1 MGN D 410 -23.22 -22.72 1.86
NE2 MGN D 410 -22.29 -23.66 3.67
C MGN D 410 -27.38 -25.94 1.69
O MGN D 410 -28.06 -26.57 2.51
N ARG D 411 -27.86 -25.04 0.85
CA ARG D 411 -29.28 -24.73 0.87
C ARG D 411 -30.13 -25.96 0.54
N ALA D 412 -29.67 -26.73 -0.44
CA ALA D 412 -30.42 -27.89 -0.89
C ALA D 412 -30.53 -28.92 0.23
N GLY D 413 -29.42 -29.20 0.88
CA GLY D 413 -29.40 -30.20 1.95
C GLY D 413 -30.23 -29.76 3.14
N ILE D 414 -30.23 -28.46 3.45
CA ILE D 414 -30.97 -27.98 4.62
C ILE D 414 -32.47 -27.92 4.34
N LEU D 415 -32.87 -27.43 3.15
CA LEU D 415 -34.30 -27.43 2.81
C LEU D 415 -34.85 -28.86 2.75
N ALA D 416 -34.10 -29.76 2.14
CA ALA D 416 -34.56 -31.13 2.00
C ALA D 416 -34.53 -31.87 3.35
N ALA D 417 -33.50 -31.62 4.18
CA ALA D 417 -33.48 -32.19 5.53
C ALA D 417 -34.70 -31.73 6.32
N ALA D 418 -35.00 -30.43 6.29
CA ALA D 418 -36.18 -29.95 7.03
C ALA D 418 -37.45 -30.62 6.50
N SER D 419 -37.55 -30.78 5.18
CA SER D 419 -38.72 -31.40 4.58
C SER D 419 -38.85 -32.86 4.98
N ALA D 420 -37.74 -33.60 4.91
CA ALA D 420 -37.74 -35.03 5.20
C ALA D 420 -37.86 -35.30 6.68
N CYS D 421 -37.21 -34.49 7.54
CA CYS D 421 -37.38 -34.67 8.98
C CYS D 421 -38.81 -34.36 9.40
N THR D 422 -39.42 -33.31 8.81
CA THR D 422 -40.83 -33.04 9.08
C THR D 422 -41.68 -34.24 8.69
N THR D 423 -41.42 -34.80 7.50
CA THR D 423 -42.19 -35.96 7.04
C THR D 423 -41.97 -37.18 7.93
N GLY D 424 -40.71 -37.42 8.32
CA GLY D 424 -40.42 -38.54 9.20
C GLY D 424 -41.14 -38.46 10.53
N ILE D 425 -41.05 -37.29 11.19
CA ILE D 425 -41.73 -37.13 12.46
C ILE D 425 -43.24 -37.31 12.29
N ALA D 426 -43.82 -36.71 11.24
CA ALA D 426 -45.26 -36.73 11.08
C ALA D 426 -45.77 -38.13 10.77
N THR D 427 -45.10 -38.86 9.87
CA THR D 427 -45.58 -40.16 9.40
C THR D 427 -45.00 -41.33 10.20
N GLY D 428 -43.88 -41.11 10.91
CA GLY D 428 -43.16 -42.20 11.53
C GLY D 428 -42.57 -43.21 10.56
N ASN D 429 -42.35 -42.81 9.31
CA ASN D 429 -41.94 -43.74 8.28
C ASN D 429 -40.73 -43.18 7.54
N SER D 430 -39.59 -43.87 7.66
CA SER D 430 -38.37 -43.38 7.02
C SER D 430 -38.46 -43.36 5.50
N GLN D 431 -39.12 -44.36 4.91
CA GLN D 431 -39.16 -44.49 3.46
C GLN D 431 -40.03 -43.40 2.84
N VAL D 432 -41.14 -43.05 3.51
CA VAL D 432 -41.98 -41.94 3.05
C VAL D 432 -41.21 -40.62 3.16
N ALA D 433 -40.48 -40.46 4.26
CA ALA D 433 -39.61 -39.30 4.42
C ALA D 433 -38.60 -39.20 3.29
N LEU D 434 -38.08 -40.35 2.82
CA LEU D 434 -37.14 -40.32 1.71
C LEU D 434 -37.78 -39.74 0.44
N SER D 435 -39.05 -40.08 0.14
CA SER D 435 -39.71 -39.43 -0.99
C SER D 435 -39.74 -37.91 -0.83
N ALA D 436 -39.99 -37.43 0.40
CA ALA D 436 -40.07 -36.00 0.71
C ALA D 436 -38.73 -35.30 0.47
N TRX D 437 -37.64 -35.99 0.82
CA TRX D 437 -36.28 -35.44 0.57
C TRX D 437 -36.14 -35.13 -0.93
O TRX D 437 -35.76 -33.97 -1.25
CB TRX D 437 -35.25 -36.47 1.05
CG TRX D 437 -33.86 -36.14 0.61
CD1 TRX D 437 -33.29 -36.50 -0.59
CD2 TRX D 437 -32.86 -35.40 1.33
NE1 TRX D 437 -32.01 -36.03 -0.65
CE2 TRX D 437 -31.71 -35.35 0.50
CE3 TRX D 437 -32.83 -34.74 2.58
CZ2 TRX D 437 -30.55 -34.68 0.89
CZ3 TRX D 437 -31.68 -34.09 2.97
CH2 TRX D 437 -30.54 -34.07 2.14
OH2 TRX D 437 -29.40 -33.41 2.55
N TYR D 438 -36.43 -36.09 -1.81
CA TYR D 438 -36.23 -35.84 -3.24
C TYR D 438 -37.21 -34.79 -3.78
N MET D 439 -38.43 -34.78 -3.26
CA MET D 439 -39.37 -33.74 -3.63
C MET D 439 -38.83 -32.33 -3.35
N SER D 440 -38.20 -32.13 -2.20
CA SER D 440 -37.66 -30.82 -1.87
C SER D 440 -36.66 -30.37 -2.93
N MET D 441 -35.76 -31.28 -3.31
CA MET D 441 -34.77 -30.97 -4.32
C MET D 441 -35.39 -30.50 -5.63
N TYR D 442 -36.41 -31.20 -6.08
CA TYR D 442 -37.01 -30.86 -7.36
C TYR D 442 -37.76 -29.51 -7.29
N VAL D 443 -38.43 -29.25 -6.18
CA VAL D 443 -39.12 -27.96 -5.98
C VAL D 443 -38.10 -26.84 -5.97
N HIS D 444 -37.03 -27.01 -5.18
CA HIS D 444 -35.95 -26.02 -5.08
C HIS D 444 -35.37 -25.66 -6.42
N LYS D 445 -35.01 -26.68 -7.21
CA LYS D 445 -34.37 -26.45 -8.49
C LYS D 445 -35.19 -25.55 -9.38
N GLU D 446 -36.52 -25.74 -9.43
CA GLU D 446 -37.30 -24.94 -10.36
C GLU D 446 -37.53 -23.54 -9.84
N GLY D 447 -37.49 -23.32 -8.52
CA GLY D 447 -37.74 -21.98 -8.02
C GLY D 447 -36.61 -21.04 -8.37
N TRP D 448 -35.37 -21.49 -8.19
CA TRP D 448 -34.22 -20.63 -8.34
C TRP D 448 -33.41 -20.93 -9.60
N GLY D 449 -33.75 -21.96 -10.36
CA GLY D 449 -32.96 -22.29 -11.52
C GLY D 449 -31.55 -22.72 -11.18
N ARG D 450 -31.31 -23.37 -10.03
CA ARG D 450 -30.05 -23.84 -9.53
C ARG D 450 -30.38 -24.77 -8.38
N LEU D 451 -29.42 -25.57 -8.06
CA LEU D 451 -29.60 -26.48 -6.93
C LEU D 451 -28.28 -26.50 -6.17
N GLY D 452 -27.44 -27.50 -6.41
CA GLY D 452 -26.15 -27.58 -5.76
C GLY D 452 -24.96 -27.48 -6.69
N PHE D 453 -23.83 -28.04 -6.26
CA PHE D 453 -22.61 -28.11 -7.07
C PHE D 453 -22.85 -28.99 -8.31
N PHE D 454 -21.85 -29.05 -9.18
CA PHE D 454 -21.91 -29.69 -10.48
C PHE D 454 -22.53 -31.07 -10.38
CA GL3 D 455 -22.48 -33.22 -9.23
N GL3 D 455 -22.14 -31.82 -9.33
C GL3 D 455 -23.44 -33.60 -8.13
S GL3 D 455 -23.56 -35.10 -7.56
N TYR D 456 -24.10 -32.51 -7.50
CA TYR D 456 -24.86 -32.63 -6.27
C TYR D 456 -26.04 -33.59 -6.41
N ASP D 457 -26.76 -33.49 -7.52
CA ASP D 457 -28.01 -34.22 -7.68
C ASP D 457 -27.88 -35.45 -8.57
N LEU D 458 -26.73 -36.14 -8.54
CA LEU D 458 -26.70 -37.49 -9.09
C LEU D 458 -27.73 -38.35 -8.34
N GLN D 459 -27.59 -38.44 -7.03
CA GLN D 459 -28.54 -39.22 -6.27
C GLN D 459 -29.93 -38.56 -6.29
N DYA D 460 -29.97 -37.23 -6.42
CA DYA D 460 -31.17 -36.58 -6.52
CB DYA D 460 -31.46 -35.66 -5.56
CG DYA D 460 -30.55 -35.32 -4.43
OD1 DYA D 460 -30.95 -35.50 -3.31
OD2 DYA D 460 -29.44 -34.88 -4.70
C DYA D 460 -32.00 -36.89 -7.57
O DYA D 460 -33.18 -37.11 -7.40
N GLN D 461 -31.43 -36.96 -8.78
CA GLN D 461 -32.30 -37.25 -9.93
C GLN D 461 -32.59 -38.76 -10.04
N SMC D 462 -31.66 -39.61 -9.57
CA SMC D 462 -31.98 -41.06 -9.44
CB SMC D 462 -30.71 -41.84 -9.18
SG SMC D 462 -29.56 -41.85 -10.57
CS SMC D 462 -27.98 -41.95 -9.74
C SMC D 462 -32.94 -41.29 -8.27
O SMC D 462 -33.41 -42.42 -8.08
N GLY D 463 -33.22 -40.26 -7.46
CA GLY D 463 -33.72 -40.49 -6.14
C GLY D 463 -35.18 -40.91 -6.03
N ALA D 464 -36.09 -40.14 -6.59
CA ALA D 464 -37.50 -40.47 -6.44
C ALA D 464 -37.78 -41.88 -6.91
N THR D 465 -37.20 -42.26 -8.05
CA THR D 465 -37.51 -43.55 -8.66
C THR D 465 -36.89 -44.69 -7.87
N ASN D 466 -35.81 -44.43 -7.12
CA ASN D 466 -35.17 -45.48 -6.33
C ASN D 466 -35.72 -45.59 -4.89
N VAL D 467 -36.61 -44.70 -4.46
CA VAL D 467 -37.20 -44.85 -3.13
C VAL D 467 -37.99 -46.15 -3.04
N CYS D 468 -38.82 -46.42 -4.05
CA CYS D 468 -39.77 -47.53 -4.05
C CYS D 468 -39.42 -48.59 -5.08
N SER D 469 -38.22 -48.53 -5.63
CA SER D 469 -37.70 -49.65 -6.39
C SER D 469 -37.49 -50.86 -5.47
N TYR D 470 -37.67 -52.04 -6.04
CA TYR D 470 -37.33 -53.28 -5.35
C TYR D 470 -36.29 -54.09 -6.12
N GLN D 471 -35.58 -53.44 -7.06
CA GLN D 471 -34.54 -54.12 -7.81
C GLN D 471 -33.29 -54.29 -6.94
N GLY D 472 -32.48 -55.31 -7.26
CA GLY D 472 -31.31 -55.68 -6.41
C GLY D 472 -30.42 -54.56 -5.88
N ASP D 473 -29.89 -53.71 -6.77
CA ASP D 473 -28.92 -52.68 -6.30
C ASP D 473 -29.62 -51.33 -6.14
N GLU D 474 -30.96 -51.31 -6.16
CA GLU D 474 -31.73 -50.05 -5.97
C GLU D 474 -32.60 -50.16 -4.71
N GLY D 475 -33.32 -51.25 -4.56
CA GLY D 475 -34.24 -51.35 -3.44
C GLY D 475 -33.50 -51.55 -2.13
N CYS D 476 -33.94 -50.82 -1.13
CA CYS D 476 -33.37 -50.92 0.20
C CYS D 476 -34.15 -49.99 1.12
N CYS D 477 -34.56 -50.45 2.29
CA CYS D 477 -35.12 -49.51 3.26
C CYS D 477 -34.03 -48.53 3.73
N LEU D 478 -34.46 -47.32 4.09
CA LEU D 478 -33.48 -46.28 4.42
C LEU D 478 -32.62 -46.67 5.61
N GLU D 479 -33.19 -47.36 6.61
CA GLU D 479 -32.41 -47.71 7.80
C GLU D 479 -31.17 -48.52 7.45
N LEU D 480 -31.28 -49.36 6.44
CA LEU D 480 -30.19 -50.23 6.02
C LEU D 480 -29.35 -49.60 4.91
N ARG D 481 -29.82 -48.54 4.25
CA ARG D 481 -28.92 -47.81 3.37
C ARG D 481 -27.80 -47.16 4.19
N GLY D 482 -26.71 -46.81 3.53
CA GLY D 482 -25.63 -46.11 4.16
C GLY D 482 -24.77 -45.45 3.08
N ALA D 483 -23.54 -45.17 3.47
CA ALA D 483 -22.63 -44.44 2.61
C ALA D 483 -22.05 -45.29 1.51
N ASN D 484 -22.45 -46.56 1.40
CA ASN D 484 -22.07 -47.42 0.27
C ASN D 484 -23.28 -47.78 -0.62
N TYR D 485 -24.47 -47.30 -0.30
CA TYR D 485 -25.60 -47.46 -1.19
C TYR D 485 -25.19 -46.79 -2.51
N PRO D 486 -25.30 -47.48 -3.65
CA PRO D 486 -24.54 -47.04 -4.84
C PRO D 486 -24.74 -45.56 -5.21
N ASN D 487 -26.00 -45.09 -5.26
CA ASN D 487 -26.25 -43.70 -5.64
C ASN D 487 -25.64 -42.72 -4.65
N TYR D 488 -25.39 -43.17 -3.41
CA TYR D 488 -24.94 -42.30 -2.31
C TYR D 488 -23.44 -42.31 -2.11
N ALA D 489 -22.69 -43.06 -2.91
CA ALA D 489 -21.33 -43.40 -2.54
C ALA D 489 -20.33 -42.27 -2.73
N MET D 490 -20.74 -41.12 -3.30
CA MET D 490 -19.77 -40.11 -3.70
C MET D 490 -19.95 -38.71 -3.09
N ASN D 491 -21.18 -38.24 -2.79
CA ASN D 491 -21.40 -36.79 -2.79
C ASN D 491 -21.79 -36.20 -1.44
N VAL D 492 -21.28 -35.00 -1.17
CA VAL D 492 -21.55 -34.25 0.05
C VAL D 492 -23.03 -33.85 0.13
N GLY D 493 -23.47 -33.42 1.31
CA GLY D 493 -24.78 -32.81 1.45
C GLY D 493 -25.95 -33.74 1.44
N HIS D 494 -25.74 -35.01 1.76
CA HIS D 494 -26.81 -36.01 1.79
C HIS D 494 -26.74 -37.01 2.94
N GLN D 495 -25.58 -37.65 3.15
CA GLN D 495 -25.49 -38.83 4.01
C GLN D 495 -25.91 -38.53 5.44
N GLY D 496 -25.35 -37.49 6.03
CA GLY D 496 -25.70 -37.20 7.41
C GLY D 496 -27.15 -36.79 7.56
N GLU D 497 -27.69 -36.09 6.57
CA GLU D 497 -29.12 -35.71 6.57
C GLU D 497 -30.00 -36.97 6.51
N TYR D 498 -29.63 -37.97 5.71
CA TYR D 498 -30.38 -39.25 5.67
C TYR D 498 -30.40 -39.89 7.05
N ALA D 499 -29.25 -39.93 7.74
CA ALA D 499 -29.19 -40.47 9.11
C ALA D 499 -30.16 -39.68 9.99
N GLY D 500 -30.16 -38.35 9.86
CA GLY D 500 -31.04 -37.47 10.65
C GLY D 500 -32.51 -37.85 10.51
N PHE D 501 -33.00 -37.95 9.27
CA PHE D 501 -34.47 -38.20 9.12
C PHE D 501 -34.79 -39.69 9.31
N THR D 502 -33.80 -40.57 9.24
CA THR D 502 -34.03 -41.97 9.68
C THR D 502 -34.35 -41.87 11.19
N GLY D 503 -33.54 -41.10 11.92
CA GLY D 503 -33.84 -40.86 13.36
C GLY D 503 -35.19 -40.18 13.54
N SER D 504 -35.53 -39.21 12.69
CA SER D 504 -36.80 -38.46 12.81
C SER D 504 -38.01 -39.40 12.73
N ALA D 505 -37.93 -40.42 11.88
CA ALA D 505 -39.09 -41.31 11.73
C ALA D 505 -39.33 -42.10 13.00
N HIS D 506 -38.26 -42.61 13.61
CA HIS D 506 -38.41 -43.37 14.86
C HIS D 506 -38.72 -42.48 16.05
N ALA D 507 -38.21 -41.25 16.04
CA ALA D 507 -38.60 -40.29 17.07
C ALA D 507 -40.08 -39.95 16.94
N GLY D 508 -40.58 -39.79 15.72
CA GLY D 508 -42.02 -39.51 15.55
C GLY D 508 -42.89 -40.67 15.98
N ALA D 509 -42.41 -41.89 15.77
CA ALA D 509 -43.15 -43.07 16.20
C ALA D 509 -42.98 -43.36 17.68
N HIS D 510 -42.12 -42.61 18.36
CA HIS D 510 -41.79 -42.81 19.77
C HIS D 510 -41.24 -44.20 20.05
N ASP D 511 -40.27 -44.59 19.22
CA ASP D 511 -39.51 -45.80 19.43
C ASP D 511 -38.27 -45.50 20.25
N ALA D 512 -37.65 -46.54 20.79
CA ALA D 512 -36.42 -46.39 21.56
C ALA D 512 -35.15 -46.46 20.72
N TYR D 513 -35.26 -46.87 19.46
CA TYR D 513 -34.12 -47.03 18.55
C TYR D 513 -34.70 -47.19 17.15
N CYS D 514 -33.81 -47.18 16.16
CA CYS D 514 -34.17 -47.22 14.75
C CYS D 514 -33.85 -48.56 14.09
N CYS D 515 -32.77 -49.23 14.53
CA CYS D 515 -32.20 -50.30 13.70
C CYS D 515 -31.53 -51.41 14.50
N ASN D 516 -30.84 -51.08 15.58
CA ASN D 516 -30.18 -52.13 16.32
C ASN D 516 -30.10 -51.76 17.80
N PRO D 517 -30.87 -52.45 18.64
CA PRO D 517 -30.86 -52.11 20.08
C PRO D 517 -29.49 -52.30 20.73
N LEU D 518 -28.65 -53.18 20.17
CA LEU D 518 -27.33 -53.34 20.74
C LEU D 518 -26.50 -52.08 20.57
N ILE D 519 -26.56 -51.47 19.38
CA ILE D 519 -25.86 -50.22 19.15
C ILE D 519 -26.38 -49.14 20.08
N LYS D 520 -27.71 -49.08 20.24
CA LYS D 520 -28.34 -48.09 21.10
C LYS D 520 -27.80 -48.16 22.53
N VAL D 521 -27.75 -49.38 23.10
CA VAL D 521 -27.31 -49.51 24.49
C VAL D 521 -25.82 -49.22 24.62
N CYS D 522 -25.02 -49.73 23.67
CA CYS D 522 -23.58 -49.54 23.69
C CYS D 522 -23.19 -48.07 23.79
N PHE D 523 -23.79 -47.24 22.95
CA PHE D 523 -23.38 -45.85 22.85
C PHE D 523 -24.02 -44.96 23.89
N ALA D 524 -24.92 -45.50 24.74
CA ALA D 524 -25.49 -44.72 25.85
C ALA D 524 -24.54 -44.62 27.02
N ASP D 525 -23.56 -45.51 27.09
CA ASP D 525 -22.60 -45.57 28.18
C ASP D 525 -21.84 -44.28 28.39
N PRO D 526 -21.94 -43.67 29.57
CA PRO D 526 -21.22 -42.42 29.80
C PRO D 526 -19.73 -42.59 29.91
N SER D 527 -19.20 -43.81 29.90
CA SER D 527 -17.76 -43.98 29.97
C SER D 527 -17.04 -43.75 28.64
N LEU D 528 -17.75 -43.51 27.55
CA LEU D 528 -17.09 -43.11 26.30
C LEU D 528 -16.54 -41.70 26.46
N VAL D 529 -15.53 -41.35 25.67
CA VAL D 529 -14.91 -40.03 25.81
C VAL D 529 -15.85 -38.94 25.29
N PHE D 530 -16.44 -39.14 24.11
CA PHE D 530 -17.37 -38.20 23.53
C PHE D 530 -18.79 -38.39 24.09
N ASP D 531 -19.49 -37.28 24.32
CA ASP D 531 -20.86 -37.33 24.85
C ASP D 531 -21.87 -37.46 23.71
N PHE D 532 -22.27 -38.70 23.39
CA PHE D 532 -23.20 -38.99 22.31
C PHE D 532 -24.61 -38.46 22.59
N SER D 533 -24.89 -37.95 23.78
CA SER D 533 -26.22 -37.42 24.04
C SER D 533 -26.41 -35.96 23.62
N TYR D 534 -25.35 -35.21 23.32
CA TYR D 534 -25.51 -33.79 22.93
C TYR D 534 -24.35 -33.46 21.99
N ILE D 535 -24.56 -33.78 20.72
CA ILE D 535 -23.51 -33.69 19.72
C ILE D 535 -23.04 -32.25 19.56
N ARG D 536 -23.97 -31.30 19.38
CA ARG D 536 -23.55 -29.94 19.03
C ARG D 536 -22.83 -29.27 20.19
N LYS D 537 -23.19 -29.64 21.42
CA LYS D 537 -22.47 -29.11 22.58
C LYS D 537 -21.01 -29.60 22.58
N GLU D 538 -20.80 -30.86 22.20
CA GLU D 538 -19.42 -31.38 22.10
C GLU D 538 -18.65 -30.65 21.00
N TYR D 539 -19.28 -30.42 19.84
CA TYR D 539 -18.57 -29.74 18.77
C TYR D 539 -18.14 -28.35 19.21
N ALA D 540 -18.99 -27.66 19.96
CA ALA D 540 -18.63 -26.35 20.51
C ALA D 540 -17.40 -26.45 21.41
N LYS D 541 -17.33 -27.46 22.26
CA LYS D 541 -16.12 -27.63 23.09
C LYS D 541 -14.87 -27.80 22.24
N GLY D 542 -14.95 -28.65 21.22
CA GLY D 542 -13.78 -28.83 20.37
C GLY D 542 -13.37 -27.55 19.66
N ALA D 543 -14.35 -26.77 19.23
CA ALA D 543 -14.06 -25.53 18.52
C ALA D 543 -13.50 -24.48 19.46
N MET D 544 -13.83 -24.59 20.74
CA MET D 544 -13.30 -23.70 21.72
C MET D 544 -12.05 -24.19 22.44
N ARG D 545 -11.49 -25.33 22.01
CA ARG D 545 -10.29 -25.89 22.60
C ARG D 545 -10.53 -26.25 24.07
N THR D 546 -11.73 -26.75 24.34
CA THR D 546 -12.06 -27.22 25.67
C THR D 546 -12.46 -28.69 25.70
N PHE D 547 -12.17 -29.40 24.61
CA PHE D 547 -12.45 -30.86 24.56
C PHE D 547 -11.14 -31.64 24.68
N ARG D 548 -11.09 -32.52 25.68
CA ARG D 548 -9.89 -33.35 25.89
C ARG D 548 -10.06 -34.71 25.19
N PRO D 549 -9.31 -34.98 24.11
CA PRO D 549 -9.41 -36.25 23.47
C PRO D 549 -8.48 -37.30 24.06
N ALA D 550 -8.73 -38.54 23.70
CA ALA D 550 -7.82 -39.63 24.04
C ALA D 550 -6.76 -39.76 22.94
N GLY D 551 -5.76 -40.58 23.24
CA GLY D 551 -4.80 -40.97 22.22
C GLY D 551 -3.55 -40.13 22.07
N GLU D 552 -3.38 -39.07 22.86
CA GLU D 552 -2.20 -38.24 22.75
C GLU D 552 -0.97 -38.99 23.29
N ARG D 553 0.22 -38.52 22.91
CA ARG D 553 1.46 -39.19 23.24
C ARG D 553 2.36 -38.37 24.14
N SER D 554 1.78 -37.43 24.89
CA SER D 554 2.60 -36.56 25.72
CA SER D 554 2.60 -36.56 25.72
C SER D 554 3.44 -37.35 26.72
N LEU D 555 2.96 -38.53 27.16
CA LEU D 555 3.69 -39.28 28.19
C LEU D 555 5.03 -39.81 27.70
N VAL D 556 5.21 -39.95 26.38
CA VAL D 556 6.42 -40.67 25.85
C VAL D 556 7.15 -39.83 24.79
N ILE D 557 6.96 -38.52 24.83
CA ILE D 557 7.66 -37.65 23.85
C ILE D 557 8.41 -36.56 24.61
N PRO D 558 9.48 -35.99 24.04
CA PRO D 558 10.17 -34.90 24.69
C PRO D 558 9.40 -33.58 24.52
N ALA D 559 9.88 -32.55 25.21
CA ALA D 559 9.30 -31.20 25.08
C ALA D 559 10.50 -30.31 24.79
N GLY D 560 10.96 -29.56 25.80
CA GLY D 560 12.19 -28.76 25.63
C GLY D 560 11.95 -27.40 25.00
N VAL D 561 13.03 -26.66 24.80
CA VAL D 561 12.92 -25.29 24.21
C VAL D 561 13.25 -25.40 22.72
N ALA E 2 -47.38 -59.32 -28.04
CA ALA E 2 -45.93 -59.33 -27.94
C ALA E 2 -45.39 -58.17 -28.77
N ASP E 3 -44.14 -57.86 -28.58
CA ASP E 3 -43.54 -56.73 -29.26
C ASP E 3 -42.69 -57.24 -30.40
N THR E 4 -42.72 -56.52 -31.52
CA THR E 4 -41.83 -56.75 -32.66
C THR E 4 -41.10 -55.46 -33.02
N ILE E 5 -39.95 -55.64 -33.65
CA ILE E 5 -39.09 -54.55 -34.08
C ILE E 5 -38.56 -54.87 -35.46
N ASP E 6 -38.26 -53.83 -36.23
CA ASP E 6 -37.49 -53.97 -37.47
C ASP E 6 -36.02 -53.71 -37.15
N LEU E 7 -35.15 -54.57 -37.65
CA LEU E 7 -33.71 -54.44 -37.44
C LEU E 7 -33.10 -53.75 -38.65
N TYR E 8 -32.28 -52.73 -38.38
CA TYR E 8 -31.58 -51.95 -39.39
C TYR E 8 -30.10 -51.95 -39.03
N ASP E 9 -29.25 -51.83 -40.04
CA ASP E 9 -27.81 -51.90 -39.84
C ASP E 9 -27.21 -50.54 -39.52
N ASP E 10 -25.87 -50.46 -39.54
CA ASP E 10 -25.14 -49.27 -39.14
C ASP E 10 -25.19 -48.18 -40.19
N ARG E 11 -25.67 -48.50 -41.38
CA ARG E 11 -25.84 -47.54 -42.46
C ARG E 11 -27.30 -47.22 -42.76
N GLY E 12 -28.21 -47.58 -41.86
CA GLY E 12 -29.60 -47.26 -42.05
C GLY E 12 -30.36 -48.14 -43.00
N LYS E 13 -29.83 -49.32 -43.31
CA LYS E 13 -30.46 -50.25 -44.23
CA LYS E 13 -30.45 -50.26 -44.23
C LYS E 13 -31.21 -51.34 -43.46
N LYS E 14 -32.41 -51.66 -43.94
CA LYS E 14 -33.21 -52.64 -43.26
C LYS E 14 -32.59 -54.02 -43.41
N LEU E 15 -32.52 -54.75 -42.32
CA LEU E 15 -31.99 -56.11 -42.33
C LEU E 15 -33.09 -57.14 -42.22
N LYS E 16 -34.05 -56.93 -41.31
CA LYS E 16 -35.08 -57.93 -41.05
C LYS E 16 -36.28 -57.22 -40.46
N GLY E 17 -37.46 -57.60 -40.93
CA GLY E 17 -38.71 -57.03 -40.47
C GLY E 17 -39.46 -57.91 -39.47
N ASP E 18 -40.14 -57.24 -38.55
CA ASP E 18 -41.16 -57.87 -37.70
C ASP E 18 -40.52 -58.97 -36.85
N VAL E 19 -39.40 -58.60 -36.25
CA VAL E 19 -38.64 -59.56 -35.41
C VAL E 19 -39.20 -59.54 -33.99
N ASP E 20 -39.43 -60.72 -33.44
CA ASP E 20 -39.89 -60.82 -32.03
C ASP E 20 -38.82 -60.17 -31.14
N LEU E 21 -39.26 -59.31 -30.22
CA LEU E 21 -38.31 -58.68 -29.27
C LEU E 21 -37.51 -59.75 -28.50
N GLN E 22 -38.12 -60.91 -28.20
CA GLN E 22 -37.38 -61.94 -27.47
C GLN E 22 -36.22 -62.48 -28.26
N ALA E 23 -36.26 -62.34 -29.59
CA ALA E 23 -35.20 -62.87 -30.43
C ALA E 23 -33.88 -62.11 -30.31
N VAL E 24 -33.88 -60.91 -29.74
CA VAL E 24 -32.65 -60.17 -29.48
C VAL E 24 -32.29 -60.18 -28.01
N SER E 25 -32.89 -61.09 -27.23
CA SER E 25 -32.58 -61.15 -25.81
C SER E 25 -31.18 -61.71 -25.57
N PRO E 26 -30.46 -61.22 -24.56
CA PRO E 26 -29.21 -61.85 -24.16
C PRO E 26 -29.34 -63.34 -23.81
N LEU E 27 -30.52 -63.77 -23.41
CA LEU E 27 -30.74 -65.17 -23.06
C LEU E 27 -31.01 -66.06 -24.27
N LYS E 28 -31.19 -65.47 -25.47
CA LYS E 28 -31.68 -66.25 -26.59
C LYS E 28 -30.91 -66.05 -27.89
N ASN E 29 -30.42 -64.86 -28.15
CA ASN E 29 -29.81 -64.55 -29.42
C ASN E 29 -28.41 -65.14 -29.46
N SER E 30 -28.15 -66.02 -30.45
CA SER E 30 -26.87 -66.74 -30.46
C SER E 30 -25.69 -65.82 -30.70
N ALA E 31 -25.89 -64.70 -31.41
CA ALA E 31 -24.80 -63.74 -31.63
C ALA E 31 -24.41 -63.04 -30.34
N ILE E 32 -25.39 -62.64 -29.53
CA ILE E 32 -25.09 -62.03 -28.24
C ILE E 32 -24.36 -63.03 -27.33
N LEU E 33 -24.87 -64.25 -27.25
CA LEU E 33 -24.22 -65.27 -26.43
C LEU E 33 -22.77 -65.46 -26.88
N SER E 34 -22.54 -65.41 -28.19
CA SER E 34 -21.19 -65.56 -28.73
C SER E 34 -20.33 -64.37 -28.38
N MET E 35 -20.89 -63.16 -28.44
CA MET E 35 -20.14 -61.97 -28.03
C MET E 35 -19.65 -62.10 -26.59
N VAL E 36 -20.53 -62.57 -25.69
CA VAL E 36 -20.17 -62.72 -24.28
C VAL E 36 -19.07 -63.76 -24.13
N ASN E 37 -19.21 -64.90 -24.81
CA ASN E 37 -18.17 -65.92 -24.73
C ASN E 37 -16.84 -65.41 -25.24
N THR E 38 -16.87 -64.67 -26.35
CA THR E 38 -15.66 -64.08 -26.91
C THR E 38 -14.97 -63.14 -25.92
N VAL E 39 -15.72 -62.23 -25.30
CA VAL E 39 -15.05 -61.29 -24.40
C VAL E 39 -14.51 -62.01 -23.16
N LYS E 40 -15.19 -63.07 -22.71
CA LYS E 40 -14.72 -63.82 -21.55
C LYS E 40 -13.42 -64.56 -21.84
N ARG E 41 -13.32 -65.24 -22.99
CA ARG E 41 -12.23 -66.18 -23.19
C ARG E 41 -11.05 -65.63 -23.98
N THR E 42 -11.17 -64.45 -24.58
CA THR E 42 -10.10 -63.87 -25.39
C THR E 42 -9.19 -63.00 -24.54
N VAL E 43 -7.89 -63.20 -24.70
CA VAL E 43 -6.90 -62.37 -24.04
C VAL E 43 -5.86 -61.93 -25.05
N ALA E 44 -5.27 -60.78 -24.77
CA ALA E 44 -4.16 -60.26 -25.55
C ALA E 44 -2.88 -60.41 -24.74
N VAL E 45 -1.80 -60.75 -25.42
CA VAL E 45 -0.50 -60.95 -24.82
C VAL E 45 0.42 -59.90 -25.42
N ASN E 46 1.11 -59.17 -24.57
CA ASN E 46 2.09 -58.20 -25.02
C ASN E 46 3.48 -58.82 -24.97
N LEU E 47 3.87 -59.48 -26.08
CA LEU E 47 5.19 -60.10 -26.12
C LEU E 47 6.27 -59.05 -26.08
N ALA E 48 6.05 -57.92 -26.75
CA ALA E 48 7.04 -56.85 -26.73
C ALA E 48 7.22 -56.35 -25.30
N GLY E 49 6.13 -56.25 -24.55
CA GLY E 49 6.22 -55.85 -23.15
C GLY E 49 6.98 -56.85 -22.28
N ILE E 50 6.76 -58.15 -22.52
CA ILE E 50 7.51 -59.18 -21.79
C ILE E 50 9.00 -59.06 -22.10
N GLU E 51 9.33 -58.91 -23.37
CA GLU E 51 10.72 -58.79 -23.78
C GLU E 51 11.39 -57.58 -23.14
N LYS E 52 10.71 -56.43 -23.13
CA LYS E 52 11.26 -55.22 -22.51
C LYS E 52 11.44 -55.43 -21.01
N ALA E 53 10.42 -55.98 -20.34
CA ALA E 53 10.49 -56.17 -18.89
C ALA E 53 11.67 -57.04 -18.51
N CYS E 54 11.90 -58.11 -19.27
CA CYS E 54 13.01 -59.01 -18.99
C CYS E 54 14.35 -58.36 -19.29
N LYS E 55 14.47 -57.75 -20.47
CA LYS E 55 15.75 -57.17 -20.87
C LYS E 55 16.16 -56.00 -19.98
N ASN E 56 15.18 -55.26 -19.46
CA ASN E 56 15.43 -54.06 -18.68
C ASN E 56 15.21 -54.27 -17.19
N ALA E 57 14.85 -55.50 -16.78
CA ALA E 57 14.51 -55.83 -15.39
C ALA E 57 13.49 -54.87 -14.80
N SER E 58 12.43 -54.60 -15.56
CA SER E 58 11.40 -53.65 -15.16
C SER E 58 10.11 -54.35 -14.74
N TYR E 59 10.28 -55.54 -14.19
CA TYR E 59 9.18 -56.34 -13.68
C TYR E 59 8.25 -55.52 -12.79
N GLY E 60 6.96 -55.54 -13.11
CA GLY E 60 5.94 -54.88 -12.30
C GLY E 60 5.60 -53.47 -12.73
N GLY E 61 6.43 -52.84 -13.56
CA GLY E 61 6.11 -51.51 -14.06
C GLY E 61 6.24 -50.40 -13.02
N GLN E 62 5.67 -49.24 -13.38
CA GLN E 62 5.73 -48.03 -12.55
C GLN E 62 7.14 -47.66 -12.14
N SER E 63 8.05 -47.72 -13.11
CA SER E 63 9.45 -47.33 -12.94
C SER E 63 10.25 -48.31 -12.09
N ARG E 64 9.66 -49.46 -11.73
CA ARG E 64 10.42 -50.49 -11.05
C ARG E 64 11.61 -50.90 -11.92
N ASN E 65 12.70 -51.23 -11.25
CA ASN E 65 13.89 -51.77 -11.86
C ASN E 65 14.57 -52.59 -10.78
N ILE E 66 14.86 -53.85 -11.07
CA ILE E 66 15.51 -54.75 -10.12
C ILE E 66 16.91 -54.98 -10.64
N PRO E 67 17.89 -54.19 -10.22
CA PRO E 67 19.23 -54.28 -10.82
C PRO E 67 19.78 -55.69 -10.78
N GLY E 68 20.49 -56.05 -11.85
CA GLY E 68 21.15 -57.33 -11.92
C GLY E 68 20.27 -58.49 -12.31
N ARG E 69 18.94 -58.32 -12.34
CA ARG E 69 18.02 -59.43 -12.57
C ARG E 69 17.43 -59.42 -13.98
N GLU E 70 18.08 -58.74 -14.92
CA GLU E 70 17.69 -58.83 -16.31
C GLU E 70 17.79 -60.28 -16.79
N VAL E 71 16.86 -60.65 -17.68
CA VAL E 71 16.87 -61.96 -18.34
C VAL E 71 16.82 -61.66 -19.83
N ASP E 72 17.84 -62.05 -20.55
CA ASP E 72 17.99 -61.61 -21.93
C ASP E 72 17.31 -62.63 -22.84
N ILE E 73 16.02 -62.40 -23.10
CA ILE E 73 15.23 -63.25 -23.99
C ILE E 73 14.49 -62.36 -24.98
N ASP E 74 14.15 -62.94 -26.14
CA ASP E 74 13.62 -62.17 -27.27
C ASP E 74 12.35 -62.80 -27.84
N PRO E 75 11.28 -62.86 -27.06
CA PRO E 75 10.09 -63.60 -27.52
C PRO E 75 9.41 -63.00 -28.73
N THR E 76 9.62 -61.71 -29.02
CA THR E 76 9.00 -61.16 -30.22
C THR E 76 9.61 -61.77 -31.48
N ALA E 77 10.88 -62.18 -31.42
CA ALA E 77 11.55 -62.81 -32.55
C ALA E 77 11.19 -64.28 -32.70
N LYS E 78 10.61 -64.87 -31.66
CA LYS E 78 10.21 -66.28 -31.66
C LYS E 78 8.70 -66.39 -31.47
N ALA E 79 7.97 -65.37 -31.95
CA ALA E 79 6.53 -65.30 -31.66
C ALA E 79 5.78 -66.50 -32.23
N ASP E 80 6.12 -66.95 -33.44
CA ASP E 80 5.37 -68.07 -34.01
C ASP E 80 5.61 -69.36 -33.24
N LYS E 81 6.85 -69.61 -32.84
CA LYS E 81 7.16 -70.80 -32.05
C LYS E 81 6.45 -70.76 -30.70
N ILE E 82 6.49 -69.60 -30.04
CA ILE E 82 5.85 -69.47 -28.74
C ILE E 82 4.34 -69.60 -28.87
N ALA E 83 3.75 -68.99 -29.91
CA ALA E 83 2.33 -69.11 -30.13
C ALA E 83 1.91 -70.57 -30.29
N ALA E 84 2.68 -71.35 -31.05
CA ALA E 84 2.33 -72.75 -31.25
C ALA E 84 2.41 -73.52 -29.93
N ARG E 85 3.40 -73.22 -29.10
CA ARG E 85 3.54 -73.92 -27.79
C ARG E 85 2.37 -73.54 -26.88
N VAL E 86 2.03 -72.25 -26.82
CA VAL E 86 0.88 -71.81 -26.03
C VAL E 86 -0.38 -72.55 -26.45
N LYS E 87 -0.61 -72.66 -27.76
CA LYS E 87 -1.81 -73.34 -28.23
C LYS E 87 -1.83 -74.79 -27.76
N GLU E 88 -0.69 -75.47 -27.90
CA GLU E 88 -0.60 -76.87 -27.48
C GLU E 88 -0.85 -77.02 -25.98
N LEU E 89 -0.39 -76.04 -25.20
CA LEU E 89 -0.55 -76.15 -23.76
C LEU E 89 -1.96 -75.83 -23.30
N ILE E 90 -2.68 -74.93 -23.96
CA ILE E 90 -4.00 -74.56 -23.47
C ILE E 90 -5.14 -75.30 -24.15
N GLN E 91 -4.95 -75.82 -25.35
N GLN E 91 -4.92 -75.86 -25.33
CA GLN E 91 -6.05 -76.50 -26.04
CA GLN E 91 -6.04 -76.50 -26.06
C GLN E 91 -6.46 -77.74 -25.26
C GLN E 91 -6.46 -77.79 -25.34
N VAL E 92 -7.76 -77.98 -25.17
CA VAL E 92 -8.26 -79.20 -24.51
C VAL E 92 -8.28 -80.37 -25.48
N GLU E 93 -8.76 -80.14 -26.70
CA GLU E 93 -8.74 -81.16 -27.75
C GLU E 93 -8.34 -80.51 -29.06
N LYS E 94 -7.53 -81.22 -29.85
CA LYS E 94 -7.24 -80.76 -31.21
C LYS E 94 -8.57 -80.51 -31.92
N GLY E 95 -8.63 -79.39 -32.65
CA GLY E 95 -9.85 -79.00 -33.35
C GLY E 95 -10.89 -78.28 -32.52
N ASP E 96 -10.62 -78.02 -31.25
CA ASP E 96 -11.54 -77.25 -30.41
C ASP E 96 -11.42 -75.79 -30.80
N ASP E 97 -12.10 -74.91 -30.05
CA ASP E 97 -12.19 -73.51 -30.43
C ASP E 97 -11.02 -72.68 -29.91
N THR E 98 -9.94 -73.30 -29.44
CA THR E 98 -8.74 -72.55 -29.10
C THR E 98 -8.17 -71.89 -30.34
N GLU E 99 -7.77 -70.63 -30.21
CA GLU E 99 -7.08 -69.91 -31.27
CA GLU E 99 -7.07 -69.92 -31.28
C GLU E 99 -5.90 -69.18 -30.67
N VAL E 100 -4.75 -69.23 -31.32
CA VAL E 100 -3.60 -68.41 -30.94
C VAL E 100 -3.05 -67.81 -32.23
N THR E 101 -3.02 -66.48 -32.30
CA THR E 101 -2.66 -65.76 -33.51
C THR E 101 -1.61 -64.70 -33.19
N VAL E 102 -0.55 -64.65 -34.00
CA VAL E 102 0.49 -63.65 -33.87
C VAL E 102 0.05 -62.37 -34.56
N LEU E 103 0.11 -61.25 -33.84
CA LEU E 103 -0.25 -59.96 -34.37
C LEU E 103 0.93 -58.99 -34.29
N GLY E 104 0.84 -57.90 -35.05
CA GLY E 104 1.85 -56.85 -34.93
C GLY E 104 3.25 -57.30 -35.29
N GLY E 105 3.38 -58.24 -36.21
CA GLY E 105 4.68 -58.72 -36.61
C GLY E 105 5.44 -59.44 -35.54
N GLY E 106 4.77 -59.86 -34.48
CA GLY E 106 5.42 -60.57 -33.38
C GLY E 106 5.32 -59.84 -32.07
N LYS E 107 4.76 -58.65 -32.04
CA LYS E 107 4.69 -57.90 -30.79
C LYS E 107 3.60 -58.42 -29.86
N PHE E 108 2.52 -58.97 -30.43
CA PHE E 108 1.39 -59.40 -29.61
C PHE E 108 0.90 -60.77 -30.04
N LEU E 109 0.19 -61.42 -29.12
CA LEU E 109 -0.62 -62.56 -29.47
C LEU E 109 -2.07 -62.28 -29.12
N ARG E 110 -2.98 -62.81 -29.93
CA ARG E 110 -4.36 -62.96 -29.49
C ARG E 110 -4.57 -64.43 -29.12
N VAL E 111 -5.09 -64.68 -27.93
CA VAL E 111 -5.34 -66.04 -27.45
C VAL E 111 -6.82 -66.13 -27.17
N ALA E 112 -7.52 -66.96 -27.93
CA ALA E 112 -8.91 -67.28 -27.61
C ALA E 112 -8.84 -68.63 -26.89
N ALA E 113 -8.96 -68.59 -25.57
CA ALA E 113 -8.84 -69.80 -24.79
C ALA E 113 -10.05 -70.69 -25.06
N PRO E 114 -9.91 -72.01 -24.96
CA PRO E 114 -11.05 -72.88 -25.26
C PRO E 114 -12.21 -72.64 -24.29
N THR E 115 -13.43 -72.59 -24.87
CA THR E 115 -14.64 -72.38 -24.07
C THR E 115 -14.74 -73.39 -22.94
N ARG E 116 -14.31 -74.63 -23.17
CA ARG E 116 -14.43 -75.66 -22.15
C ARG E 116 -13.72 -75.27 -20.85
N ARG E 117 -12.62 -74.53 -20.93
CA ARG E 117 -11.95 -74.12 -19.69
C ARG E 117 -12.80 -73.14 -18.91
N ILE E 118 -13.57 -72.30 -19.60
CA ILE E 118 -14.53 -71.43 -18.92
C ILE E 118 -15.64 -72.28 -18.30
N GLU E 119 -16.17 -73.23 -19.08
CA GLU E 119 -17.29 -74.05 -18.62
C GLU E 119 -16.92 -74.85 -17.39
N ALA E 120 -15.66 -75.27 -17.28
CA ALA E 120 -15.21 -76.12 -16.19
C ALA E 120 -14.96 -75.34 -14.92
N GLY E 121 -14.98 -74.00 -15.01
CA GLY E 121 -14.74 -73.13 -13.89
C GLY E 121 -16.02 -72.45 -13.43
N ALA E 122 -15.85 -71.48 -12.51
CA ALA E 122 -17.01 -70.73 -12.03
C ALA E 122 -17.11 -69.32 -12.58
N GLU E 123 -16.00 -68.74 -12.97
CA GLU E 123 -15.94 -67.37 -13.46
C GLU E 123 -15.44 -67.35 -14.90
N TYR E 124 -14.75 -66.30 -15.29
CA TYR E 124 -14.30 -66.11 -16.66
C TYR E 124 -12.79 -66.05 -16.73
N VAL E 125 -12.08 -66.23 -15.61
CA VAL E 125 -10.66 -65.91 -15.54
C VAL E 125 -9.76 -66.99 -16.11
N ALA E 126 -10.30 -68.17 -16.43
CA ALA E 126 -9.43 -69.25 -16.90
C ALA E 126 -8.69 -68.88 -18.17
N GLY E 127 -9.27 -68.02 -18.99
CA GLY E 127 -8.56 -67.53 -20.19
C GLY E 127 -7.29 -66.81 -19.77
N MET E 128 -7.41 -65.83 -18.87
CA MET E 128 -6.22 -65.09 -18.35
CA MET E 128 -6.21 -65.10 -18.36
C MET E 128 -5.16 -65.98 -17.66
N THR E 129 -5.66 -66.85 -16.77
CA THR E 129 -4.73 -67.66 -15.93
C THR E 129 -4.01 -68.70 -16.78
N CYS E 130 -4.78 -69.39 -17.62
CA CYS E 130 -4.18 -70.47 -18.47
CA CYS E 130 -4.16 -70.46 -18.46
C CYS E 130 -3.22 -69.91 -19.56
N THR E 131 -3.56 -68.70 -20.01
CA THR E 131 -2.67 -68.05 -21.01
C THR E 131 -1.39 -67.64 -20.31
N ALA E 132 -1.50 -67.00 -19.14
CA ALA E 132 -0.31 -66.59 -18.42
C ALA E 132 0.54 -67.80 -18.06
N ALA E 133 -0.09 -68.88 -17.64
CA ALA E 133 0.66 -70.08 -17.28
C ALA E 133 1.32 -70.69 -18.52
N ALA E 134 0.57 -70.79 -19.62
CA ALA E 134 1.14 -71.37 -20.85
C ALA E 134 2.30 -70.54 -21.36
N LEU E 135 2.19 -69.22 -21.29
CA LEU E 135 3.28 -68.37 -21.75
CA LEU E 135 3.27 -68.35 -21.74
C LEU E 135 4.52 -68.54 -20.87
N THR E 136 4.32 -68.59 -19.56
CA THR E 136 5.46 -68.73 -18.66
C THR E 136 6.20 -70.02 -18.95
N GLU E 137 5.47 -71.12 -19.12
CA GLU E 137 6.10 -72.39 -19.45
C GLU E 137 6.76 -72.34 -20.83
N ALA E 138 6.11 -71.74 -21.82
CA ALA E 138 6.69 -71.68 -23.16
C ALA E 138 8.01 -70.92 -23.13
N LEU E 139 8.06 -69.83 -22.35
CA LEU E 139 9.30 -69.05 -22.23
C LEU E 139 10.37 -69.84 -21.49
N ARG E 140 9.99 -70.52 -20.41
CA ARG E 140 10.96 -71.34 -19.65
C ARG E 140 11.59 -72.39 -20.58
N GLU E 141 10.77 -73.06 -21.38
N GLU E 141 10.77 -73.04 -21.40
CA GLU E 141 11.27 -74.13 -22.29
CA GLU E 141 11.28 -74.13 -22.27
C GLU E 141 12.14 -73.55 -23.39
C GLU E 141 12.14 -73.56 -23.41
N GLU E 142 11.67 -72.50 -24.07
CA GLU E 142 12.40 -71.94 -25.24
C GLU E 142 13.75 -71.34 -24.84
N TYR E 143 13.84 -70.72 -23.67
CA TYR E 143 15.04 -70.01 -23.25
C TYR E 143 15.86 -70.77 -22.21
N ASN E 144 15.52 -72.04 -21.97
CA ASN E 144 16.26 -72.88 -21.05
C ASN E 144 16.44 -72.23 -19.69
N LEU E 145 15.36 -71.65 -19.18
CA LEU E 145 15.43 -70.99 -17.89
C LEU E 145 15.48 -72.00 -16.76
N GLY E 146 16.02 -71.55 -15.65
CA GLY E 146 16.27 -72.41 -14.51
C GLY E 146 15.61 -72.01 -13.20
N LEU E 147 16.16 -72.52 -12.10
CA LEU E 147 15.47 -72.38 -10.81
C LEU E 147 15.29 -70.91 -10.43
N TYR E 148 16.32 -70.09 -10.61
CA TYR E 148 16.34 -68.77 -9.98
C TYR E 148 16.08 -67.61 -10.92
N ASP E 149 16.06 -67.81 -12.23
CA ASP E 149 15.64 -66.76 -13.13
C ASP E 149 14.20 -66.90 -13.62
N THR E 150 13.65 -68.12 -13.70
CA THR E 150 12.26 -68.27 -14.11
C THR E 150 11.30 -67.45 -13.27
N PRO E 151 11.48 -67.28 -11.97
CA PRO E 151 10.53 -66.46 -11.21
C PRO E 151 10.42 -65.03 -11.73
N TYR E 152 11.55 -64.43 -12.15
CA TYR E 152 11.53 -63.08 -12.68
C TYR E 152 10.73 -63.03 -13.99
N VAL E 153 10.97 -63.99 -14.89
CA VAL E 153 10.19 -64.09 -16.13
C VAL E 153 8.70 -64.30 -15.83
N LYS E 154 8.38 -65.07 -14.80
CA LYS E 154 6.99 -65.25 -14.42
C LYS E 154 6.36 -63.90 -14.06
N ASN E 155 7.12 -63.03 -13.36
CA ASN E 155 6.61 -61.70 -13.07
C ASN E 155 6.51 -60.82 -14.32
N ALA E 156 7.39 -61.02 -15.32
CA ALA E 156 7.20 -60.29 -16.57
C ALA E 156 5.85 -60.60 -17.19
N VAL E 157 5.37 -61.83 -17.01
CA VAL E 157 4.08 -62.24 -17.59
C VAL E 157 2.92 -61.82 -16.69
N TRP E 158 2.94 -62.27 -15.44
CA TRP E 158 1.86 -62.12 -14.48
C TRP E 158 1.89 -60.82 -13.69
N GLY E 159 2.89 -59.97 -13.90
CA GLY E 159 3.01 -58.77 -13.08
C GLY E 159 3.30 -59.10 -11.63
N THR E 160 2.75 -58.29 -10.72
CA THR E 160 3.00 -58.45 -9.30
C THR E 160 2.04 -59.46 -8.64
N TYR E 161 1.28 -60.21 -9.40
CA TYR E 161 0.48 -61.31 -8.86
C TYR E 161 1.43 -62.38 -8.35
N PRO E 162 1.27 -62.89 -7.13
CA PRO E 162 0.09 -62.77 -6.23
C PRO E 162 0.23 -61.81 -5.06
N GLN E 163 1.26 -60.97 -5.02
CA GLN E 163 1.28 -59.92 -3.98
C GLN E 163 0.08 -59.00 -4.16
N THR E 164 -0.32 -58.74 -5.39
CA THR E 164 -1.57 -58.07 -5.73
C THR E 164 -2.60 -59.09 -6.21
N MET E 165 -3.87 -58.70 -6.12
N MET E 165 -3.87 -58.70 -6.11
CA MET E 165 -4.92 -59.58 -6.61
CA MET E 165 -4.97 -59.53 -6.58
C MET E 165 -4.99 -59.63 -8.13
C MET E 165 -5.03 -59.59 -8.11
N ASP E 166 -4.52 -58.59 -8.80
CA ASP E 166 -4.50 -58.50 -10.25
C ASP E 166 -3.08 -58.70 -10.78
N MET E 167 -2.99 -58.90 -12.10
CA MET E 167 -1.66 -59.08 -12.75
C MET E 167 -1.11 -57.67 -13.01
N LYS E 168 -0.99 -56.87 -11.97
N LYS E 168 -1.00 -56.86 -11.96
CA LYS E 168 -0.57 -55.46 -12.14
CA LYS E 168 -0.59 -55.45 -12.14
C LYS E 168 0.83 -55.38 -12.76
C LYS E 168 0.83 -55.39 -12.77
N GLY E 169 0.98 -54.57 -13.81
CA GLY E 169 2.29 -54.43 -14.48
C GLY E 169 2.63 -55.63 -15.34
N GLY E 170 1.67 -56.54 -15.51
CA GLY E 170 1.91 -57.71 -16.33
C GLY E 170 1.64 -57.46 -17.80
N ASN E 171 1.60 -58.56 -18.57
CA ASN E 171 1.55 -58.49 -20.02
C ASN E 171 0.48 -59.40 -20.62
N VAL E 172 -0.52 -59.72 -19.83
CA VAL E 172 -1.70 -60.46 -20.26
C VAL E 172 -2.89 -59.56 -19.98
N LEU E 173 -3.71 -59.33 -21.01
CA LEU E 173 -4.75 -58.31 -20.96
C LEU E 173 -6.08 -58.89 -21.42
N SER E 174 -7.15 -58.49 -20.73
CA SER E 174 -8.53 -58.80 -21.05
C SER E 174 -9.30 -57.50 -21.20
N VAL E 175 -10.40 -57.52 -21.96
CA VAL E 175 -11.27 -56.35 -21.88
C VAL E 175 -12.06 -56.33 -20.57
N LEU E 176 -12.15 -57.46 -19.88
CA LEU E 176 -12.74 -57.52 -18.54
C LEU E 176 -11.65 -57.27 -17.48
N SER E 177 -12.07 -57.09 -16.25
CA SER E 177 -11.15 -56.89 -15.14
C SER E 177 -11.21 -58.13 -14.24
N ILE E 178 -10.60 -58.05 -13.06
CA ILE E 178 -10.70 -59.18 -12.13
C ILE E 178 -12.03 -59.15 -11.41
N PRO E 179 -12.52 -60.31 -10.94
CA PRO E 179 -13.85 -60.35 -10.31
C PRO E 179 -13.93 -59.53 -9.05
N GLN E 180 -12.81 -59.40 -8.33
CA GLN E 180 -12.80 -58.66 -7.09
C GLN E 180 -13.03 -57.17 -7.29
N ASN E 181 -12.92 -56.67 -8.52
CA ASN E 181 -13.23 -55.25 -8.79
C ASN E 181 -14.72 -55.00 -9.03
N ASP E 182 -15.57 -56.06 -9.10
CA ASP E 182 -17.00 -55.88 -9.25
C ASP E 182 -17.54 -55.03 -8.10
N GLU E 183 -18.32 -54.00 -8.40
CA GLU E 183 -18.96 -53.21 -7.31
C GLU E 183 -20.03 -54.03 -6.58
N GLY E 184 -20.69 -54.92 -7.31
CA GLY E 184 -21.76 -55.69 -6.74
C GLY E 184 -21.99 -56.95 -7.53
N LEU E 185 -23.15 -57.53 -7.34
CA LEU E 185 -23.45 -58.83 -7.88
C LEU E 185 -23.89 -58.72 -9.34
N GLY E 186 -23.14 -59.37 -10.24
CA GLY E 186 -23.49 -59.36 -11.64
C GLY E 186 -22.80 -58.30 -12.46
N PHE E 187 -21.74 -57.69 -11.94
CA PHE E 187 -21.11 -56.52 -12.57
C PHE E 187 -19.94 -56.83 -13.50
N ALA E 188 -19.57 -58.08 -13.72
CA ALA E 188 -18.31 -58.31 -14.45
C ALA E 188 -18.40 -57.81 -15.89
N LEU E 189 -19.54 -58.06 -16.58
CA LEU E 189 -19.71 -57.56 -17.94
C LEU E 189 -19.94 -56.06 -18.00
N ARG E 190 -20.23 -55.41 -16.85
CA ARG E 190 -20.33 -53.97 -16.77
C ARG E 190 -18.97 -53.29 -16.66
N ASN E 191 -17.92 -54.06 -16.41
CA ASN E 191 -16.62 -53.46 -16.13
C ASN E 191 -15.73 -53.46 -17.37
N ILE E 192 -16.20 -52.78 -18.40
CA ILE E 192 -15.49 -52.67 -19.69
C ILE E 192 -15.25 -51.20 -20.00
N MET E 193 -13.97 -50.79 -19.99
N MET E 193 -13.98 -50.81 -20.01
CA MET E 193 -13.58 -49.41 -20.18
CA MET E 193 -13.57 -49.44 -20.25
C MET E 193 -14.13 -48.85 -21.50
C MET E 193 -14.23 -48.89 -21.51
N ALA E 194 -14.68 -47.64 -21.45
CA ALA E 194 -15.27 -47.04 -22.65
C ALA E 194 -14.23 -46.95 -23.76
N ASN E 195 -12.97 -46.66 -23.42
CA ASN E 195 -11.92 -46.67 -24.44
C ASN E 195 -11.79 -48.03 -25.10
N HIS E 196 -11.94 -49.12 -24.33
CA HIS E 196 -11.89 -50.45 -24.95
C HIS E 196 -13.08 -50.64 -25.91
N LEU E 197 -14.27 -50.24 -25.48
CA LEU E 197 -15.45 -50.39 -26.34
C LEU E 197 -15.29 -49.64 -27.66
N ALA E 198 -14.75 -48.43 -27.61
CA ALA E 198 -14.50 -47.70 -28.84
C ALA E 198 -13.56 -48.47 -29.77
N MET E 199 -12.54 -49.15 -29.21
CA MET E 199 -11.63 -49.91 -30.06
C MET E 199 -12.25 -51.22 -30.58
N LEU E 200 -13.03 -51.91 -29.75
CA LEU E 200 -13.77 -53.07 -30.26
C LEU E 200 -14.57 -52.71 -31.51
N SER E 201 -15.19 -51.53 -31.51
CA SER E 201 -16.01 -51.08 -32.62
C SER E 201 -15.22 -50.47 -33.76
N GLN E 202 -13.90 -50.34 -33.63
CA GLN E 202 -13.07 -49.64 -34.62
C GLN E 202 -13.58 -48.22 -34.88
N ARG E 203 -14.13 -47.51 -33.82
CA ARG E 203 -14.63 -46.13 -33.88
C ARG E 203 -15.78 -45.97 -34.87
N ASN E 204 -16.49 -47.09 -35.26
CA ASN E 204 -17.78 -46.97 -35.93
C ASN E 204 -18.81 -46.76 -34.82
N ALA E 205 -19.39 -45.56 -34.75
CA ALA E 205 -20.22 -45.21 -33.60
C ALA E 205 -21.51 -46.01 -33.54
N MET E 206 -22.10 -46.39 -34.69
CA MET E 206 -23.29 -47.24 -34.62
C MET E 206 -22.96 -48.59 -34.03
N ASN E 207 -21.84 -49.15 -34.46
CA ASN E 207 -21.44 -50.45 -33.93
C ASN E 207 -21.03 -50.35 -32.46
N CYS E 208 -20.39 -49.24 -32.08
CA CYS E 208 -20.15 -48.94 -30.67
C CYS E 208 -21.39 -48.98 -29.82
N ALA E 209 -22.45 -48.29 -30.26
CA ALA E 209 -23.67 -48.31 -29.50
C ALA E 209 -24.15 -49.74 -29.30
N ALA E 210 -24.06 -50.55 -30.35
CA ALA E 210 -24.57 -51.93 -30.28
C ALA E 210 -23.72 -52.78 -29.33
N ILE E 211 -22.40 -52.78 -29.52
CA ILE E 211 -21.53 -53.61 -28.68
C ILE E 211 -21.70 -53.22 -27.22
N SER E 212 -21.63 -51.92 -26.93
CA SER E 212 -21.76 -51.47 -25.55
C SER E 212 -23.14 -51.74 -24.96
N SER E 213 -24.22 -51.48 -25.70
CA SER E 213 -25.55 -51.75 -25.17
C SER E 213 -25.74 -53.24 -24.90
N ILE E 214 -25.31 -54.08 -25.83
CA ILE E 214 -25.45 -55.53 -25.63
C ILE E 214 -24.78 -55.94 -24.32
N LEU E 215 -23.51 -55.53 -24.13
CA LEU E 215 -22.78 -56.00 -22.96
C LEU E 215 -23.36 -55.41 -21.68
N GLU E 216 -23.77 -54.15 -21.70
CA GLU E 216 -24.42 -53.56 -20.53
C GLU E 216 -25.65 -54.36 -20.16
N HIS E 217 -26.51 -54.66 -21.14
CA HIS E 217 -27.75 -55.38 -20.80
C HIS E 217 -27.50 -56.82 -20.40
N CYS E 218 -26.47 -57.46 -20.96
CA CYS E 218 -26.08 -58.77 -20.45
C CYS E 218 -25.75 -58.66 -18.96
N GLY E 219 -25.06 -57.59 -18.57
CA GLY E 219 -24.78 -57.38 -17.15
C GLY E 219 -26.03 -57.21 -16.35
N VAL E 220 -26.94 -56.37 -16.82
CA VAL E 220 -28.21 -56.15 -16.12
C VAL E 220 -28.97 -57.45 -15.94
N PHE E 221 -28.96 -58.31 -16.95
CA PHE E 221 -29.59 -59.61 -16.79
C PHE E 221 -28.90 -60.43 -15.70
N GLU E 222 -27.55 -60.43 -15.69
CA GLU E 222 -26.81 -61.18 -14.67
C GLU E 222 -27.05 -60.63 -13.25
N MET E 223 -27.32 -59.33 -13.14
CA MET E 223 -27.67 -58.68 -11.86
C MET E 223 -29.06 -59.05 -11.37
N GLY E 224 -29.86 -59.74 -12.17
CA GLY E 224 -31.21 -60.08 -11.77
C GLY E 224 -32.19 -58.95 -11.93
N GLN E 225 -31.88 -57.98 -12.78
CA GLN E 225 -32.68 -56.76 -12.91
C GLN E 225 -33.41 -56.68 -14.24
N ALA E 226 -33.66 -57.85 -14.83
CA ALA E 226 -34.49 -58.00 -16.04
C ALA E 226 -35.47 -59.17 -15.89
N ILE E 227 -36.10 -59.26 -14.73
CA ILE E 227 -37.06 -60.32 -14.39
C ILE E 227 -38.48 -59.77 -14.48
N GLY E 228 -39.38 -60.59 -15.01
CA GLY E 228 -40.80 -60.20 -15.06
C GLY E 228 -41.00 -59.01 -15.98
N LEU E 229 -41.76 -58.02 -15.51
CA LEU E 229 -42.02 -56.81 -16.31
C LEU E 229 -40.71 -56.11 -16.67
N PHE E 230 -39.69 -56.25 -15.83
CA PHE E 230 -38.41 -55.58 -16.09
C PHE E 230 -37.67 -56.18 -17.28
N GLU E 231 -38.02 -57.38 -17.70
CA GLU E 231 -37.40 -57.94 -18.88
C GLU E 231 -37.82 -57.14 -20.12
N ARG E 232 -39.12 -56.88 -20.26
CA ARG E 232 -39.57 -56.06 -21.40
C ARG E 232 -38.99 -54.65 -21.33
N TYR E 233 -38.93 -54.08 -20.13
CA TYR E 233 -38.35 -52.75 -19.94
C TYR E 233 -36.93 -52.72 -20.47
N GLN E 234 -36.11 -53.69 -20.06
CA GLN E 234 -34.71 -53.70 -20.48
C GLN E 234 -34.56 -54.04 -21.95
N LEU E 235 -35.32 -55.02 -22.45
CA LEU E 235 -35.17 -55.44 -23.85
C LEU E 235 -35.55 -54.32 -24.81
N LEU E 236 -36.60 -53.56 -24.49
CA LEU E 236 -36.96 -52.45 -25.37
C LEU E 236 -35.86 -51.40 -25.38
N ALA E 237 -35.24 -51.13 -24.23
CA ALA E 237 -34.12 -50.19 -24.19
C ALA E 237 -32.95 -50.67 -25.03
N LEU E 238 -32.61 -51.95 -24.90
CA LEU E 238 -31.55 -52.55 -25.71
C LEU E 238 -31.87 -52.37 -27.18
N ALA E 239 -33.06 -52.76 -27.59
CA ALA E 239 -33.43 -52.74 -28.99
C ALA E 239 -33.42 -51.34 -29.57
N TYR E 240 -34.02 -50.38 -28.86
CA TYR E 240 -34.19 -49.04 -29.43
C TYR E 240 -32.95 -48.17 -29.25
N GLN E 241 -32.20 -48.34 -28.16
CA GLN E 241 -30.99 -47.55 -28.00
C GLN E 241 -29.77 -48.19 -28.62
N GLY E 242 -29.62 -49.50 -28.47
CA GLY E 242 -28.42 -50.20 -28.91
C GLY E 242 -28.51 -50.86 -30.27
N LEU E 243 -29.67 -51.35 -30.66
CA LEU E 243 -29.82 -52.14 -31.89
C LEU E 243 -30.52 -51.39 -33.00
N ASN E 244 -30.57 -50.05 -32.92
CA ASN E 244 -31.16 -49.25 -34.00
C ASN E 244 -32.53 -49.78 -34.43
N ALA E 245 -33.36 -50.19 -33.47
CA ALA E 245 -34.67 -50.71 -33.81
C ALA E 245 -35.49 -49.67 -34.55
N ASN E 246 -36.16 -50.12 -35.63
CA ASN E 246 -36.99 -49.26 -36.47
C ASN E 246 -36.21 -48.09 -37.06
N ASN E 247 -34.88 -48.20 -37.05
CA ASN E 247 -33.99 -47.19 -37.61
C ASN E 247 -34.07 -45.85 -36.86
N MET E 248 -34.60 -45.85 -35.63
CA MET E 248 -34.85 -44.59 -34.94
C MET E 248 -33.54 -43.86 -34.61
N VAL E 249 -32.57 -44.54 -33.99
CA VAL E 249 -31.32 -43.85 -33.67
C VAL E 249 -30.66 -43.30 -34.94
N TYR E 250 -30.52 -44.12 -35.96
CA TYR E 250 -29.83 -43.67 -37.17
C TYR E 250 -30.59 -42.51 -37.83
N GLU E 251 -31.91 -42.66 -38.00
CA GLU E 251 -32.69 -41.64 -38.70
C GLU E 251 -32.79 -40.35 -37.91
N MET E 252 -32.96 -40.42 -36.59
CA MET E 252 -33.01 -39.18 -35.81
C MET E 252 -31.66 -38.46 -35.86
N THR E 253 -30.56 -39.20 -35.80
CA THR E 253 -29.26 -38.60 -35.98
C THR E 253 -29.10 -37.96 -37.34
N LYS E 254 -29.49 -38.68 -38.40
CA LYS E 254 -29.38 -38.13 -39.75
C LYS E 254 -30.20 -36.84 -39.89
N ASN E 255 -31.44 -36.85 -39.36
CA ASN E 255 -32.34 -35.72 -39.50
C ASN E 255 -31.80 -34.49 -38.80
N ASN E 256 -31.04 -34.68 -37.71
CA ASN E 256 -30.51 -33.59 -36.90
C ASN E 256 -29.02 -33.35 -37.10
N GLY E 257 -28.40 -34.01 -38.07
CA GLY E 257 -26.95 -34.02 -38.16
C GLY E 257 -26.31 -32.80 -38.74
N LYS E 258 -27.07 -31.99 -39.48
CA LYS E 258 -26.47 -30.82 -40.13
C LYS E 258 -26.62 -29.57 -39.30
N THR E 259 -27.80 -29.32 -38.75
CA THR E 259 -28.05 -28.12 -37.97
C THR E 259 -28.66 -28.40 -36.60
N GLY E 260 -28.79 -29.66 -36.21
CA GLY E 260 -29.49 -29.98 -34.99
C GLY E 260 -28.65 -29.83 -33.73
N THR E 261 -29.34 -29.91 -32.60
CA THR E 261 -28.80 -29.69 -31.28
C THR E 261 -29.46 -30.70 -30.32
N ILE E 262 -28.99 -30.72 -29.08
CA ILE E 262 -29.66 -31.53 -28.05
C ILE E 262 -31.16 -31.24 -28.07
N GLY E 263 -31.53 -29.95 -28.09
CA GLY E 263 -32.94 -29.56 -28.02
C GLY E 263 -33.77 -29.99 -29.21
N THR E 264 -33.20 -29.95 -30.43
CA THR E 264 -34.00 -30.40 -31.57
C THR E 264 -34.20 -31.90 -31.55
N VAL E 265 -33.25 -32.65 -30.98
CA VAL E 265 -33.43 -34.09 -30.82
C VAL E 265 -34.52 -34.37 -29.77
N VAL E 266 -34.57 -33.58 -28.69
CA VAL E 266 -35.68 -33.67 -27.73
C VAL E 266 -36.99 -33.49 -28.47
N GLN E 267 -37.09 -32.45 -29.29
CA GLN E 267 -38.33 -32.16 -29.99
C GLN E 267 -38.71 -33.31 -30.93
N GLU E 268 -37.76 -33.86 -31.68
CA GLU E 268 -38.13 -34.93 -32.61
C GLU E 268 -38.59 -36.18 -31.84
N THR E 269 -37.98 -36.45 -30.69
CA THR E 269 -38.37 -37.63 -29.90
C THR E 269 -39.80 -37.51 -29.40
N VAL E 270 -40.17 -36.34 -28.88
CA VAL E 270 -41.55 -36.13 -28.44
C VAL E 270 -42.53 -36.27 -29.60
N GLY E 271 -42.21 -35.65 -30.74
CA GLY E 271 -43.05 -35.76 -31.92
C GLY E 271 -43.23 -37.18 -32.37
N ARG E 272 -42.16 -37.97 -32.33
CA ARG E 272 -42.27 -39.39 -32.72
C ARG E 272 -43.15 -40.16 -31.74
N ALA E 273 -42.95 -39.93 -30.44
CA ALA E 273 -43.76 -40.63 -29.46
C ALA E 273 -45.23 -40.28 -29.62
N LEU E 274 -45.52 -39.03 -29.91
CA LEU E 274 -46.90 -38.62 -30.11
C LEU E 274 -47.46 -39.21 -31.41
N ASP E 275 -46.72 -39.08 -32.51
CA ASP E 275 -47.19 -39.62 -33.79
C ASP E 275 -47.39 -41.13 -33.73
N ASP E 276 -46.53 -41.83 -32.99
CA ASP E 276 -46.59 -43.28 -32.94
C ASP E 276 -47.56 -43.81 -31.89
N GLY E 277 -48.22 -42.92 -31.15
CA GLY E 277 -49.19 -43.36 -30.18
C GLY E 277 -48.62 -43.76 -28.85
N VAL E 278 -47.33 -43.53 -28.62
CA VAL E 278 -46.68 -43.92 -27.36
C VAL E 278 -47.12 -43.02 -26.22
N ILE E 279 -47.31 -41.72 -26.51
CA ILE E 279 -47.80 -40.75 -25.53
C ILE E 279 -48.99 -40.02 -26.16
N SER E 280 -49.81 -39.40 -25.31
CA SER E 280 -50.92 -38.59 -25.74
C SER E 280 -51.05 -37.39 -24.79
N VAL E 281 -51.73 -36.35 -25.24
CA VAL E 281 -52.06 -35.25 -24.34
C VAL E 281 -52.99 -35.77 -23.26
N ASP E 282 -52.68 -35.41 -22.01
CA ASP E 282 -53.43 -35.83 -20.83
C ASP E 282 -54.36 -34.72 -20.38
N LYS E 283 -53.80 -33.57 -20.02
CA LYS E 283 -54.57 -32.40 -19.60
C LYS E 283 -53.82 -31.16 -20.06
N THR E 284 -54.53 -30.03 -20.10
CA THR E 284 -53.96 -28.74 -20.52
C THR E 284 -54.10 -27.77 -19.36
N MET E 285 -52.99 -27.13 -18.98
CA MET E 285 -53.06 -26.13 -17.93
C MET E 285 -53.56 -24.79 -18.44
N PRO E 286 -53.91 -23.89 -17.52
CA PRO E 286 -54.49 -22.60 -17.95
C PRO E 286 -53.63 -21.82 -18.92
N SER E 287 -52.31 -21.93 -18.81
CA SER E 287 -51.42 -21.22 -19.72
C SER E 287 -51.45 -21.80 -21.11
N GLY E 288 -51.99 -22.99 -21.31
CA GLY E 288 -51.87 -23.69 -22.57
C GLY E 288 -50.88 -24.83 -22.57
N TYR E 289 -50.02 -24.91 -21.54
CA TYR E 289 -49.06 -26.00 -21.44
C TYR E 289 -49.79 -27.34 -21.33
N LYS E 290 -49.34 -28.31 -22.13
CA LYS E 290 -49.96 -29.63 -22.19
C LYS E 290 -49.17 -30.63 -21.36
N VAL E 291 -49.83 -31.26 -20.41
CA VAL E 291 -49.28 -32.42 -19.71
C VAL E 291 -49.57 -33.66 -20.54
N TYR E 292 -48.54 -34.45 -20.81
CA TYR E 292 -48.70 -35.69 -21.55
C TYR E 292 -48.86 -36.87 -20.60
N LYS E 293 -49.38 -37.97 -21.13
CA LYS E 293 -49.39 -39.27 -20.45
C LYS E 293 -48.79 -40.32 -21.35
N ALA E 294 -48.14 -41.31 -20.74
CA ALA E 294 -47.57 -42.45 -21.47
C ALA E 294 -48.61 -43.55 -21.61
N ASN E 295 -48.93 -43.91 -22.86
CA ASN E 295 -49.85 -45.01 -23.09
C ASN E 295 -49.14 -46.35 -22.96
N ASP E 296 -47.85 -46.39 -23.24
CA ASP E 296 -47.02 -47.57 -23.05
C ASP E 296 -45.76 -47.10 -22.34
N VAL E 297 -45.69 -47.35 -21.03
CA VAL E 297 -44.64 -46.78 -20.20
C VAL E 297 -43.26 -47.26 -20.64
N CYS E 298 -43.12 -48.59 -20.84
CA CYS E 298 -41.83 -49.13 -21.24
C CYS E 298 -41.41 -48.61 -22.61
N MET E 299 -42.37 -48.42 -23.51
CA MET E 299 -42.02 -47.93 -24.83
C MET E 299 -41.62 -46.44 -24.77
N TRP E 300 -42.28 -45.64 -23.93
CA TRP E 300 -41.84 -44.26 -23.76
C TRP E 300 -40.38 -44.19 -23.30
N ASN E 301 -40.00 -45.04 -22.35
CA ASN E 301 -38.61 -45.07 -21.94
C ASN E 301 -37.70 -45.41 -23.11
N ALA E 302 -38.10 -46.37 -23.93
CA ALA E 302 -37.25 -46.78 -25.05
C ALA E 302 -37.06 -45.65 -26.05
N TYR E 303 -38.11 -44.87 -26.28
CA TYR E 303 -37.99 -43.69 -27.14
C TYR E 303 -37.03 -42.69 -26.51
N CYS E 304 -37.13 -42.45 -25.20
CA CYS E 304 -36.19 -41.55 -24.55
C CYS E 304 -34.76 -42.08 -24.65
N ALA E 305 -34.58 -43.40 -24.54
CA ALA E 305 -33.25 -43.98 -24.68
C ALA E 305 -32.69 -43.76 -26.07
N ALA E 306 -33.50 -43.98 -27.11
CA ALA E 306 -33.05 -43.71 -28.47
C ALA E 306 -32.73 -42.23 -28.68
N GLY E 307 -33.56 -41.34 -28.13
CA GLY E 307 -33.30 -39.92 -28.23
C GLY E 307 -32.01 -39.51 -27.54
N THR E 308 -31.75 -40.09 -26.36
CA THR E 308 -30.51 -39.80 -25.64
C THR E 308 -29.30 -40.17 -26.48
N MET E 309 -29.33 -41.34 -27.12
CA MET E 309 -28.26 -41.76 -28.03
C MET E 309 -28.12 -40.86 -29.25
N ALA E 310 -29.25 -40.57 -29.93
CA ALA E 310 -29.16 -39.69 -31.10
C ALA E 310 -28.62 -38.32 -30.70
N ALA E 311 -29.05 -37.80 -29.54
CA ALA E 311 -28.57 -36.51 -29.09
C ALA E 311 -27.05 -36.54 -28.86
N THR E 312 -26.54 -37.65 -28.30
CA THR E 312 -25.10 -37.81 -28.16
C THR E 312 -24.43 -37.77 -29.51
N MET E 313 -24.96 -38.53 -30.48
CA MET E 313 -24.34 -38.55 -31.78
C MET E 313 -24.34 -37.16 -32.44
N VAL E 314 -25.44 -36.43 -32.30
CA VAL E 314 -25.56 -35.10 -32.90
C VAL E 314 -24.62 -34.09 -32.21
N ASN E 315 -24.61 -34.08 -30.88
CA ASN E 315 -23.88 -33.05 -30.15
C ASN E 315 -22.40 -33.37 -30.05
N CYS E 316 -22.04 -34.58 -29.61
CA CYS E 316 -20.64 -34.98 -29.66
C CYS E 316 -20.12 -35.10 -31.06
N GLY E 317 -20.96 -35.48 -32.01
CA GLY E 317 -20.51 -35.54 -33.39
C GLY E 317 -20.20 -34.15 -33.94
N ALA E 318 -20.99 -33.15 -33.54
CA ALA E 318 -20.68 -31.80 -34.01
C ALA E 318 -19.39 -31.27 -33.37
N LEU E 319 -19.20 -31.56 -32.09
CA LEU E 319 -17.99 -31.16 -31.38
C LEU E 319 -16.78 -31.98 -31.86
N ARG E 320 -17.03 -33.16 -32.43
CA ARG E 320 -16.01 -34.20 -32.61
C ARG E 320 -15.19 -34.32 -31.33
N GLY E 321 -15.90 -34.38 -30.21
CA GLY E 321 -15.31 -34.43 -28.88
C GLY E 321 -16.17 -35.22 -27.92
N ALA E 322 -15.51 -36.06 -27.10
CA ALA E 322 -16.25 -36.94 -26.21
C ALA E 322 -16.88 -36.19 -25.04
N GLN E 323 -16.31 -35.07 -24.60
CA GLN E 323 -16.67 -34.56 -23.27
C GLN E 323 -18.14 -34.14 -23.19
N ALA E 324 -18.73 -33.75 -24.31
CA ALA E 324 -20.11 -33.28 -24.28
C ALA E 324 -21.12 -34.37 -23.99
N VAL E 325 -20.71 -35.64 -23.92
CA VAL E 325 -21.69 -36.69 -23.63
C VAL E 325 -22.31 -36.50 -22.26
N SER E 326 -21.55 -36.01 -21.26
CA SER E 326 -22.12 -35.93 -19.92
C SER E 326 -23.25 -34.89 -19.88
N SER E 327 -23.06 -33.75 -20.51
CA SER E 327 -24.12 -32.73 -20.53
C SER E 327 -25.26 -33.15 -21.46
N THR E 328 -24.93 -33.85 -22.53
CA THR E 328 -26.01 -34.30 -23.45
C THR E 328 -27.02 -35.23 -22.72
N LEU E 329 -26.51 -36.20 -21.98
CA LEU E 329 -27.42 -37.14 -21.25
C LEU E 329 -28.24 -36.39 -20.20
N LEU E 330 -27.62 -35.40 -19.57
CA LEU E 330 -28.29 -34.61 -18.54
C LEU E 330 -29.41 -33.76 -19.17
N TYR E 331 -29.05 -32.96 -20.16
CA TYR E 331 -30.00 -31.95 -20.70
C TYR E 331 -31.06 -32.55 -21.64
N PHE E 332 -30.72 -33.59 -22.36
CA PHE E 332 -31.79 -34.26 -23.14
C PHE E 332 -32.92 -34.69 -22.19
N ASN E 333 -32.53 -35.32 -21.09
CA ASN E 333 -33.56 -35.87 -20.19
C ASN E 333 -34.21 -34.80 -19.33
N ASP E 334 -33.43 -33.86 -18.82
CA ASP E 334 -34.04 -32.75 -18.09
C ASP E 334 -35.05 -32.01 -18.96
N MET E 335 -34.65 -31.71 -20.19
CA MET E 335 -35.51 -30.92 -21.06
C MET E 335 -36.71 -31.71 -21.60
N ILE E 336 -36.57 -33.02 -21.84
CA ILE E 336 -37.74 -33.75 -22.31
C ILE E 336 -38.79 -33.84 -21.22
N GLU E 337 -38.37 -33.88 -19.95
CA GLU E 337 -39.33 -33.83 -18.84
C GLU E 337 -40.02 -32.48 -18.80
N LYS E 338 -39.27 -31.38 -18.97
CA LYS E 338 -39.90 -30.06 -18.98
C LYS E 338 -40.84 -29.90 -20.16
N GLU E 339 -40.53 -30.55 -21.27
CA GLU E 339 -41.35 -30.44 -22.48
C GLU E 339 -42.66 -31.22 -22.36
N THR E 340 -42.71 -32.28 -21.54
CA THR E 340 -43.85 -33.20 -21.55
C THR E 340 -44.51 -33.43 -20.21
N SER E 341 -43.81 -33.15 -19.10
CA SER E 341 -44.23 -33.58 -17.76
C SER E 341 -44.31 -35.11 -17.62
N LEU E 342 -43.59 -35.81 -18.48
CA LEU E 342 -43.32 -37.22 -18.32
C LEU E 342 -41.88 -37.41 -17.86
N PRO E 343 -41.60 -38.46 -17.08
CA PRO E 343 -40.23 -38.73 -16.66
C PRO E 343 -39.37 -39.16 -17.83
N GLY E 344 -38.08 -38.77 -17.77
CA GLY E 344 -37.13 -39.08 -18.82
C GLY E 344 -36.53 -40.47 -18.68
N CYS E 345 -35.43 -40.69 -19.42
CA CYS E 345 -34.91 -42.03 -19.60
C CYS E 345 -34.47 -42.66 -18.27
N ASP E 346 -34.92 -43.88 -18.02
CA ASP E 346 -34.64 -44.62 -16.78
C ASP E 346 -35.14 -43.84 -15.55
N TRP E 347 -36.20 -43.05 -15.79
CA TRP E 347 -36.98 -42.36 -14.74
C TRP E 347 -36.12 -41.45 -13.87
N GLY E 348 -35.16 -40.77 -14.50
CA GLY E 348 -34.24 -39.87 -13.82
C GLY E 348 -32.85 -40.44 -13.66
N ARG E 349 -32.68 -41.75 -13.85
CA ARG E 349 -31.39 -42.34 -13.57
C ARG E 349 -30.36 -42.09 -14.66
N VAL E 350 -30.77 -41.85 -15.91
CA VAL E 350 -29.79 -41.38 -16.88
C VAL E 350 -29.36 -39.96 -16.53
N GLU E 351 -30.33 -39.09 -16.24
CA GLU E 351 -30.02 -37.72 -15.85
C GLU E 351 -29.13 -37.68 -14.62
N GLY E 352 -29.45 -38.48 -13.59
CA GLY E 352 -28.65 -38.51 -12.37
C GLY E 352 -27.24 -39.01 -12.63
N THR E 353 -27.12 -40.12 -13.36
CA THR E 353 -25.81 -40.58 -13.79
C THR E 353 -25.05 -39.44 -14.46
N ALA E 354 -25.72 -38.71 -15.36
CA ALA E 354 -25.06 -37.65 -16.11
C ALA E 354 -24.64 -36.47 -15.23
N VAL E 355 -25.41 -36.18 -14.19
CA VAL E 355 -25.03 -35.14 -13.24
C VAL E 355 -23.69 -35.47 -12.61
N GLY E 356 -23.58 -36.67 -12.01
CA GLY E 356 -22.34 -37.04 -11.36
C GLY E 356 -21.21 -37.24 -12.35
N PHE E 357 -21.53 -37.78 -13.53
CA PHE E 357 -20.54 -37.97 -14.57
C PHE E 357 -20.02 -36.63 -15.08
N SER E 358 -20.88 -35.63 -15.24
CA SER E 358 -20.40 -34.29 -15.58
C SER E 358 -19.40 -33.78 -14.53
N PHE E 359 -19.81 -33.84 -13.27
CA PHE E 359 -18.96 -33.42 -12.16
C PHE E 359 -17.62 -34.14 -12.20
N PHE E 360 -17.63 -35.47 -12.30
CA PHE E 360 -16.42 -36.28 -12.25
C PHE E 360 -15.67 -36.31 -13.59
N SER E 361 -16.09 -35.50 -14.56
CA SER E 361 -15.29 -35.31 -15.77
C SER E 361 -14.93 -33.84 -15.99
N HIS E 362 -15.10 -33.02 -14.94
CA HIS E 362 -14.79 -31.60 -15.02
C HIS E 362 -14.32 -31.06 -13.67
N SER E 363 -13.83 -31.91 -12.73
CA SER E 363 -13.49 -31.47 -11.39
C SER E 363 -12.19 -32.12 -10.91
N ILE E 364 -11.76 -31.71 -9.71
CA ILE E 364 -10.53 -32.27 -9.13
C ILE E 364 -10.69 -33.67 -8.53
N TYR E 365 -11.90 -34.15 -8.34
CA TYR E 365 -12.10 -35.16 -7.30
C TYR E 365 -11.89 -36.61 -7.73
N GLY E 366 -11.88 -36.90 -9.02
CA GLY E 366 -11.79 -38.27 -9.51
C GLY E 366 -12.26 -38.31 -10.95
N GLY E 367 -12.68 -39.51 -11.39
CA GLY E 367 -13.15 -39.68 -12.75
C GLY E 367 -12.00 -39.50 -13.73
N GLY E 368 -12.23 -38.65 -14.71
CA GLY E 368 -11.32 -38.41 -15.81
C GLY E 368 -12.13 -38.03 -17.05
N GLY E 369 -11.54 -38.19 -18.22
CA GLY E 369 -12.30 -38.03 -19.44
C GLY E 369 -13.23 -39.21 -19.66
N PRO E 370 -14.15 -39.09 -20.61
CA PRO E 370 -15.17 -40.15 -20.77
C PRO E 370 -14.64 -41.55 -20.99
N GLY E 371 -13.45 -41.68 -21.55
CA GLY E 371 -12.90 -42.99 -21.88
C GLY E 371 -12.55 -43.87 -20.69
N VAL E 372 -12.43 -43.28 -19.49
CA VAL E 372 -12.09 -44.06 -18.31
C VAL E 372 -13.29 -44.65 -17.60
N PHE E 373 -14.49 -44.28 -18.00
CA PHE E 373 -15.68 -44.77 -17.31
C PHE E 373 -16.14 -46.10 -17.89
N ASN E 374 -17.07 -46.74 -17.18
CA ASN E 374 -17.61 -48.04 -17.54
C ASN E 374 -18.81 -48.29 -16.65
N GLY E 375 -19.58 -49.33 -17.00
CA GLY E 375 -20.78 -49.63 -16.25
C GLY E 375 -20.56 -50.08 -14.82
N ASN E 376 -19.34 -50.43 -14.44
CA ASN E 376 -19.00 -50.78 -13.06
C ASN E 376 -18.39 -49.61 -12.30
N HIS E 377 -18.09 -48.50 -12.99
CA HIS E 377 -17.50 -47.34 -12.31
C HIS E 377 -18.52 -46.77 -11.33
N VAL E 378 -18.06 -46.38 -10.13
CA VAL E 378 -18.98 -45.84 -9.12
C VAL E 378 -19.78 -44.66 -9.68
N VAL E 379 -19.20 -43.87 -10.58
CA VAL E 379 -19.88 -42.70 -11.09
C VAL E 379 -20.98 -43.07 -12.08
N THR E 380 -20.73 -44.06 -12.95
CA THR E 380 -21.56 -44.30 -14.13
C THR E 380 -22.34 -45.61 -14.10
N ARG E 381 -22.46 -46.27 -12.94
CA ARG E 381 -23.18 -47.54 -12.83
C ARG E 381 -24.70 -47.42 -12.69
N HIS E 382 -25.26 -46.22 -12.49
CA HIS E 382 -26.57 -46.13 -11.85
C HIS E 382 -27.74 -46.41 -12.78
N SER E 383 -27.62 -46.11 -14.06
CA SER E 383 -28.63 -46.53 -15.01
C SER E 383 -28.39 -47.98 -15.41
N THR E 384 -29.47 -48.72 -15.64
CA THR E 384 -29.38 -50.12 -16.08
C THR E 384 -29.14 -50.15 -17.60
N GLY E 385 -27.96 -49.68 -17.99
CA GLY E 385 -27.45 -49.86 -19.33
C GLY E 385 -27.76 -48.78 -20.33
N MET E 386 -28.42 -47.69 -19.92
CA MET E 386 -28.91 -46.69 -20.87
C MET E 386 -28.02 -45.45 -20.93
N ALA E 387 -26.89 -45.44 -20.21
CA ALA E 387 -25.94 -44.31 -20.23
C ALA E 387 -24.61 -44.67 -20.86
N ILE E 388 -23.99 -45.77 -20.43
CA ILE E 388 -22.67 -46.12 -20.92
C ILE E 388 -22.60 -46.28 -22.43
N PRO E 389 -23.58 -46.88 -23.12
CA PRO E 389 -23.44 -46.95 -24.59
C PRO E 389 -23.26 -45.60 -25.22
N CYS E 390 -23.88 -44.57 -24.66
CA CYS E 390 -23.71 -43.21 -25.17
C CYS E 390 -22.29 -42.71 -24.91
N VAL E 391 -21.76 -43.01 -23.73
CA VAL E 391 -20.38 -42.66 -23.40
C VAL E 391 -19.41 -43.28 -24.41
N ALA E 392 -19.54 -44.58 -24.65
CA ALA E 392 -18.66 -45.26 -25.60
C ALA E 392 -18.75 -44.61 -26.99
N VAL E 393 -19.97 -44.29 -27.44
CA VAL E 393 -20.17 -43.62 -28.72
C VAL E 393 -19.45 -42.28 -28.77
N ALA E 394 -19.56 -41.51 -27.70
CA ALA E 394 -18.88 -40.22 -27.66
C ALA E 394 -17.37 -40.39 -27.72
N VAL E 395 -16.82 -41.38 -27.00
CA VAL E 395 -15.41 -41.68 -27.10
C VAL E 395 -15.02 -42.01 -28.54
N ALA E 396 -15.86 -42.78 -29.23
CA ALA E 396 -15.57 -43.17 -30.61
C ALA E 396 -15.58 -41.97 -31.56
N LEU E 397 -16.43 -40.97 -31.30
CA LEU E 397 -16.59 -39.81 -32.19
C LEU E 397 -15.51 -38.75 -31.99
N ASP E 398 -14.74 -38.84 -30.92
CA ASP E 398 -13.75 -37.83 -30.61
C ASP E 398 -12.63 -37.83 -31.64
N ALA E 399 -12.27 -36.65 -32.15
CA ALA E 399 -11.28 -36.50 -33.21
C ALA E 399 -9.88 -36.19 -32.68
N GLY E 400 -9.71 -36.14 -31.38
CA GLY E 400 -8.39 -35.96 -30.80
C GLY E 400 -8.29 -34.96 -29.69
N THR E 401 -9.29 -34.87 -28.82
CA THR E 401 -9.27 -33.83 -27.75
C THR E 401 -8.89 -34.45 -26.39
N GLN E 402 -8.78 -35.77 -26.33
CA GLN E 402 -8.57 -36.44 -25.01
C GLN E 402 -7.11 -36.79 -24.74
N MET E 403 -6.71 -36.74 -23.46
N MET E 403 -6.71 -36.74 -23.46
CA MET E 403 -5.34 -37.19 -23.09
CA MET E 403 -5.35 -37.19 -23.10
C MET E 403 -5.36 -38.71 -22.93
C MET E 403 -5.37 -38.71 -22.94
N PHE E 404 -6.39 -39.25 -22.29
CA PHE E 404 -6.52 -40.72 -22.09
C PHE E 404 -7.45 -41.20 -23.20
N SER E 405 -6.87 -41.50 -24.35
CA SER E 405 -7.64 -41.78 -25.55
C SER E 405 -7.61 -43.27 -25.86
N PRO E 406 -8.45 -43.72 -26.78
CA PRO E 406 -8.42 -45.15 -27.12
C PRO E 406 -7.06 -45.60 -27.59
N GLU E 407 -6.41 -44.76 -28.41
CA GLU E 407 -5.10 -45.11 -28.95
C GLU E 407 -4.03 -45.13 -27.87
N SER E 408 -4.24 -44.41 -26.76
CA SER E 408 -3.21 -44.35 -25.72
C SER E 408 -3.43 -45.33 -24.58
N THR E 409 -4.63 -45.87 -24.41
CA THR E 409 -4.92 -46.83 -23.34
C THR E 409 -5.35 -48.20 -23.83
N SER E 410 -5.74 -48.33 -25.09
CA SER E 410 -6.43 -49.53 -25.57
C SER E 410 -5.91 -49.99 -26.94
N ALA E 411 -4.68 -49.61 -27.31
CA ALA E 411 -4.17 -49.94 -28.63
C ALA E 411 -4.21 -51.43 -28.91
N ILE E 412 -3.82 -52.25 -27.92
CA ILE E 412 -3.78 -53.69 -28.16
C ILE E 412 -5.20 -54.25 -28.34
N VAL E 413 -6.21 -53.61 -27.76
CA VAL E 413 -7.58 -54.07 -27.96
C VAL E 413 -7.98 -53.95 -29.42
N LEU E 414 -7.59 -52.86 -30.07
CA LEU E 414 -7.92 -52.70 -31.48
C LEU E 414 -7.33 -53.83 -32.30
N ASP E 415 -6.04 -54.10 -32.11
CA ASP E 415 -5.41 -55.15 -32.90
C ASP E 415 -6.02 -56.51 -32.61
N THR E 416 -6.43 -56.76 -31.36
CA THR E 416 -6.90 -58.08 -30.98
C THR E 416 -8.27 -58.39 -31.59
N PHE E 417 -9.15 -57.38 -31.70
CA PHE E 417 -10.52 -57.64 -32.12
C PHE E 417 -10.85 -57.10 -33.51
N GLN E 418 -9.86 -56.58 -34.23
CA GLN E 418 -10.10 -55.95 -35.52
C GLN E 418 -10.69 -56.89 -36.58
N ASP E 419 -10.39 -58.18 -36.51
N ASP E 419 -10.42 -58.19 -36.45
CA ASP E 419 -10.93 -59.13 -37.48
CA ASP E 419 -10.90 -59.18 -37.46
C ASP E 419 -11.92 -60.12 -36.85
C ASP E 419 -11.86 -60.18 -36.81
N VAL E 420 -12.49 -59.79 -35.71
CA VAL E 420 -13.44 -60.65 -35.01
C VAL E 420 -14.84 -60.31 -35.50
N PRO E 421 -15.53 -61.23 -36.18
CA PRO E 421 -16.78 -60.84 -36.88
C PRO E 421 -17.85 -60.18 -36.02
N ILE E 422 -18.05 -60.63 -34.78
CA ILE E 422 -19.12 -60.07 -33.96
C ILE E 422 -18.85 -58.61 -33.64
N MET E 423 -17.57 -58.22 -33.60
CA MET E 423 -17.24 -56.83 -33.28
C MET E 423 -17.19 -55.96 -34.54
N MET E 424 -16.95 -56.57 -35.70
CA MET E 424 -16.88 -55.85 -36.98
C MET E 424 -18.27 -55.45 -37.46
N ASN E 425 -19.29 -56.30 -37.22
CA ASN E 425 -20.64 -56.04 -37.74
C ASN E 425 -21.68 -56.53 -36.75
N PRO E 426 -21.71 -55.98 -35.54
CA PRO E 426 -22.64 -56.54 -34.54
C PRO E 426 -24.09 -56.54 -34.95
N LEU E 427 -24.58 -55.47 -35.60
CA LEU E 427 -25.99 -55.44 -35.95
C LEU E 427 -26.34 -56.49 -36.99
N LYS E 428 -25.46 -56.69 -37.99
CA LYS E 428 -25.71 -57.74 -38.97
C LYS E 428 -25.68 -59.12 -38.34
N GLU E 429 -24.76 -59.36 -37.41
CA GLU E 429 -24.69 -60.67 -36.78
C GLU E 429 -25.89 -60.93 -35.87
N VAL E 430 -26.33 -59.91 -35.12
CA VAL E 430 -27.51 -60.08 -34.29
C VAL E 430 -28.73 -60.42 -35.14
N ALA E 431 -28.91 -59.70 -36.25
CA ALA E 431 -30.06 -59.97 -37.12
C ALA E 431 -29.96 -61.35 -37.76
N ALA E 432 -28.76 -61.74 -38.23
CA ALA E 432 -28.59 -63.03 -38.88
C ALA E 432 -28.82 -64.20 -37.93
N ALA E 433 -28.64 -63.99 -36.62
CA ALA E 433 -28.86 -65.02 -35.63
C ALA E 433 -30.33 -65.25 -35.34
N VAL E 434 -31.19 -64.31 -35.69
CA VAL E 434 -32.61 -64.49 -35.48
C VAL E 434 -33.16 -65.67 -36.29
N ALA F 2 -43.81 -30.52 -38.22
CA ALA F 2 -42.92 -30.95 -37.15
C ALA F 2 -43.50 -30.57 -35.80
N TYR F 3 -43.01 -31.22 -34.77
CA TYR F 3 -43.52 -30.98 -33.42
C TYR F 3 -43.22 -29.53 -33.02
N THR F 4 -44.20 -28.87 -32.41
CA THR F 4 -44.05 -27.50 -31.93
C THR F 4 -43.68 -27.51 -30.45
N PRO F 5 -42.50 -27.06 -30.06
CA PRO F 5 -42.14 -27.12 -28.64
C PRO F 5 -42.91 -26.13 -27.81
N GLN F 6 -43.19 -26.53 -26.56
CA GLN F 6 -43.79 -25.64 -25.56
C GLN F 6 -42.83 -25.29 -24.42
N TYR F 7 -41.76 -26.07 -24.25
CA TYR F 7 -40.60 -25.81 -23.41
C TYR F 7 -40.79 -25.92 -21.90
N TYR F 8 -41.77 -25.23 -21.34
CA TYR F 8 -41.84 -25.08 -19.88
C TYR F 8 -43.22 -24.57 -19.49
N PRO F 9 -43.77 -25.01 -18.35
CA PRO F 9 -45.08 -24.51 -17.90
C PRO F 9 -44.96 -23.14 -17.25
N GLY F 10 -46.09 -22.66 -16.74
CA GLY F 10 -46.11 -21.39 -16.04
C GLY F 10 -46.71 -20.26 -16.85
N SER F 11 -47.39 -19.35 -16.16
CA SER F 11 -48.07 -18.23 -16.80
C SER F 11 -47.57 -16.85 -16.39
N SER F 12 -46.72 -16.72 -15.38
CA SER F 12 -46.23 -15.40 -15.02
C SER F 12 -45.20 -14.90 -16.03
N HIS F 13 -44.83 -13.63 -15.91
CA HIS F 13 -43.82 -13.10 -16.81
C HIS F 13 -42.46 -13.74 -16.60
N VAL F 14 -42.21 -14.29 -15.42
CA VAL F 14 -40.97 -15.04 -15.18
C VAL F 14 -40.97 -16.31 -16.03
N ALA F 15 -42.10 -17.01 -16.09
CA ALA F 15 -42.21 -18.19 -16.95
C ALA F 15 -42.05 -17.81 -18.42
N VAL F 16 -42.63 -16.68 -18.83
CA VAL F 16 -42.45 -16.19 -20.20
C VAL F 16 -40.97 -15.98 -20.47
N ASN F 17 -40.25 -15.38 -19.51
CA ASN F 17 -38.83 -15.15 -19.69
C ASN F 17 -38.07 -16.47 -19.81
N ARG F 18 -38.44 -17.46 -19.00
CA ARG F 18 -37.77 -18.75 -19.07
C ARG F 18 -37.92 -19.36 -20.45
N ARG F 19 -39.11 -19.24 -21.03
CA ARG F 19 -39.35 -19.76 -22.37
C ARG F 19 -38.58 -18.94 -23.42
N LYS F 20 -38.38 -17.63 -23.21
N LYS F 20 -38.37 -17.65 -23.17
CA LYS F 20 -37.54 -16.89 -24.12
CA LYS F 20 -37.55 -16.86 -24.12
C LYS F 20 -36.11 -17.39 -24.10
C LYS F 20 -36.11 -17.38 -24.09
N HIS F 21 -35.57 -17.65 -22.91
CA HIS F 21 -34.21 -18.16 -22.81
C HIS F 21 -34.09 -19.52 -23.47
N MET F 22 -35.05 -20.41 -23.22
CA MET F 22 -34.98 -21.74 -23.82
C MET F 22 -35.07 -21.67 -25.33
N SER F 23 -36.02 -20.89 -25.83
CA SER F 23 -36.27 -20.79 -27.27
C SER F 23 -35.23 -19.94 -28.00
N GLY F 24 -34.37 -19.24 -27.27
CA GLY F 24 -33.36 -18.39 -27.88
C GLY F 24 -33.88 -17.05 -28.33
N ASP F 25 -35.12 -16.70 -27.99
N ASP F 25 -35.10 -16.70 -27.98
CA ASP F 25 -35.72 -15.42 -28.37
CA ASP F 25 -35.70 -15.42 -28.40
C ASP F 25 -35.37 -14.36 -27.32
C ASP F 25 -35.38 -14.35 -27.35
N VAL F 26 -34.11 -13.95 -27.34
CA VAL F 26 -33.56 -13.03 -26.36
C VAL F 26 -33.12 -11.74 -27.06
N GLU F 27 -33.56 -10.61 -26.51
CA GLU F 27 -33.33 -9.30 -27.11
C GLU F 27 -31.85 -8.93 -27.00
N LYS F 28 -31.30 -8.32 -28.03
CA LYS F 28 -29.93 -7.81 -27.95
C LYS F 28 -29.94 -6.45 -27.27
N LEU F 29 -29.13 -6.27 -26.24
CA LEU F 29 -29.10 -5.04 -25.47
C LEU F 29 -27.79 -4.30 -25.55
N ARG F 30 -26.74 -4.91 -26.08
CA ARG F 30 -25.46 -4.24 -26.09
C ARG F 30 -24.59 -4.88 -27.17
N THR F 31 -23.50 -4.20 -27.48
CA THR F 31 -22.51 -4.69 -28.42
C THR F 31 -21.16 -4.84 -27.71
N VAL F 32 -20.52 -5.98 -27.90
CA VAL F 32 -19.17 -6.23 -27.42
C VAL F 32 -18.35 -6.65 -28.64
N SER F 33 -17.25 -5.92 -28.87
CA SER F 33 -16.42 -6.22 -30.02
C SER F 33 -15.72 -7.57 -29.86
N ASP F 34 -15.35 -8.15 -31.01
CA ASP F 34 -14.61 -9.40 -31.02
C ASP F 34 -13.35 -9.32 -30.16
N ASP F 35 -12.54 -8.27 -30.36
CA ASP F 35 -11.29 -8.16 -29.63
C ASP F 35 -11.52 -8.00 -28.13
N ASP F 36 -12.54 -7.23 -27.74
CA ASP F 36 -12.82 -7.06 -26.33
C ASP F 36 -13.25 -8.39 -25.70
N LEU F 37 -14.11 -9.15 -26.39
CA LEU F 37 -14.57 -10.41 -25.83
C LEU F 37 -13.42 -11.40 -25.75
N VAL F 38 -12.58 -11.48 -26.79
CA VAL F 38 -11.44 -12.39 -26.71
C VAL F 38 -10.52 -12.02 -25.57
N ALA F 39 -10.29 -10.73 -25.36
CA ALA F 39 -9.43 -10.31 -24.25
C ALA F 39 -10.02 -10.72 -22.91
N ALA F 40 -11.34 -10.55 -22.76
CA ALA F 40 -11.99 -10.93 -21.52
C ALA F 40 -11.91 -12.44 -21.27
N LEU F 41 -12.05 -13.24 -22.34
CA LEU F 41 -12.07 -14.71 -22.17
C LEU F 41 -10.68 -15.24 -21.80
N GLY F 42 -9.61 -14.58 -22.26
CA GLY F 42 -8.26 -14.87 -21.79
C GLY F 42 -7.56 -16.09 -22.37
N HIS F 43 -8.05 -16.65 -23.49
CA HIS F 43 -7.47 -17.87 -24.05
C HIS F 43 -6.45 -17.61 -25.15
N ARG F 44 -6.47 -16.43 -25.76
CA ARG F 44 -5.49 -16.09 -26.80
C ARG F 44 -5.49 -14.58 -26.94
N ALA F 45 -4.42 -14.05 -27.53
CA ALA F 45 -4.38 -12.61 -27.76
C ALA F 45 -5.39 -12.20 -28.82
N PRO F 46 -6.07 -11.07 -28.65
CA PRO F 46 -6.96 -10.61 -29.71
C PRO F 46 -6.21 -10.57 -31.03
N GLY F 47 -6.83 -11.13 -32.06
CA GLY F 47 -6.25 -11.14 -33.39
C GLY F 47 -5.32 -12.31 -33.67
N ALA F 48 -4.93 -13.08 -32.66
CA ALA F 48 -4.02 -14.20 -32.84
C ALA F 48 -4.74 -15.37 -33.48
N ASP F 49 -4.00 -16.17 -34.25
CA ASP F 49 -4.56 -17.39 -34.80
C ASP F 49 -5.07 -18.29 -33.68
N TYR F 50 -6.11 -19.06 -33.98
CA TYR F 50 -6.60 -20.04 -33.02
C TYR F 50 -5.58 -21.16 -32.84
N PRO F 51 -5.11 -21.44 -31.63
CA PRO F 51 -4.30 -22.63 -31.42
C PRO F 51 -5.09 -23.87 -31.74
N SER F 52 -4.39 -24.96 -31.93
CA SER F 52 -5.05 -26.23 -32.20
CA SER F 52 -5.00 -26.23 -32.11
C SER F 52 -4.70 -27.26 -31.14
N THR F 53 -5.63 -28.20 -30.92
CA THR F 53 -5.33 -29.38 -30.12
C THR F 53 -5.12 -30.62 -30.97
N HIS F 54 -5.61 -30.62 -32.20
CA HIS F 54 -5.34 -31.70 -33.14
C HIS F 54 -5.43 -31.11 -34.53
N PRO F 55 -4.95 -31.82 -35.55
CA PRO F 55 -4.94 -31.25 -36.91
C PRO F 55 -6.35 -31.09 -37.45
N PRO F 56 -6.55 -30.24 -38.45
CA PRO F 56 -7.88 -30.09 -39.05
C PRO F 56 -8.37 -31.44 -39.59
N LEU F 57 -9.68 -31.65 -39.51
CA LEU F 57 -10.24 -32.94 -39.95
C LEU F 57 -9.86 -33.25 -41.39
N ALA F 58 -9.89 -32.24 -42.25
CA ALA F 58 -9.58 -32.46 -43.66
C ALA F 58 -8.15 -32.90 -43.88
N GLU F 59 -7.25 -32.59 -42.96
CA GLU F 59 -5.85 -32.94 -43.17
C GLU F 59 -5.56 -34.35 -42.68
N MET F 60 -6.12 -34.73 -41.54
CA MET F 60 -5.81 -36.04 -40.97
C MET F 60 -6.78 -37.12 -41.41
N GLY F 61 -7.94 -36.77 -41.95
CA GLY F 61 -8.93 -37.75 -42.29
C GLY F 61 -9.61 -38.29 -41.04
N GLU F 62 -10.62 -39.13 -41.25
CA GLU F 62 -11.41 -39.65 -40.14
C GLU F 62 -11.69 -41.14 -40.32
N PRO F 63 -11.93 -41.87 -39.22
CA PRO F 63 -12.37 -43.25 -39.34
C PRO F 63 -13.65 -43.35 -40.15
N ASP F 64 -13.83 -44.52 -40.76
CA ASP F 64 -15.03 -44.81 -41.54
C ASP F 64 -16.13 -45.02 -40.53
N CYS F 65 -16.94 -44.01 -40.29
CA CYS F 65 -18.00 -44.05 -39.29
C CYS F 65 -19.25 -43.44 -39.92
N PRO F 66 -20.37 -44.17 -39.93
CA PRO F 66 -21.59 -43.61 -40.53
C PRO F 66 -22.09 -42.38 -39.80
N VAL F 67 -21.84 -42.27 -38.49
CA VAL F 67 -22.28 -41.09 -37.75
C VAL F 67 -21.44 -39.88 -38.13
N ARG F 68 -20.11 -40.03 -38.12
CA ARG F 68 -19.27 -38.93 -38.58
C ARG F 68 -19.67 -38.46 -39.99
N GLN F 69 -20.04 -39.40 -40.84
CA GLN F 69 -20.36 -39.08 -42.22
C GLN F 69 -21.70 -38.39 -42.37
N MET F 70 -22.57 -38.37 -41.34
CA MET F 70 -23.80 -37.61 -41.46
C MET F 70 -23.98 -36.51 -40.42
N VAL F 71 -23.02 -36.29 -39.53
CA VAL F 71 -23.09 -35.23 -38.55
C VAL F 71 -22.02 -34.22 -38.93
N GLU F 72 -22.44 -33.00 -39.27
CA GLU F 72 -21.51 -31.97 -39.72
C GLU F 72 -20.71 -31.43 -38.54
N PRO F 73 -19.38 -31.41 -38.61
CA PRO F 73 -18.62 -30.77 -37.54
C PRO F 73 -18.87 -29.28 -37.50
N THR F 74 -18.82 -28.71 -36.29
CA THR F 74 -18.84 -27.26 -36.18
C THR F 74 -17.59 -26.68 -36.85
N PRO F 75 -17.58 -25.37 -37.12
CA PRO F 75 -16.35 -24.78 -37.67
C PRO F 75 -15.13 -24.98 -36.76
N GLY F 76 -15.29 -24.87 -35.45
CA GLY F 76 -14.16 -25.09 -34.56
C GLY F 76 -13.66 -26.53 -34.56
N ALA F 77 -14.58 -27.50 -34.68
CA ALA F 77 -14.17 -28.90 -34.73
C ALA F 77 -13.45 -29.21 -36.03
N ALA F 78 -13.96 -28.69 -37.15
CA ALA F 78 -13.29 -28.87 -38.43
C ALA F 78 -11.86 -28.37 -38.39
N ALA F 79 -11.63 -27.25 -37.69
CA ALA F 79 -10.32 -26.62 -37.63
C ALA F 79 -9.40 -27.24 -36.59
N GLY F 80 -9.94 -28.01 -35.66
CA GLY F 80 -9.11 -28.60 -34.63
C GLY F 80 -8.85 -27.71 -33.45
N ASP F 81 -9.71 -26.71 -33.19
CA ASP F 81 -9.50 -25.80 -32.07
C ASP F 81 -9.41 -26.54 -30.73
N ARG F 82 -8.68 -25.95 -29.79
CA ARG F 82 -8.82 -26.38 -28.41
C ARG F 82 -10.27 -26.23 -27.97
N VAL F 83 -10.67 -27.05 -27.01
CA VAL F 83 -11.89 -26.85 -26.27
C VAL F 83 -11.58 -25.83 -25.17
N ARG F 84 -12.22 -24.67 -25.23
CA ARG F 84 -12.11 -23.62 -24.23
C ARG F 84 -13.53 -23.31 -23.68
N TYR F 85 -13.67 -22.26 -22.89
CA TYR F 85 -14.90 -22.09 -22.14
C TYR F 85 -15.21 -20.62 -21.89
N SER F 86 -16.48 -20.37 -21.60
CA SER F 86 -16.94 -19.16 -20.95
C SER F 86 -17.68 -19.58 -19.69
N GLN F 87 -17.57 -18.79 -18.65
CA GLN F 87 -18.24 -19.12 -17.39
C GLN F 87 -18.83 -17.85 -16.77
N PHE F 88 -20.11 -17.92 -16.43
CA PHE F 88 -20.86 -16.81 -15.83
C PHE F 88 -21.40 -17.14 -14.44
N THR F 89 -21.38 -16.11 -13.60
CA THR F 89 -22.05 -16.09 -12.31
C THR F 89 -23.17 -15.05 -12.38
N ASP F 90 -24.33 -15.37 -11.77
CA ASP F 90 -25.53 -14.55 -11.82
C ASP F 90 -26.10 -14.35 -10.41
N SER F 91 -26.38 -13.10 -10.05
CA SER F 91 -26.92 -12.81 -8.73
C SER F 91 -28.31 -13.38 -8.56
N MET F 92 -28.58 -13.87 -7.34
CA MET F 92 -29.93 -14.21 -6.93
C MET F 92 -30.83 -13.02 -6.73
N TYR F 93 -30.29 -11.79 -6.73
CA TYR F 93 -31.10 -10.57 -6.64
C TYR F 93 -31.58 -10.17 -8.02
N SER F 94 -32.37 -11.06 -8.62
CA SER F 94 -33.09 -10.78 -9.86
C SER F 94 -32.19 -10.57 -11.07
N ALA F 95 -31.03 -11.21 -11.13
CA ALA F 95 -30.32 -11.21 -12.40
C ALA F 95 -31.21 -11.80 -13.50
N PRO F 96 -31.10 -11.38 -14.76
CA PRO F 96 -31.90 -11.98 -15.81
C PRO F 96 -31.77 -13.49 -15.91
N SER F 97 -30.55 -14.01 -15.76
CA SER F 97 -30.32 -15.43 -15.96
C SER F 97 -30.22 -16.21 -14.66
N ILE F 98 -30.58 -17.49 -14.77
CA ILE F 98 -30.38 -18.45 -13.67
C ILE F 98 -29.64 -19.62 -14.30
N PRO F 99 -28.76 -20.32 -13.56
CA PRO F 99 -27.87 -21.31 -14.18
C PRO F 99 -28.49 -22.38 -15.12
N TYR F 100 -29.56 -23.05 -14.70
CA TYR F 100 -30.13 -24.14 -15.54
C TYR F 100 -30.62 -23.57 -16.86
N PHE F 101 -31.18 -22.34 -16.84
CA PHE F 101 -31.77 -21.76 -18.08
C PHE F 101 -30.65 -21.28 -19.01
N ARG F 102 -29.49 -20.94 -18.47
CA ARG F 102 -28.31 -20.66 -19.33
C ARG F 102 -27.92 -21.97 -20.03
N SER F 103 -27.99 -23.07 -19.29
CA SER F 103 -27.63 -24.36 -19.91
C SER F 103 -28.66 -24.80 -20.95
N TYR F 104 -29.95 -24.60 -20.66
CA TYR F 104 -30.97 -24.92 -21.67
C TYR F 104 -30.81 -24.04 -22.91
N TYR F 105 -30.55 -22.73 -22.72
CA TYR F 105 -30.29 -21.86 -23.86
C TYR F 105 -29.17 -22.44 -24.74
N ALA F 106 -28.09 -22.88 -24.11
CA ALA F 106 -26.98 -23.44 -24.86
C ALA F 106 -27.38 -24.73 -25.57
N ALA F 107 -28.03 -25.64 -24.84
CA ALA F 107 -28.31 -26.99 -25.37
C ALA F 107 -29.38 -26.96 -26.47
N ILE F 108 -30.27 -26.00 -26.44
CA ILE F 108 -31.32 -25.94 -27.45
C ILE F 108 -30.82 -25.24 -28.72
N ASN F 109 -30.05 -24.16 -28.55
CA ASN F 109 -29.81 -23.23 -29.65
C ASN F 109 -28.42 -23.29 -30.24
N PHE F 110 -27.54 -24.13 -29.70
CA PHE F 110 -26.13 -24.16 -30.19
C PHE F 110 -25.67 -25.60 -30.41
N ARG F 111 -24.84 -25.81 -31.43
N ARG F 111 -24.83 -25.81 -31.43
CA ARG F 111 -24.35 -27.17 -31.77
CA ARG F 111 -24.35 -27.17 -31.78
C ARG F 111 -22.99 -27.44 -31.13
C ARG F 111 -22.99 -27.44 -31.15
N GLY F 112 -22.74 -28.67 -30.71
CA GLY F 112 -21.41 -29.06 -30.21
C GLY F 112 -21.01 -28.31 -28.95
N VAL F 113 -21.91 -28.27 -27.97
CA VAL F 113 -21.63 -27.54 -26.74
C VAL F 113 -21.71 -28.48 -25.54
N ASP F 114 -20.94 -28.11 -24.50
CA ASP F 114 -20.84 -28.89 -23.25
C ASP F 114 -21.17 -27.96 -22.08
N PRO F 115 -22.45 -27.70 -21.83
CA PRO F 115 -22.82 -26.79 -20.74
C PRO F 115 -22.81 -27.51 -19.42
N GLY F 116 -22.48 -26.76 -18.35
CA GLY F 116 -22.56 -27.29 -17.00
C GLY F 116 -23.21 -26.29 -16.06
N THR F 117 -24.09 -26.80 -15.20
CA THR F 117 -24.86 -25.99 -14.26
C THR F 117 -24.43 -26.24 -12.82
N LEU F 118 -24.19 -25.16 -12.09
CA LEU F 118 -23.85 -25.17 -10.68
C LEU F 118 -24.58 -23.98 -10.05
N SER F 119 -24.53 -23.88 -8.72
CA SER F 119 -25.26 -22.80 -8.08
C SER F 119 -24.60 -21.44 -8.32
N GLY F 120 -23.27 -21.38 -8.22
CA GLY F 120 -22.57 -20.07 -8.29
C GLY F 120 -21.79 -19.85 -9.57
N ARG F 121 -21.97 -20.72 -10.54
CA ARG F 121 -21.21 -20.65 -11.82
C ARG F 121 -21.96 -21.49 -12.85
N GLN F 122 -21.94 -21.04 -14.10
CA GLN F 122 -22.51 -21.84 -15.21
C GLN F 122 -21.45 -21.78 -16.32
N ILE F 123 -21.11 -22.92 -16.92
CA ILE F 123 -20.02 -22.97 -17.88
C ILE F 123 -20.52 -23.50 -19.21
N VAL F 124 -19.95 -23.01 -20.28
CA VAL F 124 -20.09 -23.57 -21.62
C VAL F 124 -18.70 -23.86 -22.14
N GLU F 125 -18.40 -25.15 -22.35
CA GLU F 125 -17.19 -25.56 -23.03
C GLU F 125 -17.55 -25.92 -24.48
N ALA F 126 -16.71 -25.49 -25.42
CA ALA F 126 -16.87 -25.84 -26.83
C ALA F 126 -15.56 -25.56 -27.53
N ARG F 127 -15.47 -25.98 -28.78
CA ARG F 127 -14.32 -25.56 -29.55
C ARG F 127 -14.23 -24.04 -29.51
N GLU F 128 -13.00 -23.53 -29.41
CA GLU F 128 -12.78 -22.13 -29.08
C GLU F 128 -13.64 -21.17 -29.90
N ARG F 129 -13.59 -21.23 -31.24
CA ARG F 129 -14.34 -20.21 -32.04
C ARG F 129 -15.87 -20.37 -31.86
N ASP F 130 -16.36 -21.59 -31.65
CA ASP F 130 -17.80 -21.82 -31.39
C ASP F 130 -18.17 -21.28 -30.00
N MET F 131 -17.31 -21.54 -29.02
CA MET F 131 -17.53 -21.04 -27.64
C MET F 131 -17.64 -19.50 -27.69
N GLU F 132 -16.75 -18.86 -28.46
CA GLU F 132 -16.76 -17.40 -28.53
C GLU F 132 -18.11 -16.92 -29.07
N ALA F 133 -18.58 -17.56 -30.14
CA ALA F 133 -19.84 -17.11 -30.73
C ALA F 133 -21.01 -17.31 -29.75
N GLN F 134 -20.98 -18.41 -28.99
CA GLN F 134 -22.05 -18.65 -28.04
C GLN F 134 -22.00 -17.65 -26.90
N CYS F 135 -20.79 -17.34 -26.41
CA CYS F 135 -20.63 -16.34 -25.36
C CYS F 135 -21.05 -14.97 -25.84
N LYS F 136 -20.71 -14.62 -27.08
N LYS F 136 -20.69 -14.61 -27.07
CA LYS F 136 -21.12 -13.32 -27.61
CA LYS F 136 -21.12 -13.32 -27.60
C LYS F 136 -22.63 -13.19 -27.64
C LYS F 136 -22.64 -13.21 -27.59
N ALA F 137 -23.33 -14.25 -28.05
CA ALA F 137 -24.78 -14.21 -28.06
C ALA F 137 -25.34 -14.02 -26.65
N ALA F 138 -24.80 -14.73 -25.68
CA ALA F 138 -25.30 -14.58 -24.32
C ALA F 138 -25.00 -13.20 -23.75
N ILE F 139 -23.75 -12.74 -23.89
CA ILE F 139 -23.32 -11.52 -23.18
C ILE F 139 -23.91 -10.26 -23.78
N GLU F 140 -24.29 -10.29 -25.07
CA GLU F 140 -24.90 -9.14 -25.71
C GLU F 140 -26.39 -9.08 -25.46
N SER F 141 -26.99 -10.15 -24.92
CA SER F 141 -28.42 -10.29 -24.86
C SER F 141 -28.97 -9.87 -23.49
N GLU F 142 -30.30 -9.89 -23.38
CA GLU F 142 -30.96 -9.61 -22.13
C GLU F 142 -30.74 -10.69 -21.07
N MET F 143 -30.09 -11.79 -21.44
CA MET F 143 -29.68 -12.77 -20.43
C MET F 143 -28.60 -12.22 -19.52
N THR F 144 -28.02 -11.07 -19.85
CA THR F 144 -26.93 -10.50 -19.09
C THR F 144 -27.26 -9.08 -18.68
N CYS F 145 -27.10 -8.80 -17.38
CA CYS F 145 -26.87 -7.45 -16.86
C CYS F 145 -25.43 -7.42 -16.38
N PRO F 146 -24.60 -6.46 -16.80
CA PRO F 146 -23.17 -6.53 -16.42
C PRO F 146 -22.88 -6.22 -14.98
N ALA F 147 -23.87 -5.74 -14.20
CA ALA F 147 -23.69 -5.59 -12.75
C ALA F 147 -24.11 -6.85 -11.99
N LEU F 148 -25.20 -7.47 -12.40
CA LEU F 148 -25.73 -8.68 -11.75
C LEU F 148 -25.13 -9.96 -12.28
N ALA F 149 -24.32 -9.90 -13.33
CA ALA F 149 -23.73 -11.08 -13.94
C ALA F 149 -22.36 -10.75 -14.50
N GLY F 150 -21.50 -11.75 -14.57
CA GLY F 150 -20.19 -11.52 -15.13
C GLY F 150 -19.42 -12.80 -15.41
N LEU F 151 -18.37 -12.63 -16.22
CA LEU F 151 -17.46 -13.71 -16.59
C LEU F 151 -16.53 -14.00 -15.42
N ARG F 152 -16.57 -15.23 -14.92
CA ARG F 152 -15.75 -15.62 -13.78
C ARG F 152 -15.37 -17.08 -14.01
N GLY F 153 -14.14 -17.31 -14.48
CA GLY F 153 -13.64 -18.66 -14.66
C GLY F 153 -13.03 -19.25 -13.41
N CYS F 154 -12.90 -18.46 -12.36
CA CYS F 154 -12.48 -18.93 -11.04
C CYS F 154 -12.89 -17.90 -10.02
N THR F 155 -12.88 -18.30 -8.75
CA THR F 155 -13.15 -17.40 -7.64
C THR F 155 -14.53 -16.75 -7.80
N VAL F 156 -15.56 -17.61 -7.82
CA VAL F 156 -16.88 -17.24 -8.32
C VAL F 156 -17.79 -16.63 -7.25
N HIS F 157 -17.46 -16.80 -5.97
CA HIS F 157 -18.27 -16.35 -4.83
C HIS F 157 -18.96 -15.02 -5.11
N GLY F 158 -20.28 -14.98 -4.90
CA GLY F 158 -21.03 -13.75 -5.02
C GLY F 158 -22.49 -13.93 -5.39
N HIS F 159 -22.88 -15.06 -6.02
CA HIS F 159 -24.26 -15.18 -6.49
C HIS F 159 -25.27 -15.01 -5.37
N SER F 160 -24.91 -15.40 -4.16
CA SER F 160 -25.82 -15.45 -3.03
C SER F 160 -25.59 -14.34 -2.02
N LEU F 161 -24.72 -13.36 -2.33
N LEU F 161 -24.70 -13.40 -2.36
CA LEU F 161 -24.29 -12.32 -1.41
CA LEU F 161 -24.31 -12.34 -1.41
C LEU F 161 -25.08 -11.05 -1.65
C LEU F 161 -25.07 -11.04 -1.65
N ARG F 162 -25.14 -10.21 -0.62
CA ARG F 162 -25.69 -8.88 -0.78
C ARG F 162 -24.92 -8.17 -1.90
N LEU F 163 -25.63 -7.41 -2.72
CA LEU F 163 -24.98 -6.56 -3.71
C LEU F 163 -24.18 -5.45 -3.02
N ALA F 164 -23.15 -4.97 -3.70
CA ALA F 164 -22.47 -3.78 -3.21
C ALA F 164 -23.39 -2.56 -3.28
N GLU F 165 -22.99 -1.48 -2.59
CA GLU F 165 -23.83 -0.28 -2.56
C GLU F 165 -24.08 0.28 -3.95
N ASP F 166 -23.15 0.09 -4.89
CA ASP F 166 -23.32 0.55 -6.27
C ASP F 166 -24.04 -0.47 -7.14
N GLY F 167 -24.53 -1.56 -6.57
CA GLY F 167 -25.32 -2.53 -7.28
C GLY F 167 -24.52 -3.62 -7.96
N MET F 168 -23.20 -3.60 -7.85
CA MET F 168 -22.38 -4.60 -8.50
C MET F 168 -22.35 -5.86 -7.62
N MET F 169 -22.47 -7.03 -8.24
CA MET F 169 -22.39 -8.25 -7.46
C MET F 169 -20.95 -8.42 -6.97
N PHE F 170 -20.80 -8.83 -5.71
CA PHE F 170 -19.45 -9.03 -5.16
C PHE F 170 -18.60 -9.94 -6.04
N ASP F 171 -17.36 -9.49 -6.28
CA ASP F 171 -16.31 -10.28 -6.93
C ASP F 171 -15.04 -10.13 -6.11
N MET F 172 -14.54 -11.24 -5.55
CA MET F 172 -13.34 -11.16 -4.73
C MET F 172 -12.18 -10.55 -5.54
N LEU F 173 -12.14 -10.81 -6.87
CA LEU F 173 -11.07 -10.34 -7.73
C LEU F 173 -11.39 -9.02 -8.41
N GLN F 174 -12.58 -8.47 -8.20
CA GLN F 174 -13.00 -7.20 -8.78
C GLN F 174 -12.59 -7.06 -10.25
N ARG F 175 -13.04 -8.03 -11.06
CA ARG F 175 -12.72 -8.03 -12.48
C ARG F 175 -13.47 -6.95 -13.24
N THR F 176 -14.57 -6.44 -12.66
CA THR F 176 -15.39 -5.38 -13.22
C THR F 176 -15.59 -4.31 -12.16
N HIS F 177 -15.90 -3.11 -12.62
CA HIS F 177 -16.23 -2.00 -11.74
C HIS F 177 -17.00 -0.99 -12.56
N ILE F 178 -17.68 -0.09 -11.86
CA ILE F 178 -18.45 0.97 -12.53
C ILE F 178 -17.55 2.19 -12.72
N GLU F 179 -17.55 2.72 -13.94
CA GLU F 179 -16.92 4.00 -14.24
C GLU F 179 -17.96 4.80 -15.01
N GLY F 180 -18.34 5.95 -14.47
CA GLY F 180 -19.21 6.85 -15.23
C GLY F 180 -20.47 6.20 -15.76
N GLY F 181 -21.13 5.38 -14.92
CA GLY F 181 -22.39 4.76 -15.28
C GLY F 181 -22.28 3.48 -16.09
N ASN F 182 -21.09 3.12 -16.53
CA ASN F 182 -20.84 1.92 -17.29
C ASN F 182 -20.06 0.89 -16.47
N VAL F 183 -20.34 -0.39 -16.74
CA VAL F 183 -19.53 -1.47 -16.18
C VAL F 183 -18.33 -1.68 -17.09
N ILE F 184 -17.13 -1.58 -16.51
CA ILE F 184 -15.87 -1.79 -17.20
C ILE F 184 -15.25 -3.08 -16.69
N GLU F 185 -14.84 -3.94 -17.61
CA GLU F 185 -14.03 -5.12 -17.27
C GLU F 185 -12.57 -4.83 -17.66
N ASP F 186 -11.65 -4.92 -16.68
CA ASP F 186 -10.24 -4.67 -16.97
C ASP F 186 -9.34 -5.82 -16.50
N LYS F 187 -9.94 -6.96 -16.22
CA LYS F 187 -9.23 -8.21 -16.02
C LYS F 187 -9.95 -9.29 -16.81
N ASP F 188 -9.20 -10.31 -17.21
CA ASP F 188 -9.81 -11.47 -17.85
C ASP F 188 -10.62 -12.30 -16.86
N GLN F 189 -11.30 -13.32 -17.38
CA GLN F 189 -12.22 -14.08 -16.55
C GLN F 189 -11.56 -14.86 -15.42
N VAL F 190 -10.25 -15.05 -15.45
CA VAL F 190 -9.54 -15.69 -14.35
C VAL F 190 -8.67 -14.70 -13.59
N GLY F 191 -8.96 -13.40 -13.72
CA GLY F 191 -8.42 -12.42 -12.82
C GLY F 191 -7.13 -11.78 -13.24
N VAL F 192 -6.65 -12.04 -14.46
CA VAL F 192 -5.38 -11.45 -14.89
C VAL F 192 -5.66 -10.09 -15.52
N PRO F 193 -4.97 -9.04 -15.10
CA PRO F 193 -5.21 -7.72 -15.72
C PRO F 193 -5.01 -7.77 -17.21
N ILE F 194 -5.88 -7.07 -17.92
CA ILE F 194 -5.77 -6.94 -19.37
C ILE F 194 -5.46 -5.49 -19.71
N ASP F 195 -4.84 -5.30 -20.88
CA ASP F 195 -4.38 -3.97 -21.24
C ASP F 195 -5.45 -3.15 -21.94
N ARG F 196 -6.71 -3.32 -21.58
CA ARG F 196 -7.79 -2.56 -22.17
C ARG F 196 -8.92 -2.45 -21.15
N LYS F 197 -9.83 -1.54 -21.41
CA LYS F 197 -11.05 -1.40 -20.61
C LYS F 197 -12.21 -1.82 -21.49
N VAL F 198 -12.84 -2.93 -21.15
CA VAL F 198 -13.96 -3.44 -21.92
C VAL F 198 -15.23 -2.82 -21.37
N ASN F 199 -15.91 -2.04 -22.19
CA ASN F 199 -17.07 -1.29 -21.72
C ASN F 199 -18.29 -2.16 -21.99
N LEU F 200 -18.87 -2.70 -20.95
CA LEU F 200 -20.06 -3.53 -21.06
C LEU F 200 -21.34 -2.72 -20.93
N GLY F 201 -21.24 -1.41 -20.85
CA GLY F 201 -22.42 -0.55 -20.85
C GLY F 201 -23.11 -0.45 -19.51
N LYS F 202 -24.31 0.10 -19.57
CA LYS F 202 -25.02 0.44 -18.35
C LYS F 202 -25.63 -0.79 -17.69
N PRO F 203 -25.65 -0.84 -16.37
CA PRO F 203 -26.43 -1.88 -15.68
C PRO F 203 -27.92 -1.69 -15.89
N MET F 204 -28.66 -2.78 -15.65
CA MET F 204 -30.11 -2.69 -15.67
C MET F 204 -30.55 -1.93 -14.42
N SER F 205 -31.61 -1.13 -14.56
CA SER F 205 -32.29 -0.61 -13.39
C SER F 205 -32.90 -1.77 -12.60
N ASP F 206 -33.27 -1.49 -11.35
CA ASP F 206 -33.91 -2.54 -10.56
C ASP F 206 -35.23 -2.97 -11.18
N ALA F 207 -35.99 -2.03 -11.75
CA ALA F 207 -37.26 -2.41 -12.34
C ALA F 207 -37.05 -3.26 -13.59
N GLU F 208 -36.05 -2.91 -14.39
CA GLU F 208 -35.75 -3.67 -15.59
C GLU F 208 -35.34 -5.09 -15.24
N ALA F 209 -34.46 -5.24 -14.24
CA ALA F 209 -34.04 -6.57 -13.84
C ALA F 209 -35.24 -7.43 -13.44
N LYS F 210 -36.16 -6.88 -12.64
CA LYS F 210 -37.32 -7.68 -12.25
C LYS F 210 -38.23 -8.01 -13.43
N LYS F 211 -38.31 -7.13 -14.43
CA LYS F 211 -39.09 -7.45 -15.63
C LYS F 211 -38.41 -8.54 -16.47
N ARG F 212 -37.08 -8.59 -16.44
CA ARG F 212 -36.34 -9.54 -17.33
C ARG F 212 -35.90 -10.84 -16.61
N THR F 213 -36.09 -10.93 -15.30
CA THR F 213 -35.54 -12.10 -14.58
C THR F 213 -36.30 -13.41 -14.80
N THR F 214 -35.57 -14.51 -14.66
CA THR F 214 -36.16 -15.86 -14.72
C THR F 214 -36.26 -16.42 -13.31
N ILE F 215 -35.80 -15.71 -12.29
CA ILE F 215 -35.83 -16.26 -10.93
C ILE F 215 -37.20 -15.95 -10.31
N TYR F 216 -37.72 -16.87 -9.51
CA TYR F 216 -38.85 -16.59 -8.63
C TYR F 216 -38.30 -16.23 -7.25
N ARG F 217 -38.81 -15.15 -6.67
CA ARG F 217 -38.50 -14.80 -5.27
C ARG F 217 -39.57 -13.84 -4.75
N THR F 218 -39.54 -13.61 -3.43
CA THR F 218 -40.64 -12.91 -2.80
C THR F 218 -40.76 -11.45 -3.25
N ASP F 219 -39.68 -10.81 -3.69
CA ASP F 219 -39.73 -9.41 -4.13
C ASP F 219 -40.08 -9.27 -5.61
N GLY F 220 -40.35 -10.38 -6.29
CA GLY F 220 -40.79 -10.36 -7.67
C GLY F 220 -42.04 -11.19 -7.85
N VAL F 221 -41.90 -12.29 -8.58
CA VAL F 221 -42.97 -13.28 -8.72
C VAL F 221 -42.69 -14.38 -7.70
N LYS F 222 -43.60 -14.50 -6.73
CA LYS F 222 -43.43 -15.44 -5.65
C LYS F 222 -43.62 -16.86 -6.17
N TYR F 223 -42.66 -17.73 -5.86
CA TYR F 223 -42.71 -19.11 -6.35
C TYR F 223 -43.98 -19.82 -5.91
N ARG F 224 -44.40 -19.59 -4.64
CA ARG F 224 -45.58 -20.21 -4.08
C ARG F 224 -46.80 -20.00 -4.94
N ASP F 225 -46.84 -18.91 -5.70
CA ASP F 225 -48.01 -18.59 -6.51
C ASP F 225 -47.98 -19.19 -7.90
N GLU F 226 -46.88 -19.79 -8.34
N GLU F 226 -46.87 -19.81 -8.29
CA GLU F 226 -46.76 -20.31 -9.71
CA GLU F 226 -46.69 -20.36 -9.63
C GLU F 226 -47.14 -21.78 -9.71
C GLU F 226 -47.13 -21.82 -9.62
N GLU F 227 -48.45 -21.99 -9.55
CA GLU F 227 -48.98 -23.33 -9.33
C GLU F 227 -48.73 -24.28 -10.48
N GLU F 228 -48.64 -23.79 -11.71
CA GLU F 228 -48.34 -24.68 -12.84
C GLU F 228 -46.97 -25.32 -12.71
N VAL F 229 -45.98 -24.58 -12.22
CA VAL F 229 -44.64 -25.11 -12.07
C VAL F 229 -44.61 -26.12 -10.93
N LEU F 230 -45.27 -25.80 -9.79
CA LEU F 230 -45.39 -26.78 -8.73
C LEU F 230 -46.07 -28.06 -9.20
N ASP F 231 -47.16 -27.94 -9.98
CA ASP F 231 -47.82 -29.12 -10.54
C ASP F 231 -46.87 -29.95 -11.38
N HIS F 232 -46.09 -29.29 -12.23
CA HIS F 232 -45.14 -29.99 -13.08
C HIS F 232 -44.12 -30.77 -12.26
N VAL F 233 -43.53 -30.10 -11.26
CA VAL F 233 -42.57 -30.77 -10.37
C VAL F 233 -43.18 -31.99 -9.74
N HIS F 234 -44.41 -31.85 -9.22
CA HIS F 234 -45.06 -32.96 -8.54
C HIS F 234 -45.35 -34.11 -9.50
N LEU F 235 -45.86 -33.79 -10.69
CA LEU F 235 -46.16 -34.82 -11.68
C LEU F 235 -44.93 -35.64 -12.03
N VAL F 236 -43.79 -34.98 -12.27
CA VAL F 236 -42.57 -35.70 -12.65
C VAL F 236 -42.07 -36.55 -11.48
N HIS F 237 -42.05 -35.98 -10.27
CA HIS F 237 -41.65 -36.77 -9.11
C HIS F 237 -42.55 -37.99 -8.93
N HIS F 238 -43.87 -37.78 -8.98
CA HIS F 238 -44.80 -38.87 -8.78
C HIS F 238 -44.59 -39.97 -9.81
N ARG F 239 -44.53 -39.59 -11.09
CA ARG F 239 -44.37 -40.60 -12.13
C ARG F 239 -43.02 -41.32 -12.04
N ARG F 240 -41.94 -40.60 -11.73
CA ARG F 240 -40.67 -41.26 -11.47
C ARG F 240 -40.80 -42.30 -10.36
N THR F 241 -41.43 -41.92 -9.25
CA THR F 241 -41.58 -42.84 -8.13
C THR F 241 -42.37 -44.07 -8.54
N MET F 242 -43.49 -43.85 -9.21
CA MET F 242 -44.39 -44.94 -9.61
C MET F 242 -43.67 -45.90 -10.53
N TYR F 243 -43.00 -45.38 -11.56
CA TYR F 243 -42.37 -46.26 -12.54
C TYR F 243 -41.11 -46.96 -12.02
N GLY F 244 -40.43 -46.43 -11.00
CA GLY F 244 -39.30 -47.15 -10.44
C GLY F 244 -39.77 -48.35 -9.66
N TYR F 245 -40.97 -48.27 -9.09
CA TYR F 245 -41.63 -49.44 -8.52
C TYR F 245 -41.98 -50.44 -9.61
N ARG F 246 -42.82 -50.03 -10.57
CA ARG F 246 -43.14 -50.86 -11.74
C ARG F 246 -43.40 -49.98 -12.96
N PRO F 247 -42.75 -50.23 -14.10
CA PRO F 247 -42.93 -49.34 -15.28
C PRO F 247 -44.19 -49.68 -16.06
N GLU F 248 -45.33 -49.31 -15.47
CA GLU F 248 -46.63 -49.57 -16.06
C GLU F 248 -47.69 -48.64 -15.46
N THR F 249 -48.75 -48.41 -16.24
CA THR F 249 -49.83 -47.52 -15.81
C THR F 249 -50.40 -47.93 -14.45
N ALA F 250 -50.49 -49.24 -14.17
CA ALA F 250 -51.09 -49.68 -12.93
C ALA F 250 -50.34 -49.14 -11.71
N ALA F 251 -49.04 -48.85 -11.83
CA ALA F 251 -48.29 -48.34 -10.69
C ALA F 251 -48.78 -46.96 -10.24
N GLU F 252 -49.48 -46.23 -11.11
CA GLU F 252 -49.93 -44.88 -10.79
C GLU F 252 -50.96 -44.85 -9.68
N THR F 253 -51.58 -46.00 -9.38
CA THR F 253 -52.51 -46.14 -8.27
C THR F 253 -52.07 -47.28 -7.34
N ALA F 254 -50.77 -47.59 -7.29
CA ALA F 254 -50.31 -48.63 -6.38
C ALA F 254 -50.58 -48.24 -4.93
N PRO F 255 -50.69 -49.22 -4.03
CA PRO F 255 -50.80 -48.90 -2.60
C PRO F 255 -49.58 -48.07 -2.19
N GLY F 256 -49.84 -47.01 -1.44
CA GLY F 256 -48.79 -46.08 -1.05
C GLY F 256 -48.78 -44.77 -1.81
N VAL F 257 -49.39 -44.72 -2.99
CA VAL F 257 -49.51 -43.44 -3.68
C VAL F 257 -50.38 -42.48 -2.86
N GLY F 258 -51.57 -42.94 -2.46
CA GLY F 258 -52.48 -42.10 -1.71
C GLY F 258 -53.19 -41.10 -2.59
N PRO F 259 -53.87 -40.13 -1.98
CA PRO F 259 -54.73 -39.18 -2.72
C PRO F 259 -53.94 -38.03 -3.32
N VAL F 260 -53.04 -38.34 -4.24
CA VAL F 260 -52.29 -37.29 -4.91
C VAL F 260 -53.26 -36.39 -5.67
N THR F 261 -52.96 -35.11 -5.68
CA THR F 261 -53.82 -34.10 -6.26
C THR F 261 -52.98 -32.94 -6.76
N TYR F 262 -53.49 -32.23 -7.77
CA TYR F 262 -52.75 -31.15 -8.42
C TYR F 262 -53.60 -29.88 -8.45
N HIS F 263 -52.92 -28.74 -8.61
CA HIS F 263 -53.64 -27.47 -8.54
C HIS F 263 -54.42 -27.14 -9.82
N THR F 264 -53.80 -27.32 -10.97
CA THR F 264 -54.35 -26.81 -12.23
C THR F 264 -54.78 -27.91 -13.21
N VAL F 265 -54.57 -29.18 -12.86
CA VAL F 265 -54.95 -30.31 -13.69
C VAL F 265 -55.55 -31.39 -12.78
N ALA G 2 -4.93 -49.32 73.11
CA ALA G 2 -3.98 -48.36 72.55
C ALA G 2 -2.98 -49.04 71.60
N TYR G 3 -2.12 -48.23 70.99
CA TYR G 3 -1.14 -48.74 70.04
C TYR G 3 -0.21 -49.75 70.69
N LYS G 4 0.08 -50.85 69.98
CA LYS G 4 1.05 -51.85 70.41
C LYS G 4 2.08 -52.03 69.29
N TYR G 5 3.35 -51.78 69.60
CA TYR G 5 4.43 -51.95 68.62
C TYR G 5 4.56 -53.44 68.28
N PRO G 6 4.58 -53.80 66.99
CA PRO G 6 4.54 -55.21 66.59
C PRO G 6 5.90 -55.90 66.66
N SER G 7 5.89 -57.20 66.39
CA SER G 7 7.12 -57.98 66.51
C SER G 7 8.06 -57.76 65.33
N GLU G 8 7.57 -57.36 64.17
CA GLU G 8 8.45 -57.15 63.01
C GLU G 8 8.63 -55.64 62.83
N LYS G 9 9.89 -55.25 62.65
CA LYS G 9 10.22 -53.81 62.44
C LYS G 9 9.46 -53.27 61.22
N LEU G 10 9.00 -52.03 61.32
CA LEU G 10 8.18 -51.47 60.19
C LEU G 10 9.03 -51.29 58.92
N PHE G 11 10.35 -51.15 59.06
CA PHE G 11 11.22 -50.94 57.89
C PHE G 11 11.60 -52.23 57.16
N VAL G 12 11.25 -53.40 57.69
CA VAL G 12 11.69 -54.64 57.06
C VAL G 12 11.03 -54.81 55.69
N GLU G 13 9.76 -54.44 55.55
CA GLU G 13 9.10 -54.67 54.26
C GLU G 13 9.88 -53.99 53.13
N ALA G 14 10.22 -52.71 53.30
CA ALA G 14 10.98 -52.01 52.26
C ALA G 14 12.32 -52.67 51.98
N LEU G 15 13.02 -53.14 53.01
CA LEU G 15 14.29 -53.83 52.76
C LEU G 15 14.09 -55.06 51.88
N LYS G 16 13.06 -55.85 52.20
CA LYS G 16 12.77 -57.06 51.43
C LYS G 16 12.34 -56.72 50.02
N SER G 17 11.63 -55.62 49.83
CA SER G 17 11.22 -55.23 48.48
C SER G 17 12.35 -54.62 47.66
N LYS G 18 13.36 -54.02 48.31
CA LYS G 18 14.52 -53.55 47.58
C LYS G 18 15.46 -54.68 47.23
N PHE G 19 15.53 -55.74 48.07
CA PHE G 19 16.57 -56.75 47.98
C PHE G 19 15.93 -58.14 48.14
N ALA G 20 15.22 -58.58 47.09
CA ALA G 20 14.52 -59.85 47.17
C ALA G 20 15.51 -60.96 47.45
N GLY G 21 15.23 -61.77 48.48
CA GLY G 21 16.05 -62.91 48.80
C GLY G 21 17.27 -62.63 49.66
N LEU G 22 17.47 -61.38 50.10
CA LEU G 22 18.67 -61.06 50.83
C LEU G 22 18.57 -61.44 52.30
N ASP G 23 19.67 -61.95 52.84
CA ASP G 23 19.82 -62.17 54.27
C ASP G 23 20.09 -60.81 54.91
N LEU G 24 19.10 -60.30 55.66
CA LEU G 24 19.22 -58.94 56.18
C LEU G 24 20.23 -58.81 57.31
N SER G 25 20.82 -59.90 57.81
CA SER G 25 21.89 -59.79 58.78
C SER G 25 23.28 -59.67 58.16
N ASP G 26 23.45 -59.90 56.86
CA ASP G 26 24.79 -59.94 56.25
C ASP G 26 25.46 -58.57 56.22
N GLN G 27 26.66 -58.48 56.80
CA GLN G 27 27.43 -57.24 56.81
C GLN G 27 28.26 -57.07 55.55
N LYS G 28 28.36 -58.08 54.68
CA LYS G 28 29.13 -57.98 53.45
C LYS G 28 28.22 -58.10 52.22
N VAL G 29 28.76 -57.70 51.09
CA VAL G 29 28.04 -57.71 49.81
C VAL G 29 29.08 -57.84 48.71
N LYS G 30 28.66 -58.41 47.57
CA LYS G 30 29.48 -58.42 46.36
C LYS G 30 29.24 -57.14 45.58
N TYR G 31 30.31 -56.39 45.31
CA TYR G 31 30.25 -55.22 44.44
C TYR G 31 30.58 -55.64 43.02
N VAL G 32 29.70 -55.29 42.08
CA VAL G 32 29.88 -55.69 40.66
C VAL G 32 30.36 -54.50 39.81
N ARG G 33 30.32 -53.29 40.39
N ARG G 33 30.32 -53.29 40.39
CA ARG G 33 30.82 -52.07 39.67
CA ARG G 33 30.82 -52.08 39.67
C ARG G 33 30.16 -51.99 38.28
C ARG G 33 30.16 -51.99 38.28
N ALA G 34 28.83 -51.94 38.25
CA ALA G 34 28.11 -51.89 36.96
C ALA G 34 28.10 -50.48 36.37
N GLY G 35 28.22 -49.45 37.21
CA GLY G 35 27.99 -48.11 36.71
C GLY G 35 26.54 -47.83 36.35
N TYR G 36 26.36 -46.73 35.59
CA TYR G 36 25.04 -46.16 35.35
C TYR G 36 24.15 -47.09 34.55
N LEU G 37 24.70 -48.02 33.75
CA LEU G 37 23.87 -48.87 32.92
C LEU G 37 22.96 -49.80 33.72
N GLN G 38 23.22 -49.98 35.03
CA GLN G 38 22.33 -50.77 35.85
C GLN G 38 20.94 -50.14 36.04
N ASN G 39 20.78 -48.84 35.79
CA ASN G 39 19.65 -48.09 36.30
C ASN G 39 18.87 -47.42 35.18
N ALA G 40 17.58 -47.74 35.08
CA ALA G 40 16.79 -47.27 33.95
C ALA G 40 16.67 -45.76 33.93
N ARG G 41 16.55 -45.12 35.11
CA ARG G 41 16.47 -43.66 35.17
C ARG G 41 17.77 -42.99 34.70
N LYS G 42 18.94 -43.44 35.18
CA LYS G 42 20.19 -42.89 34.69
C LYS G 42 20.35 -43.07 33.18
N ARG G 43 19.96 -44.23 32.65
CA ARG G 43 20.07 -44.42 31.21
C ARG G 43 19.17 -43.45 30.46
N GLU G 44 17.96 -43.22 30.98
CA GLU G 44 17.06 -42.24 30.40
C GLU G 44 17.65 -40.84 30.44
N PHE G 45 18.25 -40.47 31.56
CA PHE G 45 18.88 -39.18 31.67
C PHE G 45 20.03 -39.04 30.67
N GLN G 46 20.87 -40.07 30.51
CA GLN G 46 21.96 -39.96 29.54
C GLN G 46 21.42 -39.69 28.14
N ALA G 47 20.35 -40.41 27.75
CA ALA G 47 19.76 -40.20 26.42
C ALA G 47 19.14 -38.82 26.32
N ALA G 48 18.53 -38.32 27.40
CA ALA G 48 17.97 -36.97 27.36
C ALA G 48 19.07 -35.95 27.17
N GLY G 49 20.21 -36.16 27.84
CA GLY G 49 21.36 -35.29 27.67
C GLY G 49 21.91 -35.28 26.26
N GLU G 50 21.83 -36.43 25.57
CA GLU G 50 22.26 -36.48 24.18
CA GLU G 50 22.26 -36.49 24.18
C GLU G 50 21.36 -35.61 23.30
N ARG G 51 20.04 -35.69 23.50
CA ARG G 51 19.14 -34.86 22.72
C ARG G 51 19.37 -33.38 23.03
N VAL G 52 19.49 -33.04 24.32
CA VAL G 52 19.72 -31.65 24.70
C VAL G 52 20.92 -31.09 23.95
N ALA G 53 22.04 -31.82 23.99
CA ALA G 53 23.28 -31.34 23.38
C ALA G 53 23.15 -31.18 21.88
N GLU G 54 22.49 -32.13 21.22
CA GLU G 54 22.29 -32.04 19.78
C GLU G 54 21.40 -30.86 19.40
N GLN G 55 20.30 -30.67 20.13
CA GLN G 55 19.36 -29.61 19.79
C GLN G 55 19.96 -28.23 19.95
N ARG G 56 20.84 -28.04 20.94
CA ARG G 56 21.35 -26.71 21.25
C ARG G 56 22.79 -26.48 20.80
N GLY G 57 23.46 -27.52 20.31
CA GLY G 57 24.83 -27.41 19.88
C GLY G 57 25.83 -27.26 21.00
N MET G 58 25.54 -27.79 22.18
CA MET G 58 26.50 -27.65 23.26
C MET G 58 26.28 -28.71 24.32
N GLN G 59 27.38 -29.33 24.74
CA GLN G 59 27.35 -30.43 25.71
C GLN G 59 26.61 -30.02 26.98
N GLN G 60 25.87 -30.99 27.56
CA GLN G 60 25.16 -30.81 28.82
C GLN G 60 25.40 -32.06 29.67
N TYR G 61 24.35 -32.79 30.05
CA TYR G 61 24.51 -33.94 30.93
C TYR G 61 25.28 -35.05 30.24
N ASP G 62 26.22 -35.65 30.98
CA ASP G 62 26.95 -36.82 30.46
C ASP G 62 27.53 -37.54 31.68
N VAL G 63 27.00 -38.73 31.99
CA VAL G 63 27.45 -39.49 33.17
C VAL G 63 28.96 -39.66 33.22
N ASN G 64 29.62 -39.69 32.05
CA ASN G 64 31.06 -39.91 32.02
C ASN G 64 31.87 -38.70 32.46
N VAL G 65 31.22 -37.55 32.68
CA VAL G 65 31.91 -36.38 33.24
C VAL G 65 32.17 -36.56 34.73
N HIS G 66 31.50 -37.50 35.42
CA HIS G 66 31.82 -37.76 36.82
C HIS G 66 33.31 -37.99 36.97
N LEU G 67 33.89 -37.50 38.06
CA LEU G 67 35.33 -37.58 38.18
C LEU G 67 35.80 -39.03 38.38
N GLY G 68 37.10 -39.24 38.19
CA GLY G 68 37.75 -40.49 38.52
C GLY G 68 37.58 -41.60 37.51
N GLY G 69 37.00 -41.32 36.35
CA GLY G 69 36.75 -42.34 35.37
C GLY G 69 35.63 -43.28 35.71
N MET G 70 34.83 -42.95 36.74
CA MET G 70 33.72 -43.77 37.15
C MET G 70 32.39 -43.04 37.00
N THR G 71 31.35 -43.77 36.58
CA THR G 71 30.00 -43.25 36.59
C THR G 71 29.31 -43.68 37.87
N LEU G 72 28.26 -42.92 38.20
CA LEU G 72 27.38 -43.28 39.31
C LEU G 72 26.96 -44.74 39.20
N GLY G 73 26.93 -45.41 40.34
CA GLY G 73 26.53 -46.80 40.37
C GLY G 73 27.66 -47.81 40.41
N GLN G 74 28.79 -47.48 41.03
CA GLN G 74 29.80 -48.52 41.28
C GLN G 74 29.34 -49.47 42.37
N ARG G 75 28.43 -49.00 43.23
CA ARG G 75 27.61 -49.80 44.12
C ARG G 75 26.23 -49.92 43.47
N GLN G 76 25.34 -50.67 44.10
CA GLN G 76 23.98 -50.74 43.62
C GLN G 76 23.26 -49.43 43.89
N LEU G 77 22.54 -48.92 42.90
CA LEU G 77 21.70 -47.75 43.06
C LEU G 77 20.30 -48.23 43.43
N VAL G 78 19.85 -47.84 44.62
CA VAL G 78 18.65 -48.44 45.20
C VAL G 78 17.50 -47.45 45.14
N PRO G 79 16.28 -47.93 44.90
CA PRO G 79 15.11 -47.05 44.90
C PRO G 79 14.55 -46.85 46.30
N TYR G 80 13.47 -46.07 46.37
CA TYR G 80 12.88 -45.57 47.61
C TYR G 80 11.40 -45.88 47.66
N LYS G 81 10.97 -46.49 48.78
CA LYS G 81 9.54 -46.69 49.01
C LYS G 81 8.98 -45.49 49.77
N LEU G 82 7.94 -44.86 49.28
CA LEU G 82 7.34 -43.81 50.06
C LEU G 82 6.71 -44.43 51.32
N SER G 83 6.98 -43.84 52.47
CA SER G 83 6.52 -44.47 53.70
C SER G 83 4.99 -44.46 53.75
N THR G 84 4.43 -45.59 54.16
CA THR G 84 3.01 -45.90 54.25
C THR G 84 2.38 -46.17 52.87
N ARG G 85 3.14 -46.10 51.79
CA ARG G 85 2.62 -46.25 50.44
C ARG G 85 3.23 -47.48 49.80
N PRO G 86 2.57 -48.06 48.80
CA PRO G 86 3.17 -49.17 48.06
C PRO G 86 4.19 -48.73 47.02
N ASP G 87 4.21 -47.46 46.66
CA ASP G 87 5.04 -46.96 45.57
C ASP G 87 6.52 -46.96 45.91
N ILE G 88 7.30 -47.62 45.06
CA ILE G 88 8.74 -47.61 45.11
C ILE G 88 9.22 -46.92 43.83
N VAL G 89 10.05 -45.90 44.01
CA VAL G 89 10.43 -44.97 42.97
C VAL G 89 11.95 -44.83 42.91
N GLU G 90 12.42 -44.41 41.74
CA GLU G 90 13.88 -44.14 41.64
C GLU G 90 14.18 -42.84 42.40
N GLY G 91 15.36 -42.73 42.99
CA GLY G 91 15.63 -41.57 43.84
C GLY G 91 15.46 -40.23 43.10
N ASP G 92 15.81 -40.19 41.82
CA ASP G 92 15.69 -38.96 41.05
C ASP G 92 14.26 -38.51 40.96
N ASP G 93 13.31 -39.41 41.11
CA ASP G 93 11.88 -39.09 41.04
C ASP G 93 11.42 -38.29 42.25
N LEU G 94 12.24 -38.22 43.29
CA LEU G 94 11.98 -37.43 44.49
C LEU G 94 12.75 -36.09 44.51
N HIS G 95 13.57 -35.82 43.50
CA HIS G 95 14.16 -34.49 43.37
C HIS G 95 13.05 -33.46 43.08
N TYR G 96 13.08 -32.33 43.78
CA TYR G 96 11.96 -31.40 43.65
C TYR G 96 11.79 -30.92 42.21
N VAL G 97 12.88 -30.78 41.45
CA VAL G 97 12.76 -30.30 40.07
C VAL G 97 11.98 -31.30 39.22
N ASN G 98 12.09 -32.60 39.54
CA ASN G 98 11.49 -33.66 38.76
C ASN G 98 10.10 -34.05 39.24
N ASN G 99 9.63 -33.45 40.33
CA ASN G 99 8.47 -33.95 41.05
C ASN G 99 7.44 -32.86 41.15
N PRO G 100 6.42 -32.88 40.28
CA PRO G 100 5.44 -31.78 40.29
C PRO G 100 4.56 -31.71 41.52
N ALA G 101 4.40 -32.80 42.26
CA ALA G 101 3.62 -32.77 43.52
C ALA G 101 4.33 -31.87 44.54
N MET G 102 5.66 -32.02 44.64
CA MET G 102 6.48 -31.20 45.58
C MET G 102 6.42 -29.73 45.17
N GLN G 103 6.53 -29.47 43.86
CA GLN G 103 6.49 -28.08 43.35
C GLN G 103 5.12 -27.47 43.64
N GLN G 104 4.06 -28.26 43.48
CA GLN G 104 2.70 -27.70 43.66
C GLN G 104 2.38 -27.52 45.15
N MET G 105 2.95 -28.37 46.01
CA MET G 105 2.68 -28.15 47.45
C MET G 105 3.22 -26.78 47.87
N TRP G 106 4.43 -26.46 47.41
CA TRP G 106 5.06 -25.15 47.75
C TRP G 106 4.31 -24.00 47.04
N ASP G 107 3.94 -24.19 45.76
CA ASP G 107 3.21 -23.15 45.07
C ASP G 107 1.87 -22.88 45.75
N ASP G 108 1.19 -23.93 46.22
CA ASP G 108 -0.11 -23.77 46.94
C ASP G 108 0.07 -22.94 48.22
N MET G 109 1.15 -23.19 48.96
CA MET G 109 1.43 -22.40 50.18
C MET G 109 1.76 -20.95 49.79
N LYS G 110 2.66 -20.77 48.82
N LYS G 110 2.67 -20.76 48.83
CA LYS G 110 3.17 -19.41 48.47
CA LYS G 110 3.17 -19.41 48.48
C LYS G 110 2.07 -18.52 47.88
C LYS G 110 2.08 -18.51 47.87
N ARG G 111 1.12 -19.11 47.19
CA ARG G 111 0.07 -18.35 46.53
C ARG G 111 -1.14 -18.08 47.43
N THR G 112 -1.05 -18.37 48.73
CA THR G 112 -2.16 -18.24 49.66
C THR G 112 -1.95 -17.07 50.59
N ILE G 113 -3.03 -16.32 50.81
CA ILE G 113 -3.08 -15.28 51.83
C ILE G 113 -4.47 -15.35 52.43
N ILE G 114 -4.56 -15.09 53.73
CA ILE G 114 -5.83 -15.05 54.46
C ILE G 114 -6.10 -13.60 54.78
N VAL G 115 -7.32 -13.15 54.50
CA VAL G 115 -7.68 -11.72 54.62
C VAL G 115 -8.99 -11.59 55.38
N GLY G 116 -8.97 -10.84 56.47
CA GLY G 116 -10.21 -10.61 57.18
C GLY G 116 -11.16 -9.76 56.38
N MET G 117 -12.46 -9.99 56.60
CA MET G 117 -13.53 -9.22 55.98
C MET G 117 -14.19 -8.24 56.95
N ASP G 118 -14.04 -8.45 58.26
CA ASP G 118 -14.77 -7.62 59.21
C ASP G 118 -14.40 -6.14 59.08
N LEU G 119 -13.11 -5.84 58.95
CA LEU G 119 -12.71 -4.43 58.89
C LEU G 119 -13.17 -3.78 57.60
N ALA G 120 -13.11 -4.51 56.50
CA ALA G 120 -13.66 -4.02 55.23
C ALA G 120 -15.14 -3.69 55.39
N HIS G 121 -15.90 -4.62 55.95
CA HIS G 121 -17.31 -4.39 56.15
C HIS G 121 -17.58 -3.19 57.06
N GLU G 122 -16.77 -3.04 58.10
CA GLU G 122 -16.91 -1.88 59.02
C GLU G 122 -16.64 -0.58 58.26
N THR G 123 -15.67 -0.59 57.35
CA THR G 123 -15.37 0.59 56.53
C THR G 123 -16.55 0.97 55.67
N LEU G 124 -17.17 -0.01 55.02
CA LEU G 124 -18.33 0.28 54.17
C LEU G 124 -19.45 0.88 54.99
N GLU G 125 -19.69 0.35 56.19
CA GLU G 125 -20.74 0.86 57.05
C GLU G 125 -20.44 2.27 57.52
N LYS G 126 -19.22 2.50 58.01
CA LYS G 126 -18.88 3.79 58.59
C LYS G 126 -18.75 4.89 57.53
N ARG G 127 -18.03 4.62 56.46
CA ARG G 127 -17.72 5.68 55.51
C ARG G 127 -18.82 5.89 54.48
N LEU G 128 -19.45 4.82 53.98
CA LEU G 128 -20.47 4.93 52.95
C LEU G 128 -21.88 4.74 53.51
N GLY G 129 -22.01 4.28 54.74
CA GLY G 129 -23.33 3.93 55.25
C GLY G 129 -23.97 2.74 54.55
N LYS G 130 -23.18 1.82 54.03
CA LYS G 130 -23.72 0.64 53.36
C LYS G 130 -24.16 -0.39 54.39
N GLU G 131 -25.18 -1.17 54.03
CA GLU G 131 -25.59 -2.30 54.81
C GLU G 131 -24.94 -3.55 54.22
N VAL G 132 -24.30 -4.34 55.06
CA VAL G 132 -23.67 -5.58 54.63
C VAL G 132 -24.61 -6.70 55.05
N THR G 133 -25.02 -7.52 54.08
CA THR G 133 -25.99 -8.58 54.27
C THR G 133 -25.49 -9.84 53.59
N PRO G 134 -26.13 -10.99 53.84
CA PRO G 134 -25.75 -12.20 53.10
C PRO G 134 -25.91 -12.03 51.61
N GLU G 135 -26.90 -11.24 51.18
CA GLU G 135 -27.06 -10.98 49.76
C GLU G 135 -25.89 -10.19 49.19
N SER G 136 -25.43 -9.16 49.91
CA SER G 136 -24.33 -8.35 49.39
C SER G 136 -23.03 -9.14 49.40
N ILE G 137 -22.81 -9.94 50.45
CA ILE G 137 -21.64 -10.80 50.50
C ILE G 137 -21.65 -11.81 49.36
N ALA G 138 -22.83 -12.37 49.04
CA ALA G 138 -22.92 -13.33 47.96
C ALA G 138 -22.53 -12.70 46.63
N GLY G 139 -22.98 -11.47 46.37
CA GLY G 139 -22.56 -10.78 45.18
C GLY G 139 -21.08 -10.49 45.16
N TYR G 140 -20.53 -10.10 46.31
CA TYR G 140 -19.09 -9.94 46.44
C TYR G 140 -18.35 -11.24 46.12
N MET G 141 -18.85 -12.37 46.62
CA MET G 141 -18.09 -13.62 46.40
C MET G 141 -18.11 -14.02 44.91
N GLU G 142 -19.21 -13.75 44.20
CA GLU G 142 -19.21 -13.97 42.76
C GLU G 142 -18.23 -13.03 42.07
N ALA G 143 -18.26 -11.75 42.42
CA ALA G 143 -17.36 -10.79 41.82
C ALA G 143 -15.91 -11.19 42.04
N VAL G 144 -15.54 -11.59 43.26
CA VAL G 144 -14.13 -11.86 43.53
C VAL G 144 -13.65 -13.13 42.84
N ASN G 145 -14.55 -14.10 42.60
CA ASN G 145 -14.12 -15.29 41.87
C ASN G 145 -14.04 -15.10 40.38
N HIS G 146 -14.66 -14.04 39.86
CA HIS G 146 -14.43 -13.62 38.48
C HIS G 146 -13.14 -12.81 38.38
N THR G 147 -12.92 -11.87 39.29
CA THR G 147 -11.79 -10.96 39.11
C THR G 147 -10.45 -11.55 39.59
N MET G 148 -10.44 -12.34 40.66
CA MET G 148 -9.17 -12.79 41.23
C MET G 148 -8.28 -13.48 40.22
N PRO G 149 -8.77 -14.31 39.30
CA PRO G 149 -7.85 -14.94 38.37
C PRO G 149 -7.28 -13.99 37.34
N GLY G 150 -7.79 -12.75 37.27
CA GLY G 150 -7.30 -11.72 36.35
C GLY G 150 -8.28 -11.28 35.28
N ALA G 151 -9.53 -11.02 35.67
CA ALA G 151 -10.57 -10.58 34.76
C ALA G 151 -11.22 -9.31 35.27
N ALA G 152 -11.85 -8.58 34.34
CA ALA G 152 -12.29 -7.20 34.55
C ALA G 152 -13.74 -7.11 34.98
N ILE G 153 -14.02 -6.10 35.80
CA ILE G 153 -15.40 -5.92 36.33
C ILE G 153 -15.86 -4.46 36.23
N VAL G 154 -14.95 -3.49 36.07
CA VAL G 154 -15.38 -2.06 36.08
C VAL G 154 -15.12 -1.36 34.74
N GLN G 155 -13.88 -1.43 34.25
CA GLN G 155 -13.48 -0.62 33.08
C GLN G 155 -13.91 -1.22 31.73
N GLU G 156 -13.82 -0.40 30.68
CA GLU G 156 -14.10 -0.87 29.31
C GLU G 156 -12.76 -1.09 28.60
N HIS G 157 -12.74 -2.00 27.63
CA HIS G 157 -11.54 -2.28 26.81
C HIS G 157 -10.36 -2.84 27.63
N MET G 158 -10.67 -3.69 28.59
CA MET G 158 -9.68 -4.38 29.39
C MET G 158 -9.30 -5.71 28.73
N VAL G 159 -8.03 -6.07 28.83
CA VAL G 159 -7.55 -7.38 28.41
C VAL G 159 -7.40 -8.23 29.64
N GLU G 160 -7.49 -9.54 29.49
CA GLU G 160 -7.67 -10.39 30.66
C GLU G 160 -6.82 -11.65 30.55
N THR G 161 -6.61 -12.32 31.70
CA THR G 161 -5.91 -13.57 31.66
C THR G 161 -6.78 -14.65 31.03
N HIS G 162 -6.12 -15.58 30.35
CA HIS G 162 -6.80 -16.75 29.80
C HIS G 162 -7.32 -17.59 30.96
N PRO G 163 -8.64 -17.78 31.08
CA PRO G 163 -9.14 -18.49 32.29
C PRO G 163 -8.55 -19.87 32.50
N GLY G 164 -8.16 -20.56 31.42
CA GLY G 164 -7.57 -21.86 31.56
C GLY G 164 -6.17 -21.85 32.11
N LEU G 165 -5.47 -20.73 32.01
CA LEU G 165 -4.13 -20.65 32.61
C LEU G 165 -4.18 -20.39 34.10
N VAL G 166 -5.34 -19.99 34.62
CA VAL G 166 -5.49 -19.55 35.99
C VAL G 166 -6.66 -20.30 36.65
N ASP G 167 -6.85 -21.57 36.28
CA ASP G 167 -8.00 -22.35 36.73
C ASP G 167 -7.88 -22.80 38.17
N ASP G 168 -6.69 -22.66 38.77
CA ASP G 168 -6.43 -22.99 40.15
C ASP G 168 -6.68 -21.83 41.12
N CYS G 169 -6.91 -20.63 40.60
CA CYS G 169 -7.09 -19.44 41.43
C CYS G 169 -8.53 -19.35 41.88
N TYR G 170 -8.74 -19.18 43.18
CA TYR G 170 -10.09 -18.96 43.69
C TYR G 170 -10.03 -18.30 45.07
N VAL G 171 -11.22 -17.92 45.56
CA VAL G 171 -11.40 -17.33 46.89
C VAL G 171 -12.58 -18.00 47.57
N LYS G 172 -12.37 -18.47 48.81
CA LYS G 172 -13.50 -18.91 49.62
C LYS G 172 -13.53 -18.12 50.91
N MET G 173 -14.73 -17.99 51.47
N MET G 173 -14.73 -18.07 51.50
CA MET G 173 -14.86 -17.43 52.80
CA MET G 173 -14.96 -17.43 52.79
C MET G 173 -14.99 -18.53 53.84
C MET G 173 -15.11 -18.49 53.87
N PHE G 174 -14.63 -18.18 55.08
CA PHE G 174 -14.89 -19.02 56.23
C PHE G 174 -15.18 -18.16 57.44
N THR G 175 -15.90 -18.73 58.39
CA THR G 175 -16.33 -17.95 59.54
C THR G 175 -16.70 -18.86 60.70
N GLY G 176 -16.49 -18.36 61.90
CA GLY G 176 -16.96 -19.03 63.09
C GLY G 176 -18.43 -18.80 63.37
N ASP G 177 -19.10 -18.01 62.54
CA ASP G 177 -20.55 -17.77 62.68
C ASP G 177 -21.30 -18.70 61.74
N ASP G 178 -21.89 -19.76 62.31
CA ASP G 178 -22.58 -20.76 61.50
C ASP G 178 -23.79 -20.17 60.79
N GLU G 179 -24.40 -19.12 61.37
CA GLU G 179 -25.59 -18.54 60.75
C GLU G 179 -25.24 -17.85 59.43
N LEU G 180 -24.09 -17.20 59.36
CA LEU G 180 -23.65 -16.63 58.11
C LEU G 180 -23.18 -17.70 57.15
N ALA G 181 -22.43 -18.68 57.64
CA ALA G 181 -21.92 -19.72 56.75
C ALA G 181 -23.07 -20.41 56.03
N ASP G 182 -24.21 -20.58 56.72
CA ASP G 182 -25.33 -21.31 56.16
C ASP G 182 -26.10 -20.51 55.12
N GLU G 183 -25.89 -19.20 55.06
CA GLU G 183 -26.62 -18.34 54.15
C GLU G 183 -25.91 -18.14 52.82
N ILE G 184 -24.64 -18.50 52.73
CA ILE G 184 -23.85 -18.30 51.51
C ILE G 184 -23.79 -19.63 50.77
N ASP G 185 -23.92 -19.56 49.44
CA ASP G 185 -23.82 -20.73 48.57
C ASP G 185 -22.57 -21.53 48.91
N SER G 186 -22.74 -22.84 49.09
CA SER G 186 -21.64 -23.63 49.65
C SER G 186 -20.42 -23.67 48.72
N GLN G 187 -20.56 -23.35 47.43
CA GLN G 187 -19.38 -23.34 46.57
C GLN G 187 -18.37 -22.30 47.02
N TYR G 188 -18.79 -21.32 47.82
CA TYR G 188 -17.92 -20.21 48.21
C TYR G 188 -17.42 -20.29 49.65
N VAL G 189 -17.72 -21.37 50.38
CA VAL G 189 -17.54 -21.44 51.82
C VAL G 189 -16.74 -22.68 52.17
N ILE G 190 -15.74 -22.50 53.05
CA ILE G 190 -15.07 -23.66 53.65
C ILE G 190 -15.91 -24.12 54.82
N ASN G 191 -16.40 -25.36 54.75
CA ASN G 191 -17.34 -25.91 55.75
C ASN G 191 -16.56 -26.52 56.91
N ILE G 192 -16.40 -25.72 57.97
CA ILE G 192 -15.64 -26.15 59.13
C ILE G 192 -16.25 -27.38 59.76
N ASN G 193 -17.59 -27.43 59.83
CA ASN G 193 -18.24 -28.53 60.52
C ASN G 193 -18.09 -29.85 59.80
N ASP G 194 -18.09 -29.82 58.47
CA ASP G 194 -17.93 -31.05 57.70
C ASP G 194 -16.49 -31.52 57.70
N LEU G 195 -15.53 -30.60 57.61
CA LEU G 195 -14.15 -31.00 57.48
C LEU G 195 -13.54 -31.39 58.82
N PHE G 196 -14.04 -30.82 59.92
CA PHE G 196 -13.43 -31.04 61.23
C PHE G 196 -14.39 -31.76 62.16
N ASP G 197 -14.85 -32.92 61.72
CA ASP G 197 -15.90 -33.66 62.40
C ASP G 197 -15.42 -34.63 63.46
N LYS G 198 -14.11 -34.75 63.68
CA LYS G 198 -13.58 -35.68 64.68
C LYS G 198 -13.19 -34.95 65.97
N GLU G 199 -13.49 -35.59 67.11
CA GLU G 199 -12.99 -35.14 68.42
C GLU G 199 -13.31 -33.68 68.71
N GLY G 200 -14.47 -33.21 68.24
CA GLY G 200 -14.85 -31.85 68.55
C GLY G 200 -13.97 -30.79 67.96
N GLN G 201 -13.18 -31.11 66.93
CA GLN G 201 -12.24 -30.13 66.39
C GLN G 201 -12.97 -28.92 65.82
N ASN G 202 -14.11 -29.15 65.16
CA ASN G 202 -14.83 -28.02 64.58
C ASN G 202 -15.18 -26.98 65.65
N GLU G 203 -15.63 -27.43 66.82
CA GLU G 203 -16.04 -26.47 67.84
C GLU G 203 -14.83 -25.76 68.44
N LYS G 204 -13.68 -26.42 68.49
CA LYS G 204 -12.47 -25.73 68.95
C LYS G 204 -12.06 -24.63 67.98
N LEU G 205 -12.10 -24.93 66.67
CA LEU G 205 -11.78 -23.91 65.68
C LEU G 205 -12.76 -22.76 65.72
N LYS G 206 -14.05 -23.06 65.79
CA LYS G 206 -15.02 -21.98 65.80
C LYS G 206 -14.88 -21.11 67.05
N ALA G 207 -14.58 -21.73 68.19
CA ALA G 207 -14.43 -20.94 69.40
C ALA G 207 -13.21 -20.03 69.31
N ALA G 208 -12.14 -20.51 68.69
CA ALA G 208 -10.92 -19.72 68.58
C ALA G 208 -11.08 -18.60 67.56
N ILE G 209 -11.75 -18.87 66.44
CA ILE G 209 -11.94 -17.85 65.41
C ILE G 209 -13.01 -16.85 65.83
N GLY G 210 -14.04 -17.30 66.55
CA GLY G 210 -15.13 -16.46 66.97
C GLY G 210 -16.01 -16.09 65.79
N LYS G 211 -16.91 -15.13 66.03
CA LYS G 211 -17.84 -14.68 65.00
C LYS G 211 -17.15 -13.61 64.15
N THR G 212 -16.08 -14.04 63.50
CA THR G 212 -15.32 -13.23 62.55
C THR G 212 -15.30 -13.96 61.20
N THR G 213 -15.17 -13.18 60.13
CA THR G 213 -15.23 -13.66 58.76
C THR G 213 -13.94 -13.37 58.02
N TRP G 214 -13.51 -14.35 57.24
CA TRP G 214 -12.21 -14.38 56.60
C TRP G 214 -12.37 -14.86 55.16
N GLN G 215 -11.47 -14.41 54.29
CA GLN G 215 -11.32 -14.94 52.95
C GLN G 215 -10.00 -15.68 52.83
N ALA G 216 -10.08 -16.88 52.29
CA ALA G 216 -8.90 -17.67 51.92
C ALA G 216 -8.71 -17.43 50.45
N VAL G 217 -7.62 -16.72 50.11
CA VAL G 217 -7.33 -16.30 48.75
C VAL G 217 -6.17 -17.12 48.23
N HIS G 218 -6.33 -17.68 47.02
CA HIS G 218 -5.28 -18.48 46.40
C HIS G 218 -5.10 -17.93 45.00
N ILE G 219 -4.03 -17.16 44.79
CA ILE G 219 -3.78 -16.52 43.50
C ILE G 219 -3.24 -17.54 42.51
N PRO G 220 -3.12 -17.21 41.22
CA PRO G 220 -2.74 -18.25 40.25
C PRO G 220 -1.32 -18.75 40.45
N THR G 221 -1.16 -20.09 40.39
CA THR G 221 0.17 -20.68 40.39
C THR G 221 1.09 -20.04 39.35
N ILE G 222 0.57 -19.79 38.15
CA ILE G 222 1.42 -19.24 37.10
C ILE G 222 2.02 -17.90 37.50
N VAL G 223 1.30 -17.13 38.32
CA VAL G 223 1.80 -15.79 38.73
C VAL G 223 2.99 -15.92 39.69
N VAL G 224 2.87 -16.79 40.70
CA VAL G 224 4.00 -16.94 41.68
C VAL G 224 5.19 -17.61 40.98
N ARG G 225 4.93 -18.38 39.93
CA ARG G 225 6.05 -18.99 39.17
C ARG G 225 6.80 -17.90 38.37
N CYS G 226 6.08 -17.01 37.71
CA CYS G 226 6.74 -15.90 36.97
C CYS G 226 7.35 -14.90 37.95
N CYS G 227 6.73 -14.74 39.10
CA CYS G 227 7.16 -13.69 40.05
C CYS G 227 7.65 -14.31 41.37
N ASP G 228 7.06 -13.91 42.49
CA ASP G 228 7.52 -14.45 43.79
C ASP G 228 6.37 -14.45 44.80
N GLY G 229 6.68 -14.88 46.01
CA GLY G 229 5.68 -14.93 47.08
C GLY G 229 5.18 -13.55 47.50
N GLY G 230 6.00 -12.51 47.29
CA GLY G 230 5.58 -11.16 47.61
C GLY G 230 4.43 -10.69 46.76
N ASN G 231 4.19 -11.37 45.63
CA ASN G 231 3.07 -11.01 44.76
C ASN G 231 1.73 -11.31 45.45
N THR G 232 1.70 -12.32 46.31
CA THR G 232 0.41 -12.91 46.74
C THR G 232 -0.50 -11.92 47.45
N SER G 233 -0.03 -11.28 48.53
CA SER G 233 -0.93 -10.39 49.28
C SER G 233 -1.33 -9.18 48.44
N ARG G 234 -0.45 -8.75 47.53
CA ARG G 234 -0.76 -7.61 46.69
C ARG G 234 -1.81 -7.96 45.64
N TRP G 235 -1.62 -9.09 44.95
CA TRP G 235 -2.57 -9.55 43.93
C TRP G 235 -3.96 -9.72 44.54
N SER G 236 -4.01 -10.41 45.67
CA SER G 236 -5.22 -10.59 46.46
C SER G 236 -5.89 -9.25 46.72
N ALA G 237 -5.13 -8.30 47.26
CA ALA G 237 -5.74 -7.04 47.64
C ALA G 237 -6.29 -6.28 46.44
N MET G 238 -5.61 -6.33 45.29
CA MET G 238 -6.10 -5.57 44.15
C MET G 238 -7.49 -6.03 43.75
N GLN G 239 -7.70 -7.35 43.70
CA GLN G 239 -8.96 -7.90 43.21
C GLN G 239 -10.06 -7.91 44.28
N ILE G 240 -9.68 -8.06 45.55
CA ILE G 240 -10.60 -7.74 46.65
C ILE G 240 -11.15 -6.32 46.50
N GLY G 241 -10.27 -5.34 46.26
CA GLY G 241 -10.72 -3.97 46.11
C GLY G 241 -11.67 -3.78 44.92
N MET G 242 -11.31 -4.34 43.77
CA MET G 242 -12.18 -4.24 42.61
C MET G 242 -13.54 -4.84 42.91
N SER G 243 -13.55 -5.93 43.68
CA SER G 243 -14.80 -6.63 43.93
C SER G 243 -15.69 -5.85 44.91
N PHE G 244 -15.08 -5.22 45.92
CA PHE G 244 -15.85 -4.35 46.81
C PHE G 244 -16.40 -3.16 46.04
N ILE G 245 -15.61 -2.58 45.15
CA ILE G 245 -16.10 -1.44 44.37
C ILE G 245 -17.39 -1.81 43.64
N ALA G 246 -17.38 -2.95 42.94
CA ALA G 246 -18.52 -3.39 42.17
C ALA G 246 -19.68 -3.80 43.07
N ALA G 247 -19.39 -4.57 44.12
CA ALA G 247 -20.45 -5.21 44.90
C ALA G 247 -21.20 -4.23 45.79
N TYR G 248 -20.60 -3.07 46.08
CA TYR G 248 -21.20 -2.06 46.94
C TYR G 248 -21.42 -0.75 46.21
N ASN G 249 -21.31 -0.73 44.89
CA ASN G 249 -21.58 0.49 44.11
C ASN G 249 -20.80 1.69 44.61
N MET G 250 -19.52 1.48 44.91
CA MET G 250 -18.68 2.56 45.34
C MET G 250 -18.25 3.41 44.15
N CYS G 251 -17.78 4.63 44.41
CA CYS G 251 -16.91 5.25 43.42
C CYS G 251 -15.76 4.29 43.13
N ALA G 252 -15.43 4.11 41.86
CA ALA G 252 -14.31 3.26 41.48
C ALA G 252 -13.04 4.08 41.70
N GLY G 253 -12.68 4.23 42.98
CA GLY G 253 -11.54 5.01 43.39
C GLY G 253 -11.91 6.25 44.20
N GLU G 254 -12.36 6.06 45.42
CA GLU G 254 -12.56 7.15 46.38
C GLU G 254 -11.73 6.87 47.63
N ALA G 255 -11.73 7.82 48.56
CA ALA G 255 -10.90 7.67 49.75
C ALA G 255 -11.19 6.36 50.49
N ALA G 256 -12.46 5.98 50.58
CA ALA G 256 -12.78 4.76 51.33
C ALA G 256 -12.14 3.51 50.70
N VAL G 257 -11.90 3.53 49.39
CA VAL G 257 -11.24 2.39 48.74
C VAL G 257 -9.84 2.18 49.32
N ALA G 258 -9.13 3.27 49.65
CA ALA G 258 -7.80 3.12 50.20
C ALA G 258 -7.83 2.48 51.59
N ASP G 259 -8.89 2.68 52.36
CA ASP G 259 -8.99 1.99 53.65
C ASP G 259 -9.16 0.50 53.40
N LEU G 260 -9.96 0.13 52.38
CA LEU G 260 -10.09 -1.28 52.03
C LEU G 260 -8.76 -1.87 51.62
N ALA G 261 -7.96 -1.09 50.88
CA ALA G 261 -6.64 -1.55 50.45
C ALA G 261 -5.71 -1.78 51.63
N PHE G 262 -5.64 -0.82 52.55
CA PHE G 262 -4.76 -0.99 53.72
C PHE G 262 -5.20 -2.19 54.53
N ALA G 263 -6.52 -2.38 54.66
CA ALA G 263 -7.02 -3.55 55.38
C ALA G 263 -6.61 -4.85 54.69
N ALA G 264 -6.76 -4.92 53.38
CA ALA G 264 -6.47 -6.17 52.66
C ALA G 264 -4.97 -6.44 52.55
N LYS G 265 -4.15 -5.41 52.47
CA LYS G 265 -2.72 -5.57 52.28
C LYS G 265 -1.98 -5.70 53.59
N MHS G 266 -2.56 -5.17 54.67
CA MHS G 266 -1.84 -5.09 55.92
C MHS G 266 -2.66 -5.42 57.16
O MHS G 266 -2.44 -6.41 57.84
CB MHS G 266 -1.15 -3.72 56.18
CG MHS G 266 -0.26 -3.36 55.06
ND1 MHS G 266 1.07 -3.83 54.90
CD2 MHS G 266 -0.49 -2.49 53.98
CE1 MHS G 266 1.57 -3.24 53.74
NE2 MHS G 266 0.65 -2.43 53.16
CM MHS G 266 1.77 -4.74 55.76
N ALA G 267 -3.63 -4.58 57.48
CA ALA G 267 -4.25 -4.64 58.81
C ALA G 267 -4.98 -5.95 59.09
N ALA G 268 -5.59 -6.52 58.05
CA ALA G 268 -6.37 -7.76 58.19
C ALA G 268 -5.76 -8.90 57.38
N ALA G 269 -4.53 -8.75 56.95
CA ALA G 269 -3.83 -9.73 56.14
C ALA G 269 -2.96 -10.63 57.01
N VAL G 270 -3.03 -11.92 56.75
CA VAL G 270 -2.32 -12.94 57.50
C VAL G 270 -1.43 -13.67 56.49
N GLN G 271 -0.19 -13.25 56.43
CA GLN G 271 0.80 -13.89 55.50
C GLN G 271 1.20 -15.27 56.02
N MET G 272 1.60 -16.13 55.10
CA MET G 272 2.12 -17.45 55.51
C MET G 272 3.53 -17.28 56.10
N ALA G 273 4.23 -16.22 55.69
CA ALA G 273 5.62 -16.01 56.12
C ALA G 273 5.95 -14.52 55.97
N GLU G 274 6.75 -14.01 56.90
CA GLU G 274 7.19 -12.61 56.80
C GLU G 274 8.57 -12.52 56.14
N MET G 275 9.00 -11.28 55.93
CA MET G 275 10.28 -11.04 55.22
C MET G 275 11.49 -11.51 56.01
N LEU G 276 12.63 -11.54 55.34
CA LEU G 276 13.89 -12.04 55.89
C LEU G 276 14.96 -10.96 55.81
N PRO G 277 16.00 -11.06 56.64
CA PRO G 277 17.06 -10.05 56.65
C PRO G 277 17.93 -10.09 55.40
N ALA G 278 18.76 -9.05 55.30
CA ALA G 278 19.39 -8.68 54.04
C ALA G 278 20.25 -9.78 53.47
N ARG G 279 21.02 -10.50 54.29
CA ARG G 279 21.94 -11.51 53.72
C ARG G 279 21.14 -12.57 52.93
N AGM G 280 19.91 -12.86 53.38
CA AGM G 280 19.04 -13.84 52.69
CB AGM G 280 18.82 -15.08 53.57
CG AGM G 280 18.30 -14.83 54.98
CD AGM G 280 18.56 -16.00 55.92
CE2 AGM G 280 17.60 -17.14 55.65
NE1 AGM G 280 18.46 -15.58 57.32
CZ AGM G 280 19.37 -14.91 58.02
NH1 AGM G 280 19.12 -14.59 59.28
NH2 AGM G 280 20.52 -14.57 57.46
C AGM G 280 17.74 -13.12 52.32
O AGM G 280 16.65 -13.70 52.44
N ALA G 281 17.89 -11.91 51.78
CA ALA G 281 16.73 -11.08 51.42
C ALA G 281 15.73 -11.84 50.56
N ARG G 282 14.48 -11.82 51.00
CA ARG G 282 13.37 -12.49 50.33
C ARG G 282 12.11 -11.68 50.62
N SER G 283 11.17 -11.79 49.70
CA SER G 283 9.87 -11.21 49.90
C SER G 283 9.12 -12.01 50.98
N PRO G 284 7.98 -11.51 51.43
CA PRO G 284 7.06 -12.35 52.23
C PRO G 284 6.60 -13.57 51.48
N ASN G 285 6.00 -14.50 52.24
CA ASN G 285 5.49 -15.75 51.67
C ASN G 285 6.57 -16.59 50.98
N GLU G 286 7.76 -16.63 51.57
CA GLU G 286 8.84 -17.52 51.15
C GLU G 286 9.24 -18.44 52.30
N PRO G 287 9.91 -19.56 52.03
CA PRO G 287 10.03 -20.59 53.06
C PRO G 287 10.83 -20.18 54.28
N GLY G 288 11.80 -19.31 54.12
CA GLY G 288 12.59 -18.90 55.28
C GLY G 288 11.76 -18.27 56.38
N GLY G 289 10.68 -17.59 56.01
CA GLY G 289 9.82 -16.98 57.00
C GLY G 289 8.70 -17.84 57.52
N LEU G 290 8.65 -19.11 57.12
CA LEU G 290 7.59 -20.01 57.55
C LEU G 290 7.90 -20.57 58.95
N SER G 291 7.04 -20.25 59.91
CA SER G 291 7.18 -20.78 61.24
C SER G 291 6.75 -22.25 61.30
N PHE G 292 7.29 -22.95 62.30
CA PHE G 292 7.03 -24.38 62.41
C PHE G 292 5.59 -24.63 62.80
N GLY G 293 5.01 -23.76 63.60
CA GLY G 293 3.61 -23.91 63.92
C GLY G 293 2.72 -23.77 62.70
N TYR G 294 3.04 -22.82 61.80
CA TYR G 294 2.23 -22.68 60.60
C TYR G 294 2.38 -23.88 59.70
N CYS G 295 3.62 -24.35 59.52
CA CYS G 295 3.84 -25.50 58.66
C CYS G 295 3.04 -26.69 59.15
N ALA G 296 3.08 -26.94 60.46
CA ALA G 296 2.33 -28.06 61.05
C ALA G 296 0.84 -27.89 60.82
N ASP G 297 0.35 -26.66 60.89
CA ASP G 297 -1.08 -26.43 60.76
C ASP G 297 -1.58 -26.55 59.33
N MET G 298 -0.69 -26.43 58.34
CA MET G 298 -1.11 -26.57 56.94
C MET G 298 -1.44 -28.04 56.64
N VAL G 299 -0.80 -28.95 57.34
CA VAL G 299 -0.97 -30.39 57.12
C VAL G 299 -2.25 -30.85 57.79
N GLN G 300 -3.00 -31.71 57.10
CA GLN G 300 -4.38 -31.95 57.48
C GLN G 300 -4.69 -33.37 57.93
N THR G 301 -3.66 -34.20 58.14
CA THR G 301 -3.93 -35.57 58.61
C THR G 301 -4.58 -35.56 59.99
N LEU G 302 -4.36 -34.49 60.75
CA LEU G 302 -4.90 -34.37 62.10
C LEU G 302 -6.43 -34.34 62.10
N ARG G 303 -7.08 -33.80 61.07
CA ARG G 303 -8.54 -33.79 61.06
C ARG G 303 -9.12 -35.12 60.60
N VAL G 304 -8.29 -35.96 60.01
CA VAL G 304 -8.73 -37.24 59.46
C VAL G 304 -8.65 -38.34 60.51
N LYS G 305 -7.54 -38.42 61.24
CA LYS G 305 -7.30 -39.54 62.15
C LYS G 305 -6.55 -39.09 63.38
N PRO G 306 -7.16 -38.25 64.22
CA PRO G 306 -6.45 -37.79 65.44
C PRO G 306 -6.15 -38.90 66.43
N GLU G 307 -6.82 -40.06 66.33
CA GLU G 307 -6.55 -41.15 67.26
C GLU G 307 -5.20 -41.81 67.02
N ASP G 308 -4.51 -41.50 65.92
CA ASP G 308 -3.16 -41.97 65.67
C ASP G 308 -2.28 -40.74 65.55
N PRO G 309 -1.77 -40.21 66.66
CA PRO G 309 -0.96 -39.00 66.58
C PRO G 309 0.32 -39.18 65.77
N VAL G 310 0.83 -40.40 65.66
CA VAL G 310 2.09 -40.59 64.94
C VAL G 310 1.91 -40.33 63.45
N TRP G 311 0.79 -40.77 62.86
CA TRP G 311 0.64 -40.62 61.42
C TRP G 311 0.69 -39.14 61.01
N TYR G 312 -0.18 -38.31 61.60
CA TYR G 312 -0.13 -36.89 61.32
C TYR G 312 1.26 -36.32 61.55
N THR G 313 1.88 -36.67 62.66
CA THR G 313 3.23 -36.18 62.95
C THR G 313 4.17 -36.46 61.78
N LEU G 314 4.18 -37.69 61.30
CA LEU G 314 5.12 -38.04 60.24
C LEU G 314 4.72 -37.46 58.88
N GLU G 315 3.44 -37.16 58.67
CA GLU G 315 3.08 -36.40 57.46
C GLU G 315 3.59 -34.97 57.53
N VAL G 316 3.56 -34.34 58.72
CA VAL G 316 4.19 -33.03 58.89
C VAL G 316 5.69 -33.12 58.60
N VAL G 317 6.36 -34.12 59.17
CA VAL G 317 7.78 -34.31 58.85
C VAL G 317 7.96 -34.37 57.34
N ALA G 318 7.11 -35.13 56.64
CA ALA G 318 7.30 -35.26 55.19
C ALA G 318 7.11 -33.92 54.49
N CYS G 319 6.09 -33.17 54.89
CA CYS G 319 5.85 -31.84 54.33
C CYS G 319 7.05 -30.93 54.54
N GLY G 320 7.48 -30.81 55.80
CA GLY G 320 8.54 -29.87 56.15
C GLY G 320 9.90 -30.26 55.62
N THR G 321 10.26 -31.54 55.68
CA THR G 321 11.63 -31.87 55.28
C THR G 321 11.82 -31.63 53.80
N MET G 322 10.83 -31.99 52.98
CA MET G 322 10.88 -31.69 51.56
C MET G 322 10.96 -30.18 51.33
N LEU G 323 10.02 -29.43 51.88
CA LEU G 323 10.01 -28.00 51.63
C LEU G 323 11.28 -27.32 52.14
N TYR G 324 11.62 -27.55 53.39
CA TYR G 324 12.70 -26.78 53.99
C TYR G 324 14.06 -27.24 53.47
N ASP G 325 14.28 -28.56 53.32
CA ASP G 325 15.59 -29.01 52.89
C ASP G 325 15.73 -29.08 51.38
N GLN G 326 14.72 -29.57 50.66
CA GLN G 326 14.89 -29.75 49.20
C GLN G 326 14.70 -28.45 48.43
N ILE G 327 13.62 -27.73 48.71
CA ILE G 327 13.32 -26.50 47.98
C ILE G 327 14.01 -25.28 48.59
N TRP G 328 13.86 -25.05 49.87
CA TRP G 328 14.37 -23.86 50.53
C TRP G 328 15.90 -23.93 50.64
N LEU G 329 16.42 -24.84 51.46
CA LEU G 329 17.87 -24.87 51.63
C LEU G 329 18.57 -25.38 50.37
N GLY G 330 17.97 -26.36 49.68
CA GLY G 330 18.61 -26.99 48.53
C GLY G 330 18.42 -26.31 47.23
N SER G 331 17.59 -25.24 47.19
CA SER G 331 17.46 -24.45 45.98
C SER G 331 17.54 -22.97 46.32
N TYR G 332 16.51 -22.40 46.95
CA TYR G 332 16.56 -20.97 47.25
C TYR G 332 17.88 -20.53 47.85
N MET G 333 18.41 -21.31 48.80
CA MET G 333 19.61 -20.96 49.57
C MET G 333 20.88 -21.62 49.04
N SER G 334 20.77 -22.42 47.99
CA SER G 334 21.94 -23.06 47.38
C SER G 334 21.65 -23.41 45.93
N GLY G 335 21.38 -24.66 45.63
CA GLY G 335 21.12 -25.09 44.27
C GLY G 335 22.05 -26.20 43.82
N GLY G 336 21.79 -26.65 42.59
CA GLY G 336 22.49 -27.76 42.00
C GLY G 336 21.76 -29.09 42.17
N VAL G 337 22.52 -30.16 42.23
CA VAL G 337 21.95 -31.45 42.62
C VAL G 337 21.12 -31.31 43.90
N GLY G 338 21.63 -30.58 44.88
CA GLY G 338 20.84 -30.24 46.07
C GLY G 338 20.72 -31.39 47.06
N PHE G 339 19.56 -31.46 47.73
CA PHE G 339 19.44 -32.10 49.04
C PHE G 339 18.29 -33.11 49.13
N THR G 340 18.08 -33.87 48.06
CA THR G 340 16.93 -34.80 48.01
C THR G 340 16.99 -35.83 49.13
N GLN G 341 18.09 -36.59 49.20
CA GLN G 341 18.18 -37.69 50.17
C GLN G 341 18.35 -37.21 51.61
N TYR G 342 18.85 -36.01 51.82
CA TYR G 342 18.81 -35.45 53.17
C TYR G 342 17.38 -35.43 53.70
N ALA G 343 16.39 -35.20 52.81
CA ALA G 343 14.98 -35.19 53.19
C ALA G 343 14.31 -36.56 53.03
N THR G 344 14.62 -37.32 51.98
CA THR G 344 13.93 -38.60 51.79
C THR G 344 14.10 -39.50 52.99
N ALA G 345 15.21 -39.39 53.72
CA ALA G 345 15.45 -40.26 54.85
C ALA G 345 14.30 -40.15 55.85
N ALA G 346 13.63 -39.00 55.86
CA ALA G 346 12.56 -38.72 56.79
C ALA G 346 11.18 -39.15 56.30
N TYR G 347 11.03 -39.57 55.04
CA TYR G 347 9.70 -39.88 54.51
C TYR G 347 9.68 -41.12 53.61
N THR G 348 10.75 -41.93 53.62
CA THR G 348 10.80 -43.16 52.83
C THR G 348 11.21 -44.35 53.68
N ASN G 349 10.83 -45.52 53.17
CA ASN G 349 11.27 -46.83 53.65
C ASN G 349 10.82 -47.15 55.06
N ASP G 350 9.86 -46.39 55.58
CA ASP G 350 9.21 -46.64 56.88
C ASP G 350 10.19 -46.65 58.04
N VAL G 351 11.33 -45.97 57.87
CA VAL G 351 12.37 -46.02 58.90
C VAL G 351 12.00 -45.15 60.08
N LEU G 352 11.77 -43.85 59.82
CA LEU G 352 11.35 -42.96 60.90
C LEU G 352 10.07 -43.47 61.57
N ASP G 353 9.16 -44.05 60.79
CA ASP G 353 7.92 -44.62 61.34
C ASP G 353 8.24 -45.71 62.35
N ASP G 354 9.14 -46.63 62.00
CA ASP G 354 9.52 -47.67 62.94
C ASP G 354 10.07 -47.08 64.23
N PHE G 355 10.99 -46.14 64.12
CA PHE G 355 11.67 -45.65 65.32
C PHE G 355 10.70 -44.86 66.18
N THR G 356 9.73 -44.17 65.55
CA THR G 356 8.76 -43.35 66.29
C THR G 356 7.64 -44.19 66.90
N TYR G 357 7.12 -45.16 66.16
CA TYR G 357 6.13 -46.04 66.78
C TYR G 357 6.73 -46.86 67.92
N TYR G 358 8.02 -47.24 67.79
CA TYR G 358 8.70 -47.86 68.92
C TYR G 358 8.65 -46.95 70.14
N GLY G 359 9.02 -45.69 69.95
CA GLY G 359 9.00 -44.72 71.04
C GLY G 359 7.60 -44.49 71.62
N TYR G 360 6.60 -44.38 70.75
CA TYR G 360 5.24 -44.16 71.21
C TYR G 360 4.80 -45.30 72.14
N ASP G 361 5.07 -46.54 71.74
CA ASP G 361 4.76 -47.70 72.56
C ASP G 361 5.51 -47.67 73.90
N TYR G 362 6.80 -47.34 73.87
CA TYR G 362 7.58 -47.21 75.10
C TYR G 362 6.96 -46.19 76.04
N ALA G 363 6.59 -45.02 75.50
CA ALA G 363 6.05 -43.95 76.33
C ALA G 363 4.67 -44.32 76.86
N LEU G 364 3.81 -44.90 76.00
CA LEU G 364 2.49 -45.30 76.46
C LEU G 364 2.58 -46.27 77.62
N ASN G 365 3.52 -47.20 77.56
CA ASN G 365 3.57 -48.20 78.61
C ASN G 365 4.23 -47.67 79.86
N LYS G 366 5.08 -46.66 79.76
CA LYS G 366 5.77 -46.15 80.94
C LYS G 366 5.03 -44.96 81.57
N TYR G 367 4.60 -44.01 80.74
CA TYR G 367 4.01 -42.77 81.23
C TYR G 367 2.48 -42.70 81.08
N GLY G 368 1.87 -43.53 80.23
CA GLY G 368 0.43 -43.52 80.09
C GLY G 368 -0.07 -42.85 78.83
N ASP G 369 -1.30 -42.33 78.89
CA ASP G 369 -1.99 -41.82 77.72
C ASP G 369 -1.29 -40.64 77.07
N ASP G 370 -1.57 -40.47 75.77
CA ASP G 370 -1.15 -39.31 74.99
C ASP G 370 -1.17 -38.04 75.83
N GLY G 371 -0.06 -37.31 75.83
CA GLY G 371 -0.02 -35.99 76.41
C GLY G 371 0.04 -35.91 77.92
N THR G 372 0.13 -37.02 78.63
CA THR G 372 0.08 -36.98 80.09
C THR G 372 1.44 -37.13 80.75
N ALA G 373 2.52 -37.23 80.00
CA ALA G 373 3.81 -37.45 80.65
C ALA G 373 4.34 -36.14 81.23
N PRO G 374 5.19 -36.20 82.26
CA PRO G 374 5.66 -34.96 82.90
C PRO G 374 6.43 -34.06 81.94
N ASN G 375 6.13 -32.77 82.02
CA ASN G 375 6.71 -31.76 81.11
C ASN G 375 8.03 -31.27 81.71
N ASP G 376 9.03 -32.16 81.73
CA ASP G 376 10.29 -31.80 82.36
C ASP G 376 11.48 -32.41 81.64
N LEU G 377 12.67 -31.90 82.01
CA LEU G 377 13.92 -32.33 81.40
C LEU G 377 14.20 -33.81 81.66
N ALA G 378 13.86 -34.30 82.85
CA ALA G 378 14.07 -35.71 83.16
C ALA G 378 13.32 -36.62 82.18
N THR G 379 12.09 -36.24 81.82
CA THR G 379 11.29 -37.03 80.89
C THR G 379 11.84 -36.96 79.47
N ALA G 380 12.22 -35.77 79.01
CA ALA G 380 12.86 -35.65 77.71
C ALA G 380 14.12 -36.51 77.65
N THR G 381 14.87 -36.55 78.75
CA THR G 381 16.10 -37.33 78.78
C THR G 381 15.81 -38.82 78.63
N ASP G 382 14.83 -39.31 79.37
CA ASP G 382 14.51 -40.73 79.33
C ASP G 382 14.07 -41.13 77.93
N LEU G 383 13.10 -40.41 77.38
CA LEU G 383 12.53 -40.77 76.09
C LEU G 383 13.57 -40.68 74.97
N ALA G 384 14.31 -39.57 74.91
CA ALA G 384 15.27 -39.41 73.82
C ALA G 384 16.36 -40.47 73.89
N THR G 385 16.82 -40.80 75.10
CA THR G 385 17.89 -41.79 75.21
C THR G 385 17.43 -43.16 74.73
N GLU G 386 16.23 -43.59 75.15
CA GLU G 386 15.74 -44.91 74.78
C GLU G 386 15.46 -44.99 73.30
N VAL G 387 14.82 -43.97 72.74
CA VAL G 387 14.46 -43.98 71.33
C VAL G 387 15.71 -43.97 70.45
N THR G 388 16.70 -43.16 70.83
CA THR G 388 17.95 -43.05 70.07
C THR G 388 18.73 -44.35 70.17
N LEU G 389 18.89 -44.91 71.37
CA LEU G 389 19.60 -46.18 71.48
C LEU G 389 18.92 -47.26 70.64
N ASN G 390 17.59 -47.34 70.71
CA ASN G 390 16.90 -48.37 69.93
C ASN G 390 17.14 -48.19 68.43
N GLY G 391 17.06 -46.95 67.94
CA GLY G 391 17.31 -46.69 66.53
C GLY G 391 18.73 -47.01 66.13
N MET G 392 19.69 -46.62 66.96
CA MET G 392 21.08 -46.98 66.68
C MET G 392 21.26 -48.47 66.59
N GLU G 393 20.63 -49.21 67.51
CA GLU G 393 20.71 -50.66 67.48
C GLU G 393 20.09 -51.22 66.20
N CYS G 394 19.00 -50.61 65.70
CA CYS G 394 18.45 -51.02 64.42
C CYS G 394 19.46 -50.86 63.28
N TYR G 395 20.10 -49.69 63.18
CA TYR G 395 21.08 -49.46 62.13
C TYR G 395 22.24 -50.43 62.26
N GLU G 396 22.59 -50.82 63.50
CA GLU G 396 23.69 -51.75 63.72
C GLU G 396 23.31 -53.18 63.36
N ASP G 397 22.07 -53.56 63.61
CA ASP G 397 21.62 -54.94 63.42
C ASP G 397 21.16 -55.22 61.99
N TYR G 398 20.86 -54.18 61.22
CA TYR G 398 20.38 -54.30 59.84
C TYR G 398 21.30 -53.53 58.90
N PRO G 399 22.36 -54.16 58.38
CA PRO G 399 23.28 -53.41 57.51
C PRO G 399 22.63 -52.62 56.38
N THR G 400 21.61 -53.15 55.71
CA THR G 400 21.03 -52.38 54.61
C THR G 400 20.24 -51.16 55.11
N LEU G 401 19.86 -51.13 56.38
CA LEU G 401 19.22 -49.94 56.93
C LEU G 401 20.25 -48.83 57.11
N LEU G 402 21.42 -49.16 57.65
CA LEU G 402 22.52 -48.20 57.73
C LEU G 402 22.92 -47.73 56.34
N GLU G 403 22.91 -48.64 55.37
CA GLU G 403 23.27 -48.30 54.00
C GLU G 403 22.27 -47.33 53.37
N ASP G 404 20.99 -47.45 53.71
CA ASP G 404 19.97 -46.52 53.23
C ASP G 404 20.27 -45.12 53.75
N HIS G 405 20.41 -44.99 55.05
CA HIS G 405 20.74 -43.70 55.65
C HIS G 405 22.26 -43.59 55.74
N PHE G 406 22.86 -43.53 54.56
CA PHE G 406 24.30 -43.65 54.44
C PHE G 406 25.02 -42.43 55.01
N GLY G 407 24.38 -41.28 55.01
CA GLY G 407 24.98 -40.09 55.53
C GLY G 407 24.63 -39.88 57.00
N GLY G 408 25.62 -39.50 57.81
CA GLY G 408 25.34 -39.30 59.22
C GLY G 408 24.25 -38.28 59.50
N SER G 409 24.13 -37.25 58.68
CA SER G 409 23.15 -36.18 58.90
C SER G 409 21.74 -36.79 58.85
N MGN G 410 21.52 -37.68 57.88
CA MGN G 410 20.20 -38.39 57.72
CB1 MGN G 410 20.31 -39.41 56.59
CB2 MGN G 410 19.10 -37.36 57.42
CG MGN G 410 20.50 -38.80 55.19
CD MGN G 410 20.75 -39.91 54.19
OE1 MGN G 410 21.67 -40.71 54.36
NE2 MGN G 410 19.90 -39.99 53.17
C MGN G 410 19.90 -39.17 59.02
O MGN G 410 18.77 -39.07 59.60
N ARG G 411 20.88 -39.93 59.49
CA ARG G 411 20.68 -40.72 60.72
C ARG G 411 20.41 -39.82 61.91
N ALA G 412 21.15 -38.71 61.97
CA ALA G 412 21.02 -37.77 63.09
C ALA G 412 19.61 -37.19 63.12
N GLY G 413 19.12 -36.74 61.98
CA GLY G 413 17.79 -36.14 61.95
C GLY G 413 16.69 -37.14 62.24
N ILE G 414 16.84 -38.37 61.75
CA ILE G 414 15.81 -39.38 61.96
C ILE G 414 15.78 -39.87 63.40
N LEU G 415 16.95 -40.15 63.99
CA LEU G 415 16.99 -40.55 65.41
C LEU G 415 16.44 -39.44 66.30
N ALA G 416 16.82 -38.20 66.02
CA ALA G 416 16.37 -37.07 66.83
C ALA G 416 14.89 -36.80 66.61
N ALA G 417 14.41 -36.90 65.36
CA ALA G 417 12.98 -36.72 65.11
C ALA G 417 12.17 -37.77 65.85
N ALA G 418 12.60 -39.03 65.80
CA ALA G 418 11.86 -40.05 66.52
C ALA G 418 11.83 -39.75 68.02
N SER G 419 12.97 -39.31 68.55
CA SER G 419 13.07 -38.98 69.96
C SER G 419 12.15 -37.83 70.34
N ALA G 420 12.20 -36.75 69.58
CA ALA G 420 11.43 -35.55 69.88
C ALA G 420 9.95 -35.75 69.60
N CYS G 421 9.60 -36.49 68.52
CA CYS G 421 8.21 -36.83 68.26
C CYS G 421 7.62 -37.68 69.36
N THR G 422 8.40 -38.65 69.84
CA THR G 422 7.96 -39.45 70.97
C THR G 422 7.69 -38.55 72.17
N THR G 423 8.64 -37.66 72.46
CA THR G 423 8.51 -36.78 73.61
C THR G 423 7.35 -35.81 73.46
N GLY G 424 7.16 -35.26 72.25
CA GLY G 424 6.03 -34.38 71.99
C GLY G 424 4.70 -35.07 72.21
N ILE G 425 4.53 -36.26 71.64
CA ILE G 425 3.26 -36.97 71.83
C ILE G 425 3.05 -37.31 73.30
N ALA G 426 4.11 -37.76 73.98
CA ALA G 426 3.97 -38.19 75.38
C ALA G 426 3.63 -37.03 76.32
N THR G 427 4.34 -35.90 76.19
CA THR G 427 4.21 -34.78 77.11
C THR G 427 3.17 -33.76 76.65
N GLY G 428 2.84 -33.75 75.37
CA GLY G 428 2.03 -32.68 74.84
C GLY G 428 2.70 -31.33 74.81
N ASN G 429 4.03 -31.27 74.88
CA ASN G 429 4.73 -30.00 75.03
C ASN G 429 5.87 -29.87 74.01
N SER G 430 5.74 -28.91 73.11
CA SER G 430 6.74 -28.75 72.05
C SER G 430 8.12 -28.39 72.60
N GLN G 431 8.17 -27.59 73.64
CA GLN G 431 9.46 -27.10 74.16
C GLN G 431 10.21 -28.21 74.87
N VAL G 432 9.52 -29.06 75.63
CA VAL G 432 10.15 -30.24 76.21
C VAL G 432 10.66 -31.17 75.11
N ALA G 433 9.85 -31.37 74.06
CA ALA G 433 10.29 -32.17 72.92
C ALA G 433 11.58 -31.62 72.31
N LEU G 434 11.73 -30.30 72.30
CA LEU G 434 12.94 -29.71 71.75
C LEU G 434 14.17 -30.13 72.59
N SER G 435 14.07 -30.12 73.92
CA SER G 435 15.18 -30.65 74.72
C SER G 435 15.52 -32.08 74.29
N ALA G 436 14.53 -32.89 74.03
CA ALA G 436 14.75 -34.28 73.62
C ALA G 436 15.50 -34.36 72.27
N TRX G 437 15.12 -33.50 71.33
CA TRX G 437 15.83 -33.43 70.02
C TRX G 437 17.34 -33.25 70.25
O TRX G 437 18.13 -34.07 69.71
CB TRX G 437 15.25 -32.26 69.20
CG TRX G 437 16.05 -31.94 67.98
CD1 TRX G 437 17.11 -31.08 67.90
CD2 TRX G 437 15.87 -32.47 66.65
NE1 TRX G 437 17.60 -31.05 66.64
CE2 TRX G 437 16.85 -31.89 65.83
CE3 TRX G 437 14.95 -33.38 66.09
CZ2 TRX G 437 16.94 -32.18 64.45
CZ3 TRX G 437 15.07 -33.69 64.75
CH2 TRX G 437 16.05 -33.10 63.94
OH2 TRX G 437 16.11 -33.41 62.58
N TYR G 438 17.77 -32.26 71.03
CA TYR G 438 19.22 -32.06 71.20
C TYR G 438 19.84 -33.20 72.00
N MET G 439 19.10 -33.77 72.96
CA MET G 439 19.62 -34.91 73.71
C MET G 439 19.94 -36.07 72.76
N SER G 440 19.07 -36.35 71.79
CA SER G 440 19.33 -37.43 70.85
C SER G 440 20.65 -37.18 70.12
N MET G 441 20.88 -35.95 69.69
CA MET G 441 22.11 -35.65 68.99
C MET G 441 23.34 -35.95 69.82
N TYR G 442 23.32 -35.55 71.09
CA TYR G 442 24.51 -35.71 71.92
C TYR G 442 24.76 -37.19 72.22
N VAL G 443 23.68 -37.95 72.46
CA VAL G 443 23.81 -39.39 72.65
C VAL G 443 24.42 -40.04 71.41
N HIS G 444 23.84 -39.75 70.25
CA HIS G 444 24.31 -40.30 68.97
C HIS G 444 25.80 -40.06 68.78
N LYS G 445 26.24 -38.81 68.95
CA LYS G 445 27.64 -38.47 68.67
C LYS G 445 28.59 -39.33 69.46
N GLU G 446 28.28 -39.60 70.73
CA GLU G 446 29.24 -40.34 71.53
C GLU G 446 29.21 -41.82 71.23
N GLY G 447 28.08 -42.35 70.75
CA GLY G 447 28.04 -43.77 70.41
C GLY G 447 28.95 -44.11 69.25
N TRP G 448 28.86 -43.34 68.16
CA TRP G 448 29.55 -43.67 66.91
C TRP G 448 30.76 -42.79 66.64
N GLY G 449 31.00 -41.77 67.46
CA GLY G 449 32.15 -40.89 67.17
C GLY G 449 31.97 -40.10 65.90
N ARG G 450 30.75 -39.76 65.53
CA ARG G 450 30.39 -39.02 64.34
C ARG G 450 28.95 -38.61 64.54
N LEU G 451 28.52 -37.64 63.79
CA LEU G 451 27.12 -37.18 63.82
C LEU G 451 26.72 -36.93 62.38
N GLY G 452 26.75 -35.67 61.94
CA GLY G 452 26.41 -35.34 60.56
C GLY G 452 27.55 -34.75 59.74
N PHE G 453 27.18 -33.93 58.77
CA PHE G 453 28.13 -33.23 57.90
C PHE G 453 28.91 -32.19 58.74
N PHE G 454 29.91 -31.57 58.11
CA PHE G 454 30.90 -30.71 58.76
C PHE G 454 30.18 -29.70 59.65
CA GL3 G 455 28.41 -27.99 59.79
N GL3 G 455 29.06 -29.15 59.16
C GL3 G 455 27.05 -28.31 60.39
S GL3 G 455 25.98 -27.15 60.77
N TYR G 456 26.74 -29.68 60.54
CA TYR G 456 25.41 -30.16 60.90
C TYR G 456 24.94 -29.67 62.28
N ASP G 457 25.83 -29.75 63.28
CA ASP G 457 25.43 -29.47 64.66
C ASP G 457 25.86 -28.08 65.14
N LEU G 458 25.85 -27.08 64.26
CA LEU G 458 25.89 -25.70 64.76
C LEU G 458 24.70 -25.47 65.70
N GLN G 459 23.50 -25.69 65.20
CA GLN G 459 22.32 -25.53 66.04
C GLN G 459 22.29 -26.60 67.12
N DYA G 460 22.85 -27.77 66.85
CA DYA G 460 22.93 -28.74 67.81
CB DYA G 460 22.32 -29.91 67.56
CG DYA G 460 21.61 -30.22 66.28
OD1 DYA G 460 20.43 -30.51 66.33
OD2 DYA G 460 22.25 -30.16 65.23
C DYA G 460 23.63 -28.50 68.99
O DYA G 460 23.16 -28.80 70.05
N GLN G 461 24.83 -27.89 68.85
CA GLN G 461 25.64 -27.62 70.03
C GLN G 461 25.16 -26.31 70.74
N SMC G 462 24.58 -25.38 69.97
CA SMC G 462 23.87 -24.23 70.61
CB SMC G 462 23.60 -23.18 69.56
SG SMC G 462 25.12 -22.41 68.97
CS SMC G 462 24.65 -21.94 67.30
C SMC G 462 22.53 -24.70 71.19
O SMC G 462 21.88 -23.89 71.90
N GLY G 463 22.11 -25.93 70.91
CA GLY G 463 20.70 -26.29 71.05
C GLY G 463 20.16 -26.40 72.45
N ALA G 464 20.79 -27.25 73.27
CA ALA G 464 20.24 -27.47 74.60
C ALA G 464 20.14 -26.17 75.37
N THR G 465 21.18 -25.34 75.31
CA THR G 465 21.20 -24.12 76.11
C THR G 465 20.20 -23.09 75.60
N ASN G 466 19.83 -23.16 74.32
CA ASN G 466 18.86 -22.19 73.81
C ASN G 466 17.42 -22.67 73.85
N VAL G 467 17.14 -23.90 74.29
CA VAL G 467 15.74 -24.31 74.47
C VAL G 467 15.06 -23.44 75.51
N CYS G 468 15.72 -23.25 76.65
CA CYS G 468 15.12 -22.60 77.81
C CYS G 468 15.76 -21.24 78.08
N SER G 469 16.55 -20.72 77.15
CA SER G 469 16.92 -19.31 77.23
C SER G 469 15.70 -18.41 77.04
N TYR G 470 15.72 -17.24 77.73
CA TYR G 470 14.73 -16.20 77.51
C TYR G 470 15.37 -14.91 76.98
N GLN G 471 16.61 -14.99 76.50
CA GLN G 471 17.29 -13.83 75.94
C GLN G 471 16.73 -13.45 74.56
N GLY G 472 16.85 -12.18 74.23
CA GLY G 472 16.24 -11.63 73.03
C GLY G 472 16.29 -12.46 71.75
N ASP G 473 17.49 -12.82 71.28
CA ASP G 473 17.57 -13.53 70.00
C ASP G 473 17.76 -15.03 70.16
N GLU G 474 17.56 -15.54 71.37
CA GLU G 474 17.65 -16.96 71.73
C GLU G 474 16.30 -17.53 72.15
N GLY G 475 15.59 -16.85 73.04
CA GLY G 475 14.36 -17.40 73.58
C GLY G 475 13.25 -17.30 72.55
N CYS G 476 12.48 -18.37 72.46
CA CYS G 476 11.34 -18.44 71.56
C CYS G 476 10.70 -19.79 71.71
N CYS G 477 9.37 -19.84 71.88
CA CYS G 477 8.70 -21.13 71.84
C CYS G 477 8.82 -21.74 70.45
N LEU G 478 8.82 -23.08 70.42
CA LEU G 478 9.09 -23.75 69.14
C LEU G 478 8.04 -23.41 68.09
N GLU G 479 6.77 -23.26 68.48
CA GLU G 479 5.72 -22.98 67.51
C GLU G 479 6.02 -21.72 66.71
N LEU G 480 6.66 -20.72 67.32
CA LEU G 480 6.95 -19.45 66.67
C LEU G 480 8.35 -19.40 66.08
N ARG G 481 9.23 -20.33 66.42
CA ARG G 481 10.47 -20.47 65.68
C ARG G 481 10.13 -20.91 64.26
N GLY G 482 11.10 -20.73 63.38
CA GLY G 482 10.97 -21.06 61.99
C GLY G 482 12.36 -21.10 61.36
N ALA G 483 12.36 -21.08 60.02
CA ALA G 483 13.59 -21.14 59.22
C ALA G 483 14.42 -19.85 59.27
N ASN G 484 14.00 -18.84 60.05
CA ASN G 484 14.83 -17.66 60.29
C ASN G 484 15.26 -17.51 61.75
N TYR G 485 14.88 -18.44 62.61
CA TYR G 485 15.41 -18.43 63.98
C TYR G 485 16.92 -18.54 63.83
N PRO G 486 17.70 -17.68 64.48
CA PRO G 486 19.09 -17.53 64.03
C PRO G 486 19.87 -18.83 63.93
N ASN G 487 19.85 -19.67 64.97
CA ASN G 487 20.66 -20.88 64.93
C ASN G 487 20.22 -21.82 63.79
N TYR G 488 18.99 -21.67 63.30
CA TYR G 488 18.40 -22.59 62.35
C TYR G 488 18.49 -22.11 60.91
N ALA G 489 19.11 -20.95 60.67
CA ALA G 489 18.94 -20.27 59.40
C ALA G 489 19.72 -20.88 58.25
N MET G 490 20.52 -21.93 58.49
CA MET G 490 21.46 -22.36 57.45
C MET G 490 21.36 -23.83 57.07
N ASN G 491 21.00 -24.75 57.97
CA ASN G 491 21.45 -26.14 57.77
C ASN G 491 20.33 -27.17 57.57
N VAL G 492 20.62 -28.13 56.70
CA VAL G 492 19.71 -29.23 56.39
C VAL G 492 19.50 -30.13 57.62
N GLY G 493 18.49 -31.00 57.55
CA GLY G 493 18.27 -32.06 58.52
C GLY G 493 17.71 -31.63 59.86
N HIS G 494 17.04 -30.46 59.91
CA HIS G 494 16.46 -29.96 61.15
C HIS G 494 15.05 -29.35 60.99
N GLN G 495 14.89 -28.41 60.05
CA GLN G 495 13.72 -27.54 60.03
C GLN G 495 12.42 -28.33 59.87
N GLY G 496 12.36 -29.25 58.92
CA GLY G 496 11.13 -30.00 58.75
C GLY G 496 10.83 -30.91 59.91
N GLU G 497 11.86 -31.44 60.56
CA GLU G 497 11.70 -32.31 61.76
C GLU G 497 11.13 -31.46 62.91
N TYR G 498 11.59 -30.21 63.04
CA TYR G 498 11.05 -29.28 64.06
C TYR G 498 9.54 -29.07 63.81
N ALA G 499 9.14 -28.88 62.56
CA ALA G 499 7.70 -28.73 62.26
C ALA G 499 6.97 -30.02 62.67
N GLY G 500 7.57 -31.16 62.36
CA GLY G 500 6.99 -32.48 62.71
C GLY G 500 6.70 -32.61 64.19
N PHE G 501 7.67 -32.34 65.06
CA PHE G 501 7.42 -32.60 66.51
C PHE G 501 6.64 -31.44 67.15
N THR G 502 6.61 -30.28 66.49
CA THR G 502 5.67 -29.22 66.92
C THR G 502 4.26 -29.81 66.71
N GLY G 503 4.01 -30.42 65.55
CA GLY G 503 2.73 -31.10 65.31
C GLY G 503 2.53 -32.23 66.33
N SER G 504 3.58 -32.99 66.64
CA SER G 504 3.48 -34.15 67.57
C SER G 504 2.96 -33.72 68.95
N ALA G 505 3.40 -32.56 69.43
CA ALA G 505 2.99 -32.12 70.76
C ALA G 505 1.51 -31.82 70.79
N HIS G 506 0.99 -31.18 69.75
CA HIS G 506 -0.42 -30.86 69.70
C HIS G 506 -1.25 -32.08 69.38
N ALA G 507 -0.71 -33.02 68.62
CA ALA G 507 -1.43 -34.28 68.41
C ALA G 507 -1.53 -35.06 69.72
N GLY G 508 -0.44 -35.04 70.52
CA GLY G 508 -0.45 -35.73 71.80
C GLY G 508 -1.43 -35.11 72.78
N ALA G 509 -1.59 -33.79 72.73
CA ALA G 509 -2.53 -33.05 73.55
C ALA G 509 -3.95 -33.15 73.03
N HIS G 510 -4.13 -33.75 71.86
CA HIS G 510 -5.41 -33.83 71.17
C HIS G 510 -6.04 -32.47 70.95
N ASP G 511 -5.21 -31.54 70.43
CA ASP G 511 -5.64 -30.25 69.95
C ASP G 511 -6.05 -30.33 68.49
N ALA G 512 -6.77 -29.30 68.01
CA ALA G 512 -7.23 -29.25 66.61
C ALA G 512 -6.20 -28.53 65.73
N TYR G 513 -5.25 -27.85 66.37
CA TYR G 513 -4.22 -27.08 65.62
C TYR G 513 -3.09 -26.72 66.59
N CYS G 514 -2.01 -26.15 66.06
CA CYS G 514 -0.84 -25.84 66.91
C CYS G 514 -0.59 -24.35 67.12
N CYS G 515 -0.98 -23.51 66.15
CA CYS G 515 -0.53 -22.10 66.24
C CYS G 515 -1.52 -21.08 65.66
N ASN G 516 -2.25 -21.44 64.60
CA ASN G 516 -3.16 -20.44 64.01
C ASN G 516 -4.34 -21.19 63.40
N PRO G 517 -5.54 -21.05 64.01
CA PRO G 517 -6.71 -21.77 63.49
C PRO G 517 -7.12 -21.29 62.09
N LEU G 518 -6.74 -20.05 61.74
CA LEU G 518 -7.02 -19.55 60.35
C LEU G 518 -6.23 -20.38 59.33
N ILE G 519 -4.95 -20.62 59.61
CA ILE G 519 -4.15 -21.47 58.73
C ILE G 519 -4.79 -22.86 58.64
N LYS G 520 -5.17 -23.42 59.79
CA LYS G 520 -5.70 -24.78 59.81
C LYS G 520 -6.94 -24.90 58.92
N VAL G 521 -7.87 -23.95 59.04
CA VAL G 521 -9.10 -24.01 58.23
C VAL G 521 -8.79 -23.81 56.77
N CYS G 522 -8.02 -22.76 56.45
CA CYS G 522 -7.61 -22.49 55.08
C CYS G 522 -7.11 -23.69 54.30
N PHE G 523 -6.18 -24.43 54.87
CA PHE G 523 -5.53 -25.53 54.15
C PHE G 523 -6.32 -26.82 54.20
N ALA G 524 -7.45 -26.86 54.93
CA ALA G 524 -8.31 -28.03 54.90
C ALA G 524 -9.14 -28.11 53.62
N ASP G 525 -9.26 -27.00 52.90
CA ASP G 525 -10.18 -26.87 51.77
C ASP G 525 -9.79 -27.82 50.65
N PRO G 526 -10.67 -28.70 50.20
CA PRO G 526 -10.29 -29.65 49.16
C PRO G 526 -10.10 -29.05 47.78
N SER G 527 -10.41 -27.76 47.61
CA SER G 527 -10.24 -27.13 46.31
C SER G 527 -8.81 -26.72 46.01
N LEU G 528 -7.88 -26.88 46.94
CA LEU G 528 -6.45 -26.70 46.61
C LEU G 528 -5.99 -27.81 45.67
N VAL G 529 -4.89 -27.57 44.97
CA VAL G 529 -4.44 -28.57 44.00
C VAL G 529 -3.79 -29.76 44.71
N PHE G 530 -2.94 -29.47 45.67
CA PHE G 530 -2.25 -30.49 46.45
C PHE G 530 -3.14 -30.93 47.62
N ASP G 531 -3.11 -32.22 47.92
CA ASP G 531 -3.91 -32.78 49.02
C ASP G 531 -3.11 -32.73 50.32
N PHE G 532 -3.32 -31.66 51.09
CA PHE G 532 -2.60 -31.48 52.34
C PHE G 532 -2.95 -32.49 53.42
N SER G 533 -3.92 -33.37 53.20
CA SER G 533 -4.26 -34.38 54.18
C SER G 533 -3.42 -35.64 54.11
N TYR G 534 -2.63 -35.86 53.02
CA TYR G 534 -1.83 -37.09 52.92
C TYR G 534 -0.62 -36.77 52.04
N ILE G 535 0.40 -36.20 52.69
CA ILE G 535 1.57 -35.66 52.01
C ILE G 535 2.31 -36.74 51.25
N ARG G 536 2.60 -37.87 51.92
CA ARG G 536 3.47 -38.85 51.29
C ARG G 536 2.79 -39.52 50.10
N LYS G 537 1.47 -39.64 50.11
CA LYS G 537 0.75 -40.19 48.97
C LYS G 537 0.86 -39.23 47.77
N GLU G 538 0.81 -37.92 48.01
CA GLU G 538 1.00 -36.95 46.93
C GLU G 538 2.42 -37.03 46.37
N TYR G 539 3.42 -37.11 47.24
CA TYR G 539 4.80 -37.21 46.74
C TYR G 539 4.95 -38.44 45.83
N ALA G 540 4.32 -39.55 46.21
CA ALA G 540 4.36 -40.76 45.39
C ALA G 540 3.78 -40.53 44.00
N LYS G 541 2.68 -39.78 43.92
CA LYS G 541 2.08 -39.46 42.61
C LYS G 541 3.05 -38.67 41.77
N GLY G 542 3.67 -37.65 42.38
CA GLY G 542 4.62 -36.83 41.63
C GLY G 542 5.79 -37.66 41.13
N ALA G 543 6.25 -38.61 41.95
CA ALA G 543 7.40 -39.41 41.59
C ALA G 543 7.05 -40.37 40.47
N MET G 544 5.79 -40.77 40.40
CA MET G 544 5.31 -41.71 39.41
C MET G 544 4.73 -40.99 38.18
N ARG G 545 4.89 -39.67 38.11
CA ARG G 545 4.39 -38.88 37.00
C ARG G 545 2.88 -39.00 36.85
N THR G 546 2.19 -39.00 37.99
CA THR G 546 0.70 -39.08 37.99
C THR G 546 0.11 -37.91 38.76
N PHE G 547 0.91 -36.87 39.01
CA PHE G 547 0.38 -35.65 39.66
C PHE G 547 0.26 -34.53 38.62
N ARG G 548 -0.95 -33.97 38.50
CA ARG G 548 -1.18 -32.86 37.55
C ARG G 548 -1.06 -31.52 38.29
N PRO G 549 -0.01 -30.72 38.02
CA PRO G 549 0.14 -29.43 38.65
C PRO G 549 -0.57 -28.31 37.90
N ALA G 550 -0.73 -27.18 38.58
CA ALA G 550 -1.27 -25.98 37.91
C ALA G 550 -0.10 -25.18 37.35
N GLY G 551 -0.38 -24.21 36.51
CA GLY G 551 0.62 -23.25 36.05
C GLY G 551 1.28 -23.54 34.73
N GLU G 552 0.95 -24.63 34.07
CA GLU G 552 1.59 -24.92 32.78
C GLU G 552 1.04 -23.96 31.71
N ARG G 553 1.77 -23.90 30.60
CA ARG G 553 1.52 -22.95 29.53
C ARG G 553 1.15 -23.62 28.22
N SER G 554 0.68 -24.87 28.28
CA SER G 554 0.38 -25.60 27.06
CA SER G 554 0.36 -25.61 27.07
C SER G 554 -0.63 -24.88 26.18
N LEU G 555 -1.55 -24.11 26.79
CA LEU G 555 -2.56 -23.41 26.00
C LEU G 555 -2.01 -22.32 25.08
N VAL G 556 -0.79 -21.83 25.34
CA VAL G 556 -0.32 -20.64 24.64
C VAL G 556 1.07 -20.84 24.04
N ILE G 557 1.48 -22.09 23.81
CA ILE G 557 2.79 -22.38 23.24
C ILE G 557 2.62 -23.29 22.04
N PRO G 558 3.56 -23.27 21.10
CA PRO G 558 3.51 -24.19 19.97
C PRO G 558 3.97 -25.58 20.38
N ALA G 559 3.80 -26.52 19.46
CA ALA G 559 4.22 -27.92 19.66
C ALA G 559 5.04 -28.24 18.42
N GLY G 560 4.46 -29.01 17.50
CA GLY G 560 5.13 -29.28 16.22
C GLY G 560 6.16 -30.38 16.29
N VAL G 561 7.01 -30.47 15.26
CA VAL G 561 8.00 -31.57 15.18
C VAL G 561 9.41 -30.98 15.14
N ALA H 2 31.38 -8.06 95.19
CA ALA H 2 31.62 -7.61 93.82
C ALA H 2 32.90 -8.23 93.29
N ASP H 3 33.08 -8.21 91.98
CA ASP H 3 34.23 -8.81 91.35
C ASP H 3 35.30 -7.77 91.08
N THR H 4 36.57 -8.15 91.29
CA THR H 4 37.69 -7.30 90.90
C THR H 4 38.60 -8.10 89.99
N ILE H 5 39.37 -7.37 89.17
CA ILE H 5 40.31 -7.93 88.22
C ILE H 5 41.56 -7.06 88.23
N ASP H 6 42.69 -7.66 87.85
CA ASP H 6 43.91 -6.91 87.56
C ASP H 6 43.99 -6.71 86.05
N LEU H 7 44.29 -5.49 85.62
CA LEU H 7 44.41 -5.20 84.20
C LEU H 7 45.88 -5.28 83.83
N TYR H 8 46.15 -5.95 82.70
CA TYR H 8 47.49 -6.13 82.18
C TYR H 8 47.50 -5.69 80.72
N ASP H 9 48.66 -5.25 80.23
CA ASP H 9 48.76 -4.73 78.87
C ASP H 9 49.05 -5.86 77.88
N ASP H 10 49.35 -5.51 76.63
CA ASP H 10 49.55 -6.48 75.55
C ASP H 10 50.90 -7.19 75.63
N ARG H 11 51.82 -6.70 76.46
CA ARG H 11 53.10 -7.31 76.71
C ARG H 11 53.15 -8.05 78.04
N GLY H 12 52.00 -8.24 78.69
CA GLY H 12 51.98 -8.98 79.93
C GLY H 12 52.40 -8.21 81.15
N LYS H 13 52.38 -6.88 81.10
CA LYS H 13 52.80 -6.01 82.21
C LYS H 13 51.57 -5.47 82.91
N LYS H 14 51.61 -5.46 84.22
CA LYS H 14 50.46 -5.04 85.00
C LYS H 14 50.24 -3.53 84.85
N LEU H 15 48.98 -3.15 84.59
CA LEU H 15 48.57 -1.76 84.47
C LEU H 15 47.90 -1.23 85.74
N LYS H 16 46.95 -1.98 86.28
CA LYS H 16 46.17 -1.53 87.45
C LYS H 16 45.70 -2.75 88.23
N GLY H 17 45.68 -2.65 89.55
CA GLY H 17 45.28 -3.76 90.39
C GLY H 17 43.92 -3.54 91.02
N ASP H 18 43.21 -4.64 91.28
CA ASP H 18 41.95 -4.64 92.03
C ASP H 18 40.94 -3.64 91.46
N VAL H 19 40.76 -3.75 90.15
CA VAL H 19 39.79 -2.88 89.45
C VAL H 19 38.40 -3.50 89.54
N ASP H 20 37.42 -2.68 89.90
CA ASP H 20 36.01 -3.15 89.92
C ASP H 20 35.62 -3.60 88.51
N LEU H 21 34.99 -4.77 88.44
CA LEU H 21 34.54 -5.28 87.12
C LEU H 21 33.67 -4.24 86.41
N GLN H 22 32.83 -3.52 87.15
CA GLN H 22 31.96 -2.52 86.54
C GLN H 22 32.74 -1.40 85.87
N ALA H 23 34.00 -1.16 86.30
CA ALA H 23 34.78 -0.09 85.70
C ALA H 23 35.22 -0.38 84.27
N VAL H 24 35.12 -1.61 83.79
CA VAL H 24 35.39 -1.92 82.39
C VAL H 24 34.11 -2.17 81.59
N SER H 25 32.96 -1.78 82.13
CA SER H 25 31.70 -1.97 81.44
C SER H 25 31.56 -1.04 80.25
N PRO H 26 30.94 -1.50 79.16
CA PRO H 26 30.62 -0.59 78.06
C PRO H 26 29.76 0.59 78.47
N LEU H 27 28.99 0.46 79.55
CA LEU H 27 28.13 1.56 80.02
C LEU H 27 28.85 2.57 80.88
N LYS H 28 30.08 2.30 81.28
CA LYS H 28 30.75 3.13 82.27
C LYS H 28 32.18 3.54 81.92
N ASN H 29 32.91 2.72 81.18
CA ASN H 29 34.31 3.00 80.93
C ASN H 29 34.43 4.02 79.81
N SER H 30 35.12 5.14 80.09
CA SER H 30 35.13 6.25 79.12
C SER H 30 35.91 5.91 77.86
N ALA H 31 36.93 5.04 77.95
CA ALA H 31 37.65 4.63 76.75
C ALA H 31 36.79 3.76 75.84
N ILE H 32 36.01 2.84 76.41
CA ILE H 32 35.09 2.05 75.59
C ILE H 32 34.05 2.94 74.92
N LEU H 33 33.47 3.86 75.70
CA LEU H 33 32.49 4.77 75.12
C LEU H 33 33.12 5.58 73.99
N SER H 34 34.38 5.98 74.17
CA SER H 34 35.10 6.71 73.13
C SER H 34 35.36 5.86 71.89
N MET H 35 35.77 4.60 72.06
CA MET H 35 35.92 3.71 70.91
C MET H 35 34.64 3.60 70.11
N VAL H 36 33.51 3.38 70.78
CA VAL H 36 32.23 3.30 70.08
C VAL H 36 31.97 4.60 69.32
N ASN H 37 32.19 5.73 69.97
CA ASN H 37 31.92 7.00 69.30
C ASN H 37 32.82 7.17 68.08
N THR H 38 34.07 6.75 68.19
CA THR H 38 35.02 6.84 67.09
C THR H 38 34.62 5.98 65.92
N VAL H 39 34.19 4.74 66.17
CA VAL H 39 33.85 3.89 65.03
C VAL H 39 32.58 4.37 64.36
N LYS H 40 31.67 5.00 65.14
CA LYS H 40 30.42 5.50 64.56
C LYS H 40 30.64 6.71 63.67
N ARG H 41 31.50 7.64 64.09
CA ARG H 41 31.58 8.93 63.43
C ARG H 41 32.73 9.10 62.46
N THR H 42 33.67 8.15 62.39
CA THR H 42 34.84 8.27 61.55
C THR H 42 34.59 7.55 60.24
N VAL H 43 34.91 8.20 59.13
CA VAL H 43 34.82 7.57 57.83
C VAL H 43 36.11 7.81 57.08
N ALA H 44 36.41 6.91 56.15
CA ALA H 44 37.56 7.03 55.25
C ALA H 44 37.02 7.42 53.89
N VAL H 45 37.72 8.33 53.23
CA VAL H 45 37.38 8.80 51.88
C VAL H 45 38.49 8.35 50.95
N ASN H 46 38.11 7.68 49.85
CA ASN H 46 39.10 7.22 48.88
C ASN H 46 39.09 8.25 47.74
N LEU H 47 39.92 9.31 47.90
CA LEU H 47 40.01 10.33 46.86
C LEU H 47 40.57 9.75 45.57
N ALA H 48 41.55 8.86 45.68
CA ALA H 48 42.09 8.20 44.50
C ALA H 48 40.99 7.43 43.78
N GLY H 49 40.09 6.82 44.54
CA GLY H 49 39.00 6.08 43.92
C GLY H 49 38.03 6.99 43.19
N ILE H 50 37.74 8.15 43.79
CA ILE H 50 36.87 9.13 43.14
C ILE H 50 37.51 9.60 41.85
N GLU H 51 38.80 9.89 41.91
CA GLU H 51 39.50 10.39 40.73
C GLU H 51 39.48 9.36 39.61
N LYS H 52 39.79 8.11 39.93
CA LYS H 52 39.75 7.05 38.93
C LYS H 52 38.34 6.86 38.38
N ALA H 53 37.32 6.89 39.26
CA ALA H 53 35.97 6.68 38.75
C ALA H 53 35.55 7.77 37.77
N CYS H 54 35.90 9.03 38.06
CA CYS H 54 35.54 10.12 37.17
C CYS H 54 36.35 10.08 35.88
N LYS H 55 37.67 9.88 35.98
CA LYS H 55 38.49 9.87 34.78
C LYS H 55 38.16 8.70 33.87
N ASN H 56 37.73 7.58 34.42
CA ASN H 56 37.45 6.39 33.65
C ASN H 56 35.97 6.11 33.44
N ALA H 57 35.10 7.01 33.91
CA ALA H 57 33.66 6.81 33.87
C ALA H 57 33.27 5.44 34.40
N SER H 58 33.88 5.02 35.51
CA SER H 58 33.61 3.72 36.09
C SER H 58 32.70 3.79 37.32
N TYR H 59 31.76 4.73 37.30
CA TYR H 59 30.83 4.95 38.39
C TYR H 59 30.09 3.67 38.74
N GLY H 60 30.11 3.32 40.03
CA GLY H 60 29.40 2.17 40.56
C GLY H 60 30.21 0.89 40.64
N GLY H 61 31.37 0.84 40.00
CA GLY H 61 32.23 -0.34 40.03
C GLY H 61 31.71 -1.55 39.27
N GLN H 62 32.30 -2.69 39.58
CA GLN H 62 31.98 -3.97 38.95
C GLN H 62 32.02 -3.92 37.43
N SER H 63 33.11 -3.37 36.91
CA SER H 63 33.38 -3.25 35.48
C SER H 63 32.44 -2.30 34.77
N ARG H 64 31.59 -1.57 35.50
CA ARG H 64 30.75 -0.55 34.86
C ARG H 64 31.64 0.47 34.16
N ASN H 65 31.14 0.96 33.04
CA ASN H 65 31.77 2.04 32.28
C ASN H 65 30.61 2.72 31.55
N ILE H 66 30.47 4.02 31.74
CA ILE H 66 29.44 4.79 31.04
C ILE H 66 30.16 5.61 29.98
N PRO H 67 30.20 5.15 28.73
CA PRO H 67 31.05 5.84 27.76
C PRO H 67 30.62 7.29 27.58
N GLY H 68 31.60 8.16 27.44
CA GLY H 68 31.34 9.54 27.15
C GLY H 68 31.12 10.41 28.37
N ARG H 69 30.93 9.82 29.56
CA ARG H 69 30.56 10.57 30.75
C ARG H 69 31.73 10.71 31.72
N GLU H 70 32.96 10.55 31.23
CA GLU H 70 34.14 10.89 32.01
C GLU H 70 34.06 12.34 32.47
N VAL H 71 34.50 12.58 33.70
CA VAL H 71 34.70 13.93 34.21
C VAL H 71 36.15 14.03 34.67
N ASP H 72 36.93 14.87 33.99
CA ASP H 72 38.38 14.91 34.17
C ASP H 72 38.72 15.83 35.32
N ILE H 73 38.76 15.26 36.53
CA ILE H 73 39.13 15.99 37.75
C ILE H 73 40.20 15.22 38.50
N ASP H 74 40.96 15.95 39.32
CA ASP H 74 42.14 15.43 40.01
C ASP H 74 42.14 15.71 41.52
N PRO H 75 41.18 15.16 42.25
CA PRO H 75 41.06 15.52 43.68
C PRO H 75 42.25 15.13 44.54
N THR H 76 43.00 14.08 44.17
CA THR H 76 44.16 13.71 44.99
C THR H 76 45.22 14.81 44.97
N ALA H 77 45.30 15.58 43.87
CA ALA H 77 46.25 16.68 43.77
C ALA H 77 45.78 17.90 44.54
N LYS H 78 44.49 17.95 44.86
CA LYS H 78 43.87 19.07 45.56
C LYS H 78 43.38 18.63 46.92
N ALA H 79 44.03 17.61 47.48
CA ALA H 79 43.48 16.97 48.67
C ALA H 79 43.44 17.93 49.86
N ASP H 80 44.46 18.76 50.03
CA ASP H 80 44.44 19.64 51.19
C ASP H 80 43.32 20.66 51.10
N LYS H 81 43.09 21.21 49.91
CA LYS H 81 42.00 22.16 49.70
C LYS H 81 40.65 21.49 49.91
N ILE H 82 40.46 20.29 49.34
CA ILE H 82 39.19 19.59 49.51
C ILE H 82 38.96 19.26 50.98
N ALA H 83 40.01 18.81 51.68
CA ALA H 83 39.89 18.49 53.09
C ALA H 83 39.43 19.69 53.89
N ALA H 84 40.00 20.87 53.62
CA ALA H 84 39.63 22.05 54.38
C ALA H 84 38.19 22.43 54.11
N ARG H 85 37.72 22.26 52.86
CA ARG H 85 36.33 22.61 52.55
C ARG H 85 35.38 21.62 53.23
N VAL H 86 35.73 20.34 53.20
CA VAL H 86 34.91 19.35 53.88
C VAL H 86 34.79 19.68 55.36
N LYS H 87 35.90 20.06 56.00
CA LYS H 87 35.84 20.38 57.42
C LYS H 87 34.91 21.56 57.67
N GLU H 88 35.05 22.62 56.85
CA GLU H 88 34.19 23.79 56.98
C GLU H 88 32.73 23.43 56.82
N LEU H 89 32.42 22.51 55.90
CA LEU H 89 31.03 22.16 55.62
C LEU H 89 30.42 21.32 56.72
N ILE H 90 31.19 20.47 57.40
CA ILE H 90 30.58 19.54 58.35
C ILE H 90 30.71 19.99 59.80
N GLN H 91 31.67 20.85 60.13
CA GLN H 91 31.88 21.23 61.52
C GLN H 91 30.69 22.04 62.02
N VAL H 92 30.26 21.76 63.24
CA VAL H 92 29.13 22.49 63.80
C VAL H 92 29.58 23.75 64.53
N GLU H 93 30.64 23.66 65.31
CA GLU H 93 31.20 24.82 66.00
C GLU H 93 32.72 24.80 65.91
N LYS H 94 33.32 25.98 65.81
CA LYS H 94 34.77 26.05 65.83
C LYS H 94 35.28 25.38 67.11
N GLY H 95 36.37 24.65 66.98
CA GLY H 95 36.93 23.94 68.11
C GLY H 95 36.20 22.68 68.52
N ASP H 96 35.18 22.24 67.79
CA ASP H 96 34.50 21.00 68.14
C ASP H 96 35.37 19.83 67.71
N ASP H 97 34.85 18.61 67.82
CA ASP H 97 35.67 17.42 67.60
C ASP H 97 35.69 16.95 66.15
N THR H 98 35.24 17.78 65.20
CA THR H 98 35.47 17.51 63.79
C THR H 98 36.96 17.42 63.48
N GLU H 99 37.35 16.42 62.71
CA GLU H 99 38.71 16.28 62.21
C GLU H 99 38.65 15.85 60.77
N VAL H 100 39.50 16.44 59.93
CA VAL H 100 39.68 16.00 58.55
C VAL H 100 41.18 15.98 58.29
N THR H 101 41.73 14.80 57.94
CA THR H 101 43.16 14.62 57.79
C THR H 101 43.47 13.96 56.45
N VAL H 102 44.40 14.54 55.72
CA VAL H 102 44.86 13.96 54.47
C VAL H 102 45.83 12.83 54.77
N LEU H 103 45.64 11.69 54.13
CA LEU H 103 46.48 10.51 54.32
C LEU H 103 46.99 10.02 52.97
N GLY H 104 48.02 9.18 53.02
CA GLY H 104 48.55 8.57 51.80
C GLY H 104 48.99 9.58 50.77
N GLY H 105 49.47 10.74 51.21
CA GLY H 105 49.91 11.77 50.30
C GLY H 105 48.84 12.38 49.43
N GLY H 106 47.57 12.25 49.82
CA GLY H 106 46.46 12.77 49.06
C GLY H 106 45.52 11.71 48.52
N LYS H 107 45.83 10.43 48.70
CA LYS H 107 44.93 9.40 48.13
C LYS H 107 43.68 9.22 49.03
N PHE H 108 43.78 9.49 50.33
CA PHE H 108 42.68 9.23 51.25
C PHE H 108 42.48 10.43 52.15
N LEU H 109 41.27 10.55 52.70
CA LEU H 109 41.04 11.39 53.88
C LEU H 109 40.51 10.54 55.02
N ARG H 110 40.87 10.90 56.24
CA ARG H 110 40.11 10.44 57.40
C ARG H 110 39.22 11.60 57.84
N VAL H 111 37.93 11.34 57.98
CA VAL H 111 36.97 12.34 58.43
C VAL H 111 36.34 11.81 59.71
N ALA H 112 36.57 12.52 60.81
CA ALA H 112 35.84 12.29 62.06
C ALA H 112 34.75 13.34 62.12
N ALA H 113 33.53 12.94 61.80
CA ALA H 113 32.40 13.86 61.83
C ALA H 113 32.14 14.28 63.27
N PRO H 114 31.66 15.50 63.49
CA PRO H 114 31.37 15.95 64.86
C PRO H 114 30.34 15.07 65.55
N THR H 115 30.61 14.77 66.83
CA THR H 115 29.70 13.95 67.62
C THR H 115 28.29 14.51 67.64
N ARG H 116 28.17 15.84 67.62
CA ARG H 116 26.87 16.48 67.67
C ARG H 116 25.98 16.03 66.51
N ARG H 117 26.57 15.78 65.34
CA ARG H 117 25.74 15.29 64.22
C ARG H 117 25.19 13.89 64.52
N ILE H 118 25.95 13.05 65.21
CA ILE H 118 25.41 11.76 65.63
C ILE H 118 24.32 11.95 66.70
N GLU H 119 24.57 12.82 67.66
CA GLU H 119 23.63 13.04 68.75
C GLU H 119 22.28 13.53 68.24
N ALA H 120 22.30 14.34 67.18
CA ALA H 120 21.10 14.95 66.62
C ALA H 120 20.29 13.99 65.77
N GLY H 121 20.85 12.84 65.41
CA GLY H 121 20.16 11.83 64.66
C GLY H 121 19.76 10.65 65.54
N ALA H 122 19.27 9.62 64.87
CA ALA H 122 18.88 8.39 65.56
C ALA H 122 19.91 7.28 65.44
N GLU H 123 20.70 7.25 64.39
CA GLU H 123 21.64 6.15 64.17
C GLU H 123 23.06 6.71 64.15
N TYR H 124 23.92 6.11 63.35
CA TYR H 124 25.33 6.46 63.27
C TYR H 124 25.70 6.92 61.87
N VAL H 125 24.72 7.01 60.97
CA VAL H 125 25.02 7.21 59.56
C VAL H 125 25.36 8.66 59.22
N ALA H 126 25.19 9.61 60.15
CA ALA H 126 25.43 11.02 59.81
C ALA H 126 26.86 11.26 59.38
N GLY H 127 27.81 10.51 59.93
CA GLY H 127 29.18 10.66 59.48
C GLY H 127 29.33 10.34 58.00
N MET H 128 28.79 9.20 57.58
CA MET H 128 28.86 8.77 56.16
C MET H 128 28.12 9.78 55.26
N THR H 129 26.88 10.15 55.62
CA THR H 129 26.09 10.97 54.72
C THR H 129 26.62 12.41 54.66
N CYS H 130 26.99 12.99 55.80
CA CYS H 130 27.48 14.36 55.76
CA CYS H 130 27.51 14.36 55.80
C CYS H 130 28.85 14.44 55.09
N THR H 131 29.69 13.42 55.25
CA THR H 131 30.96 13.39 54.54
C THR H 131 30.73 13.28 53.03
N ALA H 132 29.86 12.36 52.63
CA ALA H 132 29.60 12.22 51.20
C ALA H 132 29.03 13.51 50.63
N ALA H 133 28.11 14.15 51.34
CA ALA H 133 27.52 15.39 50.85
C ALA H 133 28.57 16.49 50.80
N ALA H 134 29.38 16.59 51.83
CA ALA H 134 30.39 17.64 51.84
C ALA H 134 31.40 17.44 50.72
N LEU H 135 31.81 16.19 50.48
CA LEU H 135 32.73 15.93 49.39
CA LEU H 135 32.73 15.93 49.39
C LEU H 135 32.11 16.27 48.05
N THR H 136 30.85 15.89 47.84
CA THR H 136 30.20 16.19 46.56
C THR H 136 30.18 17.69 46.31
N GLU H 137 29.88 18.47 47.33
CA GLU H 137 29.85 19.93 47.18
C GLU H 137 31.25 20.50 46.97
N ALA H 138 32.24 19.99 47.72
CA ALA H 138 33.60 20.48 47.55
C ALA H 138 34.09 20.24 46.13
N LEU H 139 33.74 19.09 45.55
CA LEU H 139 34.17 18.77 44.19
C LEU H 139 33.45 19.65 43.19
N ARG H 140 32.14 19.86 43.39
CA ARG H 140 31.39 20.74 42.49
C ARG H 140 31.99 22.14 42.46
N GLU H 141 32.33 22.68 43.65
CA GLU H 141 32.92 24.01 43.74
C GLU H 141 34.30 24.03 43.11
N GLU H 142 35.15 23.08 43.48
CA GLU H 142 36.55 23.15 43.05
C GLU H 142 36.66 23.07 41.54
N TYR H 143 35.87 22.22 40.93
CA TYR H 143 36.00 21.91 39.51
C TYR H 143 34.91 22.56 38.66
N ASN H 144 34.15 23.49 39.23
CA ASN H 144 33.16 24.27 38.49
C ASN H 144 32.22 23.38 37.70
N LEU H 145 31.69 22.37 38.38
CA LEU H 145 30.76 21.45 37.76
C LEU H 145 29.37 22.09 37.65
N GLY H 146 28.60 21.58 36.72
CA GLY H 146 27.32 22.16 36.43
C GLY H 146 26.17 21.17 36.47
N LEU H 147 25.12 21.51 35.73
CA LEU H 147 23.84 20.83 35.89
C LEU H 147 23.96 19.34 35.58
N TYR H 148 24.63 18.98 34.48
CA TYR H 148 24.54 17.64 33.93
C TYR H 148 25.75 16.75 34.19
N ASP H 149 26.85 17.31 34.67
CA ASP H 149 27.99 16.47 35.04
C ASP H 149 28.11 16.23 36.54
N THR H 150 27.64 17.13 37.39
CA THR H 150 27.67 16.87 38.82
C THR H 150 27.00 15.57 39.20
N PRO H 151 25.88 15.14 38.58
CA PRO H 151 25.29 13.88 39.02
C PRO H 151 26.22 12.70 38.91
N TYR H 152 27.06 12.67 37.85
CA TYR H 152 28.03 11.60 37.70
C TYR H 152 29.09 11.65 38.79
N VAL H 153 29.60 12.83 39.11
CA VAL H 153 30.55 12.95 40.20
C VAL H 153 29.91 12.55 41.52
N LYS H 154 28.65 12.93 41.74
CA LYS H 154 27.94 12.46 42.92
C LYS H 154 27.98 10.93 43.01
N ASN H 155 27.78 10.23 41.88
CA ASN H 155 27.87 8.77 41.90
C ASN H 155 29.29 8.28 42.17
N ALA H 156 30.32 9.01 41.76
CA ALA H 156 31.68 8.61 42.12
C ALA H 156 31.89 8.60 43.63
N VAL H 157 31.20 9.50 44.35
CA VAL H 157 31.31 9.55 45.82
C VAL H 157 30.37 8.56 46.47
N TRP H 158 29.09 8.61 46.13
CA TRP H 158 28.02 7.87 46.79
C TRP H 158 27.75 6.50 46.19
N GLY H 159 28.43 6.12 45.13
CA GLY H 159 28.17 4.88 44.46
C GLY H 159 26.78 4.91 43.84
N THR H 160 26.15 3.74 43.84
CA THR H 160 24.82 3.58 43.23
C THR H 160 23.67 4.00 44.15
N TYR H 161 23.96 4.59 45.31
CA TYR H 161 22.91 5.16 46.16
C TYR H 161 22.27 6.32 45.39
N PRO H 162 20.92 6.42 45.30
CA PRO H 162 19.91 5.66 46.03
C PRO H 162 19.21 4.54 45.29
N GLN H 163 19.69 4.09 44.12
CA GLN H 163 19.11 2.89 43.53
C GLN H 163 19.33 1.69 44.45
N THR H 164 20.49 1.65 45.11
CA THR H 164 20.77 0.70 46.17
C THR H 164 20.65 1.38 47.54
N MET H 165 20.45 0.57 48.57
N MET H 165 20.45 0.57 48.57
CA MET H 165 20.33 1.13 49.96
CA MET H 165 20.33 1.13 49.96
C MET H 165 21.70 1.56 50.47
C MET H 165 21.70 1.56 50.47
N ASP H 166 22.77 0.92 49.97
CA ASP H 166 24.15 1.27 50.40
C ASP H 166 24.86 2.11 49.33
N MET H 167 26.02 2.67 49.68
CA MET H 167 26.84 3.46 48.73
C MET H 167 27.70 2.46 47.95
N LYS H 168 27.03 1.49 47.30
N LYS H 168 27.03 1.49 47.30
CA LYS H 168 27.74 0.39 46.60
CA LYS H 168 27.74 0.39 46.61
C LYS H 168 28.60 0.96 45.47
C LYS H 168 28.60 0.98 45.48
N GLY H 169 29.87 0.57 45.45
CA GLY H 169 30.76 1.10 44.45
C GLY H 169 31.22 2.52 44.69
N GLY H 170 30.87 3.12 45.82
CA GLY H 170 31.29 4.46 46.14
C GLY H 170 32.65 4.50 46.82
N ASN H 171 32.95 5.67 47.40
CA ASN H 171 34.30 5.95 47.88
C ASN H 171 34.30 6.58 49.25
N VAL H 172 33.23 6.36 50.02
CA VAL H 172 33.16 6.71 51.44
C VAL H 172 32.94 5.42 52.21
N LEU H 173 33.81 5.17 53.19
CA LEU H 173 33.88 3.88 53.88
C LEU H 173 33.79 4.04 55.40
N SER H 174 33.09 3.13 56.04
CA SER H 174 33.03 3.06 57.50
C SER H 174 33.44 1.65 57.90
N VAL H 175 33.92 1.50 59.14
CA VAL H 175 34.12 0.14 59.59
C VAL H 175 32.78 -0.54 59.88
N LEU H 176 31.70 0.24 60.05
CA LEU H 176 30.35 -0.30 60.18
C LEU H 176 29.69 -0.40 58.80
N SER H 177 28.57 -1.11 58.74
CA SER H 177 27.76 -1.24 57.53
C SER H 177 26.51 -0.36 57.65
N ILE H 178 25.58 -0.49 56.70
CA ILE H 178 24.31 0.25 56.79
C ILE H 178 23.39 -0.45 57.79
N PRO H 179 22.50 0.29 58.44
CA PRO H 179 21.61 -0.32 59.44
C PRO H 179 20.76 -1.43 58.87
N GLN H 180 20.39 -1.34 57.61
CA GLN H 180 19.45 -2.34 57.03
C GLN H 180 20.12 -3.73 56.89
N ASN H 181 21.45 -3.80 57.08
CA ASN H 181 22.18 -5.10 57.00
C ASN H 181 22.16 -5.81 58.36
N ASP H 182 21.69 -5.11 59.39
CA ASP H 182 21.60 -5.72 60.74
C ASP H 182 20.72 -6.97 60.69
N GLU H 183 21.19 -8.08 61.23
CA GLU H 183 20.36 -9.32 61.24
C GLU H 183 19.20 -9.17 62.22
N GLY H 184 19.38 -8.38 63.26
CA GLY H 184 18.38 -8.25 64.29
C GLY H 184 18.58 -6.97 65.06
N LEU H 185 17.99 -6.93 66.25
CA LEU H 185 18.00 -5.71 67.05
C LEU H 185 19.31 -5.56 67.81
N GLY H 186 20.00 -4.43 67.59
CA GLY H 186 21.23 -4.15 68.31
C GLY H 186 22.48 -4.69 67.66
N PHE H 187 22.43 -5.00 66.37
CA PHE H 187 23.53 -5.69 65.70
C PHE H 187 24.52 -4.77 64.99
N ALA H 188 24.36 -3.44 65.04
CA ALA H 188 25.20 -2.62 64.16
C ALA H 188 26.68 -2.71 64.55
N LEU H 189 27.00 -2.72 65.85
CA LEU H 189 28.38 -2.83 66.29
C LEU H 189 28.92 -4.25 66.17
N ARG H 190 28.02 -5.25 65.93
CA ARG H 190 28.44 -6.60 65.62
C ARG H 190 28.86 -6.76 64.18
N ASN H 191 28.55 -5.79 63.30
CA ASN H 191 28.78 -5.95 61.87
C ASN H 191 30.09 -5.30 61.45
N ILE H 192 31.20 -5.82 62.01
CA ILE H 192 32.54 -5.34 61.74
C ILE H 192 33.40 -6.50 61.23
N MET H 193 33.80 -6.42 59.97
N MET H 193 33.79 -6.41 59.97
CA MET H 193 34.52 -7.50 59.30
CA MET H 193 34.59 -7.44 59.33
C MET H 193 35.83 -7.82 60.03
C MET H 193 35.78 -7.82 60.20
N ALA H 194 36.08 -9.12 60.23
CA ALA H 194 37.28 -9.54 60.96
C ALA H 194 38.55 -8.96 60.32
N ASN H 195 38.58 -8.86 58.99
CA ASN H 195 39.74 -8.24 58.34
C ASN H 195 39.89 -6.78 58.76
N HIS H 196 38.79 -6.07 58.99
CA HIS H 196 38.88 -4.69 59.47
C HIS H 196 39.44 -4.66 60.89
N LEU H 197 38.98 -5.57 61.75
CA LEU H 197 39.46 -5.62 63.12
C LEU H 197 40.97 -5.86 63.18
N ALA H 198 41.47 -6.74 62.32
CA ALA H 198 42.90 -6.98 62.27
C ALA H 198 43.67 -5.72 61.89
N MET H 199 43.12 -4.92 60.99
CA MET H 199 43.79 -3.65 60.57
C MET H 199 43.67 -2.60 61.68
N LEU H 200 42.53 -2.51 62.36
CA LEU H 200 42.44 -1.56 63.48
C LEU H 200 43.55 -1.82 64.49
N SER H 201 43.83 -3.10 64.75
CA SER H 201 44.82 -3.48 65.75
C SER H 201 46.24 -3.46 65.20
N GLN H 202 46.41 -3.16 63.90
CA GLN H 202 47.74 -3.25 63.25
C GLN H 202 48.38 -4.62 63.44
N ARG H 203 47.55 -5.67 63.45
CA ARG H 203 47.99 -7.06 63.57
C ARG H 203 48.71 -7.35 64.87
N ASN H 204 48.52 -6.52 65.90
CA ASN H 204 48.92 -6.88 67.26
C ASN H 204 47.79 -7.73 67.83
N ALA H 205 48.04 -9.02 68.02
CA ALA H 205 46.96 -9.95 68.34
C ALA H 205 46.32 -9.67 69.70
N MET H 206 47.10 -9.25 70.70
CA MET H 206 46.48 -8.95 71.99
C MET H 206 45.56 -7.73 71.88
N ASN H 207 45.98 -6.73 71.12
CA ASN H 207 45.14 -5.55 70.91
C ASN H 207 43.91 -5.89 70.08
N CYS H 208 44.06 -6.81 69.12
CA CYS H 208 42.94 -7.26 68.32
C CYS H 208 41.90 -7.96 69.18
N ALA H 209 42.35 -8.80 70.11
CA ALA H 209 41.39 -9.42 71.02
C ALA H 209 40.60 -8.37 71.78
N ALA H 210 41.29 -7.33 72.26
CA ALA H 210 40.65 -6.28 73.06
C ALA H 210 39.67 -5.48 72.22
N ILE H 211 40.10 -4.98 71.08
CA ILE H 211 39.21 -4.18 70.24
C ILE H 211 37.97 -4.99 69.87
N SER H 212 38.17 -6.22 69.42
CA SER H 212 37.05 -6.99 68.90
C SER H 212 36.13 -7.40 70.05
N SER H 213 36.69 -7.77 71.20
CA SER H 213 35.82 -8.18 72.30
C SER H 213 35.03 -6.97 72.82
N ILE H 214 35.68 -5.82 72.95
CA ILE H 214 34.96 -4.62 73.38
C ILE H 214 33.75 -4.37 72.49
N LEU H 215 33.97 -4.37 71.17
CA LEU H 215 32.90 -3.98 70.28
C LEU H 215 31.79 -5.04 70.25
N GLU H 216 32.16 -6.32 70.32
CA GLU H 216 31.16 -7.38 70.38
C GLU H 216 30.29 -7.19 71.60
N HIS H 217 30.91 -6.98 72.77
CA HIS H 217 30.12 -6.85 73.99
C HIS H 217 29.32 -5.56 74.02
N CYS H 218 29.83 -4.47 73.43
CA CYS H 218 28.98 -3.29 73.24
C CYS H 218 27.72 -3.66 72.47
N GLY H 219 27.88 -4.49 71.43
CA GLY H 219 26.72 -4.94 70.70
C GLY H 219 25.78 -5.77 71.54
N VAL H 220 26.32 -6.71 72.32
CA VAL H 220 25.49 -7.55 73.19
C VAL H 220 24.71 -6.70 74.18
N PHE H 221 25.34 -5.64 74.73
CA PHE H 221 24.61 -4.73 75.61
C PHE H 221 23.45 -4.06 74.85
N GLU H 222 23.71 -3.62 73.61
CA GLU H 222 22.67 -2.91 72.86
C GLU H 222 21.55 -3.88 72.44
N MET H 223 21.85 -5.17 72.31
CA MET H 223 20.83 -6.21 72.10
C MET H 223 19.95 -6.47 73.31
N GLY H 224 20.25 -5.93 74.49
CA GLY H 224 19.47 -6.26 75.67
C GLY H 224 19.81 -7.57 76.32
N GLN H 225 21.01 -8.11 76.03
CA GLN H 225 21.39 -9.45 76.49
C GLN H 225 22.47 -9.38 77.55
N ALA H 226 22.58 -8.26 78.24
CA ALA H 226 23.45 -8.09 79.39
C ALA H 226 22.70 -7.41 80.53
N ILE H 227 21.47 -7.87 80.81
CA ILE H 227 20.63 -7.34 81.88
C ILE H 227 20.63 -8.29 83.08
N GLY H 228 20.68 -7.73 84.28
CA GLY H 228 20.61 -8.55 85.48
C GLY H 228 21.80 -9.47 85.58
N LEU H 229 21.54 -10.74 85.90
CA LEU H 229 22.62 -11.72 86.05
C LEU H 229 23.46 -11.81 84.79
N PHE H 230 22.85 -11.58 83.63
CA PHE H 230 23.57 -11.66 82.37
C PHE H 230 24.59 -10.53 82.22
N GLU H 231 24.46 -9.45 83.00
CA GLU H 231 25.49 -8.42 82.94
C GLU H 231 26.80 -8.96 83.47
N ARG H 232 26.77 -9.64 84.63
CA ARG H 232 27.99 -10.22 85.17
C ARG H 232 28.56 -11.27 84.23
N TYR H 233 27.68 -12.12 83.69
CA TYR H 233 28.09 -13.14 82.72
C TYR H 233 28.89 -12.51 81.58
N GLN H 234 28.35 -11.45 80.97
CA GLN H 234 29.03 -10.86 79.81
C GLN H 234 30.28 -10.10 80.22
N LEU H 235 30.22 -9.35 81.32
CA LEU H 235 31.38 -8.56 81.70
C LEU H 235 32.57 -9.44 82.07
N LEU H 236 32.35 -10.57 82.76
CA LEU H 236 33.49 -11.46 83.05
C LEU H 236 34.10 -12.01 81.75
N ALA H 237 33.26 -12.34 80.76
CA ALA H 237 33.79 -12.80 79.47
C ALA H 237 34.60 -11.72 78.78
N LEU H 238 34.08 -10.49 78.76
CA LEU H 238 34.84 -9.38 78.21
C LEU H 238 36.18 -9.25 78.92
N ALA H 239 36.15 -9.25 80.25
CA ALA H 239 37.37 -8.99 81.02
C ALA H 239 38.40 -10.08 80.79
N TYR H 240 37.99 -11.36 80.88
CA TYR H 240 38.96 -12.45 80.86
C TYR H 240 39.37 -12.84 79.45
N GLN H 241 38.46 -12.73 78.48
CA GLN H 241 38.84 -13.09 77.12
C GLN H 241 39.41 -11.93 76.31
N GLY H 242 38.87 -10.73 76.49
CA GLY H 242 39.26 -9.57 75.72
C GLY H 242 40.22 -8.60 76.37
N LEU H 243 40.14 -8.47 77.70
CA LEU H 243 40.97 -7.48 78.38
C LEU H 243 42.10 -8.10 79.19
N ASN H 244 42.46 -9.36 78.89
CA ASN H 244 43.61 -10.01 79.50
C ASN H 244 43.56 -9.92 81.03
N ALA H 245 42.37 -10.08 81.61
CA ALA H 245 42.27 -9.91 83.06
C ALA H 245 43.16 -10.92 83.78
N ASN H 246 43.89 -10.43 84.78
CA ASN H 246 44.79 -11.23 85.60
C ASN H 246 45.91 -11.84 84.78
N ASN H 247 46.12 -11.34 83.55
CA ASN H 247 47.17 -11.78 82.63
C ASN H 247 46.95 -13.22 82.16
N MET H 248 45.73 -13.73 82.27
CA MET H 248 45.52 -15.17 82.06
C MET H 248 45.65 -15.54 80.57
N VAL H 249 45.04 -14.77 79.66
CA VAL H 249 45.24 -15.04 78.24
C VAL H 249 46.72 -14.98 77.87
N TYR H 250 47.40 -13.92 78.28
CA TYR H 250 48.80 -13.76 77.94
C TYR H 250 49.65 -14.91 78.49
N GLU H 251 49.46 -15.22 79.77
CA GLU H 251 50.30 -16.22 80.41
C GLU H 251 50.00 -17.61 79.88
N MET H 252 48.71 -17.95 79.68
CA MET H 252 48.41 -19.27 79.09
C MET H 252 49.01 -19.40 77.71
N THR H 253 48.97 -18.32 76.92
CA THR H 253 49.60 -18.36 75.60
C THR H 253 51.11 -18.52 75.72
N LYS H 254 51.75 -17.75 76.61
CA LYS H 254 53.19 -17.87 76.79
C LYS H 254 53.58 -19.29 77.24
N ASN H 255 52.84 -19.85 78.19
CA ASN H 255 53.16 -21.18 78.72
C ASN H 255 52.98 -22.29 77.71
N ASN H 256 52.12 -22.10 76.69
CA ASN H 256 51.86 -23.11 75.67
C ASN H 256 52.42 -22.75 74.32
N GLY H 257 53.18 -21.66 74.23
CA GLY H 257 53.59 -21.15 72.94
C GLY H 257 54.70 -21.92 72.25
N LYS H 258 55.57 -22.58 73.02
CA LYS H 258 56.72 -23.25 72.42
C LYS H 258 56.36 -24.63 71.89
N THR H 259 55.63 -25.42 72.68
CA THR H 259 55.34 -26.80 72.31
C THR H 259 53.87 -27.16 72.49
N GLY H 260 53.04 -26.23 72.87
CA GLY H 260 51.66 -26.55 73.19
C GLY H 260 50.73 -26.69 72.00
N THR H 261 49.53 -27.15 72.33
CA THR H 261 48.49 -27.54 71.39
C THR H 261 47.14 -27.11 71.96
N ILE H 262 46.09 -27.25 71.15
CA ILE H 262 44.75 -27.01 71.67
C ILE H 262 44.56 -27.77 72.97
N GLY H 263 44.97 -29.04 72.97
CA GLY H 263 44.75 -29.91 74.12
C GLY H 263 45.51 -29.48 75.36
N THR H 264 46.76 -29.02 75.20
CA THR H 264 47.50 -28.58 76.39
C THR H 264 46.89 -27.30 76.96
N VAL H 265 46.26 -26.48 76.12
CA VAL H 265 45.59 -25.30 76.63
C VAL H 265 44.31 -25.70 77.37
N VAL H 266 43.58 -26.72 76.88
CA VAL H 266 42.45 -27.27 77.64
C VAL H 266 42.93 -27.68 79.03
N GLN H 267 44.01 -28.44 79.09
CA GLN H 267 44.51 -28.91 80.37
C GLN H 267 44.88 -27.75 81.30
N GLU H 268 45.55 -26.72 80.79
CA GLU H 268 45.93 -25.63 81.67
C GLU H 268 44.70 -24.87 82.18
N THR H 269 43.66 -24.75 81.35
CA THR H 269 42.44 -24.05 81.78
C THR H 269 41.77 -24.80 82.94
N VAL H 270 41.64 -26.12 82.81
CA VAL H 270 41.04 -26.90 83.89
C VAL H 270 41.89 -26.78 85.14
N GLY H 271 43.22 -26.92 85.00
CA GLY H 271 44.09 -26.77 86.16
C GLY H 271 43.97 -25.44 86.84
N ARG H 272 43.88 -24.35 86.06
CA ARG H 272 43.71 -23.02 86.65
C ARG H 272 42.35 -22.87 87.32
N ALA H 273 41.29 -23.38 86.69
CA ALA H 273 39.98 -23.32 87.32
C ALA H 273 39.98 -24.05 88.66
N LEU H 274 40.67 -25.19 88.72
CA LEU H 274 40.71 -25.93 89.98
C LEU H 274 41.52 -25.15 91.02
N ASP H 275 42.69 -24.66 90.61
CA ASP H 275 43.60 -23.98 91.56
C ASP H 275 42.94 -22.72 92.11
N ASP H 276 42.09 -22.05 91.32
CA ASP H 276 41.49 -20.75 91.71
C ASP H 276 40.13 -20.98 92.40
N GLY H 277 39.70 -22.23 92.54
CA GLY H 277 38.47 -22.50 93.26
C GLY H 277 37.22 -22.35 92.43
N VAL H 278 37.37 -22.14 91.12
CA VAL H 278 36.22 -21.91 90.25
C VAL H 278 35.41 -23.20 90.04
N ILE H 279 36.09 -24.33 89.98
CA ILE H 279 35.48 -25.65 89.86
C ILE H 279 36.11 -26.54 90.93
N SER H 280 35.42 -27.65 91.24
CA SER H 280 35.87 -28.63 92.21
C SER H 280 35.39 -30.00 91.75
N VAL H 281 36.03 -31.05 92.28
CA VAL H 281 35.54 -32.41 92.04
C VAL H 281 34.15 -32.54 92.65
N ASP H 282 33.22 -33.12 91.89
CA ASP H 282 31.86 -33.37 92.35
C ASP H 282 31.68 -34.82 92.78
N LYS H 283 31.86 -35.76 91.85
CA LYS H 283 31.76 -37.18 92.12
C LYS H 283 32.72 -37.93 91.22
N THR H 284 33.05 -39.14 91.67
CA THR H 284 33.98 -40.01 90.91
C THR H 284 33.21 -41.24 90.42
N MET H 285 33.37 -41.56 89.14
CA MET H 285 32.67 -42.71 88.53
C MET H 285 33.47 -43.98 88.83
N PRO H 286 32.88 -45.18 88.63
CA PRO H 286 33.59 -46.44 88.90
C PRO H 286 34.95 -46.56 88.18
N SER H 287 35.07 -46.01 86.98
CA SER H 287 36.34 -46.05 86.20
C SER H 287 37.42 -45.18 86.85
N GLY H 288 37.03 -44.23 87.69
CA GLY H 288 38.00 -43.26 88.23
C GLY H 288 37.84 -41.90 87.56
N TYR H 289 37.03 -41.82 86.49
CA TYR H 289 36.74 -40.52 85.88
C TYR H 289 36.05 -39.61 86.88
N LYS H 290 36.51 -38.37 86.97
CA LYS H 290 35.96 -37.39 87.90
C LYS H 290 35.01 -36.44 87.18
N VAL H 291 33.77 -36.37 87.65
CA VAL H 291 32.84 -35.32 87.27
C VAL H 291 33.12 -34.09 88.13
N TYR H 292 33.26 -32.93 87.49
CA TYR H 292 33.50 -31.67 88.16
C TYR H 292 32.20 -30.90 88.32
N LYS H 293 32.20 -29.92 89.22
CA LYS H 293 31.12 -28.97 89.37
C LYS H 293 31.66 -27.54 89.39
N ALA H 294 30.85 -26.60 88.90
CA ALA H 294 31.22 -25.20 88.86
C ALA H 294 30.74 -24.56 90.16
N ASN H 295 31.67 -23.97 90.92
CA ASN H 295 31.32 -23.21 92.12
C ASN H 295 30.87 -21.81 91.80
N ASP H 296 31.37 -21.23 90.71
CA ASP H 296 30.97 -19.92 90.21
C ASP H 296 30.75 -20.12 88.71
N VAL H 297 29.49 -20.26 88.32
CA VAL H 297 29.14 -20.61 86.94
C VAL H 297 29.64 -19.56 85.95
N CYS H 298 29.40 -18.28 86.23
CA CYS H 298 29.84 -17.23 85.32
C CYS H 298 31.35 -17.20 85.20
N MET H 299 32.06 -17.42 86.31
CA MET H 299 33.52 -17.41 86.25
C MET H 299 34.07 -18.62 85.48
N TRP H 300 33.45 -19.79 85.63
CA TRP H 300 33.87 -20.94 84.83
C TRP H 300 33.75 -20.62 83.34
N ASN H 301 32.66 -19.98 82.93
CA ASN H 301 32.56 -19.59 81.53
C ASN H 301 33.68 -18.64 81.14
N ALA H 302 33.99 -17.67 82.00
CA ALA H 302 35.05 -16.73 81.69
C ALA H 302 36.39 -17.44 81.51
N TYR H 303 36.67 -18.44 82.36
CA TYR H 303 37.89 -19.19 82.21
C TYR H 303 37.90 -19.96 80.89
N CYS H 304 36.76 -20.57 80.52
CA CYS H 304 36.68 -21.21 79.21
C CYS H 304 36.88 -20.22 78.06
N ALA H 305 36.36 -19.01 78.20
CA ALA H 305 36.53 -18.00 77.16
C ALA H 305 38.00 -17.58 77.04
N ALA H 306 38.67 -17.37 78.17
CA ALA H 306 40.10 -17.10 78.15
C ALA H 306 40.86 -18.25 77.48
N GLY H 307 40.53 -19.49 77.84
CA GLY H 307 41.23 -20.63 77.27
C GLY H 307 40.99 -20.76 75.77
N THR H 308 39.77 -20.48 75.32
CA THR H 308 39.46 -20.52 73.89
C THR H 308 40.33 -19.53 73.13
N MET H 309 40.55 -18.35 73.72
CA MET H 309 41.37 -17.33 73.06
C MET H 309 42.83 -17.76 73.08
N ALA H 310 43.33 -18.24 74.23
CA ALA H 310 44.73 -18.69 74.29
C ALA H 310 44.98 -19.86 73.33
N ALA H 311 44.01 -20.76 73.21
CA ALA H 311 44.16 -21.89 72.30
C ALA H 311 44.23 -21.40 70.85
N THR H 312 43.44 -20.38 70.50
CA THR H 312 43.54 -19.78 69.17
C THR H 312 44.93 -19.20 68.95
N MET H 313 45.43 -18.45 69.94
CA MET H 313 46.76 -17.87 69.81
C MET H 313 47.83 -18.95 69.63
N VAL H 314 47.72 -20.05 70.39
CA VAL H 314 48.73 -21.11 70.33
C VAL H 314 48.63 -21.88 69.00
N ASN H 315 47.43 -22.24 68.60
CA ASN H 315 47.26 -23.12 67.43
C ASN H 315 47.37 -22.34 66.14
N CYS H 316 46.63 -21.22 66.01
CA CYS H 316 46.79 -20.38 64.82
C CYS H 316 48.16 -19.72 64.81
N GLY H 317 48.74 -19.44 65.97
CA GLY H 317 50.06 -18.87 65.98
C GLY H 317 51.11 -19.85 65.48
N ALA H 318 50.97 -21.12 65.86
CA ALA H 318 51.90 -22.14 65.35
C ALA H 318 51.77 -22.32 63.84
N LEU H 319 50.53 -22.36 63.32
CA LEU H 319 50.27 -22.47 61.88
C LEU H 319 50.66 -21.20 61.14
N ARG H 320 50.78 -20.09 61.86
CA ARG H 320 50.75 -18.75 61.27
C ARG H 320 49.69 -18.69 60.17
N GLY H 321 48.49 -19.18 60.51
CA GLY H 321 47.41 -19.31 59.54
C GLY H 321 46.08 -19.12 60.23
N ALA H 322 45.21 -18.38 59.57
CA ALA H 322 43.94 -18.04 60.19
C ALA H 322 42.98 -19.21 60.24
N GLN H 323 43.04 -20.13 59.28
CA GLN H 323 41.92 -21.08 59.11
C GLN H 323 41.69 -21.97 60.33
N ALA H 324 42.73 -22.23 61.12
CA ALA H 324 42.58 -23.17 62.23
C ALA H 324 41.75 -22.61 63.36
N VAL H 325 41.32 -21.34 63.29
CA VAL H 325 40.49 -20.81 64.37
C VAL H 325 39.16 -21.55 64.48
N SER H 326 38.60 -22.01 63.36
CA SER H 326 37.28 -22.64 63.43
C SER H 326 37.37 -23.96 64.20
N SER H 327 38.36 -24.76 63.90
CA SER H 327 38.54 -26.02 64.62
C SER H 327 39.01 -25.78 66.04
N THR H 328 39.81 -24.73 66.27
CA THR H 328 40.27 -24.46 67.63
C THR H 328 39.10 -24.19 68.57
N LEU H 329 38.18 -23.32 68.15
CA LEU H 329 37.00 -23.02 68.97
C LEU H 329 36.15 -24.25 69.19
N LEU H 330 36.06 -25.10 68.18
CA LEU H 330 35.23 -26.32 68.30
C LEU H 330 35.88 -27.31 69.28
N TYR H 331 37.14 -27.67 69.05
CA TYR H 331 37.77 -28.76 69.84
C TYR H 331 38.20 -28.32 71.25
N PHE H 332 38.57 -27.07 71.44
CA PHE H 332 38.86 -26.64 72.83
C PHE H 332 37.62 -26.90 73.68
N ASN H 333 36.44 -26.50 73.18
CA ASN H 333 35.23 -26.58 74.00
C ASN H 333 34.65 -27.99 74.03
N ASP H 334 34.70 -28.70 72.91
CA ASP H 334 34.27 -30.13 72.93
C ASP H 334 35.14 -30.89 73.94
N MET H 335 36.46 -30.71 73.87
CA MET H 335 37.36 -31.52 74.73
C MET H 335 37.31 -31.03 76.19
N ILE H 336 37.09 -29.74 76.43
CA ILE H 336 37.03 -29.34 77.85
C ILE H 336 35.78 -29.92 78.49
N GLU H 337 34.71 -30.08 77.72
CA GLU H 337 33.54 -30.76 78.25
C GLU H 337 33.83 -32.22 78.53
N LYS H 338 34.50 -32.90 77.61
CA LYS H 338 34.83 -34.31 77.84
C LYS H 338 35.78 -34.48 79.02
N GLU H 339 36.63 -33.49 79.23
CA GLU H 339 37.60 -33.54 80.33
C GLU H 339 36.96 -33.35 81.69
N THR H 340 35.84 -32.63 81.78
CA THR H 340 35.28 -32.18 83.06
C THR H 340 33.83 -32.57 83.32
N SER H 341 33.03 -32.84 82.28
CA SER H 341 31.58 -32.99 82.40
C SER H 341 30.90 -31.69 82.80
N LEU H 342 31.59 -30.57 82.58
CA LEU H 342 31.00 -29.25 82.67
C LEU H 342 30.81 -28.68 81.27
N PRO H 343 29.78 -27.88 81.07
CA PRO H 343 29.62 -27.25 79.75
C PRO H 343 30.74 -26.27 79.43
N GLY H 344 31.06 -26.17 78.15
CA GLY H 344 32.10 -25.29 77.66
C GLY H 344 31.61 -23.86 77.42
N CYS H 345 32.44 -23.09 76.70
CA CYS H 345 32.24 -21.65 76.65
C CYS H 345 30.90 -21.28 76.01
N ASP H 346 30.13 -20.43 76.70
CA ASP H 346 28.80 -20.00 76.24
C ASP H 346 27.85 -21.20 76.12
N TRP H 347 28.14 -22.24 76.93
CA TRP H 347 27.29 -23.40 77.14
C TRP H 347 26.97 -24.13 75.84
N GLY H 348 27.97 -24.24 74.98
CA GLY H 348 27.88 -24.91 73.71
C GLY H 348 27.78 -23.96 72.54
N ARG H 349 27.56 -22.67 72.80
CA ARG H 349 27.34 -21.74 71.71
C ARG H 349 28.63 -21.32 71.01
N VAL H 350 29.79 -21.35 71.69
CA VAL H 350 31.03 -21.18 70.96
C VAL H 350 31.31 -22.41 70.11
N GLU H 351 31.13 -23.60 70.68
CA GLU H 351 31.32 -24.83 69.90
C GLU H 351 30.40 -24.89 68.70
N GLY H 352 29.12 -24.56 68.89
CA GLY H 352 28.18 -24.59 67.79
C GLY H 352 28.49 -23.57 66.71
N THR H 353 28.81 -22.34 67.12
CA THR H 353 29.29 -21.35 66.16
C THR H 353 30.45 -21.93 65.37
N ALA H 354 31.38 -22.58 66.06
CA ALA H 354 32.58 -23.09 65.41
C ALA H 354 32.27 -24.24 64.46
N VAL H 355 31.25 -25.05 64.75
CA VAL H 355 30.86 -26.11 63.84
C VAL H 355 30.44 -25.52 62.50
N GLY H 356 29.50 -24.56 62.54
CA GLY H 356 29.04 -23.95 61.31
C GLY H 356 30.09 -23.12 60.62
N PHE H 357 30.91 -22.42 61.41
CA PHE H 357 32.02 -21.63 60.88
C PHE H 357 33.05 -22.53 60.19
N SER H 358 33.37 -23.68 60.78
CA SER H 358 34.24 -24.65 60.11
C SER H 358 33.64 -25.06 58.76
N PHE H 359 32.37 -25.46 58.76
CA PHE H 359 31.69 -25.84 57.53
C PHE H 359 31.74 -24.73 56.48
N PHE H 360 31.44 -23.50 56.88
CA PHE H 360 31.36 -22.37 55.95
C PHE H 360 32.70 -21.70 55.70
N SER H 361 33.79 -22.31 56.16
CA SER H 361 35.13 -21.89 55.77
C SER H 361 35.90 -23.05 55.11
N HIS H 362 35.19 -24.15 54.76
CA HIS H 362 35.81 -25.29 54.12
C HIS H 362 34.89 -25.96 53.09
N SER H 363 33.82 -25.30 52.63
CA SER H 363 32.82 -25.92 51.77
C SER H 363 32.43 -25.01 50.61
N ILE H 364 31.54 -25.52 49.75
CA ILE H 364 31.06 -24.77 48.58
C ILE H 364 29.99 -23.73 48.89
N TYR H 365 29.39 -23.77 50.10
CA TYR H 365 28.06 -23.22 50.24
C TYR H 365 28.00 -21.72 50.55
N GLY H 366 29.08 -21.13 51.03
CA GLY H 366 29.06 -19.73 51.42
C GLY H 366 30.26 -19.46 52.31
N GLY H 367 30.14 -18.42 53.12
CA GLY H 367 31.25 -18.07 54.01
C GLY H 367 32.44 -17.57 53.22
N GLY H 368 33.59 -18.13 53.53
CA GLY H 368 34.87 -17.70 53.01
C GLY H 368 35.95 -18.03 54.01
N GLY H 369 37.11 -17.38 53.85
CA GLY H 369 38.15 -17.42 54.86
C GLY H 369 37.72 -16.66 56.09
N PRO H 370 38.45 -16.83 57.20
CA PRO H 370 38.03 -16.19 58.45
C PRO H 370 37.84 -14.68 58.37
N GLY H 371 38.60 -14.00 57.52
CA GLY H 371 38.52 -12.55 57.45
C GLY H 371 37.18 -11.95 57.02
N VAL H 372 36.30 -12.75 56.38
CA VAL H 372 35.03 -12.22 55.89
C VAL H 372 33.94 -12.29 56.94
N PHE H 373 34.17 -12.94 58.07
CA PHE H 373 33.15 -13.12 59.08
C PHE H 373 33.10 -11.92 60.03
N ASN H 374 32.03 -11.88 60.82
CA ASN H 374 31.77 -10.79 61.77
C ASN H 374 30.63 -11.24 62.69
N GLY H 375 30.42 -10.45 63.74
CA GLY H 375 29.39 -10.80 64.71
C GLY H 375 27.96 -10.69 64.20
N ASN H 376 27.75 -10.08 63.05
CA ASN H 376 26.44 -10.02 62.42
C ASN H 376 26.29 -11.05 61.31
N HIS H 377 27.33 -11.79 60.98
CA HIS H 377 27.24 -12.79 59.93
C HIS H 377 26.38 -13.94 60.40
N VAL H 378 25.52 -14.43 59.52
CA VAL H 378 24.59 -15.50 59.90
C VAL H 378 25.34 -16.68 60.49
N VAL H 379 26.56 -16.94 60.04
CA VAL H 379 27.32 -18.10 60.50
C VAL H 379 27.88 -17.89 61.89
N THR H 380 28.36 -16.69 62.19
CA THR H 380 29.18 -16.48 63.37
C THR H 380 28.53 -15.58 64.42
N ARG H 381 27.21 -15.35 64.35
CA ARG H 381 26.53 -14.46 65.28
C ARG H 381 26.15 -15.10 66.61
N HIS H 382 26.24 -16.44 66.75
CA HIS H 382 25.44 -17.14 67.76
C HIS H 382 25.95 -17.03 69.17
N SER H 383 27.25 -16.90 69.37
CA SER H 383 27.77 -16.65 70.71
C SER H 383 27.68 -15.16 71.00
N THR H 384 27.39 -14.81 72.26
CA THR H 384 27.31 -13.40 72.66
C THR H 384 28.71 -12.85 72.91
N GLY H 385 29.48 -12.75 71.82
CA GLY H 385 30.76 -12.04 71.82
C GLY H 385 31.99 -12.86 72.13
N MET H 386 31.88 -14.18 72.26
CA MET H 386 32.98 -15.01 72.76
C MET H 386 33.65 -15.81 71.65
N ALA H 387 33.22 -15.64 70.39
CA ALA H 387 33.84 -16.30 69.25
C ALA H 387 34.58 -15.34 68.33
N ILE H 388 33.93 -14.24 67.93
CA ILE H 388 34.52 -13.33 66.95
C ILE H 388 35.87 -12.77 67.38
N PRO H 389 36.13 -12.42 68.63
CA PRO H 389 37.47 -11.91 68.95
C PRO H 389 38.56 -12.90 68.62
N CYS H 390 38.28 -14.21 68.81
CA CYS H 390 39.24 -15.24 68.41
C CYS H 390 39.44 -15.23 66.91
N VAL H 391 38.34 -15.09 66.16
CA VAL H 391 38.43 -15.04 64.71
C VAL H 391 39.32 -13.87 64.27
N ALA H 392 39.09 -12.69 64.86
CA ALA H 392 39.90 -11.54 64.48
C ALA H 392 41.39 -11.76 64.82
N VAL H 393 41.68 -12.35 65.98
CA VAL H 393 43.04 -12.66 66.38
C VAL H 393 43.71 -13.60 65.38
N ALA H 394 42.99 -14.64 64.97
CA ALA H 394 43.54 -15.59 64.00
C ALA H 394 43.86 -14.89 62.68
N VAL H 395 42.95 -14.02 62.23
CA VAL H 395 43.20 -13.23 61.03
C VAL H 395 44.47 -12.41 61.19
N ALA H 396 44.68 -11.82 62.38
CA ALA H 396 45.87 -11.00 62.63
C ALA H 396 47.15 -11.83 62.60
N LEU H 397 47.11 -13.09 63.07
CA LEU H 397 48.27 -13.96 63.17
C LEU H 397 48.66 -14.62 61.86
N ASP H 398 47.81 -14.56 60.86
CA ASP H 398 48.09 -15.19 59.58
C ASP H 398 49.28 -14.53 58.87
N ALA H 399 50.19 -15.34 58.36
CA ALA H 399 51.42 -14.84 57.74
C ALA H 399 51.37 -14.74 56.22
N GLY H 400 50.22 -15.05 55.61
CA GLY H 400 50.02 -14.91 54.18
C GLY H 400 49.38 -16.11 53.49
N THR H 401 48.42 -16.78 54.14
CA THR H 401 47.80 -17.96 53.54
C THR H 401 46.46 -17.64 52.86
N GLN H 402 45.91 -16.46 53.07
CA GLN H 402 44.54 -16.13 52.70
C GLN H 402 44.48 -15.36 51.40
N MET H 403 43.44 -15.61 50.61
CA MET H 403 43.20 -14.82 49.40
C MET H 403 42.52 -13.50 49.71
N PHE H 404 41.58 -13.50 50.66
CA PHE H 404 40.85 -12.29 51.04
C PHE H 404 41.42 -11.84 52.38
N SER H 405 42.51 -11.13 52.32
CA SER H 405 43.34 -10.80 53.48
C SER H 405 43.08 -9.39 53.93
N PRO H 406 43.60 -9.02 55.11
CA PRO H 406 43.44 -7.62 55.57
C PRO H 406 43.98 -6.62 54.59
N GLU H 407 45.12 -6.95 53.98
CA GLU H 407 45.76 -6.04 53.05
C GLU H 407 45.02 -5.95 51.73
N SER H 408 44.23 -6.97 51.37
CA SER H 408 43.48 -6.91 50.13
C SER H 408 42.06 -6.40 50.27
N THR H 409 41.47 -6.46 51.46
CA THR H 409 40.09 -6.01 51.64
C THR H 409 39.96 -4.74 52.49
N SER H 410 40.99 -4.38 53.27
CA SER H 410 40.84 -3.44 54.36
C SER H 410 42.02 -2.48 54.47
N ALA H 411 42.74 -2.27 53.36
CA ALA H 411 43.95 -1.46 53.42
C ALA H 411 43.67 -0.06 53.92
N ILE H 412 42.58 0.55 53.45
CA ILE H 412 42.28 1.92 53.87
C ILE H 412 41.98 1.98 55.35
N VAL H 413 41.48 0.89 55.95
CA VAL H 413 41.20 0.89 57.39
C VAL H 413 42.49 1.04 58.17
N LEU H 414 43.54 0.32 57.74
CA LEU H 414 44.84 0.47 58.39
C LEU H 414 45.29 1.92 58.39
N ASP H 415 45.29 2.57 57.23
CA ASP H 415 45.78 3.95 57.17
C ASP H 415 44.93 4.90 57.99
N THR H 416 43.62 4.66 58.05
CA THR H 416 42.73 5.58 58.74
C THR H 416 42.89 5.51 60.26
N PHE H 417 43.19 4.33 60.82
CA PHE H 417 43.20 4.14 62.26
C PHE H 417 44.60 3.90 62.84
N GLN H 418 45.65 3.92 62.00
CA GLN H 418 47.02 3.70 62.43
C GLN H 418 47.46 4.64 63.55
N ASP H 419 46.94 5.85 63.56
CA ASP H 419 47.37 6.87 64.50
C ASP H 419 46.30 7.21 65.52
N VAL H 420 45.23 6.44 65.59
CA VAL H 420 44.11 6.70 66.50
C VAL H 420 44.40 6.03 67.84
N PRO H 421 44.56 6.80 68.93
CA PRO H 421 45.08 6.20 70.18
C PRO H 421 44.28 5.03 70.73
N ILE H 422 42.96 5.05 70.62
CA ILE H 422 42.18 3.96 71.20
C ILE H 422 42.48 2.62 70.51
N MET H 423 42.84 2.66 69.23
CA MET H 423 43.14 1.42 68.46
C MET H 423 44.61 1.02 68.62
N MET H 424 45.46 1.99 68.94
CA MET H 424 46.92 1.74 69.08
C MET H 424 47.22 1.01 70.40
N ASN H 425 46.53 1.38 71.47
CA ASN H 425 46.83 0.78 72.80
C ASN H 425 45.53 0.62 73.56
N PRO H 426 44.59 -0.20 73.08
CA PRO H 426 43.28 -0.28 73.75
C PRO H 426 43.36 -0.69 75.21
N LEU H 427 44.22 -1.66 75.57
CA LEU H 427 44.28 -2.10 76.96
C LEU H 427 44.76 -0.99 77.87
N LYS H 428 45.75 -0.23 77.41
CA LYS H 428 46.26 0.88 78.24
C LYS H 428 45.22 1.98 78.38
N GLU H 429 44.48 2.27 77.29
CA GLU H 429 43.44 3.29 77.37
C GLU H 429 42.29 2.86 78.29
N VAL H 430 41.86 1.59 78.21
CA VAL H 430 40.80 1.12 79.09
C VAL H 430 41.23 1.24 80.55
N ALA H 431 42.46 0.84 80.86
CA ALA H 431 42.93 0.90 82.25
C ALA H 431 43.07 2.35 82.72
N ALA H 432 43.55 3.23 81.83
CA ALA H 432 43.74 4.63 82.19
C ALA H 432 42.41 5.33 82.46
N ALA H 433 41.33 4.88 81.82
CA ALA H 433 40.01 5.46 82.01
C ALA H 433 39.37 5.05 83.33
N VAL H 434 39.86 3.98 83.97
CA VAL H 434 39.32 3.58 85.27
C VAL H 434 39.52 4.71 86.29
N ALA I 2 51.38 -30.29 87.57
CA ALA I 2 50.55 -29.83 86.48
C ALA I 2 49.34 -30.74 86.40
N TYR I 3 48.25 -30.20 85.88
CA TYR I 3 47.02 -30.96 85.79
C TYR I 3 47.23 -32.19 84.93
N THR I 4 46.76 -33.33 85.42
CA THR I 4 46.84 -34.59 84.70
C THR I 4 45.53 -34.86 83.99
N PRO I 5 45.51 -34.95 82.67
CA PRO I 5 44.22 -35.13 81.97
C PRO I 5 43.66 -36.52 82.22
N GLN I 6 42.33 -36.58 82.22
CA GLN I 6 41.62 -37.86 82.22
C GLN I 6 40.93 -38.17 80.90
N TYR I 7 40.66 -37.14 80.08
CA TYR I 7 40.26 -37.23 78.68
C TYR I 7 38.80 -37.58 78.45
N TYR I 8 38.33 -38.71 79.00
CA TYR I 8 37.04 -39.26 78.56
C TYR I 8 36.58 -40.30 79.57
N PRO I 9 35.27 -40.42 79.83
CA PRO I 9 34.83 -41.43 80.80
C PRO I 9 34.70 -42.81 80.17
N GLY I 10 34.15 -43.76 80.92
CA GLY I 10 33.86 -45.10 80.44
C GLY I 10 34.89 -46.13 80.87
N SER I 11 34.41 -47.37 81.07
CA SER I 11 35.25 -48.44 81.58
C SER I 11 35.49 -49.60 80.61
N SER I 12 34.83 -49.66 79.47
CA SER I 12 35.05 -50.76 78.56
C SER I 12 36.38 -50.57 77.81
N HIS I 13 36.80 -51.63 77.09
CA HIS I 13 38.02 -51.51 76.30
C HIS I 13 37.89 -50.51 75.16
N VAL I 14 36.66 -50.28 74.67
CA VAL I 14 36.41 -49.23 73.70
C VAL I 14 36.74 -47.86 74.29
N ALA I 15 36.31 -47.61 75.53
CA ALA I 15 36.64 -46.36 76.22
C ALA I 15 38.13 -46.25 76.44
N VAL I 16 38.78 -47.36 76.79
CA VAL I 16 40.24 -47.38 76.90
C VAL I 16 40.90 -47.02 75.57
N ASN I 17 40.41 -47.59 74.46
CA ASN I 17 40.94 -47.23 73.16
C ASN I 17 40.73 -45.76 72.85
N ARG I 18 39.56 -45.21 73.20
CA ARG I 18 39.31 -43.79 72.97
C ARG I 18 40.33 -42.94 73.70
N ARG I 19 40.62 -43.26 74.97
CA ARG I 19 41.64 -42.49 75.69
C ARG I 19 43.03 -42.66 75.09
N LYS I 20 43.34 -43.84 74.55
CA LYS I 20 44.59 -44.02 73.81
C LYS I 20 44.68 -43.06 72.64
N HIS I 21 43.61 -42.96 71.84
CA HIS I 21 43.64 -42.04 70.70
C HIS I 21 43.77 -40.60 71.17
N MET I 22 43.02 -40.19 72.19
CA MET I 22 43.15 -38.83 72.67
C MET I 22 44.54 -38.53 73.22
N SER I 23 45.09 -39.43 74.01
CA SER I 23 46.38 -39.21 74.66
C SER I 23 47.55 -39.38 73.71
N GLY I 24 47.32 -39.88 72.50
CA GLY I 24 48.39 -40.15 71.56
C GLY I 24 49.15 -41.43 71.77
N ASP I 25 48.72 -42.28 72.70
CA ASP I 25 49.42 -43.51 73.03
C ASP I 25 48.91 -44.64 72.14
N VAL I 26 49.19 -44.51 70.84
CA VAL I 26 48.73 -45.42 69.83
C VAL I 26 49.92 -46.23 69.34
N GLU I 27 49.76 -47.55 69.29
CA GLU I 27 50.85 -48.46 68.97
C GLU I 27 51.14 -48.36 67.48
N LYS I 28 52.41 -48.36 67.13
CA LYS I 28 52.83 -48.42 65.74
C LYS I 28 52.74 -49.85 65.23
N LEU I 29 51.99 -50.05 64.15
CA LEU I 29 51.75 -51.38 63.61
C LEU I 29 52.39 -51.65 62.25
N ARG I 30 52.80 -50.62 61.53
CA ARG I 30 53.34 -50.77 60.19
C ARG I 30 54.24 -49.58 59.86
N THR I 31 55.01 -49.72 58.79
CA THR I 31 55.81 -48.63 58.27
C THR I 31 55.35 -48.28 56.86
N VAL I 32 55.20 -46.99 56.60
CA VAL I 32 54.95 -46.44 55.28
C VAL I 32 56.08 -45.48 54.94
N SER I 33 56.74 -45.71 53.83
CA SER I 33 57.91 -44.91 53.50
C SER I 33 57.50 -43.47 53.18
N ASP I 34 58.45 -42.56 53.32
CA ASP I 34 58.17 -41.16 53.02
C ASP I 34 57.69 -40.98 51.59
N ASP I 35 58.32 -41.68 50.65
CA ASP I 35 57.98 -41.47 49.25
C ASP I 35 56.61 -42.07 48.94
N ASP I 36 56.30 -43.22 49.53
CA ASP I 36 54.98 -43.81 49.33
C ASP I 36 53.90 -42.89 49.88
N LEU I 37 54.13 -42.34 51.08
CA LEU I 37 53.11 -41.47 51.67
C LEU I 37 52.90 -40.20 50.84
N VAL I 38 54.00 -39.55 50.43
CA VAL I 38 53.89 -38.36 49.58
C VAL I 38 53.17 -38.68 48.27
N ALA I 39 53.47 -39.84 47.67
CA ALA I 39 52.76 -40.23 46.45
C ALA I 39 51.26 -40.42 46.71
N ALA I 40 50.91 -41.05 47.83
CA ALA I 40 49.49 -41.24 48.14
C ALA I 40 48.79 -39.91 48.38
N LEU I 41 49.45 -38.95 49.02
CA LEU I 41 48.78 -37.69 49.35
C LEU I 41 48.58 -36.84 48.11
N GLY I 42 49.46 -36.95 47.12
CA GLY I 42 49.25 -36.34 45.82
C GLY I 42 49.43 -34.85 45.68
N HIS I 43 50.15 -34.19 46.60
CA HIS I 43 50.35 -32.76 46.54
C HIS I 43 51.64 -32.33 45.88
N ARG I 44 52.61 -33.23 45.74
CA ARG I 44 53.88 -32.93 45.10
C ARG I 44 54.51 -34.27 44.77
N ALA I 45 55.44 -34.27 43.83
CA ALA I 45 56.11 -35.51 43.50
C ALA I 45 57.06 -35.90 44.64
N PRO I 46 57.21 -37.18 44.92
CA PRO I 46 58.23 -37.60 45.89
C PRO I 46 59.58 -37.00 45.50
N GLY I 47 60.25 -36.43 46.48
CA GLY I 47 61.53 -35.80 46.27
C GLY I 47 61.48 -34.35 45.86
N ALA I 48 60.33 -33.83 45.44
CA ALA I 48 60.26 -32.44 44.99
C ALA I 48 60.31 -31.49 46.17
N ASP I 49 60.89 -30.30 45.95
CA ASP I 49 60.87 -29.28 46.98
C ASP I 49 59.43 -28.95 47.38
N TYR I 50 59.24 -28.55 48.61
CA TYR I 50 57.91 -28.10 49.00
C TYR I 50 57.59 -26.77 48.31
N PRO I 51 56.48 -26.66 47.59
CA PRO I 51 56.05 -25.34 47.12
C PRO I 51 55.73 -24.44 48.30
N SER I 52 55.69 -23.14 48.05
CA SER I 52 55.36 -22.18 49.09
C SER I 52 54.11 -21.40 48.72
N THR I 53 53.38 -20.96 49.75
CA THR I 53 52.31 -20.01 49.54
C THR I 53 52.70 -18.59 49.94
N HIS I 54 53.71 -18.42 50.77
CA HIS I 54 54.31 -17.12 51.06
C HIS I 54 55.78 -17.33 51.38
N PRO I 55 56.57 -16.27 51.42
CA PRO I 55 58.00 -16.42 51.69
C PRO I 55 58.23 -16.91 53.11
N PRO I 56 59.42 -17.49 53.36
CA PRO I 56 59.74 -17.90 54.74
C PRO I 56 59.64 -16.72 55.69
N LEU I 57 59.21 -17.00 56.93
CA LEU I 57 59.06 -15.92 57.91
C LEU I 57 60.36 -15.15 58.11
N ALA I 58 61.49 -15.84 58.16
CA ALA I 58 62.76 -15.17 58.37
C ALA I 58 63.12 -14.22 57.23
N GLU I 59 62.55 -14.40 56.06
CA GLU I 59 62.88 -13.57 54.92
C GLU I 59 61.96 -12.36 54.80
N MET I 60 60.69 -12.49 55.16
CA MET I 60 59.81 -11.33 55.03
C MET I 60 59.64 -10.55 56.33
N GLY I 61 60.06 -11.09 57.46
CA GLY I 61 59.78 -10.46 58.74
C GLY I 61 58.30 -10.60 59.09
N GLU I 62 57.95 -10.13 60.27
CA GLU I 62 56.59 -10.21 60.79
C GLU I 62 56.20 -8.93 61.51
N PRO I 63 54.91 -8.64 61.61
CA PRO I 63 54.49 -7.49 62.42
C PRO I 63 54.93 -7.64 63.86
N ASP I 64 55.07 -6.49 64.52
CA ASP I 64 55.42 -6.44 65.93
C ASP I 64 54.21 -6.89 66.73
N CYS I 65 54.14 -8.17 67.08
CA CYS I 65 52.98 -8.74 67.73
C CYS I 65 53.50 -9.56 68.90
N PRO I 66 53.04 -9.30 70.12
CA PRO I 66 53.53 -10.05 71.28
C PRO I 66 53.22 -11.51 71.20
N VAL I 67 52.13 -11.88 70.52
CA VAL I 67 51.77 -13.29 70.42
C VAL I 67 52.71 -14.00 69.47
N ARG I 68 52.90 -13.44 68.27
CA ARG I 68 53.86 -14.04 67.35
C ARG I 68 55.22 -14.22 68.04
N GLN I 69 55.59 -13.27 68.90
CA GLN I 69 56.94 -13.32 69.53
C GLN I 69 57.03 -14.35 70.65
N MET I 70 55.92 -14.97 71.07
CA MET I 70 56.03 -16.05 72.09
C MET I 70 55.38 -17.36 71.63
N VAL I 71 54.90 -17.40 70.38
CA VAL I 71 54.36 -18.68 69.84
C VAL I 71 55.28 -19.11 68.71
N GLU I 72 55.88 -20.27 68.89
CA GLU I 72 56.86 -20.74 67.94
C GLU I 72 56.14 -21.30 66.71
N PRO I 73 56.46 -20.83 65.50
CA PRO I 73 55.86 -21.43 64.30
C PRO I 73 56.31 -22.88 64.13
N THR I 74 55.41 -23.69 63.58
CA THR I 74 55.79 -25.03 63.16
C THR I 74 56.86 -24.93 62.07
N PRO I 75 57.54 -26.04 61.78
CA PRO I 75 58.52 -26.01 60.67
C PRO I 75 57.90 -25.62 59.33
N GLY I 76 56.71 -26.10 59.02
CA GLY I 76 56.11 -25.74 57.76
C GLY I 76 55.67 -24.29 57.70
N ALA I 77 55.27 -23.71 58.83
CA ALA I 77 54.90 -22.31 58.84
C ALA I 77 56.12 -21.43 58.64
N ALA I 78 57.19 -21.76 59.35
CA ALA I 78 58.45 -21.02 59.17
C ALA I 78 58.90 -21.02 57.73
N ALA I 79 58.69 -22.14 57.02
CA ALA I 79 59.11 -22.28 55.64
C ALA I 79 58.14 -21.68 54.64
N GLY I 80 56.91 -21.37 55.04
CA GLY I 80 55.92 -20.84 54.13
C GLY I 80 55.19 -21.87 53.29
N ASP I 81 55.14 -23.14 53.72
CA ASP I 81 54.50 -24.19 52.95
C ASP I 81 53.04 -23.84 52.64
N ARG I 82 52.53 -24.39 51.54
CA ARG I 82 51.08 -24.42 51.37
C ARG I 82 50.45 -25.16 52.53
N VAL I 83 49.20 -24.80 52.82
CA VAL I 83 48.35 -25.62 53.67
C VAL I 83 47.76 -26.69 52.79
N ARG I 84 48.09 -27.95 53.07
CA ARG I 84 47.55 -29.12 52.38
C ARG I 84 46.89 -30.03 53.43
N TYR I 85 46.51 -31.25 53.01
CA TYR I 85 45.63 -32.03 53.86
C TYR I 85 45.84 -33.53 53.68
N SER I 86 45.42 -34.28 54.70
CA SER I 86 45.14 -35.70 54.61
C SER I 86 43.68 -35.90 55.01
N GLN I 87 43.00 -36.86 54.41
CA GLN I 87 41.60 -37.12 54.74
C GLN I 87 41.36 -38.61 54.75
N PHE I 88 40.73 -39.11 55.83
CA PHE I 88 40.48 -40.53 56.03
C PHE I 88 38.98 -40.77 56.16
N THR I 89 38.55 -41.91 55.63
CA THR I 89 37.24 -42.49 55.84
C THR I 89 37.44 -43.79 56.62
N ASP I 90 36.52 -44.08 57.56
CA ASP I 90 36.62 -45.24 58.45
C ASP I 90 35.30 -45.97 58.48
N SER I 91 35.34 -47.28 58.27
CA SER I 91 34.11 -48.09 58.26
C SER I 91 33.45 -48.12 59.65
N MET I 92 32.13 -48.16 59.66
CA MET I 92 31.39 -48.31 60.94
C MET I 92 31.40 -49.77 61.36
N TYR I 93 31.96 -50.66 60.53
CA TYR I 93 32.13 -52.09 60.91
C TYR I 93 33.43 -52.27 61.69
N SER I 94 33.53 -51.56 62.80
CA SER I 94 34.60 -51.74 63.78
C SER I 94 35.97 -51.30 63.25
N ALA I 95 36.03 -50.28 62.38
CA ALA I 95 37.34 -49.71 62.12
C ALA I 95 37.93 -49.23 63.44
N PRO I 96 39.24 -49.23 63.56
CA PRO I 96 39.85 -48.70 64.80
C PRO I 96 39.43 -47.27 65.12
N SER I 97 39.39 -46.41 64.10
CA SER I 97 39.14 -44.98 64.35
C SER I 97 37.70 -44.55 64.09
N ILE I 98 37.27 -43.49 64.78
CA ILE I 98 35.95 -42.88 64.50
C ILE I 98 36.27 -41.39 64.27
N PRO I 99 35.54 -40.65 63.42
CA PRO I 99 35.93 -39.28 63.07
C PRO I 99 36.28 -38.31 64.21
N TYR I 100 35.44 -38.20 65.26
CA TYR I 100 35.72 -37.19 66.31
C TYR I 100 37.04 -37.54 67.03
N PHE I 101 37.33 -38.82 67.20
CA PHE I 101 38.53 -39.20 67.95
C PHE I 101 39.79 -39.04 67.12
N ARG I 102 39.67 -39.11 65.78
CA ARG I 102 40.79 -38.67 64.95
C ARG I 102 41.05 -37.19 65.15
N SER I 103 39.99 -36.40 65.28
CA SER I 103 40.18 -34.96 65.44
C SER I 103 40.76 -34.63 66.80
N TYR I 104 40.35 -35.36 67.84
CA TYR I 104 40.95 -35.15 69.16
C TYR I 104 42.43 -35.55 69.17
N TYR I 105 42.76 -36.67 68.53
CA TYR I 105 44.17 -37.07 68.41
C TYR I 105 44.99 -35.94 67.81
N ALA I 106 44.47 -35.35 66.73
CA ALA I 106 45.13 -34.24 66.08
C ALA I 106 45.25 -33.02 66.99
N ALA I 107 44.14 -32.63 67.64
CA ALA I 107 44.09 -31.38 68.39
C ALA I 107 44.89 -31.47 69.69
N ILE I 108 45.03 -32.66 70.28
CA ILE I 108 45.72 -32.81 71.54
C ILE I 108 47.23 -32.94 71.31
N ASN I 109 47.63 -33.65 70.24
CA ASN I 109 49.01 -34.10 70.13
C ASN I 109 49.85 -33.43 69.07
N PHE I 110 49.29 -32.54 68.26
CA PHE I 110 50.00 -31.89 67.17
C PHE I 110 49.76 -30.39 67.19
N ARG I 111 50.79 -29.66 66.84
CA ARG I 111 50.73 -28.21 66.80
C ARG I 111 50.29 -27.70 65.43
N GLY I 112 49.54 -26.58 65.47
CA GLY I 112 49.23 -25.87 64.24
C GLY I 112 48.44 -26.68 63.24
N VAL I 113 47.36 -27.31 63.69
CA VAL I 113 46.53 -28.19 62.86
C VAL I 113 45.10 -27.67 62.81
N ASP I 114 44.42 -28.03 61.71
CA ASP I 114 43.03 -27.63 61.45
C ASP I 114 42.22 -28.88 61.13
N PRO I 115 41.84 -29.64 62.16
CA PRO I 115 41.06 -30.87 61.94
C PRO I 115 39.60 -30.55 61.69
N GLY I 116 38.97 -31.41 60.91
CA GLY I 116 37.54 -31.34 60.67
C GLY I 116 36.89 -32.70 60.72
N THR I 117 35.73 -32.79 61.38
CA THR I 117 35.03 -34.05 61.60
C THR I 117 33.71 -34.05 60.82
N LEU I 118 33.48 -35.11 60.09
CA LEU I 118 32.23 -35.36 59.38
C LEU I 118 31.92 -36.85 59.53
N SER I 119 30.73 -37.28 59.06
CA SER I 119 30.40 -38.69 59.25
C SER I 119 31.23 -39.61 58.36
N GLY I 120 31.43 -39.24 57.09
CA GLY I 120 32.09 -40.16 56.14
C GLY I 120 33.49 -39.72 55.75
N ARG I 121 34.00 -38.72 56.43
CA ARG I 121 35.38 -38.23 56.14
C ARG I 121 35.88 -37.44 57.34
N GLN I 122 37.18 -37.52 57.59
CA GLN I 122 37.81 -36.71 58.64
C GLN I 122 39.06 -36.12 57.98
N ILE I 123 39.28 -34.84 58.18
CA ILE I 123 40.36 -34.14 57.48
C ILE I 123 41.27 -33.48 58.50
N VAL I 124 42.55 -33.44 58.16
CA VAL I 124 43.54 -32.63 58.88
C VAL I 124 44.20 -31.75 57.84
N GLU I 125 44.00 -30.43 57.97
CA GLU I 125 44.73 -29.45 57.17
C GLU I 125 45.84 -28.88 58.04
N ALA I 126 47.02 -28.70 57.43
CA ALA I 126 48.16 -28.08 58.11
C ALA I 126 49.19 -27.73 57.04
N ARG I 127 50.19 -26.95 57.45
CA ARG I 127 51.31 -26.74 56.53
C ARG I 127 51.81 -28.09 56.04
N GLU I 128 52.15 -28.15 54.76
CA GLU I 128 52.37 -29.44 54.08
C GLU I 128 53.28 -30.38 54.87
N ARG I 129 54.48 -29.93 55.25
CA ARG I 129 55.39 -30.84 55.92
C ARG I 129 54.86 -31.28 57.28
N ASP I 130 54.12 -30.41 57.95
CA ASP I 130 53.54 -30.77 59.24
C ASP I 130 52.39 -31.76 59.06
N MET I 131 51.57 -31.52 58.05
CA MET I 131 50.49 -32.44 57.69
C MET I 131 51.02 -33.83 57.40
N GLU I 132 52.13 -33.91 56.65
CA GLU I 132 52.71 -35.20 56.33
C GLU I 132 53.10 -35.94 57.61
N ALA I 133 53.73 -35.24 58.56
CA ALA I 133 54.16 -35.92 59.78
C ALA I 133 52.97 -36.43 60.56
N GLN I 134 51.89 -35.66 60.60
CA GLN I 134 50.72 -36.08 61.37
C GLN I 134 50.04 -37.27 60.71
N CYS I 135 49.96 -37.24 59.36
CA CYS I 135 49.39 -38.35 58.61
C CYS I 135 50.22 -39.62 58.79
N LYS I 136 51.54 -39.48 58.76
CA LYS I 136 52.41 -40.64 58.94
C LYS I 136 52.14 -41.29 60.29
N ALA I 137 52.01 -40.47 61.34
CA ALA I 137 51.77 -41.03 62.66
C ALA I 137 50.46 -41.79 62.69
N ALA I 138 49.41 -41.21 62.11
CA ALA I 138 48.09 -41.87 62.11
C ALA I 138 48.11 -43.15 61.28
N ILE I 139 48.67 -43.10 60.07
CA ILE I 139 48.57 -44.22 59.14
C ILE I 139 49.44 -45.42 59.56
N GLU I 140 50.56 -45.17 60.24
CA GLU I 140 51.39 -46.25 60.75
C GLU I 140 50.86 -46.87 62.03
N SER I 141 49.86 -46.27 62.67
CA SER I 141 49.45 -46.69 63.99
C SER I 141 48.23 -47.59 63.95
N GLU I 142 47.85 -48.07 65.16
CA GLU I 142 46.66 -48.88 65.32
C GLU I 142 45.38 -48.09 65.06
N MET I 143 45.47 -46.78 64.82
CA MET I 143 44.30 -46.03 64.40
C MET I 143 43.85 -46.42 63.00
N THR I 144 44.69 -47.14 62.26
CA THR I 144 44.44 -47.47 60.88
C THR I 144 44.45 -48.98 60.67
N CYS I 145 43.39 -49.48 60.05
CA CYS I 145 43.40 -50.77 59.36
C CYS I 145 43.26 -50.44 57.89
N PRO I 146 44.14 -50.90 57.00
CA PRO I 146 44.05 -50.45 55.60
C PRO I 146 42.89 -51.03 54.81
N ALA I 147 42.15 -52.00 55.34
CA ALA I 147 40.91 -52.41 54.71
C ALA I 147 39.72 -51.59 55.19
N LEU I 148 39.67 -51.29 56.49
CA LEU I 148 38.54 -50.58 57.08
C LEU I 148 38.69 -49.06 57.05
N ALA I 149 39.85 -48.57 56.63
CA ALA I 149 40.10 -47.15 56.60
C ALA I 149 41.00 -46.86 55.42
N GLY I 150 40.86 -45.65 54.86
CA GLY I 150 41.79 -45.25 53.81
C GLY I 150 41.76 -43.78 53.50
N LEU I 151 42.79 -43.36 52.76
CA LEU I 151 42.90 -41.98 52.31
C LEU I 151 41.93 -41.72 51.18
N ARG I 152 41.01 -40.77 51.40
CA ARG I 152 40.03 -40.38 50.38
C ARG I 152 39.82 -38.87 50.48
N GLY I 153 40.45 -38.12 49.59
CA GLY I 153 40.25 -36.68 49.53
C GLY I 153 39.01 -36.25 48.77
N CYS I 154 38.34 -37.21 48.14
CA CYS I 154 37.09 -37.00 47.42
C CYS I 154 36.42 -38.34 47.22
N THR I 155 35.12 -38.29 46.90
CA THR I 155 34.35 -39.47 46.59
C THR I 155 34.42 -40.48 47.74
N VAL I 156 33.95 -40.03 48.92
CA VAL I 156 34.27 -40.72 50.17
C VAL I 156 33.32 -41.84 50.55
N HIS I 157 32.16 -41.93 49.86
CA HIS I 157 31.09 -42.90 50.17
C HIS I 157 31.66 -44.26 50.54
N GLY I 158 31.18 -44.81 51.65
CA GLY I 158 31.61 -46.11 52.07
C GLY I 158 31.58 -46.39 53.56
N HIS I 159 31.68 -45.35 54.43
CA HIS I 159 31.80 -45.61 55.86
C HIS I 159 30.64 -46.44 56.38
N SER I 160 29.46 -46.26 55.79
CA SER I 160 28.22 -46.81 56.30
C SER I 160 27.71 -47.97 55.45
N LEU I 161 28.48 -48.43 54.50
CA LEU I 161 28.07 -49.46 53.56
C LEU I 161 28.54 -50.84 54.01
N ARG I 162 27.86 -51.87 53.52
CA ARG I 162 28.36 -53.23 53.72
C ARG I 162 29.77 -53.34 53.15
N LEU I 163 30.63 -54.08 53.85
CA LEU I 163 31.96 -54.35 53.34
C LEU I 163 31.88 -55.25 52.12
N ALA I 164 32.90 -55.16 51.27
CA ALA I 164 33.00 -56.08 50.16
C ALA I 164 33.28 -57.50 50.67
N GLU I 165 33.10 -58.49 49.78
CA GLU I 165 33.31 -59.88 50.20
C GLU I 165 34.72 -60.13 50.71
N ASP I 166 35.72 -59.40 50.21
CA ASP I 166 37.10 -59.56 50.69
C ASP I 166 37.43 -58.69 51.92
N GLY I 167 36.42 -58.03 52.51
CA GLY I 167 36.59 -57.24 53.71
C GLY I 167 37.00 -55.79 53.49
N MET I 168 37.24 -55.39 52.25
CA MET I 168 37.60 -54.00 51.98
C MET I 168 36.37 -53.09 52.00
N MET I 169 36.51 -51.95 52.63
CA MET I 169 35.46 -50.93 52.57
C MET I 169 35.27 -50.46 51.12
N PHE I 170 34.00 -50.33 50.71
CA PHE I 170 33.67 -49.85 49.39
C PHE I 170 34.33 -48.52 49.10
N ASP I 171 34.94 -48.42 47.92
CA ASP I 171 35.51 -47.19 47.38
C ASP I 171 35.08 -47.10 45.93
N MET I 172 34.29 -46.08 45.60
CA MET I 172 33.81 -45.92 44.23
C MET I 172 34.98 -45.84 43.25
N LEU I 173 36.10 -45.26 43.69
CA LEU I 173 37.27 -45.08 42.84
C LEU I 173 38.29 -46.22 43.00
N GLN I 174 38.04 -47.16 43.90
CA GLN I 174 38.92 -48.31 44.14
C GLN I 174 40.39 -47.90 44.16
N ARG I 175 40.70 -46.97 45.07
CA ARG I 175 42.09 -46.51 45.22
C ARG I 175 42.99 -47.57 45.85
N THR I 176 42.40 -48.55 46.52
CA THR I 176 43.11 -49.67 47.16
C THR I 176 42.46 -50.99 46.75
N HIS I 177 43.27 -52.05 46.82
CA HIS I 177 42.81 -53.41 46.61
C HIS I 177 43.79 -54.37 47.28
N ILE I 178 43.36 -55.62 47.40
CA ILE I 178 44.17 -56.64 48.04
C ILE I 178 44.97 -57.38 46.97
N GLU I 179 46.26 -57.56 47.21
CA GLU I 179 47.13 -58.41 46.39
C GLU I 179 47.94 -59.24 47.37
N GLY I 180 47.81 -60.57 47.29
CA GLY I 180 48.62 -61.43 48.14
C GLY I 180 48.43 -61.19 49.63
N GLY I 181 47.20 -60.86 50.03
CA GLY I 181 46.90 -60.61 51.42
C GLY I 181 47.22 -59.21 51.90
N ASN I 182 47.88 -58.40 51.08
CA ASN I 182 48.24 -57.04 51.46
C ASN I 182 47.32 -56.05 50.76
N VAL I 183 46.99 -54.96 51.46
CA VAL I 183 46.32 -53.83 50.82
C VAL I 183 47.35 -53.00 50.06
N ILE I 184 47.10 -52.80 48.77
CA ILE I 184 47.93 -52.00 47.88
C ILE I 184 47.12 -50.76 47.49
N GLU I 185 47.74 -49.58 47.64
CA GLU I 185 47.20 -48.32 47.10
C GLU I 185 47.96 -47.96 45.83
N ASP I 186 47.24 -47.83 44.72
CA ASP I 186 47.86 -47.47 43.45
C ASP I 186 47.24 -46.24 42.79
N LYS I 187 46.45 -45.47 43.54
CA LYS I 187 45.98 -44.16 43.16
C LYS I 187 46.19 -43.22 44.34
N ASP I 188 46.36 -41.93 44.06
CA ASP I 188 46.46 -40.96 45.13
C ASP I 188 45.08 -40.75 45.78
N GLN I 189 45.07 -39.91 46.82
CA GLN I 189 43.84 -39.77 47.62
C GLN I 189 42.69 -39.13 46.86
N VAL I 190 42.92 -38.51 45.71
CA VAL I 190 41.83 -37.97 44.90
C VAL I 190 41.61 -38.78 43.62
N GLY I 191 42.10 -40.02 43.58
CA GLY I 191 41.72 -40.97 42.55
C GLY I 191 42.60 -41.00 41.33
N VAL I 192 43.72 -40.29 41.34
CA VAL I 192 44.62 -40.24 40.20
C VAL I 192 45.63 -41.36 40.26
N PRO I 193 45.75 -42.17 39.20
CA PRO I 193 46.71 -43.28 39.25
C PRO I 193 48.11 -42.78 39.55
N ILE I 194 48.82 -43.52 40.40
CA ILE I 194 50.23 -43.25 40.69
C ILE I 194 51.12 -44.35 40.11
N ASP I 195 52.38 -44.01 39.90
CA ASP I 195 53.29 -44.95 39.24
C ASP I 195 54.00 -45.85 40.23
N ARG I 196 53.32 -46.27 41.29
CA ARG I 196 53.90 -47.18 42.25
C ARG I 196 52.77 -47.93 42.94
N LYS I 197 53.12 -49.03 43.58
CA LYS I 197 52.19 -49.76 44.43
C LYS I 197 52.61 -49.52 45.88
N VAL I 198 51.78 -48.81 46.64
CA VAL I 198 52.07 -48.56 48.06
C VAL I 198 51.52 -49.74 48.86
N ASN I 199 52.42 -50.49 49.51
CA ASN I 199 52.02 -51.69 50.22
C ASN I 199 51.70 -51.27 51.66
N LEU I 200 50.42 -51.25 52.00
CA LEU I 200 49.97 -50.88 53.34
C LEU I 200 49.86 -52.09 54.27
N GLY I 201 50.23 -53.25 53.79
CA GLY I 201 50.27 -54.44 54.62
C GLY I 201 48.91 -55.11 54.78
N LYS I 202 48.87 -56.02 55.73
CA LYS I 202 47.73 -56.90 55.90
C LYS I 202 46.61 -56.12 56.62
N PRO I 203 45.34 -56.35 56.25
CA PRO I 203 44.24 -55.88 57.09
C PRO I 203 44.28 -56.54 58.45
N MET I 204 43.67 -55.87 59.42
CA MET I 204 43.42 -56.46 60.72
C MET I 204 42.43 -57.61 60.57
N SER I 205 42.62 -58.67 61.36
CA SER I 205 41.57 -59.67 61.47
C SER I 205 40.31 -59.02 62.04
N ASP I 206 39.16 -59.66 61.84
CA ASP I 206 37.93 -59.16 62.45
C ASP I 206 38.05 -59.03 63.97
N ALA I 207 38.67 -60.04 64.60
CA ALA I 207 38.80 -59.99 66.06
C ALA I 207 39.74 -58.88 66.49
N GLU I 208 40.83 -58.67 65.74
CA GLU I 208 41.74 -57.57 66.07
CA GLU I 208 41.73 -57.58 66.08
C GLU I 208 41.03 -56.22 65.94
N ALA I 209 40.26 -56.03 64.88
CA ALA I 209 39.55 -54.78 64.72
C ALA I 209 38.65 -54.50 65.93
N LYS I 210 37.92 -55.52 66.40
CA LYS I 210 37.02 -55.30 67.53
C LYS I 210 37.79 -55.07 68.82
N LYS I 211 39.03 -55.59 68.90
CA LYS I 211 39.86 -55.30 70.07
C LYS I 211 40.38 -53.86 70.02
N ARG I 212 40.56 -53.31 68.82
CA ARG I 212 41.19 -52.02 68.66
C ARG I 212 40.20 -50.88 68.43
N THR I 213 38.91 -51.19 68.25
CA THR I 213 37.96 -50.17 67.81
C THR I 213 37.57 -49.21 68.93
N THR I 214 37.23 -47.99 68.51
CA THR I 214 36.66 -46.96 69.35
C THR I 214 35.14 -46.81 69.17
N ILE I 215 34.55 -47.57 68.29
CA ILE I 215 33.10 -47.48 68.08
C ILE I 215 32.36 -48.41 69.05
N TYR I 216 31.17 -47.99 69.48
CA TYR I 216 30.23 -48.83 70.21
C TYR I 216 29.22 -49.36 69.20
N ARG I 217 28.95 -50.67 69.22
CA ARG I 217 27.89 -51.23 68.39
C ARG I 217 27.54 -52.61 68.94
N THR I 218 26.40 -53.15 68.48
CA THR I 218 25.84 -54.34 69.09
C THR I 218 26.72 -55.57 68.95
N ASP I 219 27.59 -55.64 67.93
CA ASP I 219 28.47 -56.79 67.75
C ASP I 219 29.80 -56.65 68.49
N GLY I 220 29.98 -55.58 69.25
CA GLY I 220 31.19 -55.37 70.03
C GLY I 220 30.80 -54.99 71.45
N VAL I 221 31.12 -53.76 71.85
CA VAL I 221 30.68 -53.23 73.14
C VAL I 221 29.41 -52.44 72.89
N LYS I 222 28.29 -52.90 73.44
CA LYS I 222 27.01 -52.25 73.19
C LYS I 222 26.97 -50.90 73.89
N TYR I 223 26.58 -49.84 73.16
CA TYR I 223 26.53 -48.49 73.73
C TYR I 223 25.60 -48.42 74.93
N ARG I 224 24.47 -49.13 74.85
CA ARG I 224 23.49 -49.13 75.92
C ARG I 224 24.10 -49.54 77.27
N ASP I 225 25.18 -50.32 77.25
CA ASP I 225 25.80 -50.81 78.47
C ASP I 225 26.87 -49.87 79.05
N GLU I 226 27.27 -48.83 78.32
CA GLU I 226 28.33 -47.91 78.75
CA GLU I 226 28.34 -47.93 78.78
C GLU I 226 27.73 -46.74 79.53
N GLU I 227 27.31 -47.04 80.74
CA GLU I 227 26.51 -46.11 81.53
C GLU I 227 27.28 -44.83 81.89
N GLU I 228 28.62 -44.90 82.02
CA GLU I 228 29.38 -43.69 82.34
C GLU I 228 29.30 -42.69 81.19
N VAL I 229 29.33 -43.18 79.96
CA VAL I 229 29.29 -42.27 78.84
C VAL I 229 27.91 -41.66 78.72
N LEU I 230 26.86 -42.47 78.92
CA LEU I 230 25.52 -41.92 78.92
C LEU I 230 25.33 -40.88 80.02
N ASP I 231 25.86 -41.15 81.23
CA ASP I 231 25.80 -40.16 82.32
C ASP I 231 26.49 -38.87 81.91
N HIS I 232 27.66 -38.99 81.29
CA HIS I 232 28.39 -37.81 80.85
C HIS I 232 27.57 -36.97 79.87
N VAL I 233 26.99 -37.63 78.88
CA VAL I 233 26.17 -36.92 77.88
C VAL I 233 25.04 -36.19 78.60
N HIS I 234 24.38 -36.89 79.51
CA HIS I 234 23.24 -36.31 80.22
C HIS I 234 23.66 -35.12 81.06
N LEU I 235 24.74 -35.26 81.81
CA LEU I 235 25.25 -34.16 82.65
C LEU I 235 25.53 -32.91 81.82
N VAL I 236 26.22 -33.07 80.69
CA VAL I 236 26.54 -31.90 79.86
C VAL I 236 25.26 -31.27 79.30
N HIS I 237 24.36 -32.09 78.77
CA HIS I 237 23.11 -31.54 78.23
C HIS I 237 22.34 -30.78 79.31
N HIS I 238 22.22 -31.39 80.49
CA HIS I 238 21.45 -30.80 81.55
C HIS I 238 22.04 -29.47 81.96
N ARG I 239 23.35 -29.44 82.22
CA ARG I 239 24.01 -28.21 82.67
C ARG I 239 23.97 -27.14 81.59
N ARG I 240 24.11 -27.52 80.31
CA ARG I 240 23.92 -26.54 79.25
C ARG I 240 22.51 -25.94 79.31
N THR I 241 21.49 -26.80 79.42
CA THR I 241 20.11 -26.34 79.47
C THR I 241 19.91 -25.39 80.65
N MET I 242 20.41 -25.79 81.81
CA MET I 242 20.20 -25.02 83.02
C MET I 242 20.83 -23.63 82.93
N TYR I 243 22.08 -23.56 82.46
CA TYR I 243 22.78 -22.29 82.46
C TYR I 243 22.33 -21.36 81.34
N GLY I 244 21.75 -21.91 80.27
CA GLY I 244 21.17 -21.06 79.25
C GLY I 244 19.95 -20.32 79.76
N TYR I 245 19.20 -20.96 80.66
CA TYR I 245 18.14 -20.29 81.40
C TYR I 245 18.73 -19.23 82.31
N ARG I 246 19.58 -19.62 83.26
CA ARG I 246 20.29 -18.66 84.11
C ARG I 246 21.66 -19.23 84.50
N PRO I 247 22.76 -18.50 84.29
CA PRO I 247 24.09 -19.05 84.61
C PRO I 247 24.42 -18.94 86.08
N GLU I 248 23.80 -19.82 86.88
CA GLU I 248 23.99 -19.88 88.33
C GLU I 248 23.58 -21.25 88.84
N THR I 249 24.16 -21.62 89.98
CA THR I 249 23.84 -22.91 90.59
C THR I 249 22.35 -23.10 90.81
N ALA I 250 21.62 -22.04 91.17
CA ALA I 250 20.20 -22.22 91.45
C ALA I 250 19.43 -22.75 90.24
N ALA I 251 19.92 -22.55 89.01
CA ALA I 251 19.22 -23.04 87.84
C ALA I 251 19.20 -24.56 87.78
N GLU I 252 20.11 -25.21 88.50
CA GLU I 252 20.15 -26.66 88.46
C GLU I 252 18.94 -27.31 89.08
N THR I 253 18.16 -26.56 89.86
CA THR I 253 16.90 -27.06 90.41
C THR I 253 15.71 -26.18 90.04
N ALA I 254 15.81 -25.46 88.93
CA ALA I 254 14.71 -24.63 88.47
C ALA I 254 13.46 -25.46 88.18
N PRO I 255 12.28 -24.85 88.27
CA PRO I 255 11.07 -25.55 87.83
C PRO I 255 11.24 -25.98 86.39
N GLY I 256 10.88 -27.22 86.10
CA GLY I 256 11.05 -27.79 84.78
C GLY I 256 12.18 -28.79 84.65
N VAL I 257 13.16 -28.75 85.56
CA VAL I 257 14.22 -29.75 85.54
C VAL I 257 13.63 -31.13 85.84
N GLY I 258 12.85 -31.24 86.91
CA GLY I 258 12.28 -32.50 87.27
C GLY I 258 13.30 -33.40 87.94
N PRO I 259 12.94 -34.66 88.13
CA PRO I 259 13.78 -35.61 88.88
C PRO I 259 14.90 -36.22 88.04
N VAL I 260 15.83 -35.36 87.58
CA VAL I 260 16.97 -35.87 86.84
C VAL I 260 17.77 -36.83 87.71
N THR I 261 18.32 -37.87 87.08
CA THR I 261 19.00 -38.93 87.79
C THR I 261 20.03 -39.54 86.87
N TYR I 262 21.07 -40.12 87.47
CA TYR I 262 22.22 -40.65 86.75
C TYR I 262 22.51 -42.06 87.22
N HIS I 263 23.19 -42.83 86.37
CA HIS I 263 23.44 -44.22 86.66
C HIS I 263 24.57 -44.43 87.67
N THR I 264 25.70 -43.73 87.49
CA THR I 264 26.92 -44.05 88.18
C THR I 264 27.37 -42.96 89.14
N VAL I 265 26.68 -41.82 89.16
CA VAL I 265 26.95 -40.72 90.08
C VAL I 265 25.62 -40.21 90.66
N ALA J 2 21.38 10.71 5.46
CA ALA J 2 20.81 10.62 6.80
C ALA J 2 19.33 10.30 6.71
N TYR J 3 18.74 10.00 7.85
CA TYR J 3 17.32 9.68 7.89
C TYR J 3 16.48 10.87 7.45
N LYS J 4 15.44 10.59 6.66
CA LYS J 4 14.49 11.61 6.22
C LYS J 4 13.08 11.15 6.60
N TYR J 5 12.39 11.96 7.38
CA TYR J 5 11.02 11.61 7.79
C TYR J 5 10.08 11.69 6.59
N PRO J 6 9.26 10.67 6.34
CA PRO J 6 8.47 10.61 5.11
C PRO J 6 7.17 11.40 5.21
N SER J 7 6.43 11.41 4.09
CA SER J 7 5.20 12.19 4.02
C SER J 7 3.99 11.50 4.64
N GLU J 8 4.00 10.18 4.78
CA GLU J 8 2.92 9.48 5.46
C GLU J 8 3.37 9.16 6.88
N LYS J 9 2.53 9.54 7.84
CA LYS J 9 2.82 9.22 9.26
C LYS J 9 3.00 7.70 9.41
N LEU J 10 3.94 7.30 10.26
CA LEU J 10 4.24 5.89 10.40
C LEU J 10 3.10 5.09 11.01
N PHE J 11 2.19 5.72 11.76
CA PHE J 11 1.09 5.04 12.42
C PHE J 11 -0.12 4.83 11.51
N VAL J 12 -0.13 5.40 10.31
CA VAL J 12 -1.32 5.29 9.47
C VAL J 12 -1.58 3.85 9.03
N GLU J 13 -0.52 3.08 8.74
CA GLU J 13 -0.75 1.72 8.27
C GLU J 13 -1.58 0.93 9.27
N ALA J 14 -1.21 1.02 10.56
CA ALA J 14 -1.93 0.27 11.59
C ALA J 14 -3.38 0.74 11.72
N LEU J 15 -3.61 2.06 11.63
CA LEU J 15 -4.99 2.54 11.64
C LEU J 15 -5.80 1.93 10.50
N LYS J 16 -5.22 1.94 9.29
CA LYS J 16 -5.95 1.43 8.13
C LYS J 16 -6.15 -0.09 8.23
N SER J 17 -5.20 -0.81 8.86
CA SER J 17 -5.35 -2.26 9.03
C SER J 17 -6.33 -2.62 10.14
N LYS J 18 -6.53 -1.73 11.11
CA LYS J 18 -7.54 -1.94 12.13
C LYS J 18 -8.93 -1.59 11.64
N PHE J 19 -9.04 -0.59 10.76
CA PHE J 19 -10.33 -0.02 10.36
C PHE J 19 -10.39 0.10 8.83
N ALA J 20 -10.53 -1.04 8.15
CA ALA J 20 -10.58 -1.02 6.70
C ALA J 20 -11.71 -0.11 6.22
N GLY J 21 -11.38 0.81 5.32
CA GLY J 21 -12.39 1.69 4.75
C GLY J 21 -12.68 2.96 5.52
N LEU J 22 -12.07 3.16 6.68
CA LEU J 22 -12.46 4.26 7.56
C LEU J 22 -11.87 5.58 7.08
N ASP J 23 -12.69 6.63 7.11
CA ASP J 23 -12.21 8.01 7.00
C ASP J 23 -11.52 8.41 8.28
N LEU J 24 -10.19 8.55 8.22
CA LEU J 24 -9.42 8.74 9.44
C LEU J 24 -9.59 10.13 10.02
N SER J 25 -10.32 11.03 9.33
CA SER J 25 -10.59 12.35 9.88
C SER J 25 -11.89 12.40 10.70
N ASP J 26 -12.71 11.35 10.65
CA ASP J 26 -14.01 11.42 11.29
CA ASP J 26 -14.02 11.38 11.29
C ASP J 26 -13.86 11.42 12.80
N GLN J 27 -14.48 12.41 13.44
CA GLN J 27 -14.51 12.51 14.90
C GLN J 27 -15.64 11.73 15.52
N LYS J 28 -16.58 11.22 14.72
CA LYS J 28 -17.72 10.47 15.22
C LYS J 28 -17.68 9.04 14.71
N VAL J 29 -18.44 8.15 15.38
CA VAL J 29 -18.55 6.75 15.01
C VAL J 29 -19.91 6.23 15.45
N LYS J 30 -20.38 5.16 14.81
CA LYS J 30 -21.61 4.49 15.25
C LYS J 30 -21.25 3.43 16.29
N TYR J 31 -21.86 3.51 17.47
CA TYR J 31 -21.69 2.48 18.49
C TYR J 31 -22.82 1.46 18.35
N VAL J 32 -22.48 0.18 18.25
CA VAL J 32 -23.50 -0.90 18.05
C VAL J 32 -23.73 -1.64 19.38
N ARG J 33 -22.86 -1.44 20.37
N ARG J 33 -22.86 -1.44 20.37
CA ARG J 33 -23.06 -2.07 21.69
CA ARG J 33 -23.07 -2.07 21.70
C ARG J 33 -23.22 -3.59 21.51
C ARG J 33 -23.22 -3.59 21.51
N ALA J 34 -22.24 -4.23 20.87
CA ALA J 34 -22.33 -5.69 20.61
C ALA J 34 -21.98 -6.51 21.85
N GLY J 35 -21.15 -5.94 22.75
CA GLY J 35 -20.69 -6.73 23.87
C GLY J 35 -19.63 -7.74 23.42
N TYR J 36 -19.40 -8.72 24.31
CA TYR J 36 -18.24 -9.59 24.15
C TYR J 36 -18.33 -10.44 22.90
N LEU J 37 -19.53 -10.74 22.42
CA LEU J 37 -19.67 -11.67 21.30
C LEU J 37 -19.02 -11.16 20.01
N GLN J 38 -18.64 -9.88 19.95
CA GLN J 38 -17.95 -9.38 18.78
C GLN J 38 -16.56 -9.95 18.64
N ASN J 39 -15.98 -10.51 19.71
CA ASN J 39 -14.54 -10.72 19.80
C ASN J 39 -14.20 -12.18 20.02
N ALA J 40 -13.43 -12.75 19.10
CA ALA J 40 -13.11 -14.17 19.16
C ALA J 40 -12.38 -14.55 20.44
N ARG J 41 -11.48 -13.70 20.92
CA ARG J 41 -10.72 -14.02 22.14
C ARG J 41 -11.61 -14.03 23.37
N LYS J 42 -12.46 -13.01 23.53
CA LYS J 42 -13.40 -13.00 24.64
C LYS J 42 -14.35 -14.21 24.60
N ARG J 43 -14.82 -14.58 23.41
CA ARG J 43 -15.70 -15.76 23.35
C ARG J 43 -14.96 -17.01 23.78
N GLU J 44 -13.71 -17.17 23.33
CA GLU J 44 -12.86 -18.27 23.77
C GLU J 44 -12.67 -18.28 25.28
N PHE J 45 -12.43 -17.10 25.88
CA PHE J 45 -12.27 -17.01 27.32
C PHE J 45 -13.55 -17.42 28.05
N GLN J 46 -14.71 -17.00 27.55
CA GLN J 46 -15.97 -17.37 28.19
C GLN J 46 -16.13 -18.89 28.18
N ALA J 47 -15.86 -19.53 27.05
CA ALA J 47 -15.91 -20.98 26.97
C ALA J 47 -14.87 -21.63 27.89
N ALA J 48 -13.67 -21.05 27.99
CA ALA J 48 -12.67 -21.61 28.89
C ALA J 48 -13.16 -21.54 30.34
N GLY J 49 -13.80 -20.43 30.71
CA GLY J 49 -14.32 -20.29 32.05
C GLY J 49 -15.45 -21.26 32.36
N GLU J 50 -16.25 -21.61 31.35
CA GLU J 50 -17.27 -22.64 31.57
C GLU J 50 -16.64 -23.99 31.90
N ARG J 51 -15.59 -24.40 31.17
CA ARG J 51 -14.90 -25.64 31.49
C ARG J 51 -14.27 -25.57 32.87
N VAL J 52 -13.61 -24.45 33.20
CA VAL J 52 -12.98 -24.35 34.52
C VAL J 52 -14.01 -24.59 35.61
N ALA J 53 -15.14 -23.90 35.52
CA ALA J 53 -16.14 -23.97 36.57
C ALA J 53 -16.73 -25.37 36.69
N GLU J 54 -16.98 -26.02 35.56
CA GLU J 54 -17.52 -27.38 35.59
C GLU J 54 -16.51 -28.35 36.19
N GLN J 55 -15.24 -28.20 35.83
CA GLN J 55 -14.24 -29.15 36.27
C GLN J 55 -13.98 -29.04 37.75
N ARG J 56 -14.07 -27.84 38.34
CA ARG J 56 -13.72 -27.64 39.73
C ARG J 56 -14.92 -27.44 40.66
N GLY J 57 -16.12 -27.29 40.11
CA GLY J 57 -17.34 -27.16 40.94
C GLY J 57 -17.47 -25.78 41.54
N MET J 58 -16.89 -24.77 40.89
CA MET J 58 -16.90 -23.39 41.43
C MET J 58 -16.80 -22.37 40.30
N GLN J 59 -17.70 -21.40 40.30
CA GLN J 59 -17.70 -20.31 39.30
C GLN J 59 -16.34 -19.62 39.23
N GLN J 60 -15.93 -19.27 38.02
CA GLN J 60 -14.70 -18.52 37.76
C GLN J 60 -15.02 -17.39 36.78
N TYR J 61 -14.34 -17.37 35.64
CA TYR J 61 -14.53 -16.28 34.68
C TYR J 61 -15.94 -16.30 34.11
N ASP J 62 -16.57 -15.13 34.04
CA ASP J 62 -17.86 -14.99 33.37
C ASP J 62 -18.03 -13.54 32.99
N VAL J 63 -17.98 -13.25 31.68
CA VAL J 63 -18.11 -11.88 31.21
C VAL J 63 -19.30 -11.15 31.81
N ASN J 64 -20.38 -11.87 32.12
CA ASN J 64 -21.57 -11.21 32.62
C ASN J 64 -21.44 -10.73 34.06
N VAL J 65 -20.32 -11.03 34.73
CA VAL J 65 -20.07 -10.47 36.05
C VAL J 65 -19.60 -9.00 35.99
N HIS J 66 -19.19 -8.50 34.83
CA HIS J 66 -18.85 -7.10 34.73
C HIS J 66 -20.04 -6.28 35.21
N LEU J 67 -19.73 -5.17 35.89
CA LEU J 67 -20.80 -4.41 36.52
C LEU J 67 -21.68 -3.73 35.47
N GLY J 68 -22.84 -3.30 35.92
CA GLY J 68 -23.72 -2.44 35.15
C GLY J 68 -24.61 -3.14 34.17
N GLY J 69 -24.61 -4.47 34.19
CA GLY J 69 -25.35 -5.23 33.19
C GLY J 69 -24.78 -5.24 31.80
N MET J 70 -23.52 -4.85 31.65
CA MET J 70 -22.86 -4.74 30.36
C MET J 70 -21.60 -5.59 30.35
N THR J 71 -21.33 -6.26 29.23
CA THR J 71 -20.07 -6.96 29.04
C THR J 71 -19.09 -6.07 28.28
N LEU J 72 -17.81 -6.39 28.44
CA LEU J 72 -16.77 -5.74 27.65
C LEU J 72 -17.15 -5.72 26.18
N GLY J 73 -16.88 -4.60 25.51
CA GLY J 73 -17.17 -4.46 24.11
C GLY J 73 -18.45 -3.71 23.78
N GLN J 74 -18.87 -2.77 24.61
CA GLN J 74 -19.97 -1.89 24.22
C GLN J 74 -19.50 -0.94 23.12
N ARG J 75 -18.19 -0.67 23.08
CA ARG J 75 -17.50 -0.10 21.94
C ARG J 75 -16.82 -1.24 21.18
N GLN J 76 -16.18 -0.90 20.07
N GLN J 76 -16.18 -0.90 20.07
CA GLN J 76 -15.40 -1.89 19.34
CA GLN J 76 -15.41 -1.90 19.34
C GLN J 76 -14.15 -2.24 20.14
C GLN J 76 -14.15 -2.25 20.12
N LEU J 77 -13.86 -3.54 20.22
CA LEU J 77 -12.65 -4.03 20.87
C LEU J 77 -11.60 -4.22 19.77
N VAL J 78 -10.50 -3.46 19.84
CA VAL J 78 -9.60 -3.33 18.70
C VAL J 78 -8.29 -4.06 18.97
N PRO J 79 -7.68 -4.68 17.97
CA PRO J 79 -6.44 -5.41 18.18
C PRO J 79 -5.21 -4.51 18.06
N TYR J 80 -4.02 -5.08 18.19
CA TYR J 80 -2.78 -4.32 18.29
C TYR J 80 -1.77 -4.86 17.30
N LYS J 81 -1.19 -3.97 16.51
CA LYS J 81 -0.08 -4.33 15.62
C LYS J 81 1.23 -4.16 16.38
N LEU J 82 2.07 -5.20 16.43
CA LEU J 82 3.38 -5.01 17.05
C LEU J 82 4.18 -4.07 16.16
N SER J 83 4.79 -3.05 16.77
CA SER J 83 5.48 -2.06 15.94
C SER J 83 6.64 -2.69 15.18
N THR J 84 6.78 -2.29 13.91
CA THR J 84 7.74 -2.80 12.94
C THR J 84 7.45 -4.22 12.47
N ARG J 85 6.37 -4.87 12.96
CA ARG J 85 6.03 -6.23 12.59
C ARG J 85 4.71 -6.25 11.81
N PRO J 86 4.45 -7.30 11.03
CA PRO J 86 3.14 -7.42 10.38
C PRO J 86 2.05 -8.00 11.29
N ASP J 87 2.44 -8.54 12.43
CA ASP J 87 1.55 -9.27 13.30
C ASP J 87 0.59 -8.35 14.03
N ILE J 88 -0.70 -8.59 13.87
CA ILE J 88 -1.77 -7.92 14.60
C ILE J 88 -2.40 -8.97 15.49
N VAL J 89 -2.56 -8.65 16.77
CA VAL J 89 -2.94 -9.63 17.78
C VAL J 89 -4.04 -9.02 18.65
N GLU J 90 -4.82 -9.89 19.27
CA GLU J 90 -5.80 -9.40 20.21
C GLU J 90 -5.09 -8.91 21.48
N GLY J 91 -5.67 -7.89 22.13
CA GLY J 91 -4.99 -7.31 23.27
C GLY J 91 -4.62 -8.31 24.36
N ASP J 92 -5.49 -9.29 24.61
CA ASP J 92 -5.22 -10.28 25.64
C ASP J 92 -3.96 -11.09 25.34
N ASP J 93 -3.55 -11.15 24.08
CA ASP J 93 -2.37 -11.88 23.68
C ASP J 93 -1.09 -11.21 24.13
N LEU J 94 -1.16 -9.94 24.56
CA LEU J 94 -0.04 -9.19 25.08
C LEU J 94 -0.03 -9.11 26.60
N HIS J 95 -1.02 -9.68 27.29
CA HIS J 95 -0.95 -9.83 28.73
C HIS J 95 0.19 -10.79 29.10
N TYR J 96 1.02 -10.42 30.08
CA TYR J 96 2.21 -11.22 30.34
C TYR J 96 1.84 -12.66 30.71
N VAL J 97 0.70 -12.87 31.38
CA VAL J 97 0.31 -14.22 31.78
C VAL J 97 0.08 -15.09 30.56
N ASN J 98 -0.45 -14.49 29.49
CA ASN J 98 -0.83 -15.22 28.30
C ASN J 98 0.29 -15.30 27.27
N ASN J 99 1.43 -14.66 27.55
CA ASN J 99 2.50 -14.48 26.53
C ASN J 99 3.81 -15.10 27.02
N PRO J 100 4.15 -16.33 26.56
CA PRO J 100 5.39 -16.99 26.97
C PRO J 100 6.69 -16.27 26.53
N ALA J 101 6.67 -15.49 25.46
CA ALA J 101 7.88 -14.73 25.07
C ALA J 101 8.22 -13.71 26.18
N MET J 102 7.21 -13.01 26.68
CA MET J 102 7.39 -12.02 27.77
C MET J 102 7.88 -12.72 29.03
N GLN J 103 7.28 -13.87 29.37
CA GLN J 103 7.68 -14.59 30.60
C GLN J 103 9.12 -15.07 30.44
N GLN J 104 9.46 -15.55 29.25
CA GLN J 104 10.81 -16.08 29.07
C GLN J 104 11.86 -14.98 29.03
N MET J 105 11.52 -13.79 28.53
CA MET J 105 12.49 -12.71 28.54
C MET J 105 12.91 -12.41 29.97
N TRP J 106 11.92 -12.28 30.86
CA TRP J 106 12.22 -12.01 32.26
C TRP J 106 12.92 -13.21 32.91
N ASP J 107 12.46 -14.42 32.63
CA ASP J 107 13.15 -15.58 33.20
C ASP J 107 14.62 -15.63 32.78
N ASP J 108 14.92 -15.30 31.51
CA ASP J 108 16.33 -15.29 31.00
C ASP J 108 17.16 -14.25 31.76
N MET J 109 16.58 -13.10 32.07
CA MET J 109 17.35 -12.09 32.85
C MET J 109 17.53 -12.58 34.29
N LYS J 110 16.43 -13.04 34.91
CA LYS J 110 16.46 -13.44 36.35
C LYS J 110 17.42 -14.61 36.62
N ARG J 111 17.51 -15.55 35.67
CA ARG J 111 18.35 -16.77 35.88
C ARG J 111 19.81 -16.53 35.46
N THR J 112 20.18 -15.27 35.20
CA THR J 112 21.55 -14.98 34.71
C THR J 112 22.43 -14.32 35.78
N ILE J 113 23.67 -14.81 35.92
CA ILE J 113 24.66 -14.16 36.80
C ILE J 113 25.99 -14.18 36.03
N ILE J 114 26.75 -13.11 36.19
CA ILE J 114 28.10 -13.06 35.56
C ILE J 114 29.12 -13.23 36.70
N VAL J 115 30.08 -14.12 36.49
CA VAL J 115 31.03 -14.48 37.54
C VAL J 115 32.44 -14.45 36.98
N GLY J 116 33.29 -13.66 37.61
CA GLY J 116 34.67 -13.61 37.18
C GLY J 116 35.41 -14.90 37.47
N MET J 117 36.38 -15.23 36.61
CA MET J 117 37.25 -16.35 36.85
C MET J 117 38.63 -16.01 37.33
N ASP J 118 39.09 -14.76 37.18
CA ASP J 118 40.47 -14.48 37.49
C ASP J 118 40.76 -14.74 38.96
N LEU J 119 39.86 -14.32 39.86
CA LEU J 119 40.09 -14.49 41.32
C LEU J 119 40.13 -15.98 41.69
N ALA J 120 39.24 -16.78 41.08
CA ALA J 120 39.27 -18.22 41.34
C ALA J 120 40.59 -18.82 40.88
N HIS J 121 41.03 -18.44 39.69
CA HIS J 121 42.29 -18.97 39.20
C HIS J 121 43.45 -18.57 40.10
N GLU J 122 43.44 -17.32 40.57
CA GLU J 122 44.51 -16.83 41.48
C GLU J 122 44.48 -17.64 42.78
N THR J 123 43.27 -18.01 43.24
CA THR J 123 43.18 -18.81 44.46
C THR J 123 43.85 -20.16 44.26
N LEU J 124 43.57 -20.81 43.13
CA LEU J 124 44.16 -22.11 42.85
C LEU J 124 45.67 -22.03 42.82
N GLU J 125 46.18 -20.96 42.19
CA GLU J 125 47.66 -20.78 42.09
C GLU J 125 48.26 -20.51 43.47
N LYS J 126 47.65 -19.62 44.25
CA LYS J 126 48.25 -19.22 45.51
C LYS J 126 48.14 -20.33 46.56
N ARG J 127 46.95 -20.89 46.74
CA ARG J 127 46.72 -21.80 47.86
C ARG J 127 47.13 -23.22 47.54
N LEU J 128 46.93 -23.68 46.29
CA LEU J 128 47.25 -25.05 45.93
C LEU J 128 48.47 -25.17 45.03
N GLY J 129 48.98 -24.07 44.47
CA GLY J 129 50.09 -24.24 43.55
C GLY J 129 49.72 -24.83 42.22
N LYS J 130 48.45 -24.73 41.82
CA LYS J 130 48.02 -25.29 40.56
C LYS J 130 48.36 -24.36 39.41
N GLU J 131 48.64 -24.95 38.24
CA GLU J 131 48.83 -24.20 37.03
C GLU J 131 47.50 -24.17 36.29
N VAL J 132 47.08 -23.00 35.87
CA VAL J 132 45.83 -22.84 35.14
C VAL J 132 46.22 -22.68 33.68
N THR J 133 45.67 -23.52 32.81
CA THR J 133 46.05 -23.55 31.41
C THR J 133 44.80 -23.62 30.55
N PRO J 134 44.93 -23.41 29.25
CA PRO J 134 43.77 -23.66 28.38
C PRO J 134 43.22 -25.05 28.52
N GLU J 135 44.09 -26.03 28.74
CA GLU J 135 43.61 -27.40 28.92
C GLU J 135 42.82 -27.58 30.21
N SER J 136 43.27 -26.97 31.31
CA SER J 136 42.54 -27.13 32.56
C SER J 136 41.23 -26.38 32.51
N ILE J 137 41.22 -25.21 31.87
CA ILE J 137 39.99 -24.43 31.69
C ILE J 137 39.00 -25.22 30.83
N ALA J 138 39.49 -25.87 29.79
CA ALA J 138 38.59 -26.66 28.96
C ALA J 138 37.96 -27.81 29.77
N GLY J 139 38.73 -28.46 30.63
CA GLY J 139 38.16 -29.48 31.49
C GLY J 139 37.12 -28.90 32.42
N TYR J 140 37.39 -27.71 32.93
CA TYR J 140 36.45 -27.02 33.80
C TYR J 140 35.17 -26.69 33.07
N MET J 141 35.26 -26.21 31.83
CA MET J 141 34.05 -25.84 31.10
C MET J 141 33.16 -27.05 30.81
N GLU J 142 33.76 -28.21 30.56
CA GLU J 142 32.99 -29.45 30.41
C GLU J 142 32.32 -29.80 31.72
N ALA J 143 33.09 -29.76 32.81
CA ALA J 143 32.54 -30.10 34.11
C ALA J 143 31.34 -29.20 34.46
N VAL J 144 31.48 -27.90 34.22
CA VAL J 144 30.46 -26.96 34.70
C VAL J 144 29.19 -27.09 33.85
N ASN J 145 29.32 -27.48 32.59
CA ASN J 145 28.13 -27.69 31.76
C ASN J 145 27.44 -29.03 32.02
N HIS J 146 28.13 -29.97 32.64
CA HIS J 146 27.43 -31.16 33.17
C HIS J 146 26.77 -30.84 34.50
N THR J 147 27.47 -30.16 35.40
CA THR J 147 26.93 -29.97 36.79
C THR J 147 25.91 -28.83 36.88
N MET J 148 26.09 -27.73 36.17
CA MET J 148 25.21 -26.53 36.35
C MET J 148 23.72 -26.88 36.24
N PRO J 149 23.24 -27.71 35.31
CA PRO J 149 21.80 -28.02 35.25
C PRO J 149 21.32 -28.90 36.42
N GLY J 150 22.23 -29.46 37.22
CA GLY J 150 21.85 -30.27 38.41
C GLY J 150 22.30 -31.71 38.32
N ALA J 151 23.55 -31.96 37.91
CA ALA J 151 24.06 -33.32 37.83
C ALA J 151 25.36 -33.42 38.61
N ALA J 152 25.69 -34.66 38.97
CA ALA J 152 26.73 -34.98 39.93
C ALA J 152 28.09 -35.28 39.31
N ILE J 153 29.14 -34.85 40.00
CA ILE J 153 30.51 -35.04 39.53
C ILE J 153 31.43 -35.65 40.56
N VAL J 154 31.11 -35.59 41.86
CA VAL J 154 32.06 -36.10 42.91
C VAL J 154 31.52 -37.29 43.68
N GLN J 155 30.32 -37.16 44.27
CA GLN J 155 29.79 -38.19 45.19
C GLN J 155 29.19 -39.42 44.51
N GLU J 156 28.98 -40.46 45.31
CA GLU J 156 28.31 -41.69 44.82
C GLU J 156 26.85 -41.66 45.30
N HIS J 157 25.96 -42.30 44.54
CA HIS J 157 24.53 -42.42 44.89
C HIS J 157 23.83 -41.08 44.95
N MET J 158 24.16 -40.20 43.99
CA MET J 158 23.48 -38.92 43.84
C MET J 158 22.29 -39.07 42.90
N VAL J 159 21.22 -38.34 43.21
CA VAL J 159 20.09 -38.21 42.32
C VAL J 159 20.25 -36.89 41.60
N GLU J 160 19.63 -36.75 40.43
CA GLU J 160 19.94 -35.62 39.55
C GLU J 160 18.69 -35.08 38.91
N THR J 161 18.81 -33.86 38.39
CA THR J 161 17.70 -33.30 37.63
C THR J 161 17.57 -34.00 36.28
N HIS J 162 16.35 -34.09 35.80
CA HIS J 162 16.08 -34.63 34.47
C HIS J 162 16.67 -33.69 33.43
N PRO J 163 17.69 -34.10 32.66
CA PRO J 163 18.32 -33.16 31.72
C PRO J 163 17.35 -32.43 30.80
N GLY J 164 16.23 -33.07 30.44
CA GLY J 164 15.27 -32.44 29.58
C GLY J 164 14.49 -31.31 30.23
N LEU J 165 14.39 -31.31 31.57
CA LEU J 165 13.70 -30.24 32.28
C LEU J 165 14.59 -29.01 32.44
N VAL J 166 15.89 -29.17 32.20
CA VAL J 166 16.87 -28.07 32.47
C VAL J 166 17.73 -27.89 31.20
N ASP J 167 17.13 -28.05 30.03
CA ASP J 167 17.88 -27.98 28.74
C ASP J 167 18.34 -26.54 28.40
N ASP J 168 17.81 -25.53 29.07
CA ASP J 168 18.14 -24.10 28.79
C ASP J 168 19.30 -23.62 29.69
N CYS J 169 19.74 -24.44 30.63
CA CYS J 169 20.79 -24.08 31.57
C CYS J 169 22.14 -24.36 30.94
N TYR J 170 23.03 -23.37 30.98
CA TYR J 170 24.38 -23.56 30.47
C TYR J 170 25.29 -22.46 31.00
N VAL J 171 26.59 -22.61 30.70
CA VAL J 171 27.62 -21.66 31.09
C VAL J 171 28.55 -21.48 29.91
N LYS J 172 28.81 -20.22 29.53
CA LYS J 172 29.85 -19.90 28.58
C LYS J 172 30.85 -18.94 29.21
N MET J 173 32.07 -18.96 28.71
N MET J 173 32.06 -18.95 28.67
CA MET J 173 33.05 -17.97 29.13
CA MET J 173 33.11 -18.02 29.08
C MET J 173 33.22 -16.91 28.06
C MET J 173 33.29 -16.94 28.04
N PHE J 174 33.75 -15.77 28.49
CA PHE J 174 34.10 -14.70 27.59
C PHE J 174 35.29 -13.94 28.16
N THR J 175 36.04 -13.31 27.28
CA THR J 175 37.27 -12.67 27.71
C THR J 175 37.69 -11.64 26.67
N GLY J 176 38.39 -10.60 27.12
CA GLY J 176 39.00 -9.66 26.21
C GLY J 176 40.30 -10.15 25.62
N ASP J 177 40.78 -11.31 26.08
CA ASP J 177 42.04 -11.89 25.60
C ASP J 177 41.75 -12.83 24.42
N ASP J 178 41.96 -12.32 23.20
CA ASP J 178 41.68 -13.11 22.02
C ASP J 178 42.45 -14.43 22.01
N GLU J 179 43.67 -14.44 22.58
CA GLU J 179 44.49 -15.64 22.53
C GLU J 179 43.85 -16.77 23.32
N LEU J 180 43.35 -16.47 24.51
CA LEU J 180 42.65 -17.47 25.31
C LEU J 180 41.35 -17.87 24.63
N ALA J 181 40.59 -16.89 24.14
CA ALA J 181 39.30 -17.22 23.57
C ALA J 181 39.46 -18.17 22.40
N ASP J 182 40.58 -18.07 21.68
CA ASP J 182 40.85 -18.89 20.51
C ASP J 182 41.24 -20.32 20.89
N GLU J 183 41.73 -20.53 22.10
CA GLU J 183 42.21 -21.83 22.51
C GLU J 183 41.12 -22.73 23.07
N ILE J 184 39.96 -22.19 23.38
CA ILE J 184 38.86 -22.95 23.99
C ILE J 184 37.86 -23.30 22.92
N ASP J 185 37.29 -24.50 23.01
CA ASP J 185 36.30 -24.98 22.06
C ASP J 185 35.17 -23.96 21.97
N SER J 186 34.84 -23.57 20.74
CA SER J 186 33.92 -22.47 20.52
C SER J 186 32.53 -22.71 21.12
N GLN J 187 32.15 -23.96 21.37
CA GLN J 187 30.85 -24.20 21.99
C GLN J 187 30.77 -23.57 23.38
N TYR J 188 31.91 -23.30 24.02
CA TYR J 188 31.95 -22.81 25.38
C TYR J 188 32.23 -21.31 25.48
N VAL J 189 32.29 -20.59 24.35
CA VAL J 189 32.83 -19.24 24.32
C VAL J 189 31.83 -18.30 23.65
N ILE J 190 31.60 -17.13 24.24
CA ILE J 190 30.87 -16.08 23.54
C ILE J 190 31.87 -15.34 22.67
N ASN J 191 31.67 -15.35 21.37
CA ASN J 191 32.65 -14.80 20.44
C ASN J 191 32.37 -13.31 20.23
N ILE J 192 33.14 -12.48 20.93
CA ILE J 192 32.89 -11.04 20.90
C ILE J 192 33.11 -10.48 19.50
N ASN J 193 34.13 -10.98 18.83
CA ASN J 193 34.44 -10.44 17.50
C ASN J 193 33.37 -10.77 16.47
N ASP J 194 32.77 -11.95 16.58
CA ASP J 194 31.74 -12.31 15.60
C ASP J 194 30.43 -11.59 15.88
N LEU J 195 30.10 -11.40 17.15
CA LEU J 195 28.80 -10.81 17.47
C LEU J 195 28.81 -9.30 17.37
N PHE J 196 29.97 -8.65 17.56
CA PHE J 196 30.07 -7.19 17.60
C PHE J 196 30.92 -6.69 16.44
N ASP J 197 30.49 -7.01 15.23
CA ASP J 197 31.27 -6.75 14.02
C ASP J 197 30.99 -5.40 13.37
N LYS J 198 30.15 -4.56 13.95
CA LYS J 198 29.81 -3.26 13.37
C LYS J 198 30.45 -2.12 14.14
N GLU J 199 30.93 -1.10 13.42
CA GLU J 199 31.40 0.16 14.02
C GLU J 199 32.47 -0.04 15.10
N GLY J 200 33.28 -1.08 14.95
CA GLY J 200 34.35 -1.34 15.90
C GLY J 200 33.88 -1.66 17.32
N GLN J 201 32.63 -2.09 17.48
CA GLN J 201 32.10 -2.34 18.81
C GLN J 201 32.88 -3.43 19.53
N ASN J 202 33.41 -4.40 18.79
CA ASN J 202 34.17 -5.48 19.43
C ASN J 202 35.41 -4.94 20.12
N GLU J 203 36.11 -4.01 19.46
CA GLU J 203 37.31 -3.45 20.06
C GLU J 203 36.99 -2.59 21.28
N LYS J 204 35.87 -1.88 21.24
CA LYS J 204 35.47 -1.10 22.42
C LYS J 204 35.17 -2.03 23.59
N LEU J 205 34.47 -3.12 23.33
CA LEU J 205 34.15 -4.06 24.39
C LEU J 205 35.39 -4.72 24.96
N LYS J 206 36.29 -5.18 24.09
CA LYS J 206 37.51 -5.84 24.56
C LYS J 206 38.40 -4.88 25.34
N ALA J 207 38.45 -3.62 24.93
CA ALA J 207 39.25 -2.64 25.66
C ALA J 207 38.69 -2.42 27.05
N ALA J 208 37.35 -2.39 27.17
CA ALA J 208 36.73 -2.14 28.45
C ALA J 208 36.85 -3.32 29.40
N ILE J 209 36.75 -4.54 28.87
CA ILE J 209 36.85 -5.74 29.68
C ILE J 209 38.29 -6.06 30.00
N GLY J 210 39.22 -5.75 29.09
CA GLY J 210 40.62 -6.07 29.28
C GLY J 210 40.89 -7.57 29.20
N LYS J 211 42.08 -7.94 29.65
CA LYS J 211 42.49 -9.34 29.68
C LYS J 211 41.97 -9.98 30.96
N THR J 212 40.65 -10.00 31.09
CA THR J 212 40.00 -10.64 32.23
C THR J 212 39.04 -11.68 31.67
N THR J 213 38.73 -12.70 32.46
CA THR J 213 37.93 -13.83 32.03
C THR J 213 36.70 -13.96 32.90
N TRP J 214 35.56 -14.23 32.27
CA TRP J 214 34.25 -14.19 32.89
C TRP J 214 33.46 -15.41 32.46
N GLN J 215 32.57 -15.84 33.33
CA GLN J 215 31.56 -16.84 33.02
C GLN J 215 30.18 -16.21 32.99
N ALA J 216 29.45 -16.46 31.93
CA ALA J 216 28.05 -16.10 31.82
C ALA J 216 27.27 -17.35 32.20
N VAL J 217 26.62 -17.32 33.37
CA VAL J 217 25.91 -18.46 33.92
C VAL J 217 24.42 -18.24 33.80
N HIS J 218 23.71 -19.25 33.28
CA HIS J 218 22.27 -19.19 33.10
C HIS J 218 21.68 -20.46 33.73
N ILE J 219 21.11 -20.30 34.92
CA ILE J 219 20.58 -21.42 35.69
C ILE J 219 19.25 -21.82 35.08
N PRO J 220 18.69 -22.96 35.46
CA PRO J 220 17.48 -23.42 34.76
C PRO J 220 16.28 -22.52 35.01
N THR J 221 15.51 -22.29 33.94
CA THR J 221 14.26 -21.54 34.07
C THR J 221 13.35 -22.18 35.11
N ILE J 222 13.27 -23.52 35.12
CA ILE J 222 12.32 -24.17 36.03
C ILE J 222 12.65 -23.81 37.49
N VAL J 223 13.93 -23.58 37.78
CA VAL J 223 14.36 -23.29 39.19
C VAL J 223 13.87 -21.91 39.62
N VAL J 224 14.08 -20.91 38.76
CA VAL J 224 13.68 -19.52 39.15
C VAL J 224 12.15 -19.46 39.16
N ARG J 225 11.48 -20.33 38.41
CA ARG J 225 9.99 -20.39 38.44
C ARG J 225 9.53 -21.00 39.77
N CYS J 226 10.12 -22.10 40.21
CA CYS J 226 9.75 -22.64 41.52
C CYS J 226 10.17 -21.72 42.67
N CYS J 227 11.29 -21.00 42.51
CA CYS J 227 11.95 -20.22 43.56
C CYS J 227 11.91 -18.74 43.21
N ASP J 228 13.06 -18.06 43.23
CA ASP J 228 13.11 -16.62 42.97
C ASP J 228 14.47 -16.26 42.40
N GLY J 229 14.63 -14.98 42.09
CA GLY J 229 15.88 -14.52 41.52
C GLY J 229 17.06 -14.62 42.46
N GLY J 230 16.81 -14.67 43.77
CA GLY J 230 17.87 -14.88 44.73
C GLY J 230 18.55 -16.23 44.60
N ASN J 231 17.89 -17.19 43.94
CA ASN J 231 18.48 -18.51 43.74
C ASN J 231 19.68 -18.43 42.81
N THR J 232 19.69 -17.43 41.93
CA THR J 232 20.57 -17.52 40.76
C THR J 232 22.04 -17.51 41.14
N SER J 233 22.49 -16.49 41.90
CA SER J 233 23.94 -16.44 42.17
C SER J 233 24.37 -17.57 43.10
N ARG J 234 23.45 -18.09 43.92
CA ARG J 234 23.79 -19.20 44.80
C ARG J 234 23.93 -20.51 44.01
N TRP J 235 22.96 -20.79 43.12
CA TRP J 235 22.97 -22.01 42.32
C TRP J 235 24.22 -22.04 41.46
N SER J 236 24.49 -20.92 40.79
CA SER J 236 25.70 -20.75 40.01
C SER J 236 26.92 -21.11 40.84
N ALA J 237 27.04 -20.50 42.02
CA ALA J 237 28.26 -20.69 42.82
C ALA J 237 28.43 -22.14 43.27
N MET J 238 27.33 -22.82 43.61
CA MET J 238 27.47 -24.21 44.06
C MET J 238 28.14 -25.06 42.98
N GLN J 239 27.70 -24.91 41.75
CA GLN J 239 28.15 -25.82 40.70
C GLN J 239 29.45 -25.36 40.07
N ILE J 240 29.74 -24.06 40.10
CA ILE J 240 31.10 -23.58 39.88
C ILE J 240 32.06 -24.25 40.86
N GLY J 241 31.69 -24.25 42.16
CA GLY J 241 32.54 -24.86 43.16
C GLY J 241 32.79 -26.33 42.88
N MET J 242 31.72 -27.09 42.60
CA MET J 242 31.89 -28.52 42.33
C MET J 242 32.81 -28.74 41.14
N SER J 243 32.69 -27.88 40.14
CA SER J 243 33.45 -28.03 38.89
C SER J 243 34.94 -27.73 39.11
N PHE J 244 35.25 -26.72 39.93
CA PHE J 244 36.66 -26.48 40.30
C PHE J 244 37.22 -27.66 41.11
N ILE J 245 36.45 -28.20 42.06
CA ILE J 245 36.91 -29.34 42.84
C ILE J 245 37.34 -30.46 41.90
N ALA J 246 36.49 -30.78 40.92
CA ALA J 246 36.78 -31.88 40.02
C ALA J 246 37.91 -31.53 39.05
N ALA J 247 37.86 -30.34 38.47
CA ALA J 247 38.77 -30.00 37.38
C ALA J 247 40.20 -29.74 37.86
N TYR J 248 40.40 -29.49 39.15
CA TYR J 248 41.73 -29.22 39.69
C TYR J 248 42.14 -30.22 40.77
N ASN J 249 41.42 -31.33 40.88
CA ASN J 249 41.77 -32.38 41.81
C ASN J 249 41.94 -31.86 43.23
N MET J 250 41.05 -30.96 43.64
CA MET J 250 41.07 -30.48 45.01
C MET J 250 40.55 -31.49 46.00
N CYS J 251 40.87 -31.28 47.29
CA CYS J 251 40.01 -31.90 48.29
C CYS J 251 38.60 -31.45 48.01
N ALA J 252 37.64 -32.36 48.07
CA ALA J 252 36.24 -32.02 47.88
C ALA J 252 35.73 -31.44 49.21
N GLY J 253 36.17 -30.22 49.48
CA GLY J 253 35.85 -29.50 50.71
C GLY J 253 37.05 -29.23 51.58
N GLU J 254 37.89 -28.30 51.15
CA GLU J 254 39.01 -27.80 51.93
C GLU J 254 38.90 -26.28 52.00
N ALA J 255 39.74 -25.66 52.85
CA ALA J 255 39.65 -24.22 53.07
C ALA J 255 39.67 -23.43 51.77
N ALA J 256 40.48 -23.83 50.80
CA ALA J 256 40.56 -23.09 49.55
C ALA J 256 39.21 -23.07 48.82
N VAL J 257 38.40 -24.11 48.99
CA VAL J 257 37.08 -24.15 48.35
C VAL J 257 36.21 -23.00 48.85
N ALA J 258 36.38 -22.61 50.11
CA ALA J 258 35.59 -21.50 50.64
C ALA J 258 35.99 -20.18 50.00
N ASP J 259 37.27 -20.03 49.62
CA ASP J 259 37.64 -18.83 48.87
C ASP J 259 36.98 -18.78 47.49
N LEU J 260 36.95 -19.92 46.80
CA LEU J 260 36.21 -20.00 45.54
C LEU J 260 34.75 -19.65 45.71
N ALA J 261 34.15 -20.10 46.82
CA ALA J 261 32.73 -19.82 47.06
C ALA J 261 32.50 -18.33 47.29
N PHE J 262 33.34 -17.70 48.11
CA PHE J 262 33.17 -16.27 48.35
C PHE J 262 33.38 -15.47 47.07
N ALA J 263 34.33 -15.89 46.23
CA ALA J 263 34.53 -15.23 44.95
C ALA J 263 33.32 -15.37 44.04
N ALA J 264 32.77 -16.58 43.93
CA ALA J 264 31.64 -16.82 43.04
C ALA J 264 30.34 -16.22 43.52
N LYS J 265 30.16 -16.11 44.84
CA LYS J 265 28.91 -15.65 45.41
C LYS J 265 28.89 -14.15 45.60
N MHS J 266 30.09 -13.55 45.73
CA MHS J 266 30.21 -12.17 46.16
C MHS J 266 31.27 -11.35 45.42
O MHS J 266 30.99 -10.48 44.63
CB MHS J 266 30.40 -12.02 47.70
CG MHS J 266 29.29 -12.63 48.47
ND1 MHS J 266 28.02 -12.05 48.64
CD2 MHS J 266 29.27 -13.83 49.19
CE1 MHS J 266 27.28 -12.92 49.45
NE2 MHS J 266 28.02 -14.01 49.80
CM MHS J 266 27.54 -10.81 48.11
N ALA J 267 32.53 -11.66 45.68
CA ALA J 267 33.63 -10.78 45.27
C ALA J 267 33.74 -10.61 43.77
N ALA J 268 33.41 -11.66 43.02
CA ALA J 268 33.53 -11.64 41.56
C ALA J 268 32.18 -11.84 40.88
N ALA J 269 31.09 -11.67 41.61
CA ALA J 269 29.75 -11.88 41.11
C ALA J 269 29.13 -10.55 40.72
N VAL J 270 28.53 -10.51 39.54
CA VAL J 270 27.87 -9.33 39.00
C VAL J 270 26.40 -9.66 38.84
N GLN J 271 25.57 -9.25 39.80
CA GLN J 271 24.15 -9.51 39.76
C GLN J 271 23.49 -8.60 38.73
N MET J 272 22.35 -9.05 38.19
CA MET J 272 21.55 -8.18 37.36
C MET J 272 20.86 -7.07 38.13
N ALA J 273 20.57 -7.30 39.40
CA ALA J 273 19.85 -6.36 40.26
C ALA J 273 20.18 -6.67 41.72
N GLU J 274 20.27 -5.62 42.54
CA GLU J 274 20.50 -5.79 43.96
C GLU J 274 19.17 -5.78 44.72
N MET J 275 19.26 -6.05 46.02
CA MET J 275 18.08 -6.17 46.87
C MET J 275 17.37 -4.84 47.05
N LEU J 276 16.17 -4.91 47.62
CA LEU J 276 15.27 -3.78 47.76
C LEU J 276 14.90 -3.58 49.23
N PRO J 277 14.46 -2.38 49.59
CA PRO J 277 14.10 -2.11 50.99
C PRO J 277 12.82 -2.82 51.42
N ALA J 278 12.60 -2.76 52.73
CA ALA J 278 11.68 -3.68 53.41
C ALA J 278 10.26 -3.59 52.88
N ARG J 279 9.77 -2.38 52.60
CA ARG J 279 8.38 -2.23 52.18
C ARG J 279 8.12 -3.03 50.90
N AGM J 280 9.14 -3.14 50.05
CA AGM J 280 9.06 -3.90 48.82
CB AGM J 280 9.09 -2.99 47.56
CG AGM J 280 10.28 -2.02 47.51
CD AGM J 280 10.02 -0.84 46.54
CE2 AGM J 280 10.11 -1.35 45.10
NE1 AGM J 280 11.00 0.23 46.75
CZ AGM J 280 10.97 1.12 47.79
NH1 AGM J 280 11.91 2.10 47.95
NH2 AGM J 280 9.92 1.04 48.70
C AGM J 280 10.12 -4.99 48.75
O AGM J 280 10.76 -5.27 47.73
N ALA J 281 10.31 -5.65 49.90
CA ALA J 281 11.40 -6.59 50.08
C ALA J 281 11.41 -7.63 48.98
N ARG J 282 12.57 -7.77 48.35
CA ARG J 282 12.79 -8.74 47.29
C ARG J 282 14.21 -9.24 47.38
N SER J 283 14.41 -10.43 46.86
CA SER J 283 15.74 -10.98 46.69
C SER J 283 16.47 -10.21 45.59
N PRO J 284 17.78 -10.40 45.46
CA PRO J 284 18.49 -9.91 44.26
C PRO J 284 17.93 -10.52 42.98
N ASN J 285 18.32 -9.94 41.86
CA ASN J 285 17.90 -10.38 40.53
C ASN J 285 16.39 -10.33 40.38
N GLU J 286 15.78 -9.26 40.90
CA GLU J 286 14.37 -8.97 40.66
C GLU J 286 14.22 -7.60 40.00
N PRO J 287 13.08 -7.34 39.35
CA PRO J 287 13.05 -6.16 38.46
C PRO J 287 13.23 -4.83 39.18
N GLY J 288 12.79 -4.70 40.43
CA GLY J 288 12.92 -3.42 41.12
C GLY J 288 14.36 -2.97 41.25
N GLY J 289 15.28 -3.91 41.33
CA GLY J 289 16.67 -3.58 41.42
C GLY J 289 17.39 -3.43 40.11
N LEU J 290 16.69 -3.54 39.00
CA LEU J 290 17.30 -3.43 37.68
C LEU J 290 17.52 -1.97 37.28
N SER J 291 18.79 -1.59 37.10
CA SER J 291 19.11 -0.25 36.66
C SER J 291 18.79 -0.06 35.17
N PHE J 292 18.55 1.20 34.80
CA PHE J 292 18.14 1.49 33.43
C PHE J 292 19.30 1.22 32.48
N GLY J 293 20.51 1.53 32.91
CA GLY J 293 21.68 1.21 32.10
C GLY J 293 21.80 -0.28 31.82
N TYR J 294 21.57 -1.12 32.84
CA TYR J 294 21.68 -2.56 32.60
C TYR J 294 20.58 -3.04 31.67
N CYS J 295 19.37 -2.53 31.86
CA CYS J 295 18.26 -3.00 31.02
C CYS J 295 18.53 -2.64 29.57
N ALA J 296 19.07 -1.45 29.32
CA ALA J 296 19.41 -1.05 27.96
C ALA J 296 20.54 -1.89 27.38
N ASP J 297 21.48 -2.33 28.22
CA ASP J 297 22.64 -3.13 27.74
C ASP J 297 22.23 -4.58 27.42
N MET J 298 21.15 -5.08 28.01
CA MET J 298 20.69 -6.46 27.68
C MET J 298 20.13 -6.50 26.24
N VAL J 299 19.57 -5.39 25.78
CA VAL J 299 18.93 -5.35 24.43
C VAL J 299 20.07 -5.30 23.40
N GLN J 300 19.90 -6.03 22.32
CA GLN J 300 21.03 -6.25 21.41
C GLN J 300 20.84 -5.67 20.01
N THR J 301 19.80 -4.88 19.78
CA THR J 301 19.63 -4.28 18.45
C THR J 301 20.79 -3.36 18.08
N LEU J 302 21.46 -2.82 19.09
CA LEU J 302 22.58 -1.91 18.88
C LEU J 302 23.76 -2.59 18.16
N ARG J 303 23.96 -3.89 18.35
CA ARG J 303 25.05 -4.57 17.65
C ARG J 303 24.67 -4.96 16.22
N VAL J 304 23.38 -4.96 15.91
CA VAL J 304 22.89 -5.37 14.60
C VAL J 304 22.87 -4.20 13.63
N LYS J 305 22.40 -3.04 14.06
CA LYS J 305 22.19 -1.90 13.15
C LYS J 305 22.38 -0.60 13.90
N PRO J 306 23.62 -0.30 14.32
CA PRO J 306 23.87 0.96 15.03
C PRO J 306 23.66 2.19 14.17
N GLU J 307 23.59 2.04 12.84
CA GLU J 307 23.36 3.20 11.97
C GLU J 307 21.94 3.75 12.05
N ASP J 308 21.01 3.02 12.67
CA ASP J 308 19.67 3.55 12.94
C ASP J 308 19.48 3.55 14.45
N PRO J 309 19.88 4.62 15.13
CA PRO J 309 19.76 4.62 16.59
C PRO J 309 18.32 4.53 17.09
N VAL J 310 17.34 4.95 16.28
CA VAL J 310 15.97 4.94 16.76
C VAL J 310 15.48 3.50 16.94
N TRP J 311 15.88 2.58 16.05
CA TRP J 311 15.39 1.21 16.14
C TRP J 311 15.78 0.58 17.46
N TYR J 312 17.08 0.54 17.77
CA TYR J 312 17.53 0.01 19.06
C TYR J 312 16.83 0.70 20.21
N THR J 313 16.76 2.02 20.17
CA THR J 313 16.10 2.77 21.24
C THR J 313 14.69 2.26 21.50
N LEU J 314 13.89 2.09 20.45
CA LEU J 314 12.51 1.65 20.62
C LEU J 314 12.41 0.16 20.98
N GLU J 315 13.40 -0.66 20.61
CA GLU J 315 13.43 -2.02 21.14
C GLU J 315 13.72 -2.02 22.63
N VAL J 316 14.57 -1.12 23.11
CA VAL J 316 14.78 -1.01 24.56
C VAL J 316 13.48 -0.58 25.24
N VAL J 317 12.79 0.41 24.65
CA VAL J 317 11.49 0.81 25.20
C VAL J 317 10.56 -0.40 25.31
N ALA J 318 10.50 -1.22 24.26
CA ALA J 318 9.61 -2.40 24.31
C ALA J 318 10.02 -3.35 25.41
N CYS J 319 11.33 -3.62 25.54
CA CYS J 319 11.84 -4.47 26.62
C CYS J 319 11.42 -3.94 27.98
N GLY J 320 11.79 -2.70 28.24
CA GLY J 320 11.57 -2.13 29.56
C GLY J 320 10.13 -1.88 29.92
N THR J 321 9.31 -1.39 28.96
CA THR J 321 7.93 -1.11 29.36
C THR J 321 7.19 -2.39 29.71
N MET J 322 7.41 -3.46 28.95
CA MET J 322 6.76 -4.72 29.24
C MET J 322 7.24 -5.20 30.62
N LEU J 323 8.55 -5.28 30.80
CA LEU J 323 9.07 -5.84 32.05
C LEU J 323 8.69 -4.97 33.26
N TYR J 324 8.93 -3.67 33.18
CA TYR J 324 8.74 -2.83 34.35
C TYR J 324 7.26 -2.60 34.64
N ASP J 325 6.43 -2.38 33.61
CA ASP J 325 5.02 -2.07 33.87
C ASP J 325 4.15 -3.31 33.99
N GLN J 326 4.34 -4.29 33.10
CA GLN J 326 3.44 -5.43 33.03
C GLN J 326 3.78 -6.48 34.08
N ILE J 327 5.05 -6.86 34.17
CA ILE J 327 5.46 -7.90 35.12
C ILE J 327 5.76 -7.31 36.49
N TRP J 328 6.62 -6.31 36.56
CA TRP J 328 7.03 -5.77 37.84
C TRP J 328 5.93 -4.96 38.51
N LEU J 329 5.55 -3.82 37.93
CA LEU J 329 4.51 -3.05 38.59
C LEU J 329 3.16 -3.74 38.54
N GLY J 330 2.85 -4.39 37.43
CA GLY J 330 1.55 -4.99 37.20
C GLY J 330 1.34 -6.37 37.79
N SER J 331 2.40 -6.98 38.34
CA SER J 331 2.28 -8.27 39.01
C SER J 331 3.03 -8.21 40.35
N TYR J 332 4.36 -8.24 40.32
CA TYR J 332 5.13 -8.28 41.55
C TYR J 332 4.63 -7.26 42.57
N MET J 333 4.35 -6.04 42.12
CA MET J 333 3.94 -4.94 42.99
C MET J 333 2.43 -4.68 43.02
N SER J 334 1.64 -5.44 42.26
CA SER J 334 0.18 -5.34 42.34
C SER J 334 -0.44 -6.67 41.95
N GLY J 335 -0.94 -6.77 40.73
CA GLY J 335 -1.56 -7.98 40.24
C GLY J 335 -2.98 -7.75 39.75
N GLY J 336 -3.59 -8.84 39.31
CA GLY J 336 -4.91 -8.82 38.72
C GLY J 336 -4.85 -8.70 37.21
N VAL J 337 -5.86 -8.06 36.63
CA VAL J 337 -5.84 -7.73 35.19
C VAL J 337 -4.53 -6.99 34.86
N GLY J 338 -4.09 -6.09 35.72
CA GLY J 338 -2.77 -5.52 35.56
C GLY J 338 -2.70 -4.43 34.49
N PHE J 339 -1.52 -4.31 33.88
CA PHE J 339 -1.13 -3.07 33.19
C PHE J 339 -0.66 -3.32 31.74
N THR J 340 -1.36 -4.18 31.01
CA THR J 340 -0.91 -4.54 29.65
C THR J 340 -0.85 -3.31 28.74
N GLN J 341 -1.97 -2.59 28.61
CA GLN J 341 -2.06 -1.49 27.66
C GLN J 341 -1.28 -0.24 28.11
N TYR J 342 -1.03 -0.07 29.41
CA TYR J 342 -0.10 0.99 29.81
C TYR J 342 1.26 0.82 29.10
N ALA J 343 1.66 -0.43 28.86
CA ALA J 343 2.90 -0.75 28.18
C ALA J 343 2.73 -0.92 26.67
N THR J 344 1.64 -1.53 26.20
CA THR J 344 1.53 -1.76 24.77
C THR J 344 1.57 -0.44 24.00
N ALA J 345 1.13 0.64 24.63
CA ALA J 345 1.14 1.94 23.96
C ALA J 345 2.53 2.29 23.44
N ALA J 346 3.57 1.78 24.10
CA ALA J 346 4.96 2.09 23.77
C ALA J 346 5.57 1.15 22.74
N TYR J 347 4.89 0.06 22.36
CA TYR J 347 5.49 -0.91 21.44
C TYR J 347 4.51 -1.44 20.39
N THR J 348 3.33 -0.82 20.24
CA THR J 348 2.39 -1.22 19.21
C THR J 348 1.98 -0.03 18.32
N ASN J 349 1.48 -0.40 17.14
CA ASN J 349 0.79 0.48 16.20
C ASN J 349 1.69 1.57 15.65
N ASP J 350 3.01 1.44 15.85
CA ASP J 350 4.01 2.33 15.26
C ASP J 350 3.83 3.78 15.70
N VAL J 351 3.16 3.99 16.84
CA VAL J 351 2.88 5.36 17.28
C VAL J 351 4.14 6.04 17.81
N LEU J 352 4.76 5.44 18.82
CA LEU J 352 6.00 6.01 19.34
C LEU J 352 7.05 6.13 18.25
N ASP J 353 7.10 5.16 17.33
CA ASP J 353 8.05 5.23 16.21
C ASP J 353 7.81 6.48 15.38
N ASP J 354 6.55 6.78 15.06
CA ASP J 354 6.27 7.98 14.27
C ASP J 354 6.74 9.23 15.01
N PHE J 355 6.36 9.35 16.28
CA PHE J 355 6.68 10.57 17.03
C PHE J 355 8.20 10.74 17.18
N THR J 356 8.93 9.62 17.33
CA THR J 356 10.38 9.65 17.56
C THR J 356 11.15 9.87 16.27
N TYR J 357 10.78 9.20 15.18
CA TYR J 357 11.44 9.47 13.90
C TYR J 357 11.18 10.90 13.45
N TYR J 358 9.99 11.45 13.73
CA TYR J 358 9.77 12.87 13.47
C TYR J 358 10.81 13.71 14.19
N GLY J 359 10.96 13.47 15.50
CA GLY J 359 11.92 14.24 16.29
C GLY J 359 13.35 14.04 15.83
N TYR J 360 13.71 12.82 15.49
CA TYR J 360 15.06 12.55 14.96
C TYR J 360 15.33 13.40 13.72
N ASP J 361 14.37 13.45 12.79
CA ASP J 361 14.50 14.27 11.59
C ASP J 361 14.59 15.76 11.94
N TYR J 362 13.79 16.23 12.91
CA TYR J 362 13.87 17.63 13.34
C TYR J 362 15.25 17.96 13.89
N ALA J 363 15.79 17.06 14.73
CA ALA J 363 17.09 17.32 15.34
C ALA J 363 18.23 17.22 14.33
N LEU J 364 18.17 16.23 13.42
CA LEU J 364 19.23 16.12 12.42
C LEU J 364 19.33 17.40 11.61
N ASN J 365 18.18 17.95 11.26
CA ASN J 365 18.16 19.12 10.38
C ASN J 365 18.52 20.40 11.13
N LYS J 366 18.27 20.46 12.43
CA LYS J 366 18.58 21.68 13.16
C LYS J 366 19.96 21.65 13.80
N TYR J 367 20.31 20.54 14.46
CA TYR J 367 21.55 20.44 15.22
C TYR J 367 22.63 19.61 14.54
N GLY J 368 22.30 18.82 13.53
CA GLY J 368 23.32 18.07 12.82
C GLY J 368 23.38 16.62 13.27
N ASP J 369 24.56 16.00 13.15
CA ASP J 369 24.65 14.56 13.25
C ASP J 369 24.32 14.05 14.65
N ASP J 370 24.01 12.74 14.71
CA ASP J 370 23.84 11.99 15.96
C ASP J 370 24.86 12.45 17.00
N GLY J 371 24.37 12.80 18.19
CA GLY J 371 25.21 13.00 19.33
C GLY J 371 25.95 14.31 19.39
N THR J 372 25.73 15.22 18.43
CA THR J 372 26.47 16.48 18.37
C THR J 372 25.70 17.70 18.87
N ALA J 373 24.48 17.55 19.31
CA ALA J 373 23.73 18.70 19.78
C ALA J 373 24.21 19.16 21.16
N PRO J 374 24.03 20.44 21.49
CA PRO J 374 24.53 20.96 22.77
C PRO J 374 23.89 20.25 23.97
N ASN J 375 24.75 19.92 24.94
CA ASN J 375 24.30 19.21 26.15
C ASN J 375 23.81 20.23 27.19
N ASP J 376 22.68 20.86 26.90
CA ASP J 376 22.18 21.87 27.81
C ASP J 376 20.65 21.91 27.88
N LEU J 377 20.18 22.64 28.89
CA LEU J 377 18.76 22.77 29.17
C LEU J 377 18.01 23.42 28.00
N ALA J 378 18.63 24.38 27.32
CA ALA J 378 17.97 25.04 26.19
C ALA J 378 17.65 24.04 25.06
N THR J 379 18.58 23.10 24.80
CA THR J 379 18.38 22.11 23.74
C THR J 379 17.31 21.11 24.13
N ALA J 380 17.31 20.66 25.39
CA ALA J 380 16.24 19.78 25.86
C ALA J 380 14.89 20.48 25.74
N THR J 381 14.84 21.77 26.05
CA THR J 381 13.57 22.51 25.96
C THR J 381 13.05 22.55 24.53
N ASP J 382 13.93 22.88 23.59
CA ASP J 382 13.54 22.98 22.18
C ASP J 382 13.02 21.64 21.67
N LEU J 383 13.82 20.58 21.85
CA LEU J 383 13.45 19.29 21.27
C LEU J 383 12.19 18.74 21.91
N ALA J 384 12.09 18.81 23.24
CA ALA J 384 10.91 18.28 23.91
C ALA J 384 9.65 19.02 23.49
N THR J 385 9.73 20.34 23.38
CA THR J 385 8.51 21.09 23.04
C THR J 385 8.04 20.77 21.63
N GLU J 386 8.96 20.71 20.67
CA GLU J 386 8.56 20.45 19.30
C GLU J 386 8.00 19.03 19.16
N VAL J 387 8.68 18.04 19.74
CA VAL J 387 8.24 16.65 19.58
C VAL J 387 6.89 16.46 20.26
N THR J 388 6.72 17.09 21.43
CA THR J 388 5.47 16.96 22.15
C THR J 388 4.33 17.65 21.40
N LEU J 389 4.57 18.88 20.91
CA LEU J 389 3.52 19.56 20.15
C LEU J 389 3.14 18.76 18.91
N ASN J 390 4.12 18.25 18.18
CA ASN J 390 3.79 17.48 17.00
C ASN J 390 2.95 16.25 17.35
N GLY J 391 3.32 15.55 18.43
CA GLY J 391 2.57 14.37 18.81
C GLY J 391 1.14 14.68 19.21
N MET J 392 0.97 15.75 19.99
CA MET J 392 -0.37 16.17 20.39
C MET J 392 -1.21 16.50 19.17
N GLU J 393 -0.59 17.17 18.18
CA GLU J 393 -1.29 17.48 16.95
C GLU J 393 -1.70 16.22 16.22
N CYS J 394 -0.89 15.15 16.31
CA CYS J 394 -1.26 13.88 15.67
C CYS J 394 -2.50 13.29 16.34
N TYR J 395 -2.50 13.26 17.68
CA TYR J 395 -3.65 12.75 18.40
C TYR J 395 -4.90 13.58 18.08
N GLU J 396 -4.75 14.91 17.94
CA GLU J 396 -5.87 15.78 17.62
C GLU J 396 -6.36 15.61 16.20
N ASP J 397 -5.46 15.34 15.26
CA ASP J 397 -5.87 15.26 13.86
C ASP J 397 -6.31 13.86 13.42
N TYR J 398 -6.00 12.83 14.19
CA TYR J 398 -6.35 11.44 13.87
C TYR J 398 -7.16 10.88 15.03
N PRO J 399 -8.49 11.02 15.01
CA PRO J 399 -9.30 10.51 16.13
C PRO J 399 -9.03 9.07 16.58
N THR J 400 -8.78 8.15 15.65
CA THR J 400 -8.55 6.78 16.07
C THR J 400 -7.19 6.62 16.75
N LEU J 401 -6.24 7.54 16.52
CA LEU J 401 -4.97 7.49 17.24
C LEU J 401 -5.16 7.86 18.70
N LEU J 402 -5.93 8.92 18.96
CA LEU J 402 -6.33 9.26 20.32
C LEU J 402 -7.08 8.12 20.97
N GLU J 403 -7.94 7.45 20.21
CA GLU J 403 -8.72 6.35 20.73
C GLU J 403 -7.84 5.16 21.09
N ASP J 404 -6.75 4.94 20.37
CA ASP J 404 -5.80 3.88 20.69
C ASP J 404 -5.17 4.13 22.06
N HIS J 405 -4.53 5.29 22.22
CA HIS J 405 -3.96 5.69 23.50
C HIS J 405 -5.03 6.42 24.32
N PHE J 406 -6.04 5.64 24.70
CA PHE J 406 -7.23 6.22 25.29
C PHE J 406 -6.98 6.78 26.68
N GLY J 407 -5.99 6.24 27.39
CA GLY J 407 -5.66 6.74 28.71
C GLY J 407 -4.56 7.79 28.65
N GLY J 408 -4.76 8.87 29.40
CA GLY J 408 -3.78 9.94 29.39
C GLY J 408 -2.38 9.48 29.73
N SER J 409 -2.26 8.51 30.63
CA SER J 409 -0.94 8.02 31.03
C SER J 409 -0.15 7.50 29.84
N MGN J 410 -0.82 6.73 28.98
CA MGN J 410 -0.22 6.18 27.75
CB1 MGN J 410 -1.33 5.43 26.96
CB2 MGN J 410 0.90 5.22 28.18
CG MGN J 410 -1.89 4.19 27.66
CD MGN J 410 -3.04 3.63 26.86
OE1 MGN J 410 -4.02 4.32 26.60
NE2 MGN J 410 -2.93 2.38 26.41
C MGN J 410 0.30 7.35 26.89
O MGN J 410 1.44 7.33 26.41
N ARG J 411 -0.55 8.33 26.67
CA ARG J 411 -0.16 9.48 25.85
C ARG J 411 1.02 10.18 26.47
N ALA J 412 0.98 10.34 27.80
CA ALA J 412 2.03 11.08 28.47
C ALA J 412 3.38 10.39 28.30
N GLY J 413 3.41 9.06 28.46
CA GLY J 413 4.66 8.35 28.37
C GLY J 413 5.18 8.29 26.96
N ILE J 414 4.27 8.20 25.98
CA ILE J 414 4.71 8.12 24.59
C ILE J 414 5.21 9.48 24.10
N LEU J 415 4.50 10.56 24.43
CA LEU J 415 4.99 11.89 24.05
C LEU J 415 6.33 12.20 24.71
N ALA J 416 6.47 11.87 25.99
CA ALA J 416 7.70 12.17 26.70
C ALA J 416 8.83 11.26 26.26
N ALA J 417 8.51 10.01 25.93
CA ALA J 417 9.53 9.10 25.44
C ALA J 417 10.05 9.59 24.10
N ALA J 418 9.13 10.00 23.21
CA ALA J 418 9.59 10.52 21.93
C ALA J 418 10.48 11.74 22.14
N SER J 419 10.08 12.63 23.05
CA SER J 419 10.84 13.85 23.33
C SER J 419 12.24 13.52 23.87
N ALA J 420 12.29 12.62 24.85
CA ALA J 420 13.55 12.29 25.50
C ALA J 420 14.45 11.42 24.63
N CYS J 421 13.86 10.50 23.85
CA CYS J 421 14.68 9.72 22.93
C CYS J 421 15.27 10.62 21.83
N THR J 422 14.49 11.56 21.32
CA THR J 422 15.05 12.53 20.37
C THR J 422 16.20 13.30 21.01
N THR J 423 16.00 13.77 22.24
CA THR J 423 17.05 14.53 22.94
C THR J 423 18.28 13.66 23.21
N GLY J 424 18.07 12.40 23.59
CA GLY J 424 19.20 11.53 23.85
C GLY J 424 20.01 11.27 22.59
N ILE J 425 19.33 10.94 21.49
CA ILE J 425 20.05 10.69 20.25
C ILE J 425 20.77 11.95 19.80
N ALA J 426 20.11 13.10 19.89
CA ALA J 426 20.70 14.33 19.39
C ALA J 426 21.91 14.78 20.21
N THR J 427 21.82 14.70 21.55
CA THR J 427 22.87 15.22 22.41
C THR J 427 23.88 14.15 22.83
N GLY J 428 23.52 12.89 22.74
CA GLY J 428 24.35 11.85 23.29
C GLY J 428 24.44 11.84 24.80
N ASN J 429 23.51 12.49 25.49
CA ASN J 429 23.58 12.67 26.95
C ASN J 429 22.27 12.24 27.61
N SER J 430 22.32 11.14 28.40
CA SER J 430 21.12 10.67 29.09
C SER J 430 20.55 11.67 30.07
N GLN J 431 21.41 12.42 30.77
CA GLN J 431 20.92 13.35 31.79
C GLN J 431 20.19 14.54 31.16
N VAL J 432 20.70 15.05 30.03
CA VAL J 432 19.98 16.09 29.29
C VAL J 432 18.65 15.56 28.79
N ALA J 433 18.64 14.33 28.27
CA ALA J 433 17.41 13.70 27.82
C ALA J 433 16.38 13.64 28.95
N LEU J 434 16.83 13.43 30.19
CA LEU J 434 15.91 13.34 31.31
C LEU J 434 15.22 14.69 31.56
N SER J 435 15.93 15.80 31.39
CA SER J 435 15.27 17.10 31.47
C SER J 435 14.18 17.23 30.42
N ALA J 436 14.44 16.73 29.20
CA ALA J 436 13.44 16.76 28.13
C ALA J 436 12.22 15.91 28.44
N TRX J 437 12.42 14.74 29.05
CA TRX J 437 11.28 13.90 29.51
C TRX J 437 10.32 14.74 30.37
O TRX J 437 9.12 14.77 30.05
CB TRX J 437 11.81 12.69 30.27
CG TRX J 437 10.74 11.91 30.98
CD1 TRX J 437 10.27 12.14 32.23
CD2 TRX J 437 10.02 10.78 30.47
NE1 TRX J 437 9.29 11.23 32.55
CE2 TRX J 437 9.11 10.38 31.48
CE3 TRX J 437 10.01 10.06 29.26
CZ2 TRX J 437 8.23 9.31 31.32
CZ3 TRX J 437 9.15 8.99 29.11
CH2 TRX J 437 8.28 8.61 30.15
OH2 TRX J 437 7.40 7.55 29.95
N TYR J 438 10.81 15.39 31.43
CA TYR J 438 9.91 16.12 32.33
C TYR J 438 9.30 17.32 31.59
N MET J 439 10.07 17.98 30.72
CA MET J 439 9.50 19.10 29.97
C MET J 439 8.27 18.65 29.16
N SER J 440 8.36 17.49 28.53
CA SER J 440 7.23 16.99 27.75
C SER J 440 6.00 16.94 28.62
N MET J 441 6.16 16.40 29.82
CA MET J 441 5.01 16.27 30.69
C MET J 441 4.36 17.59 31.02
N TYR J 442 5.17 18.61 31.32
CA TYR J 442 4.62 19.89 31.72
C TYR J 442 3.91 20.55 30.54
N VAL J 443 4.49 20.44 29.33
CA VAL J 443 3.85 20.99 28.14
C VAL J 443 2.51 20.31 27.90
N HIS J 444 2.50 18.98 27.96
CA HIS J 444 1.30 18.19 27.72
C HIS J 444 0.19 18.61 28.67
N LYS J 445 0.49 18.65 29.98
CA LYS J 445 -0.53 18.99 30.96
C LYS J 445 -1.24 20.30 30.63
N GLU J 446 -0.50 21.33 30.23
CA GLU J 446 -1.17 22.62 29.99
C GLU J 446 -1.94 22.63 28.68
N GLY J 447 -1.57 21.82 27.69
CA GLY J 447 -2.32 21.81 26.45
C GLY J 447 -3.74 21.26 26.63
N TRP J 448 -3.85 20.12 27.31
CA TRP J 448 -5.14 19.42 27.42
C TRP J 448 -5.81 19.52 28.78
N GLY J 449 -5.18 20.17 29.76
CA GLY J 449 -5.75 20.22 31.09
C GLY J 449 -5.88 18.85 31.74
N ARG J 450 -4.96 17.91 31.44
CA ARG J 450 -4.95 16.55 31.95
C ARG J 450 -3.58 16.00 31.60
N LEU J 451 -3.22 14.95 32.28
CA LEU J 451 -1.95 14.29 32.00
C LEU J 451 -2.23 12.79 32.09
N GLY J 452 -1.90 12.15 33.21
CA GLY J 452 -2.15 10.74 33.37
C GLY J 452 -3.16 10.40 34.45
N PHE J 453 -2.99 9.22 35.02
CA PHE J 453 -3.85 8.75 36.11
C PHE J 453 -3.57 9.59 37.36
N PHE J 454 -4.35 9.34 38.41
CA PHE J 454 -4.36 10.14 39.64
C PHE J 454 -2.96 10.39 40.16
CA GL3 J 455 -0.78 9.43 40.72
N GL3 J 455 -2.10 9.37 40.09
C GL3 J 455 0.39 9.39 39.76
S GL3 J 455 1.88 9.01 40.25
N TYR J 456 0.08 9.73 38.41
CA TYR J 456 1.04 9.52 37.35
C TYR J 456 2.26 10.42 37.50
N ASP J 457 2.05 11.70 37.83
CA ASP J 457 3.13 12.68 37.84
C ASP J 457 3.68 12.96 39.25
N LEU J 458 3.71 11.96 40.14
CA LEU J 458 4.52 12.11 41.34
C LEU J 458 5.97 12.36 40.94
N GLN J 459 6.54 11.44 40.16
CA GLN J 459 7.92 11.64 39.72
C GLN J 459 7.97 12.80 38.73
N DYA J 460 6.89 13.06 38.00
CA DYA J 460 6.86 14.14 37.14
CB DYA J 460 6.64 13.89 35.82
CG DYA J 460 6.45 12.52 35.27
OD1 DYA J 460 7.26 12.12 34.46
OD2 DYA J 460 5.49 11.88 35.67
C DYA J 460 7.04 15.41 37.67
O DYA J 460 7.82 16.19 37.15
N GLN J 461 6.34 15.71 38.76
CA GLN J 461 6.46 17.03 39.36
C GLN J 461 7.73 17.15 40.21
N SMC J 462 8.19 16.04 40.78
CA SMC J 462 9.53 16.02 41.43
CB SMC J 462 9.67 14.76 42.28
SG SMC J 462 8.59 14.77 43.73
CS SMC J 462 8.27 13.02 43.95
C SMC J 462 10.64 16.03 40.37
O SMC J 462 11.81 16.21 40.74
N GLY J 463 10.30 15.86 39.10
CA GLY J 463 11.27 15.47 38.10
C GLY J 463 12.32 16.47 37.68
N ALA J 464 11.87 17.62 37.17
CA ALA J 464 12.84 18.59 36.67
C ALA J 464 13.86 18.93 37.73
N THR J 465 13.41 19.16 38.96
CA THR J 465 14.30 19.60 40.03
C THR J 465 15.24 18.50 40.47
N ASN J 466 14.89 17.22 40.27
CA ASN J 466 15.78 16.13 40.65
C ASN J 466 16.70 15.67 39.52
N VAL J 467 16.56 16.18 38.30
CA VAL J 467 17.51 15.83 37.25
C VAL J 467 18.91 16.27 37.63
N CYS J 468 19.05 17.50 38.13
CA CYS J 468 20.34 18.13 38.37
C CYS J 468 20.61 18.33 39.86
N SER J 469 19.82 17.71 40.72
CA SER J 469 20.17 17.67 42.13
C SER J 469 21.40 16.81 42.34
N TYR J 470 22.21 17.17 43.33
CA TYR J 470 23.30 16.31 43.75
C TYR J 470 23.13 15.86 45.20
N GLN J 471 21.92 16.00 45.75
CA GLN J 471 21.65 15.54 47.11
C GLN J 471 21.59 14.01 47.20
N GLY J 472 21.87 13.50 48.40
CA GLY J 472 22.03 12.06 48.62
C GLY J 472 20.96 11.17 48.00
N ASP J 473 19.69 11.36 48.29
CA ASP J 473 18.69 10.44 47.74
C ASP J 473 17.98 11.00 46.51
N GLU J 474 18.52 12.07 45.93
CA GLU J 474 17.98 12.71 44.74
C GLU J 474 18.94 12.63 43.56
N GLY J 475 20.21 12.93 43.79
CA GLY J 475 21.16 12.97 42.69
C GLY J 475 21.57 11.58 42.25
N CYS J 476 21.62 11.39 40.94
CA CYS J 476 22.02 10.11 40.37
C CYS J 476 22.00 10.24 38.86
N CYS J 477 23.05 9.80 38.19
CA CYS J 477 22.97 9.76 36.73
C CYS J 477 21.92 8.73 36.31
N LEU J 478 21.29 8.98 35.16
CA LEU J 478 20.18 8.13 34.74
C LEU J 478 20.59 6.67 34.54
N GLU J 479 21.80 6.43 34.02
CA GLU J 479 22.25 5.05 33.78
C GLU J 479 22.18 4.21 35.05
N LEU J 480 22.47 4.82 36.20
CA LEU J 480 22.48 4.12 37.47
C LEU J 480 21.16 4.21 38.23
N ARG J 481 20.25 5.10 37.83
CA ARG J 481 18.89 5.02 38.35
C ARG J 481 18.24 3.72 37.89
N GLY J 482 17.17 3.34 38.56
CA GLY J 482 16.42 2.16 38.23
C GLY J 482 15.06 2.21 38.91
N ALA J 483 14.45 1.02 38.99
CA ALA J 483 13.10 0.89 39.54
C ALA J 483 13.06 1.06 41.05
N ASN J 484 14.18 1.34 41.71
CA ASN J 484 14.18 1.66 43.13
C ASN J 484 14.69 3.08 43.41
N TYR J 485 15.00 3.87 42.38
CA TYR J 485 15.23 5.29 42.60
C TYR J 485 13.96 5.84 43.25
N PRO J 486 14.06 6.54 44.38
CA PRO J 486 12.87 6.78 45.22
C PRO J 486 11.65 7.31 44.48
N ASN J 487 11.82 8.36 43.67
CA ASN J 487 10.69 8.95 42.96
C ASN J 487 10.07 7.97 41.99
N TYR J 488 10.81 6.96 41.54
CA TYR J 488 10.36 6.05 40.50
C TYR J 488 9.80 4.73 41.04
N ALA J 489 9.77 4.55 42.35
CA ALA J 489 9.56 3.22 42.91
C ALA J 489 8.13 2.70 42.77
N MET J 490 7.18 3.51 42.28
CA MET J 490 5.78 3.12 42.35
C MET J 490 5.01 3.04 41.02
N ASN J 491 5.29 3.87 40.02
CA ASN J 491 4.26 4.19 39.05
C ASN J 491 4.54 3.71 37.61
N VAL J 492 3.47 3.29 36.94
CA VAL J 492 3.53 2.85 35.52
C VAL J 492 3.88 4.01 34.61
N GLY J 493 4.26 3.67 33.39
CA GLY J 493 4.41 4.66 32.35
C GLY J 493 5.68 5.49 32.40
N HIS J 494 6.73 5.00 33.09
CA HIS J 494 8.00 5.73 33.16
C HIS J 494 9.24 4.84 33.03
N GLN J 495 9.30 3.72 33.76
CA GLN J 495 10.58 3.03 33.98
C GLN J 495 11.14 2.49 32.66
N GLY J 496 10.29 1.81 31.88
CA GLY J 496 10.75 1.27 30.63
C GLY J 496 11.15 2.34 29.63
N GLU J 497 10.47 3.48 29.67
CA GLU J 497 10.83 4.63 28.78
C GLU J 497 12.20 5.22 29.20
N TYR J 498 12.45 5.30 30.50
CA TYR J 498 13.79 5.77 30.99
C TYR J 498 14.89 4.84 30.46
N ALA J 499 14.68 3.52 30.53
CA ALA J 499 15.67 2.59 29.95
C ALA J 499 15.87 2.89 28.47
N GLY J 500 14.76 3.07 27.75
CA GLY J 500 14.83 3.38 26.31
C GLY J 500 15.68 4.60 25.99
N PHE J 501 15.48 5.72 26.69
CA PHE J 501 16.24 6.95 26.27
C PHE J 501 17.64 6.91 26.87
N THR J 502 17.89 6.10 27.89
CA THR J 502 19.28 5.84 28.33
C THR J 502 19.99 5.17 27.14
N GLY J 503 19.35 4.18 26.53
CA GLY J 503 19.93 3.55 25.32
C GLY J 503 20.04 4.58 24.20
N SER J 504 19.06 5.46 24.06
CA SER J 504 19.05 6.47 22.95
C SER J 504 20.28 7.37 23.03
N ALA J 505 20.70 7.71 24.24
CA ALA J 505 21.84 8.61 24.37
C ALA J 505 23.11 7.92 23.92
N HIS J 506 23.28 6.62 24.26
CA HIS J 506 24.47 5.89 23.85
C HIS J 506 24.41 5.49 22.40
N ALA J 507 23.21 5.26 21.85
CA ALA J 507 23.10 5.05 20.42
C ALA J 507 23.43 6.31 19.65
N GLY J 508 23.01 7.47 20.16
CA GLY J 508 23.38 8.72 19.49
C GLY J 508 24.85 9.02 19.54
N ALA J 509 25.50 8.64 20.62
CA ALA J 509 26.95 8.79 20.77
C ALA J 509 27.71 7.72 20.01
N HIS J 510 27.01 6.73 19.46
CA HIS J 510 27.63 5.59 18.77
C HIS J 510 28.62 4.86 19.67
N ASP J 511 28.16 4.58 20.89
CA ASP J 511 28.83 3.70 21.84
C ASP J 511 28.36 2.25 21.61
N ALA J 512 29.14 1.31 22.15
CA ALA J 512 28.83 -0.11 22.06
C ALA J 512 27.96 -0.60 23.20
N TYR J 513 27.82 0.20 24.26
CA TYR J 513 27.05 -0.14 25.45
C TYR J 513 26.84 1.15 26.25
N CYS J 514 26.00 1.05 27.28
CA CYS J 514 25.59 2.18 28.09
C CYS J 514 26.24 2.21 29.46
N CYS J 515 26.49 1.04 30.08
CA CYS J 515 26.74 1.03 31.52
C CYS J 515 27.62 -0.14 31.96
N ASN J 516 27.50 -1.30 31.33
CA ASN J 516 28.38 -2.40 31.77
C ASN J 516 28.67 -3.31 30.59
N PRO J 517 29.90 -3.34 30.11
CA PRO J 517 30.22 -4.21 28.96
C PRO J 517 30.06 -5.68 29.23
N LEU J 518 30.15 -6.12 30.50
CA LEU J 518 29.92 -7.53 30.80
C LEU J 518 28.47 -7.92 30.52
N ILE J 519 27.53 -7.07 30.91
CA ILE J 519 26.11 -7.30 30.61
C ILE J 519 25.92 -7.38 29.10
N LYS J 520 26.54 -6.44 28.38
CA LYS J 520 26.37 -6.35 26.94
C LYS J 520 26.78 -7.64 26.25
N VAL J 521 27.97 -8.15 26.61
CA VAL J 521 28.47 -9.37 25.97
C VAL J 521 27.60 -10.56 26.36
N CYS J 522 27.27 -10.66 27.66
CA CYS J 522 26.52 -11.80 28.17
C CYS J 522 25.22 -11.98 27.41
N PHE J 523 24.49 -10.90 27.20
CA PHE J 523 23.16 -11.01 26.59
C PHE J 523 23.18 -11.07 25.06
N ALA J 524 24.35 -10.92 24.44
CA ALA J 524 24.44 -11.07 22.98
C ALA J 524 24.44 -12.52 22.54
N ASP J 525 24.70 -13.42 23.47
CA ASP J 525 24.83 -14.86 23.21
C ASP J 525 23.55 -15.43 22.59
N PRO J 526 23.61 -15.99 21.40
CA PRO J 526 22.40 -16.58 20.81
C PRO J 526 21.91 -17.84 21.48
N SER J 527 22.62 -18.37 22.47
CA SER J 527 22.15 -19.57 23.14
C SER J 527 21.08 -19.30 24.20
N LEU J 528 20.79 -18.03 24.50
CA LEU J 528 19.64 -17.74 25.33
C LEU J 528 18.34 -18.14 24.63
N VAL J 529 17.29 -18.35 25.40
CA VAL J 529 16.02 -18.78 24.80
C VAL J 529 15.36 -17.62 24.06
N PHE J 530 15.29 -16.46 24.72
CA PHE J 530 14.70 -15.26 24.14
C PHE J 530 15.71 -14.53 23.28
N ASP J 531 15.22 -13.99 22.16
CA ASP J 531 16.10 -13.25 21.22
C ASP J 531 16.19 -11.78 21.63
N PHE J 532 17.22 -11.43 22.37
CA PHE J 532 17.38 -10.05 22.86
C PHE J 532 17.72 -9.06 21.74
N SER J 533 17.97 -9.51 20.52
CA SER J 533 18.24 -8.57 19.43
C SER J 533 17.00 -7.99 18.76
N TYR J 534 15.80 -8.57 18.96
CA TYR J 534 14.59 -8.02 18.31
C TYR J 534 13.40 -8.30 19.23
N ILE J 535 13.22 -7.40 20.19
CA ILE J 535 12.25 -7.58 21.26
C ILE J 535 10.82 -7.72 20.70
N ARG J 536 10.46 -6.78 19.83
CA ARG J 536 9.05 -6.74 19.42
C ARG J 536 8.70 -7.94 18.56
N LYS J 537 9.65 -8.45 17.80
CA LYS J 537 9.44 -9.67 17.03
C LYS J 537 9.17 -10.87 17.95
N GLU J 538 9.90 -10.96 19.08
CA GLU J 538 9.63 -12.00 20.06
C GLU J 538 8.26 -11.85 20.68
N TYR J 539 7.88 -10.62 21.09
CA TYR J 539 6.56 -10.45 21.70
C TYR J 539 5.46 -10.89 20.74
N ALA J 540 5.63 -10.62 19.45
CA ALA J 540 4.66 -11.05 18.46
C ALA J 540 4.54 -12.57 18.44
N LYS J 541 5.67 -13.28 18.51
CA LYS J 541 5.61 -14.74 18.56
C LYS J 541 4.83 -15.22 19.77
N GLY J 542 5.14 -14.68 20.94
CA GLY J 542 4.40 -15.07 22.13
C GLY J 542 2.91 -14.81 21.99
N ALA J 543 2.54 -13.70 21.36
CA ALA J 543 1.14 -13.32 21.24
C ALA J 543 0.44 -14.23 20.27
N MET J 544 1.17 -14.76 19.30
CA MET J 544 0.66 -15.68 18.29
C MET J 544 0.82 -17.14 18.69
N ARG J 545 1.27 -17.40 19.91
CA ARG J 545 1.43 -18.77 20.41
C ARG J 545 2.45 -19.56 19.57
N THR J 546 3.49 -18.87 19.12
CA THR J 546 4.60 -19.47 18.38
C THR J 546 5.96 -19.32 19.08
N PHE J 547 5.92 -18.95 20.35
CA PHE J 547 7.17 -18.89 21.15
C PHE J 547 7.25 -20.08 22.11
N ARG J 548 8.32 -20.85 22.00
CA ARG J 548 8.53 -22.02 22.89
C ARG J 548 9.38 -21.58 24.10
N PRO J 549 8.81 -21.54 25.31
CA PRO J 549 9.61 -21.20 26.46
C PRO J 549 10.25 -22.41 27.12
N ALA J 550 11.21 -22.15 28.00
CA ALA J 550 11.78 -23.18 28.83
C ALA J 550 10.93 -23.36 30.09
N GLY J 551 11.23 -24.44 30.82
CA GLY J 551 10.70 -24.60 32.15
C GLY J 551 9.42 -25.41 32.27
N GLU J 552 8.86 -25.88 31.17
CA GLU J 552 7.64 -26.67 31.25
C GLU J 552 7.92 -28.05 31.87
N ARG J 553 6.85 -28.70 32.37
CA ARG J 553 6.96 -29.95 33.09
C ARG J 553 6.28 -31.11 32.39
N SER J 554 6.09 -31.00 31.08
CA SER J 554 5.37 -32.05 30.36
CA SER J 554 5.38 -32.05 30.34
C SER J 554 6.04 -33.41 30.50
N LEU J 555 7.36 -33.44 30.75
CA LEU J 555 8.09 -34.72 30.84
C LEU J 555 7.69 -35.53 32.07
N VAL J 556 7.12 -34.89 33.10
CA VAL J 556 6.96 -35.54 34.39
C VAL J 556 5.52 -35.41 34.93
N ILE J 557 4.57 -35.14 34.03
CA ILE J 557 3.18 -35.01 34.41
C ILE J 557 2.29 -35.94 33.59
N PRO J 558 1.15 -36.37 34.11
CA PRO J 558 0.23 -37.16 33.30
C PRO J 558 -0.52 -36.28 32.31
N ALA J 559 -1.28 -36.97 31.46
CA ALA J 559 -2.08 -36.29 30.42
C ALA J 559 -3.51 -36.82 30.51
N ALA K 2 22.85 37.52 58.16
CA ALA K 2 22.28 36.34 58.80
C ALA K 2 20.77 36.53 58.93
N ASP K 3 20.04 35.45 59.12
CA ASP K 3 18.60 35.51 59.16
C ASP K 3 18.13 35.50 60.60
N THR K 4 17.10 36.29 60.89
CA THR K 4 16.45 36.24 62.19
C THR K 4 14.96 36.02 62.02
N ILE K 5 14.34 35.47 63.05
CA ILE K 5 12.90 35.20 63.04
C ILE K 5 12.34 35.57 64.41
N ASP K 6 11.05 35.93 64.43
CA ASP K 6 10.32 36.04 65.68
C ASP K 6 9.60 34.72 65.91
N LEU K 7 9.70 34.20 67.13
CA LEU K 7 9.04 32.96 67.50
C LEU K 7 7.70 33.25 68.17
N TYR K 8 6.67 32.53 67.73
CA TYR K 8 5.32 32.68 68.26
C TYR K 8 4.80 31.33 68.69
N ASP K 9 3.88 31.32 69.66
CA ASP K 9 3.35 30.08 70.22
C ASP K 9 2.12 29.58 69.43
N ASP K 10 1.49 28.52 69.95
CA ASP K 10 0.35 27.88 69.26
C ASP K 10 -0.92 28.74 69.28
N ARG K 11 -0.95 29.79 70.09
CA ARG K 11 -2.07 30.70 70.18
C ARG K 11 -1.77 32.04 69.49
N GLY K 12 -0.70 32.13 68.71
CA GLY K 12 -0.40 33.37 68.02
C GLY K 12 0.21 34.45 68.89
N LYS K 13 0.82 34.09 70.02
CA LYS K 13 1.43 35.06 70.93
C LYS K 13 2.94 35.04 70.80
N LYS K 14 3.54 36.22 70.82
CA LYS K 14 4.98 36.34 70.63
C LYS K 14 5.71 35.75 71.83
N LEU K 15 6.69 34.90 71.54
CA LEU K 15 7.53 34.27 72.56
C LEU K 15 8.89 34.95 72.66
N LYS K 16 9.51 35.25 71.52
CA LYS K 16 10.86 35.77 71.47
C LYS K 16 11.09 36.47 70.14
N GLY K 17 11.78 37.62 70.19
CA GLY K 17 12.02 38.42 69.00
C GLY K 17 13.45 38.33 68.50
N ASP K 18 13.63 38.44 67.19
CA ASP K 18 14.96 38.58 66.60
C ASP K 18 15.88 37.43 67.00
N VAL K 19 15.35 36.21 66.85
CA VAL K 19 16.10 34.99 67.12
C VAL K 19 16.92 34.63 65.90
N ASP K 20 18.20 34.35 66.10
CA ASP K 20 19.05 33.83 65.02
C ASP K 20 18.49 32.51 64.50
N LEU K 21 18.42 32.37 63.17
CA LEU K 21 17.89 31.14 62.59
C LEU K 21 18.66 29.91 63.07
N GLN K 22 19.97 30.05 63.28
CA GLN K 22 20.76 28.92 63.75
C GLN K 22 20.32 28.45 65.13
N ALA K 23 19.67 29.29 65.91
CA ALA K 23 19.29 28.91 67.27
C ALA K 23 18.14 27.90 67.29
N VAL K 24 17.42 27.72 66.18
CA VAL K 24 16.42 26.66 66.09
C VAL K 24 16.90 25.47 65.25
N SER K 25 18.21 25.34 65.05
CA SER K 25 18.73 24.23 64.27
C SER K 25 18.69 22.93 65.06
N PRO K 26 18.39 21.81 64.39
CA PRO K 26 18.49 20.51 65.05
C PRO K 26 19.87 20.23 65.64
N LEU K 27 20.90 20.88 65.13
CA LEU K 27 22.26 20.65 65.62
C LEU K 27 22.61 21.48 66.83
N LYS K 28 21.72 22.41 67.24
CA LYS K 28 22.09 23.44 68.21
C LYS K 28 21.04 23.66 69.29
N ASN K 29 19.76 23.56 68.97
CA ASN K 29 18.70 23.86 69.93
C ASN K 29 18.54 22.71 70.90
N SER K 30 18.68 23.02 72.19
CA SER K 30 18.67 21.96 73.19
C SER K 30 17.31 21.28 73.31
N ALA K 31 16.21 22.00 73.06
CA ALA K 31 14.89 21.38 73.12
C ALA K 31 14.69 20.40 71.97
N ILE K 32 15.15 20.74 70.77
CA ILE K 32 15.06 19.78 69.65
C ILE K 32 15.90 18.55 69.93
N LEU K 33 17.12 18.77 70.42
CA LEU K 33 18.00 17.64 70.72
C LEU K 33 17.35 16.75 71.78
N SER K 34 16.69 17.37 72.77
CA SER K 34 15.99 16.60 73.80
C SER K 34 14.82 15.84 73.21
N MET K 35 14.07 16.45 72.26
CA MET K 35 12.95 15.75 71.65
C MET K 35 13.44 14.49 70.94
N VAL K 36 14.53 14.60 70.21
CA VAL K 36 15.10 13.44 69.53
C VAL K 36 15.51 12.38 70.54
N ASN K 37 16.22 12.79 71.60
CA ASN K 37 16.62 11.82 72.62
C ASN K 37 15.41 11.12 73.22
N THR K 38 14.34 11.87 73.48
CA THR K 38 13.12 11.30 74.06
C THR K 38 12.49 10.26 73.16
N VAL K 39 12.36 10.56 71.87
CA VAL K 39 11.69 9.58 71.01
C VAL K 39 12.56 8.34 70.83
N LYS K 40 13.87 8.52 70.86
CA LYS K 40 14.78 7.38 70.73
C LYS K 40 14.69 6.43 71.92
N ARG K 41 14.69 6.97 73.14
CA ARG K 41 14.90 6.13 74.32
C ARG K 41 13.62 5.76 75.08
N THR K 42 12.47 6.32 74.70
CA THR K 42 11.21 6.08 75.40
C THR K 42 10.43 4.98 74.71
N VAL K 43 9.91 4.05 75.50
CA VAL K 43 9.06 3.00 74.97
C VAL K 43 7.82 2.88 75.85
N ALA K 44 6.74 2.39 75.23
CA ALA K 44 5.51 2.07 75.92
C ALA K 44 5.44 0.56 76.08
N VAL K 45 5.01 0.11 77.25
CA VAL K 45 4.81 -1.30 77.54
C VAL K 45 3.31 -1.53 77.74
N ASN K 46 2.78 -2.50 77.00
CA ASN K 46 1.39 -2.92 77.10
C ASN K 46 1.27 -4.10 78.05
N LEU K 47 1.17 -3.80 79.35
CA LEU K 47 1.04 -4.86 80.35
C LEU K 47 -0.28 -5.61 80.18
N ALA K 48 -1.35 -4.89 79.87
CA ALA K 48 -2.63 -5.57 79.62
C ALA K 48 -2.50 -6.52 78.44
N GLY K 49 -1.75 -6.12 77.41
CA GLY K 49 -1.55 -6.98 76.25
C GLY K 49 -0.76 -8.23 76.60
N ILE K 50 0.28 -8.06 77.42
CA ILE K 50 1.04 -9.21 77.90
C ILE K 50 0.14 -10.16 78.67
N GLU K 51 -0.69 -9.62 79.57
CA GLU K 51 -1.53 -10.47 80.40
C GLU K 51 -2.53 -11.24 79.54
N LYS K 52 -3.10 -10.56 78.55
CA LYS K 52 -4.06 -11.22 77.63
C LYS K 52 -3.35 -12.29 76.81
N ALA K 53 -2.14 -11.99 76.30
CA ALA K 53 -1.45 -12.95 75.45
C ALA K 53 -1.14 -14.23 76.22
N CYS K 54 -0.68 -14.08 77.47
CA CYS K 54 -0.36 -15.23 78.29
C CYS K 54 -1.62 -16.00 78.69
N LYS K 55 -2.63 -15.29 79.14
CA LYS K 55 -3.84 -15.96 79.61
C LYS K 55 -4.58 -16.67 78.49
N ASN K 56 -4.50 -16.15 77.27
CA ASN K 56 -5.21 -16.72 76.13
C ASN K 56 -4.30 -17.49 75.17
N ALA K 57 -3.02 -17.62 75.50
CA ALA K 57 -2.05 -18.26 74.62
C ALA K 57 -2.12 -17.69 73.21
N SER K 58 -2.19 -16.36 73.12
CA SER K 58 -2.31 -15.69 71.83
C SER K 58 -1.00 -15.04 71.40
N TYR K 59 0.11 -15.66 71.80
CA TYR K 59 1.44 -15.18 71.48
C TYR K 59 1.58 -14.92 69.98
N GLY K 60 2.03 -13.71 69.64
CA GLY K 60 2.34 -13.36 68.29
C GLY K 60 1.22 -12.65 67.53
N GLY K 61 -0.01 -12.69 68.03
CA GLY K 61 -1.11 -11.99 67.41
C GLY K 61 -1.65 -12.63 66.14
N GLN K 62 -2.48 -11.85 65.42
CA GLN K 62 -3.08 -12.28 64.15
C GLN K 62 -3.84 -13.59 64.27
N SER K 63 -4.61 -13.71 65.36
CA SER K 63 -5.46 -14.85 65.67
C SER K 63 -4.66 -16.08 66.04
N ARG K 64 -3.35 -15.97 66.23
CA ARG K 64 -2.59 -17.11 66.73
C ARG K 64 -3.15 -17.52 68.08
N ASN K 65 -3.10 -18.83 68.32
CA ASN K 65 -3.46 -19.43 69.59
C ASN K 65 -2.67 -20.73 69.64
N ILE K 66 -1.92 -20.93 70.72
CA ILE K 66 -1.14 -22.14 70.93
C ILE K 66 -1.82 -22.93 72.04
N PRO K 67 -2.68 -23.89 71.70
CA PRO K 67 -3.47 -24.57 72.73
C PRO K 67 -2.60 -25.22 73.78
N GLY K 68 -3.02 -25.11 75.02
CA GLY K 68 -2.33 -25.74 76.13
C GLY K 68 -1.22 -24.93 76.74
N ARG K 69 -0.78 -23.85 76.08
CA ARG K 69 0.40 -23.14 76.50
C ARG K 69 0.08 -21.80 77.17
N GLU K 70 -1.16 -21.63 77.65
CA GLU K 70 -1.49 -20.48 78.48
C GLU K 70 -0.59 -20.44 79.68
N VAL K 71 -0.24 -19.22 80.10
CA VAL K 71 0.49 -18.98 81.36
C VAL K 71 -0.36 -17.96 82.13
N ASP K 72 -0.84 -18.37 83.30
CA ASP K 72 -1.85 -17.56 83.99
C ASP K 72 -1.09 -16.61 84.91
N ILE K 73 -0.79 -15.42 84.37
CA ILE K 73 -0.13 -14.36 85.12
C ILE K 73 -0.91 -13.06 84.94
N ASP K 74 -0.79 -12.16 85.92
CA ASP K 74 -1.60 -10.95 85.97
C ASP K 74 -0.76 -9.70 86.18
N PRO K 75 0.11 -9.38 85.24
CA PRO K 75 1.01 -8.23 85.44
C PRO K 75 0.34 -6.87 85.63
N THR K 76 -0.87 -6.65 85.10
CA THR K 76 -1.53 -5.36 85.33
C THR K 76 -1.82 -5.15 86.81
N ALA K 77 -2.04 -6.23 87.55
CA ALA K 77 -2.32 -6.14 88.97
C ALA K 77 -1.07 -5.98 89.81
N LYS K 78 0.10 -6.23 89.25
CA LYS K 78 1.38 -6.05 89.92
C LYS K 78 2.23 -5.02 89.20
N ALA K 79 1.57 -4.06 88.54
CA ALA K 79 2.29 -3.12 87.69
C ALA K 79 3.31 -2.30 88.48
N ASP K 80 2.98 -1.91 89.71
CA ASP K 80 3.93 -1.08 90.43
C ASP K 80 5.20 -1.85 90.79
N LYS K 81 5.04 -3.10 91.21
CA LYS K 81 6.19 -3.97 91.50
C LYS K 81 7.01 -4.23 90.25
N ILE K 82 6.35 -4.53 89.14
CA ILE K 82 7.06 -4.80 87.89
C ILE K 82 7.82 -3.56 87.43
N ALA K 83 7.16 -2.39 87.52
CA ALA K 83 7.81 -1.13 87.16
C ALA K 83 9.07 -0.91 87.98
N ALA K 84 8.99 -1.13 89.30
CA ALA K 84 10.16 -0.93 90.14
C ALA K 84 11.28 -1.87 89.76
N ARG K 85 10.94 -3.11 89.44
CA ARG K 85 11.98 -4.05 89.03
C ARG K 85 12.59 -3.66 87.69
N VAL K 86 11.77 -3.25 86.72
CA VAL K 86 12.31 -2.82 85.44
C VAL K 86 13.31 -1.67 85.64
N LYS K 87 12.96 -0.71 86.50
CA LYS K 87 13.83 0.42 86.72
C LYS K 87 15.17 -0.02 87.27
N GLU K 88 15.13 -0.89 88.29
CA GLU K 88 16.36 -1.42 88.89
C GLU K 88 17.21 -2.12 87.85
N LEU K 89 16.58 -2.85 86.94
CA LEU K 89 17.33 -3.63 85.97
C LEU K 89 17.96 -2.77 84.87
N ILE K 90 17.35 -1.64 84.50
CA ILE K 90 17.89 -0.88 83.37
C ILE K 90 18.66 0.37 83.78
N GLN K 91 18.44 0.88 84.99
CA GLN K 91 19.10 2.13 85.37
C GLN K 91 20.61 1.90 85.47
N VAL K 92 21.40 2.86 84.99
CA VAL K 92 22.85 2.69 85.03
C VAL K 92 23.44 3.26 86.31
N GLU K 93 22.97 4.44 86.73
CA GLU K 93 23.46 5.09 87.93
C GLU K 93 22.30 5.79 88.61
N LYS K 94 22.33 5.77 89.94
CA LYS K 94 21.27 6.41 90.70
C LYS K 94 21.23 7.88 90.30
N GLY K 95 20.02 8.41 90.14
CA GLY K 95 19.85 9.78 89.72
C GLY K 95 20.01 10.03 88.23
N ASP K 96 20.26 9.00 87.43
CA ASP K 96 20.33 9.18 85.98
C ASP K 96 18.92 9.40 85.44
N ASP K 97 18.79 9.51 84.11
CA ASP K 97 17.53 9.89 83.51
C ASP K 97 16.60 8.72 83.21
N THR K 98 16.86 7.54 83.80
CA THR K 98 15.87 6.46 83.72
C THR K 98 14.56 6.90 84.35
N GLU K 99 13.46 6.61 83.66
CA GLU K 99 12.12 6.78 84.21
C GLU K 99 11.30 5.54 83.89
N VAL K 100 10.56 5.04 84.89
CA VAL K 100 9.55 4.00 84.66
C VAL K 100 8.30 4.43 85.39
N THR K 101 7.21 4.64 84.64
CA THR K 101 5.96 5.16 85.18
C THR K 101 4.77 4.29 84.79
N VAL K 102 3.97 3.93 85.79
CA VAL K 102 2.74 3.18 85.56
C VAL K 102 1.65 4.11 85.04
N LEU K 103 0.99 3.71 83.96
CA LEU K 103 -0.07 4.48 83.35
C LEU K 103 -1.34 3.64 83.24
N GLY K 104 -2.44 4.33 82.99
CA GLY K 104 -3.71 3.65 82.74
C GLY K 104 -4.12 2.68 83.83
N GLY K 105 -3.85 3.02 85.09
CA GLY K 105 -4.25 2.19 86.19
C GLY K 105 -3.53 0.86 86.29
N GLY K 106 -2.43 0.72 85.58
CA GLY K 106 -1.69 -0.53 85.54
C GLY K 106 -1.68 -1.21 84.19
N LYS K 107 -2.41 -0.66 83.23
CA LYS K 107 -2.47 -1.29 81.89
C LYS K 107 -1.17 -1.07 81.11
N PHE K 108 -0.49 0.05 81.35
CA PHE K 108 0.69 0.39 80.57
C PHE K 108 1.83 0.86 81.46
N LEU K 109 3.05 0.78 80.92
CA LEU K 109 4.18 1.49 81.48
C LEU K 109 4.76 2.42 80.43
N ARG K 110 5.24 3.59 80.87
CA ARG K 110 6.18 4.37 80.07
C ARG K 110 7.58 4.09 80.64
N VAL K 111 8.49 3.66 79.77
CA VAL K 111 9.89 3.44 80.16
C VAL K 111 10.74 4.39 79.36
N ALA K 112 11.45 5.30 80.04
CA ALA K 112 12.47 6.12 79.39
C ALA K 112 13.81 5.50 79.78
N ALA K 113 14.39 4.76 78.86
CA ALA K 113 15.65 4.11 79.14
C ALA K 113 16.75 5.16 79.30
N PRO K 114 17.76 4.89 80.12
CA PRO K 114 18.79 5.90 80.33
C PRO K 114 19.53 6.20 79.05
N THR K 115 19.82 7.49 78.85
CA THR K 115 20.53 7.95 77.67
C THR K 115 21.86 7.23 77.51
N ARG K 116 22.53 6.89 78.62
CA ARG K 116 23.82 6.22 78.51
C ARG K 116 23.71 4.91 77.72
N ARG K 117 22.59 4.21 77.80
CA ARG K 117 22.49 2.97 77.04
C ARG K 117 22.43 3.25 75.54
N ILE K 118 21.81 4.36 75.15
CA ILE K 118 21.84 4.78 73.75
C ILE K 118 23.25 5.18 73.34
N GLU K 119 23.95 5.92 74.20
N GLU K 119 23.94 5.94 74.20
CA GLU K 119 25.31 6.45 73.87
CA GLU K 119 25.30 6.45 73.86
C GLU K 119 26.30 5.29 73.72
C GLU K 119 26.27 5.27 73.67
N ALA K 120 26.10 4.21 74.47
CA ALA K 120 27.02 3.09 74.41
C ALA K 120 26.79 2.19 73.22
N GLY K 121 25.71 2.39 72.48
CA GLY K 121 25.39 1.62 71.30
C GLY K 121 25.55 2.44 70.04
N ALA K 122 25.11 1.84 68.93
CA ALA K 122 25.23 2.53 67.63
C ALA K 122 23.92 3.11 67.14
N GLU K 123 22.79 2.54 67.54
CA GLU K 123 21.49 2.97 67.05
C GLU K 123 20.66 3.50 68.21
N TYR K 124 19.35 3.31 68.16
CA TYR K 124 18.41 3.81 69.16
C TYR K 124 17.68 2.68 69.84
N VAL K 125 17.99 1.43 69.47
CA VAL K 125 17.16 0.29 69.82
C VAL K 125 17.37 -0.18 71.25
N ALA K 126 18.40 0.31 71.93
CA ALA K 126 18.65 -0.16 73.30
C ALA K 126 17.47 0.09 74.23
N GLY K 127 16.67 1.13 73.98
CA GLY K 127 15.48 1.32 74.78
C GLY K 127 14.50 0.17 74.65
N MET K 128 14.25 -0.23 73.41
CA MET K 128 13.31 -1.32 73.15
C MET K 128 13.86 -2.64 73.73
N THR K 129 15.12 -2.94 73.47
CA THR K 129 15.68 -4.27 73.85
C THR K 129 15.86 -4.41 75.37
N CYS K 130 16.38 -3.36 76.01
N CYS K 130 16.39 -3.36 76.01
CA CYS K 130 16.63 -3.44 77.48
CA CYS K 130 16.63 -3.42 77.48
C CYS K 130 15.30 -3.43 78.22
C CYS K 130 15.30 -3.44 78.22
N THR K 131 14.29 -2.76 77.66
CA THR K 131 12.95 -2.78 78.29
C THR K 131 12.37 -4.18 78.11
N ALA K 132 12.42 -4.73 76.90
CA ALA K 132 11.87 -6.07 76.70
C ALA K 132 12.58 -7.09 77.58
N ALA K 133 13.90 -7.00 77.68
CA ALA K 133 14.63 -7.95 78.51
C ALA K 133 14.29 -7.78 79.98
N ALA K 134 14.24 -6.53 80.44
CA ALA K 134 13.94 -6.30 81.84
C ALA K 134 12.55 -6.78 82.20
N LEU K 135 11.59 -6.56 81.30
CA LEU K 135 10.24 -7.03 81.56
CA LEU K 135 10.24 -7.04 81.53
C LEU K 135 10.18 -8.55 81.60
N THR K 136 10.85 -9.22 80.67
CA THR K 136 10.83 -10.68 80.66
C THR K 136 11.38 -11.23 81.97
N GLU K 137 12.52 -10.67 82.44
CA GLU K 137 13.11 -11.10 83.70
C GLU K 137 12.19 -10.77 84.87
N ALA K 138 11.61 -9.57 84.89
CA ALA K 138 10.70 -9.21 85.97
C ALA K 138 9.52 -10.19 86.08
N LEU K 139 8.98 -10.59 84.93
CA LEU K 139 7.84 -11.52 84.94
C LEU K 139 8.29 -12.91 85.40
N ARG K 140 9.46 -13.36 84.94
CA ARG K 140 9.98 -14.66 85.36
C ARG K 140 10.15 -14.70 86.86
N GLU K 141 10.75 -13.66 87.40
CA GLU K 141 10.91 -13.56 88.88
CA GLU K 141 10.92 -13.61 88.88
C GLU K 141 9.59 -13.49 89.67
N GLU K 142 8.71 -12.62 89.19
CA GLU K 142 7.49 -12.38 89.95
C GLU K 142 6.60 -13.62 89.99
N TYR K 143 6.54 -14.36 88.88
CA TYR K 143 5.59 -15.46 88.71
C TYR K 143 6.27 -16.83 88.83
N ASN K 144 7.52 -16.87 89.26
CA ASN K 144 8.23 -18.11 89.52
C ASN K 144 8.19 -19.02 88.29
N LEU K 145 8.48 -18.43 87.13
CA LEU K 145 8.43 -19.20 85.89
C LEU K 145 9.69 -20.03 85.74
N GLY K 146 9.59 -21.07 84.93
CA GLY K 146 10.67 -22.03 84.80
C GLY K 146 11.15 -22.30 83.40
N LEU K 147 11.77 -23.46 83.23
CA LEU K 147 12.49 -23.76 82.00
C LEU K 147 11.58 -23.67 80.78
N TYR K 148 10.39 -24.29 80.84
CA TYR K 148 9.60 -24.54 79.64
C TYR K 148 8.43 -23.59 79.44
N ASP K 149 8.07 -22.79 80.45
CA ASP K 149 7.05 -21.78 80.24
C ASP K 149 7.59 -20.37 80.01
N THR K 150 8.75 -20.02 80.57
CA THR K 150 9.29 -18.69 80.33
C THR K 150 9.41 -18.37 78.84
N PRO K 151 9.75 -19.31 77.97
CA PRO K 151 9.87 -18.95 76.53
C PRO K 151 8.58 -18.38 75.97
N TYR K 152 7.42 -18.90 76.41
CA TYR K 152 6.15 -18.41 75.92
C TYR K 152 5.89 -17.00 76.43
N VAL K 153 6.15 -16.75 77.71
CA VAL K 153 6.02 -15.39 78.24
C VAL K 153 6.97 -14.43 77.52
N LYS K 154 8.17 -14.91 77.19
CA LYS K 154 9.09 -14.07 76.42
C LYS K 154 8.47 -13.65 75.08
N ASN K 155 7.78 -14.57 74.39
CA ASN K 155 7.08 -14.20 73.18
C ASN K 155 5.91 -13.25 73.44
N ALA K 156 5.27 -13.32 74.62
CA ALA K 156 4.25 -12.32 74.94
C ALA K 156 4.84 -10.91 74.96
N VAL K 157 6.12 -10.78 75.35
CA VAL K 157 6.77 -9.49 75.42
C VAL K 157 7.34 -9.07 74.07
N TRP K 158 8.17 -9.95 73.49
CA TRP K 158 8.97 -9.66 72.30
C TRP K 158 8.27 -10.03 71.00
N GLY K 159 7.06 -10.59 71.05
CA GLY K 159 6.39 -11.04 69.87
C GLY K 159 7.14 -12.21 69.24
N THR K 160 7.11 -12.25 67.92
CA THR K 160 7.74 -13.32 67.15
C THR K 160 9.24 -13.11 66.91
N TYR K 161 9.84 -12.10 67.54
CA TYR K 161 11.28 -11.95 67.48
C TYR K 161 11.91 -13.13 68.23
N PRO K 162 12.94 -13.82 67.66
CA PRO K 162 13.71 -13.46 66.47
C PRO K 162 13.39 -14.18 65.17
N GLN K 163 12.27 -14.89 65.06
CA GLN K 163 11.88 -15.42 63.75
C GLN K 163 11.61 -14.28 62.79
N THR K 164 11.10 -13.18 63.34
CA THR K 164 10.95 -11.94 62.55
C THR K 164 12.02 -10.95 63.03
N MET K 165 12.33 -9.94 62.21
N MET K 165 12.34 -9.95 62.20
CA MET K 165 13.35 -8.93 62.60
CA MET K 165 13.35 -8.93 62.59
C MET K 165 12.74 -7.97 63.63
C MET K 165 12.74 -7.99 63.63
N ASP K 166 11.41 -7.82 63.59
CA ASP K 166 10.73 -6.91 64.54
C ASP K 166 10.03 -7.70 65.65
N MET K 167 9.60 -7.00 66.70
CA MET K 167 8.84 -7.60 67.83
C MET K 167 7.36 -7.70 67.44
N LYS K 168 7.11 -8.38 66.31
N LYS K 168 7.14 -8.34 66.29
CA LYS K 168 5.79 -8.42 65.72
CA LYS K 168 5.76 -8.42 65.72
C LYS K 168 4.82 -9.15 66.65
C LYS K 168 4.83 -9.13 66.70
N GLY K 169 3.67 -8.54 66.93
CA GLY K 169 2.73 -9.12 67.85
C GLY K 169 3.12 -8.99 69.30
N GLY K 170 4.19 -8.27 69.61
CA GLY K 170 4.65 -8.10 70.97
C GLY K 170 3.99 -6.91 71.65
N ASN K 171 4.56 -6.54 72.78
CA ASN K 171 3.92 -5.57 73.67
C ASN K 171 4.89 -4.52 74.18
N VAL K 172 5.96 -4.26 73.44
CA VAL K 172 6.84 -3.14 73.66
C VAL K 172 6.78 -2.28 72.40
N LEU K 173 6.51 -0.99 72.55
CA LEU K 173 6.20 -0.11 71.42
C LEU K 173 7.08 1.14 71.47
N SER K 174 7.54 1.56 70.30
CA SER K 174 8.26 2.81 70.14
C SER K 174 7.51 3.65 69.12
N VAL K 175 7.70 4.98 69.16
CA VAL K 175 7.18 5.75 68.03
C VAL K 175 8.07 5.57 66.80
N LEU K 176 9.30 5.07 66.98
CA LEU K 176 10.14 4.71 65.87
C LEU K 176 9.89 3.24 65.52
N SER K 177 10.41 2.83 64.37
CA SER K 177 10.34 1.45 63.90
C SER K 177 11.74 0.83 64.02
N ILE K 178 11.92 -0.35 63.47
CA ILE K 178 13.24 -0.99 63.51
C ILE K 178 14.13 -0.41 62.41
N PRO K 179 15.45 -0.42 62.60
CA PRO K 179 16.31 0.25 61.60
C PRO K 179 16.22 -0.39 60.23
N GLN K 180 15.95 -1.69 60.15
CA GLN K 180 15.90 -2.36 58.85
C GLN K 180 14.72 -1.92 58.01
N ASN K 181 13.75 -1.21 58.60
CA ASN K 181 12.68 -0.64 57.79
C ASN K 181 13.05 0.71 57.15
N ASP K 182 14.19 1.29 57.48
CA ASP K 182 14.63 2.53 56.82
C ASP K 182 14.67 2.34 55.30
N GLU K 183 14.10 3.28 54.55
CA GLU K 183 14.21 3.19 53.06
C GLU K 183 15.63 3.53 52.59
N GLY K 184 16.35 4.32 53.36
CA GLY K 184 17.65 4.80 52.94
C GLY K 184 18.43 5.26 54.14
N LEU K 185 19.50 5.99 53.85
CA LEU K 185 20.47 6.41 54.86
C LEU K 185 19.92 7.63 55.59
N GLY K 186 19.72 7.50 56.89
CA GLY K 186 19.30 8.60 57.72
C GLY K 186 17.81 8.71 57.89
N PHE K 187 17.06 7.64 57.65
CA PHE K 187 15.60 7.70 57.60
C PHE K 187 14.90 7.32 58.91
N ALA K 188 15.62 6.97 59.98
CA ALA K 188 14.92 6.46 61.15
C ALA K 188 13.95 7.48 61.75
N LEU K 189 14.37 8.74 61.88
CA LEU K 189 13.47 9.73 62.45
C LEU K 189 12.38 10.15 61.46
N ARG K 190 12.50 9.78 60.19
CA ARG K 190 11.44 9.98 59.21
C ARG K 190 10.35 8.93 59.34
N ASN K 191 10.58 7.84 60.09
CA ASN K 191 9.65 6.71 60.11
C ASN K 191 8.72 6.78 61.31
N ILE K 192 7.92 7.86 61.35
CA ILE K 192 6.99 8.10 62.45
C ILE K 192 5.59 8.30 61.88
N MET K 193 4.70 7.34 62.18
N MET K 193 4.70 7.35 62.20
CA MET K 193 3.33 7.33 61.65
CA MET K 193 3.34 7.37 61.68
C MET K 193 2.60 8.64 61.95
C MET K 193 2.68 8.70 61.92
N ALA K 194 1.92 9.18 60.93
CA ALA K 194 1.19 10.42 61.13
C ALA K 194 0.19 10.29 62.27
N ASN K 195 -0.43 9.12 62.43
CA ASN K 195 -1.34 8.93 63.57
C ASN K 195 -0.61 9.08 64.91
N HIS K 196 0.65 8.60 64.98
CA HIS K 196 1.42 8.80 66.21
C HIS K 196 1.68 10.28 66.44
N LEU K 197 2.05 11.01 65.39
CA LEU K 197 2.34 12.44 65.53
C LEU K 197 1.13 13.19 66.05
N ALA K 198 -0.06 12.83 65.55
CA ALA K 198 -1.27 13.48 66.03
C ALA K 198 -1.48 13.21 67.52
N MET K 199 -1.16 12.00 67.99
CA MET K 199 -1.30 11.72 69.43
C MET K 199 -0.22 12.41 70.25
N LEU K 200 1.02 12.45 69.77
CA LEU K 200 2.06 13.20 70.47
C LEU K 200 1.59 14.63 70.75
N SER K 201 0.90 15.23 69.78
CA SER K 201 0.48 16.61 69.89
C SER K 201 -0.85 16.78 70.63
N GLN K 202 -1.49 15.67 71.03
CA GLN K 202 -2.81 15.71 71.65
C GLN K 202 -3.83 16.43 70.76
N ARG K 203 -3.62 16.33 69.43
CA ARG K 203 -4.50 16.91 68.42
C ARG K 203 -4.53 18.43 68.47
N ASN K 204 -3.57 19.04 69.06
CA ASN K 204 -3.33 20.47 68.90
C ASN K 204 -2.57 20.62 67.58
N ALA K 205 -3.22 21.21 66.57
CA ALA K 205 -2.67 21.20 65.22
C ALA K 205 -1.42 22.07 65.10
N MET K 206 -1.35 23.19 65.80
CA MET K 206 -0.13 24.00 65.74
C MET K 206 1.04 23.23 66.34
N ASN K 207 0.82 22.53 67.45
CA ASN K 207 1.89 21.74 68.06
C ASN K 207 2.23 20.54 67.22
N CYS K 208 1.24 19.96 66.55
CA CYS K 208 1.50 18.85 65.63
C CYS K 208 2.41 19.29 64.49
N ALA K 209 2.16 20.46 63.93
CA ALA K 209 3.04 20.98 62.89
C ALA K 209 4.48 21.09 63.39
N ALA K 210 4.65 21.62 64.61
CA ALA K 210 5.99 21.76 65.17
C ALA K 210 6.66 20.42 65.42
N ILE K 211 5.98 19.51 66.12
CA ILE K 211 6.60 18.22 66.43
C ILE K 211 6.99 17.51 65.14
N SER K 212 6.08 17.49 64.16
CA SER K 212 6.34 16.73 62.95
C SER K 212 7.43 17.40 62.11
N SER K 213 7.38 18.72 61.97
CA SER K 213 8.41 19.42 61.21
C SER K 213 9.79 19.25 61.85
N ILE K 214 9.88 19.38 63.17
CA ILE K 214 11.16 19.20 63.84
C ILE K 214 11.73 17.83 63.52
N LEU K 215 10.95 16.78 63.73
CA LEU K 215 11.48 15.44 63.54
C LEU K 215 11.83 15.18 62.07
N GLU K 216 11.02 15.70 61.14
CA GLU K 216 11.32 15.53 59.71
C GLU K 216 12.68 16.17 59.39
N HIS K 217 12.89 17.42 59.83
CA HIS K 217 14.14 18.09 59.50
C HIS K 217 15.32 17.47 60.24
N CYS K 218 15.12 16.94 61.44
CA CYS K 218 16.20 16.18 62.08
C CYS K 218 16.60 15.00 61.19
N GLY K 219 15.62 14.31 60.61
CA GLY K 219 15.93 13.27 59.65
C GLY K 219 16.71 13.79 58.45
N VAL K 220 16.25 14.90 57.87
CA VAL K 220 16.92 15.45 56.69
C VAL K 220 18.38 15.80 57.00
N PHE K 221 18.65 16.34 58.19
CA PHE K 221 20.04 16.60 58.59
C PHE K 221 20.82 15.29 58.66
N GLU K 222 20.24 14.23 59.24
CA GLU K 222 20.97 12.92 59.37
C GLU K 222 21.18 12.31 57.98
N MET K 223 20.33 12.67 57.03
CA MET K 223 20.44 12.18 55.63
C MET K 223 21.59 12.88 54.91
N GLY K 224 22.15 13.94 55.49
CA GLY K 224 23.22 14.72 54.83
C GLY K 224 22.66 15.70 53.82
N GLN K 225 21.39 16.04 53.94
CA GLN K 225 20.77 16.90 52.94
C GLN K 225 20.52 18.32 53.47
N ALA K 226 21.29 18.72 54.46
CA ALA K 226 21.27 20.09 54.97
C ALA K 226 22.69 20.63 55.14
N ILE K 227 23.53 20.41 54.13
CA ILE K 227 24.93 20.83 54.15
C ILE K 227 25.09 22.09 53.29
N GLY K 228 25.95 23.00 53.73
CA GLY K 228 26.20 24.20 52.94
C GLY K 228 24.96 25.04 52.74
N LEU K 229 24.75 25.47 51.49
CA LEU K 229 23.58 26.29 51.18
C LEU K 229 22.29 25.58 51.57
N PHE K 230 22.29 24.25 51.52
CA PHE K 230 21.08 23.51 51.85
C PHE K 230 20.72 23.61 53.32
N GLU K 231 21.67 23.99 54.18
CA GLU K 231 21.31 24.17 55.58
C GLU K 231 20.31 25.33 55.74
N ARG K 232 20.60 26.48 55.14
CA ARG K 232 19.67 27.61 55.18
C ARG K 232 18.33 27.25 54.55
N TYR K 233 18.37 26.54 53.43
CA TYR K 233 17.13 26.13 52.75
C TYR K 233 16.25 25.34 53.70
N GLN K 234 16.82 24.34 54.37
CA GLN K 234 16.03 23.52 55.27
C GLN K 234 15.61 24.29 56.52
N LEU K 235 16.53 25.06 57.11
CA LEU K 235 16.19 25.74 58.36
C LEU K 235 15.06 26.75 58.17
N LEU K 236 15.08 27.50 57.06
CA LEU K 236 13.98 28.43 56.80
C LEU K 236 12.66 27.67 56.67
N ALA K 237 12.67 26.52 56.01
CA ALA K 237 11.43 25.78 55.89
C ALA K 237 10.95 25.28 57.26
N LEU K 238 11.87 24.78 58.09
CA LEU K 238 11.49 24.37 59.45
C LEU K 238 10.89 25.55 60.22
N ALA K 239 11.56 26.68 60.18
CA ALA K 239 11.13 27.84 60.94
C ALA K 239 9.76 28.34 60.50
N TYR K 240 9.57 28.51 59.18
CA TYR K 240 8.34 29.12 58.69
C TYR K 240 7.18 28.15 58.59
N GLN K 241 7.44 26.87 58.30
CA GLN K 241 6.34 25.92 58.20
C GLN K 241 6.04 25.24 59.52
N GLY K 242 7.08 24.92 60.28
CA GLY K 242 6.96 24.16 61.50
C GLY K 242 6.94 24.97 62.78
N LEU K 243 7.66 26.07 62.83
CA LEU K 243 7.79 26.81 64.08
C LEU K 243 7.04 28.13 64.05
N ASN K 244 6.11 28.29 63.12
CA ASN K 244 5.25 29.48 63.10
C ASN K 244 6.06 30.77 63.11
N ALA K 245 7.17 30.77 62.38
CA ALA K 245 8.03 31.94 62.40
C ALA K 245 7.26 33.17 61.95
N ASN K 246 7.43 34.26 62.69
CA ASN K 246 6.77 35.54 62.42
C ASN K 246 5.25 35.44 62.47
N ASN K 247 4.73 34.38 63.08
CA ASN K 247 3.30 34.14 63.20
C ASN K 247 2.62 33.94 61.85
N MET K 248 3.38 33.58 60.81
CA MET K 248 2.80 33.60 59.46
C MET K 248 1.80 32.48 59.25
N VAL K 249 2.11 31.26 59.69
CA VAL K 249 1.15 30.16 59.56
C VAL K 249 -0.11 30.47 60.38
N TYR K 250 0.07 30.93 61.62
CA TYR K 250 -1.09 31.22 62.47
C TYR K 250 -1.94 32.31 61.85
N GLU K 251 -1.30 33.40 61.43
CA GLU K 251 -2.04 34.56 60.92
C GLU K 251 -2.71 34.25 59.60
N MET K 252 -2.03 33.55 58.71
CA MET K 252 -2.64 33.22 57.42
C MET K 252 -3.84 32.29 57.61
N THR K 253 -3.74 31.37 58.57
CA THR K 253 -4.85 30.49 58.89
C THR K 253 -5.99 31.28 59.50
N LYS K 254 -5.67 32.19 60.42
CA LYS K 254 -6.71 33.04 61.00
C LYS K 254 -7.40 33.88 59.95
N ASN K 255 -6.65 34.53 59.07
CA ASN K 255 -7.22 35.42 58.06
C ASN K 255 -8.09 34.67 57.06
N ASN K 256 -7.90 33.37 56.90
CA ASN K 256 -8.60 32.60 55.88
C ASN K 256 -9.55 31.58 56.49
N GLY K 257 -9.67 31.58 57.82
CA GLY K 257 -10.37 30.51 58.50
C GLY K 257 -11.88 30.57 58.44
N LYS K 258 -12.47 31.76 58.22
CA LYS K 258 -13.92 31.84 58.23
C LYS K 258 -14.52 31.53 56.87
N THR K 259 -13.95 32.09 55.80
CA THR K 259 -14.50 31.94 54.46
C THR K 259 -13.45 31.52 53.43
N GLY K 260 -12.22 31.28 53.84
CA GLY K 260 -11.15 31.04 52.91
C GLY K 260 -11.10 29.64 52.33
N THR K 261 -10.25 29.49 51.32
CA THR K 261 -10.12 28.27 50.55
C THR K 261 -8.64 28.05 50.24
N ILE K 262 -8.33 26.93 49.58
CA ILE K 262 -6.95 26.74 49.12
C ILE K 262 -6.52 27.95 48.31
N GLY K 263 -7.39 28.40 47.40
CA GLY K 263 -7.03 29.50 46.50
C GLY K 263 -6.82 30.83 47.21
N THR K 264 -7.62 31.13 48.22
CA THR K 264 -7.37 32.40 48.91
C THR K 264 -6.06 32.36 49.70
N VAL K 265 -5.66 31.19 50.18
CA VAL K 265 -4.36 31.09 50.86
C VAL K 265 -3.22 31.27 49.87
N VAL K 266 -3.36 30.72 48.65
CA VAL K 266 -2.39 31.00 47.59
C VAL K 266 -2.24 32.50 47.43
N GLN K 267 -3.37 33.19 47.35
CA GLN K 267 -3.34 34.62 47.06
C GLN K 267 -2.66 35.38 48.19
N GLU K 268 -2.97 35.03 49.43
CA GLU K 268 -2.34 35.73 50.55
C GLU K 268 -0.84 35.46 50.59
N THR K 269 -0.41 34.25 50.22
CA THR K 269 1.01 33.93 50.24
C THR K 269 1.77 34.78 49.21
N VAL K 270 1.24 34.88 47.99
CA VAL K 270 1.88 35.72 46.99
C VAL K 270 1.91 37.17 47.45
N GLY K 271 0.79 37.67 47.98
CA GLY K 271 0.75 39.05 48.44
C GLY K 271 1.78 39.32 49.52
N ARG K 272 1.96 38.37 50.43
CA ARG K 272 2.93 38.56 51.51
C ARG K 272 4.34 38.52 50.96
N ALA K 273 4.61 37.60 50.05
CA ALA K 273 5.95 37.55 49.47
C ALA K 273 6.26 38.84 48.73
N LEU K 274 5.27 39.40 48.03
CA LEU K 274 5.48 40.66 47.31
C LEU K 274 5.68 41.82 48.28
N ASP K 275 4.83 41.91 49.30
CA ASP K 275 4.90 43.04 50.22
C ASP K 275 6.21 43.02 51.02
N ASP K 276 6.69 41.82 51.35
CA ASP K 276 7.89 41.64 52.15
C ASP K 276 9.17 41.69 51.32
N GLY K 277 9.07 41.86 50.00
CA GLY K 277 10.24 41.95 49.18
C GLY K 277 10.86 40.62 48.80
N VAL K 278 10.20 39.51 49.11
CA VAL K 278 10.76 38.20 48.78
C VAL K 278 10.72 37.96 47.27
N ILE K 279 9.67 38.44 46.61
CA ILE K 279 9.54 38.35 45.17
C ILE K 279 9.23 39.73 44.61
N SER K 280 9.44 39.88 43.30
CA SER K 280 9.15 41.12 42.59
C SER K 280 8.67 40.78 41.18
N VAL K 281 7.98 41.74 40.56
CA VAL K 281 7.64 41.58 39.16
C VAL K 281 8.93 41.56 38.35
N ASP K 282 9.04 40.57 37.46
CA ASP K 282 10.19 40.41 36.57
C ASP K 282 9.89 40.99 35.19
N LYS K 283 8.91 40.44 34.49
CA LYS K 283 8.50 40.90 33.17
C LYS K 283 6.99 40.74 33.05
N THR K 284 6.43 41.46 32.08
CA THR K 284 5.00 41.42 31.80
C THR K 284 4.79 40.95 30.37
N MET K 285 3.91 39.97 30.23
CA MET K 285 3.58 39.39 28.93
C MET K 285 2.55 40.28 28.23
N PRO K 286 2.39 40.13 26.92
CA PRO K 286 1.45 40.99 26.19
C PRO K 286 0.04 41.00 26.75
N SER K 287 -0.44 39.88 27.28
CA SER K 287 -1.77 39.84 27.87
C SER K 287 -1.88 40.65 29.15
N GLY K 288 -0.76 41.06 29.74
CA GLY K 288 -0.75 41.67 31.04
C GLY K 288 -0.38 40.72 32.17
N TYR K 289 -0.25 39.42 31.88
CA TYR K 289 0.20 38.47 32.89
C TYR K 289 1.62 38.83 33.33
N LYS K 290 1.85 38.86 34.63
CA LYS K 290 3.14 39.23 35.18
C LYS K 290 3.90 37.98 35.60
N VAL K 291 5.12 37.83 35.08
CA VAL K 291 6.07 36.84 35.56
C VAL K 291 6.85 37.44 36.72
N TYR K 292 6.91 36.71 37.84
CA TYR K 292 7.64 37.16 39.01
C TYR K 292 9.03 36.53 39.06
N LYS K 293 9.90 37.14 39.86
CA LYS K 293 11.23 36.59 40.18
C LYS K 293 11.39 36.54 41.68
N ALA K 294 12.17 35.58 42.17
CA ALA K 294 12.44 35.44 43.58
C ALA K 294 13.71 36.21 43.88
N ASN K 295 13.62 37.18 44.78
CA ASN K 295 14.80 37.91 45.19
C ASN K 295 15.62 37.13 46.20
N ASP K 296 14.96 36.28 47.00
CA ASP K 296 15.62 35.40 47.95
C ASP K 296 14.96 34.04 47.74
N VAL K 297 15.68 33.15 47.06
CA VAL K 297 15.10 31.88 46.61
C VAL K 297 14.73 31.01 47.80
N CYS K 298 15.61 30.90 48.79
CA CYS K 298 15.29 30.07 49.95
C CYS K 298 14.10 30.63 50.72
N MET K 299 13.98 31.95 50.82
CA MET K 299 12.86 32.54 51.55
C MET K 299 11.54 32.36 50.80
N TRP K 300 11.57 32.45 49.47
CA TRP K 300 10.38 32.17 48.70
C TRP K 300 9.88 30.76 48.98
N ASN K 301 10.80 29.78 48.99
CA ASN K 301 10.38 28.42 49.33
C ASN K 301 9.74 28.38 50.71
N ALA K 302 10.35 29.09 51.68
CA ALA K 302 9.82 29.09 53.03
C ALA K 302 8.42 29.67 53.08
N TYR K 303 8.17 30.75 52.32
CA TYR K 303 6.82 31.31 52.25
C TYR K 303 5.83 30.31 51.63
N CYS K 304 6.27 29.58 50.60
CA CYS K 304 5.42 28.58 49.98
C CYS K 304 5.16 27.45 50.99
N ALA K 305 6.17 27.10 51.82
CA ALA K 305 5.98 26.06 52.81
C ALA K 305 4.97 26.48 53.86
N ALA K 306 5.07 27.73 54.32
CA ALA K 306 4.07 28.25 55.27
C ALA K 306 2.68 28.28 54.67
N GLY K 307 2.55 28.73 53.42
CA GLY K 307 1.24 28.75 52.78
C GLY K 307 0.63 27.36 52.61
N THR K 308 1.46 26.38 52.26
CA THR K 308 0.98 24.99 52.14
C THR K 308 0.40 24.52 53.46
N MET K 309 1.04 24.87 54.56
CA MET K 309 0.54 24.46 55.87
C MET K 309 -0.74 25.21 56.23
N ALA K 310 -0.75 26.52 56.04
CA ALA K 310 -1.97 27.29 56.32
C ALA K 310 -3.12 26.82 55.43
N ALA K 311 -2.83 26.46 54.17
CA ALA K 311 -3.90 25.96 53.31
C ALA K 311 -4.44 24.62 53.82
N THR K 312 -3.58 23.75 54.33
CA THR K 312 -4.04 22.51 54.95
C THR K 312 -4.95 22.82 56.14
N MET K 313 -4.55 23.75 56.98
CA MET K 313 -5.32 24.07 58.18
C MET K 313 -6.68 24.65 57.79
N VAL K 314 -6.71 25.49 56.76
CA VAL K 314 -7.95 26.09 56.30
C VAL K 314 -8.83 25.04 55.63
N ASN K 315 -8.26 24.23 54.74
CA ASN K 315 -9.12 23.35 53.95
C ASN K 315 -9.50 22.09 54.72
N CYS K 316 -8.53 21.42 55.35
CA CYS K 316 -8.86 20.28 56.21
C CYS K 316 -9.63 20.72 57.44
N GLY K 317 -9.36 21.92 57.94
CA GLY K 317 -10.11 22.41 59.07
C GLY K 317 -11.58 22.63 58.75
N ALA K 318 -11.86 23.12 57.54
CA ALA K 318 -13.27 23.32 57.15
C ALA K 318 -13.97 21.98 56.96
N LEU K 319 -13.28 21.02 56.37
CA LEU K 319 -13.82 19.68 56.20
C LEU K 319 -13.91 18.92 57.51
N ARG K 320 -13.14 19.34 58.52
CA ARG K 320 -12.85 18.54 59.71
C ARG K 320 -12.54 17.11 59.29
N GLY K 321 -11.68 17.00 58.27
CA GLY K 321 -11.38 15.74 57.65
C GLY K 321 -9.97 15.70 57.11
N ALA K 322 -9.27 14.58 57.33
CA ALA K 322 -7.87 14.51 56.96
C ALA K 322 -7.65 14.35 55.46
N GLN K 323 -8.58 13.76 54.73
CA GLN K 323 -8.26 13.30 53.38
C GLN K 323 -7.89 14.44 52.44
N ALA K 324 -8.44 15.63 52.67
CA ALA K 324 -8.19 16.76 51.78
C ALA K 324 -6.75 17.25 51.83
N VAL K 325 -5.90 16.71 52.70
CA VAL K 325 -4.52 17.18 52.74
C VAL K 325 -3.79 16.85 51.45
N SER K 326 -4.13 15.72 50.82
CA SER K 326 -3.40 15.35 49.60
C SER K 326 -3.67 16.34 48.48
N SER K 327 -4.95 16.71 48.29
CA SER K 327 -5.27 17.66 47.23
C SER K 327 -4.80 19.08 47.62
N THR K 328 -4.80 19.40 48.91
CA THR K 328 -4.36 20.75 49.32
C THR K 328 -2.89 20.96 48.96
N LEU K 329 -2.05 20.01 49.26
CA LEU K 329 -0.60 20.19 48.97
C LEU K 329 -0.39 20.27 47.45
N LEU K 330 -1.20 19.50 46.72
CA LEU K 330 -1.06 19.49 45.24
C LEU K 330 -1.49 20.85 44.67
N TYR K 331 -2.71 21.24 44.96
CA TYR K 331 -3.29 22.46 44.30
C TYR K 331 -2.75 23.78 44.85
N PHE K 332 -2.35 23.80 46.12
CA PHE K 332 -1.72 25.05 46.58
C PHE K 332 -0.51 25.33 45.71
N ASN K 333 0.31 24.29 45.54
CA ASN K 333 1.59 24.47 44.80
C ASN K 333 1.41 24.56 43.28
N ASP K 334 0.52 23.75 42.72
CA ASP K 334 0.24 23.89 41.30
C ASP K 334 -0.26 25.31 41.01
N MET K 335 -1.23 25.78 41.80
CA MET K 335 -1.84 27.11 41.50
C MET K 335 -0.88 28.28 41.83
N ILE K 336 -0.03 28.15 42.85
CA ILE K 336 0.89 29.26 43.10
C ILE K 336 1.90 29.40 41.97
N GLU K 337 2.29 28.29 41.35
CA GLU K 337 3.14 28.41 40.17
C GLU K 337 2.39 29.08 39.02
N LYS K 338 1.13 28.70 38.81
CA LYS K 338 0.39 29.35 37.72
C LYS K 338 0.17 30.82 38.00
N GLU K 339 0.04 31.18 39.28
CA GLU K 339 -0.15 32.56 39.67
C GLU K 339 1.09 33.41 39.46
N THR K 340 2.29 32.81 39.54
CA THR K 340 3.51 33.61 39.61
C THR K 340 4.56 33.29 38.56
N SER K 341 4.51 32.11 37.94
CA SER K 341 5.63 31.57 37.14
C SER K 341 6.90 31.35 37.94
N LEU K 342 6.77 31.27 39.26
CA LEU K 342 7.81 30.79 40.15
C LEU K 342 7.49 29.37 40.58
N PRO K 343 8.53 28.56 40.81
CA PRO K 343 8.29 27.20 41.29
C PRO K 343 7.77 27.19 42.72
N GLY K 344 6.96 26.18 43.02
CA GLY K 344 6.31 26.01 44.29
C GLY K 344 7.20 25.31 45.31
N CYS K 345 6.57 24.88 46.40
CA CYS K 345 7.31 24.43 47.57
C CYS K 345 8.18 23.23 47.23
N ASP K 346 9.45 23.30 47.62
CA ASP K 346 10.42 22.23 47.35
C ASP K 346 10.52 21.97 45.85
N TRP K 347 10.26 23.02 45.07
CA TRP K 347 10.49 23.08 43.63
C TRP K 347 9.76 21.97 42.88
N GLY K 348 8.52 21.69 43.27
CA GLY K 348 7.72 20.66 42.68
C GLY K 348 7.64 19.38 43.50
N ARG K 349 8.50 19.23 44.51
CA ARG K 349 8.54 17.97 45.27
C ARG K 349 7.41 17.85 46.29
N VAL K 350 6.87 18.95 46.81
CA VAL K 350 5.64 18.81 47.59
C VAL K 350 4.47 18.45 46.68
N GLU K 351 4.34 19.16 45.54
CA GLU K 351 3.29 18.84 44.57
C GLU K 351 3.39 17.39 44.12
N GLY K 352 4.60 16.93 43.77
CA GLY K 352 4.77 15.55 43.33
C GLY K 352 4.44 14.55 44.40
N THR K 353 4.96 14.76 45.62
CA THR K 353 4.55 13.92 46.74
C THR K 353 3.02 13.89 46.82
N ALA K 354 2.39 15.05 46.70
CA ALA K 354 0.93 15.13 46.85
C ALA K 354 0.21 14.37 45.75
N VAL K 355 0.77 14.36 44.53
CA VAL K 355 0.16 13.61 43.42
C VAL K 355 0.09 12.12 43.78
N GLY K 356 1.23 11.54 44.18
CA GLY K 356 1.23 10.14 44.54
C GLY K 356 0.47 9.85 45.81
N PHE K 357 0.53 10.78 46.77
CA PHE K 357 -0.21 10.63 48.03
C PHE K 357 -1.70 10.66 47.78
N SER K 358 -2.17 11.53 46.87
CA SER K 358 -3.58 11.53 46.50
C SER K 358 -3.97 10.18 45.92
N PHE K 359 -3.20 9.70 44.94
CA PHE K 359 -3.46 8.40 44.33
C PHE K 359 -3.52 7.29 45.37
N PHE K 360 -2.54 7.23 46.26
CA PHE K 360 -2.42 6.15 47.22
C PHE K 360 -3.26 6.38 48.46
N SER K 361 -4.12 7.39 48.44
CA SER K 361 -5.14 7.55 49.47
C SER K 361 -6.54 7.56 48.87
N HIS K 362 -6.67 7.15 47.60
CA HIS K 362 -7.97 7.10 46.92
C HIS K 362 -8.04 5.94 45.92
N SER K 363 -7.16 4.94 46.01
CA SER K 363 -7.09 3.88 45.02
C SER K 363 -6.96 2.51 45.66
N ILE K 364 -6.98 1.47 44.81
CA ILE K 364 -6.86 0.11 45.29
C ILE K 364 -5.44 -0.32 45.63
N TYR K 365 -4.43 0.45 45.27
CA TYR K 365 -3.08 -0.14 45.11
C TYR K 365 -2.22 -0.17 46.37
N GLY K 366 -2.55 0.58 47.39
CA GLY K 366 -1.72 0.63 48.59
C GLY K 366 -2.07 1.88 49.38
N GLY K 367 -1.10 2.36 50.16
CA GLY K 367 -1.36 3.48 51.04
C GLY K 367 -2.44 3.22 52.06
N GLY K 368 -3.43 4.10 52.10
CA GLY K 368 -4.45 4.12 53.13
C GLY K 368 -4.91 5.54 53.36
N GLY K 369 -5.59 5.79 54.48
CA GLY K 369 -5.88 7.13 54.92
C GLY K 369 -4.61 7.86 55.33
N PRO K 370 -4.70 9.17 55.45
CA PRO K 370 -3.50 9.98 55.77
C PRO K 370 -2.72 9.51 56.99
N GLY K 371 -3.39 8.89 57.96
CA GLY K 371 -2.73 8.56 59.21
C GLY K 371 -1.68 7.47 59.10
N VAL K 372 -1.70 6.70 58.01
CA VAL K 372 -0.76 5.58 57.88
C VAL K 372 0.56 6.04 57.24
N PHE K 373 0.63 7.25 56.75
CA PHE K 373 1.82 7.72 56.05
C PHE K 373 2.84 8.30 57.04
N ASN K 374 4.05 8.51 56.53
CA ASN K 374 5.18 8.98 57.32
C ASN K 374 6.27 9.36 56.33
N GLY K 375 7.32 10.00 56.85
CA GLY K 375 8.39 10.47 56.00
C GLY K 375 9.28 9.38 55.45
N ASN K 376 9.15 8.14 55.95
CA ASN K 376 9.87 6.99 55.38
C ASN K 376 9.00 6.16 54.46
N HIS K 377 7.72 6.50 54.34
CA HIS K 377 6.83 5.78 53.44
C HIS K 377 7.23 6.06 52.00
N VAL K 378 7.20 5.02 51.17
CA VAL K 378 7.64 5.18 49.78
C VAL K 378 6.82 6.26 49.08
N VAL K 379 5.56 6.45 49.47
CA VAL K 379 4.70 7.43 48.80
C VAL K 379 5.06 8.85 49.22
N THR K 380 5.39 9.05 50.50
CA THR K 380 5.44 10.39 51.07
C THR K 380 6.83 10.85 51.51
N ARG K 381 7.89 10.17 51.08
CA ARG K 381 9.25 10.48 51.49
C ARG K 381 9.90 11.59 50.66
N HIS K 382 9.29 12.01 49.56
CA HIS K 382 10.06 12.70 48.51
C HIS K 382 10.41 14.16 48.79
N SER K 383 9.59 14.88 49.53
CA SER K 383 10.02 16.23 49.92
C SER K 383 10.88 16.12 51.18
N THR K 384 11.86 17.02 51.30
CA THR K 384 12.70 17.06 52.51
C THR K 384 11.97 17.80 53.63
N GLY K 385 10.92 17.17 54.13
CA GLY K 385 10.30 17.58 55.37
C GLY K 385 9.14 18.54 55.24
N MET K 386 8.72 18.87 54.02
CA MET K 386 7.78 19.99 53.82
C MET K 386 6.38 19.48 53.51
N ALA K 387 6.16 18.16 53.53
CA ALA K 387 4.84 17.59 53.28
C ALA K 387 4.27 16.87 54.49
N ILE K 388 5.05 16.01 55.14
CA ILE K 388 4.51 15.19 56.27
C ILE K 388 3.94 16.06 57.41
N PRO K 389 4.54 17.21 57.81
CA PRO K 389 3.94 18.00 58.90
C PRO K 389 2.49 18.36 58.57
N CYS K 390 2.23 18.65 57.30
CA CYS K 390 0.84 19.00 56.87
C CYS K 390 -0.06 17.78 57.01
N VAL K 391 0.47 16.62 56.66
CA VAL K 391 -0.32 15.35 56.78
C VAL K 391 -0.66 15.13 58.26
N ALA K 392 0.32 15.30 59.15
CA ALA K 392 0.03 15.06 60.56
C ALA K 392 -1.01 16.05 61.08
N VAL K 393 -0.92 17.32 60.61
CA VAL K 393 -1.88 18.35 60.99
C VAL K 393 -3.27 17.96 60.53
N ALA K 394 -3.38 17.46 59.29
CA ALA K 394 -4.70 17.08 58.77
C ALA K 394 -5.27 15.92 59.59
N VAL K 395 -4.43 14.97 59.96
CA VAL K 395 -4.86 13.87 60.81
C VAL K 395 -5.38 14.41 62.15
N ALA K 396 -4.70 15.41 62.72
CA ALA K 396 -5.13 15.97 64.01
C ALA K 396 -6.47 16.68 63.90
N LEU K 397 -6.75 17.33 62.75
CA LEU K 397 -7.97 18.13 62.56
C LEU K 397 -9.19 17.28 62.24
N ASP K 398 -8.99 16.01 61.91
CA ASP K 398 -10.10 15.15 61.52
C ASP K 398 -11.05 14.93 62.69
N ALA K 399 -12.35 15.09 62.45
CA ALA K 399 -13.33 14.99 63.52
C ALA K 399 -14.02 13.62 63.59
N GLY K 400 -13.62 12.66 62.76
CA GLY K 400 -14.10 11.30 62.86
C GLY K 400 -14.47 10.67 61.54
N THR K 401 -13.72 10.94 60.47
CA THR K 401 -14.04 10.36 59.19
C THR K 401 -13.21 9.14 58.87
N GLN K 402 -12.17 8.84 59.65
CA GLN K 402 -11.19 7.82 59.29
C GLN K 402 -11.47 6.47 59.94
N MET K 403 -11.18 5.38 59.20
CA MET K 403 -11.18 4.06 59.84
C MET K 403 -9.95 3.80 60.68
N PHE K 404 -8.79 4.18 60.17
CA PHE K 404 -7.52 3.93 60.84
C PHE K 404 -7.11 5.27 61.43
N SER K 405 -7.63 5.54 62.61
CA SER K 405 -7.59 6.83 63.25
C SER K 405 -6.55 6.83 64.35
N PRO K 406 -6.17 8.00 64.84
CA PRO K 406 -5.23 8.01 65.97
C PRO K 406 -5.71 7.18 67.14
N GLU K 407 -6.99 7.24 67.44
CA GLU K 407 -7.53 6.52 68.59
C GLU K 407 -7.57 5.02 68.34
N SER K 408 -7.64 4.59 67.08
CA SER K 408 -7.70 3.17 66.79
C SER K 408 -6.32 2.55 66.59
N THR K 409 -5.30 3.33 66.23
CA THR K 409 -3.98 2.77 65.97
C THR K 409 -2.91 3.18 66.96
N SER K 410 -3.12 4.27 67.71
CA SER K 410 -2.05 4.93 68.45
C SER K 410 -2.47 5.32 69.86
N ALA K 411 -3.46 4.65 70.44
CA ALA K 411 -3.98 5.10 71.73
C ALA K 411 -2.91 5.10 72.80
N ILE K 412 -2.02 4.10 72.80
CA ILE K 412 -1.00 4.04 73.84
C ILE K 412 0.01 5.17 73.69
N VAL K 413 0.19 5.71 72.48
CA VAL K 413 1.09 6.86 72.30
C VAL K 413 0.55 8.06 73.05
N LEU K 414 -0.75 8.29 72.98
CA LEU K 414 -1.34 9.41 73.71
C LEU K 414 -1.05 9.28 75.20
N ASP K 415 -1.39 8.14 75.78
CA ASP K 415 -1.12 7.95 77.21
C ASP K 415 0.34 8.15 77.55
N THR K 416 1.24 7.68 76.68
CA THR K 416 2.66 7.66 77.01
C THR K 416 3.24 9.06 77.00
N PHE K 417 2.78 9.93 76.09
CA PHE K 417 3.40 11.23 75.91
C PHE K 417 2.54 12.41 76.37
N GLN K 418 1.36 12.16 76.95
CA GLN K 418 0.45 13.23 77.34
C GLN K 418 1.07 14.20 78.34
N ASP K 419 1.99 13.72 79.19
CA ASP K 419 2.60 14.52 80.25
CA ASP K 419 2.59 14.54 80.23
C ASP K 419 4.07 14.84 79.97
N VAL K 420 4.55 14.61 78.76
CA VAL K 420 5.95 14.85 78.42
C VAL K 420 6.10 16.28 77.92
N PRO K 421 6.86 17.14 78.60
CA PRO K 421 6.81 18.58 78.30
C PRO K 421 7.12 18.95 76.85
N ILE K 422 8.09 18.31 76.21
CA ILE K 422 8.44 18.73 74.85
C ILE K 422 7.30 18.51 73.88
N MET K 423 6.44 17.52 74.15
CA MET K 423 5.29 17.24 73.29
C MET K 423 4.08 18.08 73.69
N MET K 424 4.02 18.51 74.95
CA MET K 424 2.90 19.33 75.39
C MET K 424 2.96 20.75 74.84
N ASN K 425 4.17 21.33 74.75
CA ASN K 425 4.31 22.72 74.31
C ASN K 425 5.59 22.90 73.52
N PRO K 426 5.70 22.25 72.36
CA PRO K 426 6.96 22.29 71.61
C PRO K 426 7.41 23.67 71.23
N LEU K 427 6.51 24.55 70.81
CA LEU K 427 6.94 25.89 70.41
C LEU K 427 7.51 26.66 71.60
N LYS K 428 6.85 26.58 72.75
CA LYS K 428 7.37 27.28 73.91
C LYS K 428 8.70 26.70 74.36
N GLU K 429 8.89 25.39 74.23
CA GLU K 429 10.15 24.80 74.69
C GLU K 429 11.29 25.13 73.74
N VAL K 430 11.02 25.13 72.43
CA VAL K 430 12.06 25.52 71.47
C VAL K 430 12.50 26.95 71.73
N ALA K 431 11.56 27.86 71.96
CA ALA K 431 11.90 29.25 72.22
C ALA K 431 12.66 29.41 73.53
N ALA K 432 12.25 28.66 74.57
CA ALA K 432 12.92 28.76 75.87
C ALA K 432 14.35 28.24 75.83
N ALA K 433 14.66 27.34 74.87
CA ALA K 433 16.00 26.79 74.75
C ALA K 433 16.96 27.75 74.06
N VAL K 434 16.45 28.76 73.38
CA VAL K 434 17.30 29.73 72.69
C VAL K 434 18.11 30.50 73.73
N ALA L 2 -5.81 44.18 49.09
CA ALA L 2 -5.30 42.82 49.04
C ALA L 2 -4.67 42.51 47.70
N TYR L 3 -4.04 41.36 47.60
CA TYR L 3 -3.44 40.95 46.35
C TYR L 3 -4.54 40.62 45.34
N THR L 4 -4.33 41.02 44.09
CA THR L 4 -5.30 40.77 43.03
C THR L 4 -4.84 39.60 42.19
N PRO L 5 -5.55 38.48 42.18
CA PRO L 5 -5.07 37.33 41.41
C PRO L 5 -5.14 37.58 39.91
N GLN L 6 -4.17 36.98 39.21
CA GLN L 6 -4.17 36.94 37.76
C GLN L 6 -4.39 35.53 37.20
N TYR L 7 -4.19 34.51 38.03
CA TYR L 7 -4.55 33.11 37.81
C TYR L 7 -3.73 32.29 36.82
N TYR L 8 -3.61 32.79 35.58
CA TYR L 8 -3.10 31.96 34.49
C TYR L 8 -2.75 32.85 33.30
N PRO L 9 -1.69 32.55 32.55
CA PRO L 9 -1.29 33.38 31.41
C PRO L 9 -2.14 33.06 30.18
N GLY L 10 -1.79 33.69 29.06
CA GLY L 10 -2.46 33.40 27.81
C GLY L 10 -3.44 34.47 27.41
N SER L 11 -3.58 34.67 26.10
CA SER L 11 -4.43 35.72 25.57
C SER L 11 -5.56 35.24 24.68
N SER L 12 -5.63 33.96 24.33
CA SER L 12 -6.72 33.49 23.50
C SER L 12 -8.01 33.38 24.32
N HIS L 13 -9.14 33.16 23.62
CA HIS L 13 -10.40 32.97 24.32
C HIS L 13 -10.40 31.71 25.16
N VAL L 14 -9.57 30.72 24.82
CA VAL L 14 -9.42 29.53 25.65
C VAL L 14 -8.77 29.90 26.98
N ALA L 15 -7.74 30.75 26.95
CA ALA L 15 -7.15 31.20 28.21
C ALA L 15 -8.12 32.03 29.02
N VAL L 16 -8.91 32.88 28.34
CA VAL L 16 -9.96 33.63 29.03
C VAL L 16 -10.92 32.66 29.72
N ASN L 17 -11.36 31.61 29.02
CA ASN L 17 -12.22 30.61 29.63
C ASN L 17 -11.54 29.95 30.83
N ARG L 18 -10.25 29.63 30.71
CA ARG L 18 -9.56 29.01 31.84
C ARG L 18 -9.60 29.91 33.05
N ARG L 19 -9.41 31.22 32.86
CA ARG L 19 -9.47 32.16 33.98
C ARG L 19 -10.89 32.28 34.53
N LYS L 20 -11.91 32.16 33.69
CA LYS L 20 -13.28 32.12 34.19
C LYS L 20 -13.47 30.93 35.14
N HIS L 21 -13.02 29.74 34.74
CA HIS L 21 -13.20 28.57 35.59
C HIS L 21 -12.46 28.74 36.91
N MET L 22 -11.21 29.22 36.85
CA MET L 22 -10.43 29.38 38.06
C MET L 22 -11.07 30.40 39.00
N SER L 23 -11.50 31.55 38.46
CA SER L 23 -12.07 32.64 39.25
C SER L 23 -13.51 32.38 39.65
N GLY L 24 -14.11 31.30 39.15
CA GLY L 24 -15.48 30.99 39.46
C GLY L 24 -16.50 31.82 38.72
N ASP L 25 -16.07 32.58 37.71
N ASP L 25 -16.07 32.61 37.74
CA ASP L 25 -16.96 33.46 36.94
CA ASP L 25 -16.98 33.46 36.98
C ASP L 25 -17.53 32.67 35.76
C ASP L 25 -17.52 32.68 35.78
N VAL L 26 -18.37 31.70 36.09
CA VAL L 26 -18.97 30.80 35.13
C VAL L 26 -20.47 31.05 35.02
N GLU L 27 -20.95 31.21 33.79
CA GLU L 27 -22.35 31.52 33.54
C GLU L 27 -23.25 30.33 33.85
N LYS L 28 -24.39 30.61 34.49
CA LYS L 28 -25.41 29.59 34.70
C LYS L 28 -26.22 29.42 33.43
N LEU L 29 -26.33 28.18 32.95
CA LEU L 29 -26.98 27.88 31.68
C LEU L 29 -28.22 27.01 31.81
N ARG L 30 -28.41 26.34 32.95
CA ARG L 30 -29.54 25.43 33.09
C ARG L 30 -29.84 25.29 34.57
N THR L 31 -31.01 24.72 34.85
CA THR L 31 -31.43 24.44 36.21
C THR L 31 -31.60 22.94 36.37
N VAL L 32 -31.05 22.42 37.48
CA VAL L 32 -31.26 21.03 37.91
C VAL L 32 -31.85 21.07 39.31
N SER L 33 -33.01 20.45 39.48
CA SER L 33 -33.63 20.44 40.80
C SER L 33 -32.78 19.67 41.81
N ASP L 34 -32.94 20.04 43.09
CA ASP L 34 -32.25 19.32 44.17
C ASP L 34 -32.54 17.82 44.10
N ASP L 35 -33.82 17.45 43.96
CA ASP L 35 -34.18 16.03 43.96
C ASP L 35 -33.56 15.31 42.77
N ASP L 36 -33.55 15.95 41.60
CA ASP L 36 -32.96 15.31 40.42
C ASP L 36 -31.47 15.09 40.62
N LEU L 37 -30.76 16.10 41.15
CA LEU L 37 -29.32 15.97 41.35
C LEU L 37 -29.01 14.91 42.40
N VAL L 38 -29.76 14.90 43.50
CA VAL L 38 -29.57 13.88 44.53
C VAL L 38 -29.82 12.49 43.95
N ALA L 39 -30.86 12.32 43.12
CA ALA L 39 -31.12 11.03 42.50
C ALA L 39 -29.95 10.62 41.63
N ALA L 40 -29.40 11.56 40.85
CA ALA L 40 -28.29 11.23 39.97
C ALA L 40 -27.02 10.86 40.75
N LEU L 41 -26.80 11.52 41.89
CA LEU L 41 -25.59 11.27 42.66
C LEU L 41 -25.62 9.91 43.36
N GLY L 42 -26.80 9.46 43.75
CA GLY L 42 -26.96 8.07 44.15
C GLY L 42 -26.57 7.72 45.58
N HIS L 43 -26.41 8.71 46.45
CA HIS L 43 -25.94 8.46 47.81
C HIS L 43 -27.05 8.39 48.84
N ARG L 44 -28.24 8.92 48.52
CA ARG L 44 -29.36 8.89 49.45
C ARG L 44 -30.60 9.10 48.60
N ALA L 45 -31.75 8.72 49.14
CA ALA L 45 -32.99 8.95 48.40
C ALA L 45 -33.32 10.44 48.43
N PRO L 46 -33.83 10.99 47.33
CA PRO L 46 -34.29 12.39 47.37
C PRO L 46 -35.21 12.62 48.55
N GLY L 47 -34.92 13.70 49.29
CA GLY L 47 -35.69 14.05 50.45
C GLY L 47 -35.28 13.39 51.75
N ALA L 48 -34.39 12.40 51.71
CA ALA L 48 -33.98 11.69 52.91
C ALA L 48 -33.02 12.53 53.74
N ASP L 49 -33.03 12.29 55.06
CA ASP L 49 -32.07 12.95 55.93
C ASP L 49 -30.65 12.54 55.52
N TYR L 50 -29.71 13.44 55.72
CA TYR L 50 -28.32 13.08 55.45
C TYR L 50 -27.85 12.06 56.46
N PRO L 51 -27.34 10.91 56.04
CA PRO L 51 -26.67 10.03 57.01
C PRO L 51 -25.45 10.71 57.60
N SER L 52 -24.97 10.17 58.70
CA SER L 52 -23.80 10.73 59.35
C SER L 52 -22.72 9.67 59.48
N THR L 53 -21.47 10.13 59.46
CA THR L 53 -20.34 9.27 59.77
C THR L 53 -19.84 9.49 61.19
N HIS L 54 -20.09 10.64 61.79
CA HIS L 54 -19.82 10.86 63.21
C HIS L 54 -20.84 11.86 63.72
N PRO L 55 -20.95 12.01 65.03
CA PRO L 55 -21.97 12.91 65.58
C PRO L 55 -21.69 14.35 65.21
N PRO L 56 -22.69 15.23 65.29
CA PRO L 56 -22.44 16.65 65.03
C PRO L 56 -21.39 17.21 65.98
N LEU L 57 -20.61 18.17 65.48
CA LEU L 57 -19.52 18.71 66.28
C LEU L 57 -20.01 19.28 67.60
N ALA L 58 -21.16 19.94 67.58
CA ALA L 58 -21.69 20.55 68.79
C ALA L 58 -22.11 19.52 69.83
N GLU L 59 -22.39 18.30 69.39
CA GLU L 59 -22.82 17.25 70.31
C GLU L 59 -21.64 16.54 70.94
N MET L 60 -20.56 16.33 70.20
CA MET L 60 -19.45 15.55 70.82
C MET L 60 -18.36 16.47 71.36
N GLY L 61 -18.37 17.74 71.01
CA GLY L 61 -17.27 18.61 71.37
C GLY L 61 -16.05 18.23 70.55
N GLU L 62 -15.00 19.03 70.74
CA GLU L 62 -13.75 18.84 69.96
C GLU L 62 -12.54 19.04 70.86
N PRO L 63 -11.35 18.57 70.45
CA PRO L 63 -10.15 18.82 71.22
C PRO L 63 -9.81 20.31 71.30
N ASP L 64 -9.09 20.70 72.35
CA ASP L 64 -8.66 22.10 72.52
C ASP L 64 -7.57 22.37 71.49
N CYS L 65 -7.94 22.89 70.35
CA CYS L 65 -7.01 23.10 69.26
C CYS L 65 -7.16 24.53 68.77
N PRO L 66 -6.11 25.33 68.74
CA PRO L 66 -6.26 26.70 68.26
C PRO L 66 -6.66 26.79 66.81
N VAL L 67 -6.35 25.78 65.98
CA VAL L 67 -6.77 25.85 64.59
C VAL L 67 -8.26 25.58 64.47
N ARG L 68 -8.74 24.49 65.09
CA ARG L 68 -10.18 24.25 65.09
C ARG L 68 -10.94 25.47 65.56
N GLN L 69 -10.40 26.20 66.54
CA GLN L 69 -11.09 27.31 67.15
C GLN L 69 -11.13 28.54 66.26
N MET L 70 -10.38 28.55 65.16
CA MET L 70 -10.37 29.68 64.24
C MET L 70 -10.66 29.33 62.79
N VAL L 71 -10.92 28.07 62.47
CA VAL L 71 -11.35 27.64 61.13
C VAL L 71 -12.78 27.14 61.23
N GLU L 72 -13.67 27.79 60.53
CA GLU L 72 -15.08 27.50 60.63
C GLU L 72 -15.38 26.23 59.84
N PRO L 73 -16.01 25.23 60.46
CA PRO L 73 -16.39 24.05 59.69
C PRO L 73 -17.46 24.39 58.66
N THR L 74 -17.45 23.64 57.55
CA THR L 74 -18.53 23.74 56.60
C THR L 74 -19.81 23.23 57.25
N PRO L 75 -20.97 23.56 56.67
CA PRO L 75 -22.24 23.01 57.18
C PRO L 75 -22.24 21.49 57.27
N GLY L 76 -21.71 20.81 56.25
CA GLY L 76 -21.67 19.36 56.27
C GLY L 76 -20.76 18.81 57.34
N ALA L 77 -19.64 19.49 57.62
CA ALA L 77 -18.76 19.04 58.68
C ALA L 77 -19.38 19.24 60.05
N ALA L 78 -19.97 20.42 60.30
CA ALA L 78 -20.69 20.65 61.55
C ALA L 78 -21.72 19.55 61.80
N ALA L 79 -22.38 19.07 60.73
CA ALA L 79 -23.43 18.08 60.89
C ALA L 79 -22.92 16.65 60.98
N GLY L 80 -21.66 16.42 60.60
CA GLY L 80 -21.13 15.07 60.64
C GLY L 80 -21.49 14.23 59.44
N ASP L 81 -21.77 14.84 58.30
CA ASP L 81 -22.13 14.09 57.11
C ASP L 81 -21.01 13.14 56.68
N ARG L 82 -21.41 12.09 55.96
CA ARG L 82 -20.44 11.27 55.25
C ARG L 82 -19.68 12.14 54.26
N VAL L 83 -18.46 11.75 53.95
CA VAL L 83 -17.78 12.32 52.79
C VAL L 83 -18.25 11.52 51.58
N ARG L 84 -18.92 12.18 50.64
CA ARG L 84 -19.36 11.56 49.40
C ARG L 84 -18.76 12.37 48.23
N TYR L 85 -19.20 12.10 47.01
CA TYR L 85 -18.46 12.60 45.86
C TYR L 85 -19.37 12.86 44.67
N SER L 86 -18.86 13.70 43.77
CA SER L 86 -19.34 13.80 42.41
C SER L 86 -18.14 13.56 41.50
N GLN L 87 -18.37 12.93 40.36
CA GLN L 87 -17.28 12.68 39.44
C GLN L 87 -17.76 12.91 38.02
N PHE L 88 -16.99 13.66 37.25
CA PHE L 88 -17.32 14.02 35.88
C PHE L 88 -16.24 13.56 34.92
N THR L 89 -16.68 13.16 33.72
CA THR L 89 -15.81 12.88 32.59
C THR L 89 -16.14 13.92 31.51
N ASP L 90 -15.11 14.39 30.79
CA ASP L 90 -15.24 15.46 29.81
C ASP L 90 -14.58 15.05 28.51
N SER L 91 -15.28 15.23 27.40
CA SER L 91 -14.74 14.87 26.10
C SER L 91 -13.58 15.77 25.68
N MET L 92 -12.56 15.16 25.06
CA MET L 92 -11.50 15.92 24.45
C MET L 92 -11.94 16.63 23.17
N TYR L 93 -13.16 16.35 22.69
CA TYR L 93 -13.73 17.05 21.53
C TYR L 93 -14.43 18.31 22.02
N SER L 94 -13.63 19.20 22.60
CA SER L 94 -14.04 20.56 22.94
C SER L 94 -15.11 20.65 24.02
N ALA L 95 -15.15 19.71 24.96
CA ALA L 95 -16.01 19.92 26.12
C ALA L 95 -15.62 21.23 26.79
N PRO L 96 -16.55 21.91 27.43
CA PRO L 96 -16.16 23.14 28.15
C PRO L 96 -15.03 22.94 29.15
N SER L 97 -15.07 21.86 29.92
CA SER L 97 -14.15 21.64 31.02
C SER L 97 -13.05 20.67 30.65
N ILE L 98 -11.90 20.85 31.30
CA ILE L 98 -10.78 19.91 31.29
C ILE L 98 -10.45 19.60 32.76
N PRO L 99 -9.96 18.40 33.05
CA PRO L 99 -9.85 17.97 34.46
C PRO L 99 -9.13 18.91 35.42
N TYR L 100 -7.93 19.41 35.10
CA TYR L 100 -7.22 20.24 36.08
C TYR L 100 -8.00 21.51 36.40
N PHE L 101 -8.69 22.08 35.41
CA PHE L 101 -9.41 23.32 35.66
C PHE L 101 -10.69 23.11 36.45
N ARG L 102 -11.29 21.93 36.36
CA ARG L 102 -12.33 21.58 37.32
C ARG L 102 -11.78 21.57 38.74
N SER L 103 -10.59 21.00 38.91
CA SER L 103 -10.02 20.96 40.24
C SER L 103 -9.66 22.35 40.71
N TYR L 104 -9.15 23.21 39.82
CA TYR L 104 -8.84 24.58 40.27
C TYR L 104 -10.11 25.33 40.63
N TYR L 105 -11.19 25.12 39.87
CA TYR L 105 -12.46 25.74 40.22
C TYR L 105 -12.87 25.35 41.63
N ALA L 106 -12.79 24.05 41.95
CA ALA L 106 -13.14 23.59 43.28
C ALA L 106 -12.25 24.20 44.36
N ALA L 107 -10.93 24.16 44.12
CA ALA L 107 -9.96 24.53 45.15
C ALA L 107 -9.95 26.03 45.41
N ILE L 108 -10.33 26.83 44.42
CA ILE L 108 -10.32 28.28 44.57
C ILE L 108 -11.61 28.76 45.21
N ASN L 109 -12.75 28.16 44.83
CA ASN L 109 -14.05 28.75 45.08
C ASN L 109 -14.90 28.05 46.12
N PHE L 110 -14.45 26.90 46.65
CA PHE L 110 -15.22 26.13 47.61
C PHE L 110 -14.36 25.74 48.80
N ARG L 111 -14.98 25.72 49.98
CA ARG L 111 -14.31 25.39 51.22
C ARG L 111 -14.43 23.89 51.52
N GLY L 112 -13.38 23.36 52.14
CA GLY L 112 -13.38 21.98 52.61
C GLY L 112 -13.64 20.95 51.53
N VAL L 113 -12.89 21.01 50.43
CA VAL L 113 -13.07 20.08 49.33
C VAL L 113 -11.78 19.29 49.08
N ASP L 114 -11.95 18.11 48.48
CA ASP L 114 -10.87 17.18 48.16
C ASP L 114 -10.97 16.84 46.68
N PRO L 115 -10.51 17.72 45.80
CA PRO L 115 -10.58 17.43 44.36
C PRO L 115 -9.43 16.55 43.90
N GLY L 116 -9.72 15.73 42.88
CA GLY L 116 -8.73 14.87 42.26
C GLY L 116 -8.81 14.91 40.75
N THR L 117 -7.66 15.03 40.10
CA THR L 117 -7.57 15.16 38.65
C THR L 117 -6.97 13.90 38.05
N LEU L 118 -7.64 13.37 37.02
CA LEU L 118 -7.16 12.24 36.22
C LEU L 118 -7.51 12.53 34.77
N SER L 119 -7.01 11.71 33.84
CA SER L 119 -7.29 12.02 32.44
C SER L 119 -8.75 11.81 32.05
N GLY L 120 -9.36 10.71 32.51
CA GLY L 120 -10.70 10.35 32.10
C GLY L 120 -11.78 10.57 33.14
N ARG L 121 -11.46 11.23 34.24
CA ARG L 121 -12.36 11.44 35.35
C ARG L 121 -11.77 12.55 36.20
N GLN L 122 -12.66 13.34 36.82
CA GLN L 122 -12.29 14.33 37.81
C GLN L 122 -13.31 14.22 38.93
N ILE L 123 -12.82 14.21 40.17
CA ILE L 123 -13.65 13.92 41.34
C ILE L 123 -13.55 15.06 42.33
N VAL L 124 -14.68 15.34 43.00
CA VAL L 124 -14.72 16.21 44.17
C VAL L 124 -15.34 15.41 45.30
N GLU L 125 -14.54 15.12 46.33
CA GLU L 125 -15.05 14.57 47.59
C GLU L 125 -15.21 15.70 48.60
N ALA L 126 -16.31 15.67 49.35
CA ALA L 126 -16.59 16.63 50.40
C ALA L 126 -17.70 16.07 51.26
N ARG L 127 -17.96 16.71 52.40
CA ARG L 127 -19.14 16.36 53.17
C ARG L 127 -20.35 16.42 52.24
N GLU L 128 -21.26 15.47 52.41
CA GLU L 128 -22.32 15.24 51.42
C GLU L 128 -23.02 16.54 51.02
N ARG L 129 -23.53 17.32 51.98
CA ARG L 129 -24.31 18.49 51.58
C ARG L 129 -23.44 19.54 50.89
N ASP L 130 -22.16 19.65 51.29
CA ASP L 130 -21.24 20.57 50.62
C ASP L 130 -20.91 20.08 49.21
N MET L 131 -20.68 18.77 49.09
CA MET L 131 -20.44 18.18 47.78
C MET L 131 -21.61 18.47 46.83
N GLU L 132 -22.85 18.35 47.32
CA GLU L 132 -24.03 18.59 46.48
C GLU L 132 -24.03 20.02 45.95
N ALA L 133 -23.77 20.99 46.82
CA ALA L 133 -23.78 22.39 46.39
C ALA L 133 -22.71 22.64 45.34
N GLN L 134 -21.52 22.07 45.52
CA GLN L 134 -20.45 22.26 44.55
C GLN L 134 -20.81 21.63 43.20
N CYS L 135 -21.38 20.43 43.23
CA CYS L 135 -21.78 19.74 42.02
C CYS L 135 -22.88 20.52 41.30
N LYS L 136 -23.86 21.04 42.06
N LYS L 136 -23.87 21.03 42.05
CA LYS L 136 -24.92 21.83 41.46
CA LYS L 136 -24.93 21.83 41.45
C LYS L 136 -24.35 23.03 40.71
C LYS L 136 -24.33 23.01 40.70
N ALA L 137 -23.41 23.73 41.34
CA ALA L 137 -22.79 24.89 40.70
C ALA L 137 -22.13 24.48 39.40
N ALA L 138 -21.38 23.37 39.41
CA ALA L 138 -20.68 22.96 38.20
C ALA L 138 -21.66 22.52 37.13
N ILE L 139 -22.63 21.67 37.48
CA ILE L 139 -23.50 21.01 36.50
C ILE L 139 -24.46 22.02 35.86
N GLU L 140 -24.86 23.05 36.58
CA GLU L 140 -25.75 24.08 36.04
C GLU L 140 -25.03 25.13 35.20
N SER L 141 -23.70 25.12 35.20
CA SER L 141 -22.91 26.19 34.61
C SER L 141 -22.42 25.83 33.22
N GLU L 142 -21.78 26.82 32.58
CA GLU L 142 -21.14 26.64 31.28
C GLU L 142 -19.96 25.68 31.33
N MET L 143 -19.52 25.25 32.52
CA MET L 143 -18.52 24.20 32.63
C MET L 143 -19.05 22.85 32.15
N THR L 144 -20.35 22.73 31.94
CA THR L 144 -20.99 21.47 31.56
C THR L 144 -21.73 21.64 30.24
N CYS L 145 -21.46 20.73 29.30
CA CYS L 145 -22.39 20.37 28.23
C CYS L 145 -22.85 18.95 28.50
N PRO L 146 -24.15 18.66 28.56
CA PRO L 146 -24.57 17.31 28.99
C PRO L 146 -24.34 16.21 27.96
N ALA L 147 -23.93 16.56 26.74
CA ALA L 147 -23.48 15.57 25.77
C ALA L 147 -21.98 15.30 25.90
N LEU L 148 -21.19 16.37 26.07
CA LEU L 148 -19.73 16.27 26.12
C LEU L 148 -19.19 15.99 27.51
N ALA L 149 -20.04 16.01 28.54
CA ALA L 149 -19.62 15.75 29.91
C ALA L 149 -20.76 15.05 30.64
N GLY L 150 -20.41 14.29 31.67
CA GLY L 150 -21.43 13.63 32.47
C GLY L 150 -20.90 13.07 33.76
N LEU L 151 -21.83 12.81 34.68
CA LEU L 151 -21.53 12.19 35.95
C LEU L 151 -21.23 10.71 35.74
N ARG L 152 -20.03 10.30 36.12
CA ARG L 152 -19.59 8.90 35.99
C ARG L 152 -18.72 8.57 37.20
N GLY L 153 -19.32 7.89 38.19
CA GLY L 153 -18.58 7.41 39.36
C GLY L 153 -17.78 6.14 39.14
N CYS L 154 -17.96 5.51 38.01
CA CYS L 154 -17.34 4.26 37.61
C CYS L 154 -17.54 4.09 36.11
N THR L 155 -16.66 3.29 35.52
CA THR L 155 -16.78 2.90 34.11
C THR L 155 -16.74 4.15 33.24
N VAL L 156 -15.62 4.86 33.35
CA VAL L 156 -15.54 6.23 32.87
C VAL L 156 -15.13 6.37 31.42
N HIS L 157 -14.63 5.30 30.79
CA HIS L 157 -14.15 5.28 29.40
C HIS L 157 -15.00 6.15 28.49
N GLY L 158 -14.33 7.03 27.74
CA GLY L 158 -14.99 7.85 26.76
C GLY L 158 -14.38 9.22 26.48
N HIS L 159 -13.58 9.77 27.41
CA HIS L 159 -13.08 11.12 27.20
C HIS L 159 -12.27 11.25 25.92
N SER L 160 -11.60 10.18 25.53
CA SER L 160 -10.68 10.18 24.40
C SER L 160 -11.22 9.50 23.16
N LEU L 161 -12.49 9.09 23.17
CA LEU L 161 -13.07 8.32 22.09
C LEU L 161 -13.84 9.22 21.13
N ARG L 162 -13.98 8.73 19.90
CA ARG L 162 -14.87 9.41 18.97
C ARG L 162 -16.26 9.55 19.57
N LEU L 163 -16.90 10.67 19.31
CA LEU L 163 -18.28 10.84 19.76
C LEU L 163 -19.21 9.90 19.00
N ALA L 164 -20.33 9.58 19.62
CA ALA L 164 -21.38 8.84 18.94
C ALA L 164 -21.95 9.68 17.80
N GLU L 165 -22.72 9.02 16.90
CA GLU L 165 -23.31 9.73 15.77
C GLU L 165 -24.18 10.89 16.22
N ASP L 166 -24.86 10.78 17.36
CA ASP L 166 -25.70 11.86 17.84
C ASP L 166 -24.96 12.87 18.72
N GLY L 167 -23.65 12.79 18.82
CA GLY L 167 -22.87 13.77 19.54
C GLY L 167 -22.68 13.47 21.02
N MET L 168 -23.26 12.40 21.53
CA MET L 168 -23.07 12.06 22.92
C MET L 168 -21.72 11.34 23.09
N MET L 169 -21.01 11.68 24.17
CA MET L 169 -19.76 10.97 24.45
C MET L 169 -20.10 9.54 24.86
N PHE L 170 -19.30 8.59 24.38
CA PHE L 170 -19.50 7.18 24.68
C PHE L 170 -19.54 6.96 26.17
N ASP L 171 -20.57 6.21 26.61
CA ASP L 171 -20.69 5.71 27.98
C ASP L 171 -21.03 4.23 27.88
N MET L 172 -20.14 3.37 28.38
CA MET L 172 -20.40 1.93 28.38
C MET L 172 -21.73 1.61 29.03
N LEU L 173 -22.10 2.34 30.09
CA LEU L 173 -23.32 2.08 30.83
C LEU L 173 -24.49 2.90 30.33
N GLN L 174 -24.27 3.77 29.35
CA GLN L 174 -25.31 4.60 28.76
C GLN L 174 -26.26 5.19 29.83
N ARG L 175 -25.67 5.92 30.78
CA ARG L 175 -26.44 6.55 31.85
C ARG L 175 -27.25 7.75 31.37
N THR L 176 -26.92 8.28 30.20
CA THR L 176 -27.65 9.37 29.55
C THR L 176 -27.98 8.98 28.11
N HIS L 177 -29.01 9.62 27.58
CA HIS L 177 -29.34 9.50 26.16
C HIS L 177 -30.19 10.71 25.78
N ILE L 178 -30.34 10.90 24.48
CA ILE L 178 -31.10 12.04 23.96
C ILE L 178 -32.55 11.60 23.74
N GLU L 179 -33.48 12.41 24.25
CA GLU L 179 -34.90 12.28 23.94
C GLU L 179 -35.39 13.67 23.54
N GLY L 180 -35.94 13.80 22.34
CA GLY L 180 -36.48 15.09 21.92
C GLY L 180 -35.48 16.22 21.96
N GLY L 181 -34.23 15.93 21.63
CA GLY L 181 -33.18 16.92 21.66
C GLY L 181 -32.60 17.21 23.02
N ASN L 182 -33.19 16.68 24.10
CA ASN L 182 -32.66 16.87 25.45
C ASN L 182 -31.88 15.65 25.92
N VAL L 183 -30.85 15.91 26.72
CA VAL L 183 -30.12 14.83 27.39
C VAL L 183 -30.87 14.44 28.65
N ILE L 184 -31.26 13.17 28.71
CA ILE L 184 -31.96 12.59 29.84
C ILE L 184 -31.02 11.63 30.56
N GLU L 185 -30.91 11.78 31.88
CA GLU L 185 -30.16 10.84 32.70
C GLU L 185 -31.16 9.96 33.45
N ASP L 186 -31.10 8.65 33.24
CA ASP L 186 -32.04 7.75 33.91
C ASP L 186 -31.34 6.64 34.68
N LYS L 187 -30.04 6.80 34.93
CA LYS L 187 -29.29 5.98 35.85
C LYS L 187 -28.47 6.92 36.73
N ASP L 188 -28.16 6.46 37.93
CA ASP L 188 -27.29 7.25 38.78
C ASP L 188 -25.85 7.16 38.28
N GLN L 189 -24.95 7.87 38.96
CA GLN L 189 -23.59 8.01 38.43
C GLN L 189 -22.79 6.71 38.47
N VAL L 190 -23.25 5.69 39.20
CA VAL L 190 -22.60 4.37 39.18
C VAL L 190 -23.44 3.33 38.42
N GLY L 191 -24.34 3.78 37.56
CA GLY L 191 -24.96 2.89 36.62
C GLY L 191 -26.23 2.22 37.06
N VAL L 192 -26.77 2.57 38.22
CA VAL L 192 -27.98 1.95 38.76
C VAL L 192 -29.21 2.70 38.22
N PRO L 193 -30.16 2.03 37.59
CA PRO L 193 -31.37 2.73 37.13
C PRO L 193 -32.06 3.48 38.26
N ILE L 194 -32.53 4.68 37.95
CA ILE L 194 -33.31 5.49 38.88
C ILE L 194 -34.73 5.63 38.34
N ASP L 195 -35.65 5.92 39.26
CA ASP L 195 -37.07 5.90 38.92
C ASP L 195 -37.56 7.24 38.42
N ARG L 196 -36.72 7.96 37.68
CA ARG L 196 -37.10 9.26 37.15
C ARG L 196 -36.25 9.52 35.92
N LYS L 197 -36.61 10.53 35.16
CA LYS L 197 -35.84 11.01 34.03
C LYS L 197 -35.34 12.40 34.38
N VAL L 198 -34.04 12.56 34.54
CA VAL L 198 -33.44 13.86 34.84
C VAL L 198 -33.16 14.55 33.51
N ASN L 199 -33.85 15.65 33.25
CA ASN L 199 -33.70 16.37 32.00
C ASN L 199 -32.59 17.40 32.14
N LEU L 200 -31.44 17.12 31.53
CA LEU L 200 -30.30 18.02 31.58
C LEU L 200 -30.33 19.05 30.45
N GLY L 201 -31.36 19.06 29.63
CA GLY L 201 -31.48 20.06 28.59
C GLY L 201 -30.67 19.72 27.36
N LYS L 202 -30.62 20.71 26.47
CA LYS L 202 -30.00 20.45 25.16
C LYS L 202 -28.49 20.53 25.22
N PRO L 203 -27.79 19.67 24.45
CA PRO L 203 -26.34 19.81 24.27
C PRO L 203 -25.99 21.18 23.72
N MET L 204 -24.77 21.63 24.00
CA MET L 204 -24.29 22.78 23.26
C MET L 204 -24.14 22.44 21.79
N SER L 205 -24.32 23.46 20.94
CA SER L 205 -23.93 23.31 19.54
C SER L 205 -22.43 23.15 19.46
N ASP L 206 -21.96 22.64 18.32
CA ASP L 206 -20.54 22.46 18.15
C ASP L 206 -19.81 23.78 18.27
N ALA L 207 -20.37 24.82 17.66
CA ALA L 207 -19.73 26.13 17.71
C ALA L 207 -19.72 26.70 19.12
N GLU L 208 -20.82 26.55 19.86
CA GLU L 208 -20.85 27.01 21.24
C GLU L 208 -19.78 26.30 22.08
N ALA L 209 -19.67 24.98 21.92
CA ALA L 209 -18.66 24.25 22.69
C ALA L 209 -17.27 24.82 22.43
N LYS L 210 -16.96 25.11 21.17
CA LYS L 210 -15.65 25.67 20.86
C LYS L 210 -15.47 27.08 21.42
N LYS L 211 -16.55 27.86 21.55
CA LYS L 211 -16.45 29.16 22.20
C LYS L 211 -16.24 29.04 23.70
N ARG L 212 -16.72 27.96 24.31
CA ARG L 212 -16.72 27.80 25.75
C ARG L 212 -15.58 26.92 26.27
N THR L 213 -14.85 26.25 25.39
CA THR L 213 -13.91 25.24 25.83
C THR L 213 -12.65 25.85 26.44
N THR L 214 -12.05 25.08 27.35
CA THR L 214 -10.75 25.36 27.94
C THR L 214 -9.64 24.53 27.33
N ILE L 215 -9.96 23.63 26.38
CA ILE L 215 -8.93 22.78 25.79
C ILE L 215 -8.30 23.49 24.59
N TYR L 216 -7.00 23.31 24.39
CA TYR L 216 -6.36 23.69 23.14
C TYR L 216 -6.31 22.47 22.24
N ARG L 217 -6.68 22.63 20.96
CA ARG L 217 -6.52 21.59 19.95
C ARG L 217 -6.57 22.21 18.56
N THR L 218 -6.20 21.41 17.56
CA THR L 218 -6.02 21.94 16.21
C THR L 218 -7.31 22.46 15.58
N ASP L 219 -8.48 21.98 16.00
CA ASP L 219 -9.73 22.45 15.41
C ASP L 219 -10.32 23.67 16.12
N GLY L 220 -9.65 24.16 17.16
CA GLY L 220 -10.05 25.36 17.87
C GLY L 220 -8.86 26.30 17.97
N VAL L 221 -8.37 26.53 19.19
CA VAL L 221 -7.17 27.32 19.40
C VAL L 221 -6.01 26.35 19.50
N LYS L 222 -5.10 26.47 18.54
CA LYS L 222 -3.94 25.59 18.46
C LYS L 222 -2.97 25.91 19.59
N TYR L 223 -2.60 24.87 20.34
CA TYR L 223 -1.70 25.05 21.48
C TYR L 223 -0.39 25.69 21.04
N ARG L 224 0.12 25.27 19.88
CA ARG L 224 1.40 25.76 19.38
C ARG L 224 1.43 27.27 19.30
N ASP L 225 0.27 27.89 19.10
CA ASP L 225 0.20 29.34 18.96
C ASP L 225 0.08 30.09 20.27
N GLU L 226 -0.16 29.41 21.40
N GLU L 226 -0.13 29.38 21.38
CA GLU L 226 -0.35 30.10 22.68
CA GLU L 226 -0.32 30.02 22.69
C GLU L 226 1.00 30.27 23.39
C GLU L 226 1.05 30.22 23.36
N GLU L 227 1.80 31.17 22.81
CA GLU L 227 3.18 31.33 23.24
C GLU L 227 3.32 31.70 24.71
N GLU L 228 2.37 32.44 25.28
CA GLU L 228 2.51 32.81 26.69
C GLU L 228 2.46 31.58 27.59
N VAL L 229 1.62 30.60 27.25
CA VAL L 229 1.51 29.40 28.06
C VAL L 229 2.78 28.59 27.93
N LEU L 230 3.31 28.44 26.73
CA LEU L 230 4.56 27.71 26.56
C LEU L 230 5.69 28.39 27.34
N ASP L 231 5.76 29.73 27.28
CA ASP L 231 6.75 30.47 28.07
C ASP L 231 6.61 30.15 29.56
N HIS L 232 5.37 30.19 30.06
CA HIS L 232 5.13 29.86 31.46
C HIS L 232 5.65 28.45 31.80
N VAL L 233 5.29 27.46 30.98
CA VAL L 233 5.75 26.09 31.23
C VAL L 233 7.26 26.05 31.28
N HIS L 234 7.90 26.69 30.29
CA HIS L 234 9.36 26.67 30.23
C HIS L 234 9.98 27.35 31.46
N LEU L 235 9.47 28.52 31.85
CA LEU L 235 10.03 29.23 33.00
C LEU L 235 9.96 28.37 34.26
N VAL L 236 8.82 27.71 34.49
CA VAL L 236 8.67 26.90 35.70
C VAL L 236 9.62 25.71 35.67
N HIS L 237 9.69 25.02 34.53
CA HIS L 237 10.62 23.89 34.41
C HIS L 237 12.05 24.35 34.67
N HIS L 238 12.45 25.45 34.01
CA HIS L 238 13.82 25.91 34.13
C HIS L 238 14.17 26.27 35.58
N ARG L 239 13.32 27.03 36.24
CA ARG L 239 13.60 27.43 37.61
C ARG L 239 13.58 26.24 38.55
N ARG L 240 12.67 25.28 38.32
CA ARG L 240 12.72 24.05 39.11
C ARG L 240 14.07 23.34 38.95
N THR L 241 14.53 23.19 37.71
CA THR L 241 15.82 22.53 37.43
C THR L 241 16.96 23.29 38.14
N MET L 242 16.96 24.61 37.98
CA MET L 242 18.06 25.44 38.53
C MET L 242 18.11 25.34 40.06
N TYR L 243 16.95 25.42 40.71
CA TYR L 243 16.98 25.46 42.16
C TYR L 243 17.17 24.10 42.81
N GLY L 244 16.82 23.01 42.10
CA GLY L 244 17.14 21.68 42.59
C GLY L 244 18.64 21.44 42.64
N TYR L 245 19.37 22.02 41.67
CA TYR L 245 20.82 22.06 41.70
C TYR L 245 21.32 22.90 42.88
N ARG L 246 20.98 24.20 42.91
CA ARG L 246 21.28 25.06 44.07
C ARG L 246 20.18 26.13 44.21
N PRO L 247 19.57 26.28 45.41
CA PRO L 247 18.48 27.27 45.60
C PRO L 247 19.01 28.68 45.77
N GLU L 248 19.46 29.26 44.66
CA GLU L 248 20.02 30.60 44.62
C GLU L 248 19.97 31.16 43.20
N THR L 249 19.94 32.49 43.11
CA THR L 249 19.88 33.16 41.82
C THR L 249 21.04 32.75 40.91
N ALA L 250 22.22 32.52 41.48
CA ALA L 250 23.37 32.18 40.65
C ALA L 250 23.14 30.90 39.86
N ALA L 251 22.24 30.01 40.32
CA ALA L 251 22.01 28.77 39.58
C ALA L 251 21.32 29.01 38.25
N GLU L 252 20.67 30.16 38.09
CA GLU L 252 19.96 30.46 36.85
C GLU L 252 20.90 30.59 35.67
N THR L 253 22.19 30.79 35.90
CA THR L 253 23.17 30.79 34.83
C THR L 253 24.27 29.76 35.07
N ALA L 254 23.96 28.67 35.78
CA ALA L 254 24.96 27.64 36.00
C ALA L 254 25.40 27.00 34.69
N PRO L 255 26.60 26.43 34.64
CA PRO L 255 26.99 25.66 33.44
C PRO L 255 25.96 24.56 33.19
N GLY L 256 25.56 24.42 31.95
CA GLY L 256 24.54 23.48 31.59
C GLY L 256 23.18 24.09 31.30
N VAL L 257 22.91 25.30 31.76
CA VAL L 257 21.67 25.97 31.42
C VAL L 257 21.63 26.27 29.93
N GLY L 258 22.71 26.85 29.41
CA GLY L 258 22.77 27.22 28.03
C GLY L 258 21.93 28.44 27.70
N PRO L 259 21.73 28.67 26.41
CA PRO L 259 21.04 29.90 25.95
C PRO L 259 19.52 29.79 25.99
N VAL L 260 18.97 29.61 27.19
CA VAL L 260 17.52 29.55 27.32
C VAL L 260 16.94 30.90 26.86
N THR L 261 15.77 30.82 26.22
CA THR L 261 15.13 31.97 25.60
C THR L 261 13.62 31.74 25.60
N TYR L 262 12.86 32.83 25.63
CA TYR L 262 11.40 32.80 25.73
C TYR L 262 10.79 33.65 24.62
N HIS L 263 9.51 33.39 24.33
CA HIS L 263 8.85 34.05 23.21
C HIS L 263 8.40 35.46 23.55
N THR L 264 7.73 35.66 24.68
CA THR L 264 7.06 36.92 24.95
C THR L 264 7.70 37.70 26.07
N VAL L 265 8.77 37.17 26.68
CA VAL L 265 9.48 37.83 27.76
C VAL L 265 10.97 37.60 27.57
N ALA M 2 -6.39 82.03 -31.25
CA ALA M 2 -7.32 81.51 -30.26
C ALA M 2 -8.40 82.54 -29.96
N TYR M 3 -9.40 82.12 -29.19
CA TYR M 3 -10.49 83.00 -28.82
C TYR M 3 -9.95 84.21 -28.06
N LYS M 4 -10.51 85.39 -28.35
CA LYS M 4 -10.19 86.61 -27.62
C LYS M 4 -11.48 87.25 -27.10
N TYR M 5 -11.57 87.40 -25.78
CA TYR M 5 -12.76 87.99 -25.17
C TYR M 5 -12.85 89.46 -25.55
N PRO M 6 -14.01 89.94 -26.01
CA PRO M 6 -14.09 91.29 -26.58
C PRO M 6 -14.30 92.39 -25.54
N SER M 7 -14.31 93.63 -26.03
CA SER M 7 -14.42 94.79 -25.14
C SER M 7 -15.84 94.98 -24.60
N GLU M 8 -16.85 94.52 -25.31
CA GLU M 8 -18.24 94.66 -24.87
C GLU M 8 -18.73 93.34 -24.31
N LYS M 9 -19.31 93.39 -23.12
CA LYS M 9 -19.85 92.17 -22.47
C LYS M 9 -20.91 91.54 -23.39
N LEU M 10 -20.92 90.20 -23.43
CA LEU M 10 -21.84 89.52 -24.34
C LEU M 10 -23.32 89.72 -23.99
N PHE M 11 -23.63 90.02 -22.72
CA PHE M 11 -25.00 90.19 -22.27
C PHE M 11 -25.56 91.60 -22.52
N VAL M 12 -24.75 92.54 -22.98
CA VAL M 12 -25.26 93.90 -23.14
C VAL M 12 -26.31 93.99 -24.25
N GLU M 13 -26.14 93.23 -25.35
CA GLU M 13 -27.12 93.34 -26.42
C GLU M 13 -28.53 93.04 -25.90
N ALA M 14 -28.67 91.95 -25.14
CA ALA M 14 -29.99 91.59 -24.64
C ALA M 14 -30.53 92.65 -23.70
N LEU M 15 -29.67 93.24 -22.86
CA LEU M 15 -30.14 94.32 -21.99
C LEU M 15 -30.66 95.50 -22.82
N LYS M 16 -29.94 95.89 -23.85
CA LYS M 16 -30.36 97.02 -24.67
C LYS M 16 -31.62 96.71 -25.48
N SER M 17 -31.82 95.46 -25.86
CA SER M 17 -33.03 95.08 -26.59
C SER M 17 -34.24 94.96 -25.67
N LYS M 18 -34.00 94.68 -24.39
CA LYS M 18 -35.10 94.68 -23.44
C LYS M 18 -35.45 96.10 -23.00
N PHE M 19 -34.46 96.99 -22.91
CA PHE M 19 -34.61 98.30 -22.29
C PHE M 19 -34.06 99.38 -23.25
N ALA M 20 -34.77 99.63 -24.34
CA ALA M 20 -34.31 100.61 -25.30
C ALA M 20 -34.21 101.98 -24.64
N GLY M 21 -33.02 102.58 -24.71
CA GLY M 21 -32.79 103.91 -24.19
C GLY M 21 -32.29 103.96 -22.77
N LEU M 22 -32.23 102.84 -22.07
CA LEU M 22 -31.87 102.82 -20.66
C LEU M 22 -30.38 102.97 -20.44
N ASP M 23 -30.02 103.78 -19.43
CA ASP M 23 -28.64 103.87 -18.96
C ASP M 23 -28.39 102.65 -18.09
N LEU M 24 -27.56 101.74 -18.58
CA LEU M 24 -27.37 100.47 -17.90
C LEU M 24 -26.66 100.59 -16.55
N SER M 25 -26.23 101.79 -16.16
CA SER M 25 -25.57 102.02 -14.85
C SER M 25 -26.58 102.39 -13.77
N ASP M 26 -27.81 102.75 -14.16
CA ASP M 26 -28.81 103.24 -13.18
C ASP M 26 -29.13 102.19 -12.12
N GLN M 27 -29.08 102.59 -10.85
CA GLN M 27 -29.45 101.68 -9.72
C GLN M 27 -30.89 101.91 -9.29
N LYS M 28 -31.55 102.97 -9.79
CA LYS M 28 -32.93 103.24 -9.46
C LYS M 28 -33.79 103.25 -10.71
N VAL M 29 -35.10 103.07 -10.50
CA VAL M 29 -36.09 103.02 -11.56
C VAL M 29 -37.42 103.52 -11.00
N LYS M 30 -38.25 104.01 -11.91
CA LYS M 30 -39.63 104.39 -11.52
C LYS M 30 -40.55 103.18 -11.69
N TYR M 31 -41.23 102.79 -10.63
CA TYR M 31 -42.23 101.72 -10.69
C TYR M 31 -43.59 102.34 -11.02
N VAL M 32 -44.24 101.81 -12.07
CA VAL M 32 -45.56 102.36 -12.49
C VAL M 32 -46.69 101.46 -11.97
N ARG M 33 -46.39 100.26 -11.54
N ARG M 33 -46.35 100.23 -11.56
CA ARG M 33 -47.42 99.35 -10.97
CA ARG M 33 -47.38 99.32 -10.96
C ARG M 33 -48.57 99.21 -11.96
C ARG M 33 -48.50 99.11 -11.98
N ALA M 34 -48.17 98.71 -13.20
CA ALA M 34 -49.19 98.56 -14.26
C ALA M 34 -50.02 97.29 -14.07
N GLY M 35 -49.46 96.26 -13.41
CA GLY M 35 -50.18 95.01 -13.35
C GLY M 35 -50.16 94.30 -14.70
N TYR M 36 -51.03 93.29 -14.81
CA TYR M 36 -50.91 92.35 -15.92
C TYR M 36 -51.22 92.99 -17.28
N LEU M 37 -51.97 94.09 -17.29
CA LEU M 37 -52.35 94.69 -18.58
C LEU M 37 -51.14 95.17 -19.38
N GLN M 38 -49.98 95.34 -18.75
CA GLN M 38 -48.79 95.72 -19.50
C GLN M 38 -48.38 94.66 -20.50
N ASN M 39 -48.81 93.40 -20.31
CA ASN M 39 -48.15 92.28 -20.98
C ASN M 39 -49.11 91.50 -21.87
N ALA M 40 -48.75 91.39 -23.16
CA ALA M 40 -49.63 90.77 -24.14
C ALA M 40 -49.93 89.33 -23.77
N ARG M 41 -48.95 88.59 -23.25
CA ARG M 41 -49.18 87.17 -22.96
C ARG M 41 -50.09 87.00 -21.75
N LYS M 42 -49.91 87.79 -20.70
CA LYS M 42 -50.83 87.71 -19.57
C LYS M 42 -52.24 88.10 -19.98
N ARG M 43 -52.40 89.10 -20.84
CA ARG M 43 -53.73 89.47 -21.31
C ARG M 43 -54.35 88.33 -22.11
N GLU M 44 -53.57 87.69 -22.98
CA GLU M 44 -54.05 86.50 -23.70
C GLU M 44 -54.45 85.39 -22.74
N PHE M 45 -53.65 85.14 -21.71
CA PHE M 45 -53.97 84.08 -20.76
C PHE M 45 -55.26 84.40 -20.03
N GLN M 46 -55.44 85.66 -19.62
CA GLN M 46 -56.67 86.02 -18.92
C GLN M 46 -57.89 85.74 -19.81
N ALA M 47 -57.81 86.11 -21.09
CA ALA M 47 -58.89 85.83 -22.04
C ALA M 47 -59.11 84.33 -22.23
N ALA M 48 -58.03 83.56 -22.29
CA ALA M 48 -58.18 82.11 -22.38
C ALA M 48 -58.88 81.55 -21.16
N GLY M 49 -58.53 82.04 -19.97
CA GLY M 49 -59.20 81.56 -18.77
C GLY M 49 -60.68 81.87 -18.74
N GLU M 50 -61.09 83.01 -19.31
CA GLU M 50 -62.51 83.33 -19.40
C GLU M 50 -63.24 82.30 -20.26
N ARG M 51 -62.68 81.95 -21.41
CA ARG M 51 -63.27 80.91 -22.25
C ARG M 51 -63.32 79.58 -21.52
N VAL M 52 -62.23 79.20 -20.85
CA VAL M 52 -62.21 77.92 -20.15
C VAL M 52 -63.36 77.85 -19.16
N ALA M 53 -63.51 78.92 -18.37
CA ALA M 53 -64.53 78.92 -17.33
C ALA M 53 -65.92 78.87 -17.91
N GLU M 54 -66.15 79.62 -18.99
CA GLU M 54 -67.48 79.62 -19.59
C GLU M 54 -67.81 78.27 -20.19
N GLN M 55 -66.84 77.65 -20.87
CA GLN M 55 -67.08 76.38 -21.55
C GLN M 55 -67.36 75.26 -20.57
N ARG M 56 -66.69 75.24 -19.41
CA ARG M 56 -66.83 74.12 -18.46
C ARG M 56 -67.71 74.44 -17.25
N GLY M 57 -68.10 75.70 -17.08
CA GLY M 57 -68.97 76.06 -15.98
C GLY M 57 -68.26 76.16 -14.65
N MET M 58 -66.96 76.45 -14.65
CA MET M 58 -66.23 76.53 -13.40
C MET M 58 -64.97 77.37 -13.56
N GLN M 59 -64.77 78.26 -12.59
CA GLN M 59 -63.63 79.18 -12.57
C GLN M 59 -62.30 78.44 -12.73
N GLN M 60 -61.40 79.04 -13.50
CA GLN M 60 -60.04 78.53 -13.69
C GLN M 60 -59.06 79.70 -13.52
N TYR M 61 -58.28 79.99 -14.55
CA TYR M 61 -57.28 81.04 -14.44
C TYR M 61 -57.93 82.40 -14.28
N ASP M 62 -57.39 83.20 -13.37
CA ASP M 62 -57.82 84.59 -13.22
C ASP M 62 -56.71 85.33 -12.48
N VAL M 63 -56.06 86.28 -13.17
CA VAL M 63 -54.94 87.04 -12.61
C VAL M 63 -55.30 87.69 -11.28
N ASN M 64 -56.59 88.03 -11.07
CA ASN M 64 -56.99 88.73 -9.85
C ASN M 64 -57.05 87.81 -8.63
N VAL M 65 -56.83 86.50 -8.82
CA VAL M 65 -56.71 85.59 -7.68
C VAL M 65 -55.36 85.68 -7.00
N HIS M 66 -54.37 86.28 -7.64
CA HIS M 66 -53.10 86.49 -6.97
C HIS M 66 -53.33 87.21 -5.64
N LEU M 67 -52.60 86.78 -4.61
CA LEU M 67 -52.88 87.33 -3.29
C LEU M 67 -52.54 88.82 -3.22
N GLY M 68 -53.09 89.46 -2.19
CA GLY M 68 -52.73 90.81 -1.83
C GLY M 68 -53.37 91.90 -2.65
N GLY M 69 -54.35 91.57 -3.49
CA GLY M 69 -55.01 92.55 -4.32
C GLY M 69 -54.19 93.07 -5.48
N MET M 70 -53.07 92.41 -5.80
CA MET M 70 -52.16 92.77 -6.88
C MET M 70 -52.11 91.67 -7.89
N THR M 71 -52.04 92.04 -9.17
CA THR M 71 -51.76 91.09 -10.24
C THR M 71 -50.27 91.13 -10.58
N LEU M 72 -49.79 90.04 -11.16
CA LEU M 72 -48.44 89.99 -11.71
C LEU M 72 -48.16 91.24 -12.54
N GLY M 73 -46.96 91.78 -12.38
CA GLY M 73 -46.56 92.96 -13.11
C GLY M 73 -46.67 94.27 -12.36
N GLN M 74 -46.44 94.26 -11.05
CA GLN M 74 -46.28 95.51 -10.35
C GLN M 74 -44.93 96.15 -10.66
N ARG M 75 -43.96 95.34 -11.05
CA ARG M 75 -42.74 95.78 -11.73
C ARG M 75 -42.91 95.49 -13.22
N GLN M 76 -41.91 95.83 -14.02
CA GLN M 76 -41.96 95.49 -15.44
C GLN M 76 -41.76 93.98 -15.62
N LEU M 77 -42.59 93.38 -16.47
CA LEU M 77 -42.46 91.98 -16.84
C LEU M 77 -41.62 91.94 -18.11
N VAL M 78 -40.45 91.32 -18.02
CA VAL M 78 -39.45 91.44 -19.10
C VAL M 78 -39.34 90.14 -19.87
N PRO M 79 -39.13 90.20 -21.17
CA PRO M 79 -39.00 88.99 -21.99
C PRO M 79 -37.57 88.45 -21.94
N TYR M 80 -37.32 87.38 -22.72
CA TYR M 80 -36.08 86.61 -22.67
C TYR M 80 -35.56 86.40 -24.08
N LYS M 81 -34.28 86.74 -24.31
CA LYS M 81 -33.60 86.40 -25.56
C LYS M 81 -32.98 85.01 -25.42
N LEU M 82 -33.27 84.13 -26.36
CA LEU M 82 -32.54 82.86 -26.35
C LEU M 82 -31.07 83.16 -26.67
N SER M 83 -30.16 82.61 -25.86
CA SER M 83 -28.75 82.95 -26.07
C SER M 83 -28.28 82.43 -27.42
N THR M 84 -27.49 83.25 -28.10
CA THR M 84 -26.96 83.06 -29.45
C THR M 84 -28.01 83.22 -30.54
N ARG M 85 -29.28 83.49 -30.19
CA ARG M 85 -30.34 83.61 -31.15
C ARG M 85 -30.91 85.03 -31.16
N PRO M 86 -31.57 85.44 -32.24
CA PRO M 86 -32.22 86.76 -32.26
C PRO M 86 -33.59 86.79 -31.57
N ASP M 87 -34.16 85.63 -31.34
CA ASP M 87 -35.51 85.49 -30.84
C ASP M 87 -35.59 85.95 -29.38
N ILE M 88 -36.47 86.91 -29.15
CA ILE M 88 -36.86 87.35 -27.83
C ILE M 88 -38.32 86.94 -27.62
N VAL M 89 -38.60 86.28 -26.49
CA VAL M 89 -39.87 85.63 -26.27
C VAL M 89 -40.39 86.02 -24.90
N GLU M 90 -41.70 85.89 -24.70
CA GLU M 90 -42.23 86.13 -23.37
C GLU M 90 -41.87 84.93 -22.50
N GLY M 91 -41.69 85.18 -21.19
CA GLY M 91 -41.22 84.10 -20.33
C GLY M 91 -42.12 82.87 -20.33
N ASP M 92 -43.43 83.07 -20.45
CA ASP M 92 -44.34 81.94 -20.45
C ASP M 92 -44.10 81.02 -21.64
N ASP M 93 -43.49 81.54 -22.71
CA ASP M 93 -43.22 80.76 -23.91
C ASP M 93 -42.10 79.74 -23.68
N LEU M 94 -41.40 79.85 -22.55
CA LEU M 94 -40.34 78.93 -22.18
C LEU M 94 -40.80 77.93 -21.12
N HIS M 95 -42.05 78.04 -20.65
CA HIS M 95 -42.60 77.02 -19.78
C HIS M 95 -42.71 75.74 -20.58
N TYR M 96 -42.28 74.60 -19.99
CA TYR M 96 -42.26 73.36 -20.76
C TYR M 96 -43.66 73.01 -21.27
N VAL M 97 -44.70 73.28 -20.49
CA VAL M 97 -46.06 72.94 -20.92
C VAL M 97 -46.44 73.68 -22.20
N ASN M 98 -45.93 74.91 -22.36
CA ASN M 98 -46.31 75.77 -23.47
C ASN M 98 -45.37 75.63 -24.65
N ASN M 99 -44.32 74.84 -24.52
CA ASN M 99 -43.22 74.83 -25.49
C ASN M 99 -43.04 73.42 -26.09
N PRO M 100 -43.56 73.19 -27.29
CA PRO M 100 -43.47 71.84 -27.87
C PRO M 100 -42.06 71.39 -28.21
N ALA M 101 -41.13 72.30 -28.47
CA ALA M 101 -39.75 71.87 -28.73
C ALA M 101 -39.19 71.20 -27.48
N MET M 102 -39.44 71.79 -26.32
CA MET M 102 -38.93 71.22 -25.08
C MET M 102 -39.57 69.86 -24.82
N GLN M 103 -40.89 69.77 -25.02
CA GLN M 103 -41.57 68.49 -24.84
C GLN M 103 -41.02 67.43 -25.79
N GLN M 104 -40.76 67.81 -27.05
CA GLN M 104 -40.31 66.84 -28.03
C GLN M 104 -38.87 66.41 -27.80
N MET M 105 -38.02 67.29 -27.25
CA MET M 105 -36.67 66.89 -26.87
C MET M 105 -36.71 65.72 -25.91
N TRP M 106 -37.51 65.87 -24.84
CA TRP M 106 -37.62 64.82 -23.85
C TRP M 106 -38.30 63.58 -24.45
N ASP M 107 -39.35 63.76 -25.26
CA ASP M 107 -39.98 62.59 -25.85
C ASP M 107 -39.01 61.84 -26.75
N ASP M 108 -38.18 62.57 -27.49
CA ASP M 108 -37.17 61.91 -28.37
C ASP M 108 -36.18 61.08 -27.54
N MET M 109 -35.74 61.60 -26.40
CA MET M 109 -34.84 60.82 -25.51
C MET M 109 -35.58 59.62 -24.91
N LYS M 110 -36.77 59.83 -24.35
CA LYS M 110 -37.53 58.76 -23.65
C LYS M 110 -37.92 57.62 -24.60
N ARG M 111 -38.21 57.93 -25.86
CA ARG M 111 -38.66 56.93 -26.81
C ARG M 111 -37.50 56.19 -27.50
N THR M 112 -36.26 56.38 -27.06
CA THR M 112 -35.10 55.82 -27.73
C THR M 112 -34.48 54.69 -26.90
N ILE M 113 -34.10 53.62 -27.58
CA ILE M 113 -33.33 52.52 -26.99
C ILE M 113 -32.35 52.07 -28.04
N ILE M 114 -31.14 51.72 -27.62
CA ILE M 114 -30.12 51.19 -28.51
C ILE M 114 -30.02 49.68 -28.24
N VAL M 115 -30.05 48.88 -29.30
CA VAL M 115 -30.10 47.42 -29.17
C VAL M 115 -29.05 46.79 -30.07
N GLY M 116 -28.17 45.98 -29.48
CA GLY M 116 -27.17 45.30 -30.27
C GLY M 116 -27.77 44.23 -31.17
N MET M 117 -27.12 43.98 -32.30
CA MET M 117 -27.58 42.98 -33.26
C MET M 117 -26.67 41.75 -33.27
N ASP M 118 -25.44 41.87 -32.77
CA ASP M 118 -24.51 40.74 -32.85
C ASP M 118 -25.02 39.51 -32.11
N LEU M 119 -25.51 39.67 -30.88
CA LEU M 119 -26.02 38.51 -30.14
C LEU M 119 -27.19 37.85 -30.85
N ALA M 120 -28.08 38.67 -31.44
CA ALA M 120 -29.22 38.11 -32.14
C ALA M 120 -28.77 37.32 -33.35
N HIS M 121 -27.80 37.86 -34.09
CA HIS M 121 -27.27 37.16 -35.24
C HIS M 121 -26.57 35.87 -34.82
N GLU M 122 -25.83 35.90 -33.71
CA GLU M 122 -25.19 34.68 -33.23
CA GLU M 122 -25.18 34.69 -33.21
C GLU M 122 -26.22 33.63 -32.84
N THR M 123 -27.36 34.06 -32.30
CA THR M 123 -28.42 33.14 -31.92
C THR M 123 -28.97 32.41 -33.14
N LEU M 124 -29.24 33.17 -34.21
CA LEU M 124 -29.75 32.58 -35.43
C LEU M 124 -28.78 31.58 -36.02
N GLU M 125 -27.48 31.89 -35.95
CA GLU M 125 -26.48 30.99 -36.48
C GLU M 125 -26.38 29.72 -35.64
N LYS M 126 -26.26 29.88 -34.34
CA LYS M 126 -26.05 28.72 -33.48
C LYS M 126 -27.29 27.82 -33.40
N ARG M 127 -28.45 28.42 -33.16
CA ARG M 127 -29.64 27.63 -32.88
C ARG M 127 -30.33 27.15 -34.15
N LEU M 128 -30.35 27.97 -35.20
CA LEU M 128 -31.06 27.62 -36.41
C LEU M 128 -30.15 27.31 -37.58
N GLY M 129 -28.85 27.60 -37.48
CA GLY M 129 -27.98 27.37 -38.63
C GLY M 129 -28.20 28.34 -39.77
N LYS M 130 -28.73 29.52 -39.46
CA LYS M 130 -28.98 30.51 -40.51
C LYS M 130 -27.70 31.26 -40.85
N GLU M 131 -27.61 31.69 -42.10
CA GLU M 131 -26.54 32.57 -42.55
C GLU M 131 -27.06 34.00 -42.50
N VAL M 132 -26.29 34.88 -41.86
CA VAL M 132 -26.62 36.29 -41.78
C VAL M 132 -25.77 37.03 -42.80
N THR M 133 -26.42 37.70 -43.73
CA THR M 133 -25.78 38.37 -44.87
C THR M 133 -26.27 39.80 -44.98
N PRO M 134 -25.58 40.63 -45.77
CA PRO M 134 -26.17 41.96 -46.08
C PRO M 134 -27.59 41.86 -46.62
N GLU M 135 -27.87 40.86 -47.45
CA GLU M 135 -29.23 40.68 -48.03
C GLU M 135 -30.24 40.39 -46.90
N SER M 136 -29.88 39.48 -45.99
CA SER M 136 -30.85 39.12 -44.96
C SER M 136 -31.06 40.30 -44.00
N ILE M 137 -29.99 41.04 -43.70
CA ILE M 137 -30.11 42.24 -42.87
C ILE M 137 -31.01 43.28 -43.55
N ALA M 138 -30.86 43.46 -44.87
CA ALA M 138 -31.70 44.42 -45.58
C ALA M 138 -33.17 44.05 -45.47
N GLY M 139 -33.49 42.77 -45.65
CA GLY M 139 -34.87 42.36 -45.44
C GLY M 139 -35.35 42.62 -44.03
N TYR M 140 -34.47 42.39 -43.04
CA TYR M 140 -34.81 42.66 -41.66
C TYR M 140 -35.10 44.14 -41.45
N MET M 141 -34.29 45.02 -42.05
CA MET M 141 -34.49 46.46 -41.85
C MET M 141 -35.79 46.96 -42.46
N GLU M 142 -36.21 46.38 -43.58
CA GLU M 142 -37.51 46.76 -44.14
C GLU M 142 -38.61 46.25 -43.22
N ALA M 143 -38.48 45.00 -42.72
CA ALA M 143 -39.51 44.45 -41.84
C ALA M 143 -39.68 45.30 -40.58
N VAL M 144 -38.58 45.71 -39.97
CA VAL M 144 -38.64 46.38 -38.67
C VAL M 144 -39.21 47.78 -38.83
N ASN M 145 -39.03 48.39 -40.01
CA ASN M 145 -39.57 49.73 -40.22
C ASN M 145 -41.04 49.72 -40.59
N HIS M 146 -41.55 48.57 -41.03
CA HIS M 146 -42.98 48.37 -41.15
C HIS M 146 -43.60 48.05 -39.79
N THR M 147 -42.97 47.17 -39.02
CA THR M 147 -43.58 46.69 -37.78
C THR M 147 -43.41 47.65 -36.61
N MET M 148 -42.27 48.31 -36.48
CA MET M 148 -42.00 49.10 -35.28
C MET M 148 -43.09 50.14 -34.99
N PRO M 149 -43.64 50.85 -35.97
CA PRO M 149 -44.71 51.81 -35.65
C PRO M 149 -46.01 51.19 -35.20
N GLY M 150 -46.18 49.87 -35.35
CA GLY M 150 -47.35 49.14 -34.89
C GLY M 150 -48.17 48.48 -36.00
N ALA M 151 -47.50 47.82 -36.94
CA ALA M 151 -48.17 47.15 -38.04
C ALA M 151 -47.76 45.68 -38.09
N ALA M 152 -48.58 44.88 -38.78
CA ALA M 152 -48.50 43.42 -38.73
C ALA M 152 -47.68 42.80 -39.86
N ILE M 153 -46.99 41.70 -39.51
CA ILE M 153 -46.13 41.01 -40.52
C ILE M 153 -46.40 39.49 -40.55
N VAL M 154 -46.97 38.90 -39.50
CA VAL M 154 -47.15 37.41 -39.45
C VAL M 154 -48.62 36.99 -39.46
N GLN M 155 -49.42 37.50 -38.53
CA GLN M 155 -50.79 36.96 -38.34
C GLN M 155 -51.80 37.50 -39.34
N GLU M 156 -52.97 36.86 -39.36
CA GLU M 156 -54.09 37.32 -40.20
C GLU M 156 -55.09 38.04 -39.29
N HIS M 157 -55.86 38.97 -39.85
CA HIS M 157 -56.92 39.74 -39.11
C HIS M 157 -56.34 40.56 -37.96
N MET M 158 -55.18 41.18 -38.17
CA MET M 158 -54.56 42.08 -37.18
C MET M 158 -55.04 43.51 -37.44
N VAL M 159 -55.28 44.25 -36.35
CA VAL M 159 -55.58 45.68 -36.49
C VAL M 159 -54.25 46.40 -36.26
N GLU M 160 -54.12 47.63 -36.69
CA GLU M 160 -52.82 48.29 -36.72
C GLU M 160 -52.95 49.75 -36.34
N THR M 161 -51.83 50.34 -35.97
CA THR M 161 -51.82 51.76 -35.72
C THR M 161 -51.92 52.55 -37.03
N HIS M 162 -52.59 53.69 -36.96
CA HIS M 162 -52.68 54.58 -38.08
C HIS M 162 -51.29 55.11 -38.40
N PRO M 163 -50.75 54.85 -39.60
CA PRO M 163 -49.35 55.27 -39.88
C PRO M 163 -49.10 56.73 -39.63
N GLY M 164 -50.09 57.59 -39.85
CA GLY M 164 -49.88 59.00 -39.64
C GLY M 164 -49.74 59.40 -38.19
N LEU M 165 -50.25 58.60 -37.25
CA LEU M 165 -50.09 58.94 -35.84
C LEU M 165 -48.73 58.52 -35.31
N VAL M 166 -47.98 57.72 -36.07
CA VAL M 166 -46.72 57.13 -35.61
C VAL M 166 -45.64 57.38 -36.66
N ASP M 167 -45.72 58.53 -37.32
CA ASP M 167 -44.81 58.87 -38.42
C ASP M 167 -43.40 59.17 -37.96
N ASP M 168 -43.20 59.38 -36.67
CA ASP M 168 -41.89 59.68 -36.10
C ASP M 168 -41.12 58.44 -35.66
N CYS M 169 -41.75 57.28 -35.72
CA CYS M 169 -41.17 56.02 -35.25
C CYS M 169 -40.37 55.39 -36.37
N TYR M 170 -39.14 54.99 -36.08
CA TYR M 170 -38.31 54.33 -37.08
C TYR M 170 -37.14 53.63 -36.38
N VAL M 171 -36.43 52.81 -37.16
CA VAL M 171 -35.22 52.13 -36.71
C VAL M 171 -34.15 52.30 -37.75
N LYS M 172 -32.95 52.67 -37.31
CA LYS M 172 -31.78 52.65 -38.17
C LYS M 172 -30.70 51.80 -37.54
N MET M 173 -29.83 51.26 -38.37
N MET M 173 -29.80 51.32 -38.39
CA MET M 173 -28.66 50.54 -37.86
CA MET M 173 -28.64 50.52 -37.97
C MET M 173 -27.41 51.40 -37.99
C MET M 173 -27.38 51.36 -38.05
N PHE M 174 -26.43 51.08 -37.14
CA PHE M 174 -25.12 51.69 -37.23
C PHE M 174 -24.06 50.67 -36.81
N THR M 175 -22.83 50.90 -37.28
CA THR M 175 -21.77 49.92 -37.10
C THR M 175 -20.42 50.57 -37.31
N GLY M 176 -19.42 50.08 -36.59
CA GLY M 176 -18.04 50.44 -36.89
C GLY M 176 -17.48 49.76 -38.12
N ASP M 177 -18.19 48.80 -38.71
CA ASP M 177 -17.72 48.04 -39.86
C ASP M 177 -18.19 48.77 -41.11
N ASP M 178 -17.29 49.52 -41.76
CA ASP M 178 -17.68 50.33 -42.90
C ASP M 178 -18.15 49.46 -44.07
N GLU M 179 -17.64 48.23 -44.20
CA GLU M 179 -18.05 47.37 -45.30
C GLU M 179 -19.53 47.03 -45.20
N LEU M 180 -19.99 46.67 -44.00
CA LEU M 180 -21.40 46.40 -43.80
C LEU M 180 -22.24 47.66 -44.03
N ALA M 181 -21.82 48.78 -43.42
CA ALA M 181 -22.60 50.00 -43.52
C ALA M 181 -22.80 50.42 -44.96
N ASP M 182 -21.80 50.18 -45.82
CA ASP M 182 -21.90 50.58 -47.22
C ASP M 182 -22.82 49.68 -48.03
N GLU M 183 -23.09 48.46 -47.55
CA GLU M 183 -23.93 47.54 -48.30
C GLU M 183 -25.41 47.73 -48.07
N ILE M 184 -25.81 48.32 -46.96
CA ILE M 184 -27.21 48.49 -46.63
C ILE M 184 -27.70 49.81 -47.21
N ASP M 185 -28.93 49.81 -47.71
CA ASP M 185 -29.55 51.02 -48.24
C ASP M 185 -29.38 52.15 -47.23
N SER M 186 -28.92 53.30 -47.72
CA SER M 186 -28.57 54.39 -46.82
C SER M 186 -29.75 54.93 -46.02
N GLN M 187 -31.00 54.76 -46.49
CA GLN M 187 -32.14 55.20 -45.69
C GLN M 187 -32.19 54.50 -44.32
N TYR M 188 -31.55 53.35 -44.19
CA TYR M 188 -31.63 52.57 -42.96
C TYR M 188 -30.40 52.68 -42.08
N VAL M 189 -29.43 53.53 -42.41
CA VAL M 189 -28.12 53.53 -41.75
C VAL M 189 -27.78 54.92 -41.25
N ILE M 190 -27.23 55.02 -40.03
CA ILE M 190 -26.64 56.27 -39.56
C ILE M 190 -25.20 56.31 -40.07
N ASN M 191 -24.89 57.32 -40.87
CA ASN M 191 -23.60 57.35 -41.57
C ASN M 191 -22.61 58.11 -40.68
N ILE M 192 -21.81 57.33 -39.93
CA ILE M 192 -20.88 57.91 -38.98
C ILE M 192 -19.87 58.79 -39.68
N ASN M 193 -19.43 58.39 -40.87
CA ASN M 193 -18.37 59.13 -41.56
C ASN M 193 -18.87 60.49 -42.04
N ASP M 194 -20.11 60.57 -42.53
CA ASP M 194 -20.64 61.86 -42.97
C ASP M 194 -20.95 62.80 -41.80
N LEU M 195 -21.48 62.27 -40.70
CA LEU M 195 -21.91 63.11 -39.59
C LEU M 195 -20.74 63.56 -38.73
N PHE M 196 -19.68 62.75 -38.63
CA PHE M 196 -18.59 63.06 -37.72
C PHE M 196 -17.32 63.35 -38.51
N ASP M 197 -17.39 64.36 -39.37
CA ASP M 197 -16.33 64.65 -40.32
C ASP M 197 -15.31 65.66 -39.82
N LYS M 198 -15.42 66.14 -38.59
CA LYS M 198 -14.49 67.10 -38.03
C LYS M 198 -13.52 66.41 -37.07
N GLU M 199 -12.25 66.83 -37.14
CA GLU M 199 -11.24 66.45 -36.15
C GLU M 199 -11.13 64.93 -35.98
N GLY M 200 -11.39 64.18 -37.04
CA GLY M 200 -11.24 62.74 -36.94
C GLY M 200 -12.21 62.08 -35.98
N GLN M 201 -13.31 62.74 -35.66
CA GLN M 201 -14.25 62.16 -34.70
C GLN M 201 -14.77 60.83 -35.18
N ASN M 202 -14.99 60.69 -36.49
CA ASN M 202 -15.57 59.45 -37.02
C ASN M 202 -14.68 58.25 -36.69
N GLU M 203 -13.37 58.44 -36.80
CA GLU M 203 -12.43 57.35 -36.54
C GLU M 203 -12.39 57.00 -35.05
N LYS M 204 -12.49 58.00 -34.17
CA LYS M 204 -12.55 57.70 -32.74
C LYS M 204 -13.82 56.93 -32.40
N LEU M 205 -14.93 57.30 -33.01
CA LEU M 205 -16.18 56.58 -32.74
C LEU M 205 -16.12 55.16 -33.27
N LYS M 206 -15.67 54.98 -34.52
CA LYS M 206 -15.59 53.63 -35.08
C LYS M 206 -14.62 52.75 -34.31
N ALA M 207 -13.52 53.32 -33.83
CA ALA M 207 -12.57 52.55 -33.03
C ALA M 207 -13.19 52.11 -31.70
N ALA M 208 -13.98 52.98 -31.08
CA ALA M 208 -14.58 52.64 -29.80
C ALA M 208 -15.72 51.66 -29.95
N ILE M 209 -16.48 51.76 -31.05
CA ILE M 209 -17.57 50.82 -31.29
C ILE M 209 -17.06 49.50 -31.82
N GLY M 210 -16.01 49.52 -32.65
CA GLY M 210 -15.48 48.32 -33.24
C GLY M 210 -16.41 47.78 -34.31
N LYS M 211 -16.10 46.55 -34.74
CA LYS M 211 -16.92 45.88 -35.75
C LYS M 211 -18.11 45.19 -35.09
N THR M 212 -18.95 46.02 -34.47
CA THR M 212 -20.19 45.59 -33.86
C THR M 212 -21.33 46.38 -34.49
N THR M 213 -22.51 45.76 -34.51
CA THR M 213 -23.68 46.31 -35.18
C THR M 213 -24.81 46.55 -34.19
N TRP M 214 -25.46 47.71 -34.33
CA TRP M 214 -26.44 48.21 -33.37
C TRP M 214 -27.65 48.76 -34.12
N GLN M 215 -28.81 48.71 -33.45
CA GLN M 215 -30.01 49.38 -33.90
C GLN M 215 -30.37 50.51 -32.97
N ALA M 216 -30.61 51.68 -33.55
CA ALA M 216 -31.13 52.84 -32.86
C ALA M 216 -32.64 52.81 -33.12
N VAL M 217 -33.39 52.50 -32.06
CA VAL M 217 -34.83 52.32 -32.12
C VAL M 217 -35.49 53.53 -31.48
N HIS M 218 -36.47 54.09 -32.17
CA HIS M 218 -37.21 55.26 -31.69
C HIS M 218 -38.68 54.91 -31.83
N ILE M 219 -39.32 54.61 -30.71
CA ILE M 219 -40.72 54.17 -30.71
C ILE M 219 -41.61 55.39 -30.88
N PRO M 220 -42.91 55.23 -31.10
CA PRO M 220 -43.75 56.42 -31.38
C PRO M 220 -43.84 57.36 -30.18
N THR M 221 -43.73 58.66 -30.46
CA THR M 221 -43.99 59.67 -29.41
C THR M 221 -45.35 59.47 -28.75
N ILE M 222 -46.39 59.18 -29.55
CA ILE M 222 -47.73 59.07 -28.96
C ILE M 222 -47.76 57.98 -27.90
N VAL M 223 -46.95 56.93 -28.07
CA VAL M 223 -46.93 55.81 -27.11
C VAL M 223 -46.32 56.24 -25.78
N VAL M 224 -45.16 56.90 -25.80
CA VAL M 224 -44.59 57.32 -24.52
C VAL M 224 -45.45 58.38 -23.85
N ARG M 225 -46.20 59.16 -24.65
CA ARG M 225 -47.13 60.12 -24.05
C ARG M 225 -48.31 59.43 -23.36
N CYS M 226 -48.88 58.40 -23.99
CA CYS M 226 -49.95 57.67 -23.31
C CYS M 226 -49.40 56.89 -22.12
N CYS M 227 -48.16 56.44 -22.19
CA CYS M 227 -47.61 55.45 -21.26
C CYS M 227 -46.40 56.06 -20.54
N ASP M 228 -45.25 55.41 -20.55
CA ASP M 228 -44.08 55.95 -19.86
C ASP M 228 -42.82 55.49 -20.56
N GLY M 229 -41.67 55.92 -20.02
CA GLY M 229 -40.40 55.54 -20.59
C GLY M 229 -40.11 54.05 -20.48
N GLY M 230 -40.73 53.36 -19.53
CA GLY M 230 -40.54 51.93 -19.43
C GLY M 230 -41.11 51.16 -20.61
N ASN M 231 -41.99 51.80 -21.39
CA ASN M 231 -42.53 51.15 -22.59
C ASN M 231 -41.44 50.94 -23.64
N THR M 232 -40.42 51.80 -23.66
CA THR M 232 -39.57 51.89 -24.85
C THR M 232 -38.84 50.59 -25.15
N SER M 233 -38.10 50.03 -24.18
CA SER M 233 -37.30 48.84 -24.51
C SER M 233 -38.19 47.64 -24.79
N ARG M 234 -39.37 47.62 -24.19
CA ARG M 234 -40.31 46.53 -24.41
C ARG M 234 -40.89 46.59 -25.81
N TRP M 235 -41.40 47.77 -26.19
CA TRP M 235 -42.00 47.98 -27.50
C TRP M 235 -40.98 47.63 -28.58
N SER M 236 -39.78 48.19 -28.45
CA SER M 236 -38.68 47.88 -29.35
C SER M 236 -38.48 46.37 -29.49
N ALA M 237 -38.36 45.68 -28.36
CA ALA M 237 -38.05 44.25 -28.41
C ALA M 237 -39.16 43.45 -29.09
N MET M 238 -40.41 43.84 -28.88
CA MET M 238 -41.53 43.06 -29.48
C MET M 238 -41.41 43.07 -31.00
N GLN M 239 -41.14 44.23 -31.57
CA GLN M 239 -41.18 44.36 -33.03
C GLN M 239 -39.85 43.93 -33.65
N ILE M 240 -38.74 44.11 -32.95
CA ILE M 240 -37.50 43.42 -33.31
C ILE M 240 -37.77 41.91 -33.44
N GLY M 241 -38.41 41.33 -32.45
CA GLY M 241 -38.70 39.91 -32.50
C GLY M 241 -39.54 39.51 -33.70
N MET M 242 -40.63 40.25 -33.94
CA MET M 242 -41.49 39.94 -35.08
C MET M 242 -40.70 40.00 -36.38
N SER M 243 -39.79 40.97 -36.46
CA SER M 243 -39.05 41.19 -37.69
C SER M 243 -38.02 40.09 -37.91
N PHE M 244 -37.40 39.59 -36.82
CA PHE M 244 -36.50 38.44 -36.98
C PHE M 244 -37.29 37.20 -37.40
N ILE M 245 -38.45 36.96 -36.78
CA ILE M 245 -39.25 35.81 -37.16
C ILE M 245 -39.50 35.82 -38.66
N ALA M 246 -39.92 36.98 -39.18
CA ALA M 246 -40.25 37.06 -40.59
C ALA M 246 -39.00 36.98 -41.47
N ALA M 247 -37.96 37.74 -41.13
CA ALA M 247 -36.82 37.88 -42.00
C ALA M 247 -35.98 36.62 -42.06
N TYR M 248 -36.08 35.73 -41.08
CA TYR M 248 -35.28 34.51 -41.08
C TYR M 248 -36.15 33.25 -41.12
N ASN M 249 -37.42 33.39 -41.46
CA ASN M 249 -38.30 32.24 -41.65
C ASN M 249 -38.24 31.31 -40.43
N MET M 250 -38.30 31.90 -39.25
CA MET M 250 -38.32 31.11 -38.02
C MET M 250 -39.72 30.58 -37.78
N CYS M 251 -39.83 29.61 -36.88
CA CYS M 251 -41.16 29.36 -36.34
C CYS M 251 -41.58 30.64 -35.63
N ALA M 252 -42.84 31.04 -35.80
CA ALA M 252 -43.35 32.27 -35.19
C ALA M 252 -43.67 31.92 -33.73
N GLY M 253 -42.61 31.78 -32.95
CA GLY M 253 -42.71 31.38 -31.56
C GLY M 253 -42.07 30.03 -31.26
N GLU M 254 -40.75 29.97 -31.27
CA GLU M 254 -40.00 28.78 -30.85
C GLU M 254 -38.97 29.23 -29.81
N ALA M 255 -38.30 28.26 -29.20
CA ALA M 255 -37.39 28.58 -28.11
C ALA M 255 -36.33 29.61 -28.51
N ALA M 256 -35.82 29.54 -29.73
CA ALA M 256 -34.82 30.53 -30.13
C ALA M 256 -35.35 31.96 -30.10
N VAL M 257 -36.65 32.15 -30.32
CA VAL M 257 -37.23 33.48 -30.27
C VAL M 257 -37.05 34.09 -28.88
N ALA M 258 -37.15 33.26 -27.82
CA ALA M 258 -36.96 33.79 -26.46
C ALA M 258 -35.53 34.27 -26.22
N ASP M 259 -34.54 33.65 -26.89
CA ASP M 259 -33.18 34.17 -26.80
C ASP M 259 -33.07 35.55 -27.44
N LEU M 260 -33.74 35.75 -28.60
CA LEU M 260 -33.77 37.06 -29.23
C LEU M 260 -34.45 38.09 -28.34
N ALA M 261 -35.49 37.65 -27.61
CA ALA M 261 -36.20 38.54 -26.72
C ALA M 261 -35.32 38.96 -25.55
N PHE M 262 -34.67 37.99 -24.91
CA PHE M 262 -33.79 38.33 -23.79
C PHE M 262 -32.66 39.25 -24.26
N ALA M 263 -32.11 39.00 -25.46
CA ALA M 263 -31.06 39.89 -25.99
C ALA M 263 -31.58 41.30 -26.21
N ALA M 264 -32.77 41.44 -26.82
CA ALA M 264 -33.30 42.76 -27.15
C ALA M 264 -33.82 43.51 -25.92
N LYS M 265 -34.29 42.82 -24.90
CA LYS M 265 -34.86 43.48 -23.73
C LYS M 265 -33.81 43.75 -22.68
N MHS M 266 -32.74 42.96 -22.69
CA MHS M 266 -31.79 42.98 -21.60
C MHS M 266 -30.32 42.91 -22.01
O MHS M 266 -29.53 43.84 -21.90
CB MHS M 266 -32.03 41.85 -20.55
CG MHS M 266 -33.41 41.92 -19.98
ND1 MHS M 266 -33.83 42.85 -18.99
CD2 MHS M 266 -34.53 41.12 -20.26
CE1 MHS M 266 -35.17 42.62 -18.73
NE2 MHS M 266 -35.62 41.58 -19.49
CM MHS M 266 -32.99 43.86 -18.40
N ALA M 267 -29.91 41.75 -22.53
CA ALA M 267 -28.47 41.51 -22.70
C ALA M 267 -27.76 42.46 -23.66
N ALA M 268 -28.46 42.88 -24.70
CA ALA M 268 -27.89 43.77 -25.70
C ALA M 268 -28.59 45.12 -25.74
N ALA M 269 -29.34 45.46 -24.69
CA ALA M 269 -30.11 46.69 -24.65
C ALA M 269 -29.38 47.74 -23.83
N VAL M 270 -29.31 48.95 -24.38
CA VAL M 270 -28.64 50.08 -23.77
C VAL M 270 -29.71 51.14 -23.51
N GLN M 271 -30.23 51.16 -22.28
CA GLN M 271 -31.23 52.15 -21.89
C GLN M 271 -30.61 53.52 -21.78
N MET M 272 -31.44 54.57 -21.97
CA MET M 272 -30.97 55.91 -21.68
C MET M 272 -30.80 56.18 -20.21
N ALA M 273 -31.58 55.49 -19.38
CA ALA M 273 -31.61 55.70 -17.94
C ALA M 273 -32.14 54.44 -17.29
N GLU M 274 -31.60 54.11 -16.13
CA GLU M 274 -32.09 52.98 -15.35
C GLU M 274 -33.13 53.41 -14.32
N MET M 275 -33.71 52.41 -13.65
CA MET M 275 -34.76 52.62 -12.66
C MET M 275 -34.26 53.37 -11.43
N LEU M 276 -35.23 53.88 -10.67
CA LEU M 276 -34.99 54.72 -9.51
C LEU M 276 -35.57 54.07 -8.24
N PRO M 277 -35.07 54.46 -7.08
CA PRO M 277 -35.54 53.85 -5.83
C PRO M 277 -36.96 54.28 -5.44
N ALA M 278 -37.49 53.57 -4.42
CA ALA M 278 -38.93 53.54 -4.16
C ALA M 278 -39.52 54.92 -3.89
N ARG M 279 -38.82 55.75 -3.14
CA ARG M 279 -39.39 57.06 -2.81
C ARG M 279 -39.71 57.85 -4.06
N AGM M 280 -38.89 57.69 -5.10
CA AGM M 280 -39.09 58.37 -6.37
CB AGM M 280 -37.97 59.38 -6.68
CG AGM M 280 -36.56 58.82 -6.56
CD AGM M 280 -35.47 59.93 -6.42
CE2 AGM M 280 -35.32 60.72 -7.73
NE1 AGM M 280 -34.18 59.39 -5.99
CZ AGM M 280 -33.90 58.97 -4.71
NH1 AGM M 280 -32.65 58.47 -4.40
NH2 AGM M 280 -34.88 59.09 -3.72
C AGM M 280 -39.24 57.37 -7.53
O AGM M 280 -38.76 57.54 -8.66
N ALA M 281 -40.00 56.31 -7.23
CA ALA M 281 -40.15 55.15 -8.11
C ALA M 281 -40.51 55.58 -9.51
N ARG M 282 -39.73 55.10 -10.48
CA ARG M 282 -39.92 55.44 -11.88
C ARG M 282 -39.45 54.27 -12.72
N SER M 283 -40.04 54.14 -13.89
CA SER M 283 -39.60 53.15 -14.85
C SER M 283 -38.24 53.56 -15.39
N PRO M 284 -37.58 52.68 -16.14
CA PRO M 284 -36.40 53.08 -16.91
C PRO M 284 -36.74 54.15 -17.93
N ASN M 285 -35.69 54.77 -18.46
CA ASN M 285 -35.83 55.81 -19.49
C ASN M 285 -36.60 57.02 -18.98
N GLU M 286 -36.38 57.37 -17.71
CA GLU M 286 -36.91 58.60 -17.16
C GLU M 286 -35.78 59.50 -16.68
N PRO M 287 -36.03 60.80 -16.49
CA PRO M 287 -34.88 61.73 -16.32
C PRO M 287 -34.03 61.47 -15.09
N GLY M 288 -34.62 61.00 -14.00
CA GLY M 288 -33.85 60.81 -12.79
C GLY M 288 -32.73 59.83 -12.99
N GLY M 289 -32.90 58.86 -13.90
CA GLY M 289 -31.89 57.88 -14.18
C GLY M 289 -30.86 58.30 -15.20
N LEU M 290 -30.98 59.52 -15.76
CA LEU M 290 -30.09 59.95 -16.84
C LEU M 290 -28.77 60.44 -16.26
N SER M 291 -27.69 59.78 -16.63
CA SER M 291 -26.35 60.19 -16.24
C SER M 291 -25.91 61.45 -17.00
N PHE M 292 -25.00 62.20 -16.39
CA PHE M 292 -24.57 63.45 -16.99
C PHE M 292 -23.75 63.20 -18.26
N GLY M 293 -22.98 62.11 -18.26
CA GLY M 293 -22.25 61.72 -19.46
C GLY M 293 -23.17 61.42 -20.64
N TYR M 294 -24.26 60.67 -20.39
CA TYR M 294 -25.21 60.40 -21.46
C TYR M 294 -25.88 61.68 -21.94
N CYS M 295 -26.30 62.55 -21.02
CA CYS M 295 -26.94 63.80 -21.44
C CYS M 295 -26.02 64.60 -22.34
N ALA M 296 -24.76 64.73 -21.92
CA ALA M 296 -23.78 65.45 -22.73
C ALA M 296 -23.60 64.80 -24.10
N ASP M 297 -23.65 63.47 -24.17
CA ASP M 297 -23.41 62.80 -25.45
C ASP M 297 -24.59 62.90 -26.41
N MET M 298 -25.81 63.16 -25.92
CA MET M 298 -26.97 63.35 -26.80
C MET M 298 -26.88 64.64 -27.58
N VAL M 299 -26.26 65.68 -27.02
CA VAL M 299 -26.12 66.97 -27.68
C VAL M 299 -25.03 66.89 -28.73
N GLN M 300 -25.28 67.53 -29.87
CA GLN M 300 -24.51 67.24 -31.09
C GLN M 300 -23.71 68.44 -31.60
N THR M 301 -23.68 69.54 -30.88
CA THR M 301 -22.88 70.69 -31.32
C THR M 301 -21.41 70.35 -31.44
N LEU M 302 -20.96 69.36 -30.67
CA LEU M 302 -19.56 68.96 -30.67
C LEU M 302 -19.11 68.42 -32.02
N ARG M 303 -20.02 67.80 -32.80
CA ARG M 303 -19.63 67.30 -34.12
C ARG M 303 -19.68 68.38 -35.19
N VAL M 304 -20.34 69.51 -34.89
CA VAL M 304 -20.47 70.59 -35.84
C VAL M 304 -19.29 71.54 -35.77
N LYS M 305 -18.87 71.91 -34.55
CA LYS M 305 -17.86 72.96 -34.37
C LYS M 305 -17.02 72.70 -33.12
N PRO M 306 -16.20 71.65 -33.15
CA PRO M 306 -15.37 71.35 -31.98
C PRO M 306 -14.30 72.38 -31.72
N GLU M 307 -14.02 73.25 -32.68
CA GLU M 307 -13.00 74.29 -32.47
C GLU M 307 -13.46 75.40 -31.52
N ASP M 308 -14.75 75.47 -31.18
CA ASP M 308 -15.27 76.35 -30.13
C ASP M 308 -15.88 75.50 -29.04
N PRO M 309 -15.09 75.05 -28.08
CA PRO M 309 -15.63 74.16 -27.04
C PRO M 309 -16.68 74.83 -26.18
N VAL M 310 -16.69 76.16 -26.09
CA VAL M 310 -17.69 76.82 -25.25
C VAL M 310 -19.10 76.67 -25.83
N TRP M 311 -19.24 76.73 -27.15
CA TRP M 311 -20.58 76.67 -27.74
C TRP M 311 -21.24 75.33 -27.40
N TYR M 312 -20.58 74.22 -27.73
CA TYR M 312 -21.16 72.92 -27.38
C TYR M 312 -21.46 72.83 -25.88
N THR M 313 -20.54 73.29 -25.04
CA THR M 313 -20.72 73.24 -23.60
C THR M 313 -22.03 73.90 -23.20
N LEU M 314 -22.29 75.10 -23.72
CA LEU M 314 -23.48 75.83 -23.32
C LEU M 314 -24.74 75.28 -23.97
N GLU M 315 -24.65 74.63 -25.14
CA GLU M 315 -25.81 73.89 -25.64
C GLU M 315 -26.15 72.72 -24.73
N VAL M 316 -25.13 72.03 -24.18
CA VAL M 316 -25.40 70.98 -23.21
C VAL M 316 -26.09 71.55 -21.99
N VAL M 317 -25.59 72.70 -21.49
CA VAL M 317 -26.24 73.35 -20.36
C VAL M 317 -27.72 73.59 -20.68
N ALA M 318 -27.99 74.12 -21.87
CA ALA M 318 -29.38 74.41 -22.25
C ALA M 318 -30.22 73.14 -22.27
N CYS M 319 -29.68 72.07 -22.85
CA CYS M 319 -30.38 70.78 -22.87
C CYS M 319 -30.70 70.30 -21.46
N GLY M 320 -29.68 70.25 -20.61
CA GLY M 320 -29.84 69.65 -19.30
C GLY M 320 -30.63 70.52 -18.34
N THR M 321 -30.40 71.83 -18.35
CA THR M 321 -31.12 72.65 -17.37
C THR M 321 -32.61 72.59 -17.63
N MET M 322 -33.04 72.69 -18.89
CA MET M 322 -34.46 72.54 -19.21
C MET M 322 -34.97 71.17 -18.75
N LEU M 323 -34.32 70.10 -19.20
CA LEU M 323 -34.82 68.76 -18.92
C LEU M 323 -34.85 68.50 -17.42
N TYR M 324 -33.73 68.72 -16.75
CA TYR M 324 -33.64 68.31 -15.36
C TYR M 324 -34.42 69.26 -14.43
N ASP M 325 -34.38 70.56 -14.69
CA ASP M 325 -35.06 71.50 -13.80
C ASP M 325 -36.52 71.70 -14.17
N GLN M 326 -36.83 71.92 -15.45
CA GLN M 326 -38.20 72.28 -15.82
C GLN M 326 -39.10 71.05 -15.89
N ILE M 327 -38.67 69.99 -16.57
CA ILE M 327 -39.48 68.80 -16.77
C ILE M 327 -39.36 67.83 -15.59
N TRP M 328 -38.13 67.47 -15.22
CA TRP M 328 -37.91 66.46 -14.20
C TRP M 328 -38.21 67.01 -12.82
N LEU M 329 -37.43 67.97 -12.35
CA LEU M 329 -37.67 68.48 -11.00
C LEU M 329 -38.96 69.27 -10.94
N GLY M 330 -39.26 70.07 -11.97
CA GLY M 330 -40.39 70.99 -11.97
C GLY M 330 -41.71 70.37 -12.33
N SER M 331 -41.73 69.12 -12.77
CA SER M 331 -42.97 68.41 -13.05
C SER M 331 -42.95 67.02 -12.43
N TYR M 332 -42.18 66.09 -12.98
CA TYR M 332 -42.19 64.72 -12.47
C TYR M 332 -42.07 64.69 -10.95
N MET M 333 -41.20 65.53 -10.39
CA MET M 333 -40.87 65.48 -8.98
C MET M 333 -41.59 66.61 -8.19
N SER M 334 -42.40 67.43 -8.85
CA SER M 334 -43.16 68.48 -8.15
C SER M 334 -44.38 68.85 -8.99
N GLY M 335 -44.32 69.97 -9.70
CA GLY M 335 -45.41 70.39 -10.55
C GLY M 335 -45.91 71.78 -10.18
N GLY M 336 -46.91 72.22 -10.94
CA GLY M 336 -47.48 73.54 -10.81
C GLY M 336 -46.88 74.51 -11.80
N VAL M 337 -46.84 75.78 -11.39
CA VAL M 337 -46.07 76.77 -12.14
C VAL M 337 -44.66 76.26 -12.43
N GLY M 338 -44.02 75.63 -11.44
CA GLY M 338 -42.76 74.97 -11.72
C GLY M 338 -41.57 75.90 -11.77
N PHE M 339 -40.57 75.55 -12.61
CA PHE M 339 -39.19 76.01 -12.46
C PHE M 339 -38.61 76.55 -13.76
N THR M 340 -39.42 77.29 -14.53
CA THR M 340 -38.97 77.79 -15.83
C THR M 340 -37.72 78.66 -15.69
N GLN M 341 -37.81 79.72 -14.89
CA GLN M 341 -36.72 80.69 -14.82
C GLN M 341 -35.50 80.18 -14.05
N TYR M 342 -35.67 79.21 -13.15
CA TYR M 342 -34.50 78.54 -12.59
C TYR M 342 -33.60 77.99 -13.69
N ALA M 343 -34.21 77.54 -14.80
CA ALA M 343 -33.48 77.03 -15.95
C ALA M 343 -33.17 78.10 -17.00
N THR M 344 -34.11 79.01 -17.31
CA THR M 344 -33.82 80.01 -18.36
C THR M 344 -32.56 80.82 -18.06
N ALA M 345 -32.23 80.99 -16.78
CA ALA M 345 -31.03 81.78 -16.45
C ALA M 345 -29.79 81.23 -17.14
N ALA M 346 -29.79 79.93 -17.43
CA ALA M 346 -28.64 79.28 -18.00
C ALA M 346 -28.63 79.25 -19.52
N TYR M 347 -29.72 79.68 -20.17
CA TYR M 347 -29.79 79.59 -21.63
C TYR M 347 -30.38 80.83 -22.28
N THR M 348 -30.57 81.93 -21.53
CA THR M 348 -31.08 83.17 -22.10
C THR M 348 -30.17 84.37 -21.81
N ASN M 349 -30.32 85.40 -22.64
CA ASN M 349 -29.74 86.73 -22.46
C ASN M 349 -28.22 86.74 -22.49
N ASP M 350 -27.62 85.67 -22.97
CA ASP M 350 -26.19 85.56 -23.17
C ASP M 350 -25.38 85.79 -21.91
N VAL M 351 -25.98 85.55 -20.74
CA VAL M 351 -25.30 85.84 -19.49
C VAL M 351 -24.25 84.78 -19.17
N LEU M 352 -24.65 83.52 -19.10
CA LEU M 352 -23.68 82.43 -18.86
C LEU M 352 -22.60 82.43 -19.96
N ASP M 353 -22.97 82.78 -21.19
CA ASP M 353 -21.99 82.85 -22.31
C ASP M 353 -20.92 83.90 -22.01
N ASP M 354 -21.33 85.08 -21.55
CA ASP M 354 -20.36 86.14 -21.21
C ASP M 354 -19.43 85.64 -20.09
N PHE M 355 -19.98 85.04 -19.05
CA PHE M 355 -19.16 84.66 -17.91
C PHE M 355 -18.21 83.54 -18.28
N THR M 356 -18.64 82.65 -19.17
CA THR M 356 -17.83 81.50 -19.54
C THR M 356 -16.78 81.85 -20.58
N TYR M 357 -17.13 82.70 -21.57
CA TYR M 357 -16.12 83.12 -22.53
C TYR M 357 -15.07 83.99 -21.86
N TYR M 358 -15.46 84.78 -20.86
CA TYR M 358 -14.47 85.50 -20.05
C TYR M 358 -13.47 84.54 -19.42
N GLY M 359 -14.01 83.47 -18.81
CA GLY M 359 -13.15 82.47 -18.18
C GLY M 359 -12.26 81.76 -19.18
N TYR M 360 -12.83 81.37 -20.32
CA TYR M 360 -12.06 80.68 -21.36
C TYR M 360 -10.85 81.52 -21.77
N ASP M 361 -11.04 82.81 -21.96
CA ASP M 361 -9.96 83.71 -22.31
C ASP M 361 -8.92 83.80 -21.19
N TYR M 362 -9.36 83.92 -19.94
CA TYR M 362 -8.46 83.95 -18.81
C TYR M 362 -7.59 82.69 -18.75
N ALA M 363 -8.21 81.53 -18.94
CA ALA M 363 -7.47 80.28 -18.89
C ALA M 363 -6.55 80.11 -20.08
N LEU M 364 -7.00 80.49 -21.27
CA LEU M 364 -6.13 80.37 -22.45
C LEU M 364 -4.87 81.17 -22.25
N ASN M 365 -5.00 82.36 -21.68
CA ASN M 365 -3.87 83.25 -21.53
C ASN M 365 -2.98 82.86 -20.37
N LYS M 366 -3.51 82.19 -19.35
CA LYS M 366 -2.69 81.82 -18.21
C LYS M 366 -2.11 80.41 -18.31
N TYR M 367 -2.92 79.44 -18.74
CA TYR M 367 -2.51 78.05 -18.76
C TYR M 367 -2.25 77.51 -20.15
N GLY M 368 -2.75 78.16 -21.20
CA GLY M 368 -2.47 77.71 -22.54
C GLY M 368 -3.64 77.02 -23.22
N ASP M 369 -3.33 76.12 -24.16
CA ASP M 369 -4.32 75.53 -25.07
C ASP M 369 -5.39 74.72 -24.31
N ASP M 370 -6.54 74.53 -24.97
CA ASP M 370 -7.60 73.67 -24.48
C ASP M 370 -7.02 72.39 -23.90
N GLY M 371 -7.45 72.04 -22.69
CA GLY M 371 -7.16 70.74 -22.12
C GLY M 371 -5.79 70.56 -21.49
N THR M 372 -4.96 71.59 -21.46
CA THR M 372 -3.58 71.42 -21.02
C THR M 372 -3.29 71.97 -19.63
N ALA M 373 -4.28 72.52 -18.95
CA ALA M 373 -4.06 73.06 -17.61
C ALA M 373 -3.91 71.94 -16.59
N PRO M 374 -3.15 72.17 -15.51
CA PRO M 374 -2.91 71.10 -14.52
C PRO M 374 -4.21 70.58 -13.92
N ASN M 375 -4.26 69.26 -13.77
CA ASN M 375 -5.47 68.58 -13.24
C ASN M 375 -5.38 68.53 -11.72
N ASP M 376 -5.52 69.69 -11.06
CA ASP M 376 -5.35 69.71 -9.62
C ASP M 376 -6.26 70.73 -8.94
N LEU M 377 -6.29 70.63 -7.61
CA LEU M 377 -7.15 71.47 -6.80
C LEU M 377 -6.72 72.93 -6.88
N ALA M 378 -5.42 73.18 -6.97
CA ALA M 378 -4.92 74.55 -7.11
C ALA M 378 -5.48 75.23 -8.36
N THR M 379 -5.55 74.50 -9.47
CA THR M 379 -6.05 75.10 -10.72
C THR M 379 -7.54 75.33 -10.65
N ALA M 380 -8.28 74.37 -10.11
CA ALA M 380 -9.71 74.59 -9.93
C ALA M 380 -9.97 75.81 -9.06
N THR M 381 -9.15 76.00 -8.03
CA THR M 381 -9.33 77.15 -7.13
C THR M 381 -9.11 78.46 -7.87
N ASP M 382 -8.01 78.55 -8.61
CA ASP M 382 -7.71 79.77 -9.37
C ASP M 382 -8.83 80.10 -10.34
N LEU M 383 -9.23 79.13 -11.16
CA LEU M 383 -10.20 79.42 -12.21
C LEU M 383 -11.56 79.76 -11.62
N ALA M 384 -12.01 78.97 -10.63
CA ALA M 384 -13.33 79.23 -10.06
C ALA M 384 -13.38 80.61 -9.40
N THR M 385 -12.34 80.99 -8.67
CA THR M 385 -12.38 82.26 -7.95
C THR M 385 -12.41 83.42 -8.94
N GLU M 386 -11.57 83.38 -9.96
CA GLU M 386 -11.53 84.49 -10.91
C GLU M 386 -12.85 84.60 -11.67
N VAL M 387 -13.37 83.48 -12.16
CA VAL M 387 -14.58 83.51 -12.94
C VAL M 387 -15.76 83.97 -12.09
N THR M 388 -15.83 83.50 -10.84
CA THR M 388 -16.93 83.89 -9.95
C THR M 388 -16.85 85.37 -9.58
N LEU M 389 -15.65 85.85 -9.21
CA LEU M 389 -15.51 87.26 -8.89
C LEU M 389 -15.88 88.13 -10.07
N ASN M 390 -15.43 87.77 -11.28
CA ASN M 390 -15.77 88.58 -12.44
C ASN M 390 -17.29 88.63 -12.66
N GLY M 391 -17.94 87.47 -12.56
CA GLY M 391 -19.38 87.42 -12.70
C GLY M 391 -20.12 88.23 -11.66
N MET M 392 -19.69 88.14 -10.40
CA MET M 392 -20.35 88.89 -9.33
C MET M 392 -20.20 90.38 -9.62
N GLU M 393 -19.01 90.79 -10.09
CA GLU M 393 -18.77 92.19 -10.44
C GLU M 393 -19.68 92.63 -11.58
N CYS M 394 -19.95 91.73 -12.54
CA CYS M 394 -20.92 92.06 -13.60
C CYS M 394 -22.31 92.33 -13.02
N TYR M 395 -22.81 91.45 -12.16
CA TYR M 395 -24.12 91.67 -11.55
C TYR M 395 -24.14 92.96 -10.71
N GLU M 396 -23.01 93.31 -10.08
CA GLU M 396 -22.94 94.53 -9.29
C GLU M 396 -22.87 95.79 -10.15
N ASP M 397 -22.24 95.71 -11.31
CA ASP M 397 -22.07 96.89 -12.17
C ASP M 397 -23.22 97.13 -13.14
N TYR M 398 -24.06 96.11 -13.39
CA TYR M 398 -25.16 96.19 -14.34
C TYR M 398 -26.45 95.82 -13.62
N PRO M 399 -27.11 96.80 -13.00
CA PRO M 399 -28.32 96.46 -12.22
C PRO M 399 -29.37 95.64 -12.93
N THR M 400 -29.63 95.88 -14.23
CA THR M 400 -30.64 95.06 -14.90
C THR M 400 -30.19 93.62 -15.14
N LEU M 401 -28.89 93.35 -15.08
CA LEU M 401 -28.43 91.95 -15.12
C LEU M 401 -28.76 91.24 -13.81
N LEU M 402 -28.54 91.90 -12.68
CA LEU M 402 -28.97 91.37 -11.39
C LEU M 402 -30.49 91.20 -11.36
N GLU M 403 -31.24 92.11 -12.01
CA GLU M 403 -32.70 91.98 -12.04
C GLU M 403 -33.14 90.78 -12.83
N ASP M 404 -32.40 90.44 -13.89
CA ASP M 404 -32.70 89.26 -14.69
C ASP M 404 -32.56 88.00 -13.85
N HIS M 405 -31.39 87.81 -13.25
CA HIS M 405 -31.16 86.67 -12.36
C HIS M 405 -31.54 87.08 -10.94
N PHE M 406 -32.85 87.33 -10.77
CA PHE M 406 -33.34 87.95 -9.55
C PHE M 406 -33.25 87.01 -8.35
N GLY M 407 -33.29 85.71 -8.57
CA GLY M 407 -33.14 84.74 -7.50
C GLY M 407 -31.70 84.32 -7.32
N GLY M 408 -31.29 84.20 -6.07
CA GLY M 408 -29.92 83.78 -5.80
C GLY M 408 -29.56 82.43 -6.40
N SER M 409 -30.51 81.51 -6.47
CA SER M 409 -30.24 80.20 -7.00
C SER M 409 -29.77 80.29 -8.45
N MGN M 410 -30.41 81.16 -9.24
CA MGN M 410 -30.05 81.36 -10.67
CB1 MGN M 410 -30.98 82.45 -11.25
CB2 MGN M 410 -30.23 80.05 -11.46
CG MGN M 410 -32.46 82.07 -11.35
CD MGN M 410 -33.29 83.29 -11.75
OE1 MGN M 410 -33.29 84.29 -11.04
NE2 MGN M 410 -33.96 83.22 -12.88
C MGN M 410 -28.61 81.88 -10.75
O MGN M 410 -27.81 81.36 -11.56
N ARG M 411 -28.28 82.87 -9.92
CA ARG M 411 -26.94 83.46 -9.92
C ARG M 411 -25.91 82.41 -9.51
N ALA M 412 -26.25 81.61 -8.50
CA ALA M 412 -25.34 80.58 -7.99
C ALA M 412 -25.03 79.58 -9.09
N GLY M 413 -26.07 79.08 -9.75
CA GLY M 413 -25.86 78.08 -10.79
C GLY M 413 -25.08 78.62 -11.98
N ILE M 414 -25.34 79.88 -12.34
CA ILE M 414 -24.67 80.44 -13.51
C ILE M 414 -23.20 80.78 -13.20
N LEU M 415 -22.91 81.38 -12.04
CA LEU M 415 -21.53 81.66 -11.69
C LEU M 415 -20.74 80.36 -11.55
N ALA M 416 -21.32 79.36 -10.90
CA ALA M 416 -20.61 78.08 -10.73
C ALA M 416 -20.48 77.33 -12.05
N ALA M 417 -21.50 77.39 -12.92
CA ALA M 417 -21.38 76.77 -14.23
C ALA M 417 -20.25 77.41 -15.03
N ALA M 418 -20.19 78.75 -15.02
CA ALA M 418 -19.11 79.41 -15.74
C ALA M 418 -17.77 78.98 -15.16
N SER M 419 -17.69 78.87 -13.84
CA SER M 419 -16.44 78.48 -13.19
C SER M 419 -16.02 77.06 -13.57
N ALA M 420 -16.98 76.14 -13.53
CA ALA M 420 -16.70 74.73 -13.77
C ALA M 420 -16.50 74.46 -15.25
N CYS M 421 -17.29 75.11 -16.13
CA CYS M 421 -17.05 74.95 -17.56
C CYS M 421 -15.69 75.50 -17.95
N THR M 422 -15.29 76.64 -17.38
CA THR M 422 -13.95 77.14 -17.64
C THR M 422 -12.92 76.12 -17.20
N THR M 423 -13.08 75.55 -15.99
CA THR M 423 -12.10 74.60 -15.49
C THR M 423 -12.12 73.33 -16.33
N GLY M 424 -13.30 72.89 -16.77
CA GLY M 424 -13.36 71.68 -17.59
C GLY M 424 -12.65 71.85 -18.91
N ILE M 425 -12.91 72.97 -19.60
CA ILE M 425 -12.26 73.20 -20.89
C ILE M 425 -10.76 73.30 -20.69
N ALA M 426 -10.34 74.02 -19.65
CA ALA M 426 -8.91 74.26 -19.46
C ALA M 426 -8.15 72.99 -19.09
N THR M 427 -8.72 72.18 -18.17
CA THR M 427 -8.03 70.98 -17.69
C THR M 427 -8.34 69.71 -18.47
N GLY M 428 -9.47 69.68 -19.17
CA GLY M 428 -9.94 68.46 -19.80
C GLY M 428 -10.38 67.39 -18.82
N ASN M 429 -10.71 67.76 -17.58
CA ASN M 429 -10.99 66.81 -16.51
C ASN M 429 -12.29 67.20 -15.79
N SER M 430 -13.31 66.34 -15.90
CA SER M 430 -14.61 66.59 -15.31
C SER M 430 -14.54 66.66 -13.79
N GLN M 431 -13.73 65.79 -13.18
CA GLN M 431 -13.67 65.71 -11.73
C GLN M 431 -13.01 66.95 -11.14
N VAL M 432 -11.97 67.48 -11.81
CA VAL M 432 -11.35 68.73 -11.34
C VAL M 432 -12.35 69.88 -11.50
N ALA M 433 -13.11 69.87 -12.60
CA ALA M 433 -14.13 70.88 -12.80
C ALA M 433 -15.17 70.85 -11.70
N LEU M 434 -15.49 69.65 -11.20
CA LEU M 434 -16.46 69.54 -10.11
C LEU M 434 -15.97 70.25 -8.85
N SER M 435 -14.66 70.14 -8.53
CA SER M 435 -14.15 70.90 -7.38
C SER M 435 -14.34 72.41 -7.59
N ALA M 436 -14.16 72.89 -8.81
CA ALA M 436 -14.34 74.30 -9.14
C ALA M 436 -15.81 74.76 -8.97
N TRX M 437 -16.73 73.90 -9.37
CA TRX M 437 -18.18 74.15 -9.15
C TRX M 437 -18.43 74.47 -7.67
O TRX M 437 -19.00 75.54 -7.37
CB TRX M 437 -19.03 72.96 -9.62
CG TRX M 437 -20.46 73.05 -9.20
CD1 TRX M 437 -21.00 72.60 -8.03
CD2 TRX M 437 -21.55 73.59 -9.97
NE1 TRX M 437 -22.36 72.85 -8.00
CE2 TRX M 437 -22.72 73.46 -9.18
CE3 TRX M 437 -21.66 74.20 -11.23
CZ2 TRX M 437 -23.98 73.89 -9.63
CZ3 TRX M 437 -22.88 74.66 -11.66
CH2 TRX M 437 -24.04 74.48 -10.88
OH2 TRX M 437 -25.26 74.94 -11.34
N TYR M 438 -18.00 73.61 -6.76
CA TYR M 438 -18.29 73.87 -5.35
C TYR M 438 -17.53 75.09 -4.82
N MET M 439 -16.28 75.29 -5.27
CA MET M 439 -15.56 76.53 -4.94
C MET M 439 -16.36 77.77 -5.23
N SER M 440 -16.93 77.83 -6.43
CA SER M 440 -17.69 79.00 -6.81
C SER M 440 -18.80 79.29 -5.81
N MET M 441 -19.52 78.24 -5.39
CA MET M 441 -20.60 78.43 -4.43
C MET M 441 -20.08 79.03 -3.13
N TYR M 442 -18.96 78.50 -2.63
CA TYR M 442 -18.44 78.97 -1.34
C TYR M 442 -17.97 80.43 -1.45
N VAL M 443 -17.30 80.78 -2.55
CA VAL M 443 -16.87 82.16 -2.77
C VAL M 443 -18.09 83.09 -2.81
N HIS M 444 -19.08 82.73 -3.61
CA HIS M 444 -20.29 83.53 -3.79
C HIS M 444 -20.97 83.81 -2.46
N LYS M 445 -21.18 82.75 -1.67
CA LYS M 445 -21.88 82.88 -0.40
C LYS M 445 -21.24 83.95 0.48
N GLU M 446 -19.91 83.95 0.58
CA GLU M 446 -19.30 84.93 1.49
C GLU M 446 -19.27 86.34 0.90
N GLY M 447 -19.36 86.52 -0.41
CA GLY M 447 -19.36 87.87 -0.94
C GLY M 447 -20.65 88.62 -0.62
N TRP M 448 -21.78 87.96 -0.82
CA TRP M 448 -23.09 88.60 -0.70
C TRP M 448 -23.88 88.17 0.53
N GLY M 449 -23.36 87.25 1.35
CA GLY M 449 -24.11 86.76 2.50
C GLY M 449 -25.42 86.09 2.16
N ARG M 450 -25.47 85.45 1.00
CA ARG M 450 -26.62 84.75 0.49
C ARG M 450 -26.11 83.87 -0.62
N LEU M 451 -26.85 82.82 -0.92
CA LEU M 451 -26.52 81.95 -2.05
C LEU M 451 -27.82 81.70 -2.81
N GLY M 452 -28.51 80.58 -2.55
CA GLY M 452 -29.73 80.26 -3.24
C GLY M 452 -30.94 80.17 -2.33
N PHE M 453 -31.92 79.39 -2.76
CA PHE M 453 -33.14 79.15 -1.99
C PHE M 453 -32.78 78.35 -0.72
N PHE M 454 -33.77 78.11 0.13
CA PHE M 454 -33.62 77.53 1.46
C PHE M 454 -32.77 76.27 1.42
CA GL3 M 455 -32.34 74.13 0.35
N GL3 M 455 -33.00 75.44 0.40
C GL3 M 455 -31.40 73.90 -0.81
S GL3 M 455 -30.95 72.42 -1.27
N TYR M 456 -30.88 75.11 -1.36
CA TYR M 456 -30.08 75.05 -2.57
C TYR M 456 -28.73 74.33 -2.41
N ASP M 457 -28.04 74.61 -1.31
CA ASP M 457 -26.68 74.09 -1.11
C ASP M 457 -26.66 72.87 -0.18
N LEU M 458 -27.67 72.00 -0.22
CA LEU M 458 -27.49 70.67 0.35
C LEU M 458 -26.30 70.00 -0.34
N GLN M 459 -26.38 69.86 -1.66
CA GLN M 459 -25.29 69.24 -2.38
C GLN M 459 -24.05 70.13 -2.37
N DYA M 460 -24.23 71.45 -2.26
CA DYA M 460 -23.15 72.29 -2.16
CB DYA M 460 -23.03 73.24 -3.15
CG DYA M 460 -23.98 73.41 -4.28
OD1 DYA M 460 -23.54 73.30 -5.41
OD2 DYA M 460 -25.15 73.63 -4.02
C DYA M 460 -22.30 72.18 -1.06
O DYA M 460 -21.11 72.22 -1.23
N GLN M 461 -22.87 71.98 0.13
CA GLN M 461 -22.04 71.89 1.32
C GLN M 461 -21.50 70.47 1.48
N SMC M 462 -22.24 69.47 0.98
CA SMC M 462 -21.67 68.09 0.93
CB SMC M 462 -22.77 67.09 0.65
SG SMC M 462 -23.93 66.92 2.03
CS SMC M 462 -25.45 66.52 1.17
C SMC M 462 -20.65 68.03 -0.22
O SMC M 462 -19.99 66.99 -0.35
N GLY M 463 -20.53 69.08 -1.02
CA GLY M 463 -19.97 68.94 -2.34
C GLY M 463 -18.45 68.76 -2.42
N ALA M 464 -17.70 69.70 -1.87
CA ALA M 464 -16.25 69.62 -2.02
C ALA M 464 -15.73 68.28 -1.49
N THR M 465 -16.23 67.85 -0.33
CA THR M 465 -15.71 66.63 0.29
C THR M 465 -16.11 65.38 -0.48
N ASN M 466 -17.20 65.41 -1.22
CA ASN M 466 -17.61 64.25 -2.00
C ASN M 466 -17.06 64.23 -3.42
N VAL M 467 -16.33 65.26 -3.86
CA VAL M 467 -15.69 65.18 -5.18
C VAL M 467 -14.69 64.04 -5.21
N CYS M 468 -13.89 63.92 -4.17
CA CYS M 468 -12.75 63.02 -4.16
C CYS M 468 -12.92 61.92 -3.12
N SER M 469 -14.12 61.76 -2.58
CA SER M 469 -14.42 60.58 -1.79
C SER M 469 -14.39 59.33 -2.68
N TYR M 470 -14.02 58.20 -2.07
CA TYR M 470 -14.14 56.92 -2.75
C TYR M 470 -15.06 55.97 -1.99
N GLN M 471 -15.84 56.50 -1.04
CA GLN M 471 -16.79 55.70 -0.31
C GLN M 471 -17.97 55.28 -1.18
N GLY M 472 -18.61 54.17 -0.77
CA GLY M 472 -19.60 53.51 -1.61
C GLY M 472 -20.67 54.42 -2.21
N ASP M 473 -21.38 55.18 -1.38
CA ASP M 473 -22.46 56.02 -1.91
C ASP M 473 -22.06 57.48 -2.10
N GLU M 474 -20.77 57.76 -2.05
CA GLU M 474 -20.24 59.09 -2.26
C GLU M 474 -19.35 59.16 -3.49
N GLY M 475 -18.43 58.20 -3.64
CA GLY M 475 -17.45 58.26 -4.72
C GLY M 475 -18.10 57.90 -6.05
N CYS M 476 -17.77 58.68 -7.07
CA CYS M 476 -18.31 58.44 -8.40
C CYS M 476 -17.72 59.48 -9.33
N CYS M 477 -17.17 59.07 -10.47
CA CYS M 477 -16.78 60.06 -11.46
C CYS M 477 -18.01 60.82 -11.98
N LEU M 478 -17.79 62.07 -12.39
CA LEU M 478 -18.93 62.92 -12.76
C LEU M 478 -19.68 62.35 -13.95
N GLU M 479 -18.98 61.74 -14.92
CA GLU M 479 -19.62 61.23 -16.12
C GLU M 479 -20.72 60.22 -15.77
N LEU M 480 -20.50 59.43 -14.70
CA LEU M 480 -21.44 58.39 -14.28
C LEU M 480 -22.42 58.88 -13.22
N ARG M 481 -22.16 60.01 -12.56
CA ARG M 481 -23.18 60.63 -11.73
C ARG M 481 -24.35 61.06 -12.62
N GLY M 482 -25.48 61.28 -11.96
CA GLY M 482 -26.69 61.70 -12.63
C GLY M 482 -27.70 62.20 -11.62
N ALA M 483 -28.94 62.27 -12.06
CA ALA M 483 -30.02 62.82 -11.25
C ALA M 483 -30.46 61.90 -10.10
N ASN M 484 -29.83 60.75 -9.93
CA ASN M 484 -30.05 59.88 -8.77
C ASN M 484 -28.81 59.74 -7.90
N TYR M 485 -27.72 60.43 -8.20
CA TYR M 485 -26.62 60.49 -7.25
C TYR M 485 -27.16 61.12 -5.98
N PRO M 486 -26.97 60.49 -4.81
CA PRO M 486 -27.79 60.84 -3.65
C PRO M 486 -27.85 62.33 -3.33
N ASN M 487 -26.68 63.00 -3.26
CA ASN M 487 -26.66 64.43 -2.95
C ASN M 487 -27.44 65.26 -3.98
N TYR M 488 -27.65 64.73 -5.19
CA TYR M 488 -28.18 65.48 -6.29
C TYR M 488 -29.65 65.19 -6.55
N ALA M 489 -30.27 64.31 -5.77
CA ALA M 489 -31.56 63.73 -6.12
C ALA M 489 -32.74 64.70 -5.98
N MET M 490 -32.54 65.90 -5.44
CA MET M 490 -33.68 66.74 -5.09
C MET M 490 -33.73 68.14 -5.72
N ASN M 491 -32.62 68.81 -6.00
CA ASN M 491 -32.68 70.27 -6.06
C ASN M 491 -32.38 70.89 -7.42
N VAL M 492 -33.08 71.97 -7.73
CA VAL M 492 -32.89 72.74 -8.95
C VAL M 492 -31.53 73.40 -9.00
N GLY M 493 -31.17 73.90 -10.17
CA GLY M 493 -29.97 74.71 -10.32
C GLY M 493 -28.64 74.00 -10.25
N HIS M 494 -28.60 72.68 -10.54
CA HIS M 494 -27.35 71.92 -10.52
C HIS M 494 -27.22 70.90 -11.65
N GLN M 495 -28.26 70.07 -11.88
CA GLN M 495 -28.11 68.86 -12.68
C GLN M 495 -27.72 69.17 -14.13
N GLY M 496 -28.44 70.09 -14.76
CA GLY M 496 -28.12 70.43 -16.13
C GLY M 496 -26.77 71.08 -16.28
N GLU M 497 -26.36 71.86 -15.29
CA GLU M 497 -25.03 72.50 -15.28
C GLU M 497 -23.94 71.42 -15.17
N TYR M 498 -24.18 70.40 -14.36
CA TYR M 498 -23.21 69.27 -14.26
C TYR M 498 -23.04 68.60 -15.62
N ALA M 499 -24.14 68.34 -16.32
CA ALA M 499 -24.07 67.77 -17.69
C ALA M 499 -23.21 68.70 -18.57
N GLY M 500 -23.46 70.01 -18.46
CA GLY M 500 -22.71 70.99 -19.27
C GLY M 500 -21.21 70.93 -19.05
N PHE M 501 -20.74 70.89 -17.80
CA PHE M 501 -19.26 70.93 -17.64
C PHE M 501 -18.67 69.53 -17.81
N THR M 502 -19.49 68.50 -17.76
CA THR M 502 -19.02 67.14 -18.13
C THR M 502 -18.70 67.24 -19.64
N GLY M 503 -19.59 67.85 -20.41
CA GLY M 503 -19.31 68.10 -21.84
C GLY M 503 -18.10 69.00 -22.03
N SER M 504 -17.97 70.03 -21.19
CA SER M 504 -16.83 71.00 -21.29
C SER M 504 -15.49 70.27 -21.15
N ALA M 505 -15.42 69.27 -20.29
CA ALA M 505 -14.12 68.63 -20.09
C ALA M 505 -13.71 67.88 -21.35
N HIS M 506 -14.66 67.18 -21.97
CA HIS M 506 -14.36 66.43 -23.19
C HIS M 506 -14.18 67.32 -24.40
N ALA M 507 -14.88 68.44 -24.46
CA ALA M 507 -14.64 69.42 -25.50
C ALA M 507 -13.25 70.02 -25.36
N GLY M 508 -12.83 70.31 -24.12
CA GLY M 508 -11.48 70.83 -23.93
C GLY M 508 -10.39 69.83 -24.27
N ALA M 509 -10.65 68.55 -24.03
CA ALA M 509 -9.72 67.49 -24.40
C ALA M 509 -9.80 67.15 -25.89
N HIS M 510 -10.77 67.74 -26.60
CA HIS M 510 -11.02 67.45 -28.01
C HIS M 510 -11.28 65.97 -28.25
N ASP M 511 -12.17 65.42 -27.43
CA ASP M 511 -12.75 64.10 -27.63
C ASP M 511 -14.00 64.17 -28.50
N ALA M 512 -14.42 63.00 -29.00
CA ALA M 512 -15.62 62.89 -29.81
C ALA M 512 -16.88 62.65 -29.00
N TYR M 513 -16.73 62.31 -27.71
CA TYR M 513 -17.84 61.95 -26.84
C TYR M 513 -17.30 61.93 -25.42
N CYS M 514 -18.21 61.79 -24.45
CA CYS M 514 -17.84 61.87 -23.04
C CYS M 514 -17.95 60.50 -22.34
N CYS M 515 -18.91 59.65 -22.74
CA CYS M 515 -19.25 58.51 -21.91
C CYS M 515 -19.69 57.28 -22.69
N ASN M 516 -20.40 57.45 -23.79
CA ASN M 516 -20.84 56.28 -24.55
C ASN M 516 -20.96 56.57 -26.03
N PRO M 517 -20.07 56.02 -26.85
CA PRO M 517 -20.12 56.33 -28.29
C PRO M 517 -21.40 55.87 -28.94
N LEU M 518 -22.08 54.86 -28.39
CA LEU M 518 -23.36 54.46 -28.96
C LEU M 518 -24.39 55.58 -28.83
N ILE M 519 -24.43 56.23 -27.66
CA ILE M 519 -25.35 57.33 -27.46
C ILE M 519 -25.02 58.45 -28.42
N LYS M 520 -23.73 58.77 -28.55
CA LYS M 520 -23.29 59.84 -29.43
C LYS M 520 -23.78 59.63 -30.86
N VAL M 521 -23.57 58.43 -31.41
CA VAL M 521 -23.95 58.16 -32.79
C VAL M 521 -25.47 58.19 -32.94
N CYS M 522 -26.18 57.55 -32.00
CA CYS M 522 -27.63 57.44 -32.09
C CYS M 522 -28.29 58.81 -32.22
N PHE M 523 -27.86 59.77 -31.41
CA PHE M 523 -28.49 61.09 -31.34
C PHE M 523 -27.98 62.06 -32.41
N ALA M 524 -26.99 61.65 -33.22
CA ALA M 524 -26.57 62.47 -34.34
C ALA M 524 -27.52 62.38 -35.52
N ASP M 525 -28.34 61.37 -35.54
CA ASP M 525 -29.20 61.07 -36.68
C ASP M 525 -30.15 62.23 -36.96
N PRO M 526 -30.15 62.78 -38.18
CA PRO M 526 -31.07 63.87 -38.49
C PRO M 526 -32.54 63.47 -38.60
N SER M 527 -32.86 62.19 -38.56
CA SER M 527 -34.25 61.74 -38.64
C SER M 527 -35.02 61.89 -37.33
N LEU M 528 -34.35 62.26 -36.24
CA LEU M 528 -35.09 62.61 -35.03
C LEU M 528 -35.90 63.88 -35.27
N VAL M 529 -36.92 64.08 -34.44
CA VAL M 529 -37.79 65.24 -34.61
C VAL M 529 -37.10 66.51 -34.13
N PHE M 530 -36.51 66.43 -32.94
CA PHE M 530 -35.74 67.50 -32.35
C PHE M 530 -34.32 67.54 -32.90
N ASP M 531 -33.82 68.76 -33.13
CA ASP M 531 -32.44 68.95 -33.64
C ASP M 531 -31.46 69.04 -32.47
N PHE M 532 -30.84 67.91 -32.14
CA PHE M 532 -29.91 67.85 -31.03
C PHE M 532 -28.61 68.62 -31.27
N SER M 533 -28.37 69.13 -32.49
CA SER M 533 -27.16 69.88 -32.75
C SER M 533 -27.24 71.36 -32.36
N TYR M 534 -28.43 71.90 -32.06
CA TYR M 534 -28.54 73.35 -31.73
C TYR M 534 -29.78 73.49 -30.84
N ILE M 535 -29.55 73.26 -29.56
CA ILE M 535 -30.62 73.17 -28.58
C ILE M 535 -31.38 74.50 -28.45
N ARG M 536 -30.59 75.60 -28.31
CA ARG M 536 -31.25 76.87 -28.00
C ARG M 536 -32.05 77.37 -29.20
N LYS M 537 -31.62 77.06 -30.42
CA LYS M 537 -32.40 77.40 -31.61
C LYS M 537 -33.73 76.66 -31.61
N GLU M 538 -33.72 75.39 -31.21
CA GLU M 538 -34.97 74.64 -31.13
C GLU M 538 -35.89 75.25 -30.07
N TYR M 539 -35.35 75.60 -28.90
CA TYR M 539 -36.20 76.18 -27.86
C TYR M 539 -36.87 77.45 -28.36
N ALA M 540 -36.13 78.27 -29.10
CA ALA M 540 -36.71 79.48 -29.67
C ALA M 540 -37.89 79.16 -30.58
N LYS M 541 -37.76 78.13 -31.42
CA LYS M 541 -38.89 77.73 -32.26
C LYS M 541 -40.10 77.38 -31.44
N GLY M 542 -39.93 76.57 -30.38
CA GLY M 542 -41.05 76.20 -29.56
C GLY M 542 -41.69 77.41 -28.89
N ALA M 543 -40.88 78.37 -28.47
CA ALA M 543 -41.39 79.57 -27.82
C ALA M 543 -42.16 80.46 -28.78
N MET M 544 -41.79 80.44 -30.05
CA MET M 544 -42.40 81.18 -31.15
C MET M 544 -43.52 80.45 -31.85
N ARG M 545 -43.87 79.25 -31.37
CA ARG M 545 -44.95 78.45 -31.93
C ARG M 545 -44.62 78.04 -33.37
N THR M 546 -43.34 77.78 -33.62
CA THR M 546 -42.88 77.33 -34.92
C THR M 546 -42.22 75.95 -34.88
N PHE M 547 -42.42 75.22 -33.79
CA PHE M 547 -41.89 73.84 -33.69
C PHE M 547 -43.04 72.84 -33.83
N ARG M 548 -42.93 71.95 -34.82
CA ARG M 548 -43.97 70.90 -35.02
C ARG M 548 -43.54 69.63 -34.26
N PRO M 549 -44.26 69.25 -33.19
CA PRO M 549 -43.91 68.04 -32.47
C PRO M 549 -44.62 66.81 -33.06
N ALA M 550 -44.18 65.64 -32.63
CA ALA M 550 -44.89 64.41 -33.01
C ALA M 550 -45.91 64.10 -31.93
N GLY M 551 -46.82 63.18 -32.21
CA GLY M 551 -47.71 62.66 -31.20
C GLY M 551 -49.08 63.26 -31.11
N GLU M 552 -49.41 64.26 -31.94
CA GLU M 552 -50.73 64.85 -31.90
C GLU M 552 -51.77 63.88 -32.44
N ARG M 553 -53.03 64.14 -32.10
CA ARG M 553 -54.13 63.24 -32.43
C ARG M 553 -55.15 63.87 -33.36
N SER M 554 -54.75 64.91 -34.10
CA SER M 554 -55.69 65.59 -34.99
CA SER M 554 -55.69 65.59 -34.99
C SER M 554 -56.36 64.64 -35.99
N LEU M 555 -55.68 63.56 -36.38
CA LEU M 555 -56.21 62.66 -37.40
C LEU M 555 -57.44 61.88 -36.93
N VAL M 556 -57.68 61.79 -35.62
CA VAL M 556 -58.69 60.89 -35.10
C VAL M 556 -59.58 61.60 -34.09
N ILE M 557 -59.68 62.92 -34.16
CA ILE M 557 -60.54 63.67 -33.24
C ILE M 557 -61.44 64.58 -34.06
N PRO M 558 -62.60 64.95 -33.51
CA PRO M 558 -63.45 65.92 -34.19
C PRO M 558 -62.91 67.34 -34.02
N ALA M 559 -63.58 68.26 -34.70
CA ALA M 559 -63.23 69.66 -34.60
C ALA M 559 -64.55 70.38 -34.38
N GLY M 560 -65.11 70.94 -35.45
CA GLY M 560 -66.44 71.52 -35.40
C GLY M 560 -66.51 72.86 -34.69
N VAL M 561 -67.66 73.50 -34.80
CA VAL M 561 -67.84 74.83 -34.25
C VAL M 561 -68.18 74.76 -32.75
N ALA N 2 -3.74 53.27 20.04
CA ALA N 2 -5.18 53.00 20.14
C ALA N 2 -5.88 54.07 20.98
N ASP N 3 -7.16 54.21 20.76
CA ASP N 3 -7.97 55.22 21.44
C ASP N 3 -8.72 54.57 22.58
N THR N 4 -8.82 55.29 23.69
CA THR N 4 -9.69 54.90 24.80
C THR N 4 -10.65 56.03 25.11
N ILE N 5 -11.78 55.65 25.73
CA ILE N 5 -12.83 56.58 26.11
C ILE N 5 -13.34 56.17 27.48
N ASP N 6 -13.86 57.15 28.20
CA ASP N 6 -14.61 56.89 29.42
C ASP N 6 -16.09 56.86 29.03
N LEU N 7 -16.82 55.88 29.56
CA LEU N 7 -18.24 55.74 29.29
C LEU N 7 -19.03 56.30 30.47
N TYR N 8 -20.06 57.09 30.14
CA TYR N 8 -20.93 57.73 31.11
C TYR N 8 -22.37 57.42 30.76
N ASP N 9 -23.23 57.47 31.78
CA ASP N 9 -24.65 57.19 31.58
C ASP N 9 -25.42 58.46 31.22
N ASP N 10 -26.76 58.33 31.14
CA ASP N 10 -27.62 59.39 30.70
C ASP N 10 -27.74 60.50 31.73
N ARG N 11 -27.25 60.28 32.95
CA ARG N 11 -27.26 61.26 34.02
C ARG N 11 -25.87 61.82 34.30
N GLY N 12 -24.93 61.60 33.39
CA GLY N 12 -23.61 62.16 33.55
C GLY N 12 -22.74 61.45 34.57
N LYS N 13 -23.10 60.22 34.96
CA LYS N 13 -22.33 59.46 35.93
C LYS N 13 -21.41 58.49 35.21
N LYS N 14 -20.19 58.35 35.71
CA LYS N 14 -19.19 57.52 35.03
C LYS N 14 -19.51 56.05 35.23
N LEU N 15 -19.50 55.29 34.14
CA LEU N 15 -19.79 53.87 34.12
C LEU N 15 -18.54 53.02 34.03
N LYS N 16 -17.59 53.41 33.20
CA LYS N 16 -16.39 52.63 32.99
C LYS N 16 -15.30 53.55 32.46
N GLY N 17 -14.06 53.26 32.84
CA GLY N 17 -12.93 54.09 32.48
C GLY N 17 -11.97 53.38 31.54
N ASP N 18 -11.38 54.15 30.63
CA ASP N 18 -10.30 53.69 29.76
C ASP N 18 -10.73 52.46 28.94
N VAL N 19 -11.90 52.59 28.32
CA VAL N 19 -12.44 51.57 27.44
C VAL N 19 -11.81 51.71 26.07
N ASP N 20 -11.33 50.59 25.52
CA ASP N 20 -10.80 50.57 24.16
C ASP N 20 -11.92 50.95 23.19
N LEU N 21 -11.63 51.84 22.25
CA LEU N 21 -12.68 52.28 21.33
C LEU N 21 -13.31 51.09 20.60
N GLN N 22 -12.53 50.03 20.34
CA GLN N 22 -13.07 48.89 19.60
C GLN N 22 -14.15 48.16 20.39
N ALA N 23 -14.19 48.32 21.70
CA ALA N 23 -15.15 47.61 22.52
C ALA N 23 -16.57 48.13 22.40
N VAL N 24 -16.77 49.31 21.79
CA VAL N 24 -18.09 49.83 21.49
C VAL N 24 -18.41 49.71 20.00
N SER N 25 -17.64 48.92 19.26
CA SER N 25 -17.87 48.78 17.83
C SER N 25 -19.12 47.94 17.56
N PRO N 26 -19.90 48.31 16.55
CA PRO N 26 -21.02 47.44 16.14
C PRO N 26 -20.61 46.01 15.86
N LEU N 27 -19.36 45.78 15.47
CA LEU N 27 -18.90 44.43 15.14
C LEU N 27 -18.50 43.63 16.36
N LYS N 28 -18.45 44.26 17.55
CA LYS N 28 -17.84 43.62 18.73
C LYS N 28 -18.67 43.72 20.00
N ASN N 29 -19.37 44.83 20.22
CA ASN N 29 -20.09 45.03 21.48
C ASN N 29 -21.36 44.19 21.48
N SER N 30 -21.47 43.30 22.46
CA SER N 30 -22.60 42.36 22.47
C SER N 30 -23.92 43.09 22.68
N ALA N 31 -23.91 44.25 23.33
CA ALA N 31 -25.17 44.96 23.53
C ALA N 31 -25.66 45.58 22.24
N ILE N 32 -24.74 46.12 21.44
CA ILE N 32 -25.13 46.66 20.14
C ILE N 32 -25.66 45.55 19.23
N LEU N 33 -24.93 44.43 19.20
CA LEU N 33 -25.38 43.29 18.41
C LEU N 33 -26.78 42.84 18.82
N SER N 34 -27.06 42.85 20.13
CA SER N 34 -28.38 42.49 20.63
C SER N 34 -29.42 43.53 20.24
N MET N 35 -29.08 44.82 20.30
CA MET N 35 -30.01 45.84 19.82
C MET N 35 -30.41 45.60 18.36
N VAL N 36 -29.43 45.31 17.51
CA VAL N 36 -29.74 45.06 16.10
C VAL N 36 -30.66 43.85 15.96
N ASN N 37 -30.33 42.75 16.65
CA ASN N 37 -31.17 41.56 16.59
C ASN N 37 -32.59 41.85 17.08
N THR N 38 -32.69 42.63 18.16
CA THR N 38 -34.00 42.98 18.70
C THR N 38 -34.85 43.74 17.69
N VAL N 39 -34.28 44.77 17.03
CA VAL N 39 -35.12 45.54 16.12
C VAL N 39 -35.48 44.72 14.88
N LYS N 40 -34.62 43.77 14.48
CA LYS N 40 -34.93 42.93 13.33
C LYS N 40 -36.06 41.95 13.63
N ARG N 41 -36.04 41.31 14.81
CA ARG N 41 -36.94 40.19 15.03
C ARG N 41 -38.22 40.55 15.78
N THR N 42 -38.32 41.77 16.30
CA THR N 42 -39.47 42.16 17.11
C THR N 42 -40.51 42.85 16.24
N VAL N 43 -41.76 42.45 16.38
CA VAL N 43 -42.85 43.05 15.64
C VAL N 43 -43.98 43.35 16.61
N ALA N 44 -44.77 44.35 16.29
CA ALA N 44 -45.95 44.66 17.07
C ALA N 44 -47.17 44.27 16.25
N VAL N 45 -48.16 43.73 16.93
CA VAL N 45 -49.42 43.32 16.33
C VAL N 45 -50.52 44.20 16.89
N ASN N 46 -51.30 44.78 16.01
CA ASN N 46 -52.44 45.60 16.42
C ASN N 46 -53.70 44.73 16.37
N LEU N 47 -54.00 44.06 17.48
CA LEU N 47 -55.20 43.21 17.50
C LEU N 47 -56.47 44.03 17.41
N ALA N 48 -56.51 45.19 18.10
CA ALA N 48 -57.66 46.08 17.97
C ALA N 48 -57.87 46.52 16.53
N GLY N 49 -56.79 46.75 15.80
CA GLY N 49 -56.91 47.13 14.40
C GLY N 49 -57.44 46.01 13.54
N ILE N 50 -57.01 44.77 13.84
CA ILE N 50 -57.56 43.63 13.11
C ILE N 50 -59.06 43.51 13.40
N GLU N 51 -59.42 43.61 14.67
CA GLU N 51 -60.83 43.53 15.05
C GLU N 51 -61.68 44.57 14.33
N LYS N 52 -61.21 45.83 14.32
N LYS N 52 -61.19 45.81 14.29
CA LYS N 52 -61.97 46.90 13.65
CA LYS N 52 -61.97 46.91 13.65
C LYS N 52 -62.07 46.65 12.16
C LYS N 52 -62.06 46.66 12.14
N ALA N 53 -60.95 46.25 11.53
CA ALA N 53 -60.97 46.01 10.09
C ALA N 53 -61.96 44.94 9.71
N CYS N 54 -62.00 43.85 10.47
CA CYS N 54 -62.94 42.76 10.17
C CYS N 54 -64.38 43.17 10.46
N LYS N 55 -64.62 43.77 11.63
CA LYS N 55 -65.99 44.15 11.97
C LYS N 55 -66.55 45.21 11.04
N ASN N 56 -65.70 46.10 10.53
CA ASN N 56 -66.19 47.20 9.65
C ASN N 56 -65.86 46.96 8.17
N ALA N 57 -65.27 45.80 7.83
CA ALA N 57 -64.87 45.50 6.45
C ALA N 57 -64.03 46.62 5.86
N SER N 58 -63.11 47.15 6.66
CA SER N 58 -62.26 48.26 6.26
C SER N 58 -60.88 47.79 5.84
N TYR N 59 -60.82 46.57 5.31
CA TYR N 59 -59.55 45.98 4.88
C TYR N 59 -58.76 46.91 3.95
N GLY N 60 -57.48 47.12 4.29
CA GLY N 60 -56.59 47.92 3.48
C GLY N 60 -56.49 49.37 3.87
N GLY N 61 -57.41 49.87 4.68
CA GLY N 61 -57.36 51.25 5.15
C GLY N 61 -57.67 52.28 4.08
N GLN N 62 -57.32 53.52 4.40
CA GLN N 62 -57.54 54.67 3.53
C GLN N 62 -58.97 54.79 3.06
N SER N 63 -59.91 54.57 3.98
CA SER N 63 -61.34 54.74 3.82
C SER N 63 -61.93 53.59 3.01
N ARG N 64 -61.13 52.57 2.70
CA ARG N 64 -61.69 51.41 2.02
C ARG N 64 -62.78 50.79 2.89
N ASN N 65 -63.79 50.27 2.20
CA ASN N 65 -64.89 49.55 2.83
C ASN N 65 -65.41 48.60 1.76
N ILE N 66 -65.48 47.32 2.09
CA ILE N 66 -65.93 46.30 1.15
C ILE N 66 -67.29 45.83 1.66
N PRO N 67 -68.37 46.40 1.16
CA PRO N 67 -69.68 46.13 1.76
C PRO N 67 -69.99 44.66 1.73
N GLY N 68 -70.56 44.19 2.85
CA GLY N 68 -71.03 42.82 2.94
C GLY N 68 -69.98 41.82 3.38
N ARG N 69 -68.71 42.20 3.45
CA ARG N 69 -67.61 41.28 3.69
C ARG N 69 -67.06 41.42 5.10
N GLU N 70 -67.85 41.99 6.00
CA GLU N 70 -67.49 42.00 7.41
C GLU N 70 -67.35 40.57 7.93
N VAL N 71 -66.39 40.38 8.82
CA VAL N 71 -66.19 39.13 9.57
C VAL N 71 -66.21 39.50 11.04
N ASP N 72 -67.18 38.97 11.77
CA ASP N 72 -67.42 39.43 13.13
C ASP N 72 -66.58 38.54 14.04
N ILE N 73 -65.36 39.00 14.34
CA ILE N 73 -64.47 38.33 15.28
C ILE N 73 -63.92 39.35 16.27
N ASP N 74 -63.54 38.87 17.45
CA ASP N 74 -63.16 39.72 18.58
C ASP N 74 -61.79 39.36 19.16
N PRO N 75 -60.73 39.45 18.35
CA PRO N 75 -59.42 38.97 18.84
C PRO N 75 -58.91 39.66 20.09
N THR N 76 -59.30 40.93 20.36
CA THR N 76 -58.85 41.59 21.57
C THR N 76 -59.38 40.89 22.82
N ALA N 77 -60.57 40.31 22.72
CA ALA N 77 -61.15 39.59 23.84
C ALA N 77 -60.53 38.21 24.03
N LYS N 78 -59.79 37.71 23.05
CA LYS N 78 -59.14 36.41 23.10
C LYS N 78 -57.63 36.55 22.96
N ALA N 79 -57.09 37.68 23.41
CA ALA N 79 -55.68 37.99 23.13
C ALA N 79 -54.75 36.98 23.76
N ASP N 80 -55.08 36.48 24.94
CA ASP N 80 -54.16 35.54 25.59
C ASP N 80 -54.14 34.21 24.86
N LYS N 81 -55.30 33.74 24.41
CA LYS N 81 -55.36 32.50 23.65
C LYS N 81 -54.66 32.64 22.31
N ILE N 82 -54.92 33.74 21.60
CA ILE N 82 -54.26 33.98 20.33
C ILE N 82 -52.76 34.10 20.52
N ALA N 83 -52.33 34.81 21.56
CA ALA N 83 -50.90 34.93 21.81
C ALA N 83 -50.25 33.56 22.01
N ALA N 84 -50.88 32.69 22.80
CA ALA N 84 -50.27 31.39 23.04
C ALA N 84 -50.16 30.58 21.75
N ARG N 85 -51.16 30.69 20.88
CA ARG N 85 -51.13 29.96 19.63
C ARG N 85 -50.05 30.51 18.71
N VAL N 86 -49.92 31.84 18.63
CA VAL N 86 -48.87 32.43 17.82
C VAL N 86 -47.50 31.92 18.31
N LYS N 87 -47.28 31.94 19.63
CA LYS N 87 -46.00 31.47 20.14
C LYS N 87 -45.72 30.04 19.69
N GLU N 88 -46.72 29.17 19.80
CA GLU N 88 -46.52 27.77 19.44
C GLU N 88 -46.24 27.62 17.95
N LEU N 89 -46.84 28.48 17.13
CA LEU N 89 -46.64 28.38 15.68
C LEU N 89 -45.29 28.92 15.23
N ILE N 90 -44.73 29.91 15.90
CA ILE N 90 -43.48 30.50 15.43
C ILE N 90 -42.25 29.99 16.16
N GLN N 91 -42.40 29.44 17.36
CA GLN N 91 -41.25 28.99 18.12
C GLN N 91 -40.59 27.82 17.41
N VAL N 92 -39.26 27.84 17.36
CA VAL N 92 -38.54 26.72 16.74
C VAL N 92 -38.27 25.60 17.75
N GLU N 93 -37.87 25.96 18.97
CA GLU N 93 -37.62 25.03 20.06
C GLU N 93 -38.17 25.59 21.35
N LYS N 94 -38.71 24.71 22.19
CA LYS N 94 -39.09 25.11 23.54
C LYS N 94 -37.89 25.75 24.24
N GLY N 95 -38.13 26.86 24.90
CA GLY N 95 -37.07 27.56 25.59
C GLY N 95 -36.19 28.42 24.72
N ASP N 96 -36.49 28.56 23.44
CA ASP N 96 -35.71 29.46 22.59
C ASP N 96 -36.12 30.90 22.92
N ASP N 97 -35.60 31.86 22.17
CA ASP N 97 -35.80 33.27 22.50
C ASP N 97 -37.08 33.85 21.90
N THR N 98 -38.00 32.99 21.44
CA THR N 98 -39.33 33.46 21.06
C THR N 98 -40.02 34.04 22.27
N GLU N 99 -40.65 35.22 22.09
CA GLU N 99 -41.47 35.81 23.13
C GLU N 99 -42.72 36.34 22.47
N VAL N 100 -43.88 36.10 23.08
CA VAL N 100 -45.14 36.72 22.69
C VAL N 100 -45.79 37.25 23.95
N THR N 101 -46.12 38.54 23.97
CA THR N 101 -46.64 39.20 25.16
C THR N 101 -47.87 40.03 24.82
N VAL N 102 -48.94 39.85 25.60
CA VAL N 102 -50.14 40.67 25.43
C VAL N 102 -49.91 42.02 26.09
N LEU N 103 -50.20 43.10 25.35
CA LEU N 103 -50.06 44.48 25.82
C LEU N 103 -51.38 45.22 25.69
N GLY N 104 -51.44 46.37 26.34
CA GLY N 104 -52.64 47.22 26.26
C GLY N 104 -53.92 46.49 26.60
N GLY N 105 -53.86 45.57 27.57
CA GLY N 105 -55.06 44.85 27.96
C GLY N 105 -55.69 43.99 26.89
N GLY N 106 -54.96 43.66 25.85
CA GLY N 106 -55.49 42.88 24.74
C GLY N 106 -55.46 43.60 23.40
N LYS N 107 -55.17 44.89 23.40
CA LYS N 107 -55.21 45.66 22.12
C LYS N 107 -54.01 45.28 21.24
N PHE N 108 -52.88 44.87 21.83
CA PHE N 108 -51.67 44.63 21.06
C PHE N 108 -50.95 43.39 21.53
N LEU N 109 -50.10 42.86 20.65
CA LEU N 109 -49.10 41.84 21.01
C LEU N 109 -47.71 42.36 20.66
N ARG N 110 -46.73 42.04 21.50
CA ARG N 110 -45.32 42.14 21.10
C ARG N 110 -44.86 40.73 20.76
N VAL N 111 -44.35 40.54 19.56
CA VAL N 111 -43.84 39.24 19.14
C VAL N 111 -42.36 39.40 18.86
N ALA N 112 -41.54 38.74 19.65
CA ALA N 112 -40.11 38.65 19.37
C ALA N 112 -39.90 37.29 18.70
N ALA N 113 -39.76 37.29 17.38
CA ALA N 113 -39.61 36.05 16.64
C ALA N 113 -38.26 35.43 16.98
N PRO N 114 -38.15 34.10 16.92
CA PRO N 114 -36.87 33.45 17.26
C PRO N 114 -35.75 33.88 16.32
N THR N 115 -34.60 34.19 16.92
CA THR N 115 -33.41 34.52 16.15
C THR N 115 -33.12 33.52 15.05
N ARG N 116 -33.35 32.22 15.31
CA ARG N 116 -33.02 31.21 14.30
C ARG N 116 -33.77 31.45 12.98
N ARG N 117 -34.98 32.02 13.03
CA ARG N 117 -35.70 32.29 11.78
C ARG N 117 -34.99 33.38 10.98
N ILE N 118 -34.37 34.34 11.66
CA ILE N 118 -33.57 35.34 10.96
C ILE N 118 -32.30 34.71 10.40
N GLU N 119 -31.62 33.90 11.21
CA GLU N 119 -30.39 33.24 10.78
C GLU N 119 -30.61 32.36 9.55
N ALA N 120 -31.78 31.74 9.45
CA ALA N 120 -32.06 30.79 8.38
C ALA N 120 -32.43 31.49 7.09
N GLY N 121 -32.65 32.81 7.12
CA GLY N 121 -32.98 33.59 5.95
C GLY N 121 -31.86 34.52 5.56
N ALA N 122 -32.17 35.41 4.63
CA ALA N 122 -31.17 36.33 4.11
C ALA N 122 -31.32 37.74 4.61
N GLU N 123 -32.53 38.15 4.97
CA GLU N 123 -32.82 39.51 5.39
C GLU N 123 -33.33 39.49 6.82
N TYR N 124 -34.22 40.40 7.16
CA TYR N 124 -34.74 40.53 8.52
C TYR N 124 -36.24 40.30 8.56
N VAL N 125 -36.87 39.97 7.43
CA VAL N 125 -38.31 40.04 7.32
C VAL N 125 -39.02 38.83 7.90
N ALA N 126 -38.30 37.78 8.30
CA ALA N 126 -38.98 36.57 8.78
C ALA N 126 -39.81 36.84 10.01
N GLY N 127 -39.41 37.81 10.83
CA GLY N 127 -40.22 38.16 11.97
C GLY N 127 -41.60 38.66 11.53
N MET N 128 -41.61 39.58 10.58
CA MET N 128 -42.89 40.14 10.08
C MET N 128 -43.73 39.04 9.40
N THR N 129 -43.10 38.26 8.53
CA THR N 129 -43.88 37.32 7.75
C THR N 129 -44.38 36.16 8.61
N CYS N 130 -43.55 35.66 9.51
N CYS N 130 -43.53 35.66 9.50
CA CYS N 130 -43.95 34.49 10.26
CA CYS N 130 -43.92 34.47 10.31
C CYS N 130 -44.98 34.90 11.31
C CYS N 130 -44.97 34.89 11.35
N THR N 131 -44.90 36.14 11.81
CA THR N 131 -45.90 36.65 12.73
C THR N 131 -47.23 36.83 12.00
N ALA N 132 -47.21 37.44 10.83
CA ALA N 132 -48.44 37.60 10.07
C ALA N 132 -49.06 36.25 9.75
N ALA N 133 -48.25 35.27 9.37
CA ALA N 133 -48.78 33.96 9.06
C ALA N 133 -49.31 33.26 10.30
N ALA N 134 -48.58 33.33 11.42
CA ALA N 134 -49.06 32.70 12.64
C ALA N 134 -50.37 33.32 13.10
N LEU N 135 -50.49 34.64 12.99
CA LEU N 135 -51.73 35.30 13.40
CA LEU N 135 -51.72 35.31 13.40
C LEU N 135 -52.89 34.91 12.50
N THR N 136 -52.66 34.84 11.19
CA THR N 136 -53.76 34.49 10.29
C THR N 136 -54.27 33.10 10.61
N GLU N 137 -53.35 32.16 10.84
CA GLU N 137 -53.75 30.81 11.19
C GLU N 137 -54.45 30.78 12.54
N ALA N 138 -53.91 31.49 13.52
CA ALA N 138 -54.52 31.50 14.85
C ALA N 138 -55.95 32.01 14.78
N LEU N 139 -56.19 33.03 13.95
CA LEU N 139 -57.53 33.56 13.79
C LEU N 139 -58.44 32.59 13.05
N ARG N 140 -57.94 31.99 11.98
CA ARG N 140 -58.73 30.99 11.26
C ARG N 140 -59.18 29.87 12.19
N GLU N 141 -58.26 29.36 13.04
CA GLU N 141 -58.60 28.28 13.97
C GLU N 141 -59.61 28.74 15.01
N GLU N 142 -59.33 29.87 15.66
CA GLU N 142 -60.15 30.31 16.78
C GLU N 142 -61.58 30.58 16.35
N TYR N 143 -61.76 31.19 15.19
CA TYR N 143 -63.06 31.65 14.75
C TYR N 143 -63.69 30.74 13.72
N ASN N 144 -63.12 29.57 13.48
CA ASN N 144 -63.69 28.57 12.56
C ASN N 144 -63.97 29.15 11.19
N LEU N 145 -62.99 29.88 10.66
CA LEU N 145 -63.14 30.52 9.37
C LEU N 145 -62.97 29.48 8.26
N GLY N 146 -63.51 29.81 7.11
CA GLY N 146 -63.61 28.87 6.03
C GLY N 146 -63.02 29.36 4.72
N LEU N 147 -63.46 28.74 3.61
CA LEU N 147 -62.79 28.96 2.34
C LEU N 147 -62.85 30.41 1.90
N TYR N 148 -64.01 31.06 2.05
CA TYR N 148 -64.25 32.33 1.38
C TYR N 148 -64.20 33.55 2.30
N ASP N 149 -64.19 33.36 3.63
CA ASP N 149 -64.00 34.50 4.53
C ASP N 149 -62.58 34.63 5.06
N THR N 150 -61.82 33.54 5.18
CA THR N 150 -60.44 33.68 5.63
C THR N 150 -59.61 34.65 4.77
N PRO N 151 -59.77 34.71 3.43
CA PRO N 151 -58.96 35.68 2.66
C PRO N 151 -59.15 37.13 3.13
N TYR N 152 -60.35 37.51 3.54
CA TYR N 152 -60.59 38.86 4.03
C TYR N 152 -59.86 39.09 5.35
N VAL N 153 -59.95 38.14 6.27
CA VAL N 153 -59.22 38.23 7.54
C VAL N 153 -57.72 38.28 7.29
N LYS N 154 -57.25 37.53 6.29
CA LYS N 154 -55.83 37.60 5.93
C LYS N 154 -55.45 39.03 5.57
N ASN N 155 -56.30 39.73 4.81
CA ASN N 155 -55.99 41.12 4.47
C ASN N 155 -56.06 42.03 5.69
N ALA N 156 -56.89 41.69 6.68
CA ALA N 156 -56.88 42.47 7.92
C ALA N 156 -55.52 42.41 8.58
N VAL N 157 -54.83 41.28 8.46
CA VAL N 157 -53.50 41.11 9.05
C VAL N 157 -52.43 41.71 8.15
N TRP N 158 -52.37 41.25 6.89
CA TRP N 158 -51.29 41.54 5.98
C TRP N 158 -51.53 42.80 5.14
N GLY N 159 -52.67 43.47 5.31
CA GLY N 159 -52.97 44.62 4.47
C GLY N 159 -53.19 44.20 3.03
N THR N 160 -52.78 45.07 2.10
CA THR N 160 -52.94 44.83 0.67
C THR N 160 -51.82 43.98 0.05
N TYR N 161 -50.94 43.40 0.89
CA TYR N 161 -49.96 42.45 0.38
C TYR N 161 -50.70 41.20 -0.15
N PRO N 162 -50.40 40.69 -1.37
CA PRO N 162 -49.27 41.02 -2.26
C PRO N 162 -49.53 41.89 -3.46
N GLN N 163 -50.69 42.57 -3.52
CA GLN N 163 -50.89 43.55 -4.58
C GLN N 163 -49.88 44.68 -4.41
N THR N 164 -49.55 45.01 -3.17
CA THR N 164 -48.45 45.92 -2.84
C THR N 164 -47.27 45.12 -2.30
N MET N 165 -46.08 45.74 -2.36
N MET N 165 -46.08 45.74 -2.36
CA MET N 165 -44.86 45.06 -1.84
CA MET N 165 -44.85 45.06 -1.85
C MET N 165 -44.82 45.08 -0.30
C MET N 165 -44.82 45.08 -0.32
N ASP N 166 -45.60 45.98 0.30
CA ASP N 166 -45.63 46.09 1.78
C ASP N 166 -47.02 45.68 2.25
N MET N 167 -47.09 45.46 3.58
CA MET N 167 -48.37 45.11 4.24
C MET N 167 -49.13 46.42 4.48
N LYS N 168 -49.38 47.15 3.39
CA LYS N 168 -50.04 48.48 3.51
C LYS N 168 -51.46 48.33 4.05
N GLY N 169 -51.77 49.08 5.10
CA GLY N 169 -53.11 49.00 5.71
C GLY N 169 -53.25 47.79 6.62
N GLY N 170 -52.14 47.09 6.84
CA GLY N 170 -52.17 45.89 7.70
C GLY N 170 -52.05 46.20 9.17
N ASN N 171 -51.78 45.17 9.96
CA ASN N 171 -51.79 45.30 11.42
C ASN N 171 -50.61 44.59 12.05
N VAL N 172 -49.53 44.45 11.29
CA VAL N 172 -48.26 43.93 11.77
C VAL N 172 -47.23 45.01 11.48
N LEU N 173 -46.47 45.42 12.50
CA LEU N 173 -45.61 46.59 12.41
C LEU N 173 -44.22 46.27 12.91
N SER N 174 -43.22 46.80 12.22
CA SER N 174 -41.84 46.73 12.62
C SER N 174 -41.31 48.15 12.69
N VAL N 175 -40.23 48.35 13.46
CA VAL N 175 -39.57 49.65 13.41
C VAL N 175 -38.77 49.80 12.11
N LEU N 176 -38.48 48.69 11.43
CA LEU N 176 -37.86 48.70 10.11
C LEU N 176 -38.95 48.74 9.05
N SER N 177 -38.54 48.98 7.80
CA SER N 177 -39.45 48.98 6.65
C SER N 177 -39.12 47.77 5.77
N ILE N 178 -39.72 47.71 4.57
CA ILE N 178 -39.42 46.60 3.67
C ILE N 178 -38.07 46.83 2.98
N PRO N 179 -37.36 45.76 2.62
CA PRO N 179 -36.04 45.95 1.99
C PRO N 179 -36.10 46.76 0.71
N GLN N 180 -37.22 46.69 -0.03
CA GLN N 180 -37.28 47.37 -1.31
C GLN N 180 -37.36 48.87 -1.17
N ASN N 181 -37.57 49.39 0.05
CA ASN N 181 -37.53 50.81 0.32
C ASN N 181 -36.12 51.33 0.58
N ASP N 182 -35.12 50.44 0.71
CA ASP N 182 -33.73 50.87 0.85
C ASP N 182 -33.36 51.78 -0.31
N GLU N 183 -32.75 52.92 -0.01
CA GLU N 183 -32.27 53.81 -1.11
C GLU N 183 -31.02 53.22 -1.77
N GLY N 184 -30.26 52.43 -1.03
CA GLY N 184 -29.02 51.91 -1.54
C GLY N 184 -28.58 50.71 -0.75
N LEU N 185 -27.31 50.34 -0.90
CA LEU N 185 -26.82 49.10 -0.32
C LEU N 185 -26.46 49.33 1.14
N GLY N 186 -27.11 48.57 2.02
CA GLY N 186 -26.83 48.62 3.43
C GLY N 186 -27.67 49.58 4.23
N PHE N 187 -28.83 50.01 3.68
CA PHE N 187 -29.66 51.06 4.27
C PHE N 187 -30.80 50.57 5.18
N ALA N 188 -30.97 49.26 5.41
CA ALA N 188 -32.15 48.80 6.16
C ALA N 188 -32.20 49.36 7.59
N LEU N 189 -31.06 49.33 8.31
CA LEU N 189 -31.02 49.88 9.66
C LEU N 189 -31.05 51.41 9.67
N ARG N 190 -30.84 52.06 8.51
CA ARG N 190 -30.99 53.50 8.39
C ARG N 190 -32.44 53.92 8.25
N ASN N 191 -33.37 52.97 7.98
CA ASN N 191 -34.75 53.33 7.65
C ASN N 191 -35.65 53.24 8.87
N ILE N 192 -35.30 53.99 9.91
CA ILE N 192 -36.04 53.99 11.17
C ILE N 192 -36.55 55.40 11.44
N MET N 193 -37.87 55.57 11.40
N MET N 193 -37.86 55.56 11.37
CA MET N 193 -38.50 56.87 11.52
CA MET N 193 -38.50 56.85 11.59
C MET N 193 -38.14 57.57 12.84
C MET N 193 -37.96 57.53 12.83
N ALA N 194 -37.76 58.86 12.76
CA ALA N 194 -37.33 59.57 13.97
C ALA N 194 -38.38 59.50 15.07
N ASN N 195 -39.66 59.53 14.70
CA ASN N 195 -40.72 59.37 15.71
C ASN N 195 -40.62 58.02 16.41
N HIS N 196 -40.24 56.96 15.67
CA HIS N 196 -40.04 55.66 16.32
C HIS N 196 -38.89 55.71 17.30
N LEU N 197 -37.78 56.33 16.90
CA LEU N 197 -36.61 56.44 17.77
C LEU N 197 -36.97 57.14 19.07
N ALA N 198 -37.78 58.20 19.00
CA ALA N 198 -38.20 58.91 20.22
C ALA N 198 -39.02 58.01 21.13
N MET N 199 -39.84 57.13 20.55
CA MET N 199 -40.63 56.21 21.38
C MET N 199 -39.77 55.08 21.92
N LEU N 200 -38.83 54.55 21.15
CA LEU N 200 -37.92 53.56 21.71
C LEU N 200 -37.22 54.09 22.95
N SER N 201 -36.85 55.36 22.94
CA SER N 201 -36.11 55.93 24.05
C SER N 201 -37.02 56.41 25.16
N GLN N 202 -38.34 56.29 25.00
CA GLN N 202 -39.31 56.84 25.96
C GLN N 202 -39.08 58.33 26.21
N ARG N 203 -38.61 59.15 25.16
CA ARG N 203 -38.36 60.59 25.20
C ARG N 203 -37.27 60.98 26.20
N ASN N 204 -36.39 59.98 26.57
CA ASN N 204 -35.17 60.32 27.29
C ASN N 204 -34.14 60.70 26.22
N ALA N 205 -33.79 61.99 26.14
CA ALA N 205 -33.01 62.46 24.99
C ALA N 205 -31.61 61.86 24.96
N MET N 206 -30.98 61.63 26.11
CA MET N 206 -29.67 60.98 26.07
C MET N 206 -29.75 59.58 25.54
N ASN N 207 -30.77 58.83 25.95
CA ASN N 207 -30.92 57.47 25.45
C ASN N 207 -31.31 57.48 24.00
N CYS N 208 -32.07 58.49 23.58
CA CYS N 208 -32.44 58.62 22.18
C CYS N 208 -31.20 58.84 21.31
N ALA N 209 -30.29 59.72 21.75
CA ALA N 209 -29.03 59.90 21.03
C ALA N 209 -28.30 58.58 20.88
N ALA N 210 -28.22 57.80 21.96
CA ALA N 210 -27.50 56.53 21.94
C ALA N 210 -28.14 55.52 20.98
N ILE N 211 -29.45 55.27 21.14
CA ILE N 211 -30.13 54.30 20.28
C ILE N 211 -30.01 54.70 18.82
N SER N 212 -30.24 55.97 18.52
CA SER N 212 -30.23 56.39 17.12
C SER N 212 -28.82 56.35 16.53
N SER N 213 -27.82 56.82 17.29
CA SER N 213 -26.45 56.77 16.79
C SER N 213 -25.97 55.34 16.58
N ILE N 214 -26.27 54.45 17.54
CA ILE N 214 -25.89 53.05 17.38
C ILE N 214 -26.43 52.50 16.06
N LEU N 215 -27.74 52.66 15.83
CA LEU N 215 -28.35 52.04 14.66
C LEU N 215 -27.87 52.71 13.38
N GLU N 216 -27.70 54.03 13.40
CA GLU N 216 -27.14 54.71 12.23
C GLU N 216 -25.77 54.15 11.88
N HIS N 217 -24.88 54.02 12.89
CA HIS N 217 -23.54 53.52 12.60
C HIS N 217 -23.52 52.05 12.24
N CYS N 218 -24.44 51.26 12.79
CA CYS N 218 -24.56 49.88 12.31
C CYS N 218 -24.88 49.89 10.83
N GLY N 219 -25.74 50.80 10.39
CA GLY N 219 -26.03 50.92 8.97
C GLY N 219 -24.80 51.31 8.17
N VAL N 220 -24.03 52.28 8.66
CA VAL N 220 -22.83 52.72 7.95
C VAL N 220 -21.84 51.57 7.80
N PHE N 221 -21.70 50.76 8.85
CA PHE N 221 -20.84 49.59 8.73
C PHE N 221 -21.36 48.63 7.64
N GLU N 222 -22.68 48.40 7.60
CA GLU N 222 -23.24 47.48 6.61
C GLU N 222 -23.09 48.03 5.19
N MET N 223 -23.02 49.37 5.06
CA MET N 223 -22.78 50.02 3.78
C MET N 223 -21.33 49.89 3.31
N GLY N 224 -20.43 49.38 4.14
CA GLY N 224 -19.04 49.29 3.73
C GLY N 224 -18.29 50.59 3.86
N GLN N 225 -18.79 51.53 4.66
CA GLN N 225 -18.21 52.87 4.79
C GLN N 225 -17.56 53.07 6.15
N ALA N 226 -17.18 51.97 6.81
CA ALA N 226 -16.39 52.02 8.04
C ALA N 226 -15.22 51.04 7.95
N ILE N 227 -14.52 51.08 6.82
CA ILE N 227 -13.40 50.20 6.52
C ILE N 227 -12.10 50.98 6.64
N GLY N 228 -11.07 50.33 7.16
CA GLY N 228 -9.75 50.96 7.23
C GLY N 228 -9.78 52.19 8.12
N LEU N 229 -9.18 53.27 7.63
CA LEU N 229 -9.15 54.53 8.38
C LEU N 229 -10.56 55.00 8.71
N PHE N 230 -11.54 54.67 7.87
CA PHE N 230 -12.92 55.13 8.09
C PHE N 230 -13.55 54.44 9.28
N GLU N 231 -13.02 53.29 9.72
CA GLU N 231 -13.52 52.67 10.94
C GLU N 231 -13.27 53.56 12.14
N ARG N 232 -12.03 54.06 12.29
CA ARG N 232 -11.75 54.99 13.39
C ARG N 232 -12.61 56.26 13.29
N TYR N 233 -12.73 56.80 12.07
CA TYR N 233 -13.55 57.98 11.84
C TYR N 233 -14.97 57.76 12.34
N GLN N 234 -15.59 56.65 11.94
CA GLN N 234 -16.97 56.41 12.34
C GLN N 234 -17.09 56.08 13.82
N LEU N 235 -16.17 55.25 14.34
CA LEU N 235 -16.27 54.85 15.74
C LEU N 235 -16.13 56.05 16.68
N LEU N 236 -15.24 56.99 16.35
CA LEU N 236 -15.10 58.17 17.21
C LEU N 236 -16.39 59.00 17.22
N ALA N 237 -17.04 59.09 16.06
CA ALA N 237 -18.28 59.84 15.98
C ALA N 237 -19.37 59.15 16.79
N LEU N 238 -19.46 57.82 16.69
CA LEU N 238 -20.42 57.08 17.51
C LEU N 238 -20.16 57.33 18.98
N ALA N 239 -18.90 57.18 19.40
CA ALA N 239 -18.58 57.25 20.82
C ALA N 239 -18.89 58.64 21.38
N TYR N 240 -18.44 59.68 20.68
CA TYR N 240 -18.53 61.04 21.21
C TYR N 240 -19.89 61.66 20.99
N GLN N 241 -20.57 61.35 19.87
CA GLN N 241 -21.88 61.95 19.64
C GLN N 241 -23.00 61.13 20.24
N GLY N 242 -22.90 59.81 20.16
CA GLY N 242 -23.98 58.93 20.55
C GLY N 242 -23.83 58.27 21.91
N LEU N 243 -22.59 58.03 22.36
CA LEU N 243 -22.37 57.29 23.59
C LEU N 243 -21.84 58.17 24.72
N ASN N 244 -21.95 59.48 24.58
CA ASN N 244 -21.58 60.39 25.66
C ASN N 244 -20.15 60.12 26.14
N ALA N 245 -19.25 59.81 25.20
CA ALA N 245 -17.88 59.53 25.62
C ALA N 245 -17.32 60.71 26.40
N ASN N 246 -16.64 60.40 27.50
CA ASN N 246 -15.99 61.40 28.34
C ASN N 246 -16.97 62.43 28.88
N ASN N 247 -18.27 62.11 28.84
CA ASN N 247 -19.32 62.97 29.37
C ASN N 247 -19.44 64.27 28.59
N MET N 248 -18.90 64.31 27.37
CA MET N 248 -18.78 65.60 26.71
C MET N 248 -20.13 66.14 26.27
N VAL N 249 -21.01 65.30 25.69
CA VAL N 249 -22.31 65.81 25.28
C VAL N 249 -23.10 66.27 26.50
N TYR N 250 -23.09 65.44 27.56
CA TYR N 250 -23.83 65.76 28.77
C TYR N 250 -23.33 67.07 29.36
N GLU N 251 -22.02 67.20 29.50
CA GLU N 251 -21.47 68.37 30.19
C GLU N 251 -21.59 69.65 29.35
N MET N 252 -21.39 69.55 28.04
CA MET N 252 -21.56 70.73 27.19
C MET N 252 -23.01 71.19 27.21
N THR N 253 -23.96 70.24 27.20
CA THR N 253 -25.36 70.62 27.33
C THR N 253 -25.63 71.28 28.68
N LYS N 254 -25.15 70.66 29.77
CA LYS N 254 -25.36 71.21 31.09
C LYS N 254 -24.77 72.61 31.22
N ASN N 255 -23.54 72.79 30.71
CA ASN N 255 -22.89 74.09 30.80
C ASN N 255 -23.60 75.17 29.99
N ASN N 256 -24.38 74.79 28.98
CA ASN N 256 -25.06 75.74 28.12
C ASN N 256 -26.57 75.74 28.28
N GLY N 257 -27.09 75.00 29.24
CA GLY N 257 -28.52 74.77 29.29
C GLY N 257 -29.34 75.88 29.89
N LYS N 258 -28.75 76.74 30.72
CA LYS N 258 -29.53 77.80 31.34
C LYS N 258 -29.62 79.02 30.44
N THR N 259 -28.50 79.45 29.85
CA THR N 259 -28.49 80.67 29.06
C THR N 259 -27.82 80.51 27.71
N GLY N 260 -27.40 79.30 27.32
CA GLY N 260 -26.64 79.12 26.11
C GLY N 260 -27.47 79.07 24.83
N THR N 261 -26.73 79.15 23.72
CA THR N 261 -27.28 79.23 22.38
C THR N 261 -26.46 78.32 21.47
N ILE N 262 -26.87 78.22 20.20
CA ILE N 262 -26.04 77.50 19.24
C ILE N 262 -24.62 78.05 19.28
N GLY N 263 -24.49 79.37 19.31
CA GLY N 263 -23.18 80.00 19.23
C GLY N 263 -22.28 79.71 20.43
N THR N 264 -22.86 79.70 21.64
CA THR N 264 -22.03 79.41 22.81
C THR N 264 -21.56 77.97 22.81
N VAL N 265 -22.36 77.06 22.25
CA VAL N 265 -21.90 75.67 22.12
C VAL N 265 -20.78 75.57 21.09
N VAL N 266 -20.86 76.33 19.99
CA VAL N 266 -19.73 76.44 19.07
C VAL N 266 -18.48 76.84 19.83
N GLN N 267 -18.61 77.89 20.64
CA GLN N 267 -17.46 78.41 21.38
C GLN N 267 -16.90 77.38 22.33
N GLU N 268 -17.74 76.67 23.07
CA GLU N 268 -17.21 75.66 23.98
C GLU N 268 -16.54 74.51 23.22
N THR N 269 -17.07 74.13 22.07
CA THR N 269 -16.47 73.04 21.31
C THR N 269 -15.06 73.41 20.87
N VAL N 270 -14.90 74.62 20.34
CA VAL N 270 -13.57 75.07 19.93
C VAL N 270 -12.65 75.13 21.14
N GLY N 271 -13.15 75.68 22.25
CA GLY N 271 -12.32 75.77 23.46
C GLY N 271 -11.85 74.41 23.96
N ARG N 272 -12.75 73.42 23.94
CA ARG N 272 -12.37 72.07 24.43
C ARG N 272 -11.34 71.44 23.50
N ALA N 273 -11.52 71.57 22.18
CA ALA N 273 -10.58 71.00 21.20
C ALA N 273 -9.18 71.61 21.36
N LEU N 274 -9.14 72.92 21.60
CA LEU N 274 -7.83 73.62 21.81
C LEU N 274 -7.22 73.14 23.13
N ASP N 275 -8.02 73.15 24.19
CA ASP N 275 -7.47 72.74 25.48
C ASP N 275 -7.04 71.28 25.49
N ASP N 276 -7.73 70.42 24.73
CA ASP N 276 -7.39 69.00 24.70
C ASP N 276 -6.31 68.66 23.68
N GLY N 277 -5.81 69.63 22.93
CA GLY N 277 -4.77 69.38 21.96
C GLY N 277 -5.23 68.82 20.63
N VAL N 278 -6.55 68.77 20.39
CA VAL N 278 -7.08 68.25 19.13
C VAL N 278 -6.81 69.21 17.99
N ILE N 279 -6.87 70.50 18.25
CA ILE N 279 -6.53 71.54 17.29
C ILE N 279 -5.50 72.48 17.91
N SER N 280 -4.76 73.19 17.06
CA SER N 280 -3.84 74.23 17.48
C SER N 280 -3.91 75.40 16.53
N VAL N 281 -3.44 76.56 16.99
CA VAL N 281 -3.30 77.69 16.09
C VAL N 281 -2.27 77.34 15.03
N ASP N 282 -2.62 77.55 13.77
CA ASP N 282 -1.74 77.29 12.63
C ASP N 282 -1.04 78.57 12.19
N LYS N 283 -1.81 79.56 11.71
CA LYS N 283 -1.26 80.82 11.26
C LYS N 283 -2.20 81.95 11.68
N THR N 284 -1.66 83.17 11.72
CA THR N 284 -2.44 84.36 12.02
C THR N 284 -2.43 85.29 10.83
N MET N 285 -3.62 85.73 10.42
CA MET N 285 -3.75 86.69 9.32
C MET N 285 -3.50 88.11 9.83
N PRO N 286 -3.28 89.07 8.92
CA PRO N 286 -2.93 90.43 9.35
C PRO N 286 -3.96 91.08 10.27
N SER N 287 -5.24 90.76 10.15
CA SER N 287 -6.27 91.29 11.04
C SER N 287 -6.18 90.74 12.45
N GLY N 288 -5.43 89.67 12.67
CA GLY N 288 -5.41 88.98 13.94
C GLY N 288 -6.22 87.70 13.96
N TYR N 289 -7.04 87.47 12.94
CA TYR N 289 -7.79 86.23 12.83
C TYR N 289 -6.82 85.04 12.74
N LYS N 290 -7.16 84.04 13.55
CA LYS N 290 -6.31 82.84 13.63
C LYS N 290 -6.86 81.65 12.84
N VAL N 291 -6.05 81.13 11.96
CA VAL N 291 -6.38 79.88 11.26
C VAL N 291 -5.90 78.73 12.13
N TYR N 292 -6.80 77.81 12.44
CA TYR N 292 -6.45 76.63 13.22
C TYR N 292 -6.08 75.46 12.31
N LYS N 293 -5.42 74.47 12.90
CA LYS N 293 -5.14 73.20 12.25
C LYS N 293 -5.57 72.08 13.16
N ALA N 294 -5.99 70.97 12.56
CA ALA N 294 -6.39 69.78 13.29
C ALA N 294 -5.18 68.90 13.48
N ASN N 295 -4.83 68.63 14.75
CA ASN N 295 -3.73 67.71 15.02
C ASN N 295 -4.17 66.26 14.91
N ASP N 296 -5.44 66.00 15.19
CA ASP N 296 -6.05 64.67 15.02
C ASP N 296 -7.34 64.93 14.26
N VAL N 297 -7.33 64.63 12.96
CA VAL N 297 -8.47 64.98 12.10
C VAL N 297 -9.72 64.24 12.51
N CYS N 298 -9.62 62.91 12.71
CA CYS N 298 -10.80 62.16 13.14
C CYS N 298 -11.35 62.65 14.48
N MET N 299 -10.47 63.01 15.41
CA MET N 299 -10.93 63.50 16.70
C MET N 299 -11.57 64.87 16.57
N TRP N 300 -11.03 65.73 15.71
CA TRP N 300 -11.70 67.01 15.48
C TRP N 300 -13.13 66.80 14.99
N ASN N 301 -13.33 65.86 14.06
CA ASN N 301 -14.69 65.57 13.63
C ASN N 301 -15.56 65.11 14.80
N ALA N 302 -15.03 64.24 15.66
CA ALA N 302 -15.84 63.73 16.76
C ALA N 302 -16.24 64.85 17.72
N TYR N 303 -15.32 65.78 17.99
CA TYR N 303 -15.68 66.94 18.81
C TYR N 303 -16.76 67.77 18.14
N CYS N 304 -16.68 67.95 16.82
CA CYS N 304 -17.75 68.66 16.12
C CYS N 304 -19.06 67.90 16.21
N ALA N 305 -18.99 66.57 16.16
CA ALA N 305 -20.23 65.80 16.25
C ALA N 305 -20.85 65.94 17.62
N ALA N 306 -20.04 65.85 18.68
CA ALA N 306 -20.56 66.08 20.03
C ALA N 306 -21.15 67.48 20.17
N GLY N 307 -20.45 68.49 19.66
CA GLY N 307 -20.97 69.84 19.76
C GLY N 307 -22.27 70.03 19.01
N THR N 308 -22.40 69.37 17.83
CA THR N 308 -23.64 69.44 17.08
C THR N 308 -24.79 68.88 17.90
N MET N 309 -24.54 67.78 18.61
CA MET N 309 -25.59 67.16 19.41
C MET N 309 -25.91 68.03 20.64
N ALA N 310 -24.89 68.53 21.34
CA ALA N 310 -25.18 69.42 22.47
C ALA N 310 -25.91 70.67 22.02
N ALA N 311 -25.54 71.24 20.86
CA ALA N 311 -26.26 72.40 20.34
C ALA N 311 -27.73 72.09 20.11
N THR N 312 -28.02 70.89 19.59
CA THR N 312 -29.41 70.50 19.40
C THR N 312 -30.12 70.42 20.74
N MET N 313 -29.47 69.83 21.74
CA MET N 313 -30.11 69.71 23.05
C MET N 313 -30.37 71.09 23.66
N VAL N 314 -29.44 72.02 23.47
CA VAL N 314 -29.59 73.34 24.06
C VAL N 314 -30.65 74.14 23.34
N ASN N 315 -30.63 74.12 22.01
CA ASN N 315 -31.52 74.99 21.23
C ASN N 315 -32.93 74.42 21.13
N CYS N 316 -33.08 73.14 20.72
CA CYS N 316 -34.39 72.50 20.75
C CYS N 316 -34.91 72.33 22.16
N GLY N 317 -34.02 72.16 23.13
CA GLY N 317 -34.48 72.07 24.52
C GLY N 317 -35.06 73.39 25.00
N ALA N 318 -34.43 74.50 24.62
CA ALA N 318 -34.95 75.80 25.02
C ALA N 318 -36.29 76.07 24.34
N LEU N 319 -36.41 75.70 23.08
CA LEU N 319 -37.66 75.84 22.33
C LEU N 319 -38.72 74.84 22.77
N ARG N 320 -38.30 73.74 23.40
CA ARG N 320 -39.13 72.55 23.61
C ARG N 320 -39.87 72.22 22.32
N GLY N 321 -39.11 72.22 21.23
CA GLY N 321 -39.66 72.06 19.91
C GLY N 321 -38.67 71.44 18.95
N ALA N 322 -39.14 70.52 18.13
CA ALA N 322 -38.22 69.77 17.29
C ALA N 322 -37.69 70.55 16.10
N GLN N 323 -38.44 71.56 15.60
CA GLN N 323 -38.14 72.08 14.26
C GLN N 323 -36.80 72.78 14.18
N ALA N 324 -36.31 73.31 15.31
CA ALA N 324 -35.03 74.00 15.29
C ALA N 324 -33.83 73.09 15.06
N VAL N 325 -34.01 71.77 15.00
CA VAL N 325 -32.85 70.90 14.77
C VAL N 325 -32.24 71.14 13.40
N SER N 326 -33.06 71.48 12.40
CA SER N 326 -32.52 71.67 11.06
C SER N 326 -31.58 72.87 11.02
N SER N 327 -31.99 74.01 11.61
CA SER N 327 -31.10 75.16 11.65
C SER N 327 -29.94 74.95 12.62
N THR N 328 -30.14 74.20 13.68
CA THR N 328 -29.05 73.98 14.67
C THR N 328 -27.88 73.25 13.99
N LEU N 329 -28.17 72.19 13.24
CA LEU N 329 -27.10 71.41 12.56
C LEU N 329 -26.40 72.27 11.51
N LEU N 330 -27.19 73.10 10.83
CA LEU N 330 -26.61 73.98 9.78
C LEU N 330 -25.70 75.04 10.42
N TYR N 331 -26.23 75.80 11.37
CA TYR N 331 -25.47 76.98 11.89
C TYR N 331 -24.37 76.59 12.87
N PHE N 332 -24.54 75.49 13.60
CA PHE N 332 -23.40 75.06 14.44
C PHE N 332 -22.19 74.85 13.54
N ASN N 333 -22.40 74.12 12.41
CA ASN N 333 -21.27 73.75 11.58
C ASN N 333 -20.78 74.87 10.68
N ASP N 334 -21.69 75.65 10.08
CA ASP N 334 -21.27 76.85 9.34
C ASP N 334 -20.44 77.74 10.25
N MET N 335 -20.94 78.00 11.46
CA MET N 335 -20.27 78.96 12.32
C MET N 335 -18.96 78.40 12.90
N ILE N 336 -18.89 77.10 13.19
CA ILE N 336 -17.61 76.57 13.68
C ILE N 336 -16.54 76.67 12.59
N GLU N 337 -16.90 76.51 11.33
CA GLU N 337 -15.94 76.72 10.24
C GLU N 337 -15.49 78.18 10.19
N LYS N 338 -16.43 79.12 10.28
CA LYS N 338 -16.05 80.53 10.28
C LYS N 338 -15.16 80.88 11.48
N GLU N 339 -15.39 80.21 12.61
CA GLU N 339 -14.64 80.49 13.83
C GLU N 339 -13.20 79.97 13.77
N THR N 340 -12.94 78.93 12.96
CA THR N 340 -11.66 78.21 13.05
C THR N 340 -10.92 78.06 11.72
N SER N 341 -11.62 78.17 10.60
CA SER N 341 -11.10 77.80 9.27
C SER N 341 -10.77 76.33 9.15
N LEU N 342 -11.34 75.50 10.04
CA LEU N 342 -11.36 74.06 9.91
C LEU N 342 -12.73 73.62 9.40
N PRO N 343 -12.80 72.52 8.67
CA PRO N 343 -14.12 72.01 8.22
C PRO N 343 -14.91 71.47 9.39
N GLY N 344 -16.23 71.61 9.31
CA GLY N 344 -17.13 71.15 10.34
C GLY N 344 -17.49 69.67 10.23
N CYS N 345 -18.54 69.29 10.94
CA CYS N 345 -18.82 67.87 11.14
C CYS N 345 -19.09 67.16 9.82
N ASP N 346 -18.42 66.03 9.63
CA ASP N 346 -18.56 65.23 8.41
C ASP N 346 -18.20 66.07 7.18
N TRP N 347 -17.29 67.04 7.43
CA TRP N 347 -16.65 67.85 6.39
C TRP N 347 -17.66 68.54 5.48
N GLY N 348 -18.72 69.08 6.08
CA GLY N 348 -19.75 69.78 5.35
C GLY N 348 -21.00 68.96 5.15
N ARG N 349 -20.93 67.66 5.37
CA ARG N 349 -22.09 66.82 5.07
C ARG N 349 -23.18 66.89 6.13
N VAL N 350 -22.85 67.21 7.39
CA VAL N 350 -23.92 67.55 8.33
C VAL N 350 -24.58 68.87 7.95
N GLU N 351 -23.78 69.90 7.66
CA GLU N 351 -24.30 71.19 7.21
C GLU N 351 -25.17 71.03 5.96
N GLY N 352 -24.67 70.29 4.98
CA GLY N 352 -25.44 70.10 3.75
C GLY N 352 -26.75 69.35 3.97
N THR N 353 -26.69 68.26 4.73
CA THR N 353 -27.93 67.58 5.11
C THR N 353 -28.89 68.58 5.74
N ALA N 354 -28.37 69.44 6.62
CA ALA N 354 -29.22 70.39 7.33
C ALA N 354 -29.83 71.43 6.41
N VAL N 355 -29.08 71.86 5.39
CA VAL N 355 -29.65 72.80 4.41
C VAL N 355 -30.90 72.20 3.77
N GLY N 356 -30.78 70.99 3.27
CA GLY N 356 -31.91 70.38 2.58
C GLY N 356 -33.02 69.99 3.53
N PHE N 357 -32.65 69.55 4.73
CA PHE N 357 -33.61 69.21 5.78
C PHE N 357 -34.38 70.46 6.24
N SER N 358 -33.71 71.60 6.43
CA SER N 358 -34.41 72.85 6.72
C SER N 358 -35.43 73.16 5.61
N PHE N 359 -34.98 73.10 4.37
CA PHE N 359 -35.86 73.34 3.22
C PHE N 359 -37.08 72.41 3.24
N PHE N 360 -36.85 71.11 3.37
CA PHE N 360 -37.92 70.12 3.31
C PHE N 360 -38.68 69.97 4.63
N SER N 361 -38.43 70.87 5.59
CA SER N 361 -39.24 70.94 6.80
C SER N 361 -39.87 72.32 6.95
N HIS N 362 -39.78 73.14 5.89
CA HIS N 362 -40.36 74.49 5.90
C HIS N 362 -40.92 74.88 4.54
N SER N 363 -41.19 73.95 3.62
CA SER N 363 -41.57 74.29 2.24
C SER N 363 -42.72 73.42 1.75
N ILE N 364 -43.21 73.71 0.54
CA ILE N 364 -44.32 72.94 -0.02
C ILE N 364 -43.91 71.60 -0.60
N TYR N 365 -42.62 71.32 -0.77
CA TYR N 365 -42.22 70.33 -1.78
C TYR N 365 -42.16 68.89 -1.30
N GLY N 366 -42.12 68.63 -0.01
CA GLY N 366 -41.99 67.29 0.52
C GLY N 366 -41.57 67.35 1.97
N GLY N 367 -40.98 66.26 2.45
CA GLY N 367 -40.51 66.26 3.81
C GLY N 367 -41.68 66.22 4.76
N GLY N 368 -41.64 67.12 5.74
CA GLY N 368 -42.57 67.12 6.85
C GLY N 368 -41.87 67.70 8.06
N GLY N 369 -42.49 67.50 9.22
CA GLY N 369 -41.83 67.79 10.47
C GLY N 369 -40.69 66.81 10.72
N PRO N 370 -39.81 67.12 11.68
CA PRO N 370 -38.63 66.26 11.87
C PRO N 370 -38.93 64.79 12.14
N GLY N 371 -40.09 64.48 12.71
CA GLY N 371 -40.46 63.11 13.05
C GLY N 371 -40.56 62.15 11.88
N VAL N 372 -40.75 62.65 10.66
CA VAL N 372 -40.93 61.76 9.51
C VAL N 372 -39.61 61.40 8.83
N PHE N 373 -38.50 62.01 9.22
CA PHE N 373 -37.22 61.74 8.59
C PHE N 373 -36.54 60.51 9.22
N ASN N 374 -35.50 60.03 8.54
CA ASN N 374 -34.73 58.86 8.96
C ASN N 374 -33.48 58.84 8.09
N GLY N 375 -32.54 57.96 8.45
CA GLY N 375 -31.27 57.85 7.73
C GLY N 375 -31.39 57.36 6.31
N ASN N 376 -32.52 56.80 5.92
CA ASN N 376 -32.77 56.35 4.56
C ASN N 376 -33.56 57.39 3.75
N HIS N 377 -34.07 58.43 4.39
CA HIS N 377 -34.83 59.42 3.67
C HIS N 377 -33.91 60.15 2.70
N VAL N 378 -34.41 60.40 1.48
CA VAL N 378 -33.57 61.09 0.49
C VAL N 378 -33.02 62.41 1.02
N VAL N 379 -33.76 63.09 1.91
CA VAL N 379 -33.31 64.40 2.39
C VAL N 379 -32.18 64.26 3.41
N THR N 380 -32.26 63.23 4.28
CA THR N 380 -31.44 63.20 5.49
C THR N 380 -30.45 62.05 5.53
N ARG N 381 -30.14 61.41 4.38
CA ARG N 381 -29.24 60.27 4.33
C ARG N 381 -27.76 60.64 4.22
N HIS N 382 -27.41 61.90 3.96
CA HIS N 382 -26.12 62.21 3.37
C HIS N 382 -24.94 62.15 4.32
N SER N 383 -25.15 62.42 5.60
CA SER N 383 -24.09 62.23 6.57
C SER N 383 -24.08 60.77 7.01
N THR N 384 -22.89 60.25 7.32
CA THR N 384 -22.76 58.85 7.77
C THR N 384 -23.02 58.79 9.28
N GLY N 385 -24.27 59.02 9.64
CA GLY N 385 -24.78 58.80 10.98
C GLY N 385 -24.69 59.98 11.94
N MET N 386 -24.26 61.15 11.49
CA MET N 386 -23.97 62.25 12.40
C MET N 386 -25.05 63.32 12.44
N ALA N 387 -26.15 63.11 11.71
CA ALA N 387 -27.27 64.05 11.68
C ALA N 387 -28.53 63.50 12.32
N ILE N 388 -28.92 62.28 11.93
CA ILE N 388 -30.18 61.70 12.40
C ILE N 388 -30.25 61.55 13.92
N PRO N 389 -29.18 61.19 14.64
CA PRO N 389 -29.34 61.12 16.11
C PRO N 389 -29.80 62.45 16.71
N CYS N 390 -29.29 63.56 16.17
CA CYS N 390 -29.77 64.88 16.57
C CYS N 390 -31.22 65.09 16.26
N VAL N 391 -31.66 64.62 15.09
CA VAL N 391 -33.06 64.75 14.71
C VAL N 391 -33.94 64.00 15.70
N ALA N 392 -33.57 62.76 16.02
CA ALA N 392 -34.36 61.98 16.97
C ALA N 392 -34.41 62.66 18.33
N VAL N 393 -33.28 63.21 18.78
CA VAL N 393 -33.24 63.90 20.07
C VAL N 393 -34.18 65.10 20.06
N ALA N 394 -34.18 65.86 18.96
CA ALA N 394 -35.06 67.01 18.87
C ALA N 394 -36.52 66.58 18.93
N VAL N 395 -36.86 65.49 18.23
CA VAL N 395 -38.21 64.95 18.31
C VAL N 395 -38.58 64.60 19.74
N ALA N 396 -37.64 64.01 20.48
CA ALA N 396 -37.89 63.60 21.86
C ALA N 396 -38.15 64.78 22.76
N LEU N 397 -37.47 65.90 22.53
CA LEU N 397 -37.53 67.09 23.36
C LEU N 397 -38.77 67.94 23.11
N ASP N 398 -39.50 67.69 22.02
CA ASP N 398 -40.64 68.52 21.63
C ASP N 398 -41.78 68.36 22.63
N ALA N 399 -42.33 69.48 23.11
CA ALA N 399 -43.37 69.44 24.15
C ALA N 399 -44.79 69.46 23.60
N GLY N 400 -44.94 69.43 22.27
CA GLY N 400 -46.25 69.35 21.65
C GLY N 400 -46.51 70.36 20.55
N THR N 401 -45.50 70.66 19.73
CA THR N 401 -45.69 71.61 18.62
C THR N 401 -46.01 70.92 17.29
N GLN N 402 -45.82 69.60 17.25
CA GLN N 402 -45.89 68.87 15.96
C GLN N 402 -47.27 68.27 15.67
N MET N 403 -47.63 68.19 14.39
CA MET N 403 -48.87 67.50 13.99
C MET N 403 -48.58 66.00 13.88
N PHE N 404 -47.44 65.65 13.28
CA PHE N 404 -47.04 64.22 13.10
C PHE N 404 -46.04 63.91 14.21
N SER N 405 -46.57 63.62 15.38
CA SER N 405 -45.78 63.48 16.59
C SER N 405 -45.55 62.02 16.90
N PRO N 406 -44.69 61.72 17.87
CA PRO N 406 -44.46 60.32 18.24
C PRO N 406 -45.72 59.63 18.72
N GLU N 407 -46.55 60.37 19.46
CA GLU N 407 -47.77 59.80 20.01
C GLU N 407 -48.84 59.57 18.96
N SER N 408 -48.76 60.26 17.83
CA SER N 408 -49.75 60.14 16.77
C SER N 408 -49.33 59.17 15.67
N THR N 409 -48.03 58.90 15.50
CA THR N 409 -47.58 58.00 14.45
C THR N 409 -46.98 56.70 14.98
N SER N 410 -46.59 56.65 16.26
CA SER N 410 -45.70 55.61 16.75
C SER N 410 -46.12 55.11 18.13
N ALA N 411 -47.39 55.28 18.50
CA ALA N 411 -47.85 54.88 19.83
C ALA N 411 -47.55 53.42 20.14
N ILE N 412 -47.80 52.53 19.19
CA ILE N 412 -47.56 51.10 19.45
C ILE N 412 -46.08 50.79 19.68
N VAL N 413 -45.19 51.61 19.13
CA VAL N 413 -43.76 51.40 19.34
C VAL N 413 -43.42 51.62 20.81
N LEU N 414 -43.98 52.66 21.43
CA LEU N 414 -43.74 52.91 22.84
C LEU N 414 -44.14 51.70 23.68
N ASP N 415 -45.38 51.21 23.48
CA ASP N 415 -45.87 50.10 24.27
C ASP N 415 -45.02 48.85 24.07
N THR N 416 -44.56 48.62 22.84
CA THR N 416 -43.83 47.39 22.53
C THR N 416 -42.43 47.37 23.12
N PHE N 417 -41.78 48.53 23.26
CA PHE N 417 -40.38 48.54 23.69
C PHE N 417 -40.18 49.15 25.07
N GLN N 418 -41.25 49.54 25.74
CA GLN N 418 -41.17 50.19 27.05
C GLN N 418 -40.44 49.35 28.09
N ASP N 419 -40.45 48.03 27.94
CA ASP N 419 -39.94 47.08 28.91
C ASP N 419 -38.70 46.37 28.42
N VAL N 420 -38.14 46.80 27.30
CA VAL N 420 -37.04 46.10 26.64
C VAL N 420 -35.73 46.70 27.15
N PRO N 421 -34.90 45.94 27.86
CA PRO N 421 -33.76 46.54 28.57
C PRO N 421 -32.82 47.34 27.69
N ILE N 422 -32.56 46.90 26.46
CA ILE N 422 -31.57 47.60 25.65
C ILE N 422 -32.06 48.98 25.27
N MET N 423 -33.38 49.18 25.20
CA MET N 423 -33.95 50.48 24.89
C MET N 423 -34.16 51.33 26.13
N MET N 424 -34.33 50.70 27.30
CA MET N 424 -34.52 51.43 28.55
C MET N 424 -33.24 52.09 29.05
N ASN N 425 -32.08 51.44 28.86
CA ASN N 425 -30.83 51.95 29.39
C ASN N 425 -29.69 51.60 28.45
N PRO N 426 -29.72 52.10 27.21
CA PRO N 426 -28.70 51.69 26.24
C PRO N 426 -27.27 51.97 26.67
N LEU N 427 -27.02 53.13 27.31
CA LEU N 427 -25.64 53.44 27.70
C LEU N 427 -25.11 52.48 28.74
N LYS N 428 -25.96 52.09 29.69
CA LYS N 428 -25.54 51.17 30.73
C LYS N 428 -25.30 49.78 30.16
N GLU N 429 -26.13 49.37 29.18
CA GLU N 429 -25.96 48.04 28.60
C GLU N 429 -24.72 47.99 27.72
N VAL N 430 -24.45 49.03 26.96
CA VAL N 430 -23.23 49.08 26.15
C VAL N 430 -22.00 48.98 27.06
N ALA N 431 -21.99 49.73 28.16
CA ALA N 431 -20.84 49.68 29.06
C ALA N 431 -20.70 48.31 29.73
N ALA N 432 -21.83 47.75 30.22
CA ALA N 432 -21.79 46.46 30.89
C ALA N 432 -21.33 45.34 29.96
N ALA N 433 -21.48 45.52 28.65
CA ALA N 433 -21.08 44.51 27.69
C ALA N 433 -19.59 44.52 27.41
N VAL N 434 -18.89 45.60 27.74
CA VAL N 434 -17.47 45.70 27.48
C VAL N 434 -16.77 44.64 28.35
N ALA O 2 -12.29 80.99 29.75
CA ALA O 2 -13.09 80.46 28.64
C ALA O 2 -12.55 80.93 27.28
N TYR O 3 -13.08 80.32 26.22
CA TYR O 3 -12.63 80.62 24.87
C TYR O 3 -13.18 81.98 24.43
N THR O 4 -12.34 82.79 23.80
CA THR O 4 -12.76 84.08 23.27
C THR O 4 -13.07 83.94 21.79
N PRO O 5 -14.31 84.16 21.36
CA PRO O 5 -14.62 84.02 19.93
C PRO O 5 -13.99 85.13 19.09
N GLN O 6 -13.57 84.76 17.87
CA GLN O 6 -13.15 85.71 16.85
C GLN O 6 -14.14 85.87 15.71
N TYR O 7 -15.06 84.89 15.52
CA TYR O 7 -16.24 84.97 14.67
C TYR O 7 -16.01 84.82 13.17
N TYR O 8 -15.14 85.66 12.59
CA TYR O 8 -15.08 85.80 11.13
C TYR O 8 -13.80 86.55 10.76
N PRO O 9 -13.15 86.21 9.64
CA PRO O 9 -11.93 86.95 9.23
C PRO O 9 -12.24 88.25 8.51
N GLY O 10 -11.21 88.91 8.02
CA GLY O 10 -11.35 90.12 7.23
C GLY O 10 -11.02 91.37 8.03
N SER O 11 -10.55 92.39 7.32
CA SER O 11 -10.13 93.62 7.99
C SER O 11 -10.85 94.88 7.53
N SER O 12 -11.68 94.82 6.49
CA SER O 12 -12.38 96.02 6.06
C SER O 12 -13.49 96.37 7.06
N HIS O 13 -14.09 97.54 6.89
CA HIS O 13 -15.18 97.90 7.78
C HIS O 13 -16.39 97.01 7.55
N VAL O 14 -16.54 96.41 6.37
CA VAL O 14 -17.61 95.43 6.15
C VAL O 14 -17.39 94.18 7.01
N ALA O 15 -16.15 93.70 7.10
CA ALA O 15 -15.88 92.57 7.98
C ALA O 15 -16.09 92.94 9.44
N VAL O 16 -15.76 94.18 9.81
CA VAL O 16 -16.05 94.64 11.17
C VAL O 16 -17.55 94.60 11.42
N ASN O 17 -18.34 95.11 10.46
CA ASN O 17 -19.79 95.09 10.61
C ASN O 17 -20.30 93.67 10.73
N ARG O 18 -19.74 92.75 9.95
CA ARG O 18 -20.14 91.34 10.04
C ARG O 18 -19.90 90.79 11.44
N ARG O 19 -18.76 91.13 12.05
CA ARG O 19 -18.50 90.68 13.41
C ARG O 19 -19.41 91.35 14.42
N LYS O 20 -19.82 92.59 14.17
CA LYS O 20 -20.83 93.22 15.03
C LYS O 20 -22.13 92.43 15.01
N HIS O 21 -22.62 92.07 13.81
CA HIS O 21 -23.87 91.32 13.73
C HIS O 21 -23.74 89.97 14.42
N MET O 22 -22.64 89.26 14.18
CA MET O 22 -22.47 87.96 14.81
C MET O 22 -22.40 88.09 16.33
N SER O 23 -21.64 89.07 16.82
CA SER O 23 -21.44 89.21 18.26
C SER O 23 -22.62 89.84 18.97
N GLY O 24 -23.61 90.33 18.23
CA GLY O 24 -24.76 91.03 18.79
C GLY O 24 -24.52 92.47 19.15
N ASP O 25 -23.36 93.03 18.83
CA ASP O 25 -23.02 94.38 19.25
C ASP O 25 -23.51 95.37 18.19
N VAL O 26 -24.83 95.52 18.12
CA VAL O 26 -25.46 96.34 17.09
C VAL O 26 -26.14 97.54 17.76
N GLU O 27 -25.88 98.72 17.21
CA GLU O 27 -26.39 99.96 17.78
C GLU O 27 -27.90 100.04 17.59
N LYS O 28 -28.59 100.55 18.60
CA LYS O 28 -30.01 100.83 18.49
C LYS O 28 -30.26 102.17 17.81
N LEU O 29 -31.07 102.17 16.75
CA LEU O 29 -31.30 103.36 15.93
C LEU O 29 -32.74 103.87 15.96
N ARG O 30 -33.68 103.09 16.48
CA ARG O 30 -35.07 103.51 16.45
C ARG O 30 -35.82 102.73 17.52
N THR O 31 -37.02 103.21 17.83
CA THR O 31 -37.94 102.55 18.75
C THR O 31 -39.22 102.19 18.01
N VAL O 32 -39.64 100.94 18.18
CA VAL O 32 -40.92 100.45 17.67
C VAL O 32 -41.68 99.93 18.88
N SER O 33 -42.87 100.47 19.11
CA SER O 33 -43.65 100.05 20.26
C SER O 33 -44.09 98.60 20.11
N ASP O 34 -44.38 97.97 21.25
CA ASP O 34 -44.85 96.58 21.22
C ASP O 34 -46.10 96.44 20.38
N ASP O 35 -47.08 97.33 20.58
CA ASP O 35 -48.33 97.25 19.84
C ASP O 35 -48.09 97.42 18.33
N ASP O 36 -47.23 98.37 17.94
CA ASP O 36 -46.93 98.54 16.52
C ASP O 36 -46.29 97.28 15.93
N LEU O 37 -45.32 96.70 16.64
CA LEU O 37 -44.65 95.51 16.12
C LEU O 37 -45.61 94.33 16.03
N VAL O 38 -46.44 94.13 17.05
CA VAL O 38 -47.42 93.04 17.02
C VAL O 38 -48.36 93.21 15.83
N ALA O 39 -48.79 94.45 15.57
CA ALA O 39 -49.66 94.70 14.42
C ALA O 39 -48.95 94.37 13.11
N ALA O 40 -47.68 94.73 13.00
CA ALA O 40 -46.93 94.46 11.76
C ALA O 40 -46.71 92.97 11.56
N LEU O 41 -46.52 92.22 12.65
CA LEU O 41 -46.24 90.79 12.53
C LEU O 41 -47.50 90.00 12.17
N GLY O 42 -48.67 90.47 12.61
CA GLY O 42 -49.92 89.95 12.08
C GLY O 42 -50.41 88.65 12.67
N HIS O 43 -49.88 88.21 13.81
CA HIS O 43 -50.26 86.92 14.39
C HIS O 43 -51.34 87.00 15.45
N ARG O 44 -51.55 88.16 16.04
CA ARG O 44 -52.62 88.34 17.02
C ARG O 44 -52.89 89.83 17.13
N ALA O 45 -54.06 90.18 17.64
CA ALA O 45 -54.38 91.59 17.83
C ALA O 45 -53.48 92.18 18.92
N PRO O 46 -53.00 93.41 18.76
CA PRO O 46 -52.26 94.05 19.83
C PRO O 46 -53.04 93.95 21.13
N GLY O 47 -52.33 93.60 22.20
CA GLY O 47 -52.95 93.43 23.49
C GLY O 47 -53.63 92.10 23.74
N ALA O 48 -53.84 91.28 22.72
CA ALA O 48 -54.52 90.02 22.96
C ALA O 48 -53.57 89.02 23.65
N ASP O 49 -54.17 88.10 24.40
CA ASP O 49 -53.36 87.03 24.98
C ASP O 49 -52.68 86.22 23.88
N TYR O 50 -51.55 85.63 24.22
CA TYR O 50 -50.88 84.71 23.30
C TYR O 50 -51.69 83.43 23.17
N PRO O 51 -52.14 83.04 21.98
CA PRO O 51 -52.71 81.69 21.82
C PRO O 51 -51.67 80.64 22.19
N SER O 52 -52.15 79.45 22.49
CA SER O 52 -51.24 78.36 22.83
C SER O 52 -51.39 77.26 21.80
N THR O 53 -50.31 76.52 21.58
CA THR O 53 -50.39 75.29 20.81
C THR O 53 -50.42 74.06 21.69
N HIS O 54 -49.97 74.17 22.92
CA HIS O 54 -50.06 73.09 23.90
C HIS O 54 -50.09 73.72 25.28
N PRO O 55 -50.49 72.99 26.30
CA PRO O 55 -50.61 73.58 27.63
C PRO O 55 -49.25 73.99 28.17
N PRO O 56 -49.23 74.86 29.18
CA PRO O 56 -47.97 75.25 29.79
C PRO O 56 -47.27 74.03 30.37
N LEU O 57 -45.94 74.04 30.29
CA LEU O 57 -45.16 72.90 30.78
C LEU O 57 -45.48 72.58 32.22
N ALA O 58 -45.66 73.62 33.04
CA ALA O 58 -45.95 73.39 34.46
C ALA O 58 -47.29 72.69 34.65
N GLU O 59 -48.21 72.84 33.70
CA GLU O 59 -49.54 72.26 33.82
C GLU O 59 -49.57 70.79 33.41
N MET O 60 -48.91 70.45 32.33
CA MET O 60 -48.98 69.07 31.83
C MET O 60 -47.85 68.20 32.34
N GLY O 61 -46.79 68.78 32.89
CA GLY O 61 -45.63 68.00 33.26
C GLY O 61 -44.85 67.59 32.02
N GLU O 62 -43.73 66.92 32.26
CA GLU O 62 -42.83 66.55 31.18
C GLU O 62 -42.27 65.15 31.40
N PRO O 63 -41.80 64.50 30.34
CA PRO O 63 -41.15 63.21 30.49
C PRO O 63 -39.90 63.35 31.36
N ASP O 64 -39.53 62.24 32.00
CA ASP O 64 -38.36 62.18 32.87
C ASP O 64 -37.14 62.12 31.96
N CYS O 65 -36.62 63.28 31.59
CA CYS O 65 -35.53 63.39 30.64
C CYS O 65 -34.40 64.18 31.29
N PRO O 66 -33.19 63.63 31.37
CA PRO O 66 -32.08 64.43 31.92
C PRO O 66 -31.79 65.70 31.16
N VAL O 67 -32.08 65.75 29.86
CA VAL O 67 -31.80 66.95 29.09
C VAL O 67 -32.82 68.03 29.40
N ARG O 68 -34.10 67.66 29.38
CA ARG O 68 -35.14 68.62 29.76
C ARG O 68 -34.86 69.19 31.15
N GLN O 69 -34.29 68.37 32.02
CA GLN O 69 -34.09 68.77 33.41
C GLN O 69 -32.87 69.67 33.58
N MET O 70 -32.02 69.82 32.58
CA MET O 70 -30.94 70.78 32.66
C MET O 70 -30.98 71.87 31.58
N VAL O 71 -32.00 71.92 30.72
CA VAL O 71 -32.12 72.95 29.71
C VAL O 71 -33.36 73.77 30.03
N GLU O 72 -33.15 75.06 30.36
CA GLU O 72 -34.27 75.91 30.74
C GLU O 72 -35.10 76.25 29.51
N PRO O 73 -36.41 76.03 29.54
CA PRO O 73 -37.25 76.49 28.43
C PRO O 73 -37.29 77.99 28.37
N THR O 74 -37.42 78.53 27.16
CA THR O 74 -37.67 79.95 27.01
C THR O 74 -39.02 80.30 27.63
N PRO O 75 -39.26 81.58 27.89
CA PRO O 75 -40.60 81.96 28.39
C PRO O 75 -41.73 81.51 27.47
N GLY O 76 -41.55 81.62 26.16
CA GLY O 76 -42.60 81.20 25.27
C GLY O 76 -42.82 79.70 25.28
N ALA O 77 -41.76 78.91 25.47
CA ALA O 77 -41.94 77.46 25.55
C ALA O 77 -42.65 77.08 26.84
N ALA O 78 -42.24 77.68 27.96
CA ALA O 78 -42.90 77.39 29.24
C ALA O 78 -44.40 77.66 29.15
N ALA O 79 -44.79 78.67 28.37
CA ALA O 79 -46.18 79.06 28.28
C ALA O 79 -46.96 78.26 27.24
N GLY O 80 -46.27 77.55 26.35
CA GLY O 80 -46.95 76.81 25.31
C GLY O 80 -47.34 77.61 24.09
N ASP O 81 -46.70 78.76 23.85
CA ASP O 81 -47.03 79.61 22.70
C ASP O 81 -46.94 78.83 21.39
N ARG O 82 -47.72 79.27 20.40
CA ARG O 82 -47.49 78.86 19.03
C ARG O 82 -46.08 79.25 18.61
N VAL O 83 -45.54 78.48 17.68
CA VAL O 83 -44.34 78.91 16.97
C VAL O 83 -44.81 79.82 15.85
N ARG O 84 -44.33 81.08 15.86
CA ARG O 84 -44.63 82.04 14.82
C ARG O 84 -43.31 82.60 14.31
N TYR O 85 -43.35 83.64 13.48
CA TYR O 85 -42.15 84.01 12.73
C TYR O 85 -42.09 85.51 12.46
N SER O 86 -40.86 85.98 12.23
CA SER O 86 -40.58 87.24 11.54
C SER O 86 -39.76 86.92 10.31
N GLN O 87 -39.99 87.64 9.23
CA GLN O 87 -39.24 87.42 8.00
C GLN O 87 -38.89 88.77 7.38
N PHE O 88 -37.61 88.93 7.02
CA PHE O 88 -37.10 90.16 6.43
C PHE O 88 -36.47 89.90 5.07
N THR O 89 -36.63 90.87 4.19
CA THR O 89 -35.93 90.96 2.91
C THR O 89 -35.01 92.17 2.97
N ASP O 90 -33.80 92.04 2.41
CA ASP O 90 -32.80 93.10 2.45
C ASP O 90 -32.25 93.36 1.05
N SER O 91 -32.17 94.63 0.68
CA SER O 91 -31.67 94.99 -0.64
C SER O 91 -30.20 94.68 -0.79
N MET O 92 -29.84 94.23 -2.00
CA MET O 92 -28.44 94.08 -2.37
C MET O 92 -27.74 95.43 -2.61
N TYR O 93 -28.48 96.56 -2.62
CA TYR O 93 -27.90 97.90 -2.73
C TYR O 93 -27.53 98.42 -1.34
N SER O 94 -26.63 97.67 -0.71
CA SER O 94 -25.97 98.08 0.54
C SER O 94 -26.94 98.17 1.73
N ALA O 95 -27.97 97.32 1.79
CA ALA O 95 -28.68 97.21 3.05
C ALA O 95 -27.68 96.84 4.16
N PRO O 96 -27.94 97.28 5.40
CA PRO O 96 -27.08 96.84 6.51
C PRO O 96 -26.92 95.34 6.62
N SER O 97 -28.00 94.59 6.50
CA SER O 97 -27.98 93.15 6.74
C SER O 97 -27.92 92.36 5.43
N ILE O 98 -27.30 91.19 5.54
CA ILE O 98 -27.37 90.15 4.51
C ILE O 98 -27.92 88.90 5.17
N PRO O 99 -28.62 88.03 4.42
CA PRO O 99 -29.35 86.92 5.04
C PRO O 99 -28.54 86.02 5.98
N TYR O 100 -27.35 85.53 5.60
CA TYR O 100 -26.65 84.59 6.48
C TYR O 100 -26.31 85.24 7.80
N PHE O 101 -25.98 86.53 7.79
CA PHE O 101 -25.56 87.21 9.01
C PHE O 101 -26.72 87.54 9.92
N ARG O 102 -27.93 87.67 9.35
CA ARG O 102 -29.11 87.71 10.21
C ARG O 102 -29.26 86.38 10.94
N SER O 103 -29.01 85.28 10.23
CA SER O 103 -29.16 83.99 10.87
C SER O 103 -28.09 83.77 11.92
N TYR O 104 -26.85 84.18 11.66
CA TYR O 104 -25.82 84.06 12.70
C TYR O 104 -26.15 84.93 13.91
N TYR O 105 -26.61 86.16 13.67
CA TYR O 105 -27.05 87.00 14.79
C TYR O 105 -28.05 86.25 15.66
N ALA O 106 -29.05 85.62 15.03
CA ALA O 106 -30.06 84.89 15.78
C ALA O 106 -29.45 83.71 16.52
N ALA O 107 -28.66 82.90 15.82
CA ALA O 107 -28.12 81.65 16.38
C ALA O 107 -27.13 81.89 17.51
N ILE O 108 -26.38 82.99 17.46
CA ILE O 108 -25.37 83.25 18.48
C ILE O 108 -26.02 83.90 19.71
N ASN O 109 -27.00 84.79 19.51
CA ASN O 109 -27.42 85.69 20.57
C ASN O 109 -28.78 85.41 21.18
N PHE O 110 -29.54 84.43 20.65
CA PHE O 110 -30.88 84.15 21.14
C PHE O 110 -31.08 82.65 21.36
N ARG O 111 -31.85 82.30 22.39
CA ARG O 111 -32.09 80.91 22.73
C ARG O 111 -33.36 80.41 22.05
N GLY O 112 -33.36 79.13 21.69
CA GLY O 112 -34.57 78.52 21.21
C GLY O 112 -35.13 79.10 19.92
N VAL O 113 -34.27 79.28 18.92
CA VAL O 113 -34.64 79.92 17.67
C VAL O 113 -34.38 79.00 16.49
N ASP O 114 -35.14 79.23 15.41
CA ASP O 114 -35.07 78.42 14.19
C ASP O 114 -34.90 79.36 13.00
N PRO O 115 -33.67 79.82 12.76
CA PRO O 115 -33.46 80.75 11.64
C PRO O 115 -33.29 80.01 10.33
N GLY O 116 -33.68 80.69 9.26
CA GLY O 116 -33.53 80.17 7.92
C GLY O 116 -33.04 81.24 6.96
N THR O 117 -32.09 80.88 6.12
CA THR O 117 -31.45 81.79 5.19
C THR O 117 -31.83 81.41 3.75
N LEU O 118 -32.28 82.41 2.99
CA LEU O 118 -32.54 82.29 1.56
C LEU O 118 -32.04 83.58 0.91
N SER O 119 -32.03 83.64 -0.44
CA SER O 119 -31.48 84.83 -1.09
C SER O 119 -32.38 86.06 -0.88
N GLY O 120 -33.70 85.90 -1.02
CA GLY O 120 -34.60 87.06 -1.00
C GLY O 120 -35.43 87.16 0.27
N ARG O 121 -35.12 86.34 1.25
CA ARG O 121 -35.90 86.32 2.51
C ARG O 121 -35.05 85.65 3.59
N GLN O 122 -35.19 86.11 4.82
CA GLN O 122 -34.51 85.47 5.98
C GLN O 122 -35.59 85.35 7.05
N ILE O 123 -35.72 84.18 7.68
CA ILE O 123 -36.83 83.92 8.59
C ILE O 123 -36.29 83.51 9.96
N VAL O 124 -36.97 83.94 11.02
CA VAL O 124 -36.75 83.44 12.38
C VAL O 124 -38.10 82.94 12.88
N GLU O 125 -38.20 81.62 13.10
CA GLU O 125 -39.32 81.01 13.80
C GLU O 125 -38.91 80.76 15.25
N ALA O 126 -39.83 81.04 16.17
CA ALA O 126 -39.62 80.81 17.58
C ALA O 126 -40.99 80.86 18.24
N ARG O 127 -41.05 80.42 19.50
CA ARG O 127 -42.25 80.67 20.29
C ARG O 127 -42.62 82.15 20.18
N GLU O 128 -43.92 82.41 20.01
CA GLU O 128 -44.38 83.75 19.66
C GLU O 128 -43.72 84.85 20.47
N ARG O 129 -43.76 84.78 21.81
CA ARG O 129 -43.24 85.92 22.58
C ARG O 129 -41.72 86.05 22.43
N ASP O 130 -41.02 84.93 22.24
CA ASP O 130 -39.58 84.97 22.03
C ASP O 130 -39.25 85.51 20.67
N MET O 131 -40.05 85.12 19.67
CA MET O 131 -39.88 85.62 18.32
C MET O 131 -40.06 87.14 18.31
N GLU O 132 -41.06 87.63 19.05
CA GLU O 132 -41.29 89.08 19.09
C GLU O 132 -40.08 89.81 19.65
N ALA O 133 -39.48 89.29 20.71
CA ALA O 133 -38.33 89.94 21.33
C ALA O 133 -37.15 89.95 20.36
N GLN O 134 -36.96 88.85 19.63
CA GLN O 134 -35.82 88.78 18.71
C GLN O 134 -36.02 89.75 17.54
N CYS O 135 -37.27 89.84 17.06
CA CYS O 135 -37.56 90.75 15.95
C CYS O 135 -37.39 92.19 16.40
N LYS O 136 -37.86 92.51 17.61
CA LYS O 136 -37.69 93.86 18.12
CA LYS O 136 -37.69 93.86 18.14
C LYS O 136 -36.21 94.25 18.14
N ALA O 137 -35.35 93.35 18.64
CA ALA O 137 -33.92 93.64 18.66
C ALA O 137 -33.41 93.94 17.25
N ALA O 138 -33.75 93.09 16.28
CA ALA O 138 -33.28 93.29 14.92
C ALA O 138 -33.84 94.56 14.30
N ILE O 139 -35.15 94.80 14.44
CA ILE O 139 -35.78 95.89 13.70
C ILE O 139 -35.41 97.25 14.27
N GLU O 140 -35.08 97.32 15.56
CA GLU O 140 -34.69 98.58 16.19
C GLU O 140 -33.23 98.90 16.00
N SER O 141 -32.44 97.95 15.47
CA SER O 141 -30.99 98.09 15.42
C SER O 141 -30.51 98.54 14.05
N GLU O 142 -29.20 98.81 13.99
CA GLU O 142 -28.53 99.16 12.75
C GLU O 142 -28.56 98.05 11.73
N MET O 143 -29.02 96.85 12.11
CA MET O 143 -29.22 95.79 11.14
C MET O 143 -30.34 96.11 10.16
N THR O 144 -31.13 97.13 10.44
CA THR O 144 -32.31 97.44 9.64
C THR O 144 -32.22 98.89 9.18
N CYS O 145 -32.38 99.10 7.88
CA CYS O 145 -32.85 100.39 7.34
C CYS O 145 -34.25 100.15 6.83
N PRO O 146 -35.26 100.95 7.22
CA PRO O 146 -36.64 100.62 6.81
C PRO O 146 -36.94 100.88 5.35
N ALA O 147 -36.04 101.52 4.59
CA ALA O 147 -36.17 101.63 3.14
C ALA O 147 -35.55 100.44 2.41
N LEU O 148 -34.37 100.01 2.86
CA LEU O 148 -33.63 98.91 2.23
C LEU O 148 -33.99 97.54 2.78
N ALA O 149 -34.82 97.47 3.81
CA ALA O 149 -35.19 96.21 4.45
C ALA O 149 -36.61 96.31 4.97
N GLY O 150 -37.32 95.19 5.00
CA GLY O 150 -38.66 95.21 5.55
C GLY O 150 -39.18 93.84 5.86
N LEU O 151 -40.25 93.83 6.66
CA LEU O 151 -40.97 92.60 7.01
C LEU O 151 -41.79 92.12 5.82
N ARG O 152 -41.52 90.91 5.34
CA ARG O 152 -42.23 90.34 4.21
C ARG O 152 -42.40 88.85 4.47
N GLY O 153 -43.58 88.45 4.97
CA GLY O 153 -43.85 87.05 5.16
C GLY O 153 -44.30 86.31 3.92
N CYS O 154 -44.51 87.06 2.83
CA CYS O 154 -44.82 86.48 1.54
C CYS O 154 -44.56 87.55 0.49
N THR O 155 -44.50 87.12 -0.76
CA THR O 155 -44.36 88.02 -1.91
C THR O 155 -43.11 88.89 -1.73
N VAL O 156 -41.97 88.21 -1.66
CA VAL O 156 -40.75 88.86 -1.14
C VAL O 156 -39.92 89.55 -2.20
N HIS O 157 -40.20 89.32 -3.49
CA HIS O 157 -39.44 89.89 -4.61
C HIS O 157 -39.00 91.33 -4.36
N GLY O 158 -37.72 91.59 -4.55
CA GLY O 158 -37.19 92.94 -4.38
C GLY O 158 -35.72 93.04 -4.04
N HIS O 159 -35.14 92.00 -3.39
CA HIS O 159 -33.77 92.15 -2.88
C HIS O 159 -32.79 92.48 -3.99
N SER O 160 -33.06 91.98 -5.20
CA SER O 160 -32.12 92.06 -6.31
C SER O 160 -32.52 93.11 -7.36
N LEU O 161 -33.54 93.92 -7.08
CA LEU O 161 -34.08 94.88 -8.04
C LEU O 161 -33.55 96.29 -7.79
N ARG O 162 -33.58 97.09 -8.85
CA ARG O 162 -33.30 98.51 -8.70
C ARG O 162 -34.24 99.11 -7.64
N LEU O 163 -33.70 100.03 -6.83
CA LEU O 163 -34.55 100.71 -5.87
C LEU O 163 -35.50 101.64 -6.61
N ALA O 164 -36.61 101.94 -5.96
CA ALA O 164 -37.51 102.96 -6.49
C ALA O 164 -36.86 104.34 -6.43
N GLU O 165 -37.48 105.31 -7.12
CA GLU O 165 -36.92 106.66 -7.17
C GLU O 165 -36.76 107.27 -5.80
N ASP O 166 -37.63 106.94 -4.85
CA ASP O 166 -37.55 107.45 -3.49
C ASP O 166 -36.67 106.60 -2.57
N GLY O 167 -35.99 105.59 -3.13
CA GLY O 167 -35.04 104.78 -2.38
C GLY O 167 -35.64 103.59 -1.68
N MET O 168 -36.94 103.39 -1.76
CA MET O 168 -37.58 102.24 -1.15
C MET O 168 -37.33 101.00 -2.00
N MET O 169 -37.03 99.89 -1.34
CA MET O 169 -36.87 98.65 -2.08
C MET O 169 -38.26 98.24 -2.63
N PHE O 170 -38.29 97.74 -3.86
CA PHE O 170 -39.54 97.31 -4.46
C PHE O 170 -40.26 96.29 -3.58
N ASP O 171 -41.56 96.49 -3.42
CA ASP O 171 -42.48 95.56 -2.76
C ASP O 171 -43.74 95.48 -3.60
N MET O 172 -44.02 94.30 -4.13
CA MET O 172 -45.22 94.10 -4.93
C MET O 172 -46.48 94.52 -4.19
N LEU O 173 -46.52 94.32 -2.88
CA LEU O 173 -47.68 94.60 -2.05
C LEU O 173 -47.61 95.97 -1.42
N GLN O 174 -46.50 96.68 -1.60
CA GLN O 174 -46.31 98.01 -1.06
C GLN O 174 -46.77 98.11 0.40
N ARG O 175 -46.21 97.25 1.25
CA ARG O 175 -46.57 97.26 2.67
C ARG O 175 -46.04 98.49 3.41
N THR O 176 -45.02 99.14 2.84
CA THR O 176 -44.42 100.35 3.39
C THR O 176 -44.37 101.42 2.30
N HIS O 177 -44.29 102.67 2.74
CA HIS O 177 -44.12 103.81 1.85
C HIS O 177 -43.56 104.96 2.65
N ILE O 178 -43.01 105.94 1.96
CA ILE O 178 -42.52 107.15 2.62
C ILE O 178 -43.65 108.17 2.76
N GLU O 179 -43.77 108.72 3.96
CA GLU O 179 -44.56 109.92 4.17
C GLU O 179 -43.72 110.87 5.00
N GLY O 180 -43.53 112.09 4.50
CA GLY O 180 -42.88 113.11 5.32
C GLY O 180 -41.55 112.70 5.90
N GLY O 181 -40.72 112.01 5.10
CA GLY O 181 -39.38 111.66 5.51
C GLY O 181 -39.26 110.38 6.30
N ASN O 182 -40.38 109.76 6.68
CA ASN O 182 -40.40 108.54 7.45
C ASN O 182 -40.95 107.39 6.62
N VAL O 183 -40.48 106.18 6.92
CA VAL O 183 -41.09 104.98 6.37
C VAL O 183 -42.26 104.58 7.25
N ILE O 184 -43.44 104.47 6.64
CA ILE O 184 -44.69 104.07 7.30
C ILE O 184 -45.06 102.68 6.80
N GLU O 185 -45.38 101.79 7.73
CA GLU O 185 -45.91 100.46 7.39
C GLU O 185 -47.39 100.45 7.77
N ASP O 186 -48.26 100.19 6.79
CA ASP O 186 -49.69 100.19 7.02
C ASP O 186 -50.36 98.90 6.55
N LYS O 187 -49.56 97.86 6.33
CA LYS O 187 -50.03 96.50 6.11
C LYS O 187 -49.16 95.61 6.97
N ASP O 188 -49.71 94.46 7.37
CA ASP O 188 -48.92 93.49 8.12
C ASP O 188 -47.98 92.78 7.17
N GLN O 189 -47.16 91.88 7.73
CA GLN O 189 -46.09 91.31 6.94
C GLN O 189 -46.56 90.39 5.82
N VAL O 190 -47.84 89.98 5.80
CA VAL O 190 -48.37 89.19 4.70
C VAL O 190 -49.37 89.99 3.85
N GLY O 191 -49.33 91.31 3.94
CA GLY O 191 -50.00 92.17 3.00
C GLY O 191 -51.39 92.58 3.36
N VAL O 192 -51.84 92.28 4.57
CA VAL O 192 -53.19 92.61 5.02
C VAL O 192 -53.17 94.01 5.62
N PRO O 193 -54.06 94.92 5.18
CA PRO O 193 -54.06 96.26 5.75
C PRO O 193 -54.32 96.21 7.26
N ILE O 194 -53.62 97.08 7.98
CA ILE O 194 -53.81 97.23 9.42
C ILE O 194 -54.37 98.62 9.69
N ASP O 195 -55.01 98.77 10.85
CA ASP O 195 -55.72 100.01 11.14
C ASP O 195 -54.85 101.04 11.84
N ARG O 196 -53.56 101.08 11.52
CA ARG O 196 -52.65 102.04 12.12
C ARG O 196 -51.55 102.32 11.11
N LYS O 197 -50.79 103.37 11.35
CA LYS O 197 -49.60 103.66 10.57
C LYS O 197 -48.42 103.45 11.53
N VAL O 198 -47.61 102.44 11.26
CA VAL O 198 -46.41 102.18 12.04
C VAL O 198 -45.28 103.04 11.48
N ASN O 199 -44.77 103.96 12.28
CA ASN O 199 -43.68 104.83 11.89
C ASN O 199 -42.35 104.16 12.20
N LEU O 200 -41.65 103.73 11.16
CA LEU O 200 -40.35 103.10 11.31
C LEU O 200 -39.21 104.11 11.19
N GLY O 201 -39.54 105.42 11.12
CA GLY O 201 -38.55 106.47 11.14
C GLY O 201 -37.85 106.68 9.80
N LYS O 202 -36.76 107.45 9.86
CA LYS O 202 -36.08 107.86 8.66
C LYS O 202 -35.28 106.72 8.04
N PRO O 203 -35.23 106.63 6.71
CA PRO O 203 -34.25 105.76 6.07
C PRO O 203 -32.84 106.24 6.32
N MET O 204 -31.91 105.31 6.19
CA MET O 204 -30.49 105.69 6.16
C MET O 204 -30.18 106.45 4.88
N SER O 205 -29.24 107.38 4.98
CA SER O 205 -28.69 107.99 3.79
C SER O 205 -27.88 106.95 3.02
N ASP O 206 -27.54 107.27 1.78
CA ASP O 206 -26.75 106.33 0.99
C ASP O 206 -25.38 106.12 1.63
N ALA O 207 -24.79 107.18 2.15
CA ALA O 207 -23.47 107.03 2.76
C ALA O 207 -23.56 106.25 4.08
N GLU O 208 -24.64 106.45 4.83
CA GLU O 208 -24.82 105.70 6.10
C GLU O 208 -24.96 104.19 5.78
N ALA O 209 -25.76 103.86 4.77
CA ALA O 209 -25.92 102.45 4.41
C ALA O 209 -24.57 101.84 4.04
N LYS O 210 -23.74 102.56 3.28
CA LYS O 210 -22.47 101.96 2.87
C LYS O 210 -21.51 101.84 4.04
N LYS O 211 -21.65 102.70 5.05
CA LYS O 211 -20.86 102.58 6.27
C LYS O 211 -21.33 101.45 7.17
N ARG O 212 -22.61 101.09 7.09
CA ARG O 212 -23.17 100.09 7.97
C ARG O 212 -23.33 98.72 7.30
N THR O 213 -23.07 98.59 6.00
CA THR O 213 -23.42 97.36 5.30
C THR O 213 -22.44 96.23 5.59
N THR O 214 -22.98 95.01 5.50
CA THR O 214 -22.19 93.78 5.56
C THR O 214 -21.96 93.18 4.18
N ILE O 215 -22.49 93.76 3.13
CA ILE O 215 -22.30 93.20 1.79
C ILE O 215 -21.02 93.76 1.18
N TYR O 216 -20.32 92.93 0.41
CA TYR O 216 -19.22 93.38 -0.43
C TYR O 216 -19.79 93.62 -1.83
N ARG O 217 -19.46 94.76 -2.43
CA ARG O 217 -19.84 95.01 -3.82
C ARG O 217 -18.95 96.13 -4.37
N THR O 218 -18.98 96.29 -5.69
CA THR O 218 -18.01 97.18 -6.34
C THR O 218 -18.16 98.64 -5.94
N ASP O 219 -19.35 99.08 -5.52
CA ASP O 219 -19.56 100.47 -5.14
C ASP O 219 -19.28 100.74 -3.66
N GLY O 220 -18.88 99.70 -2.90
CA GLY O 220 -18.42 99.85 -1.54
C GLY O 220 -17.07 99.22 -1.31
N VAL O 221 -17.01 98.13 -0.56
CA VAL O 221 -15.78 97.37 -0.38
C VAL O 221 -15.81 96.24 -1.40
N LYS O 222 -14.88 96.26 -2.33
CA LYS O 222 -14.84 95.26 -3.38
C LYS O 222 -14.42 93.90 -2.83
N TYR O 223 -15.22 92.87 -3.13
CA TYR O 223 -14.93 91.54 -2.59
C TYR O 223 -13.54 91.07 -3.00
N ARG O 224 -13.15 91.34 -4.26
CA ARG O 224 -11.86 90.91 -4.78
C ARG O 224 -10.71 91.36 -3.91
N ASP O 225 -10.88 92.48 -3.19
CA ASP O 225 -9.81 92.99 -2.34
C ASP O 225 -9.78 92.39 -0.93
N GLU O 226 -10.81 91.64 -0.52
N GLU O 226 -10.80 91.61 -0.55
CA GLU O 226 -10.87 91.13 0.86
CA GLU O 226 -10.89 91.08 0.81
C GLU O 226 -10.21 89.74 0.91
C GLU O 226 -10.21 89.72 0.87
N GLU O 227 -8.87 89.77 0.84
CA GLU O 227 -8.08 88.56 0.69
C GLU O 227 -8.19 87.58 1.85
N GLU O 228 -8.38 88.08 3.08
CA GLU O 228 -8.53 87.17 4.21
C GLU O 228 -9.79 86.31 4.08
N VAL O 229 -10.86 86.89 3.56
CA VAL O 229 -12.09 86.11 3.36
C VAL O 229 -11.89 85.08 2.26
N LEU O 230 -11.29 85.49 1.13
CA LEU O 230 -11.00 84.52 0.07
C LEU O 230 -10.10 83.40 0.58
N ASP O 231 -9.07 83.74 1.37
CA ASP O 231 -8.20 82.71 1.94
C ASP O 231 -8.99 81.74 2.80
N HIS O 232 -9.89 82.28 3.64
CA HIS O 232 -10.73 81.43 4.49
C HIS O 232 -11.57 80.46 3.65
N VAL O 233 -12.29 80.98 2.66
CA VAL O 233 -13.10 80.13 1.79
C VAL O 233 -12.25 79.02 1.18
N HIS O 234 -11.06 79.38 0.69
CA HIS O 234 -10.17 78.41 0.06
C HIS O 234 -9.70 77.34 1.03
N LEU O 235 -9.30 77.75 2.24
CA LEU O 235 -8.83 76.79 3.24
C LEU O 235 -9.90 75.77 3.58
N VAL O 236 -11.13 76.25 3.80
CA VAL O 236 -12.23 75.35 4.17
C VAL O 236 -12.54 74.40 3.02
N HIS O 237 -12.65 74.91 1.80
CA HIS O 237 -12.92 74.03 0.66
C HIS O 237 -11.83 72.98 0.54
N HIS O 238 -10.57 73.42 0.61
CA HIS O 238 -9.44 72.52 0.43
C HIS O 238 -9.44 71.42 1.48
N ARG O 239 -9.62 71.80 2.74
CA ARG O 239 -9.60 70.81 3.82
C ARG O 239 -10.80 69.86 3.73
N ARG O 240 -11.99 70.38 3.40
CA ARG O 240 -13.12 69.48 3.13
C ARG O 240 -12.76 68.46 2.05
N THR O 241 -12.18 68.93 0.95
CA THR O 241 -11.83 68.04 -0.15
C THR O 241 -10.86 66.98 0.32
N MET O 242 -9.80 67.42 0.97
CA MET O 242 -8.74 66.51 1.43
C MET O 242 -9.31 65.44 2.36
N TYR O 243 -10.11 65.85 3.34
CA TYR O 243 -10.57 64.90 4.35
C TYR O 243 -11.69 63.99 3.84
N GLY O 244 -12.45 64.39 2.82
CA GLY O 244 -13.40 63.47 2.22
C GLY O 244 -12.70 62.33 1.52
N TYR O 245 -11.52 62.59 0.97
CA TYR O 245 -10.67 61.56 0.41
C TYR O 245 -10.16 60.65 1.53
N ARG O 246 -9.47 61.24 2.53
CA ARG O 246 -9.01 60.50 3.71
C ARG O 246 -8.91 61.46 4.89
N PRO O 247 -9.52 61.13 6.05
CA PRO O 247 -9.52 62.06 7.20
C PRO O 247 -8.23 61.94 8.01
N GLU O 248 -7.15 62.47 7.42
CA GLU O 248 -5.85 62.44 8.05
C GLU O 248 -4.99 63.55 7.47
N THR O 249 -3.98 63.96 8.25
CA THR O 249 -3.10 65.04 7.81
C THR O 249 -2.43 64.74 6.48
N ALA O 250 -2.07 63.48 6.24
CA ALA O 250 -1.37 63.13 5.02
C ALA O 250 -2.19 63.48 3.79
N ALA O 251 -3.51 63.54 3.91
CA ALA O 251 -4.36 63.88 2.76
C ALA O 251 -4.12 65.30 2.27
N GLU O 252 -3.54 66.19 3.11
CA GLU O 252 -3.37 67.58 2.74
C GLU O 252 -2.30 67.76 1.65
N THR O 253 -1.51 66.72 1.39
CA THR O 253 -0.54 66.73 0.31
C THR O 253 -0.72 65.54 -0.62
N ALA O 254 -1.92 64.96 -0.67
CA ALA O 254 -2.19 63.84 -1.55
C ALA O 254 -1.99 64.23 -3.02
N PRO O 255 -1.67 63.27 -3.88
CA PRO O 255 -1.61 63.58 -5.31
C PRO O 255 -2.94 64.16 -5.76
N GLY O 256 -2.86 65.23 -6.55
CA GLY O 256 -4.03 65.94 -7.02
C GLY O 256 -4.27 67.25 -6.31
N VAL O 257 -3.69 67.44 -5.12
CA VAL O 257 -3.80 68.74 -4.46
C VAL O 257 -3.09 69.81 -5.27
N GLY O 258 -1.84 69.56 -5.66
CA GLY O 258 -1.12 70.55 -6.42
C GLY O 258 -0.64 71.66 -5.53
N PRO O 259 -0.14 72.72 -6.15
CA PRO O 259 0.52 73.82 -5.41
C PRO O 259 -0.46 74.85 -4.87
N VAL O 260 -1.31 74.41 -3.93
CA VAL O 260 -2.25 75.33 -3.32
C VAL O 260 -1.48 76.41 -2.55
N THR O 261 -2.04 77.61 -2.56
CA THR O 261 -1.37 78.78 -2.01
C THR O 261 -2.43 79.78 -1.56
N TYR O 262 -2.05 80.61 -0.61
CA TYR O 262 -2.96 81.55 0.02
C TYR O 262 -2.34 82.94 0.04
N HIS O 263 -3.20 83.95 0.15
CA HIS O 263 -2.72 85.32 0.07
C HIS O 263 -2.04 85.77 1.36
N THR O 264 -2.68 85.52 2.50
CA THR O 264 -2.28 86.15 3.75
C THR O 264 -1.73 85.17 4.76
N VAL O 265 -1.71 83.88 4.42
CA VAL O 265 -1.13 82.85 5.29
C VAL O 265 -0.29 81.92 4.41
N ALA P 2 -88.76 40.48 -13.05
CA ALA P 2 -87.34 40.14 -13.04
C ALA P 2 -86.86 39.88 -14.48
N TYR P 3 -85.55 39.92 -14.69
CA TYR P 3 -85.04 39.73 -16.04
C TYR P 3 -85.48 38.39 -16.60
N LYS P 4 -85.85 38.39 -17.88
CA LYS P 4 -86.19 37.16 -18.59
C LYS P 4 -85.37 37.09 -19.88
N TYR P 5 -84.62 36.02 -20.05
CA TYR P 5 -83.76 35.88 -21.22
C TYR P 5 -84.63 35.62 -22.44
N PRO P 6 -84.41 36.30 -23.56
CA PRO P 6 -85.34 36.22 -24.70
C PRO P 6 -85.08 35.00 -25.56
N SER P 7 -85.90 34.83 -26.59
CA SER P 7 -85.76 33.68 -27.48
C SER P 7 -84.69 33.86 -28.56
N GLU P 8 -84.34 35.08 -28.92
CA GLU P 8 -83.25 35.31 -29.86
C GLU P 8 -81.98 35.68 -29.09
N LYS P 9 -80.90 35.00 -29.43
CA LYS P 9 -79.59 35.29 -28.79
C LYS P 9 -79.20 36.76 -29.01
N LEU P 10 -78.63 37.35 -27.98
CA LEU P 10 -78.32 38.78 -28.07
C LEU P 10 -77.25 39.08 -29.13
N PHE P 11 -76.45 38.10 -29.52
CA PHE P 11 -75.38 38.32 -30.48
C PHE P 11 -75.85 38.19 -31.92
N VAL P 12 -77.10 37.80 -32.16
CA VAL P 12 -77.52 37.58 -33.54
C VAL P 12 -77.57 38.87 -34.33
N GLU P 13 -78.00 39.99 -33.72
CA GLU P 13 -78.12 41.23 -34.49
C GLU P 13 -76.78 41.61 -35.11
N ALA P 14 -75.69 41.52 -34.33
CA ALA P 14 -74.38 41.91 -34.88
C ALA P 14 -73.95 40.97 -36.01
N LEU P 15 -74.24 39.66 -35.87
CA LEU P 15 -73.91 38.74 -36.96
C LEU P 15 -74.65 39.12 -38.24
N LYS P 16 -75.94 39.42 -38.13
CA LYS P 16 -76.71 39.79 -39.31
C LYS P 16 -76.24 41.12 -39.90
N SER P 17 -75.82 42.07 -39.06
CA SER P 17 -75.35 43.35 -39.56
C SER P 17 -73.97 43.24 -40.19
N LYS P 18 -73.15 42.28 -39.73
CA LYS P 18 -71.85 42.04 -40.37
C LYS P 18 -71.99 41.25 -41.67
N PHE P 19 -72.98 40.36 -41.77
CA PHE P 19 -73.14 39.41 -42.86
C PHE P 19 -74.59 39.44 -43.39
N ALA P 20 -74.96 40.52 -44.07
CA ALA P 20 -76.32 40.62 -44.59
C ALA P 20 -76.63 39.46 -45.52
N GLY P 21 -77.72 38.74 -45.22
CA GLY P 21 -78.18 37.64 -46.05
C GLY P 21 -77.58 36.29 -45.74
N LEU P 22 -76.65 36.20 -44.80
CA LEU P 22 -75.96 34.95 -44.54
C LEU P 22 -76.83 33.98 -43.75
N ASP P 23 -76.80 32.71 -44.15
CA ASP P 23 -77.36 31.64 -43.33
C ASP P 23 -76.39 31.38 -42.17
N LEU P 24 -76.82 31.70 -40.95
CA LEU P 24 -75.92 31.65 -39.79
C LEU P 24 -75.57 30.22 -39.38
N SER P 25 -76.20 29.20 -39.97
CA SER P 25 -75.86 27.83 -39.65
C SER P 25 -74.75 27.27 -40.55
N ASP P 26 -74.37 27.96 -41.62
CA ASP P 26 -73.41 27.39 -42.55
C ASP P 26 -72.03 27.27 -41.92
N GLN P 27 -71.43 26.08 -42.03
CA GLN P 27 -70.08 25.85 -41.53
C GLN P 27 -69.00 26.11 -42.58
N LYS P 28 -69.38 26.33 -43.84
CA LYS P 28 -68.44 26.62 -44.90
C LYS P 28 -68.67 28.01 -45.45
N VAL P 29 -67.64 28.53 -46.10
CA VAL P 29 -67.68 29.86 -46.71
C VAL P 29 -66.78 29.81 -47.93
N LYS P 30 -67.04 30.70 -48.87
CA LYS P 30 -66.17 30.87 -50.02
C LYS P 30 -65.11 31.92 -49.70
N TYR P 31 -63.85 31.56 -49.86
CA TYR P 31 -62.76 32.51 -49.67
C TYR P 31 -62.39 33.12 -51.00
N VAL P 32 -62.33 34.45 -51.06
CA VAL P 32 -62.04 35.16 -52.35
C VAL P 32 -60.59 35.67 -52.34
N ARG P 33 -59.95 35.69 -51.16
N ARG P 33 -59.95 35.69 -51.16
CA ARG P 33 -58.52 36.10 -51.09
CA ARG P 33 -58.53 36.10 -51.08
C ARG P 33 -58.35 37.50 -51.70
C ARG P 33 -58.35 37.50 -51.71
N ALA P 34 -59.13 38.47 -51.24
CA ALA P 34 -59.08 39.84 -51.84
C ALA P 34 -57.87 40.62 -51.36
N GLY P 35 -57.33 40.30 -50.19
CA GLY P 35 -56.27 41.13 -49.64
C GLY P 35 -56.80 42.46 -49.13
N TYR P 36 -55.86 43.38 -48.89
CA TYR P 36 -56.16 44.60 -48.16
C TYR P 36 -57.11 45.52 -48.89
N LEU P 37 -57.17 45.43 -50.23
CA LEU P 37 -58.02 46.36 -50.98
C LEU P 37 -59.49 46.22 -50.65
N GLN P 38 -59.87 45.14 -49.96
CA GLN P 38 -61.27 44.97 -49.59
C GLN P 38 -61.72 45.99 -48.55
N ASN P 39 -60.77 46.60 -47.83
CA ASN P 39 -61.08 47.30 -46.60
C ASN P 39 -60.68 48.76 -46.65
N ALA P 40 -61.64 49.65 -46.42
CA ALA P 40 -61.37 51.08 -46.53
C ALA P 40 -60.28 51.54 -45.56
N ARG P 41 -60.24 50.97 -44.37
CA ARG P 41 -59.28 51.43 -43.38
C ARG P 41 -57.87 51.01 -43.76
N LYS P 42 -57.70 49.76 -44.22
CA LYS P 42 -56.38 49.34 -44.68
C LYS P 42 -55.91 50.18 -45.87
N ARG P 43 -56.82 50.48 -46.80
CA ARG P 43 -56.40 51.30 -47.95
C ARG P 43 -55.97 52.68 -47.50
N GLU P 44 -56.69 53.24 -46.53
CA GLU P 44 -56.33 54.54 -45.97
C GLU P 44 -54.98 54.47 -45.29
N PHE P 45 -54.71 53.41 -44.54
CA PHE P 45 -53.41 53.27 -43.89
C PHE P 45 -52.28 53.17 -44.91
N GLN P 46 -52.50 52.42 -45.99
CA GLN P 46 -51.46 52.30 -47.00
C GLN P 46 -51.14 53.66 -47.59
N ALA P 47 -52.16 54.46 -47.90
CA ALA P 47 -51.93 55.82 -48.40
C ALA P 47 -51.24 56.70 -47.38
N ALA P 48 -51.62 56.57 -46.10
CA ALA P 48 -50.95 57.36 -45.07
C ALA P 48 -49.48 56.98 -44.99
N GLY P 49 -49.17 55.69 -45.12
CA GLY P 49 -47.78 55.24 -45.09
C GLY P 49 -46.99 55.74 -46.26
N GLU P 50 -47.64 55.92 -47.41
CA GLU P 50 -46.96 56.50 -48.57
C GLU P 50 -46.56 57.94 -48.28
N ARG P 51 -47.46 58.73 -47.69
CA ARG P 51 -47.11 60.10 -47.33
C ARG P 51 -45.99 60.13 -46.29
N VAL P 52 -46.10 59.26 -45.27
CA VAL P 52 -45.06 59.23 -44.24
C VAL P 52 -43.69 59.02 -44.86
N ALA P 53 -43.58 58.02 -45.73
CA ALA P 53 -42.28 57.68 -46.32
C ALA P 53 -41.74 58.82 -47.16
N GLU P 54 -42.59 59.45 -47.96
CA GLU P 54 -42.14 60.53 -48.83
C GLU P 54 -41.71 61.74 -48.01
N GLN P 55 -42.45 62.06 -46.95
CA GLN P 55 -42.15 63.24 -46.15
C GLN P 55 -40.85 63.07 -45.39
N ARG P 56 -40.55 61.86 -44.92
CA ARG P 56 -39.35 61.68 -44.09
C ARG P 56 -38.19 61.00 -44.81
N GLY P 57 -38.39 60.53 -46.04
CA GLY P 57 -37.31 59.91 -46.77
C GLY P 57 -36.97 58.49 -46.33
N MET P 58 -37.92 57.75 -45.78
CA MET P 58 -37.61 56.44 -45.24
C MET P 58 -38.90 55.63 -45.22
N GLN P 59 -38.85 54.41 -45.74
CA GLN P 59 -40.00 53.52 -45.75
C GLN P 59 -40.57 53.32 -44.35
N GLN P 60 -41.91 53.22 -44.28
CA GLN P 60 -42.65 52.97 -43.04
C GLN P 60 -43.70 51.89 -43.31
N TYR P 61 -44.98 52.17 -43.07
CA TYR P 61 -46.03 51.18 -43.26
C TYR P 61 -46.16 50.79 -44.71
N ASP P 62 -46.27 49.49 -44.95
CA ASP P 62 -46.55 48.97 -46.29
C ASP P 62 -47.13 47.57 -46.15
N VAL P 63 -48.41 47.43 -46.50
CA VAL P 63 -49.09 46.14 -46.36
C VAL P 63 -48.33 45.00 -47.04
N ASN P 64 -47.55 45.30 -48.07
CA ASN P 64 -46.89 44.24 -48.81
C ASN P 64 -45.68 43.67 -48.09
N VAL P 65 -45.31 44.25 -46.95
CA VAL P 65 -44.23 43.70 -46.12
C VAL P 65 -44.68 42.51 -45.31
N HIS P 66 -45.98 42.25 -45.22
CA HIS P 66 -46.45 41.07 -44.52
C HIS P 66 -45.81 39.85 -45.17
N LEU P 67 -45.48 38.86 -44.34
CA LEU P 67 -44.71 37.74 -44.86
C LEU P 67 -45.54 36.89 -45.80
N GLY P 68 -44.85 36.07 -46.59
CA GLY P 68 -45.50 35.05 -47.38
C GLY P 68 -46.11 35.53 -48.67
N GLY P 69 -45.86 36.79 -49.05
CA GLY P 69 -46.41 37.34 -50.26
C GLY P 69 -47.88 37.66 -50.18
N MET P 70 -48.45 37.68 -48.99
CA MET P 70 -49.86 37.95 -48.81
C MET P 70 -50.06 39.18 -47.94
N THR P 71 -51.07 39.99 -48.28
CA THR P 71 -51.50 41.08 -47.41
C THR P 71 -52.66 40.62 -46.53
N LEU P 72 -52.84 41.32 -45.40
CA LEU P 72 -54.00 41.13 -44.54
C LEU P 72 -55.27 41.12 -45.37
N GLY P 73 -56.16 40.19 -45.05
CA GLY P 73 -57.44 40.10 -45.73
C GLY P 73 -57.53 39.01 -46.78
N GLN P 74 -56.82 37.91 -46.59
CA GLN P 74 -57.05 36.74 -47.42
C GLN P 74 -58.39 36.10 -47.09
N ARG P 75 -58.86 36.28 -45.85
CA ARG P 75 -60.26 36.08 -45.47
C ARG P 75 -60.92 37.45 -45.42
N GLN P 76 -62.21 37.46 -45.10
N GLN P 76 -62.21 37.47 -45.10
CA GLN P 76 -62.91 38.72 -44.93
CA GLN P 76 -62.90 38.74 -44.97
C GLN P 76 -62.44 39.41 -43.65
C GLN P 76 -62.50 39.43 -43.66
N LEU P 77 -62.16 40.71 -43.75
CA LEU P 77 -61.85 41.53 -42.60
C LEU P 77 -63.15 42.14 -42.11
N VAL P 78 -63.54 41.78 -40.89
CA VAL P 78 -64.89 42.06 -40.39
C VAL P 78 -64.83 43.16 -39.34
N PRO P 79 -65.84 44.04 -39.32
CA PRO P 79 -65.87 45.13 -38.34
C PRO P 79 -66.49 44.68 -37.03
N TYR P 80 -66.57 45.60 -36.08
CA TYR P 80 -67.00 45.33 -34.71
C TYR P 80 -68.12 46.29 -34.30
N LYS P 81 -69.19 45.73 -33.76
CA LYS P 81 -70.26 46.54 -33.16
C LYS P 81 -69.95 46.72 -31.68
N LEU P 82 -69.94 47.96 -31.20
CA LEU P 82 -69.80 48.17 -29.76
C LEU P 82 -71.06 47.62 -29.08
N SER P 83 -70.88 46.79 -28.07
CA SER P 83 -72.02 46.14 -27.42
C SER P 83 -72.93 47.18 -26.77
N THR P 84 -74.24 47.00 -26.95
CA THR P 84 -75.32 47.90 -26.55
C THR P 84 -75.42 49.16 -27.40
N ARG P 85 -74.52 49.37 -28.37
CA ARG P 85 -74.51 50.57 -29.19
C ARG P 85 -74.83 50.21 -30.64
N PRO P 86 -75.31 51.18 -31.42
CA PRO P 86 -75.52 50.91 -32.84
C PRO P 86 -74.26 51.02 -33.68
N ASP P 87 -73.18 51.55 -33.13
CA ASP P 87 -71.98 51.86 -33.89
C ASP P 87 -71.19 50.62 -34.24
N ILE P 88 -70.95 50.44 -35.53
CA ILE P 88 -70.06 49.41 -36.07
C ILE P 88 -68.85 50.12 -36.66
N VAL P 89 -67.66 49.66 -36.26
CA VAL P 89 -66.41 50.33 -36.55
C VAL P 89 -65.39 49.33 -37.07
N GLU P 90 -64.42 49.84 -37.79
CA GLU P 90 -63.34 48.94 -38.26
C GLU P 90 -62.47 48.58 -37.04
N GLY P 91 -61.90 47.38 -37.05
CA GLY P 91 -61.16 46.95 -35.87
C GLY P 91 -60.05 47.91 -35.47
N ASP P 92 -59.38 48.52 -36.46
CA ASP P 92 -58.30 49.45 -36.14
C ASP P 92 -58.78 50.64 -35.34
N ASP P 93 -60.07 50.96 -35.42
CA ASP P 93 -60.65 52.10 -34.72
C ASP P 93 -60.72 51.87 -33.22
N LEU P 94 -60.49 50.63 -32.78
CA LEU P 94 -60.47 50.25 -31.37
C LEU P 94 -59.06 50.02 -30.86
N HIS P 95 -58.03 50.16 -31.70
CA HIS P 95 -56.67 50.18 -31.18
C HIS P 95 -56.49 51.42 -30.32
N TYR P 96 -55.84 51.24 -29.15
CA TYR P 96 -55.80 52.36 -28.21
C TYR P 96 -55.07 53.57 -28.82
N VAL P 97 -54.05 53.33 -29.67
CA VAL P 97 -53.31 54.42 -30.27
C VAL P 97 -54.24 55.26 -31.14
N ASN P 98 -55.22 54.63 -31.77
CA ASN P 98 -56.10 55.29 -32.73
C ASN P 98 -57.36 55.86 -32.09
N ASN P 99 -57.55 55.61 -30.80
CA ASN P 99 -58.86 55.88 -30.14
C ASN P 99 -58.67 56.86 -28.97
N PRO P 100 -58.96 58.15 -29.18
CA PRO P 100 -58.76 59.16 -28.13
C PRO P 100 -59.65 58.96 -26.89
N ALA P 101 -60.82 58.32 -27.07
CA ALA P 101 -61.67 58.04 -25.88
C ALA P 101 -60.93 57.10 -24.92
N MET P 102 -60.30 56.07 -25.47
CA MET P 102 -59.56 55.10 -24.61
C MET P 102 -58.36 55.80 -23.95
N GLN P 103 -57.64 56.62 -24.72
CA GLN P 103 -56.48 57.37 -24.15
C GLN P 103 -56.94 58.30 -23.03
N GLN P 104 -58.07 58.98 -23.23
CA GLN P 104 -58.55 59.97 -22.23
C GLN P 104 -59.13 59.24 -20.99
N MET P 105 -59.67 58.04 -21.18
CA MET P 105 -60.15 57.33 -20.00
C MET P 105 -58.96 57.04 -19.07
N TRP P 106 -57.88 56.53 -19.65
CA TRP P 106 -56.69 56.24 -18.83
C TRP P 106 -56.08 57.55 -18.29
N ASP P 107 -55.93 58.57 -19.14
CA ASP P 107 -55.38 59.84 -18.65
C ASP P 107 -56.22 60.40 -17.49
N ASP P 108 -57.56 60.31 -17.57
CA ASP P 108 -58.41 60.80 -16.50
C ASP P 108 -58.17 60.05 -15.19
N MET P 109 -57.98 58.73 -15.25
CA MET P 109 -57.60 57.95 -14.06
C MET P 109 -56.25 58.38 -13.54
N LYS P 110 -55.24 58.42 -14.43
CA LYS P 110 -53.85 58.64 -14.05
C LYS P 110 -53.63 60.01 -13.43
N ARG P 111 -54.37 61.03 -13.89
CA ARG P 111 -54.20 62.40 -13.44
C ARG P 111 -55.03 62.73 -12.19
N THR P 112 -55.64 61.73 -11.55
CA THR P 112 -56.50 61.93 -10.41
C THR P 112 -55.85 61.47 -9.10
N ILE P 113 -56.03 62.27 -8.06
CA ILE P 113 -55.59 61.93 -6.70
C ILE P 113 -56.66 62.50 -5.77
N ILE P 114 -56.99 61.77 -4.73
CA ILE P 114 -57.96 62.22 -3.73
C ILE P 114 -57.17 62.61 -2.49
N VAL P 115 -57.47 63.77 -1.90
CA VAL P 115 -56.66 64.28 -0.81
C VAL P 115 -57.58 64.76 0.29
N GLY P 116 -57.37 64.24 1.50
CA GLY P 116 -58.19 64.69 2.59
C GLY P 116 -57.87 66.12 2.98
N MET P 117 -58.87 66.81 3.49
CA MET P 117 -58.70 68.16 4.00
C MET P 117 -58.74 68.27 5.51
N ASP P 118 -59.28 67.27 6.20
CA ASP P 118 -59.42 67.38 7.65
C ASP P 118 -58.07 67.58 8.32
N LEU P 119 -57.06 66.81 7.90
CA LEU P 119 -55.74 66.89 8.54
C LEU P 119 -55.08 68.24 8.30
N ALA P 120 -55.21 68.78 7.08
CA ALA P 120 -54.70 70.12 6.79
C ALA P 120 -55.36 71.16 7.65
N HIS P 121 -56.69 71.07 7.79
CA HIS P 121 -57.41 72.03 8.60
C HIS P 121 -57.00 71.91 10.08
N GLU P 122 -56.86 70.68 10.55
CA GLU P 122 -56.33 70.47 11.94
CA GLU P 122 -56.33 70.50 11.94
C GLU P 122 -54.92 71.12 12.17
N THR P 123 -54.12 71.06 11.09
CA THR P 123 -52.79 71.66 11.17
C THR P 123 -52.88 73.16 11.30
N LEU P 124 -53.74 73.78 10.48
CA LEU P 124 -53.93 75.22 10.55
C LEU P 124 -54.42 75.63 11.93
N GLU P 125 -55.33 74.85 12.52
CA GLU P 125 -55.85 75.19 13.85
C GLU P 125 -54.79 74.99 14.94
N LYS P 126 -54.05 73.88 14.89
CA LYS P 126 -53.10 73.60 15.96
C LYS P 126 -51.92 74.53 15.90
N ARG P 127 -51.30 74.66 14.72
CA ARG P 127 -50.02 75.36 14.65
C ARG P 127 -50.17 76.86 14.50
N LEU P 128 -51.17 77.32 13.80
CA LEU P 128 -51.37 78.75 13.59
C LEU P 128 -52.55 79.32 14.36
N GLY P 129 -53.39 78.49 14.94
CA GLY P 129 -54.61 78.97 15.57
C GLY P 129 -55.61 79.58 14.62
N LYS P 130 -55.61 79.15 13.36
CA LYS P 130 -56.56 79.66 12.39
C LYS P 130 -57.93 79.05 12.58
N GLU P 131 -58.98 79.84 12.28
CA GLU P 131 -60.34 79.33 12.27
C GLU P 131 -60.68 78.93 10.84
N VAL P 132 -61.19 77.72 10.67
CA VAL P 132 -61.59 77.21 9.36
C VAL P 132 -63.11 77.30 9.27
N THR P 133 -63.61 77.99 8.26
CA THR P 133 -65.02 78.29 8.10
C THR P 133 -65.44 78.00 6.68
N PRO P 134 -66.74 77.97 6.40
CA PRO P 134 -67.18 77.88 4.99
C PRO P 134 -66.58 79.00 4.15
N GLU P 135 -66.41 80.19 4.73
N GLU P 135 -66.40 80.17 4.75
CA GLU P 135 -65.85 81.32 3.99
CA GLU P 135 -65.86 81.34 4.01
C GLU P 135 -64.38 81.10 3.64
C GLU P 135 -64.39 81.07 3.64
N SER P 136 -63.59 80.61 4.60
CA SER P 136 -62.18 80.39 4.29
C SER P 136 -62.00 79.24 3.30
N ILE P 137 -62.84 78.21 3.43
CA ILE P 137 -62.82 77.10 2.48
C ILE P 137 -63.17 77.60 1.09
N ALA P 138 -64.14 78.51 0.99
CA ALA P 138 -64.52 79.02 -0.31
C ALA P 138 -63.39 79.79 -0.95
N GLY P 139 -62.69 80.62 -0.16
CA GLY P 139 -61.52 81.29 -0.69
C GLY P 139 -60.46 80.31 -1.15
N TYR P 140 -60.28 79.24 -0.39
CA TYR P 140 -59.31 78.21 -0.75
C TYR P 140 -59.70 77.54 -2.07
N MET P 141 -60.98 77.25 -2.26
CA MET P 141 -61.39 76.57 -3.49
C MET P 141 -61.18 77.43 -4.73
N GLU P 142 -61.37 78.75 -4.61
CA GLU P 142 -61.04 79.64 -5.72
C GLU P 142 -59.53 79.65 -5.98
N ALA P 143 -58.75 79.77 -4.91
CA ALA P 143 -57.30 79.76 -5.07
C ALA P 143 -56.80 78.49 -5.76
N VAL P 144 -57.32 77.34 -5.32
CA VAL P 144 -56.79 76.08 -5.84
C VAL P 144 -57.20 75.86 -7.29
N ASN P 145 -58.35 76.40 -7.72
CA ASN P 145 -58.73 76.26 -9.11
C ASN P 145 -58.04 77.26 -10.02
N HIS P 146 -57.45 78.32 -9.46
CA HIS P 146 -56.56 79.16 -10.25
C HIS P 146 -55.16 78.54 -10.33
N THR P 147 -54.65 78.02 -9.21
CA THR P 147 -53.27 77.55 -9.17
C THR P 147 -53.09 76.15 -9.74
N MET P 148 -54.03 75.24 -9.51
CA MET P 148 -53.82 73.86 -9.94
C MET P 148 -53.41 73.72 -11.39
N PRO P 149 -54.01 74.43 -12.35
CA PRO P 149 -53.62 74.23 -13.75
C PRO P 149 -52.22 74.75 -14.06
N GLY P 150 -51.61 75.50 -13.12
CA GLY P 150 -50.26 76.01 -13.27
C GLY P 150 -50.14 77.53 -13.34
N ALA P 151 -50.81 78.23 -12.44
CA ALA P 151 -50.79 79.69 -12.39
C ALA P 151 -50.42 80.16 -10.99
N ALA P 152 -49.95 81.41 -10.92
CA ALA P 152 -49.25 81.93 -9.75
C ALA P 152 -50.19 82.68 -8.81
N ILE P 153 -49.87 82.60 -7.53
CA ILE P 153 -50.73 83.28 -6.50
C ILE P 153 -49.86 84.07 -5.49
N VAL P 154 -48.59 83.74 -5.33
CA VAL P 154 -47.78 84.43 -4.27
C VAL P 154 -46.68 85.31 -4.85
N GLN P 155 -45.83 84.75 -5.71
CA GLN P 155 -44.62 85.48 -6.15
C GLN P 155 -44.86 86.50 -7.27
N GLU P 156 -43.84 87.32 -7.50
CA GLU P 156 -43.88 88.30 -8.60
C GLU P 156 -43.01 87.75 -9.74
N HIS P 157 -43.33 88.12 -10.98
CA HIS P 157 -42.55 87.75 -12.17
C HIS P 157 -42.53 86.23 -12.42
N MET P 158 -43.65 85.57 -12.17
CA MET P 158 -43.86 84.17 -12.47
C MET P 158 -44.42 84.02 -13.88
N VAL P 159 -43.96 82.96 -14.56
CA VAL P 159 -44.50 82.54 -15.85
C VAL P 159 -45.46 81.40 -15.58
N GLU P 160 -46.46 81.22 -16.46
CA GLU P 160 -47.58 80.36 -16.15
C GLU P 160 -47.96 79.50 -17.35
N THR P 161 -48.71 78.43 -17.07
CA THR P 161 -49.20 77.61 -18.14
C THR P 161 -50.33 78.33 -18.91
N HIS P 162 -50.39 78.08 -20.20
CA HIS P 162 -51.45 78.62 -21.03
C HIS P 162 -52.77 78.03 -20.60
N PRO P 163 -53.72 78.83 -20.11
CA PRO P 163 -54.94 78.22 -19.57
C PRO P 163 -55.64 77.29 -20.52
N GLY P 164 -55.54 77.56 -21.82
CA GLY P 164 -56.19 76.72 -22.81
C GLY P 164 -55.57 75.34 -22.94
N LEU P 165 -54.30 75.19 -22.57
CA LEU P 165 -53.65 73.88 -22.65
C LEU P 165 -53.99 72.99 -21.46
N VAL P 166 -54.55 73.58 -20.40
CA VAL P 166 -54.78 72.91 -19.11
C VAL P 166 -56.24 73.11 -18.67
N ASP P 167 -57.16 73.16 -19.64
CA ASP P 167 -58.59 73.43 -19.42
C ASP P 167 -59.33 72.28 -18.75
N ASP P 168 -58.73 71.09 -18.71
CA ASP P 168 -59.31 69.92 -18.08
C ASP P 168 -58.93 69.78 -16.63
N CYS P 169 -58.01 70.59 -16.14
CA CYS P 169 -57.53 70.49 -14.76
C CYS P 169 -58.47 71.26 -13.85
N TYR P 170 -58.86 70.64 -12.73
CA TYR P 170 -59.68 71.30 -11.74
C TYR P 170 -59.63 70.52 -10.44
N VAL P 171 -60.21 71.13 -9.40
CA VAL P 171 -60.34 70.54 -8.08
C VAL P 171 -61.76 70.78 -7.59
N LYS P 172 -62.42 69.71 -7.12
CA LYS P 172 -63.68 69.84 -6.40
C LYS P 172 -63.56 69.21 -5.02
N MET P 173 -64.36 69.70 -4.07
N MET P 173 -64.40 69.67 -4.10
CA MET P 173 -64.45 69.05 -2.78
CA MET P 173 -64.48 69.13 -2.75
C MET P 173 -65.70 68.19 -2.70
C MET P 173 -65.74 68.28 -2.61
N PHE P 174 -65.67 67.27 -1.76
CA PHE P 174 -66.83 66.47 -1.42
C PHE P 174 -66.77 66.06 0.05
N THR P 175 -67.95 65.81 0.61
CA THR P 175 -68.03 65.58 2.03
C THR P 175 -69.31 64.83 2.34
N GLY P 176 -69.26 64.03 3.41
CA GLY P 176 -70.48 63.46 3.94
C GLY P 176 -71.29 64.41 4.80
N ASP P 177 -70.79 65.61 5.05
CA ASP P 177 -71.49 66.59 5.89
C ASP P 177 -72.33 67.48 4.99
N ASP P 178 -73.65 67.26 4.94
CA ASP P 178 -74.47 67.99 3.99
C ASP P 178 -74.51 69.48 4.29
N GLU P 179 -74.34 69.88 5.55
CA GLU P 179 -74.40 71.31 5.86
C GLU P 179 -73.23 72.06 5.24
N LEU P 180 -72.03 71.49 5.31
CA LEU P 180 -70.88 72.12 4.66
C LEU P 180 -71.05 72.10 3.14
N ALA P 181 -71.46 70.94 2.59
CA ALA P 181 -71.63 70.86 1.16
C ALA P 181 -72.62 71.91 0.65
N ASP P 182 -73.61 72.28 1.46
CA ASP P 182 -74.62 73.24 1.05
C ASP P 182 -74.09 74.67 1.05
N GLU P 183 -73.06 74.95 1.86
CA GLU P 183 -72.56 76.30 2.05
C GLU P 183 -71.54 76.72 0.99
N ILE P 184 -70.95 75.79 0.29
CA ILE P 184 -69.93 76.09 -0.70
C ILE P 184 -70.58 76.21 -2.06
N ASP P 185 -70.09 77.16 -2.86
CA ASP P 185 -70.61 77.36 -4.21
C ASP P 185 -70.57 76.04 -4.94
N SER P 186 -71.71 75.67 -5.51
CA SER P 186 -71.86 74.33 -6.10
C SER P 186 -70.92 74.05 -7.27
N GLN P 187 -70.32 75.08 -7.89
CA GLN P 187 -69.33 74.80 -8.93
C GLN P 187 -68.12 74.06 -8.38
N TYR P 188 -67.92 74.12 -7.06
CA TYR P 188 -66.74 73.54 -6.45
C TYR P 188 -67.01 72.22 -5.74
N VAL P 189 -68.23 71.69 -5.80
CA VAL P 189 -68.67 70.59 -4.94
C VAL P 189 -69.20 69.45 -5.81
N ILE P 190 -68.77 68.23 -5.51
CA ILE P 190 -69.43 67.04 -6.06
C ILE P 190 -70.67 66.77 -5.21
N ASN P 191 -71.84 66.83 -5.83
CA ASN P 191 -73.11 66.72 -5.12
C ASN P 191 -73.51 65.24 -5.03
N ILE P 192 -73.20 64.64 -3.87
CA ILE P 192 -73.45 63.21 -3.69
C ILE P 192 -74.94 62.92 -3.80
N ASN P 193 -75.78 63.80 -3.27
CA ASN P 193 -77.20 63.50 -3.23
C ASN P 193 -77.82 63.53 -4.61
N ASP P 194 -77.33 64.41 -5.48
CA ASP P 194 -77.90 64.49 -6.83
C ASP P 194 -77.37 63.37 -7.72
N LEU P 195 -76.11 62.98 -7.56
CA LEU P 195 -75.53 61.96 -8.42
C LEU P 195 -75.93 60.54 -8.01
N PHE P 196 -76.18 60.31 -6.72
CA PHE P 196 -76.45 58.96 -6.21
C PHE P 196 -77.89 58.87 -5.68
N ASP P 197 -78.84 59.12 -6.56
CA ASP P 197 -80.23 59.27 -6.18
C ASP P 197 -81.02 57.97 -6.28
N LYS P 198 -80.39 56.86 -6.64
CA LYS P 198 -81.09 55.59 -6.72
C LYS P 198 -80.76 54.68 -5.55
N GLU P 199 -81.78 53.96 -5.08
CA GLU P 199 -81.64 52.87 -4.11
C GLU P 199 -80.89 53.31 -2.86
N GLY P 200 -81.10 54.55 -2.46
CA GLY P 200 -80.45 55.04 -1.25
C GLY P 200 -78.94 55.05 -1.29
N GLN P 201 -78.34 55.05 -2.49
CA GLN P 201 -76.88 54.98 -2.60
C GLN P 201 -76.23 56.18 -1.95
N ASN P 202 -76.85 57.36 -2.05
CA ASN P 202 -76.27 58.56 -1.46
C ASN P 202 -76.10 58.40 0.04
N GLU P 203 -77.08 57.80 0.72
CA GLU P 203 -76.96 57.62 2.16
C GLU P 203 -75.88 56.61 2.52
N LYS P 204 -75.72 55.56 1.72
CA LYS P 204 -74.67 54.60 2.01
C LYS P 204 -73.29 55.25 1.88
N LEU P 205 -73.11 56.09 0.85
CA LEU P 205 -71.82 56.75 0.65
C LEU P 205 -71.55 57.75 1.77
N LYS P 206 -72.52 58.58 2.11
CA LYS P 206 -72.31 59.56 3.17
C LYS P 206 -72.02 58.89 4.50
N ALA P 207 -72.68 57.75 4.77
CA ALA P 207 -72.44 57.01 6.00
C ALA P 207 -71.01 56.49 6.04
N ALA P 208 -70.51 56.01 4.89
CA ALA P 208 -69.17 55.43 4.87
C ALA P 208 -68.08 56.50 4.93
N ILE P 209 -68.30 57.62 4.24
CA ILE P 209 -67.34 58.72 4.27
C ILE P 209 -67.40 59.47 5.59
N GLY P 210 -68.60 59.60 6.14
CA GLY P 210 -68.80 60.33 7.38
C GLY P 210 -68.61 61.82 7.17
N LYS P 211 -68.46 62.52 8.29
CA LYS P 211 -68.31 63.97 8.31
C LYS P 211 -66.82 64.31 8.14
N THR P 212 -66.30 63.88 6.99
CA THR P 212 -64.93 64.16 6.60
C THR P 212 -65.00 64.86 5.26
N THR P 213 -63.95 65.62 4.95
CA THR P 213 -63.91 66.46 3.76
C THR P 213 -62.70 66.10 2.90
N TRP P 214 -62.92 66.06 1.59
CA TRP P 214 -61.96 65.53 0.63
C TRP P 214 -61.92 66.45 -0.58
N GLN P 215 -60.77 66.51 -1.24
CA GLN P 215 -60.62 67.14 -2.53
C GLN P 215 -60.34 66.08 -3.58
N ALA P 216 -61.07 66.17 -4.69
CA ALA P 216 -60.81 65.38 -5.88
C ALA P 216 -60.02 66.28 -6.80
N VAL P 217 -58.74 65.94 -6.99
CA VAL P 217 -57.79 66.73 -7.77
C VAL P 217 -57.55 66.02 -9.10
N HIS P 218 -57.67 66.77 -10.19
CA HIS P 218 -57.40 66.23 -11.51
C HIS P 218 -56.40 67.15 -12.19
N ILE P 219 -55.15 66.71 -12.28
CA ILE P 219 -54.10 67.55 -12.81
C ILE P 219 -54.22 67.59 -14.34
N PRO P 220 -53.45 68.42 -15.03
CA PRO P 220 -53.68 68.53 -16.48
C PRO P 220 -53.29 67.24 -17.22
N THR P 221 -54.13 66.85 -18.18
CA THR P 221 -53.78 65.74 -19.06
C THR P 221 -52.42 65.94 -19.71
N ILE P 222 -52.14 67.15 -20.19
CA ILE P 222 -50.87 67.37 -20.91
C ILE P 222 -49.67 67.03 -20.04
N VAL P 223 -49.80 67.20 -18.73
CA VAL P 223 -48.70 66.93 -17.79
C VAL P 223 -48.42 65.43 -17.68
N VAL P 224 -49.47 64.62 -17.47
CA VAL P 224 -49.23 63.18 -17.39
C VAL P 224 -48.77 62.62 -18.73
N ARG P 225 -49.14 63.27 -19.84
CA ARG P 225 -48.66 62.82 -21.15
C ARG P 225 -47.17 63.13 -21.29
N CYS P 226 -46.73 64.32 -20.86
CA CYS P 226 -45.31 64.60 -20.92
C CYS P 226 -44.53 63.77 -19.93
N CYS P 227 -45.13 63.44 -18.79
CA CYS P 227 -44.44 62.85 -17.65
C CYS P 227 -45.02 61.47 -17.35
N ASP P 228 -45.47 61.23 -16.13
CA ASP P 228 -45.99 59.90 -15.77
C ASP P 228 -46.99 60.05 -14.64
N GLY P 229 -47.60 58.93 -14.23
CA GLY P 229 -48.58 58.93 -13.15
C GLY P 229 -48.04 59.38 -11.81
N GLY P 230 -46.73 59.21 -11.60
CA GLY P 230 -46.10 59.67 -10.36
C GLY P 230 -46.10 61.19 -10.22
N ASN P 231 -46.34 61.91 -11.32
CA ASN P 231 -46.45 63.37 -11.24
C ASN P 231 -47.70 63.76 -10.44
N THR P 232 -48.74 62.94 -10.44
CA THR P 232 -50.06 63.41 -10.03
C THR P 232 -50.10 63.86 -8.56
N SER P 233 -49.72 62.98 -7.64
CA SER P 233 -49.86 63.39 -6.24
C SER P 233 -48.92 64.54 -5.88
N ARG P 234 -47.80 64.63 -6.59
CA ARG P 234 -46.86 65.70 -6.30
C ARG P 234 -47.37 67.05 -6.81
N TRP P 235 -47.81 67.09 -8.07
CA TRP P 235 -48.38 68.30 -8.66
C TRP P 235 -49.53 68.82 -7.81
N SER P 236 -50.47 67.92 -7.50
CA SER P 236 -51.58 68.22 -6.62
C SER P 236 -51.11 68.87 -5.32
N ALA P 237 -50.14 68.24 -4.65
CA ALA P 237 -49.70 68.74 -3.36
C ALA P 237 -49.04 70.12 -3.46
N MET P 238 -48.25 70.36 -4.52
CA MET P 238 -47.66 71.68 -4.69
C MET P 238 -48.69 72.79 -4.64
N GLN P 239 -49.75 72.61 -5.42
CA GLN P 239 -50.70 73.70 -5.62
C GLN P 239 -51.70 73.77 -4.48
N ILE P 240 -52.02 72.62 -3.84
CA ILE P 240 -52.75 72.66 -2.57
C ILE P 240 -51.99 73.51 -1.56
N GLY P 241 -50.68 73.27 -1.46
CA GLY P 241 -49.85 74.04 -0.54
C GLY P 241 -49.86 75.52 -0.84
N MET P 242 -49.73 75.88 -2.12
CA MET P 242 -49.70 77.29 -2.47
C MET P 242 -51.06 77.91 -2.11
N SER P 243 -52.14 77.16 -2.30
CA SER P 243 -53.48 77.68 -2.04
C SER P 243 -53.73 77.85 -0.53
N PHE P 244 -53.26 76.93 0.30
CA PHE P 244 -53.41 77.14 1.76
C PHE P 244 -52.59 78.35 2.21
N ILE P 245 -51.39 78.52 1.65
CA ILE P 245 -50.57 79.67 2.02
C ILE P 245 -51.34 80.98 1.80
N ALA P 246 -51.99 81.09 0.64
CA ALA P 246 -52.71 82.30 0.30
C ALA P 246 -54.00 82.42 1.09
N ALA P 247 -54.76 81.35 1.16
CA ALA P 247 -56.11 81.41 1.73
C ALA P 247 -56.10 81.61 3.23
N TYR P 248 -54.99 81.32 3.90
CA TYR P 248 -54.88 81.43 5.34
C TYR P 248 -53.79 82.40 5.77
N ASN P 249 -53.23 83.17 4.85
CA ASN P 249 -52.28 84.23 5.19
C ASN P 249 -51.10 83.67 6.00
N MET P 250 -50.62 82.50 5.60
CA MET P 250 -49.47 81.89 6.23
C MET P 250 -48.21 82.59 5.77
N CYS P 251 -47.11 82.39 6.50
CA CYS P 251 -45.83 82.63 5.88
C CYS P 251 -45.76 81.75 4.65
N ALA P 252 -45.26 82.29 3.56
CA ALA P 252 -45.07 81.52 2.33
C ALA P 252 -43.78 80.70 2.45
N GLY P 253 -43.88 79.65 3.27
CA GLY P 253 -42.75 78.79 3.59
C GLY P 253 -42.37 78.85 5.05
N GLU P 254 -43.21 78.30 5.92
CA GLU P 254 -42.88 78.09 7.33
C GLU P 254 -43.07 76.61 7.69
N ALA P 255 -42.63 76.24 8.89
CA ALA P 255 -42.64 74.83 9.30
C ALA P 255 -44.01 74.19 9.09
N ALA P 256 -45.08 74.91 9.44
CA ALA P 256 -46.43 74.36 9.28
C ALA P 256 -46.74 73.99 7.84
N VAL P 257 -46.12 74.67 6.87
CA VAL P 257 -46.36 74.35 5.47
C VAL P 257 -45.86 72.95 5.15
N ALA P 258 -44.80 72.50 5.84
CA ALA P 258 -44.30 71.16 5.59
C ALA P 258 -45.23 70.10 6.15
N ASP P 259 -45.98 70.41 7.21
CA ASP P 259 -47.03 69.50 7.66
C ASP P 259 -48.14 69.37 6.63
N LEU P 260 -48.54 70.49 6.00
CA LEU P 260 -49.53 70.42 4.93
C LEU P 260 -49.02 69.60 3.76
N ALA P 261 -47.72 69.72 3.45
CA ALA P 261 -47.13 68.98 2.35
C ALA P 261 -47.13 67.48 2.63
N PHE P 262 -46.74 67.08 3.84
CA PHE P 262 -46.75 65.66 4.17
C PHE P 262 -48.16 65.10 4.16
N ALA P 263 -49.14 65.89 4.62
CA ALA P 263 -50.52 65.45 4.56
C ALA P 263 -50.97 65.28 3.11
N ALA P 264 -50.66 66.25 2.25
CA ALA P 264 -51.19 66.19 0.90
C ALA P 264 -50.47 65.16 0.04
N LYS P 265 -49.19 64.92 0.31
CA LYS P 265 -48.39 63.98 -0.46
C LYS P 265 -48.48 62.53 0.02
N MHS P 266 -48.82 62.35 1.30
CA MHS P 266 -48.72 61.04 1.92
C MHS P 266 -49.89 60.73 2.87
O MHS P 266 -50.75 59.89 2.62
CB MHS P 266 -47.38 60.79 2.66
CG MHS P 266 -46.21 60.96 1.77
ND1 MHS P 266 -45.79 59.99 0.85
CD2 MHS P 266 -45.30 62.04 1.65
CE1 MHS P 266 -44.67 60.51 0.19
NE2 MHS P 266 -44.36 61.74 0.67
CM MHS P 266 -46.42 58.72 0.65
N ALA P 267 -49.94 61.46 4.00
CA ALA P 267 -50.81 61.02 5.09
C ALA P 267 -52.29 61.02 4.74
N ALA P 268 -52.73 62.00 3.95
CA ALA P 268 -54.13 62.10 3.56
C ALA P 268 -54.32 61.90 2.07
N ALA P 269 -53.33 61.32 1.39
CA ALA P 269 -53.40 61.09 -0.05
C ALA P 269 -53.89 59.68 -0.33
N VAL P 270 -54.83 59.58 -1.27
CA VAL P 270 -55.41 58.30 -1.70
C VAL P 270 -55.05 58.14 -3.18
N GLN P 271 -53.97 57.42 -3.46
CA GLN P 271 -53.54 57.16 -4.84
C GLN P 271 -54.51 56.20 -5.53
N MET P 272 -54.62 56.32 -6.86
CA MET P 272 -55.33 55.30 -7.61
C MET P 272 -54.63 53.96 -7.62
N ALA P 273 -53.29 53.96 -7.49
CA ALA P 273 -52.46 52.78 -7.64
C ALA P 273 -51.13 53.05 -6.95
N GLU P 274 -50.59 52.03 -6.28
CA GLU P 274 -49.26 52.12 -5.66
C GLU P 274 -48.17 51.64 -6.62
N MET P 275 -46.94 51.78 -6.17
CA MET P 275 -45.78 51.43 -7.01
C MET P 275 -45.63 49.92 -7.20
N LEU P 276 -44.84 49.60 -8.19
CA LEU P 276 -44.61 48.18 -8.56
C LEU P 276 -43.16 47.77 -8.35
N PRO P 277 -42.90 46.47 -8.27
CA PRO P 277 -41.54 45.97 -8.05
C PRO P 277 -40.64 46.14 -9.27
N ALA P 278 -39.35 45.89 -9.02
CA ALA P 278 -38.28 46.40 -9.89
C ALA P 278 -38.37 45.86 -11.30
N ARG P 279 -38.75 44.60 -11.47
CA ARG P 279 -38.77 44.03 -12.82
C ARG P 279 -39.72 44.82 -13.70
N AGM P 280 -40.79 45.32 -13.09
CA AGM P 280 -41.77 46.11 -13.82
CB AGM P 280 -43.15 45.38 -13.89
CG AGM P 280 -43.70 44.88 -12.56
CD AGM P 280 -44.75 43.77 -12.82
CE2 AGM P 280 -46.04 44.40 -13.36
NE1 AGM P 280 -45.07 43.10 -11.58
CZ AGM P 280 -44.29 42.16 -10.97
NH1 AGM P 280 -44.63 41.54 -9.78
NH2 AGM P 280 -43.12 41.80 -11.62
C AGM P 280 -41.89 47.49 -13.19
O AGM P 280 -42.96 48.07 -13.06
N ALA P 281 -40.74 48.06 -12.85
CA ALA P 281 -40.69 49.31 -12.09
C ALA P 281 -41.57 50.38 -12.72
N ARG P 282 -42.43 50.97 -11.91
CA ARG P 282 -43.32 52.03 -12.35
C ARG P 282 -43.59 52.94 -11.17
N SER P 283 -43.92 54.19 -11.50
CA SER P 283 -44.37 55.15 -10.51
C SER P 283 -45.77 54.76 -10.02
N PRO P 284 -46.22 55.37 -8.93
CA PRO P 284 -47.64 55.27 -8.56
C PRO P 284 -48.55 55.78 -9.66
N ASN P 285 -49.84 55.47 -9.53
CA ASN P 285 -50.86 55.88 -10.49
C ASN P 285 -50.58 55.36 -11.90
N GLU P 286 -50.09 54.11 -11.98
CA GLU P 286 -49.97 53.38 -13.23
C GLU P 286 -50.80 52.10 -13.16
N PRO P 287 -51.09 51.50 -14.31
CA PRO P 287 -52.16 50.48 -14.30
C PRO P 287 -51.82 49.24 -13.51
N GLY P 288 -50.55 48.83 -13.48
CA GLY P 288 -50.19 47.63 -12.74
C GLY P 288 -50.59 47.69 -11.28
N GLY P 289 -50.63 48.89 -10.70
CA GLY P 289 -50.99 49.03 -9.31
C GLY P 289 -52.45 49.22 -9.06
N LEU P 290 -53.27 49.20 -10.10
CA LEU P 290 -54.71 49.44 -9.95
C LEU P 290 -55.40 48.15 -9.48
N SER P 291 -56.01 48.23 -8.30
CA SER P 291 -56.79 47.12 -7.77
C SER P 291 -58.12 46.97 -8.49
N PHE P 292 -58.63 45.72 -8.50
CA PHE P 292 -59.87 45.46 -9.21
C PHE P 292 -61.05 46.16 -8.56
N GLY P 293 -61.05 46.27 -7.24
CA GLY P 293 -62.10 47.03 -6.57
C GLY P 293 -62.10 48.49 -6.95
N TYR P 294 -60.91 49.10 -7.05
CA TYR P 294 -60.88 50.51 -7.45
C TYR P 294 -61.35 50.67 -8.89
N CYS P 295 -60.91 49.79 -9.79
CA CYS P 295 -61.32 49.89 -11.20
C CYS P 295 -62.84 49.79 -11.31
N ALA P 296 -63.45 48.83 -10.59
CA ALA P 296 -64.90 48.71 -10.60
C ALA P 296 -65.57 49.96 -10.03
N ASP P 297 -64.95 50.59 -9.03
CA ASP P 297 -65.60 51.77 -8.38
C ASP P 297 -65.50 53.02 -9.28
N MET P 298 -64.53 53.06 -10.19
CA MET P 298 -64.44 54.21 -11.12
C MET P 298 -65.62 54.20 -12.11
N VAL P 299 -66.13 53.03 -12.45
CA VAL P 299 -67.25 52.90 -13.44
C VAL P 299 -68.54 53.35 -12.74
N GLN P 300 -69.38 54.07 -13.45
CA GLN P 300 -70.51 54.77 -12.82
C GLN P 300 -71.88 54.29 -13.26
N THR P 301 -71.95 53.22 -14.05
CA THR P 301 -73.26 52.71 -14.47
C THR P 301 -74.11 52.26 -13.29
N LEU P 302 -73.46 51.87 -12.19
CA LEU P 302 -74.18 51.42 -11.00
C LEU P 302 -75.03 52.51 -10.41
N ARG P 303 -74.62 53.77 -10.50
CA ARG P 303 -75.46 54.84 -9.95
C ARG P 303 -76.62 55.19 -10.87
N VAL P 304 -76.59 54.77 -12.13
CA VAL P 304 -77.61 55.14 -13.11
C VAL P 304 -78.72 54.12 -13.14
N LYS P 305 -78.40 52.83 -13.11
CA LYS P 305 -79.41 51.77 -13.23
C LYS P 305 -79.02 50.55 -12.41
N PRO P 306 -79.05 50.65 -11.08
CA PRO P 306 -78.70 49.49 -10.25
C PRO P 306 -79.67 48.32 -10.38
N GLU P 307 -80.86 48.54 -10.94
CA GLU P 307 -81.83 47.46 -11.11
C GLU P 307 -81.45 46.49 -12.22
N ASP P 308 -80.51 46.84 -13.09
CA ASP P 308 -79.91 45.89 -14.03
C ASP P 308 -78.44 45.66 -13.70
N PRO P 309 -78.13 44.71 -12.83
CA PRO P 309 -76.74 44.54 -12.41
C PRO P 309 -75.81 44.08 -13.53
N VAL P 310 -76.34 43.45 -14.58
CA VAL P 310 -75.51 42.97 -15.66
C VAL P 310 -74.94 44.14 -16.47
N TRP P 311 -75.73 45.19 -16.68
CA TRP P 311 -75.25 46.32 -17.48
C TRP P 311 -74.00 46.93 -16.86
N TYR P 312 -74.08 47.36 -15.60
CA TYR P 312 -72.90 47.90 -14.94
C TYR P 312 -71.75 46.91 -14.99
N THR P 313 -72.03 45.64 -14.72
CA THR P 313 -70.97 44.63 -14.72
C THR P 313 -70.23 44.64 -16.03
N LEU P 314 -70.96 44.66 -17.15
CA LEU P 314 -70.28 44.59 -18.44
C LEU P 314 -69.65 45.92 -18.85
N GLU P 315 -70.13 47.03 -18.30
CA GLU P 315 -69.39 48.28 -18.48
C GLU P 315 -68.06 48.25 -17.75
N VAL P 316 -68.02 47.65 -16.55
CA VAL P 316 -66.74 47.48 -15.86
C VAL P 316 -65.83 46.58 -16.68
N VAL P 317 -66.37 45.49 -17.23
CA VAL P 317 -65.55 44.65 -18.10
C VAL P 317 -64.96 45.48 -19.24
N ALA P 318 -65.78 46.31 -19.88
CA ALA P 318 -65.27 47.11 -21.00
C ALA P 318 -64.15 48.04 -20.57
N CYS P 319 -64.32 48.67 -19.40
CA CYS P 319 -63.31 49.58 -18.87
C CYS P 319 -62.01 48.83 -18.60
N GLY P 320 -62.11 47.74 -17.83
CA GLY P 320 -60.93 47.01 -17.42
C GLY P 320 -60.22 46.27 -18.54
N THR P 321 -60.98 45.63 -19.43
CA THR P 321 -60.29 44.83 -20.49
C THR P 321 -59.48 45.75 -21.39
N MET P 322 -60.05 46.91 -21.77
CA MET P 322 -59.32 47.89 -22.61
C MET P 322 -58.07 48.37 -21.85
N LEU P 323 -58.25 48.92 -20.65
CA LEU P 323 -57.10 49.49 -19.91
C LEU P 323 -56.05 48.41 -19.61
N TYR P 324 -56.45 47.29 -19.02
CA TYR P 324 -55.46 46.31 -18.59
C TYR P 324 -54.84 45.55 -19.76
N ASP P 325 -55.63 45.19 -20.76
CA ASP P 325 -55.06 44.44 -21.87
C ASP P 325 -54.50 45.31 -22.98
N GLN P 326 -55.21 46.36 -23.40
CA GLN P 326 -54.75 47.11 -24.54
C GLN P 326 -53.64 48.10 -24.18
N ILE P 327 -53.84 48.86 -23.12
CA ILE P 327 -52.88 49.91 -22.74
C ILE P 327 -51.78 49.35 -21.86
N TRP P 328 -52.16 48.71 -20.76
CA TRP P 328 -51.19 48.21 -19.80
C TRP P 328 -50.38 47.02 -20.36
N LEU P 329 -51.01 45.87 -20.56
CA LEU P 329 -50.24 44.72 -21.03
C LEU P 329 -49.77 44.92 -22.46
N GLY P 330 -50.60 45.54 -23.31
CA GLY P 330 -50.33 45.68 -24.72
C GLY P 330 -49.45 46.84 -25.09
N SER P 331 -49.17 47.75 -24.14
CA SER P 331 -48.25 48.84 -24.41
C SER P 331 -47.22 48.95 -23.29
N TYR P 332 -47.61 49.41 -22.11
CA TYR P 332 -46.63 49.58 -21.02
C TYR P 332 -45.73 48.35 -20.85
N MET P 333 -46.32 47.16 -20.92
CA MET P 333 -45.58 45.93 -20.64
C MET P 333 -45.17 45.19 -21.90
N SER P 334 -45.50 45.70 -23.10
CA SER P 334 -45.05 45.09 -24.35
C SER P 334 -44.98 46.14 -25.44
N GLY P 335 -45.99 46.18 -26.31
CA GLY P 335 -46.06 47.16 -27.37
C GLY P 335 -46.15 46.53 -28.74
N GLY P 336 -46.18 47.42 -29.75
CA GLY P 336 -46.37 46.98 -31.10
C GLY P 336 -47.82 47.05 -31.53
N VAL P 337 -48.18 46.18 -32.46
CA VAL P 337 -49.60 46.00 -32.80
C VAL P 337 -50.42 45.77 -31.52
N GLY P 338 -49.89 45.00 -30.58
CA GLY P 338 -50.55 44.92 -29.28
C GLY P 338 -51.75 43.99 -29.28
N PHE P 339 -52.72 44.32 -28.42
CA PHE P 339 -53.71 43.37 -27.94
C PHE P 339 -55.15 43.88 -28.07
N THR P 340 -55.47 44.56 -29.16
CA THR P 340 -56.82 45.13 -29.33
C THR P 340 -57.91 44.08 -29.21
N GLN P 341 -57.84 43.03 -30.04
CA GLN P 341 -58.92 42.04 -30.11
C GLN P 341 -58.97 41.08 -28.92
N TYR P 342 -57.85 40.88 -28.21
CA TYR P 342 -57.95 40.19 -26.93
C TYR P 342 -58.96 40.86 -26.00
N ALA P 343 -59.05 42.21 -26.07
CA ALA P 343 -60.01 42.99 -25.27
C ALA P 343 -61.35 43.21 -25.97
N THR P 344 -61.37 43.47 -27.29
CA THR P 344 -62.64 43.73 -27.95
C THR P 344 -63.62 42.58 -27.79
N ALA P 345 -63.11 41.35 -27.66
CA ALA P 345 -64.01 40.21 -27.49
C ALA P 345 -64.95 40.41 -26.30
N ALA P 346 -64.52 41.19 -25.31
CA ALA P 346 -65.29 41.40 -24.09
C ALA P 346 -66.25 42.58 -24.15
N TYR P 347 -66.18 43.42 -25.18
CA TYR P 347 -67.02 44.61 -25.25
C TYR P 347 -67.63 44.87 -26.63
N THR P 348 -67.58 43.90 -27.57
CA THR P 348 -68.19 44.06 -28.86
C THR P 348 -69.13 42.90 -29.20
N ASN P 349 -70.03 43.17 -30.14
CA ASN P 349 -70.89 42.20 -30.81
C ASN P 349 -71.89 41.51 -29.88
N ASP P 350 -72.06 42.05 -28.67
CA ASP P 350 -73.03 41.60 -27.69
C ASP P 350 -72.84 40.14 -27.30
N VAL P 351 -71.61 39.61 -27.42
CA VAL P 351 -71.37 38.20 -27.16
C VAL P 351 -71.35 37.92 -25.66
N LEU P 352 -70.46 38.58 -24.95
CA LEU P 352 -70.42 38.41 -23.50
C LEU P 352 -71.78 38.76 -22.89
N ASP P 353 -72.47 39.76 -23.44
CA ASP P 353 -73.80 40.11 -22.94
C ASP P 353 -74.75 38.93 -23.08
N ASP P 354 -74.73 38.27 -24.24
CA ASP P 354 -75.61 37.11 -24.39
C ASP P 354 -75.30 36.05 -23.34
N PHE P 355 -74.04 35.69 -23.19
CA PHE P 355 -73.68 34.58 -22.32
C PHE P 355 -74.00 34.92 -20.86
N THR P 356 -73.86 36.19 -20.49
CA THR P 356 -74.05 36.60 -19.11
C THR P 356 -75.51 36.77 -18.76
N TYR P 357 -76.30 37.38 -19.66
CA TYR P 357 -77.73 37.45 -19.43
C TYR P 357 -78.35 36.07 -19.41
N TYR P 358 -77.87 35.12 -20.22
CA TYR P 358 -78.31 33.74 -20.10
C TYR P 358 -78.07 33.21 -18.68
N GLY P 359 -76.86 33.43 -18.15
CA GLY P 359 -76.55 32.95 -16.81
C GLY P 359 -77.38 33.64 -15.74
N TYR P 360 -77.55 34.95 -15.87
CA TYR P 360 -78.37 35.69 -14.92
C TYR P 360 -79.77 35.08 -14.83
N ASP P 361 -80.37 34.79 -15.99
CA ASP P 361 -81.69 34.17 -16.02
C ASP P 361 -81.68 32.77 -15.37
N TYR P 362 -80.64 31.97 -15.64
CA TYR P 362 -80.53 30.65 -15.02
C TYR P 362 -80.47 30.77 -13.50
N ALA P 363 -79.64 31.69 -13.02
CA ALA P 363 -79.47 31.86 -11.58
C ALA P 363 -80.74 32.39 -10.93
N LEU P 364 -81.40 33.36 -11.53
CA LEU P 364 -82.66 33.89 -10.96
C LEU P 364 -83.69 32.80 -10.83
N ASN P 365 -83.79 31.93 -11.83
CA ASN P 365 -84.82 30.91 -11.80
C ASN P 365 -84.49 29.75 -10.88
N LYS P 366 -83.22 29.49 -10.60
CA LYS P 366 -82.85 28.39 -9.73
C LYS P 366 -82.61 28.83 -8.30
N TYR P 367 -81.92 29.95 -8.10
CA TYR P 367 -81.50 30.38 -6.78
C TYR P 367 -82.27 31.55 -6.21
N GLY P 368 -83.00 32.29 -7.04
CA GLY P 368 -83.78 33.42 -6.56
C GLY P 368 -83.12 34.76 -6.84
N ASP P 369 -83.50 35.74 -6.02
CA ASP P 369 -83.15 37.12 -6.31
C ASP P 369 -81.63 37.38 -6.24
N ASP P 370 -81.23 38.49 -6.85
CA ASP P 370 -79.87 39.02 -6.82
C ASP P 370 -79.26 38.86 -5.43
N GLY P 371 -78.05 38.30 -5.37
CA GLY P 371 -77.28 38.23 -4.16
C GLY P 371 -77.67 37.19 -3.13
N THR P 372 -78.67 36.35 -3.40
CA THR P 372 -79.20 35.45 -2.40
C THR P 372 -78.73 34.01 -2.55
N ALA P 373 -77.88 33.71 -3.54
CA ALA P 373 -77.49 32.33 -3.75
C ALA P 373 -76.42 31.94 -2.74
N PRO P 374 -76.34 30.65 -2.40
CA PRO P 374 -75.37 30.22 -1.38
C PRO P 374 -73.93 30.57 -1.77
N ASN P 375 -73.19 31.07 -0.80
CA ASN P 375 -71.81 31.50 -1.01
C ASN P 375 -70.87 30.30 -0.81
N ASP P 376 -70.90 29.36 -1.74
CA ASP P 376 -70.13 28.13 -1.55
C ASP P 376 -69.61 27.58 -2.87
N LEU P 377 -68.67 26.65 -2.76
CA LEU P 377 -68.02 26.05 -3.91
C LEU P 377 -69.01 25.29 -4.77
N ALA P 378 -70.00 24.63 -4.16
CA ALA P 378 -71.00 23.91 -4.94
C ALA P 378 -71.77 24.85 -5.87
N THR P 379 -72.12 26.06 -5.41
CA THR P 379 -72.86 27.00 -6.23
C THR P 379 -71.98 27.56 -7.35
N ALA P 380 -70.73 27.90 -7.04
CA ALA P 380 -69.81 28.31 -8.10
C ALA P 380 -69.69 27.24 -9.18
N THR P 381 -69.64 25.98 -8.76
CA THR P 381 -69.50 24.88 -9.71
C THR P 381 -70.72 24.79 -10.63
N ASP P 382 -71.92 24.84 -10.06
CA ASP P 382 -73.14 24.74 -10.86
C ASP P 382 -73.23 25.88 -11.86
N LEU P 383 -73.07 27.11 -11.38
CA LEU P 383 -73.23 28.27 -12.26
C LEU P 383 -72.19 28.29 -13.37
N ALA P 384 -70.91 28.07 -13.02
CA ALA P 384 -69.86 28.14 -14.03
C ALA P 384 -70.05 27.07 -15.10
N THR P 385 -70.42 25.85 -14.69
CA THR P 385 -70.54 24.76 -15.64
C THR P 385 -71.67 25.03 -16.62
N GLU P 386 -72.83 25.45 -16.13
CA GLU P 386 -73.96 25.71 -17.02
C GLU P 386 -73.67 26.86 -17.97
N VAL P 387 -73.11 27.95 -17.45
CA VAL P 387 -72.86 29.12 -18.29
C VAL P 387 -71.81 28.79 -19.34
N THR P 388 -70.72 28.10 -18.95
CA THR P 388 -69.68 27.73 -19.89
C THR P 388 -70.20 26.77 -20.94
N LEU P 389 -70.93 25.73 -20.55
CA LEU P 389 -71.49 24.83 -21.54
C LEU P 389 -72.42 25.56 -22.52
N ASN P 390 -73.29 26.44 -22.02
CA ASN P 390 -74.19 27.14 -22.93
C ASN P 390 -73.41 27.99 -23.92
N GLY P 391 -72.36 28.66 -23.45
CA GLY P 391 -71.57 29.50 -24.33
C GLY P 391 -70.81 28.69 -25.38
N MET P 392 -70.23 27.57 -24.94
CA MET P 392 -69.53 26.69 -25.89
C MET P 392 -70.52 26.22 -26.94
N GLU P 393 -71.74 25.86 -26.52
CA GLU P 393 -72.75 25.44 -27.48
C GLU P 393 -73.09 26.56 -28.46
N CYS P 394 -73.09 27.82 -28.00
CA CYS P 394 -73.32 28.92 -28.94
C CYS P 394 -72.21 29.00 -29.98
N TYR P 395 -70.94 28.93 -29.56
CA TYR P 395 -69.85 28.99 -30.52
C TYR P 395 -69.95 27.80 -31.48
N GLU P 396 -70.41 26.66 -31.00
CA GLU P 396 -70.50 25.49 -31.88
C GLU P 396 -71.68 25.61 -32.84
N ASP P 397 -72.78 26.22 -32.42
CA ASP P 397 -73.98 26.28 -33.24
C ASP P 397 -73.99 27.45 -34.22
N TYR P 398 -73.14 28.46 -33.99
CA TYR P 398 -73.09 29.68 -34.81
C TYR P 398 -71.66 29.86 -35.29
N PRO P 399 -71.34 29.33 -36.48
CA PRO P 399 -69.93 29.40 -36.95
C PRO P 399 -69.33 30.80 -37.01
N THR P 400 -70.11 31.81 -37.36
CA THR P 400 -69.53 33.15 -37.41
C THR P 400 -69.28 33.72 -36.03
N LEU P 401 -69.90 33.17 -34.99
CA LEU P 401 -69.58 33.58 -33.63
C LEU P 401 -68.20 33.05 -33.23
N LEU P 402 -67.97 31.75 -33.50
CA LEU P 402 -66.64 31.18 -33.29
C LEU P 402 -65.58 31.95 -34.08
N GLU P 403 -65.94 32.38 -35.30
CA GLU P 403 -65.00 33.10 -36.13
C GLU P 403 -64.67 34.48 -35.58
N ASP P 404 -65.64 35.11 -34.90
CA ASP P 404 -65.39 36.40 -34.26
C ASP P 404 -64.35 36.24 -33.16
N HIS P 405 -64.60 35.33 -32.23
CA HIS P 405 -63.65 35.00 -31.17
C HIS P 405 -62.72 33.90 -31.62
N PHE P 406 -61.96 34.27 -32.64
CA PHE P 406 -61.15 33.29 -33.35
C PHE P 406 -60.01 32.75 -32.50
N GLY P 407 -59.56 33.50 -31.51
CA GLY P 407 -58.48 33.06 -30.64
C GLY P 407 -59.03 32.43 -29.37
N GLY P 408 -58.43 31.30 -28.98
CA GLY P 408 -58.91 30.60 -27.81
C GLY P 408 -58.92 31.48 -26.57
N SER P 409 -57.94 32.36 -26.43
CA SER P 409 -57.85 33.21 -25.24
C SER P 409 -59.11 34.06 -25.09
N MGN P 410 -59.58 34.62 -26.21
CA MGN P 410 -60.81 35.46 -26.22
CB1 MGN P 410 -61.13 35.87 -27.68
CB2 MGN P 410 -60.57 36.69 -25.34
CG MGN P 410 -60.08 36.77 -28.33
CD MGN P 410 -60.37 36.96 -29.80
OE1 MGN P 410 -60.45 35.99 -30.57
NE2 MGN P 410 -60.60 38.19 -30.19
C MGN P 410 -61.99 34.60 -25.72
O MGN P 410 -62.77 35.04 -24.87
N ARG P 411 -62.15 33.41 -26.26
CA ARG P 411 -63.24 32.53 -25.83
C ARG P 411 -63.12 32.19 -24.36
N ALA P 412 -61.89 31.91 -23.91
CA ALA P 412 -61.67 31.54 -22.52
C ALA P 412 -62.10 32.66 -21.59
N GLY P 413 -61.66 33.88 -21.89
CA GLY P 413 -61.98 35.00 -21.02
C GLY P 413 -63.46 35.33 -21.01
N ILE P 414 -64.12 35.18 -22.17
CA ILE P 414 -65.53 35.54 -22.28
C ILE P 414 -66.41 34.48 -21.61
N LEU P 415 -66.11 33.20 -21.82
CA LEU P 415 -66.88 32.16 -21.13
C LEU P 415 -66.66 32.24 -19.63
N ALA P 416 -65.41 32.45 -19.20
CA ALA P 416 -65.16 32.53 -17.77
C ALA P 416 -65.77 33.80 -17.15
N ALA P 417 -65.68 34.93 -17.86
CA ALA P 417 -66.31 36.17 -17.38
C ALA P 417 -67.80 35.98 -17.21
N ALA P 418 -68.46 35.38 -18.21
CA ALA P 418 -69.89 35.16 -18.09
C ALA P 418 -70.19 34.29 -16.87
N SER P 419 -69.38 33.25 -16.66
CA SER P 419 -69.57 32.35 -15.53
C SER P 419 -69.38 33.07 -14.21
N ALA P 420 -68.32 33.87 -14.10
CA ALA P 420 -67.98 34.52 -12.83
C ALA P 420 -68.92 35.69 -12.55
N CYS P 421 -69.31 36.42 -13.60
CA CYS P 421 -70.29 37.50 -13.42
C CYS P 421 -71.63 36.95 -13.00
N THR P 422 -72.04 35.82 -13.59
CA THR P 422 -73.29 35.20 -13.14
C THR P 422 -73.18 34.79 -11.68
N THR P 423 -72.05 34.21 -11.29
CA THR P 423 -71.88 33.78 -9.90
C THR P 423 -71.80 34.98 -8.96
N GLY P 424 -71.11 36.03 -9.38
CA GLY P 424 -71.05 37.23 -8.54
C GLY P 424 -72.42 37.84 -8.29
N ILE P 425 -73.20 38.02 -9.33
CA ILE P 425 -74.52 38.61 -9.16
C ILE P 425 -75.40 37.71 -8.31
N ALA P 426 -75.34 36.41 -8.56
CA ALA P 426 -76.21 35.48 -7.83
C ALA P 426 -75.85 35.41 -6.35
N THR P 427 -74.55 35.29 -6.03
CA THR P 427 -74.13 35.10 -4.65
C THR P 427 -73.84 36.41 -3.91
N GLY P 428 -73.56 37.48 -4.63
CA GLY P 428 -73.07 38.67 -4.01
C GLY P 428 -71.69 38.56 -3.41
N ASN P 429 -70.88 37.60 -3.88
CA ASN P 429 -69.58 37.32 -3.26
C ASN P 429 -68.51 37.21 -4.34
N SER P 430 -67.54 38.14 -4.30
CA SER P 430 -66.47 38.21 -5.30
C SER P 430 -65.57 36.97 -5.22
N GLN P 431 -65.31 36.50 -4.01
CA GLN P 431 -64.40 35.38 -3.83
C GLN P 431 -64.99 34.08 -4.36
N VAL P 432 -66.30 33.87 -4.15
CA VAL P 432 -66.97 32.69 -4.71
C VAL P 432 -67.00 32.79 -6.21
N ALA P 433 -67.25 34.00 -6.74
CA ALA P 433 -67.17 34.22 -8.18
C ALA P 433 -65.79 33.84 -8.73
N LEU P 434 -64.74 34.11 -7.98
CA LEU P 434 -63.41 33.77 -8.46
C LEU P 434 -63.26 32.27 -8.62
N SER P 435 -63.81 31.44 -7.70
CA SER P 435 -63.80 29.99 -7.92
C SER P 435 -64.50 29.63 -9.24
N ALA P 436 -65.61 30.31 -9.54
CA ALA P 436 -66.37 30.06 -10.76
C ALA P 436 -65.55 30.39 -12.02
N TRX P 437 -64.79 31.47 -11.97
CA TRX P 437 -63.89 31.85 -13.10
C TRX P 437 -62.97 30.67 -13.43
O TRX P 437 -62.93 30.27 -14.63
CB TRX P 437 -63.09 33.11 -12.71
CG TRX P 437 -61.98 33.42 -13.65
CD1 TRX P 437 -60.70 32.94 -13.58
CD2 TRX P 437 -62.03 34.28 -14.80
NE1 TRX P 437 -59.95 33.44 -14.61
CE2 TRX P 437 -60.75 34.25 -15.38
CE3 TRX P 437 -63.04 35.06 -15.41
CZ2 TRX P 437 -60.44 34.99 -16.54
CZ3 TRX P 437 -62.74 35.78 -16.54
CH2 TRX P 437 -61.44 35.75 -17.11
OH2 TRX P 437 -61.19 36.49 -18.24
N TYR P 438 -62.24 30.13 -12.46
CA TYR P 438 -61.30 29.06 -12.77
C TYR P 438 -62.02 27.78 -13.20
N MET P 439 -63.18 27.47 -12.60
CA MET P 439 -63.96 26.33 -13.04
C MET P 439 -64.28 26.40 -14.53
N SER P 440 -64.67 27.59 -15.00
CA SER P 440 -64.99 27.74 -16.42
C SER P 440 -63.80 27.33 -17.29
N MET P 441 -62.60 27.80 -16.93
CA MET P 441 -61.41 27.46 -17.68
C MET P 441 -61.18 25.96 -17.76
N TYR P 442 -61.33 25.27 -16.63
CA TYR P 442 -61.06 23.84 -16.60
C TYR P 442 -62.10 23.09 -17.43
N VAL P 443 -63.37 23.51 -17.35
CA VAL P 443 -64.42 22.88 -18.16
C VAL P 443 -64.11 23.08 -19.64
N HIS P 444 -63.82 24.31 -20.02
CA HIS P 444 -63.55 24.67 -21.41
C HIS P 444 -62.41 23.82 -21.96
N LYS P 445 -61.31 23.72 -21.20
CA LYS P 445 -60.14 23.00 -21.69
C LYS P 445 -60.48 21.58 -22.09
N GLU P 446 -61.27 20.88 -21.27
CA GLU P 446 -61.53 19.48 -21.60
C GLU P 446 -62.54 19.34 -22.73
N GLY P 447 -63.40 20.33 -22.99
CA GLY P 447 -64.37 20.17 -24.07
C GLY P 447 -63.71 20.19 -25.43
N TRP P 448 -62.81 21.17 -25.64
CA TRP P 448 -62.23 21.42 -26.96
C TRP P 448 -60.77 20.98 -27.06
N GLY P 449 -60.16 20.53 -25.95
CA GLY P 449 -58.76 20.16 -25.98
C GLY P 449 -57.85 21.32 -26.32
N ARG P 450 -58.23 22.53 -25.94
CA ARG P 450 -57.50 23.76 -26.14
C ARG P 450 -58.12 24.76 -25.19
N LEU P 451 -57.33 25.79 -24.89
CA LEU P 451 -57.84 26.89 -24.05
C LEU P 451 -57.41 28.19 -24.70
N GLY P 452 -56.34 28.82 -24.22
CA GLY P 452 -55.86 30.05 -24.82
C GLY P 452 -54.48 29.92 -25.46
N PHE P 453 -53.75 31.03 -25.49
CA PHE P 453 -52.40 31.09 -26.01
C PHE P 453 -51.46 30.28 -25.10
N PHE P 454 -50.21 30.16 -25.54
CA PHE P 454 -49.19 29.30 -24.88
C PHE P 454 -49.16 29.48 -23.36
CA GL3 P 455 -49.13 30.99 -21.48
N GL3 P 455 -49.25 30.73 -22.91
C GL3 P 455 -50.36 31.60 -20.84
S GL3 P 455 -50.18 32.40 -19.39
N TYR P 456 -51.54 31.31 -21.40
CA TYR P 456 -52.81 31.93 -20.92
C TYR P 456 -53.17 31.44 -19.52
N ASP P 457 -53.00 30.14 -19.27
CA ASP P 457 -53.49 29.57 -17.98
C ASP P 457 -52.39 29.38 -16.94
N LEU P 458 -51.40 30.27 -16.90
CA LEU P 458 -50.48 30.22 -15.73
C LEU P 458 -51.34 30.50 -14.49
N GLN P 459 -52.09 31.60 -14.52
CA GLN P 459 -52.95 31.94 -13.36
C GLN P 459 -54.13 30.96 -13.29
N DYA P 460 -54.55 30.42 -14.43
CA DYA P 460 -55.55 29.48 -14.43
CB DYA P 460 -56.65 29.78 -15.13
CG DYA P 460 -56.84 31.06 -15.88
OD1 DYA P 460 -57.75 31.80 -15.54
OD2 DYA P 460 -56.08 31.30 -16.80
C DYA P 460 -55.34 28.30 -13.74
O DYA P 460 -56.20 27.85 -13.01
N GLN P 461 -54.14 27.73 -13.89
CA GLN P 461 -53.85 26.43 -13.24
C GLN P 461 -53.46 26.66 -11.78
N SMC P 462 -52.91 27.83 -11.47
CA SMC P 462 -52.64 28.18 -10.05
CB SMC P 462 -51.62 29.31 -10.01
SG SMC P 462 -49.93 28.89 -10.52
CS SMC P 462 -49.37 30.45 -11.21
C SMC P 462 -53.91 28.74 -9.43
O SMC P 462 -53.94 28.95 -8.21
N GLY P 463 -54.96 28.92 -10.22
CA GLY P 463 -56.15 29.67 -9.77
C GLY P 463 -57.01 29.05 -8.70
N ALA P 464 -57.52 27.85 -8.95
CA ALA P 464 -58.48 27.30 -7.99
C ALA P 464 -57.86 27.25 -6.60
N THR P 465 -56.60 26.78 -6.52
CA THR P 465 -55.95 26.59 -5.23
C THR P 465 -55.59 27.90 -4.56
N ASN P 466 -55.44 28.99 -5.32
CA ASN P 466 -55.12 30.28 -4.72
C ASN P 466 -56.35 31.13 -4.41
N VAL P 467 -57.56 30.68 -4.74
CA VAL P 467 -58.74 31.44 -4.37
C VAL P 467 -58.89 31.48 -2.85
N CYS P 468 -58.72 30.34 -2.20
CA CYS P 468 -58.97 30.16 -0.78
C CYS P 468 -57.70 29.91 0.01
N SER P 469 -56.52 30.14 -0.59
CA SER P 469 -55.30 30.17 0.20
C SER P 469 -55.30 31.38 1.11
N TYR P 470 -54.69 31.23 2.28
CA TYR P 470 -54.43 32.36 3.16
C TYR P 470 -52.94 32.59 3.37
N GLN P 471 -52.11 32.01 2.50
CA GLN P 471 -50.67 32.20 2.58
C GLN P 471 -50.27 33.61 2.11
N GLY P 472 -49.12 34.06 2.58
CA GLY P 472 -48.67 35.42 2.38
C GLY P 472 -48.78 36.02 0.98
N ASP P 473 -48.17 35.40 -0.03
CA ASP P 473 -48.22 35.96 -1.37
C ASP P 473 -49.28 35.31 -2.26
N GLU P 474 -50.18 34.51 -1.66
CA GLU P 474 -51.27 33.85 -2.38
C GLU P 474 -52.63 34.36 -1.91
N GLY P 475 -52.82 34.46 -0.60
CA GLY P 475 -54.13 34.85 -0.08
C GLY P 475 -54.40 36.33 -0.28
N CYS P 476 -55.63 36.61 -0.73
CA CYS P 476 -56.04 38.00 -0.92
C CYS P 476 -57.47 38.02 -1.40
N CYS P 477 -58.32 38.87 -0.82
CA CYS P 477 -59.66 39.00 -1.40
C CYS P 477 -59.57 39.65 -2.78
N LEU P 478 -60.51 39.29 -3.66
CA LEU P 478 -60.44 39.77 -5.04
C LEU P 478 -60.46 41.30 -5.13
N GLU P 479 -61.24 41.98 -4.27
CA GLU P 479 -61.33 43.43 -4.34
C GLU P 479 -59.96 44.10 -4.23
N LEU P 480 -59.04 43.50 -3.47
CA LEU P 480 -57.73 44.06 -3.19
C LEU P 480 -56.68 43.48 -4.11
N ARG P 481 -56.98 42.39 -4.80
CA ARG P 481 -56.13 41.96 -5.88
C ARG P 481 -56.12 42.99 -6.99
N GLY P 482 -55.11 42.91 -7.83
CA GLY P 482 -54.97 43.81 -8.95
C GLY P 482 -53.95 43.27 -9.93
N ALA P 483 -53.47 44.17 -10.80
CA ALA P 483 -52.55 43.75 -11.85
C ALA P 483 -51.13 43.48 -11.36
N ASN P 484 -50.87 43.54 -10.05
CA ASN P 484 -49.61 43.12 -9.48
C ASN P 484 -49.76 41.92 -8.55
N TYR P 485 -50.97 41.37 -8.39
CA TYR P 485 -51.10 40.10 -7.69
C TYR P 485 -50.24 39.10 -8.45
N PRO P 486 -49.37 38.36 -7.79
CA PRO P 486 -48.27 37.70 -8.51
C PRO P 486 -48.69 36.86 -9.69
N ASN P 487 -49.70 36.00 -9.51
CA ASN P 487 -50.13 35.12 -10.58
C ASN P 487 -50.69 35.92 -11.75
N TYR P 488 -51.13 37.15 -11.51
CA TYR P 488 -51.83 37.95 -12.51
C TYR P 488 -50.92 38.94 -13.22
N ALA P 489 -49.64 38.97 -12.91
CA ALA P 489 -48.83 40.12 -13.28
C ALA P 489 -48.45 40.16 -14.76
N MET P 490 -48.79 39.13 -15.55
CA MET P 490 -48.23 39.03 -16.90
C MET P 490 -49.23 38.95 -18.05
N ASN P 491 -50.40 38.36 -17.89
CA ASN P 491 -51.11 37.80 -19.04
C ASN P 491 -52.45 38.46 -19.38
N VAL P 492 -52.69 38.56 -20.69
CA VAL P 492 -53.94 39.09 -21.24
C VAL P 492 -55.12 38.22 -20.88
N GLY P 493 -56.33 38.77 -21.06
CA GLY P 493 -57.55 38.00 -20.97
C GLY P 493 -58.02 37.66 -19.59
N HIS P 494 -57.60 38.43 -18.56
CA HIS P 494 -57.98 38.14 -17.19
C HIS P 494 -58.30 39.40 -16.38
N GLN P 495 -57.41 40.39 -16.38
CA GLN P 495 -57.45 41.46 -15.38
C GLN P 495 -58.74 42.27 -15.47
N GLY P 496 -59.12 42.67 -16.67
CA GLY P 496 -60.33 43.48 -16.81
C GLY P 496 -61.57 42.68 -16.48
N GLU P 497 -61.55 41.38 -16.76
CA GLU P 497 -62.70 40.50 -16.41
C GLU P 497 -62.80 40.36 -14.89
N TYR P 498 -61.68 40.29 -14.19
CA TYR P 498 -61.68 40.23 -12.71
C TYR P 498 -62.35 41.51 -12.15
N ALA P 499 -61.98 42.67 -12.70
CA ALA P 499 -62.62 43.93 -12.26
C ALA P 499 -64.13 43.83 -12.51
N GLY P 500 -64.51 43.29 -13.67
CA GLY P 500 -65.93 43.15 -14.01
C GLY P 500 -66.71 42.34 -12.99
N PHE P 501 -66.22 41.16 -12.59
CA PHE P 501 -67.05 40.32 -11.69
C PHE P 501 -66.87 40.76 -10.24
N THR P 502 -65.85 41.57 -9.96
CA THR P 502 -65.76 42.21 -8.63
C THR P 502 -66.95 43.19 -8.58
N GLY P 503 -67.17 43.92 -9.67
CA GLY P 503 -68.35 44.80 -9.74
C GLY P 503 -69.64 43.99 -9.69
N SER P 504 -69.67 42.85 -10.35
CA SER P 504 -70.90 42.00 -10.39
C SER P 504 -71.33 41.59 -8.98
N ALA P 505 -70.38 41.28 -8.11
CA ALA P 505 -70.77 40.81 -6.78
C ALA P 505 -71.45 41.91 -6.00
N HIS P 506 -70.93 43.13 -6.10
CA HIS P 506 -71.50 44.23 -5.37
C HIS P 506 -72.76 44.72 -6.02
N ALA P 507 -72.88 44.57 -7.34
CA ALA P 507 -74.16 44.89 -7.99
C ALA P 507 -75.24 43.89 -7.59
N GLY P 508 -74.88 42.61 -7.50
CA GLY P 508 -75.84 41.62 -7.03
C GLY P 508 -76.26 41.85 -5.59
N ALA P 509 -75.34 42.33 -4.76
CA ALA P 509 -75.65 42.64 -3.37
C ALA P 509 -76.37 43.96 -3.22
N HIS P 510 -76.49 44.72 -4.31
CA HIS P 510 -77.09 46.05 -4.32
C HIS P 510 -76.40 46.99 -3.35
N ASP P 511 -75.07 47.01 -3.45
CA ASP P 511 -74.22 47.96 -2.77
C ASP P 511 -74.03 49.19 -3.67
N ALA P 512 -73.54 50.27 -3.07
CA ALA P 512 -73.26 51.49 -3.81
C ALA P 512 -71.83 51.55 -4.36
N TYR P 513 -70.95 50.66 -3.91
CA TYR P 513 -69.55 50.63 -4.31
C TYR P 513 -69.00 49.27 -3.87
N CYS P 514 -67.77 48.97 -4.31
CA CYS P 514 -67.11 47.70 -4.03
C CYS P 514 -66.00 47.78 -3.00
N CYS P 515 -65.27 48.89 -2.98
CA CYS P 515 -63.99 48.91 -2.27
C CYS P 515 -63.64 50.25 -1.63
N ASN P 516 -63.93 51.37 -2.30
CA ASN P 516 -63.59 52.64 -1.68
C ASN P 516 -64.63 53.68 -2.05
N PRO P 517 -65.40 54.18 -1.07
CA PRO P 517 -66.43 55.18 -1.42
C PRO P 517 -65.86 56.48 -1.94
N LEU P 518 -64.62 56.81 -1.56
CA LEU P 518 -64.00 58.04 -2.07
C LEU P 518 -63.77 57.94 -3.58
N ILE P 519 -63.29 56.77 -4.06
CA ILE P 519 -63.12 56.56 -5.49
C ILE P 519 -64.47 56.70 -6.20
N LYS P 520 -65.48 56.06 -5.62
CA LYS P 520 -66.82 56.08 -6.24
C LYS P 520 -67.33 57.50 -6.44
N VAL P 521 -67.23 58.35 -5.41
CA VAL P 521 -67.74 59.72 -5.53
C VAL P 521 -66.88 60.52 -6.51
N CYS P 522 -65.56 60.41 -6.40
CA CYS P 522 -64.66 61.19 -7.23
C CYS P 522 -64.96 61.01 -8.71
N PHE P 523 -65.16 59.77 -9.15
CA PHE P 523 -65.34 59.46 -10.56
C PHE P 523 -66.76 59.63 -11.05
N ALA P 524 -67.69 59.97 -10.16
CA ALA P 524 -69.09 60.26 -10.57
C ALA P 524 -69.18 61.68 -11.15
N ASP P 525 -68.16 62.49 -10.88
CA ASP P 525 -68.17 63.91 -11.29
C ASP P 525 -68.29 64.06 -12.81
N PRO P 526 -69.34 64.75 -13.32
CA PRO P 526 -69.50 64.98 -14.76
C PRO P 526 -68.48 65.96 -15.38
N SER P 527 -67.65 66.62 -14.56
CA SER P 527 -66.60 67.57 -15.05
C SER P 527 -65.37 66.81 -15.61
N LEU P 528 -65.27 65.51 -15.37
CA LEU P 528 -64.23 64.72 -16.05
C LEU P 528 -64.46 64.71 -17.57
N VAL P 529 -63.40 64.48 -18.33
CA VAL P 529 -63.52 64.53 -19.79
C VAL P 529 -64.25 63.29 -20.30
N PHE P 530 -63.83 62.13 -19.83
CA PHE P 530 -64.43 60.86 -20.21
C PHE P 530 -65.67 60.62 -19.37
N ASP P 531 -66.69 60.05 -19.97
CA ASP P 531 -67.93 59.73 -19.25
C ASP P 531 -67.86 58.32 -18.67
N PHE P 532 -67.54 58.24 -17.37
CA PHE P 532 -67.39 56.96 -16.68
C PHE P 532 -68.71 56.24 -16.45
N SER P 533 -69.85 56.84 -16.78
CA SER P 533 -71.13 56.17 -16.59
C SER P 533 -71.54 55.28 -17.76
N TYR P 534 -70.90 55.40 -18.94
CA TYR P 534 -71.25 54.55 -20.11
C TYR P 534 -69.99 54.36 -20.97
N ILE P 535 -69.20 53.37 -20.56
CA ILE P 535 -67.88 53.12 -21.13
C ILE P 535 -67.98 52.83 -22.63
N ARG P 536 -68.86 51.85 -22.97
CA ARG P 536 -68.84 51.39 -24.36
C ARG P 536 -69.33 52.47 -25.31
N LYS P 537 -70.25 53.37 -24.85
CA LYS P 537 -70.66 54.51 -25.66
C LYS P 537 -69.50 55.45 -25.93
N GLU P 538 -68.64 55.66 -24.94
CA GLU P 538 -67.44 56.49 -25.16
C GLU P 538 -66.48 55.85 -26.15
N TYR P 539 -66.24 54.54 -26.02
CA TYR P 539 -65.34 53.85 -26.97
C TYR P 539 -65.84 54.01 -28.39
N ALA P 540 -67.15 53.92 -28.59
CA ALA P 540 -67.73 54.13 -29.92
C ALA P 540 -67.42 55.51 -30.46
N LYS P 541 -67.53 56.54 -29.61
CA LYS P 541 -67.17 57.89 -30.05
C LYS P 541 -65.72 57.96 -30.50
N GLY P 542 -64.82 57.42 -29.72
CA GLY P 542 -63.43 57.47 -30.10
C GLY P 542 -63.16 56.73 -31.39
N ALA P 543 -63.84 55.60 -31.60
CA ALA P 543 -63.65 54.81 -32.81
C ALA P 543 -64.19 55.55 -34.02
N MET P 544 -65.22 56.36 -33.83
CA MET P 544 -65.86 57.16 -34.87
C MET P 544 -65.26 58.55 -35.02
N ARG P 545 -64.16 58.83 -34.33
CA ARG P 545 -63.50 60.13 -34.42
C ARG P 545 -64.43 61.27 -33.96
N THR P 546 -65.27 60.98 -32.97
CA THR P 546 -66.15 61.99 -32.39
C THR P 546 -65.90 62.23 -30.91
N PHE P 547 -64.76 61.79 -30.41
CA PHE P 547 -64.39 62.07 -28.99
C PHE P 547 -63.29 63.13 -28.95
N ARG P 548 -63.56 64.21 -28.22
CA ARG P 548 -62.56 65.29 -28.06
C ARG P 548 -61.75 65.07 -26.77
N PRO P 549 -60.45 64.71 -26.87
CA PRO P 549 -59.65 64.53 -25.69
C PRO P 549 -58.99 65.83 -25.22
N ALA P 550 -58.44 65.79 -24.02
CA ALA P 550 -57.67 66.94 -23.53
C ALA P 550 -56.22 66.69 -23.87
N GLY P 551 -55.42 67.73 -23.72
CA GLY P 551 -53.97 67.57 -23.80
C GLY P 551 -53.33 67.89 -25.14
N GLU P 552 -54.11 68.27 -26.16
CA GLU P 552 -53.53 68.60 -27.45
C GLU P 552 -52.77 69.92 -27.38
N ARG P 553 -51.90 70.13 -28.36
CA ARG P 553 -51.00 71.29 -28.37
C ARG P 553 -51.25 72.24 -29.53
N SER P 554 -52.44 72.19 -30.11
CA SER P 554 -52.72 73.00 -31.30
CA SER P 554 -52.71 73.00 -31.30
C SER P 554 -52.52 74.49 -31.03
N LEU P 555 -52.70 74.95 -29.78
CA LEU P 555 -52.56 76.37 -29.47
C LEU P 555 -51.13 76.88 -29.60
N VAL P 556 -50.13 75.98 -29.63
CA VAL P 556 -48.74 76.41 -29.52
C VAL P 556 -47.87 75.78 -30.60
N ILE P 557 -48.49 75.26 -31.66
CA ILE P 557 -47.74 74.67 -32.77
C ILE P 557 -48.09 75.30 -34.11
N PRO P 558 -47.19 75.27 -35.07
CA PRO P 558 -47.50 75.79 -36.39
C PRO P 558 -48.39 74.82 -37.14
N ALA P 559 -48.84 75.28 -38.29
CA ALA P 559 -49.67 74.52 -39.19
C ALA P 559 -49.06 74.68 -40.58
N GLY P 560 -49.71 75.47 -41.43
CA GLY P 560 -49.15 75.80 -42.73
C GLY P 560 -49.25 74.65 -43.71
N VAL P 561 -48.98 74.97 -44.96
CA VAL P 561 -49.06 73.99 -46.04
C VAL P 561 -47.86 73.05 -46.03
N ALA Q 2 -44.76 11.13 13.60
CA ALA Q 2 -43.80 11.99 12.93
C ALA Q 2 -43.39 11.29 11.65
N ASP Q 3 -42.61 11.97 10.82
CA ASP Q 3 -42.15 11.44 9.55
C ASP Q 3 -40.65 11.16 9.61
N THR Q 4 -40.24 10.04 9.04
CA THR Q 4 -38.84 9.74 8.84
C THR Q 4 -38.57 9.45 7.37
N ILE Q 5 -37.32 9.68 6.97
CA ILE Q 5 -36.87 9.47 5.60
C ILE Q 5 -35.50 8.80 5.64
N ASP Q 6 -35.17 8.07 4.58
CA ASP Q 6 -33.80 7.60 4.36
C ASP Q 6 -33.10 8.60 3.45
N LEU Q 7 -31.88 8.97 3.80
CA LEU Q 7 -31.10 9.90 3.00
C LEU Q 7 -30.12 9.12 2.12
N TYR Q 8 -30.12 9.44 0.83
CA TYR Q 8 -29.27 8.81 -0.18
C TYR Q 8 -28.45 9.87 -0.90
N ASP Q 9 -27.29 9.48 -1.42
CA ASP Q 9 -26.39 10.41 -2.06
C ASP Q 9 -26.70 10.53 -3.56
N ASP Q 10 -25.82 11.22 -4.29
CA ASP Q 10 -26.03 11.52 -5.70
C ASP Q 10 -25.79 10.31 -6.60
N ARG Q 11 -25.27 9.22 -6.06
CA ARG Q 11 -25.06 7.98 -6.79
C ARG Q 11 -25.98 6.85 -6.30
N GLY Q 12 -27.05 7.20 -5.60
CA GLY Q 12 -28.02 6.23 -5.15
C GLY Q 12 -27.58 5.35 -3.98
N LYS Q 13 -26.59 5.78 -3.20
CA LYS Q 13 -26.10 5.00 -2.06
C LYS Q 13 -26.68 5.54 -0.77
N LYS Q 14 -27.09 4.66 0.12
CA LYS Q 14 -27.73 5.11 1.36
C LYS Q 14 -26.71 5.76 2.28
N LEU Q 15 -27.07 6.92 2.81
CA LEU Q 15 -26.21 7.66 3.73
C LEU Q 15 -26.63 7.49 5.18
N LYS Q 16 -27.92 7.60 5.42
CA LYS Q 16 -28.44 7.53 6.81
C LYS Q 16 -29.89 7.07 6.75
N GLY Q 17 -30.27 6.17 7.64
CA GLY Q 17 -31.63 5.65 7.68
C GLY Q 17 -32.46 6.24 8.80
N ASP Q 18 -33.77 6.30 8.57
CA ASP Q 18 -34.75 6.69 9.60
C ASP Q 18 -34.43 8.05 10.22
N VAL Q 19 -34.17 9.02 9.34
CA VAL Q 19 -33.87 10.38 9.76
C VAL Q 19 -35.18 11.11 10.02
N ASP Q 20 -35.25 11.82 11.15
CA ASP Q 20 -36.43 12.64 11.40
C ASP Q 20 -36.53 13.72 10.33
N LEU Q 21 -37.73 13.90 9.76
CA LEU Q 21 -37.90 14.93 8.74
C LEU Q 21 -37.45 16.29 9.25
N GLN Q 22 -37.66 16.57 10.53
CA GLN Q 22 -37.27 17.87 11.08
C GLN Q 22 -35.77 18.08 11.02
N ALA Q 23 -34.98 17.00 10.95
CA ALA Q 23 -33.54 17.12 10.96
C ALA Q 23 -32.98 17.65 9.64
N VAL Q 24 -33.78 17.70 8.58
CA VAL Q 24 -33.37 18.35 7.35
C VAL Q 24 -34.08 19.70 7.17
N SER Q 25 -34.60 20.27 8.25
CA SER Q 25 -35.29 21.55 8.13
C SER Q 25 -34.29 22.69 7.95
N PRO Q 26 -34.61 23.70 7.12
CA PRO Q 26 -33.77 24.90 7.06
C PRO Q 26 -33.54 25.58 8.41
N LEU Q 27 -34.44 25.36 9.37
CA LEU Q 27 -34.29 25.96 10.69
C LEU Q 27 -33.40 25.15 11.63
N LYS Q 28 -32.98 23.97 11.23
CA LYS Q 28 -32.34 23.05 12.16
C LYS Q 28 -31.09 22.38 11.63
N ASN Q 29 -31.00 22.12 10.34
CA ASN Q 29 -29.86 21.38 9.79
C ASN Q 29 -28.67 22.34 9.65
N SER Q 30 -27.57 22.00 10.32
CA SER Q 30 -26.42 22.90 10.34
C SER Q 30 -25.80 23.07 8.97
N ALA Q 31 -25.92 22.07 8.09
CA ALA Q 31 -25.34 22.20 6.75
C ALA Q 31 -26.18 23.13 5.88
N ILE Q 32 -27.51 23.09 6.00
CA ILE Q 32 -28.34 24.04 5.27
C ILE Q 32 -28.08 25.44 5.79
N LEU Q 33 -28.01 25.61 7.12
CA LEU Q 33 -27.70 26.93 7.67
C LEU Q 33 -26.35 27.43 7.16
N SER Q 34 -25.39 26.53 7.03
CA SER Q 34 -24.09 26.89 6.50
C SER Q 34 -24.16 27.25 5.01
N MET Q 35 -24.94 26.51 4.21
CA MET Q 35 -25.14 26.90 2.82
C MET Q 35 -25.67 28.32 2.70
N VAL Q 36 -26.72 28.63 3.48
CA VAL Q 36 -27.29 29.98 3.41
C VAL Q 36 -26.24 31.01 3.80
N ASN Q 37 -25.48 30.75 4.87
CA ASN Q 37 -24.46 31.71 5.27
C ASN Q 37 -23.42 31.90 4.16
N THR Q 38 -23.03 30.80 3.52
CA THR Q 38 -22.01 30.88 2.49
C THR Q 38 -22.48 31.73 1.31
N VAL Q 39 -23.70 31.51 0.84
CA VAL Q 39 -24.17 32.28 -0.31
C VAL Q 39 -24.34 33.74 0.06
N LYS Q 40 -24.69 34.04 1.31
CA LYS Q 40 -24.85 35.43 1.74
C LYS Q 40 -23.52 36.16 1.80
N ARG Q 41 -22.48 35.53 2.37
CA ARG Q 41 -21.26 36.26 2.68
C ARG Q 41 -20.16 36.14 1.66
N THR Q 42 -20.30 35.26 0.65
CA THR Q 42 -19.25 35.02 -0.32
C THR Q 42 -19.48 35.86 -1.55
N VAL Q 43 -18.44 36.55 -1.99
CA VAL Q 43 -18.52 37.30 -3.24
C VAL Q 43 -17.32 36.92 -4.08
N ALA Q 44 -17.47 37.11 -5.38
CA ALA Q 44 -16.40 36.93 -6.35
C ALA Q 44 -15.96 38.31 -6.81
N VAL Q 45 -14.66 38.47 -6.99
CA VAL Q 45 -14.08 39.71 -7.47
C VAL Q 45 -13.42 39.40 -8.81
N ASN Q 46 -13.73 40.20 -9.82
CA ASN Q 46 -13.13 40.08 -11.14
C ASN Q 46 -11.99 41.10 -11.27
N LEU Q 47 -10.79 40.70 -10.83
CA LEU Q 47 -9.63 41.58 -10.92
C LEU Q 47 -9.26 41.84 -12.37
N ALA Q 48 -9.42 40.83 -13.23
CA ALA Q 48 -9.17 41.05 -14.65
C ALA Q 48 -10.12 42.10 -15.21
N GLY Q 49 -11.39 42.07 -14.76
CA GLY Q 49 -12.34 43.06 -15.22
C GLY Q 49 -12.02 44.47 -14.71
N ILE Q 50 -11.54 44.57 -13.47
CA ILE Q 50 -11.12 45.86 -12.94
C ILE Q 50 -9.97 46.41 -13.78
N GLU Q 51 -8.97 45.56 -14.03
CA GLU Q 51 -7.79 45.98 -14.78
C GLU Q 51 -8.18 46.45 -16.17
N LYS Q 52 -9.07 45.70 -16.84
CA LYS Q 52 -9.52 46.09 -18.17
C LYS Q 52 -10.31 47.39 -18.14
N ALA Q 53 -11.22 47.54 -17.17
CA ALA Q 53 -12.02 48.76 -17.09
C ALA Q 53 -11.15 49.98 -16.89
N CYS Q 54 -10.12 49.86 -16.05
CA CYS Q 54 -9.23 51.00 -15.79
C CYS Q 54 -8.35 51.30 -16.99
N LYS Q 55 -7.74 50.28 -17.58
CA LYS Q 55 -6.78 50.53 -18.67
C LYS Q 55 -7.49 51.03 -19.94
N ASN Q 56 -8.77 50.67 -20.09
CA ASN Q 56 -9.52 51.03 -21.29
C ASN Q 56 -10.55 52.12 -21.05
N ALA Q 57 -10.61 52.66 -19.84
CA ALA Q 57 -11.60 53.66 -19.44
C ALA Q 57 -13.02 53.22 -19.80
N SER Q 58 -13.32 51.95 -19.55
CA SER Q 58 -14.62 51.37 -19.89
C SER Q 58 -15.52 51.22 -18.67
N TYR Q 59 -15.37 52.14 -17.70
CA TYR Q 59 -16.15 52.14 -16.48
C TYR Q 59 -17.64 52.07 -16.75
N GLY Q 60 -18.30 51.14 -16.05
CA GLY Q 60 -19.74 51.01 -16.14
C GLY Q 60 -20.26 50.06 -17.21
N GLY Q 61 -19.43 49.62 -18.13
CA GLY Q 61 -19.82 48.67 -19.15
C GLY Q 61 -20.76 49.22 -20.23
N GLN Q 62 -21.31 48.28 -21.00
CA GLN Q 62 -22.28 48.59 -22.06
C GLN Q 62 -21.73 49.54 -23.10
N SER Q 63 -20.48 49.30 -23.51
CA SER Q 63 -19.74 50.10 -24.47
C SER Q 63 -19.36 51.47 -23.99
N ARG Q 64 -19.61 51.78 -22.72
CA ARG Q 64 -19.10 53.03 -22.18
C ARG Q 64 -17.60 53.15 -22.37
N ASN Q 65 -17.15 54.37 -22.61
CA ASN Q 65 -15.74 54.72 -22.70
C ASN Q 65 -15.66 56.19 -22.35
N ILE Q 66 -14.83 56.52 -21.37
CA ILE Q 66 -14.65 57.91 -20.92
C ILE Q 66 -13.28 58.33 -21.40
N PRO Q 67 -13.18 59.00 -22.56
CA PRO Q 67 -11.84 59.24 -23.13
C PRO Q 67 -10.98 60.05 -22.17
N GLY Q 68 -9.71 59.70 -22.15
CA GLY Q 68 -8.74 60.38 -21.34
C GLY Q 68 -8.66 59.98 -19.90
N ARG Q 69 -9.60 59.17 -19.39
CA ARG Q 69 -9.69 58.86 -17.96
C ARG Q 69 -9.23 57.45 -17.65
N GLU Q 70 -8.47 56.82 -18.54
CA GLU Q 70 -7.78 55.58 -18.22
C GLU Q 70 -6.94 55.75 -16.98
N VAL Q 71 -6.93 54.72 -16.15
CA VAL Q 71 -6.02 54.64 -15.01
C VAL Q 71 -5.20 53.37 -15.21
N ASP Q 72 -3.89 53.52 -15.41
CA ASP Q 72 -3.03 52.40 -15.77
C ASP Q 72 -2.61 51.63 -14.53
N ILE Q 73 -3.39 50.62 -14.18
CA ILE Q 73 -3.09 49.75 -13.05
C ILE Q 73 -3.30 48.31 -13.47
N ASP Q 74 -2.59 47.39 -12.79
CA ASP Q 74 -2.54 45.98 -13.20
C ASP Q 74 -2.80 45.04 -12.02
N PRO Q 75 -4.01 45.09 -11.45
CA PRO Q 75 -4.24 44.31 -10.22
C PRO Q 75 -4.12 42.82 -10.39
N THR Q 76 -4.32 42.25 -11.59
CA THR Q 76 -4.10 40.82 -11.72
C THR Q 76 -2.66 40.44 -11.43
N ALA Q 77 -1.70 41.33 -11.73
CA ALA Q 77 -0.30 41.04 -11.46
C ALA Q 77 0.05 41.19 -9.99
N LYS Q 78 -0.81 41.82 -9.20
CA LYS Q 78 -0.60 42.05 -7.77
C LYS Q 78 -1.64 41.32 -6.95
N ALA Q 79 -2.21 40.24 -7.50
CA ALA Q 79 -3.41 39.65 -6.88
C ALA Q 79 -3.14 39.16 -5.47
N ASP Q 80 -1.95 38.61 -5.22
CA ASP Q 80 -1.67 38.10 -3.88
C ASP Q 80 -1.57 39.22 -2.87
N LYS Q 81 -0.87 40.30 -3.23
CA LYS Q 81 -0.76 41.47 -2.35
C LYS Q 81 -2.12 42.09 -2.09
N ILE Q 82 -2.93 42.26 -3.15
CA ILE Q 82 -4.27 42.82 -3.00
C ILE Q 82 -5.13 41.93 -2.12
N ALA Q 83 -5.08 40.62 -2.36
CA ALA Q 83 -5.86 39.67 -1.55
C ALA Q 83 -5.49 39.77 -0.08
N ALA Q 84 -4.20 39.85 0.23
CA ALA Q 84 -3.80 39.95 1.63
C ALA Q 84 -4.32 41.25 2.25
N ARG Q 85 -4.27 42.35 1.49
CA ARG Q 85 -4.76 43.63 2.01
C ARG Q 85 -6.27 43.59 2.24
N VAL Q 86 -7.00 43.01 1.29
CA VAL Q 86 -8.46 42.89 1.47
C VAL Q 86 -8.78 42.10 2.72
N LYS Q 87 -8.08 40.98 2.94
CA LYS Q 87 -8.33 40.18 4.12
C LYS Q 87 -8.10 40.98 5.39
N GLU Q 88 -6.98 41.70 5.44
CA GLU Q 88 -6.66 42.51 6.62
C GLU Q 88 -7.73 43.57 6.86
N LEU Q 89 -8.28 44.16 5.78
CA LEU Q 89 -9.25 45.23 5.91
C LEU Q 89 -10.63 44.73 6.35
N ILE Q 90 -11.04 43.51 5.95
CA ILE Q 90 -12.38 43.06 6.28
C ILE Q 90 -12.44 42.13 7.49
N GLN Q 91 -11.35 41.45 7.84
CA GLN Q 91 -11.36 40.53 8.97
C GLN Q 91 -11.72 41.26 10.27
N VAL Q 92 -12.57 40.64 11.07
CA VAL Q 92 -12.93 41.25 12.35
C VAL Q 92 -11.98 40.83 13.46
N GLU Q 93 -11.60 39.55 13.48
CA GLU Q 93 -10.68 39.03 14.47
C GLU Q 93 -9.77 38.02 13.78
N LYS Q 94 -8.53 37.94 14.23
CA LYS Q 94 -7.62 36.95 13.67
C LYS Q 94 -8.19 35.56 13.91
N GLY Q 95 -8.11 34.71 12.89
CA GLY Q 95 -8.66 33.38 13.04
C GLY Q 95 -10.16 33.29 12.88
N ASP Q 96 -10.84 34.38 12.50
CA ASP Q 96 -12.27 34.29 12.22
C ASP Q 96 -12.46 33.61 10.85
N ASP Q 97 -13.69 33.57 10.36
CA ASP Q 97 -14.00 32.82 9.15
C ASP Q 97 -13.88 33.66 7.89
N THR Q 98 -13.18 34.79 7.95
CA THR Q 98 -12.80 35.51 6.75
C THR Q 98 -11.91 34.65 5.90
N GLU Q 99 -12.20 34.60 4.59
CA GLU Q 99 -11.32 33.94 3.65
C GLU Q 99 -11.16 34.82 2.41
N VAL Q 100 -9.93 34.93 1.92
CA VAL Q 100 -9.66 35.58 0.64
C VAL Q 100 -8.70 34.68 -0.12
N THR Q 101 -9.12 34.25 -1.31
CA THR Q 101 -8.33 33.29 -2.06
C THR Q 101 -8.18 33.78 -3.49
N VAL Q 102 -6.95 33.72 -3.99
CA VAL Q 102 -6.68 34.07 -5.38
C VAL Q 102 -7.05 32.89 -6.25
N LEU Q 103 -7.83 33.15 -7.29
CA LEU Q 103 -8.25 32.13 -8.23
C LEU Q 103 -7.83 32.50 -9.65
N GLY Q 104 -7.82 31.49 -10.51
CA GLY Q 104 -7.55 31.71 -11.93
C GLY Q 104 -6.22 32.38 -12.21
N GLY Q 105 -5.21 32.06 -11.41
CA GLY Q 105 -3.89 32.63 -11.65
C GLY Q 105 -3.80 34.12 -11.45
N GLY Q 106 -4.76 34.71 -10.75
CA GLY Q 106 -4.75 36.13 -10.49
C GLY Q 106 -5.91 36.89 -11.11
N LYS Q 107 -6.71 36.23 -11.95
CA LYS Q 107 -7.84 36.94 -12.58
C LYS Q 107 -8.96 37.23 -11.59
N PHE Q 108 -9.14 36.37 -10.58
CA PHE Q 108 -10.28 36.50 -9.69
C PHE Q 108 -9.85 36.33 -8.23
N LEU Q 109 -10.70 36.81 -7.33
CA LEU Q 109 -10.65 36.48 -5.92
C LEU Q 109 -11.99 35.91 -5.46
N ARG Q 110 -11.93 34.91 -4.58
CA ARG Q 110 -13.08 34.56 -3.77
C ARG Q 110 -12.89 35.24 -2.42
N VAL Q 111 -13.88 36.00 -1.99
CA VAL Q 111 -13.88 36.65 -0.70
C VAL Q 111 -15.05 36.11 0.10
N ALA Q 112 -14.76 35.42 1.20
CA ALA Q 112 -15.78 35.02 2.17
C ALA Q 112 -15.68 36.02 3.30
N ALA Q 113 -16.56 37.01 3.30
CA ALA Q 113 -16.57 38.01 4.35
C ALA Q 113 -16.93 37.37 5.70
N PRO Q 114 -16.40 37.88 6.79
CA PRO Q 114 -16.69 37.27 8.10
C PRO Q 114 -18.17 37.32 8.41
N THR Q 115 -18.67 36.21 8.97
CA THR Q 115 -20.07 36.13 9.35
C THR Q 115 -20.49 37.26 10.27
N ARG Q 116 -19.59 37.70 11.15
CA ARG Q 116 -19.90 38.76 12.10
C ARG Q 116 -20.39 40.03 11.41
N ARG Q 117 -19.88 40.34 10.21
CA ARG Q 117 -20.35 41.52 9.49
C ARG Q 117 -21.80 41.35 9.03
N ILE Q 118 -22.21 40.13 8.67
CA ILE Q 118 -23.61 39.86 8.38
C ILE Q 118 -24.44 39.99 9.65
N GLU Q 119 -23.97 39.38 10.74
CA GLU Q 119 -24.72 39.40 11.99
CA GLU Q 119 -24.72 39.40 12.00
C GLU Q 119 -24.96 40.82 12.49
N ALA Q 120 -24.01 41.73 12.23
CA ALA Q 120 -24.06 43.11 12.73
C ALA Q 120 -24.97 43.99 11.88
N GLY Q 121 -25.43 43.49 10.73
CA GLY Q 121 -26.32 44.22 9.86
C GLY Q 121 -27.70 43.62 9.84
N ALA Q 122 -28.52 44.11 8.91
CA ALA Q 122 -29.90 43.67 8.78
C ALA Q 122 -30.14 42.76 7.58
N GLU Q 123 -29.31 42.88 6.55
CA GLU Q 123 -29.48 42.09 5.33
C GLU Q 123 -28.21 41.26 5.10
N TYR Q 124 -27.89 41.01 3.84
CA TYR Q 124 -26.78 40.16 3.45
C TYR Q 124 -25.71 40.91 2.67
N VAL Q 125 -25.89 42.22 2.47
CA VAL Q 125 -25.07 42.99 1.54
C VAL Q 125 -23.71 43.35 2.10
N ALA Q 126 -23.46 43.15 3.39
CA ALA Q 126 -22.17 43.53 3.94
C ALA Q 126 -21.00 42.83 3.25
N GLY Q 127 -21.20 41.61 2.74
CA GLY Q 127 -20.12 40.98 2.00
C GLY Q 127 -19.77 41.76 0.74
N MET Q 128 -20.79 42.09 -0.05
CA MET Q 128 -20.57 42.89 -1.26
CA MET Q 128 -20.55 42.90 -1.27
C MET Q 128 -19.95 44.31 -1.00
N THR Q 129 -20.50 44.97 0.03
CA THR Q 129 -20.06 46.35 0.24
C THR Q 129 -18.69 46.41 0.89
N CYS Q 130 -18.45 45.58 1.90
N CYS Q 130 -18.46 45.56 1.90
CA CYS Q 130 -17.14 45.65 2.53
CA CYS Q 130 -17.14 45.56 2.56
C CYS Q 130 -16.06 45.13 1.59
C CYS Q 130 -16.06 45.10 1.60
N THR Q 131 -16.38 44.16 0.72
CA THR Q 131 -15.40 43.71 -0.27
C THR Q 131 -15.10 44.81 -1.28
N ALA Q 132 -16.13 45.44 -1.84
CA ALA Q 132 -15.90 46.53 -2.78
C ALA Q 132 -15.11 47.66 -2.12
N ALA Q 133 -15.42 47.98 -0.87
CA ALA Q 133 -14.69 49.04 -0.18
C ALA Q 133 -13.24 48.64 0.07
N ALA Q 134 -13.02 47.41 0.53
CA ALA Q 134 -11.65 46.98 0.79
C ALA Q 134 -10.83 46.95 -0.50
N LEU Q 135 -11.44 46.52 -1.60
CA LEU Q 135 -10.73 46.49 -2.87
CA LEU Q 135 -10.74 46.50 -2.89
C LEU Q 135 -10.37 47.90 -3.34
N THR Q 136 -11.32 48.84 -3.24
CA THR Q 136 -11.05 50.21 -3.65
C THR Q 136 -9.88 50.80 -2.86
N GLU Q 137 -9.88 50.59 -1.54
CA GLU Q 137 -8.76 51.05 -0.72
C GLU Q 137 -7.46 50.34 -1.07
N ALA Q 138 -7.53 49.01 -1.25
CA ALA Q 138 -6.31 48.29 -1.58
C ALA Q 138 -5.69 48.81 -2.87
N LEU Q 139 -6.54 49.12 -3.88
CA LEU Q 139 -6.04 49.65 -5.14
C LEU Q 139 -5.49 51.05 -4.99
N ARG Q 140 -6.18 51.90 -4.22
CA ARG Q 140 -5.67 53.27 -3.98
C ARG Q 140 -4.27 53.22 -3.34
N GLU Q 141 -4.12 52.40 -2.32
N GLU Q 141 -4.07 52.40 -2.23
CA GLU Q 141 -2.81 52.26 -1.62
CA GLU Q 141 -2.76 52.27 -1.54
C GLU Q 141 -1.68 51.71 -2.51
C GLU Q 141 -1.63 51.72 -2.43
N GLU Q 142 -1.99 50.61 -3.19
CA GLU Q 142 -0.93 49.94 -4.00
C GLU Q 142 -0.48 50.80 -5.18
N TYR Q 143 -1.41 51.51 -5.80
CA TYR Q 143 -1.08 52.26 -7.01
C TYR Q 143 -0.90 53.74 -6.76
N ASN Q 144 -0.92 54.16 -5.50
CA ASN Q 144 -0.63 55.54 -5.12
C ASN Q 144 -1.58 56.50 -5.81
N LEU Q 145 -2.87 56.15 -5.76
CA LEU Q 145 -3.89 56.95 -6.42
C LEU Q 145 -4.23 58.18 -5.59
N GLY Q 146 -4.78 59.18 -6.26
CA GLY Q 146 -4.98 60.47 -5.64
C GLY Q 146 -6.40 60.98 -5.73
N LEU Q 147 -6.53 62.31 -5.64
CA LEU Q 147 -7.84 62.93 -5.48
C LEU Q 147 -8.74 62.67 -6.67
N TYR Q 148 -8.22 62.84 -7.89
CA TYR Q 148 -9.08 62.92 -9.06
C TYR Q 148 -9.12 61.65 -9.90
N ASP Q 149 -8.22 60.69 -9.66
CA ASP Q 149 -8.28 59.42 -10.36
C ASP Q 149 -8.91 58.28 -9.56
N THR Q 150 -8.82 58.33 -8.22
CA THR Q 150 -9.44 57.26 -7.44
C THR Q 150 -10.95 57.13 -7.71
N PRO Q 151 -11.71 58.21 -7.93
CA PRO Q 151 -13.14 58.02 -8.22
C PRO Q 151 -13.42 57.11 -9.42
N TYR Q 152 -12.60 57.19 -10.45
CA TYR Q 152 -12.77 56.33 -11.61
C TYR Q 152 -12.45 54.87 -11.29
N VAL Q 153 -11.36 54.63 -10.55
CA VAL Q 153 -11.08 53.26 -10.10
C VAL Q 153 -12.22 52.73 -9.24
N LYS Q 154 -12.76 53.59 -8.37
CA LYS Q 154 -13.93 53.20 -7.57
C LYS Q 154 -15.06 52.70 -8.46
N ASN Q 155 -15.34 53.40 -9.57
CA ASN Q 155 -16.36 52.94 -10.51
C ASN Q 155 -15.97 51.64 -11.19
N ALA Q 156 -14.68 51.40 -11.41
CA ALA Q 156 -14.27 50.11 -11.95
C ALA Q 156 -14.66 48.97 -11.01
N VAL Q 157 -14.65 49.24 -9.71
CA VAL Q 157 -15.02 48.21 -8.72
C VAL Q 157 -16.53 48.16 -8.54
N TRP Q 158 -17.15 49.30 -8.22
CA TRP Q 158 -18.54 49.40 -7.82
C TRP Q 158 -19.49 49.63 -8.99
N GLY Q 159 -18.98 49.76 -10.21
CA GLY Q 159 -19.86 50.04 -11.35
C GLY Q 159 -20.48 51.41 -11.20
N THR Q 160 -21.74 51.56 -11.64
CA THR Q 160 -22.41 52.84 -11.64
C THR Q 160 -23.10 53.16 -10.32
N TYR Q 161 -22.85 52.37 -9.28
CA TYR Q 161 -23.34 52.72 -7.95
C TYR Q 161 -22.61 53.99 -7.48
N PRO Q 162 -23.34 55.01 -6.95
CA PRO Q 162 -24.73 55.06 -6.52
C PRO Q 162 -25.71 55.73 -7.45
N GLN Q 163 -25.35 56.04 -8.69
CA GLN Q 163 -26.36 56.52 -9.63
C GLN Q 163 -27.42 55.46 -9.87
N THR Q 164 -27.01 54.19 -9.92
CA THR Q 164 -27.90 53.03 -9.89
C THR Q 164 -27.93 52.41 -8.49
N MET Q 165 -28.98 51.64 -8.22
N MET Q 165 -28.95 51.60 -8.21
CA MET Q 165 -29.09 50.95 -6.94
CA MET Q 165 -29.09 50.94 -6.89
C MET Q 165 -28.18 49.74 -6.84
C MET Q 165 -28.14 49.73 -6.81
N ASP Q 166 -27.80 49.15 -7.97
CA ASP Q 166 -26.88 48.03 -8.01
C ASP Q 166 -25.52 48.49 -8.51
N MET Q 167 -24.54 47.59 -8.35
CA MET Q 167 -23.16 47.78 -8.82
C MET Q 167 -23.07 47.43 -10.29
N LYS Q 168 -23.89 48.12 -11.08
N LYS Q 168 -23.98 48.06 -11.06
CA LYS Q 168 -24.08 47.74 -12.48
CA LYS Q 168 -24.10 47.74 -12.49
C LYS Q 168 -22.80 48.02 -13.25
C LYS Q 168 -22.75 47.99 -13.19
N GLY Q 169 -22.37 47.04 -14.03
CA GLY Q 169 -21.10 47.18 -14.72
C GLY Q 169 -19.86 47.07 -13.86
N GLY Q 170 -20.00 46.76 -12.57
CA GLY Q 170 -18.87 46.61 -11.67
C GLY Q 170 -18.25 45.22 -11.73
N ASN Q 171 -17.41 44.95 -10.72
CA ASN Q 171 -16.57 43.75 -10.75
C ASN Q 171 -16.56 43.01 -9.42
N VAL Q 172 -17.67 43.20 -8.67
CA VAL Q 172 -17.91 42.43 -7.42
C VAL Q 172 -19.22 41.70 -7.68
N LEU Q 173 -19.25 40.37 -7.52
CA LEU Q 173 -20.42 39.56 -7.86
C LEU Q 173 -20.83 38.67 -6.70
N SER Q 174 -22.14 38.51 -6.53
CA SER Q 174 -22.75 37.60 -5.56
C SER Q 174 -23.68 36.66 -6.33
N VAL Q 175 -23.95 35.48 -5.76
CA VAL Q 175 -25.01 34.68 -6.38
C VAL Q 175 -26.38 35.26 -6.08
N LEU Q 176 -26.47 36.15 -5.07
CA LEU Q 176 -27.68 36.90 -4.75
C LEU Q 176 -27.70 38.20 -5.53
N SER Q 177 -28.85 38.84 -5.55
CA SER Q 177 -29.00 40.16 -6.15
C SER Q 177 -29.17 41.20 -5.03
N ILE Q 178 -29.51 42.44 -5.41
CA ILE Q 178 -29.69 43.47 -4.38
C ILE Q 178 -31.09 43.31 -3.80
N PRO Q 179 -31.32 43.75 -2.54
CA PRO Q 179 -32.61 43.49 -1.89
C PRO Q 179 -33.76 44.17 -2.59
N GLN Q 180 -33.50 45.29 -3.25
CA GLN Q 180 -34.58 46.02 -3.88
C GLN Q 180 -35.14 45.29 -5.10
N ASN Q 181 -34.47 44.24 -5.58
CA ASN Q 181 -35.02 43.44 -6.66
C ASN Q 181 -35.99 42.36 -6.17
N ASP Q 182 -36.11 42.17 -4.85
CA ASP Q 182 -37.09 41.22 -4.32
C ASP Q 182 -38.48 41.54 -4.83
N GLU Q 183 -39.17 40.54 -5.36
CA GLU Q 183 -40.59 40.79 -5.78
C GLU Q 183 -41.47 41.00 -4.55
N GLY Q 184 -41.14 40.36 -3.44
CA GLY Q 184 -41.95 40.45 -2.25
C GLY Q 184 -41.15 40.12 -1.02
N LEU Q 185 -41.87 39.81 0.04
CA LEU Q 185 -41.27 39.65 1.36
C LEU Q 185 -40.66 38.26 1.50
N GLY Q 186 -39.36 38.21 1.75
CA GLY Q 186 -38.67 36.94 1.91
C GLY Q 186 -38.11 36.35 0.64
N PHE Q 187 -37.95 37.15 -0.41
CA PHE Q 187 -37.56 36.62 -1.71
C PHE Q 187 -36.05 36.62 -2.01
N ALA Q 188 -35.18 37.08 -1.09
CA ALA Q 188 -33.78 37.23 -1.46
C ALA Q 188 -33.12 35.90 -1.83
N LEU Q 189 -33.37 34.83 -1.08
CA LEU Q 189 -32.79 33.53 -1.41
C LEU Q 189 -33.48 32.88 -2.60
N ARG Q 190 -34.61 33.40 -3.02
CA ARG Q 190 -35.26 32.96 -4.23
C ARG Q 190 -34.64 33.57 -5.47
N ASN Q 191 -33.87 34.60 -5.33
CA ASN Q 191 -33.34 35.34 -6.49
C ASN Q 191 -31.96 34.84 -6.89
N ILE Q 192 -31.91 33.57 -7.28
CA ILE Q 192 -30.66 32.93 -7.68
C ILE Q 192 -30.81 32.36 -9.08
N MET Q 193 -30.09 32.94 -10.04
N MET Q 193 -30.09 32.94 -10.02
CA MET Q 193 -30.21 32.59 -11.44
CA MET Q 193 -30.16 32.55 -11.43
C MET Q 193 -29.95 31.09 -11.67
C MET Q 193 -29.99 31.05 -11.60
N ALA Q 194 -30.81 30.45 -12.47
CA ALA Q 194 -30.64 29.03 -12.73
C ALA Q 194 -29.24 28.69 -13.27
N ASN Q 195 -28.67 29.55 -14.13
CA ASN Q 195 -27.31 29.31 -14.59
C ASN Q 195 -26.31 29.33 -13.44
N HIS Q 196 -26.56 30.16 -12.41
CA HIS Q 196 -25.68 30.16 -11.25
C HIS Q 196 -25.77 28.85 -10.50
N LEU Q 197 -26.99 28.36 -10.29
CA LEU Q 197 -27.19 27.11 -9.58
C LEU Q 197 -26.50 25.96 -10.29
N ALA Q 198 -26.57 25.94 -11.63
CA ALA Q 198 -25.90 24.88 -12.38
C ALA Q 198 -24.40 24.92 -12.18
N MET Q 199 -23.82 26.11 -12.04
CA MET Q 199 -22.38 26.24 -11.77
C MET Q 199 -22.04 25.88 -10.33
N LEU Q 200 -22.87 26.27 -9.36
CA LEU Q 200 -22.61 25.86 -7.99
C LEU Q 200 -22.49 24.34 -7.89
N SER Q 201 -23.35 23.63 -8.61
CA SER Q 201 -23.37 22.19 -8.60
C SER Q 201 -22.33 21.55 -9.53
N GLN Q 202 -21.54 22.33 -10.28
CA GLN Q 202 -20.62 21.79 -11.28
C GLN Q 202 -21.32 20.86 -12.25
N ARG Q 203 -22.59 21.10 -12.60
CA ARG Q 203 -23.40 20.34 -13.55
C ARG Q 203 -23.63 18.89 -13.13
N ASN Q 204 -23.52 18.66 -11.82
CA ASN Q 204 -24.03 17.40 -11.27
C ASN Q 204 -25.50 17.61 -10.96
N ALA Q 205 -26.38 16.94 -11.72
CA ALA Q 205 -27.80 17.26 -11.67
C ALA Q 205 -28.43 16.85 -10.35
N MET Q 206 -27.96 15.76 -9.74
CA MET Q 206 -28.48 15.38 -8.43
C MET Q 206 -28.12 16.44 -7.39
N ASN Q 207 -26.87 16.95 -7.45
CA ASN Q 207 -26.47 17.98 -6.49
C ASN Q 207 -27.16 19.30 -6.78
N CYS Q 208 -27.42 19.57 -8.05
CA CYS Q 208 -28.06 20.82 -8.41
C CYS Q 208 -29.51 20.82 -7.92
N ALA Q 209 -30.21 19.67 -8.00
CA ALA Q 209 -31.52 19.54 -7.38
C ALA Q 209 -31.46 19.85 -5.89
N ALA Q 210 -30.45 19.35 -5.20
CA ALA Q 210 -30.34 19.56 -3.76
C ALA Q 210 -30.06 21.02 -3.44
N ILE Q 211 -29.06 21.61 -4.08
CA ILE Q 211 -28.71 23.01 -3.80
C ILE Q 211 -29.89 23.93 -4.08
N SER Q 212 -30.52 23.75 -5.24
CA SER Q 212 -31.61 24.62 -5.62
C SER Q 212 -32.81 24.42 -4.72
N SER Q 213 -33.15 23.17 -4.41
CA SER Q 213 -34.31 22.93 -3.54
C SER Q 213 -34.07 23.48 -2.13
N ILE Q 214 -32.90 23.23 -1.57
CA ILE Q 214 -32.58 23.80 -0.27
C ILE Q 214 -32.80 25.32 -0.26
N LEU Q 215 -32.21 26.03 -1.23
CA LEU Q 215 -32.29 27.49 -1.18
C LEU Q 215 -33.72 27.99 -1.44
N GLU Q 216 -34.45 27.33 -2.35
CA GLU Q 216 -35.84 27.73 -2.57
C GLU Q 216 -36.64 27.60 -1.27
N HIS Q 217 -36.52 26.45 -0.59
CA HIS Q 217 -37.30 26.25 0.62
C HIS Q 217 -36.84 27.16 1.76
N CYS Q 218 -35.55 27.47 1.84
CA CYS Q 218 -35.10 28.50 2.78
C CYS Q 218 -35.87 29.80 2.50
N GLY Q 219 -36.03 30.13 1.21
CA GLY Q 219 -36.81 31.30 0.87
C GLY Q 219 -38.26 31.19 1.33
N VAL Q 220 -38.89 30.05 1.05
CA VAL Q 220 -40.29 29.85 1.44
C VAL Q 220 -40.46 30.00 2.95
N PHE Q 221 -39.51 29.46 3.72
CA PHE Q 221 -39.57 29.65 5.16
C PHE Q 221 -39.49 31.12 5.53
N GLU Q 222 -38.57 31.87 4.91
CA GLU Q 222 -38.44 33.31 5.20
C GLU Q 222 -39.68 34.09 4.78
N MET Q 223 -40.39 33.62 3.75
CA MET Q 223 -41.65 34.21 3.35
C MET Q 223 -42.79 33.97 4.35
N GLY Q 224 -42.59 33.14 5.36
CA GLY Q 224 -43.65 32.82 6.29
C GLY Q 224 -44.64 31.82 5.77
N GLN Q 225 -44.27 31.03 4.77
CA GLN Q 225 -45.17 30.11 4.10
C GLN Q 225 -44.83 28.66 4.42
N ALA Q 226 -44.19 28.44 5.57
CA ALA Q 226 -43.95 27.11 6.10
C ALA Q 226 -44.29 27.04 7.59
N ILE Q 227 -45.44 27.62 7.95
CA ILE Q 227 -45.92 27.67 9.33
C ILE Q 227 -47.01 26.63 9.55
N GLY Q 228 -46.96 25.99 10.70
CA GLY Q 228 -48.01 25.04 11.07
C GLY Q 228 -48.02 23.86 10.13
N LEU Q 229 -49.22 23.50 9.68
CA LEU Q 229 -49.35 22.37 8.77
C LEU Q 229 -48.50 22.56 7.51
N PHE Q 230 -48.29 23.81 7.09
CA PHE Q 230 -47.51 24.05 5.88
C PHE Q 230 -46.03 23.76 6.07
N GLU Q 231 -45.55 23.67 7.32
CA GLU Q 231 -44.16 23.24 7.51
C GLU Q 231 -43.98 21.80 7.02
N ARG Q 232 -44.88 20.90 7.40
CA ARG Q 232 -44.76 19.52 6.95
C ARG Q 232 -44.87 19.44 5.43
N TYR Q 233 -45.83 20.18 4.86
CA TYR Q 233 -46.02 20.24 3.42
C TYR Q 233 -44.73 20.60 2.70
N GLN Q 234 -44.07 21.68 3.14
CA GLN Q 234 -42.85 22.13 2.46
C GLN Q 234 -41.67 21.18 2.72
N LEU Q 235 -41.51 20.69 3.96
CA LEU Q 235 -40.36 19.84 4.25
C LEU Q 235 -40.42 18.53 3.49
N LEU Q 236 -41.61 17.96 3.35
CA LEU Q 236 -41.74 16.73 2.57
C LEU Q 236 -41.34 16.97 1.13
N ALA Q 237 -41.74 18.10 0.56
CA ALA Q 237 -41.35 18.42 -0.81
C ALA Q 237 -39.84 18.61 -0.93
N LEU Q 238 -39.23 19.32 0.03
CA LEU Q 238 -37.76 19.44 0.06
C LEU Q 238 -37.11 18.06 0.10
N ALA Q 239 -37.55 17.23 1.04
CA ALA Q 239 -36.94 15.93 1.24
C ALA Q 239 -37.05 15.05 0.00
N TYR Q 240 -38.26 14.95 -0.55
CA TYR Q 240 -38.51 14.01 -1.64
C TYR Q 240 -38.08 14.54 -3.01
N GLN Q 241 -38.19 15.85 -3.26
CA GLN Q 241 -37.78 16.38 -4.55
C GLN Q 241 -36.32 16.81 -4.58
N GLY Q 242 -35.83 17.40 -3.49
CA GLY Q 242 -34.49 17.95 -3.45
C GLY Q 242 -33.42 17.09 -2.81
N LEU Q 243 -33.80 16.29 -1.81
CA LEU Q 243 -32.83 15.51 -1.06
C LEU Q 243 -32.89 14.01 -1.36
N ASN Q 244 -33.48 13.63 -2.49
CA ASN Q 244 -33.48 12.22 -2.91
C ASN Q 244 -33.93 11.29 -1.78
N ALA Q 245 -34.95 11.72 -1.04
CA ALA Q 245 -35.45 10.91 0.07
C ALA Q 245 -35.89 9.54 -0.42
N ASN Q 246 -35.49 8.51 0.31
CA ASN Q 246 -35.79 7.11 0.00
C ASN Q 246 -35.30 6.68 -1.38
N ASN Q 247 -34.37 7.45 -1.94
CA ASN Q 247 -33.79 7.19 -3.25
C ASN Q 247 -34.81 7.28 -4.37
N MET Q 248 -35.94 7.94 -4.14
CA MET Q 248 -37.05 7.86 -5.08
C MET Q 248 -36.73 8.59 -6.39
N VAL Q 249 -36.16 9.81 -6.30
CA VAL Q 249 -35.82 10.53 -7.53
C VAL Q 249 -34.77 9.78 -8.31
N TYR Q 250 -33.72 9.32 -7.62
CA TYR Q 250 -32.65 8.60 -8.30
C TYR Q 250 -33.17 7.33 -8.96
N GLU Q 251 -33.94 6.53 -8.21
CA GLU Q 251 -34.37 5.25 -8.75
C GLU Q 251 -35.40 5.40 -9.86
N MET Q 252 -36.34 6.34 -9.72
CA MET Q 252 -37.30 6.57 -10.81
C MET Q 252 -36.59 7.04 -12.06
N THR Q 253 -35.56 7.88 -11.90
CA THR Q 253 -34.78 8.31 -13.06
C THR Q 253 -34.03 7.14 -13.68
N LYS Q 254 -33.38 6.32 -12.84
CA LYS Q 254 -32.67 5.14 -13.37
C LYS Q 254 -33.64 4.21 -14.09
N ASN Q 255 -34.81 3.96 -13.49
CA ASN Q 255 -35.79 3.02 -14.05
C ASN Q 255 -36.34 3.51 -15.39
N ASN Q 256 -36.32 4.82 -15.63
CA ASN Q 256 -36.88 5.41 -16.85
C ASN Q 256 -35.81 6.00 -17.77
N GLY Q 257 -34.54 5.81 -17.44
CA GLY Q 257 -33.47 6.49 -18.15
C GLY Q 257 -33.18 5.96 -19.54
N LYS Q 258 -33.42 4.67 -19.79
CA LYS Q 258 -33.04 4.10 -21.08
C LYS Q 258 -34.09 4.35 -22.17
N THR Q 259 -35.37 4.18 -21.84
CA THR Q 259 -36.42 4.26 -22.84
C THR Q 259 -37.61 5.07 -22.33
N GLY Q 260 -37.51 5.67 -21.17
CA GLY Q 260 -38.66 6.32 -20.58
C GLY Q 260 -38.95 7.71 -21.13
N THR Q 261 -40.12 8.20 -20.73
CA THR Q 261 -40.70 9.45 -21.19
C THR Q 261 -41.37 10.16 -20.01
N ILE Q 262 -41.83 11.38 -20.24
CA ILE Q 262 -42.66 12.04 -19.23
C ILE Q 262 -43.75 11.10 -18.75
N GLY Q 263 -44.46 10.49 -19.70
CA GLY Q 263 -45.60 9.66 -19.36
C GLY Q 263 -45.25 8.42 -18.56
N THR Q 264 -44.10 7.77 -18.86
CA THR Q 264 -43.77 6.59 -18.08
C THR Q 264 -43.38 6.96 -16.65
N VAL Q 265 -42.86 8.18 -16.46
CA VAL Q 265 -42.58 8.65 -15.10
C VAL Q 265 -43.88 8.94 -14.35
N VAL Q 266 -44.88 9.50 -15.04
CA VAL Q 266 -46.21 9.65 -14.43
C VAL Q 266 -46.69 8.30 -13.93
N GLN Q 267 -46.60 7.28 -14.78
CA GLN Q 267 -47.09 5.95 -14.42
C GLN Q 267 -46.35 5.39 -13.23
N GLU Q 268 -45.03 5.52 -13.18
CA GLU Q 268 -44.30 4.96 -12.04
C GLU Q 268 -44.64 5.73 -10.75
N THR Q 269 -44.84 7.04 -10.83
CA THR Q 269 -45.21 7.80 -9.64
C THR Q 269 -46.55 7.34 -9.07
N VAL Q 270 -47.54 7.16 -9.94
CA VAL Q 270 -48.84 6.68 -9.47
C VAL Q 270 -48.71 5.29 -8.87
N GLY Q 271 -47.99 4.40 -9.55
CA GLY Q 271 -47.80 3.05 -9.03
C GLY Q 271 -47.11 3.04 -7.67
N ARG Q 272 -46.08 3.89 -7.50
CA ARG Q 272 -45.40 3.96 -6.21
C ARG Q 272 -46.34 4.49 -5.13
N ALA Q 273 -47.12 5.53 -5.45
CA ALA Q 273 -48.05 6.07 -4.45
C ALA Q 273 -49.09 5.04 -4.03
N LEU Q 274 -49.58 4.25 -4.98
CA LEU Q 274 -50.56 3.23 -4.65
C LEU Q 274 -49.93 2.10 -3.83
N ASP Q 275 -48.74 1.66 -4.23
CA ASP Q 275 -48.08 0.55 -3.54
C ASP Q 275 -47.66 0.92 -2.14
N ASP Q 276 -47.30 2.20 -1.94
CA ASP Q 276 -46.83 2.66 -0.65
C ASP Q 276 -47.97 3.14 0.23
N GLY Q 277 -49.21 3.07 -0.24
CA GLY Q 277 -50.35 3.44 0.57
C GLY Q 277 -50.66 4.92 0.64
N VAL Q 278 -49.99 5.75 -0.17
CA VAL Q 278 -50.22 7.20 -0.15
C VAL Q 278 -51.57 7.54 -0.76
N ILE Q 279 -51.98 6.79 -1.79
CA ILE Q 279 -53.28 6.95 -2.43
C ILE Q 279 -53.94 5.59 -2.49
N SER Q 280 -55.27 5.61 -2.64
CA SER Q 280 -56.09 4.41 -2.79
C SER Q 280 -57.20 4.68 -3.80
N VAL Q 281 -57.78 3.62 -4.35
CA VAL Q 281 -58.98 3.80 -5.16
C VAL Q 281 -60.11 4.32 -4.29
N ASP Q 282 -60.82 5.33 -4.79
CA ASP Q 282 -61.93 5.96 -4.06
C ASP Q 282 -63.25 5.44 -4.64
N LYS Q 283 -63.52 5.73 -5.91
CA LYS Q 283 -64.72 5.26 -6.59
C LYS Q 283 -64.40 4.93 -8.03
N THR Q 284 -65.24 4.09 -8.64
CA THR Q 284 -65.08 3.70 -10.03
C THR Q 284 -66.27 4.20 -10.84
N MET Q 285 -65.97 4.86 -11.95
CA MET Q 285 -67.02 5.38 -12.82
C MET Q 285 -67.54 4.28 -13.72
N PRO Q 286 -68.66 4.52 -14.41
CA PRO Q 286 -69.27 3.46 -15.21
C PRO Q 286 -68.36 2.91 -16.30
N SER Q 287 -67.51 3.75 -16.88
CA SER Q 287 -66.57 3.30 -17.90
C SER Q 287 -65.47 2.40 -17.36
N GLY Q 288 -65.33 2.34 -16.04
CA GLY Q 288 -64.22 1.66 -15.40
C GLY Q 288 -63.12 2.56 -14.91
N TYR Q 289 -63.18 3.84 -15.25
CA TYR Q 289 -62.17 4.79 -14.80
C TYR Q 289 -62.22 4.89 -13.27
N LYS Q 290 -61.05 4.84 -12.66
CA LYS Q 290 -60.94 4.86 -11.21
C LYS Q 290 -60.56 6.27 -10.73
N VAL Q 291 -61.37 6.83 -9.84
CA VAL Q 291 -61.02 8.05 -9.11
C VAL Q 291 -60.28 7.63 -7.85
N TYR Q 292 -59.12 8.22 -7.61
CA TYR Q 292 -58.30 7.93 -6.45
C TYR Q 292 -58.54 8.97 -5.37
N LYS Q 293 -58.13 8.65 -4.16
CA LYS Q 293 -58.13 9.57 -3.03
C LYS Q 293 -56.74 9.53 -2.37
N ALA Q 294 -56.34 10.67 -1.82
CA ALA Q 294 -55.06 10.78 -1.13
C ALA Q 294 -55.28 10.44 0.35
N ASN Q 295 -54.60 9.39 0.82
CA ASN Q 295 -54.66 9.07 2.23
C ASN Q 295 -53.79 9.99 3.06
N ASP Q 296 -52.72 10.50 2.46
CA ASP Q 296 -51.83 11.48 3.11
C ASP Q 296 -51.58 12.56 2.06
N VAL Q 297 -52.25 13.71 2.22
CA VAL Q 297 -52.25 14.75 1.20
C VAL Q 297 -50.86 15.32 1.00
N CYS Q 298 -50.17 15.68 2.10
CA CYS Q 298 -48.81 16.22 1.94
C CYS Q 298 -47.88 15.23 1.29
N MET Q 299 -48.03 13.94 1.64
CA MET Q 299 -47.19 12.93 1.03
C MET Q 299 -47.48 12.73 -0.45
N TRP Q 300 -48.75 12.79 -0.84
CA TRP Q 300 -49.06 12.71 -2.27
C TRP Q 300 -48.41 13.85 -3.03
N ASN Q 301 -48.44 15.06 -2.48
CA ASN Q 301 -47.75 16.16 -3.15
C ASN Q 301 -46.26 15.88 -3.29
N ALA Q 302 -45.65 15.34 -2.24
CA ALA Q 302 -44.22 15.03 -2.26
C ALA Q 302 -43.89 14.01 -3.34
N TYR Q 303 -44.73 12.99 -3.51
CA TYR Q 303 -44.53 12.02 -4.58
C TYR Q 303 -44.65 12.70 -5.94
N CYS Q 304 -45.62 13.60 -6.10
CA CYS Q 304 -45.70 14.35 -7.34
C CYS Q 304 -44.47 15.21 -7.57
N ALA Q 305 -43.94 15.81 -6.50
CA ALA Q 305 -42.75 16.65 -6.64
C ALA Q 305 -41.56 15.81 -7.09
N ALA Q 306 -41.38 14.63 -6.49
CA ALA Q 306 -40.30 13.73 -6.89
C ALA Q 306 -40.47 13.28 -8.33
N GLY Q 307 -41.68 12.94 -8.72
CA GLY Q 307 -41.92 12.54 -10.10
C GLY Q 307 -41.68 13.67 -11.08
N THR Q 308 -42.07 14.90 -10.72
CA THR Q 308 -41.80 16.04 -11.58
C THR Q 308 -40.29 16.16 -11.84
N MET Q 309 -39.49 15.99 -10.78
CA MET Q 309 -38.04 16.07 -10.93
C MET Q 309 -37.50 14.91 -11.76
N ALA Q 310 -37.91 13.69 -11.45
CA ALA Q 310 -37.47 12.55 -12.23
C ALA Q 310 -37.84 12.70 -13.71
N ALA Q 311 -39.06 13.21 -13.98
CA ALA Q 311 -39.49 13.42 -15.36
C ALA Q 311 -38.59 14.44 -16.06
N THR Q 312 -38.21 15.49 -15.36
CA THR Q 312 -37.27 16.45 -15.91
C THR Q 312 -35.95 15.78 -16.23
N MET Q 313 -35.44 14.98 -15.29
CA MET Q 313 -34.17 14.31 -15.54
C MET Q 313 -34.26 13.37 -16.72
N VAL Q 314 -35.37 12.65 -16.87
CA VAL Q 314 -35.52 11.69 -17.97
C VAL Q 314 -35.67 12.41 -19.31
N ASN Q 315 -36.53 13.44 -19.37
CA ASN Q 315 -36.87 14.07 -20.64
C ASN Q 315 -35.80 15.06 -21.09
N CYS Q 316 -35.39 15.95 -20.19
CA CYS Q 316 -34.28 16.82 -20.51
C CYS Q 316 -32.97 16.05 -20.63
N GLY Q 317 -32.77 15.00 -19.83
CA GLY Q 317 -31.60 14.15 -20.01
C GLY Q 317 -31.55 13.49 -21.36
N ALA Q 318 -32.70 13.05 -21.88
CA ALA Q 318 -32.73 12.43 -23.20
C ALA Q 318 -32.43 13.44 -24.28
N LEU Q 319 -32.99 14.65 -24.16
CA LEU Q 319 -32.77 15.74 -25.12
C LEU Q 319 -31.36 16.30 -24.98
N ARG Q 320 -30.71 16.07 -23.84
CA ARG Q 320 -29.53 16.83 -23.42
C ARG Q 320 -29.77 18.32 -23.72
N GLY Q 321 -30.93 18.79 -23.28
CA GLY Q 321 -31.34 20.15 -23.57
C GLY Q 321 -32.26 20.69 -22.50
N ALA Q 322 -32.03 21.94 -22.13
CA ALA Q 322 -32.76 22.53 -21.02
C ALA Q 322 -34.19 22.88 -21.36
N GLN Q 323 -34.50 23.18 -22.63
CA GLN Q 323 -35.77 23.83 -22.92
C GLN Q 323 -36.97 22.96 -22.57
N ALA Q 324 -36.83 21.64 -22.62
CA ALA Q 324 -37.96 20.74 -22.36
C ALA Q 324 -38.42 20.77 -20.90
N VAL Q 325 -37.73 21.46 -20.02
CA VAL Q 325 -38.18 21.46 -18.64
C VAL Q 325 -39.54 22.14 -18.52
N SER Q 326 -39.82 23.16 -19.35
CA SER Q 326 -41.09 23.86 -19.21
C SER Q 326 -42.27 22.95 -19.54
N SER Q 327 -42.18 22.19 -20.64
CA SER Q 327 -43.25 21.27 -20.98
C SER Q 327 -43.27 20.05 -20.07
N THR Q 328 -42.11 19.64 -19.55
CA THR Q 328 -42.09 18.50 -18.63
C THR Q 328 -42.90 18.81 -17.37
N LEU Q 329 -42.65 19.97 -16.77
CA LEU Q 329 -43.38 20.33 -15.52
C LEU Q 329 -44.89 20.44 -15.81
N LEU Q 330 -45.23 20.96 -16.98
CA LEU Q 330 -46.66 21.15 -17.33
C LEU Q 330 -47.33 19.78 -17.54
N TYR Q 331 -46.75 18.95 -18.40
CA TYR Q 331 -47.44 17.68 -18.81
C TYR Q 331 -47.32 16.58 -17.75
N PHE Q 332 -46.25 16.55 -16.99
CA PHE Q 332 -46.21 15.54 -15.91
C PHE Q 332 -47.43 15.78 -15.01
N ASN Q 333 -47.66 17.05 -14.67
CA ASN Q 333 -48.73 17.35 -13.68
C ASN Q 333 -50.12 17.34 -14.32
N ASP Q 334 -50.27 17.89 -15.50
CA ASP Q 334 -51.56 17.75 -16.19
C ASP Q 334 -51.95 16.28 -16.33
N MET Q 335 -51.03 15.45 -16.83
CA MET Q 335 -51.37 14.02 -17.08
C MET Q 335 -51.54 13.22 -15.77
N ILE Q 336 -50.82 13.57 -14.71
CA ILE Q 336 -51.04 12.80 -13.48
C ILE Q 336 -52.42 13.10 -12.91
N GLU Q 337 -52.92 14.32 -13.09
CA GLU Q 337 -54.29 14.63 -12.69
C GLU Q 337 -55.28 13.83 -13.53
N LYS Q 338 -55.08 13.80 -14.84
CA LYS Q 338 -56.00 13.03 -15.69
C LYS Q 338 -55.95 11.54 -15.36
N GLU Q 339 -54.79 11.06 -14.92
CA GLU Q 339 -54.61 9.64 -14.62
C GLU Q 339 -55.29 9.24 -13.31
N THR Q 340 -55.42 10.17 -12.33
CA THR Q 340 -55.87 9.82 -11.00
C THR Q 340 -57.10 10.59 -10.50
N SER Q 341 -57.41 11.76 -11.07
CA SER Q 341 -58.39 12.70 -10.53
C SER Q 341 -57.99 13.28 -9.19
N LEU Q 342 -56.70 13.18 -8.86
CA LEU Q 342 -56.10 13.91 -7.77
C LEU Q 342 -55.33 15.11 -8.31
N PRO Q 343 -55.25 16.20 -7.54
CA PRO Q 343 -54.46 17.35 -8.01
C PRO Q 343 -52.98 17.04 -8.06
N GLY Q 344 -52.28 17.71 -8.98
CA GLY Q 344 -50.86 17.52 -9.18
C GLY Q 344 -50.03 18.38 -8.25
N CYS Q 345 -48.73 18.50 -8.56
CA CYS Q 345 -47.77 19.07 -7.64
C CYS Q 345 -48.07 20.53 -7.33
N ASP Q 346 -48.11 20.84 -6.02
CA ASP Q 346 -48.45 22.19 -5.54
C ASP Q 346 -49.86 22.59 -6.00
N TRP Q 347 -50.72 21.57 -6.20
CA TRP Q 347 -52.15 21.73 -6.45
C TRP Q 347 -52.43 22.60 -7.67
N GLY Q 348 -51.64 22.41 -8.71
CA GLY Q 348 -51.77 23.16 -9.94
C GLY Q 348 -50.74 24.27 -10.11
N ARG Q 349 -50.02 24.61 -9.06
CA ARG Q 349 -49.11 25.74 -9.17
C ARG Q 349 -47.81 25.39 -9.88
N VAL Q 350 -47.39 24.12 -9.88
CA VAL Q 350 -46.26 23.77 -10.73
C VAL Q 350 -46.70 23.82 -12.19
N GLU Q 351 -47.84 23.20 -12.50
CA GLU Q 351 -48.40 23.25 -13.84
C GLU Q 351 -48.60 24.70 -14.31
N GLY Q 352 -49.15 25.57 -13.45
CA GLY Q 352 -49.37 26.95 -13.86
C GLY Q 352 -48.07 27.69 -14.09
N THR Q 353 -47.13 27.53 -13.17
CA THR Q 353 -45.79 28.07 -13.40
C THR Q 353 -45.27 27.60 -14.76
N ALA Q 354 -45.46 26.31 -15.06
CA ALA Q 354 -44.93 25.73 -16.28
C ALA Q 354 -45.61 26.31 -17.53
N VAL Q 355 -46.90 26.59 -17.46
CA VAL Q 355 -47.59 27.21 -18.58
C VAL Q 355 -46.92 28.55 -18.94
N GLY Q 356 -46.80 29.44 -17.97
CA GLY Q 356 -46.21 30.74 -18.25
C GLY Q 356 -44.74 30.63 -18.61
N PHE Q 357 -44.03 29.73 -17.95
CA PHE Q 357 -42.61 29.51 -18.24
C PHE Q 357 -42.43 28.98 -19.67
N SER Q 358 -43.28 28.05 -20.10
CA SER Q 358 -43.25 27.63 -21.50
C SER Q 358 -43.44 28.83 -22.42
N PHE Q 359 -44.49 29.60 -22.18
CA PHE Q 359 -44.75 30.81 -22.98
C PHE Q 359 -43.55 31.74 -23.00
N PHE Q 360 -42.99 32.07 -21.84
CA PHE Q 360 -41.90 33.02 -21.75
C PHE Q 360 -40.53 32.41 -22.00
N SER Q 361 -40.48 31.17 -22.50
CA SER Q 361 -39.25 30.61 -23.07
C SER Q 361 -39.42 30.19 -24.53
N HIS Q 362 -40.50 30.64 -25.20
CA HIS Q 362 -40.74 30.32 -26.60
C HIS Q 362 -41.45 31.46 -27.33
N SER Q 363 -41.45 32.70 -26.79
CA SER Q 363 -42.21 33.81 -27.38
C SER Q 363 -41.38 35.09 -27.42
N ILE Q 364 -41.97 36.14 -28.03
CA ILE Q 364 -41.29 37.42 -28.15
C ILE Q 364 -41.30 38.27 -26.88
N TYR Q 365 -42.09 37.91 -25.86
CA TYR Q 365 -42.52 38.91 -24.89
C TYR Q 365 -41.59 39.11 -23.71
N GLY Q 366 -40.68 38.20 -23.45
CA GLY Q 366 -39.81 38.32 -22.29
C GLY Q 366 -39.17 36.96 -22.00
N GLY Q 367 -38.75 36.79 -20.75
CA GLY Q 367 -38.13 35.54 -20.37
C GLY Q 367 -36.78 35.33 -21.04
N GLY Q 368 -36.64 34.17 -21.67
CA GLY Q 368 -35.39 33.74 -22.22
C GLY Q 368 -35.32 32.23 -22.17
N GLY Q 369 -34.12 31.70 -22.29
CA GLY Q 369 -33.92 30.30 -22.02
C GLY Q 369 -34.00 29.99 -20.53
N PRO Q 370 -34.11 28.71 -20.17
CA PRO Q 370 -34.28 28.35 -18.76
C PRO Q 370 -33.24 28.93 -17.83
N GLY Q 371 -32.02 29.17 -18.29
CA GLY Q 371 -30.97 29.62 -17.41
C GLY Q 371 -31.17 31.01 -16.83
N VAL Q 372 -32.05 31.83 -17.43
CA VAL Q 372 -32.26 33.18 -16.91
C VAL Q 372 -33.32 33.24 -15.82
N PHE Q 373 -34.04 32.15 -15.57
CA PHE Q 373 -35.10 32.20 -14.59
C PHE Q 373 -34.57 31.92 -13.18
N ASN Q 374 -35.43 32.16 -12.19
CA ASN Q 374 -35.08 32.01 -10.79
C ASN Q 374 -36.38 32.10 -10.01
N GLY Q 375 -36.28 31.76 -8.72
CA GLY Q 375 -37.46 31.77 -7.86
C GLY Q 375 -38.07 33.14 -7.63
N ASN Q 376 -37.33 34.21 -7.90
CA ASN Q 376 -37.86 35.57 -7.78
C ASN Q 376 -38.38 36.12 -9.10
N HIS Q 377 -38.16 35.40 -10.22
CA HIS Q 377 -38.61 35.88 -11.51
C HIS Q 377 -40.12 35.89 -11.55
N VAL Q 378 -40.71 36.95 -12.11
CA VAL Q 378 -42.17 37.06 -12.14
C VAL Q 378 -42.80 35.82 -12.79
N VAL Q 379 -42.11 35.19 -13.74
CA VAL Q 379 -42.69 34.03 -14.45
C VAL Q 379 -42.67 32.78 -13.60
N THR Q 380 -41.59 32.57 -12.85
CA THR Q 380 -41.33 31.28 -12.22
C THR Q 380 -41.39 31.30 -10.71
N ARG Q 381 -42.00 32.33 -10.10
CA ARG Q 381 -42.03 32.45 -8.65
C ARG Q 381 -43.20 31.70 -7.98
N HIS Q 382 -44.16 31.19 -8.75
CA HIS Q 382 -45.49 30.92 -8.20
C HIS Q 382 -45.59 29.63 -7.40
N SER Q 383 -44.79 28.62 -7.69
CA SER Q 383 -44.77 27.45 -6.82
C SER Q 383 -43.83 27.72 -5.66
N THR Q 384 -44.16 27.16 -4.48
CA THR Q 384 -43.32 27.35 -3.28
C THR Q 384 -42.17 26.32 -3.32
N GLY Q 385 -41.25 26.52 -4.28
CA GLY Q 385 -40.00 25.72 -4.30
C GLY Q 385 -40.03 24.44 -5.12
N MET Q 386 -41.13 24.12 -5.78
CA MET Q 386 -41.21 22.79 -6.43
C MET Q 386 -41.03 22.86 -7.96
N ALA Q 387 -40.66 24.02 -8.48
CA ALA Q 387 -40.45 24.17 -9.95
C ALA Q 387 -38.99 24.52 -10.27
N ILE Q 388 -38.45 25.54 -9.62
CA ILE Q 388 -37.09 26.01 -9.94
C ILE Q 388 -36.04 24.92 -9.81
N PRO Q 389 -36.08 24.02 -8.82
CA PRO Q 389 -35.02 23.00 -8.78
C PRO Q 389 -34.97 22.18 -10.06
N CYS Q 390 -36.14 21.91 -10.67
CA CYS Q 390 -36.17 21.19 -11.94
C CYS Q 390 -35.56 22.02 -13.06
N VAL Q 391 -35.84 23.33 -13.04
CA VAL Q 391 -35.27 24.24 -14.02
C VAL Q 391 -33.75 24.23 -13.94
N ALA Q 392 -33.21 24.35 -12.71
CA ALA Q 392 -31.76 24.31 -12.56
C ALA Q 392 -31.18 22.98 -13.03
N VAL Q 393 -31.85 21.88 -12.70
CA VAL Q 393 -31.41 20.56 -13.16
C VAL Q 393 -31.36 20.53 -14.69
N ALA Q 394 -32.40 21.03 -15.34
CA ALA Q 394 -32.43 21.03 -16.81
C ALA Q 394 -31.29 21.85 -17.37
N VAL Q 395 -31.01 23.01 -16.77
CA VAL Q 395 -29.89 23.81 -17.20
C VAL Q 395 -28.59 23.02 -17.08
N ALA Q 396 -28.43 22.25 -16.01
CA ALA Q 396 -27.21 21.48 -15.81
C ALA Q 396 -27.05 20.37 -16.86
N LEU Q 397 -28.17 19.76 -17.28
CA LEU Q 397 -28.15 18.64 -18.21
C LEU Q 397 -27.94 19.05 -19.66
N ASP Q 398 -28.08 20.32 -19.98
CA ASP Q 398 -27.96 20.78 -21.36
C ASP Q 398 -26.52 20.60 -21.86
N ALA Q 399 -26.38 20.03 -23.06
CA ALA Q 399 -25.08 19.71 -23.64
C ALA Q 399 -24.54 20.77 -24.59
N GLY Q 400 -25.25 21.89 -24.79
CA GLY Q 400 -24.79 22.99 -25.60
C GLY Q 400 -25.83 23.56 -26.55
N THR Q 401 -27.10 23.61 -26.15
CA THR Q 401 -28.11 24.17 -27.05
C THR Q 401 -28.45 25.63 -26.76
N GLN Q 402 -27.94 26.19 -25.66
CA GLN Q 402 -28.37 27.50 -25.17
C GLN Q 402 -27.43 28.63 -25.59
N MET Q 403 -28.01 29.79 -25.91
CA MET Q 403 -27.18 30.99 -26.12
C MET Q 403 -26.72 31.59 -24.80
N PHE Q 404 -27.59 31.62 -23.79
CA PHE Q 404 -27.26 32.24 -22.50
C PHE Q 404 -27.05 31.09 -21.54
N SER Q 405 -25.84 30.56 -21.56
CA SER Q 405 -25.50 29.30 -20.93
C SER Q 405 -24.79 29.55 -19.61
N PRO Q 406 -24.61 28.52 -18.79
CA PRO Q 406 -23.84 28.71 -17.55
C PRO Q 406 -22.45 29.23 -17.78
N GLU Q 407 -21.77 28.72 -18.81
CA GLU Q 407 -20.42 29.12 -19.12
C GLU Q 407 -20.37 30.54 -19.69
N SER Q 408 -21.45 31.02 -20.29
CA SER Q 408 -21.43 32.37 -20.85
C SER Q 408 -21.94 33.44 -19.90
N THR Q 409 -22.73 33.09 -18.87
CA THR Q 409 -23.23 34.06 -17.91
C THR Q 409 -22.66 33.93 -16.50
N SER Q 410 -22.08 32.76 -16.16
CA SER Q 410 -21.83 32.40 -14.77
C SER Q 410 -20.46 31.76 -14.57
N ALA Q 411 -19.50 32.05 -15.45
CA ALA Q 411 -18.22 31.37 -15.39
C ALA Q 411 -17.52 31.58 -14.06
N ILE Q 412 -17.55 32.81 -13.54
CA ILE Q 412 -16.85 33.11 -12.30
C ILE Q 412 -17.50 32.37 -11.12
N VAL Q 413 -18.79 32.06 -11.22
CA VAL Q 413 -19.44 31.33 -10.13
C VAL Q 413 -18.84 29.95 -10.01
N LEU Q 414 -18.60 29.29 -11.13
CA LEU Q 414 -17.98 27.96 -11.10
C LEU Q 414 -16.63 28.01 -10.39
N ASP Q 415 -15.77 28.94 -10.81
CA ASP Q 415 -14.45 29.03 -10.21
C ASP Q 415 -14.51 29.34 -8.73
N THR Q 416 -15.48 30.14 -8.30
CA THR Q 416 -15.57 30.59 -6.92
C THR Q 416 -16.02 29.47 -6.00
N PHE Q 417 -16.90 28.58 -6.46
CA PHE Q 417 -17.52 27.60 -5.57
C PHE Q 417 -17.10 26.16 -5.85
N GLN Q 418 -16.19 25.94 -6.80
CA GLN Q 418 -15.78 24.59 -7.19
C GLN Q 418 -15.11 23.83 -6.05
N ASP Q 419 -14.52 24.54 -5.09
CA ASP Q 419 -13.82 23.91 -3.98
C ASP Q 419 -14.56 24.03 -2.66
N VAL Q 420 -15.79 24.50 -2.69
CA VAL Q 420 -16.55 24.78 -1.46
C VAL Q 420 -17.32 23.51 -1.08
N PRO Q 421 -17.04 22.92 0.08
CA PRO Q 421 -17.60 21.58 0.36
C PRO Q 421 -19.10 21.47 0.28
N ILE Q 422 -19.86 22.47 0.74
CA ILE Q 422 -21.33 22.35 0.74
C ILE Q 422 -21.89 22.27 -0.68
N MET Q 423 -21.22 22.90 -1.64
CA MET Q 423 -21.63 22.84 -3.05
C MET Q 423 -21.10 21.60 -3.75
N MET Q 424 -19.98 21.04 -3.28
CA MET Q 424 -19.42 19.85 -3.92
C MET Q 424 -20.24 18.60 -3.60
N ASN Q 425 -20.76 18.49 -2.39
CA ASN Q 425 -21.46 17.28 -1.95
C ASN Q 425 -22.61 17.63 -1.02
N PRO Q 426 -23.58 18.42 -1.49
CA PRO Q 426 -24.66 18.84 -0.59
C PRO Q 426 -25.39 17.69 0.08
N LEU Q 427 -25.69 16.59 -0.61
CA LEU Q 427 -26.44 15.52 0.03
C LEU Q 427 -25.63 14.88 1.17
N LYS Q 428 -24.33 14.71 0.96
CA LYS Q 428 -23.50 14.11 2.01
C LYS Q 428 -23.34 15.04 3.19
N GLU Q 429 -23.22 16.35 2.93
CA GLU Q 429 -23.10 17.29 4.03
C GLU Q 429 -24.41 17.41 4.82
N VAL Q 430 -25.55 17.44 4.13
CA VAL Q 430 -26.82 17.48 4.84
C VAL Q 430 -26.98 16.26 5.75
N ALA Q 431 -26.66 15.08 5.24
CA ALA Q 431 -26.81 13.87 6.05
C ALA Q 431 -25.81 13.86 7.20
N ALA Q 432 -24.58 14.31 6.95
CA ALA Q 432 -23.58 14.33 8.00
C ALA Q 432 -23.94 15.29 9.12
N ALA Q 433 -24.72 16.32 8.80
CA ALA Q 433 -25.09 17.32 9.79
C ALA Q 433 -26.23 16.84 10.70
N VAL Q 434 -26.96 15.82 10.27
CA VAL Q 434 -28.01 15.26 11.11
C VAL Q 434 -27.37 14.77 12.41
N ALA R 2 -46.46 -3.97 -13.59
CA ALA R 2 -46.32 -2.54 -13.35
C ALA R 2 -47.71 -1.95 -13.26
N TYR R 3 -47.78 -0.70 -12.87
CA TYR R 3 -49.04 0.03 -12.85
C TYR R 3 -49.60 0.09 -14.28
N THR R 4 -50.90 -0.17 -14.41
CA THR R 4 -51.55 -0.11 -15.71
C THR R 4 -52.23 1.24 -15.89
N PRO R 5 -51.81 2.06 -16.85
CA PRO R 5 -52.44 3.36 -17.03
C PRO R 5 -53.87 3.26 -17.54
N GLN R 6 -54.70 4.22 -17.09
CA GLN R 6 -56.06 4.40 -17.59
C GLN R 6 -56.25 5.68 -18.38
N TYR R 7 -55.36 6.67 -18.20
CA TYR R 7 -55.19 7.86 -19.04
C TYR R 7 -56.21 8.96 -18.86
N TYR R 8 -57.50 8.62 -18.98
CA TYR R 8 -58.51 9.67 -19.12
C TYR R 8 -59.91 9.05 -18.93
N PRO R 9 -60.84 9.77 -18.31
CA PRO R 9 -62.19 9.22 -18.10
C PRO R 9 -63.05 9.36 -19.36
N GLY R 10 -64.31 8.97 -19.23
CA GLY R 10 -65.23 9.13 -20.32
C GLY R 10 -65.54 7.85 -21.05
N SER R 11 -66.77 7.74 -21.54
CA SER R 11 -67.23 6.51 -22.17
C SER R 11 -67.64 6.65 -23.62
N SER R 12 -67.70 7.85 -24.18
CA SER R 12 -68.08 8.00 -25.57
C SER R 12 -66.92 7.61 -26.51
N HIS R 13 -67.23 7.53 -27.80
CA HIS R 13 -66.16 7.18 -28.74
C HIS R 13 -65.10 8.29 -28.83
N VAL R 14 -65.48 9.52 -28.49
CA VAL R 14 -64.52 10.62 -28.45
C VAL R 14 -63.53 10.39 -27.31
N ALA R 15 -64.02 9.93 -26.14
CA ALA R 15 -63.13 9.59 -25.05
C ALA R 15 -62.25 8.40 -25.41
N VAL R 16 -62.80 7.42 -26.14
CA VAL R 16 -61.98 6.30 -26.62
C VAL R 16 -60.87 6.82 -27.51
N ASN R 17 -61.20 7.73 -28.44
CA ASN R 17 -60.18 8.31 -29.29
C ASN R 17 -59.14 9.09 -28.49
N ARG R 18 -59.57 9.81 -27.46
CA ARG R 18 -58.61 10.52 -26.62
C ARG R 18 -57.62 9.56 -25.98
N ARG R 19 -58.11 8.41 -25.49
CA ARG R 19 -57.21 7.41 -24.92
C ARG R 19 -56.29 6.80 -25.96
N LYS R 20 -56.77 6.65 -27.20
CA LYS R 20 -55.90 6.19 -28.28
C LYS R 20 -54.73 7.14 -28.51
N HIS R 21 -55.01 8.44 -28.57
CA HIS R 21 -53.95 9.41 -28.79
C HIS R 21 -52.97 9.40 -27.61
N MET R 22 -53.47 9.31 -26.39
CA MET R 22 -52.58 9.36 -25.22
C MET R 22 -51.74 8.09 -25.20
N SER R 23 -52.34 6.92 -25.43
CA SER R 23 -51.62 5.66 -25.36
C SER R 23 -50.75 5.39 -26.58
N GLY R 24 -50.84 6.22 -27.62
CA GLY R 24 -50.06 6.01 -28.83
C GLY R 24 -50.63 4.99 -29.79
N ASP R 25 -51.82 4.45 -29.51
N ASP R 25 -51.82 4.45 -29.52
CA ASP R 25 -52.44 3.43 -30.35
CA ASP R 25 -52.41 3.42 -30.36
C ASP R 25 -53.27 4.11 -31.43
C ASP R 25 -53.26 4.07 -31.45
N VAL R 26 -52.56 4.77 -32.34
CA VAL R 26 -53.17 5.49 -33.45
C VAL R 26 -52.87 4.74 -34.74
N GLU R 27 -53.92 4.51 -35.53
CA GLU R 27 -53.80 3.77 -36.77
C GLU R 27 -53.00 4.53 -37.81
N LYS R 28 -52.14 3.83 -38.54
CA LYS R 28 -51.45 4.45 -39.67
C LYS R 28 -52.38 4.42 -40.87
N LEU R 29 -52.62 5.58 -41.46
CA LEU R 29 -53.56 5.72 -42.56
C LEU R 29 -52.93 6.09 -43.89
N ARG R 30 -51.69 6.59 -43.90
CA ARG R 30 -51.08 7.06 -45.13
C ARG R 30 -49.57 6.96 -44.98
N THR R 31 -48.86 7.11 -46.09
CA THR R 31 -47.40 7.10 -46.12
C THR R 31 -46.93 8.44 -46.66
N VAL R 32 -45.97 9.05 -45.97
CA VAL R 32 -45.26 10.23 -46.44
C VAL R 32 -43.77 9.88 -46.46
N SER R 33 -43.12 10.10 -47.60
CA SER R 33 -41.71 9.76 -47.71
C SER R 33 -40.85 10.68 -46.85
N ASP R 34 -39.67 10.17 -46.47
CA ASP R 34 -38.72 10.99 -45.72
C ASP R 34 -38.43 12.29 -46.46
N ASP R 35 -38.14 12.20 -47.75
CA ASP R 35 -37.71 13.38 -48.48
C ASP R 35 -38.87 14.40 -48.55
N ASP R 36 -40.11 13.91 -48.72
CA ASP R 36 -41.25 14.83 -48.77
C ASP R 36 -41.45 15.52 -47.44
N LEU R 37 -41.31 14.78 -46.33
CA LEU R 37 -41.54 15.39 -45.02
C LEU R 37 -40.44 16.39 -44.70
N VAL R 38 -39.21 16.06 -45.04
CA VAL R 38 -38.11 17.00 -44.81
C VAL R 38 -38.34 18.27 -45.62
N ALA R 39 -38.75 18.13 -46.88
CA ALA R 39 -39.09 19.30 -47.69
C ALA R 39 -40.16 20.15 -47.01
N ALA R 40 -41.20 19.50 -46.48
CA ALA R 40 -42.29 20.25 -45.88
C ALA R 40 -41.86 20.95 -44.60
N LEU R 41 -40.97 20.33 -43.84
CA LEU R 41 -40.56 20.93 -42.56
C LEU R 41 -39.64 22.12 -42.77
N GLY R 42 -38.86 22.13 -43.85
CA GLY R 42 -38.12 23.33 -44.23
C GLY R 42 -36.84 23.63 -43.49
N HIS R 43 -36.28 22.67 -42.75
CA HIS R 43 -35.08 22.96 -41.95
C HIS R 43 -33.76 22.59 -42.63
N ARG R 44 -33.81 21.73 -43.65
CA ARG R 44 -32.63 21.33 -44.41
C ARG R 44 -33.12 20.74 -45.73
N ALA R 45 -32.21 20.68 -46.70
CA ALA R 45 -32.54 20.09 -47.97
C ALA R 45 -32.71 18.58 -47.82
N PRO R 46 -33.70 17.99 -48.48
CA PRO R 46 -33.82 16.53 -48.46
C PRO R 46 -32.48 15.89 -48.82
N GLY R 47 -32.10 14.89 -48.04
CA GLY R 47 -30.84 14.19 -48.25
C GLY R 47 -29.65 14.83 -47.60
N ALA R 48 -29.74 16.10 -47.21
CA ALA R 48 -28.61 16.82 -46.63
C ALA R 48 -28.27 16.27 -45.24
N ASP R 49 -26.99 16.35 -44.90
CA ASP R 49 -26.59 15.98 -43.55
C ASP R 49 -27.27 16.88 -42.54
N TYR R 50 -27.48 16.35 -41.36
CA TYR R 50 -28.05 17.17 -40.30
C TYR R 50 -27.03 18.21 -39.83
N PRO R 51 -27.37 19.50 -39.84
CA PRO R 51 -26.48 20.48 -39.19
C PRO R 51 -26.39 20.20 -37.70
N SER R 52 -25.36 20.73 -37.07
CA SER R 52 -25.20 20.55 -35.64
C SER R 52 -25.27 21.89 -34.92
N THR R 53 -25.73 21.86 -33.68
CA THR R 53 -25.58 23.01 -32.80
C THR R 53 -24.42 22.86 -31.82
N HIS R 54 -23.99 21.64 -31.54
CA HIS R 54 -22.81 21.40 -30.72
C HIS R 54 -22.20 20.09 -31.19
N PRO R 55 -20.97 19.78 -30.78
CA PRO R 55 -20.32 18.54 -31.25
C PRO R 55 -21.02 17.31 -30.71
N PRO R 56 -20.84 16.15 -31.34
CA PRO R 56 -21.41 14.92 -30.78
C PRO R 56 -20.92 14.69 -29.37
N LEU R 57 -21.78 14.09 -28.55
CA LEU R 57 -21.45 13.91 -27.14
C LEU R 57 -20.20 13.08 -26.98
N ALA R 58 -20.02 12.08 -27.85
CA ALA R 58 -18.83 11.22 -27.72
C ALA R 58 -17.53 11.96 -28.04
N GLU R 59 -17.60 13.01 -28.83
CA GLU R 59 -16.41 13.74 -29.23
C GLU R 59 -15.99 14.79 -28.20
N MET R 60 -16.95 15.38 -27.50
CA MET R 60 -16.58 16.48 -26.57
C MET R 60 -16.58 15.98 -25.11
N GLY R 61 -17.18 14.82 -24.85
CA GLY R 61 -17.28 14.36 -23.49
C GLY R 61 -18.34 15.13 -22.74
N GLU R 62 -18.62 14.71 -21.51
CA GLU R 62 -19.67 15.29 -20.70
C GLU R 62 -19.19 15.42 -19.26
N PRO R 63 -19.80 16.31 -18.48
CA PRO R 63 -19.49 16.40 -17.06
C PRO R 63 -19.83 15.09 -16.36
N ASP R 64 -19.20 14.91 -15.19
CA ASP R 64 -19.34 13.69 -14.40
C ASP R 64 -20.66 13.74 -13.62
N CYS R 65 -21.76 13.57 -14.34
CA CYS R 65 -23.09 13.77 -13.77
C CYS R 65 -23.77 12.42 -13.66
N PRO R 66 -24.24 12.01 -12.47
CA PRO R 66 -24.91 10.71 -12.36
C PRO R 66 -26.18 10.60 -13.20
N VAL R 67 -26.88 11.71 -13.45
CA VAL R 67 -28.09 11.64 -14.25
C VAL R 67 -27.76 11.42 -15.71
N ARG R 68 -26.83 12.23 -16.26
CA ARG R 68 -26.36 11.97 -17.61
C ARG R 68 -25.92 10.54 -17.77
N GLN R 69 -25.31 9.97 -16.73
CA GLN R 69 -24.71 8.65 -16.83
C GLN R 69 -25.72 7.52 -16.79
N MET R 70 -26.98 7.78 -16.41
CA MET R 70 -28.01 6.76 -16.47
C MET R 70 -29.19 7.08 -17.39
N VAL R 71 -29.23 8.27 -17.99
CA VAL R 71 -30.29 8.62 -18.94
C VAL R 71 -29.67 8.59 -20.33
N GLU R 72 -30.19 7.71 -21.19
CA GLU R 72 -29.64 7.56 -22.51
C GLU R 72 -30.03 8.75 -23.39
N PRO R 73 -29.08 9.41 -24.05
CA PRO R 73 -29.48 10.49 -24.98
C PRO R 73 -30.22 9.91 -26.18
N THR R 74 -31.12 10.72 -26.76
CA THR R 74 -31.74 10.34 -28.01
C THR R 74 -30.65 10.30 -29.10
N PRO R 75 -30.93 9.68 -30.22
CA PRO R 75 -30.00 9.74 -31.36
C PRO R 75 -29.65 11.16 -31.79
N GLY R 76 -30.63 12.06 -31.85
CA GLY R 76 -30.32 13.42 -32.26
C GLY R 76 -29.49 14.16 -31.23
N ALA R 77 -29.69 13.85 -29.95
CA ALA R 77 -28.90 14.49 -28.91
C ALA R 77 -27.47 13.98 -28.93
N ALA R 78 -27.30 12.66 -29.09
CA ALA R 78 -25.97 12.11 -29.22
C ALA R 78 -25.21 12.73 -30.38
N ALA R 79 -25.91 13.06 -31.47
CA ALA R 79 -25.27 13.61 -32.66
C ALA R 79 -25.05 15.11 -32.60
N GLY R 80 -25.68 15.80 -31.67
CA GLY R 80 -25.58 17.25 -31.60
C GLY R 80 -26.50 18.02 -32.52
N ASP R 81 -27.59 17.42 -32.98
CA ASP R 81 -28.50 18.13 -33.89
C ASP R 81 -29.02 19.42 -33.31
N ARG R 82 -29.31 20.37 -34.21
CA ARG R 82 -30.16 21.48 -33.82
C ARG R 82 -31.48 21.00 -33.23
N VAL R 83 -32.05 21.81 -32.36
CA VAL R 83 -33.43 21.63 -31.93
C VAL R 83 -34.28 22.33 -32.98
N ARG R 84 -35.09 21.57 -33.71
CA ARG R 84 -36.05 22.12 -34.67
C ARG R 84 -37.46 21.66 -34.27
N TYR R 85 -38.44 21.89 -35.14
CA TYR R 85 -39.82 21.73 -34.72
C TYR R 85 -40.72 21.28 -35.86
N SER R 86 -41.87 20.71 -35.47
CA SER R 86 -43.05 20.60 -36.32
C SER R 86 -44.19 21.31 -35.61
N GLN R 87 -45.08 21.93 -36.39
CA GLN R 87 -46.21 22.64 -35.80
C GLN R 87 -47.45 22.39 -36.63
N PHE R 88 -48.53 21.96 -35.97
CA PHE R 88 -49.79 21.66 -36.62
C PHE R 88 -50.91 22.55 -36.08
N THR R 89 -51.82 22.89 -36.98
CA THR R 89 -53.09 23.53 -36.68
C THR R 89 -54.18 22.55 -37.05
N ASP R 90 -55.24 22.48 -36.22
CA ASP R 90 -56.35 21.55 -36.39
C ASP R 90 -57.68 22.28 -36.31
N SER R 91 -58.60 21.98 -37.23
CA SER R 91 -59.89 22.64 -37.27
C SER R 91 -60.74 22.20 -36.09
N MET R 92 -61.51 23.15 -35.55
CA MET R 92 -62.55 22.80 -34.58
C MET R 92 -63.74 22.11 -35.23
N TYR R 93 -63.80 22.01 -36.56
CA TYR R 93 -64.85 21.25 -37.26
C TYR R 93 -64.43 19.78 -37.36
N SER R 94 -64.30 19.16 -36.18
CA SER R 94 -64.11 17.73 -36.02
C SER R 94 -62.81 17.20 -36.62
N ALA R 95 -61.75 17.99 -36.62
CA ALA R 95 -60.46 17.41 -36.95
C ALA R 95 -60.18 16.24 -36.00
N PRO R 96 -59.45 15.22 -36.43
CA PRO R 96 -59.09 14.14 -35.49
C PRO R 96 -58.42 14.62 -34.21
N SER R 97 -57.47 15.55 -34.33
CA SER R 97 -56.67 16.00 -33.20
C SER R 97 -57.15 17.32 -32.61
N ILE R 98 -56.87 17.46 -31.32
CA ILE R 98 -57.04 18.70 -30.57
C ILE R 98 -55.70 18.98 -29.90
N PRO R 99 -55.35 20.25 -29.70
CA PRO R 99 -53.99 20.58 -29.25
C PRO R 99 -53.48 19.84 -28.02
N TYR R 100 -54.21 19.81 -26.89
CA TYR R 100 -53.65 19.19 -25.69
C TYR R 100 -53.34 17.72 -25.93
N PHE R 101 -54.17 17.04 -26.71
CA PHE R 101 -53.99 15.59 -26.92
C PHE R 101 -52.85 15.28 -27.89
N ARG R 102 -52.52 16.21 -28.79
CA ARG R 102 -51.25 16.09 -29.50
C ARG R 102 -50.09 16.17 -28.53
N SER R 103 -50.18 17.07 -27.54
CA SER R 103 -49.09 17.21 -26.59
C SER R 103 -48.96 15.97 -25.71
N TYR R 104 -50.09 15.40 -25.27
CA TYR R 104 -50.02 14.17 -24.48
C TYR R 104 -49.44 13.02 -25.31
N TYR R 105 -49.82 12.93 -26.59
CA TYR R 105 -49.26 11.89 -27.46
C TYR R 105 -47.75 11.99 -27.50
N ALA R 106 -47.24 13.21 -27.67
CA ALA R 106 -45.81 13.46 -27.66
C ALA R 106 -45.18 13.11 -26.32
N ALA R 107 -45.75 13.63 -25.22
CA ALA R 107 -45.15 13.48 -23.89
C ALA R 107 -45.17 12.04 -23.38
N ILE R 108 -46.16 11.24 -23.80
CA ILE R 108 -46.25 9.86 -23.30
C ILE R 108 -45.38 8.94 -24.12
N ASN R 109 -45.32 9.16 -25.45
CA ASN R 109 -44.83 8.15 -26.37
C ASN R 109 -43.47 8.43 -26.97
N PHE R 110 -42.90 9.61 -26.75
CA PHE R 110 -41.62 9.96 -27.35
C PHE R 110 -40.68 10.52 -26.29
N ARG R 111 -39.40 10.23 -26.46
CA ARG R 111 -38.33 10.66 -25.57
C ARG R 111 -37.73 12.00 -25.99
N GLY R 112 -37.38 12.82 -25.00
CA GLY R 112 -36.66 14.06 -25.27
C GLY R 112 -37.40 15.05 -26.17
N VAL R 113 -38.64 15.33 -25.82
CA VAL R 113 -39.50 16.21 -26.61
C VAL R 113 -39.96 17.40 -25.78
N ASP R 114 -40.30 18.49 -26.46
CA ASP R 114 -40.69 19.77 -25.86
C ASP R 114 -41.98 20.19 -26.56
N PRO R 115 -43.11 19.59 -26.20
CA PRO R 115 -44.37 19.96 -26.82
C PRO R 115 -44.94 21.24 -26.22
N GLY R 116 -45.67 21.98 -27.04
CA GLY R 116 -46.36 23.18 -26.61
C GLY R 116 -47.77 23.24 -27.15
N THR R 117 -48.73 23.57 -26.28
CA THR R 117 -50.14 23.61 -26.65
C THR R 117 -50.65 25.05 -26.65
N LEU R 118 -51.32 25.43 -27.74
CA LEU R 118 -52.00 26.71 -27.89
C LEU R 118 -53.33 26.43 -28.59
N SER R 119 -54.17 27.46 -28.73
CA SER R 119 -55.49 27.18 -29.31
C SER R 119 -55.42 26.95 -30.82
N GLY R 120 -54.55 27.69 -31.52
CA GLY R 120 -54.52 27.67 -32.97
C GLY R 120 -53.28 27.03 -33.55
N ARG R 121 -52.45 26.40 -32.73
CA ARG R 121 -51.18 25.81 -33.12
C ARG R 121 -50.77 24.89 -31.97
N GLN R 122 -50.09 23.80 -32.32
CA GLN R 122 -49.46 22.90 -31.37
C GLN R 122 -48.09 22.56 -31.95
N ILE R 123 -47.06 22.63 -31.11
CA ILE R 123 -45.67 22.53 -31.55
C ILE R 123 -44.98 21.39 -30.82
N VAL R 124 -44.10 20.70 -31.53
CA VAL R 124 -43.15 19.78 -30.92
C VAL R 124 -41.76 20.23 -31.32
N GLU R 125 -40.98 20.65 -30.35
CA GLU R 125 -39.55 20.86 -30.54
C GLU R 125 -38.77 19.66 -30.04
N ALA R 126 -37.74 19.27 -30.79
CA ALA R 126 -36.85 18.19 -30.39
C ALA R 126 -35.62 18.25 -31.27
N ARG R 127 -34.59 17.48 -30.92
CA ARG R 127 -33.45 17.37 -31.82
C ARG R 127 -33.96 16.96 -33.19
N GLU R 128 -33.38 17.55 -34.24
CA GLU R 128 -33.97 17.49 -35.57
C GLU R 128 -34.40 16.08 -35.99
N ARG R 129 -33.50 15.09 -35.93
CA ARG R 129 -33.88 13.77 -36.42
C ARG R 129 -34.97 13.13 -35.56
N ASP R 130 -34.98 13.44 -34.26
CA ASP R 130 -36.05 12.93 -33.38
C ASP R 130 -37.37 13.60 -33.67
N MET R 131 -37.33 14.91 -33.93
CA MET R 131 -38.53 15.66 -34.28
C MET R 131 -39.13 15.12 -35.57
N GLU R 132 -38.28 14.79 -36.55
CA GLU R 132 -38.78 14.25 -37.81
C GLU R 132 -39.51 12.94 -37.57
N ALA R 133 -38.96 12.08 -36.74
CA ALA R 133 -39.60 10.80 -36.47
C ALA R 133 -40.93 10.98 -35.77
N GLN R 134 -41.03 11.92 -34.83
CA GLN R 134 -42.28 12.14 -34.13
C GLN R 134 -43.33 12.73 -35.07
N CYS R 135 -42.91 13.66 -35.91
CA CYS R 135 -43.82 14.25 -36.89
C CYS R 135 -44.32 13.21 -37.90
N LYS R 136 -43.43 12.33 -38.36
N LYS R 136 -43.43 12.34 -38.39
CA LYS R 136 -43.85 11.29 -39.29
CA LYS R 136 -43.85 11.29 -39.29
C LYS R 136 -44.93 10.41 -38.69
C LYS R 136 -44.95 10.44 -38.67
N ALA R 137 -44.75 9.99 -37.44
CA ALA R 137 -45.76 9.19 -36.76
C ALA R 137 -47.11 9.91 -36.74
N ALA R 138 -47.10 11.18 -36.33
CA ALA R 138 -48.36 11.94 -36.24
C ALA R 138 -49.00 12.12 -37.60
N ILE R 139 -48.22 12.56 -38.59
CA ILE R 139 -48.78 12.93 -39.88
C ILE R 139 -49.27 11.72 -40.66
N GLU R 140 -48.70 10.53 -40.41
CA GLU R 140 -49.11 9.32 -41.13
C GLU R 140 -50.33 8.66 -40.48
N SER R 141 -50.68 9.12 -39.28
CA SER R 141 -51.72 8.43 -38.48
C SER R 141 -53.10 9.07 -38.58
N GLU R 142 -54.06 8.46 -37.88
CA GLU R 142 -55.46 8.95 -37.86
C GLU R 142 -55.55 10.26 -37.08
N MET R 143 -54.45 10.69 -36.45
CA MET R 143 -54.41 12.00 -35.76
C MET R 143 -54.46 13.11 -36.80
N THR R 144 -54.28 12.76 -38.06
CA THR R 144 -54.22 13.79 -39.11
C THR R 144 -55.16 13.59 -40.28
N CYS R 145 -56.00 14.58 -40.55
CA CYS R 145 -56.67 14.65 -41.84
C CYS R 145 -56.02 15.82 -42.56
N PRO R 146 -55.51 15.64 -43.78
CA PRO R 146 -54.77 16.74 -44.41
C PRO R 146 -55.64 17.93 -44.86
N ALA R 147 -56.98 17.84 -44.79
CA ALA R 147 -57.83 19.01 -45.02
C ALA R 147 -58.09 19.78 -43.73
N LEU R 148 -58.32 19.05 -42.63
CA LEU R 148 -58.66 19.65 -41.35
C LEU R 148 -57.44 19.96 -40.50
N ALA R 149 -56.25 19.56 -40.94
CA ALA R 149 -55.04 19.77 -40.18
C ALA R 149 -53.89 20.00 -41.14
N GLY R 150 -52.89 20.75 -40.71
CA GLY R 150 -51.74 20.96 -41.55
C GLY R 150 -50.56 21.54 -40.81
N LEU R 151 -49.40 21.44 -41.46
CA LEU R 151 -48.16 22.01 -40.94
C LEU R 151 -48.17 23.52 -41.17
N ARG R 152 -48.05 24.28 -40.07
CA ARG R 152 -48.07 25.74 -40.13
C ARG R 152 -47.12 26.24 -39.04
N GLY R 153 -45.89 26.59 -39.43
CA GLY R 153 -44.91 27.17 -38.53
C GLY R 153 -45.07 28.63 -38.28
N CYS R 154 -45.96 29.26 -39.04
CA CYS R 154 -46.30 30.67 -38.90
C CYS R 154 -47.63 30.88 -39.61
N THR R 155 -48.25 32.00 -39.29
CA THR R 155 -49.47 32.44 -39.95
C THR R 155 -50.56 31.37 -39.84
N VAL R 156 -50.92 31.05 -38.58
CA VAL R 156 -51.66 29.83 -38.27
C VAL R 156 -53.18 29.98 -38.36
N HIS R 157 -53.71 31.21 -38.43
CA HIS R 157 -55.14 31.51 -38.44
C HIS R 157 -55.91 30.48 -39.26
N GLY R 158 -56.98 29.94 -38.66
CA GLY R 158 -57.82 28.99 -39.36
C GLY R 158 -58.55 27.97 -38.50
N HIS R 159 -58.01 27.64 -37.31
CA HIS R 159 -58.61 26.56 -36.53
C HIS R 159 -60.07 26.82 -36.23
N SER R 160 -60.44 28.08 -36.05
CA SER R 160 -61.76 28.48 -35.60
C SER R 160 -62.62 29.05 -36.71
N LEU R 161 -62.19 28.99 -37.96
CA LEU R 161 -62.89 29.61 -39.08
C LEU R 161 -63.74 28.59 -39.81
N ARG R 162 -64.76 29.09 -40.51
CA ARG R 162 -65.53 28.26 -41.41
C ARG R 162 -64.59 27.61 -42.40
N LEU R 163 -64.85 26.36 -42.74
CA LEU R 163 -64.06 25.69 -43.74
C LEU R 163 -64.33 26.30 -45.11
N ALA R 164 -63.36 26.18 -46.01
CA ALA R 164 -63.60 26.58 -47.37
C ALA R 164 -64.65 25.67 -48.02
N GLU R 165 -65.15 26.12 -49.17
CA GLU R 165 -66.22 25.37 -49.84
C GLU R 165 -65.77 23.94 -50.16
N ASP R 166 -64.48 23.73 -50.44
CA ASP R 166 -63.95 22.40 -50.73
C ASP R 166 -63.51 21.62 -49.49
N GLY R 167 -63.83 22.10 -48.30
CA GLY R 167 -63.50 21.42 -47.06
C GLY R 167 -62.11 21.65 -46.50
N MET R 168 -61.27 22.42 -47.17
CA MET R 168 -59.95 22.72 -46.65
C MET R 168 -60.03 23.81 -45.58
N MET R 169 -59.31 23.63 -44.47
CA MET R 169 -59.33 24.68 -43.48
C MET R 169 -58.54 25.88 -44.04
N PHE R 170 -59.05 27.08 -43.78
CA PHE R 170 -58.41 28.31 -44.26
C PHE R 170 -56.94 28.39 -43.88
N ASP R 171 -56.14 28.77 -44.88
CA ASP R 171 -54.70 29.03 -44.68
C ASP R 171 -54.38 30.32 -45.45
N MET R 172 -53.99 31.37 -44.74
CA MET R 172 -53.69 32.66 -45.39
C MET R 172 -52.63 32.46 -46.47
N LEU R 173 -51.70 31.53 -46.23
CA LEU R 173 -50.57 31.31 -47.18
C LEU R 173 -50.88 30.17 -48.16
N GLN R 174 -52.02 29.52 -48.00
CA GLN R 174 -52.42 28.44 -48.90
C GLN R 174 -51.26 27.48 -49.21
N ARG R 175 -50.71 26.91 -48.12
CA ARG R 175 -49.61 25.96 -48.27
C ARG R 175 -50.05 24.62 -48.85
N THR R 176 -51.36 24.33 -48.79
CA THR R 176 -51.96 23.11 -49.30
C THR R 176 -53.17 23.45 -50.17
N HIS R 177 -53.49 22.54 -51.07
CA HIS R 177 -54.66 22.64 -51.91
C HIS R 177 -55.02 21.27 -52.44
N ILE R 178 -56.23 21.13 -52.95
CA ILE R 178 -56.69 19.85 -53.47
C ILE R 178 -56.39 19.76 -54.96
N GLU R 179 -55.82 18.64 -55.38
CA GLU R 179 -55.67 18.29 -56.79
C GLU R 179 -56.13 16.85 -56.95
N GLY R 180 -57.09 16.63 -57.85
CA GLY R 180 -57.53 15.24 -58.08
C GLY R 180 -57.96 14.52 -56.82
N GLY R 181 -58.56 15.24 -55.88
CA GLY R 181 -59.06 14.66 -54.66
C GLY R 181 -58.02 14.50 -53.59
N ASN R 182 -56.75 14.80 -53.88
CA ASN R 182 -55.68 14.67 -52.91
C ASN R 182 -55.26 16.04 -52.40
N VAL R 183 -54.87 16.10 -51.14
CA VAL R 183 -54.25 17.31 -50.61
C VAL R 183 -52.79 17.33 -51.03
N ILE R 184 -52.40 18.39 -51.73
CA ILE R 184 -51.01 18.63 -52.14
C ILE R 184 -50.43 19.78 -51.31
N GLU R 185 -49.27 19.56 -50.71
CA GLU R 185 -48.51 20.63 -50.08
C GLU R 185 -47.35 21.02 -51.00
N ASP R 186 -47.30 22.28 -51.43
CA ASP R 186 -46.24 22.78 -52.30
C ASP R 186 -45.52 24.00 -51.73
N LYS R 187 -45.67 24.25 -50.44
CA LYS R 187 -44.88 25.20 -49.68
C LYS R 187 -44.46 24.52 -48.39
N ASP R 188 -43.32 24.94 -47.85
CA ASP R 188 -42.92 24.42 -46.56
C ASP R 188 -43.78 25.03 -45.47
N GLN R 189 -43.53 24.62 -44.22
CA GLN R 189 -44.43 24.99 -43.14
C GLN R 189 -44.39 26.47 -42.80
N VAL R 190 -43.39 27.22 -43.25
CA VAL R 190 -43.37 28.68 -43.05
C VAL R 190 -43.66 29.43 -44.35
N GLY R 191 -44.32 28.78 -45.30
CA GLY R 191 -44.86 29.45 -46.45
C GLY R 191 -43.94 29.61 -47.63
N VAL R 192 -42.75 29.02 -47.59
CA VAL R 192 -41.79 29.14 -48.69
C VAL R 192 -42.06 28.09 -49.75
N PRO R 193 -42.23 28.46 -51.02
CA PRO R 193 -42.49 27.45 -52.06
C PRO R 193 -41.37 26.42 -52.10
N ILE R 194 -41.75 25.17 -52.31
CA ILE R 194 -40.80 24.07 -52.45
C ILE R 194 -40.92 23.52 -53.87
N ASP R 195 -39.85 22.88 -54.33
CA ASP R 195 -39.79 22.43 -55.73
C ASP R 195 -40.39 21.04 -55.90
N ARG R 196 -41.45 20.75 -55.17
CA ARG R 196 -42.11 19.45 -55.26
C ARG R 196 -43.56 19.58 -54.81
N LYS R 197 -44.34 18.58 -55.15
CA LYS R 197 -45.71 18.46 -54.68
C LYS R 197 -45.76 17.29 -53.72
N VAL R 198 -45.96 17.57 -52.43
CA VAL R 198 -46.07 16.52 -51.44
C VAL R 198 -47.52 16.06 -51.39
N ASN R 199 -47.77 14.80 -51.73
CA ASN R 199 -49.12 14.27 -51.83
C ASN R 199 -49.49 13.67 -50.48
N LEU R 200 -50.37 14.33 -49.75
CA LEU R 200 -50.81 13.86 -48.45
C LEU R 200 -52.07 13.00 -48.53
N GLY R 201 -52.51 12.67 -49.74
CA GLY R 201 -53.67 11.83 -49.95
C GLY R 201 -54.99 12.55 -49.75
N LYS R 202 -56.02 11.76 -49.66
CA LYS R 202 -57.39 12.23 -49.61
C LYS R 202 -57.72 12.76 -48.22
N PRO R 203 -58.52 13.82 -48.14
CA PRO R 203 -59.14 14.16 -46.86
C PRO R 203 -60.07 13.06 -46.36
N MET R 204 -60.26 13.03 -45.05
CA MET R 204 -61.28 12.18 -44.46
C MET R 204 -62.64 12.66 -44.93
N SER R 205 -63.58 11.74 -45.08
CA SER R 205 -64.97 12.13 -45.24
C SER R 205 -65.45 12.79 -43.96
N ASP R 206 -66.55 13.56 -44.05
CA ASP R 206 -67.12 14.19 -42.87
C ASP R 206 -67.48 13.16 -41.82
N ALA R 207 -68.05 12.02 -42.25
CA ALA R 207 -68.39 10.97 -41.30
C ALA R 207 -67.14 10.36 -40.67
N GLU R 208 -66.10 10.14 -41.45
CA GLU R 208 -64.89 9.55 -40.87
C GLU R 208 -64.28 10.49 -39.85
N ALA R 209 -64.26 11.80 -40.16
CA ALA R 209 -63.71 12.76 -39.22
C ALA R 209 -64.47 12.70 -37.90
N LYS R 210 -65.79 12.62 -37.96
CA LYS R 210 -66.58 12.57 -36.72
C LYS R 210 -66.36 11.26 -35.96
N LYS R 211 -66.06 10.17 -36.67
CA LYS R 211 -65.73 8.91 -35.98
C LYS R 211 -64.36 8.96 -35.34
N ARG R 212 -63.43 9.76 -35.91
CA ARG R 212 -62.05 9.79 -35.46
C ARG R 212 -61.72 10.93 -34.51
N THR R 213 -62.62 11.90 -34.35
CA THR R 213 -62.29 13.12 -33.65
C THR R 213 -62.21 12.93 -32.13
N THR R 214 -61.41 13.80 -31.51
CA THR R 214 -61.26 13.90 -30.07
C THR R 214 -61.99 15.12 -29.52
N ILE R 215 -62.64 15.91 -30.37
CA ILE R 215 -63.32 17.12 -29.90
C ILE R 215 -64.77 16.77 -29.54
N TYR R 216 -65.30 17.39 -28.47
CA TYR R 216 -66.74 17.35 -28.19
C TYR R 216 -67.36 18.60 -28.82
N ARG R 217 -68.50 18.43 -29.49
CA ARG R 217 -69.26 19.57 -29.99
C ARG R 217 -70.66 19.08 -30.35
N THR R 218 -71.57 20.04 -30.55
CA THR R 218 -72.99 19.70 -30.65
C THR R 218 -73.33 18.86 -31.88
N ASP R 219 -72.53 18.92 -32.95
CA ASP R 219 -72.80 18.09 -34.13
C ASP R 219 -72.17 16.71 -34.06
N GLY R 220 -71.53 16.38 -32.95
CA GLY R 220 -70.92 15.08 -32.75
C GLY R 220 -71.31 14.52 -31.39
N VAL R 221 -70.35 14.36 -30.50
CA VAL R 221 -70.62 13.97 -29.13
C VAL R 221 -70.70 15.26 -28.32
N LYS R 222 -71.89 15.54 -27.80
CA LYS R 222 -72.12 16.76 -27.03
C LYS R 222 -71.40 16.71 -25.68
N TYR R 223 -70.66 17.77 -25.37
CA TYR R 223 -69.86 17.77 -24.15
C TYR R 223 -70.76 17.64 -22.93
N ARG R 224 -71.92 18.29 -22.99
CA ARG R 224 -72.87 18.32 -21.89
C ARG R 224 -73.25 16.92 -21.46
N ASP R 225 -73.20 15.96 -22.39
CA ASP R 225 -73.57 14.60 -22.06
C ASP R 225 -72.43 13.75 -21.50
N GLU R 226 -71.18 14.22 -21.54
N GLU R 226 -71.20 14.27 -21.50
CA GLU R 226 -70.05 13.40 -21.09
CA GLU R 226 -70.04 13.49 -21.07
C GLU R 226 -69.81 13.63 -19.59
C GLU R 226 -69.83 13.69 -19.57
N GLU R 227 -70.72 13.06 -18.80
CA GLU R 227 -70.77 13.33 -17.36
C GLU R 227 -69.49 12.90 -16.63
N GLU R 228 -68.81 11.84 -17.10
CA GLU R 228 -67.59 11.43 -16.40
C GLU R 228 -66.49 12.48 -16.53
N VAL R 229 -66.40 13.14 -17.70
CA VAL R 229 -65.38 14.16 -17.88
C VAL R 229 -65.71 15.38 -17.02
N LEU R 230 -66.98 15.77 -16.98
CA LEU R 230 -67.36 16.89 -16.12
C LEU R 230 -67.10 16.56 -14.65
N ASP R 231 -67.38 15.31 -14.22
CA ASP R 231 -67.08 14.93 -12.85
C ASP R 231 -65.58 15.06 -12.57
N HIS R 232 -64.75 14.60 -13.51
CA HIS R 232 -63.31 14.70 -13.36
C HIS R 232 -62.88 16.14 -13.17
N VAL R 233 -63.33 17.03 -14.06
CA VAL R 233 -62.97 18.45 -13.97
C VAL R 233 -63.35 19.00 -12.59
N HIS R 234 -64.58 18.70 -12.15
CA HIS R 234 -65.02 19.21 -10.87
C HIS R 234 -64.21 18.64 -9.71
N LEU R 235 -63.94 17.33 -9.73
CA LEU R 235 -63.14 16.72 -8.68
C LEU R 235 -61.78 17.41 -8.55
N VAL R 236 -61.11 17.63 -9.68
CA VAL R 236 -59.78 18.22 -9.64
C VAL R 236 -59.84 19.66 -9.13
N HIS R 237 -60.80 20.45 -9.62
CA HIS R 237 -60.96 21.83 -9.14
C HIS R 237 -61.22 21.86 -7.65
N HIS R 238 -62.15 21.01 -7.19
CA HIS R 238 -62.52 21.01 -5.78
C HIS R 238 -61.32 20.68 -4.90
N ARG R 239 -60.60 19.61 -5.25
CA ARG R 239 -59.48 19.18 -4.42
C ARG R 239 -58.37 20.22 -4.45
N ARG R 240 -58.13 20.84 -5.61
CA ARG R 240 -57.17 21.93 -5.67
C ARG R 240 -57.55 23.06 -4.73
N THR R 241 -58.83 23.45 -4.75
CA THR R 241 -59.32 24.52 -3.89
C THR R 241 -59.15 24.15 -2.44
N MET R 242 -59.54 22.93 -2.09
CA MET R 242 -59.50 22.49 -0.71
C MET R 242 -58.07 22.48 -0.17
N TYR R 243 -57.14 21.92 -0.92
CA TYR R 243 -55.77 21.76 -0.42
C TYR R 243 -54.97 23.05 -0.44
N GLY R 244 -55.33 24.02 -1.27
CA GLY R 244 -54.68 25.32 -1.18
C GLY R 244 -55.06 26.07 0.08
N TYR R 245 -56.25 25.79 0.60
CA TYR R 245 -56.66 26.26 1.92
C TYR R 245 -55.85 25.54 2.99
N ARG R 246 -55.94 24.21 3.04
CA ARG R 246 -55.15 23.42 3.97
C ARG R 246 -54.87 22.06 3.34
N PRO R 247 -53.62 21.61 3.26
CA PRO R 247 -53.35 20.32 2.60
C PRO R 247 -53.59 19.12 3.50
N GLU R 248 -54.87 18.84 3.74
CA GLU R 248 -55.28 17.74 4.60
C GLU R 248 -56.72 17.34 4.27
N THR R 249 -57.05 16.09 4.62
CA THR R 249 -58.38 15.56 4.33
C THR R 249 -59.48 16.43 4.90
N ALA R 250 -59.26 17.00 6.10
CA ALA R 250 -60.31 17.78 6.75
C ALA R 250 -60.77 18.96 5.91
N ALA R 251 -59.90 19.46 5.03
CA ALA R 251 -60.25 20.60 4.19
C ALA R 251 -61.36 20.26 3.20
N GLU R 252 -61.55 18.98 2.91
CA GLU R 252 -62.57 18.57 1.94
C GLU R 252 -63.98 18.86 2.42
N THR R 253 -64.18 19.13 3.71
CA THR R 253 -65.47 19.53 4.24
C THR R 253 -65.37 20.84 5.02
N ALA R 254 -64.40 21.67 4.69
CA ALA R 254 -64.26 22.95 5.36
C ALA R 254 -65.50 23.80 5.12
N PRO R 255 -65.80 24.73 6.02
CA PRO R 255 -66.87 25.69 5.74
C PRO R 255 -66.63 26.40 4.41
N GLY R 256 -67.66 26.51 3.60
CA GLY R 256 -67.56 27.13 2.31
C GLY R 256 -67.54 26.13 1.17
N VAL R 257 -67.22 24.86 1.43
CA VAL R 257 -67.31 23.85 0.38
C VAL R 257 -68.77 23.69 -0.07
N GLY R 258 -69.67 23.53 0.89
CA GLY R 258 -71.06 23.33 0.60
C GLY R 258 -71.34 21.94 0.08
N PRO R 259 -72.50 21.76 -0.51
CA PRO R 259 -72.96 20.42 -0.92
C PRO R 259 -72.46 19.98 -2.29
N VAL R 260 -71.14 19.86 -2.43
CA VAL R 260 -70.58 19.40 -3.71
C VAL R 260 -71.08 17.99 -4.00
N THR R 261 -71.32 17.73 -5.27
CA THR R 261 -71.96 16.49 -5.70
C THR R 261 -71.54 16.20 -7.11
N TYR R 262 -71.49 14.91 -7.46
CA TYR R 262 -70.97 14.48 -8.76
C TYR R 262 -72.00 13.56 -9.42
N HIS R 263 -71.88 13.42 -10.74
CA HIS R 263 -72.89 12.68 -11.49
C HIS R 263 -72.70 11.18 -11.38
N THR R 264 -71.46 10.71 -11.50
CA THR R 264 -71.20 9.28 -11.65
C THR R 264 -70.47 8.67 -10.47
N VAL R 265 -70.06 9.48 -9.50
CA VAL R 265 -69.40 9.00 -8.30
C VAL R 265 -69.96 9.73 -7.09
N ALA S 2 62.36 52.73 -52.13
CA ALA S 2 61.47 51.77 -51.49
C ALA S 2 60.07 52.34 -51.31
N TYR S 3 59.19 51.53 -50.74
CA TYR S 3 57.83 51.98 -50.49
C TYR S 3 57.82 53.10 -49.45
N LYS S 4 56.97 54.09 -49.67
CA LYS S 4 56.77 55.19 -48.73
C LYS S 4 55.28 55.31 -48.43
N TYR S 5 54.93 55.17 -47.15
CA TYR S 5 53.53 55.25 -46.73
C TYR S 5 53.04 56.69 -46.88
N PRO S 6 51.89 56.92 -47.52
CA PRO S 6 51.47 58.28 -47.87
C PRO S 6 50.81 59.03 -46.72
N SER S 7 50.48 60.29 -46.98
CA SER S 7 49.91 61.15 -45.95
C SER S 7 48.42 60.88 -45.71
N GLU S 8 47.71 60.31 -46.69
CA GLU S 8 46.30 59.98 -46.50
C GLU S 8 46.16 58.49 -46.27
N LYS S 9 45.38 58.13 -45.26
CA LYS S 9 45.14 56.72 -44.96
C LYS S 9 44.48 56.03 -46.16
N LEU S 10 44.89 54.78 -46.38
CA LEU S 10 44.38 54.06 -47.56
C LEU S 10 42.89 53.75 -47.48
N PHE S 11 42.32 53.69 -46.26
CA PHE S 11 40.90 53.37 -46.08
C PHE S 11 39.99 54.59 -46.21
N VAL S 12 40.54 55.80 -46.36
CA VAL S 12 39.70 57.00 -46.42
C VAL S 12 38.84 57.03 -47.69
N GLU S 13 39.38 56.60 -48.83
CA GLU S 13 38.60 56.63 -50.06
C GLU S 13 37.29 55.86 -49.91
N ALA S 14 37.36 54.65 -49.35
CA ALA S 14 36.15 53.85 -49.18
C ALA S 14 35.16 54.52 -48.24
N LEU S 15 35.66 55.14 -47.17
CA LEU S 15 34.75 55.82 -46.25
C LEU S 15 34.02 56.95 -46.95
N LYS S 16 34.75 57.73 -47.75
CA LYS S 16 34.13 58.83 -48.47
C LYS S 16 33.17 58.35 -49.56
N SER S 17 33.44 57.19 -50.16
CA SER S 17 32.54 56.66 -51.17
C SER S 17 31.29 56.04 -50.54
N LYS S 18 31.39 55.56 -49.30
CA LYS S 18 30.22 55.06 -48.61
C LYS S 18 29.38 56.20 -48.04
N PHE S 19 30.02 57.29 -47.61
CA PHE S 19 29.35 58.35 -46.85
C PHE S 19 29.65 59.70 -47.48
N ALA S 20 29.06 59.96 -48.65
CA ALA S 20 29.35 61.20 -49.37
C ALA S 20 28.99 62.40 -48.52
N GLY S 21 29.95 63.29 -48.30
CA GLY S 21 29.70 64.51 -47.55
C GLY S 21 29.95 64.40 -46.06
N LEU S 22 30.30 63.23 -45.54
CA LEU S 22 30.36 63.03 -44.10
C LEU S 22 31.67 63.56 -43.52
N ASP S 23 31.57 64.28 -42.42
CA ASP S 23 32.72 64.59 -41.56
C ASP S 23 33.18 63.31 -40.85
N LEU S 24 34.37 62.84 -41.21
CA LEU S 24 34.81 61.53 -40.72
C LEU S 24 35.26 61.56 -39.27
N SER S 25 35.24 62.71 -38.63
CA SER S 25 35.55 62.78 -37.21
C SER S 25 34.33 62.67 -36.32
N ASP S 26 33.11 62.77 -36.87
CA ASP S 26 31.89 62.76 -36.06
CA ASP S 26 31.92 62.78 -36.02
C ASP S 26 31.74 61.42 -35.35
N GLN S 27 31.53 61.45 -34.02
CA GLN S 27 31.28 60.24 -33.25
C GLN S 27 29.80 59.93 -33.11
N LYS S 28 28.93 60.84 -33.56
CA LYS S 28 27.48 60.67 -33.45
C LYS S 28 26.88 60.65 -34.85
N VAL S 29 25.68 60.08 -34.94
CA VAL S 29 24.96 59.97 -36.21
C VAL S 29 23.48 60.02 -35.91
N LYS S 30 22.68 60.46 -36.88
CA LYS S 30 21.24 60.37 -36.77
C LYS S 30 20.78 59.01 -37.27
N TYR S 31 20.05 58.29 -36.43
CA TYR S 31 19.43 57.04 -36.82
C TYR S 31 18.02 57.31 -37.31
N VAL S 32 17.71 56.83 -38.51
CA VAL S 32 16.36 57.08 -39.11
C VAL S 32 15.50 55.81 -39.04
N ARG S 33 16.08 54.67 -38.66
CA ARG S 33 15.30 53.41 -38.46
C ARG S 33 14.45 53.10 -39.70
N ALA S 34 15.08 53.08 -40.87
CA ALA S 34 14.33 52.89 -42.14
C ALA S 34 13.92 51.42 -42.32
N GLY S 35 14.68 50.48 -41.76
CA GLY S 35 14.40 49.09 -42.05
C GLY S 35 14.85 48.68 -43.45
N TYR S 36 14.35 47.51 -43.88
CA TYR S 36 14.90 46.86 -45.08
C TYR S 36 14.62 47.66 -46.35
N LEU S 37 13.57 48.50 -46.37
CA LEU S 37 13.24 49.24 -47.59
C LEU S 37 14.33 50.20 -48.03
N GLN S 38 15.30 50.51 -47.16
CA GLN S 38 16.40 51.37 -47.58
C GLN S 38 17.31 50.70 -48.60
N ASN S 39 17.28 49.38 -48.74
CA ASN S 39 18.33 48.66 -49.42
C ASN S 39 17.81 47.85 -50.60
N ALA S 40 18.38 48.10 -51.78
CA ALA S 40 17.87 47.47 -52.99
C ALA S 40 18.00 45.94 -52.93
N ARG S 41 19.08 45.43 -52.32
CA ARG S 41 19.24 43.98 -52.29
C ARG S 41 18.25 43.32 -51.36
N LYS S 42 18.02 43.90 -50.18
CA LYS S 42 17.02 43.34 -49.28
C LYS S 42 15.64 43.38 -49.93
N ARG S 43 15.30 44.46 -50.63
CA ARG S 43 14.01 44.52 -51.29
C ARG S 43 13.90 43.43 -52.35
N GLU S 44 14.98 43.22 -53.13
CA GLU S 44 15.01 42.14 -54.12
C GLU S 44 14.82 40.79 -53.45
N PHE S 45 15.46 40.59 -52.31
CA PHE S 45 15.34 39.30 -51.60
C PHE S 45 13.92 39.08 -51.11
N GLN S 46 13.29 40.13 -50.58
CA GLN S 46 11.92 39.95 -50.11
C GLN S 46 11.00 39.56 -51.27
N ALA S 47 11.16 40.20 -52.43
CA ALA S 47 10.37 39.83 -53.60
C ALA S 47 10.66 38.40 -54.04
N ALA S 48 11.93 37.99 -54.00
CA ALA S 48 12.27 36.63 -54.38
C ALA S 48 11.62 35.63 -53.44
N GLY S 49 11.58 35.93 -52.13
CA GLY S 49 10.92 35.05 -51.18
C GLY S 49 9.43 34.94 -51.40
N GLU S 50 8.80 36.02 -51.88
CA GLU S 50 7.38 35.95 -52.21
C GLU S 50 7.16 34.97 -53.36
N ARG S 51 7.99 35.06 -54.40
CA ARG S 51 7.85 34.09 -55.48
C ARG S 51 8.13 32.68 -55.00
N VAL S 52 9.18 32.48 -54.20
CA VAL S 52 9.47 31.13 -53.72
C VAL S 52 8.26 30.55 -53.00
N ALA S 53 7.68 31.35 -52.10
CA ALA S 53 6.59 30.85 -51.27
C ALA S 53 5.38 30.52 -52.11
N GLU S 54 5.05 31.40 -53.08
CA GLU S 54 3.91 31.16 -53.95
C GLU S 54 4.13 29.91 -54.81
N GLN S 55 5.34 29.73 -55.36
CA GLN S 55 5.60 28.63 -56.27
C GLN S 55 5.54 27.28 -55.56
N ARG S 56 5.95 27.22 -54.29
CA ARG S 56 6.03 25.94 -53.59
C ARG S 56 4.94 25.72 -52.55
N GLY S 57 4.11 26.73 -52.29
CA GLY S 57 3.04 26.58 -51.33
C GLY S 57 3.50 26.60 -49.89
N MET S 58 4.60 27.28 -49.59
CA MET S 58 5.17 27.24 -48.24
C MET S 58 6.08 28.44 -47.99
N GLN S 59 5.80 29.13 -46.88
CA GLN S 59 6.55 30.33 -46.50
C GLN S 59 8.05 30.04 -46.50
N GLN S 60 8.84 31.01 -46.95
CA GLN S 60 10.29 30.93 -46.91
C GLN S 60 10.83 32.27 -46.39
N TYR S 61 11.64 32.97 -47.17
CA TYR S 61 12.22 34.22 -46.70
C TYR S 61 11.15 35.28 -46.47
N ASP S 62 11.27 35.97 -45.33
CA ASP S 62 10.41 37.12 -45.03
C ASP S 62 11.10 37.99 -43.99
N VAL S 63 11.51 39.21 -44.40
CA VAL S 63 12.26 40.09 -43.50
C VAL S 63 11.54 40.33 -42.19
N ASN S 64 10.20 40.28 -42.20
CA ASN S 64 9.42 40.54 -41.01
C ASN S 64 9.49 39.43 -39.98
N VAL S 65 10.07 38.29 -40.32
CA VAL S 65 10.29 37.23 -39.33
C VAL S 65 11.45 37.56 -38.39
N HIS S 66 12.26 38.55 -38.71
CA HIS S 66 13.30 38.96 -37.76
C HIS S 66 12.65 39.27 -36.42
N LEU S 67 13.29 38.86 -35.33
CA LEU S 67 12.69 39.02 -34.02
C LEU S 67 12.57 40.50 -33.66
N GLY S 68 11.74 40.77 -32.65
CA GLY S 68 11.66 42.09 -32.07
C GLY S 68 10.76 43.06 -32.78
N GLY S 69 10.11 42.65 -33.87
CA GLY S 69 9.29 43.55 -34.63
C GLY S 69 10.06 44.50 -35.51
N MET S 70 11.34 44.23 -35.73
CA MET S 70 12.24 45.07 -36.50
C MET S 70 12.80 44.26 -37.66
N THR S 71 12.93 44.88 -38.82
CA THR S 71 13.66 44.28 -39.93
C THR S 71 15.09 44.81 -39.93
N LEU S 72 15.97 44.06 -40.58
CA LEU S 72 17.33 44.51 -40.81
C LEU S 72 17.34 45.92 -41.38
N GLY S 73 18.26 46.74 -40.90
CA GLY S 73 18.38 48.10 -41.36
C GLY S 73 17.77 49.16 -40.45
N GLN S 74 17.73 48.91 -39.15
CA GLN S 74 17.40 49.98 -38.23
C GLN S 74 18.51 51.02 -38.16
N ARG S 75 19.73 50.59 -38.44
CA ARG S 75 20.83 51.46 -38.80
C ARG S 75 20.98 51.46 -40.32
N GLN S 76 21.94 52.23 -40.82
CA GLN S 76 22.23 52.20 -42.25
C GLN S 76 22.92 50.89 -42.61
N LEU S 77 22.45 50.24 -43.68
CA LEU S 77 23.09 49.05 -44.22
C LEU S 77 24.09 49.53 -45.27
N VAL S 78 25.37 49.27 -45.04
CA VAL S 78 26.43 49.87 -45.85
C VAL S 78 27.08 48.86 -46.77
N PRO S 79 27.45 49.24 -47.99
CA PRO S 79 28.10 48.32 -48.93
C PRO S 79 29.59 48.22 -48.66
N TYR S 80 30.26 47.41 -49.50
CA TYR S 80 31.66 47.03 -49.32
C TYR S 80 32.44 47.27 -50.60
N LYS S 81 33.56 47.99 -50.50
CA LYS S 81 34.50 48.13 -51.62
C LYS S 81 35.51 47.00 -51.57
N LEU S 82 35.68 46.30 -52.70
CA LEU S 82 36.74 45.30 -52.74
C LEU S 82 38.08 46.03 -52.71
N SER S 83 38.97 45.61 -51.80
CA SER S 83 40.22 46.34 -51.65
C SER S 83 41.04 46.28 -52.92
N THR S 84 41.63 47.41 -53.30
CA THR S 84 42.36 47.66 -54.53
C THR S 84 41.46 47.73 -55.78
N ARG S 85 40.15 47.54 -55.66
CA ARG S 85 39.26 47.58 -56.81
C ARG S 85 38.32 48.78 -56.71
N PRO S 86 37.76 49.23 -57.83
CA PRO S 86 36.71 50.24 -57.77
C PRO S 86 35.33 49.72 -57.40
N ASP S 87 35.13 48.41 -57.43
CA ASP S 87 33.80 47.84 -57.25
C ASP S 87 33.34 47.93 -55.81
N ILE S 88 32.17 48.52 -55.62
CA ILE S 88 31.47 48.59 -54.35
C ILE S 88 30.18 47.78 -54.51
N VAL S 89 29.98 46.84 -53.59
CA VAL S 89 28.94 45.82 -53.74
C VAL S 89 28.14 45.74 -52.45
N GLU S 90 26.92 45.24 -52.57
CA GLU S 90 26.12 45.03 -51.35
C GLU S 90 26.72 43.82 -50.60
N GLY S 91 26.60 43.81 -49.28
CA GLY S 91 27.24 42.74 -48.49
C GLY S 91 26.82 41.34 -48.90
N ASP S 92 25.54 41.18 -49.25
CA ASP S 92 25.01 39.84 -49.63
C ASP S 92 25.74 39.33 -50.88
N ASP S 93 26.30 40.24 -51.69
CA ASP S 93 26.99 39.84 -52.95
C ASP S 93 28.31 39.15 -52.63
N LEU S 94 28.78 39.24 -51.37
CA LEU S 94 29.99 38.55 -50.96
C LEU S 94 29.71 37.29 -50.15
N HIS S 95 28.45 36.95 -49.91
CA HIS S 95 28.14 35.64 -49.35
C HIS S 95 28.52 34.57 -50.35
N TYR S 96 29.19 33.50 -49.89
CA TYR S 96 29.71 32.50 -50.83
C TYR S 96 28.60 31.88 -51.67
N VAL S 97 27.41 31.67 -51.09
CA VAL S 97 26.31 31.07 -51.84
C VAL S 97 25.91 31.96 -53.00
N ASN S 98 26.01 33.28 -52.84
CA ASN S 98 25.56 34.20 -53.86
C ASN S 98 26.67 34.58 -54.85
N ASN S 99 27.89 34.09 -54.65
CA ASN S 99 29.06 34.60 -55.37
C ASN S 99 29.77 33.47 -56.12
N PRO S 100 29.53 33.35 -57.42
CA PRO S 100 30.12 32.22 -58.17
C PRO S 100 31.63 32.26 -58.29
N ALA S 101 32.26 33.44 -58.17
CA ALA S 101 33.73 33.47 -58.18
C ALA S 101 34.30 32.73 -56.98
N MET S 102 33.73 32.96 -55.81
CA MET S 102 34.12 32.28 -54.58
C MET S 102 33.91 30.78 -54.71
N GLN S 103 32.75 30.38 -55.24
CA GLN S 103 32.47 28.95 -55.39
C GLN S 103 33.47 28.33 -56.35
N GLN S 104 33.77 29.02 -57.45
CA GLN S 104 34.66 28.45 -58.45
C GLN S 104 36.10 28.40 -57.96
N MET S 105 36.51 29.36 -57.13
CA MET S 105 37.86 29.29 -56.59
C MET S 105 38.04 27.99 -55.82
N TRP S 106 37.09 27.68 -54.93
CA TRP S 106 37.19 26.45 -54.16
C TRP S 106 37.04 25.22 -55.07
N ASP S 107 36.08 25.23 -56.00
CA ASP S 107 35.96 24.10 -56.91
C ASP S 107 37.25 23.85 -57.69
N ASP S 108 37.93 24.94 -58.11
CA ASP S 108 39.17 24.76 -58.84
C ASP S 108 40.24 24.11 -57.96
N MET S 109 40.30 24.47 -56.67
CA MET S 109 41.28 23.82 -55.82
C MET S 109 40.89 22.36 -55.58
N LYS S 110 39.62 22.12 -55.26
CA LYS S 110 39.14 20.76 -54.88
C LYS S 110 39.28 19.76 -56.04
N ARG S 111 39.11 20.21 -57.28
CA ARG S 111 39.13 19.32 -58.43
C ARG S 111 40.53 19.09 -58.97
N THR S 112 41.56 19.53 -58.26
CA THR S 112 42.94 19.49 -58.75
C THR S 112 43.74 18.44 -57.99
N ILE S 113 44.54 17.67 -58.73
CA ILE S 113 45.51 16.73 -58.17
C ILE S 113 46.72 16.78 -59.09
N ILE S 114 47.90 16.67 -58.50
CA ILE S 114 49.18 16.65 -59.23
C ILE S 114 49.70 15.22 -59.17
N VAL S 115 50.09 14.69 -60.33
CA VAL S 115 50.48 13.29 -60.44
C VAL S 115 51.80 13.18 -61.20
N GLY S 116 52.79 12.57 -60.57
CA GLY S 116 54.06 12.38 -61.22
C GLY S 116 53.95 11.39 -62.36
N MET S 117 54.77 11.60 -63.38
CA MET S 117 54.83 10.73 -64.56
C MET S 117 56.07 9.83 -64.57
N ASP S 118 57.11 10.18 -63.80
CA ASP S 118 58.36 9.43 -63.85
C ASP S 118 58.17 7.97 -63.45
N LEU S 119 57.47 7.72 -62.34
CA LEU S 119 57.25 6.35 -61.91
C LEU S 119 56.44 5.56 -62.92
N ALA S 120 55.43 6.18 -63.49
CA ALA S 120 54.63 5.52 -64.50
C ALA S 120 55.50 5.12 -65.68
N HIS S 121 56.37 6.04 -66.15
CA HIS S 121 57.24 5.74 -67.28
C HIS S 121 58.24 4.66 -66.93
N GLU S 122 58.73 4.66 -65.69
CA GLU S 122 59.64 3.59 -65.27
C GLU S 122 58.94 2.24 -65.25
N THR S 123 57.66 2.22 -64.90
CA THR S 123 56.88 0.99 -64.91
C THR S 123 56.77 0.42 -66.32
N LEU S 124 56.45 1.29 -67.28
CA LEU S 124 56.35 0.85 -68.67
C LEU S 124 57.67 0.32 -69.19
N GLU S 125 58.79 0.95 -68.83
CA GLU S 125 60.10 0.46 -69.24
C GLU S 125 60.42 -0.89 -68.61
N LYS S 126 60.29 -0.99 -67.29
CA LYS S 126 60.69 -2.20 -66.58
C LYS S 126 59.80 -3.39 -66.92
N ARG S 127 58.50 -3.20 -66.88
CA ARG S 127 57.61 -4.35 -66.99
C ARG S 127 57.30 -4.71 -68.43
N LEU S 128 57.14 -3.73 -69.30
CA LEU S 128 56.80 -3.99 -70.69
C LEU S 128 57.96 -3.82 -71.67
N GLY S 129 59.07 -3.20 -71.25
CA GLY S 129 60.12 -2.92 -72.18
C GLY S 129 59.80 -1.82 -73.17
N LYS S 130 58.87 -0.92 -72.84
CA LYS S 130 58.51 0.17 -73.74
C LYS S 130 59.54 1.29 -73.67
N GLU S 131 59.72 1.97 -74.79
CA GLU S 131 60.50 3.20 -74.84
C GLU S 131 59.54 4.38 -74.68
N VAL S 132 59.89 5.31 -73.82
CA VAL S 132 59.09 6.52 -73.61
C VAL S 132 59.82 7.65 -74.30
N THR S 133 59.14 8.33 -75.21
CA THR S 133 59.74 9.35 -76.05
C THR S 133 58.83 10.56 -76.09
N PRO S 134 59.34 11.69 -76.56
CA PRO S 134 58.44 12.85 -76.78
C PRO S 134 57.21 12.49 -77.59
N GLU S 135 57.37 11.60 -78.59
CA GLU S 135 56.24 11.22 -79.43
C GLU S 135 55.23 10.37 -78.66
N SER S 136 55.69 9.46 -77.81
CA SER S 136 54.73 8.64 -77.06
C SER S 136 54.02 9.49 -76.00
N ILE S 137 54.75 10.43 -75.39
CA ILE S 137 54.14 11.34 -74.42
C ILE S 137 53.09 12.23 -75.10
N ALA S 138 53.39 12.72 -76.31
CA ALA S 138 52.42 13.53 -77.05
C ALA S 138 51.13 12.76 -77.30
N GLY S 139 51.24 11.48 -77.68
CA GLY S 139 50.03 10.68 -77.86
C GLY S 139 49.27 10.49 -76.57
N TYR S 140 50.01 10.28 -75.48
CA TYR S 140 49.40 10.17 -74.18
C TYR S 140 48.66 11.46 -73.81
N MET S 141 49.25 12.62 -74.10
CA MET S 141 48.59 13.87 -73.71
C MET S 141 47.29 14.09 -74.46
N GLU S 142 47.24 13.71 -75.74
CA GLU S 142 45.98 13.77 -76.47
C GLU S 142 44.96 12.80 -75.88
N ALA S 143 45.40 11.57 -75.62
CA ALA S 143 44.50 10.57 -75.03
C ALA S 143 43.86 11.07 -73.74
N VAL S 144 44.69 11.60 -72.84
CA VAL S 144 44.21 11.95 -71.51
C VAL S 144 43.29 13.17 -71.56
N ASN S 145 43.46 14.05 -72.56
CA ASN S 145 42.57 15.20 -72.68
C ASN S 145 41.28 14.85 -73.36
N HIS S 146 41.21 13.70 -74.04
CA HIS S 146 39.93 13.16 -74.49
C HIS S 146 39.24 12.40 -73.35
N THR S 147 39.97 11.56 -72.62
CA THR S 147 39.35 10.68 -71.63
C THR S 147 39.04 11.38 -70.30
N MET S 148 39.89 12.30 -69.86
CA MET S 148 39.69 12.86 -68.52
C MET S 148 38.32 13.49 -68.29
N PRO S 149 37.73 14.21 -69.25
CA PRO S 149 36.39 14.77 -69.00
C PRO S 149 35.30 13.72 -68.92
N GLY S 150 35.58 12.46 -69.29
CA GLY S 150 34.60 11.39 -69.22
C GLY S 150 34.23 10.75 -70.55
N ALA S 151 35.19 10.50 -71.41
CA ALA S 151 34.95 9.89 -72.71
C ALA S 151 35.81 8.65 -72.91
N ALA S 152 35.43 7.83 -73.89
CA ALA S 152 35.93 6.48 -74.02
C ALA S 152 37.04 6.35 -75.05
N ILE S 153 37.97 5.42 -74.77
CA ILE S 153 39.13 5.23 -75.69
C ILE S 153 39.36 3.73 -75.99
N VAL S 154 38.85 2.82 -75.17
CA VAL S 154 39.17 1.36 -75.41
C VAL S 154 37.91 0.56 -75.78
N GLN S 155 36.86 0.62 -74.97
CA GLN S 155 35.69 -0.29 -75.15
C GLN S 155 34.72 0.14 -76.26
N GLU S 156 33.82 -0.76 -76.61
CA GLU S 156 32.76 -0.46 -77.59
C GLU S 156 31.45 -0.26 -76.81
N HIS S 157 30.54 0.54 -77.37
CA HIS S 157 29.22 0.78 -76.77
C HIS S 157 29.31 1.45 -75.40
N MET S 158 30.24 2.40 -75.26
CA MET S 158 30.38 3.23 -74.07
C MET S 158 29.51 4.47 -74.21
N VAL S 159 28.94 4.91 -73.10
CA VAL S 159 28.21 6.17 -73.00
C VAL S 159 29.14 7.15 -72.33
N GLU S 160 28.99 8.44 -72.63
CA GLU S 160 30.00 9.42 -72.29
C GLU S 160 29.37 10.68 -71.69
N THR S 161 30.18 11.46 -71.00
CA THR S 161 29.73 12.75 -70.52
C THR S 161 29.56 13.73 -71.69
N HIS S 162 28.57 14.60 -71.59
CA HIS S 162 28.38 15.67 -72.56
C HIS S 162 29.59 16.59 -72.49
N PRO S 163 30.37 16.73 -73.58
CA PRO S 163 31.59 17.55 -73.50
C PRO S 163 31.36 18.97 -73.02
N GLY S 164 30.18 19.54 -73.28
CA GLY S 164 29.93 20.89 -72.83
C GLY S 164 29.68 21.01 -71.34
N LEU S 165 29.32 19.92 -70.68
CA LEU S 165 29.15 19.95 -69.23
C LEU S 165 30.48 19.84 -68.49
N VAL S 166 31.56 19.47 -69.20
CA VAL S 166 32.84 19.15 -68.61
C VAL S 166 33.94 19.92 -69.32
N ASP S 167 33.60 21.12 -69.81
CA ASP S 167 34.51 21.92 -70.63
C ASP S 167 35.69 22.49 -69.82
N ASP S 168 35.60 22.50 -68.49
CA ASP S 168 36.64 23.01 -67.61
C ASP S 168 37.68 21.94 -67.26
N CYS S 169 37.44 20.68 -67.62
CA CYS S 169 38.32 19.59 -67.24
C CYS S 169 39.44 19.47 -68.28
N TYR S 170 40.67 19.36 -67.79
CA TYR S 170 41.81 19.16 -68.69
C TYR S 170 43.01 18.68 -67.87
N VAL S 171 44.09 18.37 -68.59
CA VAL S 171 45.34 17.89 -68.01
C VAL S 171 46.48 18.58 -68.75
N LYS S 172 47.41 19.16 -68.01
CA LYS S 172 48.65 19.66 -68.59
C LYS S 172 49.85 19.01 -67.93
N MET S 173 50.94 18.90 -68.66
N MET S 173 50.95 18.93 -68.66
CA MET S 173 52.17 18.43 -68.06
CA MET S 173 52.19 18.43 -68.12
C MET S 173 53.09 19.60 -67.76
C MET S 173 53.10 19.59 -67.79
N PHE S 174 53.99 19.38 -66.81
CA PHE S 174 55.03 20.35 -66.54
C PHE S 174 56.28 19.64 -66.08
N THR S 175 57.41 20.29 -66.28
CA THR S 175 58.68 19.64 -66.01
C THR S 175 59.78 20.66 -65.86
N GLY S 176 60.77 20.32 -65.05
CA GLY S 176 61.98 21.10 -64.97
C GLY S 176 62.96 20.85 -66.08
N ASP S 177 62.63 19.96 -67.02
CA ASP S 177 63.50 19.62 -68.15
C ASP S 177 63.03 20.40 -69.38
N ASP S 178 63.70 21.52 -69.64
CA ASP S 178 63.29 22.40 -70.74
C ASP S 178 63.32 21.68 -72.09
N GLU S 179 64.21 20.69 -72.25
CA GLU S 179 64.30 20.00 -73.55
C GLU S 179 63.02 19.26 -73.85
N LEU S 180 62.47 18.57 -72.85
CA LEU S 180 61.21 17.86 -73.04
C LEU S 180 60.06 18.85 -73.21
N ALA S 181 60.02 19.88 -72.35
CA ALA S 181 58.94 20.85 -72.44
C ALA S 181 58.87 21.46 -73.83
N ASP S 182 60.00 21.64 -74.51
CA ASP S 182 60.00 22.23 -75.83
C ASP S 182 59.56 21.23 -76.92
N GLU S 183 59.52 19.94 -76.61
CA GLU S 183 59.16 18.94 -77.61
C GLU S 183 57.66 18.66 -77.66
N ILE S 184 56.91 19.03 -76.64
CA ILE S 184 55.48 18.74 -76.59
C ILE S 184 54.72 19.99 -77.03
N ASP S 185 53.59 19.78 -77.69
CA ASP S 185 52.73 20.89 -78.17
C ASP S 185 52.43 21.83 -76.99
N SER S 186 52.58 23.13 -77.19
CA SER S 186 52.39 24.11 -76.08
C SER S 186 51.00 24.00 -75.44
N GLN S 187 49.99 23.53 -76.19
CA GLN S 187 48.64 23.48 -75.60
C GLN S 187 48.60 22.54 -74.40
N TYR S 188 49.56 21.62 -74.28
CA TYR S 188 49.55 20.59 -73.25
C TYR S 188 50.54 20.86 -72.12
N VAL S 189 51.21 22.01 -72.13
CA VAL S 189 52.34 22.25 -71.23
C VAL S 189 52.15 23.56 -70.46
N ILE S 190 52.41 23.52 -69.16
CA ILE S 190 52.52 24.74 -68.38
C ILE S 190 53.93 25.28 -68.56
N ASN S 191 54.06 26.46 -69.17
CA ASN S 191 55.38 26.98 -69.55
C ASN S 191 55.92 27.78 -68.36
N ILE S 192 56.80 27.14 -67.58
CA ILE S 192 57.33 27.77 -66.38
C ILE S 192 58.09 29.04 -66.70
N ASN S 193 58.86 29.04 -67.78
CA ASN S 193 59.70 30.19 -68.07
C ASN S 193 58.88 31.41 -68.45
N ASP S 194 57.73 31.21 -69.11
CA ASP S 194 56.93 32.34 -69.52
C ASP S 194 56.14 32.91 -68.35
N LEU S 195 55.66 32.03 -67.47
CA LEU S 195 54.82 32.46 -66.37
C LEU S 195 55.63 33.02 -65.21
N PHE S 196 56.87 32.59 -65.05
CA PHE S 196 57.68 32.96 -63.88
C PHE S 196 58.87 33.78 -64.35
N ASP S 197 58.61 34.87 -65.06
CA ASP S 197 59.67 35.63 -65.70
C ASP S 197 60.28 36.72 -64.81
N LYS S 198 59.86 36.86 -63.56
CA LYS S 198 60.37 37.93 -62.71
C LYS S 198 61.32 37.36 -61.66
N GLU S 199 62.39 38.11 -61.37
CA GLU S 199 63.30 37.83 -60.25
C GLU S 199 63.86 36.40 -60.28
N GLY S 200 64.07 35.86 -61.48
CA GLY S 200 64.60 34.52 -61.61
C GLY S 200 63.74 33.45 -61.00
N GLN S 201 62.44 33.70 -60.85
CA GLN S 201 61.59 32.71 -60.19
C GLN S 201 61.54 31.41 -60.99
N ASN S 202 61.64 31.49 -62.32
CA ASN S 202 61.55 30.29 -63.14
C ASN S 202 62.73 29.36 -62.83
N GLU S 203 63.91 29.93 -62.66
CA GLU S 203 65.07 29.09 -62.41
C GLU S 203 65.00 28.43 -61.04
N LYS S 204 64.45 29.15 -60.04
CA LYS S 204 64.30 28.55 -58.72
C LYS S 204 63.30 27.40 -58.75
N LEU S 205 62.22 27.57 -59.51
CA LEU S 205 61.23 26.50 -59.62
C LEU S 205 61.82 25.29 -60.35
N LYS S 206 62.55 25.51 -61.45
CA LYS S 206 63.09 24.37 -62.19
C LYS S 206 64.17 23.64 -61.38
N ALA S 207 64.98 24.40 -60.63
CA ALA S 207 65.98 23.78 -59.77
C ALA S 207 65.32 22.91 -58.71
N ALA S 208 64.20 23.36 -58.16
CA ALA S 208 63.56 22.59 -57.09
C ALA S 208 62.83 21.38 -57.64
N ILE S 209 62.17 21.54 -58.78
CA ILE S 209 61.49 20.40 -59.40
C ILE S 209 62.49 19.43 -60.03
N GLY S 210 63.61 19.93 -60.54
CA GLY S 210 64.55 19.08 -61.24
C GLY S 210 63.98 18.50 -62.52
N LYS S 211 64.78 17.49 -63.05
CA LYS S 211 64.41 16.82 -64.32
C LYS S 211 63.31 15.78 -64.09
N THR S 212 62.17 16.24 -63.50
CA THR S 212 61.06 15.36 -63.21
C THR S 212 59.83 15.91 -63.93
N THR S 213 58.90 15.02 -64.24
CA THR S 213 57.74 15.34 -65.06
C THR S 213 56.46 15.04 -64.28
N TRP S 214 55.50 15.93 -64.43
CA TRP S 214 54.30 15.95 -63.63
C TRP S 214 53.11 16.28 -64.51
N GLN S 215 51.95 15.77 -64.12
CA GLN S 215 50.67 16.15 -64.73
C GLN S 215 49.85 16.92 -63.71
N ALA S 216 49.38 18.10 -64.11
CA ALA S 216 48.40 18.88 -63.37
C ALA S 216 47.02 18.47 -63.91
N VAL S 217 46.25 17.76 -63.09
CA VAL S 217 44.95 17.22 -63.48
C VAL S 217 43.85 18.04 -62.84
N HIS S 218 42.89 18.47 -63.65
CA HIS S 218 41.74 19.22 -63.13
C HIS S 218 40.48 18.51 -63.60
N ILE S 219 39.81 17.81 -62.67
CA ILE S 219 38.64 17.03 -63.07
C ILE S 219 37.44 17.97 -63.19
N PRO S 220 36.30 17.51 -63.72
CA PRO S 220 35.22 18.46 -64.00
C PRO S 220 34.62 19.03 -62.72
N THR S 221 34.37 20.34 -62.73
CA THR S 221 33.68 20.98 -61.62
C THR S 221 32.36 20.26 -61.29
N ILE S 222 31.59 19.89 -62.32
CA ILE S 222 30.28 19.30 -62.06
C ILE S 222 30.40 18.05 -61.21
N VAL S 223 31.52 17.33 -61.36
CA VAL S 223 31.72 16.08 -60.61
C VAL S 223 31.96 16.35 -59.13
N VAL S 224 32.86 17.29 -58.81
CA VAL S 224 33.08 17.59 -57.39
C VAL S 224 31.83 18.21 -56.77
N ARG S 225 30.99 18.90 -57.57
CA ARG S 225 29.75 19.44 -57.01
C ARG S 225 28.74 18.33 -56.70
N CYS S 226 28.63 17.32 -57.59
CA CYS S 226 27.77 16.18 -57.27
C CYS S 226 28.34 15.33 -56.13
N CYS S 227 29.67 15.27 -56.02
CA CYS S 227 30.34 14.29 -55.15
C CYS S 227 31.16 15.06 -54.11
N ASP S 228 32.46 14.81 -54.02
CA ASP S 228 33.27 15.46 -53.00
C ASP S 228 34.73 15.52 -53.48
N GLY S 229 35.59 16.10 -52.64
CA GLY S 229 37.00 16.21 -53.01
C GLY S 229 37.72 14.88 -53.07
N GLY S 230 37.21 13.87 -52.37
CA GLY S 230 37.79 12.55 -52.47
C GLY S 230 37.67 11.95 -53.85
N ASN S 231 36.79 12.50 -54.69
CA ASN S 231 36.63 11.99 -56.05
C ASN S 231 37.88 12.29 -56.88
N THR S 232 38.57 13.39 -56.55
CA THR S 232 39.53 13.97 -57.49
C THR S 232 40.68 13.03 -57.82
N SER S 233 41.41 12.53 -56.81
CA SER S 233 42.56 11.67 -57.14
C SER S 233 42.12 10.35 -57.78
N ARG S 234 40.92 9.88 -57.47
CA ARG S 234 40.45 8.63 -58.06
C ARG S 234 40.10 8.82 -59.52
N TRP S 235 39.30 9.86 -59.83
CA TRP S 235 38.91 10.17 -61.20
C TRP S 235 40.12 10.37 -62.07
N SER S 236 41.06 11.21 -61.61
CA SER S 236 42.33 11.40 -62.29
C SER S 236 42.99 10.07 -62.62
N ALA S 237 43.15 9.23 -61.61
CA ALA S 237 43.87 7.97 -61.81
C ALA S 237 43.16 7.06 -62.82
N MET S 238 41.84 7.04 -62.81
CA MET S 238 41.11 6.13 -63.73
C MET S 238 41.45 6.50 -65.19
N GLN S 239 41.44 7.79 -65.51
CA GLN S 239 41.62 8.20 -66.90
C GLN S 239 43.09 8.29 -67.30
N ILE S 240 43.97 8.59 -66.36
CA ILE S 240 45.40 8.39 -66.58
C ILE S 240 45.66 6.94 -66.99
N GLY S 241 45.09 6.00 -66.24
CA GLY S 241 45.30 4.59 -66.57
C GLY S 241 44.79 4.25 -67.94
N MET S 242 43.57 4.68 -68.26
CA MET S 242 43.01 4.37 -69.58
C MET S 242 43.91 4.95 -70.68
N SER S 243 44.50 6.11 -70.42
CA SER S 243 45.31 6.77 -71.42
C SER S 243 46.65 6.06 -71.61
N PHE S 244 47.23 5.53 -70.52
CA PHE S 244 48.45 4.75 -70.67
C PHE S 244 48.17 3.47 -71.42
N ILE S 245 47.04 2.81 -71.13
CA ILE S 245 46.68 1.59 -71.84
C ILE S 245 46.71 1.84 -73.34
N ALA S 246 46.06 2.92 -73.76
CA ALA S 246 45.94 3.18 -75.18
C ALA S 246 47.27 3.65 -75.78
N ALA S 247 47.96 4.56 -75.08
CA ALA S 247 49.12 5.22 -75.68
C ALA S 247 50.32 4.30 -75.78
N TYR S 248 50.35 3.21 -75.01
CA TYR S 248 51.46 2.28 -74.99
C TYR S 248 51.04 0.88 -75.41
N ASN S 249 49.83 0.73 -75.98
CA ASN S 249 49.38 -0.57 -76.51
C ASN S 249 49.53 -1.68 -75.47
N MET S 250 49.16 -1.38 -74.24
CA MET S 250 49.16 -2.37 -73.18
C MET S 250 47.97 -3.31 -73.32
N CYS S 251 48.02 -4.43 -72.61
CA CYS S 251 46.78 -5.16 -72.39
C CYS S 251 45.88 -4.20 -71.63
N ALA S 252 44.59 -4.15 -72.01
CA ALA S 252 43.63 -3.30 -71.31
C ALA S 252 43.23 -4.02 -70.02
N GLY S 253 44.17 -4.03 -69.07
CA GLY S 253 44.00 -4.72 -67.81
C GLY S 253 44.96 -5.88 -67.60
N GLU S 254 46.23 -5.56 -67.38
CA GLU S 254 47.24 -6.53 -66.98
C GLU S 254 47.91 -6.06 -65.69
N ALA S 255 48.75 -6.91 -65.11
CA ALA S 255 49.35 -6.60 -63.81
C ALA S 255 50.06 -5.25 -63.80
N ALA S 256 50.77 -4.90 -64.87
CA ALA S 256 51.48 -3.62 -64.91
C ALA S 256 50.52 -2.43 -64.79
N VAL S 257 49.26 -2.58 -65.24
CA VAL S 257 48.29 -1.51 -65.11
C VAL S 257 48.05 -1.17 -63.63
N ALA S 258 48.04 -2.19 -62.76
CA ALA S 258 47.83 -1.92 -61.34
C ALA S 258 48.99 -1.17 -60.72
N ASP S 259 50.19 -1.34 -61.25
CA ASP S 259 51.31 -0.50 -60.80
C ASP S 259 51.08 0.95 -61.21
N LEU S 260 50.56 1.20 -62.42
CA LEU S 260 50.24 2.57 -62.82
C LEU S 260 49.17 3.16 -61.93
N ALA S 261 48.20 2.33 -61.52
CA ALA S 261 47.12 2.81 -60.66
C ALA S 261 47.66 3.20 -59.30
N PHE S 262 48.49 2.34 -58.72
CA PHE S 262 49.05 2.66 -57.41
C PHE S 262 49.92 3.92 -57.49
N ALA S 263 50.68 4.09 -58.58
CA ALA S 263 51.45 5.32 -58.74
C ALA S 263 50.53 6.54 -58.86
N ALA S 264 49.42 6.43 -59.60
CA ALA S 264 48.57 7.59 -59.86
C ALA S 264 47.68 7.93 -58.67
N LYS S 265 47.28 6.92 -57.90
CA LYS S 265 46.41 7.12 -56.74
C LYS S 265 47.16 7.45 -55.47
N MHS S 266 48.42 7.02 -55.37
CA MHS S 266 49.10 7.11 -54.12
C MHS S 266 50.55 7.54 -54.22
O MHS S 266 50.95 8.60 -53.79
CB MHS S 266 49.10 5.80 -53.28
CG MHS S 266 47.72 5.36 -53.02
ND1 MHS S 266 46.86 5.92 -52.04
CD2 MHS S 266 46.99 4.34 -53.66
CE1 MHS S 266 45.66 5.21 -52.15
NE2 MHS S 266 45.71 4.27 -53.12
CM MHS S 266 47.13 6.99 -51.13
N ALA S 267 51.38 6.70 -54.82
CA ALA S 267 52.82 6.89 -54.69
C ALA S 267 53.34 8.15 -55.35
N ALA S 268 52.75 8.57 -56.47
CA ALA S 268 53.16 9.78 -57.18
C ALA S 268 52.07 10.86 -57.15
N ALA S 269 51.10 10.74 -56.27
CA ALA S 269 49.96 11.64 -56.20
C ALA S 269 50.21 12.67 -55.10
N VAL S 270 50.00 13.94 -55.43
CA VAL S 270 50.21 15.05 -54.50
C VAL S 270 48.83 15.70 -54.31
N GLN S 271 48.15 15.32 -53.23
CA GLN S 271 46.85 15.88 -52.90
C GLN S 271 46.98 17.34 -52.46
N MET S 272 45.89 18.09 -52.63
CA MET S 272 45.85 19.45 -52.08
C MET S 272 45.69 19.42 -50.56
N ALA S 273 45.05 18.37 -50.04
CA ALA S 273 44.72 18.26 -48.62
C ALA S 273 44.52 16.79 -48.27
N GLU S 274 44.98 16.39 -47.09
CA GLU S 274 44.79 15.04 -46.60
C GLU S 274 43.52 14.94 -45.75
N MET S 275 43.15 13.70 -45.40
CA MET S 275 41.92 13.44 -44.68
C MET S 275 41.96 14.01 -43.26
N LEU S 276 40.80 14.01 -42.61
CA LEU S 276 40.59 14.63 -41.32
C LEU S 276 40.06 13.62 -40.30
N PRO S 277 40.27 13.89 -39.00
CA PRO S 277 39.83 12.95 -37.96
C PRO S 277 38.32 12.85 -37.89
N ALA S 278 37.88 11.84 -37.12
CA ALA S 278 36.50 11.37 -37.18
C ALA S 278 35.48 12.45 -36.83
N ARG S 279 35.78 13.27 -35.83
CA ARG S 279 34.79 14.24 -35.40
C ARG S 279 34.45 15.17 -36.56
N AGM S 280 35.43 15.44 -37.41
CA AGM S 280 35.20 16.31 -38.56
CB AGM S 280 35.95 17.66 -38.52
CG AGM S 280 37.43 17.50 -38.20
CD AGM S 280 38.04 18.80 -37.62
CE2 AGM S 280 38.20 19.83 -38.74
NE1 AGM S 280 39.33 18.56 -36.97
CZ AGM S 280 39.53 17.96 -35.76
NH1 AGM S 280 40.80 17.78 -35.29
NH2 AGM S 280 38.45 17.56 -35.02
C AGM S 280 35.50 15.60 -39.87
O AGM S 280 36.07 16.12 -40.83
N ALA S 281 35.09 14.33 -39.90
CA ALA S 281 35.47 13.42 -40.97
C ALA S 281 35.16 13.99 -42.34
N ARG S 282 36.16 13.91 -43.21
CA ARG S 282 36.09 14.46 -44.54
C ARG S 282 37.04 13.68 -45.41
N SER S 283 36.72 13.62 -46.68
CA SER S 283 37.59 13.06 -47.68
C SER S 283 38.82 13.95 -47.85
N PRO S 284 39.84 13.45 -48.52
CA PRO S 284 40.94 14.32 -48.94
C PRO S 284 40.45 15.41 -49.87
N ASN S 285 41.31 16.39 -50.10
CA ASN S 285 40.99 17.53 -50.96
C ASN S 285 39.80 18.32 -50.43
N GLU S 286 39.75 18.50 -49.11
CA GLU S 286 38.76 19.37 -48.50
C GLU S 286 39.50 20.43 -47.67
N PRO S 287 38.83 21.53 -47.32
CA PRO S 287 39.59 22.67 -46.80
C PRO S 287 40.24 22.42 -45.46
N GLY S 288 39.66 21.58 -44.59
CA GLY S 288 40.30 21.35 -43.30
C GLY S 288 41.70 20.79 -43.41
N GLY S 289 41.98 20.06 -44.48
CA GLY S 289 43.29 19.48 -44.70
C GLY S 289 44.26 20.35 -45.46
N LEU S 290 43.84 21.56 -45.81
CA LEU S 290 44.68 22.45 -46.59
C LEU S 290 45.68 23.16 -45.67
N SER S 291 46.96 22.96 -45.93
CA SER S 291 48.02 23.63 -45.19
C SER S 291 48.15 25.08 -45.64
N PHE S 292 48.70 25.90 -44.75
CA PHE S 292 48.84 27.32 -45.05
C PHE S 292 49.89 27.55 -46.13
N GLY S 293 50.97 26.76 -46.14
CA GLY S 293 51.95 26.86 -47.21
C GLY S 293 51.35 26.57 -48.58
N TYR S 294 50.53 25.53 -48.67
CA TYR S 294 49.88 25.21 -49.95
C TYR S 294 48.90 26.31 -50.34
N CYS S 295 48.08 26.79 -49.40
CA CYS S 295 47.17 27.89 -49.71
C CYS S 295 47.92 29.08 -50.29
N ALA S 296 49.00 29.47 -49.62
CA ALA S 296 49.76 30.63 -50.09
C ALA S 296 50.38 30.36 -51.47
N ASP S 297 50.76 29.11 -51.74
CA ASP S 297 51.38 28.79 -53.04
C ASP S 297 50.36 28.74 -54.18
N MET S 298 49.08 28.55 -53.88
CA MET S 298 48.09 28.57 -54.96
C MET S 298 47.87 29.99 -55.52
N VAL S 299 48.07 31.01 -54.70
CA VAL S 299 47.88 32.40 -55.10
C VAL S 299 49.08 32.84 -55.93
N GLN S 300 48.82 33.60 -57.01
CA GLN S 300 49.85 33.84 -58.02
C GLN S 300 50.29 35.29 -58.15
N THR S 301 49.86 36.18 -57.27
CA THR S 301 50.28 37.57 -57.37
C THR S 301 51.80 37.68 -57.23
N LEU S 302 52.43 36.72 -56.59
CA LEU S 302 53.87 36.75 -56.37
C LEU S 302 54.65 36.64 -57.68
N ARG S 303 54.12 35.95 -58.69
CA ARG S 303 54.84 35.86 -59.96
C ARG S 303 54.67 37.10 -60.81
N VAL S 304 53.66 37.93 -60.48
CA VAL S 304 53.32 39.12 -61.26
C VAL S 304 54.11 40.32 -60.79
N LYS S 305 54.19 40.55 -59.47
CA LYS S 305 54.81 41.75 -58.91
C LYS S 305 55.47 41.44 -57.57
N PRO S 306 56.56 40.67 -57.59
CA PRO S 306 57.28 40.36 -56.33
C PRO S 306 57.92 41.58 -55.69
N GLU S 307 58.05 42.68 -56.41
CA GLU S 307 58.65 43.89 -55.84
C GLU S 307 57.73 44.59 -54.85
N ASP S 308 56.44 44.24 -54.84
CA ASP S 308 55.51 44.71 -53.80
C ASP S 308 55.04 43.51 -53.00
N PRO S 309 55.76 43.11 -51.95
CA PRO S 309 55.37 41.92 -51.18
C PRO S 309 54.05 42.07 -50.46
N VAL S 310 53.61 43.30 -50.17
CA VAL S 310 52.33 43.48 -49.49
C VAL S 310 51.18 43.07 -50.38
N TRP S 311 51.25 43.36 -51.68
CA TRP S 311 50.12 43.06 -52.55
C TRP S 311 49.84 41.55 -52.56
N TYR S 312 50.84 40.75 -52.90
CA TYR S 312 50.64 39.30 -52.88
C TYR S 312 50.14 38.84 -51.50
N THR S 313 50.75 39.35 -50.44
CA THR S 313 50.38 38.92 -49.10
C THR S 313 48.88 39.13 -48.87
N LEU S 314 48.36 40.30 -49.25
CA LEU S 314 46.95 40.58 -49.00
C LEU S 314 46.03 39.83 -49.96
N GLU S 315 46.54 39.46 -51.13
CA GLU S 315 45.76 38.58 -52.00
C GLU S 315 45.65 37.18 -51.39
N VAL S 316 46.72 36.68 -50.76
CA VAL S 316 46.63 35.43 -50.02
C VAL S 316 45.63 35.53 -48.89
N VAL S 317 45.66 36.63 -48.12
CA VAL S 317 44.66 36.84 -47.07
C VAL S 317 43.24 36.75 -47.64
N ALA S 318 43.00 37.40 -48.79
CA ALA S 318 41.66 37.38 -49.38
C ALA S 318 41.27 35.97 -49.80
N CYS S 319 42.20 35.23 -50.40
CA CYS S 319 41.96 33.83 -50.77
C CYS S 319 41.62 32.99 -49.55
N GLY S 320 42.46 33.05 -48.52
CA GLY S 320 42.29 32.17 -47.38
C GLY S 320 41.15 32.55 -46.46
N THR S 321 40.93 33.85 -46.22
CA THR S 321 39.85 34.20 -45.32
C THR S 321 38.50 33.79 -45.90
N MET S 322 38.29 34.01 -47.19
CA MET S 322 37.04 33.57 -47.82
C MET S 322 36.89 32.07 -47.71
N LEU S 323 37.89 31.33 -48.18
CA LEU S 323 37.79 29.87 -48.19
C LEU S 323 37.62 29.30 -46.80
N TYR S 324 38.52 29.65 -45.89
CA TYR S 324 38.53 29.02 -44.58
C TYR S 324 37.37 29.50 -43.71
N ASP S 325 37.05 30.79 -43.73
CA ASP S 325 35.98 31.28 -42.86
C ASP S 325 34.59 31.14 -43.50
N GLN S 326 34.43 31.55 -44.76
CA GLN S 326 33.10 31.58 -45.36
C GLN S 326 32.64 30.20 -45.80
N ILE S 327 33.50 29.47 -46.51
CA ILE S 327 33.12 28.16 -47.05
C ILE S 327 33.36 27.04 -46.06
N TRP S 328 34.57 26.95 -45.53
CA TRP S 328 34.92 25.84 -44.65
C TRP S 328 34.25 25.99 -43.28
N LEU S 329 34.63 26.99 -42.51
CA LEU S 329 34.05 27.09 -41.17
C LEU S 329 32.58 27.50 -41.24
N GLY S 330 32.23 28.41 -42.18
CA GLY S 330 30.90 28.96 -42.36
C GLY S 330 29.90 28.08 -43.05
N SER S 331 30.34 27.00 -43.69
CA SER S 331 29.41 26.06 -44.33
C SER S 331 29.78 24.63 -43.91
N TYR S 332 30.88 24.08 -44.43
CA TYR S 332 31.21 22.68 -44.14
C TYR S 332 31.11 22.36 -42.65
N MET S 333 31.59 23.27 -41.79
CA MET S 333 31.64 23.03 -40.34
C MET S 333 30.51 23.70 -39.57
N SER S 334 29.61 24.43 -40.24
CA SER S 334 28.44 25.03 -39.58
C SER S 334 27.31 25.21 -40.59
N GLY S 335 27.10 26.43 -41.09
CA GLY S 335 26.09 26.72 -42.09
C GLY S 335 25.14 27.80 -41.63
N GLY S 336 24.18 28.09 -42.50
CA GLY S 336 23.24 29.16 -42.28
C GLY S 336 23.68 30.45 -42.95
N VAL S 337 23.27 31.58 -42.36
CA VAL S 337 23.78 32.87 -42.77
C VAL S 337 25.30 32.84 -42.83
N GLY S 338 25.96 32.19 -41.86
CA GLY S 338 27.39 31.99 -41.92
C GLY S 338 28.22 33.22 -41.59
N PHE S 339 29.38 33.30 -42.24
CA PHE S 339 30.50 34.09 -41.74
C PHE S 339 31.06 35.06 -42.80
N THR S 340 30.19 35.67 -43.62
CA THR S 340 30.68 36.55 -44.70
C THR S 340 31.55 37.67 -44.16
N GLN S 341 31.01 38.47 -43.23
CA GLN S 341 31.70 39.68 -42.76
C GLN S 341 32.90 39.37 -41.86
N TYR S 342 32.92 38.21 -41.21
CA TYR S 342 34.14 37.81 -40.52
C TYR S 342 35.33 37.80 -41.48
N ALA S 343 35.07 37.42 -42.76
CA ALA S 343 36.10 37.40 -43.80
C ALA S 343 36.20 38.71 -44.57
N THR S 344 35.07 39.36 -44.91
CA THR S 344 35.18 40.58 -45.72
C THR S 344 36.06 41.61 -45.05
N ALA S 345 36.11 41.61 -43.73
CA ALA S 345 36.93 42.60 -43.04
C ALA S 345 38.37 42.56 -43.49
N ALA S 346 38.83 41.41 -44.01
CA ALA S 346 40.21 41.22 -44.40
C ALA S 346 40.47 41.53 -45.87
N TYR S 347 39.42 41.76 -46.66
CA TYR S 347 39.61 41.96 -48.09
C TYR S 347 38.78 43.10 -48.67
N THR S 348 38.16 43.95 -47.82
CA THR S 348 37.36 45.08 -48.30
C THR S 348 37.82 46.38 -47.64
N ASN S 349 37.43 47.48 -48.30
CA ASN S 349 37.53 48.84 -47.78
C ASN S 349 38.98 49.28 -47.50
N ASP S 350 39.96 48.52 -47.99
CA ASP S 350 41.37 48.91 -47.96
C ASP S 350 41.90 49.08 -46.53
N VAL S 351 41.22 48.47 -45.55
CA VAL S 351 41.58 48.66 -44.15
C VAL S 351 42.85 47.89 -43.80
N LEU S 352 42.83 46.58 -44.00
CA LEU S 352 44.03 45.77 -43.74
C LEU S 352 45.19 46.28 -44.59
N ASP S 353 44.91 46.78 -45.78
CA ASP S 353 45.98 47.37 -46.64
C ASP S 353 46.63 48.56 -45.93
N ASP S 354 45.80 49.46 -45.40
CA ASP S 354 46.36 50.65 -44.70
C ASP S 354 47.20 50.21 -43.51
N PHE S 355 46.69 49.30 -42.69
CA PHE S 355 47.44 48.94 -41.48
C PHE S 355 48.74 48.24 -41.84
N THR S 356 48.75 47.47 -42.94
CA THR S 356 49.91 46.68 -43.34
C THR S 356 50.96 47.51 -44.05
N TYR S 357 50.54 48.39 -44.98
CA TYR S 357 51.53 49.26 -45.61
C TYR S 357 52.15 50.21 -44.59
N TYR S 358 51.38 50.60 -43.58
CA TYR S 358 51.96 51.38 -42.49
C TYR S 358 53.09 50.60 -41.82
N GLY S 359 52.82 49.35 -41.48
CA GLY S 359 53.83 48.53 -40.84
C GLY S 359 55.04 48.29 -41.73
N TYR S 360 54.80 48.01 -43.01
CA TYR S 360 55.89 47.83 -43.97
C TYR S 360 56.80 49.05 -43.97
N ASP S 361 56.21 50.24 -44.02
CA ASP S 361 57.00 51.47 -43.99
C ASP S 361 57.80 51.59 -42.69
N TYR S 362 57.14 51.35 -41.55
CA TYR S 362 57.82 51.37 -40.26
C TYR S 362 59.00 50.43 -40.26
N ALA S 363 58.80 49.20 -40.73
CA ALA S 363 59.87 48.21 -40.70
C ALA S 363 60.99 48.54 -41.69
N LEU S 364 60.64 49.04 -42.88
CA LEU S 364 61.69 49.39 -43.82
C LEU S 364 62.60 50.48 -43.25
N ASN S 365 62.01 51.45 -42.58
CA ASN S 365 62.82 52.56 -42.10
C ASN S 365 63.63 52.20 -40.86
N LYS S 366 63.21 51.20 -40.09
CA LYS S 366 63.90 50.85 -38.86
C LYS S 366 64.87 49.70 -39.04
N TYR S 367 64.44 48.65 -39.75
CA TYR S 367 65.25 47.46 -39.92
C TYR S 367 65.90 47.34 -41.29
N GLY S 368 65.39 48.03 -42.30
CA GLY S 368 65.99 47.97 -43.62
C GLY S 368 65.22 47.11 -44.61
N ASP S 369 65.93 46.53 -45.58
CA ASP S 369 65.31 45.91 -46.74
C ASP S 369 64.47 44.69 -46.37
N ASP S 370 63.55 44.36 -47.28
CA ASP S 370 62.74 43.15 -47.18
C ASP S 370 63.59 41.98 -46.68
N GLY S 371 63.06 41.28 -45.66
CA GLY S 371 63.67 40.03 -45.23
C GLY S 371 64.91 40.15 -44.37
N THR S 372 65.38 41.36 -44.07
CA THR S 372 66.65 41.51 -43.36
C THR S 372 66.50 41.76 -41.85
N ALA S 373 65.28 41.81 -41.30
CA ALA S 373 65.15 42.11 -39.88
C ALA S 373 65.50 40.90 -39.01
N PRO S 374 66.00 41.12 -37.80
CA PRO S 374 66.42 39.98 -36.95
C PRO S 374 65.28 39.02 -36.71
N ASN S 375 65.60 37.72 -36.75
CA ASN S 375 64.59 36.67 -36.61
C ASN S 375 64.43 36.29 -35.15
N ASP S 376 63.78 37.17 -34.38
CA ASP S 376 63.72 36.92 -32.94
C ASP S 376 62.49 37.54 -32.31
N LEU S 377 62.28 37.15 -31.06
CA LEU S 377 61.10 37.56 -30.32
C LEU S 377 61.06 39.06 -30.08
N ALA S 378 62.23 39.67 -29.84
CA ALA S 378 62.28 41.12 -29.65
C ALA S 378 61.73 41.86 -30.86
N THR S 379 62.10 41.41 -32.07
CA THR S 379 61.64 42.05 -33.30
C THR S 379 60.15 41.83 -33.49
N ALA S 380 59.67 40.62 -33.28
CA ALA S 380 58.23 40.38 -33.34
C ALA S 380 57.47 41.29 -32.40
N THR S 381 58.00 41.48 -31.19
CA THR S 381 57.35 42.31 -30.19
C THR S 381 57.25 43.76 -30.65
N ASP S 382 58.36 44.31 -31.14
CA ASP S 382 58.39 45.70 -31.62
C ASP S 382 57.39 45.90 -32.74
N LEU S 383 57.45 45.07 -33.77
CA LEU S 383 56.60 45.29 -34.93
C LEU S 383 55.13 45.09 -34.62
N ALA S 384 54.79 44.03 -33.89
CA ALA S 384 53.38 43.80 -33.57
C ALA S 384 52.81 44.93 -32.72
N THR S 385 53.59 45.41 -31.76
CA THR S 385 53.05 46.44 -30.89
C THR S 385 52.84 47.74 -31.65
N GLU S 386 53.80 48.13 -32.50
CA GLU S 386 53.63 49.36 -33.25
C GLU S 386 52.47 49.26 -34.23
N VAL S 387 52.40 48.16 -34.99
CA VAL S 387 51.34 48.02 -36.00
C VAL S 387 49.98 47.96 -35.33
N THR S 388 49.88 47.28 -34.19
CA THR S 388 48.61 47.14 -33.50
C THR S 388 48.17 48.47 -32.90
N LEU S 389 49.06 49.17 -32.20
CA LEU S 389 48.70 50.47 -31.65
C LEU S 389 48.24 51.44 -32.73
N ASN S 390 48.95 51.48 -33.85
CA ASN S 390 48.54 52.35 -34.93
C ASN S 390 47.16 52.00 -35.43
N GLY S 391 46.88 50.71 -35.63
CA GLY S 391 45.56 50.32 -36.12
C GLY S 391 44.47 50.66 -35.12
N MET S 392 44.70 50.39 -33.83
CA MET S 392 43.73 50.77 -32.81
C MET S 392 43.46 52.26 -32.86
N GLU S 393 44.53 53.06 -33.03
CA GLU S 393 44.36 54.51 -33.10
C GLU S 393 43.54 54.91 -34.32
N CYS S 394 43.71 54.20 -35.44
CA CYS S 394 42.86 54.45 -36.61
C CYS S 394 41.39 54.21 -36.30
N TYR S 395 41.08 53.06 -35.68
CA TYR S 395 39.69 52.78 -35.33
C TYR S 395 39.14 53.80 -34.35
N GLU S 396 39.98 54.31 -33.45
CA GLU S 396 39.52 55.29 -32.46
C GLU S 396 39.33 56.68 -33.09
N ASP S 397 40.16 57.03 -34.07
CA ASP S 397 40.11 58.35 -34.70
C ASP S 397 39.11 58.44 -35.82
N TYR S 398 38.66 57.32 -36.38
CA TYR S 398 37.72 57.31 -37.49
C TYR S 398 36.51 56.49 -37.11
N PRO S 399 35.47 57.10 -36.53
CA PRO S 399 34.30 56.33 -36.09
C PRO S 399 33.71 55.40 -37.15
N THR S 400 33.64 55.80 -38.42
CA THR S 400 33.04 54.89 -39.40
C THR S 400 33.93 53.70 -39.74
N LEU S 401 35.23 53.78 -39.44
CA LEU S 401 36.11 52.61 -39.62
C LEU S 401 35.81 51.59 -38.54
N LEU S 402 35.68 52.04 -37.29
CA LEU S 402 35.25 51.14 -36.22
C LEU S 402 33.88 50.55 -36.53
N GLU S 403 32.98 51.36 -37.12
CA GLU S 403 31.66 50.85 -37.46
C GLU S 403 31.72 49.78 -38.53
N ASP S 404 32.67 49.88 -39.46
CA ASP S 404 32.82 48.86 -40.49
C ASP S 404 33.20 47.53 -39.86
N HIS S 405 34.26 47.52 -39.05
CA HIS S 405 34.67 46.33 -38.34
C HIS S 405 33.99 46.33 -36.97
N PHE S 406 32.67 46.17 -37.03
CA PHE S 406 31.84 46.32 -35.86
C PHE S 406 32.05 45.20 -34.87
N GLY S 407 32.47 44.02 -35.32
CA GLY S 407 32.70 42.91 -34.41
C GLY S 407 34.15 42.84 -33.97
N GLY S 408 34.36 42.63 -32.68
CA GLY S 408 35.74 42.55 -32.18
C GLY S 408 36.60 41.55 -32.92
N SER S 409 36.02 40.43 -33.34
CA SER S 409 36.82 39.40 -33.99
C SER S 409 37.44 39.91 -35.27
N MGN S 410 36.65 40.67 -36.03
CA MGN S 410 37.14 41.27 -37.29
CB1 MGN S 410 36.05 42.19 -37.91
CB2 MGN S 410 37.52 40.13 -38.25
CG MGN S 410 34.77 41.47 -38.35
CD MGN S 410 33.71 42.46 -38.75
OE1 MGN S 410 33.32 43.29 -37.95
NE2 MGN S 410 33.21 42.34 -39.97
C MGN S 410 38.35 42.16 -36.97
O MGN S 410 39.39 42.03 -37.67
N ARG S 411 38.21 43.03 -35.98
CA ARG S 411 39.29 43.93 -35.61
C ARG S 411 40.52 43.14 -35.17
N ALA S 412 40.29 42.08 -34.38
CA ALA S 412 41.40 41.29 -33.88
C ALA S 412 42.19 40.64 -35.01
N GLY S 413 41.49 40.04 -35.98
CA GLY S 413 42.18 39.38 -37.09
C GLY S 413 42.90 40.36 -38.00
N ILE S 414 42.30 41.52 -38.22
CA ILE S 414 42.93 42.51 -39.10
C ILE S 414 44.15 43.15 -38.42
N LEU S 415 44.04 43.55 -37.15
CA LEU S 415 45.20 44.12 -36.48
C LEU S 415 46.34 43.11 -36.36
N ALA S 416 45.99 41.85 -36.04
CA ALA S 416 47.01 40.82 -35.92
C ALA S 416 47.57 40.42 -37.27
N ALA S 417 46.72 40.35 -38.31
CA ALA S 417 47.23 40.11 -39.65
C ALA S 417 48.22 41.20 -40.07
N ALA S 418 47.87 42.47 -39.84
CA ALA S 418 48.81 43.53 -40.21
C ALA S 418 50.11 43.37 -39.46
N SER S 419 50.00 43.04 -38.17
CA SER S 419 51.20 42.88 -37.34
C SER S 419 52.07 41.74 -37.85
N ALA S 420 51.44 40.61 -38.17
CA ALA S 420 52.19 39.42 -38.56
C ALA S 420 52.69 39.50 -39.99
N CYS S 421 51.92 40.11 -40.89
CA CYS S 421 52.40 40.32 -42.26
C CYS S 421 53.57 41.28 -42.27
N THR S 422 53.53 42.32 -41.44
CA THR S 422 54.69 43.22 -41.32
C THR S 422 55.92 42.45 -40.84
N THR S 423 55.74 41.64 -39.81
CA THR S 423 56.87 40.89 -39.26
C THR S 423 57.38 39.88 -40.27
N GLY S 424 56.46 39.23 -40.99
CA GLY S 424 56.88 38.27 -42.00
C GLY S 424 57.69 38.91 -43.12
N ILE S 425 57.19 40.02 -43.68
CA ILE S 425 57.95 40.69 -44.73
C ILE S 425 59.30 41.16 -44.20
N ALA S 426 59.32 41.74 -43.00
CA ALA S 426 60.54 42.31 -42.45
C ALA S 426 61.59 41.24 -42.16
N THR S 427 61.18 40.13 -41.55
CA THR S 427 62.14 39.12 -41.11
C THR S 427 62.34 38.00 -42.10
N GLY S 428 61.41 37.82 -43.04
CA GLY S 428 61.42 36.67 -43.91
C GLY S 428 61.22 35.34 -43.21
N ASN S 429 60.60 35.34 -42.04
CA ASN S 429 60.43 34.13 -41.22
C ASN S 429 58.99 33.93 -40.75
N SER S 430 58.35 32.85 -41.22
CA SER S 430 56.94 32.62 -40.88
C SER S 430 56.75 32.40 -39.39
N GLN S 431 57.69 31.70 -38.75
CA GLN S 431 57.55 31.35 -37.34
C GLN S 431 57.68 32.58 -36.44
N VAL S 432 58.61 33.48 -36.75
CA VAL S 432 58.69 34.74 -36.00
C VAL S 432 57.43 35.57 -36.20
N ALA S 433 56.93 35.61 -37.44
CA ALA S 433 55.68 36.32 -37.69
C ALA S 433 54.54 35.74 -36.86
N LEU S 434 54.55 34.43 -36.61
CA LEU S 434 53.50 33.85 -35.78
C LEU S 434 53.55 34.38 -34.34
N SER S 435 54.74 34.55 -33.77
CA SER S 435 54.81 35.19 -32.46
C SER S 435 54.15 36.57 -32.48
N ALA S 436 54.31 37.29 -33.58
CA ALA S 436 53.82 38.67 -33.70
C ALA S 436 52.31 38.66 -33.74
N TRX S 437 51.76 37.67 -34.42
CA TRX S 437 50.29 37.50 -34.48
C TRX S 437 49.73 37.41 -33.05
O TRX S 437 48.80 38.19 -32.74
CB TRX S 437 49.95 36.24 -35.28
CG TRX S 437 48.51 35.84 -35.18
CD1 TRX S 437 47.97 35.02 -34.23
CD2 TRX S 437 47.42 36.19 -36.07
NE1 TRX S 437 46.62 34.87 -34.45
CE2 TRX S 437 46.26 35.57 -35.56
CE3 TRX S 437 47.31 37.01 -37.21
CZ2 TRX S 437 45.01 35.72 -36.18
CZ3 TRX S 437 46.07 37.15 -37.81
CH2 TRX S 437 44.92 36.53 -37.29
OH2 TRX S 437 43.70 36.68 -37.91
N TYR S 438 50.23 36.52 -32.22
CA TYR S 438 49.68 36.37 -30.87
C TYR S 438 49.94 37.62 -30.04
N MET S 439 51.12 38.24 -30.20
CA MET S 439 51.39 39.50 -29.48
C MET S 439 50.31 40.54 -29.77
N SER S 440 49.93 40.67 -31.05
CA SER S 440 48.90 41.64 -31.41
C SER S 440 47.65 41.41 -30.58
N MET S 441 47.22 40.15 -30.47
CA MET S 441 46.00 39.86 -29.75
C MET S 441 46.08 40.28 -28.31
N TYR S 442 47.20 40.00 -27.66
CA TYR S 442 47.30 40.31 -26.24
C TYR S 442 47.35 41.82 -26.01
N VAL S 443 48.04 42.56 -26.88
CA VAL S 443 48.05 44.02 -26.80
C VAL S 443 46.62 44.57 -26.97
N HIS S 444 45.93 44.10 -28.00
CA HIS S 444 44.57 44.53 -28.30
C HIS S 444 43.63 44.31 -27.11
N LYS S 445 43.67 43.11 -26.52
CA LYS S 445 42.76 42.79 -25.44
C LYS S 445 42.88 43.77 -24.28
N GLU S 446 44.11 44.14 -23.91
CA GLU S 446 44.26 45.04 -22.76
C GLU S 446 43.88 46.47 -23.09
N GLY S 447 43.99 46.87 -24.36
CA GLY S 447 43.65 48.25 -24.69
C GLY S 447 42.17 48.52 -24.54
N TRP S 448 41.33 47.63 -25.08
CA TRP S 448 39.90 47.86 -25.13
C TRP S 448 39.11 47.02 -24.14
N GLY S 449 39.74 46.13 -23.39
CA GLY S 449 39.00 45.25 -22.49
C GLY S 449 38.06 44.32 -23.21
N ARG S 450 38.40 43.94 -24.45
CA ARG S 450 37.61 43.07 -25.29
C ARG S 450 38.54 42.62 -26.39
N LEU S 451 38.18 41.49 -26.98
CA LEU S 451 38.91 41.00 -28.14
C LEU S 451 37.87 40.56 -29.17
N GLY S 452 37.61 39.27 -29.26
CA GLY S 452 36.68 38.78 -30.26
C GLY S 452 35.44 38.15 -29.65
N PHE S 453 34.84 37.20 -30.37
CA PHE S 453 33.63 36.51 -29.91
C PHE S 453 34.00 35.58 -28.75
N PHE S 454 32.97 34.98 -28.15
CA PHE S 454 33.12 34.17 -26.94
C PHE S 454 34.34 33.23 -27.00
CA GL3 S 455 35.52 31.52 -28.24
N GL3 S 455 34.52 32.58 -28.14
C GL3 S 455 36.69 31.84 -29.15
S GL3 S 455 37.60 30.68 -29.80
N TYR S 456 36.90 33.21 -29.49
CA TYR S 456 37.85 33.64 -30.51
C TYR S 456 39.29 33.28 -30.14
N ASP S 457 39.66 33.54 -28.89
CA ASP S 457 41.07 33.39 -28.50
C ASP S 457 41.37 32.07 -27.80
N LEU S 458 40.66 30.98 -28.14
CA LEU S 458 41.15 29.66 -27.76
C LEU S 458 42.56 29.49 -28.28
N GLN S 459 42.74 29.60 -29.59
CA GLN S 459 44.09 29.48 -30.13
C GLN S 459 44.94 30.67 -29.70
N DYA S 460 44.33 31.82 -29.45
CA DYA S 460 45.07 32.88 -29.03
CB DYA S 460 45.09 34.00 -29.78
CG DYA S 460 44.35 34.14 -31.06
OD1 DYA S 460 44.99 34.42 -32.06
OD2 DYA S 460 43.13 34.00 -31.04
C DYA S 460 45.77 32.79 -27.82
O DYA S 460 46.90 33.22 -27.75
N GLN S 461 45.14 32.17 -26.82
CA GLN S 461 45.77 32.09 -25.50
C GLN S 461 46.72 30.90 -25.44
N SMC S 462 46.42 29.86 -26.23
CA SMC S 462 47.38 28.74 -26.43
CB SMC S 462 46.65 27.62 -27.13
SG SMC S 462 45.49 26.77 -26.02
CS SMC S 462 44.31 26.12 -27.20
C SMC S 462 48.52 29.20 -27.34
O SMC S 462 49.52 28.49 -27.44
N GLY S 463 48.36 30.34 -28.01
CA GLY S 463 49.20 30.67 -29.13
C GLY S 463 50.67 30.92 -28.88
N ALA S 464 50.99 31.89 -28.02
CA ALA S 464 52.39 32.24 -27.82
C ALA S 464 53.21 31.02 -27.45
N THR S 465 52.70 30.22 -26.51
CA THR S 465 53.47 29.09 -25.99
C THR S 465 53.61 27.98 -27.01
N ASN S 466 52.73 27.90 -28.00
CA ASN S 466 52.83 26.85 -29.00
C ASN S 466 53.58 27.27 -30.27
N VAL S 467 53.98 28.54 -30.37
CA VAL S 467 54.80 28.94 -31.52
C VAL S 467 56.11 28.18 -31.51
N CYS S 468 56.72 28.08 -30.35
CA CYS S 468 58.07 27.55 -30.21
C CYS S 468 58.10 26.24 -29.42
N SER S 469 56.95 25.62 -29.21
CA SER S 469 56.95 24.28 -28.67
C SER S 469 57.45 23.30 -29.73
N TYR S 470 58.10 22.24 -29.27
CA TYR S 470 58.51 21.14 -30.14
C TYR S 470 57.85 19.82 -29.74
N GLN S 471 56.79 19.88 -28.93
CA GLN S 471 56.07 18.69 -28.51
C GLN S 471 55.19 18.15 -29.65
N GLY S 472 54.89 16.86 -29.60
CA GLY S 472 54.19 16.18 -30.71
C GLY S 472 53.01 16.90 -31.33
N ASP S 473 51.99 17.21 -30.55
CA ASP S 473 50.76 17.79 -31.16
C ASP S 473 50.73 19.31 -31.02
N GLU S 474 51.84 19.93 -30.66
CA GLU S 474 51.92 21.40 -30.55
C GLU S 474 52.96 21.94 -31.52
N GLY S 475 54.11 21.26 -31.65
CA GLY S 475 55.18 21.80 -32.47
C GLY S 475 54.91 21.60 -33.95
N CYS S 476 55.11 22.65 -34.74
CA CYS S 476 54.93 22.57 -36.18
C CYS S 476 55.30 23.90 -36.83
N CYS S 477 56.10 23.89 -37.90
CA CYS S 477 56.33 25.14 -38.61
C CYS S 477 55.03 25.62 -39.26
N LEU S 478 54.90 26.95 -39.40
CA LEU S 478 53.63 27.49 -39.86
C LEU S 478 53.26 26.99 -41.25
N GLU S 479 54.27 26.81 -42.13
CA GLU S 479 54.01 26.37 -43.50
C GLU S 479 53.23 25.06 -43.53
N LEU S 480 53.53 24.17 -42.59
CA LEU S 480 52.90 22.85 -42.54
C LEU S 480 51.68 22.81 -41.62
N ARG S 481 51.46 23.83 -40.80
CA ARG S 481 50.20 23.92 -40.09
C ARG S 481 49.07 24.16 -41.10
N GLY S 482 47.85 23.89 -40.67
CA GLY S 482 46.70 24.14 -41.50
C GLY S 482 45.45 24.13 -40.66
N ALA S 483 44.32 23.94 -41.34
CA ALA S 483 43.03 24.03 -40.67
C ALA S 483 42.72 22.82 -39.82
N ASN S 484 43.64 21.86 -39.72
CA ASN S 484 43.52 20.74 -38.80
C ASN S 484 44.58 20.76 -37.70
N TYR S 485 45.46 21.76 -37.68
CA TYR S 485 46.33 21.92 -36.53
C TYR S 485 45.43 22.08 -35.30
N PRO S 486 45.65 21.29 -34.24
CA PRO S 486 44.59 21.15 -33.21
C PRO S 486 44.02 22.45 -32.68
N ASN S 487 44.87 23.40 -32.29
CA ASN S 487 44.38 24.66 -31.74
C ASN S 487 43.54 25.45 -32.76
N TYR S 488 43.74 25.19 -34.05
CA TYR S 488 43.14 25.98 -35.12
C TYR S 488 41.89 25.34 -35.71
N ALA S 489 41.47 24.19 -35.20
CA ALA S 489 40.50 23.38 -35.92
C ALA S 489 39.08 23.92 -35.88
N MET S 490 38.80 24.99 -35.11
CA MET S 490 37.41 25.39 -34.92
C MET S 490 37.01 26.82 -35.33
N ASN S 491 37.88 27.82 -35.24
CA ASN S 491 37.41 29.19 -35.08
C ASN S 491 37.72 30.14 -36.25
N VAL S 492 36.74 31.02 -36.53
CA VAL S 492 36.88 32.05 -37.58
C VAL S 492 37.98 33.06 -37.21
N GLY S 493 38.39 33.84 -38.21
CA GLY S 493 39.25 34.99 -37.97
C GLY S 493 40.71 34.68 -37.77
N HIS S 494 41.17 33.51 -38.24
CA HIS S 494 42.56 33.15 -38.07
C HIS S 494 43.16 32.44 -39.28
N GLN S 495 42.49 31.42 -39.82
CA GLN S 495 43.14 30.49 -40.76
C GLN S 495 43.62 31.20 -42.02
N GLY S 496 42.75 32.01 -42.64
CA GLY S 496 43.14 32.71 -43.84
C GLY S 496 44.25 33.71 -43.59
N GLU S 497 44.26 34.33 -42.41
CA GLU S 497 45.33 35.30 -42.05
C GLU S 497 46.68 34.58 -41.92
N TYR S 498 46.67 33.38 -41.34
CA TYR S 498 47.92 32.57 -41.23
C TYR S 498 48.51 32.28 -42.62
N ALA S 499 47.64 31.92 -43.58
CA ALA S 499 48.10 31.66 -44.95
C ALA S 499 48.73 32.94 -45.49
N GLY S 500 48.09 34.07 -45.20
CA GLY S 500 48.60 35.36 -45.69
C GLY S 500 50.01 35.64 -45.17
N PHE S 501 50.25 35.49 -43.87
CA PHE S 501 51.60 35.90 -43.37
C PHE S 501 52.61 34.78 -43.64
N THR S 502 52.14 33.57 -43.94
CA THR S 502 53.06 32.52 -44.43
C THR S 502 53.58 33.02 -45.78
N GLY S 503 52.68 33.52 -46.64
CA GLY S 503 53.11 34.12 -47.91
C GLY S 503 53.97 35.35 -47.68
N SER S 504 53.63 36.16 -46.67
CA SER S 504 54.39 37.40 -46.38
C SER S 504 55.86 37.08 -46.10
N ALA S 505 56.12 36.01 -45.35
CA ALA S 505 57.49 35.70 -45.02
C ALA S 505 58.31 35.35 -46.27
N HIS S 506 57.71 34.59 -47.18
CA HIS S 506 58.42 34.21 -48.39
C HIS S 506 58.46 35.35 -49.41
N ALA S 507 57.45 36.20 -49.44
CA ALA S 507 57.55 37.41 -50.25
C ALA S 507 58.65 38.32 -49.73
N GLY S 508 58.77 38.45 -48.41
CA GLY S 508 59.82 39.27 -47.84
C GLY S 508 61.22 38.74 -48.12
N ALA S 509 61.37 37.41 -48.12
CA ALA S 509 62.61 36.75 -48.48
C ALA S 509 62.85 36.72 -49.99
N HIS S 510 61.88 37.16 -50.78
CA HIS S 510 61.96 37.13 -52.24
C HIS S 510 62.21 35.72 -52.76
N ASP S 511 61.42 34.79 -52.25
CA ASP S 511 61.33 33.43 -52.74
C ASP S 511 60.25 33.32 -53.81
N ALA S 512 60.31 32.23 -54.57
CA ALA S 512 59.33 31.98 -55.63
C ALA S 512 58.11 31.21 -55.14
N TYR S 513 58.18 30.63 -53.94
CA TYR S 513 57.09 29.85 -53.37
C TYR S 513 57.40 29.69 -51.88
N CYS S 514 56.43 29.12 -51.15
CA CYS S 514 56.55 28.93 -49.71
C CYS S 514 56.77 27.50 -49.27
N CYS S 515 56.19 26.53 -49.99
CA CYS S 515 56.10 25.17 -49.44
C CYS S 515 56.18 24.07 -50.48
N ASN S 516 55.61 24.24 -51.67
CA ASN S 516 55.71 23.18 -52.66
C ASN S 516 55.75 23.75 -54.07
N PRO S 517 56.88 23.63 -54.78
CA PRO S 517 56.94 24.22 -56.12
C PRO S 517 55.94 23.60 -57.08
N LEU S 518 55.53 22.36 -56.84
CA LEU S 518 54.54 21.74 -57.75
C LEU S 518 53.20 22.46 -57.67
N ILE S 519 52.76 22.81 -56.44
CA ILE S 519 51.54 23.59 -56.26
C ILE S 519 51.67 24.93 -56.96
N LYS S 520 52.81 25.60 -56.77
CA LYS S 520 53.03 26.92 -57.36
C LYS S 520 52.89 26.89 -58.87
N VAL S 521 53.54 25.93 -59.54
CA VAL S 521 53.44 25.87 -60.99
C VAL S 521 52.02 25.51 -61.43
N CYS S 522 51.43 24.51 -60.78
CA CYS S 522 50.12 24.00 -61.18
C CYS S 522 49.09 25.13 -61.21
N PHE S 523 49.08 26.00 -60.20
CA PHE S 523 48.06 27.04 -60.12
C PHE S 523 48.39 28.31 -60.89
N ALA S 524 49.58 28.40 -61.50
CA ALA S 524 49.90 29.53 -62.35
C ALA S 524 49.22 29.42 -63.70
N ASP S 525 48.75 28.23 -64.05
CA ASP S 525 48.22 27.94 -65.37
C ASP S 525 47.00 28.79 -65.69
N PRO S 526 47.02 29.58 -66.77
CA PRO S 526 45.86 30.43 -67.07
C PRO S 526 44.63 29.66 -67.54
N SER S 527 44.73 28.37 -67.80
CA SER S 527 43.57 27.59 -68.20
C SER S 527 42.61 27.25 -67.07
N LEU S 528 42.95 27.52 -65.81
CA LEU S 528 41.97 27.36 -64.74
C LEU S 528 40.83 28.37 -64.94
N VAL S 529 39.68 28.11 -64.32
CA VAL S 529 38.54 29.02 -64.50
C VAL S 529 38.72 30.29 -63.69
N PHE S 530 39.11 30.15 -62.44
CA PHE S 530 39.38 31.29 -61.55
C PHE S 530 40.79 31.82 -61.78
N ASP S 531 40.95 33.14 -61.72
CA ASP S 531 42.25 33.79 -61.90
C ASP S 531 42.96 33.91 -60.55
N PHE S 532 43.82 32.94 -60.25
CA PHE S 532 44.55 32.91 -58.98
C PHE S 532 45.58 34.02 -58.85
N SER S 533 45.80 34.81 -59.89
CA SER S 533 46.77 35.91 -59.76
C SER S 533 46.17 37.21 -59.19
N TYR S 534 44.84 37.35 -59.12
CA TYR S 534 44.24 38.57 -58.57
C TYR S 534 42.90 38.20 -57.93
N ILE S 535 43.00 37.74 -56.68
CA ILE S 535 41.88 37.17 -55.96
C ILE S 535 40.76 38.18 -55.80
N ARG S 536 41.11 39.41 -55.34
CA ARG S 536 40.05 40.35 -54.99
C ARG S 536 39.33 40.86 -56.23
N LYS S 537 40.03 40.93 -57.38
CA LYS S 537 39.36 41.29 -58.61
C LYS S 537 38.34 40.21 -59.01
N GLU S 538 38.69 38.93 -58.81
CA GLU S 538 37.72 37.87 -59.09
C GLU S 538 36.49 37.96 -58.17
N TYR S 539 36.71 38.20 -56.87
CA TYR S 539 35.56 38.30 -55.97
C TYR S 539 34.63 39.42 -56.37
N ALA S 540 35.20 40.53 -56.85
CA ALA S 540 34.39 41.65 -57.33
C ALA S 540 33.53 41.24 -58.50
N LYS S 541 34.09 40.47 -59.43
CA LYS S 541 33.28 39.97 -60.53
C LYS S 541 32.13 39.13 -60.04
N GLY S 542 32.40 38.21 -59.12
CA GLY S 542 31.33 37.37 -58.61
C GLY S 542 30.26 38.19 -57.94
N ALA S 543 30.65 39.24 -57.22
CA ALA S 543 29.70 40.06 -56.48
C ALA S 543 28.83 40.87 -57.42
N MET S 544 29.38 41.21 -58.59
CA MET S 544 28.72 41.98 -59.65
C MET S 544 28.01 41.10 -60.66
N ARG S 545 27.97 39.79 -60.43
CA ARG S 545 27.30 38.87 -61.33
C ARG S 545 27.94 38.90 -62.70
N THR S 546 29.28 39.05 -62.73
CA THR S 546 30.03 39.04 -63.98
C THR S 546 31.07 37.93 -64.04
N PHE S 547 30.94 36.94 -63.15
CA PHE S 547 31.87 35.78 -63.16
C PHE S 547 31.13 34.54 -63.67
N ARG S 548 31.66 33.97 -64.76
CA ARG S 548 31.06 32.75 -65.34
C ARG S 548 31.72 31.52 -64.71
N PRO S 549 31.01 30.73 -63.91
CA PRO S 549 31.57 29.51 -63.36
C PRO S 549 31.37 28.29 -64.24
N ALA S 550 32.08 27.21 -63.91
CA ALA S 550 31.84 25.93 -64.59
C ALA S 550 30.83 25.13 -63.79
N GLY S 551 30.33 24.06 -64.38
CA GLY S 551 29.51 23.12 -63.67
C GLY S 551 28.01 23.29 -63.79
N GLU S 552 27.53 24.31 -64.50
CA GLU S 552 26.10 24.50 -64.65
C GLU S 552 25.50 23.44 -65.57
N ARG S 553 24.18 23.27 -65.47
CA ARG S 553 23.47 22.16 -66.12
C ARG S 553 22.49 22.66 -67.15
N SER S 554 22.69 23.89 -67.64
CA SER S 554 21.73 24.47 -68.57
CA SER S 554 21.75 24.48 -68.58
C SER S 554 21.55 23.61 -69.82
N LEU S 555 22.57 22.84 -70.22
CA LEU S 555 22.49 22.06 -71.44
C LEU S 555 21.49 20.92 -71.34
N VAL S 556 21.13 20.51 -70.13
CA VAL S 556 20.37 19.27 -69.97
C VAL S 556 19.13 19.46 -69.09
N ILE S 557 18.69 20.70 -68.95
CA ILE S 557 17.49 21.02 -68.16
C ILE S 557 16.46 21.80 -68.97
N PRO S 558 15.18 21.68 -68.64
CA PRO S 558 14.16 22.47 -69.33
C PRO S 558 14.20 23.90 -68.82
N ALA S 559 13.38 24.73 -69.46
CA ALA S 559 13.24 26.13 -69.15
C ALA S 559 11.74 26.38 -69.07
N GLY S 560 11.20 27.11 -70.05
CA GLY S 560 9.76 27.26 -70.17
C GLY S 560 9.20 28.38 -69.31
N VAL S 561 7.89 28.51 -69.38
CA VAL S 561 7.20 29.61 -68.69
C VAL S 561 6.72 29.14 -67.31
N ALA T 2 65.86 15.80 -6.48
CA ALA T 2 64.60 15.12 -6.77
C ALA T 2 63.48 15.79 -5.97
N ASP T 3 62.25 15.48 -6.34
CA ASP T 3 61.07 16.08 -5.72
C ASP T 3 60.37 15.04 -4.86
N THR T 4 59.89 15.47 -3.70
CA THR T 4 59.02 14.66 -2.86
C THR T 4 57.71 15.39 -2.61
N ILE T 5 56.69 14.62 -2.28
CA ILE T 5 55.37 15.14 -1.99
C ILE T 5 54.79 14.33 -0.84
N ASP T 6 53.94 14.97 -0.06
CA ASP T 6 53.12 14.26 0.92
C ASP T 6 51.80 13.90 0.24
N LEU T 7 51.32 12.68 0.48
CA LEU T 7 50.08 12.21 -0.12
C LEU T 7 48.96 12.29 0.90
N TYR T 8 47.83 12.86 0.50
CA TYR T 8 46.67 13.03 1.36
C TYR T 8 45.45 12.44 0.65
N ASP T 9 44.48 12.00 1.44
CA ASP T 9 43.30 11.36 0.87
C ASP T 9 42.21 12.39 0.56
N ASP T 10 41.02 11.89 0.25
CA ASP T 10 39.93 12.78 -0.22
C ASP T 10 39.34 13.59 0.94
N ARG T 11 39.71 13.23 2.18
CA ARG T 11 39.15 13.93 3.37
C ARG T 11 40.25 14.77 4.03
N GLY T 12 41.38 14.97 3.34
CA GLY T 12 42.43 15.86 3.87
C GLY T 12 43.27 15.21 4.95
N LYS T 13 43.27 13.88 4.98
CA LYS T 13 44.06 13.14 5.96
C LYS T 13 45.35 12.66 5.30
N LYS T 14 46.46 12.80 6.03
CA LYS T 14 47.75 12.41 5.47
C LYS T 14 47.83 10.89 5.33
N LEU T 15 48.27 10.43 4.16
CA LEU T 15 48.46 9.00 3.88
C LEU T 15 49.91 8.58 3.93
N LYS T 16 50.83 9.40 3.41
CA LYS T 16 52.23 9.03 3.32
C LYS T 16 53.07 10.30 3.16
N GLY T 17 54.20 10.33 3.85
CA GLY T 17 55.07 11.49 3.80
C GLY T 17 56.29 11.28 2.92
N ASP T 18 56.76 12.38 2.32
CA ASP T 18 58.05 12.42 1.61
C ASP T 18 58.17 11.31 0.58
N VAL T 19 57.15 11.22 -0.26
CA VAL T 19 57.10 10.23 -1.32
C VAL T 19 57.82 10.81 -2.51
N ASP T 20 58.67 10.01 -3.14
CA ASP T 20 59.32 10.39 -4.38
C ASP T 20 58.27 10.67 -5.44
N LEU T 21 58.43 11.79 -6.15
CA LEU T 21 57.50 12.12 -7.24
C LEU T 21 57.41 10.99 -8.25
N GLN T 22 58.54 10.36 -8.56
CA GLN T 22 58.54 9.24 -9.49
C GLN T 22 57.63 8.10 -9.02
N ALA T 23 57.35 8.01 -7.71
CA ALA T 23 56.56 6.90 -7.20
C ALA T 23 55.09 6.99 -7.58
N VAL T 24 54.64 8.15 -8.09
CA VAL T 24 53.28 8.30 -8.58
C VAL T 24 53.25 8.44 -10.10
N SER T 25 54.32 8.02 -10.78
CA SER T 25 54.36 8.12 -12.23
C SER T 25 53.44 7.09 -12.86
N PRO T 26 52.79 7.41 -13.98
CA PRO T 26 52.05 6.36 -14.72
C PRO T 26 52.92 5.17 -15.12
N LEU T 27 54.22 5.37 -15.28
CA LEU T 27 55.13 4.32 -15.70
C LEU T 27 55.60 3.42 -14.56
N LYS T 28 55.26 3.72 -13.31
CA LYS T 28 55.88 3.05 -12.17
C LYS T 28 54.88 2.68 -11.08
N ASN T 29 53.91 3.55 -10.81
CA ASN T 29 52.98 3.28 -9.73
C ASN T 29 52.05 2.15 -10.13
N SER T 30 52.01 1.07 -9.32
CA SER T 30 51.26 -0.12 -9.72
C SER T 30 49.75 0.13 -9.69
N ALA T 31 49.28 1.05 -8.85
CA ALA T 31 47.85 1.37 -8.83
C ALA T 31 47.42 2.08 -10.11
N ILE T 32 48.22 3.03 -10.58
CA ILE T 32 47.88 3.71 -11.84
C ILE T 32 47.87 2.71 -12.98
N LEU T 33 48.87 1.83 -13.03
CA LEU T 33 48.95 0.85 -14.11
C LEU T 33 47.74 -0.07 -14.08
N SER T 34 47.27 -0.42 -12.87
CA SER T 34 46.08 -1.24 -12.71
C SER T 34 44.83 -0.49 -13.16
N MET T 35 44.72 0.80 -12.85
CA MET T 35 43.54 1.55 -13.30
C MET T 35 43.47 1.54 -14.83
N VAL T 36 44.60 1.73 -15.49
CA VAL T 36 44.64 1.72 -16.95
C VAL T 36 44.23 0.35 -17.48
N ASN T 37 44.82 -0.72 -16.93
CA ASN T 37 44.42 -2.07 -17.30
C ASN T 37 42.92 -2.29 -17.10
N THR T 38 42.37 -1.79 -15.99
CA THR T 38 40.96 -1.98 -15.72
C THR T 38 40.08 -1.26 -16.75
N VAL T 39 40.41 -0.03 -17.11
CA VAL T 39 39.53 0.67 -18.06
C VAL T 39 39.68 0.07 -19.45
N LYS T 40 40.84 -0.52 -19.75
CA LYS T 40 41.01 -1.13 -21.06
C LYS T 40 40.20 -2.43 -21.20
N ARG T 41 40.21 -3.27 -20.18
CA ARG T 41 39.67 -4.61 -20.33
C ARG T 41 38.24 -4.78 -19.81
N THR T 42 37.68 -3.78 -19.16
CA THR T 42 36.38 -3.92 -18.53
C THR T 42 35.31 -3.37 -19.46
N VAL T 43 34.23 -4.11 -19.64
CA VAL T 43 33.14 -3.67 -20.48
C VAL T 43 31.85 -3.97 -19.73
N ALA T 44 30.82 -3.18 -20.03
CA ALA T 44 29.49 -3.38 -19.48
C ALA T 44 28.58 -3.91 -20.56
N VAL T 45 27.72 -4.85 -20.19
CA VAL T 45 26.77 -5.47 -21.11
C VAL T 45 25.39 -5.06 -20.66
N ASN T 46 24.59 -4.53 -21.58
CA ASN T 46 23.19 -4.18 -21.30
C ASN T 46 22.30 -5.32 -21.76
N LEU T 47 22.07 -6.29 -20.86
CA LEU T 47 21.20 -7.40 -21.20
C LEU T 47 19.76 -6.93 -21.39
N ALA T 48 19.33 -5.94 -20.61
CA ALA T 48 18.00 -5.37 -20.80
C ALA T 48 17.87 -4.75 -22.19
N GLY T 49 18.92 -4.06 -22.64
CA GLY T 49 18.89 -3.48 -23.98
C GLY T 49 18.85 -4.52 -25.09
N ILE T 50 19.59 -5.62 -24.91
CA ILE T 50 19.55 -6.72 -25.88
C ILE T 50 18.15 -7.31 -25.93
N GLU T 51 17.58 -7.59 -24.75
CA GLU T 51 16.23 -8.13 -24.68
C GLU T 51 15.22 -7.23 -25.38
N LYS T 52 15.28 -5.92 -25.07
CA LYS T 52 14.36 -4.97 -25.70
C LYS T 52 14.54 -4.93 -27.22
N ALA T 53 15.80 -4.87 -27.69
CA ALA T 53 16.08 -4.81 -29.11
C ALA T 53 15.51 -6.03 -29.84
N CYS T 54 15.70 -7.23 -29.26
CA CYS T 54 15.20 -8.43 -29.92
C CYS T 54 13.69 -8.50 -29.89
N LYS T 55 13.09 -8.21 -28.74
CA LYS T 55 11.64 -8.33 -28.63
C LYS T 55 10.91 -7.28 -29.44
N ASN T 56 11.52 -6.10 -29.66
CA ASN T 56 10.89 -5.02 -30.41
C ASN T 56 11.45 -4.85 -31.82
N ALA T 57 12.39 -5.68 -32.23
CA ALA T 57 13.05 -5.55 -33.53
C ALA T 57 13.58 -4.13 -33.74
N SER T 58 14.16 -3.55 -32.68
CA SER T 58 14.72 -2.22 -32.74
C SER T 58 16.24 -2.22 -32.88
N TYR T 59 16.77 -3.22 -33.61
CA TYR T 59 18.19 -3.36 -33.86
C TYR T 59 18.78 -2.07 -34.40
N GLY T 60 19.84 -1.59 -33.76
CA GLY T 60 20.56 -0.43 -34.24
C GLY T 60 20.13 0.89 -33.62
N GLY T 61 18.99 0.94 -32.94
CA GLY T 61 18.59 2.18 -32.30
C GLY T 61 18.09 3.26 -33.25
N GLN T 62 17.94 4.46 -32.69
CA GLN T 62 17.50 5.66 -33.42
C GLN T 62 16.16 5.47 -34.12
N SER T 63 15.21 4.85 -33.42
CA SER T 63 13.86 4.59 -33.88
C SER T 63 13.79 3.52 -34.95
N ARG T 64 14.90 2.85 -35.27
CA ARG T 64 14.83 1.77 -36.24
C ARG T 64 13.86 0.70 -35.74
N ASN T 65 13.16 0.09 -36.68
CA ASN T 65 12.30 -1.05 -36.40
C ASN T 65 12.30 -1.87 -37.68
N ILE T 66 12.65 -3.15 -37.57
CA ILE T 66 12.65 -4.03 -38.72
C ILE T 66 11.43 -4.94 -38.58
N PRO T 67 10.31 -4.60 -39.21
CA PRO T 67 9.08 -5.35 -38.95
C PRO T 67 9.23 -6.83 -39.28
N GLY T 68 8.64 -7.66 -38.41
CA GLY T 68 8.64 -9.09 -38.60
C GLY T 68 9.87 -9.82 -38.09
N ARG T 69 10.95 -9.12 -37.78
CA ARG T 69 12.20 -9.76 -37.43
C ARG T 69 12.44 -9.77 -35.92
N GLU T 70 11.38 -9.66 -35.13
CA GLU T 70 11.52 -9.79 -33.69
C GLU T 70 12.00 -11.19 -33.36
N VAL T 71 12.84 -11.29 -32.36
CA VAL T 71 13.30 -12.56 -31.83
C VAL T 71 12.98 -12.53 -30.34
N ASP T 72 12.10 -13.43 -29.90
CA ASP T 72 11.54 -13.39 -28.56
C ASP T 72 12.46 -14.16 -27.62
N ILE T 73 13.43 -13.45 -27.03
CA ILE T 73 14.34 -14.01 -26.04
C ILE T 73 14.39 -13.10 -24.84
N ASP T 74 14.76 -13.65 -23.68
CA ASP T 74 14.67 -12.97 -22.40
C ASP T 74 15.98 -13.10 -21.61
N PRO T 75 17.07 -12.55 -22.13
CA PRO T 75 18.37 -12.77 -21.47
C PRO T 75 18.51 -12.19 -20.07
N THR T 76 17.68 -11.20 -19.68
CA THR T 76 17.77 -10.70 -18.31
C THR T 76 17.29 -11.76 -17.33
N ALA T 77 16.36 -12.62 -17.75
CA ALA T 77 15.88 -13.71 -16.93
C ALA T 77 16.87 -14.86 -16.83
N LYS T 78 17.89 -14.89 -17.68
CA LYS T 78 18.86 -15.97 -17.74
C LYS T 78 20.27 -15.43 -17.51
N ALA T 79 20.36 -14.31 -16.79
CA ALA T 79 21.64 -13.60 -16.72
C ALA T 79 22.72 -14.46 -16.08
N ASP T 80 22.37 -15.24 -15.07
CA ASP T 80 23.41 -16.04 -14.41
C ASP T 80 23.99 -17.09 -15.36
N LYS T 81 23.13 -17.81 -16.10
CA LYS T 81 23.63 -18.79 -17.07
C LYS T 81 24.45 -18.13 -18.16
N ILE T 82 23.94 -17.03 -18.72
CA ILE T 82 24.68 -16.35 -19.78
C ILE T 82 26.02 -15.87 -19.26
N ALA T 83 26.04 -15.28 -18.06
CA ALA T 83 27.30 -14.83 -17.46
C ALA T 83 28.29 -15.98 -17.35
N ALA T 84 27.83 -17.14 -16.87
CA ALA T 84 28.73 -18.28 -16.71
C ALA T 84 29.30 -18.73 -18.06
N ARG T 85 28.46 -18.76 -19.09
CA ARG T 85 28.93 -19.17 -20.41
C ARG T 85 29.90 -18.15 -20.98
N VAL T 86 29.58 -16.85 -20.83
CA VAL T 86 30.52 -15.82 -21.27
C VAL T 86 31.88 -16.04 -20.61
N LYS T 87 31.88 -16.23 -19.30
CA LYS T 87 33.15 -16.39 -18.58
C LYS T 87 33.95 -17.56 -19.14
N GLU T 88 33.28 -18.68 -19.36
CA GLU T 88 33.95 -19.86 -19.89
C GLU T 88 34.51 -19.59 -21.28
N LEU T 89 33.80 -18.79 -22.07
CA LEU T 89 34.23 -18.57 -23.46
C LEU T 89 35.41 -17.62 -23.56
N ILE T 90 35.54 -16.67 -22.64
CA ILE T 90 36.62 -15.68 -22.75
C ILE T 90 37.82 -15.96 -21.86
N GLN T 91 37.66 -16.76 -20.81
CA GLN T 91 38.77 -17.01 -19.90
C GLN T 91 39.88 -17.83 -20.57
N VAL T 92 41.13 -17.43 -20.36
CA VAL T 92 42.26 -18.11 -20.97
C VAL T 92 42.71 -19.29 -20.14
N GLU T 93 42.93 -19.07 -18.83
CA GLU T 93 43.33 -20.13 -17.91
C GLU T 93 42.52 -19.99 -16.63
N LYS T 94 42.27 -21.12 -15.98
CA LYS T 94 41.55 -21.10 -14.71
C LYS T 94 42.31 -20.22 -13.72
N GLY T 95 41.55 -19.45 -12.95
CA GLY T 95 42.16 -18.58 -11.96
C GLY T 95 42.83 -17.35 -12.51
N ASP T 96 42.72 -17.08 -13.82
CA ASP T 96 43.20 -15.82 -14.36
C ASP T 96 42.27 -14.70 -13.92
N ASP T 97 42.53 -13.47 -14.40
CA ASP T 97 41.80 -12.33 -13.90
C ASP T 97 40.49 -12.08 -14.64
N THR T 98 39.99 -13.04 -15.41
CA THR T 98 38.67 -12.91 -15.99
C THR T 98 37.62 -12.78 -14.89
N GLU T 99 36.67 -11.86 -15.07
CA GLU T 99 35.54 -11.71 -14.16
C GLU T 99 34.27 -11.42 -14.94
N VAL T 100 33.17 -12.05 -14.54
CA VAL T 100 31.85 -11.77 -15.10
C VAL T 100 30.86 -11.74 -13.95
N THR T 101 30.22 -10.59 -13.74
CA THR T 101 29.31 -10.38 -12.63
C THR T 101 27.98 -9.87 -13.14
N VAL T 102 26.90 -10.47 -12.65
CA VAL T 102 25.55 -9.98 -12.92
C VAL T 102 25.29 -8.78 -12.03
N LEU T 103 24.76 -7.71 -12.60
CA LEU T 103 24.40 -6.51 -11.88
C LEU T 103 22.95 -6.14 -12.17
N GLY T 104 22.42 -5.25 -11.33
CA GLY T 104 21.07 -4.73 -11.53
C GLY T 104 20.02 -5.80 -11.63
N GLY T 105 20.18 -6.90 -10.89
CA GLY T 105 19.20 -7.96 -10.88
C GLY T 105 19.08 -8.77 -12.15
N GLY T 106 20.09 -8.69 -13.03
CA GLY T 106 20.04 -9.32 -14.33
C GLY T 106 19.96 -8.37 -15.49
N LYS T 107 19.88 -7.06 -15.25
CA LYS T 107 19.80 -6.14 -16.38
C LYS T 107 21.16 -5.93 -17.04
N PHE T 108 22.26 -6.07 -16.29
CA PHE T 108 23.56 -5.77 -16.83
C PHE T 108 24.56 -6.85 -16.40
N LEU T 109 25.67 -6.92 -17.14
CA LEU T 109 26.84 -7.68 -16.74
C LEU T 109 28.03 -6.75 -16.71
N ARG T 110 28.91 -6.95 -15.74
CA ARG T 110 30.26 -6.40 -15.83
C ARG T 110 31.16 -7.53 -16.29
N VAL T 111 31.89 -7.32 -17.38
CA VAL T 111 32.84 -8.29 -17.89
C VAL T 111 34.24 -7.69 -17.84
N ALA T 112 35.10 -8.30 -17.05
CA ALA T 112 36.52 -7.95 -17.05
C ALA T 112 37.25 -9.02 -17.86
N ALA T 113 37.55 -8.70 -19.12
CA ALA T 113 38.23 -9.67 -19.95
C ALA T 113 39.63 -9.93 -19.41
N PRO T 114 40.18 -11.12 -19.65
CA PRO T 114 41.51 -11.44 -19.14
C PRO T 114 42.57 -10.54 -19.75
N THR T 115 43.49 -10.06 -18.91
CA THR T 115 44.57 -9.20 -19.39
C THR T 115 45.34 -9.84 -20.54
N ARG T 116 45.49 -11.16 -20.53
CA ARG T 116 46.25 -11.84 -21.58
C ARG T 116 45.71 -11.54 -22.97
N ARG T 117 44.39 -11.40 -23.11
CA ARG T 117 43.82 -11.06 -24.43
C ARG T 117 44.24 -9.66 -24.88
N ILE T 118 44.38 -8.72 -23.94
CA ILE T 118 44.92 -7.41 -24.30
C ILE T 118 46.39 -7.53 -24.69
N GLU T 119 47.16 -8.28 -23.88
CA GLU T 119 48.61 -8.41 -24.14
C GLU T 119 48.85 -9.08 -25.51
N ALA T 120 47.98 -10.00 -25.89
CA ALA T 120 48.13 -10.70 -27.15
C ALA T 120 47.78 -9.83 -28.36
N GLY T 121 47.10 -8.71 -28.15
CA GLY T 121 46.71 -7.83 -29.22
C GLY T 121 47.58 -6.59 -29.27
N ALA T 122 47.20 -5.65 -30.13
CA ALA T 122 47.92 -4.39 -30.26
C ALA T 122 47.23 -3.23 -29.55
N GLU T 123 45.91 -3.29 -29.37
CA GLU T 123 45.14 -2.17 -28.84
C GLU T 123 44.45 -2.63 -27.56
N TYR T 124 43.30 -2.05 -27.24
CA TYR T 124 42.56 -2.37 -26.04
C TYR T 124 41.22 -3.02 -26.35
N VAL T 125 40.89 -3.23 -27.62
CA VAL T 125 39.51 -3.57 -27.98
C VAL T 125 39.15 -5.03 -27.78
N ALA T 126 40.13 -5.91 -27.49
CA ALA T 126 39.81 -7.32 -27.33
C ALA T 126 38.76 -7.54 -26.25
N GLY T 127 38.73 -6.68 -25.22
CA GLY T 127 37.67 -6.78 -24.24
C GLY T 127 36.29 -6.62 -24.86
N MET T 128 36.11 -5.55 -25.64
N MET T 128 36.12 -5.56 -25.65
CA MET T 128 34.82 -5.32 -26.30
CA MET T 128 34.83 -5.31 -26.31
C MET T 128 34.49 -6.45 -27.26
C MET T 128 34.49 -6.43 -27.28
N THR T 129 35.46 -6.86 -28.09
CA THR T 129 35.14 -7.80 -29.17
C THR T 129 34.92 -9.21 -28.64
N CYS T 130 35.76 -9.67 -27.72
CA CYS T 130 35.53 -11.01 -27.18
C CYS T 130 34.29 -11.09 -26.34
N THR T 131 33.94 -9.99 -25.65
CA THR T 131 32.68 -9.98 -24.93
C THR T 131 31.50 -10.03 -25.88
N ALA T 132 31.52 -9.18 -26.92
CA ALA T 132 30.44 -9.21 -27.89
C ALA T 132 30.31 -10.60 -28.50
N ALA T 133 31.45 -11.20 -28.89
CA ALA T 133 31.40 -12.52 -29.50
C ALA T 133 30.90 -13.58 -28.53
N ALA T 134 31.36 -13.53 -27.28
CA ALA T 134 30.95 -14.55 -26.32
C ALA T 134 29.45 -14.43 -26.03
N LEU T 135 28.95 -13.20 -25.91
CA LEU T 135 27.52 -13.02 -25.67
CA LEU T 135 27.53 -13.00 -25.68
C LEU T 135 26.69 -13.51 -26.85
N THR T 136 27.13 -13.24 -28.08
CA THR T 136 26.37 -13.67 -29.27
C THR T 136 26.26 -15.21 -29.26
N GLU T 137 27.37 -15.89 -29.02
CA GLU T 137 27.37 -17.38 -28.94
C GLU T 137 26.48 -17.87 -27.80
N ALA T 138 26.63 -17.26 -26.64
CA ALA T 138 25.83 -17.66 -25.45
C ALA T 138 24.34 -17.57 -25.79
N LEU T 139 23.94 -16.47 -26.46
CA LEU T 139 22.52 -16.31 -26.75
C LEU T 139 22.08 -17.31 -27.81
N ARG T 140 22.91 -17.52 -28.84
CA ARG T 140 22.58 -18.52 -29.84
C ARG T 140 22.36 -19.89 -29.21
N GLU T 141 23.27 -20.28 -28.31
CA GLU T 141 23.17 -21.59 -27.63
C GLU T 141 21.92 -21.66 -26.78
N GLU T 142 21.68 -20.65 -25.96
CA GLU T 142 20.65 -20.75 -24.93
C GLU T 142 19.26 -20.76 -25.56
N TYR T 143 19.07 -20.00 -26.63
CA TYR T 143 17.75 -19.84 -27.24
C TYR T 143 17.60 -20.63 -28.52
N ASN T 144 18.57 -21.49 -28.84
CA ASN T 144 18.49 -22.40 -29.96
C ASN T 144 18.27 -21.64 -31.27
N LEU T 145 19.05 -20.60 -31.45
CA LEU T 145 18.90 -19.78 -32.63
C LEU T 145 19.53 -20.47 -33.85
N GLY T 146 19.03 -20.13 -35.03
CA GLY T 146 19.47 -20.79 -36.25
C GLY T 146 20.07 -19.88 -37.29
N LEU T 147 20.02 -20.32 -38.55
CA LEU T 147 20.75 -19.66 -39.61
C LEU T 147 20.29 -18.22 -39.81
N TYR T 148 18.98 -17.98 -39.81
CA TYR T 148 18.47 -16.71 -40.33
C TYR T 148 17.98 -15.75 -39.26
N ASP T 149 17.90 -16.19 -37.99
CA ASP T 149 17.59 -15.27 -36.88
C ASP T 149 18.82 -14.86 -36.06
N THR T 150 19.85 -15.69 -35.94
CA THR T 150 21.06 -15.28 -35.23
C THR T 150 21.65 -13.96 -35.74
N PRO T 151 21.67 -13.67 -37.05
CA PRO T 151 22.26 -12.37 -37.47
C PRO T 151 21.57 -11.17 -36.83
N TYR T 152 20.25 -11.25 -36.65
CA TYR T 152 19.54 -10.15 -36.00
C TYR T 152 19.94 -10.02 -34.53
N VAL T 153 20.05 -11.15 -33.81
CA VAL T 153 20.50 -11.08 -32.42
C VAL T 153 21.95 -10.58 -32.35
N LYS T 154 22.78 -10.99 -33.31
CA LYS T 154 24.13 -10.42 -33.40
C LYS T 154 24.07 -8.89 -33.45
N ASN T 155 23.15 -8.33 -34.24
CA ASN T 155 23.03 -6.86 -34.31
C ASN T 155 22.53 -6.26 -33.00
N ALA T 156 21.70 -6.98 -32.25
CA ALA T 156 21.29 -6.48 -30.94
C ALA T 156 22.50 -6.31 -30.01
N VAL T 157 23.51 -7.16 -30.17
CA VAL T 157 24.71 -7.07 -29.35
C VAL T 157 25.69 -6.06 -29.93
N TRP T 158 26.05 -6.25 -31.22
CA TRP T 158 27.11 -5.48 -31.82
C TRP T 158 26.62 -4.18 -32.46
N GLY T 159 25.32 -3.89 -32.40
CA GLY T 159 24.80 -2.72 -33.11
C GLY T 159 24.93 -2.90 -34.61
N THR T 160 25.17 -1.77 -35.30
CA THR T 160 25.30 -1.72 -36.76
C THR T 160 26.71 -2.08 -37.26
N TYR T 161 27.60 -2.53 -36.38
CA TYR T 161 28.89 -3.06 -36.82
C TYR T 161 28.64 -4.32 -37.64
N PRO T 162 29.28 -4.48 -38.82
CA PRO T 162 30.38 -3.68 -39.38
C PRO T 162 30.05 -2.69 -40.48
N GLN T 163 28.78 -2.37 -40.68
CA GLN T 163 28.45 -1.27 -41.59
C GLN T 163 29.00 0.04 -41.04
N THR T 164 29.01 0.19 -39.72
CA THR T 164 29.71 1.25 -39.02
C THR T 164 30.98 0.70 -38.38
N MET T 165 31.91 1.60 -38.09
N MET T 165 31.91 1.60 -38.07
CA MET T 165 33.16 1.21 -37.46
CA MET T 165 33.20 1.19 -37.46
C MET T 165 33.01 0.97 -35.98
C MET T 165 32.99 0.90 -35.96
N ASP T 166 31.97 1.50 -35.36
CA ASP T 166 31.68 1.31 -33.95
C ASP T 166 30.45 0.43 -33.81
N MET T 167 30.21 -0.03 -32.58
CA MET T 167 29.05 -0.87 -32.27
C MET T 167 27.84 0.03 -32.00
N LYS T 168 27.52 0.86 -32.99
CA LYS T 168 26.49 1.89 -32.80
C LYS T 168 25.13 1.25 -32.56
N GLY T 169 24.44 1.69 -31.51
CA GLY T 169 23.17 1.09 -31.19
C GLY T 169 23.27 -0.29 -30.57
N GLY T 170 24.48 -0.74 -30.29
CA GLY T 170 24.69 -2.01 -29.64
C GLY T 170 24.55 -1.93 -28.13
N ASN T 171 24.92 -3.02 -27.47
CA ASN T 171 24.66 -3.16 -26.05
C ASN T 171 25.90 -3.66 -25.30
N VAL T 172 27.08 -3.36 -25.83
CA VAL T 172 28.33 -3.59 -25.13
C VAL T 172 29.00 -2.23 -25.04
N LEU T 173 29.43 -1.84 -23.84
CA LEU T 173 29.93 -0.51 -23.57
CA LEU T 173 29.93 -0.50 -23.59
C LEU T 173 31.27 -0.52 -22.87
N SER T 174 32.11 0.46 -23.21
CA SER T 174 33.40 0.69 -22.57
C SER T 174 33.48 2.18 -22.21
N VAL T 175 34.27 2.53 -21.21
CA VAL T 175 34.47 3.98 -20.89
C VAL T 175 35.34 4.57 -22.00
N LEU T 176 36.04 3.71 -22.75
CA LEU T 176 36.81 4.14 -23.90
C LEU T 176 35.94 4.08 -25.15
N SER T 177 36.46 4.68 -26.23
CA SER T 177 35.81 4.66 -27.52
C SER T 177 36.61 3.76 -28.47
N ILE T 178 36.27 3.79 -29.75
CA ILE T 178 37.00 2.99 -30.72
C ILE T 178 38.27 3.74 -31.08
N PRO T 179 39.35 3.04 -31.44
CA PRO T 179 40.60 3.74 -31.75
C PRO T 179 40.46 4.76 -32.87
N GLN T 180 39.60 4.50 -33.84
CA GLN T 180 39.52 5.40 -34.98
C GLN T 180 38.95 6.76 -34.62
N ASN T 181 38.41 6.91 -33.42
CA ASN T 181 37.97 8.21 -32.95
C ASN T 181 39.07 9.04 -32.33
N ASP T 182 40.25 8.44 -32.18
CA ASP T 182 41.41 9.21 -31.68
C ASP T 182 41.69 10.43 -32.55
N GLU T 183 41.79 11.61 -31.94
CA GLU T 183 42.16 12.82 -32.72
C GLU T 183 43.61 12.73 -33.20
N GLY T 184 44.47 12.08 -32.42
CA GLY T 184 45.87 12.01 -32.78
C GLY T 184 46.56 10.82 -32.16
N LEU T 185 47.88 10.86 -32.12
CA LEU T 185 48.66 9.74 -31.60
C LEU T 185 48.66 9.74 -30.07
N GLY T 186 48.14 8.66 -29.47
CA GLY T 186 48.15 8.48 -28.03
C GLY T 186 46.93 8.97 -27.31
N PHE T 187 45.80 9.13 -28.01
CA PHE T 187 44.65 9.80 -27.45
C PHE T 187 43.58 8.87 -26.89
N ALA T 188 43.77 7.55 -26.90
CA ALA T 188 42.66 6.68 -26.53
C ALA T 188 42.25 6.88 -25.06
N LEU T 189 43.21 7.01 -24.15
CA LEU T 189 42.89 7.24 -22.75
C LEU T 189 42.41 8.66 -22.48
N ARG T 190 42.61 9.57 -23.45
CA ARG T 190 42.04 10.90 -23.38
C ARG T 190 40.57 10.93 -23.75
N ASN T 191 40.04 9.86 -24.39
CA ASN T 191 38.70 9.85 -24.95
C ASN T 191 37.70 9.23 -23.97
N ILE T 192 37.58 9.86 -22.80
CA ILE T 192 36.71 9.40 -21.72
C ILE T 192 35.75 10.51 -21.30
N MET T 193 34.46 10.31 -21.56
N MET T 193 34.46 10.30 -21.55
CA MET T 193 33.46 11.36 -21.37
CA MET T 193 33.44 11.30 -21.30
C MET T 193 33.38 11.82 -19.92
C MET T 193 33.52 11.84 -19.87
N ALA T 194 33.31 13.14 -19.72
CA ALA T 194 33.27 13.69 -18.37
C ALA T 194 32.15 13.05 -17.55
N ASN T 195 30.98 12.84 -18.16
CA ASN T 195 29.89 12.18 -17.44
C ASN T 195 30.29 10.80 -16.95
N HIS T 196 31.11 10.08 -17.74
CA HIS T 196 31.61 8.78 -17.29
C HIS T 196 32.54 8.95 -16.10
N LEU T 197 33.45 9.92 -16.17
CA LEU T 197 34.40 10.13 -15.08
C LEU T 197 33.65 10.40 -13.79
N ALA T 198 32.59 11.20 -13.84
CA ALA T 198 31.82 11.51 -12.64
C ALA T 198 31.17 10.25 -12.07
N MET T 199 30.80 9.32 -12.93
CA MET T 199 30.16 8.07 -12.46
C MET T 199 31.24 7.12 -11.92
N LEU T 200 32.40 7.05 -12.57
CA LEU T 200 33.49 6.25 -12.01
C LEU T 200 33.75 6.64 -10.55
N SER T 201 33.73 7.95 -10.26
CA SER T 201 34.04 8.44 -8.93
C SER T 201 32.83 8.43 -8.00
N GLN T 202 31.65 8.03 -8.47
CA GLN T 202 30.43 8.08 -7.68
C GLN T 202 30.18 9.49 -7.16
N ARG T 203 30.56 10.57 -7.91
CA ARG T 203 30.35 11.98 -7.60
C ARG T 203 31.09 12.43 -6.35
N ASN T 204 32.14 11.68 -5.98
CA ASN T 204 33.09 12.20 -5.00
C ASN T 204 34.08 13.07 -5.75
N ALA T 205 34.02 14.39 -5.53
CA ALA T 205 34.78 15.29 -6.39
C ALA T 205 36.28 15.12 -6.23
N MET T 206 36.75 14.88 -4.99
CA MET T 206 38.19 14.66 -4.81
C MET T 206 38.67 13.41 -5.57
N ASN T 207 37.88 12.33 -5.54
CA ASN T 207 38.25 11.12 -6.26
C ASN T 207 38.10 11.30 -7.77
N CYS T 208 37.14 12.11 -8.18
CA CYS T 208 36.98 12.41 -9.60
C CYS T 208 38.21 13.13 -10.13
N ALA T 209 38.72 14.12 -9.40
CA ALA T 209 39.95 14.78 -9.81
C ALA T 209 41.08 13.78 -10.00
N ALA T 210 41.20 12.83 -9.07
CA ALA T 210 42.28 11.85 -9.12
C ALA T 210 42.13 10.93 -10.33
N ILE T 211 40.95 10.32 -10.49
CA ILE T 211 40.73 9.41 -11.60
C ILE T 211 40.98 10.12 -12.92
N SER T 212 40.41 11.32 -13.09
CA SER T 212 40.48 11.94 -14.41
C SER T 212 41.89 12.45 -14.66
N SER T 213 42.55 12.98 -13.62
CA SER T 213 43.90 13.46 -13.79
C SER T 213 44.87 12.31 -14.13
N ILE T 214 44.73 11.18 -13.44
CA ILE T 214 45.57 10.02 -13.74
C ILE T 214 45.42 9.61 -15.20
N LEU T 215 44.19 9.43 -15.66
CA LEU T 215 43.99 8.95 -17.02
C LEU T 215 44.43 9.98 -18.06
N GLU T 216 44.20 11.26 -17.79
CA GLU T 216 44.68 12.30 -18.70
C GLU T 216 46.19 12.21 -18.84
N HIS T 217 46.92 12.13 -17.71
CA HIS T 217 48.37 12.10 -17.78
C HIS T 217 48.89 10.79 -18.36
N CYS T 218 48.20 9.67 -18.12
CA CYS T 218 48.56 8.45 -18.83
C CYS T 218 48.50 8.69 -20.34
N GLY T 219 47.48 9.41 -20.79
CA GLY T 219 47.41 9.73 -22.21
C GLY T 219 48.57 10.61 -22.66
N VAL T 220 48.89 11.62 -21.87
CA VAL T 220 50.00 12.52 -22.22
C VAL T 220 51.31 11.76 -22.34
N PHE T 221 51.56 10.81 -21.42
CA PHE T 221 52.74 9.96 -21.55
C PHE T 221 52.71 9.15 -22.85
N GLU T 222 51.56 8.56 -23.19
CA GLU T 222 51.46 7.78 -24.44
C GLU T 222 51.63 8.65 -25.69
N MET T 223 51.30 9.94 -25.60
CA MET T 223 51.46 10.89 -26.70
C MET T 223 52.93 11.25 -26.89
N GLY T 224 53.79 10.83 -25.96
CA GLY T 224 55.19 11.21 -25.98
C GLY T 224 55.47 12.61 -25.50
N GLN T 225 54.59 13.20 -24.70
CA GLN T 225 54.73 14.58 -24.28
C GLN T 225 55.12 14.70 -22.82
N ALA T 226 55.74 13.65 -22.29
CA ALA T 226 56.27 13.64 -20.94
C ALA T 226 57.69 13.06 -20.96
N ILE T 227 58.50 13.54 -21.90
CA ILE T 227 59.88 13.08 -22.06
C ILE T 227 60.85 14.15 -21.56
N GLY T 228 61.94 13.70 -20.92
CA GLY T 228 62.95 14.62 -20.43
C GLY T 228 62.39 15.60 -19.43
N LEU T 229 62.69 16.89 -19.63
CA LEU T 229 62.23 17.92 -18.70
C LEU T 229 60.72 17.91 -18.59
N PHE T 230 60.04 17.52 -19.66
CA PHE T 230 58.58 17.49 -19.66
C PHE T 230 58.01 16.42 -18.76
N GLU T 231 58.82 15.43 -18.36
CA GLU T 231 58.28 14.44 -17.43
C GLU T 231 58.02 15.05 -16.06
N ARG T 232 59.00 15.81 -15.54
CA ARG T 232 58.81 16.52 -14.27
C ARG T 232 57.65 17.50 -14.37
N TYR T 233 57.56 18.21 -15.51
CA TYR T 233 56.48 19.15 -15.73
C TYR T 233 55.13 18.48 -15.57
N GLN T 234 54.93 17.34 -16.24
CA GLN T 234 53.64 16.66 -16.19
C GLN T 234 53.40 16.01 -14.82
N LEU T 235 54.43 15.40 -14.25
CA LEU T 235 54.27 14.71 -12.97
C LEU T 235 53.89 15.69 -11.85
N LEU T 236 54.50 16.87 -11.83
CA LEU T 236 54.13 17.85 -10.80
C LEU T 236 52.68 18.28 -10.94
N ALA T 237 52.22 18.47 -12.18
CA ALA T 237 50.83 18.83 -12.39
C ALA T 237 49.90 17.72 -11.94
N LEU T 238 50.20 16.47 -12.30
CA LEU T 238 49.42 15.33 -11.82
C LEU T 238 49.35 15.28 -10.31
N ALA T 239 50.50 15.43 -9.65
CA ALA T 239 50.54 15.29 -8.20
C ALA T 239 49.77 16.39 -7.51
N TYR T 240 49.96 17.65 -7.93
CA TYR T 240 49.37 18.77 -7.22
C TYR T 240 47.92 19.01 -7.61
N GLN T 241 47.56 18.74 -8.87
CA GLN T 241 46.19 18.96 -9.29
C GLN T 241 45.30 17.74 -9.08
N GLY T 242 45.81 16.54 -9.35
CA GLY T 242 45.02 15.33 -9.32
C GLY T 242 45.15 14.49 -8.06
N LEU T 243 46.32 14.52 -7.44
CA LEU T 243 46.60 13.65 -6.31
C LEU T 243 46.64 14.38 -4.99
N ASN T 244 46.18 15.63 -4.94
CA ASN T 244 46.08 16.35 -3.68
C ASN T 244 47.42 16.40 -2.95
N ALA T 245 48.51 16.56 -3.71
CA ALA T 245 49.82 16.62 -3.09
C ALA T 245 49.85 17.72 -2.03
N ASN T 246 50.40 17.37 -0.85
CA ASN T 246 50.59 18.29 0.26
C ASN T 246 49.28 18.83 0.78
N ASN T 247 48.16 18.23 0.39
CA ASN T 247 46.83 18.65 0.80
C ASN T 247 46.43 20.01 0.22
N MET T 248 47.09 20.48 -0.84
CA MET T 248 46.91 21.87 -1.25
C MET T 248 45.52 22.09 -1.87
N VAL T 249 45.09 21.19 -2.76
CA VAL T 249 43.75 21.32 -3.34
C VAL T 249 42.70 21.30 -2.26
N TYR T 250 42.78 20.31 -1.37
CA TYR T 250 41.76 20.17 -0.33
C TYR T 250 41.74 21.40 0.58
N GLU T 251 42.93 21.83 1.03
CA GLU T 251 43.00 22.94 1.98
C GLU T 251 42.56 24.25 1.34
N MET T 252 42.93 24.47 0.08
CA MET T 252 42.55 25.72 -0.58
C MET T 252 41.04 25.76 -0.78
N THR T 253 40.45 24.62 -1.14
CA THR T 253 39.00 24.53 -1.23
C THR T 253 38.35 24.77 0.11
N LYS T 254 38.87 24.17 1.18
CA LYS T 254 38.26 24.36 2.49
C LYS T 254 38.37 25.80 2.94
N ASN T 255 39.54 26.44 2.72
CA ASN T 255 39.74 27.82 3.15
C ASN T 255 38.83 28.78 2.39
N ASN T 256 38.40 28.42 1.19
CA ASN T 256 37.59 29.30 0.35
C ASN T 256 36.15 28.82 0.18
N GLY T 257 35.75 27.78 0.91
CA GLY T 257 34.47 27.15 0.65
C GLY T 257 33.27 27.90 1.17
N LYS T 258 33.42 28.66 2.26
CA LYS T 258 32.27 29.30 2.87
C LYS T 258 31.91 30.61 2.18
N THR T 259 32.91 31.42 1.83
CA THR T 259 32.66 32.75 1.26
C THR T 259 33.55 33.04 0.06
N GLY T 260 34.38 32.10 -0.38
CA GLY T 260 35.36 32.38 -1.41
C GLY T 260 34.78 32.41 -2.81
N THR T 261 35.61 32.92 -3.72
CA THR T 261 35.26 33.14 -5.12
C THR T 261 36.45 32.71 -5.98
N ILE T 262 36.28 32.80 -7.30
CA ILE T 262 37.44 32.56 -8.17
C ILE T 262 38.59 33.46 -7.77
N GLY T 263 38.28 34.73 -7.50
CA GLY T 263 39.34 35.68 -7.19
C GLY T 263 40.05 35.38 -5.90
N THR T 264 39.32 34.94 -4.87
CA THR T 264 40.01 34.66 -3.61
C THR T 264 40.88 33.41 -3.70
N VAL T 265 40.56 32.48 -4.62
CA VAL T 265 41.45 31.33 -4.83
C VAL T 265 42.70 31.75 -5.59
N VAL T 266 42.56 32.66 -6.58
CA VAL T 266 43.75 33.24 -7.20
C VAL T 266 44.68 33.80 -6.13
N GLN T 267 44.13 34.63 -5.24
CA GLN T 267 44.94 35.28 -4.22
C GLN T 267 45.64 34.25 -3.32
N GLU T 268 44.92 33.20 -2.91
CA GLU T 268 45.56 32.24 -2.03
C GLU T 268 46.65 31.46 -2.76
N THR T 269 46.46 31.19 -4.05
CA THR T 269 47.49 30.51 -4.83
C THR T 269 48.76 31.35 -4.89
N VAL T 270 48.63 32.65 -5.19
CA VAL T 270 49.80 33.51 -5.23
C VAL T 270 50.46 33.58 -3.87
N GLY T 271 49.65 33.70 -2.81
CA GLY T 271 50.21 33.78 -1.47
C GLY T 271 51.01 32.54 -1.10
N ARG T 272 50.48 31.36 -1.44
CA ARG T 272 51.21 30.13 -1.15
C ARG T 272 52.50 30.05 -1.97
N ALA T 273 52.42 30.32 -3.28
CA ALA T 273 53.64 30.28 -4.08
C ALA T 273 54.69 31.24 -3.52
N LEU T 274 54.26 32.39 -3.01
CA LEU T 274 55.20 33.32 -2.39
C LEU T 274 55.75 32.75 -1.09
N ASP T 275 54.84 32.29 -0.22
CA ASP T 275 55.27 31.74 1.09
C ASP T 275 56.25 30.57 0.91
N ASP T 276 56.02 29.69 -0.08
CA ASP T 276 56.84 28.51 -0.27
C ASP T 276 58.06 28.76 -1.14
N GLY T 277 58.32 30.01 -1.54
CA GLY T 277 59.51 30.31 -2.32
C GLY T 277 59.45 29.86 -3.77
N VAL T 278 58.25 29.52 -4.27
CA VAL T 278 58.11 29.14 -5.67
C VAL T 278 58.30 30.34 -6.58
N ILE T 279 57.80 31.51 -6.15
CA ILE T 279 57.95 32.76 -6.89
C ILE T 279 58.50 33.82 -5.94
N SER T 280 59.06 34.88 -6.53
CA SER T 280 59.59 36.01 -5.78
C SER T 280 59.33 37.30 -6.55
N VAL T 281 59.41 38.43 -5.85
CA VAL T 281 59.33 39.71 -6.54
C VAL T 281 60.59 39.85 -7.38
N ASP T 282 60.40 40.22 -8.64
CA ASP T 282 61.50 40.39 -9.58
C ASP T 282 61.85 41.86 -9.74
N LYS T 283 60.87 42.69 -10.14
CA LYS T 283 61.06 44.12 -10.30
C LYS T 283 59.75 44.82 -9.95
N THR T 284 59.84 46.13 -9.73
CA THR T 284 58.68 46.91 -9.32
C THR T 284 58.53 48.10 -10.27
N MET T 285 57.31 48.27 -10.79
CA MET T 285 57.02 49.36 -11.71
C MET T 285 56.80 50.67 -10.96
N PRO T 286 56.87 51.80 -11.66
CA PRO T 286 56.66 53.09 -11.00
C PRO T 286 55.39 53.17 -10.19
N SER T 287 54.32 52.52 -10.63
CA SER T 287 53.06 52.59 -9.91
C SER T 287 53.06 51.82 -8.60
N GLY T 288 54.08 51.01 -8.35
CA GLY T 288 54.07 50.09 -7.23
C GLY T 288 53.71 48.67 -7.61
N TYR T 289 53.24 48.45 -8.83
CA TYR T 289 52.92 47.10 -9.28
C TYR T 289 54.19 46.26 -9.32
N LYS T 290 54.10 45.07 -8.75
CA LYS T 290 55.24 44.15 -8.65
C LYS T 290 55.17 43.09 -9.74
N VAL T 291 56.24 42.96 -10.50
CA VAL T 291 56.42 41.85 -11.43
C VAL T 291 57.12 40.73 -10.66
N TYR T 292 56.53 39.54 -10.66
CA TYR T 292 57.12 38.39 -10.02
C TYR T 292 57.96 37.58 -11.01
N LYS T 293 58.78 36.69 -10.47
CA LYS T 293 59.52 35.72 -11.24
C LYS T 293 59.33 34.34 -10.62
N ALA T 294 59.47 33.31 -11.43
CA ALA T 294 59.33 31.93 -11.00
C ALA T 294 60.72 31.36 -10.71
N ASN T 295 60.94 30.97 -9.46
CA ASN T 295 62.20 30.33 -9.10
C ASN T 295 62.22 28.87 -9.51
N ASP T 296 61.07 28.22 -9.56
CA ASP T 296 60.94 26.85 -10.04
C ASP T 296 59.78 26.86 -11.03
N VAL T 297 60.08 26.88 -12.32
CA VAL T 297 59.05 27.11 -13.33
C VAL T 297 58.01 25.99 -13.29
N CYS T 298 58.46 24.74 -13.22
CA CYS T 298 57.51 23.63 -13.22
C CYS T 298 56.62 23.63 -11.99
N MET T 299 57.17 24.04 -10.84
CA MET T 299 56.39 24.05 -9.61
C MET T 299 55.34 25.18 -9.64
N TRP T 300 55.70 26.35 -10.18
CA TRP T 300 54.72 27.42 -10.35
C TRP T 300 53.54 26.92 -11.17
N ASN T 301 53.81 26.22 -12.27
CA ASN T 301 52.71 25.67 -13.05
C ASN T 301 51.86 24.75 -12.19
N ALA T 302 52.51 23.92 -11.37
CA ALA T 302 51.78 22.97 -10.53
C ALA T 302 50.91 23.70 -9.50
N TYR T 303 51.40 24.82 -8.95
CA TYR T 303 50.57 25.61 -8.05
C TYR T 303 49.37 26.18 -8.79
N CYS T 304 49.59 26.70 -10.00
CA CYS T 304 48.46 27.20 -10.78
C CYS T 304 47.47 26.10 -11.13
N ALA T 305 47.96 24.86 -11.35
CA ALA T 305 47.04 23.78 -11.65
C ALA T 305 46.22 23.41 -10.42
N ALA T 306 46.85 23.38 -9.24
CA ALA T 306 46.10 23.14 -8.02
C ALA T 306 45.09 24.27 -7.78
N GLY T 307 45.48 25.52 -8.05
CA GLY T 307 44.56 26.62 -7.84
C GLY T 307 43.39 26.58 -8.81
N THR T 308 43.66 26.18 -10.05
CA THR T 308 42.58 26.05 -11.03
C THR T 308 41.54 25.04 -10.56
N MET T 309 42.00 23.93 -9.98
CA MET T 309 41.10 22.89 -9.48
C MET T 309 40.33 23.38 -8.27
N ALA T 310 41.03 24.00 -7.31
CA ALA T 310 40.35 24.53 -6.13
C ALA T 310 39.34 25.59 -6.51
N ALA T 311 39.68 26.42 -7.50
CA ALA T 311 38.72 27.43 -7.93
C ALA T 311 37.48 26.79 -8.53
N THR T 312 37.66 25.71 -9.30
CA THR T 312 36.51 24.97 -9.81
C THR T 312 35.67 24.43 -8.67
N MET T 313 36.30 23.87 -7.64
CA MET T 313 35.52 23.30 -6.56
C MET T 313 34.76 24.40 -5.81
N VAL T 314 35.39 25.57 -5.65
CA VAL T 314 34.76 26.64 -4.91
C VAL T 314 33.62 27.26 -5.70
N ASN T 315 33.84 27.50 -7.00
CA ASN T 315 32.85 28.23 -7.78
C ASN T 315 31.72 27.32 -8.26
N CYS T 316 32.04 26.21 -8.91
CA CYS T 316 30.99 25.25 -9.25
C CYS T 316 30.33 24.66 -8.02
N GLY T 317 31.11 24.49 -6.95
CA GLY T 317 30.52 24.02 -5.70
C GLY T 317 29.51 24.98 -5.13
N ALA T 318 29.78 26.28 -5.19
CA ALA T 318 28.81 27.26 -4.72
C ALA T 318 27.56 27.26 -5.60
N LEU T 319 27.77 27.23 -6.92
CA LEU T 319 26.65 27.16 -7.87
C LEU T 319 25.92 25.84 -7.81
N ARG T 320 26.58 24.80 -7.30
CA ARG T 320 26.12 23.41 -7.46
C ARG T 320 25.71 23.17 -8.91
N GLY T 321 26.53 23.65 -9.84
CA GLY T 321 26.26 23.49 -11.26
C GLY T 321 27.54 23.40 -12.05
N ALA T 322 27.52 22.58 -13.09
CA ALA T 322 28.74 22.29 -13.82
C ALA T 322 29.19 23.41 -14.74
N GLN T 323 28.26 24.27 -15.20
CA GLN T 323 28.58 25.13 -16.35
C GLN T 323 29.67 26.13 -16.03
N ALA T 324 29.79 26.55 -14.78
CA ALA T 324 30.77 27.57 -14.42
C ALA T 324 32.22 27.09 -14.53
N VAL T 325 32.46 25.81 -14.82
CA VAL T 325 33.84 25.35 -14.91
C VAL T 325 34.57 26.06 -16.05
N SER T 326 33.85 26.35 -17.17
CA SER T 326 34.51 26.99 -18.30
C SER T 326 34.99 28.39 -17.94
N SER T 327 34.16 29.18 -17.28
CA SER T 327 34.62 30.52 -16.91
C SER T 327 35.64 30.45 -15.77
N THR T 328 35.53 29.46 -14.89
CA THR T 328 36.50 29.35 -13.80
C THR T 328 37.90 29.15 -14.35
N LEU T 329 38.06 28.19 -15.27
CA LEU T 329 39.37 27.90 -15.83
C LEU T 329 39.92 29.11 -16.55
N LEU T 330 39.05 29.84 -17.26
CA LEU T 330 39.47 31.02 -17.99
C LEU T 330 39.93 32.10 -17.03
N TYR T 331 39.06 32.48 -16.07
CA TYR T 331 39.32 33.69 -15.27
C TYR T 331 40.29 33.44 -14.13
N PHE T 332 40.37 32.21 -13.64
CA PHE T 332 41.43 31.93 -12.67
C PHE T 332 42.79 32.23 -13.30
N ASN T 333 42.99 31.77 -14.53
CA ASN T 333 44.31 31.89 -15.12
C ASN T 333 44.55 33.28 -15.72
N ASP T 334 43.54 33.86 -16.36
CA ASP T 334 43.68 35.24 -16.83
C ASP T 334 44.05 36.15 -15.65
N MET T 335 43.32 36.04 -14.55
CA MET T 335 43.55 36.97 -13.41
C MET T 335 44.86 36.63 -12.68
N ILE T 336 45.27 35.38 -12.61
CA ILE T 336 46.53 35.12 -11.93
C ILE T 336 47.70 35.72 -12.71
N GLU T 337 47.60 35.75 -14.04
CA GLU T 337 48.60 36.43 -14.85
C GLU T 337 48.60 37.93 -14.60
N LYS T 338 47.42 38.56 -14.58
CA LYS T 338 47.37 40.00 -14.28
C LYS T 338 47.87 40.31 -12.87
N GLU T 339 47.67 39.40 -11.93
CA GLU T 339 48.13 39.59 -10.56
C GLU T 339 49.65 39.51 -10.42
N THR T 340 50.34 38.79 -11.31
CA THR T 340 51.75 38.46 -11.11
C THR T 340 52.66 38.78 -12.27
N SER T 341 52.13 38.94 -13.48
CA SER T 341 52.93 38.99 -14.70
C SER T 341 53.72 37.70 -14.94
N LEU T 342 53.30 36.62 -14.30
CA LEU T 342 53.77 35.29 -14.65
C LEU T 342 52.71 34.56 -15.45
N PRO T 343 53.11 33.69 -16.37
CA PRO T 343 52.11 32.96 -17.16
C PRO T 343 51.32 31.99 -16.29
N GLY T 344 50.06 31.78 -16.68
CA GLY T 344 49.18 30.89 -15.95
C GLY T 344 49.34 29.42 -16.33
N CYS T 345 48.37 28.62 -15.90
CA CYS T 345 48.52 27.18 -15.96
C CYS T 345 48.67 26.72 -17.40
N ASP T 346 49.68 25.88 -17.62
CA ASP T 346 49.98 25.34 -18.94
C ASP T 346 50.28 26.47 -19.92
N TRP T 347 50.80 27.57 -19.38
CA TRP T 347 51.34 28.70 -20.14
C TRP T 347 50.33 29.31 -21.08
N GLY T 348 49.06 29.29 -20.65
CA GLY T 348 47.97 29.86 -21.43
C GLY T 348 47.08 28.81 -22.05
N ARG T 349 47.45 27.55 -21.98
CA ARG T 349 46.68 26.52 -22.66
C ARG T 349 45.47 26.07 -21.86
N VAL T 350 45.48 26.18 -20.53
CA VAL T 350 44.22 26.00 -19.81
C VAL T 350 43.28 27.16 -20.10
N GLU T 351 43.80 28.40 -20.09
CA GLU T 351 42.97 29.56 -20.41
C GLU T 351 42.38 29.46 -21.82
N GLY T 352 43.21 29.11 -22.81
CA GLY T 352 42.73 28.96 -24.18
C GLY T 352 41.70 27.86 -24.31
N THR T 353 41.99 26.70 -23.72
CA THR T 353 40.99 25.64 -23.70
C THR T 353 39.69 26.16 -23.16
N ALA T 354 39.77 26.92 -22.05
CA ALA T 354 38.57 27.44 -21.41
C ALA T 354 37.85 28.46 -22.27
N VAL T 355 38.57 29.24 -23.08
CA VAL T 355 37.89 30.19 -23.98
C VAL T 355 37.01 29.42 -24.96
N GLY T 356 37.59 28.45 -25.66
CA GLY T 356 36.81 27.70 -26.62
C GLY T 356 35.72 26.86 -25.96
N PHE T 357 36.03 26.31 -24.78
CA PHE T 357 35.08 25.48 -24.05
C PHE T 357 33.90 26.32 -23.56
N SER T 358 34.16 27.55 -23.10
CA SER T 358 33.07 28.46 -22.78
C SER T 358 32.18 28.68 -23.99
N PHE T 359 32.78 29.05 -25.11
CA PHE T 359 32.04 29.28 -26.35
C PHE T 359 31.20 28.07 -26.72
N PHE T 360 31.80 26.89 -26.70
CA PHE T 360 31.13 25.67 -27.16
C PHE T 360 30.25 25.02 -26.07
N SER T 361 30.08 25.69 -24.93
CA SER T 361 29.06 25.32 -23.95
C SER T 361 28.04 26.43 -23.74
N HIS T 362 28.01 27.43 -24.63
CA HIS T 362 27.06 28.53 -24.51
C HIS T 362 26.63 29.05 -25.88
N SER T 363 26.81 28.30 -26.96
CA SER T 363 26.52 28.79 -28.30
C SER T 363 25.78 27.75 -29.13
N ILE T 364 25.46 28.11 -30.38
CA ILE T 364 24.73 27.19 -31.26
C ILE T 364 25.61 26.16 -31.97
N TYR T 365 26.95 26.31 -31.90
CA TYR T 365 27.80 25.72 -32.94
C TYR T 365 28.19 24.28 -32.68
N GLY T 366 28.07 23.79 -31.46
CA GLY T 366 28.53 22.46 -31.16
C GLY T 366 28.70 22.33 -29.65
N GLY T 367 29.56 21.38 -29.27
CA GLY T 367 29.86 21.16 -27.87
C GLY T 367 28.62 20.64 -27.16
N GLY T 368 28.25 21.30 -26.09
CA GLY T 368 27.16 20.89 -25.23
C GLY T 368 27.45 21.34 -23.81
N GLY T 369 26.80 20.70 -22.85
CA GLY T 369 27.12 20.91 -21.46
C GLY T 369 28.43 20.24 -21.11
N PRO T 370 29.00 20.54 -19.93
CA PRO T 370 30.35 20.03 -19.60
C PRO T 370 30.48 18.51 -19.65
N GLY T 371 29.40 17.77 -19.39
CA GLY T 371 29.48 16.32 -19.33
C GLY T 371 29.84 15.66 -20.64
N VAL T 372 29.66 16.34 -21.78
CA VAL T 372 29.92 15.71 -23.07
C VAL T 372 31.38 15.84 -23.51
N PHE T 373 32.19 16.59 -22.80
CA PHE T 373 33.56 16.85 -23.22
C PHE T 373 34.50 15.76 -22.69
N ASN T 374 35.73 15.79 -23.20
CA ASN T 374 36.74 14.81 -22.82
C ASN T 374 38.07 15.29 -23.39
N GLY T 375 39.14 14.62 -22.98
CA GLY T 375 40.49 14.98 -23.39
C GLY T 375 40.76 14.78 -24.87
N ASN T 376 39.91 14.05 -25.56
CA ASN T 376 40.03 13.85 -27.01
C ASN T 376 39.08 14.75 -27.81
N HIS T 377 38.26 15.55 -27.13
CA HIS T 377 37.31 16.40 -27.82
C HIS T 377 38.08 17.55 -28.44
N VAL T 378 37.76 17.88 -29.69
CA VAL T 378 38.47 18.97 -30.38
C VAL T 378 38.48 20.25 -29.54
N VAL T 379 37.44 20.47 -28.74
CA VAL T 379 37.36 21.71 -27.97
C VAL T 379 38.29 21.69 -26.77
N THR T 380 38.36 20.56 -26.07
CA THR T 380 38.99 20.49 -24.76
C THR T 380 40.29 19.67 -24.73
N ARG T 381 40.90 19.42 -25.88
CA ARG T 381 42.10 18.57 -25.92
C ARG T 381 43.41 19.33 -25.66
N HIS T 382 43.40 20.65 -25.63
CA HIS T 382 44.63 21.41 -25.87
C HIS T 382 45.58 21.51 -24.69
N SER T 383 45.08 21.46 -23.47
CA SER T 383 45.98 21.35 -22.33
C SER T 383 46.39 19.89 -22.14
N THR T 384 47.63 19.68 -21.69
CA THR T 384 48.14 18.32 -21.45
C THR T 384 47.71 17.87 -20.06
N GLY T 385 46.39 17.70 -19.90
CA GLY T 385 45.81 17.02 -18.75
C GLY T 385 45.35 17.92 -17.62
N MET T 386 45.45 19.23 -17.77
CA MET T 386 45.26 20.17 -16.66
C MET T 386 43.90 20.86 -16.71
N ALA T 387 43.06 20.54 -17.70
CA ALA T 387 41.72 21.11 -17.78
C ALA T 387 40.62 20.10 -17.54
N ILE T 388 40.68 18.94 -18.19
CA ILE T 388 39.58 17.97 -18.09
C ILE T 388 39.31 17.50 -16.66
N PRO T 389 40.32 17.28 -15.81
CA PRO T 389 39.98 16.90 -14.42
C PRO T 389 39.04 17.88 -13.74
N CYS T 390 39.23 19.17 -14.02
CA CYS T 390 38.32 20.19 -13.46
C CYS T 390 36.93 20.06 -14.06
N VAL T 391 36.85 19.75 -15.36
CA VAL T 391 35.54 19.58 -15.99
C VAL T 391 34.80 18.42 -15.36
N ALA T 392 35.49 17.31 -15.14
CA ALA T 392 34.85 16.15 -14.53
C ALA T 392 34.39 16.45 -13.11
N VAL T 393 35.22 17.17 -12.34
CA VAL T 393 34.86 17.58 -10.98
C VAL T 393 33.59 18.43 -11.02
N ALA T 394 33.52 19.39 -11.95
CA ALA T 394 32.36 20.26 -12.04
C ALA T 394 31.10 19.46 -12.35
N VAL T 395 31.20 18.50 -13.28
CA VAL T 395 30.08 17.61 -13.58
C VAL T 395 29.64 16.85 -12.34
N ALA T 396 30.60 16.45 -11.50
CA ALA T 396 30.27 15.70 -10.29
C ALA T 396 29.55 16.58 -9.25
N LEU T 397 29.92 17.86 -9.17
CA LEU T 397 29.33 18.76 -8.17
C LEU T 397 27.94 19.27 -8.55
N ASP T 398 27.52 19.06 -9.80
CA ASP T 398 26.24 19.56 -10.27
C ASP T 398 25.12 18.85 -9.54
N ALA T 399 24.15 19.63 -9.07
CA ALA T 399 23.04 19.12 -8.28
C ALA T 399 21.78 18.86 -9.11
N GLY T 400 21.82 19.13 -10.42
CA GLY T 400 20.70 18.82 -11.29
C GLY T 400 20.33 19.90 -12.27
N THR T 401 21.31 20.63 -12.82
CA THR T 401 21.02 21.69 -13.79
C THR T 401 21.16 21.24 -15.23
N GLN T 402 21.71 20.05 -15.47
CA GLN T 402 22.11 19.64 -16.82
C GLN T 402 21.04 18.76 -17.46
N MET T 403 20.91 18.88 -18.79
CA MET T 403 20.05 17.96 -19.51
C MET T 403 20.75 16.64 -19.80
N PHE T 404 22.02 16.70 -20.18
CA PHE T 404 22.82 15.51 -20.52
C PHE T 404 23.73 15.24 -19.35
N SER T 405 23.15 14.59 -18.35
CA SER T 405 23.73 14.41 -17.03
C SER T 405 24.37 13.04 -16.90
N PRO T 406 25.14 12.82 -15.83
CA PRO T 406 25.69 11.47 -15.61
C PRO T 406 24.62 10.39 -15.51
N GLU T 407 23.51 10.70 -14.83
CA GLU T 407 22.46 9.72 -14.66
C GLU T 407 21.72 9.44 -15.96
N SER T 408 21.75 10.37 -16.92
CA SER T 408 21.01 10.16 -18.17
C SER T 408 21.87 9.62 -19.30
N THR T 409 23.19 9.76 -19.24
CA THR T 409 24.10 9.26 -20.27
C THR T 409 24.99 8.12 -19.83
N SER T 410 25.14 7.87 -18.54
CA SER T 410 26.23 7.04 -18.04
C SER T 410 25.77 6.15 -16.90
N ALA T 411 24.48 5.83 -16.81
CA ALA T 411 23.99 5.12 -15.64
C ALA T 411 24.69 3.78 -15.46
N ILE T 412 24.93 3.06 -16.56
CA ILE T 412 25.56 1.75 -16.47
C ILE T 412 27.00 1.84 -16.01
N VAL T 413 27.66 2.98 -16.25
CA VAL T 413 29.04 3.12 -15.78
C VAL T 413 29.08 3.14 -14.26
N LEU T 414 28.10 3.79 -13.64
CA LEU T 414 28.02 3.78 -12.18
C LEU T 414 27.90 2.36 -11.65
N ASP T 415 26.92 1.60 -12.16
CA ASP T 415 26.73 0.24 -11.67
C ASP T 415 27.95 -0.64 -11.90
N THR T 416 28.66 -0.42 -13.01
CA THR T 416 29.76 -1.30 -13.39
C THR T 416 30.98 -1.08 -12.50
N PHE T 417 31.24 0.15 -12.08
CA PHE T 417 32.48 0.46 -11.39
C PHE T 417 32.28 0.78 -9.92
N GLN T 418 31.04 0.69 -9.44
CA GLN T 418 30.71 1.09 -8.07
C GLN T 418 31.52 0.30 -7.04
N ASP T 419 31.88 -0.95 -7.37
CA ASP T 419 32.57 -1.84 -6.43
C ASP T 419 34.02 -2.09 -6.82
N VAL T 420 34.57 -1.30 -7.73
CA VAL T 420 35.93 -1.50 -8.23
C VAL T 420 36.86 -0.67 -7.34
N PRO T 421 37.74 -1.31 -6.55
CA PRO T 421 38.52 -0.56 -5.56
C PRO T 421 39.27 0.63 -6.10
N ILE T 422 39.85 0.53 -7.30
CA ILE T 422 40.69 1.61 -7.78
C ILE T 422 39.87 2.86 -8.01
N MET T 423 38.57 2.70 -8.30
CA MET T 423 37.68 3.82 -8.51
C MET T 423 37.02 4.30 -7.22
N MET T 424 36.88 3.38 -6.24
CA MET T 424 36.29 3.75 -4.95
C MET T 424 37.21 4.64 -4.13
N ASN T 425 38.53 4.39 -4.20
CA ASN T 425 39.48 5.10 -3.35
C ASN T 425 40.80 5.26 -4.10
N PRO T 426 40.78 5.97 -5.22
CA PRO T 426 42.02 6.14 -5.99
C PRO T 426 43.18 6.67 -5.20
N LEU T 427 42.96 7.67 -4.36
CA LEU T 427 44.07 8.29 -3.63
C LEU T 427 44.69 7.31 -2.64
N LYS T 428 43.86 6.52 -1.97
CA LYS T 428 44.39 5.56 -1.03
C LYS T 428 45.14 4.45 -1.74
N GLU T 429 44.65 4.06 -2.94
CA GLU T 429 45.32 3.00 -3.68
C GLU T 429 46.64 3.48 -4.26
N VAL T 430 46.68 4.70 -4.79
CA VAL T 430 47.95 5.21 -5.30
C VAL T 430 48.99 5.26 -4.18
N ALA T 431 48.61 5.75 -3.00
CA ALA T 431 49.57 5.85 -1.90
C ALA T 431 49.99 4.47 -1.40
N ALA T 432 49.04 3.54 -1.28
CA ALA T 432 49.36 2.20 -0.82
C ALA T 432 50.31 1.48 -1.76
N ALA T 433 50.28 1.83 -3.05
CA ALA T 433 51.13 1.19 -4.04
C ALA T 433 52.58 1.69 -4.00
N VAL T 434 52.84 2.80 -3.32
CA VAL T 434 54.20 3.33 -3.22
C VAL T 434 55.02 2.34 -2.39
N ALA U 2 47.38 37.56 5.26
CA ALA U 2 47.07 37.01 3.95
C ALA U 2 47.69 37.85 2.84
N TYR U 3 47.71 37.27 1.64
CA TYR U 3 48.27 37.95 0.48
C TYR U 3 47.45 39.22 0.20
N THR U 4 48.17 40.29 -0.13
CA THR U 4 47.52 41.57 -0.50
C THR U 4 47.51 41.69 -2.02
N PRO U 5 46.32 41.66 -2.66
CA PRO U 5 46.23 41.72 -4.11
C PRO U 5 46.60 43.08 -4.71
N GLN U 6 47.23 43.09 -5.90
CA GLN U 6 47.54 44.35 -6.63
C GLN U 6 46.63 44.42 -7.87
N TYR U 7 46.12 43.27 -8.35
CA TYR U 7 45.14 43.21 -9.43
C TYR U 7 45.64 43.49 -10.83
N TYR U 8 46.30 44.63 -11.05
CA TYR U 8 46.55 45.06 -12.44
C TYR U 8 47.55 46.20 -12.45
N PRO U 9 48.44 46.26 -13.44
CA PRO U 9 49.42 47.35 -13.50
C PRO U 9 48.79 48.63 -14.04
N GLY U 10 49.63 49.65 -14.21
CA GLY U 10 49.15 50.89 -14.78
C GLY U 10 48.98 51.99 -13.75
N SER U 11 49.30 53.22 -14.16
CA SER U 11 49.25 54.35 -13.27
C SER U 11 48.22 55.40 -13.63
N SER U 12 47.57 55.31 -14.80
CA SER U 12 46.61 56.33 -15.18
C SER U 12 45.30 56.15 -14.42
N HIS U 13 44.43 57.15 -14.52
CA HIS U 13 43.14 57.01 -13.84
C HIS U 13 42.30 55.87 -14.42
N VAL U 14 42.55 55.49 -15.69
CA VAL U 14 41.86 54.34 -16.27
C VAL U 14 42.29 53.06 -15.58
N ALA U 15 43.59 52.91 -15.31
CA ALA U 15 44.07 51.75 -14.58
C ALA U 15 43.50 51.72 -13.17
N VAL U 16 43.44 52.88 -12.53
CA VAL U 16 42.81 52.99 -11.22
C VAL U 16 41.37 52.49 -11.29
N ASN U 17 40.62 52.92 -12.30
CA ASN U 17 39.25 52.45 -12.47
C ASN U 17 39.20 50.95 -12.68
N ARG U 18 40.14 50.42 -13.46
CA ARG U 18 40.15 48.97 -13.69
C ARG U 18 40.32 48.25 -12.37
N ARG U 19 41.22 48.73 -11.51
CA ARG U 19 41.41 48.11 -10.20
C ARG U 19 40.18 48.29 -9.32
N LYS U 20 39.45 49.39 -9.48
CA LYS U 20 38.19 49.55 -8.77
C LYS U 20 37.19 48.46 -9.17
N HIS U 21 37.07 48.21 -10.48
CA HIS U 21 36.13 47.18 -10.94
C HIS U 21 36.55 45.80 -10.45
N MET U 22 37.84 45.48 -10.53
CA MET U 22 38.30 44.18 -10.05
C MET U 22 38.07 44.00 -8.57
N SER U 23 38.39 45.02 -7.77
CA SER U 23 38.33 44.92 -6.33
C SER U 23 36.93 45.08 -5.78
N GLY U 24 35.96 45.42 -6.63
CA GLY U 24 34.60 45.62 -6.20
C GLY U 24 34.32 46.96 -5.59
N ASP U 25 35.29 47.87 -5.57
CA ASP U 25 35.12 49.18 -4.95
C ASP U 25 34.53 50.16 -5.96
N VAL U 26 33.26 49.95 -6.28
CA VAL U 26 32.55 50.73 -7.29
C VAL U 26 31.44 51.51 -6.61
N GLU U 27 31.41 52.82 -6.87
CA GLU U 27 30.47 53.71 -6.21
C GLU U 27 29.06 53.44 -6.68
N LYS U 28 28.12 53.44 -5.73
CA LYS U 28 26.72 53.34 -6.07
C LYS U 28 26.21 54.71 -6.52
N LEU U 29 25.62 54.77 -7.71
CA LEU U 29 25.18 56.02 -8.32
C LEU U 29 23.68 56.16 -8.47
N ARG U 30 22.93 55.06 -8.41
CA ARG U 30 21.50 55.11 -8.65
C ARG U 30 20.84 53.94 -7.95
N THR U 31 19.52 53.99 -7.88
CA THR U 31 18.72 52.92 -7.30
C THR U 31 17.75 52.38 -8.34
N VAL U 32 17.71 51.05 -8.47
CA VAL U 32 16.73 50.36 -9.30
C VAL U 32 15.95 49.42 -8.39
N SER U 33 14.62 49.51 -8.43
CA SER U 33 13.81 48.70 -7.55
C SER U 33 13.82 47.23 -7.98
N ASP U 34 13.56 46.34 -7.02
CA ASP U 34 13.52 44.92 -7.31
C ASP U 34 12.54 44.62 -8.44
N ASP U 35 11.34 45.17 -8.34
CA ASP U 35 10.31 44.89 -9.34
C ASP U 35 10.73 45.41 -10.71
N ASP U 36 11.35 46.60 -10.76
CA ASP U 36 11.78 47.15 -12.04
C ASP U 36 12.88 46.28 -12.66
N LEU U 37 13.83 45.84 -11.84
CA LEU U 37 14.92 45.02 -12.35
C LEU U 37 14.40 43.66 -12.82
N VAL U 38 13.51 43.04 -12.04
CA VAL U 38 12.96 41.73 -12.43
C VAL U 38 12.18 41.85 -13.73
N ALA U 39 11.41 42.93 -13.88
CA ALA U 39 10.70 43.14 -15.14
C ALA U 39 11.67 43.27 -16.31
N ALA U 40 12.80 43.96 -16.07
CA ALA U 40 13.77 44.19 -17.14
C ALA U 40 14.49 42.92 -17.54
N LEU U 41 14.77 42.04 -16.56
CA LEU U 41 15.49 40.81 -16.86
C LEU U 41 14.60 39.77 -17.55
N GLY U 42 13.30 39.80 -17.27
CA GLY U 42 12.33 39.08 -18.07
C GLY U 42 12.22 37.58 -17.85
N HIS U 43 12.67 37.07 -16.70
CA HIS U 43 12.63 35.64 -16.46
C HIS U 43 11.40 35.19 -15.66
N ARG U 44 10.76 36.11 -14.96
CA ARG U 44 9.57 35.81 -14.16
C ARG U 44 8.86 37.13 -13.89
N ALA U 45 7.59 37.03 -13.54
CA ALA U 45 6.84 38.24 -13.24
C ALA U 45 7.31 38.82 -11.92
N PRO U 46 7.40 40.14 -11.79
CA PRO U 46 7.76 40.72 -10.49
C PRO U 46 6.87 40.15 -9.39
N GLY U 47 7.50 39.80 -8.26
CA GLY U 47 6.80 39.24 -7.14
C GLY U 47 6.49 37.77 -7.23
N ALA U 48 6.69 37.14 -8.39
CA ALA U 48 6.40 35.73 -8.53
C ALA U 48 7.47 34.88 -7.85
N ASP U 49 7.07 33.71 -7.36
CA ASP U 49 8.05 32.78 -6.83
C ASP U 49 9.10 32.43 -7.88
N TYR U 50 10.31 32.16 -7.41
CA TYR U 50 11.36 31.69 -8.30
C TYR U 50 11.01 30.29 -8.78
N PRO U 51 10.88 30.05 -10.09
CA PRO U 51 10.77 28.67 -10.56
C PRO U 51 12.03 27.92 -10.19
N SER U 52 11.95 26.60 -10.23
CA SER U 52 13.06 25.75 -9.89
C SER U 52 13.40 24.85 -11.07
N THR U 53 14.67 24.48 -11.17
CA THR U 53 15.09 23.44 -12.11
C THR U 53 15.32 22.11 -11.42
N HIS U 54 15.55 22.10 -10.12
CA HIS U 54 15.64 20.86 -9.37
C HIS U 54 15.22 21.14 -7.94
N PRO U 55 14.92 20.11 -7.16
CA PRO U 55 14.41 20.31 -5.80
C PRO U 55 15.45 20.99 -4.93
N PRO U 56 15.04 21.60 -3.82
CA PRO U 56 16.02 22.19 -2.90
C PRO U 56 16.98 21.12 -2.38
N LEU U 57 18.23 21.52 -2.14
CA LEU U 57 19.23 20.55 -1.73
C LEU U 57 18.82 19.85 -0.44
N ALA U 58 18.19 20.60 0.47
CA ALA U 58 17.78 20.02 1.73
C ALA U 58 16.68 18.98 1.56
N GLU U 59 15.91 19.04 0.48
CA GLU U 59 14.81 18.09 0.31
C GLU U 59 15.25 16.81 -0.38
N MET U 60 16.22 16.86 -1.29
CA MET U 60 16.68 15.67 -1.99
C MET U 60 17.95 15.08 -1.41
N GLY U 61 18.69 15.83 -0.61
CA GLY U 61 19.98 15.37 -0.16
C GLY U 61 21.00 15.38 -1.28
N GLU U 62 22.25 15.08 -0.97
CA GLU U 62 23.34 15.16 -1.92
C GLU U 62 24.24 13.94 -1.79
N PRO U 63 25.04 13.65 -2.82
CA PRO U 63 26.03 12.57 -2.70
C PRO U 63 27.00 12.85 -1.57
N ASP U 64 27.57 11.77 -1.04
CA ASP U 64 28.59 11.89 0.00
C ASP U 64 29.88 12.38 -0.61
N CYS U 65 30.05 13.69 -0.73
CA CYS U 65 31.23 14.27 -1.37
C CYS U 65 31.93 15.22 -0.41
N PRO U 66 33.24 15.03 -0.16
CA PRO U 66 33.93 15.96 0.76
C PRO U 66 33.96 17.41 0.28
N VAL U 67 33.91 17.65 -1.03
CA VAL U 67 33.89 19.02 -1.53
C VAL U 67 32.54 19.67 -1.27
N ARG U 68 31.45 18.96 -1.60
CA ARG U 68 30.13 19.47 -1.28
C ARG U 68 30.01 19.76 0.21
N GLN U 69 30.63 18.94 1.04
CA GLN U 69 30.48 19.10 2.47
C GLN U 69 31.29 20.28 3.03
N MET U 70 32.15 20.92 2.24
CA MET U 70 32.86 22.09 2.72
C MET U 70 32.72 23.33 1.85
N VAL U 71 31.96 23.27 0.75
CA VAL U 71 31.67 24.44 -0.06
C VAL U 71 30.20 24.80 0.14
N GLU U 72 29.96 26.00 0.64
CA GLU U 72 28.59 26.40 0.92
C GLU U 72 27.87 26.75 -0.36
N PRO U 73 26.70 26.18 -0.62
CA PRO U 73 25.91 26.58 -1.80
C PRO U 73 25.41 28.00 -1.63
N THR U 74 25.36 28.73 -2.74
CA THR U 74 24.71 30.04 -2.74
C THR U 74 23.23 29.86 -2.37
N PRO U 75 22.55 30.96 -1.99
CA PRO U 75 21.12 30.84 -1.67
C PRO U 75 20.30 30.30 -2.83
N GLY U 76 20.64 30.68 -4.06
CA GLY U 76 19.90 30.18 -5.21
C GLY U 76 20.15 28.71 -5.49
N ALA U 77 21.38 28.25 -5.23
CA ALA U 77 21.68 26.83 -5.40
C ALA U 77 20.94 25.99 -4.36
N ALA U 78 20.96 26.44 -3.11
CA ALA U 78 20.25 25.72 -2.06
C ALA U 78 18.78 25.59 -2.40
N ALA U 79 18.20 26.59 -3.05
CA ALA U 79 16.78 26.57 -3.38
C ALA U 79 16.47 25.82 -4.66
N GLY U 80 17.47 25.58 -5.50
CA GLY U 80 17.23 24.92 -6.76
C GLY U 80 16.75 25.83 -7.87
N ASP U 81 17.06 27.12 -7.81
CA ASP U 81 16.63 28.05 -8.84
C ASP U 81 17.15 27.62 -10.22
N ARG U 82 16.46 28.08 -11.27
CA ARG U 82 16.99 27.97 -12.61
C ARG U 82 18.26 28.80 -12.69
N VAL U 83 19.14 28.43 -13.61
CA VAL U 83 20.25 29.28 -13.97
C VAL U 83 19.72 30.27 -15.00
N ARG U 84 19.71 31.56 -14.66
CA ARG U 84 19.31 32.61 -15.60
C ARG U 84 20.48 33.59 -15.73
N TYR U 85 20.26 34.73 -16.39
CA TYR U 85 21.39 35.56 -16.78
C TYR U 85 21.02 37.03 -16.82
N SER U 86 22.04 37.87 -16.72
CA SER U 86 21.98 39.25 -17.18
C SER U 86 23.05 39.46 -18.24
N GLN U 87 22.78 40.33 -19.20
CA GLN U 87 23.75 40.57 -20.27
C GLN U 87 23.79 42.06 -20.61
N PHE U 88 24.99 42.62 -20.66
CA PHE U 88 25.17 44.05 -20.89
C PHE U 88 26.04 44.27 -22.12
N THR U 89 25.75 45.33 -22.85
CA THR U 89 26.55 45.84 -23.95
C THR U 89 27.05 47.21 -23.52
N ASP U 90 28.32 47.53 -23.81
CA ASP U 90 28.92 48.78 -23.38
C ASP U 90 29.56 49.47 -24.58
N SER U 91 29.30 50.76 -24.74
CA SER U 91 29.86 51.50 -25.87
C SER U 91 31.36 51.66 -25.74
N MET U 92 32.07 51.60 -26.89
CA MET U 92 33.51 51.90 -26.90
C MET U 92 33.77 53.41 -26.83
N TYR U 93 32.73 54.24 -26.88
CA TYR U 93 32.87 55.68 -26.66
C TYR U 93 32.81 55.98 -25.16
N SER U 94 33.81 55.41 -24.47
CA SER U 94 34.10 55.72 -23.08
C SER U 94 33.01 55.28 -22.11
N ALA U 95 32.32 54.18 -22.38
CA ALA U 95 31.45 53.62 -21.36
C ALA U 95 32.29 53.31 -20.12
N PRO U 96 31.69 53.37 -18.93
CA PRO U 96 32.45 52.99 -17.72
C PRO U 96 33.07 51.61 -17.81
N SER U 97 32.34 50.62 -18.29
CA SER U 97 32.77 49.24 -18.24
C SER U 97 33.27 48.79 -19.61
N ILE U 98 34.21 47.83 -19.58
CA ILE U 98 34.66 47.09 -20.77
C ILE U 98 34.44 45.62 -20.44
N PRO U 99 34.20 44.77 -21.44
CA PRO U 99 33.69 43.42 -21.14
C PRO U 99 34.57 42.57 -20.21
N TYR U 100 35.89 42.52 -20.40
CA TYR U 100 36.71 41.64 -19.55
C TYR U 100 36.61 42.08 -18.09
N PHE U 101 36.54 43.38 -17.84
CA PHE U 101 36.55 43.84 -16.45
C PHE U 101 35.20 43.67 -15.77
N ARG U 102 34.12 43.60 -16.55
CA ARG U 102 32.87 43.14 -15.96
C ARG U 102 33.02 41.70 -15.49
N SER U 103 33.70 40.87 -16.29
CA SER U 103 33.85 39.47 -15.91
C SER U 103 34.75 39.34 -14.69
N TYR U 104 35.82 40.16 -14.60
CA TYR U 104 36.68 40.08 -13.41
C TYR U 104 35.92 40.54 -12.18
N TYR U 105 35.08 41.56 -12.32
CA TYR U 105 34.27 42.03 -11.22
C TYR U 105 33.38 40.91 -10.69
N ALA U 106 32.73 40.18 -11.61
CA ALA U 106 31.89 39.05 -11.21
C ALA U 106 32.73 37.96 -10.54
N ALA U 107 33.84 37.59 -11.16
CA ALA U 107 34.63 36.44 -10.74
C ALA U 107 35.36 36.68 -9.42
N ILE U 108 35.72 37.94 -9.14
CA ILE U 108 36.43 38.24 -7.91
C ILE U 108 35.46 38.40 -6.77
N ASN U 109 34.30 39.00 -7.02
CA ASN U 109 33.48 39.53 -5.94
C ASN U 109 32.18 38.78 -5.69
N PHE U 110 31.86 37.76 -6.48
CA PHE U 110 30.59 37.05 -6.35
C PHE U 110 30.84 35.56 -6.44
N ARG U 111 30.07 34.80 -5.66
CA ARG U 111 30.20 33.36 -5.58
C ARG U 111 29.27 32.68 -6.57
N GLY U 112 29.72 31.56 -7.12
CA GLY U 112 28.89 30.70 -7.94
C GLY U 112 28.39 31.36 -9.21
N VAL U 113 29.28 32.01 -9.94
CA VAL U 113 28.91 32.80 -11.12
C VAL U 113 29.64 32.26 -12.35
N ASP U 114 29.02 32.45 -13.53
CA ASP U 114 29.53 31.94 -14.81
C ASP U 114 29.59 33.12 -15.78
N PRO U 115 30.61 33.96 -15.67
CA PRO U 115 30.70 35.12 -16.57
C PRO U 115 31.28 34.73 -17.91
N GLY U 116 30.83 35.45 -18.94
CA GLY U 116 31.39 35.28 -20.28
C GLY U 116 31.64 36.61 -20.94
N THR U 117 32.79 36.74 -21.60
CA THR U 117 33.22 37.99 -22.21
C THR U 117 33.24 37.86 -23.73
N LEU U 118 32.61 38.82 -24.41
CA LEU U 118 32.60 38.94 -25.87
C LEU U 118 32.80 40.43 -26.19
N SER U 119 32.94 40.76 -27.48
CA SER U 119 33.22 42.15 -27.83
C SER U 119 32.00 43.03 -27.64
N GLY U 120 30.83 42.55 -28.05
CA GLY U 120 29.61 43.34 -28.04
C GLY U 120 28.59 42.95 -27.00
N ARG U 121 28.95 42.07 -26.07
CA ARG U 121 28.08 41.55 -25.04
C ARG U 121 28.96 40.95 -23.95
N GLN U 122 28.48 41.05 -22.72
CA GLN U 122 29.11 40.39 -21.59
C GLN U 122 27.97 39.82 -20.77
N ILE U 123 28.10 38.57 -20.35
CA ILE U 123 27.01 37.82 -19.73
C ILE U 123 27.46 37.31 -18.37
N VAL U 124 26.54 37.29 -17.42
CA VAL U 124 26.73 36.61 -16.16
C VAL U 124 25.55 35.65 -16.00
N GLU U 125 25.83 34.35 -16.02
CA GLU U 125 24.85 33.33 -15.65
C GLU U 125 25.07 32.92 -14.20
N ALA U 126 23.99 32.69 -13.47
CA ALA U 126 24.04 32.22 -12.09
C ALA U 126 22.63 31.81 -11.73
N ARG U 127 22.49 31.13 -10.59
CA ARG U 127 21.17 30.86 -10.06
C ARG U 127 20.38 32.16 -10.00
N GLU U 128 19.08 32.09 -10.34
CA GLU U 128 18.31 33.29 -10.64
C GLU U 128 18.46 34.36 -9.56
N ARG U 129 18.23 34.01 -8.28
CA ARG U 129 18.26 35.04 -7.26
C ARG U 129 19.67 35.59 -7.06
N ASP U 130 20.71 34.75 -7.24
CA ASP U 130 22.08 35.26 -7.15
C ASP U 130 22.39 36.16 -8.33
N MET U 131 21.95 35.78 -9.53
CA MET U 131 22.15 36.59 -10.72
C MET U 131 21.51 37.96 -10.54
N GLU U 132 20.32 37.99 -9.93
CA GLU U 132 19.63 39.26 -9.73
C GLU U 132 20.44 40.17 -8.81
N ALA U 133 20.98 39.60 -7.74
CA ALA U 133 21.77 40.40 -6.80
C ALA U 133 23.03 40.93 -7.47
N GLN U 134 23.67 40.11 -8.31
CA GLN U 134 24.88 40.57 -8.98
C GLN U 134 24.55 41.66 -10.00
N CYS U 135 23.46 41.48 -10.74
CA CYS U 135 23.05 42.47 -11.73
C CYS U 135 22.65 43.77 -11.05
N LYS U 136 21.95 43.68 -9.91
CA LYS U 136 21.61 44.89 -9.18
C LYS U 136 22.85 45.68 -8.81
N ALA U 137 23.87 45.01 -8.29
CA ALA U 137 25.11 45.70 -7.91
C ALA U 137 25.72 46.40 -9.12
N ALA U 138 25.81 45.68 -10.25
CA ALA U 138 26.45 46.27 -11.42
C ALA U 138 25.65 47.46 -11.95
N ILE U 139 24.33 47.31 -12.06
CA ILE U 139 23.51 48.30 -12.76
C ILE U 139 23.33 49.55 -11.91
N GLU U 140 23.42 49.44 -10.58
CA GLU U 140 23.30 50.58 -9.71
C GLU U 140 24.61 51.33 -9.53
N SER U 141 25.72 50.77 -9.98
CA SER U 141 27.05 51.30 -9.72
C SER U 141 27.55 52.17 -10.87
N GLU U 142 28.74 52.74 -10.64
CA GLU U 142 29.44 53.52 -11.66
C GLU U 142 29.91 52.68 -12.82
N MET U 143 29.78 51.35 -12.75
CA MET U 143 30.07 50.53 -13.90
C MET U 143 29.07 50.73 -15.02
N THR U 144 27.96 51.43 -14.76
CA THR U 144 26.86 51.57 -15.71
C THR U 144 26.58 53.04 -15.92
N CYS U 145 26.58 53.45 -17.18
CA CYS U 145 25.84 54.64 -17.61
C CYS U 145 24.69 54.17 -18.47
N PRO U 146 23.45 54.58 -18.19
CA PRO U 146 22.31 53.98 -18.89
C PRO U 146 22.17 54.43 -20.35
N ALA U 147 22.95 55.41 -20.81
CA ALA U 147 23.03 55.71 -22.23
C ALA U 147 24.12 54.92 -22.94
N LEU U 148 25.29 54.77 -22.31
CA LEU U 148 26.44 54.06 -22.94
C LEU U 148 26.38 52.55 -22.66
N ALA U 149 25.44 52.08 -21.85
CA ALA U 149 25.39 50.67 -21.52
C ALA U 149 23.94 50.27 -21.28
N GLY U 150 23.63 49.00 -21.52
CA GLY U 150 22.27 48.55 -21.29
C GLY U 150 22.13 47.05 -21.32
N LEU U 151 21.01 46.59 -20.79
CA LEU U 151 20.67 45.16 -20.79
C LEU U 151 20.25 44.76 -22.20
N ARG U 152 20.97 43.78 -22.77
CA ARG U 152 20.65 43.26 -24.09
C ARG U 152 20.95 41.76 -24.10
N GLY U 153 19.92 40.93 -23.96
CA GLY U 153 20.07 39.48 -24.06
C GLY U 153 20.04 38.93 -25.47
N CYS U 154 19.75 39.80 -26.45
CA CYS U 154 19.84 39.45 -27.86
C CYS U 154 19.92 40.75 -28.64
N THR U 155 20.30 40.62 -29.91
CA THR U 155 20.34 41.76 -30.83
C THR U 155 21.18 42.88 -30.24
N VAL U 156 22.48 42.58 -30.06
CA VAL U 156 23.34 43.38 -29.19
C VAL U 156 24.06 44.49 -29.95
N HIS U 157 24.06 44.44 -31.28
CA HIS U 157 24.75 45.40 -32.14
C HIS U 157 24.69 46.82 -31.58
N GLY U 158 25.87 47.44 -31.48
CA GLY U 158 25.92 48.82 -31.01
C GLY U 158 27.20 49.25 -30.31
N HIS U 159 27.96 48.31 -29.74
CA HIS U 159 29.11 48.72 -28.93
C HIS U 159 30.12 49.51 -29.73
N SER U 160 30.22 49.23 -31.02
CA SER U 160 31.24 49.83 -31.87
C SER U 160 30.70 50.87 -32.82
N LEU U 161 29.44 51.27 -32.67
CA LEU U 161 28.77 52.17 -33.58
C LEU U 161 28.78 53.60 -33.03
N ARG U 162 28.67 54.56 -33.95
CA ARG U 162 28.48 55.94 -33.54
C ARG U 162 27.25 56.04 -32.63
N LEU U 163 27.37 56.85 -31.58
CA LEU U 163 26.22 57.14 -30.73
C LEU U 163 25.15 57.88 -31.54
N ALA U 164 23.91 57.77 -31.09
CA ALA U 164 22.83 58.56 -31.64
C ALA U 164 23.04 60.03 -31.29
N GLU U 165 22.32 60.90 -32.01
CA GLU U 165 22.45 62.33 -31.74
C GLU U 165 22.22 62.66 -30.27
N ASP U 166 21.31 61.94 -29.59
CA ASP U 166 21.01 62.22 -28.19
C ASP U 166 21.93 61.49 -27.23
N GLY U 167 22.98 60.84 -27.73
CA GLY U 167 23.95 60.17 -26.88
C GLY U 167 23.63 58.75 -26.50
N MET U 168 22.48 58.22 -26.89
CA MET U 168 22.16 56.83 -26.60
C MET U 168 22.88 55.91 -27.56
N MET U 169 23.47 54.84 -27.02
CA MET U 169 24.05 53.81 -27.86
C MET U 169 22.98 53.14 -28.72
N PHE U 170 23.31 52.90 -29.99
CA PHE U 170 22.35 52.29 -30.92
C PHE U 170 21.85 50.95 -30.37
N ASP U 171 20.53 50.77 -30.42
CA ASP U 171 19.87 49.50 -30.11
C ASP U 171 18.85 49.24 -31.20
N MET U 172 19.03 48.15 -31.95
CA MET U 172 18.09 47.81 -33.02
C MET U 172 16.65 47.74 -32.52
N LEU U 173 16.48 47.26 -31.28
CA LEU U 173 15.17 47.04 -30.68
C LEU U 173 14.73 48.21 -29.83
N GLN U 174 15.55 49.23 -29.67
CA GLN U 174 15.23 50.42 -28.89
C GLN U 174 14.54 50.07 -27.57
N ARG U 175 15.22 49.25 -26.77
CA ARG U 175 14.68 48.88 -25.46
C ARG U 175 14.70 50.03 -24.46
N THR U 176 15.52 51.04 -24.71
CA THR U 176 15.61 52.24 -23.88
C THR U 176 15.47 53.49 -24.74
N HIS U 177 15.06 54.59 -24.11
CA HIS U 177 15.02 55.88 -24.76
C HIS U 177 14.98 56.96 -23.69
N ILE U 178 15.26 58.19 -24.10
CA ILE U 178 15.30 59.32 -23.17
C ILE U 178 13.94 59.98 -23.08
N GLU U 179 13.47 60.20 -21.85
CA GLU U 179 12.29 61.01 -21.55
C GLU U 179 12.68 62.00 -20.48
N GLY U 180 12.54 63.28 -20.76
CA GLY U 180 12.81 64.30 -19.75
C GLY U 180 14.18 64.20 -19.12
N GLY U 181 15.18 63.83 -19.93
CA GLY U 181 16.54 63.71 -19.45
C GLY U 181 16.89 62.38 -18.82
N ASN U 182 15.91 61.51 -18.57
CA ASN U 182 16.12 60.21 -17.97
C ASN U 182 16.06 59.12 -19.02
N VAL U 183 16.90 58.11 -18.85
CA VAL U 183 16.82 56.90 -19.67
C VAL U 183 15.70 56.02 -19.12
N ILE U 184 14.75 55.67 -19.99
CA ILE U 184 13.60 54.84 -19.64
C ILE U 184 13.74 53.52 -20.38
N GLU U 185 13.60 52.41 -19.66
CA GLU U 185 13.57 51.09 -20.30
C GLU U 185 12.12 50.60 -20.25
N ASP U 186 11.56 50.29 -21.42
CA ASP U 186 10.17 49.84 -21.50
C ASP U 186 10.02 48.54 -22.28
N LYS U 187 11.13 47.86 -22.53
CA LYS U 187 11.16 46.48 -22.97
C LYS U 187 12.12 45.69 -22.09
N ASP U 188 11.87 44.38 -22.02
CA ASP U 188 12.79 43.50 -21.27
C ASP U 188 14.08 43.32 -22.09
N GLN U 189 15.05 42.60 -21.53
CA GLN U 189 16.36 42.54 -22.18
C GLN U 189 16.36 41.77 -23.49
N VAL U 190 15.32 41.01 -23.81
CA VAL U 190 15.24 40.35 -25.11
C VAL U 190 14.19 41.01 -26.01
N GLY U 191 13.82 42.24 -25.70
CA GLY U 191 13.04 43.06 -26.61
C GLY U 191 11.54 42.97 -26.48
N VAL U 192 11.03 42.31 -25.44
CA VAL U 192 9.57 42.15 -25.25
C VAL U 192 9.03 43.32 -24.47
N PRO U 193 8.01 44.05 -24.95
CA PRO U 193 7.50 45.20 -24.19
C PRO U 193 7.08 44.76 -22.79
N ILE U 194 7.35 45.63 -21.81
CA ILE U 194 6.95 45.40 -20.42
C ILE U 194 5.93 46.47 -20.03
N ASP U 195 5.06 46.13 -19.09
CA ASP U 195 3.96 47.01 -18.68
C ASP U 195 4.39 48.06 -17.68
N ARG U 196 5.52 48.72 -17.92
CA ARG U 196 5.99 49.74 -16.99
C ARG U 196 7.06 50.54 -17.71
N LYS U 197 7.46 51.65 -17.08
CA LYS U 197 8.62 52.42 -17.50
C LYS U 197 9.64 52.34 -16.38
N VAL U 198 10.77 51.71 -16.65
CA VAL U 198 11.86 51.62 -15.67
C VAL U 198 12.74 52.85 -15.84
N ASN U 199 12.75 53.70 -14.83
CA ASN U 199 13.55 54.92 -14.84
C ASN U 199 14.95 54.63 -14.34
N LEU U 200 15.92 54.61 -15.27
CA LEU U 200 17.32 54.36 -14.97
C LEU U 200 18.08 55.66 -14.71
N GLY U 201 17.40 56.80 -14.74
CA GLY U 201 18.03 58.05 -14.38
C GLY U 201 18.76 58.69 -15.53
N LYS U 202 19.49 59.73 -15.19
CA LYS U 202 20.17 60.55 -16.18
C LYS U 202 21.41 59.84 -16.70
N PRO U 203 21.74 60.00 -17.98
CA PRO U 203 23.05 59.57 -18.46
C PRO U 203 24.15 60.36 -17.80
N MET U 204 25.34 59.75 -17.80
CA MET U 204 26.57 60.46 -17.45
C MET U 204 26.86 61.55 -18.47
N SER U 205 27.40 62.66 -18.03
CA SER U 205 27.96 63.62 -18.97
C SER U 205 29.17 62.98 -19.66
N ASP U 206 29.57 63.56 -20.80
CA ASP U 206 30.74 63.03 -21.51
C ASP U 206 31.98 63.12 -20.63
N ALA U 207 32.12 64.21 -19.87
CA ALA U 207 33.29 64.34 -19.00
C ALA U 207 33.26 63.31 -17.89
N GLU U 208 32.08 63.05 -17.30
CA GLU U 208 32.02 62.05 -16.25
CA GLU U 208 32.00 62.05 -16.25
C GLU U 208 32.35 60.67 -16.80
N ALA U 209 31.82 60.34 -17.99
CA ALA U 209 32.11 59.05 -18.59
C ALA U 209 33.62 58.85 -18.74
N LYS U 210 34.33 59.89 -19.20
CA LYS U 210 35.77 59.72 -19.41
C LYS U 210 36.51 59.67 -18.08
N LYS U 211 35.98 60.30 -17.04
CA LYS U 211 36.59 60.15 -15.72
C LYS U 211 36.40 58.75 -15.16
N ARG U 212 35.30 58.09 -15.51
CA ARG U 212 34.97 56.79 -14.95
C ARG U 212 35.33 55.61 -15.85
N THR U 213 35.79 55.83 -17.07
CA THR U 213 35.93 54.73 -18.00
C THR U 213 37.14 53.86 -17.69
N THR U 214 37.05 52.60 -18.10
CA THR U 214 38.15 51.65 -18.06
C THR U 214 38.79 51.44 -19.42
N ILE U 215 38.28 52.09 -20.48
CA ILE U 215 38.84 51.93 -21.82
C ILE U 215 39.98 52.92 -22.05
N TYR U 216 41.01 52.47 -22.78
CA TYR U 216 42.01 53.37 -23.33
C TYR U 216 41.61 53.74 -24.75
N ARG U 217 41.64 55.03 -25.08
CA ARG U 217 41.48 55.46 -26.47
C ARG U 217 42.02 56.87 -26.64
N THR U 218 42.17 57.30 -27.90
CA THR U 218 42.90 58.53 -28.18
C THR U 218 42.24 59.77 -27.58
N ASP U 219 40.92 59.76 -27.35
CA ASP U 219 40.25 60.93 -26.79
C ASP U 219 40.21 60.91 -25.27
N GLY U 220 40.81 59.91 -24.63
CA GLY U 220 40.93 59.88 -23.20
C GLY U 220 42.35 59.61 -22.79
N VAL U 221 42.59 58.47 -22.17
CA VAL U 221 43.96 58.04 -21.87
C VAL U 221 44.43 57.19 -23.04
N LYS U 222 45.46 57.67 -23.74
CA LYS U 222 45.95 56.98 -24.92
C LYS U 222 46.68 55.71 -24.50
N TYR U 223 46.31 54.58 -25.11
CA TYR U 223 46.91 53.29 -24.76
C TYR U 223 48.42 53.31 -24.94
N ARG U 224 48.89 53.95 -26.01
CA ARG U 224 50.31 53.99 -26.31
C ARG U 224 51.11 54.56 -25.15
N ASP U 225 50.50 55.42 -24.33
CA ASP U 225 51.20 56.04 -23.22
C ASP U 225 51.22 55.20 -21.96
N GLU U 226 50.44 54.12 -21.87
N GLU U 226 50.46 54.10 -21.90
CA GLU U 226 50.35 53.32 -20.64
CA GLU U 226 50.33 53.29 -20.70
C GLU U 226 51.39 52.20 -20.68
C GLU U 226 51.41 52.19 -20.71
N GLU U 227 52.65 52.63 -20.54
CA GLU U 227 53.77 51.73 -20.75
C GLU U 227 53.79 50.56 -19.78
N GLU U 228 53.26 50.73 -18.56
CA GLU U 228 53.23 49.61 -17.63
C GLU U 228 52.37 48.47 -18.16
N VAL U 229 51.24 48.79 -18.79
CA VAL U 229 50.36 47.76 -19.31
C VAL U 229 51.01 47.06 -20.49
N LEU U 230 51.67 47.82 -21.38
CA LEU U 230 52.39 47.18 -22.49
C LEU U 230 53.51 46.29 -21.98
N ASP U 231 54.27 46.76 -20.98
CA ASP U 231 55.31 45.91 -20.38
C ASP U 231 54.72 44.60 -19.89
N HIS U 232 53.59 44.67 -19.19
CA HIS U 232 52.94 43.48 -18.64
C HIS U 232 52.55 42.52 -19.75
N VAL U 233 51.90 43.04 -20.81
CA VAL U 233 51.53 42.20 -21.94
C VAL U 233 52.76 41.52 -22.51
N HIS U 234 53.83 42.29 -22.72
CA HIS U 234 55.04 41.74 -23.29
C HIS U 234 55.64 40.67 -22.39
N LEU U 235 55.65 40.92 -21.07
CA LEU U 235 56.27 39.96 -20.16
C LEU U 235 55.54 38.62 -20.21
N VAL U 236 54.21 38.67 -20.20
CA VAL U 236 53.45 37.42 -20.19
C VAL U 236 53.62 36.68 -21.50
N HIS U 237 53.54 37.39 -22.63
CA HIS U 237 53.78 36.74 -23.93
C HIS U 237 55.16 36.11 -23.98
N HIS U 238 56.18 36.85 -23.53
CA HIS U 238 57.55 36.35 -23.60
C HIS U 238 57.70 35.09 -22.77
N ARG U 239 57.24 35.13 -21.53
CA ARG U 239 57.41 33.97 -20.65
C ARG U 239 56.58 32.79 -21.14
N ARG U 240 55.37 33.05 -21.68
CA ARG U 240 54.61 31.96 -22.28
C ARG U 240 55.40 31.32 -23.41
N THR U 241 55.98 32.15 -24.28
CA THR U 241 56.75 31.65 -25.41
C THR U 241 57.94 30.83 -24.92
N MET U 242 58.68 31.39 -23.98
CA MET U 242 59.88 30.72 -23.48
C MET U 242 59.56 29.36 -22.88
N TYR U 243 58.54 29.28 -22.02
CA TYR U 243 58.26 28.05 -21.29
C TYR U 243 57.61 26.98 -22.15
N GLY U 244 56.86 27.39 -23.18
CA GLY U 244 56.34 26.41 -24.12
C GLY U 244 57.46 25.69 -24.84
N TYR U 245 58.56 26.40 -25.09
CA TYR U 245 59.79 25.77 -25.58
C TYR U 245 60.36 24.84 -24.52
N ARG U 246 60.72 25.40 -23.36
CA ARG U 246 61.19 24.56 -22.24
C ARG U 246 60.77 25.23 -20.93
N PRO U 247 60.09 24.50 -20.03
CA PRO U 247 59.67 25.11 -18.76
C PRO U 247 60.82 25.18 -17.76
N GLU U 248 61.72 26.12 -18.01
CA GLU U 248 62.86 26.31 -17.13
C GLU U 248 63.43 27.71 -17.34
N THR U 249 64.14 28.18 -16.31
CA THR U 249 64.69 29.53 -16.37
C THR U 249 65.61 29.72 -17.57
N ALA U 250 66.39 28.70 -17.92
CA ALA U 250 67.33 28.84 -19.03
C ALA U 250 66.63 29.17 -20.34
N ALA U 251 65.36 28.82 -20.46
CA ALA U 251 64.63 29.15 -21.69
C ALA U 251 64.49 30.65 -21.88
N GLU U 252 64.59 31.43 -20.81
CA GLU U 252 64.40 32.88 -20.92
C GLU U 252 65.51 33.55 -21.73
N THR U 253 66.62 32.86 -21.98
CA THR U 253 67.70 33.39 -22.80
C THR U 253 68.04 32.42 -23.92
N ALA U 254 67.08 31.63 -24.35
CA ALA U 254 67.34 30.68 -25.42
C ALA U 254 67.62 31.43 -26.72
N PRO U 255 68.37 30.81 -27.64
CA PRO U 255 68.53 31.41 -28.97
C PRO U 255 67.17 31.70 -29.59
N GLY U 256 67.03 32.89 -30.17
CA GLY U 256 65.77 33.33 -30.75
C GLY U 256 65.01 34.33 -29.91
N VAL U 257 65.32 34.41 -28.60
CA VAL U 257 64.71 35.45 -27.78
C VAL U 257 65.18 36.83 -28.25
N GLY U 258 66.49 36.99 -28.39
CA GLY U 258 67.05 38.25 -28.78
C GLY U 258 66.97 39.28 -27.68
N PRO U 259 67.23 40.52 -28.02
CA PRO U 259 67.39 41.59 -27.02
C PRO U 259 66.06 42.15 -26.53
N VAL U 260 65.26 41.29 -25.90
CA VAL U 260 63.99 41.78 -25.36
C VAL U 260 64.28 42.82 -24.28
N THR U 261 63.40 43.82 -24.22
CA THR U 261 63.60 44.99 -23.38
C THR U 261 62.24 45.55 -23.01
N TYR U 262 62.17 46.21 -21.86
CA TYR U 262 60.93 46.74 -21.32
C TYR U 262 61.08 48.23 -21.02
N HIS U 263 59.93 48.90 -20.82
CA HIS U 263 59.90 50.34 -20.65
C HIS U 263 60.16 50.74 -19.19
N THR U 264 59.48 50.08 -18.26
CA THR U 264 59.46 50.53 -16.87
C THR U 264 60.16 49.56 -15.93
N VAL U 265 60.67 48.44 -16.44
CA VAL U 265 61.36 47.45 -15.64
C VAL U 265 62.57 46.96 -16.43
N ALA V 2 -4.84 -13.15 -57.98
CA ALA V 2 -3.43 -12.78 -57.82
C ALA V 2 -2.78 -12.54 -59.16
N TYR V 3 -1.53 -12.08 -59.14
CA TYR V 3 -0.80 -11.83 -60.38
C TYR V 3 -0.73 -13.11 -61.20
N LYS V 4 -0.84 -12.98 -62.53
CA LYS V 4 -0.65 -14.09 -63.46
C LYS V 4 0.35 -13.63 -64.52
N TYR V 5 1.45 -14.36 -64.64
CA TYR V 5 2.47 -14.03 -65.62
C TYR V 5 1.91 -14.27 -67.03
N PRO V 6 2.03 -13.30 -67.94
CA PRO V 6 1.36 -13.41 -69.24
C PRO V 6 2.14 -14.28 -70.22
N SER V 7 1.57 -14.44 -71.42
CA SER V 7 2.18 -15.32 -72.41
C SER V 7 3.29 -14.63 -73.20
N GLU V 8 3.31 -13.29 -73.26
CA GLU V 8 4.39 -12.58 -73.94
C GLU V 8 5.37 -12.04 -72.90
N LYS V 9 6.65 -12.32 -73.12
CA LYS V 9 7.70 -11.85 -72.21
C LYS V 9 7.65 -10.33 -72.11
N LEU V 10 7.86 -9.80 -70.90
CA LEU V 10 7.72 -8.37 -70.69
C LEU V 10 8.78 -7.54 -71.42
N PHE V 11 9.90 -8.16 -71.81
CA PHE V 11 10.98 -7.45 -72.47
C PHE V 11 10.83 -7.40 -73.97
N VAL V 12 9.84 -8.10 -74.53
CA VAL V 12 9.69 -8.13 -75.99
C VAL V 12 9.35 -6.74 -76.55
N GLU V 13 8.50 -5.96 -75.87
CA GLU V 13 8.14 -4.65 -76.43
C GLU V 13 9.38 -3.81 -76.69
N ALA V 14 10.28 -3.72 -75.72
CA ALA V 14 11.49 -2.93 -75.91
C ALA V 14 12.32 -3.45 -77.06
N LEU V 15 12.44 -4.78 -77.20
CA LEU V 15 13.23 -5.31 -78.32
C LEU V 15 12.63 -4.87 -79.65
N LYS V 16 11.30 -5.00 -79.80
CA LYS V 16 10.65 -4.62 -81.04
C LYS V 16 10.71 -3.12 -81.28
N SER V 17 10.69 -2.31 -80.23
CA SER V 17 10.83 -0.87 -80.40
C SER V 17 12.25 -0.44 -80.75
N LYS V 18 13.25 -1.19 -80.31
CA LYS V 18 14.63 -0.91 -80.70
C LYS V 18 14.94 -1.38 -82.12
N PHE V 19 14.35 -2.51 -82.55
CA PHE V 19 14.68 -3.18 -83.81
C PHE V 19 13.39 -3.45 -84.61
N ALA V 20 12.85 -2.39 -85.23
CA ALA V 20 11.61 -2.55 -85.98
C ALA V 20 11.79 -3.57 -87.10
N GLY V 21 10.93 -4.58 -87.12
CA GLY V 21 10.96 -5.59 -88.17
C GLY V 21 11.88 -6.77 -87.91
N LEU V 22 12.64 -6.77 -86.82
CA LEU V 22 13.65 -7.80 -86.63
C LEU V 22 13.01 -9.12 -86.21
N ASP V 23 13.51 -10.21 -86.78
CA ASP V 23 13.23 -11.57 -86.32
C ASP V 23 14.02 -11.80 -85.05
N LEU V 24 13.31 -11.87 -83.92
CA LEU V 24 13.97 -11.93 -82.62
C LEU V 24 14.69 -13.25 -82.35
N SER V 25 14.56 -14.23 -83.23
CA SER V 25 15.25 -15.49 -83.04
C SER V 25 16.62 -15.52 -83.72
N ASP V 26 16.92 -14.58 -84.60
CA ASP V 26 18.17 -14.66 -85.36
C ASP V 26 19.39 -14.45 -84.49
N GLN V 27 20.34 -15.38 -84.58
CA GLN V 27 21.60 -15.31 -83.87
C GLN V 27 22.66 -14.53 -84.62
N LYS V 28 22.41 -14.12 -85.86
CA LYS V 28 23.34 -13.35 -86.65
C LYS V 28 22.77 -11.99 -87.04
N VAL V 29 23.68 -11.09 -87.39
CA VAL V 29 23.33 -9.73 -87.81
C VAL V 29 24.37 -9.27 -88.82
N LYS V 30 23.97 -8.31 -89.65
CA LYS V 30 24.89 -7.68 -90.57
C LYS V 30 25.51 -6.48 -89.87
N TYR V 31 26.85 -6.46 -89.82
CA TYR V 31 27.57 -5.32 -89.27
C TYR V 31 27.95 -4.38 -90.40
N VAL V 32 27.58 -3.10 -90.26
CA VAL V 32 27.86 -2.08 -91.33
C VAL V 32 29.03 -1.17 -90.92
N ARG V 33 29.49 -1.24 -89.66
CA ARG V 33 30.70 -0.47 -89.25
C ARG V 33 30.52 1.02 -89.56
N ALA V 34 29.41 1.62 -89.13
CA ALA V 34 29.11 3.03 -89.48
C ALA V 34 29.94 3.99 -88.63
N GLY V 35 30.38 3.56 -87.43
CA GLY V 35 31.03 4.53 -86.56
C GLY V 35 30.03 5.51 -85.96
N TYR V 36 30.57 6.58 -85.38
CA TYR V 36 29.78 7.49 -84.55
C TYR V 36 28.71 8.23 -85.34
N LEU V 37 28.89 8.39 -86.64
CA LEU V 37 27.94 9.17 -87.43
C LEU V 37 26.55 8.57 -87.45
N GLN V 38 26.39 7.30 -87.05
CA GLN V 38 25.07 6.70 -86.98
C GLN V 38 24.19 7.30 -85.90
N ASN V 39 24.78 7.99 -84.91
CA ASN V 39 24.09 8.28 -83.66
C ASN V 39 24.01 9.78 -83.39
N ALA V 40 22.77 10.28 -83.23
CA ALA V 40 22.57 11.72 -83.08
C ALA V 40 23.33 12.28 -81.88
N ARG V 41 23.34 11.53 -80.78
CA ARG V 41 23.97 12.02 -79.55
C ARG V 41 25.49 12.09 -79.69
N LYS V 42 26.12 11.06 -80.28
CA LYS V 42 27.56 11.12 -80.49
C LYS V 42 27.92 12.26 -81.43
N ARG V 43 27.11 12.50 -82.48
CA ARG V 43 27.40 13.63 -83.38
C ARG V 43 27.29 14.95 -82.61
N GLU V 44 26.29 15.08 -81.74
CA GLU V 44 26.15 16.25 -80.89
C GLU V 44 27.37 16.43 -80.00
N PHE V 45 27.85 15.35 -79.41
CA PHE V 45 29.00 15.44 -78.53
C PHE V 45 30.24 15.86 -79.31
N GLN V 46 30.45 15.29 -80.50
CA GLN V 46 31.62 15.69 -81.27
C GLN V 46 31.59 17.18 -81.58
N ALA V 47 30.42 17.71 -81.93
CA ALA V 47 30.30 19.14 -82.19
C ALA V 47 30.51 19.97 -80.92
N ALA V 48 30.02 19.48 -79.78
CA ALA V 48 30.27 20.14 -78.51
C ALA V 48 31.76 20.20 -78.20
N GLY V 49 32.48 19.11 -78.45
CA GLY V 49 33.92 19.08 -78.23
C GLY V 49 34.68 20.03 -79.13
N GLU V 50 34.17 20.25 -80.35
CA GLU V 50 34.83 21.24 -81.20
CA GLU V 50 34.82 21.25 -81.22
C GLU V 50 34.69 22.64 -80.63
N ARG V 51 33.50 23.00 -80.13
CA ARG V 51 33.36 24.31 -79.51
C ARG V 51 34.22 24.42 -78.25
N VAL V 52 34.21 23.38 -77.42
CA VAL V 52 35.04 23.44 -76.20
C VAL V 52 36.48 23.75 -76.57
N ALA V 53 37.04 23.00 -77.52
CA ALA V 53 38.44 23.15 -77.87
C ALA V 53 38.73 24.54 -78.39
N GLU V 54 37.87 25.05 -79.29
CA GLU V 54 38.08 26.38 -79.86
C GLU V 54 38.00 27.45 -78.78
N GLN V 55 37.05 27.32 -77.86
CA GLN V 55 36.86 28.36 -76.86
C GLN V 55 38.01 28.41 -75.86
N ARG V 56 38.61 27.27 -75.53
CA ARG V 56 39.65 27.25 -74.52
C ARG V 56 41.04 27.10 -75.10
N GLY V 57 41.17 26.85 -76.39
CA GLY V 57 42.49 26.73 -76.98
C GLY V 57 43.19 25.43 -76.67
N MET V 58 42.43 24.38 -76.44
CA MET V 58 43.02 23.09 -76.09
C MET V 58 42.06 21.96 -76.44
N GLN V 59 42.58 20.95 -77.14
CA GLN V 59 41.80 19.78 -77.51
C GLN V 59 41.13 19.12 -76.30
N GLN V 60 39.90 18.65 -76.53
CA GLN V 60 39.12 17.94 -75.53
C GLN V 60 38.51 16.71 -76.19
N TYR V 61 37.18 16.57 -76.18
CA TYR V 61 36.54 15.39 -76.74
C TYR V 61 36.74 15.29 -78.24
N ASP V 62 37.05 14.08 -78.69
CA ASP V 62 37.18 13.81 -80.13
C ASP V 62 37.05 12.31 -80.32
N VAL V 63 35.96 11.88 -80.95
CA VAL V 63 35.70 10.45 -81.15
C VAL V 63 36.86 9.74 -81.80
N ASN V 64 37.64 10.44 -82.63
CA ASN V 64 38.72 9.81 -83.35
C ASN V 64 39.92 9.48 -82.47
N VAL V 65 39.92 9.91 -81.22
CA VAL V 65 40.97 9.53 -80.27
C VAL V 65 40.77 8.10 -79.79
N HIS V 66 39.58 7.51 -79.97
CA HIS V 66 39.41 6.10 -79.63
C HIS V 66 40.50 5.28 -80.30
N LEU V 67 41.04 4.30 -79.58
CA LEU V 67 42.16 3.56 -80.11
C LEU V 67 41.76 2.71 -81.30
N GLY V 68 42.78 2.27 -82.04
CA GLY V 68 42.62 1.30 -83.10
C GLY V 68 42.12 1.86 -84.39
N GLY V 69 42.04 3.18 -84.52
CA GLY V 69 41.51 3.81 -85.71
C GLY V 69 40.00 3.69 -85.90
N MET V 70 39.26 3.26 -84.88
CA MET V 70 37.82 3.07 -84.95
C MET V 70 37.14 3.99 -83.97
N THR V 71 36.02 4.56 -84.38
CA THR V 71 35.18 5.30 -83.45
C THR V 71 34.09 4.38 -82.90
N LEU V 72 33.54 4.76 -81.75
CA LEU V 72 32.39 4.07 -81.20
C LEU V 72 31.32 3.88 -82.28
N GLY V 73 30.67 2.73 -82.26
CA GLY V 73 29.64 2.45 -83.24
C GLY V 73 30.06 1.60 -84.42
N GLN V 74 31.03 0.70 -84.24
CA GLN V 74 31.30 -0.29 -85.27
C GLN V 74 30.20 -1.32 -85.33
N ARG V 75 29.50 -1.52 -84.22
CA ARG V 75 28.22 -2.19 -84.15
C ARG V 75 27.15 -1.11 -84.04
N GLN V 76 25.89 -1.53 -84.02
N GLN V 76 25.90 -1.52 -84.01
CA GLN V 76 24.81 -0.58 -83.81
CA GLN V 76 24.81 -0.56 -83.82
C GLN V 76 24.85 -0.08 -82.36
C GLN V 76 24.81 -0.09 -82.38
N LEU V 77 24.69 1.23 -82.19
CA LEU V 77 24.57 1.83 -80.86
C LEU V 77 23.08 1.93 -80.56
N VAL V 78 22.63 1.20 -79.53
CA VAL V 78 21.20 1.05 -79.28
C VAL V 78 20.75 1.89 -78.09
N PRO V 79 19.55 2.43 -78.14
CA PRO V 79 19.00 3.22 -77.03
C PRO V 79 18.38 2.31 -75.95
N TYR V 80 17.83 2.95 -74.93
CA TYR V 80 17.33 2.29 -73.72
C TYR V 80 15.94 2.77 -73.41
N LYS V 81 15.01 1.84 -73.22
CA LYS V 81 13.67 2.17 -72.72
C LYS V 81 13.68 2.14 -71.20
N LEU V 82 13.20 3.21 -70.56
CA LEU V 82 13.04 3.13 -69.12
C LEU V 82 11.94 2.14 -68.80
N SER V 83 12.25 1.18 -67.93
CA SER V 83 11.27 0.13 -67.64
C SER V 83 10.00 0.75 -67.04
N THR V 84 8.86 0.24 -67.49
CA THR V 84 7.52 0.71 -67.21
C THR V 84 7.18 2.04 -67.85
N ARG V 85 8.09 2.66 -68.60
CA ARG V 85 7.86 3.95 -69.21
C ARG V 85 7.88 3.86 -70.74
N PRO V 86 7.21 4.79 -71.43
CA PRO V 86 7.30 4.81 -72.90
C PRO V 86 8.60 5.41 -73.41
N ASP V 87 9.34 6.09 -72.55
CA ASP V 87 10.51 6.84 -72.97
C ASP V 87 11.68 5.94 -73.34
N ILE V 88 12.18 6.14 -74.55
CA ILE V 88 13.39 5.52 -75.05
C ILE V 88 14.41 6.63 -75.26
N VAL V 89 15.60 6.45 -74.67
CA VAL V 89 16.61 7.48 -74.59
C VAL V 89 17.95 6.95 -75.07
N GLU V 90 18.83 7.87 -75.47
CA GLU V 90 20.17 7.45 -75.80
C GLU V 90 20.90 7.09 -74.50
N GLY V 91 21.82 6.11 -74.59
CA GLY V 91 22.51 5.67 -73.38
C GLY V 91 23.20 6.80 -72.63
N ASP V 92 23.75 7.77 -73.37
CA ASP V 92 24.45 8.85 -72.68
C ASP V 92 23.51 9.69 -71.81
N ASP V 93 22.21 9.65 -72.10
CA ASP V 93 21.20 10.40 -71.36
C ASP V 93 20.99 9.86 -69.96
N LEU V 94 21.50 8.64 -69.67
CA LEU V 94 21.41 8.00 -68.37
C LEU V 94 22.74 8.06 -67.62
N HIS V 95 23.79 8.65 -68.21
CA HIS V 95 24.99 8.93 -67.42
C HIS V 95 24.63 9.97 -66.36
N TYR V 96 25.07 9.74 -65.11
CA TYR V 96 24.66 10.64 -64.03
C TYR V 96 25.06 12.09 -64.30
N VAL V 97 26.22 12.31 -64.93
CA VAL V 97 26.65 13.68 -65.17
C VAL V 97 25.69 14.39 -66.10
N ASN V 98 25.05 13.63 -66.98
CA ASN V 98 24.17 14.24 -68.03
C ASN V 98 22.70 14.22 -67.59
N ASN V 99 22.42 13.69 -66.40
CA ASN V 99 21.02 13.46 -66.00
C ASN V 99 20.70 14.18 -64.68
N PRO V 100 20.07 15.36 -64.74
CA PRO V 100 19.73 16.13 -63.53
C PRO V 100 18.77 15.43 -62.54
N ALA V 101 17.90 14.54 -63.02
CA ALA V 101 17.00 13.80 -62.11
C ALA V 101 17.85 12.94 -61.17
N MET V 102 18.84 12.25 -61.74
CA MET V 102 19.74 11.37 -60.95
C MET V 102 20.55 12.21 -59.96
N GLN V 103 21.06 13.35 -60.41
CA GLN V 103 21.86 14.23 -59.51
C GLN V 103 20.94 14.76 -58.40
N GLN V 104 19.71 15.12 -58.74
CA GLN V 104 18.84 15.69 -57.72
C GLN V 104 18.35 14.64 -56.73
N MET V 105 18.15 13.40 -57.19
CA MET V 105 17.80 12.33 -56.26
C MET V 105 18.85 12.21 -55.18
N TRP V 106 20.12 12.15 -55.57
CA TRP V 106 21.19 12.05 -54.58
C TRP V 106 21.28 13.33 -53.74
N ASP V 107 21.20 14.51 -54.37
CA ASP V 107 21.26 15.75 -53.60
C ASP V 107 20.13 15.80 -52.56
N ASP V 108 18.93 15.36 -52.93
CA ASP V 108 17.82 15.36 -51.98
C ASP V 108 18.09 14.42 -50.80
N MET V 109 18.71 13.26 -51.04
CA MET V 109 19.07 12.43 -49.90
C MET V 109 20.15 13.08 -49.04
N LYS V 110 21.23 13.53 -49.70
CA LYS V 110 22.40 14.07 -48.98
C LYS V 110 22.06 15.28 -48.13
N ARG V 111 21.15 16.13 -48.61
CA ARG V 111 20.79 17.37 -47.92
C ARG V 111 19.74 17.20 -46.83
N THR V 112 19.38 15.96 -46.51
CA THR V 112 18.34 15.67 -45.54
C THR V 112 18.90 15.15 -44.23
N ILE V 113 18.32 15.64 -43.14
CA ILE V 113 18.61 15.14 -41.79
C ILE V 113 17.29 15.20 -41.04
N ILE V 114 17.06 14.21 -40.19
CA ILE V 114 15.86 14.15 -39.34
C ILE V 114 16.29 14.47 -37.91
N VAL V 115 15.59 15.38 -37.24
CA VAL V 115 15.99 15.88 -35.92
C VAL V 115 14.79 15.84 -34.98
N GLY V 116 14.93 15.12 -33.88
CA GLY V 116 13.88 15.10 -32.89
C GLY V 116 13.69 16.46 -32.24
N MET V 117 12.46 16.71 -31.84
CA MET V 117 12.11 17.94 -31.12
C MET V 117 11.83 17.71 -29.65
N ASP V 118 11.50 16.49 -29.22
CA ASP V 118 11.14 16.25 -27.82
C ASP V 118 12.24 16.69 -26.85
N LEU V 119 13.49 16.36 -27.14
CA LEU V 119 14.62 16.67 -26.23
C LEU V 119 14.83 18.19 -26.16
N ALA V 120 14.73 18.90 -27.28
CA ALA V 120 14.82 20.34 -27.26
C ALA V 120 13.70 20.94 -26.43
N HIS V 121 12.48 20.46 -26.63
CA HIS V 121 11.37 20.95 -25.83
C HIS V 121 11.58 20.64 -24.36
N GLU V 122 12.12 19.45 -24.05
CA GLU V 122 12.40 19.13 -22.65
C GLU V 122 13.47 20.05 -22.07
N THR V 123 14.45 20.45 -22.88
CA THR V 123 15.47 21.37 -22.43
C THR V 123 14.89 22.75 -22.10
N LEU V 124 14.00 23.25 -22.96
CA LEU V 124 13.37 24.53 -22.71
C LEU V 124 12.55 24.51 -21.42
N GLU V 125 11.82 23.42 -21.18
CA GLU V 125 11.03 23.29 -19.96
C GLU V 125 11.92 23.20 -18.73
N LYS V 126 12.93 22.34 -18.76
CA LYS V 126 13.73 22.12 -17.56
C LYS V 126 14.59 23.34 -17.24
N ARG V 127 15.30 23.88 -18.22
CA ARG V 127 16.32 24.87 -17.93
C ARG V 127 15.77 26.29 -17.90
N LEU V 128 14.78 26.60 -18.72
CA LEU V 128 14.22 27.94 -18.75
C LEU V 128 12.84 28.01 -18.15
N GLY V 129 12.20 26.87 -17.90
CA GLY V 129 10.83 26.89 -17.44
C GLY V 129 9.84 27.38 -18.48
N LYS V 130 10.13 27.21 -19.76
CA LYS V 130 9.21 27.64 -20.79
C LYS V 130 8.10 26.61 -20.98
N GLU V 131 6.95 27.06 -21.45
CA GLU V 131 5.85 26.18 -21.80
C GLU V 131 5.88 26.03 -23.32
N VAL V 132 5.84 24.80 -23.79
CA VAL V 132 5.81 24.50 -25.22
C VAL V 132 4.37 24.20 -25.57
N THR V 133 3.82 24.95 -26.52
CA THR V 133 2.43 24.81 -26.94
C THR V 133 2.35 24.77 -28.46
N PRO V 134 1.18 24.43 -29.00
CA PRO V 134 1.03 24.55 -30.46
C PRO V 134 1.32 25.95 -30.98
N GLU V 135 1.02 26.99 -30.19
CA GLU V 135 1.31 28.36 -30.61
C GLU V 135 2.81 28.62 -30.66
N SER V 136 3.56 28.15 -29.67
CA SER V 136 5.00 28.36 -29.68
C SER V 136 5.67 27.56 -30.78
N ILE V 137 5.17 26.34 -31.04
CA ILE V 137 5.73 25.52 -32.11
C ILE V 137 5.45 26.15 -33.46
N ALA V 138 4.24 26.68 -33.64
CA ALA V 138 3.92 27.38 -34.88
C ALA V 138 4.88 28.54 -35.11
N GLY V 139 5.12 29.35 -34.05
CA GLY V 139 6.10 30.41 -34.18
C GLY V 139 7.47 29.88 -34.57
N TYR V 140 7.87 28.78 -33.96
CA TYR V 140 9.14 28.15 -34.28
C TYR V 140 9.19 27.69 -35.74
N MET V 141 8.09 27.11 -36.24
CA MET V 141 8.11 26.60 -37.61
C MET V 141 8.24 27.72 -38.64
N GLU V 142 7.63 28.88 -38.36
CA GLU V 142 7.80 30.03 -39.24
C GLU V 142 9.24 30.50 -39.20
N ALA V 143 9.81 30.59 -37.98
CA ALA V 143 11.19 31.05 -37.82
C ALA V 143 12.15 30.14 -38.56
N VAL V 144 11.99 28.82 -38.43
CA VAL V 144 12.97 27.91 -39.02
C VAL V 144 12.85 27.88 -40.54
N ASN V 145 11.67 28.18 -41.10
CA ASN V 145 11.54 28.23 -42.56
C ASN V 145 12.03 29.54 -43.14
N HIS V 146 12.17 30.58 -42.32
CA HIS V 146 12.89 31.78 -42.73
C HIS V 146 14.41 31.59 -42.62
N THR V 147 14.87 31.01 -41.52
CA THR V 147 16.31 30.98 -41.26
C THR V 147 17.01 29.83 -41.98
N MET V 148 16.37 28.67 -42.10
CA MET V 148 17.04 27.51 -42.65
C MET V 148 17.67 27.77 -44.01
N PRO V 149 17.04 28.46 -44.96
CA PRO V 149 17.70 28.68 -46.24
C PRO V 149 18.89 29.63 -46.18
N GLY V 150 19.10 30.32 -45.05
CA GLY V 150 20.23 31.21 -44.88
C GLY V 150 19.88 32.67 -44.66
N ALA V 151 18.88 32.95 -43.82
CA ALA V 151 18.43 34.31 -43.55
C ALA V 151 18.43 34.55 -42.04
N ALA V 152 18.46 35.84 -41.68
CA ALA V 152 18.77 36.27 -40.32
C ALA V 152 17.54 36.54 -39.50
N ILE V 153 17.66 36.31 -38.19
CA ILE V 153 16.48 36.51 -37.29
C ILE V 153 16.88 37.25 -36.01
N VAL V 154 18.16 37.26 -35.64
CA VAL V 154 18.54 37.88 -34.33
C VAL V 154 19.41 39.12 -34.51
N GLN V 155 20.51 39.03 -35.25
CA GLN V 155 21.50 40.15 -35.30
C GLN V 155 21.11 41.27 -36.26
N GLU V 156 21.84 42.37 -36.17
CA GLU V 156 21.65 43.51 -37.11
C GLU V 156 22.81 43.48 -38.12
N HIS V 157 22.58 44.00 -39.32
CA HIS V 157 23.60 44.11 -40.37
C HIS V 157 24.11 42.75 -40.85
N MET V 158 23.20 41.79 -40.94
CA MET V 158 23.52 40.49 -41.48
C MET V 158 23.29 40.47 -42.98
N VAL V 159 24.14 39.69 -43.68
CA VAL V 159 23.98 39.43 -45.10
C VAL V 159 23.39 38.04 -45.25
N GLU V 160 22.67 37.79 -46.33
CA GLU V 160 21.80 36.62 -46.41
C GLU V 160 21.91 35.96 -47.78
N THR V 161 21.53 34.68 -47.83
CA THR V 161 21.49 34.01 -49.12
C THR V 161 20.34 34.56 -49.96
N HIS V 162 20.53 34.58 -51.27
CA HIS V 162 19.48 34.96 -52.20
C HIS V 162 18.37 33.92 -52.12
N PRO V 163 17.15 34.29 -51.73
CA PRO V 163 16.11 33.27 -51.54
C PRO V 163 15.86 32.42 -52.76
N GLY V 164 16.09 32.96 -53.95
CA GLY V 164 15.91 32.21 -55.18
C GLY V 164 16.93 31.11 -55.39
N LEU V 165 18.12 31.27 -54.82
CA LEU V 165 19.14 30.23 -54.94
C LEU V 165 18.93 29.07 -54.00
N VAL V 166 18.04 29.22 -53.01
CA VAL V 166 17.85 28.25 -51.92
C VAL V 166 16.36 27.92 -51.77
N ASP V 167 15.63 27.93 -52.90
CA ASP V 167 14.19 27.76 -52.93
C ASP V 167 13.74 26.33 -52.59
N ASP V 168 14.64 25.36 -52.64
CA ASP V 168 14.35 23.96 -52.32
C ASP V 168 14.53 23.64 -50.83
N CYS V 169 15.09 24.56 -50.05
CA CYS V 169 15.36 24.33 -48.64
C CYS V 169 14.11 24.60 -47.83
N TYR V 170 13.75 23.66 -46.97
CA TYR V 170 12.62 23.83 -46.07
C TYR V 170 12.69 22.84 -44.90
N VAL V 171 11.79 23.06 -43.93
CA VAL V 171 11.65 22.21 -42.76
C VAL V 171 10.16 21.93 -42.54
N LYS V 172 9.82 20.65 -42.38
CA LYS V 172 8.49 20.27 -41.95
C LYS V 172 8.59 19.41 -40.70
N MET V 173 7.54 19.43 -39.90
N MET V 173 7.53 19.41 -39.91
CA MET V 173 7.47 18.56 -38.73
CA MET V 173 7.44 18.59 -38.72
C MET V 173 6.53 17.38 -39.01
C MET V 173 6.51 17.40 -38.98
N PHE V 174 6.75 16.31 -38.26
CA PHE V 174 5.85 15.17 -38.31
C PHE V 174 5.79 14.53 -36.94
N THR V 175 4.70 13.81 -36.69
CA THR V 175 4.48 13.29 -35.36
C THR V 175 3.42 12.20 -35.42
N GLY V 176 3.56 11.21 -34.53
CA GLY V 176 2.51 10.24 -34.33
C GLY V 176 1.36 10.72 -33.49
N ASP V 177 1.42 11.94 -32.96
CA ASP V 177 0.36 12.53 -32.15
C ASP V 177 -0.56 13.32 -33.07
N ASP V 178 -1.67 12.70 -33.49
CA ASP V 178 -2.57 13.35 -34.42
C ASP V 178 -3.10 14.68 -33.88
N GLU V 179 -3.26 14.80 -32.56
CA GLU V 179 -3.82 16.03 -32.01
C GLU V 179 -2.89 17.20 -32.21
N LEU V 180 -1.58 16.98 -32.08
CA LEU V 180 -0.62 18.06 -32.37
C LEU V 180 -0.54 18.33 -33.87
N ALA V 181 -0.48 17.28 -34.69
CA ALA V 181 -0.38 17.48 -36.13
C ALA V 181 -1.53 18.33 -36.64
N ASP V 182 -2.71 18.20 -36.03
CA ASP V 182 -3.89 18.92 -36.49
C ASP V 182 -3.90 20.38 -36.08
N GLU V 183 -3.11 20.76 -35.08
CA GLU V 183 -3.08 22.12 -34.59
C GLU V 183 -2.11 23.02 -35.34
N ILE V 184 -1.19 22.45 -36.09
CA ILE V 184 -0.16 23.20 -36.80
C ILE V 184 -0.62 23.40 -38.23
N ASP V 185 -0.41 24.61 -38.75
CA ASP V 185 -0.68 24.92 -40.16
C ASP V 185 -0.12 23.83 -41.06
N SER V 186 -0.98 23.29 -41.92
CA SER V 186 -0.62 22.13 -42.73
C SER V 186 0.56 22.37 -43.66
N GLN V 187 0.89 23.62 -43.99
CA GLN V 187 2.06 23.85 -44.84
C GLN V 187 3.35 23.40 -44.15
N TYR V 188 3.33 23.23 -42.83
CA TYR V 188 4.53 22.90 -42.06
C TYR V 188 4.59 21.43 -41.62
N VAL V 189 3.62 20.62 -42.01
CA VAL V 189 3.44 19.29 -41.44
C VAL V 189 3.40 18.26 -42.57
N ILE V 190 4.11 17.13 -42.38
CA ILE V 190 3.94 15.97 -43.23
C ILE V 190 2.73 15.19 -42.73
N ASN V 191 1.72 15.05 -43.57
CA ASN V 191 0.45 14.43 -43.16
C ASN V 191 0.54 12.93 -43.39
N ILE V 192 0.84 12.20 -42.31
CA ILE V 192 1.02 10.76 -42.39
C ILE V 192 -0.26 10.08 -42.85
N ASN V 193 -1.40 10.57 -42.38
CA ASN V 193 -2.67 9.89 -42.69
C ASN V 193 -3.03 10.05 -44.15
N ASP V 194 -2.74 11.21 -44.74
CA ASP V 194 -3.11 11.43 -46.13
C ASP V 194 -2.17 10.66 -47.04
N LEU V 195 -0.89 10.62 -46.70
CA LEU V 195 0.10 10.00 -47.56
C LEU V 195 0.12 8.48 -47.44
N PHE V 196 -0.26 7.93 -46.29
CA PHE V 196 -0.12 6.50 -46.03
C PHE V 196 -1.50 5.90 -45.84
N ASP V 197 -2.32 6.03 -46.85
CA ASP V 197 -3.73 5.70 -46.79
C ASP V 197 -4.05 4.28 -47.23
N LYS V 198 -3.06 3.48 -47.64
CA LYS V 198 -3.33 2.11 -48.06
C LYS V 198 -2.90 1.09 -47.00
N GLU V 199 -3.71 0.04 -46.87
CA GLU V 199 -3.38 -1.13 -46.05
C GLU V 199 -2.97 -0.75 -44.64
N GLY V 200 -3.57 0.30 -44.10
CA GLY V 200 -3.34 0.70 -42.72
C GLY V 200 -1.93 1.14 -42.43
N GLN V 201 -1.18 1.54 -43.46
CA GLN V 201 0.22 1.92 -43.27
C GLN V 201 0.35 3.09 -42.31
N ASN V 202 -0.59 4.04 -42.37
CA ASN V 202 -0.53 5.19 -41.48
C ASN V 202 -0.51 4.75 -40.02
N GLU V 203 -1.35 3.79 -39.69
CA GLU V 203 -1.41 3.35 -38.29
C GLU V 203 -0.16 2.61 -37.87
N LYS V 204 0.46 1.84 -38.77
CA LYS V 204 1.73 1.18 -38.43
C LYS V 204 2.82 2.21 -38.20
N LEU V 205 2.85 3.26 -39.03
CA LEU V 205 3.87 4.28 -38.86
C LEU V 205 3.67 5.04 -37.56
N LYS V 206 2.43 5.44 -37.28
CA LYS V 206 2.20 6.21 -36.06
C LYS V 206 2.49 5.38 -34.83
N ALA V 207 2.19 4.08 -34.87
CA ALA V 207 2.48 3.21 -33.74
C ALA V 207 3.97 3.08 -33.49
N ALA V 208 4.77 2.97 -34.56
CA ALA V 208 6.21 2.86 -34.40
C ALA V 208 6.85 4.18 -33.99
N ILE V 209 6.32 5.31 -34.46
CA ILE V 209 6.90 6.60 -34.09
C ILE V 209 6.44 7.01 -32.70
N GLY V 210 5.23 6.65 -32.32
CA GLY V 210 4.70 7.05 -31.04
C GLY V 210 4.40 8.53 -31.00
N LYS V 211 4.13 9.00 -29.78
CA LYS V 211 3.82 10.40 -29.53
C LYS V 211 5.11 11.19 -29.34
N THR V 212 5.92 11.17 -30.39
CA THR V 212 7.16 11.91 -30.49
C THR V 212 7.08 12.80 -31.73
N THR V 213 7.86 13.88 -31.70
CA THR V 213 7.80 14.92 -32.72
C THR V 213 9.16 15.10 -33.35
N TRP V 214 9.17 15.24 -34.65
CA TRP V 214 10.39 15.25 -35.45
C TRP V 214 10.34 16.37 -36.46
N GLN V 215 11.52 16.87 -36.85
CA GLN V 215 11.64 17.81 -37.95
C GLN V 215 12.40 17.11 -39.08
N ALA V 216 11.84 17.16 -40.30
CA ALA V 216 12.53 16.75 -41.51
C ALA V 216 13.14 18.00 -42.12
N VAL V 217 14.45 18.09 -42.08
CA VAL V 217 15.19 19.26 -42.52
C VAL V 217 15.85 18.93 -43.85
N HIS V 218 15.67 19.83 -44.82
CA HIS V 218 16.27 19.68 -46.15
C HIS V 218 17.02 20.97 -46.42
N ILE V 219 18.35 20.93 -46.29
CA ILE V 219 19.17 22.14 -46.47
C ILE V 219 19.28 22.41 -47.98
N PRO V 220 19.83 23.56 -48.38
CA PRO V 220 19.84 23.90 -49.81
C PRO V 220 20.73 22.97 -50.64
N THR V 221 20.21 22.57 -51.80
CA THR V 221 21.01 21.79 -52.73
C THR V 221 22.31 22.48 -53.04
N ILE V 222 22.28 23.81 -53.23
CA ILE V 222 23.50 24.50 -53.67
C ILE V 222 24.60 24.33 -52.63
N VAL V 223 24.22 24.17 -51.36
CA VAL V 223 25.20 24.06 -50.29
C VAL V 223 25.91 22.72 -50.35
N VAL V 224 25.15 21.63 -50.46
CA VAL V 224 25.80 20.33 -50.55
C VAL V 224 26.58 20.20 -51.84
N ARG V 225 26.20 20.95 -52.88
CA ARG V 225 27.00 20.91 -54.11
C ARG V 225 28.34 21.66 -53.93
N CYS V 226 28.33 22.82 -53.28
CA CYS V 226 29.61 23.48 -52.97
C CYS V 226 30.44 22.71 -51.96
N CYS V 227 29.78 22.02 -51.04
CA CYS V 227 30.44 21.43 -49.88
C CYS V 227 30.29 19.90 -49.91
N ASP V 228 29.77 19.29 -48.85
CA ASP V 228 29.63 17.83 -48.83
C ASP V 228 28.48 17.44 -47.92
N GLY V 229 28.23 16.13 -47.82
CA GLY V 229 27.13 15.65 -46.99
C GLY V 229 27.30 15.92 -45.51
N GLY V 230 28.55 16.09 -45.06
CA GLY V 230 28.80 16.44 -43.68
C GLY V 230 28.28 17.80 -43.31
N ASN V 231 27.98 18.65 -44.31
CA ASN V 231 27.40 19.97 -44.03
C ASN V 231 26.01 19.83 -43.45
N THR V 232 25.30 18.77 -43.78
CA THR V 232 23.85 18.75 -43.62
C THR V 232 23.43 18.85 -42.16
N SER V 233 23.91 17.95 -41.31
CA SER V 233 23.45 17.99 -39.93
C SER V 233 23.94 19.24 -39.20
N ARG V 234 25.11 19.77 -39.60
CA ARG V 234 25.60 20.99 -39.00
C ARG V 234 24.76 22.20 -39.40
N TRP V 235 24.50 22.37 -40.71
CA TRP V 235 23.69 23.49 -41.19
C TRP V 235 22.31 23.48 -40.53
N SER V 236 21.68 22.30 -40.53
CA SER V 236 20.40 22.11 -39.85
C SER V 236 20.47 22.58 -38.40
N ALA V 237 21.47 22.13 -37.67
CA ALA V 237 21.53 22.45 -36.26
C ALA V 237 21.70 23.95 -36.02
N MET V 238 22.49 24.63 -36.84
CA MET V 238 22.70 26.06 -36.63
C MET V 238 21.38 26.82 -36.68
N GLN V 239 20.55 26.52 -37.69
CA GLN V 239 19.35 27.33 -37.90
C GLN V 239 18.21 26.86 -37.02
N ILE V 240 18.20 25.57 -36.63
CA ILE V 240 17.32 25.12 -35.56
C ILE V 240 17.63 25.92 -34.30
N GLY V 241 18.91 26.09 -33.99
CA GLY V 241 19.29 26.81 -32.79
C GLY V 241 18.85 28.27 -32.83
N MET V 242 19.06 28.94 -33.98
CA MET V 242 18.64 30.33 -34.10
C MET V 242 17.13 30.46 -33.91
N SER V 243 16.39 29.50 -34.46
CA SER V 243 14.94 29.56 -34.41
C SER V 243 14.42 29.33 -32.99
N PHE V 244 15.06 28.44 -32.23
CA PHE V 244 14.68 28.29 -30.82
C PHE V 244 14.98 29.55 -30.05
N ILE V 245 16.16 30.14 -30.27
CA ILE V 245 16.50 31.38 -29.57
C ILE V 245 15.39 32.41 -29.76
N ALA V 246 14.94 32.57 -31.01
CA ALA V 246 13.94 33.58 -31.29
C ALA V 246 12.56 33.18 -30.78
N ALA V 247 12.16 31.93 -31.03
CA ALA V 247 10.79 31.50 -30.77
C ALA V 247 10.49 31.36 -29.27
N TYR V 248 11.51 31.26 -28.44
CA TYR V 248 11.35 31.13 -27.00
C TYR V 248 12.02 32.24 -26.20
N ASN V 249 12.39 33.34 -26.85
CA ASN V 249 12.94 34.52 -26.18
C ASN V 249 14.10 34.15 -25.26
N MET V 250 14.99 33.28 -25.75
CA MET V 250 16.15 32.87 -24.97
C MET V 250 17.20 33.95 -25.06
N CYS V 251 18.19 33.90 -24.15
CA CYS V 251 19.40 34.62 -24.43
C CYS V 251 19.93 34.09 -25.74
N ALA V 252 20.39 34.99 -26.62
CA ALA V 252 21.00 34.60 -27.89
C ALA V 252 22.43 34.15 -27.60
N GLY V 253 22.53 32.99 -26.96
CA GLY V 253 23.80 32.42 -26.58
C GLY V 253 23.94 32.24 -25.07
N GLU V 254 23.20 31.30 -24.48
CA GLU V 254 23.37 30.89 -23.08
C GLU V 254 23.62 29.39 -23.01
N ALA V 255 23.93 28.90 -21.81
CA ALA V 255 24.27 27.49 -21.64
C ALA V 255 23.20 26.56 -22.20
N ALA V 256 21.92 26.90 -22.00
CA ALA V 256 20.87 26.02 -22.51
C ALA V 256 20.91 25.88 -24.03
N VAL V 257 21.38 26.91 -24.74
CA VAL V 257 21.50 26.83 -26.20
C VAL V 257 22.45 25.70 -26.59
N ALA V 258 23.51 25.48 -25.80
CA ALA V 258 24.44 24.41 -26.13
C ALA V 258 23.79 23.04 -25.97
N ASP V 259 22.84 22.90 -25.07
CA ASP V 259 22.10 21.65 -24.98
C ASP V 259 21.24 21.44 -26.21
N LEU V 260 20.61 22.49 -26.69
CA LEU V 260 19.87 22.39 -27.94
C LEU V 260 20.78 22.00 -29.09
N ALA V 261 22.01 22.52 -29.09
CA ALA V 261 22.96 22.22 -30.16
C ALA V 261 23.37 20.75 -30.12
N PHE V 262 23.74 20.25 -28.94
CA PHE V 262 24.11 18.85 -28.82
C PHE V 262 22.95 17.94 -29.23
N ALA V 263 21.72 18.32 -28.88
CA ALA V 263 20.55 17.53 -29.28
C ALA V 263 20.36 17.52 -30.79
N ALA V 264 20.49 18.67 -31.45
CA ALA V 264 20.24 18.77 -32.88
C ALA V 264 21.38 18.19 -33.71
N LYS V 265 22.60 18.23 -33.20
CA LYS V 265 23.75 17.73 -33.93
C LYS V 265 24.03 16.26 -33.69
N MHS V 266 23.63 15.76 -32.52
CA MHS V 266 24.03 14.43 -32.13
C MHS V 266 22.89 13.61 -31.52
O MHS V 266 22.40 12.64 -32.06
CB MHS V 266 25.22 14.42 -31.16
CG MHS V 266 26.40 15.04 -31.76
ND1 MHS V 266 27.24 14.46 -32.73
CD2 MHS V 266 26.93 16.32 -31.52
CE1 MHS V 266 28.24 15.40 -33.02
NE2 MHS V 266 28.06 16.54 -32.32
CM MHS V 266 27.13 13.15 -33.30
N ALA V 267 22.44 14.03 -30.35
CA ALA V 267 21.60 13.13 -29.54
C ALA V 267 20.23 12.81 -30.15
N ALA V 268 19.64 13.77 -30.86
CA ALA V 268 18.36 13.54 -31.51
C ALA V 268 18.47 13.58 -33.03
N ALA V 269 19.67 13.48 -33.57
CA ALA V 269 19.90 13.60 -35.00
C ALA V 269 19.99 12.22 -35.61
N VAL V 270 19.29 12.02 -36.73
CA VAL V 270 19.20 10.75 -37.45
C VAL V 270 19.78 11.02 -38.84
N GLN V 271 21.06 10.68 -39.04
CA GLN V 271 21.74 10.88 -40.30
C GLN V 271 21.24 9.86 -41.31
N MET V 272 21.37 10.20 -42.59
CA MET V 272 21.10 9.19 -43.60
C MET V 272 22.18 8.14 -43.68
N ALA V 273 23.40 8.47 -43.30
CA ALA V 273 24.56 7.60 -43.42
C ALA V 273 25.60 8.12 -42.44
N GLU V 274 26.37 7.19 -41.86
CA GLU V 274 27.50 7.50 -40.98
C GLU V 274 28.83 7.52 -41.74
N MET V 275 29.89 7.92 -41.02
CA MET V 275 31.16 8.13 -41.67
C MET V 275 31.78 6.77 -42.08
N LEU V 276 32.85 6.86 -42.87
CA LEU V 276 33.54 5.70 -43.42
C LEU V 276 34.99 5.64 -42.97
N PRO V 277 35.59 4.45 -43.00
CA PRO V 277 36.99 4.31 -42.58
C PRO V 277 37.96 4.98 -43.54
N ALA V 278 39.22 5.05 -43.07
CA ALA V 278 40.18 6.00 -43.61
C ALA V 278 40.47 5.79 -45.10
N ARG V 279 40.57 4.53 -45.53
CA ARG V 279 40.92 4.27 -46.92
C ARG V 279 39.90 4.91 -47.86
N AGM V 280 38.65 4.98 -47.43
CA AGM V 280 37.63 5.63 -48.22
CB AGM V 280 36.57 4.65 -48.79
CG AGM V 280 35.98 3.73 -47.72
CD AGM V 280 35.32 2.43 -48.27
CE2 AGM V 280 33.96 2.69 -48.94
NE1 AGM V 280 35.12 1.42 -47.23
CZ AGM V 280 36.09 0.63 -46.67
NH1 AGM V 280 35.81 -0.29 -45.70
NH2 AGM V 280 37.39 0.77 -47.07
C AGM V 280 36.93 6.76 -47.43
O AGM V 280 35.70 6.95 -47.43
N ALA V 281 37.78 7.54 -46.77
CA ALA V 281 37.32 8.56 -45.83
C ALA V 281 36.27 9.46 -46.45
N ARG V 282 35.14 9.54 -45.78
CA ARG V 282 34.03 10.41 -46.24
C ARG V 282 33.30 10.95 -45.03
N SER V 283 32.71 12.12 -45.18
CA SER V 283 31.85 12.67 -44.16
C SER V 283 30.58 11.83 -44.03
N PRO V 284 29.79 12.04 -42.97
CA PRO V 284 28.44 11.48 -42.94
C PRO V 284 27.60 11.95 -44.12
N ASN V 285 26.48 11.25 -44.30
CA ASN V 285 25.51 11.56 -45.36
C ASN V 285 26.12 11.43 -46.75
N GLU V 286 26.97 10.42 -46.93
CA GLU V 286 27.47 10.02 -48.23
C GLU V 286 27.09 8.58 -48.54
N PRO V 287 27.15 8.17 -49.81
CA PRO V 287 26.50 6.91 -50.18
C PRO V 287 27.10 5.69 -49.52
N GLY V 288 28.42 5.70 -49.26
CA GLY V 288 29.05 4.52 -48.69
C GLY V 288 28.46 4.14 -47.37
N GLY V 289 28.00 5.12 -46.59
CA GLY V 289 27.39 4.86 -45.31
C GLY V 289 25.91 4.55 -45.35
N LEU V 290 25.29 4.52 -46.53
CA LEU V 290 23.85 4.31 -46.63
C LEU V 290 23.51 2.82 -46.52
N SER V 291 22.71 2.48 -45.52
CA SER V 291 22.26 1.11 -45.31
C SER V 291 21.20 0.75 -46.34
N PHE V 292 21.11 -0.55 -46.64
CA PHE V 292 20.12 -1.00 -47.62
C PHE V 292 18.71 -0.78 -47.11
N GLY V 293 18.48 -0.95 -45.81
CA GLY V 293 17.18 -0.67 -45.23
C GLY V 293 16.76 0.78 -45.39
N TYR V 294 17.69 1.72 -45.14
CA TYR V 294 17.36 3.13 -45.35
C TYR V 294 17.07 3.44 -46.81
N CYS V 295 17.90 2.91 -47.72
CA CYS V 295 17.70 3.17 -49.14
C CYS V 295 16.31 2.71 -49.56
N ALA V 296 15.92 1.51 -49.12
CA ALA V 296 14.59 1.01 -49.46
C ALA V 296 13.49 1.88 -48.88
N ASP V 297 13.69 2.40 -47.67
CA ASP V 297 12.63 3.19 -47.05
C ASP V 297 12.47 4.58 -47.68
N MET V 298 13.50 5.09 -48.37
CA MET V 298 13.37 6.38 -49.07
C MET V 298 12.41 6.27 -50.23
N VAL V 299 12.35 5.11 -50.89
CA VAL V 299 11.51 4.91 -52.06
C VAL V 299 10.05 4.74 -51.62
N GLN V 300 9.14 5.35 -52.36
CA GLN V 300 7.78 5.54 -51.87
C GLN V 300 6.71 4.81 -52.68
N THR V 301 7.10 3.99 -53.65
CA THR V 301 6.08 3.26 -54.38
C THR V 301 5.26 2.36 -53.47
N LEU V 302 5.82 1.96 -52.32
CA LEU V 302 5.12 1.05 -51.40
C LEU V 302 3.87 1.69 -50.82
N ARG V 303 3.85 3.01 -50.64
CA ARG V 303 2.65 3.65 -50.11
C ARG V 303 1.59 3.88 -51.18
N VAL V 304 1.98 3.79 -52.43
CA VAL V 304 1.09 4.04 -53.57
C VAL V 304 0.35 2.77 -53.97
N LYS V 305 1.04 1.63 -54.05
CA LYS V 305 0.44 0.40 -54.59
C LYS V 305 1.06 -0.81 -53.92
N PRO V 306 0.82 -1.00 -52.62
CA PRO V 306 1.38 -2.17 -51.92
C PRO V 306 0.86 -3.51 -52.44
N GLU V 307 -0.27 -3.52 -53.17
CA GLU V 307 -0.84 -4.77 -53.67
C GLU V 307 -0.02 -5.34 -54.82
N ASP V 308 0.90 -4.57 -55.39
CA ASP V 308 1.88 -5.08 -56.35
C ASP V 308 3.29 -4.95 -55.77
N PRO V 309 3.75 -5.96 -55.03
CA PRO V 309 5.07 -5.83 -54.37
C PRO V 309 6.22 -5.75 -55.35
N VAL V 310 6.07 -6.29 -56.57
CA VAL V 310 7.16 -6.28 -57.53
C VAL V 310 7.47 -4.85 -57.98
N TRP V 311 6.43 -4.02 -58.15
CA TRP V 311 6.68 -2.68 -58.68
C TRP V 311 7.57 -1.87 -57.73
N TYR V 312 7.17 -1.76 -56.46
CA TYR V 312 8.00 -1.07 -55.47
C TYR V 312 9.40 -1.66 -55.43
N THR V 313 9.49 -2.99 -55.39
CA THR V 313 10.79 -3.64 -55.35
C THR V 313 11.70 -3.16 -56.47
N LEU V 314 11.17 -3.10 -57.69
CA LEU V 314 12.01 -2.71 -58.81
C LEU V 314 12.25 -1.20 -58.88
N GLU V 315 11.36 -0.38 -58.30
CA GLU V 315 11.70 1.03 -58.13
C GLU V 315 12.85 1.18 -57.14
N VAL V 316 12.90 0.37 -56.07
CA VAL V 316 14.05 0.42 -55.18
C VAL V 316 15.32 0.02 -55.93
N VAL V 317 15.24 -1.05 -56.72
CA VAL V 317 16.40 -1.45 -57.51
C VAL V 317 16.88 -0.29 -58.37
N ALA V 318 15.94 0.42 -59.01
CA ALA V 318 16.32 1.55 -59.86
C ALA V 318 16.99 2.64 -59.06
N CYS V 319 16.45 2.98 -57.89
CA CYS V 319 17.04 3.99 -57.03
C CYS V 319 18.45 3.58 -56.61
N GLY V 320 18.56 2.38 -56.03
CA GLY V 320 19.83 1.91 -55.51
C GLY V 320 20.89 1.67 -56.56
N THR V 321 20.54 1.05 -57.68
CA THR V 321 21.59 0.73 -58.64
C THR V 321 22.19 1.99 -59.24
N MET V 322 21.36 2.99 -59.55
CA MET V 322 21.88 4.25 -60.04
C MET V 322 22.76 4.90 -58.97
N LEU V 323 22.24 5.10 -57.76
CA LEU V 323 23.01 5.77 -56.73
C LEU V 323 24.31 5.04 -56.42
N TYR V 324 24.22 3.76 -56.12
CA TYR V 324 25.39 3.06 -55.64
C TYR V 324 26.40 2.76 -56.74
N ASP V 325 25.95 2.37 -57.93
CA ASP V 325 26.89 2.03 -59.01
C ASP V 325 27.34 3.24 -59.83
N GLN V 326 26.41 4.13 -60.22
CA GLN V 326 26.77 5.21 -61.12
C GLN V 326 27.41 6.37 -60.39
N ILE V 327 26.82 6.80 -59.28
CA ILE V 327 27.32 7.96 -58.53
C ILE V 327 28.41 7.56 -57.55
N TRP V 328 28.09 6.59 -56.69
CA TRP V 328 28.99 6.21 -55.60
C TRP V 328 30.20 5.44 -56.14
N LEU V 329 30.00 4.25 -56.69
CA LEU V 329 31.16 3.49 -57.16
C LEU V 329 31.75 4.10 -58.42
N GLY V 330 30.91 4.62 -59.30
CA GLY V 330 31.33 5.11 -60.58
C GLY V 330 31.84 6.54 -60.58
N SER V 331 31.73 7.24 -59.45
CA SER V 331 32.26 8.60 -59.36
C SER V 331 33.04 8.74 -58.06
N TYR V 332 32.37 8.79 -56.90
CA TYR V 332 33.06 9.04 -55.64
C TYR V 332 34.26 8.12 -55.46
N MET V 333 34.11 6.86 -55.84
CA MET V 333 35.12 5.81 -55.60
C MET V 333 35.91 5.48 -56.86
N SER V 334 35.62 6.12 -57.98
CA SER V 334 36.42 5.94 -59.19
C SER V 334 36.32 7.20 -60.04
N GLY V 335 35.53 7.15 -61.11
CA GLY V 335 35.36 8.30 -61.98
C GLY V 335 35.63 7.96 -63.44
N GLY V 336 35.42 8.96 -64.28
CA GLY V 336 35.62 8.78 -65.71
C GLY V 336 34.31 8.55 -66.42
N VAL V 337 34.38 7.81 -67.53
CA VAL V 337 33.15 7.32 -68.17
C VAL V 337 32.27 6.61 -67.15
N GLY V 338 32.87 5.83 -66.27
CA GLY V 338 32.11 5.26 -65.17
C GLY V 338 31.23 4.08 -65.55
N PHE V 339 30.08 3.96 -64.87
CA PHE V 339 29.35 2.69 -64.73
C PHE V 339 27.85 2.81 -65.06
N THR V 340 27.52 3.59 -66.07
CA THR V 340 26.12 3.78 -66.44
C THR V 340 25.42 2.46 -66.72
N GLN V 341 25.94 1.69 -67.68
CA GLN V 341 25.25 0.48 -68.13
C GLN V 341 25.31 -0.67 -67.13
N TYR V 342 26.29 -0.66 -66.23
CA TYR V 342 26.24 -1.63 -65.13
C TYR V 342 24.95 -1.47 -64.35
N ALA V 343 24.43 -0.24 -64.26
CA ALA V 343 23.18 0.03 -63.56
C ALA V 343 21.97 0.01 -64.48
N THR V 344 22.07 0.57 -65.71
CA THR V 344 20.89 0.62 -66.55
C THR V 344 20.30 -0.77 -66.75
N ALA V 345 21.13 -1.80 -66.71
CA ALA V 345 20.62 -3.15 -66.93
C ALA V 345 19.52 -3.50 -65.95
N ALA V 346 19.52 -2.87 -64.78
CA ALA V 346 18.55 -3.15 -63.75
C ALA V 346 17.29 -2.30 -63.82
N TYR V 347 17.23 -1.29 -64.68
CA TYR V 347 16.08 -0.40 -64.71
C TYR V 347 15.63 -0.03 -66.13
N THR V 348 16.13 -0.73 -67.16
CA THR V 348 15.71 -0.47 -68.54
C THR V 348 15.23 -1.75 -69.22
N ASN V 349 14.46 -1.52 -70.29
CA ASN V 349 14.04 -2.52 -71.27
C ASN V 349 13.19 -3.62 -70.67
N ASP V 350 12.69 -3.43 -69.45
CA ASP V 350 11.76 -4.34 -68.79
C ASP V 350 12.32 -5.75 -68.59
N VAL V 351 13.65 -5.87 -68.55
CA VAL V 351 14.28 -7.20 -68.45
C VAL V 351 14.14 -7.75 -67.04
N LEU V 352 14.68 -7.05 -66.06
CA LEU V 352 14.55 -7.51 -64.65
C LEU V 352 13.08 -7.69 -64.30
N ASP V 353 12.20 -6.84 -64.86
CA ASP V 353 10.74 -6.95 -64.58
C ASP V 353 10.22 -8.31 -65.07
N ASP V 354 10.58 -8.69 -66.29
CA ASP V 354 10.15 -10.01 -66.81
C ASP V 354 10.65 -11.14 -65.91
N PHE V 355 11.93 -11.11 -65.55
CA PHE V 355 12.49 -12.24 -64.80
C PHE V 355 11.88 -12.32 -63.41
N THR V 356 11.52 -11.16 -62.85
CA THR V 356 11.03 -11.10 -61.46
C THR V 356 9.54 -11.42 -61.42
N TYR V 357 8.76 -10.89 -62.37
CA TYR V 357 7.35 -11.27 -62.42
C TYR V 357 7.18 -12.74 -62.76
N TYR V 358 8.08 -13.32 -63.57
CA TYR V 358 8.07 -14.76 -63.77
C TYR V 358 8.23 -15.48 -62.44
N GLY V 359 9.20 -15.05 -61.64
CA GLY V 359 9.44 -15.71 -60.37
C GLY V 359 8.32 -15.51 -59.37
N TYR V 360 7.74 -14.32 -59.34
CA TYR V 360 6.59 -14.07 -58.48
C TYR V 360 5.45 -15.02 -58.80
N ASP V 361 5.17 -15.23 -60.07
CA ASP V 361 4.13 -16.17 -60.47
C ASP V 361 4.48 -17.61 -60.06
N TYR V 362 5.74 -18.02 -60.24
CA TYR V 362 6.17 -19.36 -59.83
C TYR V 362 5.98 -19.55 -58.33
N ALA V 363 6.38 -18.53 -57.55
CA ALA V 363 6.29 -18.65 -56.11
C ALA V 363 4.84 -18.65 -55.64
N LEU V 364 3.99 -17.76 -56.20
CA LEU V 364 2.58 -17.73 -55.79
C LEU V 364 1.92 -19.06 -56.04
N ASN V 365 2.22 -19.69 -57.16
CA ASN V 365 1.58 -20.96 -57.49
C ASN V 365 2.12 -22.12 -56.67
N LYS V 366 3.39 -22.06 -56.26
CA LYS V 366 3.97 -23.17 -55.53
C LYS V 366 3.83 -23.04 -54.03
N TYR V 367 4.09 -21.84 -53.49
CA TYR V 367 4.11 -21.62 -52.05
C TYR V 367 2.92 -20.83 -51.54
N GLY V 368 2.20 -20.15 -52.40
CA GLY V 368 1.02 -19.42 -51.96
C GLY V 368 1.27 -17.94 -51.83
N ASP V 369 0.54 -17.31 -50.92
CA ASP V 369 0.42 -15.86 -50.87
C ASP V 369 1.74 -15.21 -50.47
N ASP V 370 1.84 -13.93 -50.83
CA ASP V 370 2.98 -13.09 -50.46
C ASP V 370 3.40 -13.34 -49.02
N GLY V 371 4.69 -13.51 -48.79
CA GLY V 371 5.21 -13.57 -47.44
C GLY V 371 5.03 -14.89 -46.70
N THR V 372 4.37 -15.89 -47.30
CA THR V 372 4.02 -17.12 -46.58
C THR V 372 4.95 -18.29 -46.86
N ALA V 373 5.98 -18.12 -47.69
CA ALA V 373 6.83 -19.26 -48.02
C ALA V 373 7.80 -19.56 -46.88
N PRO V 374 8.27 -20.81 -46.75
CA PRO V 374 9.16 -21.16 -45.64
C PRO V 374 10.45 -20.34 -45.64
N ASN V 375 10.85 -19.89 -44.45
CA ASN V 375 12.05 -19.07 -44.29
C ASN V 375 13.25 -20.00 -44.09
N ASP V 376 13.66 -20.66 -45.17
CA ASP V 376 14.74 -21.64 -45.04
C ASP V 376 15.58 -21.74 -46.30
N LEU V 377 16.71 -22.40 -46.14
CA LEU V 377 17.69 -22.52 -47.22
C LEU V 377 17.12 -23.31 -48.39
N ALA V 378 16.30 -24.34 -48.10
CA ALA V 378 15.70 -25.12 -49.17
C ALA V 378 14.84 -24.28 -50.09
N THR V 379 14.06 -23.36 -49.51
CA THR V 379 13.19 -22.50 -50.32
C THR V 379 14.01 -21.51 -51.13
N ALA V 380 15.03 -20.90 -50.52
CA ALA V 380 15.91 -20.03 -51.29
C ALA V 380 16.52 -20.78 -52.46
N THR V 381 16.90 -22.05 -52.24
CA THR V 381 17.53 -22.83 -53.30
C THR V 381 16.57 -23.04 -54.46
N ASP V 382 15.33 -23.44 -54.14
CA ASP V 382 14.35 -23.70 -55.18
C ASP V 382 14.07 -22.44 -56.00
N LEU V 383 13.72 -21.34 -55.33
CA LEU V 383 13.35 -20.12 -56.05
C LEU V 383 14.50 -19.57 -56.87
N ALA V 384 15.71 -19.53 -56.29
CA ALA V 384 16.83 -18.96 -57.03
C ALA V 384 17.14 -19.80 -58.25
N THR V 385 17.11 -21.13 -58.10
CA THR V 385 17.48 -21.97 -59.23
C THR V 385 16.48 -21.81 -60.37
N GLU V 386 15.16 -21.82 -60.06
CA GLU V 386 14.17 -21.72 -61.12
C GLU V 386 14.25 -20.37 -61.83
N VAL V 387 14.35 -19.29 -61.05
CA VAL V 387 14.35 -17.95 -61.63
C VAL V 387 15.60 -17.75 -62.47
N THR V 388 16.74 -18.24 -61.99
CA THR V 388 17.98 -18.09 -62.74
C THR V 388 17.95 -18.92 -64.02
N LEU V 389 17.53 -20.18 -63.93
CA LEU V 389 17.44 -21.00 -65.14
C LEU V 389 16.53 -20.34 -66.16
N ASN V 390 15.36 -19.87 -65.73
CA ASN V 390 14.45 -19.22 -66.68
C ASN V 390 15.08 -17.99 -67.35
N GLY V 391 15.75 -17.15 -66.57
CA GLY V 391 16.36 -15.97 -67.14
C GLY V 391 17.50 -16.32 -68.08
N MET V 392 18.32 -17.30 -67.72
CA MET V 392 19.37 -17.74 -68.63
C MET V 392 18.77 -18.23 -69.94
N GLU V 393 17.65 -18.96 -69.88
CA GLU V 393 17.01 -19.43 -71.10
C GLU V 393 16.48 -18.28 -71.93
N CYS V 394 16.01 -17.22 -71.29
CA CYS V 394 15.60 -16.02 -72.04
C CYS V 394 16.77 -15.43 -72.81
N TYR V 395 17.91 -15.20 -72.15
CA TYR V 395 19.06 -14.66 -72.85
C TYR V 395 19.50 -15.58 -73.99
N GLU V 396 19.35 -16.90 -73.80
CA GLU V 396 19.76 -17.84 -74.82
C GLU V 396 18.78 -17.89 -75.99
N ASP V 397 17.48 -17.69 -75.72
CA ASP V 397 16.47 -17.78 -76.77
C ASP V 397 16.27 -16.46 -77.51
N TYR V 398 16.67 -15.34 -76.93
CA TYR V 398 16.47 -14.01 -77.52
C TYR V 398 17.83 -13.35 -77.68
N PRO V 399 18.51 -13.55 -78.82
CA PRO V 399 19.86 -12.97 -78.99
C PRO V 399 19.98 -11.49 -78.67
N THR V 400 19.00 -10.65 -79.05
CA THR V 400 19.14 -9.23 -78.75
C THR V 400 19.01 -8.92 -77.26
N LEU V 401 18.41 -9.83 -76.48
CA LEU V 401 18.39 -9.65 -75.02
C LEU V 401 19.77 -9.87 -74.43
N LEU V 402 20.46 -10.92 -74.87
CA LEU V 402 21.84 -11.15 -74.45
C LEU V 402 22.73 -9.99 -74.88
N GLU V 403 22.46 -9.45 -76.08
CA GLU V 403 23.23 -8.33 -76.58
C GLU V 403 23.01 -7.07 -75.76
N ASP V 404 21.80 -6.89 -75.22
CA ASP V 404 21.54 -5.76 -74.35
C ASP V 404 22.40 -5.84 -73.09
N HIS V 405 22.28 -6.95 -72.35
CA HIS V 405 23.11 -7.18 -71.18
C HIS V 405 24.41 -7.86 -71.62
N PHE V 406 25.21 -7.09 -72.37
CA PHE V 406 26.36 -7.64 -73.05
C PHE V 406 27.47 -8.02 -72.08
N GLY V 407 27.54 -7.35 -70.93
CA GLY V 407 28.51 -7.70 -69.91
C GLY V 407 27.98 -8.73 -68.92
N GLY V 408 28.83 -9.71 -68.58
CA GLY V 408 28.39 -10.75 -67.67
C GLY V 408 27.94 -10.20 -66.33
N SER V 409 28.58 -9.13 -65.85
CA SER V 409 28.23 -8.53 -64.57
C SER V 409 26.77 -8.10 -64.54
N MGN V 410 26.33 -7.43 -65.62
CA MGN V 410 24.91 -7.04 -65.80
CB1 MGN V 410 24.71 -6.45 -67.20
CB2 MGN V 410 24.55 -6.02 -64.70
CG MGN V 410 25.43 -5.13 -67.44
CD MGN V 410 25.33 -4.73 -68.89
OE1 MGN V 410 25.71 -5.49 -69.78
NE2 MGN V 410 24.80 -3.54 -69.14
C MGN V 410 24.01 -8.29 -65.69
O MGN V 410 23.00 -8.23 -64.97
N ARG V 411 24.30 -9.34 -66.43
CA ARG V 411 23.50 -10.56 -66.39
C ARG V 411 23.47 -11.14 -64.99
N ALA V 412 24.63 -11.15 -64.32
CA ALA V 412 24.71 -11.76 -63.01
C ALA V 412 23.83 -11.01 -62.01
N GLY V 413 23.93 -9.67 -62.02
CA GLY V 413 23.14 -8.89 -61.10
C GLY V 413 21.64 -8.99 -61.35
N ILE V 414 21.25 -9.04 -62.62
CA ILE V 414 19.83 -9.09 -62.94
C ILE V 414 19.25 -10.46 -62.66
N LEU V 415 19.96 -11.54 -63.00
CA LEU V 415 19.49 -12.87 -62.65
C LEU V 415 19.39 -13.05 -61.14
N ALA V 416 20.41 -12.59 -60.40
CA ALA V 416 20.42 -12.74 -58.95
C ALA V 416 19.39 -11.84 -58.29
N ALA V 417 19.22 -10.62 -58.80
CA ALA V 417 18.18 -9.75 -58.27
C ALA V 417 16.81 -10.37 -58.45
N ALA V 418 16.53 -10.89 -59.65
CA ALA V 418 15.23 -11.52 -59.86
C ALA V 418 15.04 -12.69 -58.90
N SER V 419 16.10 -13.48 -58.69
CA SER V 419 16.04 -14.62 -57.78
C SER V 419 15.78 -14.17 -56.35
N ALA V 420 16.53 -13.16 -55.90
CA ALA V 420 16.45 -12.71 -54.52
C ALA V 420 15.18 -11.93 -54.27
N CYS V 421 14.76 -11.12 -55.25
CA CYS V 421 13.48 -10.41 -55.11
C CYS V 421 12.32 -11.38 -55.06
N THR V 422 12.34 -12.41 -55.90
CA THR V 422 11.33 -13.46 -55.81
C THR V 422 11.34 -14.10 -54.42
N THR V 423 12.54 -14.43 -53.91
CA THR V 423 12.61 -15.07 -52.60
C THR V 423 12.16 -14.13 -51.50
N GLY V 424 12.54 -12.85 -51.58
CA GLY V 424 12.10 -11.90 -50.58
C GLY V 424 10.59 -11.77 -50.53
N ILE V 425 9.95 -11.60 -51.69
CA ILE V 425 8.49 -11.44 -51.70
C ILE V 425 7.82 -12.69 -51.18
N ALA V 426 8.30 -13.88 -51.62
CA ALA V 426 7.66 -15.13 -51.22
C ALA V 426 7.81 -15.40 -49.72
N THR V 427 9.00 -15.18 -49.17
CA THR V 427 9.26 -15.55 -47.79
C THR V 427 9.02 -14.42 -46.80
N GLY V 428 9.03 -13.16 -47.27
CA GLY V 428 9.02 -12.05 -46.34
C GLY V 428 10.29 -11.89 -45.54
N ASN V 429 11.40 -12.49 -45.95
CA ASN V 429 12.61 -12.52 -45.13
C ASN V 429 13.83 -12.10 -45.95
N SER V 430 14.43 -10.97 -45.57
CA SER V 430 15.56 -10.44 -46.31
C SER V 430 16.78 -11.35 -46.25
N GLN V 431 17.00 -12.00 -45.10
CA GLN V 431 18.20 -12.81 -44.93
C GLN V 431 18.11 -14.08 -45.77
N VAL V 432 16.93 -14.67 -45.85
CA VAL V 432 16.72 -15.83 -46.72
C VAL V 432 16.89 -15.43 -48.18
N ALA V 433 16.37 -14.26 -48.54
CA ALA V 433 16.57 -13.75 -49.89
C ALA V 433 18.05 -13.59 -50.21
N LEU V 434 18.86 -13.23 -49.21
CA LEU V 434 20.30 -13.07 -49.45
C LEU V 434 20.94 -14.41 -49.82
N SER V 435 20.52 -15.50 -49.18
CA SER V 435 21.02 -16.82 -49.59
C SER V 435 20.70 -17.09 -51.05
N ALA V 436 19.50 -16.72 -51.49
CA ALA V 436 19.10 -16.91 -52.88
C ALA V 436 19.92 -16.10 -53.87
N TRX V 437 20.22 -14.86 -53.51
CA TRX V 437 21.15 -14.01 -54.30
C TRX V 437 22.43 -14.82 -54.60
O TRX V 437 22.77 -14.96 -55.80
CB TRX V 437 21.46 -12.71 -53.55
CG TRX V 437 22.54 -11.90 -54.20
CD1 TRX V 437 23.88 -12.02 -53.99
CD2 TRX V 437 22.40 -10.86 -55.19
NE1 TRX V 437 24.59 -11.14 -54.75
CE2 TRX V 437 23.70 -10.40 -55.51
CE3 TRX V 437 21.30 -10.28 -55.87
CZ2 TRX V 437 23.93 -9.39 -56.45
CZ3 TRX V 437 21.52 -9.28 -56.80
CH2 TRX V 437 22.82 -8.84 -57.09
OH2 TRX V 437 23.01 -7.84 -58.01
N TYR V 438 23.13 -15.33 -53.60
CA TYR V 438 24.40 -16.00 -53.89
C TYR V 438 24.19 -17.32 -54.66
N MET V 439 23.09 -18.02 -54.39
CA MET V 439 22.78 -19.23 -55.15
C MET V 439 22.68 -18.95 -56.64
N SER V 440 22.00 -17.85 -57.00
CA SER V 440 21.91 -17.48 -58.41
C SER V 440 23.30 -17.34 -59.03
N MET V 441 24.21 -16.64 -58.36
CA MET V 441 25.57 -16.49 -58.87
C MET V 441 26.22 -17.83 -59.16
N TYR V 442 26.12 -18.76 -58.21
CA TYR V 442 26.83 -20.04 -58.36
C TYR V 442 26.21 -20.87 -59.49
N VAL V 443 24.88 -20.84 -59.60
CA VAL V 443 24.21 -21.54 -60.70
C VAL V 443 24.64 -20.96 -62.04
N HIS V 444 24.59 -19.63 -62.15
CA HIS V 444 24.95 -18.93 -63.38
C HIS V 444 26.36 -19.28 -63.81
N LYS V 445 27.30 -19.22 -62.88
CA LYS V 445 28.70 -19.46 -63.23
C LYS V 445 28.89 -20.80 -63.90
N GLU V 446 28.25 -21.85 -63.38
CA GLU V 446 28.48 -23.17 -63.97
C GLU V 446 27.74 -23.35 -65.30
N GLY V 447 26.66 -22.61 -65.55
CA GLY V 447 25.97 -22.79 -66.82
C GLY V 447 26.79 -22.29 -67.99
N TRP V 448 27.37 -21.10 -67.85
CA TRP V 448 28.04 -20.43 -68.96
C TRP V 448 29.57 -20.42 -68.85
N GLY V 449 30.15 -20.92 -67.77
CA GLY V 449 31.59 -20.86 -67.57
C GLY V 449 32.12 -19.45 -67.48
N ARG V 450 31.32 -18.49 -66.97
CA ARG V 450 31.65 -17.09 -66.82
C ARG V 450 30.61 -16.53 -65.88
N LEU V 451 30.95 -15.43 -65.26
CA LEU V 451 30.03 -14.71 -64.38
C LEU V 451 30.10 -13.22 -64.74
N GLY V 452 30.86 -12.43 -63.96
CA GLY V 452 31.01 -11.02 -64.23
C GLY V 452 32.45 -10.63 -64.57
N PHE V 453 32.80 -9.38 -64.29
CA PHE V 453 34.13 -8.83 -64.52
C PHE V 453 35.14 -9.53 -63.57
N PHE V 454 36.41 -9.20 -63.75
CA PHE V 454 37.52 -9.85 -63.06
C PHE V 454 37.26 -10.01 -61.56
CA GL3 V 455 36.59 -8.86 -59.52
N GL3 V 455 36.70 -8.97 -60.96
C GL3 V 455 35.18 -8.95 -58.98
S GL3 V 455 34.81 -8.41 -57.48
N TYR V 456 34.22 -9.39 -59.94
CA TYR V 456 32.80 -9.27 -59.61
C TYR V 456 32.34 -10.09 -58.39
N ASP V 457 32.82 -11.33 -58.28
CA ASP V 457 32.35 -12.24 -57.24
C ASP V 457 33.30 -12.37 -56.05
N LEU V 458 34.00 -11.30 -55.68
CA LEU V 458 34.60 -11.27 -54.35
C LEU V 458 33.54 -11.49 -53.29
N GLN V 459 32.51 -10.63 -53.26
CA GLN V 459 31.45 -10.82 -52.28
C GLN V 459 30.66 -12.09 -52.62
N DYA V 460 30.58 -12.46 -53.90
CA DYA V 460 29.94 -13.61 -54.22
CB DYA V 460 28.89 -13.53 -55.09
CG DYA V 460 28.40 -12.26 -55.69
OD1 DYA V 460 27.26 -11.92 -55.45
OD2 DYA V 460 29.18 -11.62 -56.38
C DYA V 460 30.39 -14.82 -53.70
O DYA V 460 29.61 -15.64 -53.27
N GLN V 461 31.71 -15.00 -53.72
CA GLN V 461 32.26 -16.27 -53.23
C GLN V 461 32.34 -16.28 -51.70
N SMC V 462 32.55 -15.10 -51.09
CA SMC V 462 32.44 -14.96 -49.62
CB SMC V 462 32.99 -13.62 -49.18
SG SMC V 462 34.79 -13.46 -49.39
CS SMC V 462 34.99 -11.71 -49.74
C SMC V 462 30.96 -15.01 -49.24
O SMC V 462 30.70 -15.06 -48.03
N GLY V 463 30.05 -14.94 -50.20
CA GLY V 463 28.65 -14.60 -49.91
C GLY V 463 27.85 -15.60 -49.11
N ALA V 464 27.74 -16.84 -49.63
CA ALA V 464 26.90 -17.84 -48.99
C ALA V 464 27.30 -18.04 -47.54
N THR V 465 28.61 -18.14 -47.27
CA THR V 465 29.08 -18.42 -45.92
C THR V 465 28.89 -17.24 -44.98
N ASN V 466 28.78 -16.02 -45.48
CA ASN V 466 28.59 -14.85 -44.64
C ASN V 466 27.14 -14.46 -44.46
N VAL V 467 26.20 -15.15 -45.10
CA VAL V 467 24.78 -14.84 -44.87
C VAL V 467 24.40 -15.15 -43.43
N CYS V 468 24.84 -16.30 -42.94
CA CYS V 468 24.43 -16.81 -41.64
C CYS V 468 25.60 -16.87 -40.67
N SER V 469 26.69 -16.19 -40.97
CA SER V 469 27.73 -16.02 -39.96
C SER V 469 27.24 -15.06 -38.89
N TYR V 470 27.70 -15.28 -37.65
CA TYR V 470 27.46 -14.34 -36.57
C TYR V 470 28.76 -13.76 -36.02
N GLN V 471 29.85 -13.88 -36.78
CA GLN V 471 31.13 -13.32 -36.36
C GLN V 471 31.14 -11.80 -36.53
N GLY V 472 31.94 -11.11 -35.75
CA GLY V 472 31.95 -9.63 -35.69
C GLY V 472 31.86 -8.87 -37.02
N ASP V 473 32.80 -9.09 -37.93
CA ASP V 473 32.85 -8.27 -39.17
C ASP V 473 32.19 -9.03 -40.32
N GLU V 474 31.47 -10.11 -40.02
CA GLU V 474 30.79 -10.92 -41.05
C GLU V 474 29.29 -10.89 -40.78
N GLY V 475 28.88 -11.14 -39.54
CA GLY V 475 27.45 -11.25 -39.25
C GLY V 475 26.77 -9.89 -39.27
N CYS V 476 25.60 -9.85 -39.90
CA CYS V 476 24.82 -8.61 -39.95
C CYS V 476 23.54 -8.89 -40.73
N CYS V 477 22.38 -8.45 -40.23
CA CYS V 477 21.17 -8.60 -41.03
C CYS V 477 21.21 -7.68 -42.25
N LEU V 478 20.49 -8.08 -43.30
CA LEU V 478 20.66 -7.35 -44.56
C LEU V 478 20.19 -5.91 -44.43
N GLU V 479 19.14 -5.66 -43.65
CA GLU V 479 18.61 -4.29 -43.51
C GLU V 479 19.69 -3.32 -43.02
N LEU V 480 20.57 -3.79 -42.12
CA LEU V 480 21.64 -2.97 -41.56
C LEU V 480 22.94 -3.05 -42.35
N ARG V 481 23.08 -4.00 -43.27
CA ARG V 481 24.23 -3.95 -44.17
C ARG V 481 24.10 -2.74 -45.07
N GLY V 482 25.21 -2.35 -45.70
CA GLY V 482 25.21 -1.22 -46.61
C GLY V 482 26.46 -1.25 -47.45
N ALA V 483 26.76 -0.11 -48.06
CA ALA V 483 27.91 0.02 -48.94
C ALA V 483 29.26 0.03 -48.20
N ASN V 484 29.26 -0.11 -46.87
CA ASN V 484 30.49 -0.29 -46.12
C ASN V 484 30.58 -1.65 -45.42
N TYR V 485 29.59 -2.51 -45.59
CA TYR V 485 29.76 -3.90 -45.18
C TYR V 485 31.02 -4.42 -45.88
N PRO V 486 31.96 -5.02 -45.16
CA PRO V 486 33.31 -5.19 -45.73
C PRO V 486 33.35 -5.85 -47.09
N ASN V 487 32.69 -6.99 -47.25
CA ASN V 487 32.68 -7.68 -48.53
C ASN V 487 32.09 -6.82 -49.64
N TYR V 488 31.23 -5.86 -49.31
CA TYR V 488 30.50 -5.10 -50.32
C TYR V 488 31.14 -3.76 -50.64
N ALA V 489 32.27 -3.42 -50.04
CA ALA V 489 32.74 -2.04 -50.06
C ALA V 489 33.33 -1.59 -51.40
N MET V 490 33.45 -2.49 -52.39
CA MET V 490 34.19 -2.19 -53.60
C MET V 490 33.42 -2.26 -54.93
N ASN V 491 32.48 -3.18 -55.12
CA ASN V 491 32.19 -3.66 -56.48
C ASN V 491 30.78 -3.36 -57.00
N VAL V 492 30.71 -3.06 -58.29
CA VAL V 492 29.47 -2.73 -58.99
C VAL V 492 28.57 -3.97 -59.03
N GLY V 493 27.30 -3.77 -59.36
CA GLY V 493 26.38 -4.86 -59.66
C GLY V 493 25.84 -5.59 -58.47
N HIS V 494 25.85 -4.98 -57.27
CA HIS V 494 25.37 -5.65 -56.07
C HIS V 494 24.56 -4.75 -55.15
N GLN V 495 25.09 -3.56 -54.81
CA GLN V 495 24.57 -2.75 -53.72
C GLN V 495 23.11 -2.35 -53.94
N GLY V 496 22.81 -1.84 -55.13
CA GLY V 496 21.45 -1.39 -55.38
C GLY V 496 20.47 -2.54 -55.42
N GLU V 497 20.92 -3.71 -55.86
CA GLU V 497 20.04 -4.91 -55.91
C GLU V 497 19.75 -5.39 -54.47
N TYR V 498 20.75 -5.31 -53.60
CA TYR V 498 20.55 -5.67 -52.17
C TYR V 498 19.46 -4.78 -51.55
N ALA V 499 19.51 -3.47 -51.83
CA ALA V 499 18.47 -2.55 -51.33
C ALA V 499 17.11 -2.99 -51.90
N GLY V 500 17.09 -3.33 -53.19
CA GLY V 500 15.84 -3.77 -53.84
C GLY V 500 15.21 -4.96 -53.16
N PHE V 501 15.99 -6.02 -52.88
CA PHE V 501 15.33 -7.24 -52.31
C PHE V 501 15.15 -7.07 -50.79
N THR V 502 15.84 -6.12 -50.17
CA THR V 502 15.50 -5.78 -48.77
C THR V 502 14.07 -5.21 -48.82
N GLY V 503 13.81 -4.32 -49.77
CA GLY V 503 12.44 -3.81 -49.95
C GLY V 503 11.48 -4.94 -50.29
N SER V 504 11.92 -5.89 -51.12
CA SER V 504 11.04 -6.99 -51.56
C SER V 504 10.52 -7.82 -50.38
N ALA V 505 11.37 -8.07 -49.39
CA ALA V 505 10.94 -8.89 -48.25
C ALA V 505 9.85 -8.17 -47.45
N HIS V 506 10.01 -6.87 -47.26
CA HIS V 506 8.99 -6.14 -46.51
C HIS V 506 7.74 -5.89 -47.35
N ALA V 507 7.88 -5.77 -48.66
CA ALA V 507 6.69 -5.67 -49.50
C ALA V 507 5.94 -6.99 -49.49
N GLY V 508 6.68 -8.11 -49.49
CA GLY V 508 6.05 -9.40 -49.42
C GLY V 508 5.35 -9.64 -48.09
N ALA V 509 5.93 -9.13 -47.00
CA ALA V 509 5.30 -9.21 -45.69
C ALA V 509 4.20 -8.18 -45.51
N HIS V 510 3.99 -7.30 -46.49
CA HIS V 510 3.01 -6.20 -46.39
C HIS V 510 3.24 -5.34 -45.16
N ASP V 511 4.51 -4.97 -44.97
CA ASP V 511 4.89 -3.95 -44.00
C ASP V 511 4.83 -2.56 -44.64
N ALA V 512 4.91 -1.54 -43.79
CA ALA V 512 4.89 -0.15 -44.25
C ALA V 512 6.28 0.43 -44.46
N TYR V 513 7.32 -0.26 -44.00
CA TYR V 513 8.71 0.18 -44.11
C TYR V 513 9.59 -1.03 -43.77
N CYS V 514 10.90 -0.87 -43.97
CA CYS V 514 11.88 -1.93 -43.79
C CYS V 514 12.73 -1.76 -42.54
N CYS V 515 13.02 -0.52 -42.16
CA CYS V 515 14.13 -0.30 -41.23
C CYS V 515 13.96 0.91 -40.34
N ASN V 516 13.44 2.02 -40.88
CA ASN V 516 13.23 3.17 -40.01
C ASN V 516 12.00 3.97 -40.41
N PRO V 517 10.94 3.97 -39.58
CA PRO V 517 9.74 4.72 -39.97
C PRO V 517 9.95 6.21 -40.13
N LEU V 518 10.94 6.77 -39.44
CA LEU V 518 11.24 8.20 -39.62
C LEU V 518 11.71 8.48 -41.04
N ILE V 519 12.57 7.62 -41.59
CA ILE V 519 13.02 7.78 -42.97
C ILE V 519 11.83 7.67 -43.91
N LYS V 520 10.98 6.68 -43.65
CA LYS V 520 9.80 6.45 -44.50
C LYS V 520 8.91 7.70 -44.58
N VAL V 521 8.57 8.30 -43.44
CA VAL V 521 7.70 9.47 -43.48
C VAL V 521 8.39 10.65 -44.15
N CYS V 522 9.65 10.88 -43.78
CA CYS V 522 10.39 12.04 -44.27
C CYS V 522 10.40 12.09 -45.80
N PHE V 523 10.70 10.96 -46.44
CA PHE V 523 10.84 10.92 -47.89
C PHE V 523 9.51 10.80 -48.64
N ALA V 524 8.40 10.63 -47.94
CA ALA V 524 7.09 10.66 -48.58
C ALA V 524 6.62 12.07 -48.93
N ASP V 525 7.23 13.08 -48.33
CA ASP V 525 6.81 14.48 -48.50
C ASP V 525 6.87 14.93 -49.95
N PRO V 526 5.75 15.38 -50.51
CA PRO V 526 5.77 15.85 -51.91
C PRO V 526 6.56 17.12 -52.13
N SER V 527 7.04 17.78 -51.07
CA SER V 527 7.79 19.01 -51.26
C SER V 527 9.25 18.81 -51.64
N LEU V 528 9.74 17.58 -51.65
CA LEU V 528 11.09 17.33 -52.16
C LEU V 528 11.10 17.60 -53.66
N VAL V 529 12.29 17.81 -54.23
CA VAL V 529 12.36 18.11 -55.65
C VAL V 529 12.13 16.86 -56.47
N PHE V 530 12.77 15.76 -56.08
CA PHE V 530 12.69 14.50 -56.77
C PHE V 530 11.48 13.72 -56.26
N ASP V 531 10.78 13.06 -57.18
CA ASP V 531 9.58 12.25 -56.81
C ASP V 531 10.01 10.83 -56.44
N PHE V 532 10.18 10.60 -55.14
CA PHE V 532 10.61 9.29 -54.62
C PHE V 532 9.57 8.20 -54.78
N SER V 533 8.37 8.51 -55.27
CA SER V 533 7.36 7.48 -55.45
C SER V 533 7.42 6.80 -56.80
N TYR V 534 8.15 7.34 -57.78
CA TYR V 534 8.26 6.69 -59.10
C TYR V 534 9.63 7.04 -59.67
N ILE V 535 10.62 6.25 -59.29
CA ILE V 535 12.03 6.53 -59.62
C ILE V 535 12.27 6.52 -61.12
N ARG V 536 11.77 5.44 -61.79
CA ARG V 536 12.14 5.30 -63.20
C ARG V 536 11.49 6.38 -64.05
N LYS V 537 10.35 6.84 -63.68
CA LYS V 537 9.70 7.97 -64.36
C LYS V 537 10.54 9.23 -64.23
N GLU V 538 11.11 9.47 -63.05
CA GLU V 538 12.01 10.61 -62.87
C GLU V 538 13.25 10.47 -63.74
N TYR V 539 13.87 9.28 -63.76
CA TYR V 539 15.06 9.11 -64.57
C TYR V 539 14.77 9.42 -66.03
N ALA V 540 13.60 8.99 -66.51
CA ALA V 540 13.19 9.30 -67.88
C ALA V 540 13.16 10.81 -68.11
N LYS V 541 12.59 11.58 -67.17
CA LYS V 541 12.56 13.03 -67.34
C LYS V 541 13.97 13.61 -67.45
N GLY V 542 14.88 13.17 -66.56
CA GLY V 542 16.24 13.68 -66.64
C GLY V 542 16.90 13.35 -67.96
N ALA V 543 16.64 12.15 -68.47
CA ALA V 543 17.26 11.69 -69.71
C ALA V 543 16.70 12.44 -70.91
N MET V 544 15.46 12.92 -70.82
CA MET V 544 14.79 13.70 -71.84
C MET V 544 14.95 15.20 -71.63
N ARG V 545 15.75 15.62 -70.67
CA ARG V 545 15.99 17.03 -70.42
C ARG V 545 14.70 17.75 -70.00
N THR V 546 13.84 17.05 -69.27
CA THR V 546 12.60 17.63 -68.76
C THR V 546 12.54 17.64 -67.24
N PHE V 547 13.67 17.43 -66.58
CA PHE V 547 13.70 17.50 -65.09
C PHE V 547 14.41 18.77 -64.66
N ARG V 548 13.72 19.58 -63.85
CA ARG V 548 14.29 20.84 -63.34
C ARG V 548 14.94 20.58 -61.96
N PRO V 549 16.27 20.64 -61.85
CA PRO V 549 16.91 20.44 -60.58
C PRO V 549 17.02 21.74 -59.78
N ALA V 550 17.34 21.61 -58.49
CA ALA V 550 17.65 22.80 -57.67
C ALA V 550 19.13 23.05 -57.74
N GLY V 551 19.57 24.20 -57.25
CA GLY V 551 21.00 24.45 -57.11
C GLY V 551 21.68 25.21 -58.23
N GLU V 552 20.98 25.56 -59.30
CA GLU V 552 21.62 26.29 -60.37
C GLU V 552 21.91 27.72 -59.94
N ARG V 553 22.83 28.37 -60.67
CA ARG V 553 23.30 29.73 -60.26
C ARG V 553 22.96 30.78 -61.33
N SER V 554 21.93 30.52 -62.11
CA SER V 554 21.55 31.46 -63.21
CA SER V 554 21.55 31.46 -63.21
C SER V 554 21.27 32.90 -62.72
N LEU V 555 20.81 33.00 -61.46
CA LEU V 555 20.44 34.33 -60.90
C LEU V 555 21.66 35.22 -60.65
N VAL V 556 22.87 34.65 -60.60
CA VAL V 556 24.04 35.41 -60.17
C VAL V 556 25.22 35.24 -61.11
N ILE V 557 24.95 34.85 -62.35
CA ILE V 557 25.99 34.71 -63.37
C ILE V 557 25.67 35.53 -64.62
N PRO V 558 26.69 35.95 -65.36
CA PRO V 558 26.44 36.63 -66.64
C PRO V 558 26.02 35.61 -67.68
N ALA V 559 25.59 36.16 -68.81
CA ALA V 559 25.18 35.35 -69.95
C ALA V 559 25.95 35.91 -71.13
N ALA W 2 41.43 -33.73 -27.85
CA ALA W 2 42.22 -32.55 -28.20
C ALA W 2 43.08 -32.87 -29.43
N ASP W 3 43.74 -31.84 -29.96
CA ASP W 3 44.54 -31.96 -31.17
C ASP W 3 46.01 -31.80 -30.84
N THR W 4 46.85 -32.63 -31.49
CA THR W 4 48.29 -32.46 -31.44
C THR W 4 48.85 -32.34 -32.84
N ILE W 5 50.03 -31.74 -32.92
CA ILE W 5 50.72 -31.49 -34.18
C ILE W 5 52.20 -31.74 -33.95
N ASP W 6 52.88 -32.14 -35.01
CA ASP W 6 54.34 -32.14 -35.01
C ASP W 6 54.81 -30.83 -35.61
N LEU W 7 55.81 -30.23 -34.99
CA LEU W 7 56.39 -28.97 -35.44
C LEU W 7 57.67 -29.23 -36.24
N TYR W 8 57.77 -28.57 -37.38
CA TYR W 8 58.89 -28.72 -38.29
C TYR W 8 59.43 -27.34 -38.64
N ASP W 9 60.72 -27.29 -38.95
CA ASP W 9 61.39 -26.03 -39.22
C ASP W 9 61.27 -25.68 -40.71
N ASP W 10 61.98 -24.61 -41.09
CA ASP W 10 61.88 -24.08 -42.45
C ASP W 10 62.58 -24.96 -43.46
N ARG W 11 63.44 -25.89 -43.00
CA ARG W 11 64.10 -26.84 -43.89
C ARG W 11 63.51 -28.24 -43.82
N GLY W 12 62.30 -28.37 -43.26
CA GLY W 12 61.63 -29.66 -43.26
C GLY W 12 62.10 -30.63 -42.20
N LYS W 13 62.82 -30.15 -41.19
CA LYS W 13 63.35 -31.00 -40.13
C LYS W 13 62.47 -30.92 -38.90
N LYS W 14 62.25 -32.05 -38.26
CA LYS W 14 61.34 -32.08 -37.12
C LYS W 14 61.94 -31.40 -35.90
N LEU W 15 61.13 -30.57 -35.25
CA LEU W 15 61.54 -29.84 -34.05
C LEU W 15 60.97 -30.43 -32.78
N LYS W 16 59.70 -30.79 -32.78
CA LYS W 16 59.01 -31.27 -31.59
C LYS W 16 57.80 -32.07 -32.02
N GLY W 17 57.50 -33.12 -31.28
CA GLY W 17 56.43 -34.04 -31.63
C GLY W 17 55.31 -33.95 -30.63
N ASP W 18 54.09 -34.27 -31.08
CA ASP W 18 52.90 -34.36 -30.24
C ASP W 18 52.71 -33.11 -29.39
N VAL W 19 52.76 -31.95 -30.05
CA VAL W 19 52.54 -30.66 -29.39
C VAL W 19 51.05 -30.39 -29.33
N ASP W 20 50.56 -30.06 -28.14
CA ASP W 20 49.16 -29.67 -27.99
C ASP W 20 48.90 -28.41 -28.80
N LEU W 21 47.81 -28.43 -29.58
CA LEU W 21 47.49 -27.30 -30.46
C LEU W 21 47.41 -25.99 -29.68
N GLN W 22 46.92 -26.05 -28.44
CA GLN W 22 46.83 -24.85 -27.62
C GLN W 22 48.20 -24.24 -27.33
N ALA W 23 49.27 -25.04 -27.37
CA ALA W 23 50.59 -24.51 -27.06
C ALA W 23 51.14 -23.57 -28.14
N VAL W 24 50.50 -23.50 -29.31
CA VAL W 24 50.86 -22.57 -30.37
C VAL W 24 49.84 -21.44 -30.51
N SER W 25 48.99 -21.27 -29.50
CA SER W 25 48.00 -20.23 -29.56
C SER W 25 48.62 -18.85 -29.36
N PRO W 26 48.11 -17.82 -30.04
CA PRO W 26 48.52 -16.44 -29.74
C PRO W 26 48.34 -16.04 -28.28
N LEU W 27 47.48 -16.73 -27.53
CA LEU W 27 47.20 -16.35 -26.15
C LEU W 27 48.14 -17.04 -25.17
N LYS W 28 48.96 -17.97 -25.64
CA LYS W 28 49.71 -18.84 -24.74
C LYS W 28 51.19 -18.99 -25.11
N ASN W 29 51.51 -19.01 -26.40
CA ASN W 29 52.88 -19.25 -26.83
C ASN W 29 53.72 -17.99 -26.62
N SER W 30 54.75 -18.11 -25.79
CA SER W 30 55.54 -16.94 -25.43
C SER W 30 56.31 -16.38 -26.62
N ALA W 31 56.63 -17.21 -27.62
CA ALA W 31 57.31 -16.68 -28.79
C ALA W 31 56.36 -15.81 -29.63
N ILE W 32 55.10 -16.23 -29.75
CA ILE W 32 54.12 -15.42 -30.45
C ILE W 32 53.89 -14.10 -29.69
N LEU W 33 53.71 -14.18 -28.37
CA LEU W 33 53.48 -12.97 -27.58
C LEU W 33 54.66 -12.02 -27.70
N SER W 34 55.86 -12.58 -27.81
CA SER W 34 57.07 -11.78 -27.97
C SER W 34 57.11 -11.12 -29.35
N MET W 35 56.71 -11.84 -30.40
CA MET W 35 56.66 -11.24 -31.73
C MET W 35 55.71 -10.04 -31.75
N VAL W 36 54.54 -10.21 -31.14
CA VAL W 36 53.57 -9.11 -31.07
C VAL W 36 54.17 -7.93 -30.31
N ASN W 37 54.73 -8.18 -29.14
CA ASN W 37 55.35 -7.11 -28.38
C ASN W 37 56.46 -6.43 -29.18
N THR W 38 57.24 -7.21 -29.94
CA THR W 38 58.33 -6.63 -30.71
C THR W 38 57.82 -5.70 -31.81
N VAL W 39 56.83 -6.16 -32.58
CA VAL W 39 56.33 -5.29 -33.66
C VAL W 39 55.66 -4.04 -33.11
N LYS W 40 55.07 -4.13 -31.92
CA LYS W 40 54.42 -2.98 -31.31
C LYS W 40 55.44 -1.93 -30.88
N ARG W 41 56.50 -2.34 -30.20
CA ARG W 41 57.37 -1.39 -29.52
C ARG W 41 58.62 -1.00 -30.32
N THR W 42 58.89 -1.67 -31.44
CA THR W 42 60.10 -1.39 -32.21
C THR W 42 59.83 -0.39 -33.33
N VAL W 43 60.70 0.60 -33.46
CA VAL W 43 60.58 1.58 -34.54
C VAL W 43 61.95 1.75 -35.19
N ALA W 44 61.93 2.14 -36.46
CA ALA W 44 63.13 2.49 -37.20
C ALA W 44 63.20 4.00 -37.33
N VAL W 45 64.40 4.54 -37.18
CA VAL W 45 64.64 5.97 -37.29
C VAL W 45 65.54 6.18 -38.49
N ASN W 46 65.10 7.00 -39.43
CA ASN W 46 65.89 7.30 -40.62
C ASN W 46 66.68 8.57 -40.35
N LEU W 47 67.87 8.42 -39.77
CA LEU W 47 68.69 9.59 -39.46
C LEU W 47 69.15 10.27 -40.73
N ALA W 48 69.48 9.47 -41.76
CA ALA W 48 69.85 10.05 -43.05
C ALA W 48 68.71 10.89 -43.61
N GLY W 49 67.48 10.43 -43.44
CA GLY W 49 66.34 11.17 -43.93
C GLY W 49 66.11 12.47 -43.18
N ILE W 50 66.38 12.46 -41.87
CA ILE W 50 66.30 13.68 -41.08
C ILE W 50 67.34 14.67 -41.54
N GLU W 51 68.57 14.18 -41.73
CA GLU W 51 69.66 15.04 -42.17
C GLU W 51 69.34 15.67 -43.52
N LYS W 52 68.80 14.87 -44.45
CA LYS W 52 68.50 15.37 -45.78
C LYS W 52 67.34 16.36 -45.74
N ALA W 53 66.32 16.09 -44.93
CA ALA W 53 65.19 17.01 -44.82
C ALA W 53 65.62 18.36 -44.26
N CYS W 54 66.49 18.36 -43.26
CA CYS W 54 66.93 19.62 -42.67
C CYS W 54 67.84 20.39 -43.62
N LYS W 55 68.80 19.69 -44.22
CA LYS W 55 69.78 20.38 -45.06
C LYS W 55 69.13 20.96 -46.30
N ASN W 56 68.09 20.30 -46.82
CA ASN W 56 67.39 20.68 -48.04
C ASN W 56 66.06 21.38 -47.79
N ALA W 57 65.67 21.57 -46.53
CA ALA W 57 64.35 22.15 -46.16
C ALA W 57 63.23 21.47 -46.93
N SER W 58 63.26 20.13 -46.94
CA SER W 58 62.27 19.31 -47.62
C SER W 58 61.29 18.67 -46.63
N TYR W 59 61.00 19.39 -45.54
CA TYR W 59 60.10 18.89 -44.51
C TYR W 59 58.75 18.50 -45.09
N GLY W 60 58.29 17.30 -44.72
CA GLY W 60 57.02 16.79 -45.15
C GLY W 60 57.03 15.93 -46.39
N GLY W 61 58.11 15.97 -47.18
CA GLY W 61 58.16 15.15 -48.38
C GLY W 61 57.31 15.67 -49.54
N GLN W 62 57.20 14.81 -50.56
CA GLN W 62 56.35 15.05 -51.73
C GLN W 62 56.74 16.32 -52.47
N SER W 63 58.04 16.51 -52.63
CA SER W 63 58.61 17.65 -53.34
C SER W 63 58.46 18.96 -52.58
N ARG W 64 57.96 18.92 -51.34
CA ARG W 64 57.94 20.15 -50.53
C ARG W 64 59.35 20.71 -50.37
N ASN W 65 59.41 22.03 -50.30
CA ASN W 65 60.66 22.73 -50.05
C ASN W 65 60.25 24.06 -49.46
N ILE W 66 60.82 24.41 -48.31
CA ILE W 66 60.50 25.66 -47.63
C ILE W 66 61.73 26.55 -47.75
N PRO W 67 61.80 27.41 -48.76
CA PRO W 67 63.03 28.17 -48.99
C PRO W 67 63.46 28.97 -47.76
N GLY W 68 64.76 28.99 -47.53
CA GLY W 68 65.33 29.76 -46.46
C GLY W 68 65.30 29.10 -45.10
N ARG W 69 64.60 27.98 -44.95
CA ARG W 69 64.42 27.33 -43.65
C ARG W 69 65.27 26.07 -43.49
N GLU W 70 66.33 25.92 -44.28
CA GLU W 70 67.28 24.85 -44.03
C GLU W 70 67.87 24.97 -42.63
N VAL W 71 68.09 23.82 -41.99
CA VAL W 71 68.83 23.73 -40.75
C VAL W 71 69.98 22.76 -40.99
N ASP W 72 71.21 23.27 -40.86
CA ASP W 72 72.39 22.51 -41.24
C ASP W 72 72.87 21.68 -40.05
N ILE W 73 72.32 20.46 -39.93
CA ILE W 73 72.75 19.51 -38.91
C ILE W 73 73.07 18.17 -39.57
N ASP W 74 73.94 17.39 -38.92
CA ASP W 74 74.46 16.16 -39.50
C ASP W 74 74.29 14.98 -38.55
N PRO W 75 73.05 14.57 -38.26
CA PRO W 75 72.86 13.54 -37.23
C PRO W 75 73.45 12.17 -37.55
N THR W 76 73.61 11.84 -38.84
CA THR W 76 74.25 10.55 -39.17
C THR W 76 75.69 10.51 -38.69
N ALA W 77 76.35 11.67 -38.60
CA ALA W 77 77.72 11.73 -38.11
C ALA W 77 77.80 11.64 -36.60
N LYS W 78 76.71 11.93 -35.88
CA LYS W 78 76.68 11.81 -34.43
C LYS W 78 75.73 10.71 -33.98
N ALA W 79 75.60 9.65 -34.78
CA ALA W 79 74.54 8.68 -34.52
C ALA W 79 74.73 7.97 -33.19
N ASP W 80 75.96 7.74 -32.76
CA ASP W 80 76.17 7.06 -31.49
C ASP W 80 75.78 7.97 -30.32
N LYS W 81 76.19 9.23 -30.38
CA LYS W 81 75.79 10.21 -29.38
C LYS W 81 74.28 10.35 -29.32
N ILE W 82 73.63 10.46 -30.48
CA ILE W 82 72.18 10.62 -30.48
C ILE W 82 71.52 9.36 -29.94
N ALA W 83 71.95 8.20 -30.42
CA ALA W 83 71.40 6.93 -29.95
C ALA W 83 71.46 6.82 -28.43
N ALA W 84 72.59 7.22 -27.83
CA ALA W 84 72.73 7.13 -26.38
C ALA W 84 71.79 8.09 -25.67
N ARG W 85 71.63 9.31 -26.23
CA ARG W 85 70.70 10.25 -25.62
C ARG W 85 69.26 9.75 -25.73
N VAL W 86 68.89 9.17 -26.88
CA VAL W 86 67.53 8.65 -27.03
C VAL W 86 67.28 7.56 -25.98
N LYS W 87 68.25 6.66 -25.80
CA LYS W 87 68.05 5.57 -24.86
C LYS W 87 67.84 6.11 -23.44
N GLU W 88 68.65 7.09 -23.05
CA GLU W 88 68.52 7.72 -21.74
C GLU W 88 67.13 8.35 -21.59
N LEU W 89 66.62 8.97 -22.66
CA LEU W 89 65.35 9.68 -22.55
C LEU W 89 64.16 8.72 -22.45
N ILE W 90 64.22 7.55 -23.08
CA ILE W 90 63.05 6.68 -23.14
C ILE W 90 63.12 5.51 -22.17
N GLN W 91 64.30 5.11 -21.72
CA GLN W 91 64.43 4.03 -20.77
C GLN W 91 63.72 4.36 -19.46
N VAL W 92 62.92 3.42 -18.97
CA VAL W 92 62.24 3.62 -17.69
C VAL W 92 63.11 3.20 -16.52
N GLU W 93 63.78 2.06 -16.62
CA GLU W 93 64.63 1.55 -15.55
C GLU W 93 65.91 1.00 -16.16
N LYS W 94 67.03 1.23 -15.48
CA LYS W 94 68.29 0.61 -15.90
C LYS W 94 68.07 -0.89 -16.06
N GLY W 95 68.55 -1.44 -17.17
CA GLY W 95 68.43 -2.85 -17.38
C GLY W 95 67.07 -3.33 -17.84
N ASP W 96 66.14 -2.43 -18.18
CA ASP W 96 64.89 -2.87 -18.79
C ASP W 96 65.15 -3.22 -20.25
N ASP W 97 64.08 -3.50 -20.99
CA ASP W 97 64.22 -3.97 -22.36
C ASP W 97 64.34 -2.85 -23.38
N THR W 98 64.54 -1.61 -22.95
CA THR W 98 64.88 -0.55 -23.90
C THR W 98 66.14 -0.94 -24.67
N GLU W 99 66.10 -0.76 -25.99
CA GLU W 99 67.27 -0.98 -26.82
C GLU W 99 67.34 0.11 -27.89
N VAL W 100 68.55 0.63 -28.12
CA VAL W 100 68.78 1.57 -29.21
C VAL W 100 70.08 1.14 -29.88
N THR W 101 70.02 0.82 -31.16
CA THR W 101 71.16 0.30 -31.90
C THR W 101 71.34 1.12 -33.17
N VAL W 102 72.58 1.52 -33.43
CA VAL W 102 72.92 2.23 -34.65
C VAL W 102 73.09 1.22 -35.76
N LEU W 103 72.49 1.49 -36.92
CA LEU W 103 72.55 0.61 -38.08
C LEU W 103 73.03 1.40 -39.30
N GLY W 104 73.49 0.66 -40.30
CA GLY W 104 73.85 1.28 -41.56
C GLY W 104 74.91 2.34 -41.43
N GLY W 105 75.88 2.14 -40.53
CA GLY W 105 76.96 3.08 -40.40
C GLY W 105 76.57 4.44 -39.86
N GLY W 106 75.39 4.54 -39.27
CA GLY W 106 74.88 5.82 -38.80
C GLY W 106 73.68 6.32 -39.56
N LYS W 107 73.27 5.62 -40.61
CA LYS W 107 72.12 6.06 -41.41
C LYS W 107 70.80 5.85 -40.66
N PHE W 108 70.72 4.81 -39.82
CA PHE W 108 69.48 4.45 -39.16
C PHE W 108 69.71 4.13 -37.69
N LEU W 109 68.62 4.16 -36.93
CA LEU W 109 68.56 3.56 -35.60
C LEU W 109 67.42 2.57 -35.55
N ARG W 110 67.63 1.47 -34.82
CA ARG W 110 66.53 0.65 -34.34
C ARG W 110 66.29 1.04 -32.88
N VAL W 111 65.06 1.42 -32.56
CA VAL W 111 64.68 1.73 -31.19
C VAL W 111 63.62 0.71 -30.77
N ALA W 112 63.92 -0.08 -29.75
CA ALA W 112 62.91 -0.89 -29.08
C ALA W 112 62.54 -0.14 -27.81
N ALA W 113 61.39 0.53 -27.84
CA ALA W 113 60.94 1.25 -26.66
C ALA W 113 60.64 0.26 -25.54
N PRO W 114 60.78 0.67 -24.28
CA PRO W 114 60.50 -0.26 -23.17
C PRO W 114 59.05 -0.69 -23.20
N THR W 115 58.81 -1.96 -22.89
CA THR W 115 57.46 -2.50 -22.86
C THR W 115 56.59 -1.75 -21.87
N ARG W 116 57.17 -1.31 -20.76
CA ARG W 116 56.39 -0.61 -19.74
C ARG W 116 55.65 0.56 -20.34
N ARG W 117 56.24 1.25 -21.32
CA ARG W 117 55.55 2.39 -21.91
C ARG W 117 54.32 1.96 -22.70
N ILE W 118 54.40 0.79 -23.35
CA ILE W 118 53.23 0.19 -23.98
C ILE W 118 52.19 -0.19 -22.93
N GLU W 119 52.65 -0.84 -21.84
CA GLU W 119 51.75 -1.30 -20.79
C GLU W 119 51.02 -0.15 -20.12
N ALA W 120 51.67 1.01 -19.99
CA ALA W 120 51.06 2.17 -19.34
C ALA W 120 50.08 2.90 -20.25
N GLY W 121 50.04 2.58 -21.54
CA GLY W 121 49.13 3.19 -22.48
C GLY W 121 47.97 2.27 -22.84
N ALA W 122 47.17 2.72 -23.81
CA ALA W 122 46.04 1.92 -24.27
C ALA W 122 46.30 1.24 -25.61
N GLU W 123 47.17 1.82 -26.43
CA GLU W 123 47.46 1.27 -27.75
C GLU W 123 48.92 0.86 -27.83
N TYR W 124 49.52 0.95 -29.02
CA TYR W 124 50.88 0.53 -29.28
C TYR W 124 51.77 1.68 -29.71
N VAL W 125 51.22 2.90 -29.77
CA VAL W 125 51.91 4.02 -30.40
C VAL W 125 52.98 4.65 -29.52
N ALA W 126 53.06 4.29 -28.25
CA ALA W 126 54.06 4.88 -27.37
C ALA W 126 55.48 4.70 -27.90
N GLY W 127 55.74 3.60 -28.61
CA GLY W 127 57.04 3.44 -29.24
C GLY W 127 57.32 4.55 -30.23
N MET W 128 56.38 4.80 -31.14
CA MET W 128 56.56 5.83 -32.16
C MET W 128 56.69 7.20 -31.53
N THR W 129 55.80 7.55 -30.60
CA THR W 129 55.75 8.93 -30.12
C THR W 129 56.93 9.23 -29.19
N CYS W 130 57.25 8.31 -28.29
N CYS W 130 57.25 8.30 -28.29
CA CYS W 130 58.37 8.56 -27.39
CA CYS W 130 58.37 8.53 -27.38
C CYS W 130 59.69 8.59 -28.16
C CYS W 130 59.70 8.56 -28.14
N THR W 131 59.83 7.78 -29.21
CA THR W 131 61.03 7.85 -30.03
C THR W 131 61.10 9.17 -30.76
N ALA W 132 59.99 9.58 -31.39
CA ALA W 132 60.00 10.86 -32.11
C ALA W 132 60.34 11.99 -31.16
N ALA W 133 59.73 11.98 -29.97
CA ALA W 133 60.00 13.02 -28.98
C ALA W 133 61.45 12.99 -28.51
N ALA W 134 61.96 11.79 -28.17
CA ALA W 134 63.33 11.70 -27.68
C ALA W 134 64.31 12.16 -28.76
N LEU W 135 64.02 11.83 -30.02
CA LEU W 135 64.90 12.26 -31.10
CA LEU W 135 64.88 12.26 -31.11
C LEU W 135 64.87 13.77 -31.27
N THR W 136 63.67 14.38 -31.20
CA THR W 136 63.57 15.82 -31.37
C THR W 136 64.37 16.53 -30.29
N GLU W 137 64.26 16.06 -29.05
CA GLU W 137 65.04 16.63 -27.94
C GLU W 137 66.53 16.41 -28.12
N ALA W 138 66.94 15.20 -28.52
CA ALA W 138 68.36 14.92 -28.71
C ALA W 138 68.96 15.82 -29.77
N LEU W 139 68.21 16.08 -30.85
CA LEU W 139 68.69 16.99 -31.89
C LEU W 139 68.75 18.43 -31.39
N ARG W 140 67.72 18.87 -30.67
CA ARG W 140 67.71 20.23 -30.14
C ARG W 140 68.93 20.47 -29.24
N GLU W 141 69.23 19.51 -28.38
CA GLU W 141 70.39 19.66 -27.47
C GLU W 141 71.72 19.60 -28.24
N GLU W 142 71.87 18.65 -29.16
CA GLU W 142 73.16 18.42 -29.78
C GLU W 142 73.56 19.59 -30.65
N TYR W 143 72.59 20.19 -31.34
CA TYR W 143 72.84 21.23 -32.33
C TYR W 143 72.47 22.62 -31.83
N ASN W 144 72.21 22.76 -30.53
CA ASN W 144 71.97 24.08 -29.90
C ASN W 144 70.85 24.84 -30.61
N LEU W 145 69.75 24.13 -30.90
CA LEU W 145 68.64 24.74 -31.59
C LEU W 145 67.86 25.65 -30.63
N GLY W 146 67.12 26.57 -31.21
CA GLY W 146 66.40 27.55 -30.43
C GLY W 146 64.94 27.66 -30.77
N LEU W 147 64.38 28.83 -30.47
CA LEU W 147 62.94 29.03 -30.49
C LEU W 147 62.36 28.76 -31.87
N TYR W 148 62.97 29.31 -32.92
CA TYR W 148 62.30 29.42 -34.22
C TYR W 148 62.80 28.40 -35.25
N ASP W 149 63.90 27.70 -34.99
CA ASP W 149 64.34 26.65 -35.90
C ASP W 149 63.98 25.25 -35.42
N THR W 150 63.90 25.00 -34.10
CA THR W 150 63.48 23.68 -33.63
C THR W 150 62.18 23.21 -34.24
N PRO W 151 61.16 24.04 -34.45
CA PRO W 151 59.92 23.52 -35.04
C PRO W 151 60.14 22.85 -36.38
N TYR W 152 61.05 23.39 -37.20
CA TYR W 152 61.33 22.79 -38.52
C TYR W 152 61.98 21.43 -38.34
N VAL W 153 62.97 21.34 -37.45
CA VAL W 153 63.59 20.05 -37.18
C VAL W 153 62.58 19.07 -36.63
N LYS W 154 61.67 19.55 -35.77
CA LYS W 154 60.58 18.70 -35.30
C LYS W 154 59.79 18.11 -36.47
N ASN W 155 59.52 18.90 -37.51
CA ASN W 155 58.82 18.36 -38.68
C ASN W 155 59.69 17.40 -39.48
N ALA W 156 61.01 17.55 -39.41
CA ALA W 156 61.88 16.58 -40.07
C ALA W 156 61.72 15.20 -39.43
N VAL W 157 61.45 15.16 -38.12
CA VAL W 157 61.24 13.91 -37.41
C VAL W 157 59.81 13.43 -37.55
N TRP W 158 58.85 14.28 -37.19
CA TRP W 158 57.43 13.88 -37.09
C TRP W 158 56.68 14.04 -38.40
N GLY W 159 57.32 14.55 -39.46
CA GLY W 159 56.58 14.85 -40.67
C GLY W 159 55.55 15.96 -40.46
N THR W 160 54.43 15.86 -41.18
CA THR W 160 53.36 16.86 -41.09
C THR W 160 52.43 16.67 -39.90
N TYR W 161 52.72 15.76 -38.98
CA TYR W 161 51.95 15.67 -37.75
C TYR W 161 52.15 16.95 -36.94
N PRO W 162 51.09 17.59 -36.41
CA PRO W 162 49.72 17.12 -36.30
C PRO W 162 48.72 17.69 -37.28
N GLN W 163 49.14 18.36 -38.35
CA GLN W 163 48.15 18.75 -39.37
C GLN W 163 47.53 17.52 -39.99
N THR W 164 48.32 16.45 -40.11
CA THR W 164 47.84 15.12 -40.45
C THR W 164 47.82 14.23 -39.21
N MET W 165 47.00 13.19 -39.26
N MET W 165 47.01 13.17 -39.26
CA MET W 165 46.92 12.25 -38.15
CA MET W 165 46.89 12.22 -38.12
C MET W 165 48.12 11.32 -38.07
C MET W 165 48.13 11.32 -38.06
N ASP W 166 48.85 11.17 -39.18
CA ASP W 166 50.04 10.36 -39.23
C ASP W 166 51.29 11.24 -39.37
N MET W 167 52.45 10.60 -39.15
CA MET W 167 53.74 11.24 -39.31
C MET W 167 54.16 11.27 -40.78
N LYS W 168 53.29 11.82 -41.61
CA LYS W 168 53.47 11.76 -43.05
C LYS W 168 54.68 12.56 -43.47
N GLY W 169 55.57 11.91 -44.21
CA GLY W 169 56.82 12.51 -44.63
C GLY W 169 57.85 12.62 -43.54
N GLY W 170 57.62 11.98 -42.40
CA GLY W 170 58.56 11.98 -41.31
C GLY W 170 59.57 10.86 -41.46
N ASN W 171 60.35 10.65 -40.39
CA ASN W 171 61.47 9.72 -40.45
C ASN W 171 61.46 8.75 -39.27
N VAL W 172 60.29 8.49 -38.69
CA VAL W 172 60.10 7.45 -37.70
C VAL W 172 59.14 6.43 -38.30
N LEU W 173 59.59 5.19 -38.36
CA LEU W 173 58.79 4.16 -39.04
C LEU W 173 58.50 2.95 -38.17
N SER W 174 57.32 2.39 -38.31
CA SER W 174 56.91 1.16 -37.64
C SER W 174 56.40 0.21 -38.72
N VAL W 175 56.41 -1.10 -38.42
CA VAL W 175 55.75 -2.02 -39.36
C VAL W 175 54.24 -1.94 -39.22
N LEU W 176 53.75 -1.36 -38.12
CA LEU W 176 52.33 -1.08 -37.96
C LEU W 176 52.02 0.34 -38.45
N SER W 177 50.74 0.62 -38.63
CA SER W 177 50.24 1.93 -39.03
C SER W 177 49.60 2.63 -37.83
N ILE W 178 48.96 3.76 -38.10
CA ILE W 178 48.30 4.49 -37.01
C ILE W 178 46.98 3.81 -36.73
N PRO W 179 46.45 3.87 -35.51
CA PRO W 179 45.19 3.17 -35.20
C PRO W 179 44.02 3.68 -36.02
N GLN W 180 44.03 4.94 -36.44
CA GLN W 180 42.88 5.46 -37.17
C GLN W 180 42.74 4.88 -38.56
N ASN W 181 43.76 4.17 -39.05
CA ASN W 181 43.68 3.47 -40.33
C ASN W 181 43.04 2.09 -40.21
N ASP W 182 42.76 1.62 -39.00
CA ASP W 182 42.10 0.33 -38.82
C ASP W 182 40.77 0.34 -39.55
N GLU W 183 40.50 -0.68 -40.35
CA GLU W 183 39.18 -0.78 -41.04
C GLU W 183 38.07 -1.08 -40.02
N GLY W 184 38.40 -1.82 -38.98
CA GLY W 184 37.42 -2.22 -37.99
C GLY W 184 38.07 -2.52 -36.66
N LEU W 185 37.33 -3.22 -35.82
CA LEU W 185 37.78 -3.50 -34.46
C LEU W 185 38.78 -4.65 -34.45
N GLY W 186 39.99 -4.38 -33.95
CA GLY W 186 41.00 -5.42 -33.82
C GLY W 186 41.91 -5.59 -35.01
N PHE W 187 42.01 -4.58 -35.87
CA PHE W 187 42.71 -4.72 -37.15
C PHE W 187 44.15 -4.21 -37.13
N ALA W 188 44.66 -3.77 -35.98
CA ALA W 188 45.96 -3.10 -36.01
C ALA W 188 47.06 -4.06 -36.45
N LEU W 189 47.04 -5.29 -35.92
CA LEU W 189 48.05 -6.27 -36.31
C LEU W 189 47.80 -6.81 -37.71
N ARG W 190 46.62 -6.59 -38.29
CA ARG W 190 46.33 -6.93 -39.67
C ARG W 190 46.91 -5.94 -40.64
N ASN W 191 47.33 -4.72 -40.20
CA ASN W 191 47.77 -3.65 -41.08
C ASN W 191 49.28 -3.65 -41.28
N ILE W 192 49.79 -4.76 -41.82
CA ILE W 192 51.22 -4.95 -42.02
C ILE W 192 51.47 -5.23 -43.50
N MET W 193 52.09 -4.28 -44.19
N MET W 193 52.09 -4.27 -44.18
CA MET W 193 52.34 -4.37 -45.63
CA MET W 193 52.39 -4.38 -45.60
C MET W 193 53.08 -5.65 -46.01
C MET W 193 53.04 -5.72 -45.95
N ALA W 194 52.58 -6.33 -47.04
CA ALA W 194 53.21 -7.58 -47.48
C ALA W 194 54.69 -7.39 -47.79
N ASN W 195 55.06 -6.26 -48.38
CA ASN W 195 56.48 -5.98 -48.61
C ASN W 195 57.25 -5.97 -47.29
N HIS W 196 56.65 -5.42 -46.23
CA HIS W 196 57.32 -5.43 -44.93
C HIS W 196 57.53 -6.86 -44.44
N LEU W 197 56.48 -7.68 -44.53
CA LEU W 197 56.57 -9.06 -44.08
C LEU W 197 57.69 -9.81 -44.80
N ALA W 198 57.82 -9.61 -46.12
CA ALA W 198 58.90 -10.25 -46.85
C ALA W 198 60.27 -9.80 -46.33
N MET W 199 60.37 -8.55 -45.91
CA MET W 199 61.66 -8.11 -45.35
C MET W 199 61.88 -8.61 -43.93
N LEU W 200 60.82 -8.75 -43.11
CA LEU W 200 61.00 -9.35 -41.80
C LEU W 200 61.60 -10.75 -41.92
N SER W 201 61.16 -11.50 -42.93
CA SER W 201 61.58 -12.88 -43.15
C SER W 201 62.86 -12.99 -43.93
N GLN W 202 63.44 -11.88 -44.39
CA GLN W 202 64.67 -11.91 -45.21
C GLN W 202 64.47 -12.78 -46.45
N ARG W 203 63.18 -12.80 -46.96
CA ARG W 203 62.80 -13.53 -48.16
C ARG W 203 62.98 -15.04 -48.03
N ASN W 204 63.07 -15.51 -46.82
CA ASN W 204 62.90 -16.94 -46.55
C ASN W 204 61.40 -17.22 -46.56
N ALA W 205 60.92 -17.93 -47.58
CA ALA W 205 59.48 -18.04 -47.78
C ALA W 205 58.80 -18.87 -46.69
N MET W 206 59.47 -19.91 -46.18
CA MET W 206 58.88 -20.67 -45.08
C MET W 206 58.74 -19.80 -43.83
N ASN W 207 59.75 -18.98 -43.54
CA ASN W 207 59.66 -18.08 -42.38
C ASN W 207 58.65 -16.96 -42.60
N CYS W 208 58.49 -16.52 -43.85
CA CYS W 208 57.51 -15.49 -44.14
C CYS W 208 56.09 -16.00 -43.91
N ALA W 209 55.79 -17.24 -44.32
CA ALA W 209 54.50 -17.82 -44.02
C ALA W 209 54.24 -17.79 -42.52
N ALA W 210 55.25 -18.14 -41.73
CA ALA W 210 55.09 -18.22 -40.29
C ALA W 210 54.85 -16.84 -39.68
N ILE W 211 55.73 -15.88 -39.97
CA ILE W 211 55.55 -14.53 -39.41
C ILE W 211 54.18 -13.97 -39.80
N SER W 212 53.83 -14.09 -41.07
CA SER W 212 52.61 -13.44 -41.54
C SER W 212 51.38 -14.14 -40.97
N SER W 213 51.40 -15.47 -40.93
CA SER W 213 50.26 -16.20 -40.39
C SER W 213 50.09 -15.92 -38.90
N ILE W 214 51.19 -15.91 -38.15
CA ILE W 214 51.12 -15.59 -36.74
C ILE W 214 50.42 -14.25 -36.52
N LEU W 215 50.90 -13.21 -37.21
CA LEU W 215 50.38 -11.86 -36.96
C LEU W 215 48.93 -11.74 -37.42
N GLU W 216 48.60 -12.34 -38.58
CA GLU W 216 47.20 -12.37 -39.03
C GLU W 216 46.31 -13.00 -37.97
N HIS W 217 46.67 -14.18 -37.47
CA HIS W 217 45.79 -14.83 -36.50
C HIS W 217 45.77 -14.11 -35.17
N CYS W 218 46.87 -13.47 -34.77
CA CYS W 218 46.80 -12.60 -33.59
C CYS W 218 45.74 -11.51 -33.80
N GLY W 219 45.68 -10.94 -35.00
CA GLY W 219 44.63 -9.97 -35.30
C GLY W 219 43.25 -10.59 -35.19
N VAL W 220 43.08 -11.78 -35.75
CA VAL W 220 41.77 -12.44 -35.73
C VAL W 220 41.33 -12.67 -34.29
N PHE W 221 42.26 -13.07 -33.42
CA PHE W 221 41.94 -13.19 -32.01
C PHE W 221 41.53 -11.84 -31.41
N GLU W 222 42.26 -10.76 -31.74
CA GLU W 222 41.90 -9.45 -31.20
C GLU W 222 40.55 -8.98 -31.74
N MET W 223 40.17 -9.46 -32.93
CA MET W 223 38.88 -9.14 -33.51
C MET W 223 37.72 -9.85 -32.80
N GLY W 224 38.00 -10.75 -31.88
CA GLY W 224 36.94 -11.56 -31.31
C GLY W 224 36.44 -12.69 -32.18
N GLN W 225 37.20 -13.11 -33.19
CA GLN W 225 36.71 -14.10 -34.15
C GLN W 225 37.41 -15.45 -33.99
N ALA W 226 37.89 -15.73 -32.79
CA ALA W 226 38.47 -17.03 -32.43
C ALA W 226 37.94 -17.47 -31.08
N ILE W 227 36.64 -17.30 -30.85
CA ILE W 227 35.97 -17.65 -29.60
C ILE W 227 35.24 -18.97 -29.77
N GLY W 228 35.29 -19.81 -28.75
CA GLY W 228 34.57 -21.07 -28.80
C GLY W 228 35.07 -21.99 -29.89
N LEU W 229 34.13 -22.58 -30.63
CA LEU W 229 34.49 -23.50 -31.70
C LEU W 229 35.39 -22.81 -32.72
N PHE W 230 35.27 -21.50 -32.87
CA PHE W 230 36.09 -20.80 -33.84
C PHE W 230 37.54 -20.68 -33.39
N GLU W 231 37.83 -20.92 -32.12
CA GLU W 231 39.22 -20.98 -31.69
C GLU W 231 39.93 -22.16 -32.36
N ARG W 232 39.31 -23.35 -32.33
CA ARG W 232 39.93 -24.50 -32.98
C ARG W 232 40.05 -24.28 -34.48
N TYR W 233 39.00 -23.73 -35.09
CA TYR W 233 39.01 -23.44 -36.51
C TYR W 233 40.23 -22.58 -36.85
N GLN W 234 40.43 -21.48 -36.12
CA GLN W 234 41.56 -20.60 -36.44
C GLN W 234 42.91 -21.24 -36.10
N LEU W 235 43.02 -21.93 -34.95
CA LEU W 235 44.32 -22.47 -34.57
C LEU W 235 44.81 -23.56 -35.54
N LEU W 236 43.90 -24.39 -36.04
CA LEU W 236 44.32 -25.40 -37.01
C LEU W 236 44.84 -24.75 -38.30
N ALA W 237 44.18 -23.68 -38.75
CA ALA W 237 44.64 -22.97 -39.93
C ALA W 237 46.02 -22.36 -39.68
N LEU W 238 46.21 -21.73 -38.51
CA LEU W 238 47.52 -21.19 -38.18
C LEU W 238 48.57 -22.29 -38.21
N ALA W 239 48.27 -23.42 -37.57
CA ALA W 239 49.28 -24.47 -37.43
C ALA W 239 49.60 -25.11 -38.77
N TYR W 240 48.58 -25.39 -39.58
CA TYR W 240 48.81 -26.12 -40.83
C TYR W 240 49.26 -25.21 -41.97
N GLN W 241 48.77 -23.96 -42.02
CA GLN W 241 49.18 -23.07 -43.08
C GLN W 241 50.42 -22.27 -42.73
N GLY W 242 50.55 -21.81 -41.48
CA GLY W 242 51.65 -20.95 -41.10
C GLY W 242 52.80 -21.61 -40.39
N LEU W 243 52.53 -22.67 -39.63
CA LEU W 243 53.56 -23.28 -38.80
C LEU W 243 54.02 -24.64 -39.30
N ASN W 244 53.77 -24.93 -40.58
CA ASN W 244 54.26 -26.14 -41.23
C ASN W 244 53.94 -27.39 -40.41
N ALA W 245 52.74 -27.43 -39.85
CA ALA W 245 52.37 -28.56 -39.01
C ALA W 245 52.52 -29.84 -39.79
N ASN W 246 53.07 -30.87 -39.15
CA ASN W 246 53.27 -32.19 -39.74
C ASN W 246 54.05 -32.14 -41.04
N ASN W 247 54.78 -31.05 -41.27
CA ASN W 247 55.63 -30.88 -42.45
C ASN W 247 54.83 -30.88 -43.74
N MET W 248 53.51 -30.68 -43.65
CA MET W 248 52.65 -30.82 -44.86
C MET W 248 52.92 -29.72 -45.90
N VAL W 249 52.98 -28.46 -45.48
CA VAL W 249 53.29 -27.42 -46.47
C VAL W 249 54.63 -27.70 -47.12
N TYR W 250 55.66 -27.96 -46.31
CA TYR W 250 56.99 -28.22 -46.85
C TYR W 250 56.96 -29.41 -47.80
N GLU W 251 56.36 -30.53 -47.38
CA GLU W 251 56.38 -31.74 -48.20
C GLU W 251 55.54 -31.60 -49.46
N MET W 252 54.35 -31.01 -49.38
CA MET W 252 53.58 -30.79 -50.61
C MET W 252 54.33 -29.90 -51.58
N THR W 253 55.01 -28.88 -51.08
CA THR W 253 55.80 -28.03 -51.96
C THR W 253 56.94 -28.83 -52.59
N LYS W 254 57.63 -29.63 -51.77
CA LYS W 254 58.73 -30.42 -52.29
C LYS W 254 58.24 -31.42 -53.33
N ASN W 255 57.15 -32.13 -53.03
CA ASN W 255 56.60 -33.12 -53.96
C ASN W 255 56.13 -32.51 -55.27
N ASN W 256 55.78 -31.23 -55.29
CA ASN W 256 55.25 -30.61 -56.50
C ASN W 256 56.20 -29.58 -57.08
N GLY W 257 57.40 -29.44 -56.52
CA GLY W 257 58.24 -28.32 -56.90
C GLY W 257 58.94 -28.46 -58.24
N LYS W 258 59.14 -29.70 -58.70
CA LYS W 258 59.89 -29.91 -59.94
C LYS W 258 59.01 -29.76 -61.17
N THR W 259 57.83 -30.39 -61.18
CA THR W 259 56.95 -30.38 -62.33
C THR W 259 55.50 -30.06 -61.98
N GLY W 260 55.22 -29.70 -60.73
CA GLY W 260 53.84 -29.52 -60.31
C GLY W 260 53.24 -28.17 -60.68
N THR W 261 51.93 -28.09 -60.44
CA THR W 261 51.10 -26.96 -60.80
C THR W 261 50.07 -26.77 -59.69
N ILE W 262 49.30 -25.69 -59.81
CA ILE W 262 48.16 -25.51 -58.90
C ILE W 262 47.33 -26.78 -58.85
N GLY W 263 47.01 -27.33 -60.02
CA GLY W 263 46.14 -28.49 -60.07
C GLY W 263 46.73 -29.72 -59.41
N THR W 264 48.04 -29.96 -59.57
CA THR W 264 48.60 -31.14 -58.92
C THR W 264 48.60 -30.99 -57.40
N VAL W 265 48.72 -29.75 -56.91
CA VAL W 265 48.64 -29.50 -55.48
C VAL W 265 47.22 -29.72 -54.97
N VAL W 266 46.22 -29.31 -55.75
CA VAL W 266 44.85 -29.66 -55.41
C VAL W 266 44.72 -31.16 -55.23
N GLN W 267 45.23 -31.91 -56.20
CA GLN W 267 45.11 -33.37 -56.16
C GLN W 267 45.79 -33.94 -54.92
N GLU W 268 46.99 -33.47 -54.59
CA GLU W 268 47.69 -34.05 -53.44
C GLU W 268 46.97 -33.69 -52.14
N THR W 269 46.37 -32.51 -52.06
CA THR W 269 45.60 -32.13 -50.88
C THR W 269 44.41 -33.06 -50.68
N VAL W 270 43.68 -33.35 -51.77
CA VAL W 270 42.53 -34.24 -51.65
C VAL W 270 42.99 -35.65 -51.25
N GLY W 271 44.06 -36.14 -51.89
CA GLY W 271 44.56 -37.47 -51.55
C GLY W 271 44.97 -37.57 -50.10
N ARG W 272 45.66 -36.54 -49.60
CA ARG W 272 46.09 -36.54 -48.20
C ARG W 272 44.89 -36.50 -47.26
N ALA W 273 43.90 -35.64 -47.54
CA ALA W 273 42.70 -35.58 -46.72
C ALA W 273 42.00 -36.93 -46.68
N LEU W 274 41.95 -37.61 -47.83
CA LEU W 274 41.32 -38.93 -47.89
C LEU W 274 42.16 -39.96 -47.15
N ASP W 275 43.46 -40.00 -47.43
CA ASP W 275 44.30 -41.01 -46.78
C ASP W 275 44.33 -40.83 -45.28
N ASP W 276 44.26 -39.58 -44.80
CA ASP W 276 44.32 -39.27 -43.38
C ASP W 276 42.96 -39.37 -42.69
N GLY W 277 41.89 -39.68 -43.41
CA GLY W 277 40.59 -39.81 -42.77
C GLY W 277 39.86 -38.51 -42.51
N VAL W 278 40.36 -37.38 -43.03
CA VAL W 278 39.68 -36.11 -42.81
C VAL W 278 38.41 -36.02 -43.64
N ILE W 279 38.40 -36.61 -44.83
CA ILE W 279 37.22 -36.68 -45.68
C ILE W 279 37.01 -38.13 -46.09
N SER W 280 35.79 -38.41 -46.56
CA SER W 280 35.40 -39.72 -47.06
C SER W 280 34.40 -39.59 -48.20
N VAL W 281 34.31 -40.62 -49.03
CA VAL W 281 33.28 -40.65 -50.06
C VAL W 281 31.92 -40.67 -49.37
N ASP W 282 31.02 -39.79 -49.82
CA ASP W 282 29.67 -39.65 -49.26
C ASP W 282 28.65 -40.35 -50.15
N LYS W 283 28.51 -39.91 -51.39
CA LYS W 283 27.63 -40.55 -52.35
C LYS W 283 28.25 -40.47 -53.72
N THR W 284 27.76 -41.31 -54.63
CA THR W 284 28.25 -41.36 -56.00
C THR W 284 27.10 -41.04 -56.95
N MET W 285 27.33 -40.09 -57.84
CA MET W 285 26.34 -39.73 -58.84
C MET W 285 26.35 -40.73 -59.99
N PRO W 286 25.28 -40.73 -60.81
CA PRO W 286 25.20 -41.69 -61.92
C PRO W 286 26.41 -41.68 -62.85
N SER W 287 27.05 -40.53 -63.04
CA SER W 287 28.21 -40.46 -63.92
C SER W 287 29.42 -41.16 -63.32
N GLY W 288 29.41 -41.47 -62.04
CA GLY W 288 30.58 -41.96 -61.32
C GLY W 288 31.29 -40.88 -60.52
N TYR W 289 30.88 -39.62 -60.67
CA TYR W 289 31.44 -38.54 -59.87
C TYR W 289 31.10 -38.78 -58.40
N LYS W 290 32.11 -38.63 -57.53
CA LYS W 290 31.98 -38.90 -56.10
C LYS W 290 31.85 -37.58 -55.35
N VAL W 291 30.79 -37.44 -54.58
CA VAL W 291 30.63 -36.36 -53.61
C VAL W 291 31.30 -36.81 -52.32
N TYR W 292 32.18 -35.98 -51.78
CA TYR W 292 32.84 -36.30 -50.52
C TYR W 292 32.10 -35.62 -49.37
N LYS W 293 32.47 -36.02 -48.16
CA LYS W 293 32.01 -35.40 -46.93
C LYS W 293 33.21 -35.20 -46.00
N ALA W 294 33.11 -34.18 -45.16
CA ALA W 294 34.17 -33.86 -44.22
C ALA W 294 33.86 -34.51 -42.88
N ASN W 295 34.73 -35.43 -42.46
CA ASN W 295 34.54 -36.07 -41.16
C ASN W 295 34.95 -35.15 -40.03
N ASP W 296 35.89 -34.24 -40.29
CA ASP W 296 36.32 -33.20 -39.35
C ASP W 296 36.35 -31.92 -40.16
N VAL W 297 35.37 -31.05 -39.94
CA VAL W 297 35.20 -29.87 -40.79
C VAL W 297 36.35 -28.89 -40.60
N CYS W 298 36.72 -28.62 -39.35
CA CYS W 298 37.82 -27.70 -39.13
C CYS W 298 39.11 -28.23 -39.72
N MET W 299 39.34 -29.54 -39.62
CA MET W 299 40.58 -30.09 -40.15
C MET W 299 40.60 -30.07 -41.67
N TRP W 300 39.45 -30.31 -42.30
CA TRP W 300 39.37 -30.16 -43.76
C TRP W 300 39.77 -28.75 -44.19
N ASN W 301 39.30 -27.73 -43.47
CA ASN W 301 39.73 -26.37 -43.79
C ASN W 301 41.24 -26.22 -43.66
N ALA W 302 41.82 -26.80 -42.60
CA ALA W 302 43.25 -26.65 -42.38
C ALA W 302 44.04 -27.27 -43.52
N TYR W 303 43.57 -28.41 -44.03
CA TYR W 303 44.24 -29.04 -45.17
C TYR W 303 44.14 -28.17 -46.42
N CYS W 304 42.98 -27.54 -46.62
CA CYS W 304 42.80 -26.64 -47.75
C CYS W 304 43.70 -25.42 -47.59
N ALA W 305 43.86 -24.94 -46.35
CA ALA W 305 44.76 -23.82 -46.09
C ALA W 305 46.20 -24.19 -46.40
N ALA W 306 46.64 -25.39 -45.97
CA ALA W 306 47.98 -25.85 -46.30
C ALA W 306 48.17 -25.99 -47.80
N GLY W 307 47.19 -26.57 -48.48
CA GLY W 307 47.27 -26.71 -49.93
C GLY W 307 47.35 -25.38 -50.64
N THR W 308 46.57 -24.39 -50.17
CA THR W 308 46.61 -23.06 -50.78
C THR W 308 48.02 -22.47 -50.68
N MET W 309 48.67 -22.66 -49.52
CA MET W 309 50.00 -22.10 -49.34
C MET W 309 51.00 -22.86 -50.21
N ALA W 310 50.93 -24.19 -50.20
CA ALA W 310 51.84 -24.98 -51.03
C ALA W 310 51.64 -24.68 -52.51
N ALA W 311 50.38 -24.45 -52.91
CA ALA W 311 50.13 -24.08 -54.30
C ALA W 311 50.75 -22.73 -54.64
N THR W 312 50.71 -21.77 -53.69
CA THR W 312 51.37 -20.50 -53.91
C THR W 312 52.86 -20.73 -54.09
N MET W 313 53.45 -21.53 -53.20
CA MET W 313 54.89 -21.76 -53.25
C MET W 313 55.30 -22.41 -54.57
N VAL W 314 54.50 -23.35 -55.04
CA VAL W 314 54.81 -24.06 -56.28
C VAL W 314 54.59 -23.16 -57.51
N ASN W 315 53.47 -22.46 -57.57
CA ASN W 315 53.15 -21.67 -58.77
C ASN W 315 53.94 -20.36 -58.81
N CYS W 316 53.94 -19.60 -57.71
CA CYS W 316 54.74 -18.39 -57.68
C CYS W 316 56.23 -18.71 -57.64
N GLY W 317 56.61 -19.84 -57.05
CA GLY W 317 57.99 -20.27 -57.11
C GLY W 317 58.45 -20.59 -58.52
N ALA W 318 57.60 -21.24 -59.32
CA ALA W 318 57.98 -21.54 -60.69
C ALA W 318 58.08 -20.25 -61.53
N LEU W 319 57.17 -19.30 -61.31
CA LEU W 319 57.21 -18.02 -62.00
C LEU W 319 58.34 -17.14 -61.49
N ARG W 320 58.87 -17.43 -60.29
CA ARG W 320 59.68 -16.48 -59.54
C ARG W 320 59.05 -15.09 -59.60
N GLY W 321 57.73 -15.06 -59.37
CA GLY W 321 56.95 -13.85 -59.53
C GLY W 321 55.76 -13.78 -58.58
N ALA W 322 55.54 -12.62 -57.98
CA ALA W 322 54.50 -12.51 -56.97
C ALA W 322 53.09 -12.52 -57.54
N GLN W 323 52.90 -12.04 -58.78
CA GLN W 323 51.55 -11.72 -59.22
C GLN W 323 50.63 -12.93 -59.30
N ALA W 324 51.20 -14.13 -59.48
CA ALA W 324 50.37 -15.30 -59.62
C ALA W 324 49.71 -15.74 -58.31
N VAL W 325 49.98 -15.09 -57.18
CA VAL W 325 49.34 -15.54 -55.96
C VAL W 325 47.83 -15.32 -56.02
N SER W 326 47.37 -14.26 -56.70
CA SER W 326 45.94 -13.99 -56.70
C SER W 326 45.19 -15.09 -57.44
N SER W 327 45.68 -15.52 -58.60
CA SER W 327 44.99 -16.62 -59.28
C SER W 327 45.23 -17.94 -58.56
N THR W 328 46.38 -18.11 -57.92
CA THR W 328 46.62 -19.37 -57.22
C THR W 328 45.59 -19.59 -56.12
N LEU W 329 45.36 -18.56 -55.31
CA LEU W 329 44.37 -18.68 -54.20
C LEU W 329 42.96 -18.90 -54.75
N LEU W 330 42.65 -18.29 -55.88
CA LEU W 330 41.30 -18.44 -56.49
C LEU W 330 41.12 -19.85 -57.06
N TYR W 331 42.04 -20.29 -57.90
CA TYR W 331 41.82 -21.58 -58.63
C TYR W 331 42.12 -22.81 -57.77
N PHE W 332 43.03 -22.71 -56.81
CA PHE W 332 43.20 -23.87 -55.92
C PHE W 332 41.86 -24.17 -55.26
N ASN W 333 41.19 -23.13 -54.76
CA ASN W 333 39.97 -23.37 -54.00
C ASN W 333 38.76 -23.60 -54.89
N ASP W 334 38.66 -22.89 -56.01
CA ASP W 334 37.55 -23.20 -56.95
C ASP W 334 37.66 -24.67 -57.37
N MET W 335 38.86 -25.07 -57.81
CA MET W 335 39.02 -26.45 -58.35
C MET W 335 38.91 -27.54 -57.25
N ILE W 336 39.37 -27.27 -56.04
CA ILE W 336 39.22 -28.30 -54.97
C ILE W 336 37.72 -28.50 -54.68
N GLU W 337 36.92 -27.44 -54.80
CA GLU W 337 35.48 -27.63 -54.63
C GLU W 337 34.90 -28.45 -55.76
N LYS W 338 35.30 -28.15 -57.00
CA LYS W 338 34.81 -28.95 -58.12
C LYS W 338 35.26 -30.39 -58.01
N GLU W 339 36.46 -30.61 -57.47
CA GLU W 339 37.00 -31.96 -57.36
C GLU W 339 36.28 -32.78 -56.29
N THR W 340 35.66 -32.14 -55.28
CA THR W 340 35.16 -32.85 -54.10
C THR W 340 33.70 -32.60 -53.75
N SER W 341 33.11 -31.48 -54.16
CA SER W 341 31.81 -31.01 -53.67
C SER W 341 31.84 -30.65 -52.20
N LEU W 342 33.02 -30.40 -51.66
CA LEU W 342 33.22 -29.80 -50.36
C LEU W 342 33.65 -28.35 -50.53
N PRO W 343 33.30 -27.47 -49.61
CA PRO W 343 33.74 -26.07 -49.73
C PRO W 343 35.24 -25.94 -49.50
N GLY W 344 35.84 -24.96 -50.17
CA GLY W 344 37.27 -24.72 -50.07
C GLY W 344 37.61 -23.87 -48.87
N CYS W 345 38.83 -23.32 -48.88
CA CYS W 345 39.41 -22.74 -47.67
C CYS W 345 38.60 -21.53 -47.21
N ASP W 346 38.28 -21.49 -45.92
CA ASP W 346 37.50 -20.40 -45.33
C ASP W 346 36.12 -20.30 -46.01
N TRP W 347 35.66 -21.45 -46.52
CA TRP W 347 34.30 -21.66 -47.03
C TRP W 347 33.95 -20.68 -48.14
N GLY W 348 34.92 -20.41 -49.02
CA GLY W 348 34.75 -19.49 -50.13
C GLY W 348 35.40 -18.15 -49.92
N ARG W 349 35.86 -17.84 -48.69
CA ARG W 349 36.37 -16.50 -48.43
C ARG W 349 37.80 -16.30 -48.88
N VAL W 350 38.60 -17.37 -48.99
CA VAL W 350 39.89 -17.22 -49.66
C VAL W 350 39.67 -17.04 -51.15
N GLU W 351 38.80 -17.85 -51.74
CA GLU W 351 38.46 -17.67 -53.16
C GLU W 351 37.90 -16.28 -53.44
N GLY W 352 36.98 -15.80 -52.61
CA GLY W 352 36.42 -14.47 -52.81
C GLY W 352 37.46 -13.38 -52.65
N THR W 353 38.26 -13.45 -51.59
CA THR W 353 39.37 -12.52 -51.46
C THR W 353 40.20 -12.51 -52.71
N ALA W 354 40.50 -13.70 -53.23
CA ALA W 354 41.38 -13.83 -54.39
C ALA W 354 40.73 -13.26 -55.65
N VAL W 355 39.40 -13.33 -55.77
CA VAL W 355 38.70 -12.72 -56.92
C VAL W 355 38.96 -11.21 -56.95
N GLY W 356 38.68 -10.53 -55.82
CA GLY W 356 38.89 -9.09 -55.76
C GLY W 356 40.35 -8.71 -55.81
N PHE W 357 41.20 -9.53 -55.19
CA PHE W 357 42.63 -9.29 -55.22
C PHE W 357 43.18 -9.43 -56.63
N SER W 358 42.73 -10.44 -57.38
CA SER W 358 43.13 -10.52 -58.79
C SER W 358 42.72 -9.25 -59.54
N PHE W 359 41.45 -8.86 -59.40
CA PHE W 359 40.94 -7.65 -60.04
C PHE W 359 41.79 -6.44 -59.70
N PHE W 360 42.02 -6.20 -58.41
CA PHE W 360 42.74 -5.03 -57.94
C PHE W 360 44.26 -5.17 -58.01
N SER W 361 44.76 -6.22 -58.65
CA SER W 361 46.17 -6.30 -59.02
C SER W 361 46.34 -6.44 -60.52
N HIS W 362 45.27 -6.19 -61.30
CA HIS W 362 45.36 -6.26 -62.75
C HIS W 362 44.48 -5.21 -63.43
N SER W 363 44.05 -4.15 -62.73
CA SER W 363 43.09 -3.21 -63.28
C SER W 363 43.48 -1.76 -62.98
N ILE W 364 42.65 -0.83 -63.47
CA ILE W 364 42.92 0.59 -63.29
C ILE W 364 42.47 1.11 -61.93
N TYR W 365 41.70 0.33 -61.17
CA TYR W 365 40.85 0.96 -60.16
C TYR W 365 41.49 1.19 -58.80
N GLY W 366 42.61 0.54 -58.49
CA GLY W 366 43.18 0.62 -57.17
C GLY W 366 44.14 -0.53 -56.95
N GLY W 367 44.41 -0.84 -55.69
CA GLY W 367 45.32 -1.92 -55.38
C GLY W 367 46.75 -1.59 -55.80
N GLY W 368 47.33 -2.52 -56.53
CA GLY W 368 48.71 -2.48 -56.95
C GLY W 368 49.23 -3.90 -57.10
N GLY W 369 50.55 -4.02 -57.07
CA GLY W 369 51.17 -5.33 -56.98
C GLY W 369 50.97 -5.95 -55.62
N PRO W 370 51.23 -7.27 -55.51
CA PRO W 370 50.94 -7.96 -54.24
C PRO W 370 51.59 -7.32 -53.01
N GLY W 371 52.71 -6.61 -53.18
CA GLY W 371 53.45 -6.10 -52.03
C GLY W 371 52.75 -5.00 -51.26
N VAL W 372 51.74 -4.36 -51.87
CA VAL W 372 51.06 -3.24 -51.22
C VAL W 372 49.86 -3.69 -50.38
N PHE W 373 49.46 -4.96 -50.45
CA PHE W 373 48.31 -5.45 -49.73
C PHE W 373 48.70 -5.87 -48.32
N ASN W 374 47.68 -6.13 -47.49
CA ASN W 374 47.84 -6.46 -46.09
C ASN W 374 46.45 -6.85 -45.58
N GLY W 375 46.42 -7.44 -44.39
CA GLY W 375 45.17 -7.95 -43.82
C GLY W 375 44.14 -6.88 -43.46
N ASN W 376 44.52 -5.60 -43.47
CA ASN W 376 43.60 -4.49 -43.23
C ASN W 376 43.18 -3.81 -44.53
N HIS W 377 43.77 -4.22 -45.66
CA HIS W 377 43.41 -3.63 -46.94
C HIS W 377 41.96 -4.01 -47.27
N VAL W 378 41.18 -3.05 -47.77
CA VAL W 378 39.78 -3.35 -48.09
C VAL W 378 39.68 -4.56 -49.02
N VAL W 379 40.68 -4.75 -49.89
CA VAL W 379 40.58 -5.82 -50.89
C VAL W 379 40.85 -7.17 -50.26
N THR W 380 41.83 -7.24 -49.35
CA THR W 380 42.36 -8.51 -48.89
C THR W 380 42.07 -8.84 -47.44
N ARG W 381 41.09 -8.18 -46.81
CA ARG W 381 40.80 -8.38 -45.40
C ARG W 381 39.85 -9.54 -45.11
N HIS W 382 39.23 -10.14 -46.13
CA HIS W 382 37.99 -10.89 -45.94
C HIS W 382 38.17 -12.29 -45.38
N SER W 383 39.27 -12.96 -45.68
CA SER W 383 39.55 -14.22 -44.99
C SER W 383 40.14 -13.92 -43.61
N THR W 384 39.81 -14.78 -42.63
CA THR W 384 40.40 -14.63 -41.30
C THR W 384 41.80 -15.26 -41.26
N GLY W 385 42.71 -14.65 -41.99
CA GLY W 385 44.13 -14.92 -41.88
C GLY W 385 44.70 -15.94 -42.85
N MET W 386 43.90 -16.45 -43.78
CA MET W 386 44.27 -17.59 -44.61
C MET W 386 44.65 -17.19 -46.03
N ALA W 387 44.69 -15.89 -46.33
CA ALA W 387 45.10 -15.40 -47.64
C ALA W 387 46.38 -14.60 -47.57
N ILE W 388 46.46 -13.65 -46.64
CA ILE W 388 47.63 -12.76 -46.59
C ILE W 388 48.94 -13.51 -46.44
N PRO W 389 49.04 -14.59 -45.66
CA PRO W 389 50.35 -15.28 -45.57
C PRO W 389 50.84 -15.78 -46.93
N CYS W 390 49.93 -16.27 -47.78
CA CYS W 390 50.30 -16.61 -49.15
C CYS W 390 50.81 -15.41 -49.93
N VAL W 391 50.16 -14.25 -49.77
CA VAL W 391 50.59 -13.06 -50.49
C VAL W 391 52.00 -12.67 -50.07
N ALA W 392 52.28 -12.65 -48.78
CA ALA W 392 53.63 -12.33 -48.31
C ALA W 392 54.66 -13.31 -48.87
N VAL W 393 54.32 -14.59 -48.89
CA VAL W 393 55.21 -15.60 -49.44
C VAL W 393 55.49 -15.33 -50.91
N ALA W 394 54.45 -15.00 -51.68
CA ALA W 394 54.64 -14.73 -53.09
C ALA W 394 55.54 -13.53 -53.27
N VAL W 395 55.34 -12.50 -52.45
CA VAL W 395 56.24 -11.34 -52.49
C VAL W 395 57.67 -11.77 -52.25
N ALA W 396 57.90 -12.64 -51.29
CA ALA W 396 59.26 -13.08 -50.97
C ALA W 396 59.90 -13.87 -52.11
N LEU W 397 59.09 -14.62 -52.88
CA LEU W 397 59.63 -15.49 -53.93
C LEU W 397 59.94 -14.74 -55.22
N ASP W 398 59.48 -13.51 -55.36
CA ASP W 398 59.66 -12.76 -56.60
C ASP W 398 61.14 -12.46 -56.81
N ALA W 399 61.61 -12.70 -58.02
CA ALA W 399 63.01 -12.50 -58.36
C ALA W 399 63.29 -11.16 -59.01
N GLY W 400 62.28 -10.31 -59.14
CA GLY W 400 62.51 -8.96 -59.62
C GLY W 400 61.55 -8.49 -60.69
N THR W 401 60.27 -8.88 -60.59
CA THR W 401 59.27 -8.45 -61.57
C THR W 401 58.50 -7.22 -61.14
N GLN W 402 58.59 -6.79 -59.88
CA GLN W 402 57.71 -5.79 -59.32
C GLN W 402 58.32 -4.40 -59.34
N MET W 403 57.46 -3.39 -59.54
CA MET W 403 57.92 -2.01 -59.40
C MET W 403 57.98 -1.60 -57.94
N PHE W 404 56.98 -2.00 -57.15
CA PHE W 404 56.87 -1.61 -55.75
C PHE W 404 57.26 -2.86 -54.97
N SER W 405 58.56 -3.05 -54.86
CA SER W 405 59.19 -4.24 -54.33
C SER W 405 59.61 -4.04 -52.88
N PRO W 406 59.93 -5.13 -52.16
CA PRO W 406 60.45 -4.99 -50.79
C PRO W 406 61.64 -4.06 -50.68
N GLU W 407 62.55 -4.12 -51.64
CA GLU W 407 63.76 -3.31 -51.58
C GLU W 407 63.49 -1.84 -51.89
N SER W 408 62.39 -1.53 -52.58
CA SER W 408 62.08 -0.14 -52.89
C SER W 408 61.11 0.50 -51.92
N THR W 409 60.34 -0.27 -51.16
CA THR W 409 59.41 0.29 -50.19
C THR W 409 59.78 0.00 -48.74
N SER W 410 60.65 -0.99 -48.50
CA SER W 410 60.79 -1.54 -47.16
C SER W 410 62.25 -1.81 -46.79
N ALA W 411 63.21 -1.14 -47.44
CA ALA W 411 64.61 -1.41 -47.16
C ALA W 411 64.93 -1.29 -45.67
N ILE W 412 64.44 -0.22 -45.03
CA ILE W 412 64.78 0.00 -43.62
C ILE W 412 64.24 -1.11 -42.73
N VAL W 413 63.12 -1.73 -43.12
CA VAL W 413 62.60 -2.85 -42.34
C VAL W 413 63.58 -4.00 -42.31
N LEU W 414 64.21 -4.28 -43.45
CA LEU W 414 65.19 -5.36 -43.51
C LEU W 414 66.33 -5.09 -42.53
N ASP W 415 66.96 -3.92 -42.63
CA ASP W 415 68.06 -3.59 -41.71
C ASP W 415 67.61 -3.64 -40.26
N THR W 416 66.39 -3.20 -39.97
CA THR W 416 65.94 -3.11 -38.58
C THR W 416 65.73 -4.49 -37.94
N PHE W 417 65.24 -5.46 -38.71
CA PHE W 417 64.85 -6.74 -38.13
C PHE W 417 65.77 -7.90 -38.51
N GLN W 418 66.85 -7.61 -39.24
CA GLN W 418 67.74 -8.65 -39.75
C GLN W 418 68.39 -9.46 -38.63
N ASP W 419 68.61 -8.84 -37.47
CA ASP W 419 69.26 -9.49 -36.33
C ASP W 419 68.29 -9.85 -35.21
N VAL W 420 66.99 -9.78 -35.43
CA VAL W 420 66.00 -9.98 -34.38
C VAL W 420 65.63 -11.46 -34.36
N PRO W 421 65.92 -12.19 -33.26
CA PRO W 421 65.74 -13.65 -33.27
C PRO W 421 64.39 -14.16 -33.70
N ILE W 422 63.29 -13.51 -33.25
CA ILE W 422 61.96 -14.03 -33.54
C ILE W 422 61.66 -13.96 -35.04
N MET W 423 62.27 -13.02 -35.75
CA MET W 423 62.09 -12.90 -37.19
C MET W 423 63.08 -13.75 -37.98
N MET W 424 64.23 -14.08 -37.39
CA MET W 424 65.25 -14.84 -38.09
C MET W 424 64.86 -16.32 -38.21
N ASN W 425 64.20 -16.87 -37.17
CA ASN W 425 63.86 -18.29 -37.09
C ASN W 425 62.55 -18.47 -36.35
N PRO W 426 61.44 -17.95 -36.89
CA PRO W 426 60.17 -18.01 -36.15
C PRO W 426 59.70 -19.42 -35.82
N LEU W 427 59.90 -20.38 -36.72
CA LEU W 427 59.40 -21.72 -36.43
C LEU W 427 60.18 -22.38 -35.29
N LYS W 428 61.49 -22.19 -35.25
CA LYS W 428 62.27 -22.74 -34.14
C LYS W 428 61.93 -22.05 -32.84
N GLU W 429 61.68 -20.73 -32.87
CA GLU W 429 61.34 -20.04 -31.63
C GLU W 429 59.96 -20.47 -31.11
N VAL W 430 58.96 -20.56 -31.99
CA VAL W 430 57.64 -21.03 -31.57
C VAL W 430 57.76 -22.39 -30.91
N ALA W 431 58.51 -23.30 -31.53
CA ALA W 431 58.64 -24.65 -30.99
C ALA W 431 59.38 -24.65 -29.66
N ALA W 432 60.43 -23.84 -29.55
CA ALA W 432 61.22 -23.83 -28.34
C ALA W 432 60.45 -23.22 -27.17
N ALA W 433 59.47 -22.36 -27.47
CA ALA W 433 58.65 -21.77 -26.42
C ALA W 433 57.62 -22.74 -25.85
N VAL W 434 57.35 -23.84 -26.54
CA VAL W 434 56.41 -24.83 -26.01
C VAL W 434 57.00 -25.47 -24.74
N ALA X 2 47.88 -43.36 -54.86
CA ALA X 2 47.93 -42.05 -55.55
C ALA X 2 46.50 -41.57 -55.83
N TYR X 3 46.27 -40.27 -55.76
CA TYR X 3 44.88 -39.78 -55.94
C TYR X 3 44.59 -39.63 -57.44
N THR X 4 43.46 -40.16 -57.86
CA THR X 4 43.04 -40.03 -59.25
C THR X 4 42.00 -38.94 -59.40
N PRO X 5 42.28 -37.86 -60.14
CA PRO X 5 41.33 -36.74 -60.20
C PRO X 5 40.11 -37.12 -61.02
N GLN X 6 38.95 -36.59 -60.59
CA GLN X 6 37.72 -36.69 -61.34
C GLN X 6 37.27 -35.34 -61.93
N TYR X 7 37.76 -34.23 -61.38
CA TYR X 7 37.66 -32.89 -61.95
C TYR X 7 36.31 -32.19 -61.83
N TYR X 8 35.24 -32.82 -62.31
CA TYR X 8 33.99 -32.07 -62.50
C TYR X 8 32.87 -33.06 -62.69
N PRO X 9 31.67 -32.79 -62.18
CA PRO X 9 30.53 -33.70 -62.34
C PRO X 9 29.88 -33.53 -63.71
N GLY X 10 28.80 -34.27 -63.93
CA GLY X 10 28.00 -34.14 -65.15
C GLY X 10 28.24 -35.30 -66.11
N SER X 11 27.19 -35.65 -66.86
CA SER X 11 27.23 -36.78 -67.77
C SER X 11 26.98 -36.46 -69.24
N SER X 12 26.62 -35.23 -69.59
CA SER X 12 26.45 -34.89 -70.99
C SER X 12 27.80 -34.73 -71.68
N HIS X 13 27.76 -34.64 -73.02
CA HIS X 13 29.02 -34.44 -73.76
C HIS X 13 29.66 -33.10 -73.45
N VAL X 14 28.88 -32.12 -73.00
CA VAL X 14 29.45 -30.84 -72.58
C VAL X 14 30.27 -31.04 -71.32
N ALA X 15 29.76 -31.82 -70.36
CA ALA X 15 30.56 -32.14 -69.17
C ALA X 15 31.83 -32.91 -69.53
N VAL X 16 31.71 -33.85 -70.48
CA VAL X 16 32.90 -34.57 -70.96
C VAL X 16 33.90 -33.59 -71.54
N ASN X 17 33.43 -32.60 -72.31
CA ASN X 17 34.35 -31.62 -72.87
C ASN X 17 34.99 -30.78 -71.77
N ARG X 18 34.22 -30.44 -70.74
CA ARG X 18 34.80 -29.68 -69.64
C ARG X 18 35.94 -30.43 -68.98
N ARG X 19 35.77 -31.74 -68.76
CA ARG X 19 36.83 -32.54 -68.16
C ARG X 19 38.01 -32.68 -69.10
N LYS X 20 37.78 -32.70 -70.41
CA LYS X 20 38.89 -32.68 -71.36
C LYS X 20 39.71 -31.42 -71.21
N HIS X 21 39.03 -30.25 -71.12
CA HIS X 21 39.76 -29.01 -70.93
C HIS X 21 40.56 -29.02 -69.62
N MET X 22 39.92 -29.45 -68.54
CA MET X 22 40.58 -29.43 -67.24
C MET X 22 41.79 -30.36 -67.24
N SER X 23 41.61 -31.57 -67.76
CA SER X 23 42.66 -32.57 -67.74
C SER X 23 43.74 -32.32 -68.80
N GLY X 24 43.53 -31.36 -69.70
CA GLY X 24 44.50 -31.11 -70.74
C GLY X 24 44.42 -32.05 -71.92
N ASP X 25 43.41 -32.92 -71.96
N ASP X 25 43.42 -32.93 -71.97
CA ASP X 25 43.24 -33.89 -73.06
CA ASP X 25 43.30 -33.89 -73.07
C ASP X 25 42.46 -33.24 -74.20
C ASP X 25 42.49 -33.26 -74.20
N VAL X 26 43.11 -32.28 -74.85
CA VAL X 26 42.49 -31.51 -75.93
C VAL X 26 43.20 -31.82 -77.24
N GLU X 27 42.41 -32.12 -78.27
CA GLU X 27 42.94 -32.53 -79.55
C GLU X 27 43.58 -31.36 -80.30
N LYS X 28 44.71 -31.63 -80.95
CA LYS X 28 45.34 -30.64 -81.80
C LYS X 28 44.62 -30.63 -83.15
N LEU X 29 44.17 -29.44 -83.57
CA LEU X 29 43.42 -29.30 -84.82
C LEU X 29 44.10 -28.49 -85.89
N ARG X 30 45.11 -27.71 -85.55
CA ARG X 30 45.76 -26.84 -86.51
C ARG X 30 47.17 -26.56 -86.04
N THR X 31 47.98 -26.05 -86.96
CA THR X 31 49.33 -25.61 -86.68
C THR X 31 49.42 -24.11 -86.89
N VAL X 32 49.99 -23.42 -85.92
CA VAL X 32 50.35 -22.00 -86.03
C VAL X 32 51.85 -21.93 -85.81
N SER X 33 52.57 -21.35 -86.77
CA SER X 33 54.02 -21.30 -86.65
C SER X 33 54.44 -20.37 -85.50
N ASP X 34 55.66 -20.60 -84.99
CA ASP X 34 56.21 -19.76 -83.94
C ASP X 34 56.18 -18.30 -84.36
N ASP X 35 56.69 -17.99 -85.55
CA ASP X 35 56.77 -16.59 -85.99
C ASP X 35 55.39 -15.96 -86.13
N ASP X 36 54.41 -16.73 -86.62
CA ASP X 36 53.06 -16.19 -86.75
C ASP X 36 52.48 -15.88 -85.39
N LEU X 37 52.63 -16.80 -84.44
CA LEU X 37 52.05 -16.57 -83.11
C LEU X 37 52.71 -15.38 -82.44
N VAL X 38 54.04 -15.28 -82.53
CA VAL X 38 54.77 -14.16 -81.92
C VAL X 38 54.30 -12.84 -82.53
N ALA X 39 54.10 -12.80 -83.84
CA ALA X 39 53.58 -11.60 -84.48
C ALA X 39 52.19 -11.26 -83.95
N ALA X 40 51.34 -12.27 -83.78
CA ALA X 40 49.99 -12.01 -83.31
C ALA X 40 49.99 -11.51 -81.88
N LEU X 41 50.91 -12.01 -81.05
CA LEU X 41 50.93 -11.62 -79.64
C LEU X 41 51.45 -10.20 -79.46
N GLY X 42 52.35 -9.75 -80.33
CA GLY X 42 52.71 -8.33 -80.39
C GLY X 42 53.71 -7.84 -79.36
N HIS X 43 54.46 -8.72 -78.70
CA HIS X 43 55.36 -8.32 -77.63
C HIS X 43 56.81 -8.13 -78.08
N ARG X 44 57.19 -8.74 -79.20
CA ARG X 44 58.54 -8.63 -79.73
C ARG X 44 58.47 -9.03 -81.19
N ALA X 45 59.47 -8.62 -81.96
CA ALA X 45 59.50 -9.00 -83.37
C ALA X 45 59.77 -10.49 -83.48
N PRO X 46 59.15 -11.19 -84.43
CA PRO X 46 59.52 -12.60 -84.65
C PRO X 46 61.01 -12.74 -84.80
N GLY X 47 61.57 -13.71 -84.10
CA GLY X 47 62.99 -13.97 -84.16
C GLY X 47 63.85 -13.12 -83.25
N ALA X 48 63.30 -12.10 -82.59
CA ALA X 48 64.12 -11.26 -81.72
C ALA X 48 64.39 -11.98 -80.41
N ASP X 49 65.50 -11.62 -79.77
CA ASP X 49 65.74 -12.16 -78.43
C ASP X 49 64.65 -11.70 -77.48
N TYR X 50 64.40 -12.51 -76.47
CA TYR X 50 63.44 -12.14 -75.45
C TYR X 50 63.99 -10.99 -74.62
N PRO X 51 63.31 -9.85 -74.53
CA PRO X 51 63.73 -8.85 -73.55
C PRO X 51 63.64 -9.44 -72.15
N SER X 52 64.30 -8.79 -71.24
CA SER X 52 64.29 -9.25 -69.86
C SER X 52 63.79 -8.13 -68.97
N THR X 53 63.26 -8.52 -67.82
CA THR X 53 62.89 -7.55 -66.79
C THR X 53 63.85 -7.59 -65.60
N HIS X 54 64.60 -8.67 -65.43
CA HIS X 54 65.69 -8.74 -64.46
C HIS X 54 66.71 -9.73 -64.98
N PRO X 55 67.90 -9.77 -64.38
CA PRO X 55 68.96 -10.68 -64.88
C PRO X 55 68.58 -12.14 -64.70
N PRO X 56 69.19 -13.04 -65.48
CA PRO X 56 68.93 -14.47 -65.27
C PRO X 56 69.27 -14.85 -63.84
N LEU X 57 68.51 -15.80 -63.31
CA LEU X 57 68.72 -16.20 -61.92
C LEU X 57 70.15 -16.64 -61.66
N ALA X 58 70.79 -17.28 -62.65
CA ALA X 58 72.15 -17.77 -62.43
C ALA X 58 73.18 -16.65 -62.36
N GLU X 59 72.88 -15.49 -62.92
CA GLU X 59 73.84 -14.40 -62.90
C GLU X 59 73.73 -13.56 -61.64
N MET X 60 72.53 -13.40 -61.10
CA MET X 60 72.39 -12.59 -59.89
C MET X 60 72.40 -13.41 -58.62
N GLY X 61 72.07 -14.70 -58.70
CA GLY X 61 71.89 -15.49 -57.49
C GLY X 61 70.54 -15.19 -56.88
N GLU X 62 70.25 -15.86 -55.78
CA GLU X 62 68.95 -15.77 -55.12
C GLU X 62 69.15 -15.76 -53.62
N PRO X 63 68.16 -15.26 -52.88
CA PRO X 63 68.21 -15.39 -51.42
C PRO X 63 68.22 -16.85 -51.01
N ASP X 64 68.82 -17.10 -49.86
CA ASP X 64 68.84 -18.42 -49.26
C ASP X 64 67.44 -18.79 -48.80
N CYS X 65 66.64 -19.38 -49.66
CA CYS X 65 65.26 -19.67 -49.32
C CYS X 65 65.01 -21.16 -49.57
N PRO X 66 64.48 -21.90 -48.59
CA PRO X 66 64.25 -23.33 -48.81
C PRO X 66 63.24 -23.62 -49.90
N VAL X 67 62.29 -22.71 -50.14
CA VAL X 67 61.30 -22.93 -51.19
C VAL X 67 61.93 -22.73 -52.56
N ARG X 68 62.66 -21.63 -52.73
CA ARG X 68 63.36 -21.44 -53.98
C ARG X 68 64.25 -22.63 -54.30
N GLN X 69 64.82 -23.25 -53.28
CA GLN X 69 65.77 -24.35 -53.48
C GLN X 69 65.10 -25.68 -53.80
N MET X 70 63.76 -25.75 -53.75
CA MET X 70 63.03 -27.01 -54.10
C MET X 70 61.92 -26.78 -55.15
N VAL X 71 61.76 -25.55 -55.65
CA VAL X 71 60.80 -25.28 -56.71
C VAL X 71 61.59 -24.86 -57.94
N GLU X 72 61.52 -25.68 -58.98
CA GLU X 72 62.23 -25.39 -60.23
C GLU X 72 61.62 -24.17 -60.91
N PRO X 73 62.40 -23.14 -61.21
CA PRO X 73 61.86 -22.05 -62.03
C PRO X 73 61.55 -22.56 -63.43
N THR X 74 60.55 -21.93 -64.03
CA THR X 74 60.29 -22.19 -65.43
C THR X 74 61.46 -21.67 -66.27
N PRO X 75 61.52 -22.08 -67.53
CA PRO X 75 62.57 -21.54 -68.41
C PRO X 75 62.53 -20.03 -68.52
N GLY X 76 61.35 -19.42 -68.62
CA GLY X 76 61.28 -17.98 -68.71
C GLY X 76 61.67 -17.27 -67.43
N ALA X 77 61.37 -17.88 -66.29
CA ALA X 77 61.82 -17.30 -65.02
C ALA X 77 63.34 -17.37 -64.87
N ALA X 78 63.93 -18.52 -65.21
CA ALA X 78 65.38 -18.67 -65.17
C ALA X 78 66.06 -17.63 -66.02
N ALA X 79 65.45 -17.28 -67.17
CA ALA X 79 66.03 -16.32 -68.09
C ALA X 79 65.73 -14.87 -67.72
N GLY X 80 64.76 -14.63 -66.84
CA GLY X 80 64.39 -13.28 -66.48
C GLY X 80 63.45 -12.60 -67.44
N ASP X 81 62.70 -13.35 -68.24
CA ASP X 81 61.81 -12.74 -69.23
C ASP X 81 60.82 -11.78 -68.57
N ARG X 82 60.34 -10.83 -69.36
CA ARG X 82 59.18 -10.05 -68.93
C ARG X 82 58.00 -11.00 -68.72
N VAL X 83 57.09 -10.60 -67.85
CA VAL X 83 55.78 -11.22 -67.75
C VAL X 83 54.94 -10.59 -68.87
N ARG X 84 54.55 -11.38 -69.88
CA ARG X 84 53.64 -10.91 -70.92
C ARG X 84 52.38 -11.79 -70.89
N TYR X 85 51.53 -11.68 -71.91
CA TYR X 85 50.21 -12.30 -71.80
C TYR X 85 49.65 -12.69 -73.16
N SER X 86 48.66 -13.57 -73.12
CA SER X 86 47.74 -13.87 -74.20
C SER X 86 46.35 -13.69 -73.65
N GLN X 87 45.44 -13.19 -74.46
CA GLN X 87 44.07 -12.99 -73.99
C GLN X 87 43.11 -13.37 -75.09
N PHE X 88 42.09 -14.19 -74.75
CA PHE X 88 41.11 -14.69 -75.70
C PHE X 88 39.71 -14.30 -75.28
N THR X 89 38.86 -14.04 -76.27
CA THR X 89 37.43 -13.84 -76.12
C THR X 89 36.75 -15.01 -76.84
N ASP X 90 35.65 -15.50 -76.26
CA ASP X 90 34.94 -16.66 -76.78
C ASP X 90 33.46 -16.38 -76.90
N SER X 91 32.91 -16.66 -78.08
CA SER X 91 31.48 -16.43 -78.30
C SER X 91 30.62 -17.33 -77.41
N MET X 92 29.51 -16.77 -76.93
CA MET X 92 28.51 -17.56 -76.24
C MET X 92 27.67 -18.41 -77.20
N TYR X 93 27.85 -18.26 -78.51
CA TYR X 93 27.19 -19.11 -79.49
C TYR X 93 28.03 -20.35 -79.76
N SER X 94 28.21 -21.12 -78.68
CA SER X 94 28.80 -22.46 -78.73
C SER X 94 30.28 -22.47 -79.10
N ALA X 95 31.04 -21.44 -78.76
CA ALA X 95 32.48 -21.57 -78.88
C ALA X 95 32.94 -22.78 -78.08
N PRO X 96 33.99 -23.45 -78.51
CA PRO X 96 34.51 -24.56 -77.72
C PRO X 96 34.79 -24.20 -76.26
N SER X 97 35.41 -23.05 -76.02
CA SER X 97 35.87 -22.67 -74.68
C SER X 97 34.92 -21.69 -74.01
N ILE X 98 34.92 -21.76 -72.68
CA ILE X 98 34.29 -20.78 -71.81
C ILE X 98 35.36 -20.27 -70.85
N PRO X 99 35.26 -19.03 -70.40
CA PRO X 99 36.38 -18.44 -69.64
C PRO X 99 36.93 -19.24 -68.47
N TYR X 100 36.10 -19.71 -67.55
CA TYR X 100 36.64 -20.39 -66.36
C TYR X 100 37.42 -21.63 -66.75
N PHE X 101 36.96 -22.36 -67.77
CA PHE X 101 37.63 -23.61 -68.12
C PHE X 101 38.93 -23.37 -68.89
N ARG X 102 39.07 -22.23 -69.57
CA ARG X 102 40.40 -21.82 -70.01
C ARG X 102 41.34 -21.64 -68.83
N SER X 103 40.84 -21.04 -67.73
CA SER X 103 41.70 -20.81 -66.59
C SER X 103 42.04 -22.12 -65.90
N TYR X 104 41.07 -23.06 -65.80
CA TYR X 104 41.39 -24.36 -65.21
C TYR X 104 42.40 -25.12 -66.06
N TYR X 105 42.26 -25.05 -67.38
CA TYR X 105 43.24 -25.68 -68.25
C TYR X 105 44.64 -25.15 -67.96
N ALA X 106 44.75 -23.83 -67.83
CA ALA X 106 46.02 -23.19 -67.52
C ALA X 106 46.55 -23.65 -66.17
N ALA X 107 45.68 -23.60 -65.14
CA ALA X 107 46.11 -23.84 -63.77
C ALA X 107 46.44 -25.30 -63.50
N ILE X 108 45.79 -26.24 -64.20
CA ILE X 108 46.06 -27.64 -63.96
C ILE X 108 47.29 -28.08 -64.74
N ASN X 109 47.50 -27.54 -65.93
CA ASN X 109 48.40 -28.17 -66.88
C ASN X 109 49.68 -27.40 -67.16
N PHE X 110 49.85 -26.21 -66.61
CA PHE X 110 51.04 -25.39 -66.90
C PHE X 110 51.60 -24.83 -65.60
N ARG X 111 52.92 -24.72 -65.54
CA ARG X 111 53.60 -24.23 -64.35
C ARG X 111 53.82 -22.72 -64.42
N GLY X 112 53.79 -22.06 -63.26
CA GLY X 112 54.12 -20.65 -63.19
C GLY X 112 53.23 -19.76 -64.02
N VAL X 113 51.90 -19.86 -63.88
CA VAL X 113 50.97 -19.10 -64.71
C VAL X 113 50.02 -18.29 -63.84
N ASP X 114 49.50 -17.20 -64.42
CA ASP X 114 48.64 -16.25 -63.72
C ASP X 114 47.39 -16.07 -64.58
N PRO X 115 46.45 -17.02 -64.52
CA PRO X 115 45.24 -16.88 -65.33
C PRO X 115 44.19 -16.00 -64.68
N GLY X 116 43.39 -15.35 -65.53
CA GLY X 116 42.31 -14.49 -65.10
C GLY X 116 41.06 -14.72 -65.91
N THR X 117 39.93 -14.86 -65.23
CA THR X 117 38.65 -15.11 -65.87
C THR X 117 37.75 -13.89 -65.76
N LEU X 118 37.16 -13.49 -66.90
CA LEU X 118 36.14 -12.47 -66.96
C LEU X 118 35.08 -12.93 -67.95
N SER X 119 34.00 -12.16 -68.09
CA SER X 119 32.93 -12.64 -68.96
C SER X 119 33.32 -12.52 -70.43
N GLY X 120 34.00 -11.43 -70.81
CA GLY X 120 34.28 -11.15 -72.21
C GLY X 120 35.72 -11.31 -72.62
N ARG X 121 36.58 -11.82 -71.73
CA ARG X 121 38.01 -11.95 -71.92
C ARG X 121 38.52 -12.93 -70.88
N GLN X 122 39.51 -13.71 -71.27
CA GLN X 122 40.25 -14.57 -70.35
C GLN X 122 41.72 -14.37 -70.69
N ILE X 123 42.54 -14.17 -69.65
CA ILE X 123 43.94 -13.82 -69.81
C ILE X 123 44.83 -14.88 -69.16
N VAL X 124 45.99 -15.13 -69.77
CA VAL X 124 47.07 -15.86 -69.13
C VAL X 124 48.30 -14.98 -69.15
N GLU X 125 48.76 -14.56 -67.97
CA GLU X 125 50.05 -13.90 -67.81
C GLU X 125 51.08 -14.92 -67.34
N ALA X 126 52.27 -14.86 -67.93
CA ALA X 126 53.38 -15.73 -67.54
C ALA X 126 54.65 -15.16 -68.17
N ARG X 127 55.80 -15.66 -67.73
CA ARG X 127 57.04 -15.27 -68.39
C ARG X 127 56.92 -15.51 -69.89
N GLU X 128 57.47 -14.59 -70.67
CA GLU X 128 57.11 -14.52 -72.09
C GLU X 128 57.20 -15.87 -72.79
N ARG X 129 58.34 -16.55 -72.67
CA ARG X 129 58.48 -17.80 -73.41
C ARG X 129 57.53 -18.88 -72.89
N ASP X 130 57.20 -18.88 -71.60
CA ASP X 130 56.22 -19.85 -71.09
C ASP X 130 54.81 -19.49 -71.55
N MET X 131 54.48 -18.19 -71.55
CA MET X 131 53.19 -17.73 -72.04
C MET X 131 52.98 -18.14 -73.49
N GLU X 132 54.03 -18.01 -74.32
CA GLU X 132 53.94 -18.39 -75.72
C GLU X 132 53.62 -19.88 -75.87
N ALA X 133 54.27 -20.71 -75.06
CA ALA X 133 54.03 -22.16 -75.14
C ALA X 133 52.61 -22.51 -74.74
N GLN X 134 52.08 -21.85 -73.69
CA GLN X 134 50.73 -22.13 -73.24
C GLN X 134 49.71 -21.64 -74.28
N CYS X 135 49.97 -20.47 -74.86
CA CYS X 135 49.08 -19.94 -75.89
C CYS X 135 49.09 -20.81 -77.15
N LYS X 136 50.27 -21.28 -77.56
N LYS X 136 50.27 -21.28 -77.56
CA LYS X 136 50.36 -22.20 -78.69
CA LYS X 136 50.34 -22.19 -78.70
C LYS X 136 49.49 -23.43 -78.46
C LYS X 136 49.49 -23.43 -78.46
N ALA X 137 49.59 -24.00 -77.25
CA ALA X 137 48.80 -25.20 -76.94
C ALA X 137 47.31 -24.92 -77.07
N ALA X 138 46.84 -23.81 -76.49
CA ALA X 138 45.42 -23.51 -76.55
C ALA X 138 44.98 -23.19 -77.96
N ILE X 139 45.75 -22.38 -78.69
CA ILE X 139 45.27 -21.88 -79.98
C ILE X 139 45.31 -22.96 -81.06
N GLU X 140 46.20 -23.95 -80.93
CA GLU X 140 46.27 -25.05 -81.88
C GLU X 140 45.25 -26.13 -81.58
N SER X 141 44.61 -26.08 -80.42
CA SER X 141 43.78 -27.18 -79.98
C SER X 141 42.31 -26.93 -80.28
N GLU X 142 41.50 -27.94 -79.94
CA GLU X 142 40.06 -27.88 -80.06
C GLU X 142 39.42 -26.88 -79.13
N MET X 143 40.19 -26.29 -78.21
CA MET X 143 39.70 -25.19 -77.38
C MET X 143 39.42 -23.94 -78.20
N THR X 144 39.90 -23.88 -79.44
CA THR X 144 39.82 -22.70 -80.28
C THR X 144 39.09 -23.02 -81.58
N CYS X 145 38.08 -22.21 -81.91
CA CYS X 145 37.59 -22.03 -83.26
C CYS X 145 37.95 -20.61 -83.67
N PRO X 146 38.65 -20.38 -84.78
CA PRO X 146 39.14 -19.02 -85.06
C PRO X 146 38.05 -18.04 -85.46
N ALA X 147 36.81 -18.48 -85.68
CA ALA X 147 35.70 -17.57 -85.89
C ALA X 147 35.01 -17.21 -84.58
N LEU X 148 34.79 -18.19 -83.71
CA LEU X 148 34.08 -18.01 -82.46
C LEU X 148 35.01 -17.60 -81.32
N ALA X 149 36.33 -17.56 -81.55
CA ALA X 149 37.26 -17.15 -80.51
C ALA X 149 38.43 -16.44 -81.17
N GLY X 150 39.06 -15.52 -80.43
CA GLY X 150 40.28 -14.93 -80.96
C GLY X 150 41.07 -14.18 -79.91
N LEU X 151 42.30 -13.85 -80.31
CA LEU X 151 43.21 -13.06 -79.49
C LEU X 151 42.77 -11.58 -79.49
N ARG X 152 42.48 -11.08 -78.28
CA ARG X 152 42.01 -9.69 -78.09
C ARG X 152 42.60 -9.21 -76.78
N GLY X 153 43.70 -8.45 -76.85
CA GLY X 153 44.29 -7.83 -75.66
C GLY X 153 43.64 -6.53 -75.23
N CYS X 154 42.74 -6.02 -76.07
CA CYS X 154 41.95 -4.84 -75.77
C CYS X 154 40.74 -4.83 -76.69
N THR X 155 39.74 -4.02 -76.32
CA THR X 155 38.56 -3.80 -77.14
C THR X 155 37.90 -5.14 -77.42
N VAL X 156 37.46 -5.79 -76.33
CA VAL X 156 37.10 -7.20 -76.39
C VAL X 156 35.65 -7.46 -76.75
N HIS X 157 34.78 -6.44 -76.71
CA HIS X 157 33.35 -6.56 -76.96
C HIS X 157 33.06 -7.56 -78.06
N GLY X 158 32.13 -8.49 -77.78
CA GLY X 158 31.69 -9.43 -78.79
C GLY X 158 31.22 -10.79 -78.27
N HIS X 159 31.65 -11.19 -77.07
CA HIS X 159 31.32 -12.55 -76.62
C HIS X 159 29.82 -12.79 -76.59
N SER X 160 29.04 -11.76 -76.29
CA SER X 160 27.60 -11.85 -76.07
C SER X 160 26.78 -11.28 -77.23
N LEU X 161 27.42 -10.93 -78.35
CA LEU X 161 26.76 -10.28 -79.47
C LEU X 161 26.34 -11.30 -80.53
N ARG X 162 25.35 -10.92 -81.34
CA ARG X 162 25.03 -11.74 -82.50
C ARG X 162 26.28 -11.91 -83.37
N LEU X 163 26.43 -13.08 -83.96
CA LEU X 163 27.55 -13.28 -84.86
C LEU X 163 27.32 -12.49 -86.14
N ALA X 164 28.41 -12.20 -86.85
CA ALA X 164 28.30 -11.58 -88.16
C ALA X 164 27.69 -12.57 -89.12
N GLU X 165 27.20 -12.07 -90.25
CA GLU X 165 26.57 -12.96 -91.23
C GLU X 165 27.50 -14.08 -91.66
N ASP X 166 28.81 -13.85 -91.69
CA ASP X 166 29.75 -14.89 -92.12
C ASP X 166 30.21 -15.79 -90.97
N GLY X 167 29.60 -15.64 -89.80
CA GLY X 167 29.89 -16.46 -88.65
C GLY X 167 31.02 -16.00 -87.76
N MET X 168 31.72 -14.93 -88.13
CA MET X 168 32.76 -14.38 -87.26
C MET X 168 32.17 -13.61 -86.10
N MET X 169 32.75 -13.80 -84.91
CA MET X 169 32.28 -13.02 -83.77
C MET X 169 32.70 -11.57 -84.00
N PHE X 170 31.82 -10.64 -83.67
CA PHE X 170 32.10 -9.22 -83.85
C PHE X 170 33.40 -8.82 -83.16
N ASP X 171 34.24 -8.08 -83.88
CA ASP X 171 35.45 -7.45 -83.34
C ASP X 171 35.45 -6.01 -83.82
N MET X 172 35.41 -5.07 -82.88
CA MET X 172 35.40 -3.66 -83.24
C MET X 172 36.62 -3.27 -84.06
N LEU X 173 37.76 -3.91 -83.80
CA LEU X 173 39.01 -3.64 -84.51
C LEU X 173 39.23 -4.56 -85.69
N GLN X 174 38.33 -5.52 -85.92
CA GLN X 174 38.44 -6.47 -87.03
C GLN X 174 39.87 -6.96 -87.24
N ARG X 175 40.43 -7.55 -86.17
CA ARG X 175 41.76 -8.13 -86.24
C ARG X 175 41.80 -9.39 -87.09
N THR X 176 40.66 -10.03 -87.32
CA THR X 176 40.56 -11.20 -88.15
C THR X 176 39.47 -11.01 -89.20
N HIS X 177 39.60 -11.76 -90.30
CA HIS X 177 38.56 -11.79 -91.30
C HIS X 177 38.74 -13.07 -92.10
N ILE X 178 37.73 -13.40 -92.90
CA ILE X 178 37.75 -14.62 -93.71
C ILE X 178 38.27 -14.29 -95.11
N GLU X 179 39.21 -15.11 -95.60
CA GLU X 179 39.66 -15.09 -96.99
C GLU X 179 39.66 -16.52 -97.47
N GLY X 180 38.93 -16.80 -98.54
CA GLY X 180 38.97 -18.15 -99.08
C GLY X 180 38.61 -19.22 -98.08
N GLY X 181 37.65 -18.94 -97.21
CA GLY X 181 37.23 -19.87 -96.19
C GLY X 181 38.13 -19.96 -94.98
N ASN X 182 39.29 -19.32 -94.98
CA ASN X 182 40.21 -19.34 -93.85
C ASN X 182 40.13 -18.05 -93.05
N VAL X 183 40.36 -18.16 -91.75
CA VAL X 183 40.42 -16.99 -90.88
C VAL X 183 41.84 -16.49 -90.91
N ILE X 184 42.02 -15.25 -91.34
CA ILE X 184 43.30 -14.58 -91.43
C ILE X 184 43.35 -13.53 -90.34
N GLU X 185 44.41 -13.54 -89.52
CA GLU X 185 44.69 -12.45 -88.59
C GLU X 185 45.80 -11.58 -89.18
N ASP X 186 45.50 -10.28 -89.39
CA ASP X 186 46.47 -9.33 -89.94
C ASP X 186 46.68 -8.11 -89.06
N LYS X 187 46.27 -8.20 -87.79
CA LYS X 187 46.61 -7.25 -86.75
C LYS X 187 47.02 -8.05 -85.53
N ASP X 188 47.89 -7.47 -84.69
CA ASP X 188 48.24 -8.11 -83.43
C ASP X 188 47.06 -8.00 -82.45
N GLN X 189 47.25 -8.56 -81.26
CA GLN X 189 46.11 -8.71 -80.36
C GLN X 189 45.64 -7.39 -79.77
N VAL X 190 46.39 -6.30 -79.91
CA VAL X 190 45.91 -4.99 -79.48
C VAL X 190 45.62 -4.06 -80.66
N GLY X 191 45.42 -4.65 -81.85
CA GLY X 191 44.87 -3.93 -82.99
C GLY X 191 45.88 -3.26 -83.90
N VAL X 192 47.17 -3.54 -83.73
CA VAL X 192 48.21 -2.90 -84.54
C VAL X 192 48.41 -3.73 -85.79
N PRO X 193 48.28 -3.16 -87.00
CA PRO X 193 48.54 -3.94 -88.22
C PRO X 193 49.90 -4.61 -88.17
N ILE X 194 49.94 -5.86 -88.62
CA ILE X 194 51.19 -6.60 -88.74
C ILE X 194 51.46 -6.86 -90.22
N ASP X 195 52.75 -7.05 -90.54
CA ASP X 195 53.22 -7.18 -91.92
C ASP X 195 53.13 -8.62 -92.43
N ARG X 196 52.16 -9.40 -91.96
CA ARG X 196 51.95 -10.75 -92.43
C ARG X 196 50.47 -11.09 -92.31
N LYS X 197 50.06 -12.17 -92.97
CA LYS X 197 48.74 -12.74 -92.81
C LYS X 197 48.87 -14.06 -92.09
N VAL X 198 48.36 -14.13 -90.87
CA VAL X 198 48.42 -15.36 -90.09
C VAL X 198 47.19 -16.18 -90.44
N ASN X 199 47.41 -17.37 -91.01
CA ASN X 199 46.31 -18.23 -91.45
C ASN X 199 45.95 -19.18 -90.32
N LEU X 200 44.84 -18.92 -89.64
CA LEU X 200 44.37 -19.74 -88.53
C LEU X 200 43.43 -20.85 -89.00
N GLY X 201 43.29 -21.01 -90.31
CA GLY X 201 42.52 -22.10 -90.86
C GLY X 201 41.03 -21.85 -90.85
N LYS X 202 40.32 -22.94 -91.09
CA LYS X 202 38.88 -22.84 -91.26
C LYS X 202 38.15 -22.76 -89.93
N PRO X 203 37.03 -22.04 -89.89
CA PRO X 203 36.14 -22.13 -88.73
C PRO X 203 35.58 -23.52 -88.58
N MET X 204 35.24 -23.89 -87.35
CA MET X 204 34.47 -25.10 -87.11
C MET X 204 33.10 -24.95 -87.75
N SER X 205 32.54 -26.06 -88.21
CA SER X 205 31.14 -26.02 -88.63
C SER X 205 30.28 -25.76 -87.41
N ASP X 206 29.02 -25.34 -87.66
CA ASP X 206 28.14 -25.16 -86.52
C ASP X 206 27.95 -26.46 -85.76
N ALA X 207 27.82 -27.58 -86.47
CA ALA X 207 27.64 -28.84 -85.78
C ALA X 207 28.89 -29.22 -84.98
N GLU X 208 30.08 -28.99 -85.56
CA GLU X 208 31.30 -29.33 -84.82
CA GLU X 208 31.31 -29.33 -84.83
C GLU X 208 31.45 -28.48 -83.57
N ALA X 209 31.11 -27.18 -83.66
CA ALA X 209 31.17 -26.32 -82.49
C ALA X 209 30.29 -26.88 -81.38
N LYS X 210 29.06 -27.29 -81.71
CA LYS X 210 28.18 -27.81 -80.67
C LYS X 210 28.69 -29.12 -80.12
N LYS X 211 29.39 -29.92 -80.92
CA LYS X 211 30.01 -31.13 -80.40
C LYS X 211 31.17 -30.83 -79.45
N ARG X 212 31.89 -29.75 -79.69
CA ARG X 212 33.10 -29.44 -78.95
C ARG X 212 32.89 -28.47 -77.81
N THR X 213 31.72 -27.88 -77.69
CA THR X 213 31.56 -26.77 -76.75
C THR X 213 31.47 -27.25 -75.31
N THR X 214 31.90 -26.35 -74.41
CA THR X 214 31.74 -26.52 -72.97
C THR X 214 30.60 -25.70 -72.39
N ILE X 215 29.88 -24.94 -73.20
CA ILE X 215 28.79 -24.12 -72.71
C ILE X 215 27.49 -24.92 -72.71
N TYR X 216 26.66 -24.73 -71.69
CA TYR X 216 25.28 -25.21 -71.70
C TYR X 216 24.40 -24.10 -72.25
N ARG X 217 23.50 -24.42 -73.17
CA ARG X 217 22.47 -23.47 -73.62
C ARG X 217 21.36 -24.21 -74.36
N THR X 218 20.25 -23.51 -74.58
CA THR X 218 19.03 -24.20 -75.03
C THR X 218 19.17 -24.84 -76.42
N ASP X 219 20.09 -24.36 -77.24
CA ASP X 219 20.27 -24.92 -78.59
C ASP X 219 21.30 -26.04 -78.62
N GLY X 220 21.85 -26.42 -77.46
CA GLY X 220 22.76 -27.54 -77.38
C GLY X 220 22.33 -28.44 -76.24
N VAL X 221 23.13 -28.50 -75.18
CA VAL X 221 22.81 -29.22 -73.96
C VAL X 221 22.21 -28.22 -72.99
N LYS X 222 20.94 -28.40 -72.71
CA LYS X 222 20.20 -27.46 -71.86
C LYS X 222 20.67 -27.60 -70.43
N TYR X 223 21.02 -26.47 -69.82
CA TYR X 223 21.56 -26.50 -68.46
C TYR X 223 20.58 -27.13 -67.49
N ARG X 224 19.29 -26.83 -67.68
CA ARG X 224 18.26 -27.33 -66.79
C ARG X 224 18.27 -28.83 -66.68
N ASP X 225 18.74 -29.53 -67.70
CA ASP X 225 18.75 -30.97 -67.69
C ASP X 225 20.01 -31.57 -67.05
N GLU X 226 21.03 -30.77 -66.74
CA GLU X 226 22.30 -31.31 -66.21
CA GLU X 226 22.30 -31.27 -66.21
C GLU X 226 22.24 -31.31 -64.69
N GLU X 227 21.45 -32.24 -64.18
CA GLU X 227 21.12 -32.30 -62.76
C GLU X 227 22.35 -32.52 -61.88
N GLU X 228 23.36 -33.26 -62.32
CA GLU X 228 24.52 -33.47 -61.48
C GLU X 228 25.25 -32.16 -61.21
N VAL X 229 25.32 -31.29 -62.20
CA VAL X 229 25.97 -29.99 -61.99
C VAL X 229 25.15 -29.13 -61.04
N LEU X 230 23.84 -29.10 -61.25
CA LEU X 230 22.98 -28.37 -60.32
C LEU X 230 23.13 -28.92 -58.90
N ASP X 231 23.15 -30.25 -58.73
CA ASP X 231 23.38 -30.85 -57.42
C ASP X 231 24.69 -30.35 -56.83
N HIS X 232 25.75 -30.36 -57.63
CA HIS X 232 27.06 -29.92 -57.17
C HIS X 232 26.99 -28.48 -56.66
N VAL X 233 26.37 -27.59 -57.45
CA VAL X 233 26.29 -26.19 -57.06
C VAL X 233 25.57 -26.06 -55.74
N HIS X 234 24.45 -26.74 -55.62
CA HIS X 234 23.65 -26.67 -54.39
C HIS X 234 24.42 -27.20 -53.19
N LEU X 235 25.11 -28.33 -53.34
CA LEU X 235 25.88 -28.89 -52.21
C LEU X 235 26.94 -27.92 -51.70
N VAL X 236 27.69 -27.30 -52.61
CA VAL X 236 28.74 -26.36 -52.21
C VAL X 236 28.13 -25.15 -51.53
N HIS X 237 27.06 -24.59 -52.11
CA HIS X 237 26.41 -23.44 -51.50
C HIS X 237 25.92 -23.78 -50.10
N HIS X 238 25.23 -24.91 -49.98
CA HIS X 238 24.68 -25.30 -48.69
C HIS X 238 25.76 -25.49 -47.64
N ARG X 239 26.84 -26.20 -47.99
CA ARG X 239 27.90 -26.47 -47.03
C ARG X 239 28.66 -25.20 -46.67
N ARG X 240 28.87 -24.30 -47.63
CA ARG X 240 29.44 -23.01 -47.30
C ARG X 240 28.55 -22.26 -46.31
N THR X 241 27.25 -22.26 -46.54
CA THR X 241 26.29 -21.58 -45.64
C THR X 241 26.35 -22.16 -44.21
N MET X 242 26.29 -23.48 -44.13
CA MET X 242 26.27 -24.19 -42.82
C MET X 242 27.57 -23.94 -42.05
N TYR X 243 28.71 -23.97 -42.69
CA TYR X 243 30.00 -23.89 -41.96
C TYR X 243 30.35 -22.44 -41.58
N GLY X 244 29.83 -21.48 -42.38
CA GLY X 244 30.02 -20.10 -41.95
C GLY X 244 29.27 -19.79 -40.67
N TYR X 245 28.11 -20.44 -40.50
CA TYR X 245 27.38 -20.41 -39.23
C TYR X 245 28.18 -21.10 -38.13
N ARG X 246 28.47 -22.40 -38.30
CA ARG X 246 29.36 -23.12 -37.40
C ARG X 246 30.13 -24.20 -38.13
N PRO X 247 31.46 -24.24 -38.03
CA PRO X 247 32.25 -25.23 -38.81
C PRO X 247 32.25 -26.61 -38.17
N GLU X 248 31.13 -27.30 -38.29
CA GLU X 248 30.95 -28.61 -37.69
C GLU X 248 29.78 -29.30 -38.36
N THR X 249 29.80 -30.64 -38.30
CA THR X 249 28.76 -31.45 -38.92
C THR X 249 27.36 -31.08 -38.43
N ALA X 250 27.23 -30.72 -37.16
CA ALA X 250 25.91 -30.43 -36.63
C ALA X 250 25.24 -29.26 -37.34
N ALA X 251 26.02 -28.36 -37.95
CA ALA X 251 25.45 -27.21 -38.64
C ALA X 251 24.69 -27.63 -39.89
N GLU X 252 24.93 -28.86 -40.38
CA GLU X 252 24.27 -29.30 -41.60
C GLU X 252 22.78 -29.55 -41.41
N THR X 253 22.32 -29.63 -40.16
CA THR X 253 20.90 -29.72 -39.84
C THR X 253 20.46 -28.64 -38.88
N ALA X 254 21.13 -27.48 -38.90
CA ALA X 254 20.76 -26.39 -38.01
C ALA X 254 19.37 -25.87 -38.37
N PRO X 255 18.67 -25.27 -37.39
CA PRO X 255 17.39 -24.62 -37.72
C PRO X 255 17.61 -23.60 -38.82
N GLY X 256 16.71 -23.60 -39.80
CA GLY X 256 16.81 -22.74 -40.95
C GLY X 256 17.35 -23.41 -42.20
N VAL X 257 17.99 -24.58 -42.08
CA VAL X 257 18.36 -25.32 -43.28
C VAL X 257 17.10 -25.78 -44.01
N GLY X 258 16.18 -26.37 -43.30
CA GLY X 258 14.99 -26.89 -43.92
C GLY X 258 15.24 -28.16 -44.71
N PRO X 259 14.24 -28.55 -45.51
CA PRO X 259 14.28 -29.86 -46.18
C PRO X 259 15.07 -29.85 -47.49
N VAL X 260 16.37 -29.55 -47.38
CA VAL X 260 17.21 -29.53 -48.56
C VAL X 260 17.21 -30.93 -49.17
N THR X 261 17.23 -30.98 -50.50
CA THR X 261 17.11 -32.23 -51.25
C THR X 261 17.87 -32.06 -52.56
N TYR X 262 18.35 -33.18 -53.11
CA TYR X 262 19.17 -33.18 -54.31
C TYR X 262 18.57 -34.14 -55.32
N HIS X 263 18.96 -33.96 -56.59
CA HIS X 263 18.37 -34.76 -57.66
C HIS X 263 18.98 -36.16 -57.73
N THR X 264 20.31 -36.24 -57.73
CA THR X 264 20.99 -37.49 -58.06
C THR X 264 21.67 -38.12 -56.86
N VAL X 265 21.63 -37.47 -55.71
CA VAL X 265 22.22 -38.01 -54.51
C VAL X 265 21.30 -37.73 -53.32
K K Y . -5.61 -44.26 11.43
NA NA Z . -1.97 -26.04 23.66
CL CL AA . 17.00 -71.07 42.55
NI F43 BA . 2.44 -66.14 22.72
NA F43 BA . 1.02 -64.63 22.88
CHA F43 BA . 2.47 -62.96 21.90
C1A F43 BA . 1.23 -63.39 22.65
C2A F43 BA . 0.22 -62.40 23.27
C3A F43 BA . -0.50 -63.37 24.22
C4A F43 BA . -0.36 -64.73 23.43
C5A F43 BA . -0.70 -61.86 22.14
C6A F43 BA . -1.75 -60.92 22.72
O7A F43 BA . -1.47 -59.75 22.95
N8A F43 BA . -2.91 -61.42 22.93
C9A F43 BA . 1.03 -61.21 23.90
CAA F43 BA . 0.10 -63.46 25.64
CBA F43 BA . -0.22 -62.22 26.51
CCA F43 BA . -0.51 -62.60 27.95
ODA F43 BA . 0.36 -63.24 28.60
OEA F43 BA . -1.60 -62.28 28.45
NB F43 BA . 0.93 -67.52 23.15
CHB F43 BA . -0.60 -66.00 24.27
C1B F43 BA . -0.50 -67.24 23.36
C2B F43 BA . -1.10 -68.54 23.91
C3B F43 BA . 0.11 -69.33 24.41
C4B F43 BA . 1.23 -68.69 23.62
N5B F43 BA . -1.26 -67.03 22.11
C6B F43 BA . -2.06 -68.08 21.82
O7B F43 BA . -2.88 -68.09 20.89
C8B F43 BA . -1.82 -69.24 22.76
C9B F43 BA . -2.20 -68.29 24.94
CAB F43 BA . 0.37 -69.15 25.92
CBB F43 BA . 1.70 -69.80 26.40
CCB F43 BA . 1.71 -69.94 27.90
ODB F43 BA . 2.69 -69.47 28.57
OEB F43 BA . 0.77 -70.60 28.42
NC F43 BA . 3.96 -67.55 22.86
CHC F43 BA . 2.51 -69.37 23.45
C1C F43 BA . 3.73 -68.85 23.14
C2C F43 BA . 4.95 -69.73 23.03
C3C F43 BA . 6.05 -68.66 23.08
C4C F43 BA . 5.29 -67.37 22.76
C5C F43 BA . 4.98 -70.47 21.69
C6C F43 BA . 6.14 -71.44 21.68
O7C F43 BA . 6.27 -72.28 22.62
O8C F43 BA . 6.95 -71.37 20.69
C8C F43 BA . 6.68 -68.46 24.46
C9C F43 BA . 7.53 -69.68 24.86
CAC F43 BA . 8.38 -69.45 26.11
OBC F43 BA . 9.29 -70.29 26.36
OCC F43 BA . 8.17 -68.44 26.84
ND F43 BA . 3.96 -64.75 22.68
CHD F43 BA . 5.89 -66.18 22.48
C5D F43 BA . 7.30 -63.60 21.86
C6D F43 BA . 8.17 -64.83 22.14
C7D F43 BA . 7.35 -66.13 22.08
O8D F43 BA . 7.97 -67.15 21.73
C9D F43 BA . 5.14 -61.25 23.02
CAD F43 BA . 6.26 -60.40 22.41
OBD F43 BA . 6.78 -59.52 23.14
OCD F43 BA . 6.56 -60.56 21.19
C1D F43 BA . 5.27 -64.96 22.60
C2D F43 BA . 6.01 -63.64 22.71
C3D F43 BA . 4.96 -62.63 22.34
C4D F43 BA . 3.66 -63.31 22.79
C1 COM CA . 2.29 -68.03 20.02
C2 COM CA . 0.90 -68.62 19.74
S1 COM CA . 2.21 -66.28 20.24
S2 COM CA . 0.78 -70.40 19.83
O1S COM CA . 1.87 -70.90 18.99
O2S COM CA . 0.96 -70.80 21.24
O3S COM CA . -0.58 -70.78 19.31
N TP7 DA . -5.87 -63.38 10.86
P TP7 DA . -9.93 -65.29 10.37
O1P TP7 DA . -10.65 -64.83 11.63
O2P TP7 DA . -10.45 -64.65 9.12
O3P TP7 DA . -9.82 -66.79 10.28
O4P TP7 DA . -8.44 -64.71 10.64
CB TP7 DA . -7.47 -64.69 9.59
C TP7 DA . -7.64 -62.21 9.67
O TP7 DA . -8.06 -61.76 8.58
OXT TP7 DA . -8.01 -61.67 10.77
CA TP7 DA . -6.67 -63.40 9.66
CG TP7 DA . -6.58 -65.94 9.70
O1 TP7 DA . -3.90 -63.82 9.84
C1 TP7 DA . -4.51 -63.47 10.85
C2 TP7 DA . -3.82 -63.14 12.17
C3 TP7 DA . -2.38 -62.69 11.91
C4 TP7 DA . -1.73 -62.06 13.14
C5 TP7 DA . -1.81 -62.89 14.43
C6 TP7 DA . -0.96 -64.17 14.32
C7 TP7 DA . 0.52 -63.89 13.95
S7 TP7 DA . 1.50 -65.41 13.93
C1 GOL EA . 10.46 -57.03 30.57
O1 GOL EA . 9.74 -56.48 31.59
C2 GOL EA . 11.37 -55.96 30.09
O2 GOL EA . 12.20 -56.30 29.01
C3 GOL EA . 12.19 -55.49 31.25
O3 GOL EA . 12.49 -54.26 30.82
H11 GOL EA . 9.87 -57.34 29.86
H12 GOL EA . 10.96 -57.80 30.88
H2 GOL EA . 10.78 -55.26 29.73
HO2 GOL EA . 13.00 -56.29 29.26
H31 GOL EA . 12.98 -56.05 31.39
H32 GOL EA . 11.70 -55.50 32.09
C1 GOL FA . 31.92 -68.25 27.32
O1 GOL FA . 30.65 -68.61 27.73
C2 GOL FA . 32.64 -69.55 27.05
O2 GOL FA . 32.24 -70.55 27.95
C3 GOL FA . 32.32 -69.91 25.58
O3 GOL FA . 33.37 -70.73 25.11
H11 GOL FA . 32.37 -67.75 28.01
H12 GOL FA . 31.89 -67.70 26.53
HO1 GOL FA . 30.63 -69.43 27.91
H2 GOL FA . 33.60 -69.47 27.18
HO2 GOL FA . 32.40 -71.31 27.61
H31 GOL FA . 32.23 -69.11 25.04
H32 GOL FA . 31.46 -70.39 25.52
HO3 GOL FA . 33.23 -70.95 24.31
C1 MPD GA . 2.33 -42.56 -16.51
C2 MPD GA . 3.80 -42.32 -16.23
O2 MPD GA . 4.06 -40.92 -16.51
CM MPD GA . 4.68 -43.13 -17.17
C3 MPD GA . 4.12 -42.62 -14.76
C4 MPD GA . 3.73 -44.00 -14.24
O4 MPD GA . 4.50 -45.04 -14.85
C5 MPD GA . 3.85 -44.16 -12.75
H11 MPD GA . 2.12 -43.49 -16.33
H12 MPD GA . 2.13 -42.36 -17.44
H13 MPD GA . 1.79 -41.99 -15.93
HO2 MPD GA . 4.89 -40.78 -16.48
HM1 MPD GA . 5.62 -42.96 -16.98
HM2 MPD GA . 4.49 -42.88 -18.09
HM3 MPD GA . 4.50 -44.08 -17.05
H31 MPD GA . 3.69 -41.95 -14.21
H32 MPD GA . 5.08 -42.51 -14.62
H4 MPD GA . 2.79 -44.08 -14.48
HO4 MPD GA . 5.32 -44.83 -14.82
H51 MPD GA . 3.59 -45.06 -12.51
H52 MPD GA . 3.29 -43.52 -12.31
H53 MPD GA . 4.77 -44.02 -12.49
C1 GOL HA . 27.17 -46.90 12.91
O1 GOL HA . 27.96 -45.71 12.89
C2 GOL HA . 27.72 -47.95 11.98
O2 GOL HA . 29.12 -47.80 11.83
C3 GOL HA . 27.39 -49.36 12.41
O3 GOL HA . 28.27 -50.32 11.81
H11 GOL HA . 26.26 -46.68 12.66
H12 GOL HA . 27.13 -47.25 13.82
HO1 GOL HA . 28.72 -45.90 12.60
H2 GOL HA . 27.28 -47.82 11.13
HO2 GOL HA . 29.47 -48.54 11.66
H31 GOL HA . 26.48 -49.58 12.17
H32 GOL HA . 27.46 -49.44 13.37
HO3 GOL HA . 27.95 -51.08 11.88
C1 EDO IA . -13.08 -48.34 41.21
O1 EDO IA . -13.30 -49.33 40.23
C2 EDO IA . -11.77 -47.68 41.05
O2 EDO IA . -11.89 -46.34 40.60
H11 EDO IA . -13.12 -48.74 42.09
H12 EDO IA . -13.78 -47.68 41.17
HO1 EDO IA . -14.07 -49.27 39.94
H21 EDO IA . -11.22 -48.18 40.41
H22 EDO IA . -11.29 -47.69 41.89
HO2 EDO IA . -11.60 -46.28 39.81
C1 EDO JA . 9.69 -29.13 -18.50
O1 EDO JA . 10.70 -29.82 -17.79
C2 EDO JA . 10.13 -27.80 -18.96
O2 EDO JA . 11.10 -27.22 -18.14
H11 EDO JA . 8.91 -29.04 -17.93
H12 EDO JA . 9.43 -29.66 -19.27
HO1 EDO JA . 11.28 -29.26 -17.52
H21 EDO JA . 9.36 -27.21 -19.01
H22 EDO JA . 10.49 -27.87 -19.87
HO2 EDO JA . 11.52 -26.62 -18.56
NI F43 KA . -15.72 -26.11 -4.04
NA F43 KA . -13.93 -26.92 -3.41
CHA F43 KA . -14.87 -27.55 -1.28
C1A F43 KA . -13.71 -27.30 -2.23
C2A F43 KA . -12.24 -27.43 -1.90
C3A F43 KA . -11.63 -26.71 -3.09
C4A F43 KA . -12.67 -27.06 -4.18
C5A F43 KA . -11.81 -28.90 -1.77
C6A F43 KA . -10.32 -29.08 -1.49
O7A F43 KA . -9.90 -29.02 -0.38
N8A F43 KA . -9.58 -29.32 -2.48
C9A F43 KA . -12.00 -26.75 -0.57
CAA F43 KA . -11.36 -25.21 -2.95
CBA F43 KA . -10.10 -24.85 -2.12
CCA F43 KA . -9.42 -23.57 -2.54
ODA F43 KA . -8.22 -23.61 -2.79
OEA F43 KA . -10.08 -22.55 -2.62
NB F43 KA . -14.99 -26.03 -5.97
CHB F43 KA . -12.65 -26.15 -5.43
C1B F43 KA . -13.70 -26.57 -6.43
C2B F43 KA . -13.55 -26.08 -7.86
C3B F43 KA . -14.56 -24.98 -7.98
C4B F43 KA . -15.51 -25.32 -6.88
N5B F43 KA . -13.66 -28.02 -6.57
C6B F43 KA . -13.61 -28.41 -7.83
O7B F43 KA . -13.45 -29.53 -8.24
C8B F43 KA . -13.75 -27.25 -8.78
C9B F43 KA . -12.13 -25.57 -8.12
CAB F43 KA . -13.93 -23.60 -7.77
CBB F43 KA . -14.96 -22.46 -7.61
CCB F43 KA . -14.34 -21.09 -7.81
ODB F43 KA . -13.70 -20.89 -8.83
OEB F43 KA . -14.51 -20.22 -6.97
NC F43 KA . -17.42 -25.06 -4.57
CHC F43 KA . -16.90 -24.82 -6.86
C1C F43 KA . -17.70 -24.66 -5.81
C2C F43 KA . -19.02 -24.01 -5.96
C3C F43 KA . -19.36 -23.74 -4.52
C4C F43 KA . -18.41 -24.61 -3.74
C5C F43 KA . -20.02 -24.94 -6.64
C6C F43 KA . -21.34 -24.27 -6.93
O7C F43 KA . -21.35 -23.23 -7.58
O8C F43 KA . -22.36 -24.81 -6.49
C8C F43 KA . -19.14 -22.29 -4.10
C9C F43 KA . -20.17 -21.31 -4.64
CAC F43 KA . -20.07 -19.90 -4.08
OBC F43 KA . -20.98 -19.12 -4.37
OCC F43 KA . -19.15 -19.55 -3.35
ND F43 KA . -16.33 -25.80 -2.09
CHD F43 KA . -18.50 -24.84 -2.43
C5D F43 KA . -18.79 -25.45 0.46
C6D F43 KA . -19.85 -24.56 -0.18
C7D F43 KA . -19.78 -24.61 -1.70
O8D F43 KA . -20.84 -24.44 -2.25
C9D F43 KA . -15.59 -25.75 1.49
CAD F43 KA . -16.31 -26.02 2.79
OBD F43 KA . -15.96 -25.36 3.76
OCD F43 KA . -17.21 -26.86 2.84
C1D F43 KA . -17.48 -25.26 -1.66
C2D F43 KA . -17.44 -25.13 -0.17
C3D F43 KA . -16.38 -26.12 0.24
C4D F43 KA . -15.44 -26.16 -0.97
CL CL LA . 9.51 -88.50 -12.84
C1 MPD MA . -29.91 -79.61 -9.19
C2 MPD MA . -30.86 -80.54 -9.94
O2 MPD MA . -32.01 -79.75 -10.30
CM MPD MA . -31.31 -81.69 -9.06
C3 MPD MA . -30.26 -81.05 -11.25
C4 MPD MA . -29.00 -81.86 -11.10
O4 MPD MA . -29.31 -83.12 -10.49
C5 MPD MA . -28.34 -82.09 -12.44
H11 MPD MA . -29.12 -80.11 -8.92
H12 MPD MA . -30.35 -79.26 -8.41
H13 MPD MA . -29.65 -78.87 -9.77
HO2 MPD MA . -32.37 -79.44 -9.61
HM1 MPD MA . -31.92 -82.26 -9.55
HM2 MPD MA . -31.77 -81.34 -8.27
HM3 MPD MA . -30.54 -82.21 -8.77
H31 MPD MA . -30.07 -80.29 -11.82
H32 MPD MA . -30.92 -81.58 -11.72
H4 MPD MA . -28.38 -81.37 -10.54
HO4 MPD MA . -29.89 -83.53 -10.94
H51 MPD MA . -27.54 -82.62 -12.32
H52 MPD MA . -28.11 -81.24 -12.84
H53 MPD MA . -28.96 -82.57 -13.02
CL CL NA . 5.17 -78.52 -19.09
NA NA OA . 5.41 -36.18 29.12
CL CL PA . -19.43 -1.28 -1.70
N TP7 QA . -13.96 -40.62 -5.45
P TP7 QA . -11.93 -42.44 -9.09
O1P TP7 QA . -10.58 -41.73 -9.06
O2P TP7 QA . -11.84 -43.91 -8.78
O3P TP7 QA . -12.70 -42.13 -10.33
O4P TP7 QA . -12.66 -41.70 -7.87
CB TP7 QA . -13.93 -42.17 -7.36
C TP7 QA . -12.65 -42.70 -5.29
O TP7 QA . -12.65 -43.93 -5.11
OXT TP7 QA . -11.62 -42.02 -5.00
CA TP7 QA . -13.94 -42.03 -5.82
CG TP7 QA . -15.05 -41.38 -8.01
O1 TP7 QA . -16.11 -40.61 -4.87
C1 TP7 QA . -15.02 -40.06 -4.86
C2 TP7 QA . -14.77 -38.73 -4.19
C3 TP7 QA . -15.88 -38.36 -3.18
C4 TP7 QA . -15.43 -37.21 -2.29
C5 TP7 QA . -15.11 -35.95 -3.10
C6 TP7 QA . -16.36 -35.37 -3.82
C7 TP7 QA . -17.51 -35.04 -2.83
S7 TP7 QA . -18.96 -34.36 -3.72
C1 COM RA . -17.70 -28.10 -5.81
C2 COM RA . -17.03 -28.89 -6.93
S1 COM RA . -16.82 -28.35 -4.24
S2 COM RA . -17.73 -28.43 -8.52
O1S COM RA . -17.05 -29.34 -9.51
O2S COM RA . -17.34 -27.02 -8.82
O3S COM RA . -19.16 -28.60 -8.44
C1 GOL SA . -14.23 -17.71 7.64
O1 GOL SA . -12.94 -17.27 7.72
C2 GOL SA . -14.65 -18.05 9.03
O2 GOL SA . -15.95 -18.49 9.20
C3 GOL SA . -14.49 -16.80 9.87
O3 GOL SA . -14.46 -17.32 11.15
H11 GOL SA . -14.30 -18.49 7.07
H12 GOL SA . -14.80 -17.03 7.26
HO1 GOL SA . -12.54 -17.69 8.33
H2 GOL SA . -14.09 -18.79 9.30
HO2 GOL SA . -16.43 -17.87 9.48
H31 GOL SA . -15.22 -16.17 9.75
H32 GOL SA . -13.67 -16.32 9.66
HO3 GOL SA . -14.03 -16.81 11.65
C1 MPD TA . -24.31 -65.65 17.36
C2 MPD TA . -25.30 -64.87 18.21
O2 MPD TA . -25.05 -65.27 19.58
CM MPD TA . -26.73 -65.23 17.85
C3 MPD TA . -25.06 -63.36 18.10
C4 MPD TA . -25.08 -62.77 16.69
O4 MPD TA . -26.41 -62.79 16.12
C5 MPD TA . -24.54 -61.37 16.61
H11 MPD TA . -24.43 -65.41 16.43
H12 MPD TA . -24.46 -66.60 17.48
H13 MPD TA . -23.40 -65.43 17.64
HO2 MPD TA . -25.39 -66.04 19.71
HM1 MPD TA . -27.35 -64.72 18.40
HM2 MPD TA . -26.86 -66.18 17.99
HM3 MPD TA . -26.88 -65.02 16.91
H31 MPD TA . -24.19 -63.16 18.49
H32 MPD TA . -25.72 -62.90 18.63
H4 MPD TA . -24.51 -63.35 16.16
HO4 MPD TA . -26.41 -63.23 15.40
H51 MPD TA . -24.57 -61.06 15.69
H52 MPD TA . -23.61 -61.38 16.91
H53 MPD TA . -25.05 -60.79 17.17
C1 GOL UA . -36.94 -9.00 8.21
O1 GOL UA . -35.87 -8.88 7.32
C2 GOL UA . -38.20 -8.67 7.42
O2 GOL UA . -37.94 -7.75 6.39
C3 GOL UA . -38.73 -10.01 6.89
O3 GOL UA . -40.17 -9.90 6.84
H11 GOL UA . -36.83 -8.38 8.95
H12 GOL UA . -36.98 -9.89 8.58
HO1 GOL UA . -36.12 -8.46 6.64
H2 GOL UA . -38.87 -8.24 7.99
HO2 GOL UA . -38.58 -7.75 5.85
H31 GOL UA . -38.46 -10.75 7.48
H32 GOL UA . -38.37 -10.20 6.01
HO3 GOL UA . -40.49 -10.62 6.55
C1 EDO VA . -32.47 -28.58 24.26
O1 EDO VA . -33.31 -27.93 25.19
C2 EDO VA . -32.66 -28.10 22.87
O2 EDO VA . -34.00 -27.84 22.54
H11 EDO VA . -32.64 -29.53 24.29
H12 EDO VA . -31.55 -28.45 24.53
HO1 EDO VA . -33.94 -27.54 24.78
H21 EDO VA . -32.30 -28.75 22.26
H22 EDO VA . -32.14 -27.28 22.75
HO2 EDO VA . -34.09 -27.80 21.72
CL CL WA . -47.97 -49.26 -19.58
CL CL XA . -43.32 -58.76 -12.85
C1 GOL YA . -49.70 -39.52 -11.36
O1 GOL YA . -50.43 -38.99 -10.40
C2 GOL YA . -50.07 -38.95 -12.76
O2 GOL YA . -49.91 -39.96 -13.69
C3 GOL YA . -51.45 -38.21 -12.64
O3 GOL YA . -52.19 -38.37 -13.85
H11 GOL YA . -49.81 -40.47 -11.37
H12 GOL YA . -48.75 -39.33 -11.19
H2 GOL YA . -49.48 -38.27 -13.10
HO2 GOL YA . -50.37 -40.63 -13.47
H31 GOL YA . -51.29 -37.27 -12.47
H32 GOL YA . -51.95 -38.56 -11.90
HO3 GOL YA . -51.99 -39.10 -14.21
C1 EDO ZA . -6.47 -37.97 -46.73
O1 EDO ZA . -5.39 -38.82 -47.07
C2 EDO ZA . -6.39 -37.52 -45.34
O2 EDO ZA . -5.18 -37.94 -44.72
H11 EDO ZA . -7.31 -38.45 -46.87
H12 EDO ZA . -6.48 -37.21 -47.33
HO1 EDO ZA . -4.86 -38.86 -46.43
H21 EDO ZA . -7.14 -37.88 -44.83
H22 EDO ZA . -6.45 -36.55 -45.31
HO2 EDO ZA . -4.87 -37.31 -44.26
K K AB . 9.10 -17.73 40.98
CL CL BB . 33.09 -57.64 46.29
NI F43 CB . 27.51 -33.47 50.17
NA F43 CB . 26.99 -32.29 48.53
CHA F43 CB . 24.64 -32.60 48.91
C1A F43 CB . 25.83 -32.17 48.07
C2A F43 CB . 25.80 -31.63 46.66
C3A F43 CB . 27.26 -31.77 46.25
C4A F43 CB . 27.92 -31.54 47.62
C5A F43 CB . 25.30 -30.18 46.63
C6A F43 CB . 25.27 -29.57 45.23
O7A F43 CB . 24.38 -29.74 44.47
N8A F43 CB . 26.25 -28.84 44.91
C9A F43 CB . 24.85 -32.51 45.88
CAA F43 CB . 27.70 -33.08 45.57
CBA F43 CB . 27.30 -33.18 44.08
CCA F43 CB . 28.30 -33.96 43.25
ODA F43 CB . 28.60 -35.09 43.60
OEA F43 CB . 28.72 -33.40 42.25
NB F43 CB . 29.46 -32.77 50.04
CHB F43 CB . 29.38 -32.02 47.76
C1B F43 CB . 29.96 -31.72 49.13
C2B F43 CB . 31.46 -31.75 49.30
C3B F43 CB . 31.76 -33.05 49.98
C4B F43 CB . 30.43 -33.35 50.61
N5B F43 CB . 29.57 -30.38 49.53
C6B F43 CB . 30.60 -29.67 49.97
O7B F43 CB . 30.65 -28.49 50.23
C8B F43 CB . 31.83 -30.54 50.12
C9B F43 CB . 32.13 -31.65 47.93
CAB F43 CB . 32.13 -34.16 49.01
CBB F43 CB . 32.21 -35.57 49.63
CCB F43 CB . 32.97 -36.52 48.73
ODB F43 CB . 32.43 -37.55 48.38
OEB F43 CB . 34.12 -36.21 48.40
NC F43 CB . 28.01 -34.87 51.60
CHC F43 CB . 30.29 -34.28 51.76
C1C F43 CB . 29.24 -34.99 52.13
C2C F43 CB . 29.33 -36.00 53.21
C3C F43 CB . 28.04 -36.77 52.99
C4C F43 CB . 27.23 -35.83 52.13
C5C F43 CB . 29.38 -35.32 54.57
C6C F43 CB . 29.61 -36.33 55.67
O7C F43 CB . 30.55 -37.10 55.60
O8C F43 CB . 28.83 -36.32 56.61
C8C F43 CB . 28.22 -38.10 52.25
C9C F43 CB . 28.84 -39.18 53.15
CAC F43 CB . 28.84 -40.55 52.50
OBC F43 CB . 29.26 -41.45 53.23
OCC F43 CB . 28.43 -40.73 51.37
ND F43 CB . 25.71 -34.45 50.06
CHD F43 CB . 25.89 -35.99 51.87
C5D F43 CB . 23.00 -36.32 51.39
C6D F43 CB . 23.67 -37.33 52.30
C7D F43 CB . 25.03 -36.84 52.76
O8D F43 CB . 25.34 -37.24 53.86
C9D F43 CB . 22.59 -35.20 48.24
CAD F43 CB . 21.14 -35.56 48.60
OBD F43 CB . 20.55 -36.30 47.83
OCD F43 CB . 20.65 -35.09 49.64
C1D F43 CB . 25.26 -35.46 50.82
C2D F43 CB . 23.94 -35.94 50.25
C3D F43 CB . 23.45 -34.78 49.43
C4D F43 CB . 24.75 -34.12 48.97
C1 COM DB . 28.00 -31.93 53.00
C2 COM DB . 28.92 -30.70 52.96
S1 COM DB . 26.66 -31.78 51.81
S2 COM DB . 30.40 -30.89 53.95
O1S COM DB . 29.98 -31.30 55.30
O2S COM DB . 31.21 -31.95 53.34
O3S COM DB . 31.07 -29.55 53.92
N TP7 EB . 24.04 -19.37 52.79
P TP7 EB . 27.21 -16.13 52.50
O1P TP7 EB . 27.68 -16.30 51.08
O2P TP7 EB . 26.38 -14.88 52.74
O3P TP7 EB . 28.28 -16.30 53.53
O4P TP7 EB . 26.19 -17.38 52.65
CB TP7 EB . 25.28 -17.47 53.76
C TP7 EB . 23.43 -17.11 52.12
O TP7 EB . 22.83 -16.05 52.43
OXT TP7 EB . 23.63 -17.42 50.89
CA TP7 EB . 23.93 -17.99 53.24
CG TP7 EB . 25.92 -18.36 54.80
O1 TP7 EB . 23.13 -20.33 54.61
C1 TP7 EB . 23.52 -20.41 53.44
C2 TP7 EB . 23.45 -21.71 52.64
C3 TP7 EB . 22.44 -22.71 53.23
C4 TP7 EB . 22.14 -23.84 52.23
C5 TP7 EB . 23.34 -24.71 51.90
C6 TP7 EB . 23.90 -25.36 53.16
C7 TP7 EB . 22.89 -26.33 53.82
S7 TP7 EB . 23.65 -27.25 55.19
C1 GOL FB . 20.01 -43.41 42.90
O1 GOL FB . 20.39 -43.59 41.60
C2 GOL FB . 18.54 -43.77 43.01
O2 GOL FB . 18.03 -43.83 44.29
C3 GOL FB . 18.24 -45.13 42.35
O3 GOL FB . 17.00 -44.92 41.85
H11 GOL FB . 20.16 -42.50 43.18
H12 GOL FB . 20.55 -43.97 43.49
H2 GOL FB . 18.11 -43.03 42.55
HO2 GOL FB . 18.14 -44.60 44.59
H31 GOL FB . 18.26 -45.86 43.00
H32 GOL FB . 18.88 -45.36 41.66
C1 GOL GB . 18.01 -59.42 61.18
O1 GOL GB . 19.10 -58.64 60.80
C2 GOL GB . 18.35 -60.00 62.55
O2 GOL GB . 19.61 -60.56 62.53
C3 GOL GB . 18.26 -58.81 63.52
O3 GOL GB . 18.58 -59.33 64.80
H11 GOL GB . 17.85 -60.13 60.54
H12 GOL GB . 17.20 -58.88 61.23
HO1 GOL GB . 19.77 -58.85 61.27
H2 GOL GB . 17.75 -60.70 62.82
HO2 GOL GB . 19.96 -60.49 63.29
H31 GOL GB . 17.37 -58.44 63.52
H32 GOL GB . 18.87 -58.10 63.27
HO3 GOL GB . 18.54 -58.72 65.36
C1 EDO HB . -22.80 -10.82 58.66
O1 EDO HB . -21.76 -10.01 58.14
C2 EDO HB . -24.12 -10.51 58.07
O2 EDO HB . -24.05 -10.10 56.73
H11 EDO HB . -22.85 -10.70 59.62
H12 EDO HB . -22.59 -11.76 58.50
HO1 EDO HB . -22.02 -9.64 57.44
H21 EDO HB . -24.55 -9.82 58.59
H22 EDO HB . -24.69 -11.30 58.13
HO2 EDO HB . -24.68 -10.44 56.29
NI F43 IB . -7.21 1.76 35.90
NA F43 IB . -7.15 -0.16 36.74
CHA F43 IB . -5.36 -0.85 35.28
C1A F43 IB . -6.46 -1.11 36.29
C2A F43 IB . -6.86 -2.49 36.79
C3A F43 IB . -8.22 -2.18 37.38
C4A F43 IB . -7.94 -0.72 37.86
C5A F43 IB . -5.86 -3.04 37.81
C6A F43 IB . -6.28 -4.38 38.38
O7A F43 IB . -6.03 -5.40 37.80
N8A F43 IB . -6.85 -4.40 39.48
C9A F43 IB . -6.87 -3.44 35.60
CAA F43 IB . -9.47 -2.29 36.48
CBA F43 IB . -9.92 -3.73 36.17
CCA F43 IB . -11.41 -3.85 36.05
ODA F43 IB . -11.95 -4.66 36.77
OEA F43 IB . -11.98 -3.15 35.20
NB F43 IB . -8.43 2.36 37.47
CHB F43 IB . -9.17 0.17 38.16
C1B F43 IB . -8.77 1.55 38.66
C2B F43 IB . -9.84 2.36 39.37
C3B F43 IB . -10.33 3.33 38.34
C4B F43 IB . -9.16 3.38 37.40
N5B F43 IB . -7.74 1.42 39.70
C6B F43 IB . -8.00 2.15 40.79
O7B F43 IB . -7.41 2.14 41.83
C8B F43 IB . -9.17 3.06 40.53
C9B F43 IB . -10.97 1.52 39.95
CAB F43 IB . -11.59 2.86 37.59
CBB F43 IB . -11.98 3.74 36.37
CCB F43 IB . -13.41 3.50 35.95
ODB F43 IB . -14.30 3.63 36.78
OEB F43 IB . -13.65 3.24 34.78
NC F43 IB . -7.53 3.52 34.85
CHC F43 IB . -8.97 4.50 36.45
C1C F43 IB . -8.27 4.54 35.32
C2C F43 IB . -8.24 5.75 34.46
C3C F43 IB . -7.70 5.17 33.18
C4C F43 IB . -7.11 3.84 33.61
C5C F43 IB . -7.29 6.81 35.03
C6C F43 IB . -7.37 8.09 34.23
O7C F43 IB . -8.48 8.58 34.03
O8C F43 IB . -6.30 8.55 33.78
C8C F43 IB . -8.77 4.88 32.12
C9C F43 IB . -9.35 6.15 31.48
CAC F43 IB . -10.23 5.84 30.29
OBC F43 IB . -10.58 6.80 29.62
OCC F43 IB . -10.57 4.69 29.98
ND F43 IB . -6.37 1.04 34.15
CHD F43 IB . -6.32 3.04 32.83
C5D F43 IB . -4.52 1.38 31.13
C6D F43 IB . -5.04 2.70 30.55
C7D F43 IB . -5.63 3.60 31.62
O8D F43 IB . -5.51 4.77 31.38
C9D F43 IB . -5.23 -1.75 32.03
CAD F43 IB . -4.13 -2.00 31.00
OBD F43 IB . -4.40 -2.78 30.08
OCD F43 IB . -3.04 -1.46 31.14
C1D F43 IB . -6.12 1.72 33.02
C2D F43 IB . -5.61 0.77 31.98
C3D F43 IB . -5.13 -0.42 32.77
C4D F43 IB . -6.04 -0.40 33.99
NA NA JB . 43.52 -22.97 95.44
CL CL KB . 27.06 -19.69 90.48
C1 MPD LB . 39.14 9.75 65.64
C2 MPD LB . 39.94 10.92 66.19
O2 MPD LB . 39.62 12.09 65.42
CM MPD LB . 41.44 10.68 66.04
C3 MPD LB . 39.54 11.26 67.64
C4 MPD LB . 39.73 10.14 68.63
O4 MPD LB . 41.13 9.82 68.77
C5 MPD LB . 39.14 10.49 69.98
H11 MPD LB . 39.33 8.95 66.15
H12 MPD LB . 39.38 9.61 64.71
H13 MPD LB . 38.19 9.94 65.70
HO2 MPD LB . 40.12 12.13 64.75
HM1 MPD LB . 41.91 11.45 66.40
HM2 MPD LB . 41.65 10.58 65.11
HM3 MPD LB . 41.68 9.88 66.53
H31 MPD LB . 38.60 11.52 67.65
H32 MPD LB . 40.06 12.02 67.93
H4 MPD LB . 39.27 9.36 68.29
HO4 MPD LB . 41.21 9.16 69.27
H51 MPD LB . 39.28 9.75 70.58
H52 MPD LB . 38.18 10.65 69.88
H53 MPD LB . 39.56 11.28 70.33
CL CL MB . 18.55 -11.34 86.76
CL CL NB . -24.00 5.84 17.79
N TP7 OB . 2.85 -0.49 46.39
P TP7 OB . 1.79 -0.02 50.80
O1P TP7 OB . 0.65 -0.99 50.95
O2P TP7 OB . 3.06 -0.42 51.51
O3P TP7 OB . 1.35 1.38 51.12
O4P TP7 OB . 2.08 -0.10 49.19
CB TP7 OB . 3.26 0.50 48.59
C TP7 OB . 3.96 -1.83 48.09
O TP7 OB . 5.02 -2.09 48.72
OXT TP7 OB . 3.07 -2.72 47.94
CA TP7 OB . 3.79 -0.43 47.49
CG TP7 OB . 2.92 1.90 48.12
O1 TP7 OB . 4.02 0.89 45.07
C1 TP7 OB . 3.10 0.07 45.19
C2 TP7 OB . 2.18 -0.27 44.03
C3 TP7 OB . 2.87 -0.06 42.67
C4 TP7 OB . 2.11 -0.80 41.55
C5 TP7 OB . 0.61 -0.42 41.42
C6 TP7 OB . 0.40 1.07 41.06
C7 TP7 OB . 1.15 1.40 39.76
S7 TP7 OB . 0.86 3.12 39.25
C1 COM PB . -5.48 4.12 37.40
C2 COM PB . -5.71 4.22 38.93
S1 COM PB . -5.07 2.45 36.92
S2 COM PB . -6.41 5.79 39.41
O1S COM PB . -6.40 5.80 40.90
O2S COM PB . -7.83 5.84 38.95
O3S COM PB . -5.57 6.86 38.82
C1 GOL QB . -9.59 -5.71 23.74
O1 GOL QB . -10.49 -6.78 23.98
C2 GOL QB . -8.52 -6.24 22.81
O2 GOL QB . -7.50 -5.33 22.43
C3 GOL QB . -9.19 -6.74 21.53
O3 GOL QB . -8.29 -7.61 21.10
H11 GOL QB . -9.20 -5.40 24.56
H12 GOL QB . -10.05 -4.96 23.33
HO1 GOL QB . -10.10 -7.51 23.85
H2 GOL QB . -8.06 -6.93 23.32
HO2 GOL QB . -7.72 -4.94 21.72
H31 GOL QB . -9.36 -6.03 20.89
H32 GOL QB . -10.06 -7.16 21.71
C1 MPD RB . 36.77 -9.14 41.87
C2 MPD RB . 37.00 -8.83 40.39
O2 MPD RB . 37.79 -9.92 39.85
CM MPD RB . 37.78 -7.53 40.21
C3 MPD RB . 35.67 -8.79 39.65
C4 MPD RB . 34.62 -7.89 40.26
O4 MPD RB . 34.96 -6.51 40.06
C5 MPD RB . 33.24 -8.14 39.71
H11 MPD RB . 36.24 -8.43 42.26
H12 MPD RB . 37.62 -9.20 42.33
H13 MPD RB . 36.30 -9.98 41.95
HO2 MPD RB . 37.29 -10.54 39.62
HM1 MPD RB . 37.91 -7.37 39.27
HM2 MPD RB . 38.64 -7.60 40.66
HM3 MPD RB . 37.27 -6.80 40.61
H31 MPD RB . 35.31 -9.69 39.60
H32 MPD RB . 35.83 -8.51 38.74
H4 MPD RB . 34.60 -8.08 41.21
HO4 MPD RB . 35.13 -6.39 39.25
H51 MPD RB . 32.61 -7.54 40.14
H52 MPD RB . 32.99 -9.06 39.89
H53 MPD RB . 33.25 -7.99 38.76
C1 MPD SB . -5.91 12.87 6.83
C2 MPD SB . -6.32 13.59 8.09
O2 MPD SB . -6.88 12.61 8.99
CM MPD SB . -7.41 14.62 7.81
C3 MPD SB . -5.12 14.25 8.78
C4 MPD SB . -4.88 15.64 8.25
O4 MPD SB . -4.42 16.47 9.30
C5 MPD SB . -3.91 15.71 7.11
H11 MPD SB . -5.54 13.51 6.20
H12 MPD SB . -6.69 12.45 6.43
H13 MPD SB . -5.24 12.20 7.03
HO2 MPD SB . -7.10 12.98 9.70
HM1 MPD SB . -7.66 15.06 8.64
HM2 MPD SB . -8.20 14.16 7.44
HM3 MPD SB . -7.08 15.27 7.18
H31 MPD SB . -4.32 13.71 8.64
H32 MPD SB . -5.27 14.29 9.74
H4 MPD SB . -5.73 15.95 7.90
HO4 MPD SB . -4.28 17.26 9.01
H51 MPD SB . -3.80 16.63 6.82
H52 MPD SB . -4.23 15.18 6.37
H53 MPD SB . -3.05 15.37 7.40
CL CL TB . 18.81 33.83 46.25
CL CL UB . 17.15 14.84 76.95
C1 MPD VB . 10.64 11.18 78.77
C2 MPD VB . 10.74 11.84 80.13
O2 MPD VB . 11.08 10.83 81.10
CM MPD VB . 9.40 12.45 80.54
C3 MPD VB . 11.87 12.87 80.18
C4 MPD VB . 11.75 14.02 79.20
O4 MPD VB . 10.68 14.89 79.60
C5 MPD VB . 13.03 14.79 79.09
H11 MPD VB . 10.42 11.84 78.09
H12 MPD VB . 9.96 10.49 78.79
H13 MPD VB . 11.50 10.77 78.54
HO2 MPD VB . 10.42 10.34 81.24
HM1 MPD VB . 9.50 12.87 81.41
HM2 MPD VB . 8.73 11.75 80.59
HM3 MPD VB . 9.13 13.12 79.89
H31 MPD VB . 12.71 12.42 80.01
H32 MPD VB . 11.92 13.25 81.07
H4 MPD VB . 11.55 13.66 78.32
HO4 MPD VB . 10.99 15.52 80.06
H51 MPD VB . 12.93 15.52 78.46
H52 MPD VB . 13.74 14.19 78.79
H53 MPD VB . 13.27 15.14 79.96
C1 MPD WB . 13.01 20.01 76.40
C2 MPD WB . 12.41 19.82 77.78
O2 MPD WB . 12.22 18.41 77.98
CM MPD WB . 11.04 20.46 77.88
C3 MPD WB . 13.34 20.35 78.88
C4 MPD WB . 14.76 19.88 78.68
O4 MPD WB . 15.63 20.78 79.36
C5 MPD WB . 15.02 18.48 79.19
H11 MPD WB . 13.15 20.96 76.23
H12 MPD WB . 12.41 19.65 75.73
H13 MPD WB . 13.85 19.54 76.34
HO2 MPD WB . 11.53 18.15 77.56
HM1 MPD WB . 10.67 20.32 78.76
HM2 MPD WB . 10.44 20.06 77.21
HM3 MPD WB . 11.11 21.41 77.70
H31 MPD WB . 13.02 20.05 79.74
H32 MPD WB . 13.33 21.31 78.87
H4 MPD WB . 14.93 19.87 77.73
HO4 MPD WB . 16.41 20.70 79.05
H51 MPD WB . 15.95 18.25 79.03
H52 MPD WB . 14.45 17.86 78.70
H53 MPD WB . 14.83 18.43 80.13
CL CL XB . 27.12 25.01 49.49
C1 GOL YB . 15.30 31.28 34.01
O1 GOL YB . 15.71 31.35 32.74
C2 GOL YB . 14.72 32.65 34.48
O2 GOL YB . 14.84 32.76 35.89
C3 GOL YB . 15.39 33.82 33.71
O3 GOL YB . 14.46 34.95 33.77
H11 GOL YB . 16.04 31.03 34.57
H12 GOL YB . 14.63 30.60 34.09
H2 GOL YB . 13.78 32.71 34.28
HO2 GOL YB . 15.61 33.04 36.08
H31 GOL YB . 15.57 33.57 32.79
H32 GOL YB . 16.24 34.06 34.12
HO3 GOL YB . 14.55 35.36 34.49
K K ZB . -46.54 59.80 -20.35
CL CL AC . -40.93 104.79 -8.13
NI F43 BC . -40.15 79.80 -5.20
NA F43 BC . -41.79 78.66 -5.84
CHA F43 BC . -40.75 78.20 -7.97
C1A F43 BC . -41.94 78.23 -7.02
C2A F43 BC . -43.35 77.83 -7.37
C3A F43 BC . -44.12 78.49 -6.24
C4A F43 BC . -43.05 78.34 -5.11
C5A F43 BC . -43.54 76.30 -7.47
C6A F43 BC . -44.97 75.86 -7.75
O7A F43 BC . -45.38 75.81 -8.86
N8A F43 BC . -45.68 75.57 -6.77
C9A F43 BC . -43.65 78.38 -8.76
CAA F43 BC . -44.59 79.94 -6.46
CBA F43 BC . -45.84 80.08 -7.35
CCA F43 BC . -46.80 81.16 -6.93
ODA F43 BC . -46.41 82.32 -6.85
OEA F43 BC . -47.95 80.84 -6.72
NB F43 BC . -40.94 79.78 -3.28
CHB F43 BC . -43.21 79.24 -3.87
C1B F43 BC . -42.12 79.01 -2.83
C2B F43 BC . -42.40 79.52 -1.44
C3B F43 BC . -41.63 80.81 -1.33
C4B F43 BC . -40.60 80.61 -2.39
N5B F43 BC . -41.91 77.58 -2.62
C6B F43 BC . -41.93 77.25 -1.35
O7B F43 BC . -41.92 76.12 -0.87
C8B F43 BC . -41.94 78.46 -0.47
C9B F43 BC . -43.88 79.72 -1.14
CAB F43 BC . -42.47 82.07 -1.63
CBB F43 BC . -41.65 83.37 -1.76
CCB F43 BC . -42.51 84.59 -1.61
ODB F43 BC . -42.47 85.45 -2.48
OEB F43 BC . -43.21 84.67 -0.61
NC F43 BC . -38.68 81.16 -4.67
CHC F43 BC . -39.36 81.39 -2.42
C1C F43 BC . -38.53 81.63 -3.42
C2C F43 BC . -37.31 82.49 -3.25
C3C F43 BC . -37.00 82.79 -4.71
C4C F43 BC . -37.78 81.75 -5.48
C5C F43 BC . -36.20 81.75 -2.53
C6C F43 BC . -35.00 82.64 -2.30
O7C F43 BC . -35.18 83.69 -1.69
O8C F43 BC . -33.91 82.30 -2.74
C8C F43 BC . -37.48 84.16 -5.19
C9C F43 BC . -36.72 85.36 -4.59
CAC F43 BC . -37.02 86.71 -5.24
OBC F43 BC . -36.27 87.64 -4.96
OCC F43 BC . -37.96 86.87 -6.02
ND F43 BC . -39.58 80.17 -7.15
CHD F43 BC . -37.62 81.50 -6.82
C5D F43 BC . -37.19 80.89 -9.69
C6D F43 BC . -36.34 81.98 -9.03
C7D F43 BC . -36.42 81.95 -7.53
O8D F43 BC . -35.40 82.35 -6.97
C9D F43 BC . -40.27 79.99 -10.79
CAD F43 BC . -39.43 79.81 -12.04
OBD F43 BC . -39.86 80.39 -13.06
OCD F43 BC . -38.40 79.15 -12.06
C1D F43 BC . -38.54 80.88 -7.59
C2D F43 BC . -38.58 80.97 -9.10
C3D F43 BC . -39.48 79.81 -9.48
C4D F43 BC . -40.41 79.67 -8.28
C1 COM CC . -37.85 78.21 -3.41
C2 COM CC . -38.47 77.44 -2.24
S1 COM CC . -38.70 77.81 -4.94
S2 COM CC . -37.90 77.99 -0.63
O1S COM CC . -36.42 78.09 -0.69
O2S COM CC . -38.47 79.32 -0.43
O3S COM CC . -38.38 77.01 0.38
N TP7 DC . -39.39 65.22 -3.49
P TP7 DC . -41.14 63.18 0.21
O1P TP7 DC . -42.60 63.60 0.14
O2P TP7 DC . -40.92 61.70 -0.08
O3P TP7 DC . -40.45 63.68 1.46
O4P TP7 DC . -40.51 64.02 -1.02
CB TP7 DC . -39.17 63.81 -1.48
C TP7 DC . -40.24 62.97 -3.59
O TP7 DC . -40.02 61.76 -3.75
OXT TP7 DC . -41.38 63.43 -3.91
CA TP7 DC . -39.16 63.87 -3.02
CG TP7 DC . -38.19 64.77 -0.81
O1 TP7 DC . -37.21 65.60 -3.97
C1 TP7 DC . -38.42 65.95 -4.00
C2 TP7 DC . -38.90 67.26 -4.60
C3 TP7 DC . -37.89 67.72 -5.67
C4 TP7 DC . -38.45 68.78 -6.65
C5 TP7 DC . -38.99 70.02 -5.92
C6 TP7 DC . -37.89 70.80 -5.17
C7 TP7 DC . -36.79 71.29 -6.10
S7 TP7 DC . -35.52 72.25 -5.23
C1 GOL EC . -42.94 87.40 -17.13
O1 GOL EC . -44.30 87.84 -17.20
C2 GOL EC . -42.38 87.18 -18.52
O2 GOL EC . -40.99 86.90 -18.49
C3 GOL EC . -42.65 88.33 -19.46
O3 GOL EC . -42.76 87.84 -20.79
H11 GOL EC . -42.90 86.56 -16.63
H12 GOL EC . -42.41 88.06 -16.66
HO1 GOL EC . -44.67 87.51 -17.88
H2 GOL EC . -42.86 86.41 -18.86
HO2 GOL EC . -40.55 87.57 -18.72
H31 GOL EC . -41.93 88.98 -19.41
H32 GOL EC . -43.47 88.79 -19.20
HO3 GOL EC . -43.26 88.34 -21.23
C1 GOL FC . -22.09 100.33 -17.63
O1 GOL FC . -23.01 100.00 -16.64
C2 GOL FC . -20.89 100.84 -16.88
O2 GOL FC . -21.29 101.69 -15.84
C3 GOL FC . -20.14 99.58 -16.38
O3 GOL FC . -18.82 99.97 -16.12
H11 GOL FC . -22.46 101.00 -18.23
H12 GOL FC . -21.88 99.56 -18.18
HO1 GOL FC . -22.84 100.43 -15.94
H2 GOL FC . -20.31 101.38 -17.44
HO2 GOL FC . -20.66 101.77 -15.28
H31 GOL FC . -20.16 98.87 -17.05
H32 GOL FC . -20.56 99.22 -15.58
HO3 GOL FC . -18.37 99.31 -15.84
CL CL GC . -4.69 63.06 11.61
C1 MPD HC . -36.75 41.61 22.94
C2 MPD HC . -36.87 40.79 24.21
O2 MPD HC . -37.85 39.78 23.99
CM MPD HC . -37.37 41.64 25.37
C3 MPD HC . -35.55 40.11 24.56
C4 MPD HC . -34.39 41.07 24.49
O4 MPD HC . -34.51 42.01 25.55
C5 MPD HC . -33.05 40.41 24.57
H11 MPD HC . -36.09 42.31 23.07
H12 MPD HC . -37.60 42.02 22.73
H13 MPD HC . -36.47 41.04 22.21
HO2 MPD HC . -38.59 40.02 24.30
HM1 MPD HC . -37.44 41.10 26.17
HM2 MPD HC . -38.24 42.01 25.15
HM3 MPD HC . -36.74 42.37 25.52
H31 MPD HC . -35.39 39.37 23.95
H32 MPD HC . -35.60 39.72 25.45
H4 MPD HC . -34.44 41.50 23.63
HO4 MPD HC . -34.05 42.69 25.37
H51 MPD HC . -32.35 41.08 24.53
H52 MPD HC . -32.95 39.79 23.84
H53 MPD HC . -32.97 39.92 25.41
C1 EDO IC . -44.04 46.72 6.08
O1 EDO IC . -44.77 45.81 5.28
C2 EDO IC . -44.92 47.66 6.80
O2 EDO IC . -46.19 47.82 6.19
H11 EDO IC . -43.42 47.21 5.52
H12 EDO IC . -43.51 46.22 6.72
HO1 EDO IC . -44.24 45.29 4.89
H21 EDO IC . -44.48 48.53 6.85
H22 EDO IC . -45.04 47.35 7.71
HO2 EDO IC . -46.29 47.23 5.62
CL CL JC . -7.36 52.79 5.07
C1 GOL KC . -4.65 73.04 3.05
O1 GOL KC . -3.76 73.46 2.08
C2 GOL KC . -4.18 73.53 4.46
O2 GOL KC . -4.32 72.51 5.39
C3 GOL KC . -2.73 74.11 4.33
O3 GOL KC . -2.35 74.61 5.61
H11 GOL KC . -4.72 72.07 3.05
H12 GOL KC . -5.54 73.39 2.87
HO1 GOL KC . -4.05 74.16 1.71
H2 GOL KC . -4.74 74.25 4.81
HO2 GOL KC . -3.70 71.94 5.30
H31 GOL KC . -2.72 74.82 3.67
H32 GOL KC . -2.12 73.43 4.03
HO3 GOL KC . -2.37 73.99 6.17
NA NA LC . -53.09 76.87 -33.03
CL CL MC . -63.38 28.64 -51.01
N TP7 NC . -42.95 41.07 -19.27
P TP7 NC . -38.57 39.88 -18.57
O1P TP7 NC . -37.92 40.43 -19.81
O2P TP7 NC . -38.20 40.64 -17.34
O3P TP7 NC . -38.46 38.38 -18.41
O4P TP7 NC . -40.11 40.19 -18.90
CB TP7 NC . -41.16 40.05 -17.91
C TP7 NC . -41.42 42.54 -18.07
O TP7 NC . -41.17 43.05 -16.96
OXT TP7 NC . -41.10 43.14 -19.15
CA TP7 NC . -42.15 41.21 -18.06
CG TP7 NC . -41.80 38.68 -17.99
O1 TP7 NC . -44.78 40.27 -18.20
C1 TP7 NC . -44.25 40.72 -19.23
C2 TP7 NC . -44.99 40.91 -20.54
C3 TP7 NC . -46.50 41.05 -20.36
C4 TP7 NC . -47.19 41.62 -21.62
C5 TP7 NC . -46.97 40.77 -22.89
C6 TP7 NC . -47.55 39.34 -22.73
C7 TP7 NC . -49.05 39.36 -22.45
S7 TP7 NC . -49.74 37.68 -22.34
NI F43 OC . -50.34 36.57 -31.08
NA F43 OC . -49.22 38.31 -31.30
CHA F43 OC . -50.97 39.72 -30.41
C1A F43 OC . -49.68 39.48 -31.12
C2A F43 OC . -48.82 40.59 -31.70
C3A F43 OC . -47.92 39.78 -32.64
C4A F43 OC . -47.83 38.46 -31.83
C5A F43 OC . -48.01 41.32 -30.59
C6A F43 OC . -47.12 42.41 -31.18
O7A F43 OC . -47.59 43.53 -31.51
N8A F43 OC . -45.87 42.16 -31.33
C9A F43 OC . -49.77 41.59 -32.39
CAA F43 OC . -48.47 39.59 -34.07
CBA F43 OC . -48.26 40.84 -34.96
CCA F43 OC . -47.91 40.48 -36.39
ODA F43 OC . -46.87 40.97 -36.89
OEA F43 OC . -48.67 39.70 -37.02
NB F43 OC . -48.62 35.46 -31.47
CHB F43 OC . -47.36 37.20 -32.61
C1B F43 OC . -47.26 36.00 -31.65
C2B F43 OC . -46.43 34.81 -32.17
C3B F43 OC . -47.45 33.81 -32.69
C4B F43 OC . -48.67 34.24 -31.90
N5B F43 OC . -46.58 36.33 -30.39
C6B F43 OC . -45.61 35.48 -30.05
O7B F43 OC . -44.80 35.59 -29.12
C8B F43 OC . -45.63 34.29 -30.97
C9B F43 OC . -45.37 35.20 -33.21
CAB F43 OC . -47.75 33.92 -34.19
CBB F43 OC . -48.94 33.07 -34.65
CCB F43 OC . -48.86 32.85 -36.14
ODB F43 OC . -47.81 32.35 -36.62
OEB F43 OC . -49.85 33.12 -36.87
NC F43 OC . -51.58 34.91 -31.22
CHC F43 OC . -49.84 33.37 -31.81
C1C F43 OC . -51.11 33.68 -31.46
C2C F43 OC . -52.16 32.61 -31.36
C3C F43 OC . -53.45 33.43 -31.45
C4C F43 OC . -52.94 34.84 -31.14
C5C F43 OC . -52.07 31.88 -30.01
C6C F43 OC . -53.09 30.74 -29.94
O7C F43 OC . -53.09 29.84 -30.82
O8C F43 OC . -53.92 30.68 -28.99
C8C F43 OC . -54.05 33.43 -32.87
C9C F43 OC . -54.73 32.09 -33.18
CAC F43 OC . -55.55 32.17 -34.45
OBC F43 OC . -56.28 31.19 -34.72
OCC F43 OC . -55.50 33.17 -35.24
ND F43 OC . -52.09 37.65 -31.13
CHD F43 OC . -53.77 35.91 -30.93
C5D F43 OC . -55.61 38.23 -30.40
C6D F43 OC . -56.23 36.85 -30.61
C7D F43 OC . -55.21 35.70 -30.53
O8D F43 OC . -55.62 34.60 -30.14
C9D F43 OC . -53.87 40.88 -31.56
CAD F43 OC . -55.12 41.55 -31.03
OBD F43 OC . -55.77 42.32 -31.80
OCD F43 OC . -55.40 41.36 -29.80
C1D F43 OC . -53.36 37.21 -31.06
C2D F43 OC . -54.33 38.37 -31.22
C3D F43 OC . -53.46 39.57 -30.88
C4D F43 OC . -52.05 39.11 -31.31
C1 COM PC . -49.86 34.78 -28.37
C2 COM PC . -48.40 34.50 -28.03
S1 COM PC . -50.14 36.54 -28.63
S2 COM PC . -48.04 32.74 -28.08
O1S COM PC . -46.66 32.59 -27.54
O2S COM PC . -48.08 32.28 -29.49
O3S COM PC . -49.04 32.05 -27.22
C1 GOL QC . -59.78 43.87 -39.35
O1 GOL QC . -59.10 44.52 -40.36
C2 GOL QC . -60.89 44.81 -38.88
O2 GOL QC . -61.68 44.37 -37.85
C3 GOL QC . -61.79 45.14 -40.08
O3 GOL QC . -62.10 46.44 -39.81
H11 GOL QC . -59.19 43.64 -38.61
H12 GOL QC . -60.16 43.03 -39.67
HO1 GOL QC . -59.13 45.35 -40.23
H2 GOL QC . -60.43 45.59 -38.53
HO2 GOL QC . -62.44 44.19 -38.14
H31 GOL QC . -62.59 44.57 -40.10
H32 GOL QC . -61.34 45.03 -40.93
C1 MPD RC . -57.40 59.77 8.13
C2 MPD RC . -56.80 60.72 7.11
O2 MPD RC . -57.32 62.05 7.38
CM MPD RC . -55.28 60.76 7.22
C3 MPD RC . -57.19 60.30 5.68
C4 MPD RC . -56.46 59.09 5.17
O4 MPD RC . -56.97 57.91 5.76
C5 MPD RC . -56.50 58.91 3.67
H11 MPD RC . -57.07 58.88 7.98
H12 MPD RC . -58.36 59.79 8.07
H13 MPD RC . -57.13 60.06 9.02
HO2 MPD RC . -58.15 62.05 7.28
HM1 MPD RC . -54.92 61.37 6.56
HM2 MPD RC . -54.92 59.88 7.08
HM3 MPD RC . -55.04 61.08 8.11
H31 MPD RC . -57.02 61.05 5.08
H32 MPD RC . -58.15 60.13 5.65
H4 MPD RC . -55.53 59.23 5.41
HO4 MPD RC . -57.79 58.00 5.91
H51 MPD RC . -56.01 58.12 3.42
H52 MPD RC . -56.10 59.68 3.24
H53 MPD RC . -57.42 58.84 3.38
C1 EDO SC . -79.28 27.40 -36.37
O1 EDO SC . -78.57 26.24 -36.70
C2 EDO SC . -78.44 28.39 -35.65
O2 EDO SC . -77.64 29.15 -36.54
H11 EDO SC . -80.04 27.18 -35.81
H12 EDO SC . -79.64 27.82 -37.17
HO1 EDO SC . -77.85 26.21 -36.26
H21 EDO SC . -77.86 27.92 -35.03
H22 EDO SC . -79.00 28.98 -35.13
HO2 EDO SC . -77.39 29.86 -36.15
CL CL TC . -54.00 14.18 5.01
C1 GOL UC . 0.80 48.87 -14.92
O1 GOL UC . -0.60 48.87 -15.17
C2 GOL UC . 1.24 50.11 -14.16
O2 GOL UC . 1.32 49.82 -12.77
C3 GOL UC . 2.54 50.68 -14.66
O3 GOL UC . 2.36 51.41 -15.87
H11 GOL UC . 1.27 48.83 -15.77
H12 GOL UC . 1.05 48.07 -14.42
HO1 GOL UC . -0.79 49.46 -15.72
H2 GOL UC . 0.55 50.77 -14.31
HO2 GOL UC . 1.56 50.50 -12.35
H31 GOL UC . 3.18 49.97 -14.79
H32 GOL UC . 2.91 51.27 -13.98
HO3 GOL UC . 3.10 51.73 -16.12
CL CL VC . -51.73 24.90 11.02
C1 GOL WC . -61.39 2.52 -19.00
O1 GOL WC . -61.68 1.64 -20.08
C2 GOL WC . -60.26 3.47 -19.35
O2 GOL WC . -60.38 4.68 -18.61
C3 GOL WC . -58.89 2.85 -19.16
O3 GOL WC . -58.01 3.18 -20.22
H11 GOL WC . -61.16 2.00 -18.21
H12 GOL WC . -62.19 3.03 -18.78
HO1 GOL WC . -62.31 1.13 -19.86
H2 GOL WC . -60.34 3.65 -20.29
HO2 GOL WC . -61.18 4.95 -18.63
H31 GOL WC . -58.98 1.88 -19.10
H32 GOL WC . -58.52 3.14 -18.31
HO3 GOL WC . -57.65 3.93 -20.06
K K XC . 29.84 18.51 -53.37
CL CL YC . 19.35 59.60 -33.65
NI F43 ZC . 27.25 35.92 -34.39
NA F43 ZC . 26.23 34.53 -35.49
CHA F43 ZC . 27.77 34.74 -37.34
C1A F43 ZC . 26.48 34.31 -36.70
C2A F43 ZC . 25.35 33.63 -37.43
C3A F43 ZC . 24.27 33.72 -36.36
C4A F43 ZC . 25.09 33.69 -35.07
C5A F43 ZC . 25.69 32.20 -37.79
C6A F43 ZC . 24.51 31.47 -38.43
O7A F43 ZC . 24.28 31.56 -39.62
N8A F43 ZC . 23.80 30.78 -37.66
C9A F43 ZC . 25.04 34.42 -38.70
CAA F43 ZC . 23.34 34.94 -36.48
CBA F43 ZC . 22.19 34.72 -37.46
CCA F43 ZC . 20.98 35.59 -37.19
ODA F43 ZC . 21.12 36.80 -36.93
OEA F43 ZC . 19.86 35.05 -37.27
NB F43 ZC . 26.25 35.32 -32.72
CHB F43 ZC . 24.39 34.30 -33.86
C1B F43 ZC . 25.34 34.21 -32.68
C2B F43 ZC . 24.66 34.30 -31.33
C3B F43 ZC . 25.03 35.65 -30.81
C4B F43 ZC . 26.24 35.95 -31.64
N5B F43 ZC . 26.03 32.92 -32.63
C6B F43 ZC . 25.86 32.28 -31.47
O7B F43 ZC . 26.20 31.14 -31.23
C8B F43 ZC . 25.16 33.15 -30.47
C9B F43 ZC . 23.14 34.17 -31.48
CAB F43 ZC . 23.90 36.64 -31.03
CBB F43 ZC . 24.32 38.09 -30.79
CCB F43 ZC . 23.09 38.97 -30.66
ODB F43 ZC . 23.01 39.98 -31.36
OEB F43 ZC . 22.21 38.64 -29.85
NC F43 ZC . 28.14 37.44 -33.36
CHC F43 ZC . 27.32 36.84 -31.22
C1C F43 ZC . 28.03 37.61 -32.04
C2C F43 ZC . 28.80 38.79 -31.56
C3C F43 ZC . 29.18 39.46 -32.85
C4C F43 ZC . 28.88 38.41 -33.89
C5C F43 ZC . 29.98 38.27 -30.75
C6C F43 ZC . 30.74 39.38 -30.08
O7C F43 ZC . 30.12 40.19 -29.35
O8C F43 ZC . 31.97 39.45 -30.29
C8C F43 ZC . 28.37 40.73 -33.12
C9C F43 ZC . 28.77 41.87 -32.20
CAC F43 ZC . 28.16 43.18 -32.65
OBC F43 ZC . 28.49 44.22 -32.06
OCC F43 ZC . 27.34 43.17 -33.59
ND F43 ZC . 27.99 36.75 -36.09
CHD F43 ZC . 29.35 38.48 -35.15
C5D F43 ZC . 30.45 38.61 -37.83
C6D F43 ZC . 30.74 39.78 -36.90
C7D F43 ZC . 30.49 39.34 -35.47
O8D F43 ZC . 31.27 39.75 -34.63
C9D F43 ZC . 27.99 37.20 -39.72
CAD F43 ZC . 29.00 37.52 -40.79
OBD F43 ZC . 28.62 38.17 -41.78
OCD F43 ZC . 30.18 37.12 -40.67
C1D F43 ZC . 28.80 37.81 -36.17
C2D F43 ZC . 29.02 38.19 -37.60
C3D F43 ZC . 28.60 36.94 -38.35
C4D F43 ZC . 27.60 36.25 -37.41
C1 COM AD . 29.56 34.62 -32.37
C2 COM AD . 29.13 33.44 -31.50
S1 COM AD . 29.23 34.33 -34.13
S2 COM AD . 29.26 33.83 -29.77
O1S COM AD . 30.62 34.35 -29.51
O2S COM AD . 28.32 34.95 -29.44
O3S COM AD . 28.98 32.59 -28.99
N TP7 BD . 32.28 22.09 -34.73
P TP7 BD . 30.71 18.90 -31.90
O1P TP7 BD . 29.23 18.93 -32.17
O2P TP7 BD . 31.41 17.64 -32.36
O3P TP7 BD . 31.04 19.24 -30.46
O4P TP7 BD . 31.27 20.12 -32.82
CB TP7 BD . 32.66 20.32 -33.06
C TP7 BD . 32.19 19.74 -35.42
O TP7 BD . 32.86 18.71 -35.71
OXT TP7 BD . 31.01 19.93 -35.87
CA TP7 BD . 32.83 20.76 -34.52
CG TP7 BD . 33.16 21.38 -32.07
O1 TP7 BD . 34.26 23.11 -34.73
C1 TP7 BD . 33.05 23.14 -34.97
C2 TP7 BD . 32.36 24.37 -35.52
C3 TP7 BD . 33.30 25.32 -36.27
C4 TP7 BD . 32.55 26.35 -37.14
C5 TP7 BD . 31.55 27.20 -36.35
C6 TP7 BD . 32.23 28.01 -35.24
C7 TP7 BD . 33.22 29.00 -35.90
S7 TP7 BD . 33.97 30.07 -34.61
C1 GOL CD . 24.09 44.70 -45.36
O1 GOL CD . 22.75 44.65 -45.71
C2 GOL CD . 24.90 44.98 -46.61
O2 GOL CD . 26.28 45.17 -46.40
C3 GOL CD . 24.37 46.22 -47.29
O3 GOL CD . 24.69 45.95 -48.59
H11 GOL CD . 24.37 43.86 -44.95
H12 GOL CD . 24.23 45.39 -44.69
HO1 GOL CD . 22.68 44.38 -46.50
H2 GOL CD . 24.81 44.18 -47.15
HO2 GOL CD . 26.46 45.99 -46.39
H31 GOL CD . 24.79 47.03 -46.97
H32 GOL CD . 23.42 46.32 -47.17
C1 EDO DD . 47.66 46.60 -56.44
O1 EDO DD . 48.69 47.04 -55.58
C2 EDO DD . 47.99 46.78 -57.87
O2 EDO DD . 47.17 46.04 -58.73
H11 EDO DD . 46.85 47.10 -56.24
H12 EDO DD . 47.47 45.67 -56.26
HO1 EDO DD . 48.43 46.98 -54.78
H21 EDO DD . 48.92 46.53 -58.01
H22 EDO DD . 47.94 47.73 -58.09
HO2 EDO DD . 47.24 45.23 -58.57
NI F43 ED . 35.15 -2.05 -68.15
NA F43 ED . 35.71 -0.06 -67.83
CHA F43 ED . 33.47 0.58 -67.11
C1A F43 ED . 34.88 0.88 -67.53
C2A F43 ED . 35.42 2.28 -67.76
C3A F43 ED . 36.65 1.94 -68.61
C4A F43 ED . 37.05 0.56 -68.01
C5A F43 ED . 35.81 2.93 -66.40
C6A F43 ED . 36.35 4.36 -66.61
O7A F43 ED . 35.64 5.31 -66.88
N8A F43 ED . 37.61 4.51 -66.52
C9A F43 ED . 34.33 3.09 -68.48
CAA F43 ED . 36.44 1.95 -70.13
CBA F43 ED . 36.37 3.35 -70.75
CCA F43 ED . 37.03 3.39 -72.10
ODA F43 ED . 37.92 4.25 -72.30
OEA F43 ED . 36.66 2.57 -72.97
NB F43 ED . 37.15 -2.53 -68.34
CHB F43 ED . 38.00 -0.30 -68.85
C1B F43 ED . 38.31 -1.61 -68.12
C2B F43 ED . 39.54 -2.38 -68.61
C3B F43 ED . 38.94 -3.51 -69.46
C4B F43 ED . 37.54 -3.60 -68.90
N5B F43 ED . 38.68 -1.35 -66.71
C6B F43 ED . 39.79 -1.97 -66.32
O7B F43 ED . 40.35 -1.82 -65.23
C8B F43 ED . 40.28 -2.91 -67.39
C9B F43 ED . 40.54 -1.52 -69.34
CAB F43 ED . 38.88 -3.19 -70.95
CBB F43 ED . 38.11 -4.21 -71.79
CCB F43 ED . 38.49 -4.09 -73.26
ODB F43 ED . 39.70 -4.18 -73.61
OEB F43 ED . 37.59 -3.95 -74.13
NC F43 ED . 34.51 -3.91 -68.77
CHC F43 ED . 36.70 -4.80 -69.11
C1C F43 ED . 35.36 -4.90 -69.11
C2C F43 ED . 34.69 -6.22 -69.43
C3C F43 ED . 33.26 -5.76 -69.61
C4C F43 ED . 33.25 -4.36 -68.96
C5C F43 ED . 34.86 -7.14 -68.21
C6C F43 ED . 34.27 -8.50 -68.51
O7C F43 ED . 34.68 -9.16 -69.49
O8C F43 ED . 33.37 -8.98 -67.79
C8C F43 ED . 32.92 -5.60 -71.10
C9C F43 ED . 32.73 -6.96 -71.80
CAC F43 ED . 32.11 -6.92 -73.19
OBC F43 ED . 31.78 -7.99 -73.72
OCC F43 ED . 31.92 -5.82 -73.75
ND F43 ED . 33.17 -1.50 -68.35
CHD F43 ED . 32.11 -3.66 -68.73
C5D F43 ED . 29.59 -2.10 -68.29
C6D F43 ED . 29.50 -3.51 -68.89
C7D F43 ED . 30.78 -4.33 -68.72
O8D F43 ED . 30.66 -5.55 -68.62
C9D F43 ED . 30.58 1.12 -68.67
CAD F43 ED . 29.12 1.27 -68.31
OBD F43 ED . 28.39 1.96 -69.06
OCD F43 ED . 28.69 0.74 -67.24
C1D F43 ED . 32.10 -2.29 -68.60
C2D F43 ED . 30.87 -1.45 -68.82
C3D F43 ED . 31.24 -0.16 -68.12
C4D F43 ED . 32.77 -0.07 -68.30
CL CL FD . 63.21 26.49 -13.32
CL CL GD . 64.86 17.45 -21.78
NA NA HD . 20.19 35.26 -64.30
CL CL ID . 28.31 -8.86 -91.27
N TP7 JD . 38.89 1.70 -54.45
P TP7 JD . 43.26 1.67 -53.11
O1P TP7 JD . 43.85 2.64 -54.11
O2P TP7 JD . 43.21 2.23 -51.70
O3P TP7 JD . 43.85 0.28 -53.15
O4P TP7 JD . 41.73 1.58 -53.64
CB TP7 JD . 40.68 0.96 -52.88
C TP7 JD . 39.71 3.24 -52.76
O TP7 JD . 39.67 3.59 -51.55
OXT TP7 JD . 39.97 4.09 -53.68
CA TP7 JD . 39.40 1.79 -53.08
CG TP7 JD . 40.51 -0.48 -53.35
O1 TP7 JD . 37.27 0.22 -53.98
C1 TP7 JD . 37.81 1.00 -54.77
C2 TP7 JD . 37.28 1.20 -56.18
C3 TP7 JD . 35.79 0.93 -56.27
C4 TP7 JD . 35.16 1.58 -57.51
C5 TP7 JD . 35.74 1.06 -58.83
C6 TP7 JD . 35.65 -0.45 -59.02
C7 TP7 JD . 34.19 -0.92 -59.06
S7 TP7 JD . 34.05 -2.72 -59.38
C1 COM KD . 35.69 -4.18 -65.67
C2 COM KD . 37.10 -4.13 -65.08
S1 COM KD . 34.96 -2.55 -65.70
S2 COM KD . 38.01 -5.65 -65.33
O1S COM KD . 39.30 -5.52 -64.60
O2S COM KD . 38.37 -5.83 -66.76
O3S COM KD . 37.17 -6.74 -64.77
C1 GOL LD . 25.33 3.89 -77.05
O1 GOL LD . 25.92 4.97 -77.70
C2 GOL LD . 23.94 4.36 -76.58
O2 GOL LD . 23.23 3.47 -75.78
C3 GOL LD . 23.12 4.67 -77.84
O3 GOL LD . 22.25 5.59 -77.37
H11 GOL LD . 25.87 3.59 -76.30
H12 GOL LD . 25.24 3.13 -77.65
HO1 GOL LD . 25.48 5.67 -77.53
H2 GOL LD . 24.10 5.12 -76.01
HO2 GOL LD . 22.61 3.12 -76.23
H31 GOL LD . 22.66 3.89 -78.19
H32 GOL LD . 23.67 5.02 -78.57
C1 MPD MD . 17.26 11.30 -28.43
C2 MPD MD . 15.86 10.84 -28.81
O2 MPD MD . 14.94 11.90 -28.48
CM MPD MD . 15.49 9.58 -28.04
C3 MPD MD . 15.78 10.61 -30.32
C4 MPD MD . 16.93 9.78 -30.82
O4 MPD MD . 16.70 8.42 -30.48
C5 MPD MD . 17.19 9.88 -32.30
H11 MPD MD . 17.90 10.61 -28.64
H12 MPD MD . 17.29 11.49 -27.48
H13 MPD MD . 17.48 12.11 -28.93
HO2 MPD MD . 14.16 11.69 -28.73
HM1 MPD MD . 14.59 9.30 -28.29
HM2 MPD MD . 15.51 9.77 -27.08
HM3 MPD MD . 16.12 8.87 -28.25
H31 MPD MD . 15.75 11.46 -30.78
H32 MPD MD . 14.94 10.16 -30.53
H4 MPD MD . 17.73 10.14 -30.39
HO4 MPD MD . 15.94 8.18 -30.75
H51 MPD MD . 17.94 9.33 -32.54
H52 MPD MD . 17.37 10.80 -32.53
H53 MPD MD . 16.40 9.59 -32.78
C1 EDO ND . 3.99 -0.22 -63.05
O1 EDO ND . 3.35 -1.40 -62.63
C2 EDO ND . 3.06 0.89 -63.32
O2 EDO ND . 1.70 0.53 -63.18
H11 EDO ND . 4.51 -0.42 -63.85
H12 EDO ND . 4.62 0.05 -62.37
HO1 EDO ND . 2.60 -1.21 -62.31
H21 EDO ND . 3.20 1.20 -64.24
H22 EDO ND . 3.27 1.63 -62.73
HO2 EDO ND . 1.22 1.19 -63.34
CL CL OD . 33.12 -31.71 -37.63
CL CL PD . 31.18 -22.19 -29.65
#